data_8HDR
#
_entry.id   8HDR
#
_cell.length_a   1.00
_cell.length_b   1.00
_cell.length_c   1.00
_cell.angle_alpha   90.00
_cell.angle_beta   90.00
_cell.angle_gamma   90.00
#
_symmetry.space_group_name_H-M   'P 1'
#
loop_
_entity.id
_entity.type
_entity.pdbx_description
1 polymer 'pam3 tube protein'
2 polymer 'Pam3 connector protein'
3 polymer 'Pam3 terminator protein'
4 polymer 'Pam3 sheath protein'
5 polymer 'Pam3 adaptor protein'
#
loop_
_entity_poly.entity_id
_entity_poly.type
_entity_poly.pdbx_seq_one_letter_code
_entity_poly.pdbx_strand_id
1 'polypeptide(L)'
;MAMKAYSMLNVTATLDGRRVIGLMDGDDAITTSPGVDVGTMLVGADGSWLFSQTADKSATVVIKLKPNSPTHRQLTEKWM
AQRAGRLVGFPFDFIDSASNEGGTGAEFFIQKAPDDSKGNNAVVREWTIVTGEWTPTIPTLL
;
1,2,Y,Z,m,n,o,p,q,r,s,t,u,v,w,x,y,z
2 'polypeptide(L)'
;MIDVAIAIDAESVEVTWRNRSGGSYDSRGNATGASWADTQIRAAIQPVSGRELQDLPEGVRSKVTLVAWTRSEVAENDQI
IYLGDAYRVYAARPRPMDGFTRIALGKVSP
;
A,B,C,D,E,F
3 'polypeptide(L)'
;MRRITGITVIKDHQSEDRPALPYGVVELANFRDLHQQVRTIHYEDIEDSDNGEGFPEVQATPEVEQEWVFLVQVYGPGGL
DYLRKVAAAFHVNQVNDLPGSLVIHEVAQINSIPEFLGERWEKRAQTNITLRGMSTDGFKVDVIEQHVINVTGERA
;
G,H,I,J,K,L
4 'polypeptide(L)'
;MAKLPYSRVTNVTLTRTDNFPTRRGFGTQLILTHTAVSGQVDATKRTKLYASLAEVEADYPANTSVYKAALSAFSQNPRP
IRLKVGYAATPTGGDDAAKKADFITSLGAILNYDQAFYQITLDAALRDQPYLDGLVEWVEAQPKIAMIDSNAAGHEDPAN
TTVIAARHKGTVERTAVFYHTDSTEYLAASMAAYMSTRVFDDANSAYTLKFKKAPGVRAIDKGSAVVTAITGFVEQTGQS
ESAGHCANTLIDIGDQEFLVEGSTLTQNVFLDEIHATDWIIARTEEEMLSLFLNNDRVPFTDQGMQQLASVPRAIMQLAA
RAGIVALDLNPLTGAYEPAYTITVPSVFDIPESQRKARIAPAIQVRFRYAGAVHYSVINYTMTF
;
M,N,O,P,Q,R,S,T,U,V,W,X
5 'polypeptide(L)'
;MNPIPAASDLKTRYPEFTGVSDAVVNAIIAEVNGMVDDGWEVSDQKPAVLALAAHMLSREGYPGRATNPNSFDPTNRPIL
SRKVGDVSTTFGRTDGGAAEGGANSYNYSSTVYGQTFLRLLRLNAPAVGLV
;
a,b,c,d,e,f,g,h,i,j,k,l
#
# COMPACT_ATOMS: atom_id res chain seq x y z
N MET A 1 19.94 65.10 18.43
CA MET A 1 19.42 65.74 17.23
C MET A 1 20.02 65.11 15.98
N ALA A 2 19.88 63.79 15.85
CA ALA A 2 20.40 63.09 14.69
C ALA A 2 19.57 63.41 13.45
N MET A 3 20.23 63.39 12.30
CA MET A 3 19.56 63.70 11.04
C MET A 3 18.63 62.55 10.69
N LYS A 4 17.37 62.67 11.12
CA LYS A 4 16.42 61.58 10.98
C LYS A 4 16.09 61.33 9.51
N ALA A 5 15.37 60.24 9.28
CA ALA A 5 14.93 59.91 7.93
C ALA A 5 13.96 60.97 7.42
N TYR A 6 13.97 61.16 6.10
CA TYR A 6 13.03 62.09 5.49
C TYR A 6 11.61 61.56 5.57
N SER A 7 10.65 62.47 5.74
CA SER A 7 9.25 62.09 5.76
C SER A 7 8.40 63.31 5.44
N MET A 8 7.30 63.07 4.74
CA MET A 8 6.38 64.15 4.45
C MET A 8 5.61 64.63 5.67
N LEU A 9 5.71 63.90 6.78
CA LEU A 9 5.03 64.30 8.01
C LEU A 9 5.79 65.37 8.78
N ASN A 10 6.94 65.80 8.30
CA ASN A 10 7.71 66.86 8.94
C ASN A 10 7.87 68.09 8.06
N VAL A 11 7.34 68.07 6.85
CA VAL A 11 7.39 69.22 5.96
C VAL A 11 6.16 70.08 6.22
N THR A 12 6.37 71.37 6.44
CA THR A 12 5.28 72.29 6.72
C THR A 12 5.27 73.41 5.69
N ALA A 13 4.10 73.68 5.13
CA ALA A 13 3.90 74.76 4.18
C ALA A 13 2.74 75.62 4.65
N THR A 14 2.92 76.94 4.55
CA THR A 14 1.92 77.91 4.97
C THR A 14 1.65 78.86 3.82
N LEU A 15 0.38 79.03 3.49
CA LEU A 15 -0.05 79.89 2.39
C LEU A 15 -1.02 80.92 2.96
N ASP A 16 -0.51 82.11 3.24
CA ASP A 16 -1.33 83.22 3.75
C ASP A 16 -1.99 82.86 5.07
N GLY A 17 -1.20 82.36 5.99
CA GLY A 17 -1.69 81.97 7.32
C GLY A 17 -2.10 80.52 7.48
N ARG A 18 -3.02 80.05 6.64
CA ARG A 18 -3.51 78.69 6.76
C ARG A 18 -2.53 77.71 6.14
N ARG A 19 -2.63 76.44 6.55
CA ARG A 19 -1.73 75.40 6.07
C ARG A 19 -2.22 74.84 4.74
N VAL A 20 -1.36 74.03 4.12
CA VAL A 20 -1.69 73.27 2.93
C VAL A 20 -1.81 71.81 3.33
N ILE A 21 -2.93 71.19 3.00
CA ILE A 21 -3.23 69.83 3.44
C ILE A 21 -3.42 68.89 2.26
N GLY A 22 -4.39 69.15 1.41
CA GLY A 22 -4.68 68.20 0.37
C GLY A 22 -3.68 68.23 -0.76
N LEU A 23 -2.79 67.24 -0.82
CA LEU A 23 -1.75 67.17 -1.83
C LEU A 23 -1.88 65.85 -2.60
N MET A 24 -1.64 65.91 -3.89
CA MET A 24 -1.74 64.72 -4.73
C MET A 24 -0.57 63.78 -4.48
N ASP A 25 -0.73 62.54 -4.93
CA ASP A 25 0.32 61.56 -4.81
C ASP A 25 1.45 61.86 -5.78
N GLY A 26 2.66 61.51 -5.39
CA GLY A 26 3.80 61.62 -6.30
C GLY A 26 5.03 62.10 -5.57
N ASP A 27 6.17 61.92 -6.24
CA ASP A 27 7.45 62.36 -5.70
C ASP A 27 7.64 63.87 -5.82
N ASP A 28 6.69 64.58 -6.41
CA ASP A 28 6.81 66.03 -6.58
C ASP A 28 5.43 66.64 -6.41
N ALA A 29 5.15 67.15 -5.22
CA ALA A 29 3.89 67.80 -4.93
C ALA A 29 4.01 69.30 -4.69
N ILE A 30 5.17 69.77 -4.23
CA ILE A 30 5.44 71.20 -4.08
C ILE A 30 6.83 71.42 -4.64
N THR A 31 6.91 72.10 -5.78
CA THR A 31 8.20 72.29 -6.44
C THR A 31 8.44 73.76 -6.71
N THR A 32 9.59 74.27 -6.27
CA THR A 32 9.97 75.66 -6.48
C THR A 32 11.16 75.73 -7.42
N SER A 33 11.07 76.57 -8.44
CA SER A 33 12.14 76.73 -9.40
C SER A 33 12.50 78.20 -9.53
N PRO A 34 13.79 78.50 -9.64
CA PRO A 34 14.22 79.90 -9.75
C PRO A 34 13.83 80.51 -11.08
N GLY A 35 13.85 81.84 -11.11
CA GLY A 35 13.45 82.57 -12.29
C GLY A 35 14.34 82.32 -13.49
N VAL A 36 15.61 82.72 -13.39
CA VAL A 36 16.56 82.61 -14.49
C VAL A 36 17.85 81.98 -13.96
N ASP A 37 18.80 81.77 -14.85
CA ASP A 37 20.08 81.21 -14.48
C ASP A 37 20.84 82.16 -13.58
N VAL A 38 21.70 81.61 -12.73
CA VAL A 38 22.47 82.44 -11.82
C VAL A 38 23.44 83.34 -12.57
N GLY A 39 24.07 82.81 -13.61
CA GLY A 39 25.05 83.59 -14.33
C GLY A 39 25.25 83.10 -15.74
N THR A 40 26.24 83.68 -16.40
CA THR A 40 26.53 83.36 -17.80
C THR A 40 28.00 83.60 -18.08
N MET A 41 28.67 82.60 -18.64
CA MET A 41 30.08 82.72 -19.00
C MET A 41 30.19 83.05 -20.49
N LEU A 42 31.00 84.06 -20.81
CA LEU A 42 31.22 84.49 -22.17
C LEU A 42 32.71 84.36 -22.47
N VAL A 43 33.03 83.54 -23.47
CA VAL A 43 34.42 83.31 -23.88
C VAL A 43 34.62 83.87 -25.26
N GLY A 44 35.62 84.73 -25.41
CA GLY A 44 35.86 85.41 -26.67
C GLY A 44 36.65 84.56 -27.64
N ALA A 45 36.94 85.18 -28.80
CA ALA A 45 37.64 84.49 -29.87
C ALA A 45 39.11 84.26 -29.57
N ASP A 46 39.65 84.87 -28.51
CA ASP A 46 41.05 84.71 -28.17
C ASP A 46 41.29 83.68 -27.06
N GLY A 47 40.28 83.38 -26.27
CA GLY A 47 40.43 82.46 -25.15
C GLY A 47 40.17 83.05 -23.79
N SER A 48 40.11 84.37 -23.67
CA SER A 48 39.78 84.99 -22.40
C SER A 48 38.31 84.74 -22.07
N TRP A 49 37.93 85.02 -20.82
CA TRP A 49 36.59 84.73 -20.36
C TRP A 49 36.09 85.82 -19.42
N LEU A 50 34.77 85.97 -19.36
CA LEU A 50 34.14 86.93 -18.47
C LEU A 50 32.80 86.37 -18.01
N PHE A 51 32.58 86.37 -16.70
CA PHE A 51 31.37 85.86 -16.12
C PHE A 51 30.45 87.01 -15.74
N SER A 52 29.15 86.83 -15.96
CA SER A 52 28.17 87.87 -15.68
C SER A 52 27.10 87.30 -14.74
N GLN A 53 26.80 88.04 -13.68
CA GLN A 53 25.91 87.61 -12.61
C GLN A 53 24.63 88.44 -12.65
N THR A 54 23.49 87.78 -12.54
CA THR A 54 22.21 88.46 -12.68
C THR A 54 21.72 88.98 -11.32
N ALA A 55 20.85 89.99 -11.38
CA ALA A 55 20.21 90.53 -10.20
C ALA A 55 18.78 90.04 -10.02
N ASP A 56 18.35 89.07 -10.82
CA ASP A 56 16.99 88.57 -10.78
C ASP A 56 16.89 87.51 -9.70
N LYS A 57 16.40 87.91 -8.52
CA LYS A 57 16.12 86.97 -7.44
C LYS A 57 14.62 86.76 -7.36
N SER A 58 14.11 85.89 -8.22
CA SER A 58 12.69 85.59 -8.28
C SER A 58 12.49 84.09 -8.48
N ALA A 59 11.31 83.61 -8.11
CA ALA A 59 11.04 82.19 -8.16
C ALA A 59 9.57 81.94 -8.45
N THR A 60 9.28 80.72 -8.89
CA THR A 60 7.92 80.25 -9.07
C THR A 60 7.74 78.95 -8.32
N VAL A 61 6.52 78.69 -7.88
CA VAL A 61 6.20 77.48 -7.13
C VAL A 61 4.98 76.82 -7.75
N VAL A 62 5.00 75.49 -7.81
CA VAL A 62 3.90 74.70 -8.35
C VAL A 62 3.41 73.80 -7.23
N ILE A 63 2.10 73.85 -6.98
CA ILE A 63 1.44 73.07 -5.95
C ILE A 63 0.40 72.19 -6.62
N LYS A 64 0.39 70.91 -6.26
CA LYS A 64 -0.57 69.95 -6.81
C LYS A 64 -1.52 69.52 -5.71
N LEU A 65 -2.81 69.73 -5.93
CA LEU A 65 -3.82 69.49 -4.92
C LEU A 65 -4.89 68.54 -5.46
N LYS A 66 -5.51 67.79 -4.54
CA LYS A 66 -6.65 66.98 -4.89
C LYS A 66 -7.85 67.87 -5.21
N PRO A 67 -8.84 67.34 -5.92
CA PRO A 67 -10.05 68.13 -6.18
C PRO A 67 -10.84 68.48 -4.94
N ASN A 68 -10.57 67.84 -3.80
CA ASN A 68 -11.26 68.12 -2.54
C ASN A 68 -10.24 68.47 -1.48
N SER A 69 -9.85 69.74 -1.43
CA SER A 69 -8.89 70.18 -0.45
C SER A 69 -9.18 71.63 -0.08
N PRO A 70 -9.20 71.96 1.20
CA PRO A 70 -9.51 73.34 1.59
C PRO A 70 -8.57 74.36 0.98
N THR A 71 -7.31 73.99 0.74
CA THR A 71 -6.41 74.89 0.04
C THR A 71 -6.90 75.20 -1.36
N HIS A 72 -7.55 74.24 -2.01
CA HIS A 72 -8.14 74.52 -3.32
C HIS A 72 -9.22 75.58 -3.21
N ARG A 73 -10.05 75.51 -2.18
CA ARG A 73 -11.06 76.54 -1.96
C ARG A 73 -10.42 77.90 -1.72
N GLN A 74 -9.38 77.94 -0.88
CA GLN A 74 -8.71 79.20 -0.60
C GLN A 74 -8.12 79.81 -1.87
N LEU A 75 -7.45 78.98 -2.67
CA LEU A 75 -6.83 79.48 -3.90
C LEU A 75 -7.87 79.93 -4.91
N THR A 76 -8.98 79.21 -5.03
CA THR A 76 -9.99 79.63 -5.99
C THR A 76 -10.75 80.85 -5.52
N GLU A 77 -10.74 81.14 -4.22
CA GLU A 77 -11.23 82.44 -3.78
C GLU A 77 -10.23 83.56 -4.10
N LYS A 78 -8.94 83.30 -3.87
CA LYS A 78 -7.94 84.32 -4.16
C LYS A 78 -7.89 84.66 -5.64
N TRP A 79 -8.07 83.67 -6.49
CA TRP A 79 -8.09 83.91 -7.94
C TRP A 79 -9.22 84.85 -8.31
N MET A 80 -10.42 84.61 -7.77
CA MET A 80 -11.54 85.49 -8.06
C MET A 80 -11.31 86.88 -7.49
N ALA A 81 -10.66 86.97 -6.33
CA ALA A 81 -10.32 88.28 -5.78
C ALA A 81 -9.41 89.04 -6.73
N GLN A 82 -8.41 88.37 -7.29
CA GLN A 82 -7.54 89.03 -8.26
C GLN A 82 -8.31 89.42 -9.51
N ARG A 83 -9.18 88.54 -10.01
CA ARG A 83 -9.95 88.87 -11.21
C ARG A 83 -10.85 90.08 -10.97
N ALA A 84 -11.38 90.23 -9.77
CA ALA A 84 -12.25 91.37 -9.48
C ALA A 84 -11.48 92.69 -9.57
N GLY A 85 -10.23 92.70 -9.16
CA GLY A 85 -9.42 93.91 -9.25
C GLY A 85 -8.48 94.10 -8.08
N ARG A 86 -8.78 93.47 -6.95
CA ARG A 86 -7.93 93.57 -5.77
C ARG A 86 -6.62 92.83 -6.01
N LEU A 87 -5.52 93.41 -5.57
CA LEU A 87 -4.19 92.84 -5.80
C LEU A 87 -3.38 92.96 -4.51
N VAL A 88 -3.00 91.82 -3.94
CA VAL A 88 -2.27 91.76 -2.68
C VAL A 88 -1.26 90.62 -2.74
N GLY A 89 -0.52 90.44 -1.66
CA GLY A 89 0.65 89.57 -1.67
C GLY A 89 0.47 88.13 -1.26
N PHE A 90 -0.26 87.88 -0.19
CA PHE A 90 -0.49 86.56 0.41
C PHE A 90 0.82 85.77 0.48
N PRO A 91 1.67 86.07 1.46
CA PRO A 91 2.97 85.39 1.55
C PRO A 91 2.83 83.89 1.70
N PHE A 92 3.75 83.15 1.08
CA PHE A 92 3.82 81.71 1.14
C PHE A 92 5.21 81.30 1.59
N ASP A 93 5.29 80.26 2.42
CA ASP A 93 6.58 79.84 2.94
C ASP A 93 6.52 78.38 3.31
N PHE A 94 7.59 77.64 3.01
CA PHE A 94 7.59 76.22 3.34
C PHE A 94 8.98 75.78 3.74
N ILE A 95 9.02 74.70 4.52
CA ILE A 95 10.25 74.30 5.19
C ILE A 95 10.16 72.83 5.57
N ASP A 96 11.33 72.20 5.71
CA ASP A 96 11.43 70.85 6.23
C ASP A 96 12.07 70.89 7.61
N SER A 97 11.43 70.25 8.59
CA SER A 97 11.90 70.31 9.96
C SER A 97 13.14 69.46 10.19
N ALA A 98 13.43 68.50 9.33
CA ALA A 98 14.56 67.61 9.54
C ALA A 98 15.90 68.26 9.22
N SER A 99 15.93 69.22 8.29
CA SER A 99 17.19 69.82 7.88
C SER A 99 17.08 71.33 7.67
N ASN A 100 15.96 71.96 8.02
CA ASN A 100 15.75 73.40 7.85
C ASN A 100 16.00 73.83 6.41
N GLU A 101 15.61 72.99 5.47
CA GLU A 101 15.73 73.30 4.05
C GLU A 101 14.38 73.77 3.53
N GLY A 102 14.39 74.82 2.73
CA GLY A 102 13.16 75.38 2.21
C GLY A 102 13.36 76.87 1.95
N GLY A 103 12.25 77.59 1.96
CA GLY A 103 12.36 79.02 1.69
C GLY A 103 11.10 79.75 2.04
N THR A 104 11.14 81.06 1.82
CA THR A 104 10.01 81.91 2.11
C THR A 104 9.98 83.07 1.12
N GLY A 105 8.77 83.61 0.94
CA GLY A 105 8.58 84.80 0.14
C GLY A 105 7.58 85.70 0.83
N ALA A 106 7.65 86.98 0.48
CA ALA A 106 6.84 87.99 1.15
C ALA A 106 5.55 88.32 0.42
N GLU A 107 5.58 88.37 -0.91
CA GLU A 107 4.40 88.73 -1.70
C GLU A 107 4.37 87.86 -2.95
N PHE A 108 3.42 86.95 -3.00
CA PHE A 108 3.20 86.09 -4.17
C PHE A 108 1.99 86.59 -4.96
N PHE A 109 1.75 85.93 -6.09
CA PHE A 109 0.61 86.22 -6.93
C PHE A 109 0.24 84.98 -7.72
N ILE A 110 -1.05 84.72 -7.85
CA ILE A 110 -1.49 83.59 -8.66
C ILE A 110 -1.14 83.84 -10.12
N GLN A 111 -0.40 82.92 -10.72
CA GLN A 111 0.01 83.07 -12.11
C GLN A 111 -0.72 82.12 -13.04
N LYS A 112 -0.95 80.88 -12.64
CA LYS A 112 -1.70 79.95 -13.46
C LYS A 112 -2.93 79.45 -12.71
N ALA A 113 -3.77 78.72 -13.43
CA ALA A 113 -4.98 78.14 -12.89
C ALA A 113 -5.12 76.71 -13.39
N PRO A 114 -5.77 75.84 -12.61
CA PRO A 114 -5.89 74.45 -13.01
C PRO A 114 -6.96 74.26 -14.08
N ASP A 115 -6.97 73.04 -14.65
CA ASP A 115 -7.98 72.65 -15.60
C ASP A 115 -8.97 71.71 -14.91
N ASP A 116 -10.26 72.04 -14.98
CA ASP A 116 -11.30 71.27 -14.31
C ASP A 116 -11.65 70.06 -15.17
N SER A 117 -11.01 68.94 -14.89
CA SER A 117 -11.29 67.68 -15.55
C SER A 117 -12.11 66.81 -14.62
N LYS A 118 -13.23 66.29 -15.10
CA LYS A 118 -14.05 65.42 -14.27
C LYS A 118 -13.74 63.95 -14.48
N GLY A 119 -13.92 63.45 -15.70
CA GLY A 119 -13.61 62.07 -16.02
C GLY A 119 -14.19 61.03 -15.08
N ASN A 120 -13.55 59.87 -15.00
CA ASN A 120 -14.05 58.77 -14.19
C ASN A 120 -13.43 58.71 -12.81
N ASN A 121 -12.22 59.22 -12.63
CA ASN A 121 -11.60 59.26 -11.31
C ASN A 121 -11.15 60.66 -10.95
N ALA A 122 -10.44 60.81 -9.85
CA ALA A 122 -9.94 62.11 -9.44
C ALA A 122 -8.68 62.47 -10.24
N VAL A 123 -8.53 63.75 -10.51
CA VAL A 123 -7.40 64.27 -11.27
C VAL A 123 -6.76 65.39 -10.47
N VAL A 124 -5.50 65.66 -10.80
CA VAL A 124 -4.74 66.70 -10.09
C VAL A 124 -5.30 68.06 -10.44
N ARG A 125 -5.09 69.03 -9.53
CA ARG A 125 -5.27 70.44 -9.82
C ARG A 125 -3.96 71.15 -9.50
N GLU A 126 -3.34 71.72 -10.52
CA GLU A 126 -2.03 72.35 -10.37
C GLU A 126 -2.18 73.86 -10.36
N TRP A 127 -1.62 74.49 -9.34
CA TRP A 127 -1.57 75.94 -9.25
C TRP A 127 -0.12 76.40 -9.34
N THR A 128 0.10 77.46 -10.09
CA THR A 128 1.44 78.05 -10.25
C THR A 128 1.42 79.47 -9.73
N ILE A 129 2.28 79.74 -8.75
CA ILE A 129 2.40 81.04 -8.09
C ILE A 129 3.78 81.59 -8.37
N VAL A 130 3.92 82.91 -8.36
CA VAL A 130 5.16 83.58 -8.72
C VAL A 130 5.45 84.68 -7.71
N THR A 131 6.71 84.79 -7.29
CA THR A 131 7.12 85.86 -6.40
C THR A 131 8.13 86.77 -7.09
N GLY A 132 8.31 87.94 -6.50
CA GLY A 132 9.30 88.88 -7.00
C GLY A 132 10.62 88.74 -6.27
N GLU A 133 10.56 88.24 -5.04
CA GLU A 133 11.73 87.88 -4.28
C GLU A 133 11.48 86.53 -3.61
N TRP A 134 12.55 85.76 -3.44
CA TRP A 134 12.46 84.44 -2.84
C TRP A 134 13.72 84.22 -2.03
N THR A 135 13.58 84.09 -0.72
CA THR A 135 14.75 83.88 0.13
C THR A 135 14.77 82.44 0.61
N PRO A 136 15.71 81.63 0.14
CA PRO A 136 15.87 80.29 0.73
C PRO A 136 16.49 80.39 2.10
N THR A 137 16.24 79.37 2.91
CA THR A 137 16.87 79.27 4.22
C THR A 137 17.97 78.24 4.16
N ILE A 138 19.10 78.55 4.79
CA ILE A 138 20.29 77.69 4.70
C ILE A 138 20.06 76.46 5.57
N PRO A 139 20.22 75.26 5.03
CA PRO A 139 20.04 74.06 5.86
C PRO A 139 21.17 73.91 6.86
N THR A 140 20.89 74.23 8.12
CA THR A 140 21.94 74.26 9.14
C THR A 140 22.21 72.90 9.74
N LEU A 141 21.23 72.00 9.72
CA LEU A 141 21.42 70.64 10.22
C LEU A 141 21.88 69.68 9.14
N LEU A 142 22.53 70.19 8.10
CA LEU A 142 22.99 69.41 6.96
C LEU A 142 21.83 68.77 6.22
N MET B 1 -24.38 66.11 5.93
CA MET B 1 -23.86 66.54 4.65
C MET B 1 -22.35 66.32 4.58
N ALA B 2 -21.93 65.08 4.80
CA ALA B 2 -20.52 64.73 4.74
C ALA B 2 -20.02 64.77 3.29
N MET B 3 -18.75 65.10 3.12
CA MET B 3 -18.15 65.19 1.80
C MET B 3 -18.01 63.77 1.24
N LYS B 4 -19.02 63.33 0.50
CA LYS B 4 -19.06 61.96 0.04
C LYS B 4 -17.96 61.69 -0.98
N ALA B 5 -17.80 60.41 -1.32
CA ALA B 5 -16.84 60.03 -2.33
C ALA B 5 -17.22 60.60 -3.69
N TYR B 6 -16.21 60.87 -4.51
CA TYR B 6 -16.45 61.36 -5.86
C TYR B 6 -17.08 60.27 -6.71
N SER B 7 -17.97 60.68 -7.63
CA SER B 7 -18.58 59.74 -8.55
C SER B 7 -19.10 60.51 -9.75
N MET B 8 -19.02 59.87 -10.93
CA MET B 8 -19.57 60.50 -12.12
C MET B 8 -21.08 60.52 -12.13
N LEU B 9 -21.74 59.82 -11.19
CA LEU B 9 -23.18 59.82 -11.12
C LEU B 9 -23.75 61.05 -10.43
N ASN B 10 -22.89 61.96 -9.96
CA ASN B 10 -23.35 63.19 -9.34
C ASN B 10 -22.91 64.43 -10.11
N VAL B 11 -22.19 64.27 -11.20
CA VAL B 11 -21.79 65.40 -12.04
C VAL B 11 -22.87 65.64 -13.07
N THR B 12 -23.32 66.88 -13.19
CA THR B 12 -24.37 67.23 -14.13
C THR B 12 -23.87 68.31 -15.08
N ALA B 13 -24.08 68.09 -16.36
CA ALA B 13 -23.73 69.05 -17.40
C ALA B 13 -24.95 69.32 -18.27
N THR B 14 -25.17 70.60 -18.60
CA THR B 14 -26.30 71.02 -19.40
C THR B 14 -25.79 71.84 -20.57
N LEU B 15 -26.21 71.48 -21.78
CA LEU B 15 -25.78 72.16 -23.00
C LEU B 15 -27.03 72.63 -23.72
N ASP B 16 -27.37 73.91 -23.54
CA ASP B 16 -28.51 74.53 -24.20
C ASP B 16 -29.81 73.83 -23.82
N GLY B 17 -30.02 73.65 -22.54
CA GLY B 17 -31.22 73.01 -22.03
C GLY B 17 -31.14 71.52 -21.79
N ARG B 18 -30.79 70.76 -22.83
CA ARG B 18 -30.71 69.32 -22.71
C ARG B 18 -29.43 68.88 -22.02
N ARG B 19 -29.44 67.67 -21.48
CA ARG B 19 -28.29 67.14 -20.77
C ARG B 19 -27.28 66.51 -21.73
N VAL B 20 -26.12 66.19 -21.18
CA VAL B 20 -25.08 65.45 -21.88
C VAL B 20 -25.04 64.05 -21.29
N ILE B 21 -25.17 63.03 -22.14
CA ILE B 21 -25.27 61.65 -21.70
C ILE B 21 -24.12 60.79 -22.22
N GLY B 22 -24.00 60.68 -23.54
CA GLY B 22 -23.01 59.77 -24.07
C GLY B 22 -21.60 60.30 -23.98
N LEU B 23 -20.81 59.78 -23.04
CA LEU B 23 -19.45 60.22 -22.82
C LEU B 23 -18.50 59.03 -22.95
N MET B 24 -17.33 59.28 -23.54
CA MET B 24 -16.37 58.21 -23.73
C MET B 24 -15.69 57.85 -22.42
N ASP B 25 -15.05 56.69 -22.41
CA ASP B 25 -14.32 56.22 -21.24
C ASP B 25 -13.06 57.04 -21.05
N GLY B 26 -12.65 57.21 -19.80
CA GLY B 26 -11.40 57.85 -19.51
C GLY B 26 -11.51 58.75 -18.30
N ASP B 27 -10.34 59.11 -17.77
CA ASP B 27 -10.27 60.01 -16.64
C ASP B 27 -10.51 61.47 -17.02
N ASP B 28 -10.72 61.75 -18.30
CA ASP B 28 -10.94 63.12 -18.75
C ASP B 28 -11.96 63.08 -19.89
N ALA B 29 -13.22 63.35 -19.56
CA ALA B 29 -14.29 63.38 -20.54
C ALA B 29 -14.85 64.77 -20.78
N ILE B 30 -14.80 65.66 -19.78
CA ILE B 30 -15.20 67.04 -19.93
C ILE B 30 -14.11 67.88 -19.28
N THR B 31 -13.34 68.61 -20.08
CA THR B 31 -12.21 69.36 -19.55
C THR B 31 -12.31 70.81 -19.97
N THR B 32 -12.23 71.73 -19.01
CA THR B 32 -12.29 73.16 -19.28
C THR B 32 -10.94 73.79 -18.94
N SER B 33 -10.41 74.57 -19.87
CA SER B 33 -9.14 75.24 -19.66
C SER B 33 -9.29 76.73 -19.91
N PRO B 34 -8.64 77.56 -19.10
CA PRO B 34 -8.75 79.01 -19.27
C PRO B 34 -8.05 79.48 -20.52
N GLY B 35 -8.41 80.69 -20.93
CA GLY B 35 -7.86 81.27 -22.15
C GLY B 35 -6.36 81.50 -22.09
N VAL B 36 -5.93 82.38 -21.20
CA VAL B 36 -4.52 82.75 -21.08
C VAL B 36 -4.12 82.70 -19.61
N ASP B 37 -2.85 82.98 -19.35
CA ASP B 37 -2.35 82.98 -17.99
C ASP B 37 -2.98 84.11 -17.19
N VAL B 38 -3.06 83.91 -15.87
CA VAL B 38 -3.67 84.92 -15.02
C VAL B 38 -2.84 86.19 -15.00
N GLY B 39 -1.52 86.05 -14.96
CA GLY B 39 -0.68 87.22 -14.88
C GLY B 39 0.71 86.95 -15.40
N THR B 40 1.58 87.95 -15.22
CA THR B 40 2.96 87.87 -15.71
C THR B 40 3.85 88.73 -14.83
N MET B 41 4.94 88.13 -14.35
CA MET B 41 5.90 88.87 -13.53
C MET B 41 7.07 89.31 -14.41
N LEU B 42 7.44 90.59 -14.29
CA LEU B 42 8.54 91.17 -15.05
C LEU B 42 9.56 91.69 -14.07
N VAL B 43 10.78 91.17 -14.14
CA VAL B 43 11.87 91.55 -13.26
C VAL B 43 12.94 92.25 -14.09
N GLY B 44 13.30 93.46 -13.69
CA GLY B 44 14.25 94.26 -14.43
C GLY B 44 15.69 93.89 -14.15
N ALA B 45 16.59 94.66 -14.78
CA ALA B 45 18.02 94.41 -14.67
C ALA B 45 18.58 94.79 -13.31
N ASP B 46 17.81 95.49 -12.48
CA ASP B 46 18.29 95.92 -11.17
C ASP B 46 17.82 95.02 -10.04
N GLY B 47 16.74 94.25 -10.24
CA GLY B 47 16.19 93.40 -9.20
C GLY B 47 14.78 93.75 -8.80
N SER B 48 14.26 94.91 -9.17
CA SER B 48 12.87 95.24 -8.88
C SER B 48 11.94 94.37 -9.72
N TRP B 49 10.66 94.38 -9.37
CA TRP B 49 9.69 93.53 -10.03
C TRP B 49 8.36 94.24 -10.19
N LEU B 50 7.60 93.81 -11.20
CA LEU B 50 6.27 94.35 -11.45
C LEU B 50 5.40 93.25 -12.02
N PHE B 51 4.22 93.08 -11.43
CA PHE B 51 3.28 92.05 -11.85
C PHE B 51 2.17 92.69 -12.68
N SER B 52 1.76 91.99 -13.73
CA SER B 52 0.72 92.49 -14.63
C SER B 52 -0.41 91.46 -14.71
N GLN B 53 -1.63 91.94 -14.57
CA GLN B 53 -2.82 91.10 -14.49
C GLN B 53 -3.68 91.32 -15.73
N THR B 54 -4.14 90.23 -16.33
CA THR B 54 -4.89 90.31 -17.57
C THR B 54 -6.38 90.49 -17.31
N ALA B 55 -7.07 91.03 -18.31
CA ALA B 55 -8.51 91.18 -18.28
C ALA B 55 -9.23 90.12 -19.10
N ASP B 56 -8.51 89.12 -19.59
CA ASP B 56 -9.08 88.08 -20.45
C ASP B 56 -9.70 87.00 -19.57
N LYS B 57 -11.01 87.08 -19.37
CA LYS B 57 -11.75 86.05 -18.67
C LYS B 57 -12.52 85.21 -19.69
N SER B 58 -11.81 84.27 -20.32
CA SER B 58 -12.40 83.40 -21.32
C SER B 58 -11.89 81.99 -21.13
N ALA B 59 -12.65 81.03 -21.65
CA ALA B 59 -12.31 79.63 -21.45
C ALA B 59 -12.75 78.80 -22.66
N THR B 60 -12.18 77.61 -22.75
CA THR B 60 -12.57 76.62 -23.75
C THR B 60 -12.88 75.32 -23.04
N VAL B 61 -13.78 74.54 -23.62
CA VAL B 61 -14.19 73.26 -23.05
C VAL B 61 -14.10 72.20 -24.14
N VAL B 62 -13.65 71.00 -23.75
CA VAL B 62 -13.54 69.87 -24.63
C VAL B 62 -14.43 68.76 -24.09
N ILE B 63 -15.31 68.24 -24.95
CA ILE B 63 -16.24 67.18 -24.61
C ILE B 63 -15.96 65.99 -25.51
N LYS B 64 -15.87 64.81 -24.92
CA LYS B 64 -15.63 63.58 -25.66
C LYS B 64 -16.88 62.71 -25.61
N LEU B 65 -17.40 62.37 -26.78
CA LEU B 65 -18.67 61.65 -26.89
C LEU B 65 -18.49 60.39 -27.71
N LYS B 66 -19.32 59.39 -27.41
CA LYS B 66 -19.38 58.19 -28.23
C LYS B 66 -19.98 58.51 -29.59
N PRO B 67 -19.74 57.67 -30.59
CA PRO B 67 -20.38 57.89 -31.90
C PRO B 67 -21.89 57.79 -31.87
N ASN B 68 -22.49 57.24 -30.81
CA ASN B 68 -23.94 57.12 -30.71
C ASN B 68 -24.39 57.80 -29.42
N SER B 69 -24.60 59.11 -29.49
CA SER B 69 -25.05 59.85 -28.32
C SER B 69 -25.92 61.00 -28.78
N PRO B 70 -27.07 61.21 -28.15
CA PRO B 70 -27.96 62.30 -28.59
C PRO B 70 -27.29 63.66 -28.54
N THR B 71 -26.35 63.87 -27.62
CA THR B 71 -25.59 65.11 -27.61
C THR B 71 -24.80 65.28 -28.90
N HIS B 72 -24.31 64.18 -29.48
CA HIS B 72 -23.62 64.28 -30.76
C HIS B 72 -24.57 64.78 -31.84
N ARG B 73 -25.80 64.29 -31.84
CA ARG B 73 -26.80 64.78 -32.80
C ARG B 73 -27.06 66.27 -32.59
N GLN B 74 -27.23 66.68 -31.33
CA GLN B 74 -27.50 68.09 -31.06
C GLN B 74 -26.35 68.97 -31.54
N LEU B 75 -25.12 68.56 -31.24
CA LEU B 75 -23.97 69.36 -31.62
C LEU B 75 -23.80 69.40 -33.14
N THR B 76 -24.05 68.28 -33.83
CA THR B 76 -23.90 68.31 -35.28
C THR B 76 -25.03 69.05 -35.96
N GLU B 77 -26.16 69.24 -35.28
CA GLU B 77 -27.15 70.17 -35.80
C GLU B 77 -26.72 71.62 -35.58
N LYS B 78 -26.17 71.92 -34.39
CA LYS B 78 -25.74 73.29 -34.10
C LYS B 78 -24.62 73.71 -35.03
N TRP B 79 -23.72 72.79 -35.36
CA TRP B 79 -22.63 73.11 -36.28
C TRP B 79 -23.17 73.50 -37.65
N MET B 80 -24.15 72.74 -38.17
CA MET B 80 -24.73 73.09 -39.45
C MET B 80 -25.50 74.41 -39.37
N ALA B 81 -26.13 74.68 -38.23
CA ALA B 81 -26.79 75.97 -38.06
C ALA B 81 -25.79 77.11 -38.16
N GLN B 82 -24.63 76.96 -37.52
CA GLN B 82 -23.60 77.98 -37.64
C GLN B 82 -23.09 78.11 -39.07
N ARG B 83 -22.86 76.98 -39.74
CA ARG B 83 -22.38 77.03 -41.12
C ARG B 83 -23.37 77.73 -42.03
N ALA B 84 -24.67 77.56 -41.78
CA ALA B 84 -25.67 78.21 -42.61
C ALA B 84 -25.60 79.73 -42.50
N GLY B 85 -25.32 80.24 -41.31
CA GLY B 85 -25.18 81.67 -41.13
C GLY B 85 -25.73 82.17 -39.80
N ARG B 86 -26.60 81.40 -39.18
CA ARG B 86 -27.16 81.76 -37.89
C ARG B 86 -26.08 81.65 -36.82
N LEU B 87 -26.06 82.62 -35.90
CA LEU B 87 -25.05 82.68 -34.85
C LEU B 87 -25.71 83.05 -33.54
N VAL B 88 -25.65 82.14 -32.56
CA VAL B 88 -26.30 82.30 -31.26
C VAL B 88 -25.40 81.69 -30.19
N GLY B 89 -25.85 81.77 -28.95
CA GLY B 89 -25.00 81.49 -27.80
C GLY B 89 -24.99 80.08 -27.25
N PHE B 90 -26.16 79.46 -27.11
CA PHE B 90 -26.37 78.14 -26.53
C PHE B 90 -25.53 77.97 -25.26
N PRO B 91 -25.98 78.53 -24.15
CA PRO B 91 -25.21 78.47 -22.90
C PRO B 91 -24.96 77.02 -22.45
N PHE B 92 -23.77 76.80 -21.90
CA PHE B 92 -23.35 75.51 -21.37
C PHE B 92 -22.90 75.70 -19.92
N ASP B 93 -23.23 74.74 -19.07
CA ASP B 93 -22.88 74.87 -17.67
C ASP B 93 -22.77 73.49 -17.04
N PHE B 94 -21.77 73.29 -16.19
CA PHE B 94 -21.62 71.99 -15.56
C PHE B 94 -21.12 72.15 -14.14
N ILE B 95 -21.41 71.13 -13.32
CA ILE B 95 -21.22 71.24 -11.88
C ILE B 95 -21.14 69.85 -11.28
N ASP B 96 -20.49 69.77 -10.12
CA ASP B 96 -20.44 68.55 -9.32
C ASP B 96 -21.26 68.77 -8.05
N SER B 97 -22.20 67.85 -7.78
CA SER B 97 -23.08 68.01 -6.64
C SER B 97 -22.40 67.75 -5.32
N ALA B 98 -21.27 67.05 -5.30
CA ALA B 98 -20.61 66.72 -4.05
C ALA B 98 -19.87 67.89 -3.43
N SER B 99 -19.38 68.83 -4.24
CA SER B 99 -18.60 69.94 -3.72
C SER B 99 -18.93 71.27 -4.38
N ASN B 100 -19.95 71.34 -5.21
CA ASN B 100 -20.34 72.57 -5.91
C ASN B 100 -19.18 73.16 -6.69
N GLU B 101 -18.36 72.30 -7.27
CA GLU B 101 -17.25 72.73 -8.10
C GLU B 101 -17.64 72.62 -9.56
N GLY B 102 -17.30 73.63 -10.34
CA GLY B 102 -17.65 73.66 -11.75
C GLY B 102 -17.79 75.10 -12.20
N GLY B 103 -18.57 75.29 -13.26
CA GLY B 103 -18.71 76.64 -13.76
C GLY B 103 -19.84 76.74 -14.75
N THR B 104 -20.03 77.96 -15.24
CA THR B 104 -21.09 78.24 -16.20
C THR B 104 -20.65 79.34 -17.16
N GLY B 105 -21.26 79.33 -18.33
CA GLY B 105 -21.07 80.39 -19.30
C GLY B 105 -22.39 80.73 -19.94
N ALA B 106 -22.45 81.94 -20.48
CA ALA B 106 -23.70 82.47 -21.01
C ALA B 106 -23.86 82.28 -22.52
N GLU B 107 -22.77 82.43 -23.27
CA GLU B 107 -22.84 82.31 -24.73
C GLU B 107 -21.58 81.59 -25.21
N PHE B 108 -21.74 80.36 -25.67
CA PHE B 108 -20.66 79.58 -26.26
C PHE B 108 -20.77 79.57 -27.78
N PHE B 109 -19.77 78.96 -28.41
CA PHE B 109 -19.75 78.79 -29.85
C PHE B 109 -18.93 77.57 -30.19
N ILE B 110 -19.39 76.80 -31.18
CA ILE B 110 -18.62 75.64 -31.63
C ILE B 110 -17.34 76.13 -32.28
N GLN B 111 -16.21 75.65 -31.80
CA GLN B 111 -14.91 76.05 -32.33
C GLN B 111 -14.24 74.94 -33.14
N LYS B 112 -14.32 73.69 -32.69
CA LYS B 112 -13.76 72.59 -33.46
C LYS B 112 -14.84 71.57 -33.78
N ALA B 113 -14.46 70.61 -34.61
CA ALA B 113 -15.33 69.53 -35.04
C ALA B 113 -14.58 68.21 -34.99
N PRO B 114 -15.28 67.11 -34.77
CA PRO B 114 -14.61 65.82 -34.65
C PRO B 114 -14.21 65.27 -36.01
N ASP B 115 -13.41 64.22 -35.99
CA ASP B 115 -13.01 63.49 -37.19
C ASP B 115 -13.81 62.18 -37.24
N ASP B 116 -14.49 61.94 -38.35
CA ASP B 116 -15.33 60.76 -38.52
C ASP B 116 -14.45 59.58 -38.91
N SER B 117 -14.02 58.81 -37.91
CA SER B 117 -13.26 57.60 -38.12
C SER B 117 -14.17 56.41 -37.92
N LYS B 118 -14.18 55.50 -38.89
CA LYS B 118 -15.02 54.31 -38.76
C LYS B 118 -14.25 53.13 -38.19
N GLY B 119 -13.21 52.68 -38.89
CA GLY B 119 -12.38 51.58 -38.41
C GLY B 119 -13.13 50.35 -37.99
N ASN B 120 -12.53 49.55 -37.11
CA ASN B 120 -13.11 48.29 -36.68
C ASN B 120 -13.91 48.39 -35.39
N ASN B 121 -13.59 49.36 -34.53
CA ASN B 121 -14.37 49.56 -33.30
C ASN B 121 -14.85 51.01 -33.19
N ALA B 122 -15.43 51.36 -32.06
CA ALA B 122 -15.89 52.71 -31.84
C ALA B 122 -14.72 53.62 -31.47
N VAL B 123 -14.80 54.87 -31.91
CA VAL B 123 -13.77 55.87 -31.66
C VAL B 123 -14.42 57.09 -31.06
N VAL B 124 -13.61 57.90 -30.37
CA VAL B 124 -14.10 59.09 -29.71
C VAL B 124 -14.51 60.13 -30.76
N ARG B 125 -15.43 61.01 -30.37
CA ARG B 125 -15.71 62.24 -31.10
C ARG B 125 -15.51 63.41 -30.15
N GLU B 126 -14.53 64.26 -30.45
CA GLU B 126 -14.18 65.38 -29.57
C GLU B 126 -14.71 66.67 -30.14
N TRP B 127 -15.46 67.42 -29.32
CA TRP B 127 -15.93 68.74 -29.68
C TRP B 127 -15.26 69.77 -28.78
N THR B 128 -14.85 70.89 -29.37
CA THR B 128 -14.22 71.97 -28.64
C THR B 128 -15.08 73.22 -28.79
N ILE B 129 -15.52 73.76 -27.65
CA ILE B 129 -16.38 74.93 -27.58
C ILE B 129 -15.61 76.03 -26.87
N VAL B 130 -15.95 77.29 -27.16
CA VAL B 130 -15.22 78.44 -26.64
C VAL B 130 -16.22 79.49 -26.18
N THR B 131 -15.96 80.09 -25.02
CA THR B 131 -16.80 81.18 -24.52
C THR B 131 -16.01 82.47 -24.44
N GLY B 132 -16.73 83.58 -24.32
CA GLY B 132 -16.11 84.87 -24.15
C GLY B 132 -15.99 85.25 -22.69
N GLU B 133 -16.88 84.69 -21.88
CA GLU B 133 -16.80 84.80 -20.42
C GLU B 133 -17.08 83.43 -19.82
N TRP B 134 -16.44 83.18 -18.68
CA TRP B 134 -16.60 81.91 -17.99
C TRP B 134 -16.54 82.18 -16.50
N THR B 135 -17.65 81.91 -15.80
CA THR B 135 -17.68 82.15 -14.37
C THR B 135 -17.64 80.83 -13.64
N PRO B 136 -16.55 80.52 -12.94
CA PRO B 136 -16.54 79.34 -12.07
C PRO B 136 -17.38 79.60 -10.84
N THR B 137 -17.86 78.51 -10.24
CA THR B 137 -18.57 78.60 -8.98
C THR B 137 -17.67 78.13 -7.86
N ILE B 138 -17.69 78.85 -6.75
CA ILE B 138 -16.78 78.57 -5.64
C ILE B 138 -17.23 77.31 -4.93
N PRO B 139 -16.36 76.32 -4.75
CA PRO B 139 -16.77 75.11 -4.03
C PRO B 139 -16.97 75.38 -2.56
N THR B 140 -18.23 75.47 -2.13
CA THR B 140 -18.54 75.87 -0.77
C THR B 140 -18.49 74.71 0.21
N LEU B 141 -18.69 73.48 -0.26
CA LEU B 141 -18.61 72.30 0.59
C LEU B 141 -17.21 71.70 0.60
N LEU B 142 -16.19 72.51 0.34
CA LEU B 142 -14.80 72.08 0.27
C LEU B 142 -14.61 71.06 -0.84
N MET C 1 -11.71 -101.55 15.40
CA MET C 1 -13.02 -101.25 14.85
C MET C 1 -13.42 -99.82 15.18
N ILE C 2 -13.52 -98.98 14.16
CA ILE C 2 -13.59 -97.53 14.33
C ILE C 2 -14.91 -97.00 13.79
N ASP C 3 -15.63 -96.26 14.62
CA ASP C 3 -16.80 -95.50 14.20
C ASP C 3 -17.00 -94.36 15.19
N VAL C 4 -16.61 -93.15 14.81
CA VAL C 4 -16.81 -91.96 15.62
C VAL C 4 -17.99 -91.14 15.09
N ALA C 5 -18.05 -90.95 13.77
CA ALA C 5 -19.15 -90.22 13.17
C ALA C 5 -20.50 -90.84 13.44
N ILE C 6 -20.53 -92.06 14.00
CA ILE C 6 -21.78 -92.66 14.43
C ILE C 6 -22.49 -91.82 15.49
N ALA C 7 -21.78 -90.88 16.10
CA ALA C 7 -22.40 -89.96 17.05
C ALA C 7 -23.22 -88.88 16.35
N ILE C 8 -22.85 -88.50 15.13
CA ILE C 8 -23.53 -87.43 14.41
C ILE C 8 -24.87 -87.92 13.89
N ASP C 9 -25.05 -89.24 13.86
CA ASP C 9 -26.29 -89.80 13.36
C ASP C 9 -27.42 -89.76 14.39
N ALA C 10 -27.11 -89.59 15.67
CA ALA C 10 -28.17 -89.54 16.67
C ALA C 10 -29.07 -88.35 16.43
N GLU C 11 -28.50 -87.19 16.18
CA GLU C 11 -29.27 -85.99 15.84
C GLU C 11 -28.81 -85.48 14.50
N SER C 12 -29.76 -85.30 13.58
CA SER C 12 -29.45 -84.88 12.23
C SER C 12 -30.70 -84.30 11.62
N VAL C 13 -30.55 -83.73 10.44
CA VAL C 13 -31.65 -83.05 9.77
C VAL C 13 -31.27 -82.86 8.31
N GLU C 14 -32.27 -82.81 7.44
CA GLU C 14 -32.06 -82.68 6.00
C GLU C 14 -31.87 -81.20 5.64
N VAL C 15 -30.63 -80.83 5.34
CA VAL C 15 -30.32 -79.50 4.84
C VAL C 15 -29.82 -79.66 3.41
N THR C 16 -30.07 -78.65 2.59
CA THR C 16 -29.68 -78.73 1.18
C THR C 16 -28.30 -78.12 1.02
N TRP C 17 -27.30 -78.98 0.82
CA TRP C 17 -25.97 -78.50 0.49
C TRP C 17 -25.99 -77.90 -0.91
N ARG C 18 -25.24 -76.82 -1.09
CA ARG C 18 -25.21 -76.06 -2.34
C ARG C 18 -23.74 -75.79 -2.63
N ASN C 19 -23.14 -76.68 -3.42
CA ASN C 19 -21.72 -76.59 -3.76
C ASN C 19 -21.51 -75.57 -4.87
N ARG C 20 -20.41 -74.85 -4.79
CA ARG C 20 -20.16 -73.67 -5.61
C ARG C 20 -18.90 -73.84 -6.44
N SER C 21 -18.94 -73.38 -7.68
CA SER C 21 -17.74 -73.21 -8.49
C SER C 21 -17.69 -71.78 -9.00
N GLY C 22 -16.49 -71.20 -8.99
CA GLY C 22 -16.36 -69.78 -9.24
C GLY C 22 -16.62 -69.42 -10.69
N GLY C 23 -16.69 -68.11 -10.92
CA GLY C 23 -16.86 -67.58 -12.25
C GLY C 23 -15.67 -66.75 -12.70
N SER C 24 -15.94 -65.70 -13.47
CA SER C 24 -14.90 -64.81 -13.96
C SER C 24 -15.49 -63.42 -14.08
N TYR C 25 -14.80 -62.54 -14.80
CA TYR C 25 -15.15 -61.14 -14.88
C TYR C 25 -15.47 -60.73 -16.31
N ASP C 26 -16.53 -59.94 -16.47
CA ASP C 26 -16.85 -59.35 -17.76
C ASP C 26 -15.78 -58.35 -18.16
N SER C 27 -15.63 -58.14 -19.47
CA SER C 27 -14.61 -57.23 -19.96
C SER C 27 -14.77 -55.81 -19.42
N ARG C 28 -15.97 -55.45 -18.98
CA ARG C 28 -16.22 -54.17 -18.34
C ARG C 28 -15.87 -54.17 -16.86
N GLY C 29 -15.43 -55.30 -16.31
CA GLY C 29 -14.95 -55.36 -14.94
C GLY C 29 -15.91 -55.98 -13.94
N ASN C 30 -17.14 -56.27 -14.34
CA ASN C 30 -18.13 -56.81 -13.41
C ASN C 30 -17.78 -58.25 -13.06
N ALA C 31 -18.64 -58.86 -12.25
CA ALA C 31 -18.42 -60.22 -11.77
C ALA C 31 -19.64 -61.07 -12.09
N THR C 32 -19.40 -62.37 -12.32
CA THR C 32 -20.46 -63.31 -12.67
C THR C 32 -20.28 -64.56 -11.82
N GLY C 33 -21.12 -64.72 -10.80
CA GLY C 33 -21.10 -65.90 -9.95
C GLY C 33 -22.13 -66.92 -10.44
N ALA C 34 -21.67 -68.14 -10.64
CA ALA C 34 -22.51 -69.15 -11.27
C ALA C 34 -22.14 -70.52 -10.72
N SER C 35 -22.66 -71.57 -11.37
CA SER C 35 -22.27 -72.96 -11.14
C SER C 35 -22.53 -73.39 -9.70
N TRP C 36 -23.81 -73.44 -9.36
CA TRP C 36 -24.28 -74.08 -8.15
C TRP C 36 -24.76 -75.50 -8.44
N ALA C 37 -24.53 -76.39 -7.47
CA ALA C 37 -25.02 -77.76 -7.55
C ALA C 37 -25.62 -78.15 -6.21
N ASP C 38 -26.87 -78.62 -6.22
CA ASP C 38 -27.62 -78.85 -5.00
C ASP C 38 -27.69 -80.33 -4.66
N THR C 39 -27.78 -80.64 -3.37
CA THR C 39 -27.86 -82.02 -2.91
C THR C 39 -28.39 -82.06 -1.50
N GLN C 40 -29.45 -82.84 -1.27
CA GLN C 40 -29.96 -83.03 0.08
C GLN C 40 -28.96 -83.83 0.91
N ILE C 41 -28.76 -83.44 2.16
CA ILE C 41 -27.71 -84.03 2.97
C ILE C 41 -28.12 -83.90 4.43
N ARG C 42 -27.45 -84.66 5.30
CA ARG C 42 -27.79 -84.71 6.71
C ARG C 42 -26.73 -84.02 7.56
N ALA C 43 -27.16 -83.19 8.50
CA ALA C 43 -26.25 -82.46 9.37
C ALA C 43 -26.75 -82.53 10.81
N ALA C 44 -25.95 -81.97 11.71
CA ALA C 44 -26.29 -81.89 13.14
C ALA C 44 -26.07 -80.46 13.61
N ILE C 45 -27.09 -79.62 13.45
CA ILE C 45 -26.93 -78.19 13.65
C ILE C 45 -27.22 -77.83 15.10
N GLN C 46 -26.41 -76.93 15.66
CA GLN C 46 -26.60 -76.44 17.01
C GLN C 46 -26.45 -74.93 17.04
N PRO C 47 -27.26 -74.24 17.84
CA PRO C 47 -27.29 -72.76 17.87
C PRO C 47 -26.27 -72.13 18.81
N VAL C 48 -25.02 -72.07 18.36
CA VAL C 48 -23.96 -71.44 19.14
C VAL C 48 -24.02 -69.95 18.85
N SER C 49 -24.61 -69.21 19.80
CA SER C 49 -24.78 -67.75 19.72
C SER C 49 -25.57 -67.37 18.46
N GLY C 50 -26.82 -67.80 18.44
CA GLY C 50 -27.72 -67.49 17.35
C GLY C 50 -28.67 -66.36 17.69
N ARG C 51 -29.12 -65.66 16.65
CA ARG C 51 -30.22 -64.71 16.72
C ARG C 51 -29.96 -63.61 17.75
N GLU C 52 -28.93 -62.82 17.49
CA GLU C 52 -28.63 -61.63 18.28
C GLU C 52 -29.30 -60.44 17.62
N LEU C 53 -30.18 -59.76 18.35
CA LEU C 53 -30.87 -58.61 17.80
C LEU C 53 -29.93 -57.43 17.62
N GLN C 54 -30.24 -56.58 16.64
CA GLN C 54 -29.48 -55.36 16.38
C GLN C 54 -30.49 -54.28 16.01
N ASP C 55 -30.65 -53.31 16.90
CA ASP C 55 -31.56 -52.18 16.70
C ASP C 55 -30.74 -50.99 16.21
N LEU C 56 -30.38 -51.05 14.94
CA LEU C 56 -29.64 -49.98 14.31
C LEU C 56 -30.56 -48.81 14.00
N PRO C 57 -30.00 -47.62 13.72
CA PRO C 57 -30.85 -46.53 13.25
C PRO C 57 -31.66 -46.91 12.02
N GLU C 58 -31.11 -47.73 11.14
CA GLU C 58 -31.85 -48.15 9.96
C GLU C 58 -33.03 -49.05 10.27
N GLY C 59 -33.10 -49.59 11.48
CA GLY C 59 -34.21 -50.45 11.83
C GLY C 59 -33.75 -51.60 12.70
N VAL C 60 -34.37 -52.74 12.49
CA VAL C 60 -34.15 -53.92 13.32
C VAL C 60 -33.72 -55.06 12.41
N ARG C 61 -32.66 -55.76 12.81
CA ARG C 61 -32.27 -56.97 12.09
C ARG C 61 -31.51 -57.89 13.02
N SER C 62 -31.50 -59.17 12.69
CA SER C 62 -30.90 -60.18 13.56
C SER C 62 -29.58 -60.67 12.97
N LYS C 63 -28.81 -61.32 13.84
CA LYS C 63 -27.47 -61.82 13.53
C LYS C 63 -27.44 -63.29 13.94
N VAL C 64 -27.51 -64.19 12.98
CA VAL C 64 -27.69 -65.61 13.23
C VAL C 64 -26.41 -66.36 12.87
N THR C 65 -25.99 -67.27 13.75
CA THR C 65 -24.83 -68.12 13.52
C THR C 65 -25.17 -69.54 13.97
N LEU C 66 -24.44 -70.51 13.41
CA LEU C 66 -24.70 -71.92 13.68
C LEU C 66 -23.44 -72.73 13.47
N VAL C 67 -23.45 -73.98 13.97
CA VAL C 67 -22.39 -74.94 13.73
C VAL C 67 -23.02 -76.22 13.17
N ALA C 68 -22.22 -77.00 12.43
CA ALA C 68 -22.78 -78.03 11.55
C ALA C 68 -22.41 -79.45 11.93
N TRP C 69 -21.12 -79.80 12.01
CA TRP C 69 -20.69 -81.18 12.19
C TRP C 69 -21.34 -82.13 11.21
N THR C 70 -21.04 -82.00 9.91
CA THR C 70 -21.65 -82.85 8.90
C THR C 70 -20.65 -83.89 8.40
N ARG C 71 -21.17 -84.97 7.85
CA ARG C 71 -20.33 -86.08 7.42
C ARG C 71 -19.73 -85.84 6.04
N SER C 72 -20.44 -85.13 5.17
CA SER C 72 -19.97 -84.90 3.82
C SER C 72 -18.84 -83.87 3.81
N GLU C 73 -18.23 -83.69 2.64
CA GLU C 73 -17.14 -82.75 2.46
C GLU C 73 -17.71 -81.40 2.02
N VAL C 74 -17.48 -80.37 2.82
CA VAL C 74 -17.93 -79.02 2.52
C VAL C 74 -16.73 -78.09 2.58
N ALA C 75 -16.58 -77.25 1.56
CA ALA C 75 -15.46 -76.32 1.48
C ALA C 75 -15.76 -75.09 2.34
N GLU C 76 -14.93 -74.05 2.20
CA GLU C 76 -15.09 -72.86 3.02
C GLU C 76 -16.08 -71.86 2.46
N ASN C 77 -16.36 -71.90 1.17
CA ASN C 77 -17.33 -70.97 0.56
C ASN C 77 -18.34 -71.78 -0.24
N ASP C 78 -19.38 -72.24 0.46
CA ASP C 78 -20.48 -72.96 -0.14
C ASP C 78 -21.76 -72.39 0.43
N GLN C 79 -22.88 -73.05 0.22
CA GLN C 79 -24.10 -72.62 0.91
C GLN C 79 -24.80 -73.83 1.50
N ILE C 80 -25.55 -73.60 2.57
CA ILE C 80 -26.38 -74.64 3.15
C ILE C 80 -27.76 -74.03 3.41
N ILE C 81 -28.79 -74.59 2.81
CA ILE C 81 -30.14 -74.10 2.98
C ILE C 81 -30.79 -74.92 4.08
N TYR C 82 -31.18 -74.23 5.15
CA TYR C 82 -31.74 -74.85 6.35
C TYR C 82 -32.89 -74.00 6.85
N LEU C 83 -33.97 -74.66 7.26
CA LEU C 83 -35.14 -73.99 7.83
C LEU C 83 -35.70 -72.91 6.91
N GLY C 84 -35.52 -73.09 5.62
CA GLY C 84 -36.03 -72.14 4.65
C GLY C 84 -35.13 -70.97 4.33
N ASP C 85 -34.01 -70.82 5.01
CA ASP C 85 -33.10 -69.71 4.76
C ASP C 85 -31.72 -70.23 4.41
N ALA C 86 -30.97 -69.42 3.66
CA ALA C 86 -29.63 -69.80 3.25
C ALA C 86 -28.61 -69.38 4.30
N TYR C 87 -27.55 -70.18 4.42
CA TYR C 87 -26.44 -69.88 5.31
C TYR C 87 -25.14 -70.04 4.54
N ARG C 88 -24.23 -69.11 4.74
CA ARG C 88 -22.92 -69.15 4.11
C ARG C 88 -21.89 -69.64 5.13
N VAL C 89 -20.91 -70.39 4.63
CA VAL C 89 -19.94 -71.08 5.48
C VAL C 89 -18.81 -70.13 5.82
N TYR C 90 -18.57 -69.91 7.12
CA TYR C 90 -17.41 -69.13 7.54
C TYR C 90 -16.13 -69.93 7.36
N ALA C 91 -16.01 -71.02 8.11
CA ALA C 91 -14.74 -71.71 8.29
C ALA C 91 -15.00 -73.16 8.65
N ALA C 92 -14.19 -74.05 8.09
CA ALA C 92 -14.35 -75.47 8.30
C ALA C 92 -13.12 -76.03 9.01
N ARG C 93 -13.32 -77.09 9.76
CA ARG C 93 -12.24 -77.81 10.44
C ARG C 93 -12.34 -79.28 10.05
N PRO C 94 -11.89 -79.62 8.85
CA PRO C 94 -12.01 -81.01 8.39
C PRO C 94 -11.12 -81.95 9.18
N ARG C 95 -11.59 -83.18 9.36
CA ARG C 95 -10.84 -84.21 10.06
C ARG C 95 -10.77 -85.43 9.15
N PRO C 96 -9.86 -85.43 8.17
CA PRO C 96 -9.85 -86.52 7.18
C PRO C 96 -9.51 -87.88 7.74
N MET C 97 -8.92 -87.96 8.94
CA MET C 97 -8.73 -89.26 9.58
C MET C 97 -10.05 -89.96 9.76
N ASP C 98 -11.07 -89.23 10.19
CA ASP C 98 -12.45 -89.68 10.21
C ASP C 98 -13.19 -89.12 9.00
N GLY C 99 -14.48 -89.41 8.93
CA GLY C 99 -15.29 -88.67 7.98
C GLY C 99 -16.26 -87.75 8.68
N PHE C 100 -15.89 -86.47 8.79
CA PHE C 100 -16.78 -85.40 9.23
C PHE C 100 -15.99 -84.10 9.20
N THR C 101 -16.70 -83.00 9.37
CA THR C 101 -16.08 -81.68 9.45
C THR C 101 -16.78 -80.90 10.56
N ARG C 102 -16.45 -79.62 10.67
CA ARG C 102 -17.12 -78.71 11.57
C ARG C 102 -17.15 -77.35 10.90
N ILE C 103 -18.31 -76.72 10.85
CA ILE C 103 -18.56 -75.58 9.98
C ILE C 103 -19.25 -74.48 10.77
N ALA C 104 -18.94 -73.23 10.45
CA ALA C 104 -19.66 -72.09 10.99
C ALA C 104 -20.54 -71.51 9.90
N LEU C 105 -21.81 -71.28 10.22
CA LEU C 105 -22.80 -70.82 9.25
C LEU C 105 -23.34 -69.46 9.69
N GLY C 106 -23.43 -68.54 8.75
CA GLY C 106 -24.05 -67.25 8.99
C GLY C 106 -25.16 -66.98 8.00
N LYS C 107 -26.29 -66.48 8.50
CA LYS C 107 -27.46 -66.25 7.66
C LYS C 107 -27.20 -65.13 6.66
N VAL C 108 -27.71 -65.30 5.45
CA VAL C 108 -27.38 -64.42 4.34
C VAL C 108 -28.39 -63.28 4.19
N SER C 109 -29.67 -63.56 4.39
CA SER C 109 -30.71 -62.57 4.11
C SER C 109 -30.61 -61.39 5.05
N PRO C 110 -30.45 -60.15 4.56
CA PRO C 110 -30.43 -58.96 5.41
C PRO C 110 -31.83 -58.43 5.70
N MET D 1 11.69 -97.79 30.89
CA MET D 1 11.38 -98.02 29.48
C MET D 1 10.49 -96.91 28.94
N ILE D 2 11.02 -96.12 28.02
CA ILE D 2 10.42 -94.86 27.63
C ILE D 2 10.01 -94.90 26.16
N ASP D 3 8.76 -94.58 25.88
CA ASP D 3 8.27 -94.36 24.52
C ASP D 3 7.04 -93.48 24.61
N VAL D 4 7.19 -92.19 24.31
CA VAL D 4 6.08 -91.25 24.26
C VAL D 4 5.66 -90.97 22.82
N ALA D 5 6.63 -90.74 21.95
CA ALA D 5 6.35 -90.49 20.54
C ALA D 5 5.61 -91.65 19.88
N ILE D 6 5.50 -92.80 20.56
CA ILE D 6 4.69 -93.89 20.06
C ILE D 6 3.24 -93.50 19.89
N ALA D 7 2.83 -92.38 20.49
CA ALA D 7 1.47 -91.88 20.31
C ALA D 7 1.29 -91.19 18.96
N ILE D 8 2.36 -90.60 18.41
CA ILE D 8 2.27 -89.88 17.15
C ILE D 8 2.15 -90.86 15.99
N ASP D 9 2.47 -92.13 16.23
CA ASP D 9 2.40 -93.12 15.18
C ASP D 9 1.00 -93.62 14.92
N ALA D 10 0.07 -93.43 15.86
CA ALA D 10 -1.30 -93.89 15.64
C ALA D 10 -1.93 -93.18 14.45
N GLU D 11 -1.77 -91.86 14.37
CA GLU D 11 -2.25 -91.08 13.24
C GLU D 11 -1.07 -90.34 12.64
N SER D 12 -0.88 -90.52 11.34
CA SER D 12 0.25 -89.93 10.65
C SER D 12 -0.08 -89.87 9.18
N VAL D 13 0.79 -89.21 8.42
CA VAL D 13 0.57 -89.02 6.99
C VAL D 13 1.89 -88.59 6.37
N GLU D 14 2.06 -88.91 5.09
CA GLU D 14 3.29 -88.61 4.35
C GLU D 14 3.23 -87.18 3.84
N VAL D 15 4.00 -86.29 4.47
CA VAL D 15 4.17 -84.93 4.01
C VAL D 15 5.63 -84.77 3.60
N THR D 16 5.86 -83.91 2.62
CA THR D 16 7.22 -83.73 2.11
C THR D 16 7.88 -82.58 2.86
N TRP D 17 8.80 -82.92 3.75
CA TRP D 17 9.62 -81.92 4.41
C TRP D 17 10.55 -81.29 3.39
N ARG D 18 10.77 -79.99 3.53
CA ARG D 18 11.56 -79.21 2.58
C ARG D 18 12.47 -78.32 3.42
N ASN D 19 13.68 -78.83 3.69
CA ASN D 19 14.65 -78.13 4.51
C ASN D 19 15.35 -77.05 3.70
N ARG D 20 15.64 -75.93 4.37
CA ARG D 20 16.08 -74.71 3.71
C ARG D 20 17.45 -74.28 4.22
N SER D 21 18.29 -73.79 3.31
CA SER D 21 19.50 -73.09 3.69
C SER D 21 19.52 -71.74 3.00
N GLY D 22 19.95 -70.72 3.72
CA GLY D 22 19.81 -69.36 3.24
C GLY D 22 20.73 -69.04 2.08
N GLY D 23 20.50 -67.87 1.50
CA GLY D 23 21.33 -67.36 0.43
C GLY D 23 22.05 -66.09 0.79
N SER D 24 22.23 -65.21 -0.17
CA SER D 24 22.91 -63.94 0.05
C SER D 24 22.28 -62.91 -0.89
N TYR D 25 22.96 -61.79 -1.07
CA TYR D 25 22.43 -60.66 -1.80
C TYR D 25 23.30 -60.33 -3.00
N ASP D 26 22.65 -60.04 -4.14
CA ASP D 26 23.36 -59.55 -5.32
C ASP D 26 23.93 -58.17 -5.05
N SER D 27 25.00 -57.84 -5.77
CA SER D 27 25.65 -56.56 -5.57
C SER D 27 24.71 -55.39 -5.81
N ARG D 28 23.63 -55.59 -6.55
CA ARG D 28 22.61 -54.56 -6.76
C ARG D 28 21.59 -54.53 -5.63
N GLY D 29 21.71 -55.39 -4.63
CA GLY D 29 20.87 -55.34 -3.45
C GLY D 29 19.76 -56.37 -3.39
N ASN D 30 19.52 -57.11 -4.47
CA ASN D 30 18.43 -58.07 -4.49
C ASN D 30 18.75 -59.26 -3.59
N ALA D 31 17.84 -60.22 -3.56
CA ALA D 31 17.97 -61.40 -2.72
C ALA D 31 17.86 -62.66 -3.55
N THR D 32 18.55 -63.72 -3.11
CA THR D 32 18.56 -64.99 -3.83
C THR D 32 18.35 -66.10 -2.80
N GLY D 33 17.14 -66.67 -2.79
CA GLY D 33 16.81 -67.78 -1.92
C GLY D 33 16.97 -69.10 -2.66
N ALA D 34 17.74 -70.00 -2.06
CA ALA D 34 18.11 -71.23 -2.76
C ALA D 34 18.27 -72.35 -1.73
N SER D 35 18.83 -73.47 -2.19
CA SER D 35 19.26 -74.58 -1.34
C SER D 35 18.08 -75.18 -0.55
N TRP D 36 17.17 -75.78 -1.30
CA TRP D 36 16.13 -76.64 -0.75
C TRP D 36 16.55 -78.10 -0.84
N ALA D 37 16.15 -78.88 0.16
CA ALA D 37 16.37 -80.32 0.17
C ALA D 37 15.09 -81.01 0.63
N ASP D 38 14.60 -81.96 -0.16
CA ASP D 38 13.29 -82.56 0.06
C ASP D 38 13.43 -83.96 0.65
N THR D 39 12.43 -84.36 1.44
CA THR D 39 12.44 -85.67 2.07
C THR D 39 11.02 -86.03 2.52
N GLN D 40 10.52 -87.18 2.09
CA GLN D 40 9.23 -87.66 2.56
C GLN D 40 9.32 -88.03 4.03
N ILE D 41 8.29 -87.67 4.81
CA ILE D 41 8.35 -87.81 6.25
C ILE D 41 6.93 -87.97 6.76
N ARG D 42 6.80 -88.43 8.01
CA ARG D 42 5.50 -88.71 8.59
C ARG D 42 5.16 -87.69 9.68
N ALA D 43 3.93 -87.18 9.64
CA ALA D 43 3.48 -86.20 10.62
C ALA D 43 2.09 -86.56 11.12
N ALA D 44 1.59 -85.78 12.07
CA ALA D 44 0.25 -85.95 12.64
C ALA D 44 -0.44 -84.59 12.64
N ILE D 45 -1.08 -84.25 11.53
CA ILE D 45 -1.58 -82.90 11.32
C ILE D 45 -3.00 -82.79 11.85
N GLN D 46 -3.30 -81.68 12.52
CA GLN D 46 -4.64 -81.40 13.01
C GLN D 46 -5.03 -79.96 12.68
N PRO D 47 -6.29 -79.73 12.34
CA PRO D 47 -6.77 -78.41 11.89
C PRO D 47 -7.20 -77.46 13.01
N VAL D 48 -6.21 -76.86 13.66
CA VAL D 48 -6.47 -75.90 14.72
C VAL D 48 -6.73 -74.56 14.06
N SER D 49 -8.01 -74.19 13.95
CA SER D 49 -8.46 -72.94 13.33
C SER D 49 -7.97 -72.84 11.88
N GLY D 50 -8.46 -73.76 11.06
CA GLY D 50 -8.13 -73.78 9.65
C GLY D 50 -9.22 -73.18 8.80
N ARG D 51 -8.82 -72.66 7.63
CA ARG D 51 -9.73 -72.27 6.56
C ARG D 51 -10.75 -71.23 7.03
N GLU D 52 -10.24 -70.06 7.41
CA GLU D 52 -11.08 -68.92 7.72
C GLU D 52 -11.25 -68.08 6.47
N LEU D 53 -12.48 -67.87 6.04
CA LEU D 53 -12.74 -67.09 4.85
C LEU D 53 -12.45 -65.61 5.08
N GLN D 54 -12.06 -64.92 4.02
CA GLN D 54 -11.83 -63.48 4.07
C GLN D 54 -12.37 -62.90 2.76
N ASP D 55 -13.46 -62.13 2.87
CA ASP D 55 -14.10 -61.49 1.73
C ASP D 55 -13.63 -60.04 1.69
N LEU D 56 -12.41 -59.85 1.23
CA LEU D 56 -11.83 -58.52 1.10
C LEU D 56 -12.40 -57.83 -0.13
N PRO D 57 -12.23 -56.51 -0.25
CA PRO D 57 -12.61 -55.84 -1.50
C PRO D 57 -11.94 -56.46 -2.71
N GLU D 58 -10.69 -56.90 -2.57
CA GLU D 58 -9.99 -57.51 -3.69
C GLU D 58 -10.59 -58.85 -4.11
N GLY D 59 -11.44 -59.45 -3.29
CA GLY D 59 -12.04 -60.70 -3.66
C GLY D 59 -12.16 -61.61 -2.45
N VAL D 60 -11.97 -62.90 -2.69
CA VAL D 60 -12.18 -63.93 -1.68
C VAL D 60 -10.90 -64.72 -1.54
N ARG D 61 -10.47 -64.93 -0.29
CA ARG D 61 -9.32 -65.81 -0.07
C ARG D 61 -9.41 -66.39 1.33
N SER D 62 -8.77 -67.52 1.54
CA SER D 62 -8.86 -68.24 2.81
C SER D 62 -7.57 -68.11 3.61
N LYS D 63 -7.69 -68.42 4.89
CA LYS D 63 -6.60 -68.30 5.86
C LYS D 63 -6.48 -69.64 6.58
N VAL D 64 -5.48 -70.41 6.23
CA VAL D 64 -5.34 -71.80 6.67
C VAL D 64 -4.19 -71.91 7.65
N THR D 65 -4.41 -72.62 8.76
CA THR D 65 -3.38 -72.90 9.75
C THR D 65 -3.48 -74.34 10.20
N LEU D 66 -2.38 -74.89 10.70
CA LEU D 66 -2.33 -76.29 11.11
C LEU D 66 -1.26 -76.48 12.17
N VAL D 67 -1.31 -77.64 12.84
CA VAL D 67 -0.28 -78.06 13.79
C VAL D 67 0.22 -79.45 13.37
N ALA D 68 1.46 -79.76 13.77
CA ALA D 68 2.18 -80.86 13.16
C ALA D 68 2.49 -82.03 14.10
N TRP D 69 3.18 -81.80 15.20
CA TRP D 69 3.66 -82.89 16.06
C TRP D 69 4.42 -83.96 15.28
N THR D 70 5.57 -83.63 14.70
CA THR D 70 6.33 -84.59 13.91
C THR D 70 7.54 -85.08 14.69
N ARG D 71 8.05 -86.24 14.30
CA ARG D 71 9.15 -86.86 15.02
C ARG D 71 10.50 -86.31 14.59
N SER D 72 10.62 -85.91 13.32
CA SER D 72 11.90 -85.41 12.82
C SER D 72 12.18 -84.00 13.34
N GLU D 73 13.37 -83.51 13.05
CA GLU D 73 13.80 -82.18 13.47
C GLU D 73 13.47 -81.18 12.38
N VAL D 74 12.64 -80.20 12.71
CA VAL D 74 12.24 -79.15 11.78
C VAL D 74 12.53 -77.81 12.44
N ALA D 75 13.19 -76.92 11.70
CA ALA D 75 13.55 -75.60 12.20
C ALA D 75 12.35 -74.66 12.12
N GLU D 76 12.58 -73.37 12.34
CA GLU D 76 11.48 -72.41 12.35
C GLU D 76 11.12 -71.89 10.96
N ASN D 77 12.03 -71.95 9.99
CA ASN D 77 11.76 -71.47 8.64
C ASN D 77 12.12 -72.59 7.66
N ASP D 78 11.17 -73.47 7.43
CA ASP D 78 11.30 -74.56 6.46
C ASP D 78 10.01 -74.60 5.67
N GLN D 79 9.79 -75.67 4.90
CA GLN D 79 8.50 -75.84 4.26
C GLN D 79 8.03 -77.26 4.46
N ILE D 80 6.71 -77.44 4.45
CA ILE D 80 6.11 -78.76 4.49
C ILE D 80 5.02 -78.80 3.43
N ILE D 81 5.15 -79.71 2.47
CA ILE D 81 4.17 -79.84 1.40
C ILE D 81 3.19 -80.93 1.82
N TYR D 82 1.92 -80.54 1.94
CA TYR D 82 0.87 -81.41 2.42
C TYR D 82 -0.39 -81.15 1.59
N LEU D 83 -1.08 -82.23 1.22
CA LEU D 83 -2.34 -82.16 0.48
C LEU D 83 -2.20 -81.35 -0.81
N GLY D 84 -1.01 -81.35 -1.39
CA GLY D 84 -0.78 -80.65 -2.63
C GLY D 84 -0.41 -79.18 -2.50
N ASP D 85 -0.42 -78.63 -1.29
CA ASP D 85 -0.07 -77.23 -1.10
C ASP D 85 1.07 -77.09 -0.11
N ALA D 86 1.80 -76.00 -0.24
CA ALA D 86 2.94 -75.75 0.63
C ALA D 86 2.50 -75.02 1.89
N TYR D 87 3.18 -75.30 3.00
CA TYR D 87 2.94 -74.62 4.25
C TYR D 87 4.27 -74.18 4.83
N ARG D 88 4.31 -72.96 5.34
CA ARG D 88 5.49 -72.41 5.98
C ARG D 88 5.35 -72.48 7.49
N VAL D 89 6.46 -72.72 8.16
CA VAL D 89 6.48 -72.99 9.59
C VAL D 89 6.51 -71.68 10.36
N TYR D 90 5.51 -71.47 11.23
CA TYR D 90 5.55 -70.31 12.11
C TYR D 90 6.57 -70.48 13.22
N ALA D 91 6.36 -71.47 14.08
CA ALA D 91 7.07 -71.57 15.34
C ALA D 91 7.07 -73.00 15.81
N ALA D 92 8.20 -73.44 16.34
CA ALA D 92 8.36 -74.81 16.79
C ALA D 92 8.60 -74.84 18.29
N ARG D 93 8.20 -75.94 18.91
CA ARG D 93 8.41 -76.19 20.34
C ARG D 93 9.11 -77.53 20.47
N PRO D 94 10.41 -77.57 20.22
CA PRO D 94 11.13 -78.85 20.28
C PRO D 94 11.23 -79.37 21.70
N ARG D 95 11.21 -80.70 21.83
CA ARG D 95 11.33 -81.37 23.11
C ARG D 95 12.46 -82.38 23.00
N PRO D 96 13.72 -81.95 23.11
CA PRO D 96 14.84 -82.86 22.87
C PRO D 96 14.96 -83.98 23.87
N MET D 97 14.33 -83.88 25.05
CA MET D 97 14.29 -85.02 25.96
C MET D 97 13.67 -86.23 25.28
N ASP D 98 12.58 -86.02 24.54
CA ASP D 98 12.01 -87.00 23.66
C ASP D 98 12.43 -86.72 22.23
N GLY D 99 11.92 -87.52 21.30
CA GLY D 99 12.04 -87.14 19.91
C GLY D 99 10.71 -86.75 19.31
N PHE D 100 10.43 -85.45 19.27
CA PHE D 100 9.30 -84.88 18.54
C PHE D 100 9.35 -83.38 18.72
N THR D 101 8.53 -82.68 17.94
CA THR D 101 8.38 -81.23 18.04
C THR D 101 6.91 -80.89 17.95
N ARG D 102 6.62 -79.60 17.87
CA ARG D 102 5.27 -79.11 17.62
C ARG D 102 5.40 -77.84 16.79
N ILE D 103 4.66 -77.76 15.70
CA ILE D 103 4.89 -76.78 14.66
C ILE D 103 3.58 -76.13 14.27
N ALA D 104 3.62 -74.85 13.93
CA ALA D 104 2.48 -74.14 13.35
C ALA D 104 2.74 -73.92 11.88
N LEU D 105 1.77 -74.26 11.05
CA LEU D 105 1.90 -74.20 9.59
C LEU D 105 0.88 -73.23 9.04
N GLY D 106 1.31 -72.37 8.12
CA GLY D 106 0.41 -71.47 7.41
C GLY D 106 0.57 -71.63 5.91
N LYS D 107 -0.56 -71.69 5.21
CA LYS D 107 -0.54 -71.91 3.77
C LYS D 107 0.06 -70.73 3.04
N VAL D 108 0.82 -71.01 2.00
CA VAL D 108 1.62 -70.00 1.32
C VAL D 108 0.90 -69.39 0.13
N SER D 109 0.16 -70.19 -0.62
CA SER D 109 -0.43 -69.71 -1.88
C SER D 109 -1.50 -68.66 -1.60
N PRO D 110 -1.37 -67.44 -2.15
CA PRO D 110 -2.41 -66.42 -1.99
C PRO D 110 -3.51 -66.54 -3.04
N MET E 1 -38.44 -81.03 51.15
CA MET E 1 -38.05 -80.21 52.29
C MET E 1 -36.86 -79.34 51.91
N ILE E 2 -37.07 -78.03 51.88
CA ILE E 2 -36.14 -77.10 51.25
C ILE E 2 -35.61 -76.12 52.29
N ASP E 3 -34.27 -76.03 52.38
CA ASP E 3 -33.61 -74.99 53.16
C ASP E 3 -32.21 -74.81 52.59
N VAL E 4 -32.02 -73.75 51.81
CA VAL E 4 -30.70 -73.40 51.27
C VAL E 4 -30.07 -72.26 52.04
N ALA E 5 -30.86 -71.22 52.34
CA ALA E 5 -30.37 -70.09 53.11
C ALA E 5 -29.88 -70.49 54.48
N ILE E 6 -30.13 -71.73 54.92
CA ILE E 6 -29.56 -72.23 56.16
C ILE E 6 -28.04 -72.22 56.13
N ALA E 7 -27.44 -72.07 54.95
CA ALA E 7 -25.99 -71.94 54.85
C ALA E 7 -25.50 -70.57 55.26
N ILE E 8 -26.32 -69.53 55.05
CA ILE E 8 -25.92 -68.16 55.34
C ILE E 8 -25.93 -67.93 56.86
N ASP E 9 -26.57 -68.81 57.60
CA ASP E 9 -26.63 -68.66 59.04
C ASP E 9 -25.36 -69.13 59.75
N ALA E 10 -24.53 -69.93 59.09
CA ALA E 10 -23.29 -70.37 59.74
C ALA E 10 -22.38 -69.21 60.06
N GLU E 11 -22.21 -68.29 59.11
CA GLU E 11 -21.44 -67.08 59.33
C GLU E 11 -22.32 -65.89 59.03
N SER E 12 -22.41 -64.98 59.99
CA SER E 12 -23.28 -63.82 59.87
C SER E 12 -22.79 -62.77 60.84
N VAL E 13 -23.38 -61.58 60.75
CA VAL E 13 -22.96 -60.46 61.57
C VAL E 13 -24.06 -59.41 61.50
N GLU E 14 -24.17 -58.59 62.55
CA GLU E 14 -25.19 -57.56 62.67
C GLU E 14 -24.73 -56.31 61.95
N VAL E 15 -25.33 -56.06 60.78
CA VAL E 15 -25.11 -54.82 60.05
C VAL E 15 -26.42 -54.06 60.03
N THR E 16 -26.34 -52.74 60.00
CA THR E 16 -27.54 -51.92 60.05
C THR E 16 -27.98 -51.61 58.62
N TRP E 17 -29.04 -52.26 58.19
CA TRP E 17 -29.67 -51.94 56.92
C TRP E 17 -30.30 -50.56 57.01
N ARG E 18 -30.20 -49.80 55.92
CA ARG E 18 -30.67 -48.42 55.86
C ARG E 18 -31.42 -48.28 54.55
N ASN E 19 -32.73 -48.50 54.62
CA ASN E 19 -33.60 -48.44 53.43
C ASN E 19 -33.92 -47.00 53.09
N ARG E 20 -34.00 -46.73 51.78
CA ARG E 20 -34.05 -45.38 51.25
C ARG E 20 -35.32 -45.18 50.44
N SER E 21 -35.91 -43.98 50.57
CA SER E 21 -36.96 -43.54 49.66
C SER E 21 -36.56 -42.18 49.11
N GLY E 22 -36.80 -41.98 47.82
CA GLY E 22 -36.28 -40.82 47.14
C GLY E 22 -36.97 -39.53 47.56
N GLY E 23 -36.40 -38.43 47.09
CA GLY E 23 -36.95 -37.11 47.32
C GLY E 23 -37.38 -36.43 46.04
N SER E 24 -37.23 -35.11 46.01
CA SER E 24 -37.59 -34.33 44.83
C SER E 24 -36.64 -33.14 44.75
N TYR E 25 -36.99 -32.15 43.95
CA TYR E 25 -36.12 -31.03 43.65
C TYR E 25 -36.75 -29.72 44.10
N ASP E 26 -35.93 -28.86 44.69
CA ASP E 26 -36.37 -27.51 45.02
C ASP E 26 -36.61 -26.71 43.76
N SER E 27 -37.47 -25.70 43.86
CA SER E 27 -37.81 -24.90 42.69
C SER E 27 -36.59 -24.22 42.08
N ARG E 28 -35.52 -24.05 42.85
CA ARG E 28 -34.27 -23.51 42.34
C ARG E 28 -33.40 -24.58 41.68
N GLY E 29 -33.84 -25.83 41.65
CA GLY E 29 -33.15 -26.88 40.94
C GLY E 29 -32.34 -27.84 41.79
N ASN E 30 -32.17 -27.55 43.08
CA ASN E 30 -31.36 -28.38 43.94
C ASN E 30 -32.05 -29.73 44.20
N ALA E 31 -31.40 -30.57 45.01
CA ALA E 31 -31.91 -31.89 45.31
C ALA E 31 -32.02 -32.07 46.83
N THR E 32 -32.99 -32.88 47.23
CA THR E 32 -33.25 -33.14 48.65
C THR E 32 -33.41 -34.65 48.84
N GLY E 33 -32.39 -35.29 49.39
CA GLY E 33 -32.44 -36.71 49.69
C GLY E 33 -32.84 -36.93 51.13
N ALA E 34 -33.86 -37.76 51.34
CA ALA E 34 -34.45 -37.91 52.66
C ALA E 34 -34.98 -39.33 52.81
N SER E 35 -35.75 -39.55 53.88
CA SER E 35 -36.52 -40.77 54.11
C SER E 35 -35.63 -42.01 54.17
N TRP E 36 -34.81 -42.05 55.22
CA TRP E 36 -34.09 -43.24 55.61
C TRP E 36 -34.83 -43.98 56.72
N ALA E 37 -34.75 -45.31 56.68
CA ALA E 37 -35.31 -46.14 57.73
C ALA E 37 -34.31 -47.23 58.09
N ASP E 38 -33.98 -47.34 59.37
CA ASP E 38 -32.88 -48.20 59.82
C ASP E 38 -33.42 -49.46 60.47
N THR E 39 -32.65 -50.55 60.36
CA THR E 39 -33.04 -51.83 60.92
C THR E 39 -31.82 -52.73 61.06
N GLN E 40 -31.57 -53.25 62.26
CA GLN E 40 -30.49 -54.20 62.46
C GLN E 40 -30.83 -55.51 61.75
N ILE E 41 -29.83 -56.11 61.09
CA ILE E 41 -30.08 -57.27 60.25
C ILE E 41 -28.81 -58.09 60.19
N ARG E 42 -28.93 -59.34 59.74
CA ARG E 42 -27.81 -60.26 59.71
C ARG E 42 -27.36 -60.53 58.28
N ALA E 43 -26.04 -60.48 58.06
CA ALA E 43 -25.47 -60.71 56.74
C ALA E 43 -24.27 -61.64 56.84
N ALA E 44 -23.71 -62.00 55.69
CA ALA E 44 -22.52 -62.85 55.60
C ALA E 44 -21.53 -62.17 54.66
N ILE E 45 -20.70 -61.29 55.21
CA ILE E 45 -19.86 -60.42 54.40
C ILE E 45 -18.53 -61.09 54.14
N GLN E 46 -18.04 -60.97 52.90
CA GLN E 46 -16.74 -61.49 52.52
C GLN E 46 -15.97 -60.45 51.71
N PRO E 47 -14.65 -60.35 51.91
CA PRO E 47 -13.83 -59.31 51.27
C PRO E 47 -13.31 -59.67 49.88
N VAL E 48 -14.19 -59.54 48.89
CA VAL E 48 -13.81 -59.81 47.51
C VAL E 48 -13.17 -58.53 46.97
N SER E 49 -11.83 -58.53 46.92
CA SER E 49 -11.03 -57.42 46.44
C SER E 49 -11.32 -56.15 47.26
N GLY E 50 -10.98 -56.23 48.55
CA GLY E 50 -11.15 -55.11 49.45
C GLY E 50 -9.84 -54.36 49.68
N ARG E 51 -9.98 -53.07 50.01
CA ARG E 51 -8.90 -52.25 50.53
C ARG E 51 -7.71 -52.21 49.56
N GLU E 52 -7.96 -51.65 48.38
CA GLU E 52 -6.90 -51.37 47.41
C GLU E 52 -6.40 -49.95 47.63
N LEU E 53 -5.11 -49.80 47.90
CA LEU E 53 -4.55 -48.49 48.14
C LEU E 53 -4.48 -47.69 46.84
N GLN E 54 -4.57 -46.37 46.97
CA GLN E 54 -4.44 -45.45 45.84
C GLN E 54 -3.65 -44.24 46.32
N ASP E 55 -2.43 -44.11 45.81
CA ASP E 55 -1.52 -43.02 46.15
C ASP E 55 -1.61 -41.98 45.04
N LEU E 56 -2.69 -41.23 45.06
CA LEU E 56 -2.91 -40.16 44.10
C LEU E 56 -2.06 -38.95 44.45
N PRO E 57 -1.89 -38.02 43.52
CA PRO E 57 -1.22 -36.76 43.89
C PRO E 57 -1.89 -36.06 45.06
N GLU E 58 -3.21 -36.15 45.16
CA GLU E 58 -3.91 -35.52 46.27
C GLU E 58 -3.62 -36.19 47.60
N GLY E 59 -3.04 -37.37 47.62
CA GLY E 59 -2.72 -38.02 48.86
C GLY E 59 -2.96 -39.51 48.75
N VAL E 60 -3.43 -40.08 49.85
CA VAL E 60 -3.59 -41.51 49.99
C VAL E 60 -5.04 -41.82 50.33
N ARG E 61 -5.64 -42.77 49.63
CA ARG E 61 -6.98 -43.21 50.01
C ARG E 61 -7.19 -44.63 49.53
N SER E 62 -8.12 -45.33 50.16
CA SER E 62 -8.34 -46.75 49.89
C SER E 62 -9.63 -46.94 49.11
N LYS E 63 -9.74 -48.12 48.51
CA LYS E 63 -10.86 -48.52 47.65
C LYS E 63 -11.38 -49.85 48.18
N VAL E 64 -12.51 -49.82 48.87
CA VAL E 64 -13.02 -50.98 49.59
C VAL E 64 -14.27 -51.51 48.91
N THR E 65 -14.34 -52.83 48.73
CA THR E 65 -15.51 -53.49 48.17
C THR E 65 -15.82 -54.74 48.97
N LEU E 66 -17.07 -55.19 48.91
CA LEU E 66 -17.51 -56.34 49.69
C LEU E 66 -18.70 -57.00 49.01
N VAL E 67 -19.01 -58.23 49.45
CA VAL E 67 -20.20 -58.95 49.02
C VAL E 67 -20.98 -59.37 50.27
N ALA E 68 -22.30 -59.56 50.10
CA ALA E 68 -23.20 -59.61 51.25
C ALA E 68 -23.88 -60.97 51.47
N TRP E 69 -24.62 -61.48 50.49
CA TRP E 69 -25.44 -62.68 50.68
C TRP E 69 -26.34 -62.59 51.90
N THR E 70 -27.30 -61.67 51.90
CA THR E 70 -28.19 -61.49 53.05
C THR E 70 -29.56 -62.07 52.76
N ARG E 71 -30.29 -62.38 53.84
CA ARG E 71 -31.58 -63.04 53.69
C ARG E 71 -32.70 -62.04 53.42
N SER E 72 -32.59 -60.83 53.93
CA SER E 72 -33.63 -59.83 53.75
C SER E 72 -33.61 -59.28 52.31
N GLU E 73 -34.62 -58.47 52.01
CA GLU E 73 -34.75 -57.86 50.68
C GLU E 73 -34.06 -56.51 50.69
N VAL E 74 -33.06 -56.35 49.84
CA VAL E 74 -32.32 -55.10 49.71
C VAL E 74 -32.34 -54.68 48.24
N ALA E 75 -32.68 -53.42 47.99
CA ALA E 75 -32.76 -52.89 46.64
C ALA E 75 -31.37 -52.54 46.13
N GLU E 76 -31.29 -51.85 45.00
CA GLU E 76 -30.00 -51.53 44.40
C GLU E 76 -29.37 -50.25 44.96
N ASN E 77 -30.16 -49.35 45.53
CA ASN E 77 -29.64 -48.11 46.10
C ASN E 77 -30.14 -47.98 47.53
N ASP E 78 -29.42 -48.59 48.45
CA ASP E 78 -29.70 -48.50 49.87
C ASP E 78 -28.39 -48.26 50.59
N GLN E 79 -28.36 -48.40 51.90
CA GLN E 79 -27.08 -48.33 52.60
C GLN E 79 -26.99 -49.47 53.59
N ILE E 80 -25.77 -49.90 53.87
CA ILE E 80 -25.52 -50.89 54.92
C ILE E 80 -24.36 -50.39 55.76
N ILE E 81 -24.60 -50.20 57.06
CA ILE E 81 -23.57 -49.73 57.96
C ILE E 81 -22.94 -50.94 58.62
N TYR E 82 -21.64 -51.10 58.39
CA TYR E 82 -20.89 -52.26 58.85
C TYR E 82 -19.53 -51.78 59.34
N LEU E 83 -19.09 -52.34 60.46
CA LEU E 83 -17.77 -52.05 61.04
C LEU E 83 -17.57 -50.55 61.27
N GLY E 84 -18.65 -49.82 61.51
CA GLY E 84 -18.57 -48.41 61.77
C GLY E 84 -18.59 -47.52 60.56
N ASP E 85 -18.56 -48.06 59.35
CA ASP E 85 -18.58 -47.26 58.14
C ASP E 85 -19.75 -47.64 57.26
N ALA E 86 -20.18 -46.69 56.45
CA ALA E 86 -21.30 -46.91 55.55
C ALA E 86 -20.84 -47.51 54.23
N TYR E 87 -21.68 -48.34 53.65
CA TYR E 87 -21.43 -48.92 52.34
C TYR E 87 -22.67 -48.76 51.47
N ARG E 88 -22.46 -48.37 50.23
CA ARG E 88 -23.54 -48.22 49.26
C ARG E 88 -23.58 -49.43 48.34
N VAL E 89 -24.78 -49.81 47.95
CA VAL E 89 -25.02 -51.05 47.21
C VAL E 89 -24.82 -50.79 45.73
N TYR E 90 -23.90 -51.55 45.11
CA TYR E 90 -23.74 -51.49 43.67
C TYR E 90 -24.90 -52.16 42.96
N ALA E 91 -25.02 -53.47 43.15
CA ALA E 91 -25.87 -54.31 42.32
C ALA E 91 -26.27 -55.55 43.09
N ALA E 92 -27.53 -55.95 42.93
CA ALA E 92 -28.08 -57.08 43.63
C ALA E 92 -28.46 -58.18 42.65
N ARG E 93 -28.42 -59.41 43.11
CA ARG E 93 -28.85 -60.58 42.33
C ARG E 93 -29.86 -61.34 43.16
N PRO E 94 -31.09 -60.86 43.22
CA PRO E 94 -32.11 -61.52 44.05
C PRO E 94 -32.49 -62.89 43.49
N ARG E 95 -32.80 -63.80 44.39
CA ARG E 95 -33.22 -65.15 44.04
C ARG E 95 -34.55 -65.42 44.74
N PRO E 96 -35.66 -64.93 44.19
CA PRO E 96 -36.94 -65.04 44.91
C PRO E 96 -37.45 -66.46 45.07
N MET E 97 -36.93 -67.43 44.31
CA MET E 97 -37.28 -68.82 44.56
C MET E 97 -36.90 -69.21 45.98
N ASP E 98 -35.72 -68.79 46.43
CA ASP E 98 -35.31 -68.89 47.80
C ASP E 98 -35.50 -67.54 48.50
N GLY E 99 -35.09 -67.46 49.75
CA GLY E 99 -34.97 -66.17 50.36
C GLY E 99 -33.53 -65.80 50.61
N PHE E 100 -32.93 -65.03 49.71
CA PHE E 100 -31.63 -64.40 49.90
C PHE E 100 -31.33 -63.59 48.65
N THR E 101 -30.28 -62.78 48.73
CA THR E 101 -29.80 -62.00 47.60
C THR E 101 -28.28 -62.07 47.58
N ARG E 102 -27.67 -61.29 46.70
CA ARG E 102 -26.23 -61.12 46.66
C ARG E 102 -25.95 -59.69 46.24
N ILE E 103 -25.10 -59.00 46.98
CA ILE E 103 -24.97 -57.55 46.91
C ILE E 103 -23.50 -57.18 46.82
N ALA E 104 -23.20 -56.12 46.08
CA ALA E 104 -21.87 -55.54 46.07
C ALA E 104 -21.90 -54.23 46.84
N LEU E 105 -20.96 -54.05 47.76
CA LEU E 105 -20.91 -52.89 48.64
C LEU E 105 -19.62 -52.13 48.40
N GLY E 106 -19.73 -50.81 48.31
CA GLY E 106 -18.57 -49.94 48.21
C GLY E 106 -18.60 -48.88 49.28
N LYS E 107 -17.45 -48.67 49.93
CA LYS E 107 -17.35 -47.73 51.04
C LYS E 107 -17.56 -46.30 50.56
N VAL E 108 -18.26 -45.51 51.37
CA VAL E 108 -18.72 -44.18 50.97
C VAL E 108 -17.73 -43.10 51.37
N SER E 109 -17.14 -43.20 52.56
CA SER E 109 -16.31 -42.12 53.08
C SER E 109 -15.05 -41.93 52.25
N PRO E 110 -14.81 -40.74 51.68
CA PRO E 110 -13.59 -40.47 50.93
C PRO E 110 -12.43 -40.03 51.84
N MET F 1 -36.86 -93.13 25.51
CA MET F 1 -37.83 -92.29 26.22
C MET F 1 -37.17 -90.98 26.63
N ILE F 2 -37.63 -89.88 26.05
CA ILE F 2 -36.94 -88.61 26.12
C ILE F 2 -37.79 -87.57 26.83
N ASP F 3 -37.21 -86.94 27.85
CA ASP F 3 -37.81 -85.78 28.49
C ASP F 3 -36.69 -84.98 29.15
N VAL F 4 -36.27 -83.88 28.53
CA VAL F 4 -35.27 -82.99 29.08
C VAL F 4 -35.92 -81.75 29.67
N ALA F 5 -36.85 -81.15 28.94
CA ALA F 5 -37.56 -79.98 29.41
C ALA F 5 -38.31 -80.23 30.71
N ILE F 6 -38.41 -81.48 31.15
CA ILE F 6 -38.97 -81.79 32.46
C ILE F 6 -38.19 -81.13 33.58
N ALA F 7 -36.96 -80.68 33.31
CA ALA F 7 -36.19 -79.95 34.30
C ALA F 7 -36.68 -78.52 34.48
N ILE F 8 -37.23 -77.91 33.43
CA ILE F 8 -37.67 -76.53 33.49
C ILE F 8 -38.96 -76.42 34.29
N ASP F 9 -39.63 -77.54 34.53
CA ASP F 9 -40.87 -77.53 35.27
C ASP F 9 -40.66 -77.47 36.78
N ALA F 10 -39.47 -77.80 37.27
CA ALA F 10 -39.22 -77.74 38.70
C ALA F 10 -39.37 -76.32 39.22
N GLU F 11 -38.78 -75.35 38.52
CA GLU F 11 -38.92 -73.95 38.87
C GLU F 11 -39.49 -73.22 37.67
N SER F 12 -40.58 -72.50 37.89
CA SER F 12 -41.26 -71.80 36.81
C SER F 12 -42.11 -70.70 37.44
N VAL F 13 -42.68 -69.87 36.58
CA VAL F 13 -43.46 -68.74 37.03
C VAL F 13 -44.28 -68.24 35.85
N GLU F 14 -45.42 -67.61 36.14
CA GLU F 14 -46.35 -67.12 35.13
C GLU F 14 -45.90 -65.74 34.67
N VAL F 15 -45.35 -65.67 33.47
CA VAL F 15 -45.00 -64.42 32.82
C VAL F 15 -45.88 -64.28 31.60
N THR F 16 -46.21 -63.05 31.24
CA THR F 16 -47.10 -62.80 30.12
C THR F 16 -46.26 -62.61 28.87
N TRP F 17 -46.26 -63.62 28.00
CA TRP F 17 -45.65 -63.49 26.70
C TRP F 17 -46.45 -62.52 25.85
N ARG F 18 -45.75 -61.71 25.06
CA ARG F 18 -46.35 -60.66 24.26
C ARG F 18 -45.72 -60.75 22.88
N ASN F 19 -46.37 -61.50 21.99
CA ASN F 19 -45.88 -61.74 20.65
C ASN F 19 -46.17 -60.53 19.76
N ARG F 20 -45.25 -60.23 18.85
CA ARG F 20 -45.25 -59.00 18.09
C ARG F 20 -45.30 -59.27 16.61
N SER F 21 -46.06 -58.46 15.88
CA SER F 21 -45.99 -58.43 14.43
C SER F 21 -45.74 -57.00 13.98
N GLY F 22 -44.89 -56.83 12.99
CA GLY F 22 -44.42 -55.51 12.62
C GLY F 22 -45.49 -54.65 11.97
N GLY F 23 -45.14 -53.39 11.79
CA GLY F 23 -46.00 -52.45 11.11
C GLY F 23 -45.40 -51.91 9.84
N SER F 24 -45.67 -50.65 9.53
CA SER F 24 -45.13 -50.02 8.33
C SER F 24 -44.94 -48.54 8.64
N TYR F 25 -44.76 -47.73 7.61
CA TYR F 25 -44.42 -46.33 7.76
C TYR F 25 -45.48 -45.43 7.14
N ASP F 26 -45.80 -44.35 7.84
CA ASP F 26 -46.69 -43.33 7.30
C ASP F 26 -46.02 -42.62 6.14
N SER F 27 -46.85 -42.08 5.25
CA SER F 27 -46.32 -41.42 4.07
C SER F 27 -45.40 -40.25 4.42
N ARG F 28 -45.53 -39.70 5.62
CA ARG F 28 -44.63 -38.66 6.10
C ARG F 28 -43.34 -39.22 6.69
N GLY F 29 -43.17 -40.54 6.73
CA GLY F 29 -41.93 -41.15 7.14
C GLY F 29 -41.92 -41.73 8.55
N ASN F 30 -42.97 -41.49 9.34
CA ASN F 30 -43.00 -41.97 10.71
C ASN F 30 -43.17 -43.49 10.74
N ALA F 31 -43.24 -44.04 11.95
CA ALA F 31 -43.36 -45.47 12.15
C ALA F 31 -44.57 -45.78 13.01
N THR F 32 -45.16 -46.95 12.76
CA THR F 32 -46.37 -47.38 13.49
C THR F 32 -46.15 -48.83 13.92
N GLY F 33 -45.89 -49.03 15.21
CA GLY F 33 -45.74 -50.36 15.77
C GLY F 33 -47.04 -50.83 16.39
N ALA F 34 -47.48 -52.01 15.98
CA ALA F 34 -48.79 -52.49 16.37
C ALA F 34 -48.78 -54.01 16.49
N SER F 35 -49.96 -54.59 16.59
CA SER F 35 -50.18 -56.04 16.51
C SER F 35 -49.40 -56.79 17.59
N TRP F 36 -49.82 -56.56 18.84
CA TRP F 36 -49.42 -57.37 19.97
C TRP F 36 -50.47 -58.42 20.28
N ALA F 37 -50.01 -59.58 20.73
CA ALA F 37 -50.90 -60.66 21.17
C ALA F 37 -50.35 -61.24 22.46
N ASP F 38 -51.19 -61.29 23.50
CA ASP F 38 -50.74 -61.64 24.84
C ASP F 38 -51.17 -63.07 25.20
N THR F 39 -50.36 -63.71 26.05
CA THR F 39 -50.64 -65.07 26.47
C THR F 39 -49.86 -65.39 27.74
N GLN F 40 -50.55 -65.84 28.78
CA GLN F 40 -49.88 -66.27 30.00
C GLN F 40 -49.09 -67.55 29.73
N ILE F 41 -47.88 -67.63 30.27
CA ILE F 41 -46.98 -68.73 29.93
C ILE F 41 -46.04 -68.94 31.11
N ARG F 42 -45.37 -70.08 31.14
CA ARG F 42 -44.50 -70.45 32.24
C ARG F 42 -43.03 -70.41 31.82
N ALA F 43 -42.20 -69.81 32.67
CA ALA F 43 -40.77 -69.68 32.39
C ALA F 43 -39.97 -70.03 33.64
N ALA F 44 -38.64 -70.04 33.49
CA ALA F 44 -37.72 -70.31 34.58
C ALA F 44 -36.65 -69.22 34.59
N ILE F 45 -36.94 -68.11 35.25
CA ILE F 45 -36.11 -66.91 35.15
C ILE F 45 -35.01 -66.94 36.21
N GLN F 46 -33.80 -66.55 35.82
CA GLN F 46 -32.68 -66.46 36.73
C GLN F 46 -31.95 -65.14 36.52
N PRO F 47 -31.46 -64.52 37.59
CA PRO F 47 -30.84 -63.18 37.52
C PRO F 47 -29.34 -63.20 37.21
N VAL F 48 -29.02 -63.38 35.93
CA VAL F 48 -27.64 -63.36 35.48
C VAL F 48 -27.25 -61.91 35.27
N SER F 49 -26.53 -61.35 36.24
CA SER F 49 -26.07 -59.96 36.23
C SER F 49 -27.24 -58.99 36.11
N GLY F 50 -28.09 -59.01 37.14
CA GLY F 50 -29.23 -58.13 37.20
C GLY F 50 -28.98 -56.93 38.09
N ARG F 51 -29.70 -55.84 37.80
CA ARG F 51 -29.80 -54.67 38.67
C ARG F 51 -28.44 -54.07 38.98
N GLU F 52 -27.77 -53.58 37.93
CA GLU F 52 -26.53 -52.83 38.08
C GLU F 52 -26.87 -51.35 38.15
N LEU F 53 -26.47 -50.70 39.23
CA LEU F 53 -26.76 -49.28 39.40
C LEU F 53 -25.93 -48.45 38.45
N GLN F 54 -26.46 -47.29 38.06
CA GLN F 54 -25.76 -46.33 37.21
C GLN F 54 -26.10 -44.94 37.73
N ASP F 55 -25.10 -44.28 38.31
CA ASP F 55 -25.23 -42.93 38.86
C ASP F 55 -24.69 -41.95 37.83
N LEU F 56 -25.49 -41.72 36.80
CA LEU F 56 -25.14 -40.79 35.75
C LEU F 56 -25.34 -39.36 36.23
N PRO F 57 -24.78 -38.38 35.53
CA PRO F 57 -25.11 -36.98 35.87
C PRO F 57 -26.60 -36.71 35.84
N GLU F 58 -27.33 -37.34 34.93
CA GLU F 58 -28.77 -37.14 34.86
C GLU F 58 -29.50 -37.71 36.08
N GLY F 59 -28.86 -38.54 36.87
CA GLY F 59 -29.52 -39.09 38.03
C GLY F 59 -29.11 -40.53 38.24
N VAL F 60 -30.07 -41.31 38.71
CA VAL F 60 -29.83 -42.70 39.10
C VAL F 60 -30.77 -43.60 38.30
N ARG F 61 -30.23 -44.66 37.72
CA ARG F 61 -31.08 -45.64 37.07
C ARG F 61 -30.38 -46.99 37.06
N SER F 62 -31.17 -48.05 36.95
CA SER F 62 -30.63 -49.41 37.05
C SER F 62 -30.60 -50.07 35.68
N LYS F 63 -29.83 -51.15 35.60
CA LYS F 63 -29.60 -51.91 34.37
C LYS F 63 -29.88 -53.37 34.69
N VAL F 64 -31.03 -53.87 34.24
CA VAL F 64 -31.52 -55.18 34.63
C VAL F 64 -31.46 -56.13 33.45
N THR F 65 -30.96 -57.35 33.69
CA THR F 65 -30.91 -58.40 32.68
C THR F 65 -31.34 -59.71 33.31
N LEU F 66 -31.80 -60.63 32.46
CA LEU F 66 -32.32 -61.91 32.93
C LEU F 66 -32.18 -62.97 31.84
N VAL F 67 -32.32 -64.24 32.24
CA VAL F 67 -32.37 -65.36 31.31
C VAL F 67 -33.64 -66.16 31.57
N ALA F 68 -34.13 -66.87 30.55
CA ALA F 68 -35.51 -67.37 30.56
C ALA F 68 -35.62 -68.88 30.58
N TRP F 69 -35.06 -69.60 29.61
CA TRP F 69 -35.28 -71.05 29.46
C TRP F 69 -36.76 -71.41 29.48
N THR F 70 -37.52 -70.99 28.47
CA THR F 70 -38.94 -71.26 28.43
C THR F 70 -39.24 -72.34 27.40
N ARG F 71 -40.39 -73.00 27.57
CA ARG F 71 -40.75 -74.13 26.72
C ARG F 71 -41.38 -73.68 25.41
N SER F 72 -42.10 -72.56 25.43
CA SER F 72 -42.77 -72.08 24.23
C SER F 72 -41.78 -71.48 23.25
N GLU F 73 -42.27 -71.14 22.07
CA GLU F 73 -41.46 -70.56 21.01
C GLU F 73 -41.51 -69.04 21.12
N VAL F 74 -40.36 -68.41 21.32
CA VAL F 74 -40.25 -66.97 21.43
C VAL F 74 -39.20 -66.50 20.42
N ALA F 75 -39.54 -65.48 19.65
CA ALA F 75 -38.64 -64.95 18.63
C ALA F 75 -37.63 -64.02 19.28
N GLU F 76 -36.88 -63.27 18.46
CA GLU F 76 -35.83 -62.40 18.99
C GLU F 76 -36.35 -61.03 19.40
N ASN F 77 -37.48 -60.59 18.87
CA ASN F 77 -38.03 -59.27 19.23
C ASN F 77 -39.48 -59.46 19.63
N ASP F 78 -39.68 -59.78 20.91
CA ASP F 78 -41.00 -59.92 21.50
C ASP F 78 -40.98 -59.19 22.83
N GLN F 79 -41.98 -59.39 23.67
CA GLN F 79 -41.91 -58.85 25.01
C GLN F 79 -42.33 -59.92 26.01
N ILE F 80 -41.81 -59.81 27.22
CA ILE F 80 -42.22 -60.68 28.32
C ILE F 80 -42.47 -59.80 29.53
N ILE F 81 -43.69 -59.82 30.05
CA ILE F 81 -44.04 -59.02 31.21
C ILE F 81 -43.89 -59.90 32.44
N TYR F 82 -42.99 -59.49 33.34
CA TYR F 82 -42.63 -60.24 34.52
C TYR F 82 -42.48 -59.29 35.69
N LEU F 83 -43.00 -59.68 36.86
CA LEU F 83 -42.88 -58.91 38.08
C LEU F 83 -43.40 -57.48 37.92
N GLY F 84 -44.37 -57.29 37.03
CA GLY F 84 -44.96 -56.00 36.81
C GLY F 84 -44.25 -55.11 35.82
N ASP F 85 -43.10 -55.52 35.29
CA ASP F 85 -42.37 -54.70 34.34
C ASP F 85 -42.13 -55.49 33.05
N ALA F 86 -41.98 -54.74 31.96
CA ALA F 86 -41.77 -55.36 30.66
C ALA F 86 -40.29 -55.60 30.42
N TYR F 87 -40.00 -56.68 29.69
CA TYR F 87 -38.64 -57.01 29.30
C TYR F 87 -38.62 -57.32 27.81
N ARG F 88 -37.62 -56.80 27.11
CA ARG F 88 -37.44 -57.04 25.69
C ARG F 88 -36.36 -58.09 25.50
N VAL F 89 -36.55 -58.91 24.46
CA VAL F 89 -35.71 -60.08 24.23
C VAL F 89 -34.48 -59.67 23.44
N TYR F 90 -33.29 -59.94 24.00
CA TYR F 90 -32.06 -59.70 23.25
C TYR F 90 -31.87 -60.75 22.17
N ALA F 91 -31.71 -62.01 22.59
CA ALA F 91 -31.22 -63.06 21.71
C ALA F 91 -31.68 -64.40 22.24
N ALA F 92 -32.07 -65.28 21.32
CA ALA F 92 -32.59 -66.59 21.66
C ALA F 92 -31.67 -67.67 21.12
N ARG F 93 -31.65 -68.80 21.81
CA ARG F 93 -30.89 -69.98 21.38
C ARG F 93 -31.85 -71.15 21.34
N PRO F 94 -32.68 -71.24 20.30
CA PRO F 94 -33.67 -72.32 20.22
C PRO F 94 -33.01 -73.67 20.01
N ARG F 95 -33.62 -74.70 20.58
CA ARG F 95 -33.16 -76.08 20.47
C ARG F 95 -34.32 -76.92 19.97
N PRO F 96 -34.59 -76.90 18.66
CA PRO F 96 -35.79 -77.58 18.15
C PRO F 96 -35.76 -79.09 18.30
N MET F 97 -34.59 -79.71 18.53
CA MET F 97 -34.56 -81.12 18.83
C MET F 97 -35.40 -81.42 20.06
N ASP F 98 -35.28 -80.58 21.09
CA ASP F 98 -36.15 -80.59 22.24
C ASP F 98 -37.20 -79.49 22.08
N GLY F 99 -38.03 -79.34 23.11
CA GLY F 99 -38.86 -78.15 23.16
C GLY F 99 -38.43 -77.23 24.29
N PHE F 100 -37.62 -76.22 23.97
CA PHE F 100 -37.30 -75.13 24.88
C PHE F 100 -36.38 -74.19 24.12
N THR F 101 -36.14 -73.01 24.72
CA THR F 101 -35.21 -72.03 24.17
C THR F 101 -34.41 -71.45 25.32
N ARG F 102 -33.61 -70.43 25.03
CA ARG F 102 -32.90 -69.67 26.04
C ARG F 102 -32.84 -68.23 25.57
N ILE F 103 -33.20 -67.31 26.45
CA ILE F 103 -33.51 -65.94 26.06
C ILE F 103 -32.80 -64.98 27.00
N ALA F 104 -32.37 -63.85 26.47
CA ALA F 104 -31.85 -62.76 27.29
C ALA F 104 -32.87 -61.63 27.32
N LEU F 105 -33.19 -61.15 28.52
CA LEU F 105 -34.22 -60.14 28.72
C LEU F 105 -33.59 -58.89 29.32
N GLY F 106 -33.96 -57.74 28.78
CA GLY F 106 -33.54 -56.45 29.33
C GLY F 106 -34.75 -55.58 29.62
N LYS F 107 -34.74 -54.96 30.79
CA LYS F 107 -35.86 -54.14 31.23
C LYS F 107 -36.00 -52.89 30.36
N VAL F 108 -37.25 -52.53 30.08
CA VAL F 108 -37.55 -51.49 29.10
C VAL F 108 -37.71 -50.12 29.75
N SER F 109 -38.31 -50.05 30.92
CA SER F 109 -38.64 -48.75 31.53
C SER F 109 -37.39 -48.00 31.93
N PRO F 110 -37.16 -46.79 31.41
CA PRO F 110 -36.00 -45.98 31.81
C PRO F 110 -36.28 -45.17 33.08
N MET G 1 10.25 -85.96 56.40
CA MET G 1 11.29 -86.20 55.42
C MET G 1 10.93 -85.53 54.10
N ILE G 2 11.71 -84.52 53.72
CA ILE G 2 11.34 -83.60 52.65
C ILE G 2 12.34 -83.70 51.50
N ASP G 3 11.82 -83.92 50.30
CA ASP G 3 12.59 -83.82 49.07
C ASP G 3 11.64 -83.54 47.92
N VAL G 4 11.56 -82.28 47.48
CA VAL G 4 10.76 -81.90 46.34
C VAL G 4 11.61 -81.71 45.09
N ALA G 5 12.75 -81.02 45.24
CA ALA G 5 13.66 -80.82 44.12
C ALA G 5 14.18 -82.13 43.54
N ILE G 6 13.92 -83.25 44.19
CA ILE G 6 14.23 -84.55 43.63
C ILE G 6 13.52 -84.79 42.31
N ALA G 7 12.48 -84.00 42.02
CA ALA G 7 11.79 -84.09 40.73
C ALA G 7 12.59 -83.46 39.61
N ILE G 8 13.39 -82.43 39.91
CA ILE G 8 14.14 -81.71 38.89
C ILE G 8 15.32 -82.56 38.41
N ASP G 9 15.67 -83.60 39.17
CA ASP G 9 16.78 -84.45 38.80
C ASP G 9 16.42 -85.48 37.74
N ALA G 10 15.13 -85.76 37.54
CA ALA G 10 14.76 -86.72 36.52
C ALA G 10 15.17 -86.26 35.13
N GLU G 11 14.92 -85.00 34.81
CA GLU G 11 15.35 -84.41 33.55
C GLU G 11 16.22 -83.20 33.86
N SER G 12 17.42 -83.18 33.30
CA SER G 12 18.37 -82.12 33.57
C SER G 12 19.38 -82.10 32.44
N VAL G 13 20.23 -81.09 32.45
CA VAL G 13 21.21 -80.90 31.40
C VAL G 13 22.26 -79.91 31.89
N GLU G 14 23.47 -80.02 31.36
CA GLU G 14 24.59 -79.19 31.77
C GLU G 14 24.55 -77.87 30.99
N VAL G 15 24.16 -76.81 31.69
CA VAL G 15 24.21 -75.46 31.13
C VAL G 15 25.23 -74.68 31.94
N THR G 16 25.89 -73.72 31.28
CA THR G 16 26.93 -72.96 31.95
C THR G 16 26.32 -71.70 32.54
N TRP G 17 26.16 -71.69 33.86
CA TRP G 17 25.75 -70.49 34.56
C TRP G 17 26.86 -69.46 34.48
N ARG G 18 26.47 -68.19 34.32
CA ARG G 18 27.40 -67.09 34.14
C ARG G 18 26.91 -65.96 35.06
N ASN G 19 27.47 -65.93 36.26
CA ASN G 19 27.09 -64.96 37.27
C ASN G 19 27.77 -63.63 37.00
N ARG G 20 27.05 -62.54 37.27
CA ARG G 20 27.43 -61.21 36.85
C ARG G 20 27.58 -60.29 38.05
N SER G 21 28.60 -59.42 38.00
CA SER G 21 28.70 -58.31 38.94
C SER G 21 28.86 -57.02 38.14
N GLY G 22 28.18 -55.97 38.58
CA GLY G 22 28.09 -54.77 37.79
C GLY G 22 29.40 -54.00 37.70
N GLY G 23 29.39 -53.00 36.84
CA GLY G 23 30.54 -52.12 36.68
C GLY G 23 30.22 -50.69 37.06
N SER G 24 30.83 -49.75 36.36
CA SER G 24 30.60 -48.33 36.62
C SER G 24 30.73 -47.59 35.29
N TYR G 25 30.88 -46.27 35.36
CA TYR G 25 30.86 -45.42 34.19
C TYR G 25 32.17 -44.66 34.04
N ASP G 26 32.67 -44.59 32.80
CA ASP G 26 33.83 -43.77 32.50
C ASP G 26 33.50 -42.30 32.67
N SER G 27 34.52 -41.50 32.95
CA SER G 27 34.30 -40.08 33.18
C SER G 27 33.66 -39.39 31.98
N ARG G 28 33.78 -39.96 30.79
CA ARG G 28 33.11 -39.46 29.60
C ARG G 28 31.68 -39.93 29.48
N GLY G 29 31.19 -40.74 30.42
CA GLY G 29 29.80 -41.13 30.46
C GLY G 29 29.49 -42.53 29.97
N ASN G 30 30.46 -43.22 29.38
CA ASN G 30 30.22 -44.55 28.83
C ASN G 30 30.02 -45.56 29.95
N ALA G 31 29.82 -46.82 29.58
CA ALA G 31 29.56 -47.89 30.53
C ALA G 31 30.56 -49.02 30.33
N THR G 32 30.87 -49.71 31.42
CA THR G 32 31.83 -50.81 31.40
C THR G 32 31.24 -51.98 32.16
N GLY G 33 30.78 -53.00 31.43
CA GLY G 33 30.25 -54.21 32.03
C GLY G 33 31.33 -55.28 32.11
N ALA G 34 31.50 -55.82 33.30
CA ALA G 34 32.62 -56.72 33.55
C ALA G 34 32.22 -57.76 34.60
N SER G 35 33.21 -58.50 35.09
CA SER G 35 33.08 -59.39 36.24
C SER G 35 32.02 -60.47 36.00
N TRP G 36 32.35 -61.35 35.06
CA TRP G 36 31.63 -62.60 34.86
C TRP G 36 32.36 -63.75 35.55
N ALA G 37 31.58 -64.69 36.08
CA ALA G 37 32.12 -65.89 36.68
C ALA G 37 31.31 -67.09 36.19
N ASP G 38 31.98 -68.09 35.64
CA ASP G 38 31.32 -69.20 34.97
C ASP G 38 31.34 -70.46 35.84
N THR G 39 30.31 -71.30 35.66
CA THR G 39 30.20 -72.54 36.43
C THR G 39 29.23 -73.47 35.74
N GLN G 40 29.67 -74.70 35.46
CA GLN G 40 28.78 -75.71 34.90
C GLN G 40 27.75 -76.11 35.95
N ILE G 41 26.50 -76.27 35.51
CA ILE G 41 25.40 -76.48 36.46
C ILE G 41 24.31 -77.26 35.73
N ARG G 42 23.38 -77.83 36.50
CA ARG G 42 22.33 -78.67 35.95
C ARG G 42 20.97 -77.97 36.03
N ALA G 43 20.23 -78.03 34.93
CA ALA G 43 18.91 -77.40 34.87
C ALA G 43 17.91 -78.34 34.21
N ALA G 44 16.65 -77.91 34.17
CA ALA G 44 15.56 -78.67 33.55
C ALA G 44 14.80 -77.72 32.62
N ILE G 45 15.27 -77.60 31.39
CA ILE G 45 14.77 -76.57 30.48
C ILE G 45 13.60 -77.10 29.68
N GLN G 46 12.56 -76.28 29.52
CA GLN G 46 11.41 -76.62 28.72
C GLN G 46 11.04 -75.47 27.80
N PRO G 47 10.60 -75.76 26.59
CA PRO G 47 10.33 -74.73 25.56
C PRO G 47 8.92 -74.13 25.62
N VAL G 48 8.71 -73.22 26.57
CA VAL G 48 7.43 -72.55 26.70
C VAL G 48 7.43 -71.38 25.71
N SER G 49 6.77 -71.58 24.58
CA SER G 49 6.66 -70.59 23.50
C SER G 49 8.04 -70.19 22.99
N GLY G 50 8.74 -71.16 22.42
CA GLY G 50 10.05 -70.94 21.84
C GLY G 50 9.99 -70.78 20.34
N ARG G 51 10.98 -70.07 19.80
CA ARG G 51 11.27 -70.01 18.37
C ARG G 51 10.05 -69.53 17.57
N GLU G 52 9.66 -68.29 17.83
CA GLU G 52 8.63 -67.63 17.04
C GLU G 52 9.30 -66.84 15.93
N LEU G 53 8.96 -67.14 14.68
CA LEU G 53 9.56 -66.45 13.55
C LEU G 53 9.06 -65.01 13.47
N GLN G 54 9.90 -64.13 12.92
CA GLN G 54 9.55 -62.73 12.70
C GLN G 54 10.15 -62.34 11.35
N ASP G 55 9.29 -62.12 10.36
CA ASP G 55 9.69 -61.72 9.02
C ASP G 55 9.51 -60.20 8.91
N LEU G 56 10.45 -59.49 9.51
CA LEU G 56 10.46 -58.04 9.47
C LEU G 56 10.96 -57.56 8.11
N PRO G 57 10.73 -56.29 7.79
CA PRO G 57 11.34 -55.75 6.57
C PRO G 57 12.86 -55.92 6.54
N GLU G 58 13.51 -55.83 7.69
CA GLU G 58 14.95 -56.00 7.75
C GLU G 58 15.38 -57.43 7.45
N GLY G 59 14.47 -58.38 7.47
CA GLY G 59 14.83 -59.74 7.18
C GLY G 59 14.07 -60.70 8.07
N VAL G 60 14.76 -61.77 8.45
CA VAL G 60 14.15 -62.87 9.20
C VAL G 60 14.93 -63.06 10.49
N ARG G 61 14.21 -63.16 11.60
CA ARG G 61 14.87 -63.51 12.86
C ARG G 61 13.86 -64.16 13.79
N SER G 62 14.37 -64.94 14.73
CA SER G 62 13.52 -65.72 15.62
C SER G 62 13.49 -65.11 17.02
N LYS G 63 12.49 -65.55 17.78
CA LYS G 63 12.22 -65.04 19.13
C LYS G 63 12.11 -66.28 20.03
N VAL G 64 13.14 -66.52 20.83
CA VAL G 64 13.26 -67.75 21.60
C VAL G 64 13.09 -67.44 23.08
N THR G 65 12.30 -68.27 23.77
CA THR G 65 12.11 -68.15 25.21
C THR G 65 12.13 -69.55 25.83
N LEU G 66 12.44 -69.61 27.12
CA LEU G 66 12.58 -70.88 27.82
C LEU G 66 12.31 -70.70 29.30
N VAL G 67 12.10 -71.82 30.00
CA VAL G 67 11.99 -71.84 31.45
C VAL G 67 12.99 -72.85 32.01
N ALA G 68 13.40 -72.65 33.26
CA ALA G 68 14.61 -73.30 33.78
C ALA G 68 14.35 -74.29 34.91
N TRP G 69 13.74 -73.88 36.02
CA TRP G 69 13.62 -74.73 37.21
C TRP G 69 14.95 -75.33 37.63
N THR G 70 15.91 -74.51 38.07
CA THR G 70 17.21 -75.00 38.46
C THR G 70 17.36 -74.98 39.98
N ARG G 71 18.28 -75.80 40.47
CA ARG G 71 18.45 -75.95 41.91
C ARG G 71 19.32 -74.85 42.51
N SER G 72 20.28 -74.34 41.74
CA SER G 72 21.18 -73.33 42.25
C SER G 72 20.47 -71.97 42.34
N GLU G 73 21.18 -71.01 42.93
CA GLU G 73 20.64 -69.66 43.11
C GLU G 73 21.05 -68.81 41.92
N VAL G 74 20.07 -68.29 41.19
CA VAL G 74 20.30 -67.43 40.03
C VAL G 74 19.52 -66.14 40.24
N ALA G 75 20.18 -65.01 40.03
CA ALA G 75 19.56 -63.70 40.20
C ALA G 75 18.74 -63.36 38.96
N GLU G 76 18.29 -62.10 38.88
CA GLU G 76 17.43 -61.69 37.77
C GLU G 76 18.20 -61.27 36.54
N ASN G 77 19.47 -60.88 36.67
CA ASN G 77 20.27 -60.46 35.52
C ASN G 77 21.59 -61.23 35.56
N ASP G 78 21.56 -62.43 34.97
CA ASP G 78 22.73 -63.27 34.83
C ASP G 78 22.73 -63.80 33.41
N GLN G 79 23.55 -64.79 33.12
CA GLN G 79 23.47 -65.44 31.81
C GLN G 79 23.50 -66.94 31.99
N ILE G 80 22.89 -67.65 31.06
CA ILE G 80 22.96 -69.10 31.03
C ILE G 80 23.26 -69.52 29.59
N ILE G 81 24.37 -70.22 29.40
CA ILE G 81 24.78 -70.66 28.08
C ILE G 81 24.28 -72.09 27.90
N TYR G 82 23.42 -72.27 26.91
CA TYR G 82 22.75 -73.54 26.64
C TYR G 82 22.70 -73.77 25.15
N LEU G 83 22.97 -75.01 24.74
CA LEU G 83 22.90 -75.41 23.33
C LEU G 83 23.78 -74.53 22.44
N GLY G 84 24.85 -73.98 22.99
CA GLY G 84 25.76 -73.17 22.24
C GLY G 84 25.40 -71.70 22.16
N ASP G 85 24.26 -71.28 22.68
CA ASP G 85 23.86 -69.88 22.63
C ASP G 85 23.58 -69.36 24.02
N ALA G 86 23.74 -68.05 24.19
CA ALA G 86 23.54 -67.42 25.48
C ALA G 86 22.08 -67.03 25.66
N TYR G 87 21.62 -67.09 26.90
CA TYR G 87 20.28 -66.67 27.26
C TYR G 87 20.36 -65.75 28.47
N ARG G 88 19.60 -64.67 28.43
CA ARG G 88 19.51 -63.73 29.53
C ARG G 88 18.24 -63.96 30.33
N VAL G 89 18.34 -63.76 31.63
CA VAL G 89 17.28 -64.11 32.57
C VAL G 89 16.28 -62.97 32.65
N TYR G 90 15.01 -63.25 32.35
CA TYR G 90 13.97 -62.25 32.54
C TYR G 90 13.66 -62.06 34.01
N ALA G 91 13.15 -63.11 34.65
CA ALA G 91 12.51 -63.00 35.96
C ALA G 91 12.58 -64.34 36.66
N ALA G 92 12.85 -64.29 37.96
CA ALA G 92 12.98 -65.49 38.75
C ALA G 92 11.90 -65.54 39.82
N ARG G 93 11.54 -66.76 40.21
CA ARG G 93 10.57 -66.99 41.28
C ARG G 93 11.22 -67.93 42.29
N PRO G 94 12.09 -67.40 43.13
CA PRO G 94 12.80 -68.26 44.08
C PRO G 94 11.87 -68.80 45.16
N ARG G 95 12.14 -70.02 45.61
CA ARG G 95 11.37 -70.68 46.65
C ARG G 95 12.34 -71.10 47.74
N PRO G 96 12.76 -70.19 48.62
CA PRO G 96 13.81 -70.52 49.60
C PRO G 96 13.40 -71.57 50.62
N MET G 97 12.10 -71.84 50.80
CA MET G 97 11.69 -72.95 51.64
C MET G 97 12.28 -74.25 51.14
N ASP G 98 12.26 -74.46 49.84
CA ASP G 98 12.97 -75.53 49.17
C ASP G 98 14.27 -74.99 48.57
N GLY G 99 14.98 -75.86 47.88
CA GLY G 99 16.06 -75.36 47.04
C GLY G 99 15.74 -75.51 45.57
N PHE G 100 15.25 -74.45 44.94
CA PHE G 100 15.09 -74.36 43.50
C PHE G 100 14.51 -72.98 43.19
N THR G 101 14.51 -72.64 41.90
CA THR G 101 13.92 -71.40 41.42
C THR G 101 13.14 -71.70 40.15
N ARG G 102 12.67 -70.64 39.50
CA ARG G 102 12.04 -70.75 38.19
C ARG G 102 12.39 -69.49 37.43
N ILE G 103 12.86 -69.65 36.20
CA ILE G 103 13.53 -68.58 35.47
C ILE G 103 12.98 -68.51 34.07
N ALA G 104 12.89 -67.30 33.52
CA ALA G 104 12.57 -67.11 32.12
C ALA G 104 13.82 -66.69 31.37
N LEU G 105 14.10 -67.34 30.26
CA LEU G 105 15.32 -67.12 29.48
C LEU G 105 14.96 -66.63 28.09
N GLY G 106 15.65 -65.60 27.63
CA GLY G 106 15.49 -65.10 26.27
C GLY G 106 16.83 -65.07 25.56
N LYS G 107 16.84 -65.54 24.31
CA LYS G 107 18.07 -65.63 23.54
C LYS G 107 18.61 -64.26 23.22
N VAL G 108 19.93 -64.12 23.27
CA VAL G 108 20.58 -62.82 23.17
C VAL G 108 20.99 -62.48 21.74
N SER G 109 21.46 -63.45 20.98
CA SER G 109 22.03 -63.18 19.65
C SER G 109 20.94 -62.69 18.69
N PRO G 110 21.08 -61.50 18.10
CA PRO G 110 20.13 -61.01 17.11
C PRO G 110 20.44 -61.51 15.70
N MET H 1 -15.00 -77.59 66.58
CA MET H 1 -13.60 -77.30 66.87
C MET H 1 -12.91 -76.75 65.62
N ILE H 2 -12.50 -75.49 65.69
CA ILE H 2 -12.10 -74.74 64.51
C ILE H 2 -10.64 -74.33 64.62
N ASP H 3 -9.86 -74.66 63.60
CA ASP H 3 -8.49 -74.16 63.44
C ASP H 3 -8.13 -74.23 61.97
N VAL H 4 -8.18 -73.09 61.28
CA VAL H 4 -7.77 -73.00 59.88
C VAL H 4 -6.39 -72.39 59.75
N ALA H 5 -6.13 -71.31 60.48
CA ALA H 5 -4.83 -70.67 60.46
C ALA H 5 -3.71 -71.60 60.90
N ILE H 6 -4.04 -72.77 61.43
CA ILE H 6 -3.04 -73.78 61.73
C ILE H 6 -2.27 -74.20 60.49
N ALA H 7 -2.79 -73.89 59.30
CA ALA H 7 -2.07 -74.18 58.06
C ALA H 7 -0.94 -73.19 57.82
N ILE H 8 -1.08 -71.96 58.29
CA ILE H 8 -0.07 -70.92 58.05
C ILE H 8 1.15 -71.17 58.91
N ASP H 9 1.01 -72.01 59.93
CA ASP H 9 2.14 -72.29 60.80
C ASP H 9 3.11 -73.30 60.23
N ALA H 10 2.70 -74.08 59.23
CA ALA H 10 3.62 -75.05 58.64
C ALA H 10 4.82 -74.35 58.00
N GLU H 11 4.58 -73.29 57.25
CA GLU H 11 5.65 -72.49 56.67
C GLU H 11 5.48 -71.05 57.13
N SER H 12 6.54 -70.50 57.70
CA SER H 12 6.49 -69.16 58.26
C SER H 12 7.92 -68.65 58.36
N VAL H 13 8.04 -67.37 58.70
CA VAL H 13 9.33 -66.73 58.77
C VAL H 13 9.18 -65.43 59.54
N GLU H 14 10.26 -64.99 60.19
CA GLU H 14 10.26 -63.79 61.02
C GLU H 14 10.47 -62.57 60.14
N VAL H 15 9.40 -61.81 59.93
CA VAL H 15 9.48 -60.53 59.24
C VAL H 15 9.12 -59.45 60.25
N THR H 16 9.70 -58.27 60.07
CA THR H 16 9.46 -57.18 61.02
C THR H 16 8.30 -56.33 60.52
N TRP H 17 7.15 -56.49 61.17
CA TRP H 17 6.02 -55.61 60.91
C TRP H 17 6.33 -54.21 61.38
N ARG H 18 5.90 -53.21 60.61
CA ARG H 18 6.19 -51.81 60.86
C ARG H 18 4.88 -51.06 60.70
N ASN H 19 4.17 -50.88 61.82
CA ASN H 19 2.87 -50.23 61.82
C ASN H 19 3.05 -48.72 61.77
N ARG H 20 2.14 -48.05 61.06
CA ARG H 20 2.29 -46.65 60.70
C ARG H 20 1.12 -45.84 61.24
N SER H 21 1.42 -44.63 61.72
CA SER H 21 0.39 -43.64 62.00
C SER H 21 0.74 -42.35 61.26
N GLY H 22 -0.26 -41.71 60.69
CA GLY H 22 -0.02 -40.60 59.80
C GLY H 22 0.48 -39.36 60.51
N GLY H 23 0.88 -38.40 59.69
CA GLY H 23 1.33 -37.11 60.20
C GLY H 23 0.45 -35.97 59.76
N SER H 24 1.04 -34.81 59.52
CA SER H 24 0.30 -33.63 59.07
C SER H 24 1.22 -32.82 58.18
N TYR H 25 0.86 -31.57 57.94
CA TYR H 25 1.56 -30.73 56.98
C TYR H 25 2.11 -29.48 57.65
N ASP H 26 3.35 -29.13 57.29
CA ASP H 26 3.94 -27.88 57.74
C ASP H 26 3.21 -26.70 57.14
N SER H 27 3.27 -25.56 57.83
CA SER H 27 2.54 -24.38 57.38
C SER H 27 2.98 -23.93 55.99
N ARG H 28 4.18 -24.33 55.56
CA ARG H 28 4.66 -24.07 54.21
C ARG H 28 4.17 -25.08 53.19
N GLY H 29 3.39 -26.08 53.61
CA GLY H 29 2.76 -27.02 52.71
C GLY H 29 3.42 -28.39 52.62
N ASN H 30 4.59 -28.57 53.22
CA ASN H 30 5.31 -29.84 53.11
C ASN H 30 4.59 -30.92 53.92
N ALA H 31 5.16 -32.11 53.93
CA ALA H 31 4.58 -33.26 54.60
C ALA H 31 5.58 -33.85 55.58
N THR H 32 5.06 -34.43 56.66
CA THR H 32 5.89 -35.01 57.71
C THR H 32 5.31 -36.39 58.06
N GLY H 33 5.97 -37.44 57.60
CA GLY H 33 5.57 -38.80 57.91
C GLY H 33 6.37 -39.34 59.09
N ALA H 34 5.65 -39.84 60.09
CA ALA H 34 6.29 -40.21 61.35
C ALA H 34 5.52 -41.38 61.96
N SER H 35 5.85 -41.67 63.23
CA SER H 35 5.11 -42.62 64.07
C SER H 35 5.09 -44.03 63.46
N TRP H 36 6.28 -44.61 63.41
CA TRP H 36 6.45 -46.03 63.13
C TRP H 36 6.59 -46.82 64.43
N ALA H 37 6.04 -48.03 64.43
CA ALA H 37 6.19 -48.95 65.55
C ALA H 37 6.53 -50.33 65.02
N ASP H 38 7.61 -50.93 65.52
CA ASP H 38 8.14 -52.17 64.95
C ASP H 38 7.81 -53.35 65.84
N THR H 39 7.68 -54.52 65.23
CA THR H 39 7.36 -55.75 65.97
C THR H 39 7.71 -56.96 65.11
N GLN H 40 8.52 -57.87 65.65
CA GLN H 40 8.81 -59.11 64.96
C GLN H 40 7.56 -59.98 64.91
N ILE H 41 7.32 -60.62 63.76
CA ILE H 41 6.07 -61.33 63.55
C ILE H 41 6.33 -62.44 62.54
N ARG H 42 5.41 -63.38 62.45
CA ARG H 42 5.56 -64.55 61.59
C ARG H 42 4.61 -64.48 60.41
N ALA H 43 5.13 -64.77 59.22
CA ALA H 43 4.33 -64.74 57.99
C ALA H 43 4.62 -65.97 57.15
N ALA H 44 3.89 -66.10 56.04
CA ALA H 44 4.08 -67.20 55.09
C ALA H 44 4.16 -66.60 53.68
N ILE H 45 5.36 -66.20 53.29
CA ILE H 45 5.54 -65.41 52.07
C ILE H 45 5.74 -66.34 50.88
N GLN H 46 5.11 -65.99 49.75
CA GLN H 46 5.27 -66.74 48.52
C GLN H 46 5.49 -65.77 47.36
N PRO H 47 6.34 -66.14 46.40
CA PRO H 47 6.72 -65.24 45.30
C PRO H 47 5.80 -65.29 44.09
N VAL H 48 4.65 -64.63 44.20
CA VAL H 48 3.70 -64.54 43.11
C VAL H 48 4.15 -63.42 42.19
N SER H 49 4.80 -63.80 41.08
CA SER H 49 5.31 -62.87 40.08
C SER H 49 6.32 -61.90 40.71
N GLY H 50 7.42 -62.46 41.18
CA GLY H 50 8.48 -61.67 41.77
C GLY H 50 9.64 -61.45 40.81
N ARG H 51 10.35 -60.35 41.03
CA ARG H 51 11.64 -60.08 40.39
C ARG H 51 11.54 -60.10 38.87
N GLU H 52 10.76 -59.16 38.34
CA GLU H 52 10.68 -58.92 36.91
C GLU H 52 11.69 -57.85 36.53
N LEU H 53 12.61 -58.19 35.63
CA LEU H 53 13.63 -57.24 35.23
C LEU H 53 13.03 -56.14 34.36
N GLN H 54 13.63 -54.95 34.42
CA GLN H 54 13.24 -53.81 33.60
C GLN H 54 14.51 -53.11 33.16
N ASP H 55 14.80 -53.19 31.86
CA ASP H 55 15.97 -52.57 31.25
C ASP H 55 15.53 -51.27 30.61
N LEU H 56 15.32 -50.27 31.45
CA LEU H 56 14.93 -48.95 30.99
C LEU H 56 16.14 -48.22 30.43
N PRO H 57 15.92 -47.13 29.68
CA PRO H 57 17.06 -46.30 29.27
C PRO H 57 17.89 -45.83 30.45
N GLU H 58 17.26 -45.55 31.58
CA GLU H 58 18.00 -45.12 32.76
C GLU H 58 18.87 -46.21 33.34
N GLY H 59 18.68 -47.45 32.96
CA GLY H 59 19.50 -48.52 33.47
C GLY H 59 18.69 -49.76 33.71
N VAL H 60 19.02 -50.48 34.77
CA VAL H 60 18.43 -51.78 35.07
C VAL H 60 17.84 -51.73 36.46
N ARG H 61 16.60 -52.19 36.61
CA ARG H 61 16.03 -52.31 37.94
C ARG H 61 14.96 -53.39 37.92
N SER H 62 14.67 -53.95 39.09
CA SER H 62 13.75 -55.07 39.20
C SER H 62 12.43 -54.62 39.81
N LYS H 63 11.43 -55.48 39.63
CA LYS H 63 10.05 -55.24 40.06
C LYS H 63 9.62 -56.46 40.87
N VAL H 64 9.58 -56.32 42.19
CA VAL H 64 9.38 -57.43 43.10
C VAL H 64 8.00 -57.32 43.74
N THR H 65 7.28 -58.44 43.79
CA THR H 65 5.98 -58.53 44.45
C THR H 65 5.91 -59.82 45.25
N LEU H 66 5.04 -59.83 46.26
CA LEU H 66 4.91 -60.98 47.15
C LEU H 66 3.52 -61.02 47.76
N VAL H 67 3.18 -62.17 48.34
CA VAL H 67 1.95 -62.34 49.11
C VAL H 67 2.31 -62.88 50.49
N ALA H 68 1.43 -62.61 51.47
CA ALA H 68 1.81 -62.74 52.88
C ALA H 68 1.07 -63.83 53.64
N TRP H 69 -0.26 -63.77 53.71
CA TRP H 69 -1.04 -64.68 54.57
C TRP H 69 -0.53 -64.69 56.00
N THR H 70 -0.63 -63.58 56.72
CA THR H 70 -0.15 -63.51 58.08
C THR H 70 -1.30 -63.55 59.07
N ARG H 71 -1.00 -63.94 60.31
CA ARG H 71 -2.04 -64.11 61.31
C ARG H 71 -2.40 -62.79 61.98
N SER H 72 -1.44 -61.88 62.11
CA SER H 72 -1.70 -60.61 62.78
C SER H 72 -2.53 -59.69 61.91
N GLU H 73 -2.94 -58.56 62.47
CA GLU H 73 -3.74 -57.57 61.77
C GLU H 73 -2.82 -56.55 61.13
N VAL H 74 -2.88 -56.43 59.81
CA VAL H 74 -2.08 -55.48 59.05
C VAL H 74 -3.01 -54.65 58.19
N ALA H 75 -2.85 -53.33 58.23
CA ALA H 75 -3.69 -52.41 57.47
C ALA H 75 -3.20 -52.36 56.02
N GLU H 76 -3.72 -51.41 55.24
CA GLU H 76 -3.38 -51.31 53.84
C GLU H 76 -2.12 -50.52 53.57
N ASN H 77 -1.71 -49.65 54.48
CA ASN H 77 -0.49 -48.85 54.30
C ASN H 77 0.38 -49.02 55.54
N ASP H 78 1.19 -50.06 55.54
CA ASP H 78 2.15 -50.34 56.59
C ASP H 78 3.46 -50.72 55.93
N GLN H 79 4.40 -51.26 56.68
CA GLN H 79 5.60 -51.79 56.06
C GLN H 79 5.92 -53.15 56.64
N ILE H 80 6.57 -53.98 55.84
CA ILE H 80 7.06 -55.28 56.31
C ILE H 80 8.49 -55.42 55.83
N ILE H 81 9.42 -55.58 56.77
CA ILE H 81 10.84 -55.73 56.44
C ILE H 81 11.14 -57.22 56.39
N TYR H 82 11.56 -57.68 55.22
CA TYR H 82 11.80 -59.09 54.95
C TYR H 82 13.06 -59.21 54.11
N LEU H 83 13.90 -60.19 54.44
CA LEU H 83 15.11 -60.49 53.70
C LEU H 83 16.02 -59.27 53.56
N GLY H 84 15.96 -58.36 54.54
CA GLY H 84 16.79 -57.18 54.54
C GLY H 84 16.25 -56.00 53.77
N ASP H 85 15.11 -56.14 53.09
CA ASP H 85 14.54 -55.03 52.34
C ASP H 85 13.12 -54.76 52.79
N ALA H 86 12.69 -53.52 52.61
CA ALA H 86 11.35 -53.12 53.01
C ALA H 86 10.35 -53.39 51.90
N TYR H 87 9.13 -53.72 52.30
CA TYR H 87 8.03 -53.92 51.37
C TYR H 87 6.82 -53.14 51.85
N ARG H 88 6.15 -52.47 50.93
CA ARG H 88 4.94 -51.72 51.23
C ARG H 88 3.72 -52.52 50.80
N VAL H 89 2.65 -52.39 51.57
CA VAL H 89 1.45 -53.21 51.42
C VAL H 89 0.55 -52.59 50.37
N TYR H 90 0.24 -53.36 49.32
CA TYR H 90 -0.74 -52.90 48.34
C TYR H 90 -2.15 -52.96 48.91
N ALA H 91 -2.61 -54.16 49.21
CA ALA H 91 -4.03 -54.41 49.46
C ALA H 91 -4.17 -55.65 50.32
N ALA H 92 -5.10 -55.59 51.27
CA ALA H 92 -5.32 -56.68 52.20
C ALA H 92 -6.72 -57.25 52.02
N ARG H 93 -6.87 -58.52 52.33
CA ARG H 93 -8.16 -59.22 52.29
C ARG H 93 -8.37 -59.86 53.65
N PRO H 94 -8.76 -59.08 54.65
CA PRO H 94 -8.93 -59.63 56.01
C PRO H 94 -10.11 -60.57 56.08
N ARG H 95 -9.97 -61.60 56.92
CA ARG H 95 -11.02 -62.59 57.14
C ARG H 95 -11.28 -62.64 58.64
N PRO H 96 -12.05 -61.71 59.19
CA PRO H 96 -12.21 -61.65 60.66
C PRO H 96 -12.95 -62.83 61.25
N MET H 97 -13.66 -63.62 60.45
CA MET H 97 -14.23 -64.86 60.98
C MET H 97 -13.15 -65.76 61.53
N ASP H 98 -12.04 -65.87 60.80
CA ASP H 98 -10.82 -66.50 61.28
C ASP H 98 -9.83 -65.43 61.74
N GLY H 99 -8.65 -65.87 62.14
CA GLY H 99 -7.58 -64.92 62.31
C GLY H 99 -6.50 -65.09 61.27
N PHE H 100 -6.55 -64.28 60.21
CA PHE H 100 -5.49 -64.17 59.22
C PHE H 100 -5.94 -63.13 58.20
N THR H 101 -5.00 -62.74 57.34
CA THR H 101 -5.28 -61.83 56.24
C THR H 101 -4.55 -62.33 55.01
N ARG H 102 -4.59 -61.53 53.95
CA ARG H 102 -3.80 -61.80 52.75
C ARG H 102 -3.38 -60.46 52.18
N ILE H 103 -2.10 -60.31 51.87
CA ILE H 103 -1.48 -59.02 51.64
C ILE H 103 -0.64 -59.09 50.37
N ALA H 104 -0.60 -57.99 49.62
CA ALA H 104 0.31 -57.86 48.50
C ALA H 104 1.43 -56.89 48.89
N LEU H 105 2.67 -57.31 48.65
CA LEU H 105 3.85 -56.54 49.05
C LEU H 105 4.64 -56.15 47.82
N GLY H 106 5.07 -54.90 47.76
CA GLY H 106 5.94 -54.42 46.71
C GLY H 106 7.20 -53.78 47.29
N LYS H 107 8.34 -54.13 46.72
CA LYS H 107 9.62 -53.65 47.22
C LYS H 107 9.76 -52.14 47.02
N VAL H 108 10.34 -51.47 48.01
CA VAL H 108 10.37 -50.02 48.05
C VAL H 108 11.64 -49.45 47.43
N SER H 109 12.78 -50.08 47.63
CA SER H 109 14.05 -49.51 47.20
C SER H 109 14.14 -49.45 45.69
N PRO H 110 14.34 -48.27 45.08
CA PRO H 110 14.51 -48.15 43.63
C PRO H 110 15.96 -48.38 43.20
N MET I 1 -1.32 -23.58 53.30
CA MET I 1 -2.44 -22.78 53.75
C MET I 1 -2.28 -21.34 53.32
N ARG I 2 -3.07 -20.91 52.34
CA ARG I 2 -2.90 -19.59 51.78
C ARG I 2 -3.48 -18.54 52.70
N ARG I 3 -2.92 -17.33 52.62
CA ARG I 3 -3.42 -16.21 53.40
C ARG I 3 -4.70 -15.65 52.81
N ILE I 4 -4.86 -15.74 51.48
CA ILE I 4 -6.03 -15.15 50.83
C ILE I 4 -7.28 -15.97 51.13
N THR I 5 -7.27 -17.22 50.70
CA THR I 5 -8.33 -18.15 51.06
C THR I 5 -8.10 -18.69 52.47
N GLY I 6 -9.16 -19.17 53.10
CA GLY I 6 -9.06 -19.57 54.48
C GLY I 6 -8.83 -21.06 54.69
N ILE I 7 -8.32 -21.74 53.67
CA ILE I 7 -8.28 -23.20 53.67
C ILE I 7 -6.85 -23.69 53.76
N THR I 8 -6.67 -25.01 53.79
CA THR I 8 -5.35 -25.62 53.85
C THR I 8 -4.89 -26.00 52.45
N VAL I 9 -3.64 -25.66 52.13
CA VAL I 9 -3.03 -25.97 50.84
C VAL I 9 -1.81 -26.85 51.09
N ILE I 10 -1.57 -27.81 50.21
CA ILE I 10 -0.50 -28.78 50.39
C ILE I 10 0.27 -28.94 49.08
N LYS I 11 1.44 -29.58 49.16
CA LYS I 11 2.29 -29.77 48.00
C LYS I 11 1.76 -30.91 47.13
N ASP I 12 2.29 -30.98 45.90
CA ASP I 12 1.67 -31.75 44.83
C ASP I 12 1.72 -33.26 45.05
N HIS I 13 2.92 -33.83 45.10
CA HIS I 13 3.07 -35.29 45.14
C HIS I 13 3.70 -35.69 46.47
N GLN I 14 2.88 -35.82 47.49
CA GLN I 14 3.29 -36.33 48.79
C GLN I 14 2.64 -37.69 49.00
N SER I 15 2.84 -38.25 50.18
CA SER I 15 2.31 -39.57 50.50
C SER I 15 1.59 -39.54 51.83
N GLU I 16 0.72 -38.55 52.01
CA GLU I 16 -0.02 -38.38 53.25
C GLU I 16 -1.52 -38.50 52.98
N ASP I 17 -2.28 -38.65 54.06
CA ASP I 17 -3.73 -38.73 53.96
C ASP I 17 -4.30 -37.41 53.48
N ARG I 18 -5.44 -37.49 52.80
CA ARG I 18 -6.12 -36.30 52.32
C ARG I 18 -6.54 -35.45 53.53
N PRO I 19 -6.19 -34.17 53.56
CA PRO I 19 -6.30 -33.41 54.82
C PRO I 19 -7.72 -33.20 55.31
N ALA I 20 -8.59 -32.66 54.48
CA ALA I 20 -9.96 -32.37 54.87
C ALA I 20 -10.83 -32.46 53.63
N LEU I 21 -12.09 -32.08 53.76
CA LEU I 21 -12.96 -32.19 52.60
C LEU I 21 -12.75 -31.01 51.66
N PRO I 22 -12.72 -29.75 52.15
CA PRO I 22 -12.22 -28.66 51.30
C PRO I 22 -10.72 -28.40 51.49
N TYR I 23 -9.94 -28.41 50.42
CA TYR I 23 -8.52 -28.11 50.51
C TYR I 23 -7.98 -27.91 49.09
N GLY I 24 -6.70 -27.55 49.01
CA GLY I 24 -6.09 -27.24 47.74
C GLY I 24 -4.78 -28.00 47.56
N VAL I 25 -4.25 -27.90 46.34
CA VAL I 25 -3.02 -28.59 45.95
C VAL I 25 -2.36 -27.77 44.84
N VAL I 26 -1.07 -27.51 44.95
CA VAL I 26 -0.33 -26.78 43.94
C VAL I 26 0.79 -27.67 43.40
N GLU I 27 0.94 -27.69 42.08
CA GLU I 27 1.98 -28.43 41.40
C GLU I 27 2.76 -27.48 40.50
N LEU I 28 4.01 -27.84 40.23
CA LEU I 28 4.83 -27.08 39.29
C LEU I 28 4.78 -27.82 37.96
N ALA I 29 4.23 -27.15 36.95
CA ALA I 29 4.09 -27.79 35.64
C ALA I 29 5.34 -27.62 34.81
N ASN I 30 5.87 -26.40 34.73
CA ASN I 30 7.11 -26.14 34.01
C ASN I 30 7.57 -24.73 34.35
N PHE I 31 8.71 -24.36 33.76
CA PHE I 31 9.19 -22.99 33.83
C PHE I 31 10.22 -22.82 32.71
N ARG I 32 10.53 -21.57 32.39
CA ARG I 32 11.45 -21.32 31.31
C ARG I 32 11.91 -19.87 31.35
N ASP I 33 13.04 -19.60 30.68
CA ASP I 33 13.42 -18.21 30.46
C ASP I 33 12.46 -17.57 29.48
N LEU I 34 12.33 -16.26 29.60
CA LEU I 34 11.33 -15.50 28.84
C LEU I 34 11.91 -14.76 27.65
N HIS I 35 13.09 -14.17 27.79
CA HIS I 35 13.75 -13.48 26.71
C HIS I 35 14.90 -14.32 26.17
N GLN I 36 15.32 -14.01 24.95
CA GLN I 36 16.35 -14.81 24.31
C GLN I 36 17.73 -14.54 24.89
N GLN I 37 18.01 -13.31 25.29
CA GLN I 37 19.32 -12.94 25.80
C GLN I 37 19.19 -12.29 27.17
N VAL I 38 20.34 -12.01 27.78
CA VAL I 38 20.42 -11.51 29.14
C VAL I 38 20.01 -10.05 29.21
N ARG I 39 19.82 -9.55 30.43
CA ARG I 39 19.61 -8.12 30.65
C ARG I 39 20.91 -7.45 31.06
N THR I 40 21.52 -7.94 32.14
CA THR I 40 22.85 -7.50 32.57
C THR I 40 23.62 -8.69 33.11
N ILE I 41 24.91 -8.47 33.32
CA ILE I 41 25.77 -9.39 34.06
C ILE I 41 26.32 -8.62 35.24
N HIS I 42 26.10 -9.15 36.44
CA HIS I 42 26.58 -8.52 37.65
C HIS I 42 27.89 -9.17 38.07
N TYR I 43 28.94 -8.36 38.19
CA TYR I 43 30.22 -8.82 38.69
C TYR I 43 30.37 -8.40 40.15
N GLU I 44 30.89 -9.30 40.98
CA GLU I 44 31.08 -9.01 42.38
C GLU I 44 32.28 -9.78 42.90
N ASP I 45 33.08 -9.13 43.74
CA ASP I 45 34.26 -9.79 44.29
C ASP I 45 33.89 -10.59 45.53
N ILE I 46 34.33 -11.84 45.57
CA ILE I 46 34.05 -12.70 46.71
C ILE I 46 34.66 -12.09 47.96
N GLU I 47 33.96 -12.22 49.09
CA GLU I 47 34.48 -11.70 50.34
C GLU I 47 35.66 -12.55 50.80
N ASP I 48 36.83 -11.92 50.88
CA ASP I 48 38.04 -12.56 51.40
C ASP I 48 38.40 -13.82 50.61
N SER I 49 38.73 -13.62 49.34
CA SER I 49 39.17 -14.70 48.48
C SER I 49 40.58 -14.39 47.97
N ASP I 50 41.15 -15.35 47.26
CA ASP I 50 42.46 -15.18 46.63
C ASP I 50 42.63 -16.22 45.55
N ASN I 51 43.05 -15.78 44.36
CA ASN I 51 43.29 -16.68 43.24
C ASN I 51 44.74 -17.08 43.11
N GLY I 52 45.56 -16.81 44.13
CA GLY I 52 46.95 -17.20 44.15
C GLY I 52 47.92 -16.09 43.83
N GLU I 53 47.44 -14.89 43.50
CA GLU I 53 48.31 -13.78 43.14
C GLU I 53 47.83 -12.49 43.79
N GLY I 54 47.25 -12.59 44.96
CA GLY I 54 46.76 -11.40 45.66
C GLY I 54 45.64 -10.69 44.94
N PHE I 55 44.72 -11.44 44.34
CA PHE I 55 43.57 -10.88 43.65
C PHE I 55 42.32 -11.55 44.19
N PRO I 56 41.33 -10.81 44.70
CA PRO I 56 40.07 -11.44 45.08
C PRO I 56 39.34 -11.96 43.85
N GLU I 57 38.80 -13.17 43.98
CA GLU I 57 38.12 -13.80 42.86
C GLU I 57 36.83 -13.06 42.52
N VAL I 58 36.45 -13.14 41.24
CA VAL I 58 35.31 -12.42 40.71
C VAL I 58 34.23 -13.41 40.33
N GLN I 59 33.00 -13.14 40.76
CA GLN I 59 31.85 -13.98 40.51
C GLN I 59 30.83 -13.19 39.70
N ALA I 60 30.41 -13.75 38.58
CA ALA I 60 29.49 -13.12 37.65
C ALA I 60 28.15 -13.84 37.68
N THR I 61 27.07 -13.07 37.58
CA THR I 61 25.71 -13.61 37.60
C THR I 61 24.89 -12.98 36.49
N PRO I 62 24.30 -13.76 35.60
CA PRO I 62 23.40 -13.19 34.59
C PRO I 62 22.07 -12.80 35.21
N GLU I 63 21.35 -11.89 34.53
CA GLU I 63 20.04 -11.48 34.98
C GLU I 63 19.05 -11.54 33.82
N VAL I 64 18.15 -12.52 33.85
CA VAL I 64 17.09 -12.66 32.86
C VAL I 64 15.78 -12.95 33.57
N GLU I 65 14.67 -12.62 32.93
CA GLU I 65 13.35 -12.91 33.47
C GLU I 65 12.97 -14.35 33.19
N GLN I 66 12.12 -14.90 34.05
CA GLN I 66 11.68 -16.27 33.93
C GLN I 66 10.19 -16.39 34.21
N GLU I 67 9.59 -17.45 33.70
CA GLU I 67 8.17 -17.71 33.87
C GLU I 67 8.01 -19.09 34.48
N TRP I 68 7.28 -19.17 35.60
CA TRP I 68 6.94 -20.43 36.25
C TRP I 68 5.45 -20.66 36.10
N VAL I 69 5.03 -21.87 35.76
CA VAL I 69 3.63 -22.17 35.50
C VAL I 69 3.20 -23.27 36.46
N PHE I 70 2.28 -22.94 37.36
CA PHE I 70 1.77 -23.87 38.36
C PHE I 70 0.40 -24.38 37.95
N LEU I 71 -0.09 -25.35 38.72
CA LEU I 71 -1.36 -26.02 38.44
C LEU I 71 -2.13 -26.12 39.75
N VAL I 72 -3.19 -25.35 39.90
CA VAL I 72 -3.90 -25.23 41.16
C VAL I 72 -5.19 -26.03 41.08
N GLN I 73 -5.47 -26.80 42.12
CA GLN I 73 -6.70 -27.57 42.22
C GLN I 73 -7.32 -27.39 43.59
N VAL I 74 -8.65 -27.24 43.63
CA VAL I 74 -9.41 -27.12 44.86
C VAL I 74 -10.46 -28.22 44.88
N TYR I 75 -10.46 -28.99 45.96
CA TYR I 75 -11.32 -30.16 46.11
C TYR I 75 -12.36 -29.88 47.19
N GLY I 76 -13.63 -30.09 46.86
CA GLY I 76 -14.66 -29.95 47.86
C GLY I 76 -15.77 -28.99 47.46
N PRO I 77 -16.66 -28.72 48.41
CA PRO I 77 -17.90 -28.02 48.08
C PRO I 77 -17.78 -26.50 48.00
N GLY I 78 -16.57 -25.96 47.89
CA GLY I 78 -16.44 -24.52 47.76
C GLY I 78 -15.38 -24.08 46.77
N GLY I 79 -15.05 -24.93 45.81
CA GLY I 79 -13.90 -24.66 44.96
C GLY I 79 -14.05 -23.42 44.12
N LEU I 80 -15.21 -23.25 43.49
CA LEU I 80 -15.38 -22.17 42.53
C LEU I 80 -15.26 -20.81 43.21
N ASP I 81 -15.85 -20.63 44.38
CA ASP I 81 -15.78 -19.34 45.06
C ASP I 81 -14.37 -19.08 45.58
N TYR I 82 -13.70 -20.11 46.11
CA TYR I 82 -12.35 -19.93 46.61
C TYR I 82 -11.39 -19.55 45.50
N LEU I 83 -11.57 -20.08 44.30
CA LEU I 83 -10.73 -19.68 43.18
C LEU I 83 -11.18 -18.35 42.56
N ARG I 84 -12.46 -18.00 42.67
CA ARG I 84 -12.91 -16.70 42.21
C ARG I 84 -12.32 -15.59 43.06
N LYS I 85 -12.23 -15.80 44.37
CA LYS I 85 -11.56 -14.82 45.23
C LYS I 85 -10.09 -14.67 44.84
N VAL I 86 -9.44 -15.77 44.48
CA VAL I 86 -8.05 -15.69 44.05
C VAL I 86 -7.94 -14.92 42.74
N ALA I 87 -8.84 -15.17 41.80
CA ALA I 87 -8.80 -14.47 40.53
C ALA I 87 -9.00 -12.97 40.72
N ALA I 88 -9.91 -12.59 41.61
CA ALA I 88 -10.20 -11.18 41.84
C ALA I 88 -9.26 -10.53 42.85
N ALA I 89 -8.44 -11.31 43.55
CA ALA I 89 -7.43 -10.77 44.45
C ALA I 89 -6.14 -10.46 43.74
N PHE I 90 -6.03 -10.84 42.47
CA PHE I 90 -4.85 -10.55 41.67
C PHE I 90 -4.83 -9.12 41.16
N HIS I 91 -5.96 -8.40 41.24
CA HIS I 91 -6.03 -7.04 40.73
C HIS I 91 -5.73 -5.99 41.80
N VAL I 92 -6.11 -6.23 43.04
CA VAL I 92 -5.95 -5.24 44.10
C VAL I 92 -4.50 -5.25 44.58
N ASN I 93 -3.96 -4.06 44.80
CA ASN I 93 -2.58 -3.93 45.23
C ASN I 93 -2.46 -4.05 46.74
N GLN I 94 -1.23 -4.26 47.21
CA GLN I 94 -0.88 -4.46 48.61
C GLN I 94 -1.36 -5.81 49.09
N VAL I 95 -2.14 -6.51 48.26
CA VAL I 95 -2.61 -7.84 48.59
C VAL I 95 -1.84 -8.91 47.82
N ASN I 96 -1.58 -8.67 46.54
CA ASN I 96 -0.84 -9.61 45.71
C ASN I 96 0.66 -9.34 45.73
N ASP I 97 1.23 -9.29 46.93
CA ASP I 97 2.64 -8.97 47.12
C ASP I 97 3.43 -10.23 47.40
N LEU I 98 4.56 -10.38 46.71
CA LEU I 98 5.43 -11.53 46.89
C LEU I 98 6.83 -11.04 47.24
N PRO I 99 7.62 -11.84 47.99
CA PRO I 99 8.80 -11.30 48.66
C PRO I 99 9.90 -10.77 47.75
N GLY I 100 10.46 -11.59 46.88
CA GLY I 100 11.64 -11.14 46.17
C GLY I 100 11.57 -11.22 44.66
N SER I 101 11.51 -10.05 44.01
CA SER I 101 11.53 -9.94 42.55
C SER I 101 10.54 -10.89 41.88
N LEU I 102 9.43 -11.18 42.56
CA LEU I 102 8.40 -12.07 42.05
C LEU I 102 7.13 -11.28 41.80
N VAL I 103 6.39 -11.67 40.77
CA VAL I 103 5.16 -10.99 40.37
C VAL I 103 4.19 -12.02 39.85
N ILE I 104 2.95 -11.98 40.33
CA ILE I 104 1.89 -12.80 39.74
C ILE I 104 1.49 -12.18 38.41
N HIS I 105 1.54 -12.95 37.34
CA HIS I 105 1.27 -12.35 36.04
C HIS I 105 -0.19 -12.49 35.62
N GLU I 106 -0.69 -13.72 35.54
CA GLU I 106 -2.05 -13.96 35.12
C GLU I 106 -2.60 -15.18 35.82
N VAL I 107 -3.91 -15.17 36.08
CA VAL I 107 -4.65 -16.37 36.47
C VAL I 107 -5.51 -16.77 35.29
N ALA I 108 -5.50 -18.05 34.95
CA ALA I 108 -6.07 -18.52 33.70
C ALA I 108 -7.52 -18.94 33.89
N GLN I 109 -8.09 -19.55 32.86
CA GLN I 109 -9.47 -19.99 32.89
C GLN I 109 -9.66 -21.04 33.98
N ILE I 110 -10.83 -21.02 34.61
CA ILE I 110 -11.15 -21.92 35.72
C ILE I 110 -12.18 -22.92 35.23
N ASN I 111 -11.83 -24.20 35.27
CA ASN I 111 -12.71 -25.27 34.83
C ASN I 111 -13.27 -26.01 36.02
N SER I 112 -14.38 -26.72 35.79
CA SER I 112 -14.99 -27.56 36.80
C SER I 112 -15.03 -28.99 36.28
N ILE I 113 -14.52 -29.92 37.06
CA ILE I 113 -14.39 -31.32 36.63
C ILE I 113 -14.88 -32.26 37.71
N PRO I 114 -16.18 -32.34 37.99
CA PRO I 114 -16.65 -33.25 39.04
C PRO I 114 -16.32 -34.68 38.71
N GLU I 115 -15.90 -35.44 39.72
CA GLU I 115 -15.43 -36.79 39.53
C GLU I 115 -16.09 -37.73 40.53
N PHE I 116 -16.46 -38.91 40.05
CA PHE I 116 -17.14 -39.93 40.85
C PHE I 116 -16.10 -40.70 41.63
N LEU I 117 -15.76 -40.21 42.83
CA LEU I 117 -14.76 -40.84 43.67
C LEU I 117 -15.40 -41.30 44.97
N GLY I 118 -15.21 -42.57 45.30
CA GLY I 118 -15.72 -43.09 46.56
C GLY I 118 -17.22 -43.03 46.69
N GLU I 119 -17.95 -43.37 45.63
CA GLU I 119 -19.41 -43.52 45.68
C GLU I 119 -20.11 -42.17 45.82
N ARG I 120 -19.48 -41.12 45.30
CA ARG I 120 -19.98 -39.77 45.48
C ARG I 120 -19.32 -38.81 44.50
N TRP I 121 -20.12 -37.99 43.82
CA TRP I 121 -19.56 -37.00 42.90
C TRP I 121 -18.81 -35.94 43.70
N GLU I 122 -17.49 -35.96 43.61
CA GLU I 122 -16.64 -35.02 44.35
C GLU I 122 -16.41 -33.79 43.49
N LYS I 123 -16.95 -32.65 43.93
CA LYS I 123 -16.76 -31.40 43.21
C LYS I 123 -15.29 -31.03 43.19
N ARG I 124 -14.83 -30.49 42.06
CA ARG I 124 -13.43 -30.12 41.89
C ARG I 124 -13.33 -28.91 40.99
N ALA I 125 -12.25 -28.16 41.14
CA ALA I 125 -11.94 -27.06 40.24
C ALA I 125 -10.44 -26.98 40.07
N GLN I 126 -10.01 -26.45 38.92
CA GLN I 126 -8.58 -26.34 38.65
C GLN I 126 -8.32 -25.18 37.71
N THR I 127 -7.19 -24.51 37.92
CA THR I 127 -6.75 -23.40 37.08
C THR I 127 -5.23 -23.44 36.97
N ASN I 128 -4.68 -22.45 36.25
CA ASN I 128 -3.24 -22.27 36.12
C ASN I 128 -2.88 -20.88 36.64
N ILE I 129 -1.88 -20.81 37.50
CA ILE I 129 -1.36 -19.53 38.00
C ILE I 129 0.10 -19.43 37.61
N THR I 130 0.46 -18.33 36.95
CA THR I 130 1.81 -18.13 36.46
C THR I 130 2.46 -16.95 37.17
N LEU I 131 3.68 -17.15 37.62
CA LEU I 131 4.47 -16.10 38.24
C LEU I 131 5.46 -15.56 37.23
N ARG I 132 6.33 -14.66 37.69
CA ARG I 132 7.28 -14.00 36.81
C ARG I 132 8.36 -13.40 37.68
N GLY I 133 9.61 -13.83 37.47
CA GLY I 133 10.69 -13.38 38.34
C GLY I 133 12.03 -13.51 37.68
N MET I 134 12.95 -12.64 38.10
CA MET I 134 14.29 -12.59 37.53
C MET I 134 15.06 -13.86 37.90
N SER I 135 16.29 -13.95 37.41
CA SER I 135 17.13 -15.11 37.59
C SER I 135 18.36 -14.73 38.40
N THR I 136 18.75 -15.61 39.32
CA THR I 136 19.96 -15.43 40.10
C THR I 136 20.84 -16.67 39.97
N ASP I 137 22.14 -16.45 39.91
CA ASP I 137 23.13 -17.52 39.93
C ASP I 137 24.49 -16.90 40.25
N GLY I 138 25.55 -17.66 40.03
CA GLY I 138 26.88 -17.11 40.14
C GLY I 138 27.96 -18.09 39.76
N PHE I 139 28.87 -17.66 38.88
CA PHE I 139 29.98 -18.49 38.46
C PHE I 139 31.26 -17.68 38.54
N LYS I 140 32.34 -18.35 38.89
CA LYS I 140 33.62 -17.66 39.04
C LYS I 140 34.27 -17.47 37.68
N VAL I 141 34.70 -16.25 37.39
CA VAL I 141 35.20 -15.87 36.08
C VAL I 141 36.42 -14.96 36.26
N ASP I 142 37.14 -14.73 35.16
CA ASP I 142 38.40 -14.00 35.20
C ASP I 142 38.29 -12.67 34.45
N VAL I 143 39.14 -11.72 34.84
CA VAL I 143 38.98 -10.31 34.49
C VAL I 143 40.32 -9.74 34.01
N ILE I 144 40.23 -8.76 33.10
CA ILE I 144 41.39 -7.99 32.64
C ILE I 144 41.52 -6.76 33.52
N GLU I 145 42.75 -6.42 33.91
CA GLU I 145 42.98 -5.19 34.65
C GLU I 145 44.23 -4.44 34.19
N GLN I 146 44.72 -4.69 32.98
CA GLN I 146 45.82 -3.93 32.40
C GLN I 146 45.77 -4.08 30.89
N HIS I 147 46.58 -3.29 30.19
CA HIS I 147 46.59 -3.34 28.74
C HIS I 147 48.03 -3.21 28.24
N VAL I 148 48.18 -3.34 26.92
CA VAL I 148 49.44 -3.07 26.23
C VAL I 148 49.13 -2.84 24.76
N ILE I 149 49.70 -1.80 24.17
CA ILE I 149 49.46 -1.45 22.77
C ILE I 149 50.78 -1.05 22.13
N ASN I 150 51.01 -1.51 20.90
CA ASN I 150 52.19 -1.17 20.13
C ASN I 150 51.78 -0.52 18.82
N VAL I 151 52.35 0.64 18.53
CA VAL I 151 52.02 1.42 17.34
C VAL I 151 53.30 1.65 16.55
N THR I 152 53.26 1.34 15.26
CA THR I 152 54.40 1.60 14.37
C THR I 152 53.90 2.18 13.06
N GLY I 153 54.70 3.09 12.50
CA GLY I 153 54.46 3.62 11.18
C GLY I 153 55.39 2.92 10.20
N GLU I 154 54.80 2.19 9.26
CA GLU I 154 55.57 1.23 8.47
C GLU I 154 56.73 1.88 7.75
N ARG I 155 56.49 3.02 7.12
CA ARG I 155 57.46 3.63 6.22
C ARG I 155 57.51 5.13 6.49
N ALA I 156 58.54 5.58 7.17
CA ALA I 156 58.70 7.00 7.48
C ALA I 156 59.64 7.68 6.51
N MET J 1 -36.76 -25.63 37.32
CA MET J 1 -37.93 -25.42 36.49
C MET J 1 -37.92 -24.01 35.93
N ARG J 2 -37.66 -23.89 34.63
CA ARG J 2 -37.52 -22.57 34.03
C ARG J 2 -38.88 -21.93 33.81
N ARG J 3 -38.88 -20.59 33.82
CA ARG J 3 -40.10 -19.85 33.56
C ARG J 3 -40.44 -19.84 32.08
N ILE J 4 -39.42 -19.88 31.22
CA ILE J 4 -39.67 -19.80 29.78
C ILE J 4 -40.29 -21.08 29.26
N THR J 5 -39.57 -22.19 29.39
CA THR J 5 -40.13 -23.50 29.09
C THR J 5 -40.98 -23.98 30.25
N GLY J 6 -41.89 -24.90 29.96
CA GLY J 6 -42.84 -25.32 30.98
C GLY J 6 -42.44 -26.59 31.72
N ILE J 7 -41.16 -26.92 31.71
CA ILE J 7 -40.70 -28.22 32.18
C ILE J 7 -39.90 -28.08 33.46
N THR J 8 -39.45 -29.20 34.01
CA THR J 8 -38.64 -29.20 35.22
C THR J 8 -37.16 -29.25 34.86
N VAL J 9 -36.36 -28.41 35.51
CA VAL J 9 -34.93 -28.35 35.31
C VAL J 9 -34.25 -28.65 36.64
N ILE J 10 -33.12 -29.36 36.60
CA ILE J 10 -32.44 -29.80 37.80
C ILE J 10 -30.95 -29.53 37.66
N LYS J 11 -30.23 -29.62 38.78
CA LYS J 11 -28.80 -29.36 38.80
C LYS J 11 -28.02 -30.56 38.24
N ASP J 12 -26.74 -30.31 37.94
CA ASP J 12 -25.97 -31.19 37.08
C ASP J 12 -25.66 -32.55 37.70
N HIS J 13 -24.93 -32.58 38.81
CA HIS J 13 -24.45 -33.83 39.40
C HIS J 13 -25.09 -34.01 40.76
N GLN J 14 -26.29 -34.56 40.77
CA GLN J 14 -26.97 -34.94 42.00
C GLN J 14 -27.07 -36.46 42.05
N SER J 15 -27.76 -36.97 43.05
CA SER J 15 -27.89 -38.40 43.25
C SER J 15 -29.35 -38.77 43.47
N GLU J 16 -30.22 -38.25 42.63
CA GLU J 16 -31.65 -38.50 42.73
C GLU J 16 -32.17 -39.21 41.48
N ASP J 17 -33.38 -39.74 41.60
CA ASP J 17 -34.01 -40.40 40.47
C ASP J 17 -34.30 -39.42 39.36
N ARG J 18 -34.30 -39.93 38.13
CA ARG J 18 -34.63 -39.09 36.98
C ARG J 18 -36.07 -38.59 37.11
N PRO J 19 -36.30 -37.28 37.01
CA PRO J 19 -37.59 -36.73 37.43
C PRO J 19 -38.78 -37.17 36.58
N ALA J 20 -38.71 -36.98 35.28
CA ALA J 20 -39.80 -37.32 34.40
C ALA J 20 -39.22 -37.68 33.04
N LEU J 21 -40.08 -37.87 32.05
CA LEU J 21 -39.55 -38.25 30.75
C LEU J 21 -39.04 -37.03 30.00
N PRO J 22 -39.79 -35.91 29.93
CA PRO J 22 -39.17 -34.65 29.48
C PRO J 22 -38.65 -33.81 30.64
N TYR J 23 -37.39 -33.42 30.60
CA TYR J 23 -36.82 -32.55 31.64
C TYR J 23 -35.46 -32.05 31.16
N GLY J 24 -34.84 -31.18 31.95
CA GLY J 24 -33.60 -30.55 31.58
C GLY J 24 -32.57 -30.68 32.68
N VAL J 25 -31.35 -30.29 32.34
CA VAL J 25 -30.19 -30.37 33.25
C VAL J 25 -29.21 -29.28 32.84
N VAL J 26 -28.72 -28.51 33.81
CA VAL J 26 -27.73 -27.46 33.55
C VAL J 26 -26.47 -27.77 34.34
N GLU J 27 -25.32 -27.63 33.69
CA GLU J 27 -24.02 -27.80 34.31
C GLU J 27 -23.18 -26.57 34.08
N LEU J 28 -22.22 -26.34 34.96
CA LEU J 28 -21.26 -25.25 34.81
C LEU J 28 -19.99 -25.84 34.21
N ALA J 29 -19.66 -25.40 33.00
CA ALA J 29 -18.50 -25.95 32.32
C ALA J 29 -17.22 -25.21 32.73
N ASN J 30 -17.26 -23.88 32.71
CA ASN J 30 -16.12 -23.08 33.13
C ASN J 30 -16.58 -21.64 33.26
N PHE J 31 -15.64 -20.78 33.66
CA PHE J 31 -15.85 -19.34 33.65
C PHE J 31 -14.48 -18.69 33.72
N ARG J 32 -14.44 -17.40 33.39
CA ARG J 32 -13.16 -16.70 33.37
C ARG J 32 -13.39 -15.21 33.31
N ASP J 33 -12.36 -14.45 33.68
CA ASP J 33 -12.39 -13.02 33.42
C ASP J 33 -12.29 -12.76 31.93
N LEU J 34 -12.85 -11.63 31.50
CA LEU J 34 -12.97 -11.32 30.08
C LEU J 34 -11.92 -10.32 29.60
N HIS J 35 -11.61 -9.31 30.39
CA HIS J 35 -10.60 -8.32 30.04
C HIS J 35 -9.34 -8.57 30.85
N GLN J 36 -8.23 -8.03 30.35
CA GLN J 36 -6.94 -8.27 30.99
C GLN J 36 -6.80 -7.50 32.29
N GLN J 37 -7.35 -6.29 32.37
CA GLN J 37 -7.19 -5.43 33.53
C GLN J 37 -8.56 -5.01 34.05
N VAL J 38 -8.55 -4.31 35.18
CA VAL J 38 -9.77 -3.93 35.89
C VAL J 38 -10.46 -2.77 35.18
N ARG J 39 -11.69 -2.49 35.59
CA ARG J 39 -12.40 -1.30 35.13
C ARG J 39 -12.27 -0.18 36.16
N THR J 40 -12.68 -0.44 37.39
CA THR J 40 -12.48 0.49 38.50
C THR J 40 -12.18 -0.31 39.76
N ILE J 41 -11.76 0.41 40.79
CA ILE J 41 -11.64 -0.11 42.14
C ILE J 41 -12.55 0.73 43.01
N HIS J 42 -13.47 0.08 43.71
CA HIS J 42 -14.39 0.77 44.60
C HIS J 42 -13.86 0.70 46.02
N TYR J 43 -13.68 1.86 46.65
CA TYR J 43 -13.29 1.95 48.04
C TYR J 43 -14.51 2.28 48.87
N GLU J 44 -14.64 1.62 50.02
CA GLU J 44 -15.78 1.87 50.90
C GLU J 44 -15.36 1.64 52.34
N ASP J 45 -15.81 2.50 53.24
CA ASP J 45 -15.46 2.37 54.64
C ASP J 45 -16.41 1.40 55.32
N ILE J 46 -15.85 0.44 56.07
CA ILE J 46 -16.66 -0.53 56.78
C ILE J 46 -17.54 0.18 57.79
N GLU J 47 -18.77 -0.29 57.96
CA GLU J 47 -19.67 0.30 58.93
C GLU J 47 -19.19 0.00 60.34
N ASP J 48 -18.85 1.05 61.09
CA ASP J 48 -18.47 0.93 62.49
C ASP J 48 -17.27 0.00 62.68
N SER J 49 -16.13 0.40 62.11
CA SER J 49 -14.89 -0.33 62.28
C SER J 49 -13.86 0.59 62.94
N ASP J 50 -12.70 0.00 63.25
CA ASP J 50 -11.59 0.76 63.81
C ASP J 50 -10.31 -0.05 63.63
N ASN J 51 -9.27 0.60 63.11
CA ASN J 51 -7.98 -0.03 62.90
C ASN J 51 -7.01 0.23 64.04
N GLY J 52 -7.50 0.75 65.16
CA GLY J 52 -6.69 0.97 66.35
C GLY J 52 -6.27 2.41 66.56
N GLU J 53 -6.61 3.32 65.64
CA GLU J 53 -6.20 4.71 65.75
C GLU J 53 -7.35 5.64 65.37
N GLY J 54 -8.57 5.22 65.65
CA GLY J 54 -9.73 6.03 65.34
C GLY J 54 -9.93 6.26 63.86
N PHE J 55 -9.68 5.24 63.04
CA PHE J 55 -9.89 5.31 61.60
C PHE J 55 -10.76 4.14 61.18
N PRO J 56 -11.89 4.37 60.51
CA PRO J 56 -12.66 3.24 59.97
C PRO J 56 -11.88 2.54 58.87
N GLU J 57 -11.90 1.22 58.90
CA GLU J 57 -11.15 0.45 57.92
C GLU J 57 -11.76 0.60 56.53
N VAL J 58 -10.90 0.46 55.53
CA VAL J 58 -11.26 0.68 54.13
C VAL J 58 -11.22 -0.66 53.39
N GLN J 59 -12.27 -0.95 52.64
CA GLN J 59 -12.40 -2.17 51.87
C GLN J 59 -12.49 -1.83 50.40
N ALA J 60 -11.63 -2.44 49.59
CA ALA J 60 -11.54 -2.18 48.17
C ALA J 60 -12.03 -3.40 47.39
N THR J 61 -12.74 -3.14 46.29
CA THR J 61 -13.28 -4.20 45.45
C THR J 61 -12.98 -3.89 44.00
N PRO J 62 -12.34 -4.79 43.26
CA PRO J 62 -12.15 -4.59 41.83
C PRO J 62 -13.44 -4.82 41.06
N GLU J 63 -13.52 -4.25 39.86
CA GLU J 63 -14.69 -4.46 39.00
C GLU J 63 -14.23 -4.85 37.60
N VAL J 64 -14.42 -6.12 37.23
CA VAL J 64 -14.12 -6.63 35.90
C VAL J 64 -15.29 -7.48 35.42
N GLU J 65 -15.42 -7.59 34.11
CA GLU J 65 -16.44 -8.45 33.51
C GLU J 65 -15.98 -9.90 33.51
N GLN J 66 -16.95 -10.81 33.53
CA GLN J 66 -16.66 -12.23 33.55
C GLN J 66 -17.62 -12.96 32.63
N GLU J 67 -17.19 -14.15 32.19
CA GLU J 67 -17.98 -15.00 31.30
C GLU J 67 -18.14 -16.36 31.97
N TRP J 68 -19.38 -16.81 32.10
CA TRP J 68 -19.72 -18.14 32.60
C TRP J 68 -20.29 -18.95 31.45
N VAL J 69 -19.86 -20.21 31.31
CA VAL J 69 -20.28 -21.04 30.20
C VAL J 69 -20.94 -22.29 30.76
N PHE J 70 -22.23 -22.43 30.50
CA PHE J 70 -23.02 -23.56 30.99
C PHE J 70 -23.24 -24.57 29.87
N LEU J 71 -23.83 -25.70 30.24
CA LEU J 71 -24.05 -26.81 29.32
C LEU J 71 -25.46 -27.33 29.55
N VAL J 72 -26.35 -27.08 28.60
CA VAL J 72 -27.77 -27.35 28.77
C VAL J 72 -28.12 -28.61 28.00
N GLN J 73 -28.89 -29.51 28.62
CA GLN J 73 -29.36 -30.73 27.99
C GLN J 73 -30.83 -30.92 28.27
N VAL J 74 -31.58 -31.34 27.25
CA VAL J 74 -33.00 -31.64 27.36
C VAL J 74 -33.22 -33.07 26.91
N TYR J 75 -33.87 -33.85 27.78
CA TYR J 75 -34.09 -35.27 27.57
C TYR J 75 -35.56 -35.53 27.34
N GLY J 76 -35.88 -36.22 26.26
CA GLY J 76 -37.25 -36.61 26.01
C GLY J 76 -37.78 -36.17 24.67
N PRO J 77 -39.08 -36.37 24.47
CA PRO J 77 -39.66 -36.22 23.12
C PRO J 77 -39.98 -34.79 22.70
N GLY J 78 -39.45 -33.79 23.40
CA GLY J 78 -39.70 -32.42 22.98
C GLY J 78 -38.49 -31.51 23.07
N GLY J 79 -37.29 -32.07 23.01
CA GLY J 79 -36.10 -31.29 23.30
C GLY J 79 -35.86 -30.17 22.32
N LEU J 80 -35.99 -30.47 21.02
CA LEU J 80 -35.63 -29.49 20.01
C LEU J 80 -36.51 -28.24 20.08
N ASP J 81 -37.82 -28.42 20.27
CA ASP J 81 -38.72 -27.26 20.34
C ASP J 81 -38.50 -26.48 21.62
N TYR J 82 -38.28 -27.16 22.74
CA TYR J 82 -38.04 -26.47 24.00
C TYR J 82 -36.77 -25.64 23.95
N LEU J 83 -35.74 -26.13 23.28
CA LEU J 83 -34.53 -25.32 23.12
C LEU J 83 -34.65 -24.28 22.03
N ARG J 84 -35.50 -24.50 21.02
CA ARG J 84 -35.74 -23.47 20.02
C ARG J 84 -36.46 -22.27 20.63
N LYS J 85 -37.41 -22.53 21.53
CA LYS J 85 -38.05 -21.42 22.24
C LYS J 85 -37.04 -20.65 23.07
N VAL J 86 -36.08 -21.34 23.68
CA VAL J 86 -35.06 -20.65 24.45
C VAL J 86 -34.17 -19.82 23.55
N ALA J 87 -33.80 -20.36 22.39
CA ALA J 87 -32.96 -19.62 21.46
C ALA J 87 -33.66 -18.36 20.97
N ALA J 88 -34.96 -18.46 20.70
CA ALA J 88 -35.71 -17.32 20.18
C ALA J 88 -36.23 -16.41 21.28
N ALA J 89 -36.16 -16.82 22.54
CA ALA J 89 -36.53 -15.97 23.67
C ALA J 89 -35.38 -15.10 24.13
N PHE J 90 -34.19 -15.31 23.58
CA PHE J 90 -33.03 -14.49 23.91
C PHE J 90 -33.04 -13.16 23.20
N HIS J 91 -33.87 -12.98 22.18
CA HIS J 91 -33.92 -11.74 21.42
C HIS J 91 -34.94 -10.74 21.96
N VAL J 92 -36.07 -11.21 22.46
CA VAL J 92 -37.13 -10.32 22.90
C VAL J 92 -36.79 -9.75 24.27
N ASN J 93 -37.04 -8.46 24.46
CA ASN J 93 -36.72 -7.80 25.71
C ASN J 93 -37.85 -7.96 26.71
N GLN J 94 -37.53 -7.67 27.98
CA GLN J 94 -38.42 -7.79 29.12
C GLN J 94 -38.67 -9.26 29.45
N VAL J 95 -38.18 -10.16 28.59
CA VAL J 95 -38.28 -11.59 28.83
C VAL J 95 -36.96 -12.18 29.28
N ASN J 96 -35.85 -11.77 28.65
CA ASN J 96 -34.52 -12.25 29.01
C ASN J 96 -33.86 -11.38 30.07
N ASP J 97 -34.56 -11.18 31.19
CA ASP J 97 -34.09 -10.31 32.26
C ASP J 97 -33.53 -11.15 33.40
N LEU J 98 -32.36 -10.76 33.90
CA LEU J 98 -31.72 -11.45 35.01
C LEU J 98 -31.44 -10.45 36.11
N PRO J 99 -31.40 -10.90 37.37
CA PRO J 99 -31.50 -9.95 38.50
C PRO J 99 -30.37 -8.95 38.64
N GLY J 100 -29.13 -9.40 38.79
CA GLY J 100 -28.09 -8.45 39.14
C GLY J 100 -26.89 -8.44 38.22
N SER J 101 -26.74 -7.37 37.44
CA SER J 101 -25.59 -7.16 36.57
C SER J 101 -25.27 -8.38 35.72
N LEU J 102 -26.30 -9.16 35.38
CA LEU J 102 -26.15 -10.36 34.56
C LEU J 102 -26.83 -10.15 33.22
N VAL J 103 -26.24 -10.75 32.18
CA VAL J 103 -26.76 -10.62 30.82
C VAL J 103 -26.52 -11.93 30.08
N ILE J 104 -27.55 -12.44 29.42
CA ILE J 104 -27.38 -13.58 28.54
C ILE J 104 -26.69 -13.09 27.27
N HIS J 105 -25.56 -13.70 26.92
CA HIS J 105 -24.83 -13.17 25.77
C HIS J 105 -25.20 -13.88 24.48
N GLU J 106 -25.01 -15.20 24.42
CA GLU J 106 -25.30 -15.96 23.21
C GLU J 106 -25.78 -17.35 23.58
N VAL J 107 -26.66 -17.90 22.75
CA VAL J 107 -27.00 -19.32 22.78
C VAL J 107 -26.36 -19.96 21.56
N ALA J 108 -25.70 -21.10 21.76
CA ALA J 108 -24.85 -21.67 20.74
C ALA J 108 -25.61 -22.67 19.89
N GLN J 109 -24.88 -23.39 19.04
CA GLN J 109 -25.48 -24.37 18.15
C GLN J 109 -26.15 -25.47 18.96
N ILE J 110 -27.26 -25.98 18.44
CA ILE J 110 -28.05 -27.01 19.12
C ILE J 110 -27.87 -28.32 18.37
N ASN J 111 -27.35 -29.33 19.05
CA ASN J 111 -27.13 -30.64 18.45
C ASN J 111 -28.16 -31.63 18.95
N SER J 112 -28.32 -32.71 18.19
CA SER J 112 -29.20 -33.81 18.58
C SER J 112 -28.38 -35.08 18.67
N ILE J 113 -28.47 -35.77 19.80
CA ILE J 113 -27.63 -36.94 20.06
C ILE J 113 -28.50 -38.08 20.61
N PRO J 114 -29.35 -38.72 19.82
CA PRO J 114 -30.17 -39.80 20.35
C PRO J 114 -29.30 -40.95 20.85
N GLU J 115 -29.68 -41.52 21.98
CA GLU J 115 -28.89 -42.54 22.63
C GLU J 115 -29.76 -43.73 23.01
N PHE J 116 -29.20 -44.93 22.81
CA PHE J 116 -29.89 -46.18 23.06
C PHE J 116 -29.76 -46.50 24.55
N LEU J 117 -30.71 -46.02 25.34
CA LEU J 117 -30.69 -46.21 26.79
C LEU J 117 -31.92 -46.99 27.20
N GLY J 118 -31.72 -48.08 27.92
CA GLY J 118 -32.84 -48.85 28.43
C GLY J 118 -33.73 -49.44 27.36
N GLU J 119 -33.14 -49.98 26.29
CA GLU J 119 -33.88 -50.73 25.28
C GLU J 119 -34.75 -49.81 24.43
N ARG J 120 -34.32 -48.56 24.27
CA ARG J 120 -35.12 -47.55 23.59
C ARG J 120 -34.29 -46.33 23.22
N TRP J 121 -34.37 -45.88 21.97
CA TRP J 121 -33.65 -44.69 21.56
C TRP J 121 -34.23 -43.48 22.28
N GLU J 122 -33.48 -42.93 23.23
CA GLU J 122 -33.92 -41.79 24.01
C GLU J 122 -33.48 -40.51 23.30
N LYS J 123 -34.45 -39.74 22.81
CA LYS J 123 -34.14 -38.47 22.15
C LYS J 123 -33.49 -37.51 23.14
N ARG J 124 -32.50 -36.77 22.66
CA ARG J 124 -31.76 -35.83 23.51
C ARG J 124 -31.34 -34.63 22.69
N ALA J 125 -31.15 -33.50 23.37
CA ALA J 125 -30.58 -32.32 22.74
C ALA J 125 -29.69 -31.60 23.73
N GLN J 126 -28.71 -30.86 23.23
CA GLN J 126 -27.80 -30.15 24.12
C GLN J 126 -27.25 -28.92 23.40
N THR J 127 -27.03 -27.86 24.17
CA THR J 127 -26.47 -26.60 23.69
C THR J 127 -25.59 -25.99 24.77
N ASN J 128 -25.03 -24.83 24.47
CA ASN J 128 -24.25 -24.04 25.41
C ASN J 128 -24.90 -22.69 25.57
N ILE J 129 -25.10 -22.26 26.81
CA ILE J 129 -25.62 -20.92 27.11
C ILE J 129 -24.59 -20.19 27.95
N THR J 130 -24.20 -19.00 27.50
CA THR J 130 -23.17 -18.21 28.16
C THR J 130 -23.77 -16.92 28.71
N LEU J 131 -23.46 -16.62 29.97
CA LEU J 131 -23.86 -15.39 30.59
C LEU J 131 -22.70 -14.41 30.58
N ARG J 132 -22.90 -13.27 31.24
CA ARG J 132 -21.90 -12.20 31.22
C ARG J 132 -22.23 -11.28 32.38
N GLY J 133 -21.31 -11.12 33.33
CA GLY J 133 -21.60 -10.33 34.51
C GLY J 133 -20.33 -9.83 35.18
N MET J 134 -20.46 -8.70 35.86
CA MET J 134 -19.33 -8.05 36.51
C MET J 134 -18.87 -8.90 37.69
N SER J 135 -17.82 -8.44 38.35
CA SER J 135 -17.18 -9.15 39.44
C SER J 135 -17.33 -8.35 40.72
N THR J 136 -17.61 -9.05 41.82
CA THR J 136 -17.69 -8.43 43.14
C THR J 136 -16.77 -9.18 44.09
N ASP J 137 -16.13 -8.42 44.98
CA ASP J 137 -15.31 -8.98 46.05
C ASP J 137 -15.06 -7.88 47.07
N GLY J 138 -14.12 -8.12 47.97
CA GLY J 138 -13.70 -7.06 48.87
C GLY J 138 -12.55 -7.47 49.75
N PHE J 139 -11.51 -6.63 49.80
CA PHE J 139 -10.35 -6.90 50.64
C PHE J 139 -10.00 -5.64 51.40
N LYS J 140 -9.53 -5.81 52.63
CA LYS J 140 -9.21 -4.66 53.47
C LYS J 140 -7.83 -4.12 53.11
N VAL J 141 -7.75 -2.81 52.89
CA VAL J 141 -6.54 -2.17 52.39
C VAL J 141 -6.34 -0.85 53.13
N ASP J 142 -5.16 -0.27 52.97
CA ASP J 142 -4.76 0.92 53.71
C ASP J 142 -4.61 2.12 52.78
N VAL J 143 -4.78 3.31 53.37
CA VAL J 143 -4.99 4.54 52.61
C VAL J 143 -4.09 5.66 53.17
N ILE J 144 -3.69 6.57 52.28
CA ILE J 144 -2.97 7.79 52.64
C ILE J 144 -3.98 8.90 52.88
N GLU J 145 -3.76 9.69 53.94
CA GLU J 145 -4.61 10.86 54.17
C GLU J 145 -3.83 12.09 54.61
N GLN J 146 -2.52 12.15 54.35
CA GLN J 146 -1.72 13.34 54.61
C GLN J 146 -0.48 13.27 53.73
N HIS J 147 0.26 14.39 53.69
CA HIS J 147 1.46 14.45 52.87
C HIS J 147 2.56 15.20 53.62
N VAL J 148 3.74 15.24 53.00
CA VAL J 148 4.85 16.05 53.47
C VAL J 148 5.81 16.24 52.29
N ILE J 149 6.27 17.47 52.07
CA ILE J 149 7.17 17.78 50.97
C ILE J 149 8.25 18.74 51.47
N ASN J 150 9.48 18.50 51.06
CA ASN J 150 10.61 19.35 51.39
C ASN J 150 11.27 19.87 50.12
N VAL J 151 11.45 21.17 50.03
CA VAL J 151 12.01 21.82 48.84
C VAL J 151 13.23 22.63 49.27
N THR J 152 14.35 22.42 48.58
CA THR J 152 15.57 23.18 48.84
C THR J 152 16.19 23.60 47.52
N GLY J 153 16.78 24.80 47.51
CA GLY J 153 17.58 25.27 46.40
C GLY J 153 19.05 25.10 46.74
N GLU J 154 19.73 24.25 45.97
CA GLU J 154 21.04 23.75 46.37
C GLU J 154 22.02 24.88 46.64
N ARG J 155 22.06 25.86 45.74
CA ARG J 155 23.11 26.88 45.76
C ARG J 155 22.47 28.23 45.50
N ALA J 156 22.31 29.04 46.54
CA ALA J 156 21.71 30.36 46.41
C ALA J 156 22.78 31.44 46.34
N MET K 1 25.09 -52.66 -1.49
CA MET K 1 26.36 -52.19 -0.97
C MET K 1 26.76 -50.89 -1.65
N ARG K 2 26.68 -49.79 -0.91
CA ARG K 2 26.93 -48.49 -1.51
C ARG K 2 28.42 -48.26 -1.70
N ARG K 3 28.74 -47.44 -2.69
CA ARG K 3 30.13 -47.08 -2.94
C ARG K 3 30.62 -46.04 -1.94
N ILE K 4 29.73 -45.19 -1.45
CA ILE K 4 30.14 -44.12 -0.54
C ILE K 4 30.49 -44.69 0.83
N THR K 5 29.51 -45.30 1.49
CA THR K 5 29.77 -46.02 2.72
C THR K 5 30.35 -47.39 2.41
N GLY K 6 31.03 -47.98 3.39
CA GLY K 6 31.73 -49.22 3.14
C GLY K 6 30.96 -50.46 3.56
N ILE K 7 29.64 -50.36 3.66
CA ILE K 7 28.83 -51.40 4.27
C ILE K 7 27.97 -52.07 3.22
N THR K 8 27.18 -53.07 3.65
CA THR K 8 26.27 -53.78 2.76
C THR K 8 24.88 -53.19 2.88
N VAL K 9 24.24 -52.96 1.73
CA VAL K 9 22.89 -52.42 1.66
C VAL K 9 22.01 -53.43 0.92
N ILE K 10 20.77 -53.58 1.36
CA ILE K 10 19.86 -54.57 0.82
C ILE K 10 18.51 -53.93 0.54
N LYS K 11 17.67 -54.65 -0.20
CA LYS K 11 16.34 -54.16 -0.57
C LYS K 11 15.37 -54.29 0.60
N ASP K 12 14.23 -53.61 0.48
CA ASP K 12 13.37 -53.34 1.62
C ASP K 12 12.67 -54.56 2.18
N HIS K 13 11.83 -55.23 1.39
CA HIS K 13 11.01 -56.33 1.89
C HIS K 13 11.43 -57.62 1.20
N GLN K 14 12.45 -58.26 1.73
CA GLN K 14 12.88 -59.57 1.27
C GLN K 14 12.60 -60.57 2.38
N SER K 15 13.03 -61.80 2.18
CA SER K 15 12.79 -62.88 3.14
C SER K 15 14.08 -63.63 3.42
N GLU K 16 15.15 -62.88 3.68
CA GLU K 16 16.45 -63.46 3.96
C GLU K 16 16.91 -63.11 5.37
N ASP K 17 17.94 -63.81 5.82
CA ASP K 17 18.51 -63.55 7.13
C ASP K 17 19.15 -62.16 7.16
N ARG K 18 19.18 -61.57 8.34
CA ARG K 18 19.82 -60.27 8.52
C ARG K 18 21.31 -60.40 8.22
N PRO K 19 21.86 -59.58 7.34
CA PRO K 19 23.19 -59.85 6.79
C PRO K 19 24.33 -59.79 7.81
N ALA K 20 24.45 -58.68 8.52
CA ALA K 20 25.52 -58.50 9.48
C ALA K 20 25.02 -57.57 10.57
N LEU K 21 25.91 -57.17 11.46
CA LEU K 21 25.45 -56.31 12.54
C LEU K 21 25.33 -54.86 12.06
N PRO K 22 26.35 -54.29 11.36
CA PRO K 22 26.10 -53.03 10.65
C PRO K 22 25.67 -53.24 9.22
N TYR K 23 24.56 -52.66 8.80
CA TYR K 23 24.11 -52.75 7.42
C TYR K 23 22.97 -51.75 7.20
N GLY K 24 22.51 -51.67 5.96
CA GLY K 24 21.49 -50.69 5.61
C GLY K 24 20.35 -51.34 4.86
N VAL K 25 19.30 -50.55 4.66
CA VAL K 25 18.07 -50.99 3.99
C VAL K 25 17.43 -49.77 3.34
N VAL K 26 17.03 -49.90 2.08
CA VAL K 26 16.37 -48.81 1.35
C VAL K 26 14.99 -49.28 0.92
N GLU K 27 13.98 -48.43 1.12
CA GLU K 27 12.62 -48.69 0.70
C GLU K 27 12.13 -47.54 -0.16
N LEU K 28 11.16 -47.83 -1.01
CA LEU K 28 10.52 -46.81 -1.83
C LEU K 28 9.23 -46.42 -1.14
N ALA K 29 9.14 -45.16 -0.72
CA ALA K 29 7.96 -44.72 0.02
C ALA K 29 6.87 -44.25 -0.94
N ASN K 30 7.23 -43.43 -1.91
CA ASN K 30 6.28 -42.97 -2.91
C ASN K 30 7.05 -42.27 -4.03
N PHE K 31 6.31 -41.80 -5.02
CA PHE K 31 6.86 -40.96 -6.06
C PHE K 31 5.69 -40.27 -6.75
N ARG K 32 6.00 -39.21 -7.50
CA ARG K 32 4.94 -38.45 -8.14
C ARG K 32 5.53 -37.53 -9.19
N ASP K 33 4.68 -37.09 -10.12
CA ASP K 33 5.09 -36.01 -11.00
C ASP K 33 5.22 -34.71 -10.22
N LEU K 34 6.07 -33.83 -10.72
CA LEU K 34 6.41 -32.61 -10.01
C LEU K 34 5.71 -31.37 -10.55
N HIS K 35 5.57 -31.25 -11.86
CA HIS K 35 4.87 -30.13 -12.48
C HIS K 35 3.50 -30.58 -12.95
N GLN K 36 2.63 -29.61 -13.16
CA GLN K 36 1.26 -29.93 -13.55
C GLN K 36 1.16 -30.38 -14.99
N GLN K 37 1.98 -29.82 -15.88
CA GLN K 37 1.90 -30.12 -17.30
C GLN K 37 3.27 -30.56 -17.81
N VAL K 38 3.30 -30.97 -19.07
CA VAL K 38 4.48 -31.55 -19.69
C VAL K 38 5.50 -30.47 -20.01
N ARG K 39 6.72 -30.90 -20.35
CA ARG K 39 7.75 -29.99 -20.85
C ARG K 39 7.77 -30.02 -22.37
N THR K 40 7.98 -31.20 -22.96
CA THR K 40 7.88 -31.41 -24.40
C THR K 40 7.25 -32.77 -24.66
N ILE K 41 6.91 -32.97 -25.92
CA ILE K 41 6.52 -34.28 -26.44
C ILE K 41 7.51 -34.63 -27.54
N HIS K 42 8.16 -35.78 -27.41
CA HIS K 42 9.12 -36.23 -28.41
C HIS K 42 8.43 -37.21 -29.36
N TYR K 43 8.45 -36.89 -30.65
CA TYR K 43 7.95 -37.79 -31.68
C TYR K 43 9.12 -38.50 -32.33
N GLU K 44 8.96 -39.79 -32.59
CA GLU K 44 10.02 -40.56 -33.22
C GLU K 44 9.39 -41.68 -34.05
N ASP K 45 9.94 -41.92 -35.23
CA ASP K 45 9.42 -42.97 -36.10
C ASP K 45 10.02 -44.31 -35.72
N ILE K 46 9.16 -45.32 -35.56
CA ILE K 46 9.63 -46.65 -35.21
C ILE K 46 10.54 -47.17 -36.32
N GLU K 47 11.59 -47.89 -35.93
CA GLU K 47 12.50 -48.45 -36.92
C GLU K 47 11.79 -49.58 -37.67
N ASP K 48 11.63 -49.41 -38.98
CA ASP K 48 11.09 -50.43 -39.87
C ASP K 48 9.70 -50.85 -39.43
N SER K 49 8.76 -49.91 -39.48
CA SER K 49 7.37 -50.19 -39.19
C SER K 49 6.51 -49.86 -40.41
N ASP K 50 5.22 -50.18 -40.31
CA ASP K 50 4.28 -49.86 -41.36
C ASP K 50 2.86 -49.90 -40.79
N ASN K 51 2.08 -48.86 -41.05
CA ASN K 51 0.71 -48.79 -40.58
C ASN K 51 -0.29 -49.25 -41.63
N GLY K 52 0.18 -49.88 -42.70
CA GLY K 52 -0.68 -50.42 -43.74
C GLY K 52 -0.77 -49.58 -44.99
N GLU K 53 -0.12 -48.42 -45.03
CA GLU K 53 -0.18 -47.54 -46.18
C GLU K 53 1.19 -46.95 -46.49
N GLY K 54 2.24 -47.72 -46.23
CA GLY K 54 3.59 -47.25 -46.50
C GLY K 54 4.00 -46.05 -45.68
N PHE K 55 3.61 -46.03 -44.41
CA PHE K 55 3.99 -44.96 -43.49
C PHE K 55 4.59 -45.59 -42.24
N PRO K 56 5.81 -45.22 -41.85
CA PRO K 56 6.33 -45.70 -40.57
C PRO K 56 5.54 -45.13 -39.41
N GLU K 57 5.23 -45.98 -38.44
CA GLU K 57 4.43 -45.56 -37.31
C GLU K 57 5.20 -44.57 -36.44
N VAL K 58 4.46 -43.71 -35.77
CA VAL K 58 5.02 -42.62 -34.96
C VAL K 58 4.73 -42.89 -33.50
N GLN K 59 5.75 -42.77 -32.66
CA GLN K 59 5.66 -42.99 -31.23
C GLN K 59 6.01 -41.70 -30.51
N ALA K 60 5.12 -41.28 -29.62
CA ALA K 60 5.26 -40.03 -28.89
C ALA K 60 5.51 -40.33 -27.41
N THR K 61 6.37 -39.52 -26.80
CA THR K 61 6.74 -39.69 -25.40
C THR K 61 6.69 -38.34 -24.70
N PRO K 62 5.93 -38.20 -23.61
CA PRO K 62 5.96 -36.95 -22.85
C PRO K 62 7.24 -36.85 -22.02
N GLU K 63 7.59 -35.62 -21.65
CA GLU K 63 8.75 -35.40 -20.80
C GLU K 63 8.36 -34.48 -19.63
N VAL K 64 8.29 -35.05 -18.42
CA VAL K 64 8.03 -34.29 -17.20
C VAL K 64 8.99 -34.75 -16.12
N GLU K 65 9.23 -33.88 -15.16
CA GLU K 65 10.09 -34.21 -14.02
C GLU K 65 9.30 -35.00 -12.99
N GLN K 66 10.01 -35.81 -12.22
CA GLN K 66 9.38 -36.65 -11.21
C GLN K 66 10.22 -36.65 -9.94
N GLU K 67 9.58 -36.97 -8.83
CA GLU K 67 10.23 -37.02 -7.52
C GLU K 67 9.98 -38.40 -6.93
N TRP K 68 11.06 -39.07 -6.54
CA TRP K 68 11.00 -40.35 -5.85
C TRP K 68 11.48 -40.15 -4.42
N VAL K 69 10.78 -40.72 -3.45
CA VAL K 69 11.10 -40.52 -2.04
C VAL K 69 11.38 -41.87 -1.41
N PHE K 70 12.62 -42.09 -0.99
CA PHE K 70 13.06 -43.33 -0.38
C PHE K 70 13.15 -43.18 1.13
N LEU K 71 13.40 -44.30 1.80
CA LEU K 71 13.44 -44.37 3.25
C LEU K 71 14.65 -45.20 3.65
N VAL K 72 15.68 -44.56 4.18
CA VAL K 72 16.96 -45.20 4.44
C VAL K 72 17.08 -45.49 5.92
N GLN K 73 17.53 -46.69 6.25
CA GLN K 73 17.76 -47.10 7.63
C GLN K 73 19.11 -47.79 7.76
N VAL K 74 19.83 -47.47 8.82
CA VAL K 74 21.11 -48.08 9.12
C VAL K 74 21.04 -48.70 10.51
N TYR K 75 21.37 -49.98 10.60
CA TYR K 75 21.26 -50.76 11.81
C TYR K 75 22.66 -51.10 12.32
N GLY K 76 22.91 -50.82 13.58
CA GLY K 76 24.17 -51.20 14.18
C GLY K 76 24.94 -50.05 14.80
N PRO K 77 26.16 -50.34 15.22
CA PRO K 77 26.91 -49.40 16.07
C PRO K 77 27.61 -48.27 15.31
N GLY K 78 27.25 -48.03 14.05
CA GLY K 78 27.87 -46.93 13.34
C GLY K 78 26.92 -46.14 12.46
N GLY K 79 25.63 -46.16 12.79
CA GLY K 79 24.64 -45.59 11.89
C GLY K 79 24.79 -44.10 11.67
N LEU K 80 24.99 -43.36 12.76
CA LEU K 80 25.00 -41.91 12.66
C LEU K 80 26.13 -41.41 11.79
N ASP K 81 27.33 -41.97 11.94
CA ASP K 81 28.46 -41.51 11.13
C ASP K 81 28.31 -41.92 9.68
N TYR K 82 27.80 -43.14 9.43
CA TYR K 82 27.60 -43.58 8.05
C TYR K 82 26.58 -42.73 7.33
N LEU K 83 25.55 -42.28 8.02
CA LEU K 83 24.59 -41.37 7.39
C LEU K 83 25.09 -39.93 7.34
N ARG K 84 25.95 -39.53 8.27
CA ARG K 84 26.55 -38.20 8.19
C ARG K 84 27.46 -38.09 6.98
N LYS K 85 28.23 -39.14 6.67
CA LYS K 85 29.03 -39.13 5.46
C LYS K 85 28.15 -39.02 4.22
N VAL K 86 26.99 -39.69 4.23
CA VAL K 86 26.08 -39.58 3.10
C VAL K 86 25.53 -38.17 2.98
N ALA K 87 25.17 -37.55 4.10
CA ALA K 87 24.64 -36.19 4.06
C ALA K 87 25.68 -35.22 3.53
N ALA K 88 26.93 -35.38 3.93
CA ALA K 88 27.99 -34.48 3.49
C ALA K 88 28.60 -34.86 2.16
N ALA K 89 28.27 -36.03 1.63
CA ALA K 89 28.71 -36.43 0.30
C ALA K 89 27.78 -35.95 -0.79
N PHE K 90 26.64 -35.39 -0.41
CA PHE K 90 25.68 -34.86 -1.35
C PHE K 90 26.09 -33.48 -1.88
N HIS K 91 27.05 -32.83 -1.25
CA HIS K 91 27.48 -31.49 -1.66
C HIS K 91 28.65 -31.52 -2.65
N VAL K 92 29.56 -32.46 -2.51
CA VAL K 92 30.75 -32.48 -3.34
C VAL K 92 30.40 -33.07 -4.70
N ASN K 93 30.94 -32.47 -5.76
CA ASN K 93 30.66 -32.92 -7.11
C ASN K 93 31.59 -34.04 -7.52
N GLN K 94 31.22 -34.71 -8.61
CA GLN K 94 31.92 -35.86 -9.17
C GLN K 94 31.76 -37.08 -8.27
N VAL K 95 31.17 -36.89 -7.10
CA VAL K 95 30.90 -37.97 -6.17
C VAL K 95 29.43 -38.35 -6.18
N ASN K 96 28.54 -37.36 -6.20
CA ASN K 96 27.10 -37.61 -6.22
C ASN K 96 26.55 -37.69 -7.64
N ASP K 97 27.15 -38.56 -8.45
CA ASP K 97 26.79 -38.72 -9.85
C ASP K 97 25.92 -39.95 -10.04
N LEU K 98 24.83 -39.80 -10.78
CA LEU K 98 23.92 -40.89 -11.08
C LEU K 98 23.77 -41.02 -12.58
N PRO K 99 23.48 -42.24 -13.08
CA PRO K 99 23.68 -42.51 -14.51
C PRO K 99 22.83 -41.71 -15.48
N GLY K 100 21.50 -41.81 -15.39
CA GLY K 100 20.70 -41.22 -16.43
C GLY K 100 19.64 -40.24 -15.97
N SER K 101 19.85 -38.95 -16.27
CA SER K 101 18.88 -37.90 -15.98
C SER K 101 18.36 -37.95 -14.54
N LEU K 102 19.21 -38.43 -13.63
CA LEU K 102 18.86 -38.53 -12.22
C LEU K 102 19.72 -37.57 -11.41
N VAL K 103 19.13 -37.02 -10.34
CA VAL K 103 19.80 -36.05 -9.49
C VAL K 103 19.34 -36.26 -8.05
N ILE K 104 20.29 -36.34 -7.12
CA ILE K 104 19.93 -36.35 -5.71
C ILE K 104 19.53 -34.94 -5.31
N HIS K 105 18.34 -34.78 -4.76
CA HIS K 105 17.89 -33.42 -4.47
C HIS K 105 18.22 -32.99 -3.04
N GLU K 106 17.72 -33.73 -2.05
CA GLU K 106 17.95 -33.36 -0.66
C GLU K 106 18.04 -34.62 0.18
N VAL K 107 18.85 -34.57 1.24
CA VAL K 107 18.81 -35.55 2.31
C VAL K 107 18.18 -34.89 3.52
N ALA K 108 17.26 -35.58 4.16
CA ALA K 108 16.41 -34.97 5.16
C ALA K 108 17.00 -35.15 6.56
N GLN K 109 16.21 -34.78 7.57
CA GLN K 109 16.65 -34.88 8.95
C GLN K 109 16.94 -36.33 9.31
N ILE K 110 17.95 -36.54 10.16
CA ILE K 110 18.38 -37.87 10.56
C ILE K 110 17.98 -38.08 12.01
N ASN K 111 17.16 -39.09 12.25
CA ASN K 111 16.69 -39.40 13.60
C ASN K 111 17.39 -40.64 14.13
N SER K 112 17.37 -40.80 15.45
CA SER K 112 17.91 -41.98 16.11
C SER K 112 16.80 -42.63 16.90
N ILE K 113 16.59 -43.92 16.68
CA ILE K 113 15.48 -44.66 17.29
C ILE K 113 15.96 -45.99 17.87
N PRO K 114 16.72 -45.99 18.96
CA PRO K 114 17.20 -47.27 19.50
C PRO K 114 16.02 -48.13 19.93
N GLU K 115 16.13 -49.43 19.65
CA GLU K 115 15.04 -50.36 19.90
C GLU K 115 15.55 -51.59 20.63
N PHE K 116 14.75 -52.04 21.59
CA PHE K 116 15.08 -53.19 22.44
C PHE K 116 14.71 -54.46 21.68
N LEU K 117 15.65 -54.97 20.90
CA LEU K 117 15.42 -56.17 20.09
C LEU K 117 16.38 -57.26 20.54
N GLY K 118 15.84 -58.43 20.85
CA GLY K 118 16.68 -59.56 21.21
C GLY K 118 17.52 -59.34 22.45
N GLU K 119 16.93 -58.74 23.49
CA GLU K 119 17.57 -58.62 24.80
C GLU K 119 18.74 -57.63 24.78
N ARG K 120 18.63 -56.64 23.90
CA ARG K 120 19.73 -55.70 23.69
C ARG K 120 19.26 -54.47 22.93
N TRP K 121 19.60 -53.28 23.43
CA TRP K 121 19.23 -52.05 22.73
C TRP K 121 20.00 -51.96 21.42
N GLU K 122 19.30 -52.15 20.30
CA GLU K 122 19.92 -52.12 18.99
C GLU K 122 19.88 -50.70 18.45
N LYS K 123 21.06 -50.08 18.31
CA LYS K 123 21.14 -48.74 17.77
C LYS K 123 20.63 -48.72 16.33
N ARG K 124 19.92 -47.65 15.98
CA ARG K 124 19.34 -47.52 14.65
C ARG K 124 19.31 -46.06 14.25
N ALA K 125 19.32 -45.82 12.94
CA ALA K 125 19.14 -44.48 12.41
C ALA K 125 18.34 -44.56 11.12
N GLN K 126 17.62 -43.49 10.79
CA GLN K 126 16.82 -43.48 9.58
C GLN K 126 16.67 -42.05 9.08
N THR K 127 16.65 -41.91 7.75
CA THR K 127 16.45 -40.63 7.09
C THR K 127 15.63 -40.85 5.81
N ASN K 128 15.41 -39.75 5.08
CA ASN K 128 14.73 -39.79 3.79
C ASN K 128 15.67 -39.21 2.74
N ILE K 129 15.83 -39.91 1.63
CA ILE K 129 16.62 -39.44 0.50
C ILE K 129 15.72 -39.35 -0.72
N THR K 130 15.68 -38.19 -1.35
CA THR K 130 14.80 -37.94 -2.48
C THR K 130 15.63 -37.69 -3.73
N LEU K 131 15.26 -38.37 -4.82
CA LEU K 131 15.88 -38.16 -6.11
C LEU K 131 15.00 -37.27 -6.97
N ARG K 132 15.39 -37.09 -8.21
CA ARG K 132 14.70 -36.17 -9.11
C ARG K 132 15.11 -36.54 -10.52
N GLY K 133 14.15 -36.92 -11.37
CA GLY K 133 14.48 -37.38 -12.70
C GLY K 133 13.31 -37.25 -13.66
N MET K 134 13.64 -37.09 -14.93
CA MET K 134 12.64 -36.90 -15.97
C MET K 134 11.85 -38.19 -16.16
N SER K 135 10.88 -38.13 -17.06
CA SER K 135 9.97 -39.24 -17.32
C SER K 135 10.16 -39.74 -18.74
N THR K 136 10.15 -41.05 -18.92
CA THR K 136 10.22 -41.66 -20.23
C THR K 136 9.05 -42.62 -20.41
N ASP K 137 8.51 -42.66 -21.62
CA ASP K 137 7.48 -43.61 -22.01
C ASP K 137 7.39 -43.61 -23.52
N GLY K 138 6.33 -44.20 -24.05
CA GLY K 138 6.07 -44.11 -25.47
C GLY K 138 4.76 -44.74 -25.87
N PHE K 139 3.96 -44.01 -26.64
CA PHE K 139 2.69 -44.53 -27.13
C PHE K 139 2.57 -44.22 -28.62
N LYS K 140 1.94 -45.13 -29.35
CA LYS K 140 1.82 -44.96 -30.79
C LYS K 140 0.66 -44.02 -31.10
N VAL K 141 0.92 -43.02 -31.94
CA VAL K 141 -0.03 -41.96 -32.23
C VAL K 141 0.02 -41.64 -33.71
N ASP K 142 -0.97 -40.87 -34.17
CA ASP K 142 -1.14 -40.58 -35.59
C ASP K 142 -0.89 -39.10 -35.89
N VAL K 143 -0.52 -38.85 -37.14
CA VAL K 143 0.07 -37.56 -37.54
C VAL K 143 -0.58 -37.07 -38.84
N ILE K 144 -0.65 -35.74 -38.98
CA ILE K 144 -1.09 -35.08 -40.20
C ILE K 144 0.12 -34.81 -41.07
N GLU K 145 -0.01 -35.05 -42.38
CA GLU K 145 1.05 -34.70 -43.31
C GLU K 145 0.55 -34.07 -44.60
N GLN K 146 -0.66 -33.53 -44.62
CA GLN K 146 -1.18 -32.78 -45.76
C GLN K 146 -2.28 -31.87 -45.28
N HIS K 147 -2.73 -30.97 -46.15
CA HIS K 147 -3.78 -30.03 -45.80
C HIS K 147 -4.73 -29.86 -46.97
N VAL K 148 -5.79 -29.09 -46.72
CA VAL K 148 -6.72 -28.65 -47.76
C VAL K 148 -7.47 -27.43 -47.23
N ILE K 149 -7.59 -26.39 -48.04
CA ILE K 149 -8.27 -25.16 -47.65
C ILE K 149 -9.13 -24.68 -48.81
N ASN K 150 -10.33 -24.22 -48.50
CA ASN K 150 -11.25 -23.66 -49.49
C ASN K 150 -11.62 -22.23 -49.10
N VAL K 151 -11.46 -21.31 -50.04
CA VAL K 151 -11.72 -19.89 -49.80
C VAL K 151 -12.75 -19.41 -50.82
N THR K 152 -13.79 -18.76 -50.34
CA THR K 152 -14.81 -18.18 -51.21
C THR K 152 -15.17 -16.78 -50.72
N GLY K 153 -15.45 -15.89 -51.68
CA GLY K 153 -15.98 -14.59 -51.37
C GLY K 153 -17.47 -14.58 -51.64
N GLU K 154 -18.25 -14.37 -50.57
CA GLU K 154 -19.68 -14.66 -50.61
C GLU K 154 -20.38 -13.92 -51.73
N ARG K 155 -20.08 -12.63 -51.88
CA ARG K 155 -20.84 -11.76 -52.77
C ARG K 155 -19.88 -10.87 -53.53
N ALA K 156 -19.64 -11.19 -54.80
CA ALA K 156 -18.73 -10.42 -55.63
C ALA K 156 -19.49 -9.43 -56.50
N MET L 1 29.60 -37.10 33.91
CA MET L 1 29.68 -36.17 35.03
C MET L 1 30.05 -34.79 34.55
N ARG L 2 29.09 -33.87 34.58
CA ARG L 2 29.31 -32.55 34.02
C ARG L 2 30.14 -31.70 34.96
N ARG L 3 30.88 -30.75 34.37
CA ARG L 3 31.67 -29.83 35.17
C ARG L 3 30.81 -28.75 35.81
N ILE L 4 29.70 -28.38 35.17
CA ILE L 4 28.86 -27.30 35.68
C ILE L 4 28.10 -27.78 36.92
N THR L 5 27.26 -28.78 36.76
CA THR L 5 26.61 -29.41 37.88
C THR L 5 27.55 -30.40 38.56
N GLY L 6 27.29 -30.70 39.82
CA GLY L 6 28.21 -31.52 40.58
C GLY L 6 27.86 -33.00 40.61
N ILE L 7 27.07 -33.46 39.65
CA ILE L 7 26.47 -34.79 39.72
C ILE L 7 27.07 -35.69 38.65
N THR L 8 26.63 -36.94 38.62
CA THR L 8 27.09 -37.91 37.63
C THR L 8 26.12 -37.96 36.46
N VAL L 9 26.65 -37.93 35.24
CA VAL L 9 25.87 -38.01 34.02
C VAL L 9 26.32 -39.24 33.25
N ILE L 10 25.36 -39.92 32.60
CA ILE L 10 25.64 -41.17 31.90
C ILE L 10 24.98 -41.14 30.54
N LYS L 11 25.37 -42.09 29.68
CA LYS L 11 24.85 -42.17 28.32
C LYS L 11 23.45 -42.78 28.32
N ASP L 12 22.77 -42.63 27.18
CA ASP L 12 21.32 -42.82 27.12
C ASP L 12 20.87 -44.27 27.30
N HIS L 13 21.29 -45.16 26.41
CA HIS L 13 20.80 -46.54 26.41
C HIS L 13 21.95 -47.49 26.71
N GLN L 14 22.24 -47.67 27.98
CA GLN L 14 23.20 -48.64 28.44
C GLN L 14 22.47 -49.75 29.18
N SER L 15 23.22 -50.68 29.75
CA SER L 15 22.64 -51.81 30.46
C SER L 15 23.29 -51.97 31.83
N GLU L 16 23.40 -50.87 32.56
CA GLU L 16 24.02 -50.87 33.88
C GLU L 16 23.00 -50.45 34.93
N ASP L 17 23.37 -50.69 36.19
CA ASP L 17 22.53 -50.30 37.30
C ASP L 17 22.41 -48.79 37.39
N ARG L 18 21.29 -48.32 37.92
CA ARG L 18 21.09 -46.89 38.11
C ARG L 18 22.13 -46.36 39.10
N PRO L 19 22.87 -45.31 38.74
CA PRO L 19 24.07 -44.97 39.51
C PRO L 19 23.82 -44.51 40.94
N ALA L 20 22.97 -43.51 41.11
CA ALA L 20 22.69 -42.97 42.43
C ALA L 20 21.28 -42.41 42.40
N LEU L 21 20.89 -41.73 43.47
CA LEU L 21 19.53 -41.22 43.51
C LEU L 21 19.43 -39.93 42.70
N PRO L 22 20.34 -38.94 42.88
CA PRO L 22 20.41 -37.85 41.90
C PRO L 22 21.42 -38.12 40.79
N TYR L 23 21.01 -38.03 39.53
CA TYR L 23 21.93 -38.21 38.41
C TYR L 23 21.22 -37.76 37.14
N GLY L 24 21.96 -37.79 36.02
CA GLY L 24 21.45 -37.31 34.76
C GLY L 24 21.66 -38.33 33.66
N VAL L 25 21.06 -38.03 32.51
CA VAL L 25 21.10 -38.90 31.34
C VAL L 25 20.94 -38.02 30.10
N VAL L 26 21.80 -38.21 29.10
CA VAL L 26 21.71 -37.45 27.86
C VAL L 26 21.50 -38.43 26.70
N GLU L 27 20.58 -38.09 25.81
CA GLU L 27 20.30 -38.87 24.62
C GLU L 27 20.41 -37.97 23.39
N LEU L 28 20.69 -38.58 22.25
CA LEU L 28 20.72 -37.87 20.98
C LEU L 28 19.38 -38.11 20.30
N ALA L 29 18.62 -37.03 20.10
CA ALA L 29 17.31 -37.18 19.50
C ALA L 29 17.38 -37.14 17.98
N ASN L 30 18.10 -36.17 17.43
CA ASN L 30 18.30 -36.08 15.99
C ASN L 30 19.38 -35.05 15.71
N PHE L 31 19.67 -34.87 14.43
CA PHE L 31 20.54 -33.80 13.98
C PHE L 31 20.29 -33.62 12.49
N ARG L 32 20.74 -32.48 11.97
CA ARG L 32 20.50 -32.20 10.56
C ARG L 32 21.37 -31.03 10.11
N ASP L 33 21.55 -30.93 8.80
CA ASP L 33 22.16 -29.72 8.26
C ASP L 33 21.21 -28.54 8.42
N LEU L 34 21.78 -27.35 8.51
CA LEU L 34 21.02 -26.16 8.81
C LEU L 34 20.72 -25.29 7.59
N HIS L 35 21.68 -25.15 6.69
CA HIS L 35 21.49 -24.39 5.46
C HIS L 35 21.32 -25.33 4.28
N GLN L 36 20.74 -24.80 3.20
CA GLN L 36 20.45 -25.64 2.05
C GLN L 36 21.70 -25.99 1.26
N GLN L 37 22.67 -25.08 1.19
CA GLN L 37 23.87 -25.28 0.40
C GLN L 37 25.11 -25.07 1.26
N VAL L 38 26.27 -25.35 0.67
CA VAL L 38 27.55 -25.33 1.37
C VAL L 38 27.99 -23.91 1.64
N ARG L 39 29.02 -23.76 2.47
CA ARG L 39 29.67 -22.47 2.66
C ARG L 39 30.93 -22.38 1.81
N THR L 40 31.86 -23.32 1.98
CA THR L 40 33.03 -23.46 1.13
C THR L 40 33.32 -24.92 0.91
N ILE L 41 34.24 -25.18 -0.02
CA ILE L 41 34.84 -26.48 -0.22
C ILE L 41 36.33 -26.31 -0.02
N HIS L 42 36.91 -27.09 0.89
CA HIS L 42 38.33 -27.03 1.17
C HIS L 42 39.04 -28.12 0.39
N TYR L 43 40.00 -27.75 -0.44
CA TYR L 43 40.84 -28.70 -1.14
C TYR L 43 42.18 -28.80 -0.43
N GLU L 44 42.69 -30.03 -0.32
CA GLU L 44 43.97 -30.24 0.34
C GLU L 44 44.65 -31.45 -0.28
N ASP L 45 45.96 -31.35 -0.48
CA ASP L 45 46.70 -32.45 -1.06
C ASP L 45 47.10 -33.45 0.02
N ILE L 46 46.84 -34.73 -0.23
CA ILE L 46 47.20 -35.77 0.73
C ILE L 46 48.70 -35.78 0.93
N GLU L 47 49.13 -36.02 2.16
CA GLU L 47 50.57 -36.09 2.44
C GLU L 47 51.15 -37.34 1.81
N ASP L 48 52.07 -37.16 0.86
CA ASP L 48 52.82 -38.25 0.25
C ASP L 48 51.88 -39.26 -0.42
N SER L 49 51.17 -38.79 -1.44
CA SER L 49 50.31 -39.64 -2.23
C SER L 49 50.76 -39.63 -3.69
N ASP L 50 50.12 -40.45 -4.50
CA ASP L 50 50.39 -40.48 -5.92
C ASP L 50 49.22 -41.16 -6.64
N ASN L 51 48.72 -40.53 -7.70
CA ASN L 51 47.62 -41.07 -8.48
C ASN L 51 48.10 -41.83 -9.70
N GLY L 52 49.40 -42.13 -9.79
CA GLY L 52 49.95 -42.90 -10.88
C GLY L 52 50.68 -42.09 -11.93
N GLU L 53 50.68 -40.76 -11.81
CA GLU L 53 51.33 -39.92 -12.80
C GLU L 53 52.10 -38.79 -12.14
N GLY L 54 52.65 -39.07 -10.96
CA GLY L 54 53.42 -38.05 -10.24
C GLY L 54 52.60 -36.86 -9.81
N PHE L 55 51.37 -37.09 -9.37
CA PHE L 55 50.50 -36.02 -8.87
C PHE L 55 49.99 -36.43 -7.49
N PRO L 56 50.18 -35.62 -6.46
CA PRO L 56 49.55 -35.92 -5.18
C PRO L 56 48.04 -35.81 -5.27
N GLU L 57 47.36 -36.78 -4.67
CA GLU L 57 45.91 -36.82 -4.74
C GLU L 57 45.31 -35.65 -3.95
N VAL L 58 44.12 -35.23 -4.37
CA VAL L 58 43.44 -34.07 -3.81
C VAL L 58 42.19 -34.53 -3.10
N GLN L 59 42.00 -34.05 -1.87
CA GLN L 59 40.86 -34.40 -1.03
C GLN L 59 40.07 -33.13 -0.74
N ALA L 60 38.78 -33.18 -1.01
CA ALA L 60 37.89 -32.05 -0.87
C ALA L 60 36.91 -32.31 0.29
N THR L 61 36.62 -31.26 1.05
CA THR L 61 35.73 -31.35 2.19
C THR L 61 34.73 -30.20 2.16
N PRO L 62 33.43 -30.47 2.18
CA PRO L 62 32.45 -29.38 2.28
C PRO L 62 32.40 -28.82 3.69
N GLU L 63 31.91 -27.59 3.79
CA GLU L 63 31.75 -26.95 5.10
C GLU L 63 30.34 -26.36 5.21
N VAL L 64 29.50 -26.98 6.04
CA VAL L 64 28.15 -26.50 6.32
C VAL L 64 27.91 -26.60 7.82
N GLU L 65 26.99 -25.76 8.31
CA GLU L 65 26.60 -25.79 9.70
C GLU L 65 25.60 -26.90 9.96
N GLN L 66 25.58 -27.40 11.18
CA GLN L 66 24.70 -28.49 11.56
C GLN L 66 24.10 -28.23 12.94
N GLU L 67 22.96 -28.87 13.20
CA GLU L 67 22.26 -28.73 14.47
C GLU L 67 22.06 -30.11 15.05
N TRP L 68 22.50 -30.31 16.29
CA TRP L 68 22.29 -31.55 17.03
C TRP L 68 21.31 -31.26 18.17
N VAL L 69 20.34 -32.13 18.39
CA VAL L 69 19.31 -31.91 19.39
C VAL L 69 19.34 -33.07 20.38
N PHE L 70 19.70 -32.76 21.62
CA PHE L 70 19.80 -33.75 22.69
C PHE L 70 18.59 -33.69 23.59
N LEU L 71 18.51 -34.65 24.51
CA LEU L 71 17.37 -34.79 25.42
C LEU L 71 17.92 -35.06 26.80
N VAL L 72 17.82 -34.09 27.70
CA VAL L 72 18.46 -34.15 29.01
C VAL L 72 17.41 -34.46 30.05
N GLN L 73 17.73 -35.40 30.95
CA GLN L 73 16.85 -35.76 32.05
C GLN L 73 17.64 -35.83 33.35
N VAL L 74 17.05 -35.31 34.42
CA VAL L 74 17.64 -35.34 35.76
C VAL L 74 16.66 -36.03 36.69
N TYR L 75 17.15 -37.06 37.38
CA TYR L 75 16.34 -37.91 38.24
C TYR L 75 16.74 -37.66 39.69
N GLY L 76 15.76 -37.38 40.54
CA GLY L 76 16.03 -37.25 41.95
C GLY L 76 15.58 -35.94 42.54
N PRO L 77 15.94 -35.70 43.79
CA PRO L 77 15.36 -34.60 44.56
C PRO L 77 16.00 -33.24 44.31
N GLY L 78 16.75 -33.08 43.24
CA GLY L 78 17.33 -31.78 42.95
C GLY L 78 17.32 -31.40 41.48
N GLY L 79 16.40 -31.97 40.71
CA GLY L 79 16.46 -31.82 39.26
C GLY L 79 16.27 -30.38 38.80
N LEU L 80 15.27 -29.70 39.36
CA LEU L 80 14.92 -28.38 38.87
C LEU L 80 16.06 -27.38 39.06
N ASP L 81 16.70 -27.40 40.23
CA ASP L 81 17.80 -26.47 40.47
C ASP L 81 19.02 -26.80 39.63
N TYR L 82 19.33 -28.09 39.46
CA TYR L 82 20.46 -28.49 38.65
C TYR L 82 20.28 -28.09 37.19
N LEU L 83 19.06 -28.16 36.68
CA LEU L 83 18.82 -27.69 35.32
C LEU L 83 18.67 -26.18 35.23
N ARG L 84 18.25 -25.52 36.30
CA ARG L 84 18.23 -24.06 36.30
C ARG L 84 19.63 -23.48 36.24
N LYS L 85 20.57 -24.11 36.95
CA LYS L 85 21.96 -23.68 36.84
C LYS L 85 22.48 -23.86 35.43
N VAL L 86 22.09 -24.94 34.76
CA VAL L 86 22.51 -25.15 33.38
C VAL L 86 21.90 -24.09 32.47
N ALA L 87 20.63 -23.77 32.67
CA ALA L 87 19.99 -22.76 31.84
C ALA L 87 20.66 -21.40 32.01
N ALA L 88 21.02 -21.05 33.24
CA ALA L 88 21.64 -19.76 33.51
C ALA L 88 23.14 -19.75 33.30
N ALA L 89 23.76 -20.91 33.09
CA ALA L 89 25.17 -21.00 32.78
C ALA L 89 25.43 -20.89 31.29
N PHE L 90 24.38 -20.87 30.48
CA PHE L 90 24.50 -20.73 29.05
C PHE L 90 24.72 -19.28 28.64
N HIS L 91 24.51 -18.32 29.53
CA HIS L 91 24.66 -16.91 29.21
C HIS L 91 26.06 -16.38 29.51
N VAL L 92 26.69 -16.86 30.57
CA VAL L 92 27.98 -16.32 30.98
C VAL L 92 29.08 -16.90 30.10
N ASN L 93 30.02 -16.06 29.70
CA ASN L 93 31.10 -16.49 28.83
C ASN L 93 32.24 -17.08 29.64
N GLN L 94 33.14 -17.79 28.92
CA GLN L 94 34.29 -18.48 29.47
C GLN L 94 33.84 -19.71 30.26
N VAL L 95 32.53 -19.87 30.43
CA VAL L 95 31.96 -21.02 31.09
C VAL L 95 31.34 -21.99 30.10
N ASN L 96 30.61 -21.47 29.12
CA ASN L 96 29.96 -22.30 28.10
C ASN L 96 30.86 -22.50 26.89
N ASP L 97 32.07 -22.98 27.12
CA ASP L 97 33.07 -23.17 26.07
C ASP L 97 33.15 -24.64 25.69
N LEU L 98 33.15 -24.90 24.38
CA LEU L 98 33.25 -26.24 23.86
C LEU L 98 34.43 -26.34 22.91
N PRO L 99 35.05 -27.51 22.77
CA PRO L 99 36.39 -27.58 22.16
C PRO L 99 36.49 -27.15 20.71
N GLY L 100 35.77 -27.79 19.80
CA GLY L 100 36.03 -27.53 18.40
C GLY L 100 34.83 -27.12 17.58
N SER L 101 34.80 -25.85 17.17
CA SER L 101 33.75 -25.32 16.29
C SER L 101 32.34 -25.68 16.77
N LEU L 102 32.18 -25.82 18.08
CA LEU L 102 30.90 -26.16 18.67
C LEU L 102 30.38 -24.98 19.51
N VAL L 103 29.07 -24.81 19.52
CA VAL L 103 28.44 -23.71 20.23
C VAL L 103 27.10 -24.19 20.79
N ILE L 104 26.86 -23.94 22.07
CA ILE L 104 25.54 -24.19 22.63
C ILE L 104 24.59 -23.10 22.13
N HIS L 105 23.48 -23.50 21.51
CA HIS L 105 22.62 -22.47 20.92
C HIS L 105 21.51 -22.05 21.88
N GLU L 106 20.68 -22.99 22.31
CA GLU L 106 19.56 -22.66 23.19
C GLU L 106 19.30 -23.82 24.13
N VAL L 107 18.84 -23.51 25.33
CA VAL L 107 18.25 -24.49 26.23
C VAL L 107 16.75 -24.23 26.26
N ALA L 108 15.97 -25.30 26.16
CA ALA L 108 14.55 -25.17 25.92
C ALA L 108 13.78 -25.18 27.22
N GLN L 109 12.45 -25.25 27.12
CA GLN L 109 11.58 -25.25 28.29
C GLN L 109 11.88 -26.46 29.16
N ILE L 110 11.76 -26.29 30.47
CA ILE L 110 12.05 -27.34 31.44
C ILE L 110 10.74 -27.81 32.05
N ASN L 111 10.42 -29.08 31.88
CA ASN L 111 9.19 -29.66 32.41
C ASN L 111 9.49 -30.52 33.62
N SER L 112 8.46 -30.75 34.42
CA SER L 112 8.55 -31.65 35.58
C SER L 112 7.54 -32.77 35.41
N ILE L 113 7.99 -34.01 35.51
CA ILE L 113 7.16 -35.17 35.24
C ILE L 113 7.33 -36.21 36.35
N PRO L 114 6.84 -35.98 37.56
CA PRO L 114 7.01 -36.97 38.62
C PRO L 114 6.33 -38.28 38.26
N GLU L 115 6.99 -39.38 38.56
CA GLU L 115 6.52 -40.71 38.17
C GLU L 115 6.55 -41.66 39.35
N PHE L 116 5.50 -42.47 39.46
CA PHE L 116 5.33 -43.43 40.54
C PHE L 116 6.13 -44.68 40.21
N LEU L 117 7.39 -44.70 40.61
CA LEU L 117 8.28 -45.82 40.33
C LEU L 117 8.74 -46.44 41.64
N GLY L 118 8.55 -47.74 41.77
CA GLY L 118 9.02 -48.43 42.96
C GLY L 118 8.38 -47.98 44.24
N GLU L 119 7.07 -47.75 44.23
CA GLU L 119 6.31 -47.46 45.45
C GLU L 119 6.61 -46.08 46.01
N ARG L 120 6.98 -45.16 45.12
CA ARG L 120 7.43 -43.84 45.53
C ARG L 120 7.43 -42.86 44.36
N TRP L 121 6.86 -41.68 44.55
CA TRP L 121 6.86 -40.68 43.49
C TRP L 121 8.29 -40.19 43.27
N GLU L 122 8.89 -40.57 42.16
CA GLU L 122 10.26 -40.20 41.85
C GLU L 122 10.26 -38.89 41.07
N LYS L 123 10.79 -37.83 41.69
CA LYS L 123 10.86 -36.54 41.02
C LYS L 123 11.76 -36.62 39.80
N ARG L 124 11.36 -35.94 38.73
CA ARG L 124 12.10 -35.97 37.48
C ARG L 124 11.98 -34.63 36.78
N ALA L 125 12.97 -34.32 35.94
CA ALA L 125 12.91 -33.14 35.10
C ALA L 125 13.57 -33.45 33.77
N GLN L 126 13.15 -32.76 32.71
CA GLN L 126 13.72 -33.01 31.39
C GLN L 126 13.63 -31.74 30.55
N THR L 127 14.64 -31.54 29.71
CA THR L 127 14.70 -30.41 28.78
C THR L 127 15.38 -30.86 27.49
N ASN L 128 15.53 -29.92 26.57
CA ASN L 128 16.24 -30.14 25.32
C ASN L 128 17.38 -29.15 25.24
N ILE L 129 18.59 -29.64 24.92
CA ILE L 129 19.75 -28.79 24.70
C ILE L 129 20.25 -29.02 23.29
N THR L 130 20.39 -27.93 22.54
CA THR L 130 20.80 -28.00 21.14
C THR L 130 22.15 -27.34 20.95
N LEU L 131 23.03 -28.02 20.24
CA LEU L 131 24.34 -27.49 19.89
C LEU L 131 24.30 -26.99 18.46
N ARG L 132 25.47 -26.57 17.98
CA ARG L 132 25.57 -25.98 16.65
C ARG L 132 27.03 -26.04 16.24
N GLY L 133 27.33 -26.73 15.14
CA GLY L 133 28.72 -26.90 14.75
C GLY L 133 28.85 -27.22 13.27
N MET L 134 30.01 -26.84 12.72
CA MET L 134 30.27 -27.02 11.31
C MET L 134 30.41 -28.50 10.99
N SER L 135 30.63 -28.80 9.71
CA SER L 135 30.70 -30.17 9.22
C SER L 135 32.10 -30.44 8.68
N THR L 136 32.62 -31.62 8.96
CA THR L 136 33.90 -32.05 8.43
C THR L 136 33.74 -33.39 7.73
N ASP L 137 34.45 -33.57 6.63
CA ASP L 137 34.52 -34.84 5.92
C ASP L 137 35.71 -34.77 4.97
N GLY L 138 35.76 -35.71 4.04
CA GLY L 138 36.76 -35.64 2.99
C GLY L 138 36.60 -36.73 1.96
N PHE L 139 36.60 -36.35 0.69
CA PHE L 139 36.50 -37.31 -0.40
C PHE L 139 37.54 -36.98 -1.45
N LYS L 140 38.09 -38.01 -2.09
CA LYS L 140 39.13 -37.82 -3.07
C LYS L 140 38.52 -37.43 -4.41
N VAL L 141 39.04 -36.36 -5.00
CA VAL L 141 38.46 -35.77 -6.21
C VAL L 141 39.59 -35.36 -7.15
N ASP L 142 39.24 -35.04 -8.38
CA ASP L 142 40.21 -34.76 -9.43
C ASP L 142 40.14 -33.30 -9.87
N VAL L 143 41.27 -32.81 -10.40
CA VAL L 143 41.51 -31.38 -10.58
C VAL L 143 42.07 -31.12 -11.98
N ILE L 144 41.76 -29.93 -12.51
CA ILE L 144 42.32 -29.43 -13.76
C ILE L 144 43.57 -28.62 -13.44
N GLU L 145 44.63 -28.80 -14.23
CA GLU L 145 45.82 -27.97 -14.07
C GLU L 145 46.42 -27.53 -15.40
N GLN L 146 45.65 -27.54 -16.49
CA GLN L 146 46.09 -27.00 -17.77
C GLN L 146 44.86 -26.67 -18.60
N HIS L 147 45.08 -25.98 -19.72
CA HIS L 147 43.98 -25.59 -20.58
C HIS L 147 44.39 -25.75 -22.04
N VAL L 148 43.42 -25.51 -22.92
CA VAL L 148 43.65 -25.44 -24.36
C VAL L 148 42.48 -24.69 -24.99
N ILE L 149 42.77 -23.74 -25.87
CA ILE L 149 41.74 -22.93 -26.51
C ILE L 149 42.10 -22.77 -27.98
N ASN L 150 41.10 -22.88 -28.85
CA ASN L 150 41.27 -22.70 -30.29
C ASN L 150 40.34 -21.59 -30.77
N VAL L 151 40.90 -20.61 -31.48
CA VAL L 151 40.16 -19.45 -31.97
C VAL L 151 40.32 -19.38 -33.48
N THR L 152 39.20 -19.26 -34.19
CA THR L 152 39.22 -19.10 -35.63
C THR L 152 38.22 -18.02 -36.04
N GLY L 153 38.59 -17.26 -37.08
CA GLY L 153 37.68 -16.32 -37.70
C GLY L 153 37.14 -16.93 -38.97
N GLU L 154 35.82 -17.13 -39.00
CA GLU L 154 35.21 -18.00 -40.01
C GLU L 154 35.53 -17.53 -41.43
N ARG L 155 35.43 -16.23 -41.67
CA ARG L 155 35.50 -15.70 -43.03
C ARG L 155 36.34 -14.44 -43.01
N ALA L 156 37.58 -14.55 -43.48
CA ALA L 156 38.49 -13.41 -43.52
C ALA L 156 38.51 -12.78 -44.90
N MET M 1 -41.26 -41.19 1.95
CA MET M 1 -41.25 -41.43 0.51
C MET M 1 -41.21 -40.12 -0.24
N ARG M 2 -40.06 -39.81 -0.84
CA ARG M 2 -39.89 -38.51 -1.47
C ARG M 2 -40.60 -38.48 -2.82
N ARG M 3 -41.01 -37.27 -3.22
CA ARG M 3 -41.64 -37.10 -4.52
C ARG M 3 -40.61 -37.11 -5.64
N ILE M 4 -39.39 -36.67 -5.37
CA ILE M 4 -38.38 -36.59 -6.42
C ILE M 4 -37.90 -37.99 -6.81
N THR M 5 -37.31 -38.70 -5.86
CA THR M 5 -36.96 -40.09 -6.06
C THR M 5 -38.18 -40.97 -5.87
N GLY M 6 -38.14 -42.17 -6.45
CA GLY M 6 -39.32 -43.02 -6.44
C GLY M 6 -39.34 -44.04 -5.33
N ILE M 7 -38.58 -43.81 -4.26
CA ILE M 7 -38.34 -44.84 -3.25
C ILE M 7 -39.02 -44.46 -1.95
N THR M 8 -38.89 -45.31 -0.94
CA THR M 8 -39.47 -45.07 0.38
C THR M 8 -38.40 -44.48 1.29
N VAL M 9 -38.77 -43.42 2.01
CA VAL M 9 -37.90 -42.75 2.97
C VAL M 9 -38.54 -42.83 4.35
N ILE M 10 -37.72 -43.00 5.38
CA ILE M 10 -38.21 -43.19 6.73
C ILE M 10 -37.42 -42.32 7.69
N LYS M 11 -37.92 -42.18 8.91
CA LYS M 11 -37.29 -41.35 9.92
C LYS M 11 -36.09 -42.07 10.54
N ASP M 12 -35.27 -41.28 11.25
CA ASP M 12 -33.92 -41.71 11.60
C ASP M 12 -33.86 -42.85 12.60
N HIS M 13 -34.37 -42.65 13.81
CA HIS M 13 -34.23 -43.62 14.89
C HIS M 13 -35.61 -44.15 15.27
N GLN M 14 -36.07 -45.15 14.54
CA GLN M 14 -37.29 -45.86 14.85
C GLN M 14 -36.93 -47.28 15.27
N SER M 15 -37.93 -48.10 15.49
CA SER M 15 -37.73 -49.47 15.95
C SER M 15 -38.54 -50.43 15.09
N GLU M 16 -38.47 -50.26 13.78
CA GLU M 16 -39.20 -51.09 12.84
C GLU M 16 -38.25 -51.86 11.94
N ASP M 17 -38.80 -52.86 11.25
CA ASP M 17 -38.01 -53.65 10.31
C ASP M 17 -37.55 -52.79 9.15
N ARG M 18 -36.41 -53.18 8.58
CA ARG M 18 -35.90 -52.47 7.42
C ARG M 18 -36.88 -52.62 6.25
N PRO M 19 -37.30 -51.53 5.62
CA PRO M 19 -38.47 -51.59 4.73
C PRO M 19 -38.27 -52.44 3.47
N ALA M 20 -37.23 -52.15 2.71
CA ALA M 20 -36.97 -52.85 1.46
C ALA M 20 -35.47 -52.83 1.23
N LEU M 21 -35.06 -53.30 0.07
CA LEU M 21 -33.63 -53.34 -0.19
C LEU M 21 -33.12 -51.95 -0.61
N PRO M 22 -33.78 -51.25 -1.57
CA PRO M 22 -33.47 -49.82 -1.74
C PRO M 22 -34.39 -48.93 -0.92
N TYR M 23 -33.84 -48.03 -0.11
CA TYR M 23 -34.64 -47.08 0.65
C TYR M 23 -33.70 -46.04 1.25
N GLY M 24 -34.30 -45.04 1.92
CA GLY M 24 -33.55 -43.93 2.45
C GLY M 24 -33.88 -43.69 3.91
N VAL M 25 -33.10 -42.80 4.51
CA VAL M 25 -33.21 -42.45 5.93
C VAL M 25 -32.72 -41.03 6.11
N VAL M 26 -33.48 -40.19 6.81
CA VAL M 26 -33.08 -38.82 7.07
C VAL M 26 -32.98 -38.62 8.58
N GLU M 27 -31.91 -37.97 9.02
CA GLU M 27 -31.69 -37.63 10.42
C GLU M 27 -31.45 -36.14 10.54
N LEU M 28 -31.74 -35.60 11.72
CA LEU M 28 -31.45 -34.20 12.03
C LEU M 28 -30.15 -34.17 12.80
N ALA M 29 -29.13 -33.53 12.21
CA ALA M 29 -27.82 -33.50 12.85
C ALA M 29 -27.73 -32.32 13.83
N ASN M 30 -28.12 -31.13 13.39
CA ASN M 30 -28.13 -29.96 14.24
C ASN M 30 -28.89 -28.85 13.55
N PHE M 31 -28.99 -27.71 14.22
CA PHE M 31 -29.52 -26.50 13.63
C PHE M 31 -29.07 -25.34 14.50
N ARG M 32 -29.17 -24.14 13.95
CA ARG M 32 -28.71 -22.96 14.70
C ARG M 32 -29.22 -21.70 14.03
N ASP M 33 -29.22 -20.62 14.79
CA ASP M 33 -29.45 -19.31 14.18
C ASP M 33 -28.26 -18.93 13.31
N LEU M 34 -28.55 -18.11 12.30
CA LEU M 34 -27.56 -17.78 11.29
C LEU M 34 -26.93 -16.41 11.48
N HIS M 35 -27.71 -15.42 11.87
CA HIS M 35 -27.20 -14.07 12.13
C HIS M 35 -27.14 -13.83 13.64
N GLN M 36 -26.33 -12.84 14.01
CA GLN M 36 -26.13 -12.57 15.42
C GLN M 36 -27.33 -11.89 16.07
N GLN M 37 -28.04 -11.04 15.33
CA GLN M 37 -29.15 -10.28 15.86
C GLN M 37 -30.40 -10.50 15.01
N VAL M 38 -31.51 -9.94 15.48
CA VAL M 38 -32.81 -10.16 14.86
C VAL M 38 -32.93 -9.35 13.57
N ARG M 39 -33.97 -9.64 12.80
CA ARG M 39 -34.32 -8.82 11.64
C ARG M 39 -35.41 -7.82 12.00
N THR M 40 -36.56 -8.32 12.49
CA THR M 40 -37.62 -7.48 13.00
C THR M 40 -38.24 -8.16 14.22
N ILE M 41 -39.07 -7.40 14.92
CA ILE M 41 -39.95 -7.92 15.96
C ILE M 41 -41.37 -7.59 15.52
N HIS M 42 -42.22 -8.62 15.44
CA HIS M 42 -43.60 -8.44 15.05
C HIS M 42 -44.47 -8.38 16.31
N TYR M 43 -45.21 -7.29 16.46
CA TYR M 43 -46.17 -7.15 17.54
C TYR M 43 -47.56 -7.42 17.01
N GLU M 44 -48.37 -8.16 17.79
CA GLU M 44 -49.72 -8.46 17.36
C GLU M 44 -50.60 -8.59 18.60
N ASP M 45 -51.82 -8.07 18.51
CA ASP M 45 -52.73 -8.14 19.64
C ASP M 45 -53.48 -9.46 19.62
N ILE M 46 -53.51 -10.14 20.76
CA ILE M 46 -54.21 -11.42 20.87
C ILE M 46 -55.69 -11.21 20.58
N GLU M 47 -56.30 -12.17 19.89
CA GLU M 47 -57.73 -12.07 19.61
C GLU M 47 -58.52 -12.24 20.89
N ASP M 48 -59.27 -11.20 21.27
CA ASP M 48 -60.17 -11.24 22.41
C ASP M 48 -59.44 -11.61 23.70
N SER M 49 -58.53 -10.72 24.10
CA SER M 49 -57.81 -10.87 25.36
C SER M 49 -58.08 -9.66 26.25
N ASP M 50 -57.57 -9.73 27.47
CA ASP M 50 -57.69 -8.62 28.41
C ASP M 50 -56.65 -8.80 29.51
N ASN M 51 -55.90 -7.74 29.79
CA ASN M 51 -54.88 -7.76 30.83
C ASN M 51 -55.39 -7.20 32.15
N GLY M 52 -56.70 -7.02 32.29
CA GLY M 52 -57.31 -6.56 33.52
C GLY M 52 -57.69 -5.10 33.53
N GLU M 53 -57.39 -4.35 32.47
CA GLU M 53 -57.68 -2.92 32.41
C GLU M 53 -58.24 -2.54 31.05
N GLY M 54 -58.97 -3.46 30.42
CA GLY M 54 -59.55 -3.17 29.11
C GLY M 54 -58.52 -2.94 28.03
N PHE M 55 -57.43 -3.71 28.03
CA PHE M 55 -56.39 -3.63 27.02
C PHE M 55 -56.15 -5.03 26.47
N PRO M 56 -56.25 -5.25 25.17
CA PRO M 56 -55.87 -6.55 24.61
C PRO M 56 -54.38 -6.78 24.76
N GLU M 57 -54.02 -7.99 25.17
CA GLU M 57 -52.61 -8.32 25.39
C GLU M 57 -51.85 -8.33 24.07
N VAL M 58 -50.55 -8.02 24.17
CA VAL M 58 -49.68 -7.88 23.01
C VAL M 58 -48.67 -9.01 23.03
N GLN M 59 -48.51 -9.68 21.88
CA GLN M 59 -47.58 -10.78 21.71
C GLN M 59 -46.55 -10.40 20.66
N ALA M 60 -45.28 -10.54 21.02
CA ALA M 60 -44.15 -10.17 20.18
C ALA M 60 -43.42 -11.42 19.73
N THR M 61 -42.97 -11.41 18.48
CA THR M 61 -42.25 -12.54 17.89
C THR M 61 -41.00 -12.04 17.17
N PRO M 62 -39.82 -12.53 17.50
CA PRO M 62 -38.62 -12.16 16.73
C PRO M 62 -38.60 -12.87 15.38
N GLU M 63 -37.84 -12.30 14.45
CA GLU M 63 -37.67 -12.92 13.14
C GLU M 63 -36.19 -12.98 12.78
N VAL M 64 -35.62 -14.19 12.80
CA VAL M 64 -34.24 -14.42 12.40
C VAL M 64 -34.19 -15.65 11.51
N GLU M 65 -33.16 -15.71 10.67
CA GLU M 65 -32.95 -16.87 9.81
C GLU M 65 -32.27 -17.99 10.59
N GLN M 66 -32.51 -19.22 10.15
CA GLN M 66 -31.97 -20.40 10.81
C GLN M 66 -31.49 -21.40 9.77
N GLU M 67 -30.57 -22.26 10.20
CA GLU M 67 -30.01 -23.29 9.34
C GLU M 67 -30.21 -24.63 10.02
N TRP M 68 -30.82 -25.57 9.29
CA TRP M 68 -31.00 -26.95 9.74
C TRP M 68 -30.11 -27.85 8.88
N VAL M 69 -29.41 -28.79 9.51
CA VAL M 69 -28.48 -29.66 8.79
C VAL M 69 -28.90 -31.10 8.99
N PHE M 70 -29.31 -31.75 7.91
CA PHE M 70 -29.76 -33.13 7.94
C PHE M 70 -28.68 -34.06 7.44
N LEU M 71 -28.93 -35.36 7.55
CA LEU M 71 -27.97 -36.39 7.19
C LEU M 71 -28.72 -37.46 6.41
N VAL M 72 -28.49 -37.54 5.10
CA VAL M 72 -29.27 -38.41 4.22
C VAL M 72 -28.45 -39.63 3.88
N GLN M 73 -29.08 -40.81 3.95
CA GLN M 73 -28.44 -42.06 3.59
C GLN M 73 -29.36 -42.88 2.70
N VAL M 74 -28.79 -43.50 1.68
CA VAL M 74 -29.52 -44.37 0.76
C VAL M 74 -28.85 -45.73 0.77
N TYR M 75 -29.64 -46.76 1.02
CA TYR M 75 -29.16 -48.13 1.16
C TYR M 75 -29.64 -48.96 -0.01
N GLY M 76 -28.73 -49.65 -0.67
CA GLY M 76 -29.11 -50.55 -1.73
C GLY M 76 -28.43 -50.28 -3.05
N PRO M 77 -28.86 -50.98 -4.09
CA PRO M 77 -28.13 -51.01 -5.35
C PRO M 77 -28.38 -49.82 -6.27
N GLY M 78 -28.95 -48.73 -5.76
CA GLY M 78 -29.15 -47.57 -6.61
C GLY M 78 -28.89 -46.25 -5.92
N GLY M 79 -28.05 -46.25 -4.89
CA GLY M 79 -27.91 -45.07 -4.05
C GLY M 79 -27.33 -43.88 -4.80
N LEU M 80 -26.27 -44.11 -5.56
CA LEU M 80 -25.55 -43.00 -6.18
C LEU M 80 -26.43 -42.26 -7.17
N ASP M 81 -27.20 -42.98 -8.00
CA ASP M 81 -28.05 -42.31 -8.97
C ASP M 81 -29.21 -41.60 -8.31
N TYR M 82 -29.80 -42.20 -7.27
CA TYR M 82 -30.91 -41.56 -6.57
C TYR M 82 -30.47 -40.28 -5.89
N LEU M 83 -29.25 -40.24 -5.35
CA LEU M 83 -28.75 -39.00 -4.78
C LEU M 83 -28.24 -38.02 -5.83
N ARG M 84 -27.79 -38.51 -6.99
CA ARG M 84 -27.41 -37.61 -8.07
C ARG M 84 -28.62 -36.86 -8.61
N LYS M 85 -29.75 -37.55 -8.73
CA LYS M 85 -30.98 -36.86 -9.13
C LYS M 85 -31.37 -35.80 -8.11
N VAL M 86 -31.17 -36.07 -6.82
CA VAL M 86 -31.48 -35.07 -5.81
C VAL M 86 -30.54 -33.88 -5.93
N ALA M 87 -29.25 -34.15 -6.16
CA ALA M 87 -28.30 -33.05 -6.30
C ALA M 87 -28.64 -32.17 -7.49
N ALA M 88 -29.04 -32.78 -8.60
CA ALA M 88 -29.35 -32.03 -9.80
C ALA M 88 -30.78 -31.50 -9.84
N ALA M 89 -31.63 -31.92 -8.91
CA ALA M 89 -32.97 -31.40 -8.79
C ALA M 89 -33.03 -30.16 -7.92
N PHE M 90 -31.92 -29.81 -7.29
CA PHE M 90 -31.84 -28.61 -6.46
C PHE M 90 -31.66 -27.35 -7.29
N HIS M 91 -31.32 -27.47 -8.58
CA HIS M 91 -31.09 -26.32 -9.43
C HIS M 91 -32.34 -25.87 -10.18
N VAL M 92 -33.19 -26.81 -10.59
CA VAL M 92 -34.35 -26.47 -11.40
C VAL M 92 -35.44 -25.90 -10.51
N ASN M 93 -36.12 -24.86 -10.98
CA ASN M 93 -37.16 -24.22 -10.21
C ASN M 93 -38.50 -24.91 -10.43
N GLN M 94 -39.44 -24.59 -9.53
CA GLN M 94 -40.78 -25.16 -9.50
C GLN M 94 -40.74 -26.62 -9.05
N VAL M 95 -39.54 -27.17 -8.91
CA VAL M 95 -39.35 -28.52 -8.42
C VAL M 95 -38.86 -28.53 -6.98
N ASN M 96 -37.93 -27.65 -6.63
CA ASN M 96 -37.39 -27.57 -5.28
C ASN M 96 -38.16 -26.57 -4.43
N ASP M 97 -39.48 -26.76 -4.36
CA ASP M 97 -40.37 -25.85 -3.64
C ASP M 97 -40.75 -26.45 -2.30
N LEU M 98 -40.67 -25.65 -1.25
CA LEU M 98 -41.03 -26.07 0.09
C LEU M 98 -42.09 -25.13 0.66
N PRO M 99 -42.96 -25.61 1.55
CA PRO M 99 -44.19 -24.88 1.85
C PRO M 99 -44.03 -23.50 2.48
N GLY M 100 -43.39 -23.41 3.64
CA GLY M 100 -43.42 -22.14 4.33
C GLY M 100 -42.07 -21.56 4.70
N SER M 101 -41.69 -20.47 4.03
CA SER M 101 -40.45 -19.74 4.33
C SER M 101 -39.24 -20.66 4.43
N LEU M 102 -39.26 -21.77 3.70
CA LEU M 102 -38.17 -22.73 3.71
C LEU M 102 -37.48 -22.74 2.34
N VAL M 103 -36.18 -22.96 2.35
CA VAL M 103 -35.38 -22.96 1.13
C VAL M 103 -34.27 -24.00 1.27
N ILE M 104 -34.11 -24.85 0.26
CA ILE M 104 -32.97 -25.75 0.22
C ILE M 104 -31.74 -24.93 -0.16
N HIS M 105 -30.70 -24.98 0.67
CA HIS M 105 -29.55 -24.11 0.39
C HIS M 105 -28.48 -24.82 -0.42
N GLU M 106 -27.96 -25.94 0.08
CA GLU M 106 -26.90 -26.66 -0.62
C GLU M 106 -27.03 -28.15 -0.34
N VAL M 107 -26.65 -28.95 -1.33
CA VAL M 107 -26.42 -30.38 -1.12
C VAL M 107 -24.91 -30.61 -1.17
N ALA M 108 -24.41 -31.38 -0.22
CA ALA M 108 -22.98 -31.47 0.00
C ALA M 108 -22.38 -32.63 -0.76
N GLN M 109 -21.11 -32.91 -0.50
CA GLN M 109 -20.41 -34.00 -1.17
C GLN M 109 -21.08 -35.33 -0.87
N ILE M 110 -21.07 -36.22 -1.85
CA ILE M 110 -21.71 -37.53 -1.74
C ILE M 110 -20.63 -38.59 -1.65
N ASN M 111 -20.61 -39.34 -0.56
CA ASN M 111 -19.63 -40.38 -0.34
C ASN M 111 -20.25 -41.75 -0.52
N SER M 112 -19.41 -42.74 -0.76
CA SER M 112 -19.84 -44.14 -0.87
C SER M 112 -19.11 -44.94 0.18
N ILE M 113 -19.87 -45.69 0.99
CA ILE M 113 -19.31 -46.42 2.12
C ILE M 113 -19.85 -47.85 2.15
N PRO M 114 -19.45 -48.73 1.23
CA PRO M 114 -19.99 -50.09 1.25
C PRO M 114 -19.61 -50.79 2.54
N GLU M 115 -20.55 -51.56 3.09
CA GLU M 115 -20.36 -52.20 4.39
C GLU M 115 -20.75 -53.66 4.31
N PHE M 116 -19.95 -54.49 4.96
CA PHE M 116 -20.14 -55.95 4.97
C PHE M 116 -21.18 -56.28 6.04
N LEU M 117 -22.44 -56.29 5.65
CA LEU M 117 -23.54 -56.56 6.57
C LEU M 117 -24.27 -57.80 6.11
N GLY M 118 -24.43 -58.77 7.02
CA GLY M 118 -25.18 -59.96 6.70
C GLY M 118 -24.60 -60.79 5.58
N GLU M 119 -23.27 -60.96 5.56
CA GLU M 119 -22.60 -61.87 4.64
C GLU M 119 -22.64 -61.35 3.21
N ARG M 120 -22.65 -60.03 3.07
CA ARG M 120 -22.81 -59.41 1.77
C ARG M 120 -22.45 -57.93 1.81
N TRP M 121 -21.63 -57.47 0.87
CA TRP M 121 -21.28 -56.06 0.81
C TRP M 121 -22.51 -55.24 0.43
N GLU M 122 -23.06 -54.50 1.39
CA GLU M 122 -24.26 -53.70 1.17
C GLU M 122 -23.85 -52.32 0.71
N LYS M 123 -24.18 -51.99 -0.55
CA LYS M 123 -23.86 -50.67 -1.07
C LYS M 123 -24.60 -49.60 -0.31
N ARG M 124 -23.94 -48.47 -0.07
CA ARG M 124 -24.52 -47.38 0.69
C ARG M 124 -24.00 -46.05 0.17
N ALA M 125 -24.79 -45.00 0.38
CA ALA M 125 -24.34 -43.64 0.08
C ALA M 125 -24.92 -42.69 1.11
N GLN M 126 -24.22 -41.58 1.34
CA GLN M 126 -24.68 -40.62 2.33
C GLN M 126 -24.20 -39.22 1.94
N THR M 127 -25.03 -38.23 2.24
CA THR M 127 -24.71 -36.82 2.00
C THR M 127 -25.32 -35.98 3.11
N ASN M 128 -25.15 -34.67 3.00
CA ASN M 128 -25.74 -33.69 3.91
C ASN M 128 -26.60 -32.75 3.10
N ILE M 129 -27.83 -32.52 3.54
CA ILE M 129 -28.74 -31.56 2.92
C ILE M 129 -29.11 -30.52 3.97
N THR M 130 -28.91 -29.25 3.64
CA THR M 130 -29.16 -28.15 4.57
C THR M 130 -30.28 -27.28 4.05
N LEU M 131 -31.22 -26.96 4.92
CA LEU M 131 -32.31 -26.05 4.62
C LEU M 131 -32.00 -24.68 5.19
N ARG M 132 -32.96 -23.78 5.07
CA ARG M 132 -32.77 -22.40 5.50
C ARG M 132 -34.14 -21.78 5.64
N GLY M 133 -34.48 -21.32 6.85
CA GLY M 133 -35.82 -20.81 7.09
C GLY M 133 -35.86 -19.87 8.28
N MET M 134 -36.81 -18.94 8.22
CA MET M 134 -36.96 -17.94 9.27
C MET M 134 -37.42 -18.59 10.56
N SER M 135 -37.55 -17.77 11.60
CA SER M 135 -37.90 -18.24 12.94
C SER M 135 -39.25 -17.66 13.34
N THR M 136 -40.08 -18.48 13.97
CA THR M 136 -41.35 -18.05 14.50
C THR M 136 -41.45 -18.41 15.98
N ASP M 137 -42.06 -17.52 16.76
CA ASP M 137 -42.34 -17.76 18.16
C ASP M 137 -43.37 -16.73 18.61
N GLY M 138 -43.55 -16.60 19.91
CA GLY M 138 -44.37 -15.54 20.44
C GLY M 138 -44.37 -15.49 21.95
N PHE M 139 -44.13 -14.31 22.50
CA PHE M 139 -44.14 -14.12 23.95
C PHE M 139 -44.96 -12.88 24.28
N LYS M 140 -45.65 -12.93 25.40
CA LYS M 140 -46.52 -11.81 25.79
C LYS M 140 -45.68 -10.72 26.45
N VAL M 141 -45.86 -9.49 25.99
CA VAL M 141 -45.02 -8.37 26.40
C VAL M 141 -45.91 -7.14 26.60
N ASP M 142 -45.35 -6.10 27.21
CA ASP M 142 -46.10 -4.91 27.58
C ASP M 142 -45.64 -3.70 26.80
N VAL M 143 -46.54 -2.73 26.65
CA VAL M 143 -46.41 -1.65 25.69
C VAL M 143 -46.73 -0.31 26.34
N ILE M 144 -46.09 0.75 25.85
CA ILE M 144 -46.37 2.13 26.23
C ILE M 144 -47.41 2.70 25.28
N GLU M 145 -48.38 3.43 25.82
CA GLU M 145 -49.36 4.12 24.97
C GLU M 145 -49.68 5.54 25.45
N GLN M 146 -48.82 6.15 26.25
CA GLN M 146 -48.97 7.54 26.65
C GLN M 146 -47.62 8.07 27.09
N HIS M 147 -47.54 9.38 27.29
CA HIS M 147 -46.28 10.00 27.69
C HIS M 147 -46.55 11.08 28.72
N VAL M 148 -45.46 11.65 29.24
CA VAL M 148 -45.51 12.83 30.10
C VAL M 148 -44.13 13.47 30.09
N ILE M 149 -44.08 14.80 29.93
CA ILE M 149 -42.82 15.53 29.87
C ILE M 149 -42.96 16.81 30.68
N ASN M 150 -41.92 17.15 31.44
CA ASN M 150 -41.89 18.38 32.24
C ASN M 150 -40.67 19.19 31.82
N VAL M 151 -40.90 20.46 31.51
CA VAL M 151 -39.85 21.37 31.05
C VAL M 151 -39.81 22.58 31.98
N THR M 152 -38.62 22.91 32.48
CA THR M 152 -38.43 24.09 33.30
C THR M 152 -37.18 24.82 32.89
N GLY M 153 -37.22 26.15 32.97
CA GLY M 153 -36.07 26.99 32.76
C GLY M 153 -35.55 27.42 34.12
N GLU M 154 -34.32 26.99 34.44
CA GLU M 154 -33.83 27.06 35.81
C GLU M 154 -33.88 28.48 36.36
N ARG M 155 -33.42 29.45 35.58
CA ARG M 155 -33.22 30.80 36.06
C ARG M 155 -33.72 31.78 35.02
N ALA M 156 -34.89 32.37 35.27
CA ALA M 156 -35.48 33.32 34.35
C ALA M 156 -35.20 34.76 34.78
N MET N 1 -10.34 -54.69 -17.47
CA MET N 1 -9.11 -54.80 -18.23
C MET N 1 -8.87 -53.55 -19.05
N ARG N 2 -7.89 -52.75 -18.63
CA ARG N 2 -7.68 -51.47 -19.26
C ARG N 2 -6.96 -51.63 -20.59
N ARG N 3 -7.20 -50.69 -21.49
CA ARG N 3 -6.53 -50.70 -22.78
C ARG N 3 -5.10 -50.21 -22.67
N ILE N 4 -4.82 -49.31 -21.72
CA ILE N 4 -3.48 -48.75 -21.60
C ILE N 4 -2.51 -49.79 -21.03
N THR N 5 -2.77 -50.25 -19.82
CA THR N 5 -2.01 -51.35 -19.25
C THR N 5 -2.53 -52.68 -19.80
N GLY N 6 -1.69 -53.70 -19.75
CA GLY N 6 -2.04 -54.95 -20.37
C GLY N 6 -2.64 -55.97 -19.43
N ILE N 7 -3.18 -55.52 -18.30
CA ILE N 7 -3.58 -56.42 -17.22
C ILE N 7 -5.09 -56.45 -17.08
N THR N 8 -5.58 -57.24 -16.13
CA THR N 8 -7.01 -57.34 -15.87
C THR N 8 -7.39 -56.43 -14.72
N VAL N 9 -8.47 -55.68 -14.89
CA VAL N 9 -8.99 -54.78 -13.88
C VAL N 9 -10.41 -55.21 -13.54
N ILE N 10 -10.78 -55.10 -12.26
CA ILE N 10 -12.07 -55.57 -11.77
C ILE N 10 -12.70 -54.50 -10.88
N LYS N 11 -13.99 -54.68 -10.59
CA LYS N 11 -14.73 -53.74 -9.78
C LYS N 11 -14.39 -53.92 -8.29
N ASP N 12 -14.79 -52.93 -7.49
CA ASP N 12 -14.26 -52.77 -6.15
C ASP N 12 -14.70 -53.84 -5.17
N HIS N 13 -15.99 -53.96 -4.91
CA HIS N 13 -16.50 -54.85 -3.88
C HIS N 13 -17.35 -55.94 -4.53
N GLN N 14 -16.70 -56.98 -5.00
CA GLN N 14 -17.36 -58.16 -5.53
C GLN N 14 -17.09 -59.32 -4.58
N SER N 15 -17.55 -60.51 -4.95
CA SER N 15 -17.40 -61.70 -4.13
C SER N 15 -16.84 -62.84 -4.95
N GLU N 16 -15.79 -62.57 -5.72
CA GLU N 16 -15.16 -63.56 -6.56
C GLU N 16 -13.72 -63.80 -6.14
N ASP N 17 -13.15 -64.88 -6.66
CA ASP N 17 -11.76 -65.21 -6.37
C ASP N 17 -10.83 -64.15 -6.96
N ARG N 18 -9.67 -63.98 -6.33
CA ARG N 18 -8.69 -63.05 -6.83
C ARG N 18 -8.20 -63.52 -8.20
N PRO N 19 -8.23 -62.67 -9.22
CA PRO N 19 -8.08 -63.15 -10.60
C PRO N 19 -6.72 -63.74 -10.92
N ALA N 20 -5.66 -62.98 -10.69
CA ALA N 20 -4.31 -63.43 -11.01
C ALA N 20 -3.35 -62.77 -10.02
N LEU N 21 -2.07 -62.94 -10.25
CA LEU N 21 -1.12 -62.36 -9.31
C LEU N 21 -0.94 -60.87 -9.59
N PRO N 22 -0.71 -60.43 -10.86
CA PRO N 22 -0.84 -59.01 -11.16
C PRO N 22 -2.24 -58.63 -11.64
N TYR N 23 -2.87 -57.64 -11.02
CA TYR N 23 -4.18 -57.18 -11.47
C TYR N 23 -4.50 -55.88 -10.74
N GLY N 24 -5.64 -55.28 -11.10
CA GLY N 24 -6.01 -54.00 -10.56
C GLY N 24 -7.43 -54.01 -10.02
N VAL N 25 -7.79 -52.92 -9.35
CA VAL N 25 -9.09 -52.75 -8.72
C VAL N 25 -9.40 -51.26 -8.67
N VAL N 26 -10.61 -50.88 -9.08
CA VAL N 26 -11.03 -49.48 -9.04
C VAL N 26 -12.26 -49.36 -8.14
N GLU N 27 -12.26 -48.35 -7.27
CA GLU N 27 -13.37 -48.06 -6.40
C GLU N 27 -13.80 -46.62 -6.58
N LEU N 28 -15.05 -46.33 -6.29
CA LEU N 28 -15.57 -44.96 -6.32
C LEU N 28 -15.54 -44.44 -4.89
N ALA N 29 -14.74 -43.41 -4.66
CA ALA N 29 -14.61 -42.87 -3.32
C ALA N 29 -15.69 -41.83 -3.02
N ASN N 30 -15.89 -40.90 -3.94
CA ASN N 30 -16.94 -39.90 -3.79
C ASN N 30 -17.08 -39.16 -5.11
N PHE N 31 -18.02 -38.22 -5.13
CA PHE N 31 -18.16 -37.30 -6.25
C PHE N 31 -18.98 -36.11 -5.75
N ARG N 32 -18.95 -35.02 -6.51
CA ARG N 32 -19.67 -33.82 -6.09
C ARG N 32 -19.76 -32.85 -7.24
N ASP N 33 -20.70 -31.91 -7.13
CA ASP N 33 -20.72 -30.79 -8.05
C ASP N 33 -19.52 -29.89 -7.79
N LEU N 34 -19.08 -29.19 -8.83
CA LEU N 34 -17.86 -28.41 -8.78
C LEU N 34 -18.11 -26.92 -8.61
N HIS N 35 -19.11 -26.37 -9.28
CA HIS N 35 -19.47 -24.96 -9.15
C HIS N 35 -20.72 -24.82 -8.29
N GLN N 36 -20.91 -23.61 -7.76
CA GLN N 36 -22.02 -23.38 -6.86
C GLN N 36 -23.36 -23.32 -7.59
N GLN N 37 -23.38 -22.79 -8.82
CA GLN N 37 -24.60 -22.60 -9.57
C GLN N 37 -24.48 -23.25 -10.94
N VAL N 38 -25.59 -23.25 -11.67
CA VAL N 38 -25.69 -23.95 -12.95
C VAL N 38 -24.95 -23.18 -14.04
N ARG N 39 -24.77 -23.83 -15.19
CA ARG N 39 -24.25 -23.15 -16.38
C ARG N 39 -25.39 -22.73 -17.29
N THR N 40 -26.22 -23.68 -17.72
CA THR N 40 -27.44 -23.41 -18.46
C THR N 40 -28.52 -24.36 -18.02
N ILE N 41 -29.74 -24.07 -18.46
CA ILE N 41 -30.87 -24.98 -18.36
C ILE N 41 -31.34 -25.26 -19.77
N HIS N 42 -31.40 -26.53 -20.15
CA HIS N 42 -31.85 -26.93 -21.48
C HIS N 42 -33.31 -27.31 -21.41
N TYR N 43 -34.14 -26.66 -22.21
CA TYR N 43 -35.55 -27.01 -22.34
C TYR N 43 -35.75 -27.79 -23.62
N GLU N 44 -36.56 -28.84 -23.55
CA GLU N 44 -36.83 -29.66 -24.72
C GLU N 44 -38.22 -30.23 -24.62
N ASP N 45 -38.94 -30.26 -25.75
CA ASP N 45 -40.29 -30.78 -25.75
C ASP N 45 -40.27 -32.30 -25.92
N ILE N 46 -40.99 -33.00 -25.07
CA ILE N 46 -41.06 -34.46 -25.15
C ILE N 46 -41.65 -34.86 -26.50
N GLU N 47 -41.12 -35.94 -27.07
CA GLU N 47 -41.64 -36.43 -28.34
C GLU N 47 -43.03 -37.01 -28.14
N ASP N 48 -44.02 -36.40 -28.79
CA ASP N 48 -45.40 -36.90 -28.80
C ASP N 48 -45.96 -37.01 -27.38
N SER N 49 -46.08 -35.85 -26.72
CA SER N 49 -46.68 -35.78 -25.41
C SER N 49 -47.90 -34.86 -25.45
N ASP N 50 -48.61 -34.80 -24.34
CA ASP N 50 -49.76 -33.90 -24.20
C ASP N 50 -50.06 -33.71 -22.72
N ASN N 51 -50.22 -32.44 -22.32
CA ASN N 51 -50.54 -32.12 -20.94
C ASN N 51 -52.03 -31.92 -20.72
N GLY N 52 -52.86 -32.30 -21.68
CA GLY N 52 -54.30 -32.23 -21.56
C GLY N 52 -54.93 -31.06 -22.28
N GLU N 53 -54.14 -30.18 -22.90
CA GLU N 53 -54.68 -29.02 -23.59
C GLU N 53 -53.97 -28.80 -24.92
N GLY N 54 -53.56 -29.89 -25.56
CA GLY N 54 -52.88 -29.79 -26.84
C GLY N 54 -51.55 -29.08 -26.77
N PHE N 55 -50.78 -29.32 -25.71
CA PHE N 55 -49.45 -28.74 -25.55
C PHE N 55 -48.47 -29.87 -25.26
N PRO N 56 -47.40 -30.01 -26.04
CA PRO N 56 -46.37 -31.00 -25.68
C PRO N 56 -45.67 -30.59 -24.40
N GLU N 57 -45.46 -31.57 -23.53
CA GLU N 57 -44.82 -31.30 -22.25
C GLU N 57 -43.37 -30.89 -22.44
N VAL N 58 -42.88 -30.08 -21.50
CA VAL N 58 -41.54 -29.51 -21.56
C VAL N 58 -40.70 -30.11 -20.45
N GLN N 59 -39.49 -30.56 -20.80
CA GLN N 59 -38.56 -31.16 -19.87
C GLN N 59 -37.29 -30.32 -19.81
N ALA N 60 -36.90 -29.94 -18.60
CA ALA N 60 -35.76 -29.07 -18.37
C ALA N 60 -34.65 -29.86 -17.70
N THR N 61 -33.41 -29.57 -18.10
CA THR N 61 -32.23 -30.26 -17.56
C THR N 61 -31.17 -29.23 -17.20
N PRO N 62 -30.68 -29.21 -15.96
CA PRO N 62 -29.57 -28.33 -15.62
C PRO N 62 -28.26 -28.86 -16.17
N GLU N 63 -27.28 -27.97 -16.32
CA GLU N 63 -25.95 -28.36 -16.78
C GLU N 63 -24.89 -27.77 -15.86
N VAL N 64 -24.26 -28.63 -15.04
CA VAL N 64 -23.16 -28.24 -14.17
C VAL N 64 -22.05 -29.27 -14.29
N GLU N 65 -20.83 -28.83 -13.98
CA GLU N 65 -19.69 -29.73 -13.98
C GLU N 65 -19.64 -30.53 -12.68
N GLN N 66 -19.05 -31.71 -12.74
CA GLN N 66 -18.95 -32.59 -11.59
C GLN N 66 -17.57 -33.23 -11.53
N GLU N 67 -17.19 -33.65 -10.33
CA GLU N 67 -15.90 -34.29 -10.09
C GLU N 67 -16.15 -35.65 -9.45
N TRP N 68 -15.60 -36.70 -10.04
CA TRP N 68 -15.64 -38.05 -9.50
C TRP N 68 -14.24 -38.43 -9.06
N VAL N 69 -14.11 -39.04 -7.89
CA VAL N 69 -12.79 -39.38 -7.35
C VAL N 69 -12.74 -40.87 -7.10
N PHE N 70 -11.88 -41.56 -7.84
CA PHE N 70 -11.73 -43.00 -7.76
C PHE N 70 -10.49 -43.36 -6.95
N LEU N 71 -10.33 -44.65 -6.69
CA LEU N 71 -9.24 -45.16 -5.86
C LEU N 71 -8.68 -46.39 -6.55
N VAL N 72 -7.47 -46.27 -7.12
CA VAL N 72 -6.90 -47.31 -7.96
C VAL N 72 -5.85 -48.06 -7.17
N GLN N 73 -5.87 -49.39 -7.26
CA GLN N 73 -4.88 -50.25 -6.61
C GLN N 73 -4.40 -51.30 -7.57
N VAL N 74 -3.10 -51.56 -7.55
CA VAL N 74 -2.46 -52.58 -8.38
C VAL N 74 -1.72 -53.54 -7.45
N TYR N 75 -2.02 -54.82 -7.59
CA TYR N 75 -1.50 -55.87 -6.73
C TYR N 75 -0.55 -56.74 -7.54
N GLY N 76 0.67 -56.94 -7.02
CA GLY N 76 1.59 -57.84 -7.66
C GLY N 76 2.92 -57.22 -8.00
N PRO N 77 3.75 -57.98 -8.72
CA PRO N 77 5.15 -57.59 -8.90
C PRO N 77 5.41 -56.56 -9.98
N GLY N 78 4.39 -55.85 -10.44
CA GLY N 78 4.62 -54.82 -11.44
C GLY N 78 3.82 -53.56 -11.24
N GLY N 79 3.40 -53.28 -10.00
CA GLY N 79 2.45 -52.21 -9.77
C GLY N 79 2.99 -50.84 -10.13
N LEU N 80 4.22 -50.56 -9.70
CA LEU N 80 4.75 -49.22 -9.87
C LEU N 80 4.88 -48.83 -11.33
N ASP N 81 5.38 -49.74 -12.17
CA ASP N 81 5.53 -49.43 -13.58
C ASP N 81 4.19 -49.31 -14.28
N TYR N 82 3.24 -50.18 -13.94
CA TYR N 82 1.92 -50.12 -14.55
C TYR N 82 1.21 -48.82 -14.22
N LEU N 83 1.39 -48.31 -13.00
CA LEU N 83 0.81 -47.01 -12.66
C LEU N 83 1.63 -45.84 -13.19
N ARG N 84 2.94 -46.01 -13.38
CA ARG N 84 3.73 -44.96 -14.00
C ARG N 84 3.34 -44.76 -15.45
N LYS N 85 3.06 -45.85 -16.16
CA LYS N 85 2.55 -45.72 -17.53
C LYS N 85 1.22 -44.99 -17.55
N VAL N 86 0.36 -45.24 -16.56
CA VAL N 86 -0.92 -44.53 -16.50
C VAL N 86 -0.70 -43.05 -16.22
N ALA N 87 0.22 -42.73 -15.31
CA ALA N 87 0.49 -41.33 -15.00
C ALA N 87 1.03 -40.59 -16.22
N ALA N 88 1.90 -41.23 -16.99
CA ALA N 88 2.49 -40.60 -18.16
C ALA N 88 1.64 -40.72 -19.41
N ALA N 89 0.58 -41.52 -19.39
CA ALA N 89 -0.36 -41.62 -20.49
C ALA N 89 -1.45 -40.58 -20.40
N PHE N 90 -1.51 -39.84 -19.30
CA PHE N 90 -2.49 -38.79 -19.11
C PHE N 90 -2.10 -37.50 -19.85
N HIS N 91 -0.85 -37.39 -20.30
CA HIS N 91 -0.39 -36.19 -20.98
C HIS N 91 -0.55 -36.25 -22.49
N VAL N 92 -0.38 -37.42 -23.09
CA VAL N 92 -0.41 -37.55 -24.54
C VAL N 92 -1.86 -37.56 -25.01
N ASN N 93 -2.12 -36.86 -26.10
CA ASN N 93 -3.47 -36.77 -26.63
C ASN N 93 -3.78 -37.94 -27.56
N GLN N 94 -5.07 -38.11 -27.84
CA GLN N 94 -5.61 -39.19 -28.66
C GLN N 94 -5.52 -40.52 -27.91
N VAL N 95 -4.86 -40.52 -26.76
CA VAL N 95 -4.76 -41.70 -25.93
C VAL N 95 -5.67 -41.60 -24.72
N ASN N 96 -5.72 -40.44 -24.08
CA ASN N 96 -6.57 -40.23 -22.91
C ASN N 96 -7.96 -39.71 -23.30
N ASP N 97 -8.62 -40.43 -24.19
CA ASP N 97 -9.93 -40.04 -24.71
C ASP N 97 -11.03 -40.85 -24.04
N LEU N 98 -12.08 -40.16 -23.60
CA LEU N 98 -13.21 -40.78 -22.96
C LEU N 98 -14.49 -40.41 -23.72
N PRO N 99 -15.51 -41.27 -23.70
CA PRO N 99 -16.59 -41.14 -24.68
C PRO N 99 -17.44 -39.87 -24.60
N GLY N 100 -18.07 -39.60 -23.47
CA GLY N 100 -19.03 -38.50 -23.47
C GLY N 100 -18.81 -37.44 -22.41
N SER N 101 -18.39 -36.25 -22.84
CA SER N 101 -18.22 -35.09 -21.96
C SER N 101 -17.42 -35.42 -20.71
N LEU N 102 -16.50 -36.39 -20.81
CA LEU N 102 -15.66 -36.80 -19.70
C LEU N 102 -14.22 -36.43 -19.99
N VAL N 103 -13.49 -36.09 -18.93
CA VAL N 103 -12.11 -35.67 -19.05
C VAL N 103 -11.35 -36.15 -17.82
N ILE N 104 -10.20 -36.79 -18.03
CA ILE N 104 -9.31 -37.12 -16.92
C ILE N 104 -8.63 -35.84 -16.46
N HIS N 105 -8.76 -35.51 -15.17
CA HIS N 105 -8.20 -34.23 -14.74
C HIS N 105 -6.78 -34.37 -14.20
N GLU N 106 -6.59 -35.19 -13.17
CA GLU N 106 -5.28 -35.35 -12.57
C GLU N 106 -5.12 -36.78 -12.06
N VAL N 107 -3.89 -37.28 -12.09
CA VAL N 107 -3.52 -38.49 -11.38
C VAL N 107 -2.66 -38.06 -10.20
N ALA N 108 -2.93 -38.62 -9.03
CA ALA N 108 -2.36 -38.11 -7.80
C ALA N 108 -1.08 -38.86 -7.45
N GLN N 109 -0.57 -38.61 -6.25
CA GLN N 109 0.65 -39.25 -5.78
C GLN N 109 0.46 -40.75 -5.71
N ILE N 110 1.53 -41.49 -6.01
CA ILE N 110 1.50 -42.95 -6.04
C ILE N 110 2.29 -43.47 -4.85
N ASN N 111 1.64 -44.21 -3.96
CA ASN N 111 2.28 -44.76 -2.78
C ASN N 111 2.51 -46.25 -2.95
N SER N 112 3.43 -46.79 -2.14
CA SER N 112 3.71 -48.22 -2.12
C SER N 112 3.46 -48.72 -0.71
N ILE N 113 2.65 -49.76 -0.58
CA ILE N 113 2.24 -50.27 0.73
C ILE N 113 2.36 -51.79 0.76
N PRO N 114 3.57 -52.36 0.79
CA PRO N 114 3.69 -53.82 0.82
C PRO N 114 3.04 -54.39 2.07
N GLU N 115 2.35 -55.51 1.92
CA GLU N 115 1.59 -56.10 3.00
C GLU N 115 1.88 -57.58 3.10
N PHE N 116 2.01 -58.05 4.35
CA PHE N 116 2.34 -59.44 4.65
C PHE N 116 1.05 -60.25 4.59
N LEU N 117 0.72 -60.76 3.41
CA LEU N 117 -0.50 -61.53 3.21
C LEU N 117 -0.13 -62.94 2.77
N GLY N 118 -0.66 -63.93 3.47
CA GLY N 118 -0.43 -65.31 3.08
C GLY N 118 1.02 -65.74 3.12
N GLU N 119 1.75 -65.34 4.16
CA GLU N 119 3.11 -65.82 4.40
C GLU N 119 4.10 -65.26 3.38
N ARG N 120 3.80 -64.06 2.88
CA ARG N 120 4.60 -63.47 1.80
C ARG N 120 4.31 -61.98 1.65
N TRP N 121 5.35 -61.16 1.59
CA TRP N 121 5.15 -59.73 1.39
C TRP N 121 4.59 -59.49 0.00
N GLU N 122 3.32 -59.11 -0.07
CA GLU N 122 2.66 -58.87 -1.35
C GLU N 122 2.83 -57.41 -1.74
N LYS N 123 3.57 -57.16 -2.81
CA LYS N 123 3.78 -55.80 -3.28
C LYS N 123 2.45 -55.19 -3.72
N ARG N 124 2.26 -53.91 -3.42
CA ARG N 124 1.02 -53.22 -3.75
C ARG N 124 1.32 -51.77 -4.06
N ALA N 125 0.43 -51.15 -4.85
CA ALA N 125 0.50 -49.73 -5.10
C ALA N 125 -0.90 -49.17 -5.21
N GLN N 126 -1.07 -47.89 -4.89
CA GLN N 126 -2.38 -47.28 -4.96
C GLN N 126 -2.24 -45.78 -5.23
N THR N 127 -3.20 -45.25 -5.99
CA THR N 127 -3.26 -43.83 -6.31
C THR N 127 -4.72 -43.39 -6.38
N ASN N 128 -4.93 -42.12 -6.71
CA ASN N 128 -6.25 -41.56 -6.92
C ASN N 128 -6.32 -41.00 -8.33
N ILE N 129 -7.37 -41.34 -9.06
CA ILE N 129 -7.62 -40.81 -10.40
C ILE N 129 -8.96 -40.10 -10.38
N THR N 130 -8.97 -38.84 -10.80
CA THR N 130 -10.16 -38.01 -10.78
C THR N 130 -10.59 -37.64 -12.19
N LEU N 131 -11.87 -37.82 -12.48
CA LEU N 131 -12.44 -37.43 -13.75
C LEU N 131 -13.16 -36.10 -13.60
N ARG N 132 -13.81 -35.68 -14.67
CA ARG N 132 -14.47 -34.37 -14.69
C ARG N 132 -15.47 -34.40 -15.83
N GLY N 133 -16.75 -34.20 -15.52
CA GLY N 133 -17.78 -34.31 -16.54
C GLY N 133 -19.04 -33.56 -16.16
N MET N 134 -19.76 -33.12 -17.18
CA MET N 134 -20.97 -32.34 -16.98
C MET N 134 -22.07 -33.21 -16.39
N SER N 135 -23.21 -32.60 -16.12
CA SER N 135 -24.33 -33.27 -15.47
C SER N 135 -25.51 -33.34 -16.42
N THR N 136 -26.20 -34.47 -16.42
CA THR N 136 -27.41 -34.65 -17.21
C THR N 136 -28.54 -35.11 -16.31
N ASP N 137 -29.74 -34.62 -16.57
CA ASP N 137 -30.95 -35.06 -15.89
C ASP N 137 -32.14 -34.58 -16.71
N GLY N 138 -33.32 -34.63 -16.12
CA GLY N 138 -34.48 -34.05 -16.75
C GLY N 138 -35.73 -34.11 -15.89
N PHE N 139 -36.40 -32.98 -15.74
CA PHE N 139 -37.62 -32.90 -14.96
C PHE N 139 -38.67 -32.15 -15.76
N LYS N 140 -39.92 -32.56 -15.61
CA LYS N 140 -41.00 -31.94 -16.36
C LYS N 140 -41.43 -30.66 -15.68
N VAL N 141 -41.52 -29.57 -16.46
CA VAL N 141 -41.77 -28.23 -15.92
C VAL N 141 -42.73 -27.51 -16.85
N ASP N 142 -43.25 -26.38 -16.39
CA ASP N 142 -44.29 -25.64 -17.09
C ASP N 142 -43.78 -24.29 -17.57
N VAL N 143 -44.41 -23.78 -18.63
CA VAL N 143 -43.89 -22.68 -19.43
C VAL N 143 -44.98 -21.65 -19.69
N ILE N 144 -44.56 -20.38 -19.81
CA ILE N 144 -45.43 -19.28 -20.21
C ILE N 144 -45.36 -19.13 -21.73
N GLU N 145 -46.51 -18.91 -22.37
CA GLU N 145 -46.51 -18.64 -23.79
C GLU N 145 -47.48 -17.52 -24.19
N GLN N 146 -47.87 -16.66 -23.26
CA GLN N 146 -48.70 -15.50 -23.56
C GLN N 146 -48.51 -14.48 -22.45
N HIS N 147 -49.02 -13.27 -22.66
CA HIS N 147 -48.89 -12.21 -21.68
C HIS N 147 -50.19 -11.42 -21.61
N VAL N 148 -50.22 -10.48 -20.65
CA VAL N 148 -51.28 -9.49 -20.53
C VAL N 148 -50.77 -8.33 -19.70
N ILE N 149 -51.01 -7.10 -20.16
CA ILE N 149 -50.53 -5.91 -19.46
C ILE N 149 -51.65 -4.87 -19.49
N ASN N 150 -51.83 -4.18 -18.36
CA ASN N 150 -52.81 -3.11 -18.24
C ASN N 150 -52.11 -1.83 -17.82
N VAL N 151 -52.35 -0.75 -18.56
CA VAL N 151 -51.70 0.54 -18.30
C VAL N 151 -52.79 1.59 -18.10
N THR N 152 -52.70 2.34 -17.02
CA THR N 152 -53.62 3.44 -16.75
C THR N 152 -52.85 4.66 -16.27
N GLY N 153 -53.34 5.83 -16.66
CA GLY N 153 -52.83 7.09 -16.16
C GLY N 153 -53.79 7.60 -15.10
N GLU N 154 -53.29 7.71 -13.86
CA GLU N 154 -54.18 7.88 -12.71
C GLU N 154 -55.07 9.10 -12.85
N ARG N 155 -54.49 10.22 -13.27
CA ARG N 155 -55.18 11.51 -13.24
C ARG N 155 -54.89 12.26 -14.53
N ALA N 156 -55.86 12.28 -15.44
CA ALA N 156 -55.70 12.97 -16.72
C ALA N 156 -56.34 14.35 -16.67
N LYS O 3 25.45 62.71 43.04
CA LYS O 3 25.27 61.69 42.02
C LYS O 3 26.12 60.47 42.35
N LEU O 4 26.50 59.72 41.32
CA LEU O 4 27.25 58.49 41.52
C LEU O 4 27.92 58.11 40.21
N PRO O 5 29.12 57.53 40.26
CA PRO O 5 29.79 57.14 39.01
C PRO O 5 29.13 55.93 38.37
N TYR O 6 29.40 55.75 37.07
CA TYR O 6 28.87 54.61 36.34
C TYR O 6 29.53 53.30 36.75
N SER O 7 30.67 53.35 37.43
CA SER O 7 31.39 52.14 37.78
C SER O 7 30.67 51.31 38.84
N ARG O 8 29.61 51.83 39.45
CA ARG O 8 28.88 51.06 40.45
C ARG O 8 28.20 49.83 39.86
N VAL O 9 27.96 49.81 38.55
CA VAL O 9 27.33 48.68 37.90
C VAL O 9 28.19 48.04 36.83
N THR O 10 29.24 48.70 36.36
CA THR O 10 30.09 48.18 35.30
C THR O 10 31.55 48.43 35.64
N ASN O 11 32.43 48.01 34.74
CA ASN O 11 33.86 48.29 34.87
C ASN O 11 34.48 48.20 33.48
N VAL O 12 34.84 49.33 32.91
CA VAL O 12 35.40 49.40 31.57
C VAL O 12 36.80 50.00 31.67
N THR O 13 37.79 49.26 31.21
CA THR O 13 39.17 49.71 31.21
C THR O 13 39.59 50.11 29.80
N LEU O 14 40.81 50.63 29.69
CA LEU O 14 41.37 50.98 28.38
C LEU O 14 42.89 50.95 28.54
N THR O 15 43.51 49.88 28.08
CA THR O 15 44.95 49.70 28.19
C THR O 15 45.56 49.56 26.79
N ARG O 16 46.88 49.44 26.75
CA ARG O 16 47.63 49.33 25.51
C ARG O 16 48.59 48.14 25.63
N THR O 17 48.15 46.98 25.14
CA THR O 17 48.97 45.78 25.14
C THR O 17 48.59 44.95 23.91
N ASP O 18 49.15 43.75 23.81
CA ASP O 18 48.87 42.83 22.72
C ASP O 18 48.42 41.51 23.29
N ASN O 19 47.16 41.15 23.02
CA ASN O 19 46.60 39.88 23.44
C ASN O 19 46.28 39.04 22.22
N PHE O 20 46.46 37.74 22.37
CA PHE O 20 46.34 36.78 21.28
C PHE O 20 45.34 35.70 21.67
N PRO O 21 44.75 35.02 20.68
CA PRO O 21 43.72 34.03 20.99
C PRO O 21 44.24 32.84 21.77
N THR O 22 43.30 32.16 22.44
CA THR O 22 43.65 31.04 23.31
C THR O 22 44.28 29.89 22.54
N ARG O 23 43.51 29.27 21.64
CA ARG O 23 44.02 28.26 20.71
C ARG O 23 44.69 27.10 21.46
N ARG O 24 43.86 26.31 22.13
CA ARG O 24 44.34 25.11 22.81
C ARG O 24 45.11 24.22 21.85
N GLY O 25 46.05 23.46 22.40
CA GLY O 25 46.90 22.63 21.57
C GLY O 25 47.18 21.24 22.13
N PHE O 26 48.21 20.58 21.60
CA PHE O 26 48.50 19.22 22.04
C PHE O 26 49.38 19.19 23.28
N GLY O 27 50.61 19.68 23.17
CA GLY O 27 51.58 19.53 24.23
C GLY O 27 52.11 20.87 24.71
N THR O 28 52.76 20.84 25.87
CA THR O 28 53.38 22.00 26.47
C THR O 28 54.87 21.76 26.62
N GLN O 29 55.67 22.81 26.43
CA GLN O 29 57.12 22.70 26.45
C GLN O 29 57.67 23.01 27.84
N LEU O 30 58.92 22.63 28.05
CA LEU O 30 59.62 22.85 29.31
C LEU O 30 60.92 23.59 29.05
N ILE O 31 61.20 24.59 29.87
CA ILE O 31 62.41 25.39 29.79
C ILE O 31 63.21 25.14 31.05
N LEU O 32 64.30 24.39 30.93
CA LEU O 32 65.10 24.00 32.09
C LEU O 32 66.46 24.68 32.02
N THR O 33 66.90 25.26 33.13
CA THR O 33 68.20 25.91 33.23
C THR O 33 68.66 25.85 34.68
N HIS O 34 69.69 26.63 34.99
CA HIS O 34 70.28 26.62 36.33
C HIS O 34 69.72 27.69 37.24
N THR O 35 69.15 28.76 36.69
CA THR O 35 68.69 29.86 37.51
C THR O 35 67.43 29.48 38.27
N ALA O 36 67.41 29.82 39.57
CA ALA O 36 66.28 29.53 40.44
C ALA O 36 65.82 30.81 41.11
N VAL O 37 64.52 30.88 41.41
CA VAL O 37 63.96 32.04 42.09
C VAL O 37 63.83 31.84 43.59
N SER O 38 63.84 30.60 44.08
CA SER O 38 63.83 30.23 45.49
C SER O 38 62.55 30.60 46.20
N GLY O 39 61.60 31.26 45.53
CA GLY O 39 60.33 31.58 46.14
C GLY O 39 59.24 30.62 45.72
N GLN O 40 59.44 29.99 44.56
CA GLN O 40 58.52 28.98 44.05
C GLN O 40 59.20 27.74 43.51
N VAL O 41 60.47 27.81 43.11
CA VAL O 41 61.11 26.73 42.36
C VAL O 41 62.22 26.04 43.13
N ASP O 42 62.39 26.34 44.42
CA ASP O 42 63.56 25.85 45.15
C ASP O 42 63.39 24.39 45.57
N ALA O 43 63.64 23.46 44.65
CA ALA O 43 63.81 22.04 44.95
C ALA O 43 62.57 21.39 45.57
N THR O 44 61.49 22.15 45.69
CA THR O 44 60.21 21.60 46.13
C THR O 44 59.19 21.55 45.00
N LYS O 45 59.27 22.48 44.06
CA LYS O 45 58.46 22.47 42.85
C LYS O 45 59.43 22.66 41.68
N ARG O 46 60.05 21.56 41.26
CA ARG O 46 61.00 21.63 40.16
C ARG O 46 60.34 22.01 38.84
N THR O 47 59.01 21.92 38.75
CA THR O 47 58.26 22.35 37.58
C THR O 47 57.14 23.28 38.04
N LYS O 48 56.99 24.39 37.35
CA LYS O 48 55.98 25.38 37.70
C LYS O 48 55.19 25.76 36.44
N LEU O 49 53.90 26.05 36.63
CA LEU O 49 53.04 26.42 35.51
C LEU O 49 52.93 27.93 35.41
N TYR O 50 52.27 28.38 34.36
CA TYR O 50 51.96 29.79 34.15
C TYR O 50 50.67 29.91 33.34
N ALA O 51 50.28 31.13 33.06
CA ALA O 51 49.10 31.38 32.23
C ALA O 51 49.40 32.35 31.09
N SER O 52 50.26 33.33 31.30
CA SER O 52 50.59 34.32 30.28
C SER O 52 51.85 35.04 30.72
N LEU O 53 52.34 35.94 29.86
CA LEU O 53 53.55 36.69 30.17
C LEU O 53 53.34 37.60 31.38
N ALA O 54 52.11 38.06 31.59
CA ALA O 54 51.82 38.90 32.75
C ALA O 54 52.11 38.16 34.05
N GLU O 55 51.70 36.89 34.14
CA GLU O 55 51.91 36.10 35.35
C GLU O 55 53.38 35.78 35.60
N VAL O 56 54.25 36.00 34.62
CA VAL O 56 55.68 35.74 34.81
C VAL O 56 56.23 36.86 35.68
N GLU O 57 56.42 36.58 36.96
CA GLU O 57 56.94 37.59 37.88
C GLU O 57 58.16 37.08 38.62
N ALA O 58 58.16 35.80 38.99
CA ALA O 58 59.25 35.24 39.78
C ALA O 58 60.58 35.34 39.05
N ASP O 59 60.63 34.86 37.81
CA ASP O 59 61.82 35.03 37.00
C ASP O 59 61.98 36.48 36.59
N TYR O 60 63.23 36.91 36.48
CA TYR O 60 63.53 38.31 36.22
C TYR O 60 63.01 38.70 34.83
N PRO O 61 62.43 39.90 34.70
CA PRO O 61 61.94 40.33 33.39
C PRO O 61 63.03 40.70 32.41
N ALA O 62 64.29 40.40 32.75
CA ALA O 62 65.39 40.57 31.81
C ALA O 62 66.41 39.45 31.90
N ASN O 63 66.12 38.35 32.58
CA ASN O 63 67.05 37.23 32.62
C ASN O 63 67.12 36.56 31.25
N THR O 64 68.31 36.05 30.93
CA THR O 64 68.55 35.55 29.58
C THR O 64 67.80 34.25 29.33
N SER O 65 67.69 33.39 30.33
CA SER O 65 67.11 32.07 30.12
C SER O 65 65.60 32.14 29.95
N VAL O 66 64.90 32.58 30.99
CA VAL O 66 63.44 32.43 31.01
C VAL O 66 62.77 33.50 30.17
N TYR O 67 62.96 34.77 30.56
CA TYR O 67 62.17 35.82 29.92
C TYR O 67 62.56 36.02 28.46
N LYS O 68 63.85 35.97 28.16
CA LYS O 68 64.30 36.21 26.79
C LYS O 68 63.93 35.07 25.85
N ALA O 69 63.45 33.94 26.37
CA ALA O 69 62.88 32.88 25.56
C ALA O 69 61.36 32.82 25.66
N ALA O 70 60.81 33.03 26.85
CA ALA O 70 59.35 33.03 27.00
C ALA O 70 58.70 34.16 26.22
N LEU O 71 59.41 35.28 26.05
CA LEU O 71 58.87 36.36 25.24
C LEU O 71 58.65 35.91 23.80
N SER O 72 59.61 35.19 23.24
CA SER O 72 59.42 34.62 21.90
C SER O 72 58.35 33.54 21.91
N ALA O 73 58.31 32.72 22.96
CA ALA O 73 57.36 31.62 23.02
C ALA O 73 55.92 32.12 22.98
N PHE O 74 55.62 33.16 23.74
CA PHE O 74 54.27 33.70 23.81
C PHE O 74 53.98 34.71 22.70
N SER O 75 54.76 34.70 21.62
CA SER O 75 54.66 35.72 20.59
C SER O 75 54.08 35.22 19.28
N GLN O 76 53.60 33.98 19.24
CA GLN O 76 53.01 33.45 18.01
C GLN O 76 51.65 34.08 17.76
N ASN O 77 51.30 34.21 16.47
CA ASN O 77 50.06 34.89 16.10
C ASN O 77 48.85 34.26 16.75
N PRO O 78 48.68 32.94 16.77
CA PRO O 78 47.85 32.33 17.81
C PRO O 78 48.73 31.91 18.98
N ARG O 79 48.23 32.13 20.17
CA ARG O 79 49.15 31.99 21.27
C ARG O 79 48.97 30.66 21.98
N PRO O 80 50.05 30.01 22.41
CA PRO O 80 49.90 28.84 23.27
C PRO O 80 49.48 29.26 24.67
N ILE O 81 49.31 28.30 25.57
CA ILE O 81 48.95 28.60 26.95
C ILE O 81 49.79 27.73 27.87
N ARG O 82 49.75 28.08 29.16
CA ARG O 82 50.33 27.31 30.27
C ARG O 82 51.74 26.80 29.92
N LEU O 83 52.63 27.76 29.74
CA LEU O 83 54.05 27.45 29.63
C LEU O 83 54.55 26.87 30.95
N LYS O 84 55.49 25.93 30.86
CA LYS O 84 56.05 25.27 32.03
C LYS O 84 57.51 25.65 32.20
N VAL O 85 57.89 25.97 33.43
CA VAL O 85 59.25 26.38 33.76
C VAL O 85 59.89 25.32 34.64
N GLY O 86 61.15 24.97 34.31
CA GLY O 86 61.85 23.90 34.97
C GLY O 86 62.89 24.38 35.97
N TYR O 87 63.51 23.41 36.62
CA TYR O 87 64.51 23.63 37.67
C TYR O 87 65.63 22.60 37.58
N ALA O 88 65.66 21.81 36.51
CA ALA O 88 66.40 20.55 36.47
C ALA O 88 67.88 20.69 36.78
N ALA O 89 68.62 21.35 35.89
CA ALA O 89 70.06 21.46 36.08
C ALA O 89 70.41 22.66 36.94
N THR O 90 69.76 22.76 38.09
CA THR O 90 70.18 23.77 39.07
C THR O 90 71.62 23.59 39.49
N PRO O 91 72.12 22.39 39.76
CA PRO O 91 73.58 22.22 39.85
C PRO O 91 74.22 22.57 38.51
N THR O 92 75.39 23.19 38.58
CA THR O 92 76.09 23.64 37.38
C THR O 92 76.66 22.41 36.67
N GLY O 93 75.76 21.65 36.06
CA GLY O 93 76.16 20.47 35.31
C GLY O 93 76.57 19.32 36.21
N GLY O 94 77.57 19.56 37.04
CA GLY O 94 78.02 18.55 37.98
C GLY O 94 79.22 19.04 38.75
N ASP O 95 79.62 18.24 39.73
CA ASP O 95 80.86 18.51 40.44
C ASP O 95 82.05 18.41 39.50
N ASP O 96 82.05 17.39 38.63
CA ASP O 96 83.00 17.27 37.53
C ASP O 96 82.20 17.35 36.24
N ALA O 97 82.27 18.50 35.56
CA ALA O 97 81.48 18.72 34.36
C ALA O 97 81.86 17.77 33.22
N ALA O 98 83.06 17.17 33.28
CA ALA O 98 83.46 16.24 32.23
C ALA O 98 82.56 15.03 32.17
N LYS O 99 81.94 14.66 33.29
CA LYS O 99 81.02 13.54 33.33
C LYS O 99 79.59 14.04 33.45
N LYS O 100 78.71 13.49 32.61
CA LYS O 100 77.31 13.86 32.55
C LYS O 100 76.46 13.10 33.56
N ALA O 101 77.08 12.22 34.36
CA ALA O 101 76.31 11.39 35.28
C ALA O 101 75.47 12.21 36.24
N ASP O 102 75.92 13.42 36.61
CA ASP O 102 75.08 14.28 37.44
C ASP O 102 73.89 14.82 36.67
N PHE O 103 74.06 15.08 35.36
CA PHE O 103 72.97 15.67 34.59
C PHE O 103 71.83 14.68 34.40
N ILE O 104 72.15 13.41 34.12
CA ILE O 104 71.10 12.41 33.96
C ILE O 104 70.34 12.22 35.26
N THR O 105 71.05 12.21 36.39
CA THR O 105 70.39 12.12 37.68
C THR O 105 69.53 13.34 37.96
N SER O 106 70.00 14.53 37.54
CA SER O 106 69.18 15.73 37.69
C SER O 106 67.89 15.60 36.92
N LEU O 107 67.97 15.10 35.68
CA LEU O 107 66.76 14.89 34.89
C LEU O 107 65.84 13.87 35.53
N GLY O 108 66.41 12.79 36.06
CA GLY O 108 65.60 11.74 36.66
C GLY O 108 64.81 12.18 37.87
N ALA O 109 65.18 13.31 38.48
CA ALA O 109 64.51 13.81 39.67
C ALA O 109 63.47 14.88 39.35
N ILE O 110 63.27 15.22 38.08
CA ILE O 110 62.27 16.22 37.72
C ILE O 110 61.00 15.60 37.16
N LEU O 111 61.05 14.39 36.62
CA LEU O 111 59.83 13.72 36.19
C LEU O 111 58.90 13.45 37.35
N ASN O 112 59.46 12.99 38.48
CA ASN O 112 58.63 12.50 39.58
C ASN O 112 57.71 13.59 40.12
N TYR O 113 58.16 14.85 40.11
CA TYR O 113 57.29 15.94 40.55
C TYR O 113 56.10 16.09 39.61
N ASP O 114 56.33 16.00 38.31
CA ASP O 114 55.26 16.22 37.34
C ASP O 114 55.70 15.72 35.97
N GLN O 115 54.85 14.94 35.32
CA GLN O 115 55.05 14.50 33.94
C GLN O 115 53.86 15.00 33.14
N ALA O 116 53.94 16.23 32.67
CA ALA O 116 52.92 16.80 31.81
C ALA O 116 53.48 17.46 30.56
N PHE O 117 54.74 17.88 30.58
CA PHE O 117 55.35 18.52 29.43
C PHE O 117 55.67 17.50 28.34
N TYR O 118 55.75 17.98 27.10
CA TYR O 118 56.09 17.15 25.96
C TYR O 118 57.36 17.59 25.25
N GLN O 119 57.73 18.86 25.36
CA GLN O 119 58.85 19.43 24.63
C GLN O 119 59.86 20.02 25.61
N ILE O 120 61.14 19.82 25.29
CA ILE O 120 62.23 20.27 26.14
C ILE O 120 63.07 21.26 25.34
N THR O 121 63.22 22.47 25.88
CA THR O 121 64.00 23.54 25.25
C THR O 121 64.89 24.17 26.31
N LEU O 122 66.21 24.00 26.14
CA LEU O 122 67.20 24.61 27.02
C LEU O 122 67.88 25.75 26.28
N ASP O 123 68.08 26.86 26.98
CA ASP O 123 68.50 28.08 26.28
C ASP O 123 69.26 29.00 27.23
N ALA O 124 70.06 29.89 26.63
CA ALA O 124 70.86 30.90 27.31
C ALA O 124 71.96 30.27 28.14
N ALA O 125 71.99 28.94 28.18
CA ALA O 125 73.01 28.18 28.87
C ALA O 125 72.94 26.77 28.33
N LEU O 126 73.88 25.93 28.77
CA LEU O 126 73.98 24.55 28.32
C LEU O 126 74.17 24.45 26.81
N ARG O 127 74.67 25.51 26.18
CA ARG O 127 74.86 25.53 24.73
C ARG O 127 76.11 24.75 24.37
N ASP O 128 75.93 23.64 23.66
CA ASP O 128 77.03 22.81 23.16
C ASP O 128 77.93 22.33 24.28
N GLN O 129 77.42 22.29 25.51
CA GLN O 129 78.21 21.76 26.61
C GLN O 129 78.36 20.25 26.48
N PRO O 130 79.52 19.71 26.86
CA PRO O 130 79.76 18.27 26.66
C PRO O 130 78.78 17.39 27.43
N TYR O 131 78.31 17.82 28.60
CA TYR O 131 77.38 17.01 29.35
C TYR O 131 75.99 16.97 28.72
N LEU O 132 75.66 17.96 27.89
CA LEU O 132 74.34 18.03 27.27
C LEU O 132 74.03 16.78 26.46
N ASP O 133 75.06 16.08 25.97
CA ASP O 133 74.84 14.85 25.23
C ASP O 133 74.02 13.85 26.01
N GLY O 134 74.12 13.86 27.34
CA GLY O 134 73.31 12.96 28.14
C GLY O 134 71.83 13.11 27.86
N LEU O 135 71.37 14.34 27.63
CA LEU O 135 69.97 14.56 27.28
C LEU O 135 69.59 13.78 26.02
N VAL O 136 70.46 13.78 25.03
CA VAL O 136 70.20 13.01 23.81
C VAL O 136 70.07 11.54 24.15
N GLU O 137 70.86 11.06 25.10
CA GLU O 137 70.73 9.67 25.54
C GLU O 137 69.44 9.47 26.33
N TRP O 138 68.98 10.50 27.03
CA TRP O 138 67.86 10.33 27.94
C TRP O 138 66.51 10.52 27.24
N VAL O 139 66.44 11.39 26.22
CA VAL O 139 65.17 11.63 25.56
C VAL O 139 64.74 10.44 24.71
N GLU O 140 65.67 9.58 24.33
CA GLU O 140 65.27 8.32 23.71
C GLU O 140 64.78 7.36 24.80
N ALA O 141 64.04 6.34 24.36
CA ALA O 141 63.31 5.46 25.27
C ALA O 141 62.41 6.28 26.19
N GLN O 142 61.76 7.28 25.62
CA GLN O 142 60.95 8.24 26.35
C GLN O 142 59.95 8.86 25.38
N PRO O 143 58.70 9.06 25.78
CA PRO O 143 57.70 9.66 24.86
C PRO O 143 57.67 11.18 24.89
N LYS O 144 58.80 11.81 24.55
CA LYS O 144 58.90 13.26 24.55
C LYS O 144 59.81 13.69 23.40
N ILE O 145 59.90 15.01 23.21
CA ILE O 145 60.77 15.59 22.19
C ILE O 145 61.61 16.68 22.84
N ALA O 146 62.92 16.61 22.65
CA ALA O 146 63.84 17.59 23.19
C ALA O 146 64.67 18.17 22.05
N MET O 147 64.80 19.48 22.01
CA MET O 147 65.53 20.12 20.93
C MET O 147 66.47 21.20 21.48
N ILE O 148 67.59 21.37 20.78
CA ILE O 148 68.70 22.20 21.24
C ILE O 148 69.04 23.21 20.16
N ASP O 149 68.98 24.50 20.49
CA ASP O 149 69.30 25.56 19.54
C ASP O 149 70.71 26.05 19.81
N SER O 150 71.70 25.43 19.17
CA SER O 150 73.06 25.93 19.26
C SER O 150 73.14 27.32 18.65
N ASN O 151 74.04 28.14 19.20
CA ASN O 151 74.19 29.52 18.78
C ASN O 151 75.29 29.73 17.76
N ALA O 152 76.32 28.90 17.75
CA ALA O 152 77.40 28.99 16.78
C ALA O 152 78.29 27.76 16.88
N ALA O 153 78.74 27.26 15.74
CA ALA O 153 79.58 26.07 15.70
C ALA O 153 80.12 25.92 14.28
N GLY O 154 80.91 24.87 14.08
CA GLY O 154 81.48 24.59 12.77
C GLY O 154 80.56 23.78 11.89
N HIS O 155 79.25 24.06 11.93
CA HIS O 155 78.33 23.40 11.02
C HIS O 155 78.60 23.79 9.57
N GLU O 156 79.16 24.97 9.35
CA GLU O 156 79.42 25.45 7.99
C GLU O 156 80.40 24.57 7.24
N ASP O 157 81.25 23.84 7.96
CA ASP O 157 82.14 22.88 7.33
C ASP O 157 81.52 21.50 7.40
N PRO O 158 81.11 20.91 6.29
CA PRO O 158 80.51 19.57 6.32
C PRO O 158 81.50 18.44 6.56
N ALA O 159 82.74 18.75 6.94
CA ALA O 159 83.77 17.74 7.14
C ALA O 159 84.09 17.46 8.59
N ASN O 160 83.78 18.37 9.50
CA ASN O 160 84.13 18.16 10.90
C ASN O 160 83.21 17.11 11.52
N THR O 161 83.58 16.69 12.74
CA THR O 161 82.81 15.70 13.48
C THR O 161 82.59 16.06 14.94
N THR O 162 83.32 17.04 15.47
CA THR O 162 83.21 17.40 16.88
C THR O 162 81.91 18.11 17.22
N VAL O 163 81.12 18.49 16.24
CA VAL O 163 79.92 19.29 16.47
C VAL O 163 78.78 18.38 16.90
N ILE O 164 77.73 19.00 17.47
CA ILE O 164 76.58 18.26 17.97
C ILE O 164 75.96 17.42 16.87
N ALA O 165 75.50 18.08 15.81
CA ALA O 165 74.81 17.39 14.73
C ALA O 165 75.74 16.55 13.88
N ALA O 166 77.05 16.67 14.07
CA ALA O 166 78.00 15.86 13.31
C ALA O 166 78.28 14.53 14.00
N ARG O 167 78.54 14.55 15.30
CA ARG O 167 78.77 13.29 16.02
C ARG O 167 77.50 12.46 16.07
N HIS O 168 76.35 13.09 16.27
CA HIS O 168 75.05 12.45 16.18
C HIS O 168 74.39 12.93 14.91
N LYS O 169 74.30 12.05 13.90
CA LYS O 169 73.79 12.44 12.59
C LYS O 169 73.12 11.21 11.99
N GLY O 170 71.79 11.20 11.99
CA GLY O 170 71.04 10.08 11.50
C GLY O 170 70.90 8.92 12.47
N THR O 171 71.49 9.03 13.66
CA THR O 171 71.38 7.96 14.65
C THR O 171 70.30 8.22 15.69
N VAL O 172 69.92 9.48 15.89
CA VAL O 172 68.92 9.85 16.88
C VAL O 172 67.66 10.29 16.15
N GLU O 173 66.51 9.85 16.65
CA GLU O 173 65.24 10.04 15.96
C GLU O 173 64.26 10.91 16.75
N ARG O 174 64.72 11.57 17.81
CA ARG O 174 63.78 12.35 18.62
C ARG O 174 64.36 13.68 19.07
N THR O 175 65.25 14.27 18.28
CA THR O 175 65.79 15.57 18.63
C THR O 175 66.20 16.30 17.35
N ALA O 176 66.22 17.63 17.43
CA ALA O 176 66.61 18.45 16.29
C ALA O 176 67.32 19.70 16.80
N VAL O 177 68.13 20.29 15.93
CA VAL O 177 69.01 21.41 16.30
C VAL O 177 68.57 22.63 15.51
N PHE O 178 68.07 23.65 16.23
CA PHE O 178 67.64 24.90 15.60
C PHE O 178 68.80 25.89 15.61
N TYR O 179 69.78 25.63 14.75
CA TYR O 179 70.96 26.47 14.67
C TYR O 179 70.61 27.87 14.15
N HIS O 180 71.25 28.87 14.73
CA HIS O 180 71.17 30.25 14.24
C HIS O 180 72.46 30.94 14.64
N THR O 181 72.46 32.28 14.59
CA THR O 181 73.52 33.07 15.19
C THR O 181 73.11 33.44 16.62
N ASP O 182 73.94 34.25 17.27
CA ASP O 182 73.76 34.51 18.70
C ASP O 182 72.59 35.45 18.95
N SER O 183 72.10 35.40 20.21
CA SER O 183 71.11 36.31 20.79
C SER O 183 69.69 36.07 20.28
N THR O 184 69.45 34.96 19.58
CA THR O 184 68.12 34.64 19.07
C THR O 184 67.63 33.36 19.74
N GLU O 185 66.59 33.48 20.56
CA GLU O 185 65.95 32.32 21.19
C GLU O 185 64.90 31.80 20.21
N TYR O 186 65.20 30.65 19.60
CA TYR O 186 64.50 30.21 18.40
C TYR O 186 63.60 29.00 18.61
N LEU O 187 63.96 28.05 19.47
CA LEU O 187 63.09 26.91 19.72
C LEU O 187 61.72 27.36 20.17
N ALA O 188 61.67 28.33 21.08
CA ALA O 188 60.39 28.82 21.57
C ALA O 188 59.56 29.42 20.46
N ALA O 189 60.20 29.95 19.41
CA ALA O 189 59.46 30.64 18.36
C ALA O 189 58.52 29.70 17.62
N SER O 190 58.98 28.49 17.32
CA SER O 190 58.18 27.52 16.57
C SER O 190 57.69 26.37 17.43
N MET O 191 58.58 25.72 18.17
CA MET O 191 58.17 24.63 19.04
C MET O 191 57.24 25.15 20.12
N ALA O 192 56.11 24.45 20.29
CA ALA O 192 55.13 24.74 21.33
C ALA O 192 54.50 26.11 21.15
N ALA O 193 54.93 26.86 20.15
CA ALA O 193 54.23 28.06 19.73
C ALA O 193 53.43 27.83 18.46
N TYR O 194 54.02 27.09 17.52
CA TYR O 194 53.28 26.55 16.39
C TYR O 194 53.06 25.06 16.50
N MET O 195 54.02 24.32 17.07
CA MET O 195 53.85 22.89 17.26
C MET O 195 52.66 22.60 18.17
N SER O 196 52.55 23.33 19.28
CA SER O 196 51.48 23.07 20.23
C SER O 196 50.13 23.42 19.64
N THR O 197 49.99 24.61 19.08
CA THR O 197 48.67 25.11 18.70
C THR O 197 48.15 24.48 17.42
N ARG O 198 48.13 23.15 17.37
CA ARG O 198 47.52 22.41 16.26
C ARG O 198 46.58 21.38 16.86
N VAL O 199 45.37 21.29 16.32
CA VAL O 199 44.36 20.36 16.79
C VAL O 199 44.18 19.27 15.74
N PHE O 200 44.55 18.04 16.09
CA PHE O 200 44.58 16.95 15.13
C PHE O 200 43.23 16.26 14.96
N ASP O 201 42.25 16.55 15.81
CA ASP O 201 40.96 15.91 15.71
C ASP O 201 40.08 16.49 14.61
N ASP O 202 40.45 17.63 14.05
CA ASP O 202 39.68 18.26 12.99
C ASP O 202 40.11 17.71 11.63
N ALA O 203 39.25 17.91 10.64
CA ALA O 203 39.54 17.46 9.29
C ALA O 203 40.68 18.28 8.69
N ASN O 204 41.53 17.62 7.92
CA ASN O 204 42.60 18.23 7.13
C ASN O 204 43.58 19.03 7.96
N SER O 205 43.60 18.84 9.28
CA SER O 205 44.52 19.56 10.14
C SER O 205 45.78 18.78 10.42
N ALA O 206 46.45 18.33 9.36
CA ALA O 206 47.70 17.58 9.48
C ALA O 206 48.80 18.44 8.86
N TYR O 207 49.67 19.00 9.71
CA TYR O 207 50.72 19.90 9.25
C TYR O 207 52.00 19.11 8.97
N THR O 208 51.88 18.18 8.02
CA THR O 208 52.96 17.23 7.77
C THR O 208 54.30 17.92 7.48
N LEU O 209 54.28 19.07 6.81
CA LEU O 209 55.53 19.73 6.46
C LEU O 209 56.26 20.29 7.67
N LYS O 210 55.66 21.29 8.33
CA LYS O 210 56.40 22.18 9.22
C LYS O 210 57.59 22.82 8.50
N PHE O 211 57.58 22.77 7.17
CA PHE O 211 58.71 23.11 6.33
C PHE O 211 58.63 24.52 5.76
N LYS O 212 57.44 25.11 5.75
CA LYS O 212 57.25 26.49 5.27
C LYS O 212 56.41 27.20 6.31
N LYS O 213 57.07 27.77 7.33
CA LYS O 213 56.36 28.40 8.43
C LYS O 213 57.16 29.59 8.94
N ALA O 214 56.45 30.65 9.31
CA ALA O 214 57.01 31.88 9.80
C ALA O 214 57.04 31.90 11.33
N PRO O 215 58.08 32.47 11.92
CA PRO O 215 58.15 32.57 13.38
C PRO O 215 57.38 33.80 13.86
N GLY O 216 57.45 34.05 15.16
CA GLY O 216 56.82 35.24 15.69
C GLY O 216 57.56 36.49 15.26
N VAL O 217 58.73 36.71 15.85
CA VAL O 217 59.56 37.88 15.54
C VAL O 217 61.01 37.43 15.59
N ARG O 218 61.66 37.37 14.43
CA ARG O 218 63.09 37.06 14.37
C ARG O 218 63.58 37.31 12.96
N ALA O 219 64.89 37.42 12.81
CA ALA O 219 65.52 37.79 11.55
C ALA O 219 66.20 36.60 10.90
N ILE O 220 66.70 36.84 9.69
CA ILE O 220 67.25 35.80 8.82
C ILE O 220 68.75 35.65 9.04
N ASP O 221 69.30 34.53 8.57
CA ASP O 221 70.74 34.36 8.46
C ASP O 221 71.14 34.59 7.00
N LYS O 222 72.41 34.31 6.68
CA LYS O 222 72.95 34.62 5.36
C LYS O 222 73.74 33.44 4.81
N GLY O 223 73.83 33.38 3.48
CA GLY O 223 74.56 32.34 2.80
C GLY O 223 73.70 31.66 1.74
N SER O 224 74.35 31.16 0.69
CA SER O 224 73.65 30.49 -0.41
C SER O 224 74.05 29.04 -0.57
N ALA O 225 75.34 28.76 -0.70
CA ALA O 225 75.85 27.40 -0.73
C ALA O 225 76.29 26.91 0.63
N VAL O 226 76.18 27.75 1.67
CA VAL O 226 76.45 27.32 3.03
C VAL O 226 75.20 26.81 3.73
N VAL O 227 74.03 26.93 3.09
CA VAL O 227 72.79 26.42 3.64
C VAL O 227 72.62 24.98 3.16
N THR O 228 73.68 24.44 2.55
CA THR O 228 73.74 23.02 2.25
C THR O 228 74.53 22.24 3.28
N ALA O 229 75.63 22.79 3.78
CA ALA O 229 76.33 22.16 4.90
C ALA O 229 75.42 22.06 6.11
N ILE O 230 74.82 23.17 6.50
CA ILE O 230 73.68 23.13 7.41
C ILE O 230 72.47 22.63 6.63
N THR O 231 71.54 22.00 7.33
CA THR O 231 70.31 21.41 6.79
C THR O 231 70.57 20.25 5.84
N GLY O 232 71.82 19.93 5.53
CA GLY O 232 72.18 18.76 4.76
C GLY O 232 71.31 18.45 3.57
N PHE O 233 70.88 19.46 2.84
CA PHE O 233 69.89 19.30 1.78
C PHE O 233 70.57 19.41 0.42
N VAL O 234 70.43 18.37 -0.40
CA VAL O 234 70.86 18.43 -1.79
C VAL O 234 69.95 19.40 -2.54
N GLU O 235 70.51 20.06 -3.56
CA GLU O 235 69.76 21.06 -4.31
C GLU O 235 68.53 20.46 -4.97
N GLN O 236 68.70 19.38 -5.73
CA GLN O 236 67.62 18.81 -6.52
C GLN O 236 67.29 17.37 -6.15
N THR O 237 68.30 16.49 -6.10
CA THR O 237 68.04 15.06 -6.02
C THR O 237 67.29 14.68 -4.77
N GLY O 238 67.67 15.25 -3.62
CA GLY O 238 67.00 14.91 -2.38
C GLY O 238 67.65 15.54 -1.17
N GLN O 239 67.84 14.75 -0.13
CA GLN O 239 68.54 15.18 1.08
C GLN O 239 69.56 14.13 1.44
N SER O 240 70.84 14.49 1.35
CA SER O 240 71.92 13.57 1.64
C SER O 240 72.42 13.80 3.06
N GLU O 241 72.49 12.71 3.81
CA GLU O 241 72.94 12.74 5.20
C GLU O 241 74.45 12.92 5.30
N SER O 242 75.20 12.49 4.29
CA SER O 242 76.66 12.58 4.35
C SER O 242 77.15 13.99 4.08
N ALA O 243 76.48 14.74 3.21
CA ALA O 243 76.97 16.02 2.74
C ALA O 243 76.45 17.20 3.57
N GLY O 244 76.15 16.99 4.85
CA GLY O 244 75.74 18.10 5.68
C GLY O 244 75.17 17.61 6.99
N HIS O 245 74.94 18.58 7.88
CA HIS O 245 74.32 18.33 9.17
C HIS O 245 72.85 18.74 9.08
N CYS O 246 71.98 17.88 9.58
CA CYS O 246 70.54 18.10 9.46
C CYS O 246 70.07 19.02 10.57
N ALA O 247 69.75 20.26 10.22
CA ALA O 247 69.31 21.25 11.19
C ALA O 247 68.37 22.23 10.50
N ASN O 248 68.10 23.35 11.17
CA ASN O 248 67.17 24.35 10.67
C ASN O 248 67.75 25.75 10.90
N THR O 249 67.41 26.68 10.01
CA THR O 249 68.04 27.99 10.06
C THR O 249 67.11 29.18 9.85
N LEU O 250 65.89 29.00 9.35
CA LEU O 250 64.95 30.10 9.09
C LEU O 250 65.54 31.08 8.07
N ILE O 251 65.67 30.60 6.84
CA ILE O 251 66.18 31.41 5.73
C ILE O 251 65.05 32.23 5.13
N ASP O 252 65.40 33.16 4.24
CA ASP O 252 64.41 33.91 3.47
C ASP O 252 64.78 33.84 1.99
N ILE O 253 63.77 33.91 1.12
CA ILE O 253 63.99 33.80 -0.31
C ILE O 253 63.49 35.05 -1.01
N GLY O 254 62.25 35.44 -0.71
CA GLY O 254 61.80 36.77 -1.06
C GLY O 254 62.13 37.69 0.10
N ASP O 255 61.22 38.61 0.42
CA ASP O 255 61.31 39.29 1.69
C ASP O 255 60.73 38.37 2.77
N GLN O 256 60.14 37.27 2.33
CA GLN O 256 59.45 36.32 3.20
C GLN O 256 60.47 35.43 3.88
N GLU O 257 60.59 35.57 5.20
CA GLU O 257 61.44 34.71 6.00
C GLU O 257 60.62 33.59 6.62
N PHE O 258 61.13 32.36 6.51
CA PHE O 258 60.37 31.19 6.92
C PHE O 258 61.33 30.08 7.33
N LEU O 259 60.82 29.14 8.11
CA LEU O 259 61.60 27.98 8.52
C LEU O 259 61.90 27.11 7.31
N VAL O 260 63.02 26.39 7.37
CA VAL O 260 63.48 25.58 6.26
C VAL O 260 63.89 24.20 6.76
N GLU O 261 63.93 23.25 5.83
CA GLU O 261 64.28 21.85 6.01
C GLU O 261 63.24 21.07 6.82
N GLY O 262 62.22 21.74 7.35
CA GLY O 262 61.11 21.03 7.96
C GLY O 262 61.41 20.36 9.30
N SER O 263 62.44 20.80 10.00
CA SER O 263 62.78 20.27 11.31
C SER O 263 63.01 18.76 11.27
N THR O 264 64.02 18.36 10.50
CA THR O 264 64.37 16.96 10.47
C THR O 264 65.17 16.57 11.70
N LEU O 265 65.28 15.29 11.93
CA LEU O 265 66.04 14.70 13.01
C LEU O 265 67.10 13.73 12.54
N THR O 266 66.85 13.05 11.42
CA THR O 266 67.78 12.17 10.76
C THR O 266 67.66 12.49 9.28
N GLN O 267 68.13 11.59 8.42
CA GLN O 267 68.15 11.87 6.98
C GLN O 267 66.78 12.34 6.48
N ASN O 268 65.75 11.52 6.65
CA ASN O 268 64.42 11.86 6.17
C ASN O 268 63.36 11.51 7.20
N VAL O 269 63.56 11.93 8.44
CA VAL O 269 62.58 11.77 9.50
C VAL O 269 62.15 13.16 9.93
N PHE O 270 60.96 13.57 9.50
CA PHE O 270 60.50 14.93 9.77
C PHE O 270 59.77 15.01 11.11
N LEU O 271 59.69 16.23 11.63
CA LEU O 271 59.18 16.42 12.98
C LEU O 271 57.69 16.08 13.10
N ASP O 272 56.91 16.42 12.08
CA ASP O 272 55.47 16.20 12.16
C ASP O 272 55.13 14.72 12.22
N GLU O 273 55.91 13.87 11.53
CA GLU O 273 55.68 12.45 11.62
C GLU O 273 55.84 11.93 13.04
N ILE O 274 56.76 12.51 13.81
CA ILE O 274 56.88 12.17 15.22
C ILE O 274 55.70 12.72 16.02
N HIS O 275 55.33 13.97 15.75
CA HIS O 275 54.28 14.62 16.53
C HIS O 275 52.95 13.88 16.38
N ALA O 276 52.61 13.49 15.16
CA ALA O 276 51.32 12.83 14.92
C ALA O 276 51.26 11.47 15.60
N THR O 277 52.33 10.69 15.53
CA THR O 277 52.34 9.38 16.20
C THR O 277 52.28 9.55 17.70
N ASP O 278 52.97 10.55 18.25
CA ASP O 278 52.88 10.80 19.67
C ASP O 278 51.47 11.18 20.07
N TRP O 279 50.78 11.96 19.24
CA TRP O 279 49.39 12.30 19.51
C TRP O 279 48.52 11.05 19.51
N ILE O 280 48.73 10.16 18.53
CA ILE O 280 47.93 8.94 18.46
C ILE O 280 48.13 8.11 19.73
N ILE O 281 49.39 7.96 20.15
CA ILE O 281 49.68 7.18 21.35
C ILE O 281 49.02 7.79 22.57
N ALA O 282 49.24 9.10 22.78
CA ALA O 282 48.71 9.76 23.96
C ALA O 282 47.20 9.88 23.93
N ARG O 283 46.57 9.71 22.78
CA ARG O 283 45.12 9.65 22.73
C ARG O 283 44.59 8.26 23.06
N THR O 284 45.23 7.22 22.53
CA THR O 284 44.79 5.86 22.84
C THR O 284 44.96 5.57 24.32
N GLU O 285 46.04 6.07 24.93
CA GLU O 285 46.22 5.82 26.37
C GLU O 285 45.10 6.46 27.17
N GLU O 286 44.74 7.70 26.85
CA GLU O 286 43.67 8.37 27.58
C GLU O 286 42.33 7.65 27.38
N GLU O 287 42.05 7.22 26.15
CA GLU O 287 40.79 6.53 25.91
C GLU O 287 40.74 5.18 26.61
N MET O 288 41.85 4.45 26.66
CA MET O 288 41.91 3.22 27.42
C MET O 288 41.67 3.48 28.90
N LEU O 289 42.27 4.55 29.42
CA LEU O 289 42.06 4.88 30.83
C LEU O 289 40.59 5.19 31.10
N SER O 290 39.95 5.91 30.19
CA SER O 290 38.55 6.27 30.34
C SER O 290 37.61 5.09 30.09
N LEU O 291 38.14 3.89 29.95
CA LEU O 291 37.32 2.70 29.71
C LEU O 291 37.27 1.76 30.88
N PHE O 292 38.33 1.65 31.66
CA PHE O 292 38.26 0.91 32.91
C PHE O 292 37.49 1.65 33.98
N LEU O 293 37.40 2.97 33.86
CA LEU O 293 36.76 3.79 34.88
C LEU O 293 35.26 3.92 34.68
N ASN O 294 34.78 3.77 33.44
CA ASN O 294 33.34 3.85 33.19
C ASN O 294 32.67 2.51 33.47
N ASN O 295 33.00 1.48 32.69
CA ASN O 295 32.51 0.15 32.99
C ASN O 295 33.13 -0.34 34.29
N ASP O 296 32.40 -1.21 34.98
CA ASP O 296 32.98 -1.80 36.18
C ASP O 296 34.15 -2.70 35.77
N ARG O 297 33.88 -3.78 35.05
CA ARG O 297 34.89 -4.79 34.76
C ARG O 297 34.95 -5.11 33.28
N VAL O 298 36.13 -5.52 32.83
CA VAL O 298 36.37 -5.99 31.48
C VAL O 298 36.75 -7.47 31.56
N PRO O 299 35.89 -8.39 31.16
CA PRO O 299 36.19 -9.81 31.35
C PRO O 299 37.37 -10.25 30.50
N PHE O 300 37.95 -11.38 30.87
CA PHE O 300 39.15 -11.90 30.20
C PHE O 300 38.75 -12.94 29.16
N THR O 301 38.07 -12.46 28.12
CA THR O 301 37.66 -13.30 27.00
C THR O 301 37.70 -12.49 25.72
N ASP O 302 37.33 -13.14 24.62
CA ASP O 302 37.24 -12.44 23.34
C ASP O 302 36.24 -11.30 23.41
N GLN O 303 35.16 -11.48 24.19
CA GLN O 303 34.18 -10.41 24.36
C GLN O 303 34.84 -9.15 24.90
N GLY O 304 35.65 -9.29 25.95
CA GLY O 304 36.39 -8.15 26.45
C GLY O 304 37.55 -7.74 25.59
N MET O 305 38.11 -8.67 24.81
CA MET O 305 39.25 -8.34 23.97
C MET O 305 38.86 -7.40 22.84
N GLN O 306 37.75 -7.70 22.16
CA GLN O 306 37.26 -6.77 21.14
C GLN O 306 36.84 -5.45 21.74
N GLN O 307 36.38 -5.44 23.00
CA GLN O 307 36.03 -4.19 23.66
C GLN O 307 37.25 -3.29 23.80
N LEU O 308 38.41 -3.86 24.13
CA LEU O 308 39.63 -3.07 24.17
C LEU O 308 40.10 -2.70 22.78
N ALA O 309 39.92 -3.60 21.81
CA ALA O 309 40.27 -3.28 20.42
C ALA O 309 39.43 -2.14 19.86
N SER O 310 38.26 -1.88 20.44
CA SER O 310 37.40 -0.81 19.95
C SER O 310 38.04 0.57 20.01
N VAL O 311 39.03 0.77 20.87
CA VAL O 311 39.62 2.09 21.03
C VAL O 311 40.56 2.41 19.87
N PRO O 312 41.56 1.58 19.55
CA PRO O 312 42.37 1.89 18.36
C PRO O 312 41.57 1.90 17.08
N ARG O 313 40.55 1.06 16.98
CA ARG O 313 39.75 1.02 15.77
C ARG O 313 38.97 2.31 15.57
N ALA O 314 38.81 3.11 16.62
CA ALA O 314 38.21 4.43 16.47
C ALA O 314 39.26 5.53 16.34
N ILE O 315 40.40 5.40 17.01
CA ILE O 315 41.43 6.42 16.89
C ILE O 315 42.02 6.43 15.48
N MET O 316 42.21 5.26 14.88
CA MET O 316 42.71 5.22 13.51
C MET O 316 41.70 5.84 12.54
N GLN O 317 40.41 5.58 12.77
CA GLN O 317 39.38 6.17 11.93
C GLN O 317 39.37 7.69 12.06
N LEU O 318 39.51 8.19 13.28
CA LEU O 318 39.56 9.62 13.53
C LEU O 318 40.85 10.26 13.02
N ALA O 319 41.91 9.49 12.87
CA ALA O 319 43.19 10.01 12.38
C ALA O 319 43.24 10.05 10.86
N ALA O 320 42.72 9.03 10.19
CA ALA O 320 42.69 9.04 8.73
C ALA O 320 41.91 10.22 8.20
N ARG O 321 40.90 10.68 8.95
CA ARG O 321 40.18 11.88 8.56
C ARG O 321 41.09 13.10 8.59
N ALA O 322 41.96 13.19 9.60
CA ALA O 322 42.83 14.35 9.73
C ALA O 322 43.79 14.45 8.55
N GLY O 323 44.35 13.32 8.12
CA GLY O 323 45.28 13.34 7.01
C GLY O 323 46.64 12.79 7.35
N ILE O 324 46.70 11.87 8.31
CA ILE O 324 47.96 11.29 8.75
C ILE O 324 48.14 9.92 8.11
N VAL O 325 47.04 9.26 7.77
CA VAL O 325 47.06 7.91 7.23
C VAL O 325 46.78 7.97 5.73
N ALA O 326 47.40 7.05 4.99
CA ALA O 326 47.25 7.02 3.55
C ALA O 326 45.83 6.60 3.16
N LEU O 327 45.49 6.86 1.91
CA LEU O 327 44.12 6.71 1.42
C LEU O 327 43.95 5.40 0.64
N ASP O 328 44.19 4.28 1.33
CA ASP O 328 43.79 2.95 0.86
C ASP O 328 44.21 2.66 -0.57
N LEU O 329 45.39 3.13 -0.98
CA LEU O 329 45.88 2.89 -2.34
C LEU O 329 47.37 2.61 -2.30
N ASN O 330 47.77 1.46 -2.83
CA ASN O 330 49.17 1.09 -2.84
C ASN O 330 49.93 1.99 -3.81
N PRO O 331 50.93 2.75 -3.34
CA PRO O 331 51.65 3.63 -4.26
C PRO O 331 52.36 2.90 -5.39
N LEU O 332 52.82 1.67 -5.15
CA LEU O 332 53.54 0.93 -6.18
C LEU O 332 52.70 0.80 -7.46
N THR O 333 51.43 0.45 -7.31
CA THR O 333 50.57 0.19 -8.45
C THR O 333 49.35 1.09 -8.51
N GLY O 334 48.93 1.67 -7.39
CA GLY O 334 47.68 2.39 -7.36
C GLY O 334 46.51 1.44 -7.23
N ALA O 335 46.81 0.19 -6.89
CA ALA O 335 45.77 -0.82 -6.72
C ALA O 335 45.24 -0.75 -5.30
N TYR O 336 44.29 -1.62 -4.96
CA TYR O 336 43.70 -1.57 -3.64
C TYR O 336 44.61 -2.22 -2.62
N GLU O 337 44.72 -1.59 -1.46
CA GLU O 337 45.44 -2.14 -0.32
C GLU O 337 44.99 -1.39 0.94
N PRO O 338 44.58 -2.10 1.97
CA PRO O 338 44.08 -1.42 3.17
C PRO O 338 45.12 -0.49 3.77
N ALA O 339 44.66 0.68 4.22
CA ALA O 339 45.56 1.65 4.82
C ALA O 339 45.99 1.20 6.21
N TYR O 340 45.04 0.74 7.02
CA TYR O 340 45.34 0.34 8.38
C TYR O 340 44.57 -0.93 8.71
N THR O 341 45.23 -1.86 9.39
CA THR O 341 44.62 -3.10 9.83
C THR O 341 44.91 -3.30 11.31
N ILE O 342 43.92 -3.77 12.05
CA ILE O 342 44.05 -4.04 13.47
C ILE O 342 43.91 -5.55 13.68
N THR O 343 44.92 -6.14 14.30
CA THR O 343 44.93 -7.56 14.60
C THR O 343 44.84 -7.77 16.11
N VAL O 344 43.95 -8.67 16.51
CA VAL O 344 43.66 -8.95 17.91
C VAL O 344 44.00 -10.41 18.19
N PRO O 345 44.85 -10.70 19.17
CA PRO O 345 45.14 -12.09 19.49
C PRO O 345 43.92 -12.80 20.04
N SER O 346 43.87 -14.11 19.82
CA SER O 346 42.77 -14.91 20.33
C SER O 346 43.11 -15.43 21.72
N VAL O 347 42.24 -15.13 22.69
CA VAL O 347 42.45 -15.56 24.08
C VAL O 347 41.99 -16.99 24.30
N PHE O 348 41.39 -17.62 23.30
CA PHE O 348 40.77 -18.93 23.48
C PHE O 348 41.77 -19.98 23.95
N ASP O 349 43.06 -19.80 23.63
CA ASP O 349 44.06 -20.81 23.89
C ASP O 349 44.99 -20.48 25.05
N ILE O 350 44.93 -19.26 25.59
CA ILE O 350 45.90 -18.84 26.60
C ILE O 350 45.64 -19.58 27.90
N PRO O 351 46.64 -20.27 28.45
CA PRO O 351 46.42 -21.11 29.63
C PRO O 351 46.07 -20.29 30.86
N GLU O 352 45.53 -21.00 31.86
CA GLU O 352 45.14 -20.37 33.11
C GLU O 352 46.33 -19.77 33.85
N SER O 353 47.52 -20.35 33.68
CA SER O 353 48.69 -19.88 34.43
C SER O 353 49.00 -18.43 34.10
N GLN O 354 48.94 -18.05 32.83
CA GLN O 354 49.13 -16.67 32.42
C GLN O 354 47.83 -15.89 32.37
N ARG O 355 46.70 -16.55 32.58
CA ARG O 355 45.43 -15.85 32.67
C ARG O 355 45.21 -15.24 34.05
N LYS O 356 45.97 -15.67 35.06
CA LYS O 356 45.83 -15.17 36.42
C LYS O 356 46.61 -13.88 36.66
N ALA O 357 47.43 -13.45 35.71
CA ALA O 357 48.17 -12.21 35.86
C ALA O 357 47.28 -10.98 35.68
N ARG O 358 46.12 -11.14 35.05
CA ARG O 358 45.24 -10.02 34.72
C ARG O 358 45.96 -8.98 33.87
N ILE O 359 46.74 -9.46 32.89
CA ILE O 359 47.41 -8.61 31.92
C ILE O 359 47.12 -9.16 30.54
N ALA O 360 46.48 -8.36 29.70
CA ALA O 360 45.98 -8.85 28.43
C ALA O 360 47.12 -9.02 27.42
N PRO O 361 46.94 -9.88 26.44
CA PRO O 361 47.90 -9.96 25.33
C PRO O 361 47.86 -8.70 24.49
N ALA O 362 48.76 -8.65 23.50
CA ALA O 362 49.03 -7.41 22.77
C ALA O 362 48.23 -7.33 21.48
N ILE O 363 47.67 -6.16 21.22
CA ILE O 363 46.97 -5.84 19.98
C ILE O 363 47.96 -5.17 19.05
N GLN O 364 47.89 -5.47 17.75
CA GLN O 364 48.80 -4.90 16.78
C GLN O 364 48.05 -4.07 15.75
N VAL O 365 48.66 -2.97 15.32
CA VAL O 365 48.04 -2.05 14.38
C VAL O 365 49.04 -1.71 13.28
N ARG O 366 48.56 -1.58 12.05
CA ARG O 366 49.38 -1.27 10.90
C ARG O 366 49.00 0.10 10.33
N PHE O 367 49.99 0.89 9.97
CA PHE O 367 49.78 2.23 9.45
C PHE O 367 49.99 2.28 7.94
N ARG O 368 49.91 3.49 7.40
CA ARG O 368 50.50 3.83 6.11
C ARG O 368 50.67 5.35 6.13
N TYR O 369 51.89 5.82 6.27
CA TYR O 369 52.14 7.25 6.40
C TYR O 369 51.68 7.99 5.16
N ALA O 370 51.12 9.17 5.36
CA ALA O 370 50.65 10.03 4.29
C ALA O 370 51.72 11.08 4.00
N GLY O 371 52.21 11.10 2.78
CA GLY O 371 53.33 11.94 2.44
C GLY O 371 52.96 13.40 2.36
N ALA O 372 53.92 14.19 1.88
CA ALA O 372 53.75 15.62 1.68
C ALA O 372 54.61 16.03 0.50
N VAL O 373 54.78 17.35 0.32
CA VAL O 373 55.57 17.88 -0.77
C VAL O 373 56.50 18.95 -0.24
N HIS O 374 57.78 18.85 -0.60
CA HIS O 374 58.76 19.87 -0.27
C HIS O 374 59.48 20.44 -1.49
N TYR O 375 59.25 19.90 -2.67
CA TYR O 375 60.00 20.30 -3.85
C TYR O 375 59.15 20.05 -5.09
N SER O 376 59.34 20.88 -6.12
CA SER O 376 58.56 20.81 -7.34
C SER O 376 59.46 20.93 -8.56
N VAL O 377 59.02 20.33 -9.67
CA VAL O 377 59.78 20.33 -10.91
C VAL O 377 58.84 20.63 -12.07
N ILE O 378 59.23 21.60 -12.91
CA ILE O 378 58.51 21.96 -14.12
C ILE O 378 59.52 22.01 -15.26
N ASN O 379 59.04 21.76 -16.49
CA ASN O 379 59.94 21.58 -17.62
C ASN O 379 59.85 22.67 -18.67
N TYR O 380 58.65 23.12 -19.06
CA TYR O 380 58.49 24.31 -19.90
C TYR O 380 59.23 24.18 -21.23
N THR O 381 58.78 23.24 -22.05
CA THR O 381 59.37 23.04 -23.37
C THR O 381 58.66 23.92 -24.39
N MET O 382 59.42 24.79 -25.05
CA MET O 382 58.87 25.78 -25.97
C MET O 382 59.16 25.39 -27.41
N THR O 383 58.12 25.42 -28.25
CA THR O 383 58.24 24.95 -29.62
C THR O 383 58.41 26.06 -30.64
N PHE O 384 57.87 27.25 -30.38
CA PHE O 384 57.88 28.34 -31.34
C PHE O 384 57.24 27.92 -32.66
N LYS P 3 -40.20 64.54 25.09
CA LYS P 3 -39.16 63.61 24.67
C LYS P 3 -38.63 62.84 25.88
N LEU P 4 -37.38 62.39 25.79
CA LEU P 4 -36.80 61.57 26.85
C LEU P 4 -35.29 61.59 26.71
N PRO P 5 -34.55 61.56 27.82
CA PRO P 5 -33.09 61.57 27.73
C PRO P 5 -32.55 60.25 27.23
N TYR P 6 -31.30 60.29 26.73
CA TYR P 6 -30.64 59.08 26.26
C TYR P 6 -30.26 58.14 27.39
N SER P 7 -30.25 58.62 28.63
CA SER P 7 -29.82 57.79 29.75
C SER P 7 -30.79 56.67 30.07
N ARG P 8 -31.98 56.66 29.46
CA ARG P 8 -32.93 55.59 29.72
C ARG P 8 -32.43 54.23 29.25
N VAL P 9 -31.49 54.21 28.31
CA VAL P 9 -30.95 52.96 27.80
C VAL P 9 -29.45 52.80 28.02
N THR P 10 -28.74 53.87 28.34
CA THR P 10 -27.29 53.83 28.53
C THR P 10 -26.90 54.66 29.74
N ASN P 11 -25.60 54.70 30.02
CA ASN P 11 -25.08 55.53 31.08
C ASN P 11 -23.61 55.80 30.78
N VAL P 12 -23.29 57.02 30.37
CA VAL P 12 -21.94 57.42 30.00
C VAL P 12 -21.50 58.53 30.93
N THR P 13 -20.40 58.30 31.65
CA THR P 13 -19.84 59.29 32.56
C THR P 13 -18.61 59.92 31.92
N LEU P 14 -18.05 60.92 32.62
CA LEU P 14 -16.81 61.55 32.18
C LEU P 14 -16.16 62.15 33.43
N THR P 15 -15.15 61.46 33.96
CA THR P 15 -14.47 61.89 35.17
C THR P 15 -12.99 62.11 34.86
N ARG P 16 -12.25 62.56 35.88
CA ARG P 16 -10.82 62.86 35.76
C ARG P 16 -10.10 62.17 36.91
N THR P 17 -9.57 60.97 36.64
CA THR P 17 -8.80 60.23 37.63
C THR P 17 -7.76 59.40 36.89
N ASP P 18 -7.04 58.56 37.62
CA ASP P 18 -6.03 57.69 37.04
C ASP P 18 -6.33 56.25 37.44
N ASN P 19 -6.64 55.42 36.44
CA ASN P 19 -6.90 54.01 36.65
C ASN P 19 -5.82 53.19 35.96
N PHE P 20 -5.46 52.08 36.58
CA PHE P 20 -4.36 51.23 36.15
C PHE P 20 -4.87 49.81 35.94
N PRO P 21 -4.16 49.02 35.13
CA PRO P 21 -4.65 47.67 34.83
C PRO P 21 -4.67 46.75 36.04
N THR P 22 -5.48 45.70 35.93
CA THR P 22 -5.69 44.78 37.04
C THR P 22 -4.40 44.04 37.41
N ARG P 23 -3.88 43.23 36.50
CA ARG P 23 -2.57 42.59 36.65
C ARG P 23 -2.49 41.77 37.95
N ARG P 24 -3.23 40.66 37.95
CA ARG P 24 -3.19 39.73 39.07
C ARG P 24 -1.76 39.30 39.37
N GLY P 25 -1.51 38.96 40.63
CA GLY P 25 -0.17 38.63 41.04
C GLY P 25 -0.07 37.45 42.00
N PHE P 26 1.08 37.31 42.66
CA PHE P 26 1.27 36.17 43.56
C PHE P 26 0.71 36.43 44.96
N GLY P 27 1.28 37.39 45.67
CA GLY P 27 0.94 37.59 47.06
C GLY P 27 0.44 38.99 47.34
N THR P 28 -0.17 39.15 48.51
CA THR P 28 -0.69 40.43 48.97
C THR P 28 0.02 40.82 50.26
N GLN P 29 0.26 42.11 50.43
CA GLN P 29 1.01 42.62 51.57
C GLN P 29 0.06 43.04 52.69
N LEU P 30 0.65 43.19 53.88
CA LEU P 30 -0.09 43.61 55.07
C LEU P 30 0.57 44.83 55.68
N ILE P 31 -0.26 45.81 56.07
CA ILE P 31 0.19 47.05 56.68
C ILE P 31 -0.36 47.07 58.11
N LEU P 32 0.51 46.85 59.09
CA LEU P 32 0.09 46.76 60.47
C LEU P 32 0.64 47.95 61.26
N THR P 33 -0.22 48.56 62.06
CA THR P 33 0.17 49.69 62.90
C THR P 33 -0.77 49.73 64.11
N HIS P 34 -0.72 50.84 64.83
CA HIS P 34 -1.50 50.99 66.05
C HIS P 34 -2.84 51.67 65.84
N THR P 35 -3.00 52.44 64.76
CA THR P 35 -4.22 53.19 64.55
C THR P 35 -5.36 52.26 64.16
N ALA P 36 -6.53 52.48 64.79
CA ALA P 36 -7.72 51.69 64.54
C ALA P 36 -8.88 52.60 64.18
N VAL P 37 -9.80 52.11 63.35
CA VAL P 37 -10.97 52.88 62.97
C VAL P 37 -12.20 52.54 63.80
N SER P 38 -12.21 51.38 64.48
CA SER P 38 -13.26 50.95 65.39
C SER P 38 -14.60 50.70 64.73
N GLY P 39 -14.72 50.94 63.42
CA GLY P 39 -15.96 50.67 62.72
C GLY P 39 -15.88 49.37 61.94
N GLN P 40 -14.66 48.97 61.61
CA GLN P 40 -14.41 47.70 60.92
C GLN P 40 -13.27 46.89 61.51
N VAL P 41 -12.31 47.52 62.21
CA VAL P 41 -11.07 46.85 62.59
C VAL P 41 -10.93 46.64 64.08
N ASP P 42 -11.98 46.90 64.87
CA ASP P 42 -11.83 46.89 66.32
C ASP P 42 -11.83 45.47 66.89
N ALA P 43 -10.69 44.79 66.82
CA ALA P 43 -10.43 43.56 67.56
C ALA P 43 -11.37 42.41 67.17
N THR P 44 -12.24 42.64 66.20
CA THR P 44 -13.07 41.57 65.66
C THR P 44 -12.66 41.19 64.25
N LYS P 45 -12.12 42.13 63.48
CA LYS P 45 -11.55 41.87 62.17
C LYS P 45 -10.17 42.51 62.16
N ARG P 46 -9.19 41.80 62.72
CA ARG P 46 -7.84 42.34 62.77
C ARG P 46 -7.22 42.50 61.40
N THR P 47 -7.79 41.87 60.37
CA THR P 47 -7.34 42.02 58.99
C THR P 47 -8.55 42.37 58.15
N LYS P 48 -8.40 43.36 57.28
CA LYS P 48 -9.48 43.81 56.41
C LYS P 48 -8.97 43.91 54.98
N LEU P 49 -9.85 43.62 54.03
CA LEU P 49 -9.49 43.67 52.62
C LEU P 49 -9.92 45.00 52.01
N TYR P 50 -9.52 45.21 50.76
CA TYR P 50 -9.93 46.37 49.98
C TYR P 50 -9.95 45.99 48.50
N ALA P 51 -10.27 46.96 47.67
CA ALA P 51 -10.27 46.77 46.23
C ALA P 51 -9.47 47.82 45.50
N SER P 52 -9.50 49.06 45.96
CA SER P 52 -8.79 50.17 45.32
C SER P 52 -8.74 51.33 46.31
N LEU P 53 -8.05 52.39 45.91
CA LEU P 53 -7.92 53.56 46.77
C LEU P 53 -9.27 54.21 47.05
N ALA P 54 -10.20 54.10 46.09
CA ALA P 54 -11.54 54.66 46.29
C ALA P 54 -12.23 54.02 47.49
N GLU P 55 -12.13 52.70 47.62
CA GLU P 55 -12.78 52.00 48.71
C GLU P 55 -12.15 52.29 50.07
N VAL P 56 -10.97 52.92 50.10
CA VAL P 56 -10.33 53.27 51.36
C VAL P 56 -11.08 54.46 51.94
N GLU P 57 -11.94 54.20 52.91
CA GLU P 57 -12.72 55.26 53.53
C GLU P 57 -12.56 55.26 55.05
N ALA P 58 -12.48 54.08 55.64
CA ALA P 58 -12.42 53.98 57.10
C ALA P 58 -11.17 54.67 57.64
N ASP P 59 -10.00 54.33 57.11
CA ASP P 59 -8.79 55.03 57.49
C ASP P 59 -8.81 56.45 56.93
N TYR P 60 -8.21 57.37 57.69
CA TYR P 60 -8.26 58.77 57.33
C TYR P 60 -7.51 59.01 56.01
N PRO P 61 -8.05 59.87 55.14
CA PRO P 61 -7.36 60.14 53.87
C PRO P 61 -6.11 61.00 54.02
N ALA P 62 -5.68 61.23 55.25
CA ALA P 62 -4.41 61.90 55.48
C ALA P 62 -3.63 61.32 56.66
N ASN P 63 -4.02 60.14 57.17
CA ASN P 63 -3.25 59.52 58.23
C ASN P 63 -1.90 59.04 57.70
N THR P 64 -0.89 59.09 58.56
CA THR P 64 0.47 58.83 58.11
C THR P 64 0.68 57.35 57.79
N SER P 65 0.06 56.47 58.56
CA SER P 65 0.34 55.04 58.40
C SER P 65 -0.31 54.48 57.14
N VAL P 66 -1.65 54.51 57.08
CA VAL P 66 -2.35 53.77 56.04
C VAL P 66 -2.32 54.53 54.72
N TYR P 67 -2.91 55.72 54.68
CA TYR P 67 -3.11 56.38 53.41
C TYR P 67 -1.78 56.83 52.80
N LYS P 68 -0.86 57.34 53.62
CA LYS P 68 0.40 57.83 53.09
C LYS P 68 1.31 56.71 52.61
N ALA P 69 0.98 55.46 52.89
CA ALA P 69 1.66 54.31 52.32
C ALA P 69 0.82 53.61 51.24
N ALA P 70 -0.49 53.50 51.44
CA ALA P 70 -1.33 52.88 50.44
C ALA P 70 -1.36 53.68 49.15
N LEU P 71 -1.20 55.01 49.24
CA LEU P 71 -1.13 55.82 48.04
C LEU P 71 0.05 55.42 47.17
N SER P 72 1.21 55.21 47.79
CA SER P 72 2.37 54.70 47.04
C SER P 72 2.14 53.28 46.57
N ALA P 73 1.50 52.44 47.40
CA ALA P 73 1.31 51.05 47.05
C ALA P 73 0.46 50.89 45.80
N PHE P 74 -0.62 51.67 45.68
CA PHE P 74 -1.51 51.59 44.54
C PHE P 74 -1.05 52.45 43.37
N SER P 75 0.22 52.84 43.33
CA SER P 75 0.71 53.81 42.35
C SER P 75 1.63 53.19 41.31
N GLN P 76 1.77 51.86 41.29
CA GLN P 76 2.63 51.23 40.30
C GLN P 76 1.97 51.25 38.94
N ASN P 77 2.81 51.30 37.89
CA ASN P 77 2.28 51.44 36.53
C ASN P 77 1.32 50.30 36.17
N PRO P 78 1.60 49.03 36.46
CA PRO P 78 0.52 48.07 36.63
C PRO P 78 0.15 47.99 38.09
N ARG P 79 -1.14 47.89 38.34
CA ARG P 79 -1.53 48.07 39.73
C ARG P 79 -1.80 46.74 40.40
N PRO P 80 -1.41 46.58 41.66
CA PRO P 80 -1.85 45.40 42.40
C PRO P 80 -3.32 45.51 42.77
N ILE P 81 -3.86 44.51 43.46
CA ILE P 81 -5.25 44.52 43.89
C ILE P 81 -5.32 44.02 45.32
N ARG P 82 -6.48 44.24 45.93
CA ARG P 82 -6.86 43.72 47.26
C ARG P 82 -5.73 43.86 48.27
N LEU P 83 -5.40 45.12 48.55
CA LEU P 83 -4.51 45.44 49.66
C LEU P 83 -5.16 45.03 50.97
N LYS P 84 -4.33 44.57 51.91
CA LYS P 84 -4.82 44.13 53.22
C LYS P 84 -4.32 45.07 54.30
N VAL P 85 -5.22 45.43 55.21
CA VAL P 85 -4.93 46.35 56.30
C VAL P 85 -4.99 45.59 57.61
N GLY P 86 -4.00 45.82 58.49
CA GLY P 86 -3.86 45.11 59.73
C GLY P 86 -4.30 45.92 60.94
N TYR P 87 -4.22 45.25 62.09
CA TYR P 87 -4.62 45.78 63.38
C TYR P 87 -3.70 45.33 64.49
N ALA P 88 -2.59 44.69 64.14
CA ALA P 88 -1.81 43.85 65.05
C ALA P 88 -1.34 44.58 66.31
N ALA P 89 -0.44 45.55 66.15
CA ALA P 89 0.10 46.24 67.31
C ALA P 89 -0.78 47.42 67.71
N THR P 90 -2.07 47.17 67.86
CA THR P 90 -2.95 48.19 68.43
C THR P 90 -2.51 48.60 69.82
N PRO P 91 -2.12 47.69 70.73
CA PRO P 91 -1.40 48.14 71.92
C PRO P 91 -0.11 48.82 71.53
N THR P 92 0.25 49.87 72.26
CA THR P 92 1.45 50.64 71.96
C THR P 92 2.67 49.82 72.35
N GLY P 93 2.95 48.79 71.55
CA GLY P 93 4.08 47.94 71.78
C GLY P 93 3.91 47.02 72.96
N GLY P 94 3.67 47.59 74.13
CA GLY P 94 3.43 46.80 75.32
C GLY P 94 3.27 47.70 76.52
N ASP P 95 2.90 47.07 77.63
CA ASP P 95 2.88 47.78 78.91
C ASP P 95 4.27 48.25 79.28
N ASP P 96 5.27 47.39 79.09
CA ASP P 96 6.68 47.76 79.21
C ASP P 96 7.30 47.58 77.83
N ALA P 97 7.55 48.69 77.14
CA ALA P 97 8.06 48.64 75.78
C ALA P 97 9.45 48.02 75.70
N ALA P 98 10.19 47.97 76.81
CA ALA P 98 11.52 47.38 76.80
C ALA P 98 11.47 45.90 76.44
N LYS P 99 10.35 45.23 76.75
CA LYS P 99 10.17 43.83 76.41
C LYS P 99 9.21 43.68 75.25
N LYS P 100 9.62 42.87 74.26
CA LYS P 100 8.85 42.62 73.06
C LYS P 100 7.82 41.52 73.23
N ALA P 101 7.75 40.92 74.42
CA ALA P 101 6.85 39.79 74.64
C ALA P 101 5.40 40.12 74.30
N ASP P 102 4.98 41.37 74.50
CA ASP P 102 3.64 41.73 74.09
C ASP P 102 3.51 41.78 72.57
N PHE P 103 4.56 42.19 71.86
CA PHE P 103 4.48 42.31 70.41
C PHE P 103 4.34 40.95 69.74
N ILE P 104 5.10 39.96 70.20
CA ILE P 104 5.00 38.62 69.63
C ILE P 104 3.61 38.05 69.86
N THR P 105 3.07 38.26 71.06
CA THR P 105 1.71 37.81 71.34
C THR P 105 0.68 38.55 70.48
N SER P 106 0.91 39.84 70.22
CA SER P 106 0.02 40.57 69.33
C SER P 106 0.04 39.97 67.94
N LEU P 107 1.23 39.63 67.44
CA LEU P 107 1.33 39.00 66.14
C LEU P 107 0.64 37.64 66.13
N GLY P 108 0.80 36.86 67.19
CA GLY P 108 0.22 35.54 67.23
C GLY P 108 -1.29 35.53 67.21
N ALA P 109 -1.93 36.66 67.50
CA ALA P 109 -3.38 36.75 67.52
C ALA P 109 -3.96 37.30 66.23
N ILE P 110 -3.13 37.62 65.24
CA ILE P 110 -3.63 38.14 63.97
C ILE P 110 -3.64 37.08 62.87
N LEU P 111 -2.82 36.04 62.98
CA LEU P 111 -2.89 34.96 62.00
C LEU P 111 -4.22 34.25 62.06
N ASN P 112 -4.72 33.98 63.26
CA ASN P 112 -5.89 33.13 63.42
C ASN P 112 -7.10 33.69 62.71
N TYR P 113 -7.24 35.02 62.67
CA TYR P 113 -8.36 35.60 61.94
C TYR P 113 -8.25 35.32 60.45
N ASP P 114 -7.04 35.42 59.89
CA ASP P 114 -6.86 35.23 58.46
C ASP P 114 -5.38 35.05 58.16
N GLN P 115 -5.05 34.03 57.37
CA GLN P 115 -3.71 33.82 56.85
C GLN P 115 -3.80 33.82 55.33
N ALA P 116 -3.74 35.01 54.74
CA ALA P 116 -3.72 35.15 53.30
C ALA P 116 -2.63 36.08 52.80
N PHE P 117 -2.12 36.98 53.64
CA PHE P 117 -1.06 37.89 53.24
C PHE P 117 0.27 37.18 53.16
N TYR P 118 1.18 37.73 52.36
CA TYR P 118 2.52 37.21 52.20
C TYR P 118 3.62 38.18 52.61
N GLN P 119 3.33 39.48 52.57
CA GLN P 119 4.32 40.51 52.82
C GLN P 119 3.87 41.39 53.98
N ILE P 120 4.83 41.77 54.82
CA ILE P 120 4.57 42.58 56.00
C ILE P 120 5.34 43.88 55.86
N THR P 121 4.63 45.00 55.92
CA THR P 121 5.22 46.33 55.82
C THR P 121 4.63 47.20 56.92
N LEU P 122 5.46 47.61 57.87
CA LEU P 122 5.08 48.52 58.93
C LEU P 122 5.69 49.89 58.68
N ASP P 123 4.90 50.94 58.89
CA ASP P 123 5.33 52.26 58.44
C ASP P 123 4.66 53.34 59.28
N ALA P 124 5.30 54.52 59.26
CA ALA P 124 4.85 55.73 59.95
C ALA P 124 4.92 55.56 61.47
N ALA P 125 5.29 54.37 61.91
CA ALA P 125 5.46 54.05 63.31
C ALA P 125 6.29 52.78 63.37
N LEU P 126 6.65 52.39 64.60
CA LEU P 126 7.47 51.20 64.83
C LEU P 126 8.81 51.30 64.13
N ARG P 127 9.27 52.52 63.82
CA ARG P 127 10.54 52.71 63.12
C ARG P 127 11.69 52.55 64.10
N ASP P 128 12.50 51.52 63.88
CA ASP P 128 13.71 51.26 64.67
C ASP P 128 13.40 51.12 66.15
N GLN P 129 12.15 50.78 66.49
CA GLN P 129 11.81 50.57 67.88
C GLN P 129 12.44 49.27 68.38
N PRO P 130 12.87 49.24 69.64
CA PRO P 130 13.57 48.05 70.14
C PRO P 130 12.72 46.79 70.12
N TYR P 131 11.40 46.90 70.31
CA TYR P 131 10.55 45.72 70.30
C TYR P 131 10.38 45.15 68.89
N LEU P 132 10.59 45.97 67.86
CA LEU P 132 10.41 45.52 66.49
C LEU P 132 11.28 44.32 66.16
N ASP P 133 12.40 44.14 66.87
CA ASP P 133 13.26 42.99 66.64
C ASP P 133 12.50 41.68 66.78
N GLY P 134 11.47 41.65 67.63
CA GLY P 134 10.67 40.44 67.75
C GLY P 134 10.11 39.97 66.42
N LEU P 135 9.70 40.92 65.56
CA LEU P 135 9.22 40.55 64.24
C LEU P 135 10.27 39.77 63.47
N VAL P 136 11.53 40.21 63.55
CA VAL P 136 12.60 39.48 62.88
C VAL P 136 12.69 38.07 63.42
N GLU P 137 12.47 37.90 64.72
CA GLU P 137 12.45 36.57 65.30
C GLU P 137 11.22 35.78 64.84
N TRP P 138 10.12 36.48 64.59
CA TRP P 138 8.86 35.79 64.31
C TRP P 138 8.69 35.45 62.84
N VAL P 139 9.23 36.28 61.93
CA VAL P 139 9.06 36.01 60.51
C VAL P 139 9.88 34.81 60.06
N GLU P 140 10.91 34.44 60.80
CA GLU P 140 11.57 33.19 60.52
C GLU P 140 10.73 32.03 61.07
N ALA P 141 11.01 30.83 60.57
CA ALA P 141 10.16 29.66 60.81
C ALA P 141 8.71 29.97 60.42
N GLN P 142 8.55 30.65 59.29
CA GLN P 142 7.27 31.12 58.80
C GLN P 142 7.37 31.33 57.30
N PRO P 143 6.36 30.98 56.52
CA PRO P 143 6.44 31.16 55.06
C PRO P 143 5.94 32.52 54.59
N LYS P 144 6.59 33.59 55.05
CA LYS P 144 6.22 34.94 54.69
C LYS P 144 7.48 35.79 54.58
N ILE P 145 7.31 37.03 54.14
CA ILE P 145 8.40 37.99 54.02
C ILE P 145 7.97 39.28 54.70
N ALA P 146 8.82 39.78 55.60
CA ALA P 146 8.55 41.02 56.32
C ALA P 146 9.72 41.96 56.10
N MET P 147 9.44 43.22 55.78
CA MET P 147 10.50 44.17 55.51
C MET P 147 10.21 45.50 56.20
N ILE P 148 11.29 46.17 56.60
CA ILE P 148 11.24 47.36 57.45
C ILE P 148 11.99 48.49 56.77
N ASP P 149 11.32 49.60 56.53
CA ASP P 149 11.94 50.76 55.90
C ASP P 149 12.28 51.79 56.98
N SER P 150 13.48 51.68 57.54
CA SER P 150 13.95 52.69 58.46
C SER P 150 14.08 54.03 57.75
N ASN P 151 13.85 55.10 58.50
CA ASN P 151 13.86 56.45 57.94
C ASN P 151 15.18 57.17 58.12
N ALA P 152 15.95 56.84 59.16
CA ALA P 152 17.25 57.45 59.38
C ALA P 152 17.99 56.70 60.47
N ALA P 153 19.29 56.51 60.31
CA ALA P 153 20.09 55.79 61.29
C ALA P 153 21.56 55.96 60.90
N GLY P 154 22.44 55.36 61.71
CA GLY P 154 23.85 55.43 61.46
C GLY P 154 24.35 54.38 60.51
N HIS P 155 23.57 54.08 59.47
CA HIS P 155 24.04 53.16 58.43
C HIS P 155 25.24 53.72 57.68
N GLU P 156 25.36 55.05 57.62
CA GLU P 156 26.45 55.67 56.88
C GLU P 156 27.81 55.35 57.46
N ASP P 157 27.88 54.98 58.74
CA ASP P 157 29.12 54.53 59.34
C ASP P 157 29.15 53.02 59.33
N PRO P 158 30.02 52.38 58.54
CA PRO P 158 30.08 50.92 58.52
C PRO P 158 30.71 50.29 59.75
N ALA P 159 30.95 51.07 60.81
CA ALA P 159 31.60 50.57 62.01
C ALA P 159 30.66 50.34 63.18
N ASN P 160 29.51 50.99 63.21
CA ASN P 160 28.61 50.84 64.34
C ASN P 160 27.95 49.47 64.34
N THR P 161 27.28 49.15 65.44
CA THR P 161 26.57 47.88 65.59
C THR P 161 25.18 48.02 66.17
N THR P 162 24.82 49.17 66.72
CA THR P 162 23.51 49.36 67.35
C THR P 162 22.37 49.44 66.35
N VAL P 163 22.66 49.52 65.06
CA VAL P 163 21.63 49.73 64.06
C VAL P 163 20.97 48.40 63.71
N ILE P 164 19.80 48.49 63.06
CA ILE P 164 19.04 47.30 62.71
C ILE P 164 19.87 46.36 61.86
N ALA P 165 20.28 46.83 60.69
CA ALA P 165 21.02 46.00 59.75
C ALA P 165 22.43 45.68 60.22
N ALA P 166 22.90 46.32 61.29
CA ALA P 166 24.23 46.04 61.81
C ALA P 166 24.21 44.90 62.82
N ARG P 167 23.26 44.94 63.78
CA ARG P 167 23.17 43.85 64.74
C ARG P 167 22.74 42.56 64.07
N HIS P 168 21.81 42.64 63.12
CA HIS P 168 21.42 41.51 62.29
C HIS P 168 21.97 41.76 60.89
N LYS P 169 23.00 40.99 60.51
CA LYS P 169 23.69 41.23 59.25
C LYS P 169 24.21 39.88 58.77
N GLY P 170 23.53 39.31 57.78
CA GLY P 170 23.89 38.01 57.26
C GLY P 170 23.37 36.84 58.07
N THR P 171 22.66 37.10 59.18
CA THR P 171 22.12 36.03 60.00
C THR P 171 20.66 35.74 59.70
N VAL P 172 19.93 36.70 59.14
CA VAL P 172 18.51 36.57 58.85
C VAL P 172 18.34 36.48 57.34
N GLU P 173 17.48 35.56 56.90
CA GLU P 173 17.34 35.25 55.48
C GLU P 173 15.96 35.58 54.93
N ARG P 174 15.13 36.30 55.69
CA ARG P 174 13.77 36.55 55.21
C ARG P 174 13.30 37.98 55.51
N THR P 175 14.22 38.93 55.54
CA THR P 175 13.83 40.32 55.76
C THR P 175 14.87 41.23 55.10
N ALA P 176 14.42 42.44 54.75
CA ALA P 176 15.31 43.43 54.15
C ALA P 176 14.88 44.82 54.60
N VAL P 177 15.82 45.76 54.53
CA VAL P 177 15.63 47.11 55.06
C VAL P 177 15.69 48.09 53.90
N PHE P 178 14.57 48.75 53.63
CA PHE P 178 14.49 49.75 52.57
C PHE P 178 14.78 51.13 53.13
N TYR P 179 16.04 51.36 53.46
CA TYR P 179 16.46 52.62 54.05
C TYR P 179 16.30 53.77 53.06
N HIS P 180 15.85 54.92 53.57
CA HIS P 180 15.81 56.15 52.81
C HIS P 180 15.92 57.30 53.80
N THR P 181 15.58 58.51 53.37
CA THR P 181 15.38 59.63 54.28
C THR P 181 13.91 59.70 54.68
N ASP P 182 13.56 60.74 55.43
CA ASP P 182 12.25 60.80 56.05
C ASP P 182 11.16 61.14 55.03
N SER P 183 9.92 60.82 55.41
CA SER P 183 8.69 61.18 54.71
C SER P 183 8.45 60.41 53.42
N THR P 184 9.22 59.35 53.17
CA THR P 184 9.05 58.54 51.96
C THR P 184 8.64 57.12 52.38
N GLU P 185 7.41 56.75 52.03
CA GLU P 185 6.92 55.39 52.26
C GLU P 185 7.34 54.54 51.07
N TYR P 186 8.32 53.66 51.29
CA TYR P 186 9.07 53.05 50.20
C TYR P 186 8.79 51.58 50.00
N LEU P 187 8.57 50.80 51.07
CA LEU P 187 8.26 49.38 50.90
C LEU P 187 7.07 49.19 49.99
N ALA P 188 6.02 49.99 50.19
CA ALA P 188 4.83 49.86 49.35
C ALA P 188 5.14 50.14 47.88
N ALA P 189 6.15 50.97 47.61
CA ALA P 189 6.43 51.35 46.23
C ALA P 189 6.84 50.15 45.38
N SER P 190 7.67 49.27 45.93
CA SER P 190 8.15 48.11 45.18
C SER P 190 7.54 46.81 45.65
N MET P 191 7.59 46.54 46.96
CA MET P 191 7.00 45.32 47.48
C MET P 191 5.49 45.33 47.25
N ALA P 192 4.99 44.21 46.71
CA ALA P 192 3.57 43.99 46.47
C ALA P 192 2.98 44.98 45.48
N ALA P 193 3.80 45.91 45.00
CA ALA P 193 3.43 46.73 43.86
C ALA P 193 4.14 46.28 42.60
N TYR P 194 5.41 45.92 42.71
CA TYR P 194 6.11 45.19 41.66
C TYR P 194 6.36 43.74 42.02
N MET P 195 6.59 43.44 43.30
CA MET P 195 6.76 42.06 43.71
C MET P 195 5.51 41.24 43.43
N SER P 196 4.34 41.78 43.77
CA SER P 196 3.10 41.03 43.59
C SER P 196 2.80 40.82 42.12
N THR P 197 2.84 41.88 41.32
CA THR P 197 2.33 41.81 39.96
C THR P 197 3.30 41.11 39.02
N ARG P 198 3.72 39.90 39.37
CA ARG P 198 4.52 39.05 38.50
C ARG P 198 3.86 37.68 38.45
N VAL P 199 3.73 37.14 37.24
CA VAL P 199 3.10 35.83 37.03
C VAL P 199 4.19 34.85 36.62
N PHE P 200 4.45 33.87 37.49
CA PHE P 200 5.55 32.94 37.29
C PHE P 200 5.22 31.78 36.38
N ASP P 201 3.95 31.58 36.04
CA ASP P 201 3.57 30.46 35.19
C ASP P 201 3.84 30.69 33.72
N ASP P 202 4.15 31.92 33.32
CA ASP P 202 4.45 32.24 31.94
C ASP P 202 5.92 32.01 31.64
N ALA P 203 6.22 31.90 30.35
CA ALA P 203 7.61 31.71 29.93
C ALA P 203 8.42 32.98 30.18
N ASN P 204 9.68 32.79 30.59
CA ASN P 204 10.68 33.83 30.74
C ASN P 204 10.26 34.91 31.73
N SER P 205 9.26 34.65 32.56
CA SER P 205 8.81 35.64 33.54
C SER P 205 9.46 35.43 34.90
N ALA P 206 10.78 35.38 34.93
CA ALA P 206 11.54 35.21 36.17
C ALA P 206 12.34 36.49 36.38
N TYR P 207 11.94 37.30 37.36
CA TYR P 207 12.57 38.58 37.60
C TYR P 207 13.67 38.42 38.66
N THR P 208 14.66 37.59 38.30
CA THR P 208 15.69 37.20 39.27
C THR P 208 16.39 38.41 39.90
N LEU P 209 16.59 39.49 39.15
CA LEU P 209 17.31 40.63 39.67
C LEU P 209 16.55 41.37 40.76
N LYS P 210 15.40 41.97 40.40
CA LYS P 210 14.79 43.03 41.18
C LYS P 210 15.79 44.15 41.48
N PHE P 211 16.89 44.19 40.71
CA PHE P 211 18.04 45.03 40.98
C PHE P 211 18.03 46.31 40.16
N LYS P 212 17.27 46.36 39.08
CA LYS P 212 17.17 47.55 38.23
C LYS P 212 15.67 47.78 37.98
N LYS P 213 15.03 48.50 38.90
CA LYS P 213 13.58 48.70 38.81
C LYS P 213 13.23 50.07 39.35
N ALA P 214 12.25 50.71 38.70
CA ALA P 214 11.78 52.05 39.04
C ALA P 214 10.55 51.95 39.94
N PRO P 215 10.42 52.87 40.90
CA PRO P 215 9.25 52.89 41.76
C PRO P 215 8.12 53.65 41.09
N GLY P 216 7.01 53.81 41.81
CA GLY P 216 5.92 54.60 41.29
C GLY P 216 6.27 56.06 41.22
N VAL P 217 6.32 56.72 42.38
CA VAL P 217 6.65 58.14 42.46
C VAL P 217 7.47 58.34 43.73
N ARG P 218 8.76 58.63 43.58
CA ARG P 218 9.61 58.95 44.71
C ARG P 218 10.94 59.48 44.17
N ALA P 219 11.69 60.14 45.06
CA ALA P 219 12.91 60.83 44.68
C ALA P 219 14.15 60.07 45.18
N ILE P 220 15.31 60.57 44.79
CA ILE P 220 16.60 59.93 45.01
C ILE P 220 17.22 60.39 46.32
N ASP P 221 18.20 59.65 46.81
CA ASP P 221 19.07 60.10 47.88
C ASP P 221 20.39 60.58 47.27
N LYS P 222 21.38 60.87 48.12
CA LYS P 222 22.63 61.47 47.68
C LYS P 222 23.82 60.77 48.31
N GLY P 223 24.96 60.85 47.63
CA GLY P 223 26.19 60.25 48.10
C GLY P 223 26.81 59.36 47.04
N SER P 224 28.14 59.24 47.07
CA SER P 224 28.88 58.42 46.11
C SER P 224 29.64 57.28 46.77
N ALA P 225 30.48 57.57 47.75
CA ALA P 225 31.16 56.55 48.53
C ALA P 225 30.42 56.20 49.81
N VAL P 226 29.27 56.85 50.07
CA VAL P 226 28.43 56.48 51.19
C VAL P 226 27.38 55.44 50.80
N VAL P 227 27.27 55.12 49.52
CA VAL P 227 26.35 54.09 49.05
C VAL P 227 27.08 52.75 49.08
N THR P 228 28.26 52.74 49.70
CA THR P 228 28.96 51.50 49.99
C THR P 228 28.75 51.04 51.43
N ALA P 229 28.74 51.98 52.38
CA ALA P 229 28.37 51.62 53.75
C ALA P 229 26.95 51.07 53.79
N ILE P 230 26.00 51.80 53.22
CA ILE P 230 24.70 51.22 52.92
C ILE P 230 24.88 50.33 51.71
N THR P 231 24.02 49.30 51.59
CA THR P 231 24.01 48.31 50.53
C THR P 231 25.25 47.42 50.52
N GLY P 232 26.23 47.68 51.38
CA GLY P 232 27.39 46.82 51.57
C GLY P 232 28.01 46.25 50.32
N PHE P 233 28.08 47.04 49.25
CA PHE P 233 28.49 46.56 47.95
C PHE P 233 29.90 47.03 47.65
N VAL P 234 30.80 46.08 47.37
CA VAL P 234 32.13 46.42 46.87
C VAL P 234 32.00 46.96 45.45
N GLU P 235 32.91 47.86 45.09
CA GLU P 235 32.84 48.50 43.78
C GLU P 235 32.94 47.50 42.64
N GLN P 236 33.96 46.64 42.68
CA GLN P 236 34.22 45.73 41.56
C GLN P 236 34.18 44.26 41.97
N THR P 237 34.90 43.89 43.03
CA THR P 237 35.13 42.47 43.31
C THR P 237 33.83 41.73 43.59
N GLY P 238 32.94 42.32 44.37
CA GLY P 238 31.69 41.66 44.69
C GLY P 238 30.85 42.41 45.69
N GLN P 239 30.33 41.70 46.67
CA GLN P 239 29.58 42.30 47.77
C GLN P 239 30.12 41.75 49.07
N SER P 240 30.73 42.62 49.87
CA SER P 240 31.30 42.22 51.15
C SER P 240 30.34 42.53 52.27
N GLU P 241 30.09 41.52 53.10
CA GLU P 241 29.18 41.65 54.23
C GLU P 241 29.80 42.44 55.38
N SER P 242 31.13 42.43 55.49
CA SER P 242 31.79 43.11 56.60
C SER P 242 31.84 44.62 56.39
N ALA P 243 31.99 45.07 55.15
CA ALA P 243 32.24 46.48 54.86
C ALA P 243 30.97 47.26 54.59
N GLY P 244 29.83 46.86 55.16
CA GLY P 244 28.62 47.63 54.99
C GLY P 244 27.42 46.87 55.47
N HIS P 245 26.30 47.59 55.52
CA HIS P 245 25.00 47.02 55.87
C HIS P 245 24.22 46.78 54.59
N CYS P 246 23.62 45.60 54.48
CA CYS P 246 22.94 45.21 53.25
C CYS P 246 21.52 45.78 53.26
N ALA P 247 21.28 46.80 52.45
CA ALA P 247 19.98 47.44 52.38
C ALA P 247 19.77 47.97 50.96
N ASN P 248 18.78 48.85 50.81
CA ASN P 248 18.42 49.39 49.51
C ASN P 248 18.11 50.87 49.66
N THR P 249 18.40 51.65 48.60
CA THR P 249 18.28 53.09 48.70
C THR P 249 17.63 53.80 47.52
N LEU P 250 17.48 53.15 46.36
CA LEU P 250 16.90 53.78 45.17
C LEU P 250 17.73 55.00 44.73
N ILE P 251 18.93 54.70 44.26
CA ILE P 251 19.84 55.71 43.75
C ILE P 251 19.52 56.03 42.30
N ASP P 252 20.15 57.07 41.75
CA ASP P 252 20.07 57.39 40.34
C ASP P 252 21.47 57.59 39.78
N ILE P 253 21.64 57.29 38.50
CA ILE P 253 22.95 57.38 37.87
C ILE P 253 22.89 58.35 36.69
N GLY P 254 21.92 58.16 35.82
CA GLY P 254 21.58 59.21 34.87
C GLY P 254 20.54 60.09 35.51
N ASP P 255 19.55 60.54 34.73
CA ASP P 255 18.36 61.10 35.33
C ASP P 255 17.46 59.96 35.80
N GLN P 256 17.85 58.74 35.43
CA GLN P 256 17.07 57.53 35.70
C GLN P 256 17.29 57.09 37.15
N GLU P 257 16.24 57.18 37.95
CA GLU P 257 16.27 56.70 39.32
C GLU P 257 15.69 55.30 39.40
N PHE P 258 16.39 54.40 40.09
CA PHE P 258 16.01 53.00 40.12
C PHE P 258 16.50 52.38 41.42
N LEU P 259 15.87 51.26 41.77
CA LEU P 259 16.28 50.51 42.95
C LEU P 259 17.67 49.92 42.74
N VAL P 260 18.40 49.73 43.85
CA VAL P 260 19.77 49.27 43.79
C VAL P 260 19.98 48.15 44.82
N GLU P 261 21.03 47.37 44.59
CA GLU P 261 21.47 46.24 45.38
C GLU P 261 20.52 45.05 45.31
N GLY P 262 19.38 45.18 44.64
CA GLY P 262 18.52 44.03 44.38
C GLY P 262 17.79 43.46 45.57
N SER P 263 17.61 44.24 46.63
CA SER P 263 16.87 43.82 47.81
C SER P 263 17.47 42.55 48.41
N THR P 264 18.71 42.66 48.85
CA THR P 264 19.34 41.54 49.52
C THR P 264 18.84 41.44 50.97
N LEU P 265 19.10 40.29 51.57
CA LEU P 265 18.77 40.01 52.96
C LEU P 265 19.98 39.60 53.77
N THR P 266 20.95 38.96 53.14
CA THR P 266 22.22 38.59 53.73
C THR P 266 23.27 38.94 52.67
N GLN P 267 24.48 38.38 52.81
CA GLN P 267 25.57 38.74 51.91
C GLN P 267 25.14 38.63 50.45
N ASN P 268 24.73 37.44 50.02
CA ASN P 268 24.35 37.23 48.62
C ASN P 268 23.07 36.40 48.52
N VAL P 269 22.04 36.79 49.27
CA VAL P 269 20.74 36.15 49.19
C VAL P 269 19.76 37.21 48.69
N PHE P 270 19.39 37.11 47.42
CA PHE P 270 18.54 38.13 46.82
C PHE P 270 17.07 37.81 47.02
N LEU P 271 16.24 38.84 46.89
CA LEU P 271 14.82 38.71 47.23
C LEU P 271 14.09 37.78 46.27
N ASP P 272 14.42 37.83 44.99
CA ASP P 272 13.69 37.02 44.01
C ASP P 272 13.91 35.53 44.25
N GLU P 273 15.10 35.14 44.69
CA GLU P 273 15.33 33.73 45.00
C GLU P 273 14.41 33.25 46.11
N ILE P 274 14.09 34.10 47.07
CA ILE P 274 13.10 33.74 48.09
C ILE P 274 11.70 33.70 47.48
N HIS P 275 11.35 34.70 46.67
CA HIS P 275 10.01 34.79 46.13
C HIS P 275 9.68 33.58 45.27
N ALA P 276 10.61 33.16 44.42
CA ALA P 276 10.35 32.05 43.51
C ALA P 276 10.15 30.74 44.27
N THR P 277 10.99 30.48 45.27
CA THR P 277 10.83 29.26 46.06
C THR P 277 9.53 29.28 46.84
N ASP P 278 9.15 30.44 47.37
CA ASP P 278 7.86 30.53 48.06
C ASP P 278 6.72 30.26 47.11
N TRP P 279 6.82 30.75 45.87
CA TRP P 279 5.79 30.45 44.87
C TRP P 279 5.72 28.95 44.59
N ILE P 280 6.88 28.30 44.45
CA ILE P 280 6.90 26.87 44.18
C ILE P 280 6.21 26.11 45.32
N ILE P 281 6.54 26.47 46.56
CA ILE P 281 5.96 25.79 47.71
C ILE P 281 4.45 26.00 47.74
N ALA P 282 4.01 27.26 47.63
CA ALA P 282 2.59 27.56 47.71
C ALA P 282 1.81 27.03 46.52
N ARG P 283 2.48 26.70 45.43
CA ARG P 283 1.81 26.04 44.31
C ARG P 283 1.68 24.55 44.54
N THR P 284 2.74 23.90 45.02
CA THR P 284 2.66 22.47 45.28
C THR P 284 1.64 22.17 46.37
N GLU P 285 1.54 23.03 47.38
CA GLU P 285 0.54 22.79 48.42
C GLU P 285 -0.87 22.84 47.85
N GLU P 286 -1.16 23.84 47.01
CA GLU P 286 -2.48 23.94 46.43
C GLU P 286 -2.79 22.75 45.52
N GLU P 287 -1.81 22.33 44.72
CA GLU P 287 -2.05 21.19 43.84
C GLU P 287 -2.24 19.90 44.61
N MET P 288 -1.50 19.71 45.72
CA MET P 288 -1.74 18.55 46.57
C MET P 288 -3.13 18.59 47.17
N LEU P 289 -3.57 19.77 47.60
CA LEU P 289 -4.92 19.89 48.15
C LEU P 289 -5.96 19.55 47.11
N SER P 290 -5.76 20.00 45.88
CA SER P 290 -6.70 19.72 44.80
C SER P 290 -6.62 18.28 44.30
N LEU P 291 -5.89 17.41 44.99
CA LEU P 291 -5.75 16.02 44.59
C LEU P 291 -6.46 15.05 45.52
N PHE P 292 -6.53 15.35 46.81
CA PHE P 292 -7.36 14.57 47.70
C PHE P 292 -8.83 14.84 47.52
N LEU P 293 -9.17 16.01 46.98
CA LEU P 293 -10.56 16.42 46.83
C LEU P 293 -11.19 15.93 45.55
N ASN P 294 -10.39 15.67 44.51
CA ASN P 294 -10.93 15.16 43.25
C ASN P 294 -11.10 13.64 43.32
N ASN P 295 -10.00 12.91 43.43
CA ASN P 295 -10.10 11.48 43.63
C ASN P 295 -10.70 11.20 45.00
N ASP P 296 -11.37 10.06 45.12
CA ASP P 296 -11.87 9.68 46.43
C ASP P 296 -10.69 9.39 47.34
N ARG P 297 -9.91 8.35 47.06
CA ARG P 297 -8.89 7.87 47.97
C ARG P 297 -7.56 7.71 47.25
N VAL P 298 -6.48 7.86 48.00
CA VAL P 298 -5.12 7.62 47.54
C VAL P 298 -4.57 6.43 48.33
N PRO P 299 -4.40 5.26 47.73
CA PRO P 299 -3.98 4.10 48.49
C PRO P 299 -2.56 4.25 49.02
N PHE P 300 -2.25 3.45 50.03
CA PHE P 300 -0.95 3.52 50.70
C PHE P 300 -0.01 2.48 50.11
N THR P 301 0.37 2.70 48.85
CA THR P 301 1.31 1.84 48.15
C THR P 301 2.13 2.68 47.19
N ASP P 302 3.03 2.01 46.46
CA ASP P 302 3.81 2.70 45.43
C ASP P 302 2.91 3.32 44.38
N GLN P 303 1.79 2.66 44.08
CA GLN P 303 0.85 3.19 43.11
C GLN P 303 0.37 4.57 43.54
N GLY P 304 -0.03 4.71 44.80
CA GLY P 304 -0.40 6.02 45.30
C GLY P 304 0.77 6.94 45.56
N MET P 305 1.95 6.38 45.80
CA MET P 305 3.12 7.21 46.08
C MET P 305 3.55 7.97 44.84
N GLN P 306 3.65 7.29 43.70
CA GLN P 306 3.95 7.99 42.46
C GLN P 306 2.85 8.98 42.08
N GLN P 307 1.60 8.70 42.47
CA GLN P 307 0.53 9.64 42.20
C GLN P 307 0.76 10.95 42.93
N LEU P 308 1.25 10.90 44.17
CA LEU P 308 1.60 12.12 44.88
C LEU P 308 2.87 12.75 44.32
N ALA P 309 3.82 11.94 43.89
CA ALA P 309 5.03 12.46 43.25
C ALA P 309 4.72 13.17 41.94
N SER P 310 3.59 12.89 41.32
CA SER P 310 3.24 13.53 40.05
C SER P 310 3.11 15.04 40.16
N VAL P 311 2.84 15.58 41.34
CA VAL P 311 2.63 17.02 41.48
C VAL P 311 3.95 17.78 41.41
N PRO P 312 4.96 17.46 42.24
CA PRO P 312 6.24 18.16 42.08
C PRO P 312 6.88 17.92 40.72
N ARG P 313 6.68 16.73 40.15
CA ARG P 313 7.29 16.46 38.85
C ARG P 313 6.68 17.31 37.75
N ALA P 314 5.51 17.90 38.00
CA ALA P 314 4.93 18.86 37.06
C ALA P 314 5.25 20.30 37.44
N ILE P 315 5.31 20.62 38.73
CA ILE P 315 5.63 21.98 39.13
C ILE P 315 7.07 22.33 38.74
N MET P 316 8.00 21.39 38.91
CA MET P 316 9.38 21.66 38.50
C MET P 316 9.47 21.85 36.98
N GLN P 317 8.71 21.07 36.22
CA GLN P 317 8.69 21.24 34.77
C GLN P 317 8.15 22.60 34.38
N LEU P 318 7.07 23.03 35.05
CA LEU P 318 6.47 24.32 34.80
C LEU P 318 7.34 25.48 35.28
N ALA P 319 8.24 25.24 36.23
CA ALA P 319 9.12 26.26 36.74
C ALA P 319 10.38 26.43 35.89
N ALA P 320 10.95 25.33 35.41
CA ALA P 320 12.12 25.43 34.55
C ALA P 320 11.81 26.21 33.29
N ARG P 321 10.57 26.16 32.82
CA ARG P 321 10.15 26.98 31.68
C ARG P 321 10.23 28.45 32.02
N ALA P 322 9.83 28.83 33.24
CA ALA P 322 9.83 30.23 33.61
C ALA P 322 11.24 30.81 33.63
N GLY P 323 12.21 30.04 34.14
CA GLY P 323 13.57 30.52 34.20
C GLY P 323 14.14 30.58 35.60
N ILE P 324 13.66 29.70 36.47
CA ILE P 324 14.11 29.67 37.85
C ILE P 324 15.12 28.54 38.04
N VAL P 325 15.03 27.52 37.21
CA VAL P 325 15.88 26.33 37.33
C VAL P 325 16.93 26.36 36.23
N ALA P 326 18.12 25.85 36.55
CA ALA P 326 19.23 25.86 35.60
C ALA P 326 18.95 24.91 34.44
N LEU P 327 19.72 25.09 33.37
CA LEU P 327 19.46 24.41 32.10
C LEU P 327 20.39 23.20 31.92
N ASP P 328 20.28 22.25 32.83
CA ASP P 328 20.86 20.90 32.67
C ASP P 328 22.33 20.92 32.24
N LEU P 329 23.11 21.87 32.75
CA LEU P 329 24.52 21.94 32.40
C LEU P 329 25.32 22.30 33.64
N ASN P 330 26.29 21.47 33.98
CA ASN P 330 27.13 21.73 35.16
C ASN P 330 28.02 22.92 34.90
N PRO P 331 27.93 23.99 35.68
CA PRO P 331 28.78 25.16 35.43
C PRO P 331 30.27 24.86 35.53
N LEU P 332 30.67 23.93 36.39
CA LEU P 332 32.09 23.62 36.57
C LEU P 332 32.73 23.24 35.24
N THR P 333 32.07 22.38 34.46
CA THR P 333 32.64 21.87 33.23
C THR P 333 31.81 22.19 32.00
N GLY P 334 30.53 22.45 32.15
CA GLY P 334 29.65 22.59 31.00
C GLY P 334 29.24 21.23 30.49
N ALA P 335 29.48 20.19 31.29
CA ALA P 335 29.12 18.84 30.91
C ALA P 335 27.67 18.58 31.32
N TYR P 336 27.18 17.38 31.05
CA TYR P 336 25.80 17.08 31.36
C TYR P 336 25.61 16.80 32.84
N GLU P 337 24.54 17.34 33.40
CA GLU P 337 24.14 17.06 34.78
C GLU P 337 22.67 17.47 34.94
N PRO P 338 21.83 16.58 35.46
CA PRO P 338 20.40 16.91 35.56
C PRO P 338 20.17 18.14 36.40
N ALA P 339 19.24 18.98 35.95
CA ALA P 339 18.91 20.19 36.70
C ALA P 339 18.14 19.87 37.96
N TYR P 340 17.13 19.01 37.86
CA TYR P 340 16.29 18.67 39.00
C TYR P 340 16.01 17.18 39.00
N THR P 341 16.08 16.56 40.17
CA THR P 341 15.75 15.16 40.34
C THR P 341 14.77 15.00 41.48
N ILE P 342 13.82 14.10 41.31
CA ILE P 342 12.80 13.82 42.32
C ILE P 342 12.99 12.39 42.78
N THR P 343 13.17 12.22 44.09
CA THR P 343 13.36 10.92 44.70
C THR P 343 12.15 10.59 45.57
N VAL P 344 11.65 9.38 45.40
CA VAL P 344 10.44 8.90 46.08
C VAL P 344 10.82 7.71 46.95
N PRO P 345 10.53 7.73 48.24
CA PRO P 345 10.83 6.56 49.07
C PRO P 345 9.97 5.38 48.69
N SER P 346 10.51 4.19 48.91
CA SER P 346 9.78 2.97 48.63
C SER P 346 8.96 2.55 49.85
N VAL P 347 7.65 2.39 49.66
CA VAL P 347 6.77 2.00 50.75
C VAL P 347 6.77 0.49 50.98
N PHE P 348 7.46 -0.27 50.13
CA PHE P 348 7.39 -1.74 50.17
C PHE P 348 7.83 -2.29 51.52
N ASP P 349 8.68 -1.56 52.24
CA ASP P 349 9.27 -2.08 53.46
C ASP P 349 8.69 -1.47 54.73
N ILE P 350 7.88 -0.43 54.63
CA ILE P 350 7.43 0.30 55.82
C ILE P 350 6.46 -0.59 56.61
N PRO P 351 6.72 -0.83 57.89
CA PRO P 351 5.89 -1.76 58.67
C PRO P 351 4.47 -1.24 58.86
N GLU P 352 3.60 -2.18 59.25
CA GLU P 352 2.19 -1.86 59.49
C GLU P 352 2.02 -0.87 60.65
N SER P 353 2.93 -0.88 61.61
CA SER P 353 2.78 -0.03 62.78
C SER P 353 2.78 1.44 62.39
N GLN P 354 3.68 1.84 61.50
CA GLN P 354 3.70 3.20 60.99
C GLN P 354 2.85 3.37 59.74
N ARG P 355 2.29 2.29 59.20
CA ARG P 355 1.37 2.39 58.07
C ARG P 355 -0.03 2.76 58.52
N LYS P 356 -0.34 2.62 59.81
CA LYS P 356 -1.66 2.92 60.35
C LYS P 356 -1.84 4.39 60.69
N ALA P 357 -0.78 5.19 60.62
CA ALA P 357 -0.90 6.61 60.89
C ALA P 357 -1.57 7.37 59.75
N ARG P 358 -1.58 6.79 58.55
CA ARG P 358 -2.08 7.45 57.35
C ARG P 358 -1.34 8.76 57.09
N ILE P 359 -0.02 8.71 57.25
CA ILE P 359 0.86 9.83 56.95
C ILE P 359 2.01 9.30 56.09
N ALA P 360 2.12 9.81 54.87
CA ALA P 360 3.04 9.25 53.90
C ALA P 360 4.49 9.65 54.23
N PRO P 361 5.45 8.85 53.79
CA PRO P 361 6.86 9.25 53.89
C PRO P 361 7.15 10.44 52.99
N ALA P 362 8.39 10.92 53.08
CA ALA P 362 8.75 12.21 52.50
C ALA P 362 9.38 12.03 51.11
N ILE P 363 8.96 12.88 50.18
CA ILE P 363 9.52 12.96 48.84
C ILE P 363 10.58 14.05 48.84
N GLN P 364 11.68 13.83 48.13
CA GLN P 364 12.77 14.80 48.08
C GLN P 364 12.97 15.31 46.66
N VAL P 365 13.31 16.58 46.53
CA VAL P 365 13.50 17.23 45.24
C VAL P 365 14.80 18.02 45.26
N ARG P 366 15.51 18.03 44.14
CA ARG P 366 16.77 18.74 44.00
C ARG P 366 16.63 19.85 42.97
N PHE P 367 17.20 21.01 43.27
CA PHE P 367 17.11 22.17 42.39
C PHE P 367 18.44 22.41 41.66
N ARG P 368 18.47 23.51 40.92
CA ARG P 368 19.72 24.15 40.52
C ARG P 368 19.34 25.59 40.19
N TYR P 369 19.71 26.52 41.06
CA TYR P 369 19.32 27.91 40.89
C TYR P 369 19.86 28.48 39.59
N ALA P 370 19.07 29.30 38.92
CA ALA P 370 19.46 29.95 37.68
C ALA P 370 19.91 31.36 38.01
N GLY P 371 21.16 31.67 37.66
CA GLY P 371 21.76 32.93 38.05
C GLY P 371 21.19 34.11 37.29
N ALA P 372 21.84 35.26 37.49
CA ALA P 372 21.49 36.49 36.81
C ALA P 372 22.76 37.31 36.65
N VAL P 373 22.62 38.57 36.28
CA VAL P 373 23.74 39.47 36.07
C VAL P 373 23.46 40.79 36.76
N HIS P 374 24.43 41.26 37.55
CA HIS P 374 24.37 42.57 38.18
C HIS P 374 25.55 43.47 37.84
N TYR P 375 26.56 42.96 37.14
CA TYR P 375 27.78 43.73 36.90
C TYR P 375 28.42 43.22 35.62
N SER P 376 29.10 44.13 34.92
CA SER P 376 29.72 43.82 33.64
C SER P 376 31.14 44.38 33.58
N VAL P 377 31.98 43.73 32.78
CA VAL P 377 33.38 44.13 32.64
C VAL P 377 33.76 44.10 31.17
N ILE P 378 34.34 45.19 30.68
CA ILE P 378 34.87 45.29 29.31
C ILE P 378 36.28 45.83 29.40
N ASN P 379 37.11 45.50 28.41
CA ASN P 379 38.54 45.79 28.49
C ASN P 379 39.04 46.81 27.47
N TYR P 380 38.61 46.74 26.21
CA TYR P 380 38.85 47.81 25.23
C TYR P 380 40.35 48.10 25.06
N THR P 381 41.06 47.11 24.52
CA THR P 381 42.50 47.26 24.27
C THR P 381 42.70 47.84 22.88
N MET P 382 43.36 48.99 22.80
CA MET P 382 43.54 49.71 21.55
C MET P 382 44.97 49.59 21.06
N THR P 383 45.12 49.24 19.77
CA THR P 383 46.43 48.95 19.20
C THR P 383 47.02 50.10 18.41
N PHE P 384 46.19 50.93 17.79
CA PHE P 384 46.65 51.99 16.90
C PHE P 384 47.53 51.44 15.79
N LYS Q 3 51.74 12.06 -59.86
CA LYS Q 3 50.56 12.04 -59.01
C LYS Q 3 49.74 10.79 -59.29
N LEU Q 4 48.43 10.86 -59.04
CA LEU Q 4 47.56 9.71 -59.20
C LEU Q 4 46.12 10.18 -59.30
N PRO Q 5 45.28 9.52 -60.09
CA PRO Q 5 43.89 9.94 -60.20
C PRO Q 5 43.10 9.63 -58.95
N TYR Q 6 41.97 10.31 -58.79
CA TYR Q 6 41.08 10.07 -57.66
C TYR Q 6 40.36 8.74 -57.75
N SER Q 7 40.34 8.12 -58.93
CA SER Q 7 39.60 6.87 -59.09
C SER Q 7 40.24 5.71 -58.36
N ARG Q 8 41.44 5.86 -57.82
CA ARG Q 8 42.07 4.77 -57.09
C ARG Q 8 41.31 4.40 -55.82
N VAL Q 9 40.50 5.31 -55.29
CA VAL Q 9 39.73 5.04 -54.07
C VAL Q 9 38.22 5.13 -54.29
N THR Q 10 37.76 5.74 -55.38
CA THR Q 10 36.34 5.91 -55.63
C THR Q 10 36.03 5.62 -57.09
N ASN Q 11 34.76 5.75 -57.45
CA ASN Q 11 34.33 5.61 -58.83
C ASN Q 11 33.02 6.35 -58.99
N VAL Q 12 33.06 7.49 -59.68
CA VAL Q 12 31.88 8.33 -59.87
C VAL Q 12 31.63 8.43 -61.37
N THR Q 13 30.44 8.02 -61.80
CA THR Q 13 30.04 8.10 -63.19
C THR Q 13 29.07 9.25 -63.38
N LEU Q 14 28.70 9.49 -64.64
CA LEU Q 14 27.71 10.51 -64.98
C LEU Q 14 27.09 10.11 -66.31
N THR Q 15 25.90 9.53 -66.26
CA THR Q 15 25.21 9.07 -67.46
C THR Q 15 23.87 9.78 -67.59
N ARG Q 16 23.16 9.48 -68.68
CA ARG Q 16 21.87 10.09 -68.98
C ARG Q 16 20.88 8.99 -69.31
N THR Q 17 20.12 8.56 -68.31
CA THR Q 17 19.08 7.55 -68.49
C THR Q 17 17.95 7.84 -67.51
N ASP Q 18 16.99 6.93 -67.44
CA ASP Q 18 15.85 7.06 -66.53
C ASP Q 18 15.76 5.80 -65.69
N ASN Q 19 15.96 5.95 -64.38
CA ASN Q 19 15.84 4.85 -63.44
C ASN Q 19 14.67 5.12 -62.50
N PHE Q 20 14.00 4.06 -62.11
CA PHE Q 20 12.78 4.11 -61.33
C PHE Q 20 12.93 3.26 -60.08
N PRO Q 21 12.16 3.53 -59.04
CA PRO Q 21 12.33 2.81 -57.78
C PRO Q 21 12.00 1.33 -57.90
N THR Q 22 12.54 0.56 -56.95
CA THR Q 22 12.40 -0.89 -56.96
C THR Q 22 10.94 -1.31 -56.81
N ARG Q 23 10.33 -1.03 -55.66
CA ARG Q 23 8.90 -1.22 -55.43
C ARG Q 23 8.48 -2.67 -55.69
N ARG Q 24 8.93 -3.55 -54.78
CA ARG Q 24 8.55 -4.95 -54.82
C ARG Q 24 7.03 -5.09 -54.87
N GLY Q 25 6.57 -6.18 -55.47
CA GLY Q 25 5.15 -6.38 -55.65
C GLY Q 25 4.67 -7.80 -55.42
N PHE Q 26 3.46 -8.11 -55.88
CA PHE Q 26 2.90 -9.44 -55.65
C PHE Q 26 3.36 -10.45 -56.69
N GLY Q 27 2.97 -10.25 -57.94
CA GLY Q 27 3.18 -11.24 -58.98
C GLY Q 27 3.97 -10.69 -60.14
N THR Q 28 4.49 -11.61 -60.95
CA THR Q 28 5.24 -11.30 -62.15
C THR Q 28 4.52 -11.84 -63.37
N GLN Q 29 4.58 -11.09 -64.47
CA GLN Q 29 3.86 -11.45 -65.69
C GLN Q 29 4.74 -12.26 -66.64
N LEU Q 30 4.10 -12.90 -67.60
CA LEU Q 30 4.78 -13.72 -68.61
C LEU Q 30 4.38 -13.24 -69.99
N ILE Q 31 5.37 -13.13 -70.87
CA ILE Q 31 5.17 -12.70 -72.26
C ILE Q 31 5.56 -13.87 -73.15
N LEU Q 32 4.56 -14.54 -73.73
CA LEU Q 32 4.80 -15.74 -74.52
C LEU Q 32 4.47 -15.45 -75.99
N THR Q 33 5.36 -15.86 -76.88
CA THR Q 33 5.17 -15.70 -78.31
C THR Q 33 5.95 -16.79 -79.04
N HIS Q 34 6.11 -16.63 -80.35
CA HIS Q 34 6.75 -17.63 -81.17
C HIS Q 34 8.24 -17.37 -81.38
N THR Q 35 8.69 -16.12 -81.22
CA THR Q 35 10.08 -15.79 -81.51
C THR Q 35 11.00 -16.35 -80.43
N ALA Q 36 12.09 -16.96 -80.87
CA ALA Q 36 13.08 -17.55 -79.98
C ALA Q 36 14.47 -17.00 -80.30
N VAL Q 37 15.31 -16.91 -79.28
CA VAL Q 37 16.67 -16.42 -79.47
C VAL Q 37 17.69 -17.55 -79.62
N SER Q 38 17.35 -18.77 -79.20
CA SER Q 38 18.15 -19.98 -79.37
C SER Q 38 19.45 -19.95 -78.59
N GLY Q 39 19.77 -18.86 -77.90
CA GLY Q 39 20.97 -18.80 -77.09
C GLY Q 39 20.67 -19.02 -75.62
N GLN Q 40 19.43 -18.72 -75.24
CA GLN Q 40 18.95 -18.94 -73.88
C GLN Q 40 17.59 -19.61 -73.79
N VAL Q 41 16.75 -19.52 -74.82
CA VAL Q 41 15.35 -19.92 -74.72
C VAL Q 41 15.01 -21.13 -75.57
N ASP Q 42 16.00 -21.81 -76.15
CA ASP Q 42 15.69 -22.86 -77.12
C ASP Q 42 15.29 -24.16 -76.44
N ALA Q 43 14.03 -24.26 -76.02
CA ALA Q 43 13.41 -25.52 -75.61
C ALA Q 43 14.07 -26.17 -74.40
N THR Q 44 15.07 -25.51 -73.83
CA THR Q 44 15.67 -25.96 -72.59
C THR Q 44 15.34 -25.07 -71.42
N LYS Q 45 15.13 -23.78 -71.68
CA LYS Q 45 14.65 -22.83 -70.68
C LYS Q 45 13.48 -22.09 -71.31
N ARG Q 46 12.29 -22.71 -71.26
CA ARG Q 46 11.13 -22.10 -71.85
C ARG Q 46 10.71 -20.82 -71.13
N THR Q 47 11.21 -20.59 -69.92
CA THR Q 47 10.96 -19.36 -69.18
C THR Q 47 12.31 -18.79 -68.74
N LYS Q 48 12.50 -17.49 -68.93
CA LYS Q 48 13.74 -16.83 -68.58
C LYS Q 48 13.43 -15.58 -67.76
N LEU Q 49 14.31 -15.26 -66.81
CA LEU Q 49 14.12 -14.09 -65.97
C LEU Q 49 14.92 -12.92 -66.51
N TYR Q 50 14.73 -11.76 -65.88
CA TYR Q 50 15.48 -10.56 -66.19
C TYR Q 50 15.57 -9.69 -64.93
N ALA Q 51 16.21 -8.55 -65.06
CA ALA Q 51 16.31 -7.60 -63.97
C ALA Q 51 15.88 -6.19 -64.36
N SER Q 52 16.15 -5.78 -65.60
CA SER Q 52 15.81 -4.44 -66.07
C SER Q 52 15.93 -4.45 -67.59
N LEU Q 53 15.57 -3.32 -68.20
CA LEU Q 53 15.63 -3.21 -69.66
C LEU Q 53 17.07 -3.32 -70.16
N ALA Q 54 18.04 -2.91 -69.34
CA ALA Q 54 19.44 -3.03 -69.75
C ALA Q 54 19.82 -4.48 -69.98
N GLU Q 55 19.40 -5.38 -69.09
CA GLU Q 55 19.73 -6.79 -69.22
C GLU Q 55 19.04 -7.46 -70.40
N VAL Q 56 18.06 -6.81 -71.01
CA VAL Q 56 17.39 -7.38 -72.18
C VAL Q 56 18.35 -7.25 -73.36
N GLU Q 57 19.01 -8.35 -73.72
CA GLU Q 57 19.95 -8.33 -74.82
C GLU Q 57 19.64 -9.41 -75.83
N ALA Q 58 19.21 -10.59 -75.36
CA ALA Q 58 18.96 -11.72 -76.25
C ALA Q 58 17.88 -11.39 -77.27
N ASP Q 59 16.72 -10.92 -76.79
CA ASP Q 59 15.68 -10.48 -77.70
C ASP Q 59 16.11 -9.18 -78.39
N TYR Q 60 15.67 -9.03 -79.63
CA TYR Q 60 16.09 -7.90 -80.44
C TYR Q 60 15.58 -6.59 -79.84
N PRO Q 61 16.38 -5.53 -79.83
CA PRO Q 61 15.93 -4.26 -79.28
C PRO Q 61 14.92 -3.54 -80.16
N ALA Q 62 14.42 -4.21 -81.20
CA ALA Q 62 13.34 -3.66 -82.00
C ALA Q 62 12.32 -4.71 -82.42
N ASN Q 63 12.36 -5.91 -81.84
CA ASN Q 63 11.34 -6.92 -82.16
C ASN Q 63 9.99 -6.49 -81.60
N THR Q 64 8.94 -6.85 -82.33
CA THR Q 64 7.61 -6.36 -81.99
C THR Q 64 7.07 -7.00 -80.70
N SER Q 65 7.37 -8.27 -80.48
CA SER Q 65 6.79 -8.96 -79.35
C SER Q 65 7.41 -8.53 -78.03
N VAL Q 66 8.71 -8.79 -77.86
CA VAL Q 66 9.32 -8.65 -76.55
C VAL Q 66 9.61 -7.18 -76.24
N TYR Q 67 10.48 -6.56 -77.03
CA TYR Q 67 10.97 -5.23 -76.67
C TYR Q 67 9.86 -4.19 -76.75
N LYS Q 68 9.01 -4.26 -77.78
CA LYS Q 68 7.97 -3.25 -77.93
C LYS Q 68 6.88 -3.38 -76.89
N ALA Q 69 6.86 -4.46 -76.11
CA ALA Q 69 5.99 -4.58 -74.95
C ALA Q 69 6.73 -4.41 -73.62
N ALA Q 70 7.96 -4.94 -73.54
CA ALA Q 70 8.73 -4.78 -72.31
C ALA Q 70 9.09 -3.33 -72.06
N LEU Q 71 9.24 -2.53 -73.12
CA LEU Q 71 9.50 -1.11 -72.94
C LEU Q 71 8.35 -0.44 -72.20
N SER Q 72 7.12 -0.76 -72.59
CA SER Q 72 5.96 -0.24 -71.85
C SER Q 72 5.88 -0.83 -70.45
N ALA Q 73 6.21 -2.11 -70.31
CA ALA Q 73 6.10 -2.77 -69.01
C ALA Q 73 7.01 -2.13 -67.97
N PHE Q 74 8.25 -1.82 -68.36
CA PHE Q 74 9.22 -1.24 -67.44
C PHE Q 74 9.10 0.28 -67.36
N SER Q 75 7.98 0.86 -67.78
CA SER Q 75 7.85 2.30 -67.90
C SER Q 75 6.91 2.91 -66.87
N GLN Q 76 6.46 2.14 -65.89
CA GLN Q 76 5.58 2.69 -64.87
C GLN Q 76 6.37 3.56 -63.89
N ASN Q 77 5.70 4.58 -63.34
CA ASN Q 77 6.38 5.54 -62.48
C ASN Q 77 7.07 4.88 -61.29
N PRO Q 78 6.45 3.93 -60.58
CA PRO Q 78 7.25 2.95 -59.85
C PRO Q 78 7.43 1.72 -60.71
N ARG Q 79 8.63 1.17 -60.65
CA ARG Q 79 8.90 0.15 -61.66
C ARG Q 79 8.76 -1.25 -61.08
N PRO Q 80 8.22 -2.19 -61.83
CA PRO Q 80 8.27 -3.58 -61.39
C PRO Q 80 9.67 -4.14 -61.55
N ILE Q 81 9.87 -5.41 -61.19
CA ILE Q 81 11.18 -6.05 -61.35
C ILE Q 81 10.97 -7.45 -61.91
N ARG Q 82 12.07 -8.05 -62.33
CA ARG Q 82 12.18 -9.45 -62.76
C ARG Q 82 11.00 -9.84 -63.67
N LEU Q 83 10.97 -9.18 -64.83
CA LEU Q 83 10.07 -9.60 -65.89
C LEU Q 83 10.45 -10.99 -66.38
N LYS Q 84 9.45 -11.78 -66.75
CA LYS Q 84 9.66 -13.14 -67.23
C LYS Q 84 9.31 -13.24 -68.71
N VAL Q 85 10.16 -13.91 -69.47
CA VAL Q 85 9.98 -14.07 -70.91
C VAL Q 85 9.71 -15.55 -71.20
N GLY Q 86 8.74 -15.80 -72.06
CA GLY Q 86 8.29 -17.15 -72.35
C GLY Q 86 8.76 -17.65 -73.71
N TYR Q 87 8.41 -18.91 -73.97
CA TYR Q 87 8.80 -19.62 -75.18
C TYR Q 87 7.67 -20.51 -75.68
N ALA Q 88 6.47 -20.38 -75.10
CA ALA Q 88 5.43 -21.40 -75.17
C ALA Q 88 5.03 -21.77 -76.58
N ALA Q 89 4.41 -20.84 -77.31
CA ALA Q 89 3.93 -21.14 -78.65
C ALA Q 89 5.01 -20.91 -79.69
N THR Q 90 6.19 -21.50 -79.45
CA THR Q 90 7.22 -21.50 -80.49
C THR Q 90 6.74 -22.18 -81.76
N PRO Q 91 6.06 -23.31 -81.72
CA PRO Q 91 5.34 -23.75 -82.93
C PRO Q 91 4.29 -22.72 -83.32
N THR Q 92 4.13 -22.53 -84.62
CA THR Q 92 3.20 -21.53 -85.14
C THR Q 92 1.77 -22.05 -84.91
N GLY Q 93 1.36 -22.03 -83.65
CA GLY Q 93 0.01 -22.46 -83.30
C GLY Q 93 -0.17 -23.96 -83.37
N GLY Q 94 0.09 -24.53 -84.54
CA GLY Q 94 0.00 -25.96 -84.71
C GLY Q 94 0.24 -26.34 -86.16
N ASP Q 95 0.32 -27.65 -86.37
CA ASP Q 95 0.38 -28.16 -87.75
C ASP Q 95 -0.90 -27.81 -88.49
N ASP Q 96 -2.05 -27.96 -87.84
CA ASP Q 96 -3.33 -27.49 -88.36
C ASP Q 96 -3.82 -26.42 -87.38
N ALA Q 97 -3.72 -25.15 -87.80
CA ALA Q 97 -4.08 -24.05 -86.91
C ALA Q 97 -5.56 -24.04 -86.55
N ALA Q 98 -6.40 -24.73 -87.34
CA ALA Q 98 -7.83 -24.77 -87.04
C ALA Q 98 -8.09 -25.43 -85.70
N LYS Q 99 -7.21 -26.34 -85.27
CA LYS Q 99 -7.35 -27.01 -83.98
C LYS Q 99 -6.33 -26.47 -83.00
N LYS Q 100 -6.82 -26.14 -81.80
CA LYS Q 100 -6.01 -25.58 -80.74
C LYS Q 100 -5.31 -26.65 -79.91
N ALA Q 101 -5.50 -27.93 -80.24
CA ALA Q 101 -4.94 -29.01 -79.44
C ALA Q 101 -3.43 -28.90 -79.30
N ASP Q 102 -2.73 -28.37 -80.30
CA ASP Q 102 -1.30 -28.15 -80.15
C ASP Q 102 -1.00 -27.02 -79.18
N PHE Q 103 -1.85 -26.00 -79.13
CA PHE Q 103 -1.58 -24.85 -78.27
C PHE Q 103 -1.71 -25.23 -76.79
N ILE Q 104 -2.73 -26.01 -76.44
CA ILE Q 104 -2.90 -26.44 -75.06
C ILE Q 104 -1.72 -27.30 -74.63
N THR Q 105 -1.27 -28.20 -75.51
CA THR Q 105 -0.10 -29.01 -75.20
C THR Q 105 1.15 -28.16 -75.07
N SER Q 106 1.28 -27.11 -75.89
CA SER Q 106 2.41 -26.20 -75.75
C SER Q 106 2.40 -25.53 -74.39
N LEU Q 107 1.22 -25.07 -73.95
CA LEU Q 107 1.12 -24.48 -72.62
C LEU Q 107 1.45 -25.49 -71.53
N GLY Q 108 0.98 -26.73 -71.67
CA GLY Q 108 1.22 -27.73 -70.65
C GLY Q 108 2.68 -28.08 -70.45
N ALA Q 109 3.54 -27.74 -71.41
CA ALA Q 109 4.95 -28.04 -71.34
C ALA Q 109 5.78 -26.88 -70.82
N ILE Q 110 5.17 -25.75 -70.49
CA ILE Q 110 5.91 -24.59 -69.99
C ILE Q 110 5.79 -24.44 -68.49
N LEU Q 111 4.73 -24.97 -67.87
CA LEU Q 111 4.63 -24.93 -66.41
C LEU Q 111 5.75 -25.73 -65.77
N ASN Q 112 6.03 -26.92 -66.32
CA ASN Q 112 6.94 -27.85 -65.65
C ASN Q 112 8.33 -27.26 -65.46
N TYR Q 113 8.79 -26.44 -66.40
CA TYR Q 113 10.08 -25.79 -66.23
C TYR Q 113 10.06 -24.83 -65.04
N ASP Q 114 8.98 -24.07 -64.89
CA ASP Q 114 8.92 -23.06 -63.84
C ASP Q 114 7.48 -22.61 -63.67
N GLN Q 115 7.00 -22.58 -62.43
CA GLN Q 115 5.70 -22.00 -62.08
C GLN Q 115 5.97 -20.89 -61.08
N ALA Q 116 6.26 -19.70 -61.58
CA ALA Q 116 6.42 -18.53 -60.74
C ALA Q 116 5.64 -17.31 -61.22
N PHE Q 117 5.28 -17.25 -62.49
CA PHE Q 117 4.54 -16.13 -63.03
C PHE Q 117 3.08 -16.21 -62.60
N TYR Q 118 2.43 -15.04 -62.59
CA TYR Q 118 1.02 -14.94 -62.25
C TYR Q 118 0.16 -14.37 -63.36
N GLN Q 119 0.75 -13.60 -64.27
CA GLN Q 119 0.01 -12.91 -65.32
C GLN Q 119 0.55 -13.33 -66.68
N ILE Q 120 -0.37 -13.49 -67.62
CA ILE Q 120 -0.05 -13.93 -68.98
C ILE Q 120 -0.47 -12.83 -69.95
N THR Q 121 0.49 -12.35 -70.73
CA THR Q 121 0.24 -11.30 -71.72
C THR Q 121 0.91 -11.72 -73.03
N LEU Q 122 0.10 -11.97 -74.06
CA LEU Q 122 0.58 -12.29 -75.39
C LEU Q 122 0.35 -11.10 -76.31
N ASP Q 123 1.34 -10.79 -77.15
CA ASP Q 123 1.30 -9.54 -77.88
C ASP Q 123 2.11 -9.65 -79.16
N ALA Q 124 1.79 -8.75 -80.10
CA ALA Q 124 2.44 -8.62 -81.41
C ALA Q 124 2.17 -9.83 -82.28
N ALA Q 125 1.48 -10.81 -81.72
CA ALA Q 125 1.08 -12.02 -82.44
C ALA Q 125 -0.03 -12.66 -81.63
N LEU Q 126 -0.61 -13.72 -82.18
CA LEU Q 126 -1.71 -14.44 -81.54
C LEU Q 126 -2.91 -13.54 -81.32
N ARG Q 127 -3.02 -12.44 -82.06
CA ARG Q 127 -4.11 -11.49 -81.88
C ARG Q 127 -5.37 -12.04 -82.54
N ASP Q 128 -6.39 -12.33 -81.73
CA ASP Q 128 -7.69 -12.79 -82.19
C ASP Q 128 -7.59 -14.07 -83.03
N GLN Q 129 -6.51 -14.82 -82.85
CA GLN Q 129 -6.38 -16.06 -83.57
C GLN Q 129 -7.35 -17.11 -83.01
N PRO Q 130 -7.92 -17.96 -83.86
CA PRO Q 130 -8.93 -18.91 -83.38
C PRO Q 130 -8.41 -19.87 -82.34
N TYR Q 131 -7.13 -20.26 -82.40
CA TYR Q 131 -6.60 -21.19 -81.41
C TYR Q 131 -6.42 -20.54 -80.05
N LEU Q 132 -6.32 -19.21 -80.00
CA LEU Q 132 -6.10 -18.51 -78.74
C LEU Q 132 -7.20 -18.80 -77.73
N ASP Q 133 -8.40 -19.17 -78.19
CA ASP Q 133 -9.47 -19.51 -77.29
C ASP Q 133 -9.08 -20.62 -76.32
N GLY Q 134 -8.18 -21.52 -76.73
CA GLY Q 134 -7.72 -22.55 -75.82
C GLY Q 134 -7.15 -21.99 -74.54
N LEU Q 135 -6.45 -20.86 -74.64
CA LEU Q 135 -5.92 -20.22 -73.43
C LEU Q 135 -7.03 -19.87 -72.46
N VAL Q 136 -8.15 -19.36 -72.98
CA VAL Q 136 -9.29 -19.06 -72.12
C VAL Q 136 -9.78 -20.32 -71.44
N GLU Q 137 -9.75 -21.44 -72.14
CA GLU Q 137 -10.12 -22.71 -71.52
C GLU Q 137 -9.07 -23.16 -70.50
N TRP Q 138 -7.81 -22.79 -70.72
CA TRP Q 138 -6.73 -23.32 -69.89
C TRP Q 138 -6.49 -22.47 -68.65
N VAL Q 139 -6.72 -21.16 -68.74
CA VAL Q 139 -6.46 -20.31 -67.58
C VAL Q 139 -7.48 -20.52 -66.48
N GLU Q 140 -8.66 -21.05 -66.81
CA GLU Q 140 -9.57 -21.48 -65.76
C GLU Q 140 -9.11 -22.80 -65.18
N ALA Q 141 -9.61 -23.10 -63.98
CA ALA Q 141 -9.09 -24.21 -63.17
C ALA Q 141 -7.59 -24.08 -62.98
N GLN Q 142 -7.14 -22.86 -62.73
CA GLN Q 142 -5.75 -22.51 -62.61
C GLN Q 142 -5.63 -21.23 -61.79
N PRO Q 143 -4.65 -21.12 -60.91
CA PRO Q 143 -4.53 -19.90 -60.08
C PRO Q 143 -3.67 -18.81 -60.72
N LYS Q 144 -4.09 -18.35 -61.90
CA LYS Q 144 -3.37 -17.31 -62.63
C LYS Q 144 -4.36 -16.39 -63.32
N ILE Q 145 -3.84 -15.34 -63.95
CA ILE Q 145 -4.66 -14.40 -64.70
C ILE Q 145 -4.00 -14.20 -66.06
N ALA Q 146 -4.79 -14.35 -67.12
CA ALA Q 146 -4.31 -14.19 -68.49
C ALA Q 146 -5.18 -13.16 -69.18
N MET Q 147 -4.57 -12.20 -69.87
CA MET Q 147 -5.34 -11.16 -70.52
C MET Q 147 -4.82 -10.90 -71.93
N ILE Q 148 -5.74 -10.53 -72.82
CA ILE Q 148 -5.48 -10.44 -74.25
C ILE Q 148 -5.87 -9.04 -74.73
N ASP Q 149 -4.91 -8.33 -75.32
CA ASP Q 149 -5.17 -6.98 -75.85
C ASP Q 149 -5.36 -7.07 -77.35
N SER Q 150 -6.61 -7.26 -77.77
CA SER Q 150 -6.91 -7.22 -79.20
C SER Q 150 -6.64 -5.82 -79.74
N ASN Q 151 -6.24 -5.77 -81.00
CA ASN Q 151 -5.87 -4.52 -81.64
C ASN Q 151 -6.98 -3.88 -82.44
N ALA Q 152 -7.91 -4.67 -82.97
CA ALA Q 152 -9.05 -4.14 -83.72
C ALA Q 152 -10.05 -5.26 -83.95
N ALA Q 153 -11.34 -4.94 -83.86
CA ALA Q 153 -12.39 -5.92 -84.05
C ALA Q 153 -13.73 -5.18 -84.10
N GLY Q 154 -14.80 -5.94 -84.28
CA GLY Q 154 -16.13 -5.38 -84.34
C GLY Q 154 -16.76 -5.20 -82.98
N HIS Q 155 -15.97 -4.80 -81.98
CA HIS Q 155 -16.53 -4.48 -80.67
C HIS Q 155 -17.47 -3.29 -80.72
N GLU Q 156 -17.26 -2.39 -81.69
CA GLU Q 156 -18.08 -1.19 -81.79
C GLU Q 156 -19.53 -1.50 -82.08
N ASP Q 157 -19.82 -2.66 -82.66
CA ASP Q 157 -21.19 -3.10 -82.87
C ASP Q 157 -21.58 -4.03 -81.74
N PRO Q 158 -22.50 -3.63 -80.85
CA PRO Q 158 -22.91 -4.51 -79.75
C PRO Q 158 -23.80 -5.66 -80.16
N ALA Q 159 -23.95 -5.92 -81.47
CA ALA Q 159 -24.83 -6.95 -81.96
C ALA Q 159 -24.11 -8.20 -82.46
N ASN Q 160 -22.83 -8.09 -82.82
CA ASN Q 160 -22.13 -9.24 -83.36
C ASN Q 160 -21.83 -10.26 -82.25
N THR Q 161 -21.37 -11.44 -82.67
CA THR Q 161 -21.02 -12.50 -81.74
C THR Q 161 -19.70 -13.18 -82.07
N THR Q 162 -19.13 -12.96 -83.25
CA THR Q 162 -17.90 -13.63 -83.65
C THR Q 162 -16.67 -13.11 -82.92
N VAL Q 163 -16.79 -12.03 -82.17
CA VAL Q 163 -15.64 -11.39 -81.55
C VAL Q 163 -15.29 -12.13 -80.26
N ILE Q 164 -14.07 -11.86 -79.77
CA ILE Q 164 -13.58 -12.53 -78.56
C ILE Q 164 -14.52 -12.28 -77.39
N ALA Q 165 -14.68 -11.01 -77.02
CA ALA Q 165 -15.49 -10.66 -75.87
C ALA Q 165 -16.99 -10.87 -76.10
N ALA Q 166 -17.40 -11.14 -77.34
CA ALA Q 166 -18.80 -11.39 -77.62
C ALA Q 166 -19.15 -12.86 -77.44
N ARG Q 167 -18.35 -13.77 -77.99
CA ARG Q 167 -18.63 -15.20 -77.80
C ARG Q 167 -18.45 -15.60 -76.34
N HIS Q 168 -17.43 -15.07 -75.68
CA HIS Q 168 -17.24 -15.24 -74.25
C HIS Q 168 -17.56 -13.92 -73.57
N LYS Q 169 -18.70 -13.86 -72.88
CA LYS Q 169 -19.17 -12.62 -72.30
C LYS Q 169 -19.95 -12.97 -71.04
N GLY Q 170 -19.33 -12.75 -69.88
CA GLY Q 170 -19.93 -13.09 -68.61
C GLY Q 170 -19.80 -14.54 -68.22
N THR Q 171 -19.18 -15.38 -69.05
CA THR Q 171 -19.00 -16.78 -68.74
C THR Q 171 -17.63 -17.09 -68.16
N VAL Q 172 -16.63 -16.25 -68.43
CA VAL Q 172 -15.26 -16.47 -67.97
C VAL Q 172 -14.96 -15.43 -66.89
N GLU Q 173 -14.31 -15.88 -65.82
CA GLU Q 173 -14.09 -15.05 -64.64
C GLU Q 173 -12.62 -14.76 -64.37
N ARG Q 174 -11.73 -15.08 -65.31
CA ARG Q 174 -10.31 -14.89 -65.03
C ARG Q 174 -9.54 -14.34 -66.22
N THR Q 175 -10.20 -13.54 -67.06
CA THR Q 175 -9.51 -12.93 -68.20
C THR Q 175 -10.21 -11.63 -68.57
N ALA Q 176 -9.46 -10.73 -69.18
CA ALA Q 176 -10.01 -9.45 -69.61
C ALA Q 176 -9.30 -9.02 -70.90
N VAL Q 177 -9.98 -8.16 -71.65
CA VAL Q 177 -9.53 -7.76 -72.99
C VAL Q 177 -9.22 -6.28 -72.96
N PHE Q 178 -7.95 -5.93 -73.15
CA PHE Q 178 -7.53 -4.53 -73.18
C PHE Q 178 -7.52 -4.02 -74.62
N TYR Q 179 -8.72 -3.82 -75.14
CA TYR Q 179 -8.88 -3.37 -76.52
C TYR Q 179 -8.34 -1.96 -76.70
N HIS Q 180 -7.68 -1.74 -77.84
CA HIS Q 180 -7.26 -0.41 -78.26
C HIS Q 180 -7.21 -0.40 -79.78
N THR Q 181 -6.53 0.59 -80.35
CA THR Q 181 -6.16 0.57 -81.76
C THR Q 181 -4.78 -0.04 -81.91
N ASP Q 182 -4.27 -0.04 -83.14
CA ASP Q 182 -3.05 -0.78 -83.45
C ASP Q 182 -1.81 -0.07 -82.90
N SER Q 183 -0.73 -0.84 -82.77
CA SER Q 183 0.62 -0.40 -82.44
C SER Q 183 0.79 0.02 -80.99
N THR Q 184 -0.17 -0.27 -80.12
CA THR Q 184 -0.07 0.08 -78.71
C THR Q 184 -0.07 -1.19 -77.88
N GLU Q 185 1.06 -1.46 -77.23
CA GLU Q 185 1.18 -2.60 -76.31
C GLU Q 185 0.70 -2.14 -74.95
N TYR Q 186 -0.48 -2.61 -74.54
CA TYR Q 186 -1.23 -2.01 -73.47
C TYR Q 186 -1.31 -2.84 -72.20
N LEU Q 187 -1.39 -4.17 -72.31
CA LEU Q 187 -1.42 -5.00 -71.11
C LEU Q 187 -0.22 -4.73 -70.22
N ALA Q 188 0.96 -4.63 -70.83
CA ALA Q 188 2.17 -4.37 -70.06
C ALA Q 188 2.10 -3.04 -69.32
N ALA Q 189 1.34 -2.07 -69.87
CA ALA Q 189 1.32 -0.74 -69.28
C ALA Q 189 0.73 -0.76 -67.88
N SER Q 190 -0.35 -1.51 -67.68
CA SER Q 190 -1.02 -1.56 -66.38
C SER Q 190 -0.79 -2.88 -65.66
N MET Q 191 -1.04 -4.01 -66.31
CA MET Q 191 -0.82 -5.30 -65.69
C MET Q 191 0.65 -5.48 -65.36
N ALA Q 192 0.93 -5.89 -64.12
CA ALA Q 192 2.27 -6.20 -63.65
C ALA Q 192 3.18 -4.97 -63.66
N ALA Q 193 2.66 -3.84 -64.12
CA ALA Q 193 3.35 -2.57 -63.95
C ALA Q 193 2.69 -1.74 -62.85
N TYR Q 194 1.37 -1.75 -62.81
CA TYR Q 194 0.62 -1.25 -61.66
C TYR Q 194 0.00 -2.36 -60.84
N MET Q 195 -0.43 -3.45 -61.49
CA MET Q 195 -0.98 -4.57 -60.75
C MET Q 195 0.05 -5.17 -59.81
N SER Q 196 1.28 -5.37 -60.31
CA SER Q 196 2.30 -6.00 -59.50
C SER Q 196 2.71 -5.11 -58.32
N THR Q 197 3.01 -3.85 -58.59
CA THR Q 197 3.63 -2.99 -57.60
C THR Q 197 2.63 -2.49 -56.57
N ARG Q 198 1.89 -3.42 -55.94
CA ARG Q 198 1.01 -3.11 -54.82
C ARG Q 198 1.32 -4.08 -53.70
N VAL Q 199 1.44 -3.55 -52.49
CA VAL Q 199 1.75 -4.35 -51.32
C VAL Q 199 0.51 -4.40 -50.43
N PHE Q 200 -0.07 -5.59 -50.30
CA PHE Q 200 -1.34 -5.76 -49.61
C PHE Q 200 -1.20 -5.89 -48.10
N ASP Q 201 0.00 -6.06 -47.58
CA ASP Q 201 0.20 -6.22 -46.15
C ASP Q 201 0.15 -4.91 -45.38
N ASP Q 202 0.19 -3.78 -46.08
CA ASP Q 202 0.13 -2.48 -45.43
C ASP Q 202 -1.31 -2.05 -45.23
N ALA Q 203 -1.50 -1.08 -44.34
CA ALA Q 203 -2.83 -0.55 -44.08
C ALA Q 203 -3.34 0.23 -45.28
N ASN Q 204 -4.64 0.12 -45.54
CA ASN Q 204 -5.36 0.90 -46.54
C ASN Q 204 -4.81 0.73 -47.95
N SER Q 205 -3.99 -0.29 -48.18
CA SER Q 205 -3.41 -0.51 -49.51
C SER Q 205 -4.24 -1.49 -50.33
N ALA Q 206 -5.54 -1.23 -50.45
CA ALA Q 206 -6.44 -2.08 -51.23
C ALA Q 206 -6.92 -1.25 -52.41
N TYR Q 207 -6.44 -1.57 -53.61
CA TYR Q 207 -6.77 -0.80 -54.81
C TYR Q 207 -7.99 -1.42 -55.50
N THR Q 208 -9.10 -1.44 -54.77
CA THR Q 208 -10.29 -2.15 -55.23
C THR Q 208 -10.74 -1.71 -56.61
N LEU Q 209 -10.58 -0.43 -56.94
CA LEU Q 209 -11.07 0.06 -58.23
C LEU Q 209 -10.27 -0.47 -59.40
N LYS Q 210 -8.99 -0.09 -59.48
CA LYS Q 210 -8.22 -0.16 -60.72
C LYS Q 210 -8.94 0.56 -61.87
N PHE Q 211 -9.91 1.41 -61.51
CA PHE Q 211 -10.84 2.01 -62.45
C PHE Q 211 -10.45 3.41 -62.86
N LYS Q 212 -9.58 4.07 -62.09
CA LYS Q 212 -9.09 5.41 -62.41
C LYS Q 212 -7.58 5.38 -62.25
N LYS Q 213 -6.87 5.00 -63.30
CA LYS Q 213 -5.43 4.84 -63.24
C LYS Q 213 -4.81 5.22 -64.58
N ALA Q 214 -3.65 5.86 -64.51
CA ALA Q 214 -2.90 6.33 -65.67
C ALA Q 214 -1.83 5.31 -66.06
N PRO Q 215 -1.59 5.13 -67.35
CA PRO Q 215 -0.54 4.22 -67.81
C PRO Q 215 0.81 4.93 -67.81
N GLY Q 216 1.82 4.22 -68.27
CA GLY Q 216 3.13 4.84 -68.38
C GLY Q 216 3.16 5.89 -69.47
N VAL Q 217 3.14 5.45 -70.73
CA VAL Q 217 3.15 6.34 -71.87
C VAL Q 217 2.28 5.72 -72.95
N ARG Q 218 1.13 6.33 -73.21
CA ARG Q 218 0.26 5.89 -74.30
C ARG Q 218 -0.84 6.92 -74.49
N ALA Q 219 -1.49 6.87 -75.65
CA ALA Q 219 -2.47 7.86 -76.05
C ALA Q 219 -3.89 7.32 -75.96
N ILE Q 220 -4.84 8.20 -76.21
CA ILE Q 220 -6.27 7.93 -76.02
C ILE Q 220 -6.90 7.41 -77.30
N ASP Q 221 -8.09 6.81 -77.18
CA ASP Q 221 -8.92 6.51 -78.32
C ASP Q 221 -10.02 7.57 -78.42
N LYS Q 222 -10.98 7.36 -79.31
CA LYS Q 222 -12.00 8.36 -79.61
C LYS Q 222 -13.39 7.74 -79.64
N GLY Q 223 -14.40 8.56 -79.38
CA GLY Q 223 -15.79 8.13 -79.38
C GLY Q 223 -16.48 8.52 -78.09
N SER Q 224 -17.79 8.74 -78.18
CA SER Q 224 -18.59 9.12 -77.02
C SER Q 224 -19.67 8.11 -76.69
N ALA Q 225 -20.52 7.76 -77.65
CA ALA Q 225 -21.51 6.70 -77.48
C ALA Q 225 -21.02 5.35 -77.98
N VAL Q 226 -19.79 5.29 -78.50
CA VAL Q 226 -19.18 4.02 -78.87
C VAL Q 226 -18.38 3.42 -77.73
N VAL Q 227 -18.22 4.15 -76.62
CA VAL Q 227 -17.53 3.62 -75.45
C VAL Q 227 -18.56 2.95 -74.55
N THR Q 228 -19.77 2.77 -75.09
CA THR Q 228 -20.77 1.94 -74.44
C THR Q 228 -20.83 0.54 -75.03
N ALA Q 229 -20.70 0.40 -76.34
CA ALA Q 229 -20.58 -0.92 -76.93
C ALA Q 229 -19.35 -1.63 -76.39
N ILE Q 230 -18.19 -0.99 -76.45
CA ILE Q 230 -17.05 -1.43 -75.67
C ILE Q 230 -17.30 -1.04 -74.22
N THR Q 231 -16.71 -1.80 -73.30
CA THR Q 231 -16.83 -1.62 -71.85
C THR Q 231 -18.24 -1.88 -71.33
N GLY Q 232 -19.22 -2.13 -72.20
CA GLY Q 232 -20.56 -2.53 -71.82
C GLY Q 232 -21.16 -1.81 -70.64
N PHE Q 233 -20.92 -0.50 -70.54
CA PHE Q 233 -21.30 0.27 -69.36
C PHE Q 233 -22.51 1.13 -69.67
N VAL Q 234 -23.58 0.95 -68.89
CA VAL Q 234 -24.72 1.86 -68.96
C VAL Q 234 -24.31 3.22 -68.42
N GLU Q 235 -24.94 4.27 -68.95
CA GLU Q 235 -24.57 5.63 -68.57
C GLU Q 235 -24.79 5.87 -67.07
N GLN Q 236 -25.99 5.56 -66.57
CA GLN Q 236 -26.34 5.88 -65.20
C GLN Q 236 -26.69 4.66 -64.36
N THR Q 237 -27.61 3.80 -64.85
CA THR Q 237 -28.20 2.76 -64.02
C THR Q 237 -27.16 1.79 -63.51
N GLY Q 238 -26.23 1.36 -64.36
CA GLY Q 238 -25.22 0.42 -63.93
C GLY Q 238 -24.34 -0.06 -65.06
N GLN Q 239 -24.11 -1.37 -65.12
CA GLN Q 239 -23.36 -1.98 -66.21
C GLN Q 239 -24.15 -3.17 -66.71
N SER Q 240 -24.62 -3.08 -67.95
CA SER Q 240 -25.41 -4.13 -68.56
C SER Q 240 -24.52 -5.02 -69.43
N GLU Q 241 -24.61 -6.31 -69.19
CA GLU Q 241 -23.83 -7.30 -69.92
C GLU Q 241 -24.36 -7.52 -71.34
N SER Q 242 -25.66 -7.29 -71.56
CA SER Q 242 -26.24 -7.52 -72.86
C SER Q 242 -25.90 -6.42 -73.86
N ALA Q 243 -25.80 -5.18 -73.39
CA ALA Q 243 -25.68 -4.03 -74.28
C ALA Q 243 -24.22 -3.64 -74.54
N GLY Q 244 -23.30 -4.59 -74.48
CA GLY Q 244 -21.92 -4.27 -74.82
C GLY Q 244 -20.99 -5.39 -74.43
N HIS Q 245 -19.74 -5.25 -74.87
CA HIS Q 245 -18.67 -6.17 -74.52
C HIS Q 245 -17.83 -5.55 -73.41
N CYS Q 246 -17.53 -6.35 -72.40
CA CYS Q 246 -16.83 -5.85 -71.21
C CYS Q 246 -15.34 -5.84 -71.49
N ALA Q 247 -14.77 -4.65 -71.68
CA ALA Q 247 -13.36 -4.51 -71.96
C ALA Q 247 -12.87 -3.18 -71.41
N ASN Q 248 -11.68 -2.75 -71.84
CA ASN Q 248 -11.06 -1.54 -71.36
C ASN Q 248 -10.42 -0.79 -72.51
N THR Q 249 -10.40 0.54 -72.42
CA THR Q 249 -9.95 1.34 -73.56
C THR Q 249 -9.02 2.50 -73.23
N LEU Q 250 -8.90 2.92 -71.97
CA LEU Q 250 -8.07 4.06 -71.58
C LEU Q 250 -8.52 5.35 -72.30
N ILE Q 251 -9.72 5.81 -71.90
CA ILE Q 251 -10.30 7.03 -72.42
C ILE Q 251 -9.75 8.23 -71.66
N ASP Q 252 -10.05 9.44 -72.15
CA ASP Q 252 -9.73 10.67 -71.45
C ASP Q 252 -10.98 11.55 -71.39
N ILE Q 253 -11.08 12.36 -70.34
CA ILE Q 253 -12.25 13.20 -70.14
C ILE Q 253 -11.84 14.66 -70.09
N GLY Q 254 -10.85 14.96 -69.25
CA GLY Q 254 -10.16 16.24 -69.37
C GLY Q 254 -9.01 16.06 -70.33
N ASP Q 255 -7.87 16.68 -70.03
CA ASP Q 255 -6.64 16.30 -70.72
C ASP Q 255 -6.12 15.02 -70.07
N GLN Q 256 -6.75 14.63 -68.97
CA GLN Q 256 -6.31 13.49 -68.16
C GLN Q 256 -6.78 12.21 -68.81
N GLU Q 257 -5.84 11.40 -69.28
CA GLU Q 257 -6.13 10.09 -69.84
C GLU Q 257 -5.92 9.02 -68.77
N PHE Q 258 -6.89 8.12 -68.65
CA PHE Q 258 -6.87 7.13 -67.57
C PHE Q 258 -7.62 5.88 -68.03
N LEU Q 259 -7.33 4.78 -67.36
CA LEU Q 259 -8.04 3.53 -67.62
C LEU Q 259 -9.49 3.65 -67.20
N VAL Q 260 -10.35 2.89 -67.88
CA VAL Q 260 -11.79 2.97 -67.64
C VAL Q 260 -12.36 1.57 -67.52
N GLU Q 261 -13.54 1.50 -66.90
CA GLU Q 261 -14.34 0.30 -66.63
C GLU Q 261 -13.69 -0.61 -65.59
N GLY Q 262 -12.49 -0.31 -65.12
CA GLY Q 262 -11.92 -1.02 -64.00
C GLY Q 262 -11.48 -2.44 -64.27
N SER Q 263 -11.23 -2.79 -65.53
CA SER Q 263 -10.74 -4.12 -65.92
C SER Q 263 -11.69 -5.21 -65.43
N THR Q 264 -12.91 -5.17 -65.94
CA THR Q 264 -13.86 -6.22 -65.63
C THR Q 264 -13.55 -7.47 -66.44
N LEU Q 265 -14.15 -8.57 -66.02
CA LEU Q 265 -14.04 -9.87 -66.69
C LEU Q 265 -15.40 -10.43 -67.06
N THR Q 266 -16.42 -10.13 -66.28
CA THR Q 266 -17.81 -10.49 -66.53
C THR Q 266 -18.62 -9.24 -66.22
N GLN Q 267 -19.93 -9.40 -66.03
CA GLN Q 267 -20.80 -8.25 -65.82
C GLN Q 267 -20.26 -7.33 -64.72
N ASN Q 268 -20.10 -7.85 -63.51
CA ASN Q 268 -19.64 -7.03 -62.39
C ASN Q 268 -18.60 -7.77 -61.57
N VAL Q 269 -17.60 -8.34 -62.22
CA VAL Q 269 -16.48 -8.99 -61.55
C VAL Q 269 -15.23 -8.20 -61.90
N PHE Q 270 -14.75 -7.40 -60.96
CA PHE Q 270 -13.63 -6.51 -61.21
C PHE Q 270 -12.31 -7.22 -60.94
N LEU Q 271 -11.24 -6.67 -61.53
CA LEU Q 271 -9.94 -7.35 -61.50
C LEU Q 271 -9.35 -7.40 -60.08
N ASP Q 272 -9.53 -6.32 -59.31
CA ASP Q 272 -8.92 -6.29 -57.99
C ASP Q 272 -9.51 -7.32 -57.06
N GLU Q 273 -10.81 -7.62 -57.20
CA GLU Q 273 -11.40 -8.67 -56.39
C GLU Q 273 -10.75 -10.01 -56.64
N ILE Q 274 -10.33 -10.29 -57.88
CA ILE Q 274 -9.58 -11.49 -58.16
C ILE Q 274 -8.17 -11.41 -57.58
N HIS Q 275 -7.51 -10.26 -57.75
CA HIS Q 275 -6.13 -10.13 -57.30
C HIS Q 275 -6.01 -10.31 -55.80
N ALA Q 276 -6.92 -9.72 -55.03
CA ALA Q 276 -6.85 -9.80 -53.58
C ALA Q 276 -7.06 -11.23 -53.08
N THR Q 277 -8.03 -11.94 -53.65
CA THR Q 277 -8.26 -13.32 -53.24
C THR Q 277 -7.08 -14.20 -53.62
N ASP Q 278 -6.49 -13.98 -54.80
CA ASP Q 278 -5.31 -14.73 -55.16
C ASP Q 278 -4.17 -14.46 -54.21
N TRP Q 279 -4.01 -13.22 -53.76
CA TRP Q 279 -2.99 -12.91 -52.77
C TRP Q 279 -3.25 -13.64 -51.46
N ILE Q 280 -4.51 -13.67 -51.02
CA ILE Q 280 -4.85 -14.36 -49.77
C ILE Q 280 -4.50 -15.84 -49.88
N ILE Q 281 -4.86 -16.46 -51.01
CA ILE Q 281 -4.58 -17.87 -51.19
C ILE Q 281 -3.07 -18.13 -51.20
N ALA Q 282 -2.34 -17.37 -52.01
CA ALA Q 282 -0.90 -17.57 -52.13
C ALA Q 282 -0.15 -17.21 -50.86
N ARG Q 283 -0.76 -16.45 -49.97
CA ARG Q 283 -0.15 -16.19 -48.67
C ARG Q 283 -0.42 -17.32 -47.69
N THR Q 284 -1.65 -17.82 -47.65
CA THR Q 284 -1.94 -18.92 -46.75
C THR Q 284 -1.14 -20.16 -47.12
N GLU Q 285 -0.95 -20.41 -48.42
CA GLU Q 285 -0.16 -21.58 -48.81
C GLU Q 285 1.28 -21.46 -48.31
N GLU Q 286 1.88 -20.28 -48.47
CA GLU Q 286 3.25 -20.09 -48.01
C GLU Q 286 3.35 -20.23 -46.50
N GLU Q 287 2.39 -19.66 -45.76
CA GLU Q 287 2.44 -19.77 -44.32
C GLU Q 287 2.23 -21.21 -43.84
N MET Q 288 1.36 -21.96 -44.51
CA MET Q 288 1.21 -23.38 -44.18
C MET Q 288 2.49 -24.14 -44.45
N LEU Q 289 3.16 -23.82 -45.56
CA LEU Q 289 4.43 -24.49 -45.86
C LEU Q 289 5.47 -24.18 -44.80
N SER Q 290 5.51 -22.93 -44.34
CA SER Q 290 6.47 -22.52 -43.31
C SER Q 290 6.10 -23.03 -41.93
N LEU Q 291 5.09 -23.91 -41.81
CA LEU Q 291 4.68 -24.44 -40.53
C LEU Q 291 5.03 -25.90 -40.35
N PHE Q 292 5.02 -26.70 -41.41
CA PHE Q 292 5.53 -28.05 -41.32
C PHE Q 292 7.05 -28.09 -41.24
N LEU Q 293 7.71 -27.04 -41.71
CA LEU Q 293 9.17 -27.01 -41.76
C LEU Q 293 9.79 -26.51 -40.47
N ASN Q 294 9.07 -25.70 -39.69
CA ASN Q 294 9.60 -25.22 -38.43
C ASN Q 294 9.40 -26.25 -37.32
N ASN Q 295 8.14 -26.53 -36.98
CA ASN Q 295 7.87 -27.60 -36.03
C ASN Q 295 8.23 -28.93 -36.66
N ASP Q 296 8.59 -29.89 -35.82
CA ASP Q 296 8.85 -31.22 -36.34
C ASP Q 296 7.54 -31.80 -36.87
N ARG Q 297 6.57 -32.05 -35.97
CA ARG Q 297 5.37 -32.78 -36.34
C ARG Q 297 4.12 -32.03 -35.89
N VAL Q 298 3.04 -32.25 -36.63
CA VAL Q 298 1.71 -31.72 -36.31
C VAL Q 298 0.81 -32.91 -36.00
N PRO Q 299 0.43 -33.15 -34.76
CA PRO Q 299 -0.34 -34.35 -34.43
C PRO Q 299 -1.72 -34.31 -35.07
N PHE Q 300 -2.33 -35.49 -35.16
CA PHE Q 300 -3.63 -35.63 -35.80
C PHE Q 300 -4.74 -35.61 -34.76
N THR Q 301 -4.90 -34.44 -34.13
CA THR Q 301 -5.95 -34.23 -33.14
C THR Q 301 -6.44 -32.80 -33.22
N ASP Q 302 -7.39 -32.45 -32.34
CA ASP Q 302 -7.87 -31.08 -32.27
C ASP Q 302 -6.74 -30.12 -31.94
N GLN Q 303 -5.78 -30.57 -31.11
CA GLN Q 303 -4.64 -29.75 -30.77
C GLN Q 303 -3.88 -29.32 -32.02
N GLY Q 304 -3.61 -30.27 -32.91
CA GLY Q 304 -2.99 -29.91 -34.17
C GLY Q 304 -3.91 -29.26 -35.16
N MET Q 305 -5.22 -29.51 -35.04
CA MET Q 305 -6.17 -28.91 -35.97
C MET Q 305 -6.28 -27.41 -35.77
N GLN Q 306 -6.41 -26.97 -34.52
CA GLN Q 306 -6.40 -25.53 -34.26
C GLN Q 306 -5.07 -24.90 -34.63
N GLN Q 307 -3.97 -25.65 -34.53
CA GLN Q 307 -2.67 -25.12 -34.94
C GLN Q 307 -2.65 -24.80 -36.42
N LEU Q 308 -3.27 -25.64 -37.25
CA LEU Q 308 -3.39 -25.33 -38.67
C LEU Q 308 -4.39 -24.21 -38.91
N ALA Q 309 -5.47 -24.17 -38.13
CA ALA Q 309 -6.44 -23.08 -38.23
C ALA Q 309 -5.83 -21.73 -37.87
N SER Q 310 -4.73 -21.72 -37.12
CA SER Q 310 -4.11 -20.46 -36.72
C SER Q 310 -3.63 -19.63 -37.90
N VAL Q 311 -3.37 -20.24 -39.05
CA VAL Q 311 -2.84 -19.50 -40.19
C VAL Q 311 -3.91 -18.66 -40.86
N PRO Q 312 -5.05 -19.23 -41.28
CA PRO Q 312 -6.10 -18.36 -41.85
C PRO Q 312 -6.62 -17.35 -40.84
N ARG Q 313 -6.67 -17.71 -39.56
CA ARG Q 313 -7.17 -16.78 -38.56
C ARG Q 313 -6.25 -15.57 -38.40
N ALA Q 314 -5.02 -15.67 -38.88
CA ALA Q 314 -4.13 -14.51 -38.91
C ALA Q 314 -4.12 -13.81 -40.26
N ILE Q 315 -4.24 -14.56 -41.35
CA ILE Q 315 -4.28 -13.93 -42.67
C ILE Q 315 -5.53 -13.09 -42.84
N MET Q 316 -6.67 -13.57 -42.36
CA MET Q 316 -7.89 -12.77 -42.44
C MET Q 316 -7.76 -11.50 -41.61
N GLN Q 317 -7.15 -11.60 -40.42
CA GLN Q 317 -6.94 -10.42 -39.60
C GLN Q 317 -6.04 -9.42 -40.29
N LEU Q 318 -4.96 -9.90 -40.92
CA LEU Q 318 -4.05 -9.04 -41.65
C LEU Q 318 -4.66 -8.47 -42.93
N ALA Q 319 -5.68 -9.13 -43.48
CA ALA Q 319 -6.34 -8.65 -44.68
C ALA Q 319 -7.42 -7.62 -44.40
N ALA Q 320 -8.19 -7.81 -43.32
CA ALA Q 320 -9.20 -6.82 -42.96
C ALA Q 320 -8.58 -5.47 -42.67
N ARG Q 321 -7.33 -5.46 -42.19
CA ARG Q 321 -6.63 -4.20 -41.99
C ARG Q 321 -6.37 -3.50 -43.33
N ALA Q 322 -6.02 -4.27 -44.36
CA ALA Q 322 -5.73 -3.68 -45.66
C ALA Q 322 -6.95 -3.01 -46.26
N GLY Q 323 -8.12 -3.63 -46.13
CA GLY Q 323 -9.32 -3.05 -46.68
C GLY Q 323 -10.01 -3.91 -47.70
N ILE Q 324 -9.85 -5.23 -47.57
CA ILE Q 324 -10.45 -6.18 -48.52
C ILE Q 324 -11.72 -6.76 -47.91
N VAL Q 325 -11.79 -6.80 -46.59
CA VAL Q 325 -12.90 -7.42 -45.89
C VAL Q 325 -13.79 -6.34 -45.31
N ALA Q 326 -15.09 -6.61 -45.27
CA ALA Q 326 -16.06 -5.64 -44.78
C ALA Q 326 -15.90 -5.43 -43.28
N LEU Q 327 -16.48 -4.33 -42.79
CA LEU Q 327 -16.27 -3.87 -41.42
C LEU Q 327 -17.43 -4.27 -40.51
N ASP Q 328 -17.66 -5.57 -40.40
CA ASP Q 328 -18.51 -6.15 -39.35
C ASP Q 328 -19.88 -5.48 -39.24
N LEU Q 329 -20.47 -5.07 -40.37
CA LEU Q 329 -21.77 -4.43 -40.36
C LEU Q 329 -22.59 -4.94 -41.54
N ASN Q 330 -23.77 -5.48 -41.26
CA ASN Q 330 -24.63 -5.99 -42.31
C ASN Q 330 -25.18 -4.84 -43.13
N PRO Q 331 -24.91 -4.78 -44.43
CA PRO Q 331 -25.42 -3.65 -45.23
C PRO Q 331 -26.94 -3.56 -45.26
N LEU Q 332 -27.64 -4.69 -45.17
CA LEU Q 332 -29.10 -4.67 -45.21
C LEU Q 332 -29.69 -3.77 -44.13
N THR Q 333 -29.17 -3.89 -42.91
CA THR Q 333 -29.71 -3.15 -41.77
C THR Q 333 -28.69 -2.23 -41.10
N GLY Q 334 -27.41 -2.48 -41.26
CA GLY Q 334 -26.42 -1.76 -40.51
C GLY Q 334 -26.29 -2.31 -39.11
N ALA Q 335 -26.86 -3.51 -38.89
CA ALA Q 335 -26.80 -4.15 -37.59
C ALA Q 335 -25.51 -4.96 -37.50
N TYR Q 336 -25.30 -5.63 -36.38
CA TYR Q 336 -24.06 -6.38 -36.21
C TYR Q 336 -24.12 -7.70 -36.95
N GLU Q 337 -23.01 -8.04 -37.60
CA GLU Q 337 -22.83 -9.32 -38.25
C GLU Q 337 -21.35 -9.55 -38.50
N PRO Q 338 -20.81 -10.68 -38.08
CA PRO Q 338 -19.36 -10.89 -38.22
C PRO Q 338 -18.92 -10.81 -39.67
N ALA Q 339 -17.77 -10.19 -39.90
CA ALA Q 339 -17.26 -10.06 -41.25
C ALA Q 339 -16.71 -11.39 -41.76
N TYR Q 340 -15.95 -12.09 -40.93
CA TYR Q 340 -15.33 -13.34 -41.34
C TYR Q 340 -15.43 -14.34 -40.19
N THR Q 341 -15.77 -15.58 -40.52
CA THR Q 341 -15.82 -16.66 -39.54
C THR Q 341 -15.03 -17.85 -40.07
N ILE Q 342 -14.30 -18.50 -39.17
CA ILE Q 342 -13.49 -19.67 -39.50
C ILE Q 342 -14.08 -20.87 -38.78
N THR Q 343 -14.44 -21.91 -39.53
CA THR Q 343 -15.00 -23.13 -38.99
C THR Q 343 -14.00 -24.27 -39.18
N VAL Q 344 -13.80 -25.03 -38.11
CA VAL Q 344 -12.82 -26.11 -38.06
C VAL Q 344 -13.57 -27.40 -37.79
N PRO Q 345 -13.43 -28.43 -38.63
CA PRO Q 345 -14.09 -29.70 -38.34
C PRO Q 345 -13.50 -30.35 -37.11
N SER Q 346 -14.34 -31.14 -36.43
CA SER Q 346 -13.89 -31.86 -35.25
C SER Q 346 -13.34 -33.23 -35.65
N VAL Q 347 -12.09 -33.50 -35.27
CA VAL Q 347 -11.46 -34.77 -35.59
C VAL Q 347 -11.85 -35.87 -34.61
N PHE Q 348 -12.61 -35.55 -33.57
CA PHE Q 348 -12.89 -36.50 -32.50
C PHE Q 348 -13.59 -37.76 -33.02
N ASP Q 349 -14.32 -37.65 -34.13
CA ASP Q 349 -15.14 -38.73 -34.63
C ASP Q 349 -14.58 -39.43 -35.85
N ILE Q 350 -13.53 -38.90 -36.47
CA ILE Q 350 -13.05 -39.45 -37.73
C ILE Q 350 -12.41 -40.81 -37.50
N PRO Q 351 -12.85 -41.86 -38.19
CA PRO Q 351 -12.37 -43.21 -37.90
C PRO Q 351 -10.89 -43.38 -38.25
N GLU Q 352 -10.32 -44.46 -37.72
CA GLU Q 352 -8.91 -44.77 -37.96
C GLU Q 352 -8.63 -45.05 -39.43
N SER Q 353 -9.62 -45.57 -40.16
CA SER Q 353 -9.39 -45.94 -41.56
C SER Q 353 -8.99 -44.74 -42.39
N GLN Q 354 -9.66 -43.61 -42.20
CA GLN Q 354 -9.30 -42.37 -42.87
C GLN Q 354 -8.29 -41.54 -42.09
N ARG Q 355 -7.98 -41.95 -40.86
CA ARG Q 355 -6.95 -41.27 -40.09
C ARG Q 355 -5.54 -41.71 -40.50
N LYS Q 356 -5.42 -42.83 -41.21
CA LYS Q 356 -4.13 -43.35 -41.64
C LYS Q 356 -3.64 -42.74 -42.93
N ALA Q 357 -4.47 -41.94 -43.60
CA ALA Q 357 -4.03 -41.28 -44.82
C ALA Q 357 -3.09 -40.12 -44.56
N ARG Q 358 -3.07 -39.59 -43.34
CA ARG Q 358 -2.31 -38.40 -42.98
C ARG Q 358 -2.68 -37.22 -43.87
N ILE Q 359 -3.97 -37.05 -44.09
CA ILE Q 359 -4.52 -35.91 -44.83
C ILE Q 359 -5.66 -35.34 -44.00
N ALA Q 360 -5.52 -34.08 -43.58
CA ALA Q 360 -6.45 -33.50 -42.64
C ALA Q 360 -7.77 -33.14 -43.30
N PRO Q 361 -8.85 -33.08 -42.54
CA PRO Q 361 -10.12 -32.57 -43.07
C PRO Q 361 -10.02 -31.08 -43.39
N ALA Q 362 -11.10 -30.55 -43.95
CA ALA Q 362 -11.08 -29.23 -44.55
C ALA Q 362 -11.59 -28.16 -43.59
N ILE Q 363 -10.87 -27.04 -43.56
CA ILE Q 363 -11.25 -25.86 -42.80
C ILE Q 363 -12.00 -24.92 -43.73
N GLN Q 364 -13.04 -24.26 -43.22
CA GLN Q 364 -13.85 -23.37 -44.03
C GLN Q 364 -13.77 -21.94 -43.50
N VAL Q 365 -13.77 -20.97 -44.41
CA VAL Q 365 -13.66 -19.56 -44.06
C VAL Q 365 -14.72 -18.77 -44.81
N ARG Q 366 -15.28 -17.76 -44.15
CA ARG Q 366 -16.32 -16.92 -44.73
C ARG Q 366 -15.81 -15.49 -44.86
N PHE Q 367 -16.10 -14.85 -45.99
CA PHE Q 367 -15.65 -13.50 -46.26
C PHE Q 367 -16.78 -12.50 -46.11
N ARG Q 368 -16.47 -11.25 -46.45
CA ARG Q 368 -17.47 -10.25 -46.80
C ARG Q 368 -16.72 -9.20 -47.62
N TYR Q 369 -16.95 -9.18 -48.92
CA TYR Q 369 -16.21 -8.28 -49.80
C TYR Q 369 -16.47 -6.82 -49.42
N ALA Q 370 -15.42 -6.01 -49.51
CA ALA Q 370 -15.51 -4.58 -49.22
C ALA Q 370 -15.65 -3.84 -50.54
N GLY Q 371 -16.74 -3.09 -50.69
CA GLY Q 371 -17.04 -2.45 -51.94
C GLY Q 371 -16.14 -1.29 -52.25
N ALA Q 372 -16.51 -0.57 -53.31
CA ALA Q 372 -15.80 0.62 -53.74
C ALA Q 372 -16.81 1.55 -54.38
N VAL Q 373 -16.32 2.59 -55.07
CA VAL Q 373 -17.17 3.57 -55.72
C VAL Q 373 -16.65 3.81 -57.14
N HIS Q 374 -17.55 3.74 -58.11
CA HIS Q 374 -17.24 4.07 -59.49
C HIS Q 374 -18.12 5.17 -60.07
N TYR Q 375 -19.15 5.62 -59.34
CA TYR Q 375 -20.11 6.57 -59.90
C TYR Q 375 -20.72 7.36 -58.76
N SER Q 376 -21.08 8.61 -59.05
CA SER Q 376 -21.62 9.51 -58.04
C SER Q 376 -22.84 10.25 -58.57
N VAL Q 377 -23.73 10.65 -57.66
CA VAL Q 377 -24.97 11.33 -58.03
C VAL Q 377 -25.18 12.50 -57.08
N ILE Q 378 -25.42 13.69 -57.64
CA ILE Q 378 -25.76 14.89 -56.88
C ILE Q 378 -27.01 15.50 -57.50
N ASN Q 379 -27.77 16.23 -56.69
CA ASN Q 379 -29.09 16.70 -57.12
C ASN Q 379 -29.21 18.20 -57.27
N TYR Q 380 -28.68 19.00 -56.34
CA TYR Q 380 -28.55 20.45 -56.51
C TYR Q 380 -29.91 21.12 -56.78
N THR Q 381 -30.78 21.07 -55.78
CA THR Q 381 -32.09 21.70 -55.89
C THR Q 381 -32.01 23.15 -55.42
N MET Q 382 -32.35 24.08 -56.31
CA MET Q 382 -32.21 25.51 -56.04
C MET Q 382 -33.58 26.13 -55.78
N THR Q 383 -33.67 26.90 -54.69
CA THR Q 383 -34.94 27.47 -54.26
C THR Q 383 -35.14 28.92 -54.66
N PHE Q 384 -34.07 29.70 -54.77
CA PHE Q 384 -34.16 31.13 -55.03
C PHE Q 384 -35.03 31.81 -53.98
N LYS R 3 71.09 36.73 0.20
CA LYS R 3 69.81 36.15 -0.19
C LYS R 3 70.00 34.70 -0.58
N LEU R 4 69.11 34.20 -1.45
CA LEU R 4 69.13 32.81 -1.85
C LEU R 4 68.33 32.64 -3.13
N PRO R 5 68.75 31.76 -4.02
CA PRO R 5 68.01 31.55 -5.26
C PRO R 5 66.68 30.85 -5.03
N TYR R 6 65.77 30.99 -5.99
CA TYR R 6 64.48 30.32 -5.92
C TYR R 6 64.59 28.82 -6.11
N SER R 7 65.70 28.33 -6.63
CA SER R 7 65.84 26.90 -6.91
C SER R 7 65.92 26.06 -5.65
N ARG R 8 66.04 26.66 -4.47
CA ARG R 8 66.09 25.88 -3.24
C ARG R 8 64.80 25.15 -2.95
N VAL R 9 63.68 25.59 -3.54
CA VAL R 9 62.40 24.94 -3.32
C VAL R 9 61.77 24.41 -4.61
N THR R 10 62.23 24.84 -5.77
CA THR R 10 61.67 24.42 -7.04
C THR R 10 62.78 24.12 -8.03
N ASN R 11 62.37 23.74 -9.24
CA ASN R 11 63.32 23.53 -10.33
C ASN R 11 62.56 23.67 -11.64
N VAL R 12 62.78 24.76 -12.36
CA VAL R 12 62.11 25.05 -13.62
C VAL R 12 63.15 25.13 -14.71
N THR R 13 63.01 24.30 -15.73
CA THR R 13 63.91 24.29 -16.87
C THR R 13 63.23 24.95 -18.06
N LEU R 14 64.00 25.09 -19.15
CA LEU R 14 63.45 25.63 -20.39
C LEU R 14 64.34 25.10 -21.52
N THR R 15 63.86 24.07 -22.22
CA THR R 15 64.62 23.44 -23.29
C THR R 15 63.83 23.54 -24.59
N ARG R 16 64.43 23.05 -25.67
CA ARG R 16 63.84 23.09 -27.01
C ARG R 16 63.92 21.69 -27.61
N THR R 17 62.85 20.91 -27.47
CA THR R 17 62.77 19.59 -28.04
C THR R 17 61.32 19.30 -28.40
N ASP R 18 61.05 18.07 -28.82
CA ASP R 18 59.69 17.65 -29.18
C ASP R 18 59.33 16.42 -28.38
N ASN R 19 58.35 16.54 -27.51
CA ASN R 19 57.84 15.43 -26.70
C ASN R 19 56.41 15.12 -27.12
N PHE R 20 56.08 13.85 -27.07
CA PHE R 20 54.80 13.33 -27.55
C PHE R 20 54.13 12.54 -26.45
N PRO R 21 52.80 12.39 -26.50
CA PRO R 21 52.09 11.72 -25.42
C PRO R 21 52.46 10.24 -25.29
N THR R 22 52.20 9.71 -24.10
CA THR R 22 52.57 8.34 -23.76
C THR R 22 51.83 7.33 -24.65
N ARG R 23 50.50 7.26 -24.52
CA ARG R 23 49.65 6.47 -25.41
C ARG R 23 50.08 5.00 -25.43
N ARG R 24 49.83 4.33 -24.29
CA ARG R 24 50.09 2.90 -24.18
C ARG R 24 49.41 2.14 -25.31
N GLY R 25 49.98 1.00 -25.68
CA GLY R 25 49.46 0.24 -26.79
C GLY R 25 49.45 -1.26 -26.59
N PHE R 26 49.30 -2.02 -27.68
CA PHE R 26 49.21 -3.46 -27.55
C PHE R 26 50.60 -4.12 -27.52
N GLY R 27 51.34 -4.01 -28.61
CA GLY R 27 52.58 -4.75 -28.75
C GLY R 27 53.77 -3.84 -28.99
N THR R 28 54.96 -4.40 -28.82
CA THR R 28 56.22 -3.72 -29.04
C THR R 28 56.99 -4.43 -30.14
N GLN R 29 57.70 -3.65 -30.96
CA GLN R 29 58.42 -4.20 -32.10
C GLN R 29 59.87 -4.48 -31.75
N LEU R 30 60.51 -5.27 -32.61
CA LEU R 30 61.91 -5.65 -32.44
C LEU R 30 62.69 -5.29 -33.69
N ILE R 31 63.87 -4.71 -33.50
CA ILE R 31 64.76 -4.31 -34.58
C ILE R 31 66.02 -5.16 -34.47
N LEU R 32 66.18 -6.13 -35.34
CA LEU R 32 67.31 -7.06 -35.29
C LEU R 32 68.23 -6.84 -36.46
N THR R 33 69.53 -6.78 -36.20
CA THR R 33 70.54 -6.60 -37.24
C THR R 33 71.85 -7.21 -36.74
N HIS R 34 72.93 -6.92 -37.44
CA HIS R 34 74.23 -7.49 -37.13
C HIS R 34 75.07 -6.62 -36.21
N THR R 35 74.81 -5.32 -36.16
CA THR R 35 75.64 -4.42 -35.38
C THR R 35 75.41 -4.62 -33.89
N ALA R 36 76.51 -4.68 -33.13
CA ALA R 36 76.47 -4.86 -31.69
C ALA R 36 77.26 -3.75 -31.01
N VAL R 37 76.84 -3.40 -29.79
CA VAL R 37 77.54 -2.37 -29.03
C VAL R 37 78.52 -2.96 -28.02
N SER R 38 78.38 -4.23 -27.66
CA SER R 38 79.27 -4.98 -26.79
C SER R 38 79.30 -4.46 -25.36
N GLY R 39 78.58 -3.39 -25.05
CA GLY R 39 78.52 -2.89 -23.69
C GLY R 39 77.25 -3.31 -22.99
N GLN R 40 76.22 -3.60 -23.79
CA GLN R 40 74.95 -4.09 -23.28
C GLN R 40 74.37 -5.26 -24.05
N VAL R 41 74.76 -5.46 -25.31
CA VAL R 41 74.07 -6.42 -26.19
C VAL R 41 74.95 -7.60 -26.58
N ASP R 42 76.12 -7.76 -25.98
CA ASP R 42 77.06 -8.77 -26.45
C ASP R 42 76.70 -10.16 -25.95
N ALA R 43 75.74 -10.81 -26.64
CA ALA R 43 75.47 -12.25 -26.48
C ALA R 43 75.03 -12.63 -25.08
N THR R 44 74.88 -11.67 -24.19
CA THR R 44 74.32 -11.91 -22.86
C THR R 44 72.93 -11.32 -22.72
N LYS R 45 72.66 -10.22 -23.41
CA LYS R 45 71.32 -9.63 -23.47
C LYS R 45 71.02 -9.41 -24.95
N ARG R 46 70.57 -10.46 -25.62
CA ARG R 46 70.26 -10.36 -27.04
C ARG R 46 69.09 -9.43 -27.31
N THR R 47 68.29 -9.09 -26.30
CA THR R 47 67.21 -8.13 -26.42
C THR R 47 67.37 -7.09 -25.31
N LYS R 48 67.23 -5.83 -25.67
CA LYS R 48 67.38 -4.72 -24.74
C LYS R 48 66.19 -3.78 -24.87
N LEU R 49 65.77 -3.20 -23.76
CA LEU R 49 64.65 -2.27 -23.75
C LEU R 49 65.15 -0.83 -23.83
N TYR R 50 64.19 0.09 -23.95
CA TYR R 50 64.47 1.53 -23.93
C TYR R 50 63.25 2.25 -23.38
N ALA R 51 63.34 3.56 -23.33
CA ALA R 51 62.22 4.39 -22.89
C ALA R 51 61.90 5.51 -23.88
N SER R 52 62.91 6.08 -24.52
CA SER R 52 62.73 7.18 -25.46
C SER R 52 64.02 7.33 -26.26
N LEU R 53 63.99 8.25 -27.23
CA LEU R 53 65.16 8.47 -28.07
C LEU R 53 66.32 9.01 -27.25
N ALA R 54 66.04 9.73 -26.17
CA ALA R 54 67.11 10.24 -25.31
C ALA R 54 67.93 9.11 -24.72
N GLU R 55 67.26 8.04 -24.25
CA GLU R 55 67.96 6.92 -23.65
C GLU R 55 68.76 6.11 -24.65
N VAL R 56 68.57 6.33 -25.95
CA VAL R 56 69.34 5.61 -26.96
C VAL R 56 70.73 6.21 -26.97
N GLU R 57 71.69 5.52 -26.36
CA GLU R 57 73.06 6.01 -26.29
C GLU R 57 74.05 4.96 -26.80
N ALA R 58 73.78 3.69 -26.49
CA ALA R 58 74.72 2.63 -26.85
C ALA R 58 74.88 2.53 -28.37
N ASP R 59 73.77 2.44 -29.09
CA ASP R 59 73.85 2.48 -30.54
C ASP R 59 74.23 3.88 -31.02
N TYR R 60 74.98 3.92 -32.12
CA TYR R 60 75.51 5.17 -32.63
C TYR R 60 74.36 6.09 -33.05
N PRO R 61 74.45 7.39 -32.76
CA PRO R 61 73.39 8.33 -33.16
C PRO R 61 73.38 8.61 -34.66
N ALA R 62 74.16 7.87 -35.44
CA ALA R 62 74.10 7.97 -36.88
C ALA R 62 74.22 6.61 -37.57
N ASN R 63 74.13 5.50 -36.85
CA ASN R 63 74.18 4.20 -37.50
C ASN R 63 72.91 3.97 -38.32
N THR R 64 73.07 3.25 -39.42
CA THR R 64 71.97 3.12 -40.37
C THR R 64 70.85 2.24 -39.83
N SER R 65 71.21 1.19 -39.09
CA SER R 65 70.20 0.24 -38.65
C SER R 65 69.32 0.80 -37.54
N VAL R 66 69.92 1.10 -36.39
CA VAL R 66 69.13 1.40 -35.20
C VAL R 66 68.60 2.82 -35.24
N TYR R 67 69.49 3.80 -35.25
CA TYR R 67 69.05 5.18 -35.07
C TYR R 67 68.24 5.67 -36.26
N LYS R 68 68.66 5.32 -37.48
CA LYS R 68 67.96 5.81 -38.66
C LYS R 68 66.59 5.16 -38.84
N ALA R 69 66.27 4.13 -38.06
CA ALA R 69 64.93 3.57 -38.01
C ALA R 69 64.19 3.95 -36.72
N ALA R 70 64.90 3.96 -35.59
CA ALA R 70 64.25 4.34 -34.34
C ALA R 70 63.80 5.80 -34.36
N LEU R 71 64.50 6.65 -35.11
CA LEU R 71 64.06 8.04 -35.24
C LEU R 71 62.69 8.12 -35.87
N SER R 72 62.45 7.34 -36.93
CA SER R 72 61.13 7.27 -37.52
C SER R 72 60.13 6.61 -36.58
N ALA R 73 60.57 5.57 -35.87
CA ALA R 73 59.65 4.84 -35.00
C ALA R 73 59.09 5.73 -33.90
N PHE R 74 59.94 6.55 -33.27
CA PHE R 74 59.52 7.42 -32.19
C PHE R 74 58.95 8.74 -32.69
N SER R 75 58.54 8.83 -33.95
CA SER R 75 58.14 10.08 -34.56
C SER R 75 56.65 10.18 -34.84
N GLN R 76 55.86 9.22 -34.38
CA GLN R 76 54.42 9.28 -34.60
C GLN R 76 53.77 10.34 -33.71
N ASN R 77 52.68 10.93 -34.19
CA ASN R 77 52.05 12.03 -33.46
C ASN R 77 51.65 11.63 -32.06
N PRO R 78 51.03 10.47 -31.81
CA PRO R 78 51.14 9.86 -30.50
C PRO R 78 52.30 8.89 -30.48
N ARG R 79 53.01 8.88 -29.39
CA ARG R 79 54.27 8.15 -29.46
C ARG R 79 54.15 6.78 -28.81
N PRO R 80 54.76 5.75 -29.37
CA PRO R 80 54.85 4.48 -28.65
C PRO R 80 55.86 4.57 -27.52
N ILE R 81 56.05 3.49 -26.77
CA ILE R 81 57.02 3.46 -25.70
C ILE R 81 57.79 2.15 -25.76
N ARG R 82 58.88 2.11 -24.99
CA ARG R 82 59.68 0.91 -24.75
C ARG R 82 59.95 0.12 -26.04
N LEU R 83 60.67 0.78 -26.94
CA LEU R 83 61.19 0.10 -28.11
C LEU R 83 62.19 -0.97 -27.69
N LYS R 84 62.22 -2.08 -28.42
CA LYS R 84 63.12 -3.19 -28.14
C LYS R 84 64.16 -3.32 -29.24
N VAL R 85 65.41 -3.52 -28.84
CA VAL R 85 66.52 -3.64 -29.77
C VAL R 85 67.06 -5.06 -29.69
N GLY R 86 67.33 -5.65 -30.85
CA GLY R 86 67.74 -7.03 -30.96
C GLY R 86 69.23 -7.20 -31.23
N TYR R 87 69.64 -8.47 -31.27
CA TYR R 87 71.03 -8.87 -31.48
C TYR R 87 71.12 -10.12 -32.36
N ALA R 88 70.00 -10.53 -32.95
CA ALA R 88 69.83 -11.88 -33.46
C ALA R 88 70.87 -12.29 -34.49
N ALA R 89 70.86 -11.65 -35.65
CA ALA R 89 71.79 -12.04 -36.71
C ALA R 89 73.12 -11.30 -36.58
N THR R 90 73.70 -11.35 -35.38
CA THR R 90 75.06 -10.85 -35.21
C THR R 90 76.05 -11.57 -36.11
N PRO R 91 76.01 -12.89 -36.26
CA PRO R 91 76.75 -13.51 -37.36
C PRO R 91 76.23 -12.99 -38.69
N THR R 92 77.14 -12.79 -39.64
CA THR R 92 76.78 -12.24 -40.94
C THR R 92 76.03 -13.32 -41.73
N GLY R 93 74.80 -13.56 -41.32
CA GLY R 93 73.95 -14.54 -41.98
C GLY R 93 74.37 -15.96 -41.70
N GLY R 94 75.60 -16.30 -42.03
CA GLY R 94 76.13 -17.62 -41.77
C GLY R 94 77.53 -17.76 -42.31
N ASP R 95 78.14 -18.90 -41.99
CA ASP R 95 79.42 -19.23 -42.59
C ASP R 95 79.29 -19.40 -44.09
N ASP R 96 78.22 -20.06 -44.52
CA ASP R 96 77.83 -20.14 -45.93
C ASP R 96 76.47 -19.44 -46.06
N ALA R 97 76.49 -18.23 -46.61
CA ALA R 97 75.26 -17.44 -46.69
C ALA R 97 74.21 -18.08 -47.61
N ALA R 98 74.62 -19.00 -48.48
CA ALA R 98 73.67 -19.65 -49.37
C ALA R 98 72.64 -20.46 -48.58
N LYS R 99 73.02 -20.95 -47.40
CA LYS R 99 72.11 -21.70 -46.55
C LYS R 99 71.67 -20.85 -45.36
N LYS R 100 70.37 -20.84 -45.13
CA LYS R 100 69.74 -20.06 -44.06
C LYS R 100 69.75 -20.80 -42.73
N ALA R 101 70.30 -22.01 -42.68
CA ALA R 101 70.26 -22.81 -41.46
C ALA R 101 70.89 -22.10 -40.28
N ASP R 102 71.89 -21.24 -40.51
CA ASP R 102 72.44 -20.46 -39.41
C ASP R 102 71.46 -19.38 -38.95
N PHE R 103 70.68 -18.80 -39.87
CA PHE R 103 69.78 -17.72 -39.51
C PHE R 103 68.65 -18.23 -38.62
N ILE R 104 68.07 -19.38 -38.95
CA ILE R 104 66.99 -19.94 -38.14
C ILE R 104 67.50 -20.26 -36.74
N THR R 105 68.72 -20.82 -36.65
CA THR R 105 69.30 -21.08 -35.34
C THR R 105 69.58 -19.79 -34.59
N SER R 106 69.99 -18.74 -35.28
CA SER R 106 70.19 -17.45 -34.63
C SER R 106 68.89 -16.94 -34.04
N LEU R 107 67.79 -17.06 -34.80
CA LEU R 107 66.49 -16.65 -34.29
C LEU R 107 66.08 -17.50 -33.10
N GLY R 108 66.33 -18.80 -33.15
CA GLY R 108 65.91 -19.69 -32.07
C GLY R 108 66.61 -19.41 -30.75
N ALA R 109 67.72 -18.68 -30.78
CA ALA R 109 68.47 -18.36 -29.58
C ALA R 109 68.13 -16.99 -29.00
N ILE R 110 67.22 -16.25 -29.62
CA ILE R 110 66.85 -14.94 -29.10
C ILE R 110 65.51 -14.94 -28.37
N LEU R 111 64.64 -15.91 -28.64
CA LEU R 111 63.40 -16.02 -27.88
C LEU R 111 63.69 -16.33 -26.41
N ASN R 112 64.62 -17.25 -26.16
CA ASN R 112 64.83 -17.76 -24.81
C ASN R 112 65.21 -16.66 -23.83
N TYR R 113 65.96 -15.65 -24.29
CA TYR R 113 66.28 -14.54 -23.41
C TYR R 113 65.03 -13.75 -23.02
N ASP R 114 64.13 -13.53 -23.97
CA ASP R 114 62.95 -12.72 -23.71
C ASP R 114 61.94 -12.91 -24.83
N GLN R 115 60.69 -13.17 -24.48
CA GLN R 115 59.57 -13.22 -25.41
C GLN R 115 58.57 -12.18 -24.97
N ALA R 116 58.77 -10.94 -25.41
CA ALA R 116 57.82 -9.86 -25.14
C ALA R 116 57.46 -9.06 -26.37
N PHE R 117 58.29 -9.07 -27.41
CA PHE R 117 58.01 -8.33 -28.62
C PHE R 117 56.94 -9.04 -29.45
N TYR R 118 56.25 -8.25 -30.28
CA TYR R 118 55.22 -8.77 -31.17
C TYR R 118 55.53 -8.54 -32.64
N GLN R 119 56.33 -7.54 -32.97
CA GLN R 119 56.59 -7.15 -34.34
C GLN R 119 58.09 -7.20 -34.61
N ILE R 120 58.43 -7.67 -35.81
CA ILE R 120 59.81 -7.84 -36.23
C ILE R 120 60.05 -6.95 -37.44
N THR R 121 61.04 -6.06 -37.33
CA THR R 121 61.40 -5.15 -38.41
C THR R 121 62.91 -5.16 -38.55
N LEU R 122 63.41 -5.65 -39.68
CA LEU R 122 64.82 -5.64 -40.00
C LEU R 122 65.09 -4.60 -41.08
N ASP R 123 66.18 -3.85 -40.91
CA ASP R 123 66.38 -2.68 -41.75
C ASP R 123 67.87 -2.34 -41.86
N ALA R 124 68.19 -1.61 -42.92
CA ALA R 124 69.54 -1.12 -43.23
C ALA R 124 70.47 -2.28 -43.58
N ALA R 125 69.96 -3.50 -43.48
CA ALA R 125 70.69 -4.70 -43.83
C ALA R 125 69.66 -5.80 -44.01
N LEU R 126 70.13 -6.97 -44.44
CA LEU R 126 69.27 -8.12 -44.67
C LEU R 126 68.20 -7.83 -45.72
N ARG R 127 68.42 -6.82 -46.56
CA ARG R 127 67.44 -6.43 -47.57
C ARG R 127 67.49 -7.42 -48.74
N ASP R 128 66.41 -8.15 -48.93
CA ASP R 128 66.26 -9.09 -50.06
C ASP R 128 67.36 -10.13 -50.08
N GLN R 129 68.00 -10.38 -48.94
CA GLN R 129 69.02 -11.41 -48.89
C GLN R 129 68.37 -12.80 -48.97
N PRO R 130 69.04 -13.74 -49.63
CA PRO R 130 68.42 -15.06 -49.83
C PRO R 130 68.12 -15.79 -48.54
N TYR R 131 68.93 -15.60 -47.50
CA TYR R 131 68.69 -16.29 -46.23
C TYR R 131 67.48 -15.72 -45.50
N LEU R 132 67.10 -14.48 -45.79
CA LEU R 132 65.98 -13.84 -45.11
C LEU R 132 64.69 -14.64 -45.25
N ASP R 133 64.57 -15.44 -46.31
CA ASP R 133 63.38 -16.27 -46.49
C ASP R 133 63.14 -17.17 -45.29
N GLY R 134 64.19 -17.57 -44.58
CA GLY R 134 64.00 -18.38 -43.39
C GLY R 134 63.09 -17.72 -42.38
N LEU R 135 63.19 -16.40 -42.25
CA LEU R 135 62.30 -15.68 -41.34
C LEU R 135 60.84 -15.90 -41.72
N VAL R 136 60.53 -15.87 -43.02
CA VAL R 136 59.17 -16.14 -43.47
C VAL R 136 58.74 -17.53 -43.05
N GLU R 137 59.68 -18.48 -43.10
CA GLU R 137 59.36 -19.83 -42.63
C GLU R 137 59.19 -19.87 -41.11
N TRP R 138 59.92 -19.00 -40.40
CA TRP R 138 59.95 -19.07 -38.94
C TRP R 138 58.81 -18.29 -38.29
N VAL R 139 58.37 -17.19 -38.90
CA VAL R 139 57.32 -16.40 -38.29
C VAL R 139 55.97 -17.09 -38.36
N GLU R 140 55.80 -18.04 -39.27
CA GLU R 140 54.61 -18.88 -39.22
C GLU R 140 54.77 -19.92 -38.13
N ALA R 141 53.64 -20.50 -37.71
CA ALA R 141 53.58 -21.34 -36.52
C ALA R 141 54.16 -20.61 -35.31
N GLN R 142 53.81 -19.33 -35.20
CA GLN R 142 54.33 -18.44 -34.18
C GLN R 142 53.35 -17.29 -34.00
N PRO R 143 53.08 -16.84 -32.78
CA PRO R 143 52.13 -15.74 -32.57
C PRO R 143 52.76 -14.35 -32.64
N LYS R 144 53.36 -14.03 -33.78
CA LYS R 144 54.00 -12.74 -33.98
C LYS R 144 53.79 -12.27 -35.41
N ILE R 145 54.23 -11.05 -35.71
CA ILE R 145 54.16 -10.49 -37.04
C ILE R 145 55.53 -9.94 -37.41
N ALA R 146 56.04 -10.34 -38.57
CA ALA R 146 57.32 -9.89 -39.06
C ALA R 146 57.14 -9.28 -40.44
N MET R 147 57.72 -8.11 -40.67
CA MET R 147 57.55 -7.44 -41.94
C MET R 147 58.88 -6.89 -42.45
N ILE R 148 59.01 -6.87 -43.77
CA ILE R 148 60.27 -6.58 -44.45
C ILE R 148 60.04 -5.45 -45.45
N ASP R 149 60.79 -4.37 -45.29
CA ASP R 149 60.69 -3.21 -46.20
C ASP R 149 61.83 -3.27 -47.20
N SER R 150 61.60 -3.94 -48.33
CA SER R 150 62.58 -3.92 -49.40
C SER R 150 62.74 -2.50 -49.93
N ASN R 151 63.94 -2.20 -50.39
CA ASN R 151 64.28 -0.87 -50.86
C ASN R 151 64.17 -0.70 -52.36
N ALA R 152 64.35 -1.77 -53.13
CA ALA R 152 64.22 -1.71 -54.58
C ALA R 152 64.23 -3.13 -55.14
N ALA R 153 63.41 -3.39 -56.15
CA ALA R 153 63.32 -4.70 -56.76
C ALA R 153 62.46 -4.59 -58.01
N GLY R 154 62.29 -5.71 -58.69
CA GLY R 154 61.49 -5.75 -59.89
C GLY R 154 60.02 -5.95 -59.62
N HIS R 155 59.50 -5.33 -58.57
CA HIS R 155 58.06 -5.37 -58.32
C HIS R 155 57.28 -4.67 -59.42
N GLU R 156 57.88 -3.71 -60.10
CA GLU R 156 57.20 -2.95 -61.14
C GLU R 156 56.78 -3.83 -62.31
N ASP R 157 57.45 -4.95 -62.51
CA ASP R 157 57.05 -5.90 -63.53
C ASP R 157 56.21 -6.99 -62.88
N PRO R 158 54.90 -7.08 -63.17
CA PRO R 158 54.08 -8.13 -62.57
C PRO R 158 54.29 -9.51 -63.14
N ALA R 159 55.35 -9.71 -63.93
CA ALA R 159 55.61 -10.99 -64.57
C ALA R 159 56.75 -11.78 -63.94
N ASN R 160 57.66 -11.13 -63.23
CA ASN R 160 58.79 -11.84 -62.66
C ASN R 160 58.35 -12.70 -61.49
N THR R 161 59.27 -13.55 -61.03
CA THR R 161 59.03 -14.44 -59.90
C THR R 161 60.16 -14.48 -58.89
N THR R 162 61.34 -13.95 -59.23
CA THR R 162 62.49 -14.01 -58.33
C THR R 162 62.38 -13.08 -57.14
N VAL R 163 61.38 -12.20 -57.11
CA VAL R 163 61.27 -11.19 -56.08
C VAL R 163 60.63 -11.80 -54.83
N ILE R 164 60.77 -11.08 -53.71
CA ILE R 164 60.25 -11.57 -52.44
C ILE R 164 58.75 -11.81 -52.53
N ALA R 165 57.99 -10.76 -52.82
CA ALA R 165 56.54 -10.86 -52.86
C ALA R 165 56.04 -11.66 -54.06
N ALA R 166 56.90 -11.99 -55.00
CA ALA R 166 56.50 -12.79 -56.15
C ALA R 166 56.60 -14.29 -55.87
N ARG R 167 57.72 -14.73 -55.30
CA ARG R 167 57.86 -16.15 -54.98
C ARG R 167 56.89 -16.54 -53.87
N HIS R 168 56.72 -15.67 -52.87
CA HIS R 168 55.71 -15.86 -51.84
C HIS R 168 54.61 -14.84 -52.09
N LYS R 169 53.46 -15.32 -52.54
CA LYS R 169 52.36 -14.43 -52.95
C LYS R 169 51.06 -15.16 -52.67
N GLY R 170 50.37 -14.77 -51.61
CA GLY R 170 49.15 -15.43 -51.21
C GLY R 170 49.33 -16.71 -50.45
N THR R 171 50.57 -17.15 -50.22
CA THR R 171 50.82 -18.37 -49.48
C THR R 171 51.15 -18.12 -48.00
N VAL R 172 51.62 -16.93 -47.67
CA VAL R 172 52.01 -16.57 -46.31
C VAL R 172 50.99 -15.59 -45.76
N GLU R 173 50.59 -15.79 -44.51
CA GLU R 173 49.49 -15.03 -43.91
C GLU R 173 49.94 -14.18 -42.73
N ARG R 174 51.24 -14.02 -42.50
CA ARG R 174 51.68 -13.28 -41.34
C ARG R 174 52.88 -12.38 -41.63
N THR R 175 52.99 -11.87 -42.86
CA THR R 175 54.07 -10.96 -43.18
C THR R 175 53.62 -10.05 -44.32
N ALA R 176 54.24 -8.86 -44.39
CA ALA R 176 53.93 -7.91 -45.44
C ALA R 176 55.19 -7.14 -45.79
N VAL R 177 55.21 -6.59 -47.00
CA VAL R 177 56.39 -5.94 -47.56
C VAL R 177 56.08 -4.47 -47.77
N PHE R 178 56.79 -3.61 -47.02
CA PHE R 178 56.61 -2.16 -47.14
C PHE R 178 57.62 -1.60 -48.15
N TYR R 179 57.38 -1.89 -49.41
CA TYR R 179 58.28 -1.45 -50.48
C TYR R 179 58.27 0.06 -50.60
N HIS R 180 59.46 0.62 -50.85
CA HIS R 180 59.62 2.03 -51.17
C HIS R 180 60.87 2.17 -52.03
N THR R 181 61.38 3.39 -52.15
CA THR R 181 62.71 3.62 -52.69
C THR R 181 63.73 3.65 -51.56
N ASP R 182 64.98 3.96 -51.89
CA ASP R 182 66.06 3.82 -50.92
C ASP R 182 66.04 4.94 -49.90
N SER R 183 66.71 4.68 -48.78
CA SER R 183 67.00 5.63 -47.69
C SER R 183 65.79 5.98 -46.85
N THR R 184 64.69 5.26 -46.97
CA THR R 184 63.49 5.51 -46.18
C THR R 184 63.21 4.30 -45.30
N GLU R 185 63.34 4.49 -43.99
CA GLU R 185 63.00 3.45 -43.02
C GLU R 185 61.51 3.56 -42.73
N TYR R 186 60.73 2.61 -43.23
CA TYR R 186 59.30 2.77 -43.35
C TYR R 186 58.48 1.89 -42.41
N LEU R 187 58.91 0.67 -42.13
CA LEU R 187 58.18 -0.19 -41.21
C LEU R 187 58.00 0.50 -39.86
N ALA R 188 59.06 1.13 -39.36
CA ALA R 188 58.97 1.82 -38.07
C ALA R 188 57.95 2.94 -38.11
N ALA R 189 57.72 3.54 -39.28
CA ALA R 189 56.84 4.69 -39.36
C ALA R 189 55.41 4.34 -38.98
N SER R 190 54.92 3.19 -39.44
CA SER R 190 53.55 2.77 -39.17
C SER R 190 53.46 1.62 -38.18
N MET R 191 54.21 0.55 -38.41
CA MET R 191 54.20 -0.57 -37.49
C MET R 191 54.74 -0.14 -36.13
N ALA R 192 54.00 -0.50 -35.08
CA ALA R 192 54.39 -0.24 -33.70
C ALA R 192 54.50 1.25 -33.39
N ALA R 193 54.28 2.09 -34.39
CA ALA R 193 54.10 3.52 -34.17
C ALA R 193 52.65 3.92 -34.26
N TYR R 194 51.93 3.35 -35.23
CA TYR R 194 50.48 3.41 -35.26
C TYR R 194 49.83 2.08 -34.93
N MET R 195 50.45 0.97 -35.30
CA MET R 195 49.91 -0.34 -34.93
C MET R 195 49.86 -0.51 -33.43
N SER R 196 50.95 -0.14 -32.74
CA SER R 196 50.99 -0.34 -31.30
C SER R 196 50.00 0.56 -30.58
N THR R 197 50.00 1.85 -30.89
CA THR R 197 49.24 2.81 -30.10
C THR R 197 47.75 2.77 -30.39
N ARG R 198 47.14 1.59 -30.30
CA ARG R 198 45.70 1.42 -30.41
C ARG R 198 45.23 0.59 -29.22
N VAL R 199 44.17 1.03 -28.58
CA VAL R 199 43.61 0.35 -27.41
C VAL R 199 42.29 -0.28 -27.81
N PHE R 200 42.23 -1.60 -27.82
CA PHE R 200 41.08 -2.33 -28.32
C PHE R 200 39.97 -2.49 -27.30
N ASP R 201 40.22 -2.18 -26.03
CA ASP R 201 39.21 -2.34 -24.99
C ASP R 201 38.18 -1.23 -24.99
N ASP R 202 38.43 -0.14 -25.71
CA ASP R 202 37.49 0.97 -25.77
C ASP R 202 36.45 0.74 -26.87
N ALA R 203 35.36 1.48 -26.78
CA ALA R 203 34.32 1.37 -27.78
C ALA R 203 34.79 1.96 -29.10
N ASN R 204 34.36 1.32 -30.20
CA ASN R 204 34.58 1.80 -31.56
C ASN R 204 36.04 1.98 -31.92
N SER R 205 36.96 1.41 -31.14
CA SER R 205 38.39 1.54 -31.41
C SER R 205 38.92 0.36 -32.22
N ALA R 206 38.28 0.07 -33.35
CA ALA R 206 38.71 -1.02 -34.23
C ALA R 206 39.17 -0.39 -35.53
N TYR R 207 40.48 -0.39 -35.77
CA TYR R 207 41.05 0.25 -36.95
C TYR R 207 41.17 -0.77 -38.09
N THR R 208 40.02 -1.30 -38.49
CA THR R 208 39.99 -2.42 -39.43
C THR R 208 40.75 -2.10 -40.73
N LEU R 209 40.72 -0.86 -41.19
CA LEU R 209 41.36 -0.52 -42.45
C LEU R 209 42.88 -0.59 -42.37
N LYS R 210 43.48 0.29 -41.57
CA LYS R 210 44.89 0.63 -41.69
C LYS R 210 45.23 1.06 -43.12
N PHE R 211 44.21 1.41 -43.90
CA PHE R 211 44.31 1.62 -45.34
C PHE R 211 44.42 3.09 -45.70
N LYS R 212 44.05 4.00 -44.80
CA LYS R 212 44.15 5.44 -45.03
C LYS R 212 44.80 6.04 -43.79
N LYS R 213 46.13 6.05 -43.75
CA LYS R 213 46.86 6.51 -42.59
C LYS R 213 48.14 7.20 -43.01
N ALA R 214 48.49 8.26 -42.30
CA ALA R 214 49.67 9.08 -42.56
C ALA R 214 50.83 8.63 -41.68
N PRO R 215 52.04 8.66 -42.19
CA PRO R 215 53.22 8.30 -41.40
C PRO R 215 53.69 9.51 -40.59
N GLY R 216 54.81 9.33 -39.89
CA GLY R 216 55.36 10.44 -39.16
C GLY R 216 55.95 11.48 -40.10
N VAL R 217 57.09 11.17 -40.70
CA VAL R 217 57.76 12.06 -41.65
C VAL R 217 58.36 11.20 -42.75
N ARG R 218 57.81 11.29 -43.95
CA ARG R 218 58.37 10.61 -45.10
C ARG R 218 57.66 11.10 -46.35
N ALA R 219 58.28 10.86 -47.50
CA ALA R 219 57.81 11.38 -48.78
C ALA R 219 57.18 10.27 -49.62
N ILE R 220 56.63 10.70 -50.76
CA ILE R 220 55.83 9.85 -51.64
C ILE R 220 56.71 9.20 -52.70
N ASP R 221 56.18 8.15 -53.34
CA ASP R 221 56.76 7.60 -54.55
C ASP R 221 55.97 8.11 -55.76
N LYS R 222 56.26 7.57 -56.94
CA LYS R 222 55.68 8.09 -58.18
C LYS R 222 55.18 6.94 -59.05
N GLY R 223 54.21 7.25 -59.91
CA GLY R 223 53.64 6.28 -60.82
C GLY R 223 52.13 6.24 -60.70
N SER R 224 51.47 5.90 -61.81
CA SER R 224 50.01 5.83 -61.85
C SER R 224 49.49 4.44 -62.17
N ALA R 225 49.95 3.83 -63.26
CA ALA R 225 49.62 2.46 -63.58
C ALA R 225 50.67 1.48 -63.10
N VAL R 226 51.73 1.97 -62.45
CA VAL R 226 52.72 1.09 -61.83
C VAL R 226 52.38 0.80 -60.38
N VAL R 227 51.36 1.45 -59.83
CA VAL R 227 50.92 1.19 -58.46
C VAL R 227 49.88 0.09 -58.51
N THR R 228 49.74 -0.55 -59.67
CA THR R 228 48.95 -1.77 -59.81
C THR R 228 49.81 -3.01 -59.77
N ALA R 229 50.99 -2.99 -60.40
CA ALA R 229 51.92 -4.10 -60.26
C ALA R 229 52.32 -4.27 -58.80
N ILE R 230 52.76 -3.19 -58.17
CA ILE R 230 52.84 -3.17 -56.71
C ILE R 230 51.44 -3.02 -56.17
N THR R 231 51.21 -3.53 -54.95
CA THR R 231 49.93 -3.53 -54.25
C THR R 231 48.87 -4.38 -54.92
N GLY R 232 49.15 -4.96 -56.10
CA GLY R 232 48.27 -5.90 -56.76
C GLY R 232 46.80 -5.58 -56.74
N PHE R 233 46.45 -4.31 -56.90
CA PHE R 233 45.08 -3.85 -56.72
C PHE R 233 44.46 -3.56 -58.08
N VAL R 234 43.33 -4.21 -58.37
CA VAL R 234 42.54 -3.87 -59.54
C VAL R 234 41.91 -2.50 -59.34
N GLU R 235 41.71 -1.77 -60.44
CA GLU R 235 41.17 -0.42 -60.35
C GLU R 235 39.79 -0.40 -59.71
N GLN R 236 38.86 -1.21 -60.21
CA GLN R 236 37.48 -1.17 -59.77
C GLN R 236 36.99 -2.48 -59.19
N THR R 237 37.18 -3.59 -59.89
CA THR R 237 36.51 -4.84 -59.54
C THR R 237 36.92 -5.33 -58.16
N GLY R 238 38.21 -5.28 -57.84
CA GLY R 238 38.65 -5.74 -56.54
C GLY R 238 40.16 -5.73 -56.39
N GLN R 239 40.71 -6.81 -55.86
CA GLN R 239 42.15 -6.97 -55.75
C GLN R 239 42.53 -8.34 -56.28
N SER R 240 43.25 -8.37 -57.38
CA SER R 240 43.66 -9.61 -58.01
C SER R 240 45.07 -9.97 -57.59
N GLU R 241 45.21 -11.21 -57.12
CA GLU R 241 46.50 -11.72 -56.67
C GLU R 241 47.44 -12.04 -57.83
N SER R 242 46.89 -12.37 -59.00
CA SER R 242 47.71 -12.73 -60.14
C SER R 242 48.36 -11.52 -60.79
N ALA R 243 47.67 -10.38 -60.83
CA ALA R 243 48.11 -9.22 -61.59
C ALA R 243 48.93 -8.25 -60.77
N GLY R 244 49.64 -8.72 -59.76
CA GLY R 244 50.52 -7.84 -59.01
C GLY R 244 51.02 -8.50 -57.74
N HIS R 245 51.96 -7.82 -57.11
CA HIS R 245 52.51 -8.22 -55.82
C HIS R 245 51.85 -7.39 -54.73
N CYS R 246 51.42 -8.05 -53.66
CA CYS R 246 50.67 -7.39 -52.60
C CYS R 246 51.65 -6.74 -51.64
N ALA R 247 51.73 -5.41 -51.68
CA ALA R 247 52.66 -4.67 -50.82
C ALA R 247 52.05 -3.30 -50.55
N ASN R 248 52.88 -2.39 -50.02
CA ASN R 248 52.45 -1.06 -49.64
C ASN R 248 53.48 -0.04 -50.07
N THR R 249 53.02 1.17 -50.41
CA THR R 249 53.93 2.15 -50.97
C THR R 249 53.79 3.58 -50.43
N LEU R 250 52.71 3.93 -49.73
CA LEU R 250 52.49 5.28 -49.22
C LEU R 250 52.44 6.30 -50.37
N ILE R 251 51.39 6.18 -51.17
CA ILE R 251 51.14 7.10 -52.29
C ILE R 251 50.46 8.36 -51.79
N ASP R 252 50.33 9.35 -52.66
CA ASP R 252 49.56 10.56 -52.40
C ASP R 252 48.61 10.82 -53.56
N ILE R 253 47.49 11.45 -53.27
CA ILE R 253 46.47 11.70 -54.29
C ILE R 253 46.21 13.19 -54.38
N GLY R 254 45.95 13.83 -53.25
CA GLY R 254 46.00 15.27 -53.18
C GLY R 254 47.42 15.66 -52.83
N ASP R 255 47.58 16.68 -51.98
CA ASP R 255 48.87 16.89 -51.34
C ASP R 255 49.00 15.92 -50.18
N GLN R 256 47.91 15.22 -49.88
CA GLN R 256 47.80 14.31 -48.75
C GLN R 256 48.48 13.00 -49.10
N GLU R 257 49.58 12.70 -48.42
CA GLU R 257 50.27 11.43 -48.57
C GLU R 257 49.84 10.47 -47.46
N PHE R 258 49.51 9.24 -47.83
CA PHE R 258 48.95 8.28 -46.90
C PHE R 258 49.30 6.87 -47.35
N LEU R 259 49.23 5.94 -46.41
CA LEU R 259 49.46 4.54 -46.72
C LEU R 259 48.34 4.01 -47.60
N VAL R 260 48.67 3.00 -48.42
CA VAL R 260 47.73 2.45 -49.39
C VAL R 260 47.76 0.94 -49.32
N GLU R 261 46.68 0.33 -49.82
CA GLU R 261 46.42 -1.09 -49.89
C GLU R 261 46.17 -1.73 -48.52
N GLY R 262 46.31 -0.97 -47.44
CA GLY R 262 45.91 -1.47 -46.14
C GLY R 262 46.78 -2.55 -45.53
N SER R 263 48.03 -2.67 -45.98
CA SER R 263 48.97 -3.64 -45.44
C SER R 263 48.42 -5.07 -45.54
N THR R 264 48.21 -5.50 -46.77
CA THR R 264 47.78 -6.87 -46.97
C THR R 264 48.97 -7.82 -46.86
N LEU R 265 48.66 -9.09 -46.71
CA LEU R 265 49.62 -10.17 -46.64
C LEU R 265 49.41 -11.24 -47.70
N THR R 266 48.16 -11.44 -48.11
CA THR R 266 47.78 -12.33 -49.19
C THR R 266 46.74 -11.56 -49.98
N GLN R 267 45.96 -12.26 -50.82
CA GLN R 267 45.01 -11.60 -51.69
C GLN R 267 44.13 -10.62 -50.93
N ASN R 268 43.38 -11.10 -49.94
CA ASN R 268 42.47 -10.25 -49.19
C ASN R 268 42.56 -10.54 -47.69
N VAL R 269 43.76 -10.59 -47.15
CA VAL R 269 43.98 -10.76 -45.72
C VAL R 269 44.67 -9.50 -45.23
N PHE R 270 43.90 -8.64 -44.56
CA PHE R 270 44.43 -7.35 -44.13
C PHE R 270 45.09 -7.46 -42.76
N LEU R 271 45.95 -6.48 -42.47
CA LEU R 271 46.78 -6.54 -41.28
C LEU R 271 45.95 -6.44 -39.99
N ASP R 272 44.92 -5.59 -39.99
CA ASP R 272 44.15 -5.39 -38.78
C ASP R 272 43.41 -6.65 -38.36
N GLU R 273 42.95 -7.44 -39.33
CA GLU R 273 42.30 -8.71 -38.98
C GLU R 273 43.24 -9.63 -38.22
N ILE R 274 44.53 -9.61 -38.56
CA ILE R 274 45.51 -10.37 -37.79
C ILE R 274 45.72 -9.76 -36.42
N HIS R 275 45.86 -8.43 -36.37
CA HIS R 275 46.17 -7.76 -35.11
C HIS R 275 45.06 -7.98 -34.08
N ALA R 276 43.80 -7.88 -34.50
CA ALA R 276 42.69 -8.02 -33.56
C ALA R 276 42.61 -9.43 -33.00
N THR R 277 42.78 -10.45 -33.85
CA THR R 277 42.74 -11.81 -33.36
C THR R 277 43.91 -12.11 -32.44
N ASP R 278 45.09 -11.56 -32.75
CA ASP R 278 46.23 -11.73 -31.85
C ASP R 278 45.95 -11.08 -30.50
N TRP R 279 45.30 -9.91 -30.51
CA TRP R 279 44.92 -9.28 -29.25
C TRP R 279 43.95 -10.14 -28.47
N ILE R 280 42.96 -10.72 -29.14
CA ILE R 280 42.00 -11.57 -28.45
C ILE R 280 42.70 -12.76 -27.81
N ILE R 281 43.61 -13.39 -28.55
CA ILE R 281 44.33 -14.55 -28.02
C ILE R 281 45.16 -14.15 -26.82
N ALA R 282 45.97 -13.09 -26.96
CA ALA R 282 46.85 -12.68 -25.90
C ALA R 282 46.11 -12.12 -24.69
N ARG R 283 44.85 -11.74 -24.86
CA ARG R 283 44.03 -11.34 -23.73
C ARG R 283 43.45 -12.54 -23.01
N THR R 284 42.93 -13.52 -23.75
CA THR R 284 42.39 -14.71 -23.12
C THR R 284 43.46 -15.47 -22.36
N GLU R 285 44.68 -15.52 -22.90
CA GLU R 285 45.75 -16.22 -22.18
C GLU R 285 46.04 -15.55 -20.84
N GLU R 286 46.12 -14.21 -20.83
CA GLU R 286 46.40 -13.50 -19.60
C GLU R 286 45.26 -13.69 -18.59
N GLU R 287 44.02 -13.63 -19.06
CA GLU R 287 42.91 -13.81 -18.14
C GLU R 287 42.84 -15.23 -17.59
N MET R 288 43.16 -16.23 -18.40
CA MET R 288 43.23 -17.60 -17.90
C MET R 288 44.33 -17.73 -16.87
N LEU R 289 45.48 -17.09 -17.10
CA LEU R 289 46.56 -17.14 -16.13
C LEU R 289 46.14 -16.49 -14.81
N SER R 290 45.43 -15.38 -14.89
CA SER R 290 44.97 -14.69 -13.70
C SER R 290 43.80 -15.39 -13.01
N LEU R 291 43.46 -16.61 -13.43
CA LEU R 291 42.38 -17.36 -12.83
C LEU R 291 42.84 -18.55 -12.02
N PHE R 292 43.93 -19.20 -12.41
CA PHE R 292 44.52 -20.22 -11.55
C PHE R 292 45.24 -19.63 -10.36
N LEU R 293 45.64 -18.36 -10.45
CA LEU R 293 46.42 -17.73 -9.40
C LEU R 293 45.55 -17.10 -8.32
N ASN R 294 44.31 -16.73 -8.66
CA ASN R 294 43.42 -16.16 -7.66
C ASN R 294 42.72 -17.25 -6.86
N ASN R 295 41.89 -18.05 -7.51
CA ASN R 295 41.30 -19.21 -6.84
C ASN R 295 42.40 -20.21 -6.53
N ASP R 296 42.18 -20.99 -5.47
CA ASP R 296 43.13 -22.05 -5.20
C ASP R 296 43.07 -23.09 -6.30
N ARG R 297 41.93 -23.78 -6.44
CA ARG R 297 41.82 -24.92 -7.34
C ARG R 297 40.60 -24.80 -8.24
N VAL R 298 40.71 -25.39 -9.42
CA VAL R 298 39.62 -25.49 -10.38
C VAL R 298 39.28 -26.97 -10.53
N PRO R 299 38.14 -27.43 -10.01
CA PRO R 299 37.85 -28.86 -10.03
C PRO R 299 37.64 -29.36 -11.46
N PHE R 300 37.76 -30.67 -11.61
CA PHE R 300 37.65 -31.30 -12.93
C PHE R 300 36.24 -31.82 -13.15
N THR R 301 35.30 -30.88 -13.26
CA THR R 301 33.91 -31.20 -13.53
C THR R 301 33.30 -30.09 -14.38
N ASP R 302 32.01 -30.24 -14.69
CA ASP R 302 31.30 -29.20 -15.42
C ASP R 302 31.31 -27.89 -14.66
N GLN R 303 31.26 -27.96 -13.33
CA GLN R 303 31.33 -26.75 -12.51
C GLN R 303 32.59 -25.96 -12.81
N GLY R 304 33.74 -26.64 -12.84
CA GLY R 304 34.97 -25.97 -13.21
C GLY R 304 35.09 -25.69 -14.69
N MET R 305 34.41 -26.48 -15.53
CA MET R 305 34.51 -26.27 -16.97
C MET R 305 33.84 -24.97 -17.38
N GLN R 306 32.63 -24.71 -16.88
CA GLN R 306 32.00 -23.43 -17.15
C GLN R 306 32.78 -22.27 -16.55
N GLN R 307 33.49 -22.50 -15.45
CA GLN R 307 34.32 -21.45 -14.87
C GLN R 307 35.43 -21.04 -15.82
N LEU R 308 36.04 -22.01 -16.51
CA LEU R 308 37.02 -21.67 -17.54
C LEU R 308 36.38 -21.06 -18.77
N ALA R 309 35.18 -21.53 -19.13
CA ALA R 309 34.46 -20.94 -20.25
C ALA R 309 34.07 -19.50 -19.99
N SER R 310 34.01 -19.08 -18.73
CA SER R 310 33.64 -17.71 -18.40
C SER R 310 34.59 -16.66 -18.99
N VAL R 311 35.83 -17.03 -19.28
CA VAL R 311 36.80 -16.05 -19.77
C VAL R 311 36.54 -15.69 -21.23
N PRO R 312 36.48 -16.66 -22.16
CA PRO R 312 36.14 -16.27 -23.54
C PRO R 312 34.76 -15.65 -23.66
N ARG R 313 33.81 -16.09 -22.83
CA ARG R 313 32.47 -15.51 -22.90
C ARG R 313 32.45 -14.05 -22.49
N ALA R 314 33.49 -13.58 -21.81
CA ALA R 314 33.63 -12.17 -21.51
C ALA R 314 34.52 -11.45 -22.50
N ILE R 315 35.56 -12.10 -23.01
CA ILE R 315 36.42 -11.45 -23.99
C ILE R 315 35.67 -11.20 -25.29
N MET R 316 34.83 -12.15 -25.72
CA MET R 316 34.04 -11.92 -26.93
C MET R 316 33.06 -10.78 -26.73
N GLN R 317 32.45 -10.69 -25.55
CA GLN R 317 31.53 -9.60 -25.25
C GLN R 317 32.25 -8.25 -25.28
N LEU R 318 33.45 -8.20 -24.71
CA LEU R 318 34.26 -6.99 -24.71
C LEU R 318 34.81 -6.65 -26.08
N ALA R 319 34.92 -7.62 -26.98
CA ALA R 319 35.42 -7.39 -28.32
C ALA R 319 34.33 -6.92 -29.28
N ALA R 320 33.13 -7.49 -29.17
CA ALA R 320 32.03 -7.05 -30.02
C ALA R 320 31.71 -5.58 -29.79
N ARG R 321 31.95 -5.09 -28.58
CA ARG R 321 31.79 -3.67 -28.31
C ARG R 321 32.78 -2.84 -29.10
N ALA R 322 34.02 -3.31 -29.21
CA ALA R 322 35.05 -2.56 -29.93
C ALA R 322 34.70 -2.42 -31.41
N GLY R 323 34.19 -3.48 -32.03
CA GLY R 323 33.85 -3.41 -33.43
C GLY R 323 34.58 -4.42 -34.28
N ILE R 324 34.96 -5.56 -33.69
CA ILE R 324 35.69 -6.59 -34.41
C ILE R 324 34.73 -7.70 -34.83
N VAL R 325 33.65 -7.86 -34.09
CA VAL R 325 32.69 -8.94 -34.33
C VAL R 325 31.44 -8.37 -35.00
N ALA R 326 30.84 -9.16 -35.86
CA ALA R 326 29.66 -8.72 -36.60
C ALA R 326 28.46 -8.57 -35.66
N LEU R 327 27.45 -7.86 -36.15
CA LEU R 327 26.32 -7.44 -35.33
C LEU R 327 25.10 -8.35 -35.55
N ASP R 328 25.27 -9.63 -35.26
CA ASP R 328 24.17 -10.59 -35.11
C ASP R 328 23.19 -10.56 -36.28
N LEU R 329 23.68 -10.36 -37.50
CA LEU R 329 22.82 -10.32 -38.68
C LEU R 329 23.50 -11.04 -39.83
N ASN R 330 22.84 -12.04 -40.38
CA ASN R 330 23.40 -12.80 -41.49
C ASN R 330 23.44 -11.92 -42.73
N PRO R 331 24.61 -11.67 -43.31
CA PRO R 331 24.66 -10.82 -44.50
C PRO R 331 23.88 -11.36 -45.68
N LEU R 332 23.79 -12.68 -45.83
CA LEU R 332 23.07 -13.27 -46.96
C LEU R 332 21.63 -12.77 -47.03
N THR R 333 20.95 -12.74 -45.90
CA THR R 333 19.53 -12.38 -45.85
C THR R 333 19.23 -11.18 -44.98
N GLY R 334 20.10 -10.85 -44.03
CA GLY R 334 19.77 -9.83 -43.06
C GLY R 334 18.88 -10.39 -41.98
N ALA R 335 18.77 -11.72 -41.93
CA ALA R 335 17.94 -12.37 -40.92
C ALA R 335 18.76 -12.56 -39.65
N TYR R 336 18.17 -13.16 -38.63
CA TYR R 336 18.87 -13.33 -37.37
C TYR R 336 19.85 -14.50 -37.46
N GLU R 337 21.03 -14.30 -36.90
CA GLU R 337 22.03 -15.36 -36.76
C GLU R 337 23.05 -14.91 -35.72
N PRO R 338 23.33 -15.74 -34.72
CA PRO R 338 24.24 -15.32 -33.65
C PRO R 338 25.62 -14.96 -34.20
N ALA R 339 26.19 -13.90 -33.66
CA ALA R 339 27.51 -13.47 -34.09
C ALA R 339 28.60 -14.41 -33.58
N TYR R 340 28.53 -14.78 -32.31
CA TYR R 340 29.54 -15.64 -31.71
C TYR R 340 28.86 -16.65 -30.81
N THR R 341 29.32 -17.90 -30.88
CA THR R 341 28.83 -18.96 -30.02
C THR R 341 30.01 -19.67 -29.38
N ILE R 342 29.85 -20.02 -28.10
CA ILE R 342 30.88 -20.73 -27.34
C ILE R 342 30.34 -22.11 -27.00
N THR R 343 31.08 -23.13 -27.39
CA THR R 343 30.72 -24.52 -27.12
C THR R 343 31.72 -25.12 -26.15
N VAL R 344 31.19 -25.79 -25.12
CA VAL R 344 31.97 -26.36 -24.04
C VAL R 344 31.75 -27.88 -24.05
N PRO R 345 32.81 -28.68 -24.12
CA PRO R 345 32.63 -30.13 -24.06
C PRO R 345 32.11 -30.56 -22.70
N SER R 346 31.38 -31.67 -22.71
CA SER R 346 30.86 -32.23 -21.46
C SER R 346 31.88 -33.20 -20.87
N VAL R 347 32.27 -32.95 -19.62
CA VAL R 347 33.24 -33.82 -18.94
C VAL R 347 32.58 -35.04 -18.34
N PHE R 348 31.26 -35.14 -18.39
CA PHE R 348 30.53 -36.20 -17.70
C PHE R 348 30.97 -37.59 -18.15
N ASP R 349 31.46 -37.71 -19.37
CA ASP R 349 31.76 -39.01 -19.96
C ASP R 349 33.25 -39.33 -20.04
N ILE R 350 34.13 -38.36 -19.77
CA ILE R 350 35.56 -38.57 -19.98
C ILE R 350 36.09 -39.55 -18.94
N PRO R 351 36.74 -40.63 -19.37
CA PRO R 351 37.16 -41.68 -18.43
C PRO R 351 38.24 -41.19 -17.48
N GLU R 352 38.43 -41.96 -16.41
CA GLU R 352 39.43 -41.64 -15.39
C GLU R 352 40.84 -41.67 -15.96
N SER R 353 41.08 -42.51 -16.97
CA SER R 353 42.43 -42.65 -17.50
C SER R 353 42.95 -41.33 -18.06
N GLN R 354 42.12 -40.61 -18.79
CA GLN R 354 42.49 -39.29 -19.29
C GLN R 354 42.11 -38.18 -18.33
N ARG R 355 41.40 -38.48 -17.25
CA ARG R 355 41.11 -37.49 -16.22
C ARG R 355 42.28 -37.28 -15.28
N LYS R 356 43.25 -38.20 -15.26
CA LYS R 356 44.41 -38.11 -14.37
C LYS R 356 45.53 -37.25 -14.95
N ALA R 357 45.41 -36.82 -16.21
CA ALA R 357 46.42 -35.96 -16.80
C ALA R 357 46.34 -34.53 -16.29
N ARG R 358 45.20 -34.13 -15.71
CA ARG R 358 44.95 -32.76 -15.29
C ARG R 358 45.13 -31.78 -16.45
N ILE R 359 44.59 -32.16 -17.61
CA ILE R 359 44.57 -31.31 -18.80
C ILE R 359 43.15 -31.31 -19.34
N ALA R 360 42.52 -30.14 -19.37
CA ALA R 360 41.10 -30.07 -19.69
C ALA R 360 40.87 -30.25 -21.19
N PRO R 361 39.68 -30.70 -21.56
CA PRO R 361 39.31 -30.74 -22.99
C PRO R 361 39.18 -29.33 -23.55
N ALA R 362 38.92 -29.26 -24.84
CA ALA R 362 39.02 -28.01 -25.59
C ALA R 362 37.67 -27.32 -25.73
N ILE R 363 37.68 -26.01 -25.51
CA ILE R 363 36.52 -25.15 -25.71
C ILE R 363 36.61 -24.56 -27.10
N GLN R 364 35.47 -24.43 -27.78
CA GLN R 364 35.45 -23.90 -29.14
C GLN R 364 34.64 -22.62 -29.19
N VAL R 365 35.08 -21.68 -30.03
CA VAL R 365 34.43 -20.37 -30.16
C VAL R 365 34.27 -20.05 -31.64
N ARG R 366 33.15 -19.42 -31.98
CA ARG R 366 32.84 -19.05 -33.35
C ARG R 366 32.78 -17.53 -33.48
N PHE R 367 33.35 -17.00 -34.55
CA PHE R 367 33.40 -15.56 -34.79
C PHE R 367 32.41 -15.13 -35.85
N ARG R 368 32.46 -13.86 -36.20
CA ARG R 368 31.94 -13.34 -37.46
C ARG R 368 32.66 -12.02 -37.68
N TYR R 369 33.60 -12.01 -38.62
CA TYR R 369 34.42 -10.83 -38.85
C TYR R 369 33.55 -9.64 -39.27
N ALA R 370 33.91 -8.46 -38.78
CA ALA R 370 33.21 -7.23 -39.10
C ALA R 370 33.98 -6.52 -40.21
N GLY R 371 33.32 -6.28 -41.33
CA GLY R 371 33.98 -5.75 -42.50
C GLY R 371 34.35 -4.29 -42.35
N ALA R 372 34.81 -3.72 -43.47
CA ALA R 372 35.16 -2.32 -43.55
C ALA R 372 34.89 -1.84 -44.97
N VAL R 373 35.39 -0.66 -45.31
CA VAL R 373 35.18 -0.08 -46.63
C VAL R 373 36.52 0.45 -47.14
N HIS R 374 36.87 0.08 -48.36
CA HIS R 374 38.04 0.61 -49.04
C HIS R 374 37.73 1.27 -50.37
N TYR R 375 36.50 1.20 -50.86
CA TYR R 375 36.17 1.69 -52.19
C TYR R 375 34.71 2.08 -52.22
N SER R 376 34.38 3.08 -53.04
CA SER R 376 33.03 3.60 -53.12
C SER R 376 32.62 3.79 -54.58
N VAL R 377 31.32 3.72 -54.84
CA VAL R 377 30.78 3.85 -56.19
C VAL R 377 29.55 4.75 -56.15
N ILE R 378 29.52 5.76 -57.02
CA ILE R 378 28.38 6.65 -57.18
C ILE R 378 28.06 6.73 -58.67
N ASN R 379 26.80 7.01 -59.00
CA ASN R 379 26.34 6.92 -60.39
C ASN R 379 25.95 8.24 -61.01
N TYR R 380 25.24 9.13 -60.31
CA TYR R 380 25.01 10.50 -60.76
C TYR R 380 24.34 10.55 -62.14
N THR R 381 23.10 10.08 -62.19
CA THR R 381 22.33 10.11 -63.43
C THR R 381 21.57 11.42 -63.53
N MET R 382 21.83 12.18 -64.59
CA MET R 382 21.26 13.51 -64.76
C MET R 382 20.16 13.49 -65.83
N THR R 383 19.01 14.07 -65.49
CA THR R 383 17.85 14.01 -66.36
C THR R 383 17.63 15.28 -67.19
N PHE R 384 18.04 16.43 -66.69
CA PHE R 384 17.77 17.71 -67.34
C PHE R 384 16.28 17.90 -67.59
N LYS S 3 -59.86 39.75 -35.07
CA LYS S 3 -58.73 39.38 -34.25
C LYS S 3 -59.19 38.83 -32.92
N LEU S 4 -58.36 38.95 -31.88
CA LEU S 4 -58.68 38.38 -30.58
C LEU S 4 -57.81 39.04 -29.54
N PRO S 5 -58.32 39.26 -28.33
CA PRO S 5 -57.52 39.89 -27.28
C PRO S 5 -56.44 38.95 -26.76
N TYR S 6 -55.42 39.54 -26.14
CA TYR S 6 -54.34 38.77 -25.54
C TYR S 6 -54.77 38.00 -24.31
N SER S 7 -55.92 38.35 -23.72
CA SER S 7 -56.35 37.71 -22.49
C SER S 7 -56.77 36.26 -22.70
N ARG S 8 -56.88 35.79 -23.94
CA ARG S 8 -57.25 34.40 -24.17
C ARG S 8 -56.21 33.42 -23.67
N VAL S 9 -54.96 33.86 -23.48
CA VAL S 9 -53.90 32.99 -23.00
C VAL S 9 -53.28 33.48 -21.70
N THR S 10 -53.50 34.72 -21.31
CA THR S 10 -52.91 35.27 -20.10
C THR S 10 -53.94 36.10 -19.35
N ASN S 11 -53.51 36.67 -18.22
CA ASN S 11 -54.36 37.57 -17.45
C ASN S 11 -53.43 38.45 -16.61
N VAL S 12 -53.32 39.72 -16.99
CA VAL S 12 -52.45 40.67 -16.30
C VAL S 12 -53.32 41.80 -15.76
N THR S 13 -53.27 42.01 -14.45
CA THR S 13 -54.02 43.07 -13.80
C THR S 13 -53.07 44.21 -13.44
N LEU S 14 -53.64 45.29 -12.91
CA LEU S 14 -52.86 46.42 -12.44
C LEU S 14 -53.71 47.15 -11.40
N THR S 15 -53.42 46.91 -10.13
CA THR S 15 -54.18 47.51 -9.04
C THR S 15 -53.25 48.35 -8.17
N ARG S 16 -53.83 49.00 -7.16
CA ARG S 16 -53.10 49.88 -6.25
C ARG S 16 -53.45 49.48 -4.82
N THR S 17 -52.61 48.64 -4.21
CA THR S 17 -52.80 48.22 -2.83
C THR S 17 -51.42 47.97 -2.23
N ASP S 18 -51.41 47.44 -1.00
CA ASP S 18 -50.16 47.13 -0.31
C ASP S 18 -50.20 45.68 0.13
N ASN S 19 -49.31 44.87 -0.43
CA ASN S 19 -49.18 43.47 -0.06
C ASN S 19 -47.84 43.23 0.59
N PHE S 20 -47.82 42.34 1.55
CA PHE S 20 -46.66 42.07 2.38
C PHE S 20 -46.32 40.58 2.33
N PRO S 21 -45.08 40.22 2.63
CA PRO S 21 -44.67 38.82 2.50
C PRO S 21 -45.39 37.90 3.47
N THR S 22 -45.39 36.61 3.12
CA THR S 22 -46.12 35.61 3.88
C THR S 22 -45.55 35.47 5.30
N ARG S 23 -44.30 35.01 5.40
CA ARG S 23 -43.57 34.97 6.68
C ARG S 23 -44.34 34.17 7.73
N ARG S 24 -44.38 32.86 7.52
CA ARG S 24 -44.99 31.95 8.49
C ARG S 24 -44.37 32.15 9.88
N GLY S 25 -45.16 31.86 10.90
CA GLY S 25 -44.72 32.10 12.26
C GLY S 25 -45.09 31.01 13.25
N PHE S 26 -45.01 31.31 14.54
CA PHE S 26 -45.29 30.31 15.55
C PHE S 26 -46.77 30.21 15.87
N GLY S 27 -47.36 31.26 16.43
CA GLY S 27 -48.72 31.20 16.93
C GLY S 27 -49.61 32.24 16.28
N THR S 28 -50.92 32.05 16.45
CA THR S 28 -51.94 32.95 15.95
C THR S 28 -52.73 33.51 17.11
N GLN S 29 -53.13 34.77 17.00
CA GLN S 29 -53.83 35.46 18.07
C GLN S 29 -55.34 35.37 17.90
N LEU S 30 -56.06 35.67 18.98
CA LEU S 30 -57.51 35.64 19.00
C LEU S 30 -58.04 36.99 19.46
N ILE S 31 -59.06 37.49 18.78
CA ILE S 31 -59.70 38.76 19.10
C ILE S 31 -61.14 38.45 19.51
N LEU S 32 -61.42 38.55 20.80
CA LEU S 32 -62.73 38.19 21.32
C LEU S 32 -63.44 39.44 21.83
N THR S 33 -64.71 39.58 21.47
CA THR S 33 -65.53 40.71 21.90
C THR S 33 -66.99 40.26 21.90
N HIS S 34 -67.89 41.24 22.01
CA HIS S 34 -69.31 40.96 22.10
C HIS S 34 -70.02 41.02 20.75
N THR S 35 -69.46 41.72 19.77
CA THR S 35 -70.13 41.90 18.50
C THR S 35 -70.12 40.61 17.69
N ALA S 36 -71.28 40.27 17.13
CA ALA S 36 -71.45 39.07 16.32
C ALA S 36 -72.03 39.44 14.96
N VAL S 37 -71.67 38.66 13.95
CA VAL S 37 -72.18 38.89 12.60
C VAL S 37 -73.38 38.01 12.26
N SER S 38 -73.58 36.91 13.00
CA SER S 38 -74.73 36.01 12.89
C SER S 38 -74.79 35.27 11.56
N GLY S 39 -73.87 35.52 10.63
CA GLY S 39 -73.85 34.81 9.37
C GLY S 39 -72.79 33.72 9.38
N GLN S 40 -71.78 33.90 10.23
CA GLN S 40 -70.73 32.91 10.40
C GLN S 40 -70.37 32.62 11.85
N VAL S 41 -70.65 33.52 12.78
CA VAL S 41 -70.13 33.43 14.13
C VAL S 41 -71.21 33.19 15.18
N ASP S 42 -72.44 32.93 14.78
CA ASP S 42 -73.54 32.87 15.73
C ASP S 42 -73.59 31.55 16.50
N ALA S 43 -72.74 31.43 17.53
CA ALA S 43 -72.84 30.36 18.52
C ALA S 43 -72.66 28.96 17.95
N THR S 44 -72.37 28.87 16.66
CA THR S 44 -72.04 27.60 16.04
C THR S 44 -70.58 27.52 15.65
N LYS S 45 -69.97 28.65 15.31
CA LYS S 45 -68.54 28.74 15.05
C LYS S 45 -68.03 29.90 15.89
N ARG S 46 -67.77 29.64 17.18
CA ARG S 46 -67.30 30.70 18.06
C ARG S 46 -65.90 31.19 17.67
N THR S 47 -65.18 30.46 16.84
CA THR S 47 -63.88 30.88 16.32
C THR S 47 -63.91 30.74 14.80
N LYS S 48 -63.43 31.76 14.11
CA LYS S 48 -63.42 31.79 12.66
C LYS S 48 -62.04 32.18 12.16
N LEU S 49 -61.62 31.61 11.05
CA LEU S 49 -60.32 31.92 10.47
C LEU S 49 -60.44 32.99 9.39
N TYR S 50 -59.28 33.41 8.89
CA TYR S 50 -59.20 34.36 7.77
C TYR S 50 -57.92 34.10 7.01
N ALA S 51 -57.70 34.90 5.99
CA ALA S 51 -56.47 34.83 5.21
C ALA S 51 -55.79 36.17 5.05
N SER S 52 -56.55 37.25 4.93
CA SER S 52 -56.01 38.59 4.74
C SER S 52 -57.12 39.58 5.01
N LEU S 53 -56.77 40.88 4.97
CA LEU S 53 -57.75 41.93 5.22
C LEU S 53 -58.85 41.93 4.16
N ALA S 54 -58.51 41.50 2.94
CA ALA S 54 -59.52 41.43 1.88
C ALA S 54 -60.65 40.48 2.26
N GLU S 55 -60.31 39.32 2.81
CA GLU S 55 -61.32 38.33 3.18
C GLU S 55 -62.18 38.77 4.35
N VAL S 56 -61.79 39.83 5.06
CA VAL S 56 -62.59 40.33 6.18
C VAL S 56 -63.79 41.04 5.57
N GLU S 57 -64.95 40.38 5.59
CA GLU S 57 -66.16 40.97 5.03
C GLU S 57 -67.31 40.93 6.04
N ALA S 58 -67.39 39.85 6.82
CA ALA S 58 -68.50 39.68 7.75
C ALA S 58 -68.52 40.80 8.79
N ASP S 59 -67.40 41.02 9.45
CA ASP S 59 -67.30 42.14 10.37
C ASP S 59 -67.28 43.45 9.60
N TYR S 60 -67.86 44.48 10.21
CA TYR S 60 -68.02 45.76 9.55
C TYR S 60 -66.65 46.38 9.26
N PRO S 61 -66.46 46.99 8.09
CA PRO S 61 -65.16 47.61 7.77
C PRO S 61 -64.92 48.90 8.54
N ALA S 62 -65.76 49.21 9.51
CA ALA S 62 -65.51 50.34 10.41
C ALA S 62 -65.88 50.05 11.85
N ASN S 63 -66.14 48.80 12.21
CA ASN S 63 -66.43 48.48 13.61
C ASN S 63 -65.16 48.65 14.46
N THR S 64 -65.37 49.06 15.70
CA THR S 64 -64.23 49.43 16.54
C THR S 64 -63.43 48.21 16.96
N SER S 65 -64.11 47.08 17.22
CA SER S 65 -63.41 45.93 17.76
C SER S 65 -62.55 45.24 16.72
N VAL S 66 -63.19 44.71 15.67
CA VAL S 66 -62.48 43.81 14.76
C VAL S 66 -61.62 44.60 13.78
N TYR S 67 -62.26 45.43 12.95
CA TYR S 67 -61.51 46.05 11.85
C TYR S 67 -60.48 47.05 12.35
N LYS S 68 -60.83 47.84 13.36
CA LYS S 68 -59.91 48.85 13.85
C LYS S 68 -58.72 48.26 14.60
N ALA S 69 -58.75 46.96 14.90
CA ALA S 69 -57.60 46.25 15.42
C ALA S 69 -56.95 45.35 14.39
N ALA S 70 -57.75 44.68 13.55
CA ALA S 70 -57.18 43.83 12.52
C ALA S 70 -56.38 44.63 11.49
N LEU S 71 -56.77 45.89 11.27
CA LEU S 71 -56.00 46.74 10.37
C LEU S 71 -54.58 46.94 10.88
N SER S 72 -54.43 47.19 12.18
CA SER S 72 -53.09 47.28 12.76
C SER S 72 -52.40 45.93 12.75
N ALA S 73 -53.15 44.85 13.02
CA ALA S 73 -52.54 43.52 13.08
C ALA S 73 -51.91 43.12 11.75
N PHE S 74 -52.61 43.37 10.64
CA PHE S 74 -52.11 43.01 9.33
C PHE S 74 -51.18 44.06 8.73
N SER S 75 -50.64 44.95 9.55
CA SER S 75 -49.88 46.09 9.04
C SER S 75 -48.39 46.00 9.32
N GLN S 76 -47.90 44.87 9.82
CA GLN S 76 -46.47 44.73 10.08
C GLN S 76 -45.70 44.56 8.77
N ASN S 77 -44.45 45.03 8.77
CA ASN S 77 -43.66 45.02 7.54
C ASN S 77 -43.52 43.62 6.96
N PRO S 78 -43.22 42.58 7.73
CA PRO S 78 -43.63 41.24 7.31
C PRO S 78 -44.98 40.89 7.91
N ARG S 79 -45.80 40.25 7.12
CA ARG S 79 -47.17 40.15 7.57
C ARG S 79 -47.46 38.78 8.17
N PRO S 80 -48.23 38.71 9.25
CA PRO S 80 -48.70 37.40 9.72
C PRO S 80 -49.78 36.86 8.80
N ILE S 81 -50.30 35.68 9.10
CA ILE S 81 -51.37 35.08 8.30
C ILE S 81 -52.41 34.50 9.24
N ARG S 82 -53.56 34.17 8.66
CA ARG S 82 -54.65 33.43 9.30
C ARG S 82 -54.95 33.98 10.70
N LEU S 83 -55.38 35.23 10.72
CA LEU S 83 -55.92 35.81 11.94
C LEU S 83 -57.19 35.08 12.36
N LYS S 84 -57.40 34.95 13.66
CA LYS S 84 -58.56 34.25 14.20
C LYS S 84 -59.47 35.25 14.91
N VAL S 85 -60.77 35.13 14.66
CA VAL S 85 -61.78 36.00 15.24
C VAL S 85 -62.65 35.20 16.18
N GLY S 86 -62.92 35.77 17.36
CA GLY S 86 -63.63 35.08 18.42
C GLY S 86 -65.07 35.55 18.56
N TYR S 87 -65.77 34.89 19.48
CA TYR S 87 -67.18 35.12 19.78
C TYR S 87 -67.47 35.02 21.26
N ALA S 88 -66.43 34.95 22.08
CA ALA S 88 -66.53 34.45 23.46
C ALA S 88 -67.51 35.21 24.32
N ALA S 89 -67.23 36.48 24.61
CA ALA S 89 -68.10 37.26 25.48
C ALA S 89 -69.22 37.92 24.70
N THR S 90 -69.92 37.13 23.89
CA THR S 90 -71.13 37.64 23.25
C THR S 90 -72.16 38.11 24.28
N PRO S 91 -72.42 37.39 25.36
CA PRO S 91 -73.16 38.02 26.47
C PRO S 91 -72.38 39.20 27.01
N THR S 92 -73.11 40.25 27.38
CA THR S 92 -72.48 41.48 27.87
C THR S 92 -71.93 41.22 29.27
N GLY S 93 -70.85 40.46 29.32
CA GLY S 93 -70.19 40.16 30.57
C GLY S 93 -70.97 39.16 31.41
N GLY S 94 -72.20 39.49 31.74
CA GLY S 94 -73.04 38.60 32.50
C GLY S 94 -74.37 39.26 32.80
N ASP S 95 -75.27 38.46 33.37
CA ASP S 95 -76.52 39.00 33.88
C ASP S 95 -76.26 39.99 35.01
N ASP S 96 -75.34 39.64 35.91
CA ASP S 96 -74.83 40.56 36.92
C ASP S 96 -73.35 40.77 36.63
N ALA S 97 -73.00 41.93 36.08
CA ALA S 97 -71.62 42.18 35.69
C ALA S 97 -70.66 42.22 36.87
N ALA S 98 -71.18 42.41 38.08
CA ALA S 98 -70.32 42.43 39.26
C ALA S 98 -69.61 41.10 39.47
N LYS S 99 -70.21 40.00 39.01
CA LYS S 99 -69.63 38.67 39.12
C LYS S 99 -69.12 38.22 37.76
N LYS S 100 -67.88 37.73 37.73
CA LYS S 100 -67.22 37.27 36.53
C LYS S 100 -67.56 35.82 36.20
N ALA S 101 -68.38 35.17 37.01
CA ALA S 101 -68.67 33.75 36.82
C ALA S 101 -69.24 33.46 35.43
N ASP S 102 -69.97 34.40 34.84
CA ASP S 102 -70.43 34.20 33.47
C ASP S 102 -69.29 34.29 32.48
N PHE S 103 -68.30 35.14 32.74
CA PHE S 103 -67.21 35.33 31.79
C PHE S 103 -66.33 34.08 31.71
N ILE S 104 -66.02 33.48 32.85
CA ILE S 104 -65.20 32.26 32.85
C ILE S 104 -65.92 31.15 32.12
N THR S 105 -67.24 31.02 32.34
CA THR S 105 -68.01 30.02 31.62
C THR S 105 -68.06 30.32 30.12
N SER S 106 -68.13 31.60 29.75
CA SER S 106 -68.07 31.96 28.34
C SER S 106 -66.75 31.52 27.72
N LEU S 107 -65.65 31.75 28.42
CA LEU S 107 -64.36 31.30 27.93
C LEU S 107 -64.29 29.79 27.82
N GLY S 108 -64.84 29.08 28.81
CA GLY S 108 -64.78 27.64 28.81
C GLY S 108 -65.52 26.98 27.65
N ALA S 109 -66.41 27.72 27.01
CA ALA S 109 -67.19 27.20 25.90
C ALA S 109 -66.60 27.54 24.53
N ILE S 110 -65.47 28.24 24.48
CA ILE S 110 -64.87 28.58 23.20
C ILE S 110 -63.67 27.70 22.87
N LEU S 111 -63.02 27.10 23.87
CA LEU S 111 -61.94 26.17 23.59
C LEU S 111 -62.45 24.95 22.83
N ASN S 112 -63.60 24.42 23.24
CA ASN S 112 -64.06 23.14 22.72
C ASN S 112 -64.28 23.18 21.21
N TYR S 113 -64.72 24.33 20.68
CA TYR S 113 -64.86 24.45 19.23
C TYR S 113 -63.51 24.33 18.53
N ASP S 114 -62.48 24.97 19.09
CA ASP S 114 -61.17 24.99 18.44
C ASP S 114 -60.13 25.47 19.43
N GLN S 115 -59.02 24.74 19.53
CA GLN S 115 -57.85 25.15 20.30
C GLN S 115 -56.69 25.22 19.34
N ALA S 116 -56.53 26.36 18.68
CA ALA S 116 -55.39 26.60 17.80
C ALA S 116 -54.71 27.93 18.06
N PHE S 117 -55.40 28.91 18.65
CA PHE S 117 -54.81 30.20 18.92
C PHE S 117 -53.85 30.12 20.11
N TYR S 118 -52.92 31.06 20.15
CA TYR S 118 -51.96 31.16 21.24
C TYR S 118 -52.02 32.48 21.99
N GLN S 119 -52.52 33.53 21.37
CA GLN S 119 -52.53 34.87 21.95
C GLN S 119 -53.95 35.39 22.00
N ILE S 120 -54.27 36.07 23.10
CA ILE S 120 -55.60 36.62 23.35
C ILE S 120 -55.48 38.13 23.45
N THR S 121 -56.22 38.84 22.60
CA THR S 121 -56.24 40.30 22.59
C THR S 121 -57.69 40.76 22.52
N LEU S 122 -58.15 41.42 23.58
CA LEU S 122 -59.48 42.00 23.63
C LEU S 122 -59.37 43.51 23.52
N ASP S 123 -60.26 44.12 22.73
CA ASP S 123 -60.08 45.52 22.39
C ASP S 123 -61.41 46.16 22.05
N ALA S 124 -61.44 47.49 22.16
CA ALA S 124 -62.59 48.35 21.85
C ALA S 124 -63.72 48.12 22.85
N ALA S 125 -63.53 47.16 23.74
CA ALA S 125 -64.48 46.85 24.79
C ALA S 125 -63.73 46.05 25.84
N LEU S 126 -64.42 45.76 26.94
CA LEU S 126 -63.85 45.02 28.06
C LEU S 126 -62.63 45.72 28.64
N ARG S 127 -62.51 47.04 28.42
CA ARG S 127 -61.36 47.79 28.89
C ARG S 127 -61.51 48.07 30.39
N ASP S 128 -60.61 47.49 31.19
CA ASP S 128 -60.57 47.72 32.64
C ASP S 128 -61.88 47.35 33.31
N GLN S 129 -62.68 46.50 32.68
CA GLN S 129 -63.92 46.07 33.30
C GLN S 129 -63.62 45.11 34.46
N PRO S 130 -64.40 45.19 35.53
CA PRO S 130 -64.10 44.36 36.71
C PRO S 130 -64.14 42.87 36.44
N TYR S 131 -65.00 42.41 35.53
CA TYR S 131 -65.06 40.98 35.24
C TYR S 131 -63.84 40.49 34.48
N LEU S 132 -63.14 41.39 33.77
CA LEU S 132 -61.99 41.01 32.98
C LEU S 132 -60.93 40.31 33.80
N ASP S 133 -60.87 40.57 35.11
CA ASP S 133 -59.91 39.91 35.98
C ASP S 133 -60.02 38.39 35.90
N GLY S 134 -61.21 37.87 35.62
CA GLY S 134 -61.35 36.44 35.46
C GLY S 134 -60.43 35.87 34.41
N LEU S 135 -60.22 36.61 33.31
CA LEU S 135 -59.29 36.16 32.29
C LEU S 135 -57.90 35.96 32.86
N VAL S 136 -57.45 36.88 33.72
CA VAL S 136 -56.15 36.72 34.36
C VAL S 136 -56.12 35.44 35.18
N GLU S 137 -57.23 35.11 35.82
CA GLU S 137 -57.31 33.85 36.55
C GLU S 137 -57.33 32.66 35.60
N TRP S 138 -57.89 32.84 34.40
CA TRP S 138 -58.10 31.72 33.50
C TRP S 138 -56.90 31.43 32.62
N VAL S 139 -56.14 32.47 32.25
CA VAL S 139 -55.00 32.26 31.36
C VAL S 139 -53.86 31.55 32.08
N GLU S 140 -53.83 31.60 33.41
CA GLU S 140 -52.89 30.76 34.13
C GLU S 140 -53.42 29.33 34.16
N ALA S 141 -52.50 28.39 34.44
CA ALA S 141 -52.79 26.96 34.30
C ALA S 141 -53.29 26.66 32.90
N GLN S 142 -52.66 27.29 31.91
CA GLN S 142 -53.07 27.20 30.52
C GLN S 142 -51.86 27.55 29.65
N PRO S 143 -51.64 26.84 28.54
CA PRO S 143 -50.47 27.14 27.69
C PRO S 143 -50.75 28.20 26.63
N LYS S 144 -51.11 29.40 27.07
CA LYS S 144 -51.41 30.50 26.16
C LYS S 144 -50.93 31.81 26.79
N ILE S 145 -51.04 32.89 26.02
CA ILE S 145 -50.68 34.22 26.48
C ILE S 145 -51.83 35.17 26.16
N ALA S 146 -52.29 35.91 27.17
CA ALA S 146 -53.37 36.87 27.00
C ALA S 146 -52.89 38.23 27.47
N MET S 147 -53.14 39.26 26.69
CA MET S 147 -52.67 40.60 27.04
C MET S 147 -53.77 41.63 26.83
N ILE S 148 -53.74 42.66 27.66
CA ILE S 148 -54.82 43.65 27.75
C ILE S 148 -54.21 45.04 27.58
N ASP S 149 -54.70 45.78 26.59
CA ASP S 149 -54.23 47.13 26.33
C ASP S 149 -55.23 48.13 26.90
N SER S 150 -55.03 48.49 28.17
CA SER S 150 -55.85 49.54 28.76
C SER S 150 -55.62 50.86 28.02
N ASN S 151 -56.65 51.67 27.97
CA ASN S 151 -56.60 52.94 27.23
C ASN S 151 -56.29 54.14 28.11
N ALA S 152 -56.64 54.09 29.39
CA ALA S 152 -56.34 55.17 30.32
C ALA S 152 -56.62 54.72 31.74
N ALA S 153 -55.78 55.11 32.68
CA ALA S 153 -55.94 54.74 34.08
C ALA S 153 -54.95 55.53 34.90
N GLY S 154 -54.97 55.31 36.22
CA GLY S 154 -54.08 55.99 37.12
C GLY S 154 -52.73 55.31 37.26
N HIS S 155 -52.20 54.79 36.15
CA HIS S 155 -50.85 54.23 36.18
C HIS S 155 -49.81 55.29 36.46
N GLU S 156 -50.09 56.55 36.12
CA GLU S 156 -49.13 57.62 36.32
C GLU S 156 -48.81 57.86 37.78
N ASP S 157 -49.70 57.46 38.68
CA ASP S 157 -49.41 57.54 40.11
C ASP S 157 -48.95 56.18 40.59
N PRO S 158 -47.67 56.04 40.98
CA PRO S 158 -47.19 54.74 41.46
C PRO S 158 -47.68 54.35 42.85
N ALA S 159 -48.65 55.08 43.40
CA ALA S 159 -49.13 54.82 44.75
C ALA S 159 -50.49 54.13 44.80
N ASN S 160 -51.30 54.22 43.74
CA ASN S 160 -52.62 53.64 43.78
C ASN S 160 -52.54 52.11 43.69
N THR S 161 -53.68 51.47 43.93
CA THR S 161 -53.77 50.02 43.88
C THR S 161 -55.00 49.52 43.12
N THR S 162 -55.97 50.36 42.82
CA THR S 162 -57.19 49.94 42.16
C THR S 162 -56.99 49.60 40.68
N VAL S 163 -55.82 49.89 40.13
CA VAL S 163 -55.59 49.71 38.70
C VAL S 163 -55.26 48.25 38.41
N ILE S 164 -55.35 47.89 37.12
CA ILE S 164 -55.10 46.50 36.71
C ILE S 164 -53.70 46.07 37.12
N ALA S 165 -52.69 46.76 36.61
CA ALA S 165 -51.31 46.38 36.87
C ALA S 165 -50.88 46.66 38.30
N ALA S 166 -51.69 47.37 39.08
CA ALA S 166 -51.36 47.63 40.47
C ALA S 166 -51.85 46.52 41.39
N ARG S 167 -53.10 46.09 41.23
CA ARG S 167 -53.61 45.00 42.05
C ARG S 167 -52.90 43.69 41.73
N HIS S 168 -52.63 43.45 40.45
CA HIS S 168 -51.81 42.31 40.02
C HIS S 168 -50.48 42.87 39.54
N LYS S 169 -49.43 42.64 40.32
CA LYS S 169 -48.13 43.23 40.04
C LYS S 169 -47.07 42.26 40.56
N GLY S 170 -46.44 41.54 39.64
CA GLY S 170 -45.45 40.55 40.01
C GLY S 170 -46.02 39.21 40.44
N THR S 171 -47.34 39.07 40.48
CA THR S 171 -47.97 37.82 40.88
C THR S 171 -48.38 36.96 39.69
N VAL S 172 -48.59 37.56 38.53
CA VAL S 172 -49.03 36.86 37.33
C VAL S 172 -47.88 36.81 36.35
N GLU S 173 -47.67 35.66 35.73
CA GLU S 173 -46.51 35.41 34.89
C GLU S 173 -46.87 35.18 33.42
N ARG S 174 -48.11 35.42 33.02
CA ARG S 174 -48.48 35.10 31.65
C ARG S 174 -49.39 36.18 31.04
N THR S 175 -49.24 37.42 31.45
CA THR S 175 -50.03 38.51 30.87
C THR S 175 -49.24 39.81 30.98
N ALA S 176 -49.55 40.74 30.08
CA ALA S 176 -48.91 42.04 30.08
C ALA S 176 -49.89 43.09 29.59
N VAL S 177 -49.65 44.33 29.98
CA VAL S 177 -50.58 45.44 29.74
C VAL S 177 -49.91 46.43 28.80
N PHE S 178 -50.45 46.57 27.60
CA PHE S 178 -49.93 47.52 26.62
C PHE S 178 -50.66 48.86 26.74
N TYR S 179 -50.35 49.57 27.81
CA TYR S 179 -50.99 50.85 28.08
C TYR S 179 -50.62 51.89 27.03
N HIS S 180 -51.60 52.69 26.65
CA HIS S 180 -51.38 53.85 25.79
C HIS S 180 -52.47 54.87 26.11
N THR S 181 -52.65 55.85 25.22
CA THR S 181 -53.82 56.71 25.26
C THR S 181 -54.91 56.13 24.38
N ASP S 182 -56.01 56.86 24.24
CA ASP S 182 -57.19 56.32 23.59
C ASP S 182 -57.02 56.24 22.08
N SER S 183 -57.86 55.41 21.46
CA SER S 183 -58.03 55.26 20.01
C SER S 183 -56.88 54.56 19.32
N THR S 184 -55.97 53.93 20.07
CA THR S 184 -54.84 53.21 19.49
C THR S 184 -54.95 51.74 19.85
N GLU S 185 -55.18 50.90 18.84
CA GLU S 185 -55.21 49.46 19.02
C GLU S 185 -53.78 48.94 18.91
N TYR S 186 -53.20 48.55 20.03
CA TYR S 186 -51.76 48.39 20.15
C TYR S 186 -51.29 46.95 20.28
N LEU S 187 -52.04 46.09 20.96
CA LEU S 187 -51.63 44.69 21.07
C LEU S 187 -51.44 44.07 19.70
N ALA S 188 -52.37 44.33 18.78
CA ALA S 188 -52.26 43.78 17.44
C ALA S 188 -51.01 44.26 16.73
N ALA S 189 -50.51 45.45 17.08
CA ALA S 189 -49.37 46.02 16.36
C ALA S 189 -48.12 45.17 16.54
N SER S 190 -47.88 44.68 17.74
CA SER S 190 -46.69 43.89 18.03
C SER S 190 -46.98 42.42 18.25
N MET S 191 -47.93 42.10 19.13
CA MET S 191 -48.30 40.71 19.36
C MET S 191 -48.87 40.10 18.09
N ALA S 192 -48.36 38.93 17.73
CA ALA S 192 -48.82 38.13 16.60
C ALA S 192 -48.61 38.86 15.28
N ALA S 193 -48.08 40.07 15.33
CA ALA S 193 -47.60 40.75 14.14
C ALA S 193 -46.08 40.72 14.06
N TYR S 194 -45.42 40.92 15.20
CA TYR S 194 -44.00 40.64 15.33
C TYR S 194 -43.73 39.41 16.17
N MET S 195 -44.56 39.14 17.19
CA MET S 195 -44.38 37.93 17.98
C MET S 195 -44.55 36.68 17.12
N SER S 196 -45.58 36.66 16.28
CA SER S 196 -45.84 35.47 15.48
C SER S 196 -44.74 35.25 14.45
N THR S 197 -44.39 36.29 13.69
CA THR S 197 -43.53 36.11 12.53
C THR S 197 -42.07 35.95 12.92
N ARG S 198 -41.78 35.00 13.81
CA ARG S 198 -40.42 34.63 14.16
C ARG S 198 -40.30 33.12 14.06
N VAL S 199 -39.23 32.66 13.42
CA VAL S 199 -38.98 31.23 13.23
C VAL S 199 -37.81 30.82 14.10
N PHE S 200 -38.08 29.99 15.10
CA PHE S 200 -37.08 29.63 16.10
C PHE S 200 -36.16 28.50 15.67
N ASP S 201 -36.48 27.80 14.58
CA ASP S 201 -35.66 26.69 14.14
C ASP S 201 -34.40 27.13 13.41
N ASP S 202 -34.29 28.40 13.04
CA ASP S 202 -33.11 28.90 12.36
C ASP S 202 -32.05 29.34 13.36
N ALA S 203 -30.82 29.46 12.87
CA ALA S 203 -29.73 29.90 13.72
C ALA S 203 -29.90 31.37 14.09
N ASN S 204 -29.53 31.70 15.33
CA ASN S 204 -29.46 33.06 15.85
C ASN S 204 -30.80 33.78 15.79
N SER S 205 -31.90 33.07 15.60
CA SER S 205 -33.21 33.70 15.53
C SER S 205 -33.92 33.69 16.88
N ALA S 206 -33.26 34.20 17.91
CA ALA S 206 -33.82 34.29 19.25
C ALA S 206 -33.97 35.76 19.58
N TYR S 207 -35.21 36.25 19.61
CA TYR S 207 -35.47 37.67 19.83
C TYR S 207 -35.71 37.91 21.33
N THR S 208 -34.68 37.61 22.11
CA THR S 208 -34.82 37.62 23.57
C THR S 208 -35.33 38.96 24.10
N LEU S 209 -34.95 40.07 23.47
CA LEU S 209 -35.35 41.38 23.99
C LEU S 209 -36.84 41.64 23.81
N LYS S 210 -37.29 41.73 22.56
CA LYS S 210 -38.57 42.37 22.24
C LYS S 210 -38.63 43.79 22.82
N PHE S 211 -37.48 44.33 23.18
CA PHE S 211 -37.36 45.57 23.95
C PHE S 211 -37.07 46.78 23.08
N LYS S 212 -36.61 46.58 21.85
CA LYS S 212 -36.33 47.66 20.92
C LYS S 212 -36.96 47.26 19.58
N LYS S 213 -38.23 47.58 19.41
CA LYS S 213 -38.96 47.16 18.22
C LYS S 213 -39.98 48.21 17.83
N ALA S 214 -40.14 48.42 16.54
CA ALA S 214 -41.06 49.41 15.97
C ALA S 214 -42.38 48.74 15.59
N PRO S 215 -43.50 49.44 15.79
CA PRO S 215 -44.80 48.90 15.39
C PRO S 215 -45.06 49.16 13.92
N GLY S 216 -46.24 48.79 13.47
CA GLY S 216 -46.61 49.07 12.10
C GLY S 216 -46.82 50.55 11.87
N VAL S 217 -47.92 51.09 12.39
CA VAL S 217 -48.25 52.51 12.26
C VAL S 217 -48.92 52.94 13.55
N ARG S 218 -48.23 53.76 14.34
CA ARG S 218 -48.80 54.34 15.55
C ARG S 218 -47.85 55.41 16.07
N ALA S 219 -48.39 56.27 16.94
CA ALA S 219 -47.67 57.43 17.43
C ALA S 219 -47.23 57.23 18.89
N ILE S 220 -46.46 58.21 19.38
CA ILE S 220 -45.81 58.14 20.67
C ILE S 220 -46.69 58.73 21.77
N ASP S 221 -46.36 58.44 23.02
CA ASP S 221 -46.92 59.15 24.16
C ASP S 221 -45.89 60.17 24.65
N LYS S 222 -46.17 60.79 25.80
CA LYS S 222 -45.36 61.90 26.29
C LYS S 222 -45.06 61.72 27.77
N GLY S 223 -43.95 62.31 28.21
CA GLY S 223 -43.52 62.26 29.60
C GLY S 223 -42.09 61.79 29.71
N SER S 224 -41.41 62.24 30.76
CA SER S 224 -40.02 61.88 31.00
C SER S 224 -39.82 61.12 32.30
N ALA S 225 -40.27 61.67 33.43
CA ALA S 225 -40.25 60.98 34.71
C ALA S 225 -41.55 60.26 35.00
N VAL S 226 -42.53 60.35 34.09
CA VAL S 226 -43.76 59.57 34.23
C VAL S 226 -43.68 58.23 33.53
N VAL S 227 -42.59 57.98 32.80
CA VAL S 227 -42.38 56.69 32.15
C VAL S 227 -41.63 55.79 33.13
N THR S 228 -41.52 56.23 34.38
CA THR S 228 -41.04 55.39 35.46
C THR S 228 -42.17 54.79 36.27
N ALA S 229 -43.23 55.56 36.55
CA ALA S 229 -44.40 54.99 37.17
C ALA S 229 -45.00 53.89 36.29
N ILE S 230 -45.24 54.19 35.03
CA ILE S 230 -45.47 53.14 34.05
C ILE S 230 -44.14 52.49 33.74
N THR S 231 -44.18 51.21 33.35
CA THR S 231 -43.02 50.38 33.02
C THR S 231 -42.13 50.11 34.21
N GLY S 232 -42.40 50.69 35.38
CA GLY S 232 -41.71 50.38 36.62
C GLY S 232 -40.21 50.22 36.53
N PHE S 233 -39.56 51.04 35.72
CA PHE S 233 -38.14 50.86 35.42
C PHE S 233 -37.32 51.91 36.15
N VAL S 234 -36.36 51.45 36.96
CA VAL S 234 -35.39 52.35 37.56
C VAL S 234 -34.47 52.88 36.47
N GLU S 235 -33.98 54.11 36.66
CA GLU S 235 -33.16 54.76 35.66
C GLU S 235 -31.89 53.96 35.38
N GLN S 236 -31.13 53.62 36.42
CA GLN S 236 -29.83 52.98 36.24
C GLN S 236 -29.74 51.61 36.89
N THR S 237 -30.11 51.50 38.17
CA THR S 237 -29.81 50.29 38.95
C THR S 237 -30.47 49.06 38.36
N GLY S 238 -31.73 49.17 37.97
CA GLY S 238 -32.41 48.01 37.41
C GLY S 238 -33.88 48.27 37.14
N GLN S 239 -34.73 47.34 37.53
CA GLN S 239 -36.18 47.49 37.42
C GLN S 239 -36.80 47.12 38.77
N SER S 240 -37.39 48.12 39.43
CA SER S 240 -38.00 47.91 40.73
C SER S 240 -39.51 47.71 40.56
N GLU S 241 -39.99 46.62 41.16
CA GLU S 241 -41.40 46.28 41.11
C GLU S 241 -42.25 47.17 42.00
N SER S 242 -41.67 47.72 43.07
CA SER S 242 -42.43 48.54 44.01
C SER S 242 -42.69 49.93 43.46
N ALA S 243 -41.75 50.50 42.71
CA ALA S 243 -41.80 51.89 42.29
C ALA S 243 -42.47 52.08 40.93
N GLY S 244 -43.39 51.20 40.55
CA GLY S 244 -44.10 51.40 39.31
C GLY S 244 -44.87 50.17 38.91
N HIS S 245 -45.69 50.34 37.88
CA HIS S 245 -46.46 49.26 37.28
C HIS S 245 -45.75 48.80 36.02
N CYS S 246 -45.61 47.50 35.86
CA CYS S 246 -44.84 46.93 34.75
C CYS S 246 -45.75 46.85 33.52
N ALA S 247 -45.50 47.73 32.55
CA ALA S 247 -46.31 47.77 31.33
C ALA S 247 -45.42 48.27 30.19
N ASN S 248 -46.06 48.63 29.08
CA ASN S 248 -45.36 49.07 27.88
C ASN S 248 -46.08 50.27 27.28
N THR S 249 -45.31 51.16 26.65
CA THR S 249 -45.89 52.42 26.19
C THR S 249 -45.47 52.86 24.79
N LEU S 250 -44.42 52.29 24.20
CA LEU S 250 -43.94 52.70 22.87
C LEU S 250 -43.52 54.18 22.86
N ILE S 251 -42.44 54.45 23.59
CA ILE S 251 -41.87 55.79 23.67
C ILE S 251 -40.96 56.04 22.47
N ASP S 252 -40.51 57.29 22.31
CA ASP S 252 -39.50 57.64 21.33
C ASP S 252 -38.40 58.45 21.99
N ILE S 253 -37.18 58.34 21.46
CA ILE S 253 -36.04 59.02 22.05
C ILE S 253 -35.42 59.95 21.02
N GLY S 254 -35.14 59.43 19.84
CA GLY S 254 -34.86 60.30 18.71
C GLY S 254 -36.17 60.61 18.03
N ASP S 255 -36.17 60.65 16.70
CA ASP S 255 -37.44 60.62 15.98
C ASP S 255 -37.93 59.18 15.93
N GLN S 256 -37.07 58.26 16.37
CA GLN S 256 -37.32 56.82 16.31
C GLN S 256 -38.24 56.43 17.46
N GLU S 257 -39.45 56.00 17.12
CA GLU S 257 -40.40 55.49 18.09
C GLU S 257 -40.34 53.97 18.12
N PHE S 258 -40.28 53.41 19.32
CA PHE S 258 -40.07 51.97 19.49
C PHE S 258 -40.70 51.53 20.80
N LEU S 259 -40.96 50.23 20.89
CA LEU S 259 -41.48 49.64 22.10
C LEU S 259 -40.43 49.70 23.21
N VAL S 260 -40.90 49.77 24.46
CA VAL S 260 -40.02 49.93 25.60
C VAL S 260 -40.40 48.94 26.69
N GLU S 261 -39.45 48.69 27.59
CA GLU S 261 -39.53 47.80 28.74
C GLU S 261 -39.60 46.32 28.34
N GLY S 262 -39.68 46.00 27.05
CA GLY S 262 -39.56 44.64 26.61
C GLY S 262 -40.71 43.72 26.92
N SER S 263 -41.90 44.28 27.17
CA SER S 263 -43.11 43.49 27.44
C SER S 263 -42.90 42.55 28.63
N THR S 264 -42.67 43.16 29.78
CA THR S 264 -42.56 42.36 30.99
C THR S 264 -43.95 41.97 31.49
N LEU S 265 -43.96 40.99 32.39
CA LEU S 265 -45.17 40.51 33.03
C LEU S 265 -45.09 40.58 34.54
N THR S 266 -43.89 40.46 35.09
CA THR S 266 -43.62 40.63 36.51
C THR S 266 -42.34 41.44 36.58
N GLN S 267 -41.67 41.44 37.74
CA GLN S 267 -40.49 42.28 37.92
C GLN S 267 -39.50 42.11 36.78
N ASN S 268 -39.00 40.89 36.58
CA ASN S 268 -38.00 40.64 35.54
C ASN S 268 -38.32 39.36 34.78
N VAL S 269 -39.55 39.22 34.32
CA VAL S 269 -39.97 38.10 33.50
C VAL S 269 -40.38 38.67 32.15
N PHE S 270 -39.51 38.53 31.14
CA PHE S 270 -39.75 39.13 29.85
C PHE S 270 -40.57 38.20 28.96
N LEU S 271 -41.20 38.80 27.94
CA LEU S 271 -42.15 38.06 27.11
C LEU S 271 -41.47 36.97 26.30
N ASP S 272 -40.27 37.25 25.76
CA ASP S 272 -39.61 36.28 24.90
C ASP S 272 -39.25 35.01 25.66
N GLU S 273 -38.88 35.12 26.93
CA GLU S 273 -38.60 33.93 27.72
C GLU S 273 -39.82 33.02 27.82
N ILE S 274 -41.02 33.59 27.87
CA ILE S 274 -42.23 32.78 27.84
C ILE S 274 -42.44 32.19 26.45
N HIS S 275 -42.25 33.01 25.41
CA HIS S 275 -42.53 32.56 24.04
C HIS S 275 -41.64 31.38 23.66
N ALA S 276 -40.35 31.46 24.00
CA ALA S 276 -39.42 30.41 23.61
C ALA S 276 -39.74 29.09 24.31
N THR S 277 -40.05 29.14 25.60
CA THR S 277 -40.39 27.92 26.31
C THR S 277 -41.69 27.33 25.79
N ASP S 278 -42.67 28.18 25.46
CA ASP S 278 -43.90 27.67 24.87
C ASP S 278 -43.63 27.00 23.53
N TRP S 279 -42.72 27.58 22.74
CA TRP S 279 -42.35 26.94 21.47
C TRP S 279 -41.70 25.58 21.72
N ILE S 280 -40.82 25.49 22.70
CA ILE S 280 -40.16 24.22 23.00
C ILE S 280 -41.20 23.17 23.38
N ILE S 281 -42.14 23.55 24.24
CA ILE S 281 -43.17 22.61 24.67
C ILE S 281 -44.02 22.16 23.50
N ALA S 282 -44.53 23.12 22.72
CA ALA S 282 -45.41 22.80 21.60
C ALA S 282 -44.69 22.07 20.49
N ARG S 283 -43.36 22.12 20.45
CA ARG S 283 -42.60 21.32 19.50
C ARG S 283 -42.40 19.90 19.99
N THR S 284 -42.05 19.73 21.26
CA THR S 284 -41.89 18.39 21.80
C THR S 284 -43.19 17.61 21.74
N GLU S 285 -44.32 18.26 22.00
CA GLU S 285 -45.60 17.56 21.94
C GLU S 285 -45.86 17.04 20.53
N GLU S 286 -45.63 17.89 19.51
CA GLU S 286 -45.85 17.47 18.14
C GLU S 286 -44.92 16.33 17.75
N GLU S 287 -43.66 16.41 18.15
CA GLU S 287 -42.72 15.35 17.80
C GLU S 287 -43.06 14.04 18.50
N MET S 288 -43.51 14.11 19.76
CA MET S 288 -43.97 12.90 20.43
C MET S 288 -45.18 12.30 19.74
N LEU S 289 -46.11 13.16 19.29
CA LEU S 289 -47.27 12.66 18.57
C LEU S 289 -46.86 11.98 17.27
N SER S 290 -45.90 12.55 16.56
CA SER S 290 -45.41 11.99 15.31
C SER S 290 -44.55 10.75 15.52
N LEU S 291 -44.47 10.23 16.74
CA LEU S 291 -43.66 9.06 17.03
C LEU S 291 -44.48 7.81 17.34
N PHE S 292 -45.64 7.97 17.96
CA PHE S 292 -46.55 6.84 18.10
C PHE S 292 -47.23 6.50 16.79
N LEU S 293 -47.31 7.44 15.86
CA LEU S 293 -48.02 7.24 14.61
C LEU S 293 -47.15 6.61 13.54
N ASN S 294 -45.83 6.79 13.61
CA ASN S 294 -44.94 6.18 12.63
C ASN S 294 -44.63 4.74 12.99
N ASN S 295 -43.94 4.53 14.11
CA ASN S 295 -43.73 3.18 14.60
C ASN S 295 -45.06 2.58 15.02
N ASP S 296 -45.15 1.27 14.95
CA ASP S 296 -46.36 0.62 15.45
C ASP S 296 -46.41 0.79 16.95
N ARG S 297 -45.47 0.19 17.68
CA ARG S 297 -45.54 0.13 19.14
C ARG S 297 -44.23 0.58 19.76
N VAL S 298 -44.34 1.13 20.97
CA VAL S 298 -43.21 1.52 21.80
C VAL S 298 -43.21 0.62 23.04
N PRO S 299 -42.29 -0.31 23.16
CA PRO S 299 -42.34 -1.25 24.28
C PRO S 299 -42.10 -0.55 25.62
N PHE S 300 -42.52 -1.22 26.69
CA PHE S 300 -42.42 -0.66 28.03
C PHE S 300 -41.15 -1.15 28.72
N THR S 301 -40.02 -0.71 28.19
CA THR S 301 -38.71 -1.04 28.75
C THR S 301 -37.78 0.14 28.55
N ASP S 302 -36.53 -0.03 29.01
CA ASP S 302 -35.51 0.98 28.79
C ASP S 302 -35.29 1.23 27.31
N GLN S 303 -35.42 0.19 26.49
CA GLN S 303 -35.27 0.34 25.05
C GLN S 303 -36.28 1.35 24.52
N GLY S 304 -37.55 1.24 24.91
CA GLY S 304 -38.52 2.22 24.52
C GLY S 304 -38.42 3.53 25.28
N MET S 305 -37.85 3.50 26.49
CA MET S 305 -37.73 4.73 27.27
C MET S 305 -36.73 5.68 26.63
N GLN S 306 -35.56 5.18 26.24
CA GLN S 306 -34.62 6.04 25.53
C GLN S 306 -35.16 6.49 24.19
N GLN S 307 -36.02 5.69 23.56
CA GLN S 307 -36.63 6.11 22.30
C GLN S 307 -37.50 7.34 22.51
N LEU S 308 -38.24 7.40 23.61
CA LEU S 308 -39.00 8.61 23.92
C LEU S 308 -38.09 9.75 24.34
N ALA S 309 -37.01 9.44 25.07
CA ALA S 309 -36.05 10.47 25.43
C ALA S 309 -35.35 11.09 24.23
N SER S 310 -35.34 10.39 23.09
CA SER S 310 -34.69 10.91 21.90
C SER S 310 -35.29 12.21 21.40
N VAL S 311 -36.54 12.51 21.73
CA VAL S 311 -37.19 13.71 21.22
C VAL S 311 -36.70 14.95 21.93
N PRO S 312 -36.76 15.04 23.27
CA PRO S 312 -36.19 16.23 23.93
C PRO S 312 -34.70 16.37 23.68
N ARG S 313 -33.98 15.26 23.58
CA ARG S 313 -32.54 15.35 23.34
C ARG S 313 -32.21 15.94 21.98
N ALA S 314 -33.19 15.96 21.07
CA ALA S 314 -33.00 16.66 19.80
C ALA S 314 -33.58 18.06 19.81
N ILE S 315 -34.68 18.28 20.52
CA ILE S 315 -35.25 19.63 20.59
C ILE S 315 -34.32 20.57 21.33
N MET S 316 -33.70 20.11 22.41
CA MET S 316 -32.74 20.96 23.12
C MET S 316 -31.54 21.28 22.25
N GLN S 317 -31.07 20.30 21.47
CA GLN S 317 -29.95 20.55 20.57
C GLN S 317 -30.33 21.57 19.51
N LEU S 318 -31.54 21.47 18.95
CA LEU S 318 -32.02 22.40 17.96
C LEU S 318 -32.32 23.78 18.54
N ALA S 319 -32.56 23.87 19.85
CA ALA S 319 -32.83 25.14 20.50
C ALA S 319 -31.57 25.87 20.90
N ALA S 320 -30.56 25.16 21.39
CA ALA S 320 -29.29 25.80 21.73
C ALA S 320 -28.66 26.46 20.52
N ARG S 321 -28.90 25.93 19.32
CA ARG S 321 -28.44 26.57 18.10
C ARG S 321 -29.11 27.92 17.91
N ALA S 322 -30.41 28.00 18.20
CA ALA S 322 -31.14 29.25 17.99
C ALA S 322 -30.61 30.36 18.88
N GLY S 323 -30.30 30.03 20.14
CA GLY S 323 -29.80 31.04 21.05
C GLY S 323 -30.66 31.22 22.28
N ILE S 324 -31.35 30.17 22.70
CA ILE S 324 -32.23 30.24 23.87
C ILE S 324 -31.52 29.63 25.07
N VAL S 325 -30.59 28.73 24.84
CA VAL S 325 -29.90 28.00 25.90
C VAL S 325 -28.49 28.56 26.04
N ALA S 326 -27.99 28.57 27.27
CA ALA S 326 -26.67 29.11 27.56
C ALA S 326 -25.58 28.22 26.96
N LEU S 327 -24.38 28.78 26.85
CA LEU S 327 -23.29 28.15 26.13
C LEU S 327 -22.31 27.46 27.09
N ASP S 328 -22.82 26.49 27.83
CA ASP S 328 -21.99 25.52 28.59
C ASP S 328 -20.91 26.18 29.43
N LEU S 329 -21.20 27.33 30.03
CA LEU S 329 -20.23 28.03 30.87
C LEU S 329 -20.94 28.60 32.09
N ASN S 330 -20.47 28.24 33.26
CA ASN S 330 -21.07 28.73 34.50
C ASN S 330 -20.76 30.21 34.65
N PRO S 331 -21.76 31.09 34.71
CA PRO S 331 -21.48 32.52 34.85
C PRO S 331 -20.72 32.87 36.12
N LEU S 332 -20.93 32.13 37.21
CA LEU S 332 -20.26 32.45 38.47
C LEU S 332 -18.74 32.47 38.30
N THR S 333 -18.19 31.47 37.61
CA THR S 333 -16.76 31.33 37.47
C THR S 333 -16.28 31.35 36.02
N GLY S 334 -17.14 31.04 35.07
CA GLY S 334 -16.69 30.88 33.70
C GLY S 334 -16.08 29.50 33.52
N ALA S 335 -16.30 28.62 34.48
CA ALA S 335 -15.76 27.26 34.40
C ALA S 335 -16.74 26.40 33.62
N TYR S 336 -16.43 25.11 33.47
CA TYR S 336 -17.29 24.24 32.69
C TYR S 336 -18.49 23.81 33.51
N GLU S 337 -19.66 23.80 32.86
CA GLU S 337 -20.88 23.29 33.44
C GLU S 337 -21.88 23.03 32.33
N PRO S 338 -22.46 21.84 32.26
CA PRO S 338 -23.36 21.52 31.15
C PRO S 338 -24.54 22.48 31.09
N ALA S 339 -24.90 22.87 29.87
CA ALA S 339 -26.02 23.78 29.70
C ALA S 339 -27.35 23.07 29.95
N TYR S 340 -27.51 21.88 29.39
CA TYR S 340 -28.76 21.14 29.53
C TYR S 340 -28.45 19.67 29.77
N THR S 341 -29.18 19.06 30.69
CA THR S 341 -29.05 17.64 30.98
C THR S 341 -30.43 17.01 30.95
N ILE S 342 -30.51 15.80 30.41
CA ILE S 342 -31.75 15.04 30.32
C ILE S 342 -31.60 13.80 31.18
N THR S 343 -32.53 13.63 32.13
CA THR S 343 -32.54 12.49 33.02
C THR S 343 -33.75 11.63 32.73
N VAL S 344 -33.51 10.33 32.61
CA VAL S 344 -34.52 9.35 32.25
C VAL S 344 -34.67 8.37 33.40
N PRO S 345 -35.87 8.17 33.94
CA PRO S 345 -36.05 7.19 35.01
C PRO S 345 -35.82 5.79 34.50
N SER S 346 -35.37 4.91 35.40
CA SER S 346 -35.15 3.52 35.05
C SER S 346 -36.42 2.72 35.28
N VAL S 347 -36.88 2.03 34.24
CA VAL S 347 -38.09 1.22 34.33
C VAL S 347 -37.82 -0.15 34.92
N PHE S 348 -36.56 -0.48 35.19
CA PHE S 348 -36.20 -1.84 35.59
C PHE S 348 -36.90 -2.26 36.88
N ASP S 349 -37.27 -1.30 37.73
CA ASP S 349 -37.81 -1.60 39.05
C ASP S 349 -39.30 -1.38 39.17
N ILE S 350 -39.95 -0.77 38.18
CA ILE S 350 -41.35 -0.40 38.31
C ILE S 350 -42.22 -1.65 38.30
N PRO S 351 -43.05 -1.85 39.32
CA PRO S 351 -43.82 -3.10 39.44
C PRO S 351 -44.85 -3.24 38.33
N GLU S 352 -45.33 -4.48 38.19
CA GLU S 352 -46.33 -4.80 37.18
C GLU S 352 -47.64 -4.06 37.42
N SER S 353 -47.96 -3.76 38.67
CA SER S 353 -49.24 -3.12 38.98
C SER S 353 -49.37 -1.77 38.30
N GLN S 354 -48.31 -0.97 38.34
CA GLN S 354 -48.29 0.30 37.64
C GLN S 354 -47.77 0.19 36.22
N ARG S 355 -47.27 -0.99 35.82
CA ARG S 355 -46.87 -1.21 34.44
C ARG S 355 -48.06 -1.50 33.53
N LYS S 356 -49.21 -1.85 34.09
CA LYS S 356 -50.41 -2.17 33.32
C LYS S 356 -51.21 -0.94 32.93
N ALA S 357 -50.86 0.23 33.45
CA ALA S 357 -51.56 1.46 33.08
C ALA S 357 -51.20 1.94 31.68
N ARG S 358 -50.07 1.48 31.15
CA ARG S 358 -49.55 1.96 29.87
C ARG S 358 -49.36 3.48 29.87
N ILE S 359 -48.80 3.98 30.98
CA ILE S 359 -48.44 5.39 31.11
C ILE S 359 -47.01 5.45 31.64
N ALA S 360 -46.12 6.04 30.85
CA ALA S 360 -44.70 5.99 31.16
C ALA S 360 -44.35 6.93 32.31
N PRO S 361 -43.27 6.65 33.02
CA PRO S 361 -42.77 7.60 34.02
C PRO S 361 -42.24 8.87 33.35
N ALA S 362 -41.83 9.81 34.18
CA ALA S 362 -41.55 11.17 33.72
C ALA S 362 -40.07 11.37 33.44
N ILE S 363 -39.78 12.03 32.32
CA ILE S 363 -38.43 12.43 31.93
C ILE S 363 -38.23 13.86 32.40
N GLN S 364 -37.02 14.18 32.87
CA GLN S 364 -36.73 15.52 33.37
C GLN S 364 -35.63 16.16 32.54
N VAL S 365 -35.73 17.47 32.33
CA VAL S 365 -34.79 18.22 31.51
C VAL S 365 -34.39 19.49 32.26
N ARG S 366 -33.11 19.86 32.14
CA ARG S 366 -32.57 21.05 32.79
C ARG S 366 -32.14 22.07 31.74
N PHE S 367 -32.44 23.34 31.99
CA PHE S 367 -32.13 24.41 31.06
C PHE S 367 -30.94 25.23 31.55
N ARG S 368 -30.65 26.29 30.81
CA ARG S 368 -29.89 27.43 31.32
C ARG S 368 -30.24 28.60 30.40
N TYR S 369 -31.05 29.53 30.91
CA TYR S 369 -31.51 30.63 30.08
C TYR S 369 -30.35 31.48 29.57
N ALA S 370 -30.47 31.92 28.33
CA ALA S 370 -29.46 32.76 27.70
C ALA S 370 -29.91 34.21 27.80
N GLY S 371 -29.10 35.03 28.44
CA GLY S 371 -29.49 36.40 28.73
C GLY S 371 -29.50 37.28 27.50
N ALA S 372 -29.68 38.57 27.76
CA ALA S 372 -29.68 39.60 26.72
C ALA S 372 -29.15 40.88 27.33
N VAL S 373 -29.30 41.99 26.62
CA VAL S 373 -28.82 43.29 27.07
C VAL S 373 -29.93 44.31 26.86
N HIS S 374 -30.22 45.09 27.90
CA HIS S 374 -31.14 46.20 27.82
C HIS S 374 -30.54 47.53 28.23
N TYR S 375 -29.31 47.55 28.75
CA TYR S 375 -28.73 48.78 29.28
C TYR S 375 -27.22 48.69 29.17
N SER S 376 -26.57 49.85 29.00
CA SER S 376 -25.13 49.90 28.82
C SER S 376 -24.53 51.01 29.67
N VAL S 377 -23.27 50.85 30.03
CA VAL S 377 -22.57 51.81 30.89
C VAL S 377 -21.17 52.04 30.31
N ILE S 378 -20.80 53.31 30.14
CA ILE S 378 -19.48 53.72 29.70
C ILE S 378 -18.98 54.80 30.65
N ASN S 379 -17.66 54.92 30.80
CA ASN S 379 -17.09 55.77 31.83
C ASN S 379 -16.32 56.97 31.30
N TYR S 380 -15.50 56.82 30.26
CA TYR S 380 -14.90 57.96 29.54
C TYR S 380 -14.09 58.86 30.48
N THR S 381 -13.00 58.31 31.00
CA THR S 381 -12.12 59.07 31.89
C THR S 381 -11.05 59.77 31.05
N MET S 382 -11.00 61.10 31.15
CA MET S 382 -10.12 61.91 30.33
C MET S 382 -8.96 62.44 31.16
N THR S 383 -7.74 62.28 30.64
CA THR S 383 -6.53 62.61 31.37
C THR S 383 -5.93 63.96 31.00
N PHE S 384 -6.11 64.39 29.76
CA PHE S 384 -5.47 65.61 29.26
C PHE S 384 -3.96 65.55 29.45
N LYS T 3 -14.08 13.34 -77.80
CA LYS T 3 -14.04 13.43 -76.35
C LYS T 3 -15.20 12.63 -75.76
N LEU T 4 -15.64 13.02 -74.56
CA LEU T 4 -16.68 12.28 -73.87
C LEU T 4 -17.27 13.18 -72.79
N PRO T 5 -18.57 13.08 -72.53
CA PRO T 5 -19.19 13.91 -71.50
C PRO T 5 -18.77 13.48 -70.10
N TYR T 6 -18.94 14.40 -69.15
CA TYR T 6 -18.63 14.10 -67.75
C TYR T 6 -19.62 13.14 -67.13
N SER T 7 -20.79 12.94 -67.74
CA SER T 7 -21.81 12.10 -67.16
C SER T 7 -21.43 10.62 -67.15
N ARG T 8 -20.34 10.23 -67.83
CA ARG T 8 -19.94 8.84 -67.83
C ARG T 8 -19.52 8.34 -66.45
N VAL T 9 -19.15 9.25 -65.54
CA VAL T 9 -18.74 8.87 -64.20
C VAL T 9 -19.62 9.47 -63.12
N THR T 10 -20.41 10.49 -63.42
CA THR T 10 -21.25 11.15 -62.43
C THR T 10 -22.63 11.41 -63.01
N ASN T 11 -23.48 12.04 -62.19
CA ASN T 11 -24.80 12.46 -62.65
C ASN T 11 -25.27 13.58 -61.73
N VAL T 12 -25.28 14.80 -62.24
CA VAL T 12 -25.67 15.98 -61.47
C VAL T 12 -26.88 16.60 -62.14
N THR T 13 -27.97 16.72 -61.40
CA THR T 13 -29.19 17.33 -61.89
C THR T 13 -29.34 18.73 -61.32
N LEU T 14 -30.37 19.44 -61.76
CA LEU T 14 -30.69 20.76 -61.23
C LEU T 14 -32.18 20.99 -61.48
N THR T 15 -32.98 20.82 -60.44
CA THR T 15 -34.44 20.96 -60.55
C THR T 15 -34.91 22.06 -59.60
N ARG T 16 -36.21 22.33 -59.63
CA ARG T 16 -36.82 23.37 -58.81
C ARG T 16 -38.04 22.77 -58.11
N THR T 17 -37.86 22.31 -56.88
CA THR T 17 -38.95 21.77 -56.08
C THR T 17 -38.64 22.06 -54.61
N ASP T 18 -39.47 21.52 -53.72
CA ASP T 18 -39.29 21.69 -52.28
C ASP T 18 -39.24 20.34 -51.62
N ASN T 19 -38.09 20.01 -51.04
CA ASN T 19 -37.91 18.76 -50.31
C ASN T 19 -37.67 19.07 -48.84
N PHE T 20 -38.18 18.19 -47.98
CA PHE T 20 -38.17 18.37 -46.54
C PHE T 20 -37.51 17.18 -45.89
N PRO T 21 -37.00 17.34 -44.66
CA PRO T 21 -36.28 16.24 -44.02
C PRO T 21 -37.16 15.05 -43.71
N THR T 22 -36.49 13.90 -43.53
CA THR T 22 -37.19 12.64 -43.32
C THR T 22 -38.00 12.65 -42.02
N ARG T 23 -37.30 12.75 -40.89
CA ARG T 23 -37.95 12.93 -39.58
C ARG T 23 -38.96 11.82 -39.29
N ARG T 24 -38.41 10.62 -39.05
CA ARG T 24 -39.25 9.48 -38.67
C ARG T 24 -40.10 9.82 -37.46
N GLY T 25 -41.24 9.16 -37.35
CA GLY T 25 -42.18 9.47 -36.28
C GLY T 25 -42.85 8.26 -35.66
N PHE T 26 -43.95 8.49 -34.93
CA PHE T 26 -44.60 7.38 -34.24
C PHE T 26 -45.59 6.65 -35.14
N GLY T 27 -46.64 7.33 -35.57
CA GLY T 27 -47.73 6.69 -36.28
C GLY T 27 -47.98 7.30 -37.64
N THR T 28 -48.72 6.56 -38.46
CA THR T 28 -49.11 6.99 -39.80
C THR T 28 -50.63 7.08 -39.88
N GLN T 29 -51.11 8.07 -40.63
CA GLN T 29 -52.54 8.33 -40.72
C GLN T 29 -53.15 7.64 -41.93
N LEU T 30 -54.47 7.54 -41.92
CA LEU T 30 -55.22 6.91 -43.01
C LEU T 30 -56.27 7.87 -43.53
N ILE T 31 -56.38 7.96 -44.85
CA ILE T 31 -57.35 8.81 -45.52
C ILE T 31 -58.32 7.91 -46.26
N LEU T 32 -59.54 7.78 -45.75
CA LEU T 32 -60.53 6.88 -46.32
C LEU T 32 -61.67 7.68 -46.93
N THR T 33 -62.07 7.32 -48.14
CA THR T 33 -63.17 7.96 -48.83
C THR T 33 -63.79 6.96 -49.80
N HIS T 34 -64.64 7.46 -50.70
CA HIS T 34 -65.35 6.61 -51.63
C HIS T 34 -64.64 6.46 -52.98
N THR T 35 -63.78 7.40 -53.33
CA THR T 35 -63.15 7.37 -54.65
C THR T 35 -62.12 6.26 -54.73
N ALA T 36 -62.15 5.50 -55.83
CA ALA T 36 -61.23 4.40 -56.07
C ALA T 36 -60.54 4.59 -57.42
N VAL T 37 -59.30 4.10 -57.51
CA VAL T 37 -58.56 4.18 -58.75
C VAL T 37 -58.64 2.91 -59.59
N SER T 38 -59.01 1.78 -58.98
CA SER T 38 -59.24 0.49 -59.64
C SER T 38 -57.98 -0.11 -60.23
N GLY T 39 -56.84 0.57 -60.17
CA GLY T 39 -55.60 0.01 -60.68
C GLY T 39 -54.75 -0.54 -59.55
N GLN T 40 -54.96 -0.01 -58.35
CA GLN T 40 -54.27 -0.49 -57.16
C GLN T 40 -55.16 -0.70 -55.96
N VAL T 41 -56.32 -0.05 -55.89
CA VAL T 41 -57.12 -0.02 -54.67
C VAL T 41 -58.45 -0.76 -54.79
N ASP T 42 -58.68 -1.49 -55.88
CA ASP T 42 -60.00 -2.05 -56.12
C ASP T 42 -60.24 -3.31 -55.31
N ALA T 43 -60.60 -3.15 -54.03
CA ALA T 43 -61.15 -4.22 -53.20
C ALA T 43 -60.17 -5.38 -52.99
N THR T 44 -58.97 -5.26 -53.51
CA THR T 44 -57.91 -6.23 -53.24
C THR T 44 -56.83 -5.67 -52.35
N LYS T 45 -56.57 -4.37 -52.42
CA LYS T 45 -55.66 -3.67 -51.52
C LYS T 45 -56.42 -2.46 -51.00
N ARG T 46 -57.24 -2.68 -49.97
CA ARG T 46 -58.02 -1.58 -49.41
C ARG T 46 -57.15 -0.53 -48.75
N THR T 47 -55.88 -0.84 -48.47
CA THR T 47 -54.93 0.12 -47.93
C THR T 47 -53.69 0.09 -48.81
N LYS T 48 -53.18 1.27 -49.15
CA LYS T 48 -52.00 1.38 -50.01
C LYS T 48 -51.01 2.35 -49.37
N LEU T 49 -49.73 2.09 -49.55
CA LEU T 49 -48.69 2.94 -49.00
C LEU T 49 -48.20 3.93 -50.04
N TYR T 50 -47.33 4.84 -49.60
CA TYR T 50 -46.68 5.80 -50.49
C TYR T 50 -45.32 6.16 -49.89
N ALA T 51 -44.61 7.04 -50.57
CA ALA T 51 -43.34 7.54 -50.09
C ALA T 51 -43.25 9.06 -50.07
N SER T 52 -43.87 9.72 -51.04
CA SER T 52 -43.84 11.17 -51.14
C SER T 52 -44.92 11.60 -52.12
N LEU T 53 -45.09 12.92 -52.26
CA LEU T 53 -46.10 13.44 -53.17
C LEU T 53 -45.81 13.06 -54.61
N ALA T 54 -44.53 12.89 -54.96
CA ALA T 54 -44.18 12.48 -56.31
C ALA T 54 -44.77 11.12 -56.66
N GLU T 55 -44.70 10.17 -55.73
CA GLU T 55 -45.22 8.83 -55.96
C GLU T 55 -46.74 8.80 -56.05
N VAL T 56 -47.43 9.87 -55.67
CA VAL T 56 -48.89 9.92 -55.76
C VAL T 56 -49.23 10.10 -57.23
N GLU T 57 -49.63 9.02 -57.89
CA GLU T 57 -49.99 9.09 -59.30
C GLU T 57 -51.37 8.51 -59.56
N ALA T 58 -51.71 7.44 -58.84
CA ALA T 58 -52.99 6.77 -59.08
C ALA T 58 -54.16 7.70 -58.81
N ASP T 59 -54.20 8.33 -57.64
CA ASP T 59 -55.22 9.32 -57.36
C ASP T 59 -54.98 10.57 -58.20
N TYR T 60 -56.07 11.21 -58.59
CA TYR T 60 -55.98 12.36 -59.48
C TYR T 60 -55.23 13.51 -58.81
N PRO T 61 -54.37 14.21 -59.54
CA PRO T 61 -53.65 15.34 -58.94
C PRO T 61 -54.51 16.56 -58.69
N ALA T 62 -55.83 16.42 -58.85
CA ALA T 62 -56.75 17.49 -58.47
C ALA T 62 -58.02 16.98 -57.81
N ASN T 63 -58.08 15.70 -57.42
CA ASN T 63 -59.25 15.20 -56.71
C ASN T 63 -59.34 15.82 -55.32
N THR T 64 -60.57 16.04 -54.86
CA THR T 64 -60.77 16.78 -53.63
C THR T 64 -60.35 15.98 -52.40
N SER T 65 -60.56 14.67 -52.42
CA SER T 65 -60.30 13.86 -51.23
C SER T 65 -58.81 13.67 -51.01
N VAL T 66 -58.14 13.00 -51.93
CA VAL T 66 -56.77 12.54 -51.68
C VAL T 66 -55.77 13.67 -51.85
N TYR T 67 -55.67 14.22 -53.06
CA TYR T 67 -54.59 15.16 -53.33
C TYR T 67 -54.77 16.46 -52.56
N LYS T 68 -56.00 16.97 -52.47
CA LYS T 68 -56.22 18.24 -51.79
C LYS T 68 -56.04 18.14 -50.28
N ALA T 69 -55.91 16.94 -49.74
CA ALA T 69 -55.53 16.73 -48.34
C ALA T 69 -54.09 16.25 -48.20
N ALA T 70 -53.63 15.38 -49.08
CA ALA T 70 -52.24 14.91 -49.02
C ALA T 70 -51.27 16.04 -49.26
N LEU T 71 -51.65 17.04 -50.07
CA LEU T 71 -50.78 18.19 -50.27
C LEU T 71 -50.52 18.92 -48.96
N SER T 72 -51.56 19.12 -48.16
CA SER T 72 -51.37 19.72 -46.85
C SER T 72 -50.61 18.77 -45.92
N ALA T 73 -50.89 17.48 -46.00
CA ALA T 73 -50.23 16.52 -45.11
C ALA T 73 -48.73 16.51 -45.29
N PHE T 74 -48.26 16.52 -46.54
CA PHE T 74 -46.83 16.48 -46.83
C PHE T 74 -46.19 17.86 -46.81
N SER T 75 -46.83 18.85 -46.19
CA SER T 75 -46.38 20.23 -46.25
C SER T 75 -45.80 20.75 -44.94
N GLN T 76 -45.63 19.89 -43.94
CA GLN T 76 -45.07 20.34 -42.68
C GLN T 76 -43.57 20.60 -42.81
N ASN T 77 -43.06 21.54 -42.03
CA ASN T 77 -41.66 21.94 -42.15
C ASN T 77 -40.71 20.77 -41.97
N PRO T 78 -40.87 19.90 -40.98
CA PRO T 78 -40.34 18.54 -41.12
C PRO T 78 -41.42 17.64 -41.68
N ARG T 79 -41.00 16.75 -42.57
CA ARG T 79 -42.05 16.07 -43.31
C ARG T 79 -42.27 14.67 -42.75
N PRO T 80 -43.51 14.21 -42.69
CA PRO T 80 -43.75 12.79 -42.37
C PRO T 80 -43.40 11.92 -43.56
N ILE T 81 -43.56 10.61 -43.42
CA ILE T 81 -43.29 9.68 -44.51
C ILE T 81 -44.41 8.65 -44.57
N ARG T 82 -44.42 7.92 -45.67
CA ARG T 82 -45.29 6.75 -45.90
C ARG T 82 -46.73 7.02 -45.45
N LEU T 83 -47.34 7.98 -46.14
CA LEU T 83 -48.78 8.20 -46.00
C LEU T 83 -49.54 6.98 -46.50
N LYS T 84 -50.66 6.68 -45.84
CA LYS T 84 -51.49 5.53 -46.19
C LYS T 84 -52.82 6.01 -46.76
N VAL T 85 -53.25 5.37 -47.85
CA VAL T 85 -54.49 5.71 -48.52
C VAL T 85 -55.47 4.55 -48.38
N GLY T 86 -56.72 4.88 -48.06
CA GLY T 86 -57.74 3.89 -47.77
C GLY T 86 -58.72 3.70 -48.91
N TYR T 87 -59.63 2.76 -48.68
CA TYR T 87 -60.65 2.36 -49.65
C TYR T 87 -61.97 2.05 -48.96
N ALA T 88 -62.08 2.35 -47.67
CA ALA T 88 -63.09 1.77 -46.79
C ALA T 88 -64.51 1.99 -47.26
N ALA T 89 -64.98 3.24 -47.24
CA ALA T 89 -66.36 3.53 -47.62
C ALA T 89 -66.49 3.71 -49.12
N THR T 90 -65.97 2.76 -49.89
CA THR T 90 -66.23 2.76 -51.32
C THR T 90 -67.72 2.69 -51.63
N PRO T 91 -68.52 1.85 -50.97
CA PRO T 91 -69.97 2.04 -51.07
C PRO T 91 -70.36 3.40 -50.52
N THR T 92 -71.35 4.02 -51.16
CA THR T 92 -71.78 5.36 -50.77
C THR T 92 -72.55 5.27 -49.47
N GLY T 93 -71.80 5.03 -48.39
CA GLY T 93 -72.39 4.93 -47.07
C GLY T 93 -73.17 3.65 -46.85
N GLY T 94 -74.16 3.42 -47.70
CA GLY T 94 -74.94 2.21 -47.62
C GLY T 94 -76.07 2.24 -48.63
N ASP T 95 -76.75 1.09 -48.73
CA ASP T 95 -77.96 1.03 -49.53
C ASP T 95 -79.03 1.96 -48.97
N ASP T 96 -79.18 1.96 -47.65
CA ASP T 96 -80.00 2.94 -46.94
C ASP T 96 -79.07 3.76 -46.05
N ALA T 97 -78.79 5.00 -46.47
CA ALA T 97 -77.85 5.83 -45.74
C ALA T 97 -78.32 6.17 -44.34
N ALA T 98 -79.63 6.05 -44.06
CA ALA T 98 -80.14 6.35 -42.73
C ALA T 98 -79.54 5.42 -41.68
N LYS T 99 -79.16 4.20 -42.08
CA LYS T 99 -78.55 3.25 -41.17
C LYS T 99 -77.06 3.14 -41.46
N LYS T 100 -76.26 3.21 -40.40
CA LYS T 100 -74.82 3.15 -40.47
C LYS T 100 -74.29 1.71 -40.47
N ALA T 101 -75.18 0.73 -40.42
CA ALA T 101 -74.74 -0.67 -40.33
C ALA T 101 -73.83 -1.07 -41.48
N ASP T 102 -74.02 -0.48 -42.66
CA ASP T 102 -73.09 -0.77 -43.75
C ASP T 102 -71.73 -0.14 -43.50
N PHE T 103 -71.68 1.03 -42.86
CA PHE T 103 -70.41 1.72 -42.66
C PHE T 103 -69.53 0.96 -41.68
N ILE T 104 -70.12 0.46 -40.59
CA ILE T 104 -69.33 -0.31 -39.61
C ILE T 104 -68.78 -1.57 -40.25
N THR T 105 -69.60 -2.24 -41.06
CA THR T 105 -69.12 -3.42 -41.77
C THR T 105 -68.02 -3.07 -42.78
N SER T 106 -68.13 -1.91 -43.44
CA SER T 106 -67.08 -1.47 -44.33
C SER T 106 -65.77 -1.28 -43.58
N LEU T 107 -65.85 -0.65 -42.40
CA LEU T 107 -64.65 -0.48 -41.58
C LEU T 107 -64.08 -1.83 -41.14
N GLY T 108 -64.95 -2.76 -40.76
CA GLY T 108 -64.48 -4.05 -40.28
C GLY T 108 -63.75 -4.87 -41.32
N ALA T 109 -63.90 -4.53 -42.60
CA ALA T 109 -63.25 -5.25 -43.68
C ALA T 109 -61.95 -4.61 -44.14
N ILE T 110 -61.54 -3.49 -43.54
CA ILE T 110 -60.30 -2.85 -43.93
C ILE T 110 -59.16 -3.11 -42.95
N LEU T 111 -59.46 -3.47 -41.71
CA LEU T 111 -58.39 -3.85 -40.79
C LEU T 111 -57.68 -5.11 -41.25
N ASN T 112 -58.45 -6.10 -41.71
CA ASN T 112 -57.89 -7.41 -41.99
C ASN T 112 -56.80 -7.36 -43.04
N TYR T 113 -56.93 -6.47 -44.02
CA TYR T 113 -55.87 -6.33 -45.01
C TYR T 113 -54.58 -5.81 -44.39
N ASP T 114 -54.68 -4.85 -43.48
CA ASP T 114 -53.49 -4.24 -42.88
C ASP T 114 -53.90 -3.44 -41.66
N GLN T 115 -53.20 -3.65 -40.55
CA GLN T 115 -53.35 -2.84 -39.34
C GLN T 115 -51.99 -2.22 -39.04
N ALA T 116 -51.72 -1.08 -39.66
CA ALA T 116 -50.50 -0.33 -39.40
C ALA T 116 -50.75 1.14 -39.14
N PHE T 117 -51.86 1.69 -39.59
CA PHE T 117 -52.17 3.10 -39.38
C PHE T 117 -52.61 3.34 -37.94
N TYR T 118 -52.44 4.58 -37.49
CA TYR T 118 -52.85 5.00 -36.16
C TYR T 118 -53.88 6.11 -36.16
N GLN T 119 -53.95 6.91 -37.22
CA GLN T 119 -54.81 8.07 -37.29
C GLN T 119 -55.74 7.95 -38.48
N ILE T 120 -56.99 8.37 -38.27
CA ILE T 120 -58.04 8.29 -39.29
C ILE T 120 -58.51 9.70 -39.60
N THR T 121 -58.41 10.09 -40.87
CA THR T 121 -58.84 11.41 -41.33
C THR T 121 -59.67 11.23 -42.60
N LEU T 122 -60.95 11.56 -42.51
CA LEU T 122 -61.85 11.54 -43.66
C LEU T 122 -62.16 12.96 -44.10
N ASP T 123 -62.16 13.19 -45.41
CA ASP T 123 -62.20 14.56 -45.89
C ASP T 123 -62.79 14.61 -47.30
N ALA T 124 -63.29 15.80 -47.64
CA ALA T 124 -63.89 16.12 -48.94
C ALA T 124 -65.20 15.38 -49.14
N ALA T 125 -65.54 14.52 -48.19
CA ALA T 125 -66.78 13.77 -48.19
C ALA T 125 -67.01 13.29 -46.77
N LEU T 126 -68.17 12.67 -46.55
CA LEU T 126 -68.54 12.16 -45.24
C LEU T 126 -68.59 13.27 -44.19
N ARG T 127 -68.75 14.51 -44.63
CA ARG T 127 -68.77 15.65 -43.71
C ARG T 127 -70.13 15.73 -43.03
N ASP T 128 -70.15 15.53 -41.71
CA ASP T 128 -71.36 15.65 -40.89
C ASP T 128 -72.47 14.73 -41.37
N GLN T 129 -72.11 13.67 -42.09
CA GLN T 129 -73.12 12.71 -42.52
C GLN T 129 -73.62 11.90 -41.33
N PRO T 130 -74.91 11.56 -41.31
CA PRO T 130 -75.46 10.87 -40.14
C PRO T 130 -74.81 9.51 -39.88
N TYR T 131 -74.38 8.80 -40.92
CA TYR T 131 -73.76 7.50 -40.71
C TYR T 131 -72.37 7.62 -40.10
N LEU T 132 -71.72 8.77 -40.26
CA LEU T 132 -70.37 8.95 -39.75
C LEU T 132 -70.29 8.71 -38.25
N ASP T 133 -71.39 8.88 -37.53
CA ASP T 133 -71.40 8.62 -36.09
C ASP T 133 -70.94 7.20 -35.76
N GLY T 134 -71.17 6.25 -36.68
CA GLY T 134 -70.70 4.90 -36.44
C GLY T 134 -69.20 4.85 -36.19
N LEU T 135 -68.44 5.67 -36.90
CA LEU T 135 -67.00 5.73 -36.68
C LEU T 135 -66.68 6.09 -35.24
N VAL T 136 -67.42 7.05 -34.67
CA VAL T 136 -67.22 7.40 -33.27
C VAL T 136 -67.49 6.20 -32.37
N GLU T 137 -68.48 5.38 -32.74
CA GLU T 137 -68.74 4.17 -31.99
C GLU T 137 -67.63 3.15 -32.20
N TRP T 138 -67.00 3.14 -33.38
CA TRP T 138 -66.06 2.10 -33.73
C TRP T 138 -64.64 2.41 -33.26
N VAL T 139 -64.26 3.69 -33.23
CA VAL T 139 -62.90 4.03 -32.82
C VAL T 139 -62.68 3.81 -31.34
N GLU T 140 -63.75 3.79 -30.54
CA GLU T 140 -63.60 3.36 -29.16
C GLU T 140 -63.48 1.85 -29.10
N ALA T 141 -62.96 1.36 -27.97
CA ALA T 141 -62.57 -0.05 -27.84
C ALA T 141 -61.60 -0.44 -28.96
N GLN T 142 -60.67 0.45 -29.25
CA GLN T 142 -59.73 0.31 -30.35
C GLN T 142 -58.51 1.18 -30.06
N PRO T 143 -57.30 0.72 -30.34
CA PRO T 143 -56.10 1.53 -30.05
C PRO T 143 -55.71 2.45 -31.20
N LYS T 144 -56.60 3.36 -31.57
CA LYS T 144 -56.35 4.30 -32.66
C LYS T 144 -56.99 5.63 -32.33
N ILE T 145 -56.75 6.62 -33.19
CA ILE T 145 -57.33 7.95 -33.04
C ILE T 145 -57.94 8.34 -34.37
N ALA T 146 -59.20 8.76 -34.35
CA ALA T 146 -59.91 9.19 -35.54
C ALA T 146 -60.45 10.60 -35.31
N MET T 147 -60.25 11.48 -36.28
CA MET T 147 -60.68 12.86 -36.12
C MET T 147 -61.38 13.35 -37.38
N ILE T 148 -62.35 14.24 -37.18
CA ILE T 148 -63.26 14.68 -38.23
C ILE T 148 -63.22 16.20 -38.29
N ASP T 149 -62.90 16.74 -39.46
CA ASP T 149 -62.85 18.20 -39.66
C ASP T 149 -64.12 18.64 -40.38
N SER T 150 -65.14 18.97 -39.60
CA SER T 150 -66.35 19.53 -40.19
C SER T 150 -66.02 20.88 -40.83
N ASN T 151 -66.75 21.19 -41.89
CA ASN T 151 -66.51 22.41 -42.66
C ASN T 151 -67.41 23.57 -42.27
N ALA T 152 -68.61 23.29 -41.76
CA ALA T 152 -69.52 24.34 -41.32
C ALA T 152 -70.68 23.70 -40.56
N ALA T 153 -71.12 24.35 -39.49
CA ALA T 153 -72.22 23.85 -38.67
C ALA T 153 -72.61 24.93 -37.68
N GLY T 154 -73.61 24.62 -36.86
CA GLY T 154 -74.08 25.55 -35.86
C GLY T 154 -73.30 25.48 -34.57
N HIS T 155 -71.98 25.31 -34.66
CA HIS T 155 -71.15 25.35 -33.47
C HIS T 155 -71.15 26.73 -32.83
N GLU T 156 -71.40 27.78 -33.62
CA GLU T 156 -71.38 29.15 -33.11
C GLU T 156 -72.47 29.39 -32.08
N ASP T 157 -73.54 28.60 -32.10
CA ASP T 157 -74.57 28.69 -31.08
C ASP T 157 -74.30 27.62 -30.03
N PRO T 158 -73.93 27.99 -28.80
CA PRO T 158 -73.68 26.98 -27.76
C PRO T 158 -74.93 26.34 -27.20
N ALA T 159 -76.09 26.55 -27.82
CA ALA T 159 -77.35 26.02 -27.31
C ALA T 159 -77.89 24.83 -28.10
N ASN T 160 -77.47 24.65 -29.35
CA ASN T 160 -78.00 23.57 -30.15
C ASN T 160 -77.45 22.22 -29.68
N THR T 161 -78.03 21.15 -30.20
CA THR T 161 -77.61 19.80 -29.87
C THR T 161 -77.47 18.89 -31.08
N THR T 162 -77.98 19.27 -32.25
CA THR T 162 -77.95 18.42 -33.43
C THR T 162 -76.56 18.29 -34.03
N VAL T 163 -75.60 19.09 -33.57
CA VAL T 163 -74.28 19.12 -34.18
C VAL T 163 -73.44 17.95 -33.67
N ILE T 164 -72.34 17.67 -34.39
CA ILE T 164 -71.48 16.55 -34.03
C ILE T 164 -70.96 16.71 -32.61
N ALA T 165 -70.23 17.79 -32.35
CA ALA T 165 -69.62 18.00 -31.05
C ALA T 165 -70.63 18.33 -29.97
N ALA T 166 -71.89 18.58 -30.33
CA ALA T 166 -72.92 18.87 -29.35
C ALA T 166 -73.58 17.59 -28.84
N ARG T 167 -73.97 16.70 -29.75
CA ARG T 167 -74.57 15.44 -29.31
C ARG T 167 -73.55 14.58 -28.57
N HIS T 168 -72.32 14.55 -29.05
CA HIS T 168 -71.21 13.89 -28.36
C HIS T 168 -70.31 14.98 -27.81
N LYS T 169 -70.33 15.16 -26.48
CA LYS T 169 -69.62 16.25 -25.85
C LYS T 169 -69.20 15.78 -24.46
N GLY T 170 -67.93 15.45 -24.31
CA GLY T 170 -67.42 14.93 -23.05
C GLY T 170 -67.66 13.46 -22.83
N THR T 171 -68.34 12.78 -23.76
CA THR T 171 -68.60 11.35 -23.61
C THR T 171 -67.60 10.48 -24.36
N VAL T 172 -66.96 11.02 -25.39
CA VAL T 172 -66.01 10.28 -26.21
C VAL T 172 -64.61 10.79 -25.91
N GLU T 173 -63.66 9.87 -25.77
CA GLU T 173 -62.32 10.19 -25.32
C GLU T 173 -61.25 9.92 -26.37
N ARG T 174 -61.63 9.65 -27.62
CA ARG T 174 -60.63 9.31 -28.62
C ARG T 174 -60.91 9.94 -29.98
N THR T 175 -61.54 11.11 -29.99
CA THR T 175 -61.79 11.80 -31.25
C THR T 175 -61.87 13.30 -30.99
N ALA T 176 -61.58 14.08 -32.04
CA ALA T 176 -61.63 15.53 -31.94
C ALA T 176 -62.06 16.10 -33.29
N VAL T 177 -62.61 17.31 -33.24
CA VAL T 177 -63.22 17.94 -34.41
C VAL T 177 -62.41 19.18 -34.76
N PHE T 178 -61.77 19.16 -35.92
CA PHE T 178 -60.98 20.31 -36.39
C PHE T 178 -61.85 21.21 -37.27
N TYR T 179 -62.77 21.91 -36.62
CA TYR T 179 -63.70 22.79 -37.33
C TYR T 179 -62.97 23.95 -37.97
N HIS T 180 -63.40 24.31 -39.17
CA HIS T 180 -62.93 25.50 -39.86
C HIS T 180 -64.05 25.95 -40.79
N THR T 181 -63.72 26.82 -41.75
CA THR T 181 -64.61 27.12 -42.85
C THR T 181 -64.28 26.20 -44.03
N ASP T 182 -64.95 26.42 -45.15
CA ASP T 182 -64.87 25.48 -46.26
C ASP T 182 -63.55 25.58 -47.00
N SER T 183 -63.22 24.52 -47.74
CA SER T 183 -62.11 24.41 -48.68
C SER T 183 -60.75 24.29 -48.01
N THR T 184 -60.70 24.07 -46.69
CA THR T 184 -59.44 23.92 -45.97
C THR T 184 -59.36 22.50 -45.40
N GLU T 185 -58.42 21.72 -45.92
CA GLU T 185 -58.15 20.38 -45.40
C GLU T 185 -57.17 20.53 -44.25
N TYR T 186 -57.66 20.33 -43.03
CA TYR T 186 -56.97 20.78 -41.82
C TYR T 186 -56.41 19.66 -40.97
N LEU T 187 -57.09 18.52 -40.86
CA LEU T 187 -56.55 17.41 -40.08
C LEU T 187 -55.17 17.03 -40.56
N ALA T 188 -54.98 16.94 -41.87
CA ALA T 188 -53.69 16.58 -42.42
C ALA T 188 -52.61 17.58 -42.03
N ALA T 189 -52.99 18.84 -41.81
CA ALA T 189 -52.00 19.87 -41.55
C ALA T 189 -51.24 19.61 -40.25
N SER T 190 -51.95 19.19 -39.21
CA SER T 190 -51.32 18.96 -37.91
C SER T 190 -51.23 17.48 -37.57
N MET T 191 -52.32 16.73 -37.66
CA MET T 191 -52.29 15.31 -37.39
C MET T 191 -51.38 14.60 -38.38
N ALA T 192 -50.48 13.77 -37.85
CA ALA T 192 -49.58 12.94 -38.64
C ALA T 192 -48.61 13.78 -39.47
N ALA T 193 -48.74 15.10 -39.41
CA ALA T 193 -47.73 15.99 -39.94
C ALA T 193 -46.89 16.60 -38.84
N TYR T 194 -47.52 16.98 -37.74
CA TYR T 194 -46.82 17.30 -36.51
C TYR T 194 -46.99 16.24 -35.45
N MET T 195 -48.15 15.59 -35.39
CA MET T 195 -48.34 14.50 -34.43
C MET T 195 -47.37 13.36 -34.69
N SER T 196 -47.21 12.97 -35.95
CA SER T 196 -46.34 11.85 -36.25
C SER T 196 -44.89 12.17 -35.97
N THR T 197 -44.40 13.30 -36.47
CA THR T 197 -42.97 13.58 -36.44
C THR T 197 -42.49 14.01 -35.07
N ARG T 198 -42.79 13.22 -34.05
CA ARG T 198 -42.25 13.42 -32.70
C ARG T 198 -41.67 12.11 -32.22
N VAL T 199 -40.47 12.18 -31.65
CA VAL T 199 -39.76 11.00 -31.16
C VAL T 199 -39.75 11.06 -29.64
N PHE T 200 -40.44 10.12 -29.00
CA PHE T 200 -40.63 10.15 -27.57
C PHE T 200 -39.48 9.53 -26.79
N ASP T 201 -38.55 8.85 -27.45
CA ASP T 201 -37.45 8.20 -26.75
C ASP T 201 -36.35 9.18 -26.37
N ASP T 202 -36.37 10.40 -26.89
CA ASP T 202 -35.37 11.39 -26.56
C ASP T 202 -35.76 12.15 -25.31
N ALA T 203 -34.77 12.81 -24.71
CA ALA T 203 -35.02 13.61 -23.52
C ALA T 203 -35.84 14.84 -23.86
N ASN T 204 -36.75 15.21 -22.95
CA ASN T 204 -37.53 16.43 -23.01
C ASN T 204 -38.38 16.54 -24.27
N SER T 205 -38.59 15.45 -25.00
CA SER T 205 -39.39 15.48 -26.21
C SER T 205 -40.84 15.10 -25.94
N ALA T 206 -41.48 15.75 -24.99
CA ALA T 206 -42.87 15.50 -24.65
C ALA T 206 -43.65 16.76 -25.01
N TYR T 207 -44.45 16.69 -26.08
CA TYR T 207 -45.20 17.85 -26.56
C TYR T 207 -46.59 17.87 -25.94
N THR T 208 -46.60 17.97 -24.61
CA THR T 208 -47.85 17.82 -23.86
C THR T 208 -48.94 18.78 -24.34
N LEU T 209 -48.56 19.99 -24.75
CA LEU T 209 -49.57 20.97 -25.15
C LEU T 209 -50.28 20.61 -26.44
N LYS T 210 -49.53 20.59 -27.54
CA LYS T 210 -50.11 20.67 -28.89
C LYS T 210 -51.03 21.88 -29.02
N PHE T 211 -50.89 22.84 -28.09
CA PHE T 211 -51.81 23.95 -27.93
C PHE T 211 -51.32 25.22 -28.59
N LYS T 212 -50.04 25.32 -28.90
CA LYS T 212 -49.46 26.49 -29.58
C LYS T 212 -48.58 25.95 -30.70
N LYS T 213 -49.19 25.71 -31.86
CA LYS T 213 -48.48 25.11 -32.98
C LYS T 213 -49.01 25.67 -34.29
N ALA T 214 -48.12 25.88 -35.24
CA ALA T 214 -48.41 26.43 -36.55
C ALA T 214 -48.59 25.31 -37.56
N PRO T 215 -49.52 25.47 -38.50
CA PRO T 215 -49.72 24.46 -39.54
C PRO T 215 -48.74 24.69 -40.69
N GLY T 216 -48.88 23.90 -41.73
CA GLY T 216 -48.04 24.09 -42.90
C GLY T 216 -48.41 25.37 -43.63
N VAL T 217 -49.55 25.35 -44.32
CA VAL T 217 -50.03 26.51 -45.07
C VAL T 217 -51.55 26.54 -44.94
N ARG T 218 -52.07 27.52 -44.20
CA ARG T 218 -53.51 27.72 -44.10
C ARG T 218 -53.76 29.05 -43.40
N ALA T 219 -54.99 29.53 -43.54
CA ALA T 219 -55.37 30.86 -43.06
C ALA T 219 -56.24 30.77 -41.82
N ILE T 220 -56.54 31.94 -41.25
CA ILE T 220 -57.23 32.06 -39.97
C ILE T 220 -58.73 32.16 -40.17
N ASP T 221 -59.49 31.94 -39.10
CA ASP T 221 -60.90 32.27 -39.06
C ASP T 221 -61.07 33.60 -38.31
N LYS T 222 -62.32 33.96 -38.03
CA LYS T 222 -62.64 35.27 -37.46
C LYS T 222 -63.62 35.14 -36.31
N GLY T 223 -63.58 36.10 -35.40
CA GLY T 223 -64.46 36.13 -34.24
C GLY T 223 -63.67 36.30 -32.96
N SER T 224 -64.31 36.92 -31.97
CA SER T 224 -63.68 37.16 -30.67
C SER T 224 -64.41 36.47 -29.52
N ALA T 225 -65.71 36.70 -29.38
CA ALA T 225 -66.52 35.99 -28.40
C ALA T 225 -67.22 34.78 -28.99
N VAL T 226 -67.01 34.50 -30.28
CA VAL T 226 -67.52 33.29 -30.89
C VAL T 226 -66.52 32.15 -30.83
N VAL T 227 -65.30 32.42 -30.38
CA VAL T 227 -64.29 31.38 -30.21
C VAL T 227 -64.42 30.81 -28.81
N THR T 228 -65.50 31.18 -28.13
CA THR T 228 -65.88 30.53 -26.87
C THR T 228 -66.94 29.47 -27.06
N ALA T 229 -67.92 29.71 -27.93
CA ALA T 229 -68.86 28.66 -28.27
C ALA T 229 -68.14 27.48 -28.90
N ILE T 230 -67.33 27.73 -29.92
CA ILE T 230 -66.35 26.74 -30.35
C ILE T 230 -65.22 26.73 -29.34
N THR T 231 -64.56 25.59 -29.22
CA THR T 231 -63.46 25.33 -28.29
C THR T 231 -63.87 25.38 -26.84
N GLY T 232 -65.13 25.70 -26.53
CA GLY T 232 -65.68 25.64 -25.19
C GLY T 232 -64.79 26.12 -24.07
N PHE T 233 -64.04 27.19 -24.30
CA PHE T 233 -63.02 27.64 -23.37
C PHE T 233 -63.51 28.88 -22.63
N VAL T 234 -63.52 28.81 -21.30
CA VAL T 234 -63.78 29.99 -20.48
C VAL T 234 -62.58 30.93 -20.60
N GLU T 235 -62.86 32.23 -20.47
CA GLU T 235 -61.80 33.23 -20.64
C GLU T 235 -60.69 33.05 -19.62
N GLN T 236 -61.05 32.98 -18.33
CA GLN T 236 -60.05 32.96 -17.27
C GLN T 236 -60.13 31.71 -16.41
N THR T 237 -61.31 31.36 -15.90
CA THR T 237 -61.42 30.35 -14.85
C THR T 237 -60.92 28.99 -15.33
N GLY T 238 -61.28 28.59 -16.54
CA GLY T 238 -60.84 27.30 -17.03
C GLY T 238 -61.45 26.94 -18.37
N GLN T 239 -61.93 25.71 -18.49
CA GLN T 239 -62.63 25.27 -19.69
C GLN T 239 -63.93 24.58 -19.26
N SER T 240 -65.05 25.19 -19.61
CA SER T 240 -66.36 24.65 -19.25
C SER T 240 -66.94 23.86 -20.41
N GLU T 241 -67.34 22.63 -20.10
CA GLU T 241 -67.92 21.74 -21.09
C GLU T 241 -69.34 22.14 -21.47
N SER T 242 -70.06 22.79 -20.56
CA SER T 242 -71.45 23.16 -20.84
C SER T 242 -71.56 24.36 -21.77
N ALA T 243 -70.63 25.31 -21.67
CA ALA T 243 -70.75 26.58 -22.38
C ALA T 243 -70.04 26.57 -23.73
N GLY T 244 -69.94 25.42 -24.38
CA GLY T 244 -69.37 25.39 -25.71
C GLY T 244 -69.08 23.98 -26.16
N HIS T 245 -68.72 23.86 -27.42
CA HIS T 245 -68.31 22.60 -28.03
C HIS T 245 -66.80 22.57 -28.11
N CYS T 246 -66.21 21.45 -27.70
CA CYS T 246 -64.75 21.33 -27.61
C CYS T 246 -64.21 20.98 -28.98
N ALA T 247 -63.55 21.93 -29.63
CA ALA T 247 -63.00 21.71 -30.95
C ALA T 247 -61.78 22.61 -31.13
N ASN T 248 -61.32 22.76 -32.37
CA ASN T 248 -60.13 23.52 -32.68
C ASN T 248 -60.37 24.36 -33.93
N THR T 249 -59.72 25.53 -33.99
CA THR T 249 -60.02 26.46 -35.07
C THR T 249 -58.81 27.13 -35.72
N LEU T 250 -57.61 27.10 -35.11
CA LEU T 250 -56.43 27.76 -35.65
C LEU T 250 -56.65 29.27 -35.78
N ILE T 251 -56.76 29.91 -34.62
CA ILE T 251 -56.92 31.37 -34.56
C ILE T 251 -55.57 32.04 -34.65
N ASP T 252 -55.58 33.38 -34.78
CA ASP T 252 -54.37 34.18 -34.70
C ASP T 252 -54.58 35.33 -33.73
N ILE T 253 -53.50 35.77 -33.10
CA ILE T 253 -53.58 36.83 -32.09
C ILE T 253 -52.72 38.00 -32.51
N GLY T 254 -51.47 37.72 -32.84
CA GLY T 254 -50.67 38.70 -33.55
C GLY T 254 -50.88 38.49 -35.03
N ASP T 255 -49.82 38.62 -35.83
CA ASP T 255 -49.88 38.11 -37.19
C ASP T 255 -49.67 36.60 -37.15
N GLN T 256 -49.32 36.09 -35.97
CA GLN T 256 -48.97 34.69 -35.76
C GLN T 256 -50.25 33.87 -35.67
N GLU T 257 -50.47 33.01 -36.65
CA GLU T 257 -51.59 32.08 -36.64
C GLU T 257 -51.13 30.72 -36.11
N PHE T 258 -51.90 30.16 -35.20
CA PHE T 258 -51.51 28.94 -34.51
C PHE T 258 -52.75 28.18 -34.07
N LEU T 259 -52.57 26.89 -33.83
CA LEU T 259 -53.65 26.05 -33.32
C LEU T 259 -54.01 26.47 -31.91
N VAL T 260 -55.28 26.25 -31.55
CA VAL T 260 -55.79 26.68 -30.26
C VAL T 260 -56.58 25.56 -29.61
N GLU T 261 -56.74 25.66 -28.31
CA GLU T 261 -57.44 24.73 -27.41
C GLU T 261 -56.72 23.39 -27.26
N GLY T 262 -55.63 23.17 -27.98
CA GLY T 262 -54.80 22.00 -27.73
C GLY T 262 -55.39 20.67 -28.15
N SER T 263 -56.36 20.67 -29.07
CA SER T 263 -56.96 19.44 -29.57
C SER T 263 -57.54 18.59 -28.45
N THR T 264 -58.52 19.16 -27.76
CA THR T 264 -59.20 18.39 -26.73
C THR T 264 -60.20 17.43 -27.36
N LEU T 265 -60.65 16.48 -26.55
CA LEU T 265 -61.64 15.48 -26.93
C LEU T 265 -62.85 15.49 -26.01
N THR T 266 -62.64 15.84 -24.74
CA THR T 266 -63.69 16.01 -23.75
C THR T 266 -63.32 17.28 -23.00
N GLN T 267 -63.92 17.47 -21.82
CA GLN T 267 -63.71 18.71 -21.08
C GLN T 267 -62.22 19.05 -20.94
N ASN T 268 -61.45 18.16 -20.33
CA ASN T 268 -60.02 18.42 -20.11
C ASN T 268 -59.19 17.19 -20.41
N VAL T 269 -59.42 16.57 -21.57
CA VAL T 269 -58.63 15.44 -22.03
C VAL T 269 -57.93 15.88 -23.30
N PHE T 270 -56.64 16.17 -23.20
CA PHE T 270 -55.89 16.71 -24.33
C PHE T 270 -55.31 15.59 -25.18
N LEU T 271 -54.98 15.94 -26.43
CA LEU T 271 -54.59 14.94 -27.41
C LEU T 271 -53.27 14.28 -27.06
N ASP T 272 -52.31 15.06 -26.56
CA ASP T 272 -50.99 14.52 -26.27
C ASP T 272 -51.03 13.47 -25.18
N GLU T 273 -51.91 13.64 -24.19
CA GLU T 273 -52.05 12.62 -23.16
C GLU T 273 -52.48 11.29 -23.73
N ILE T 274 -53.31 11.29 -24.77
CA ILE T 274 -53.66 10.06 -25.46
C ILE T 274 -52.47 9.54 -26.27
N HIS T 275 -51.78 10.42 -26.98
CA HIS T 275 -50.69 9.99 -27.85
C HIS T 275 -49.58 9.33 -27.06
N ALA T 276 -49.22 9.90 -25.91
CA ALA T 276 -48.11 9.36 -25.13
C ALA T 276 -48.45 7.99 -24.56
N THR T 277 -49.67 7.82 -24.04
CA THR T 277 -50.06 6.52 -23.52
C THR T 277 -50.12 5.47 -24.64
N ASP T 278 -50.61 5.87 -25.81
CA ASP T 278 -50.62 4.93 -26.93
C ASP T 278 -49.20 4.54 -27.32
N TRP T 279 -48.26 5.48 -27.27
CA TRP T 279 -46.87 5.15 -27.55
C TRP T 279 -46.32 4.17 -26.52
N ILE T 280 -46.64 4.38 -25.24
CA ILE T 280 -46.16 3.48 -24.19
C ILE T 280 -46.70 2.08 -24.43
N ILE T 281 -47.99 1.97 -24.74
CA ILE T 281 -48.59 0.66 -24.98
C ILE T 281 -47.94 -0.01 -26.18
N ALA T 282 -47.86 0.69 -27.30
CA ALA T 282 -47.31 0.11 -28.51
C ALA T 282 -45.82 -0.17 -28.42
N ARG T 283 -45.14 0.42 -27.45
CA ARG T 283 -43.74 0.08 -27.21
C ARG T 283 -43.61 -1.16 -26.34
N THR T 284 -44.41 -1.26 -25.29
CA THR T 284 -44.35 -2.44 -24.44
C THR T 284 -44.75 -3.68 -25.22
N GLU T 285 -45.74 -3.57 -26.11
CA GLU T 285 -46.13 -4.74 -26.89
C GLU T 285 -44.98 -5.22 -27.77
N GLU T 286 -44.30 -4.29 -28.43
CA GLU T 286 -43.18 -4.67 -29.29
C GLU T 286 -42.05 -5.29 -28.48
N GLU T 287 -41.74 -4.72 -27.32
CA GLU T 287 -40.67 -5.27 -26.51
C GLU T 287 -41.03 -6.64 -25.96
N MET T 288 -42.28 -6.86 -25.58
CA MET T 288 -42.71 -8.19 -25.16
C MET T 288 -42.59 -9.19 -26.31
N LEU T 289 -42.96 -8.77 -27.51
CA LEU T 289 -42.82 -9.66 -28.67
C LEU T 289 -41.37 -10.01 -28.91
N SER T 290 -40.48 -9.04 -28.78
CA SER T 290 -39.05 -9.28 -28.98
C SER T 290 -38.40 -10.04 -27.83
N LEU T 291 -39.19 -10.57 -26.90
CA LEU T 291 -38.67 -11.32 -25.77
C LEU T 291 -38.97 -12.80 -25.84
N PHE T 292 -40.11 -13.19 -26.40
CA PHE T 292 -40.36 -14.60 -26.65
C PHE T 292 -39.54 -15.11 -27.83
N LEU T 293 -39.13 -14.22 -28.72
CA LEU T 293 -38.42 -14.61 -29.93
C LEU T 293 -36.92 -14.75 -29.72
N ASN T 294 -36.36 -14.03 -28.74
CA ASN T 294 -34.93 -14.15 -28.47
C ASN T 294 -34.64 -15.35 -27.58
N ASN T 295 -35.12 -15.34 -26.34
CA ASN T 295 -35.01 -16.51 -25.50
C ASN T 295 -35.85 -17.63 -26.06
N ASP T 296 -35.44 -18.87 -25.79
CA ASP T 296 -36.28 -19.98 -26.21
C ASP T 296 -37.57 -19.95 -25.41
N ARG T 297 -37.50 -20.15 -24.09
CA ARG T 297 -38.69 -20.33 -23.27
C ARG T 297 -38.67 -19.43 -22.06
N VAL T 298 -39.85 -19.06 -21.59
CA VAL T 298 -40.05 -18.28 -20.38
C VAL T 298 -40.79 -19.18 -19.38
N PRO T 299 -40.13 -19.66 -18.33
CA PRO T 299 -40.79 -20.62 -17.42
C PRO T 299 -41.95 -19.97 -16.68
N PHE T 300 -42.82 -20.82 -16.15
CA PHE T 300 -44.03 -20.35 -15.46
C PHE T 300 -43.78 -20.32 -13.96
N THR T 301 -42.91 -19.41 -13.55
CA THR T 301 -42.59 -19.21 -12.14
C THR T 301 -42.30 -17.74 -11.91
N ASP T 302 -41.97 -17.41 -10.65
CA ASP T 302 -41.57 -16.05 -10.32
C ASP T 302 -40.35 -15.63 -11.11
N GLN T 303 -39.44 -16.58 -11.36
CA GLN T 303 -38.26 -16.28 -12.15
C GLN T 303 -38.63 -15.74 -13.52
N GLY T 304 -39.57 -16.40 -14.20
CA GLY T 304 -40.05 -15.89 -15.47
C GLY T 304 -40.99 -14.71 -15.33
N MET T 305 -41.66 -14.58 -14.19
CA MET T 305 -42.59 -13.47 -14.00
C MET T 305 -41.86 -12.15 -13.91
N GLN T 306 -40.79 -12.09 -13.11
CA GLN T 306 -39.98 -10.88 -13.07
C GLN T 306 -39.31 -10.59 -14.41
N GLN T 307 -39.02 -11.64 -15.19
CA GLN T 307 -38.45 -11.42 -16.51
C GLN T 307 -39.41 -10.68 -17.42
N LEU T 308 -40.71 -11.01 -17.34
CA LEU T 308 -41.70 -10.25 -18.09
C LEU T 308 -41.91 -8.86 -17.50
N ALA T 309 -41.85 -8.75 -16.17
CA ALA T 309 -41.96 -7.43 -15.54
C ALA T 309 -40.82 -6.51 -15.91
N SER T 310 -39.69 -7.06 -16.37
CA SER T 310 -38.54 -6.24 -16.73
C SER T 310 -38.83 -5.27 -17.87
N VAL T 311 -39.83 -5.55 -18.70
CA VAL T 311 -40.10 -4.69 -19.86
C VAL T 311 -40.79 -3.40 -19.44
N PRO T 312 -41.93 -3.44 -18.72
CA PRO T 312 -42.51 -2.17 -18.27
C PRO T 312 -41.60 -1.41 -17.32
N ARG T 313 -40.80 -2.11 -16.52
CA ARG T 313 -39.91 -1.41 -15.60
C ARG T 313 -38.82 -0.66 -16.33
N ALA T 314 -38.60 -0.96 -17.60
CA ALA T 314 -37.69 -0.19 -18.42
C ALA T 314 -38.40 0.85 -19.28
N ILE T 315 -39.61 0.54 -19.76
CA ILE T 315 -40.35 1.52 -20.55
C ILE T 315 -40.75 2.72 -19.69
N MET T 316 -41.16 2.49 -18.45
CA MET T 316 -41.50 3.60 -17.57
C MET T 316 -40.28 4.46 -17.28
N GLN T 317 -39.12 3.82 -17.08
CA GLN T 317 -37.89 4.57 -16.85
C GLN T 317 -37.53 5.42 -18.06
N LEU T 318 -37.67 4.84 -19.26
CA LEU T 318 -37.40 5.57 -20.49
C LEU T 318 -38.43 6.65 -20.79
N ALA T 319 -39.62 6.55 -20.23
CA ALA T 319 -40.67 7.53 -20.43
C ALA T 319 -40.56 8.70 -19.46
N ALA T 320 -40.22 8.44 -18.20
CA ALA T 320 -40.04 9.53 -17.25
C ALA T 320 -38.93 10.48 -17.68
N ARG T 321 -37.94 9.96 -18.40
CA ARG T 321 -36.90 10.82 -18.97
C ARG T 321 -37.49 11.78 -20.00
N ALA T 322 -38.41 11.30 -20.83
CA ALA T 322 -38.99 12.14 -21.87
C ALA T 322 -39.78 13.30 -21.27
N GLY T 323 -40.53 13.05 -20.21
CA GLY T 323 -41.31 14.11 -19.60
C GLY T 323 -42.79 13.84 -19.57
N ILE T 324 -43.17 12.57 -19.53
CA ILE T 324 -44.58 12.18 -19.53
C ILE T 324 -45.01 11.84 -18.11
N VAL T 325 -44.07 11.43 -17.28
CA VAL T 325 -44.37 10.98 -15.92
C VAL T 325 -43.92 12.07 -14.93
N ALA T 326 -44.66 12.19 -13.84
CA ALA T 326 -44.36 13.22 -12.84
C ALA T 326 -43.06 12.90 -12.12
N LEU T 327 -42.53 13.91 -11.45
CA LEU T 327 -41.20 13.85 -10.85
C LEU T 327 -41.26 13.57 -9.35
N ASP T 328 -41.84 12.43 -8.99
CA ASP T 328 -41.74 11.84 -7.65
C ASP T 328 -42.05 12.83 -6.54
N LEU T 329 -43.03 13.71 -6.75
CA LEU T 329 -43.41 14.69 -5.74
C LEU T 329 -44.92 14.83 -5.72
N ASN T 330 -45.53 14.62 -4.57
CA ASN T 330 -46.98 14.74 -4.45
C ASN T 330 -47.39 16.19 -4.56
N PRO T 331 -48.21 16.56 -5.54
CA PRO T 331 -48.59 17.98 -5.68
C PRO T 331 -49.33 18.52 -4.47
N LEU T 332 -50.10 17.69 -3.76
CA LEU T 332 -50.86 18.17 -2.61
C LEU T 332 -49.95 18.83 -1.58
N THR T 333 -48.82 18.20 -1.28
CA THR T 333 -47.93 18.68 -0.24
C THR T 333 -46.53 18.99 -0.73
N GLY T 334 -46.11 18.42 -1.85
CA GLY T 334 -44.73 18.55 -2.26
C GLY T 334 -43.85 17.57 -1.50
N ALA T 335 -44.48 16.61 -0.83
CA ALA T 335 -43.74 15.61 -0.08
C ALA T 335 -43.36 14.47 -1.00
N TYR T 336 -42.70 13.45 -0.48
CA TYR T 336 -42.25 12.35 -1.31
C TYR T 336 -43.40 11.40 -1.60
N GLU T 337 -43.47 10.96 -2.86
CA GLU T 337 -44.42 9.95 -3.28
C GLU T 337 -43.96 9.37 -4.61
N PRO T 338 -43.84 8.05 -4.74
CA PRO T 338 -43.31 7.46 -5.97
C PRO T 338 -44.15 7.85 -7.17
N ALA T 339 -43.48 8.14 -8.27
CA ALA T 339 -44.18 8.51 -9.50
C ALA T 339 -44.85 7.30 -10.14
N TYR T 340 -44.14 6.19 -10.23
CA TYR T 340 -44.67 4.99 -10.86
C TYR T 340 -44.27 3.77 -10.05
N THR T 341 -45.21 2.85 -9.87
CA THR T 341 -44.96 1.60 -9.18
C THR T 341 -45.46 0.45 -10.04
N ILE T 342 -44.70 -0.65 -10.06
CA ILE T 342 -45.04 -1.84 -10.81
C ILE T 342 -45.29 -2.97 -9.83
N THR T 343 -46.48 -3.56 -9.90
CA THR T 343 -46.86 -4.66 -9.05
C THR T 343 -46.99 -5.94 -9.87
N VAL T 344 -46.40 -7.00 -9.37
CA VAL T 344 -46.33 -8.29 -10.05
C VAL T 344 -47.05 -9.32 -9.19
N PRO T 345 -48.04 -10.03 -9.71
CA PRO T 345 -48.70 -11.07 -8.92
C PRO T 345 -47.75 -12.21 -8.63
N SER T 346 -48.00 -12.88 -7.50
CA SER T 346 -47.19 -14.03 -7.12
C SER T 346 -47.79 -15.30 -7.70
N VAL T 347 -46.98 -16.04 -8.46
CA VAL T 347 -47.44 -17.28 -9.07
C VAL T 347 -47.37 -18.46 -8.11
N PHE T 348 -46.83 -18.25 -6.90
CA PHE T 348 -46.58 -19.36 -5.99
C PHE T 348 -47.85 -20.12 -5.63
N ASP T 349 -49.00 -19.46 -5.69
CA ASP T 349 -50.25 -20.04 -5.23
C ASP T 349 -51.19 -20.47 -6.36
N ILE T 350 -50.89 -20.12 -7.61
CA ILE T 350 -51.84 -20.38 -8.69
C ILE T 350 -51.91 -21.88 -8.97
N PRO T 351 -53.09 -22.47 -8.93
CA PRO T 351 -53.21 -23.93 -9.06
C PRO T 351 -52.80 -24.42 -10.45
N GLU T 352 -52.57 -25.73 -10.52
CA GLU T 352 -52.17 -26.36 -11.78
C GLU T 352 -53.26 -26.25 -12.84
N SER T 353 -54.52 -26.20 -12.43
CA SER T 353 -55.62 -26.18 -13.39
C SER T 353 -55.53 -24.96 -14.31
N GLN T 354 -55.25 -23.79 -13.73
CA GLN T 354 -55.06 -22.58 -14.51
C GLN T 354 -53.61 -22.37 -14.92
N ARG T 355 -52.68 -23.21 -14.43
CA ARG T 355 -51.31 -23.15 -14.87
C ARG T 355 -51.09 -23.84 -16.21
N LYS T 356 -52.04 -24.67 -16.64
CA LYS T 356 -51.94 -25.41 -17.89
C LYS T 356 -52.40 -24.60 -19.10
N ALA T 357 -52.99 -23.43 -18.88
CA ALA T 357 -53.41 -22.58 -19.99
C ALA T 357 -52.24 -21.91 -20.68
N ARG T 358 -51.09 -21.81 -20.02
CA ARG T 358 -49.93 -21.07 -20.52
C ARG T 358 -50.29 -19.62 -20.82
N ILE T 359 -51.04 -19.01 -19.91
CA ILE T 359 -51.38 -17.59 -19.98
C ILE T 359 -51.09 -16.99 -18.62
N ALA T 360 -50.19 -16.02 -18.59
CA ALA T 360 -49.69 -15.49 -17.33
C ALA T 360 -50.71 -14.57 -16.68
N PRO T 361 -50.65 -14.42 -15.35
CA PRO T 361 -51.47 -13.42 -14.68
C PRO T 361 -51.03 -12.00 -15.05
N ALA T 362 -51.78 -11.04 -14.54
CA ALA T 362 -51.67 -9.66 -15.01
C ALA T 362 -50.74 -8.83 -14.12
N ILE T 363 -49.88 -8.05 -14.76
CA ILE T 363 -49.00 -7.10 -14.10
C ILE T 363 -49.68 -5.74 -14.10
N GLN T 364 -49.55 -4.99 -13.01
CA GLN T 364 -50.19 -3.69 -12.90
C GLN T 364 -49.15 -2.58 -12.75
N VAL T 365 -49.42 -1.43 -13.35
CA VAL T 365 -48.50 -0.30 -13.35
C VAL T 365 -49.27 0.96 -12.98
N ARG T 366 -48.63 1.84 -12.21
CA ARG T 366 -49.23 3.09 -11.78
C ARG T 366 -48.47 4.27 -12.38
N PHE T 367 -49.19 5.28 -12.84
CA PHE T 367 -48.61 6.46 -13.47
C PHE T 367 -48.63 7.66 -12.53
N ARG T 368 -48.20 8.79 -13.07
CA ARG T 368 -48.55 10.10 -12.55
C ARG T 368 -48.34 11.08 -13.69
N TYR T 369 -49.44 11.56 -14.28
CA TYR T 369 -49.34 12.42 -15.46
C TYR T 369 -48.58 13.70 -15.13
N ALA T 370 -47.76 14.14 -16.08
CA ALA T 370 -46.99 15.36 -15.95
C ALA T 370 -47.74 16.48 -16.67
N GLY T 371 -48.08 17.53 -15.93
CA GLY T 371 -48.91 18.58 -16.46
C GLY T 371 -48.20 19.46 -17.46
N ALA T 372 -48.87 20.53 -17.83
CA ALA T 372 -48.33 21.53 -18.74
C ALA T 372 -48.94 22.88 -18.36
N VAL T 373 -48.77 23.87 -19.24
CA VAL T 373 -49.28 25.21 -19.00
C VAL T 373 -49.97 25.69 -20.26
N HIS T 374 -51.19 26.21 -20.09
CA HIS T 374 -51.93 26.83 -21.18
C HIS T 374 -52.35 28.28 -20.88
N TYR T 375 -52.14 28.77 -19.67
CA TYR T 375 -52.63 30.08 -19.27
C TYR T 375 -51.74 30.64 -18.17
N SER T 376 -51.62 31.96 -18.14
CA SER T 376 -50.74 32.63 -17.18
C SER T 376 -51.45 33.83 -16.57
N VAL T 377 -51.05 34.18 -15.35
CA VAL T 377 -51.66 35.28 -14.62
C VAL T 377 -50.56 36.11 -13.96
N ILE T 378 -50.60 37.42 -14.18
CA ILE T 378 -49.68 38.37 -13.56
C ILE T 378 -50.52 39.50 -12.96
N ASN T 379 -49.99 40.14 -11.91
CA ASN T 379 -50.78 41.09 -11.13
C ASN T 379 -50.31 42.54 -11.24
N TYR T 380 -49.01 42.82 -11.18
CA TYR T 380 -48.46 44.14 -11.49
C TYR T 380 -49.07 45.22 -10.60
N THR T 381 -48.77 45.15 -9.31
CA THR T 381 -49.25 46.15 -8.35
C THR T 381 -48.25 47.28 -8.26
N MET T 382 -48.69 48.49 -8.56
CA MET T 382 -47.83 49.66 -8.62
C MET T 382 -48.04 50.56 -7.42
N THR T 383 -46.95 50.95 -6.77
CA THR T 383 -47.02 51.71 -5.53
C THR T 383 -46.81 53.21 -5.70
N PHE T 384 -46.03 53.62 -6.69
CA PHE T 384 -45.67 55.02 -6.87
C PHE T 384 -45.02 55.59 -5.61
N LYS U 3 55.56 88.67 13.84
CA LYS U 3 54.84 87.73 12.99
C LYS U 3 55.55 86.39 12.96
N LEU U 4 55.38 85.65 11.87
CA LEU U 4 55.94 84.31 11.75
C LEU U 4 55.97 83.90 10.30
N PRO U 5 56.98 83.16 9.86
CA PRO U 5 57.03 82.74 8.45
C PRO U 5 55.99 81.66 8.15
N TYR U 6 55.69 81.52 6.86
CA TYR U 6 54.75 80.50 6.42
C TYR U 6 55.31 79.10 6.54
N SER U 7 56.62 78.95 6.70
CA SER U 7 57.24 77.64 6.75
C SER U 7 56.88 76.86 8.01
N ARG U 8 56.25 77.49 9.00
CA ARG U 8 55.88 76.79 10.21
C ARG U 8 54.85 75.70 9.97
N VAL U 9 54.10 75.78 8.86
CA VAL U 9 53.10 74.77 8.55
C VAL U 9 53.35 74.07 7.23
N THR U 10 54.20 74.60 6.36
CA THR U 10 54.47 74.01 5.06
C THR U 10 55.96 74.05 4.76
N ASN U 11 56.32 73.55 3.59
CA ASN U 11 57.71 73.62 3.13
C ASN U 11 57.69 73.50 1.61
N VAL U 12 57.96 74.61 0.92
CA VAL U 12 57.94 74.67 -0.54
C VAL U 12 59.33 75.05 -1.01
N THR U 13 59.93 74.20 -1.83
CA THR U 13 61.25 74.45 -2.39
C THR U 13 61.10 74.86 -3.85
N LEU U 14 62.23 75.21 -4.46
CA LEU U 14 62.27 75.55 -5.88
C LEU U 14 63.70 75.29 -6.35
N THR U 15 63.91 74.17 -7.02
CA THR U 15 65.24 73.78 -7.50
C THR U 15 65.20 73.62 -9.01
N ARG U 16 66.37 73.32 -9.59
CA ARG U 16 66.52 73.16 -11.03
C ARG U 16 67.26 71.84 -11.29
N THR U 17 66.49 70.79 -11.55
CA THR U 17 67.06 69.49 -11.87
C THR U 17 66.10 68.78 -12.83
N ASP U 18 66.38 67.51 -13.12
CA ASP U 18 65.54 66.71 -14.01
C ASP U 18 65.17 65.43 -13.28
N ASN U 19 63.88 65.26 -13.02
CA ASN U 19 63.35 64.07 -12.38
C ASN U 19 62.44 63.34 -13.36
N PHE U 20 62.47 62.02 -13.29
CA PHE U 20 61.78 61.14 -14.21
C PHE U 20 60.88 60.19 -13.44
N PRO U 21 59.85 59.66 -14.10
CA PRO U 21 58.89 58.81 -13.38
C PRO U 21 59.50 57.52 -12.87
N THR U 22 58.82 56.94 -11.86
CA THR U 22 59.32 55.75 -11.19
C THR U 22 59.40 54.56 -12.15
N ARG U 23 58.25 54.10 -12.65
CA ARG U 23 58.19 53.08 -13.69
C ARG U 23 58.93 51.80 -13.26
N ARG U 24 58.32 51.11 -12.30
CA ARG U 24 58.85 49.82 -11.86
C ARG U 24 59.03 48.87 -13.04
N GLY U 25 59.98 47.95 -12.91
CA GLY U 25 60.30 47.06 -14.00
C GLY U 25 60.58 45.63 -13.59
N PHE U 26 61.18 44.84 -14.48
CA PHE U 26 61.42 43.43 -14.18
C PHE U 26 62.72 43.23 -13.40
N GLY U 27 63.85 43.53 -14.02
CA GLY U 27 65.13 43.21 -13.43
C GLY U 27 66.01 44.43 -13.24
N THR U 28 67.05 44.25 -12.43
CA THR U 28 68.03 45.28 -12.14
C THR U 28 69.41 44.83 -12.61
N GLN U 29 70.20 45.76 -13.12
CA GLN U 29 71.50 45.44 -13.68
C GLN U 29 72.61 45.62 -12.65
N LEU U 30 73.77 45.05 -12.97
CA LEU U 30 74.93 45.10 -12.10
C LEU U 30 76.11 45.66 -12.87
N ILE U 31 76.85 46.57 -12.24
CA ILE U 31 78.03 47.20 -12.83
C ILE U 31 79.22 46.78 -12.00
N LEU U 32 80.05 45.88 -12.54
CA LEU U 32 81.19 45.34 -11.81
C LEU U 32 82.48 45.82 -12.44
N THR U 33 83.41 46.27 -11.59
CA THR U 33 84.72 46.72 -12.04
C THR U 33 85.71 46.53 -10.90
N HIS U 34 86.88 47.13 -11.05
CA HIS U 34 87.95 46.98 -10.07
C HIS U 34 87.98 48.07 -9.02
N THR U 35 87.40 49.24 -9.31
CA THR U 35 87.48 50.36 -8.39
C THR U 35 86.60 50.11 -7.16
N ALA U 36 87.14 50.39 -5.99
CA ALA U 36 86.45 50.22 -4.72
C ALA U 36 86.48 51.52 -3.93
N VAL U 37 85.44 51.75 -3.13
CA VAL U 37 85.38 52.95 -2.31
C VAL U 37 85.84 52.70 -0.87
N SER U 38 85.87 51.44 -0.43
CA SER U 38 86.37 51.00 0.87
C SER U 38 85.55 51.53 2.05
N GLY U 39 84.52 52.34 1.81
CA GLY U 39 83.67 52.81 2.88
C GLY U 39 82.38 52.03 2.94
N GLN U 40 81.99 51.44 1.82
CA GLN U 40 80.80 50.61 1.74
C GLN U 40 81.01 49.31 0.98
N VAL U 41 82.01 49.21 0.10
CA VAL U 41 82.12 48.09 -0.82
C VAL U 41 83.34 47.22 -0.56
N ASP U 42 84.05 47.42 0.53
CA ASP U 42 85.32 46.74 0.73
C ASP U 42 85.13 45.30 1.21
N ALA U 43 84.84 44.39 0.27
CA ALA U 43 84.91 42.94 0.51
C ALA U 43 83.95 42.46 1.57
N THR U 44 83.14 43.34 2.12
CA THR U 44 82.07 42.96 3.04
C THR U 44 80.70 43.11 2.43
N LYS U 45 80.52 44.06 1.52
CA LYS U 45 79.30 44.23 0.74
C LYS U 45 79.73 44.33 -0.72
N ARG U 46 79.95 43.18 -1.34
CA ARG U 46 80.38 43.18 -2.74
C ARG U 46 79.30 43.71 -3.67
N THR U 47 78.06 43.80 -3.22
CA THR U 47 76.98 44.39 -3.98
C THR U 47 76.29 45.44 -3.12
N LYS U 48 76.04 46.61 -3.71
CA LYS U 48 75.42 47.71 -2.99
C LYS U 48 74.25 48.26 -3.82
N LEU U 49 73.21 48.70 -3.14
CA LEU U 49 72.04 49.25 -3.81
C LEU U 49 72.12 50.77 -3.87
N TYR U 50 71.16 51.36 -4.57
CA TYR U 50 71.01 52.81 -4.65
C TYR U 50 69.54 53.14 -4.87
N ALA U 51 69.26 54.42 -4.98
CA ALA U 51 67.90 54.88 -5.26
C ALA U 51 67.84 55.85 -6.44
N SER U 52 68.85 56.69 -6.61
CA SER U 52 68.88 57.67 -7.69
C SER U 52 70.31 58.19 -7.81
N LEU U 53 70.53 59.05 -8.81
CA LEU U 53 71.87 59.61 -9.02
C LEU U 53 72.30 60.47 -7.84
N ALA U 54 71.33 61.09 -7.15
CA ALA U 54 71.67 61.90 -5.99
C ALA U 54 72.35 61.07 -4.90
N GLU U 55 71.83 59.88 -4.64
CA GLU U 55 72.39 59.01 -3.61
C GLU U 55 73.76 58.46 -3.98
N VAL U 56 74.19 58.60 -5.23
CA VAL U 56 75.52 58.14 -5.64
C VAL U 56 76.52 59.13 -5.08
N GLU U 57 77.19 58.76 -3.99
CA GLU U 57 78.17 59.64 -3.37
C GLU U 57 79.50 58.93 -3.17
N ALA U 58 79.45 57.64 -2.83
CA ALA U 58 80.68 56.90 -2.54
C ALA U 58 81.60 56.85 -3.75
N ASP U 59 81.06 56.42 -4.89
CA ASP U 59 81.84 56.45 -6.12
C ASP U 59 82.04 57.90 -6.58
N TYR U 60 83.18 58.15 -7.19
CA TYR U 60 83.56 59.49 -7.57
C TYR U 60 82.58 60.03 -8.62
N PRO U 61 82.19 61.30 -8.54
CA PRO U 61 81.27 61.86 -9.54
C PRO U 61 81.93 62.12 -10.89
N ALA U 62 83.16 61.63 -11.07
CA ALA U 62 83.79 61.69 -12.39
C ALA U 62 84.59 60.44 -12.70
N ASN U 63 84.43 59.36 -11.94
CA ASN U 63 85.12 58.11 -12.27
C ASN U 63 84.54 57.51 -13.54
N THR U 64 85.40 56.86 -14.32
CA THR U 64 84.99 56.39 -15.64
C THR U 64 84.02 55.22 -15.55
N SER U 65 84.21 54.34 -14.58
CA SER U 65 83.41 53.13 -14.53
C SER U 65 81.98 53.42 -14.07
N VAL U 66 81.83 53.90 -12.83
CA VAL U 66 80.51 53.95 -12.22
C VAL U 66 79.72 55.14 -12.73
N TYR U 67 80.22 56.36 -12.47
CA TYR U 67 79.42 57.54 -12.74
C TYR U 67 79.21 57.75 -14.24
N LYS U 68 80.25 57.54 -15.03
CA LYS U 68 80.13 57.78 -16.47
C LYS U 68 79.24 56.75 -17.16
N ALA U 69 78.86 55.67 -16.48
CA ALA U 69 77.85 54.74 -16.97
C ALA U 69 76.52 54.89 -16.27
N ALA U 70 76.53 55.14 -14.95
CA ALA U 70 75.28 55.32 -14.22
C ALA U 70 74.55 56.57 -14.70
N LEU U 71 75.28 57.59 -15.15
CA LEU U 71 74.63 58.77 -15.68
C LEU U 71 73.78 58.43 -16.90
N SER U 72 74.32 57.60 -17.80
CA SER U 72 73.53 57.13 -18.93
C SER U 72 72.40 56.22 -18.48
N ALA U 73 72.67 55.36 -17.49
CA ALA U 73 71.66 54.40 -17.04
C ALA U 73 70.43 55.10 -16.49
N PHE U 74 70.62 56.15 -15.69
CA PHE U 74 69.50 56.87 -15.09
C PHE U 74 68.95 57.95 -15.99
N SER U 75 69.21 57.88 -17.30
CA SER U 75 68.86 58.96 -18.21
C SER U 75 67.74 58.60 -19.17
N GLN U 76 67.09 57.46 -18.99
CA GLN U 76 66.00 57.07 -19.87
C GLN U 76 64.75 57.90 -19.56
N ASN U 77 63.93 58.13 -20.60
CA ASN U 77 62.77 59.00 -20.44
C ASN U 77 61.84 58.52 -19.34
N PRO U 78 61.50 57.24 -19.23
CA PRO U 78 61.08 56.70 -17.94
C PRO U 78 62.28 56.10 -17.23
N ARG U 79 62.35 56.33 -15.94
CA ARG U 79 63.61 56.02 -15.30
C ARG U 79 63.53 54.68 -14.58
N PRO U 80 64.58 53.88 -14.61
CA PRO U 80 64.62 52.70 -13.74
C PRO U 80 64.87 53.10 -12.30
N ILE U 81 64.93 52.14 -11.39
CA ILE U 81 65.21 52.41 -9.99
C ILE U 81 66.21 51.38 -9.47
N ARG U 82 66.75 51.67 -8.30
CA ARG U 82 67.61 50.78 -7.51
C ARG U 82 68.66 50.10 -8.38
N LEU U 83 69.54 50.92 -8.93
CA LEU U 83 70.73 50.42 -9.60
C LEU U 83 71.62 49.71 -8.59
N LYS U 84 72.30 48.65 -9.04
CA LYS U 84 73.18 47.87 -8.19
C LYS U 84 74.61 48.04 -8.64
N VAL U 85 75.51 48.23 -7.67
CA VAL U 85 76.93 48.43 -7.92
C VAL U 85 77.70 47.24 -7.38
N GLY U 86 78.64 46.74 -8.17
CA GLY U 86 79.39 45.55 -7.85
C GLY U 86 80.80 45.83 -7.36
N TYR U 87 81.49 44.75 -7.01
CA TYR U 87 82.84 44.78 -6.46
C TYR U 87 83.67 43.60 -6.98
N ALA U 88 83.14 42.87 -7.96
CA ALA U 88 83.61 41.52 -8.27
C ALA U 88 85.08 41.43 -8.61
N ALA U 89 85.49 42.02 -9.72
CA ALA U 89 86.88 41.92 -10.14
C ALA U 89 87.73 43.02 -9.52
N THR U 90 87.63 43.16 -8.19
CA THR U 90 88.54 44.04 -7.48
C THR U 90 90.00 43.64 -7.69
N PRO U 91 90.38 42.37 -7.63
CA PRO U 91 91.70 41.99 -8.15
C PRO U 91 91.79 42.31 -9.63
N THR U 92 92.97 42.76 -10.05
CA THR U 92 93.18 43.16 -11.43
C THR U 92 93.23 41.90 -12.30
N GLY U 93 92.05 41.31 -12.48
CA GLY U 93 91.93 40.11 -13.31
C GLY U 93 92.50 38.88 -12.65
N GLY U 94 93.78 38.94 -12.29
CA GLY U 94 94.41 37.83 -11.60
C GLY U 94 95.88 38.11 -11.40
N ASP U 95 96.51 37.21 -10.65
CA ASP U 95 97.97 37.27 -10.51
C ASP U 95 98.64 37.05 -11.85
N ASP U 96 98.14 36.09 -12.63
CA ASP U 96 98.53 35.89 -14.02
C ASP U 96 97.30 36.15 -14.88
N ALA U 97 97.27 37.30 -15.54
CA ALA U 97 96.09 37.69 -16.32
C ALA U 97 95.85 36.75 -17.49
N ALA U 98 96.85 35.98 -17.93
CA ALA U 98 96.66 35.07 -19.03
C ALA U 98 95.63 34.00 -18.70
N LYS U 99 95.48 33.66 -17.43
CA LYS U 99 94.50 32.68 -17.00
C LYS U 99 93.32 33.37 -16.32
N LYS U 100 92.12 33.00 -16.73
CA LYS U 100 90.88 33.56 -16.21
C LYS U 100 90.41 32.87 -14.94
N ALA U 101 91.15 31.88 -14.45
CA ALA U 101 90.72 31.12 -13.28
C ALA U 101 90.46 32.02 -12.07
N ASP U 102 91.19 33.12 -11.93
CA ASP U 102 90.90 34.05 -10.84
C ASP U 102 89.59 34.79 -11.07
N PHE U 103 89.26 35.08 -12.33
CA PHE U 103 88.05 35.86 -12.62
C PHE U 103 86.80 35.05 -12.31
N ILE U 104 86.78 33.78 -12.68
CA ILE U 104 85.62 32.93 -12.39
C ILE U 104 85.43 32.79 -10.89
N THR U 105 86.53 32.62 -10.15
CA THR U 105 86.45 32.57 -8.70
C THR U 105 85.97 33.88 -8.11
N SER U 106 86.39 35.01 -8.69
CA SER U 106 85.90 36.30 -8.23
C SER U 106 84.39 36.39 -8.42
N LEU U 107 83.89 35.95 -9.57
CA LEU U 107 82.45 35.95 -9.81
C LEU U 107 81.73 35.04 -8.83
N GLY U 108 82.30 33.86 -8.56
CA GLY U 108 81.65 32.92 -7.67
C GLY U 108 81.50 33.41 -6.25
N ALA U 109 82.25 34.44 -5.87
CA ALA U 109 82.19 34.98 -4.51
C ALA U 109 81.28 36.18 -4.38
N ILE U 110 80.63 36.61 -5.47
CA ILE U 110 79.74 37.76 -5.41
C ILE U 110 78.27 37.36 -5.39
N LEU U 111 77.92 36.17 -5.89
CA LEU U 111 76.55 35.71 -5.79
C LEU U 111 76.14 35.52 -4.33
N ASN U 112 77.02 34.93 -3.53
CA ASN U 112 76.65 34.52 -2.18
C ASN U 112 76.20 35.69 -1.33
N TYR U 113 76.78 36.87 -1.54
CA TYR U 113 76.34 38.04 -0.80
C TYR U 113 74.91 38.42 -1.17
N ASP U 114 74.57 38.35 -2.46
CA ASP U 114 73.25 38.78 -2.91
C ASP U 114 73.03 38.27 -4.33
N GLN U 115 71.88 37.65 -4.57
CA GLN U 115 71.44 37.26 -5.90
C GLN U 115 70.11 37.96 -6.15
N ALA U 116 70.18 39.20 -6.64
CA ALA U 116 68.99 39.95 -7.02
C ALA U 116 69.10 40.58 -8.39
N PHE U 117 70.30 40.81 -8.90
CA PHE U 117 70.48 41.42 -10.20
C PHE U 117 70.18 40.42 -11.31
N TYR U 118 69.83 40.94 -12.49
CA TYR U 118 69.56 40.13 -13.66
C TYR U 118 70.47 40.43 -14.83
N GLN U 119 71.05 41.63 -14.89
CA GLN U 119 71.85 42.06 -16.02
C GLN U 119 73.24 42.45 -15.54
N ILE U 120 74.24 42.09 -16.34
CA ILE U 120 75.64 42.34 -16.03
C ILE U 120 76.22 43.25 -17.11
N THR U 121 76.75 44.39 -16.70
CA THR U 121 77.36 45.36 -17.60
C THR U 121 78.68 45.80 -17.00
N LEU U 122 79.77 45.47 -17.68
CA LEU U 122 81.11 45.90 -17.29
C LEU U 122 81.61 46.96 -18.26
N ASP U 123 82.23 47.99 -17.73
CA ASP U 123 82.52 49.16 -18.55
C ASP U 123 83.71 49.93 -17.99
N ALA U 124 84.33 50.72 -18.87
CA ALA U 124 85.48 51.58 -18.59
C ALA U 124 86.71 50.76 -18.28
N ALA U 125 86.55 49.44 -18.24
CA ALA U 125 87.64 48.50 -18.00
C ALA U 125 87.15 47.14 -18.46
N LEU U 126 88.05 46.17 -18.43
CA LEU U 126 87.75 44.81 -18.86
C LEU U 126 87.31 44.75 -20.32
N ARG U 127 87.66 45.77 -21.10
CA ARG U 127 87.25 45.83 -22.50
C ARG U 127 88.11 44.90 -23.33
N ASP U 128 87.50 43.86 -23.90
CA ASP U 128 88.17 42.92 -24.80
C ASP U 128 89.37 42.25 -24.13
N GLN U 129 89.39 42.22 -22.81
CA GLN U 129 90.47 41.54 -22.11
C GLN U 129 90.33 40.04 -22.27
N PRO U 130 91.45 39.32 -22.39
CA PRO U 130 91.36 37.87 -22.64
C PRO U 130 90.66 37.11 -21.54
N TYR U 131 90.77 37.53 -20.28
CA TYR U 131 90.11 36.82 -19.20
C TYR U 131 88.60 37.01 -19.21
N LEU U 132 88.12 38.08 -19.85
CA LEU U 132 86.69 38.36 -19.88
C LEU U 132 85.89 37.21 -20.48
N ASP U 133 86.52 36.40 -21.33
CA ASP U 133 85.85 35.25 -21.92
C ASP U 133 85.27 34.33 -20.85
N GLY U 134 85.89 34.27 -19.68
CA GLY U 134 85.35 33.46 -18.61
C GLY U 134 83.93 33.82 -18.26
N LEU U 135 83.60 35.11 -18.31
CA LEU U 135 82.23 35.54 -18.05
C LEU U 135 81.27 34.89 -19.03
N VAL U 136 81.65 34.82 -20.31
CA VAL U 136 80.81 34.16 -21.30
C VAL U 136 80.61 32.69 -20.92
N GLU U 137 81.64 32.06 -20.36
CA GLU U 137 81.49 30.69 -19.89
C GLU U 137 80.62 30.62 -18.65
N TRP U 138 80.63 31.68 -17.83
CA TRP U 138 79.95 31.63 -16.55
C TRP U 138 78.49 32.04 -16.64
N VAL U 139 78.14 32.95 -17.55
CA VAL U 139 76.77 33.41 -17.65
C VAL U 139 75.87 32.34 -18.23
N GLU U 140 76.41 31.37 -18.95
CA GLU U 140 75.62 30.22 -19.32
C GLU U 140 75.47 29.28 -18.13
N ALA U 141 74.47 28.40 -18.21
CA ALA U 141 74.05 27.59 -17.07
C ALA U 141 73.74 28.49 -15.87
N GLN U 142 73.06 29.59 -16.14
CA GLN U 142 72.76 30.61 -15.16
C GLN U 142 71.56 31.42 -15.65
N PRO U 143 70.63 31.78 -14.78
CA PRO U 143 69.44 32.54 -15.22
C PRO U 143 69.66 34.05 -15.20
N LYS U 144 70.64 34.53 -15.97
CA LYS U 144 70.94 35.96 -16.03
C LYS U 144 71.36 36.32 -17.45
N ILE U 145 71.57 37.61 -17.69
CA ILE U 145 72.02 38.12 -18.98
C ILE U 145 73.20 39.04 -18.74
N ALA U 146 74.30 38.80 -19.45
CA ALA U 146 75.50 39.61 -19.34
C ALA U 146 75.87 40.11 -20.72
N MET U 147 76.17 41.40 -20.83
CA MET U 147 76.49 41.98 -22.12
C MET U 147 77.71 42.89 -22.03
N ILE U 148 78.47 42.93 -23.11
CA ILE U 148 79.78 43.58 -23.15
C ILE U 148 79.80 44.58 -24.30
N ASP U 149 80.07 45.85 -23.99
CA ASP U 149 80.14 46.89 -25.00
C ASP U 149 81.60 47.17 -25.32
N SER U 150 82.14 46.45 -26.30
CA SER U 150 83.47 46.74 -26.78
C SER U 150 83.51 48.14 -27.39
N ASN U 151 84.66 48.78 -27.27
CA ASN U 151 84.83 50.16 -27.72
C ASN U 151 85.45 50.27 -29.11
N ALA U 152 86.26 49.30 -29.52
CA ALA U 152 86.85 49.29 -30.85
C ALA U 152 87.50 47.93 -31.10
N ALA U 153 87.38 47.44 -32.32
CA ALA U 153 87.95 46.14 -32.69
C ALA U 153 87.83 45.99 -34.20
N GLY U 154 88.31 44.85 -34.69
CA GLY U 154 88.25 44.56 -36.11
C GLY U 154 86.95 43.92 -36.54
N HIS U 155 85.83 44.39 -35.97
CA HIS U 155 84.53 43.92 -36.42
C HIS U 155 84.24 44.33 -37.85
N GLU U 156 84.85 45.43 -38.31
CA GLU U 156 84.59 45.93 -39.66
C GLU U 156 85.06 44.96 -40.73
N ASP U 157 86.00 44.08 -40.41
CA ASP U 157 86.41 43.04 -41.34
C ASP U 157 85.67 41.76 -41.00
N PRO U 158 84.75 41.29 -41.84
CA PRO U 158 84.02 40.04 -41.55
C PRO U 158 84.85 38.78 -41.72
N ALA U 159 86.17 38.89 -41.88
CA ALA U 159 87.02 37.74 -42.11
C ALA U 159 87.86 37.34 -40.90
N ASN U 160 88.09 38.25 -39.96
CA ASN U 160 88.93 37.92 -38.83
C ASN U 160 88.21 36.97 -37.86
N THR U 161 88.96 36.44 -36.90
CA THR U 161 88.42 35.54 -35.90
C THR U 161 88.87 35.85 -34.48
N THR U 162 89.88 36.70 -34.30
CA THR U 162 90.41 36.99 -32.97
C THR U 162 89.48 37.87 -32.14
N VAL U 163 88.42 38.40 -32.73
CA VAL U 163 87.56 39.35 -32.04
C VAL U 163 86.56 38.60 -31.16
N ILE U 164 85.94 39.33 -30.23
CA ILE U 164 84.99 38.72 -29.30
C ILE U 164 83.86 38.04 -30.05
N ALA U 165 83.11 38.81 -30.83
CA ALA U 165 81.95 38.29 -31.53
C ALA U 165 82.33 37.36 -32.67
N ALA U 166 83.60 37.29 -33.04
CA ALA U 166 84.03 36.39 -34.10
C ALA U 166 84.37 35.01 -33.56
N ARG U 167 85.13 34.92 -32.48
CA ARG U 167 85.44 33.61 -31.90
C ARG U 167 84.19 32.96 -31.33
N HIS U 168 83.33 33.75 -30.69
CA HIS U 168 82.03 33.28 -30.24
C HIS U 168 80.97 33.92 -31.14
N LYS U 169 80.37 33.11 -32.00
CA LYS U 169 79.44 33.63 -33.00
C LYS U 169 78.41 32.54 -33.27
N GLY U 170 77.21 32.72 -32.72
CA GLY U 170 76.16 31.74 -32.86
C GLY U 170 76.25 30.57 -31.90
N THR U 171 77.28 30.53 -31.05
CA THR U 171 77.43 29.45 -30.08
C THR U 171 76.91 29.81 -28.71
N VAL U 172 76.83 31.09 -28.38
CA VAL U 172 76.38 31.56 -27.07
C VAL U 172 75.02 32.20 -27.23
N GLU U 173 74.11 31.89 -26.30
CA GLU U 173 72.72 32.30 -26.41
C GLU U 173 72.29 33.26 -25.32
N ARG U 174 73.22 33.80 -24.54
CA ARG U 174 72.81 34.66 -23.42
C ARG U 174 73.72 35.87 -23.27
N THR U 175 74.28 36.37 -24.35
CA THR U 175 75.12 37.57 -24.28
C THR U 175 75.08 38.29 -25.62
N ALA U 176 75.32 39.60 -25.57
CA ALA U 176 75.35 40.40 -26.79
C ALA U 176 76.37 41.52 -26.61
N VAL U 177 76.85 42.02 -27.75
CA VAL U 177 77.94 42.99 -27.77
C VAL U 177 77.42 44.30 -28.33
N PHE U 178 77.41 45.34 -27.50
CA PHE U 178 76.95 46.67 -27.92
C PHE U 178 78.15 47.50 -28.39
N TYR U 179 78.65 47.14 -29.57
CA TYR U 179 79.81 47.80 -30.14
C TYR U 179 79.49 49.26 -30.48
N HIS U 180 80.44 50.14 -30.22
CA HIS U 180 80.38 51.52 -30.66
C HIS U 180 81.82 52.02 -30.82
N THR U 181 81.99 53.33 -30.88
CA THR U 181 83.31 53.94 -30.77
C THR U 181 83.57 54.30 -29.30
N ASP U 182 84.69 54.95 -29.06
CA ASP U 182 85.16 55.16 -27.69
C ASP U 182 84.34 56.24 -26.98
N SER U 183 84.40 56.21 -25.65
CA SER U 183 83.87 57.21 -24.73
C SER U 183 82.36 57.20 -24.61
N THR U 184 81.69 56.18 -25.13
CA THR U 184 80.23 56.07 -25.05
C THR U 184 79.87 54.84 -24.22
N GLU U 185 79.28 55.06 -23.06
CA GLU U 185 78.79 53.98 -22.22
C GLU U 185 77.37 53.64 -22.67
N TYR U 186 77.22 52.51 -23.33
CA TYR U 186 76.04 52.23 -24.14
C TYR U 186 75.13 51.15 -23.57
N LEU U 187 75.67 50.12 -22.92
CA LEU U 187 74.80 49.10 -22.33
C LEU U 187 73.81 49.72 -21.36
N ALA U 188 74.28 50.64 -20.52
CA ALA U 188 73.40 51.28 -19.56
C ALA U 188 72.28 52.05 -20.25
N ALA U 189 72.52 52.53 -21.47
CA ALA U 189 71.53 53.37 -22.14
C ALA U 189 70.25 52.60 -22.43
N SER U 190 70.37 51.36 -22.87
CA SER U 190 69.20 50.55 -23.21
C SER U 190 68.94 49.44 -22.21
N MET U 191 69.94 48.64 -21.90
CA MET U 191 69.75 47.57 -20.92
C MET U 191 69.42 48.17 -19.56
N ALA U 192 68.37 47.62 -18.93
CA ALA U 192 67.95 48.00 -17.59
C ALA U 192 67.51 49.45 -17.51
N ALA U 193 67.60 50.18 -18.62
CA ALA U 193 66.98 51.49 -18.72
C ALA U 193 65.72 51.43 -19.56
N TYR U 194 65.75 50.67 -20.65
CA TYR U 194 64.55 50.29 -21.37
C TYR U 194 64.18 48.84 -21.17
N MET U 195 65.16 47.95 -21.02
CA MET U 195 64.87 46.55 -20.76
C MET U 195 64.12 46.39 -19.45
N SER U 196 64.58 47.08 -18.40
CA SER U 196 63.96 46.91 -17.09
C SER U 196 62.55 47.47 -17.08
N THR U 197 62.37 48.71 -17.55
CA THR U 197 61.11 49.41 -17.37
C THR U 197 60.03 48.92 -18.33
N ARG U 198 59.79 47.61 -18.35
CA ARG U 198 58.68 47.02 -19.09
C ARG U 198 57.92 46.10 -18.15
N VAL U 199 56.60 46.21 -18.16
CA VAL U 199 55.73 45.41 -17.32
C VAL U 199 54.99 44.41 -18.18
N PHE U 200 55.29 43.13 -18.00
CA PHE U 200 54.76 42.08 -18.86
C PHE U 200 53.37 41.60 -18.47
N ASP U 201 52.87 41.99 -17.30
CA ASP U 201 51.57 41.54 -16.85
C ASP U 201 50.42 42.29 -17.51
N ASP U 202 50.70 43.39 -18.19
CA ASP U 202 49.67 44.17 -18.86
C ASP U 202 49.42 43.64 -20.26
N ALA U 203 48.27 44.02 -20.82
CA ALA U 203 47.93 43.59 -22.17
C ALA U 203 48.84 44.28 -23.19
N ASN U 204 49.20 43.54 -24.23
CA ASN U 204 49.93 44.04 -25.39
C ASN U 204 51.28 44.64 -25.04
N SER U 205 51.79 44.38 -23.84
CA SER U 205 53.08 44.93 -23.43
C SER U 205 54.22 43.96 -23.69
N ALA U 206 54.32 43.48 -24.92
CA ALA U 206 55.39 42.55 -25.30
C ALA U 206 56.26 43.28 -26.32
N TYR U 207 57.47 43.66 -25.92
CA TYR U 207 58.37 44.43 -26.78
C TYR U 207 59.29 43.48 -27.54
N THR U 208 58.67 42.62 -28.35
CA THR U 208 59.40 41.55 -29.00
C THR U 208 60.59 42.05 -29.82
N LEU U 209 60.48 43.23 -30.43
CA LEU U 209 61.56 43.72 -31.28
C LEU U 209 62.79 44.12 -30.48
N LYS U 210 62.66 45.15 -29.65
CA LYS U 210 63.82 45.90 -29.14
C LYS U 210 64.70 46.38 -30.29
N PHE U 211 64.15 46.40 -31.50
CA PHE U 211 64.88 46.62 -32.74
C PHE U 211 64.78 48.05 -33.24
N LYS U 212 63.80 48.81 -32.77
CA LYS U 212 63.64 50.21 -33.15
C LYS U 212 63.40 51.00 -31.85
N LYS U 213 64.49 51.41 -31.21
CA LYS U 213 64.40 52.08 -29.93
C LYS U 213 65.50 53.12 -29.80
N ALA U 214 65.16 54.24 -29.17
CA ALA U 214 66.05 55.37 -28.98
C ALA U 214 66.69 55.30 -27.60
N PRO U 215 67.96 55.69 -27.47
CA PRO U 215 68.63 55.71 -26.17
C PRO U 215 68.31 57.01 -25.45
N GLY U 216 68.93 57.17 -24.29
CA GLY U 216 68.75 58.41 -23.56
C GLY U 216 69.43 59.57 -24.26
N VAL U 217 70.77 59.60 -24.21
CA VAL U 217 71.56 60.64 -24.85
C VAL U 217 72.83 60.00 -25.38
N ARG U 218 72.95 59.90 -26.70
CA ARG U 218 74.16 59.40 -27.34
C ARG U 218 74.06 59.64 -28.83
N ALA U 219 75.21 59.58 -29.49
CA ALA U 219 75.32 59.92 -30.90
C ALA U 219 75.49 58.68 -31.77
N ILE U 220 75.50 58.90 -33.07
CA ILE U 220 75.49 57.84 -34.08
C ILE U 220 76.91 57.47 -34.49
N ASP U 221 77.06 56.31 -35.13
CA ASP U 221 78.28 55.94 -35.82
C ASP U 221 78.09 56.18 -37.31
N LYS U 222 79.05 55.75 -38.12
CA LYS U 222 79.06 56.05 -39.55
C LYS U 222 79.38 54.79 -40.36
N GLY U 223 78.92 54.78 -41.60
CA GLY U 223 79.14 53.67 -42.52
C GLY U 223 77.83 53.19 -43.12
N SER U 224 77.92 52.65 -44.34
CA SER U 224 76.75 52.15 -45.05
C SER U 224 76.83 50.66 -45.34
N ALA U 225 77.90 50.20 -45.98
CA ALA U 225 78.14 48.79 -46.20
C ALA U 225 79.02 48.18 -45.12
N VAL U 226 79.47 48.97 -44.14
CA VAL U 226 80.19 48.44 -43.00
C VAL U 226 79.27 48.08 -41.86
N VAL U 227 77.98 48.41 -41.96
CA VAL U 227 77.00 48.03 -40.94
C VAL U 227 76.44 46.66 -41.30
N THR U 228 77.07 46.01 -42.28
CA THR U 228 76.79 44.61 -42.57
C THR U 228 77.80 43.67 -41.93
N ALA U 229 79.08 44.05 -41.93
CA ALA U 229 80.06 43.26 -41.19
C ALA U 229 79.72 43.24 -39.71
N ILE U 230 79.50 44.41 -39.12
CA ILE U 230 78.84 44.47 -37.82
C ILE U 230 77.36 44.19 -38.04
N THR U 231 76.70 43.66 -37.01
CA THR U 231 75.29 43.29 -37.00
C THR U 231 74.96 42.15 -37.96
N GLY U 232 75.92 41.67 -38.74
CA GLY U 232 75.77 40.50 -39.59
C GLY U 232 74.45 40.36 -40.32
N PHE U 233 73.91 41.46 -40.82
CA PHE U 233 72.57 41.50 -41.38
C PHE U 233 72.66 41.57 -42.90
N VAL U 234 72.04 40.60 -43.58
CA VAL U 234 71.88 40.68 -45.02
C VAL U 234 70.90 41.80 -45.35
N GLU U 235 71.09 42.42 -46.52
CA GLU U 235 70.26 43.56 -46.91
C GLU U 235 68.79 43.17 -47.01
N GLN U 236 68.48 42.11 -47.76
CA GLN U 236 67.10 41.74 -48.03
C GLN U 236 66.74 40.35 -47.55
N THR U 237 67.54 39.33 -47.90
CA THR U 237 67.12 37.94 -47.71
C THR U 237 66.89 37.62 -46.24
N GLY U 238 67.78 38.06 -45.36
CA GLY U 238 67.63 37.78 -43.96
C GLY U 238 68.80 38.24 -43.12
N GLN U 239 69.27 37.38 -42.23
CA GLN U 239 70.46 37.65 -41.42
C GLN U 239 71.37 36.45 -41.49
N SER U 240 72.54 36.63 -42.10
CA SER U 240 73.51 35.56 -42.26
C SER U 240 74.56 35.63 -41.17
N GLU U 241 74.76 34.51 -40.50
CA GLU U 241 75.73 34.41 -39.42
C GLU U 241 77.16 34.38 -39.94
N SER U 242 77.37 33.89 -41.16
CA SER U 242 78.72 33.77 -41.70
C SER U 242 79.27 35.11 -42.16
N ALA U 243 78.42 35.99 -42.69
CA ALA U 243 78.87 37.22 -43.34
C ALA U 243 78.90 38.41 -42.39
N GLY U 244 79.12 38.18 -41.10
CA GLY U 244 79.24 39.29 -40.17
C GLY U 244 79.19 38.83 -38.74
N HIS U 245 79.49 39.77 -37.85
CA HIS U 245 79.41 39.56 -36.41
C HIS U 245 78.11 40.17 -35.91
N CYS U 246 77.39 39.41 -35.08
CA CYS U 246 76.07 39.84 -34.62
C CYS U 246 76.25 40.77 -33.42
N ALA U 247 76.00 42.05 -33.63
CA ALA U 247 76.14 43.05 -32.57
C ALA U 247 75.16 44.18 -32.83
N ASN U 248 75.35 45.30 -32.13
CA ASN U 248 74.46 46.44 -32.21
C ASN U 248 75.27 47.73 -32.27
N THR U 249 74.75 48.73 -32.96
CA THR U 249 75.54 49.95 -33.18
C THR U 249 74.79 51.26 -33.00
N LEU U 250 73.45 51.28 -32.96
CA LEU U 250 72.68 52.51 -32.84
C LEU U 250 72.94 53.46 -34.02
N ILE U 251 72.49 53.02 -35.19
CA ILE U 251 72.62 53.80 -36.42
C ILE U 251 71.48 54.81 -36.51
N ASP U 252 71.56 55.71 -37.49
CA ASP U 252 70.48 56.64 -37.81
C ASP U 252 70.21 56.59 -39.30
N ILE U 253 68.96 56.85 -39.68
CA ILE U 253 68.56 56.78 -41.08
C ILE U 253 68.01 58.12 -41.52
N GLY U 254 67.07 58.66 -40.76
CA GLY U 254 66.73 60.05 -40.91
C GLY U 254 67.62 60.86 -40.00
N ASP U 255 67.08 61.89 -39.35
CA ASP U 255 67.77 62.48 -38.22
C ASP U 255 67.55 61.61 -37.00
N GLN U 256 66.67 60.62 -37.15
CA GLN U 256 66.25 59.74 -36.06
C GLN U 256 67.32 58.67 -35.84
N GLU U 257 67.97 58.73 -34.69
CA GLU U 257 68.94 57.71 -34.29
C GLU U 257 68.28 56.69 -33.38
N PHE U 258 68.51 55.41 -33.67
CA PHE U 258 67.82 54.34 -32.96
C PHE U 258 68.69 53.09 -32.97
N LEU U 259 68.41 52.20 -32.03
CA LEU U 259 69.10 50.93 -31.97
C LEU U 259 68.75 50.08 -33.18
N VAL U 260 69.69 49.20 -33.57
CA VAL U 260 69.52 48.39 -34.77
C VAL U 260 69.90 46.95 -34.45
N GLU U 261 69.41 46.05 -35.31
CA GLU U 261 69.59 44.60 -35.27
C GLU U 261 68.87 43.95 -34.10
N GLY U 262 68.25 44.72 -33.20
CA GLY U 262 67.40 44.14 -32.19
C GLY U 262 68.10 43.38 -31.09
N SER U 263 69.39 43.63 -30.86
CA SER U 263 70.15 42.99 -29.79
C SER U 263 70.11 41.47 -29.91
N THR U 264 70.65 40.98 -31.01
CA THR U 264 70.75 39.53 -31.18
C THR U 264 71.91 38.99 -30.36
N LEU U 265 71.91 37.68 -30.19
CA LEU U 265 72.95 36.94 -29.49
C LEU U 265 73.56 35.85 -30.34
N THR U 266 72.78 35.28 -31.25
CA THR U 266 73.23 34.30 -32.24
C THR U 266 72.57 34.71 -33.54
N GLN U 267 72.51 33.80 -34.51
CA GLN U 267 71.99 34.14 -35.82
C GLN U 267 70.64 34.82 -35.74
N ASN U 268 69.65 34.15 -35.15
CA ASN U 268 68.30 34.70 -35.06
C ASN U 268 67.70 34.45 -33.68
N VAL U 269 68.44 34.79 -32.64
CA VAL U 269 67.97 34.70 -31.26
C VAL U 269 67.96 36.12 -30.71
N PHE U 270 66.77 36.72 -30.62
CA PHE U 270 66.67 38.11 -30.21
C PHE U 270 66.56 38.22 -28.70
N LEU U 271 66.88 39.42 -28.19
CA LEU U 271 66.99 39.61 -26.75
C LEU U 271 65.65 39.48 -26.04
N ASP U 272 64.58 39.98 -26.66
CA ASP U 272 63.28 39.96 -26.00
C ASP U 272 62.78 38.54 -25.79
N GLU U 273 63.08 37.62 -26.72
CA GLU U 273 62.69 36.24 -26.53
C GLU U 273 63.33 35.65 -25.29
N ILE U 274 64.57 36.04 -24.97
CA ILE U 274 65.19 35.62 -23.72
C ILE U 274 64.53 36.30 -22.53
N HIS U 275 64.28 37.60 -22.63
CA HIS U 275 63.73 38.34 -21.50
C HIS U 275 62.36 37.81 -21.09
N ALA U 276 61.51 37.53 -22.06
CA ALA U 276 60.15 37.07 -21.75
C ALA U 276 60.17 35.70 -21.08
N THR U 277 60.98 34.78 -21.58
CA THR U 277 61.06 33.46 -20.95
C THR U 277 61.64 33.55 -19.55
N ASP U 278 62.64 34.42 -19.35
CA ASP U 278 63.17 34.61 -18.01
C ASP U 278 62.11 35.16 -17.08
N TRP U 279 61.28 36.08 -17.57
CA TRP U 279 60.18 36.60 -16.76
C TRP U 279 59.20 35.49 -16.40
N ILE U 280 58.86 34.63 -17.36
CA ILE U 280 57.94 33.53 -17.08
C ILE U 280 58.50 32.62 -16.00
N ILE U 281 59.78 32.27 -16.12
CA ILE U 281 60.42 31.40 -15.14
C ILE U 281 60.41 32.04 -13.76
N ALA U 282 60.88 33.30 -13.68
CA ALA U 282 60.98 33.97 -12.40
C ALA U 282 59.62 34.29 -11.80
N ARG U 283 58.56 34.27 -12.60
CA ARG U 283 57.22 34.42 -12.06
C ARG U 283 56.68 33.10 -11.52
N THR U 284 56.88 32.02 -12.25
CA THR U 284 56.41 30.72 -11.77
C THR U 284 57.12 30.34 -10.48
N GLU U 285 58.42 30.64 -10.37
CA GLU U 285 59.12 30.30 -9.13
C GLU U 285 58.53 31.05 -7.95
N GLU U 286 58.25 32.34 -8.10
CA GLU U 286 57.68 33.12 -7.02
C GLU U 286 56.29 32.61 -6.65
N GLU U 287 55.48 32.28 -7.66
CA GLU U 287 54.14 31.79 -7.35
C GLU U 287 54.17 30.43 -6.68
N MET U 288 55.09 29.55 -7.08
CA MET U 288 55.26 28.28 -6.38
C MET U 288 55.69 28.50 -4.94
N LEU U 289 56.60 29.45 -4.72
CA LEU U 289 57.03 29.74 -3.35
C LEU U 289 55.85 30.24 -2.52
N SER U 290 55.01 31.09 -3.09
CA SER U 290 53.87 31.63 -2.38
C SER U 290 52.74 30.62 -2.22
N LEU U 291 52.98 29.34 -2.55
CA LEU U 291 51.97 28.31 -2.43
C LEU U 291 52.26 27.32 -1.31
N PHE U 292 53.51 27.03 -1.03
CA PHE U 292 53.84 26.24 0.14
C PHE U 292 53.69 27.03 1.43
N LEU U 293 53.75 28.36 1.33
CA LEU U 293 53.71 29.21 2.51
C LEU U 293 52.29 29.56 2.94
N ASN U 294 51.34 29.54 2.01
CA ASN U 294 49.96 29.82 2.35
C ASN U 294 49.26 28.58 2.91
N ASN U 295 49.09 27.56 2.07
CA ASN U 295 48.57 26.30 2.57
C ASN U 295 49.58 25.67 3.51
N ASP U 296 49.08 24.87 4.44
CA ASP U 296 50.00 24.15 5.29
C ASP U 296 50.75 23.13 4.47
N ARG U 297 50.05 22.13 3.93
CA ARG U 297 50.70 21.00 3.27
C ARG U 297 50.11 20.74 1.91
N VAL U 298 50.93 20.19 1.02
CA VAL U 298 50.53 19.76 -0.31
C VAL U 298 50.70 18.24 -0.37
N PRO U 299 49.61 17.47 -0.37
CA PRO U 299 49.74 16.01 -0.31
C PRO U 299 50.40 15.46 -1.57
N PHE U 300 50.91 14.24 -1.44
CA PHE U 300 51.64 13.59 -2.52
C PHE U 300 50.72 12.67 -3.31
N THR U 301 49.75 13.29 -3.99
CA THR U 301 48.81 12.57 -4.83
C THR U 301 48.44 13.43 -6.03
N ASP U 302 47.56 12.89 -6.88
CA ASP U 302 47.07 13.66 -8.01
C ASP U 302 46.37 14.93 -7.56
N GLN U 303 45.69 14.86 -6.41
CA GLN U 303 45.03 16.04 -5.87
C GLN U 303 46.03 17.18 -5.65
N GLY U 304 47.16 16.88 -5.02
CA GLY U 304 48.20 17.87 -4.88
C GLY U 304 48.97 18.15 -6.15
N MET U 305 49.02 17.19 -7.07
CA MET U 305 49.75 17.40 -8.31
C MET U 305 49.08 18.44 -9.19
N GLN U 306 47.76 18.33 -9.37
CA GLN U 306 47.05 19.36 -10.10
C GLN U 306 47.11 20.71 -9.40
N GLN U 307 47.20 20.71 -8.07
CA GLN U 307 47.34 21.97 -7.35
C GLN U 307 48.63 22.69 -7.71
N LEU U 308 49.73 21.94 -7.87
CA LEU U 308 50.96 22.55 -8.35
C LEU U 308 50.87 22.92 -9.82
N ALA U 309 50.19 22.10 -10.62
CA ALA U 309 49.99 22.44 -12.03
C ALA U 309 49.18 23.70 -12.22
N SER U 310 48.40 24.10 -11.21
CA SER U 310 47.57 25.30 -11.33
C SER U 310 48.38 26.57 -11.55
N VAL U 311 49.66 26.59 -11.16
CA VAL U 311 50.46 27.81 -11.28
C VAL U 311 50.88 28.05 -12.73
N PRO U 312 51.53 27.10 -13.41
CA PRO U 312 51.83 27.35 -14.83
C PRO U 312 50.59 27.53 -15.68
N ARG U 313 49.50 26.85 -15.34
CA ARG U 313 48.28 26.98 -16.12
C ARG U 313 47.69 28.38 -16.01
N ALA U 314 48.09 29.15 -15.00
CA ALA U 314 47.69 30.54 -14.90
C ALA U 314 48.74 31.48 -15.46
N ILE U 315 50.02 31.16 -15.30
CA ILE U 315 51.06 32.04 -15.85
C ILE U 315 51.03 32.04 -17.38
N MET U 316 50.79 30.87 -17.99
CA MET U 316 50.67 30.85 -19.44
C MET U 316 49.46 31.64 -19.93
N GLN U 317 48.35 31.55 -19.19
CA GLN U 317 47.17 32.33 -19.55
C GLN U 317 47.44 33.81 -19.44
N LEU U 318 48.14 34.24 -18.39
CA LEU U 318 48.49 35.63 -18.19
C LEU U 318 49.54 36.11 -19.19
N ALA U 319 50.33 35.20 -19.76
CA ALA U 319 51.35 35.56 -20.73
C ALA U 319 50.80 35.66 -22.14
N ALA U 320 49.90 34.76 -22.53
CA ALA U 320 49.30 34.85 -23.85
C ALA U 320 48.54 36.15 -24.03
N ARG U 321 48.01 36.72 -22.95
CA ARG U 321 47.38 38.02 -23.02
C ARG U 321 48.40 39.11 -23.38
N ALA U 322 49.60 39.02 -22.81
CA ALA U 322 50.61 40.03 -23.07
C ALA U 322 51.02 40.05 -24.53
N GLY U 323 51.18 38.87 -25.14
CA GLY U 323 51.57 38.82 -26.53
C GLY U 323 52.87 38.06 -26.76
N ILE U 324 53.17 37.11 -25.90
CA ILE U 324 54.40 36.33 -26.00
C ILE U 324 54.09 34.98 -26.65
N VAL U 325 52.87 34.51 -26.50
CA VAL U 325 52.47 33.19 -26.98
C VAL U 325 51.61 33.36 -28.24
N ALA U 326 51.75 32.40 -29.16
CA ALA U 326 51.02 32.46 -30.41
C ALA U 326 49.52 32.26 -30.19
N LEU U 327 48.75 32.63 -31.20
CA LEU U 327 47.29 32.70 -31.08
C LEU U 327 46.62 31.46 -31.71
N ASP U 328 46.95 30.30 -31.16
CA ASP U 328 46.21 29.05 -31.42
C ASP U 328 45.96 28.78 -32.90
N LEU U 329 46.93 29.10 -33.75
CA LEU U 329 46.79 28.87 -35.18
C LEU U 329 48.11 28.37 -35.74
N ASN U 330 48.08 27.21 -36.38
CA ASN U 330 49.30 26.65 -36.96
C ASN U 330 49.73 27.48 -38.16
N PRO U 331 50.93 28.06 -38.15
CA PRO U 331 51.34 28.88 -39.29
C PRO U 331 51.41 28.11 -40.60
N LEU U 332 51.74 26.82 -40.55
CA LEU U 332 51.86 26.03 -41.78
C LEU U 332 50.58 26.08 -42.60
N THR U 333 49.43 25.91 -41.94
CA THR U 333 48.15 25.83 -42.63
C THR U 333 47.16 26.90 -42.20
N GLY U 334 47.32 27.48 -41.03
CA GLY U 334 46.32 28.37 -40.50
C GLY U 334 45.17 27.58 -39.89
N ALA U 335 45.39 26.28 -39.69
CA ALA U 335 44.38 25.42 -39.10
C ALA U 335 44.48 25.50 -37.59
N TYR U 336 43.63 24.76 -36.89
CA TYR U 336 43.63 24.82 -35.43
C TYR U 336 44.77 24.00 -34.86
N GLU U 337 45.43 24.54 -33.85
CA GLU U 337 46.46 23.86 -33.10
C GLU U 337 46.68 24.59 -31.78
N PRO U 338 46.62 23.89 -30.65
CA PRO U 338 46.75 24.58 -29.36
C PRO U 338 48.06 25.33 -29.25
N ALA U 339 48.00 26.52 -28.67
CA ALA U 339 49.20 27.32 -28.50
C ALA U 339 50.09 26.75 -27.39
N TYR U 340 49.49 26.40 -26.26
CA TYR U 340 50.25 25.89 -25.13
C TYR U 340 49.50 24.72 -24.50
N THR U 341 50.23 23.68 -24.15
CA THR U 341 49.67 22.52 -23.47
C THR U 341 50.51 22.21 -22.24
N ILE U 342 49.84 21.84 -21.15
CA ILE U 342 50.48 21.49 -19.90
C ILE U 342 50.22 20.01 -19.63
N THR U 343 51.30 19.25 -19.47
CA THR U 343 51.22 17.83 -19.18
C THR U 343 51.71 17.56 -17.77
N VAL U 344 50.94 16.78 -17.03
CA VAL U 344 51.19 16.47 -15.63
C VAL U 344 51.40 14.97 -15.50
N PRO U 345 52.52 14.51 -14.94
CA PRO U 345 52.71 13.07 -14.75
C PRO U 345 51.71 12.52 -13.74
N SER U 346 51.39 11.25 -13.91
CA SER U 346 50.48 10.58 -12.98
C SER U 346 51.28 9.96 -11.84
N VAL U 347 50.92 10.34 -10.61
CA VAL U 347 51.60 9.81 -9.42
C VAL U 347 51.07 8.45 -9.01
N PHE U 348 50.02 7.94 -9.67
CA PHE U 348 49.35 6.74 -9.23
C PHE U 348 50.29 5.53 -9.20
N ASP U 349 51.34 5.55 -10.02
CA ASP U 349 52.21 4.39 -10.18
C ASP U 349 53.56 4.54 -9.50
N ILE U 350 53.91 5.73 -9.01
CA ILE U 350 55.26 5.95 -8.49
C ILE U 350 55.43 5.18 -7.18
N PRO U 351 56.46 4.34 -7.07
CA PRO U 351 56.60 3.48 -5.89
C PRO U 351 56.90 4.29 -4.63
N GLU U 352 56.72 3.60 -3.50
CA GLU U 352 56.97 4.23 -2.19
C GLU U 352 58.43 4.62 -2.02
N SER U 353 59.35 3.88 -2.65
CA SER U 353 60.77 4.15 -2.45
C SER U 353 61.14 5.55 -2.90
N GLN U 354 60.63 5.98 -4.04
CA GLN U 354 60.84 7.35 -4.50
C GLN U 354 59.78 8.31 -4.02
N ARG U 355 58.72 7.81 -3.36
CA ARG U 355 57.73 8.68 -2.77
C ARG U 355 58.17 9.24 -1.43
N LYS U 356 59.20 8.66 -0.82
CA LYS U 356 59.70 9.11 0.47
C LYS U 356 60.69 10.26 0.36
N ALA U 357 61.11 10.61 -0.85
CA ALA U 357 62.02 11.73 -1.02
C ALA U 357 61.34 13.07 -0.83
N ARG U 358 60.01 13.12 -0.95
CA ARG U 358 59.24 14.36 -0.90
C ARG U 358 59.71 15.33 -1.99
N ILE U 359 59.95 14.80 -3.19
CA ILE U 359 60.29 15.60 -4.36
C ILE U 359 59.39 15.15 -5.50
N ALA U 360 58.59 16.07 -6.01
CA ALA U 360 57.56 15.72 -6.96
C ALA U 360 58.15 15.45 -8.35
N PRO U 361 57.46 14.66 -9.16
CA PRO U 361 57.87 14.51 -10.57
C PRO U 361 57.68 15.81 -11.34
N ALA U 362 58.09 15.78 -12.60
CA ALA U 362 58.23 16.99 -13.39
C ALA U 362 57.01 17.25 -14.25
N ILE U 363 56.57 18.51 -14.27
CA ILE U 363 55.49 18.97 -15.12
C ILE U 363 56.10 19.56 -16.39
N GLN U 364 55.47 19.33 -17.53
CA GLN U 364 55.99 19.81 -18.81
C GLN U 364 55.01 20.78 -19.44
N VAL U 365 55.55 21.81 -20.11
CA VAL U 365 54.75 22.85 -20.73
C VAL U 365 55.26 23.10 -22.14
N ARG U 366 54.35 23.36 -23.07
CA ARG U 366 54.68 23.60 -24.46
C ARG U 366 54.31 25.03 -24.83
N PHE U 367 55.18 25.70 -25.59
CA PHE U 367 54.97 27.08 -25.99
C PHE U 367 54.57 27.18 -27.45
N ARG U 368 54.45 28.41 -27.92
CA ARG U 368 54.52 28.73 -29.35
C ARG U 368 54.90 30.20 -29.42
N TYR U 369 56.14 30.49 -29.80
CA TYR U 369 56.62 31.86 -29.80
C TYR U 369 55.81 32.72 -30.75
N ALA U 370 55.57 33.96 -30.34
CA ALA U 370 54.83 34.92 -31.16
C ALA U 370 55.84 35.82 -31.86
N GLY U 371 55.79 35.83 -33.19
CA GLY U 371 56.79 36.53 -33.97
C GLY U 371 56.65 38.03 -33.90
N ALA U 372 57.43 38.70 -34.74
CA ALA U 372 57.41 40.14 -34.87
C ALA U 372 57.77 40.50 -36.30
N VAL U 373 58.06 41.77 -36.55
CA VAL U 373 58.39 42.24 -37.88
C VAL U 373 59.62 43.14 -37.78
N HIS U 374 60.61 42.88 -38.62
CA HIS U 374 61.78 43.73 -38.74
C HIS U 374 62.03 44.26 -40.15
N TYR U 375 61.26 43.81 -41.14
CA TYR U 375 61.53 44.16 -42.52
C TYR U 375 60.22 44.10 -43.31
N SER U 376 60.10 44.94 -44.34
CA SER U 376 58.89 45.03 -45.12
C SER U 376 59.22 45.08 -46.60
N VAL U 377 58.29 44.61 -47.44
CA VAL U 377 58.48 44.57 -48.88
C VAL U 377 57.22 45.05 -49.56
N ILE U 378 57.37 46.00 -50.50
CA ILE U 378 56.27 46.51 -51.31
C ILE U 378 56.73 46.47 -52.77
N ASN U 379 55.77 46.35 -53.69
CA ASN U 379 56.11 46.11 -55.10
C ASN U 379 55.76 47.25 -56.04
N TYR U 380 54.59 47.89 -55.90
CA TYR U 380 54.27 49.13 -56.62
C TYR U 380 54.39 48.96 -58.13
N THR U 381 53.51 48.14 -58.69
CA THR U 381 53.48 47.91 -60.13
C THR U 381 52.56 48.94 -60.79
N MET U 382 53.11 49.72 -61.71
CA MET U 382 52.39 50.82 -62.33
C MET U 382 52.02 50.47 -63.77
N THR U 383 50.74 50.69 -64.11
CA THR U 383 50.22 50.28 -65.41
C THR U 383 50.14 51.40 -66.42
N PHE U 384 49.93 52.64 -65.98
CA PHE U 384 49.71 53.76 -66.88
C PHE U 384 48.54 53.50 -67.82
N LYS V 3 -9.25 102.43 22.89
CA LYS V 3 -8.65 101.33 22.13
C LYS V 3 -7.87 100.42 23.06
N LEU V 4 -6.86 99.74 22.52
CA LEU V 4 -6.09 98.78 23.29
C LEU V 4 -4.77 98.51 22.57
N PRO V 5 -3.69 98.30 23.31
CA PRO V 5 -2.41 98.03 22.66
C PRO V 5 -2.37 96.66 22.02
N TYR V 6 -1.43 96.49 21.08
CA TYR V 6 -1.25 95.20 20.42
C TYR V 6 -0.66 94.15 21.34
N SER V 7 -0.08 94.55 22.47
CA SER V 7 0.59 93.61 23.35
C SER V 7 -0.39 92.68 24.05
N ARG V 8 -1.69 92.91 23.96
CA ARG V 8 -2.66 92.03 24.60
C ARG V 8 -2.66 90.64 24.00
N VAL V 9 -2.17 90.48 22.78
CA VAL V 9 -2.13 89.18 22.13
C VAL V 9 -0.72 88.73 21.76
N THR V 10 0.26 89.63 21.75
CA THR V 10 1.62 89.30 21.36
C THR V 10 2.60 89.98 22.31
N ASN V 11 3.88 89.75 22.05
CA ASN V 11 4.95 90.42 22.81
C ASN V 11 6.20 90.42 21.95
N VAL V 12 6.56 91.58 21.43
CA VAL V 12 7.72 91.72 20.55
C VAL V 12 8.70 92.68 21.21
N THR V 13 9.91 92.21 21.45
CA THR V 13 10.96 93.02 22.04
C THR V 13 11.96 93.45 20.97
N LEU V 14 12.92 94.28 21.37
CA LEU V 14 13.99 94.69 20.46
C LEU V 14 15.17 95.09 21.35
N THR V 15 16.15 94.20 21.46
CA THR V 15 17.32 94.43 22.29
C THR V 15 18.58 94.38 21.44
N ARG V 16 19.72 94.63 22.07
CA ARG V 16 21.02 94.65 21.40
C ARG V 16 21.98 93.78 22.20
N THR V 17 22.12 92.53 21.79
CA THR V 17 23.05 91.59 22.42
C THR V 17 23.56 90.63 21.35
N ASP V 18 24.31 89.62 21.77
CA ASP V 18 24.83 88.60 20.87
C ASP V 18 24.43 87.23 21.39
N ASN V 19 23.61 86.53 20.62
CA ASN V 19 23.18 85.18 20.95
C ASN V 19 23.73 84.21 19.92
N PHE V 20 24.07 83.02 20.38
CA PHE V 20 24.73 82.01 19.58
C PHE V 20 23.93 80.72 19.62
N PRO V 21 24.09 79.85 18.63
CA PRO V 21 23.28 78.63 18.56
C PRO V 21 23.55 77.68 19.72
N THR V 22 22.57 76.80 19.96
CA THR V 22 22.62 75.88 21.08
C THR V 22 23.79 74.90 20.95
N ARG V 23 23.75 74.05 19.93
CA ARG V 23 24.86 73.17 19.58
C ARG V 23 25.27 72.27 20.77
N ARG V 24 24.39 71.33 21.08
CA ARG V 24 24.67 70.36 22.13
C ARG V 24 25.99 69.65 21.86
N GLY V 25 26.64 69.20 22.93
CA GLY V 25 27.95 68.59 22.80
C GLY V 25 28.17 67.38 23.68
N PHE V 26 29.43 66.98 23.85
CA PHE V 26 29.73 65.79 24.63
C PHE V 26 29.81 66.08 26.13
N GLY V 27 30.79 66.87 26.54
CA GLY V 27 31.06 67.07 27.95
C GLY V 27 30.99 68.52 28.36
N THR V 28 30.91 68.73 29.67
CA THR V 28 30.88 70.05 30.27
C THR V 28 32.09 70.24 31.17
N GLN V 29 32.63 71.46 31.20
CA GLN V 29 33.84 71.75 31.95
C GLN V 29 33.51 72.29 33.33
N LEU V 30 34.51 72.27 34.20
CA LEU V 30 34.38 72.75 35.57
C LEU V 30 35.45 73.80 35.85
N ILE V 31 35.04 74.88 36.49
CA ILE V 31 35.92 75.98 36.85
C ILE V 31 35.98 76.04 38.38
N LEU V 32 37.10 75.60 38.95
CA LEU V 32 37.24 75.53 40.40
C LEU V 32 38.27 76.54 40.87
N THR V 33 37.92 77.28 41.92
CA THR V 33 38.81 78.26 42.52
C THR V 33 38.44 78.42 43.99
N HIS V 34 38.98 79.47 44.62
CA HIS V 34 38.77 79.70 46.04
C HIS V 34 37.61 80.63 46.34
N THR V 35 37.21 81.46 45.39
CA THR V 35 36.17 82.45 45.65
C THR V 35 34.81 81.78 45.76
N ALA V 36 34.04 82.17 46.78
CA ALA V 36 32.72 81.64 47.03
C ALA V 36 31.71 82.78 47.13
N VAL V 37 30.47 82.51 46.73
CA VAL V 37 29.41 83.51 46.81
C VAL V 37 28.57 83.37 48.06
N SER V 38 28.58 82.20 48.72
CA SER V 38 27.91 81.92 49.99
C SER V 38 26.39 81.97 49.89
N GLY V 39 25.82 82.30 48.73
CA GLY V 39 24.39 82.30 48.57
C GLY V 39 23.91 81.05 47.86
N GLN V 40 24.81 80.44 47.09
CA GLN V 40 24.51 79.19 46.40
C GLN V 40 25.62 78.15 46.50
N VAL V 41 26.86 78.54 46.78
CA VAL V 41 28.00 77.63 46.65
C VAL V 41 28.66 77.33 48.00
N ASP V 42 28.07 77.74 49.11
CA ASP V 42 28.75 77.63 50.40
C ASP V 42 28.70 76.21 50.96
N ALA V 43 29.57 75.33 50.47
CA ALA V 43 29.85 74.03 51.09
C ALA V 43 28.63 73.10 51.12
N THR V 44 27.52 73.54 50.56
CA THR V 44 26.35 72.68 50.41
C THR V 44 26.10 72.30 48.96
N LYS V 45 26.48 73.16 48.02
CA LYS V 45 26.43 72.85 46.59
C LYS V 45 27.81 73.23 46.04
N ARG V 46 28.77 72.32 46.19
CA ARG V 46 30.11 72.59 45.71
C ARG V 46 30.17 72.69 44.19
N THR V 47 29.14 72.23 43.48
CA THR V 47 29.04 72.37 42.03
C THR V 47 27.69 72.99 41.71
N LYS V 48 27.69 73.97 40.82
CA LYS V 48 26.47 74.68 40.44
C LYS V 48 26.39 74.74 38.91
N LEU V 49 25.18 74.67 38.39
CA LEU V 49 24.97 74.72 36.95
C LEU V 49 24.62 76.14 36.52
N TYR V 50 24.53 76.33 35.21
CA TYR V 50 24.09 77.59 34.61
C TYR V 50 23.43 77.29 33.27
N ALA V 51 23.01 78.35 32.60
CA ALA V 51 22.42 78.23 31.28
C ALA V 51 23.05 79.15 30.26
N SER V 52 23.45 80.35 30.67
CA SER V 52 24.06 81.33 29.77
C SER V 52 24.72 82.41 30.63
N LEU V 53 25.39 83.35 29.97
CA LEU V 53 26.07 84.42 30.69
C LEU V 53 25.08 85.30 31.44
N ALA V 54 23.85 85.41 30.92
CA ALA V 54 22.84 86.21 31.61
C ALA V 54 22.55 85.66 33.00
N GLU V 55 22.43 84.33 33.12
CA GLU V 55 22.13 83.71 34.40
C GLU V 55 23.28 83.81 35.39
N VAL V 56 24.47 84.20 34.95
CA VAL V 56 25.61 84.36 35.85
C VAL V 56 25.38 85.63 36.64
N GLU V 57 24.93 85.49 37.89
CA GLU V 57 24.67 86.66 38.73
C GLU V 57 25.39 86.55 40.06
N ALA V 58 25.47 85.34 40.61
CA ALA V 58 26.07 85.16 41.93
C ALA V 58 27.54 85.57 41.93
N ASP V 59 28.31 85.05 41.00
CA ASP V 59 29.69 85.48 40.86
C ASP V 59 29.74 86.91 40.31
N TYR V 60 30.74 87.65 40.76
CA TYR V 60 30.84 89.06 40.40
C TYR V 60 31.05 89.22 38.90
N PRO V 61 30.40 90.19 38.27
CA PRO V 61 30.59 90.40 36.83
C PRO V 61 31.93 91.00 36.46
N ALA V 62 32.85 91.09 37.43
CA ALA V 62 34.22 91.48 37.12
C ALA V 62 35.25 90.70 37.93
N ASN V 63 34.87 89.60 38.57
CA ASN V 63 35.85 88.78 39.27
C ASN V 63 36.77 88.08 38.27
N THR V 64 38.03 87.90 38.68
CA THR V 64 39.02 87.41 37.74
C THR V 64 38.81 85.93 37.41
N SER V 65 38.37 85.15 38.38
CA SER V 65 38.28 83.71 38.17
C SER V 65 37.10 83.35 37.27
N VAL V 66 35.88 83.63 37.73
CA VAL V 66 34.71 83.09 37.07
C VAL V 66 34.36 83.89 35.82
N TYR V 67 34.05 85.18 35.97
CA TYR V 67 33.52 85.94 34.85
C TYR V 67 34.56 86.15 33.77
N LYS V 68 35.81 86.44 34.16
CA LYS V 68 36.84 86.70 33.17
C LYS V 68 37.25 85.45 32.39
N ALA V 69 36.82 84.27 32.83
CA ALA V 69 36.98 83.05 32.06
C ALA V 69 35.69 82.57 31.42
N ALA V 70 34.56 82.71 32.12
CA ALA V 70 33.28 82.31 31.53
C ALA V 70 32.93 83.17 30.33
N LEU V 71 33.36 84.44 30.32
CA LEU V 71 33.12 85.28 29.15
C LEU V 71 33.78 84.70 27.92
N SER V 72 35.02 84.23 28.04
CA SER V 72 35.68 83.57 26.92
C SER V 72 35.01 82.24 26.61
N ALA V 73 34.60 81.50 27.65
CA ALA V 73 34.01 80.19 27.43
C ALA V 73 32.73 80.26 26.60
N PHE V 74 31.87 81.23 26.91
CA PHE V 74 30.61 81.38 26.20
C PHE V 74 30.74 82.20 24.92
N SER V 75 31.95 82.35 24.38
CA SER V 75 32.19 83.24 23.26
C SER V 75 32.52 82.52 21.96
N GLN V 76 32.37 81.19 21.92
CA GLN V 76 32.65 80.45 20.70
C GLN V 76 31.52 80.67 19.69
N ASN V 77 31.89 80.61 18.40
CA ASN V 77 30.91 80.92 17.35
C ASN V 77 29.69 80.01 17.42
N PRO V 78 29.81 78.70 17.61
CA PRO V 78 28.72 77.95 18.22
C PRO V 78 28.92 77.86 19.72
N ARG V 79 27.83 78.00 20.44
CA ARG V 79 28.05 78.19 21.87
C ARG V 79 27.81 76.90 22.62
N PRO V 80 28.61 76.60 23.64
CA PRO V 80 28.27 75.48 24.53
C PRO V 80 27.11 75.85 25.44
N ILE V 81 26.69 74.93 26.31
CA ILE V 81 25.61 75.20 27.24
C ILE V 81 26.00 74.65 28.61
N ARG V 82 25.23 75.06 29.61
CA ARG V 82 25.29 74.54 30.98
C ARG V 82 26.74 74.41 31.48
N LEU V 83 27.37 75.57 31.57
CA LEU V 83 28.67 75.65 32.24
C LEU V 83 28.51 75.31 33.72
N LYS V 84 29.53 74.66 34.28
CA LYS V 84 29.51 74.25 35.69
C LYS V 84 30.56 75.03 36.46
N VAL V 85 30.16 75.51 37.64
CA VAL V 85 31.02 76.30 38.50
C VAL V 85 31.33 75.49 39.76
N GLY V 86 32.59 75.49 40.17
CA GLY V 86 33.06 74.70 41.28
C GLY V 86 33.30 75.51 42.54
N TYR V 87 33.67 74.78 43.59
CA TYR V 87 33.91 75.32 44.92
C TYR V 87 35.09 74.64 45.60
N ALA V 88 35.84 73.83 44.86
CA ALA V 88 36.71 72.81 45.42
C ALA V 88 37.76 73.37 46.38
N ALA V 89 38.70 74.15 45.87
CA ALA V 89 39.78 74.68 46.71
C ALA V 89 39.37 75.98 47.38
N THR V 90 38.21 75.96 48.03
CA THR V 90 37.83 77.10 48.86
C THR V 90 38.85 77.35 49.97
N PRO V 91 39.37 76.35 50.68
CA PRO V 91 40.57 76.58 51.49
C PRO V 91 41.72 77.02 50.60
N THR V 92 42.52 77.94 51.11
CA THR V 92 43.64 78.50 50.34
C THR V 92 44.73 77.44 50.26
N GLY V 93 44.46 76.42 49.44
CA GLY V 93 45.42 75.35 49.23
C GLY V 93 45.54 74.42 50.41
N GLY V 94 45.88 74.97 51.57
CA GLY V 94 45.98 74.17 52.78
C GLY V 94 46.46 75.03 53.93
N ASP V 95 46.44 74.42 55.11
CA ASP V 95 47.04 75.06 56.27
C ASP V 95 48.54 75.23 56.07
N ASP V 96 49.20 74.21 55.53
CA ASP V 96 50.58 74.30 55.08
C ASP V 96 50.58 74.07 53.57
N ALA V 97 50.76 75.16 52.81
CA ALA V 97 50.69 75.07 51.36
C ALA V 97 51.80 74.21 50.77
N ALA V 98 52.87 73.96 51.51
CA ALA V 98 53.95 73.13 51.00
C ALA V 98 53.48 71.71 50.73
N LYS V 99 52.46 71.24 51.45
CA LYS V 99 51.90 69.92 51.26
C LYS V 99 50.55 70.02 50.56
N LYS V 100 50.38 69.20 49.52
CA LYS V 100 49.18 69.16 48.71
C LYS V 100 48.10 68.26 49.30
N ALA V 101 48.38 67.64 50.45
CA ALA V 101 47.43 66.69 51.02
C ALA V 101 46.06 67.29 51.27
N ASP V 102 45.99 68.59 51.57
CA ASP V 102 44.69 69.24 51.70
C ASP V 102 44.00 69.39 50.35
N PHE V 103 44.76 69.61 49.28
CA PHE V 103 44.15 69.83 47.97
C PHE V 103 43.51 68.55 47.44
N ILE V 104 44.18 67.41 47.60
CA ILE V 104 43.60 66.15 47.14
C ILE V 104 42.33 65.84 47.92
N THR V 105 42.34 66.09 49.23
CA THR V 105 41.13 65.89 50.02
C THR V 105 40.02 66.85 49.60
N SER V 106 40.38 68.08 49.25
CA SER V 106 39.38 69.02 48.75
C SER V 106 38.74 68.50 47.47
N LEU V 107 39.56 67.97 46.56
CA LEU V 107 39.02 67.40 45.34
C LEU V 107 38.13 66.20 45.63
N GLY V 108 38.54 65.34 46.57
CA GLY V 108 37.77 64.16 46.89
C GLY V 108 36.39 64.44 47.44
N ALA V 109 36.16 65.65 47.92
CA ALA V 109 34.87 66.02 48.51
C ALA V 109 33.96 66.73 47.52
N ILE V 110 34.39 66.93 46.28
CA ILE V 110 33.55 67.60 45.29
C ILE V 110 32.90 66.62 44.32
N LEU V 111 33.49 65.44 44.12
CA LEU V 111 32.84 64.44 43.27
C LEU V 111 31.52 64.00 43.86
N ASN V 112 31.48 63.77 45.18
CA ASN V 112 30.32 63.15 45.79
C ASN V 112 29.06 63.97 45.60
N TYR V 113 29.18 65.29 45.58
CA TYR V 113 28.00 66.12 45.31
C TYR V 113 27.48 65.89 43.91
N ASP V 114 28.37 65.80 42.92
CA ASP V 114 27.95 65.66 41.54
C ASP V 114 29.13 65.21 40.69
N GLN V 115 28.92 64.19 39.86
CA GLN V 115 29.90 63.74 38.87
C GLN V 115 29.23 63.85 37.51
N ALA V 116 29.29 65.03 36.91
CA ALA V 116 28.78 65.25 35.56
C ALA V 116 29.75 65.96 34.66
N PHE V 117 30.71 66.70 35.21
CA PHE V 117 31.68 67.43 34.41
C PHE V 117 32.72 66.48 33.84
N TYR V 118 33.34 66.89 32.73
CA TYR V 118 34.39 66.11 32.09
C TYR V 118 35.72 66.84 32.01
N GLN V 119 35.71 68.17 32.05
CA GLN V 119 36.90 68.98 31.87
C GLN V 119 37.10 69.88 33.08
N ILE V 120 38.36 70.02 33.48
CA ILE V 120 38.75 70.81 34.65
C ILE V 120 39.64 71.94 34.19
N THR V 121 39.24 73.17 34.48
CA THR V 121 39.99 74.37 34.13
C THR V 121 40.06 75.29 35.34
N LEU V 122 41.26 75.48 35.89
CA LEU V 122 41.49 76.39 37.00
C LEU V 122 42.21 77.63 36.49
N ASP V 123 41.79 78.80 36.96
CA ASP V 123 42.26 80.03 36.34
C ASP V 123 42.19 81.18 37.34
N ALA V 124 42.99 82.21 37.06
CA ALA V 124 43.08 83.45 37.84
C ALA V 124 43.69 83.19 39.21
N ALA V 125 43.96 81.93 39.50
CA ALA V 125 44.60 81.51 40.73
C ALA V 125 45.13 80.11 40.51
N LEU V 126 45.85 79.59 41.51
CA LEU V 126 46.43 78.26 41.44
C LEU V 126 47.41 78.13 40.27
N ARG V 127 47.93 79.26 39.77
CA ARG V 127 48.83 79.25 38.63
C ARG V 127 50.23 78.81 39.08
N ASP V 128 50.67 77.66 38.60
CA ASP V 128 52.01 77.14 38.87
C ASP V 128 52.28 76.98 40.36
N GLN V 129 51.22 76.87 41.16
CA GLN V 129 51.41 76.66 42.58
C GLN V 129 51.91 75.24 42.83
N PRO V 130 52.78 75.06 43.84
CA PRO V 130 53.37 73.73 44.05
C PRO V 130 52.34 72.66 44.39
N TYR V 131 51.26 73.02 45.08
CA TYR V 131 50.25 72.02 45.43
C TYR V 131 49.45 71.57 44.21
N LEU V 132 49.40 72.38 43.16
CA LEU V 132 48.63 72.04 41.98
C LEU V 132 49.05 70.72 41.36
N ASP V 133 50.29 70.30 41.59
CA ASP V 133 50.76 69.01 41.08
C ASP V 133 49.88 67.87 41.55
N GLY V 134 49.26 67.99 42.72
CA GLY V 134 48.36 66.95 43.18
C GLY V 134 47.24 66.67 42.18
N LEU V 135 46.74 67.71 41.53
CA LEU V 135 45.72 67.51 40.51
C LEU V 135 46.21 66.59 39.40
N VAL V 136 47.47 66.77 38.97
CA VAL V 136 48.03 65.89 37.96
C VAL V 136 48.06 64.46 38.47
N GLU V 137 48.32 64.28 39.76
CA GLU V 137 48.25 62.94 40.33
C GLU V 137 46.82 62.43 40.41
N TRP V 138 45.87 63.33 40.58
CA TRP V 138 44.49 62.92 40.83
C TRP V 138 43.71 62.69 39.54
N VAL V 139 44.00 63.44 38.49
CA VAL V 139 43.25 63.29 37.25
C VAL V 139 43.58 61.98 36.54
N GLU V 140 44.73 61.38 36.83
CA GLU V 140 44.97 60.03 36.36
C GLU V 140 44.20 59.04 37.22
N ALA V 141 44.02 57.83 36.68
CA ALA V 141 43.11 56.84 37.27
C ALA V 141 41.73 57.43 37.46
N GLN V 142 41.28 58.19 36.46
CA GLN V 142 40.02 58.91 36.51
C GLN V 142 39.59 59.19 35.07
N PRO V 143 38.30 59.07 34.75
CA PRO V 143 37.84 59.30 33.37
C PRO V 143 37.48 60.76 33.09
N LYS V 144 38.46 61.65 33.24
CA LYS V 144 38.25 63.07 33.01
C LYS V 144 39.50 63.67 32.39
N ILE V 145 39.42 64.94 32.03
CA ILE V 145 40.54 65.68 31.46
C ILE V 145 40.68 67.00 32.22
N ALA V 146 41.88 67.28 32.72
CA ALA V 146 42.16 68.51 33.45
C ALA V 146 43.31 69.22 32.78
N MET V 147 43.18 70.52 32.55
CA MET V 147 44.22 71.27 31.86
C MET V 147 44.49 72.59 32.57
N ILE V 148 45.75 73.02 32.50
CA ILE V 148 46.25 74.16 33.28
C ILE V 148 46.89 75.15 32.32
N ASP V 149 46.40 76.39 32.34
CA ASP V 149 46.95 77.44 31.49
C ASP V 149 47.87 78.33 32.32
N SER V 150 49.15 77.96 32.36
CA SER V 150 50.13 78.81 33.01
C SER V 150 50.23 80.14 32.27
N ASN V 151 50.53 81.19 33.02
CA ASN V 151 50.58 82.54 32.47
C ASN V 151 51.98 82.99 32.10
N ALA V 152 53.01 82.47 32.77
CA ALA V 152 54.38 82.80 32.45
C ALA V 152 55.32 81.87 33.19
N ALA V 153 56.40 81.44 32.55
CA ALA V 153 57.36 80.53 33.15
C ALA V 153 58.57 80.44 32.23
N GLY V 154 59.56 79.66 32.65
CA GLY V 154 60.75 79.46 31.87
C GLY V 154 60.63 78.38 30.82
N HIS V 155 59.47 78.29 30.18
CA HIS V 155 59.32 77.36 29.07
C HIS V 155 60.21 77.72 27.89
N GLU V 156 60.56 79.00 27.75
CA GLU V 156 61.37 79.44 26.63
C GLU V 156 62.77 78.83 26.65
N ASP V 157 63.24 78.40 27.82
CA ASP V 157 64.51 77.69 27.90
C ASP V 157 64.23 76.20 27.92
N PRO V 158 64.60 75.45 26.88
CA PRO V 158 64.36 74.00 26.87
C PRO V 158 65.28 73.20 27.78
N ALA V 159 66.04 73.87 28.64
CA ALA V 159 67.00 73.20 29.51
C ALA V 159 66.57 73.09 30.96
N ASN V 160 65.65 73.94 31.42
CA ASN V 160 65.25 73.92 32.81
C ASN V 160 64.39 72.69 33.09
N THR V 161 64.15 72.45 34.38
CA THR V 161 63.31 71.33 34.82
C THR V 161 62.30 71.71 35.90
N THR V 162 62.42 72.88 36.52
CA THR V 162 61.53 73.27 37.59
C THR V 162 60.12 73.61 37.11
N VAL V 163 59.91 73.71 35.81
CA VAL V 163 58.63 74.17 35.27
C VAL V 163 57.64 73.00 35.25
N ILE V 164 56.36 73.34 35.10
CA ILE V 164 55.30 72.34 35.11
C ILE V 164 55.53 71.31 34.03
N ALA V 165 55.56 71.75 32.77
CA ALA V 165 55.70 70.83 31.64
C ALA V 165 57.08 70.24 31.54
N ALA V 166 58.05 70.72 32.32
CA ALA V 166 59.40 70.16 32.30
C ALA V 166 59.54 69.00 33.27
N ARG V 167 59.07 69.17 34.51
CA ARG V 167 59.14 68.07 35.48
C ARG V 167 58.24 66.92 35.05
N HIS V 168 57.05 67.23 34.54
CA HIS V 168 56.15 66.24 33.94
C HIS V 168 56.16 66.45 32.45
N LYS V 169 56.80 65.52 31.72
CA LYS V 169 56.99 65.69 30.28
C LYS V 169 57.00 64.29 29.68
N GLY V 170 55.90 63.91 29.04
CA GLY V 170 55.76 62.59 28.46
C GLY V 170 55.38 61.51 29.43
N THR V 171 55.22 61.83 30.72
CA THR V 171 54.84 60.85 31.72
C THR V 171 53.34 60.85 32.01
N VAL V 172 52.67 61.97 31.76
CA VAL V 172 51.24 62.11 32.04
C VAL V 172 50.49 62.14 30.72
N GLU V 173 49.37 61.43 30.67
CA GLU V 173 48.64 61.22 29.42
C GLU V 173 47.25 61.84 29.45
N ARG V 174 46.93 62.66 30.44
CA ARG V 174 45.57 63.19 30.52
C ARG V 174 45.54 64.65 30.94
N THR V 175 46.57 65.43 30.58
CA THR V 175 46.57 66.85 30.90
C THR V 175 47.43 67.58 29.88
N ALA V 176 47.13 68.86 29.69
CA ALA V 176 47.88 69.69 28.76
C ALA V 176 47.94 71.12 29.30
N VAL V 177 48.95 71.86 28.85
CA VAL V 177 49.25 73.19 29.37
C VAL V 177 49.04 74.19 28.26
N PHE V 178 48.06 75.07 28.43
CA PHE V 178 47.77 76.12 27.45
C PHE V 178 48.52 77.40 27.82
N TYR V 179 49.83 77.36 27.63
CA TYR V 179 50.68 78.50 27.97
C TYR V 179 50.38 79.70 27.09
N HIS V 180 50.39 80.88 27.70
CA HIS V 180 50.30 82.14 27.00
C HIS V 180 51.02 83.19 27.83
N THR V 181 50.76 84.46 27.54
CA THR V 181 51.16 85.56 28.41
C THR V 181 50.00 85.89 29.35
N ASP V 182 50.18 86.93 30.16
CA ASP V 182 49.24 87.21 31.23
C ASP V 182 47.94 87.80 30.70
N SER V 183 46.90 87.71 31.54
CA SER V 183 45.59 88.32 31.37
C SER V 183 44.73 87.68 30.29
N THR V 184 45.12 86.51 29.78
CA THR V 184 44.34 85.81 28.77
C THR V 184 43.85 84.48 29.34
N GLU V 185 42.55 84.36 29.51
CA GLU V 185 41.93 83.11 29.94
C GLU V 185 41.68 82.26 28.71
N TYR V 186 42.47 81.20 28.55
CA TYR V 186 42.62 80.52 27.28
C TYR V 186 42.01 79.13 27.24
N LEU V 187 42.06 78.36 28.33
CA LEU V 187 41.44 77.04 28.33
C LEU V 187 39.97 77.12 27.96
N ALA V 188 39.27 78.09 28.53
CA ALA V 188 37.84 78.24 28.22
C ALA V 188 37.61 78.52 26.74
N ALA V 189 38.58 79.15 26.08
CA ALA V 189 38.38 79.55 24.69
C ALA V 189 38.18 78.35 23.78
N SER V 190 38.97 77.29 23.99
CA SER V 190 38.89 76.10 23.14
C SER V 190 38.27 74.92 23.86
N MET V 191 38.77 74.57 25.04
CA MET V 191 38.19 73.47 25.79
C MET V 191 36.74 73.77 26.14
N ALA V 192 35.87 72.80 25.88
CA ALA V 192 34.45 72.87 26.22
C ALA V 192 33.74 74.00 25.50
N ALA V 193 34.47 74.77 24.71
CA ALA V 193 33.86 75.72 23.78
C ALA V 193 33.92 75.20 22.36
N TYR V 194 35.04 74.60 21.99
CA TYR V 194 35.12 73.81 20.77
C TYR V 194 35.21 72.33 21.04
N MET V 195 35.85 71.92 22.13
CA MET V 195 35.89 70.51 22.49
C MET V 195 34.50 69.96 22.74
N SER V 196 33.68 70.70 23.49
CA SER V 196 32.35 70.20 23.82
C SER V 196 31.47 70.13 22.58
N THR V 197 31.40 71.20 21.81
CA THR V 197 30.41 71.30 20.75
C THR V 197 30.78 70.47 19.53
N ARG V 198 31.06 69.19 19.73
CA ARG V 198 31.27 68.25 18.64
C ARG V 198 30.40 67.03 18.88
N VAL V 199 29.71 66.59 17.84
CA VAL V 199 28.82 65.44 17.92
C VAL V 199 29.44 64.29 17.16
N PHE V 200 29.81 63.24 17.87
CA PHE V 200 30.56 62.14 17.28
C PHE V 200 29.68 61.09 16.60
N ASP V 201 28.36 61.16 16.79
CA ASP V 201 27.47 60.18 16.19
C ASP V 201 27.20 60.43 14.72
N ASP V 202 27.57 61.60 14.21
CA ASP V 202 27.37 61.93 12.81
C ASP V 202 28.53 61.43 11.96
N ALA V 203 28.30 61.33 10.66
CA ALA V 203 29.34 60.91 9.74
C ALA V 203 30.42 61.98 9.63
N ASN V 204 31.66 61.53 9.51
CA ASN V 204 32.83 62.36 9.25
C ASN V 204 33.05 63.44 10.29
N SER V 205 32.41 63.34 11.45
CA SER V 205 32.57 64.34 12.51
C SER V 205 33.64 63.95 13.51
N ALA V 206 34.84 63.64 13.02
CA ALA V 206 35.97 63.27 13.87
C ALA V 206 37.02 64.36 13.73
N TYR V 207 37.18 65.18 14.77
CA TYR V 207 38.10 66.31 14.71
C TYR V 207 39.47 65.89 15.25
N THR V 208 40.06 64.90 14.57
CA THR V 208 41.29 64.28 15.07
C THR V 208 42.40 65.29 15.34
N LEU V 209 42.50 66.35 14.55
CA LEU V 209 43.58 67.30 14.73
C LEU V 209 43.45 68.12 16.00
N LYS V 210 42.40 68.95 16.08
CA LYS V 210 42.35 70.06 17.03
C LYS V 210 43.59 70.95 16.88
N PHE V 211 44.29 70.82 15.75
CA PHE V 211 45.60 71.42 15.53
C PHE V 211 45.53 72.71 14.73
N LYS V 212 44.42 72.97 14.03
CA LYS V 212 44.24 74.19 13.26
C LYS V 212 42.84 74.71 13.60
N LYS V 213 42.75 75.50 14.68
CA LYS V 213 41.46 75.98 15.15
C LYS V 213 41.61 77.37 15.74
N ALA V 214 40.61 78.20 15.51
CA ALA V 214 40.57 79.58 15.96
C ALA V 214 39.79 79.69 17.28
N PRO V 215 40.22 80.55 18.19
CA PRO V 215 39.50 80.75 19.44
C PRO V 215 38.36 81.75 19.23
N GLY V 216 37.69 82.08 20.33
CA GLY V 216 36.64 83.08 20.24
C GLY V 216 37.22 84.46 20.01
N VAL V 217 37.84 85.03 21.04
CA VAL V 217 38.45 86.35 20.95
C VAL V 217 39.72 86.33 21.80
N ARG V 218 40.87 86.38 21.14
CA ARG V 218 42.15 86.48 21.85
C ARG V 218 43.24 86.77 20.82
N ALA V 219 44.38 87.23 21.34
CA ALA V 219 45.48 87.68 20.49
C ALA V 219 46.63 86.70 20.51
N ILE V 220 47.63 86.99 19.67
CA ILE V 220 48.75 86.09 19.40
C ILE V 220 49.91 86.37 20.36
N ASP V 221 50.84 85.42 20.44
CA ASP V 221 52.12 85.65 21.08
C ASP V 221 53.17 85.88 19.99
N LYS V 222 54.45 85.95 20.39
CA LYS V 222 55.52 86.33 19.47
C LYS V 222 56.70 85.37 19.62
N GLY V 223 57.48 85.27 18.54
CA GLY V 223 58.67 84.42 18.52
C GLY V 223 58.64 83.48 17.32
N SER V 224 59.82 83.12 16.85
CA SER V 224 59.96 82.22 15.70
C SER V 224 60.67 80.93 16.04
N ALA V 225 61.87 81.01 16.62
CA ALA V 225 62.58 79.83 17.09
C ALA V 225 62.34 79.57 18.57
N VAL V 226 61.53 80.40 19.23
CA VAL V 226 61.13 80.15 20.60
C VAL V 226 59.84 79.35 20.68
N VAL V 227 59.18 79.11 19.55
CA VAL V 227 57.97 78.30 19.51
C VAL V 227 58.38 76.85 19.28
N THR V 228 59.68 76.59 19.39
CA THR V 228 60.18 75.22 19.43
C THR V 228 60.46 74.74 20.85
N ALA V 229 60.99 75.61 21.71
CA ALA V 229 61.11 75.26 23.12
C ALA V 229 59.74 74.99 23.72
N ILE V 230 58.82 75.91 23.55
CA ILE V 230 57.42 75.61 23.78
C ILE V 230 56.93 74.76 22.62
N THR V 231 55.92 73.93 22.88
CA THR V 231 55.30 73.01 21.93
C THR V 231 56.25 71.91 21.46
N GLY V 232 57.51 71.92 21.87
CA GLY V 232 58.46 70.85 21.62
C GLY V 232 58.42 70.24 20.24
N PHE V 233 58.23 71.05 19.22
CA PHE V 233 58.00 70.56 17.87
C PHE V 233 59.25 70.78 17.01
N VAL V 234 59.77 69.69 16.44
CA VAL V 234 60.84 69.79 15.46
C VAL V 234 60.28 70.43 14.19
N GLU V 235 61.16 71.16 13.48
CA GLU V 235 60.71 71.86 12.28
C GLU V 235 60.16 70.92 11.22
N GLN V 236 60.93 69.89 10.87
CA GLN V 236 60.56 68.99 9.79
C GLN V 236 60.39 67.54 10.21
N THR V 237 61.38 66.98 10.91
CA THR V 237 61.41 65.53 11.13
C THR V 237 60.20 65.04 11.91
N GLY V 238 59.82 65.75 12.95
CA GLY V 238 58.68 65.32 13.75
C GLY V 238 58.46 66.17 14.97
N GLN V 239 58.23 65.52 16.11
CA GLN V 239 58.09 66.20 17.39
C GLN V 239 58.97 65.49 18.40
N SER V 240 60.00 66.18 18.88
CA SER V 240 60.93 65.62 19.84
C SER V 240 60.56 66.05 21.25
N GLU V 241 60.44 65.07 22.12
CA GLU V 241 60.09 65.31 23.52
C GLU V 241 61.24 65.90 24.31
N SER V 242 62.48 65.63 23.90
CA SER V 242 63.63 66.13 24.65
C SER V 242 63.90 67.60 24.39
N ALA V 243 63.65 68.08 23.17
CA ALA V 243 64.03 69.43 22.77
C ALA V 243 62.92 70.45 23.00
N GLY V 244 62.05 70.24 23.98
CA GLY V 244 61.05 71.24 24.27
C GLY V 244 59.99 70.70 25.20
N HIS V 245 59.15 71.62 25.66
CA HIS V 245 58.00 71.28 26.50
C HIS V 245 56.75 71.26 25.63
N CYS V 246 55.94 70.23 25.79
CA CYS V 246 54.77 70.04 24.93
C CYS V 246 53.61 70.86 25.48
N ALA V 247 53.28 71.95 24.79
CA ALA V 247 52.20 72.82 25.21
C ALA V 247 51.58 73.47 23.97
N ASN V 248 50.78 74.51 24.19
CA ASN V 248 50.07 75.19 23.12
C ASN V 248 50.14 76.69 23.33
N THR V 249 50.14 77.44 22.23
CA THR V 249 50.36 78.88 22.34
C THR V 249 49.45 79.76 21.47
N LEU V 250 48.75 79.21 20.49
CA LEU V 250 47.89 80.00 19.59
C LEU V 250 48.70 81.06 18.83
N ILE V 251 49.55 80.55 17.94
CA ILE V 251 50.38 81.40 17.09
C ILE V 251 49.59 81.85 15.87
N ASP V 252 50.15 82.78 15.09
CA ASP V 252 49.59 83.18 13.81
C ASP V 252 50.68 83.14 12.76
N ILE V 253 50.28 82.88 11.51
CA ILE V 253 51.24 82.75 10.42
C ILE V 253 50.92 83.77 9.34
N GLY V 254 49.67 83.82 8.90
CA GLY V 254 49.21 84.95 8.14
C GLY V 254 48.68 85.99 9.10
N ASP V 255 47.58 86.64 8.77
CA ASP V 255 46.84 87.40 9.76
C ASP V 255 45.99 86.42 10.58
N GLN V 256 45.96 85.17 10.12
CA GLN V 256 45.13 84.12 10.70
C GLN V 256 45.80 83.58 11.95
N GLU V 257 45.18 83.82 13.10
CA GLU V 257 45.65 83.28 14.37
C GLU V 257 44.86 82.01 14.70
N PHE V 258 45.59 80.97 15.09
CA PHE V 258 45.00 79.66 15.30
C PHE V 258 45.81 78.89 16.32
N LEU V 259 45.17 77.89 16.93
CA LEU V 259 45.84 77.02 17.87
C LEU V 259 46.89 76.20 17.16
N VAL V 260 47.94 75.81 17.90
CA VAL V 260 49.07 75.09 17.33
C VAL V 260 49.43 73.92 18.22
N GLU V 261 50.14 72.96 17.63
CA GLU V 261 50.62 71.72 18.22
C GLU V 261 49.50 70.74 18.56
N GLY V 262 48.25 71.12 18.38
CA GLY V 262 47.15 70.17 18.49
C GLY V 262 46.83 69.70 19.89
N SER V 263 47.23 70.44 20.92
CA SER V 263 46.94 70.10 22.31
C SER V 263 47.46 68.71 22.66
N THR V 264 48.78 68.55 22.58
CA THR V 264 49.38 67.31 22.99
C THR V 264 49.46 67.24 24.51
N LEU V 265 49.70 66.03 25.01
CA LEU V 265 49.89 65.75 26.42
C LEU V 265 51.21 65.08 26.72
N THR V 266 51.72 64.29 25.77
CA THR V 266 53.03 63.66 25.83
C THR V 266 53.63 63.85 24.45
N GLN V 267 54.67 63.07 24.12
CA GLN V 267 55.37 63.25 22.86
C GLN V 267 54.40 63.30 21.68
N ASN V 268 53.63 62.24 21.47
CA ASN V 268 52.70 62.18 20.33
C ASN V 268 51.35 61.61 20.76
N VAL V 269 50.79 62.15 21.83
CA VAL V 269 49.47 61.78 22.29
C VAL V 269 48.60 63.02 22.18
N PHE V 270 47.75 63.07 21.16
CA PHE V 270 46.96 64.26 20.90
C PHE V 270 45.63 64.20 21.66
N LEU V 271 45.04 65.38 21.84
CA LEU V 271 43.87 65.51 22.70
C LEU V 271 42.65 64.79 22.13
N ASP V 272 42.47 64.84 20.81
CA ASP V 272 41.29 64.24 20.23
C ASP V 272 41.28 62.73 20.39
N GLU V 273 42.45 62.09 20.35
CA GLU V 273 42.50 60.66 20.58
C GLU V 273 41.99 60.29 21.97
N ILE V 274 42.24 61.15 22.97
CA ILE V 274 41.67 60.93 24.29
C ILE V 274 40.17 61.18 24.28
N HIS V 275 39.74 62.27 23.64
CA HIS V 275 38.34 62.64 23.67
C HIS V 275 37.47 61.56 23.03
N ALA V 276 37.90 61.01 21.89
CA ALA V 276 37.10 60.02 21.18
C ALA V 276 36.96 58.73 21.99
N THR V 277 38.06 58.27 22.61
CA THR V 277 37.97 57.06 23.42
C THR V 277 37.10 57.29 24.65
N ASP V 278 37.20 58.48 25.26
CA ASP V 278 36.31 58.77 26.39
C ASP V 278 34.86 58.77 25.96
N TRP V 279 34.57 59.29 24.76
CA TRP V 279 33.20 59.24 24.25
C TRP V 279 32.74 57.81 24.06
N ILE V 280 33.61 56.96 23.50
CA ILE V 280 33.24 55.56 23.28
C ILE V 280 32.91 54.89 24.62
N ILE V 281 33.76 55.12 25.62
CA ILE V 281 33.54 54.51 26.92
C ILE V 281 32.22 55.00 27.54
N ALA V 282 32.03 56.32 27.57
CA ALA V 282 30.84 56.89 28.18
C ALA V 282 29.58 56.57 27.40
N ARG V 283 29.70 56.17 26.15
CA ARG V 283 28.54 55.71 25.40
C ARG V 283 28.21 54.27 25.70
N THR V 284 29.23 53.40 25.74
CA THR V 284 28.98 52.01 26.06
C THR V 284 28.41 51.86 27.45
N GLU V 285 28.88 52.66 28.41
CA GLU V 285 28.33 52.56 29.76
C GLU V 285 26.85 52.90 29.78
N GLU V 286 26.47 53.97 29.09
CA GLU V 286 25.06 54.37 29.06
C GLU V 286 24.21 53.31 28.38
N GLU V 287 24.71 52.74 27.27
CA GLU V 287 23.93 51.72 26.59
C GLU V 287 23.80 50.45 27.41
N MET V 288 24.84 50.07 28.14
CA MET V 288 24.74 48.93 29.05
C MET V 288 23.73 49.20 30.15
N LEU V 289 23.72 50.43 30.68
CA LEU V 289 22.75 50.77 31.71
C LEU V 289 21.33 50.68 31.16
N SER V 290 21.12 51.15 29.93
CA SER V 290 19.81 51.11 29.31
C SER V 290 19.41 49.71 28.86
N LEU V 291 20.17 48.68 29.22
CA LEU V 291 19.87 47.31 28.85
C LEU V 291 19.40 46.46 30.00
N PHE V 292 19.90 46.69 31.21
CA PHE V 292 19.33 46.03 32.38
C PHE V 292 17.99 46.60 32.77
N LEU V 293 17.70 47.84 32.37
CA LEU V 293 16.47 48.50 32.77
C LEU V 293 15.31 48.20 31.83
N ASN V 294 15.59 47.85 30.58
CA ASN V 294 14.51 47.52 29.64
C ASN V 294 14.09 46.06 29.81
N ASN V 295 14.98 45.13 29.51
CA ASN V 295 14.69 43.73 29.77
C ASN V 295 14.62 43.51 31.27
N ASP V 296 13.84 42.51 31.68
CA ASP V 296 13.82 42.17 33.08
C ASP V 296 15.18 41.62 33.48
N ARG V 297 15.55 40.46 32.94
CA ARG V 297 16.74 39.75 33.40
C ARG V 297 17.64 39.36 32.22
N VAL V 298 18.93 39.28 32.50
CA VAL V 298 19.93 38.81 31.56
C VAL V 298 20.50 37.50 32.10
N PRO V 299 20.20 36.35 31.50
CA PRO V 299 20.64 35.09 32.08
C PRO V 299 22.15 34.95 32.02
N PHE V 300 22.66 34.03 32.84
CA PHE V 300 24.10 33.83 32.96
C PHE V 300 24.54 32.66 32.08
N THR V 301 24.42 32.88 30.76
CA THR V 301 24.84 31.89 29.78
C THR V 301 25.38 32.60 28.55
N ASP V 302 25.77 31.81 27.55
CA ASP V 302 26.22 32.39 26.29
C ASP V 302 25.13 33.22 25.64
N GLN V 303 23.88 32.80 25.82
CA GLN V 303 22.75 33.55 25.28
C GLN V 303 22.75 34.97 25.81
N GLY V 304 22.91 35.13 27.13
CA GLY V 304 23.02 36.46 27.69
C GLY V 304 24.35 37.12 27.46
N MET V 305 25.40 36.33 27.24
CA MET V 305 26.73 36.91 27.03
C MET V 305 26.79 37.64 25.69
N GLN V 306 26.30 37.01 24.63
CA GLN V 306 26.23 37.71 23.34
C GLN V 306 25.29 38.89 23.40
N GLN V 307 24.26 38.85 24.24
CA GLN V 307 23.37 40.00 24.39
C GLN V 307 24.11 41.21 24.94
N LEU V 308 25.02 40.99 25.90
CA LEU V 308 25.85 42.08 26.37
C LEU V 308 26.89 42.49 25.34
N ALA V 309 27.44 41.52 24.61
CA ALA V 309 28.38 41.84 23.54
C ALA V 309 27.75 42.67 22.43
N SER V 310 26.42 42.63 22.31
CA SER V 310 25.75 43.39 21.26
C SER V 310 25.96 44.90 21.36
N VAL V 311 26.28 45.41 22.54
CA VAL V 311 26.42 46.86 22.71
C VAL V 311 27.74 47.35 22.11
N PRO V 312 28.91 46.81 22.50
CA PRO V 312 30.14 47.27 21.83
C PRO V 312 30.14 46.98 20.34
N ARG V 313 29.52 45.88 19.92
CA ARG V 313 29.50 45.56 18.50
C ARG V 313 28.69 46.56 17.70
N ALA V 314 27.85 47.36 18.36
CA ALA V 314 27.16 48.45 17.70
C ALA V 314 27.87 49.78 17.88
N ILE V 315 28.49 50.02 19.04
CA ILE V 315 29.20 51.27 19.25
C ILE V 315 30.41 51.36 18.33
N MET V 316 31.14 50.25 18.14
CA MET V 316 32.26 50.27 17.22
C MET V 316 31.81 50.53 15.79
N GLN V 317 30.68 49.94 15.40
CA GLN V 317 30.14 50.18 14.07
C GLN V 317 29.75 51.64 13.88
N LEU V 318 29.13 52.23 14.89
CA LEU V 318 28.74 53.63 14.86
C LEU V 318 29.94 54.57 14.94
N ALA V 319 31.06 54.12 15.47
CA ALA V 319 32.27 54.93 15.58
C ALA V 319 33.10 54.90 14.31
N ALA V 320 33.22 53.73 13.67
CA ALA V 320 33.97 53.66 12.42
C ALA V 320 33.34 54.54 11.36
N ARG V 321 32.03 54.75 11.41
CA ARG V 321 31.39 55.69 10.50
C ARG V 321 31.87 57.11 10.74
N ALA V 322 32.05 57.49 12.00
CA ALA V 322 32.47 58.85 12.32
C ALA V 322 33.86 59.14 11.78
N GLY V 323 34.78 58.18 11.89
CA GLY V 323 36.12 58.39 11.40
C GLY V 323 37.19 58.26 12.46
N ILE V 324 36.92 57.45 13.49
CA ILE V 324 37.86 57.26 14.58
C ILE V 324 38.62 55.96 14.39
N VAL V 325 38.02 55.01 13.69
CA VAL V 325 38.59 53.68 13.50
C VAL V 325 39.13 53.58 12.08
N ALA V 326 40.22 52.82 11.93
CA ALA V 326 40.86 52.66 10.63
C ALA V 326 39.98 51.85 9.69
N LEU V 327 40.30 51.94 8.41
CA LEU V 327 39.44 51.38 7.35
C LEU V 327 39.97 50.04 6.85
N ASP V 328 40.05 49.07 7.77
CA ASP V 328 40.24 47.66 7.42
C ASP V 328 41.39 47.41 6.47
N LEU V 329 42.49 48.16 6.60
CA LEU V 329 43.65 47.99 5.74
C LEU V 329 44.92 48.12 6.55
N ASN V 330 45.76 47.10 6.52
CA ASN V 330 47.01 47.14 7.27
C ASN V 330 47.96 48.15 6.66
N PRO V 331 48.38 49.18 7.39
CA PRO V 331 49.28 50.18 6.79
C PRO V 331 50.60 49.60 6.32
N LEU V 332 51.11 48.56 6.98
CA LEU V 332 52.40 47.98 6.60
C LEU V 332 52.40 47.56 5.14
N THR V 333 51.34 46.88 4.70
CA THR V 333 51.27 46.33 3.35
C THR V 333 50.11 46.86 2.53
N GLY V 334 49.06 47.36 3.17
CA GLY V 334 47.86 47.72 2.44
C GLY V 334 47.03 46.48 2.17
N ALA V 335 47.36 45.39 2.84
CA ALA V 335 46.61 44.14 2.67
C ALA V 335 45.42 44.14 3.60
N TYR V 336 44.64 43.08 3.59
CA TYR V 336 43.44 43.03 4.41
C TYR V 336 43.80 42.71 5.86
N GLU V 337 43.14 43.41 6.77
CA GLU V 337 43.26 43.16 8.21
C GLU V 337 42.09 43.82 8.92
N PRO V 338 41.35 43.09 9.73
CA PRO V 338 40.16 43.67 10.37
C PRO V 338 40.52 44.88 11.21
N ALA V 339 39.66 45.90 11.14
CA ALA V 339 39.90 47.12 11.91
C ALA V 339 39.62 46.89 13.40
N TYR V 340 38.50 46.24 13.70
CA TYR V 340 38.12 46.01 15.08
C TYR V 340 37.57 44.60 15.23
N THR V 341 37.97 43.93 16.31
CA THR V 341 37.47 42.59 16.62
C THR V 341 36.99 42.57 18.06
N ILE V 342 35.87 41.88 18.30
CA ILE V 342 35.29 41.74 19.62
C ILE V 342 35.38 40.28 20.02
N THR V 343 36.01 40.02 21.16
CA THR V 343 36.15 38.68 21.69
C THR V 343 35.33 38.54 22.97
N VAL V 344 34.58 37.46 23.05
CA VAL V 344 33.66 37.17 24.14
C VAL V 344 34.10 35.89 24.83
N PRO V 345 34.34 35.90 26.14
CA PRO V 345 34.70 34.66 26.82
C PRO V 345 33.55 33.68 26.83
N SER V 346 33.89 32.40 26.85
CA SER V 346 32.88 31.36 26.91
C SER V 346 32.54 31.04 28.37
N VAL V 347 31.25 31.14 28.70
CA VAL V 347 30.80 30.87 30.06
C VAL V 347 30.59 29.38 30.30
N PHE V 348 30.75 28.54 29.28
CA PHE V 348 30.40 27.13 29.38
C PHE V 348 31.20 26.42 30.47
N ASP V 349 32.39 26.93 30.79
CA ASP V 349 33.31 26.25 31.70
C ASP V 349 33.39 26.90 33.08
N ILE V 350 32.82 28.08 33.27
CA ILE V 350 33.01 28.81 34.53
C ILE V 350 32.27 28.10 35.64
N PRO V 351 32.95 27.75 36.73
CA PRO V 351 32.31 26.95 37.79
C PRO V 351 31.21 27.71 38.51
N GLU V 352 30.39 26.94 39.23
CA GLU V 352 29.28 27.51 39.99
C GLU V 352 29.76 28.45 41.09
N SER V 353 30.95 28.22 41.64
CA SER V 353 31.44 29.03 42.74
C SER V 353 31.57 30.49 42.35
N GLN V 354 32.11 30.76 41.17
CA GLN V 354 32.20 32.12 40.65
C GLN V 354 30.98 32.51 39.82
N ARG V 355 30.07 31.57 39.57
CA ARG V 355 28.82 31.91 38.89
C ARG V 355 27.80 32.51 39.83
N LYS V 356 27.99 32.36 41.15
CA LYS V 356 27.06 32.89 42.14
C LYS V 356 27.32 34.34 42.49
N ALA V 357 28.41 34.93 42.00
CA ALA V 357 28.68 36.33 42.25
C ALA V 357 27.79 37.26 41.44
N ARG V 358 27.19 36.76 40.35
CA ARG V 358 26.41 37.57 39.41
C ARG V 358 27.24 38.72 38.85
N ILE V 359 28.49 38.41 38.50
CA ILE V 359 29.37 39.36 37.84
C ILE V 359 29.98 38.67 36.63
N ALA V 360 29.71 39.21 35.44
CA ALA V 360 30.06 38.52 34.21
C ALA V 360 31.56 38.63 33.94
N PRO V 361 32.11 37.68 33.18
CA PRO V 361 33.50 37.81 32.73
C PRO V 361 33.66 38.97 31.75
N ALA V 362 34.90 39.19 31.34
CA ALA V 362 35.24 40.41 30.62
C ALA V 362 35.25 40.19 29.11
N ILE V 363 34.68 41.16 28.40
CA ILE V 363 34.68 41.19 26.94
C ILE V 363 35.85 42.07 26.50
N GLN V 364 36.53 41.67 25.41
CA GLN V 364 37.68 42.42 24.92
C GLN V 364 37.41 42.95 23.53
N VAL V 365 37.93 44.14 23.24
CA VAL V 365 37.72 44.80 21.96
C VAL V 365 39.05 45.34 21.46
N ARG V 366 39.26 45.26 20.15
CA ARG V 366 40.49 45.72 19.51
C ARG V 366 40.18 46.90 18.58
N PHE V 367 41.03 47.92 18.61
CA PHE V 367 40.85 49.10 17.80
C PHE V 367 41.81 49.13 16.62
N ARG V 368 41.77 50.24 15.88
CA ARG V 368 42.87 50.66 15.02
C ARG V 368 42.68 52.15 14.82
N TYR V 369 43.53 52.95 15.46
CA TYR V 369 43.37 54.40 15.41
C TYR V 369 43.49 54.91 13.99
N ALA V 370 42.67 55.90 13.66
CA ALA V 370 42.66 56.53 12.34
C ALA V 370 43.48 57.81 12.43
N GLY V 371 44.53 57.90 11.62
CA GLY V 371 45.46 58.99 11.72
C GLY V 371 44.90 60.30 11.20
N ALA V 372 45.78 61.28 11.10
CA ALA V 372 45.45 62.60 10.58
C ALA V 372 46.69 63.16 9.91
N VAL V 373 46.66 64.46 9.60
CA VAL V 373 47.77 65.13 8.94
C VAL V 373 48.04 66.44 9.65
N HIS V 374 49.31 66.68 10.00
CA HIS V 374 49.75 67.94 10.56
C HIS V 374 50.85 68.62 9.77
N TYR V 375 51.41 67.97 8.75
CA TYR V 375 52.56 68.49 8.04
C TYR V 375 52.55 67.95 6.62
N SER V 376 53.07 68.74 5.68
CA SER V 376 53.08 68.37 4.27
C SER V 376 54.44 68.67 3.65
N VAL V 377 54.77 67.91 2.61
CA VAL V 377 56.06 68.05 1.92
C VAL V 377 55.83 68.02 0.42
N ILE V 378 56.38 69.00 -0.29
CA ILE V 378 56.34 69.07 -1.74
C ILE V 378 57.76 69.32 -2.23
N ASN V 379 58.06 68.89 -3.46
CA ASN V 379 59.44 68.90 -3.96
C ASN V 379 59.69 69.86 -5.10
N TYR V 380 58.80 69.95 -6.10
CA TYR V 380 58.86 70.99 -7.12
C TYR V 380 60.21 70.99 -7.87
N THR V 381 60.45 69.91 -8.61
CA THR V 381 61.67 69.81 -9.40
C THR V 381 61.43 70.40 -10.79
N MET V 382 62.22 71.41 -11.14
CA MET V 382 62.04 72.15 -12.38
C MET V 382 63.12 71.78 -13.39
N THR V 383 62.70 71.47 -14.61
CA THR V 383 63.60 70.97 -15.64
C THR V 383 64.06 72.04 -16.63
N PHE V 384 63.23 73.04 -16.89
CA PHE V 384 63.51 74.03 -17.93
C PHE V 384 63.76 73.38 -19.28
N LYS W 3 31.37 44.38 -90.18
CA LYS W 3 30.61 44.42 -88.94
C LYS W 3 29.52 43.35 -88.96
N LEU W 4 28.45 43.58 -88.21
CA LEU W 4 27.38 42.59 -88.10
C LEU W 4 26.13 43.28 -87.58
N PRO W 5 24.95 42.87 -88.03
CA PRO W 5 23.72 43.50 -87.55
C PRO W 5 23.41 43.13 -86.11
N TYR W 6 22.57 43.95 -85.48
CA TYR W 6 22.16 43.67 -84.10
C TYR W 6 21.21 42.48 -84.00
N SER W 7 20.64 42.05 -85.11
CA SER W 7 19.67 40.95 -85.08
C SER W 7 20.30 39.62 -84.73
N ARG W 8 21.62 39.52 -84.70
CA ARG W 8 22.27 38.25 -84.36
C ARG W 8 21.99 37.83 -82.93
N VAL W 9 21.60 38.75 -82.06
CA VAL W 9 21.31 38.43 -80.67
C VAL W 9 19.89 38.78 -80.26
N THR W 10 19.18 39.59 -81.02
CA THR W 10 17.83 40.00 -80.68
C THR W 10 16.94 39.96 -81.92
N ASN W 11 15.68 40.33 -81.73
CA ASN W 11 14.74 40.45 -82.85
C ASN W 11 13.63 41.39 -82.42
N VAL W 12 13.63 42.60 -82.97
CA VAL W 12 12.65 43.62 -82.64
C VAL W 12 11.87 43.97 -83.89
N THR W 13 10.56 43.80 -83.84
CA THR W 13 9.69 44.13 -84.96
C THR W 13 8.95 45.44 -84.66
N LEU W 14 8.19 45.90 -85.66
CA LEU W 14 7.36 47.09 -85.49
C LEU W 14 6.21 46.97 -86.50
N THR W 15 5.05 46.58 -86.03
CA THR W 15 3.88 46.39 -86.89
C THR W 15 2.76 47.30 -86.42
N ARG W 16 1.65 47.26 -87.16
CA ARG W 16 0.48 48.10 -86.88
C ARG W 16 -0.75 47.20 -86.87
N THR W 17 -1.16 46.76 -85.69
CA THR W 17 -2.35 45.94 -85.53
C THR W 17 -2.95 46.25 -84.16
N ASP W 18 -3.97 45.49 -83.78
CA ASP W 18 -4.64 45.65 -82.49
C ASP W 18 -4.65 44.31 -81.77
N ASN W 19 -3.94 44.24 -80.65
CA ASN W 19 -3.90 43.05 -79.82
C ASN W 19 -4.56 43.34 -78.48
N PHE W 20 -5.22 42.35 -77.94
CA PHE W 20 -6.02 42.47 -76.73
C PHE W 20 -5.57 41.43 -75.72
N PRO W 21 -5.85 41.67 -74.44
CA PRO W 21 -5.34 40.75 -73.40
C PRO W 21 -5.97 39.37 -73.49
N THR W 22 -5.27 38.40 -72.89
CA THR W 22 -5.68 37.01 -72.96
C THR W 22 -7.03 36.78 -72.27
N ARG W 23 -7.09 36.99 -70.95
CA ARG W 23 -8.35 36.97 -70.20
C ARG W 23 -9.09 35.64 -70.39
N ARG W 24 -8.50 34.60 -69.79
CA ARG W 24 -9.14 33.28 -69.79
C ARG W 24 -10.56 33.36 -69.24
N GLY W 25 -11.41 32.45 -69.69
CA GLY W 25 -12.81 32.49 -69.31
C GLY W 25 -13.42 31.14 -69.02
N PHE W 26 -14.75 31.08 -68.98
CA PHE W 26 -15.42 29.82 -68.64
C PHE W 26 -15.59 28.91 -69.86
N GLY W 27 -16.38 29.35 -70.84
CA GLY W 27 -16.75 28.49 -71.94
C GLY W 27 -16.37 29.08 -73.28
N THR W 28 -16.38 28.22 -74.30
CA THR W 28 -16.09 28.60 -75.66
C THR W 28 -17.31 28.34 -76.54
N GLN W 29 -17.53 29.21 -77.51
CA GLN W 29 -18.70 29.14 -78.37
C GLN W 29 -18.41 28.36 -79.65
N LEU W 30 -19.47 27.96 -80.33
CA LEU W 30 -19.39 27.21 -81.57
C LEU W 30 -20.18 27.93 -82.66
N ILE W 31 -19.59 28.03 -83.84
CA ILE W 31 -20.22 28.67 -85.00
C ILE W 31 -20.43 27.58 -86.05
N LEU W 32 -21.66 27.16 -86.24
CA LEU W 32 -21.98 26.08 -87.15
C LEU W 32 -22.77 26.61 -88.34
N THR W 33 -22.37 26.21 -89.54
CA THR W 33 -23.05 26.59 -90.76
C THR W 33 -22.83 25.52 -91.81
N HIS W 34 -23.16 25.84 -93.06
CA HIS W 34 -23.06 24.88 -94.15
C HIS W 34 -21.74 24.95 -94.90
N THR W 35 -21.04 26.08 -94.85
CA THR W 35 -19.82 26.25 -95.63
C THR W 35 -18.70 25.41 -95.05
N ALA W 36 -17.98 24.72 -95.93
CA ALA W 36 -16.86 23.87 -95.55
C ALA W 36 -15.62 24.25 -96.35
N VAL W 37 -14.45 24.07 -95.74
CA VAL W 37 -13.19 24.38 -96.42
C VAL W 37 -12.55 23.16 -97.04
N SER W 38 -12.92 21.95 -96.62
CA SER W 38 -12.49 20.67 -97.17
C SER W 38 -11.01 20.39 -96.98
N GLY W 39 -10.25 21.32 -96.38
CA GLY W 39 -8.84 21.09 -96.11
C GLY W 39 -8.62 20.71 -94.67
N GLN W 40 -9.55 21.13 -93.81
CA GLN W 40 -9.50 20.78 -92.38
C GLN W 40 -10.83 20.32 -91.81
N VAL W 41 -11.96 20.68 -92.43
CA VAL W 41 -13.27 20.48 -91.81
C VAL W 41 -14.13 19.46 -92.54
N ASP W 42 -13.58 18.74 -93.52
CA ASP W 42 -14.41 17.88 -94.36
C ASP W 42 -14.77 16.57 -93.68
N ALA W 43 -15.77 16.60 -92.81
CA ALA W 43 -16.43 15.40 -92.27
C ALA W 43 -15.49 14.50 -91.48
N THR W 44 -14.25 14.91 -91.30
CA THR W 44 -13.32 14.20 -90.44
C THR W 44 -13.02 14.97 -89.17
N LYS W 45 -13.06 16.29 -89.22
CA LYS W 45 -12.93 17.15 -88.04
C LYS W 45 -14.10 18.13 -88.12
N ARG W 46 -15.27 17.69 -87.65
CA ARG W 46 -16.44 18.55 -87.68
C ARG W 46 -16.31 19.75 -86.76
N THR W 47 -15.36 19.73 -85.83
CA THR W 47 -15.06 20.87 -84.97
C THR W 47 -13.57 21.16 -85.05
N LYS W 48 -13.22 22.43 -85.20
CA LYS W 48 -11.83 22.85 -85.31
C LYS W 48 -11.58 24.01 -84.35
N LEU W 49 -10.37 24.06 -83.81
CA LEU W 49 -9.99 25.11 -82.88
C LEU W 49 -9.25 26.22 -83.60
N TYR W 50 -8.97 27.29 -82.86
CA TYR W 50 -8.17 28.41 -83.34
C TYR W 50 -7.46 29.06 -82.17
N ALA W 51 -6.72 30.11 -82.46
CA ALA W 51 -6.03 30.87 -81.42
C ALA W 51 -6.30 32.36 -81.51
N SER W 52 -6.43 32.90 -82.71
CA SER W 52 -6.68 34.32 -82.91
C SER W 52 -7.14 34.52 -84.35
N LEU W 53 -7.48 35.77 -84.69
CA LEU W 53 -7.95 36.07 -86.03
C LEU W 53 -6.87 35.82 -87.06
N ALA W 54 -5.60 35.97 -86.67
CA ALA W 54 -4.50 35.71 -87.60
C ALA W 54 -4.51 34.27 -88.08
N GLU W 55 -4.73 33.32 -87.17
CA GLU W 55 -4.75 31.91 -87.52
C GLU W 55 -5.94 31.52 -88.38
N VAL W 56 -6.94 32.38 -88.51
CA VAL W 56 -8.10 32.09 -89.35
C VAL W 56 -7.64 32.25 -90.80
N GLU W 57 -7.38 31.12 -91.47
CA GLU W 57 -6.94 31.17 -92.85
C GLU W 57 -7.81 30.29 -93.74
N ALA W 58 -8.25 29.14 -93.21
CA ALA W 58 -9.02 28.20 -94.02
C ALA W 58 -10.33 28.82 -94.49
N ASP W 59 -11.10 29.38 -93.58
CA ASP W 59 -12.31 30.09 -93.97
C ASP W 59 -11.94 31.40 -94.66
N TYR W 60 -12.77 31.79 -95.62
CA TYR W 60 -12.47 32.94 -96.44
C TYR W 60 -12.47 34.21 -95.59
N PRO W 61 -11.53 35.13 -95.83
CA PRO W 61 -11.50 36.37 -95.04
C PRO W 61 -12.61 37.35 -95.40
N ALA W 62 -13.58 36.91 -96.20
CA ALA W 62 -14.76 37.72 -96.46
C ALA W 62 -16.04 36.89 -96.52
N ASN W 63 -16.01 35.64 -96.10
CA ASN W 63 -17.24 34.85 -96.07
C ASN W 63 -18.18 35.37 -94.99
N THR W 64 -19.48 35.27 -95.26
CA THR W 64 -20.46 35.91 -94.40
C THR W 64 -20.59 35.18 -93.06
N SER W 65 -20.47 33.85 -93.07
CA SER W 65 -20.71 33.09 -91.85
C SER W 65 -19.56 33.24 -90.86
N VAL W 66 -18.37 32.78 -91.23
CA VAL W 66 -17.30 32.65 -90.26
C VAL W 66 -16.63 33.98 -89.99
N TYR W 67 -16.03 34.59 -91.00
CA TYR W 67 -15.21 35.77 -90.77
C TYR W 67 -16.04 36.96 -90.32
N LYS W 68 -17.20 37.16 -90.94
CA LYS W 68 -18.02 38.32 -90.59
C LYS W 68 -18.65 38.21 -89.21
N ALA W 69 -18.57 37.04 -88.57
CA ALA W 69 -18.95 36.88 -87.17
C ALA W 69 -17.75 36.75 -86.25
N ALA W 70 -16.70 36.04 -86.68
CA ALA W 70 -15.51 35.91 -85.86
C ALA W 70 -14.82 37.24 -85.65
N LEU W 71 -14.93 38.16 -86.63
CA LEU W 71 -14.35 39.48 -86.46
C LEU W 71 -14.99 40.20 -85.28
N SER W 72 -16.32 40.12 -85.16
CA SER W 72 -16.98 40.70 -84.00
C SER W 72 -16.64 39.93 -82.73
N ALA W 73 -16.54 38.60 -82.84
CA ALA W 73 -16.28 37.79 -81.65
C ALA W 73 -14.94 38.15 -81.01
N PHE W 74 -13.90 38.30 -81.83
CA PHE W 74 -12.57 38.62 -81.33
C PHE W 74 -12.35 40.11 -81.10
N SER W 75 -13.42 40.90 -80.99
CA SER W 75 -13.31 42.34 -80.95
C SER W 75 -13.65 42.94 -79.58
N GLN W 76 -13.85 42.10 -78.56
CA GLN W 76 -14.16 42.62 -77.24
C GLN W 76 -12.90 43.22 -76.60
N ASN W 77 -13.12 44.23 -75.74
CA ASN W 77 -12.00 44.95 -75.16
C ASN W 77 -11.05 44.03 -74.39
N PRO W 78 -11.51 43.10 -73.56
CA PRO W 78 -10.71 41.93 -73.28
C PRO W 78 -11.09 40.80 -74.23
N ARG W 79 -10.10 40.09 -74.69
CA ARG W 79 -10.42 39.21 -75.80
C ARG W 79 -10.59 37.78 -75.32
N PRO W 80 -11.55 37.03 -75.86
CA PRO W 80 -11.59 35.59 -75.59
C PRO W 80 -10.49 34.87 -76.33
N ILE W 81 -10.41 33.55 -76.17
CA ILE W 81 -9.41 32.75 -76.87
C ILE W 81 -10.07 31.49 -77.41
N ARG W 82 -9.34 30.81 -78.29
CA ARG W 82 -9.68 29.49 -78.83
C ARG W 82 -11.16 29.40 -79.22
N LEU W 83 -11.50 30.22 -80.21
CA LEU W 83 -12.80 30.09 -80.87
C LEU W 83 -12.90 28.74 -81.57
N LYS W 84 -14.09 28.16 -81.58
CA LYS W 84 -14.34 26.86 -82.20
C LYS W 84 -15.24 27.04 -83.42
N VAL W 85 -14.88 26.36 -84.51
CA VAL W 85 -15.60 26.43 -85.76
C VAL W 85 -16.23 25.06 -86.04
N GLY W 86 -17.51 25.08 -86.45
CA GLY W 86 -18.27 23.87 -86.64
C GLY W 86 -18.43 23.50 -88.11
N TYR W 87 -19.10 22.36 -88.31
CA TYR W 87 -19.33 21.77 -89.63
C TYR W 87 -20.71 21.14 -89.70
N ALA W 88 -21.56 21.36 -88.69
CA ALA W 88 -22.72 20.52 -88.41
C ALA W 88 -23.68 20.42 -89.58
N ALA W 89 -24.34 21.53 -89.92
CA ALA W 89 -25.34 21.49 -90.99
C ALA W 89 -24.70 21.70 -92.35
N THR W 90 -23.66 20.94 -92.64
CA THR W 90 -23.11 20.93 -93.99
C THR W 90 -24.15 20.52 -95.02
N PRO W 91 -24.98 19.50 -94.80
CA PRO W 91 -26.16 19.34 -95.66
C PRO W 91 -27.06 20.56 -95.52
N THR W 92 -27.67 20.96 -96.64
CA THR W 92 -28.51 22.15 -96.67
C THR W 92 -29.82 21.81 -95.95
N GLY W 93 -29.73 21.71 -94.63
CA GLY W 93 -30.88 21.44 -93.80
C GLY W 93 -31.37 20.01 -93.91
N GLY W 94 -31.69 19.58 -95.11
CA GLY W 94 -32.10 18.21 -95.35
C GLY W 94 -32.49 18.01 -96.80
N ASP W 95 -32.75 16.75 -97.13
CA ASP W 95 -33.30 16.44 -98.44
C ASP W 95 -34.68 17.07 -98.61
N ASP W 96 -35.51 16.99 -97.57
CA ASP W 96 -36.77 17.72 -97.49
C ASP W 96 -36.65 18.70 -96.32
N ALA W 97 -36.47 19.98 -96.64
CA ALA W 97 -36.26 20.99 -95.61
C ALA W 97 -37.47 21.15 -94.70
N ALA W 98 -38.66 20.72 -95.14
CA ALA W 98 -39.84 20.83 -94.30
C ALA W 98 -39.71 20.04 -93.02
N LYS W 99 -38.93 18.97 -93.04
CA LYS W 99 -38.69 18.14 -91.87
C LYS W 99 -37.29 18.39 -91.32
N LYS W 100 -37.22 18.61 -90.01
CA LYS W 100 -35.98 18.88 -89.31
C LYS W 100 -35.23 17.63 -88.90
N ALA W 101 -35.78 16.44 -89.24
CA ALA W 101 -35.17 15.19 -88.80
C ALA W 101 -33.73 15.06 -89.26
N ASP W 102 -33.38 15.62 -90.42
CA ASP W 102 -31.98 15.62 -90.82
C ASP W 102 -31.13 16.53 -89.96
N PHE W 103 -31.69 17.65 -89.51
CA PHE W 103 -30.89 18.61 -88.74
C PHE W 103 -30.52 18.04 -87.37
N ILE W 104 -31.48 17.38 -86.70
CA ILE W 104 -31.19 16.79 -85.40
C ILE W 104 -30.12 15.71 -85.54
N THR W 105 -30.21 14.90 -86.59
CA THR W 105 -29.18 13.89 -86.83
C THR W 105 -27.84 14.52 -87.14
N SER W 106 -27.84 15.64 -87.87
CA SER W 106 -26.59 16.35 -88.11
C SER W 106 -25.96 16.81 -86.81
N LEU W 107 -26.77 17.36 -85.91
CA LEU W 107 -26.26 17.77 -84.60
C LEU W 107 -25.73 16.59 -83.82
N GLY W 108 -26.45 15.46 -83.85
CA GLY W 108 -26.03 14.29 -83.08
C GLY W 108 -24.70 13.72 -83.51
N ALA W 109 -24.23 14.06 -84.70
CA ALA W 109 -22.97 13.55 -85.21
C ALA W 109 -21.80 14.49 -84.99
N ILE W 110 -22.03 15.64 -84.36
CA ILE W 110 -20.94 16.59 -84.10
C ILE W 110 -20.46 16.54 -82.65
N LEU W 111 -21.29 16.09 -81.72
CA LEU W 111 -20.82 15.93 -80.35
C LEU W 111 -19.72 14.89 -80.26
N ASN W 112 -19.89 13.78 -80.96
CA ASN W 112 -18.99 12.64 -80.77
C ASN W 112 -17.55 12.98 -81.11
N TYR W 113 -17.33 13.86 -82.09
CA TYR W 113 -15.98 14.28 -82.38
C TYR W 113 -15.36 15.05 -81.23
N ASP W 114 -16.14 15.93 -80.60
CA ASP W 114 -15.61 16.77 -79.54
C ASP W 114 -16.77 17.41 -78.79
N GLN W 115 -16.73 17.34 -77.46
CA GLN W 115 -17.67 18.03 -76.59
C GLN W 115 -16.84 18.94 -75.68
N ALA W 116 -16.55 20.13 -76.17
CA ALA W 116 -15.86 21.14 -75.37
C ALA W 116 -16.51 22.51 -75.43
N PHE W 117 -17.31 22.80 -76.44
CA PHE W 117 -17.98 24.08 -76.55
C PHE W 117 -19.14 24.16 -75.59
N TYR W 118 -19.52 25.39 -75.23
CA TYR W 118 -20.65 25.65 -74.36
C TYR W 118 -21.74 26.49 -75.00
N GLN W 119 -21.40 27.29 -76.01
CA GLN W 119 -22.33 28.22 -76.62
C GLN W 119 -22.44 27.94 -78.11
N ILE W 120 -23.65 28.04 -78.62
CA ILE W 120 -23.96 27.76 -80.02
C ILE W 120 -24.50 29.03 -80.66
N THR W 121 -23.83 29.48 -81.72
CA THR W 121 -24.22 30.68 -82.46
C THR W 121 -24.19 30.35 -83.95
N LEU W 122 -25.36 30.38 -84.59
CA LEU W 122 -25.48 30.18 -86.02
C LEU W 122 -25.82 31.51 -86.68
N ASP W 123 -25.17 31.79 -87.81
CA ASP W 123 -25.24 33.13 -88.38
C ASP W 123 -25.01 33.09 -89.88
N ALA W 124 -25.48 34.14 -90.55
CA ALA W 124 -25.36 34.36 -91.99
C ALA W 124 -26.16 33.34 -92.77
N ALA W 125 -26.77 32.40 -92.06
CA ALA W 125 -27.62 31.38 -92.65
C ALA W 125 -28.45 30.80 -91.52
N LEU W 126 -29.38 29.91 -91.88
CA LEU W 126 -30.27 29.29 -90.92
C LEU W 126 -31.11 30.31 -90.15
N ARG W 127 -31.28 31.50 -90.72
CA ARG W 127 -32.03 32.57 -90.05
C ARG W 127 -33.52 32.31 -90.20
N ASP W 128 -34.19 32.05 -89.07
CA ASP W 128 -35.64 31.86 -89.01
C ASP W 128 -36.10 30.72 -89.93
N GLN W 129 -35.19 29.80 -90.25
CA GLN W 129 -35.58 28.66 -91.05
C GLN W 129 -36.45 27.70 -90.23
N PRO W 130 -37.44 27.08 -90.85
CA PRO W 130 -38.36 26.22 -90.08
C PRO W 130 -37.67 25.05 -89.40
N TYR W 131 -36.62 24.49 -89.99
CA TYR W 131 -35.94 23.37 -89.37
C TYR W 131 -35.14 23.78 -88.14
N LEU W 132 -34.78 25.06 -88.03
CA LEU W 132 -33.99 25.54 -86.92
C LEU W 132 -34.65 25.26 -85.57
N ASP W 133 -35.98 25.14 -85.56
CA ASP W 133 -36.69 24.83 -84.32
C ASP W 133 -36.18 23.56 -83.68
N GLY W 134 -35.67 22.61 -84.48
CA GLY W 134 -35.12 21.40 -83.90
C GLY W 134 -34.01 21.69 -82.92
N LEU W 135 -33.19 22.70 -83.19
CA LEU W 135 -32.14 23.08 -82.26
C LEU W 135 -32.73 23.44 -80.90
N VAL W 136 -33.84 24.19 -80.90
CA VAL W 136 -34.49 24.52 -79.63
C VAL W 136 -34.92 23.25 -78.91
N GLU W 137 -35.36 22.26 -79.65
CA GLU W 137 -35.70 20.98 -79.03
C GLU W 137 -34.46 20.25 -78.55
N TRP W 138 -33.32 20.45 -79.23
CA TRP W 138 -32.14 19.66 -78.93
C TRP W 138 -31.29 20.28 -77.81
N VAL W 139 -31.27 21.61 -77.70
CA VAL W 139 -30.44 22.25 -76.69
C VAL W 139 -31.01 22.03 -75.29
N GLU W 140 -32.30 21.72 -75.16
CA GLU W 140 -32.81 21.29 -73.88
C GLU W 140 -32.41 19.85 -73.63
N ALA W 141 -32.48 19.44 -72.36
CA ALA W 141 -31.92 18.17 -71.91
C ALA W 141 -30.45 18.06 -72.32
N GLN W 142 -29.73 19.15 -72.17
CA GLN W 142 -28.35 19.28 -72.58
C GLN W 142 -27.69 20.39 -71.79
N PRO W 143 -26.45 20.24 -71.35
CA PRO W 143 -25.79 21.29 -70.55
C PRO W 143 -25.06 22.32 -71.41
N LYS W 144 -25.80 23.01 -72.27
CA LYS W 144 -25.22 24.02 -73.15
C LYS W 144 -26.21 25.16 -73.32
N ILE W 145 -25.77 26.20 -74.02
CA ILE W 145 -26.61 27.36 -74.32
C ILE W 145 -26.50 27.65 -75.81
N ALA W 146 -27.63 27.76 -76.49
CA ALA W 146 -27.68 28.06 -77.92
C ALA W 146 -28.54 29.28 -78.12
N MET W 147 -28.06 30.23 -78.92
CA MET W 147 -28.81 31.46 -79.15
C MET W 147 -28.82 31.83 -80.62
N ILE W 148 -29.91 32.46 -81.04
CA ILE W 148 -30.20 32.72 -82.45
C ILE W 148 -30.47 34.20 -82.62
N ASP W 149 -29.69 34.85 -83.49
CA ASP W 149 -29.87 36.27 -83.77
C ASP W 149 -30.63 36.43 -85.08
N SER W 150 -31.95 36.49 -84.99
CA SER W 150 -32.75 36.78 -86.16
C SER W 150 -32.44 38.19 -86.67
N ASN W 151 -32.55 38.36 -87.98
CA ASN W 151 -32.20 39.62 -88.62
C ASN W 151 -33.40 40.52 -88.86
N ALA W 152 -34.59 39.96 -89.03
CA ALA W 152 -35.81 40.74 -89.23
C ALA W 152 -37.01 39.83 -89.14
N ALA W 153 -38.08 40.31 -88.51
CA ALA W 153 -39.30 39.54 -88.35
C ALA W 153 -40.39 40.45 -87.82
N GLY W 154 -41.58 39.89 -87.61
CA GLY W 154 -42.69 40.65 -87.10
C GLY W 154 -42.72 40.72 -85.59
N HIS W 155 -41.55 40.86 -84.97
CA HIS W 155 -41.51 41.06 -83.52
C HIS W 155 -42.16 42.38 -83.11
N GLU W 156 -42.17 43.36 -84.01
CA GLU W 156 -42.71 44.67 -83.69
C GLU W 156 -44.21 44.62 -83.40
N ASP W 157 -44.90 43.60 -83.90
CA ASP W 157 -46.30 43.41 -83.58
C ASP W 157 -46.41 42.40 -82.46
N PRO W 158 -46.83 42.79 -81.26
CA PRO W 158 -46.95 41.83 -80.15
C PRO W 158 -48.14 40.89 -80.27
N ALA W 159 -48.81 40.85 -81.42
CA ALA W 159 -50.00 40.03 -81.60
C ALA W 159 -49.76 38.78 -82.44
N ASN W 160 -48.72 38.74 -83.27
CA ASN W 160 -48.50 37.60 -84.12
C ASN W 160 -48.00 36.40 -83.30
N THR W 161 -47.97 35.24 -83.95
CA THR W 161 -47.50 34.02 -83.33
C THR W 161 -46.55 33.20 -84.19
N THR W 162 -46.45 33.50 -85.49
CA THR W 162 -45.61 32.73 -86.39
C THR W 162 -44.11 32.96 -86.17
N VAL W 163 -43.74 33.93 -85.35
CA VAL W 163 -42.34 34.29 -85.19
C VAL W 163 -41.66 33.34 -84.20
N ILE W 164 -40.33 33.34 -84.21
CA ILE W 164 -39.57 32.45 -83.35
C ILE W 164 -39.92 32.67 -81.89
N ALA W 165 -39.70 33.88 -81.39
CA ALA W 165 -39.93 34.18 -79.99
C ALA W 165 -41.41 34.23 -79.63
N ALA W 166 -42.30 34.19 -80.62
CA ALA W 166 -43.73 34.19 -80.34
C ALA W 166 -44.26 32.77 -80.14
N ARG W 167 -43.91 31.85 -81.03
CA ARG W 167 -44.36 30.47 -80.87
C ARG W 167 -43.73 29.83 -79.62
N HIS W 168 -42.45 30.12 -79.38
CA HIS W 168 -41.78 29.72 -78.15
C HIS W 168 -41.56 30.96 -77.31
N LYS W 169 -42.32 31.08 -76.23
CA LYS W 169 -42.30 32.29 -75.41
C LYS W 169 -42.60 31.87 -73.98
N GLY W 170 -41.55 31.83 -73.15
CA GLY W 170 -41.69 31.41 -71.78
C GLY W 170 -41.70 29.91 -71.58
N THR W 171 -41.61 29.13 -72.65
CA THR W 171 -41.59 27.67 -72.54
C THR W 171 -40.19 27.09 -72.57
N VAL W 172 -39.23 27.81 -73.14
CA VAL W 172 -37.85 27.33 -73.29
C VAL W 172 -36.98 28.15 -72.34
N GLU W 173 -36.06 27.46 -71.65
CA GLU W 173 -35.28 28.07 -70.59
C GLU W 173 -33.78 28.11 -70.91
N ARG W 174 -33.39 27.81 -72.14
CA ARG W 174 -31.96 27.74 -72.43
C ARG W 174 -31.61 28.34 -73.78
N THR W 175 -32.37 29.33 -74.24
CA THR W 175 -32.06 29.99 -75.49
C THR W 175 -32.58 31.42 -75.45
N ALA W 176 -31.96 32.28 -76.25
CA ALA W 176 -32.38 33.67 -76.35
C ALA W 176 -32.14 34.18 -77.75
N VAL W 177 -32.88 35.22 -78.12
CA VAL W 177 -32.89 35.74 -79.49
C VAL W 177 -32.32 37.15 -79.48
N PHE W 178 -31.18 37.33 -80.13
CA PHE W 178 -30.53 38.64 -80.22
C PHE W 178 -30.97 39.35 -81.51
N TYR W 179 -32.22 39.79 -81.49
CA TYR W 179 -32.80 40.45 -82.65
C TYR W 179 -32.11 41.78 -82.94
N HIS W 180 -31.90 42.06 -84.21
CA HIS W 180 -31.42 43.36 -84.67
C HIS W 180 -31.95 43.58 -86.08
N THR W 181 -31.36 44.53 -86.80
CA THR W 181 -31.56 44.66 -88.23
C THR W 181 -30.48 43.88 -88.96
N ASP W 182 -30.47 43.98 -90.29
CA ASP W 182 -29.62 43.13 -91.10
C ASP W 182 -28.16 43.57 -91.04
N SER W 183 -27.28 42.63 -91.40
CA SER W 183 -25.85 42.82 -91.61
C SER W 183 -25.06 43.01 -90.32
N THR W 184 -25.67 42.74 -89.16
CA THR W 184 -24.98 42.86 -87.87
C THR W 184 -24.91 41.50 -87.22
N GLU W 185 -23.69 40.97 -87.08
CA GLU W 185 -23.46 39.71 -86.38
C GLU W 185 -23.29 40.04 -84.90
N TYR W 186 -24.30 39.69 -84.11
CA TYR W 186 -24.47 40.24 -82.77
C TYR W 186 -24.21 39.25 -81.65
N LEU W 187 -24.58 37.98 -81.81
CA LEU W 187 -24.31 36.99 -80.77
C LEU W 187 -22.83 36.96 -80.40
N ALA W 188 -21.97 36.98 -81.42
CA ALA W 188 -20.54 36.94 -81.17
C ALA W 188 -20.08 38.15 -80.37
N ALA W 189 -20.78 39.29 -80.50
CA ALA W 189 -20.33 40.51 -79.86
C ALA W 189 -20.35 40.38 -78.33
N SER W 190 -21.39 39.77 -77.78
CA SER W 190 -21.51 39.63 -76.34
C SER W 190 -21.29 38.21 -75.86
N MET W 191 -21.97 37.24 -76.45
CA MET W 191 -21.78 35.84 -76.06
C MET W 191 -20.36 35.41 -76.35
N ALA W 192 -19.72 34.79 -75.36
CA ALA W 192 -18.38 34.23 -75.48
C ALA W 192 -17.33 35.29 -75.76
N ALA W 193 -17.76 36.54 -75.89
CA ALA W 193 -16.84 37.67 -75.90
C ALA W 193 -16.86 38.42 -74.59
N TYR W 194 -18.05 38.60 -74.02
CA TYR W 194 -18.19 39.03 -72.65
C TYR W 194 -18.67 37.92 -71.73
N MET W 195 -19.50 37.01 -72.23
CA MET W 195 -19.94 35.88 -71.42
C MET W 195 -18.76 35.01 -71.02
N SER W 196 -17.88 34.70 -71.97
CA SER W 196 -16.76 33.83 -71.67
C SER W 196 -15.78 34.48 -70.69
N THR W 197 -15.37 35.71 -70.97
CA THR W 197 -14.26 36.30 -70.23
C THR W 197 -14.70 36.79 -68.85
N ARG W 198 -15.30 35.91 -68.06
CA ARG W 198 -15.63 36.19 -66.67
C ARG W 198 -15.11 35.03 -65.84
N VAL W 199 -14.44 35.35 -64.74
CA VAL W 199 -13.87 34.35 -63.84
C VAL W 199 -14.67 34.35 -62.54
N PHE W 200 -15.38 33.26 -62.28
CA PHE W 200 -16.30 33.19 -61.16
C PHE W 200 -15.63 32.82 -59.84
N ASP W 201 -14.37 32.40 -59.86
CA ASP W 201 -13.69 32.01 -58.64
C ASP W 201 -13.20 33.20 -57.83
N ASP W 202 -13.21 34.40 -58.39
CA ASP W 202 -12.78 35.59 -57.68
C ASP W 202 -13.93 36.19 -56.89
N ALA W 203 -13.58 37.04 -55.93
CA ALA W 203 -14.58 37.71 -55.12
C ALA W 203 -15.35 38.73 -55.96
N ASN W 204 -16.65 38.83 -55.70
CA ASN W 204 -17.54 39.84 -56.27
C ASN W 204 -17.59 39.80 -57.79
N SER W 205 -17.13 38.71 -58.41
CA SER W 205 -17.16 38.60 -59.87
C SER W 205 -18.40 37.88 -60.36
N ALA W 206 -19.57 38.34 -59.94
CA ALA W 206 -20.84 37.76 -60.36
C ALA W 206 -21.57 38.81 -61.20
N TYR W 207 -21.64 38.59 -62.50
CA TYR W 207 -22.25 39.56 -63.41
C TYR W 207 -23.72 39.23 -63.62
N THR W 208 -24.46 39.27 -62.51
CA THR W 208 -25.85 38.81 -62.51
C THR W 208 -26.70 39.51 -63.57
N LEU W 209 -26.43 40.79 -63.84
CA LEU W 209 -27.27 41.52 -64.78
C LEU W 209 -27.07 41.06 -66.22
N LYS W 210 -25.87 41.25 -66.77
CA LYS W 210 -25.66 41.24 -68.21
C LYS W 210 -26.61 42.22 -68.92
N PHE W 211 -27.19 43.13 -68.15
CA PHE W 211 -28.28 44.00 -68.59
C PHE W 211 -27.80 45.38 -69.02
N LYS W 212 -26.60 45.78 -68.61
CA LYS W 212 -26.03 47.07 -68.99
C LYS W 212 -24.60 46.80 -69.44
N LYS W 213 -24.44 46.47 -70.72
CA LYS W 213 -23.12 46.10 -71.24
C LYS W 213 -22.99 46.57 -72.68
N ALA W 214 -21.79 47.01 -73.04
CA ALA W 214 -21.47 47.52 -74.36
C ALA W 214 -20.84 46.43 -75.21
N PRO W 215 -21.13 46.40 -76.50
CA PRO W 215 -20.53 45.43 -77.39
C PRO W 215 -19.17 45.92 -77.87
N GLY W 216 -18.56 45.15 -78.76
CA GLY W 216 -17.30 45.58 -79.32
C GLY W 216 -17.48 46.75 -80.26
N VAL W 217 -18.05 46.51 -81.44
CA VAL W 217 -18.30 47.55 -82.43
C VAL W 217 -19.62 47.22 -83.11
N ARG W 218 -20.65 48.01 -82.85
CA ARG W 218 -21.93 47.88 -83.53
C ARG W 218 -22.79 49.07 -83.20
N ALA W 219 -23.84 49.27 -84.00
CA ALA W 219 -24.69 50.45 -83.91
C ALA W 219 -26.04 50.11 -83.31
N ILE W 220 -26.83 51.15 -83.09
CA ILE W 220 -28.11 51.06 -82.38
C ILE W 220 -29.26 50.82 -83.34
N ASP W 221 -30.40 50.39 -82.82
CA ASP W 221 -31.65 50.38 -83.54
C ASP W 221 -32.48 51.60 -83.13
N LYS W 222 -33.73 51.65 -83.58
CA LYS W 222 -34.58 52.83 -83.37
C LYS W 222 -35.96 52.42 -82.89
N GLY W 223 -36.62 53.34 -82.20
CA GLY W 223 -37.97 53.12 -81.69
C GLY W 223 -38.04 53.41 -80.20
N SER W 224 -39.21 53.83 -79.75
CA SER W 224 -39.43 54.16 -78.34
C SER W 224 -40.49 53.28 -77.69
N ALA W 225 -41.68 53.19 -78.26
CA ALA W 225 -42.72 52.29 -77.79
C ALA W 225 -42.71 50.96 -78.55
N VAL W 226 -41.80 50.80 -79.50
CA VAL W 226 -41.63 49.52 -80.18
C VAL W 226 -40.59 48.64 -79.50
N VAL W 227 -39.89 49.17 -78.49
CA VAL W 227 -38.92 48.40 -77.73
C VAL W 227 -39.65 47.76 -76.56
N THR W 228 -40.98 47.83 -76.58
CA THR W 228 -41.80 47.08 -75.65
C THR W 228 -42.34 45.80 -76.27
N ALA W 229 -42.75 45.83 -77.55
CA ALA W 229 -43.11 44.60 -78.23
C ALA W 229 -41.92 43.65 -78.27
N ILE W 230 -40.78 44.12 -78.74
CA ILE W 230 -39.54 43.41 -78.50
C ILE W 230 -39.14 43.62 -77.05
N THR W 231 -38.40 42.66 -76.50
CA THR W 231 -37.93 42.64 -75.11
C THR W 231 -39.06 42.53 -74.10
N GLY W 232 -40.32 42.55 -74.52
CA GLY W 232 -41.47 42.29 -73.68
C GLY W 232 -41.43 42.92 -72.30
N PHE W 233 -40.94 44.14 -72.21
CA PHE W 233 -40.68 44.79 -70.92
C PHE W 233 -41.74 45.86 -70.66
N VAL W 234 -42.45 45.73 -69.53
CA VAL W 234 -43.34 46.79 -69.08
C VAL W 234 -42.51 47.99 -68.65
N GLU W 235 -43.08 49.18 -68.81
CA GLU W 235 -42.35 50.41 -68.50
C GLU W 235 -41.94 50.46 -67.04
N GLN W 236 -42.90 50.26 -66.12
CA GLN W 236 -42.63 50.42 -64.69
C GLN W 236 -42.87 49.16 -63.89
N THR W 237 -44.05 48.53 -64.04
CA THR W 237 -44.47 47.48 -63.12
C THR W 237 -43.51 46.29 -63.13
N GLY W 238 -43.08 45.86 -64.31
CA GLY W 238 -42.18 44.74 -64.39
C GLY W 238 -41.90 44.30 -65.80
N GLN W 239 -41.96 42.99 -66.04
CA GLN W 239 -41.80 42.44 -67.39
C GLN W 239 -42.93 41.47 -67.63
N SER W 240 -43.81 41.79 -68.58
CA SER W 240 -44.95 40.97 -68.90
C SER W 240 -44.64 40.10 -70.10
N GLU W 241 -44.88 38.79 -69.95
CA GLU W 241 -44.62 37.83 -71.00
C GLU W 241 -45.68 37.90 -72.11
N SER W 242 -46.89 38.34 -71.77
CA SER W 242 -47.97 38.38 -72.76
C SER W 242 -47.82 39.55 -73.73
N ALA W 243 -47.32 40.69 -73.24
CA ALA W 243 -47.31 41.92 -74.02
C ALA W 243 -46.02 42.14 -74.80
N GLY W 244 -45.35 41.06 -75.19
CA GLY W 244 -44.16 41.21 -76.01
C GLY W 244 -43.38 39.92 -76.11
N HIS W 245 -42.40 39.95 -76.99
CA HIS W 245 -41.47 38.84 -77.17
C HIS W 245 -40.17 39.17 -76.44
N CYS W 246 -39.67 38.20 -75.68
CA CYS W 246 -38.50 38.42 -74.84
C CYS W 246 -37.24 38.26 -75.68
N ALA W 247 -36.57 39.36 -75.99
CA ALA W 247 -35.37 39.33 -76.80
C ALA W 247 -34.47 40.50 -76.38
N ASN W 248 -33.47 40.79 -77.21
CA ASN W 248 -32.49 41.82 -76.92
C ASN W 248 -32.21 42.63 -78.18
N THR W 249 -31.90 43.91 -78.01
CA THR W 249 -31.77 44.79 -79.16
C THR W 249 -30.58 45.75 -79.14
N LEU W 250 -29.92 45.97 -78.01
CA LEU W 250 -28.81 46.91 -77.90
C LEU W 250 -29.25 48.33 -78.27
N ILE W 251 -30.09 48.89 -77.41
CA ILE W 251 -30.58 50.26 -77.56
C ILE W 251 -29.57 51.24 -77.00
N ASP W 252 -29.80 52.53 -77.23
CA ASP W 252 -29.02 53.60 -76.62
C ASP W 252 -29.96 54.63 -76.01
N ILE W 253 -29.50 55.29 -74.96
CA ILE W 253 -30.33 56.25 -74.24
C ILE W 253 -29.65 57.61 -74.24
N GLY W 254 -28.39 57.65 -73.85
CA GLY W 254 -27.57 58.81 -74.13
C GLY W 254 -26.92 58.62 -75.48
N ASP W 255 -25.66 59.01 -75.61
CA ASP W 255 -24.88 58.56 -76.75
C ASP W 255 -24.39 57.14 -76.47
N GLN W 256 -24.61 56.68 -75.23
CA GLN W 256 -24.14 55.39 -74.74
C GLN W 256 -25.06 54.30 -75.26
N GLU W 257 -24.53 53.44 -76.12
CA GLU W 257 -25.25 52.27 -76.61
C GLU W 257 -24.86 51.05 -75.81
N PHE W 258 -25.86 50.29 -75.37
CA PHE W 258 -25.62 49.17 -74.48
C PHE W 258 -26.71 48.13 -74.68
N LEU W 259 -26.41 46.90 -74.26
CA LEU W 259 -27.39 45.81 -74.32
C LEU W 259 -28.53 46.09 -73.35
N VAL W 260 -29.71 45.56 -73.69
CA VAL W 260 -30.91 45.81 -72.90
C VAL W 260 -31.65 44.50 -72.66
N GLU W 261 -32.50 44.52 -71.64
CA GLU W 261 -33.34 43.43 -71.17
C GLU W 261 -32.54 42.29 -70.54
N GLY W 262 -31.22 42.35 -70.56
CA GLY W 262 -30.41 41.40 -69.81
C GLY W 262 -30.38 39.99 -70.35
N SER W 263 -30.69 39.79 -71.63
CA SER W 263 -30.65 38.47 -72.26
C SER W 263 -31.53 37.47 -71.52
N THR W 264 -32.83 37.77 -71.51
CA THR W 264 -33.76 36.83 -70.92
C THR W 264 -34.04 35.68 -71.89
N LEU W 265 -34.62 34.62 -71.35
CA LEU W 265 -35.02 33.44 -72.10
C LEU W 265 -36.50 33.13 -71.94
N THR W 266 -37.07 33.47 -70.80
CA THR W 266 -38.49 33.35 -70.51
C THR W 266 -38.87 34.64 -69.81
N GLN W 267 -40.02 34.65 -69.13
CA GLN W 267 -40.52 35.87 -68.51
C GLN W 267 -39.45 36.55 -67.66
N ASN W 268 -38.94 35.84 -66.64
CA ASN W 268 -37.94 36.42 -65.74
C ASN W 268 -36.84 35.42 -65.45
N VAL W 269 -36.28 34.81 -66.49
CA VAL W 269 -35.14 33.91 -66.37
C VAL W 269 -33.99 34.56 -67.12
N PHE W 270 -33.05 35.13 -66.38
CA PHE W 270 -31.95 35.88 -67.00
C PHE W 270 -30.78 34.96 -67.32
N LEU W 271 -29.93 35.42 -68.24
CA LEU W 271 -28.87 34.57 -68.77
C LEU W 271 -27.83 34.23 -67.72
N ASP W 272 -27.48 35.20 -66.87
CA ASP W 272 -26.43 34.96 -65.89
C ASP W 272 -26.81 33.89 -64.88
N GLU W 273 -28.09 33.82 -64.51
CA GLU W 273 -28.53 32.76 -63.62
C GLU W 273 -28.29 31.38 -64.21
N ILE W 274 -28.42 31.24 -65.53
CA ILE W 274 -28.07 29.98 -66.18
C ILE W 274 -26.56 29.78 -66.20
N HIS W 275 -25.81 30.83 -66.52
CA HIS W 275 -24.37 30.70 -66.65
C HIS W 275 -23.72 30.28 -65.33
N ALA W 276 -24.16 30.89 -64.22
CA ALA W 276 -23.55 30.58 -62.93
C ALA W 276 -23.83 29.16 -62.50
N THR W 277 -25.06 28.68 -62.69
CA THR W 277 -25.37 27.30 -62.32
C THR W 277 -24.61 26.32 -63.20
N ASP W 278 -24.47 26.63 -64.49
CA ASP W 278 -23.69 25.76 -65.36
C ASP W 278 -22.24 25.72 -64.90
N TRP W 279 -21.69 26.85 -64.47
CA TRP W 279 -20.34 26.87 -63.95
C TRP W 279 -20.22 26.01 -62.69
N ILE W 280 -21.20 26.10 -61.80
CA ILE W 280 -21.17 25.29 -60.58
C ILE W 280 -21.17 23.81 -60.93
N ILE W 281 -22.04 23.42 -61.85
CA ILE W 281 -22.12 22.01 -62.24
C ILE W 281 -20.81 21.55 -62.86
N ALA W 282 -20.30 22.30 -63.84
CA ALA W 282 -19.09 21.91 -64.53
C ALA W 282 -17.86 21.98 -63.64
N ARG W 283 -17.93 22.68 -62.52
CA ARG W 283 -16.84 22.67 -61.56
C ARG W 283 -16.92 21.46 -60.64
N THR W 284 -18.12 21.13 -60.15
CA THR W 284 -18.27 19.97 -59.29
C THR W 284 -17.91 18.69 -60.05
N GLU W 285 -18.27 18.61 -61.33
CA GLU W 285 -17.92 17.41 -62.09
C GLU W 285 -16.41 17.25 -62.18
N GLU W 286 -15.69 18.34 -62.47
CA GLU W 286 -14.24 18.26 -62.59
C GLU W 286 -13.61 17.89 -61.25
N GLU W 287 -14.10 18.47 -60.16
CA GLU W 287 -13.53 18.15 -58.86
C GLU W 287 -13.82 16.72 -58.45
N MET W 288 -15.00 16.19 -58.77
CA MET W 288 -15.28 14.79 -58.51
C MET W 288 -14.37 13.90 -59.33
N LEU W 289 -14.11 14.26 -60.58
CA LEU W 289 -13.21 13.47 -61.40
C LEU W 289 -11.81 13.48 -60.82
N SER W 290 -11.35 14.62 -60.33
CA SER W 290 -10.03 14.74 -59.73
C SER W 290 -9.94 14.10 -58.36
N LEU W 291 -10.96 13.38 -57.93
CA LEU W 291 -10.96 12.72 -56.63
C LEU W 291 -10.85 11.22 -56.70
N PHE W 292 -11.41 10.59 -57.74
CA PHE W 292 -11.16 9.18 -57.95
C PHE W 292 -9.77 8.90 -58.48
N LEU W 293 -9.14 9.91 -59.10
CA LEU W 293 -7.84 9.73 -59.72
C LEU W 293 -6.70 9.95 -58.75
N ASN W 294 -6.90 10.73 -57.69
CA ASN W 294 -5.85 10.94 -56.70
C ASN W 294 -5.82 9.81 -55.69
N ASN W 295 -6.88 9.67 -54.89
CA ASN W 295 -6.97 8.52 -54.00
C ASN W 295 -7.12 7.26 -54.82
N ASP W 296 -6.68 6.14 -54.26
CA ASP W 296 -6.90 4.88 -54.94
C ASP W 296 -8.38 4.57 -54.95
N ARG W 297 -8.97 4.35 -53.78
CA ARG W 297 -10.34 3.85 -53.68
C ARG W 297 -11.16 4.70 -52.73
N VAL W 298 -12.46 4.77 -52.98
CA VAL W 298 -13.44 5.43 -52.13
C VAL W 298 -14.37 4.34 -51.59
N PRO W 299 -14.29 3.99 -50.31
CA PRO W 299 -15.11 2.88 -49.80
C PRO W 299 -16.58 3.21 -49.83
N PHE W 300 -17.39 2.16 -49.76
CA PHE W 300 -18.85 2.30 -49.86
C PHE W 300 -19.45 2.33 -48.45
N THR W 301 -19.14 3.40 -47.73
CA THR W 301 -19.68 3.63 -46.39
C THR W 301 -19.88 5.11 -46.17
N ASP W 302 -20.35 5.46 -44.97
CA ASP W 302 -20.50 6.87 -44.60
C ASP W 302 -19.17 7.59 -44.67
N GLN W 303 -18.08 6.89 -44.32
CA GLN W 303 -16.75 7.49 -44.41
C GLN W 303 -16.46 7.97 -45.82
N GLY W 304 -16.71 7.13 -46.81
CA GLY W 304 -16.56 7.57 -48.18
C GLY W 304 -17.65 8.50 -48.68
N MET W 305 -18.84 8.42 -48.07
CA MET W 305 -19.94 9.27 -48.50
C MET W 305 -19.68 10.73 -48.17
N GLN W 306 -19.24 11.00 -46.93
CA GLN W 306 -18.86 12.36 -46.59
C GLN W 306 -17.67 12.84 -47.41
N GLN W 307 -16.78 11.92 -47.81
CA GLN W 307 -15.66 12.33 -48.65
C GLN W 307 -16.14 12.85 -49.99
N LEU W 308 -17.16 12.22 -50.58
CA LEU W 308 -17.75 12.76 -51.80
C LEU W 308 -18.53 14.03 -51.54
N ALA W 309 -19.21 14.11 -50.39
CA ALA W 309 -19.92 15.34 -50.03
C ALA W 309 -18.98 16.52 -49.84
N SER W 310 -17.70 16.27 -49.58
CA SER W 310 -16.75 17.35 -49.37
C SER W 310 -16.60 18.26 -50.57
N VAL W 311 -16.91 17.79 -51.78
CA VAL W 311 -16.71 18.60 -52.98
C VAL W 311 -17.79 19.68 -53.10
N PRO W 312 -19.08 19.34 -53.08
CA PRO W 312 -20.08 20.43 -53.12
C PRO W 312 -19.99 21.34 -51.92
N ARG W 313 -19.61 20.83 -50.75
CA ARG W 313 -19.52 21.66 -49.57
C ARG W 313 -18.41 22.69 -49.70
N ALA W 314 -17.48 22.49 -50.62
CA ALA W 314 -16.47 23.49 -50.92
C ALA W 314 -16.84 24.36 -52.11
N ILE W 315 -17.49 23.80 -53.12
CA ILE W 315 -17.90 24.61 -54.27
C ILE W 315 -18.94 25.65 -53.86
N MET W 316 -19.89 25.27 -53.00
CA MET W 316 -20.87 26.24 -52.54
C MET W 316 -20.21 27.35 -51.73
N GLN W 317 -19.23 26.99 -50.90
CA GLN W 317 -18.50 28.00 -50.14
C GLN W 317 -17.75 28.95 -51.05
N LEU W 318 -17.11 28.41 -52.08
CA LEU W 318 -16.39 29.22 -53.06
C LEU W 318 -17.31 30.04 -53.94
N ALA W 319 -18.57 29.64 -54.09
CA ALA W 319 -19.53 30.37 -54.90
C ALA W 319 -20.21 31.50 -54.13
N ALA W 320 -20.54 31.27 -52.85
CA ALA W 320 -21.13 32.34 -52.05
C ALA W 320 -20.21 33.53 -51.93
N ARG W 321 -18.89 33.29 -51.98
CA ARG W 321 -17.94 34.39 -52.00
C ARG W 321 -18.08 35.22 -53.26
N ALA W 322 -18.29 34.56 -54.40
CA ALA W 322 -18.40 35.29 -55.66
C ALA W 322 -19.61 36.21 -55.68
N GLY W 323 -20.74 35.75 -55.14
CA GLY W 323 -21.93 36.58 -55.13
C GLY W 323 -23.10 35.97 -55.86
N ILE W 324 -23.16 34.64 -55.90
CA ILE W 324 -24.23 33.94 -56.60
C ILE W 324 -25.27 33.46 -55.59
N VAL W 325 -24.84 33.24 -54.36
CA VAL W 325 -25.70 32.69 -53.32
C VAL W 325 -26.09 33.80 -52.35
N ALA W 326 -27.31 33.72 -51.83
CA ALA W 326 -27.82 34.74 -50.92
C ALA W 326 -27.07 34.72 -49.59
N LEU W 327 -27.20 35.80 -48.85
CA LEU W 327 -26.41 36.03 -47.63
C LEU W 327 -27.19 35.68 -46.37
N ASP W 328 -27.61 34.42 -46.27
CA ASP W 328 -28.10 33.82 -45.02
C ASP W 328 -29.17 34.68 -44.34
N LEU W 329 -30.05 35.31 -45.10
CA LEU W 329 -31.11 36.13 -44.53
C LEU W 329 -32.39 35.92 -45.32
N ASN W 330 -33.45 35.52 -44.64
CA ASN W 330 -34.74 35.29 -45.31
C ASN W 330 -35.32 36.62 -45.76
N PRO W 331 -35.56 36.82 -47.05
CA PRO W 331 -36.11 38.10 -47.50
C PRO W 331 -37.48 38.42 -46.90
N LEU W 332 -38.30 37.40 -46.63
CA LEU W 332 -39.64 37.65 -46.10
C LEU W 332 -39.57 38.46 -44.81
N THR W 333 -38.68 38.10 -43.91
CA THR W 333 -38.60 38.73 -42.60
C THR W 333 -37.26 39.40 -42.31
N GLY W 334 -36.19 38.98 -42.99
CA GLY W 334 -34.87 39.44 -42.63
C GLY W 334 -34.34 38.67 -41.45
N ALA W 335 -35.01 37.57 -41.11
CA ALA W 335 -34.58 36.74 -40.00
C ALA W 335 -33.53 35.74 -40.47
N TYR W 336 -33.04 34.89 -39.58
CA TYR W 336 -31.99 33.96 -39.96
C TYR W 336 -32.57 32.78 -40.72
N GLU W 337 -31.88 32.38 -41.78
CA GLU W 337 -32.21 31.19 -42.55
C GLU W 337 -31.00 30.79 -43.37
N PRO W 338 -30.55 29.54 -43.30
CA PRO W 338 -29.34 29.14 -44.01
C PRO W 338 -29.48 29.37 -45.51
N ALA W 339 -28.40 29.85 -46.11
CA ALA W 339 -28.41 30.09 -47.56
C ALA W 339 -28.36 28.78 -48.33
N TYR W 340 -27.48 27.87 -47.93
CA TYR W 340 -27.33 26.60 -48.63
C TYR W 340 -27.16 25.48 -47.63
N THR W 341 -27.83 24.36 -47.88
CA THR W 341 -27.72 23.18 -47.05
C THR W 341 -27.42 21.97 -47.93
N ILE W 342 -26.54 21.10 -47.45
CA ILE W 342 -26.17 19.89 -48.15
C ILE W 342 -26.65 18.69 -47.35
N THR W 343 -27.45 17.84 -47.98
CA THR W 343 -27.98 16.64 -47.35
C THR W 343 -27.37 15.42 -48.00
N VAL W 344 -26.92 14.49 -47.17
CA VAL W 344 -26.22 13.28 -47.59
C VAL W 344 -27.04 12.08 -47.14
N PRO W 345 -27.43 11.18 -48.04
CA PRO W 345 -28.16 9.98 -47.62
C PRO W 345 -27.29 9.08 -46.76
N SER W 346 -27.94 8.34 -45.87
CA SER W 346 -27.24 7.39 -45.02
C SER W 346 -27.14 6.04 -45.71
N VAL W 347 -25.91 5.53 -45.86
CA VAL W 347 -25.70 4.25 -46.50
C VAL W 347 -25.89 3.08 -45.54
N PHE W 348 -26.13 3.36 -44.25
CA PHE W 348 -26.17 2.31 -43.24
C PHE W 348 -27.24 1.27 -43.53
N ASP W 349 -28.29 1.64 -44.25
CA ASP W 349 -29.43 0.76 -44.46
C ASP W 349 -29.51 0.17 -45.85
N ILE W 350 -28.69 0.62 -46.80
CA ILE W 350 -28.83 0.20 -48.19
C ILE W 350 -28.42 -1.26 -48.33
N PRO W 351 -29.28 -2.12 -48.86
CA PRO W 351 -28.99 -3.56 -48.89
C PRO W 351 -27.82 -3.88 -49.81
N GLU W 352 -27.30 -5.10 -49.63
CA GLU W 352 -26.18 -5.58 -50.43
C GLU W 352 -26.52 -5.68 -51.90
N SER W 353 -27.80 -5.94 -52.23
CA SER W 353 -28.18 -6.14 -53.61
C SER W 353 -27.90 -4.91 -54.46
N GLN W 354 -28.23 -3.73 -53.93
CA GLN W 354 -27.92 -2.47 -54.60
C GLN W 354 -26.56 -1.92 -54.21
N ARG W 355 -25.88 -2.53 -53.23
CA ARG W 355 -24.52 -2.13 -52.89
C ARG W 355 -23.49 -2.71 -53.86
N LYS W 356 -23.87 -3.72 -54.63
CA LYS W 356 -22.95 -4.36 -55.58
C LYS W 356 -22.87 -3.65 -56.91
N ALA W 357 -23.72 -2.64 -57.14
CA ALA W 357 -23.67 -1.89 -58.38
C ALA W 357 -22.49 -0.93 -58.43
N ARG W 358 -21.92 -0.59 -57.26
CA ARG W 358 -20.85 0.41 -57.15
C ARG W 358 -21.31 1.76 -57.73
N ILE W 359 -22.54 2.14 -57.41
CA ILE W 359 -23.09 3.43 -57.78
C ILE W 359 -23.71 4.05 -56.53
N ALA W 360 -23.19 5.20 -56.12
CA ALA W 360 -23.56 5.77 -54.84
C ALA W 360 -24.95 6.41 -54.90
N PRO W 361 -25.62 6.52 -53.76
CA PRO W 361 -26.88 7.27 -53.72
C PRO W 361 -26.63 8.76 -53.94
N ALA W 362 -27.72 9.51 -53.99
CA ALA W 362 -27.68 10.90 -54.44
C ALA W 362 -27.56 11.88 -53.29
N ILE W 363 -26.69 12.87 -53.46
CA ILE W 363 -26.53 13.97 -52.52
C ILE W 363 -27.39 15.12 -53.00
N GLN W 364 -28.01 15.85 -52.08
CA GLN W 364 -28.89 16.96 -52.44
C GLN W 364 -28.34 18.27 -51.88
N VAL W 365 -28.51 19.35 -52.64
CA VAL W 365 -28.00 20.66 -52.25
C VAL W 365 -29.09 21.70 -52.46
N ARG W 366 -29.17 22.67 -51.56
CA ARG W 366 -30.17 23.74 -51.62
C ARG W 366 -29.48 25.07 -51.84
N PHE W 367 -30.04 25.90 -52.71
CA PHE W 367 -29.49 27.20 -53.04
C PHE W 367 -30.26 28.33 -52.37
N ARG W 368 -29.88 29.55 -52.71
CA ARG W 368 -30.73 30.73 -52.57
C ARG W 368 -30.16 31.76 -53.52
N TYR W 369 -30.85 32.00 -54.63
CA TYR W 369 -30.34 32.90 -55.65
C TYR W 369 -30.17 34.31 -55.10
N ALA W 370 -29.09 34.96 -55.53
CA ALA W 370 -28.79 36.33 -55.12
C ALA W 370 -29.27 37.27 -56.22
N GLY W 371 -30.16 38.18 -55.87
CA GLY W 371 -30.80 39.02 -56.85
C GLY W 371 -29.87 40.09 -57.41
N ALA W 372 -30.46 40.99 -58.17
CA ALA W 372 -29.77 42.11 -58.77
C ALA W 372 -30.75 43.27 -58.88
N VAL W 373 -30.36 44.30 -59.63
CA VAL W 373 -31.19 45.48 -59.82
C VAL W 373 -31.21 45.84 -61.30
N HIS W 374 -32.41 46.05 -61.84
CA HIS W 374 -32.58 46.53 -63.20
C HIS W 374 -33.40 47.80 -63.30
N TYR W 375 -33.96 48.29 -62.20
CA TYR W 375 -34.86 49.43 -62.25
C TYR W 375 -34.83 50.15 -60.91
N SER W 376 -35.03 51.46 -60.93
CA SER W 376 -34.97 52.28 -59.74
C SER W 376 -36.14 53.25 -59.69
N VAL W 377 -36.53 53.63 -58.48
CA VAL W 377 -37.66 54.55 -58.28
C VAL W 377 -37.28 55.59 -57.23
N ILE W 378 -37.49 56.86 -57.55
CA ILE W 378 -37.28 57.98 -56.64
C ILE W 378 -38.53 58.85 -56.67
N ASN W 379 -38.78 59.56 -55.56
CA ASN W 379 -40.05 60.27 -55.41
C ASN W 379 -39.93 61.78 -55.38
N TYR W 380 -38.94 62.35 -54.68
CA TYR W 380 -38.63 63.78 -54.78
C TYR W 380 -39.83 64.66 -54.44
N THR W 381 -40.25 64.60 -53.19
CA THR W 381 -41.36 65.42 -52.72
C THR W 381 -40.84 66.76 -52.22
N MET W 382 -41.31 67.85 -52.82
CA MET W 382 -40.81 69.18 -52.53
C MET W 382 -41.83 69.97 -51.71
N THR W 383 -41.37 70.57 -50.62
CA THR W 383 -42.25 71.25 -49.67
C THR W 383 -42.31 72.75 -49.85
N PHE W 384 -41.23 73.37 -50.33
CA PHE W 384 -41.14 74.83 -50.42
C PHE W 384 -41.40 75.48 -49.06
N LYS X 3 75.62 59.58 -42.76
CA LYS X 3 74.21 59.21 -42.61
C LYS X 3 74.00 57.79 -43.10
N LEU X 4 72.77 57.50 -43.55
CA LEU X 4 72.42 56.15 -43.97
C LEU X 4 71.16 56.21 -44.82
N PRO X 5 71.04 55.37 -45.83
CA PRO X 5 69.84 55.39 -46.67
C PRO X 5 68.63 54.83 -45.94
N TYR X 6 67.45 55.17 -46.44
CA TYR X 6 66.21 54.67 -45.87
C TYR X 6 66.00 53.18 -46.14
N SER X 7 66.72 52.62 -47.09
CA SER X 7 66.52 51.22 -47.47
C SER X 7 66.96 50.25 -46.38
N ARG X 8 67.65 50.72 -45.34
CA ARG X 8 68.07 49.82 -44.27
C ARG X 8 66.91 49.23 -43.51
N VAL X 9 65.73 49.85 -43.56
CA VAL X 9 64.55 49.35 -42.86
C VAL X 9 63.40 49.03 -43.79
N THR X 10 63.41 49.52 -45.03
CA THR X 10 62.32 49.29 -45.97
C THR X 10 62.88 48.97 -47.35
N ASN X 11 61.97 48.76 -48.29
CA ASN X 11 62.36 48.54 -49.69
C ASN X 11 61.16 48.90 -50.55
N VAL X 12 61.25 50.02 -51.25
CA VAL X 12 60.17 50.51 -52.10
C VAL X 12 60.69 50.58 -53.53
N THR X 13 60.03 49.87 -54.44
CA THR X 13 60.38 49.86 -55.84
C THR X 13 59.38 50.72 -56.62
N LEU X 14 59.66 50.87 -57.92
CA LEU X 14 58.75 51.60 -58.81
C LEU X 14 59.01 51.08 -60.22
N THR X 15 58.15 50.19 -60.70
CA THR X 15 58.30 49.58 -62.01
C THR X 15 57.08 49.91 -62.87
N ARG X 16 57.12 49.45 -64.12
CA ARG X 16 56.05 49.70 -65.09
C ARG X 16 55.67 48.36 -65.73
N THR X 17 54.64 47.72 -65.20
CA THR X 17 54.14 46.47 -65.74
C THR X 17 52.65 46.41 -65.48
N ASP X 18 52.04 45.26 -65.79
CA ASP X 18 50.61 45.04 -65.58
C ASP X 18 50.43 43.79 -64.75
N ASN X 19 49.90 43.94 -63.54
CA ASN X 19 49.60 42.84 -62.66
C ASN X 19 48.10 42.75 -62.45
N PHE X 20 47.62 41.52 -62.33
CA PHE X 20 46.20 41.21 -62.26
C PHE X 20 45.91 40.40 -61.01
N PRO X 21 44.68 40.42 -60.52
CA PRO X 21 44.36 39.72 -59.27
C PRO X 21 44.52 38.22 -59.36
N THR X 22 44.68 37.61 -58.19
CA THR X 22 44.94 36.18 -58.10
C THR X 22 43.77 35.36 -58.64
N ARG X 23 42.62 35.43 -57.98
CA ARG X 23 41.37 34.84 -58.46
C ARG X 23 41.53 33.34 -58.72
N ARG X 24 41.65 32.60 -57.61
CA ARG X 24 41.71 31.14 -57.68
C ARG X 24 40.52 30.59 -58.45
N GLY X 25 40.73 29.43 -59.06
CA GLY X 25 39.69 28.85 -59.89
C GLY X 25 39.53 27.36 -59.77
N PHE X 26 38.85 26.73 -60.73
CA PHE X 26 38.61 25.30 -60.64
C PHE X 26 39.77 24.48 -61.21
N GLY X 27 40.02 24.60 -62.50
CA GLY X 27 40.98 23.74 -63.17
C GLY X 27 42.08 24.52 -63.84
N THR X 28 43.15 23.80 -64.19
CA THR X 28 44.28 24.35 -64.90
C THR X 28 44.45 23.67 -66.24
N GLN X 29 44.86 24.42 -67.25
CA GLN X 29 44.97 23.92 -68.60
C GLN X 29 46.38 23.41 -68.90
N LEU X 30 46.50 22.65 -69.97
CA LEU X 30 47.77 22.08 -70.40
C LEU X 30 48.03 22.47 -71.86
N ILE X 31 49.26 22.88 -72.15
CA ILE X 31 49.68 23.27 -73.49
C ILE X 31 50.74 22.28 -73.93
N LEU X 32 50.39 21.38 -74.84
CA LEU X 32 51.28 20.32 -75.28
C LEU X 32 51.68 20.55 -76.73
N THR X 33 52.96 20.42 -77.02
CA THR X 33 53.50 20.57 -78.37
C THR X 33 54.78 19.76 -78.48
N HIS X 34 55.51 19.99 -79.56
CA HIS X 34 56.73 19.23 -79.84
C HIS X 34 57.99 19.91 -79.31
N THR X 35 57.97 21.21 -79.10
CA THR X 35 59.17 21.93 -78.70
C THR X 35 59.54 21.60 -77.26
N ALA X 36 60.81 21.34 -77.02
CA ALA X 36 61.33 21.03 -75.70
C ALA X 36 62.49 21.95 -75.36
N VAL X 37 62.66 22.23 -74.07
CA VAL X 37 63.75 23.09 -73.62
C VAL X 37 64.95 22.29 -73.14
N SER X 38 64.77 21.02 -72.79
CA SER X 38 65.83 20.07 -72.40
C SER X 38 66.50 20.44 -71.08
N GLY X 39 66.14 21.56 -70.46
CA GLY X 39 66.71 21.93 -69.18
C GLY X 39 65.78 21.59 -68.04
N GLN X 40 64.48 21.52 -68.36
CA GLN X 40 63.46 21.14 -67.39
C GLN X 40 62.45 20.12 -67.90
N VAL X 41 62.26 20.00 -69.21
CA VAL X 41 61.15 19.24 -69.77
C VAL X 41 61.60 18.00 -70.53
N ASP X 42 62.88 17.63 -70.47
CA ASP X 42 63.39 16.56 -71.33
C ASP X 42 63.05 15.18 -70.79
N ALA X 43 61.82 14.72 -71.03
CA ALA X 43 61.42 13.34 -70.85
C ALA X 43 61.52 12.86 -69.40
N THR X 44 61.89 13.75 -68.49
CA THR X 44 61.88 13.45 -67.07
C THR X 44 60.77 14.18 -66.34
N LYS X 45 60.41 15.37 -66.81
CA LYS X 45 59.27 16.12 -66.29
C LYS X 45 58.44 16.53 -67.50
N ARG X 46 57.60 15.59 -67.97
CA ARG X 46 56.77 15.89 -69.13
C ARG X 46 55.74 16.97 -68.86
N THR X 47 55.49 17.30 -67.59
CA THR X 47 54.60 18.40 -67.21
C THR X 47 55.34 19.29 -66.23
N LYS X 48 55.26 20.60 -66.46
CA LYS X 48 55.95 21.57 -65.62
C LYS X 48 54.97 22.66 -65.21
N LEU X 49 55.13 23.18 -64.00
CA LEU X 49 54.25 24.23 -63.50
C LEU X 49 54.88 25.60 -63.71
N TYR X 50 54.11 26.64 -63.39
CA TYR X 50 54.59 28.02 -63.43
C TYR X 50 53.82 28.83 -62.40
N ALA X 51 54.11 30.10 -62.33
CA ALA X 51 53.40 31.01 -61.45
C ALA X 51 52.89 32.26 -62.16
N SER X 52 53.64 32.77 -63.14
CA SER X 52 53.25 33.97 -63.86
C SER X 52 54.12 34.04 -65.13
N LEU X 53 53.85 35.04 -65.96
CA LEU X 53 54.60 35.21 -67.19
C LEU X 53 56.06 35.51 -66.92
N ALA X 54 56.36 36.16 -65.78
CA ALA X 54 57.74 36.44 -65.42
C ALA X 54 58.55 35.16 -65.26
N GLU X 55 57.98 34.15 -64.61
CA GLU X 55 58.67 32.89 -64.38
C GLU X 55 58.87 32.09 -65.67
N VAL X 56 58.22 32.46 -66.76
CA VAL X 56 58.38 31.76 -68.03
C VAL X 56 59.73 32.19 -68.59
N GLU X 57 60.74 31.33 -68.44
CA GLU X 57 62.07 31.63 -68.94
C GLU X 57 62.60 30.53 -69.84
N ALA X 58 62.30 29.27 -69.51
CA ALA X 58 62.83 28.15 -70.26
C ALA X 58 62.36 28.20 -71.72
N ASP X 59 61.06 28.31 -71.92
CA ASP X 59 60.54 28.47 -73.28
C ASP X 59 60.91 29.85 -73.81
N TYR X 60 61.14 29.91 -75.12
CA TYR X 60 61.61 31.14 -75.74
C TYR X 60 60.55 32.23 -75.62
N PRO X 61 60.95 33.47 -75.35
CA PRO X 61 59.97 34.56 -75.24
C PRO X 61 59.40 35.00 -76.58
N ALA X 62 59.68 34.24 -77.63
CA ALA X 62 59.04 34.50 -78.93
C ALA X 62 58.68 33.22 -79.66
N ASN X 63 58.73 32.06 -79.01
CA ASN X 63 58.31 30.83 -79.67
C ASN X 63 56.80 30.84 -79.90
N THR X 64 56.38 30.21 -81.01
CA THR X 64 54.99 30.32 -81.42
C THR X 64 54.07 29.52 -80.51
N SER X 65 54.53 28.37 -80.01
CA SER X 65 53.64 27.51 -79.24
C SER X 65 53.39 28.07 -77.85
N VAL X 66 54.44 28.17 -77.04
CA VAL X 66 54.24 28.44 -75.62
C VAL X 66 53.96 29.92 -75.37
N TYR X 67 54.91 30.78 -75.72
CA TYR X 67 54.80 32.17 -75.31
C TYR X 67 53.66 32.88 -76.04
N LYS X 68 53.50 32.60 -77.33
CA LYS X 68 52.46 33.28 -78.10
C LYS X 68 51.06 32.83 -77.73
N ALA X 69 50.93 31.77 -76.93
CA ALA X 69 49.65 31.38 -76.34
C ALA X 69 49.56 31.71 -74.86
N ALA X 70 50.66 31.53 -74.11
CA ALA X 70 50.64 31.86 -72.70
C ALA X 70 50.43 33.35 -72.47
N LEU X 71 50.90 34.19 -73.40
CA LEU X 71 50.66 35.62 -73.29
C LEU X 71 49.18 35.93 -73.29
N SER X 72 48.42 35.29 -74.19
CA SER X 72 46.97 35.45 -74.19
C SER X 72 46.35 34.83 -72.95
N ALA X 73 46.87 33.67 -72.52
CA ALA X 73 46.29 32.97 -71.38
C ALA X 73 46.37 33.82 -70.11
N PHE X 74 47.50 34.46 -69.87
CA PHE X 74 47.69 35.27 -68.67
C PHE X 74 47.17 36.69 -68.83
N SER X 75 46.31 36.94 -69.81
CA SER X 75 45.90 38.30 -70.15
C SER X 75 44.46 38.60 -69.78
N GLN X 76 43.77 37.70 -69.07
CA GLN X 76 42.39 37.96 -68.68
C GLN X 76 42.34 38.99 -67.56
N ASN X 77 41.25 39.75 -67.53
CA ASN X 77 41.14 40.84 -66.56
C ASN X 77 41.28 40.36 -65.13
N PRO X 78 40.64 39.28 -64.70
CA PRO X 78 41.17 38.53 -63.57
C PRO X 78 42.08 37.42 -64.07
N ARG X 79 43.17 37.21 -63.38
CA ARG X 79 44.16 36.34 -63.99
C ARG X 79 44.11 34.95 -63.40
N PRO X 80 44.28 33.91 -64.21
CA PRO X 80 44.46 32.58 -63.63
C PRO X 80 45.83 32.43 -63.03
N ILE X 81 46.14 31.26 -62.46
CA ILE X 81 47.45 31.00 -61.89
C ILE X 81 47.91 29.63 -62.31
N ARG X 82 49.20 29.37 -62.07
CA ARG X 82 49.85 28.07 -62.23
C ARG X 82 49.45 27.39 -63.54
N LEU X 83 49.83 28.04 -64.63
CA LEU X 83 49.73 27.42 -65.95
C LEU X 83 50.65 26.21 -66.02
N LYS X 84 50.20 25.19 -66.74
CA LYS X 84 50.97 23.95 -66.89
C LYS X 84 51.43 23.80 -68.33
N VAL X 85 52.70 23.41 -68.49
CA VAL X 85 53.32 23.24 -69.80
C VAL X 85 53.62 21.77 -70.01
N GLY X 86 53.30 21.27 -71.21
CA GLY X 86 53.42 19.86 -71.52
C GLY X 86 54.63 19.55 -72.40
N TYR X 87 54.79 18.25 -72.65
CA TYR X 87 55.90 17.71 -73.42
C TYR X 87 55.44 16.55 -74.31
N ALA X 88 54.13 16.33 -74.41
CA ALA X 88 53.56 15.08 -74.87
C ALA X 88 54.04 14.65 -76.25
N ALA X 89 53.65 15.39 -77.27
CA ALA X 89 54.01 15.00 -78.63
C ALA X 89 55.38 15.55 -79.02
N THR X 90 56.38 15.31 -78.18
CA THR X 90 57.74 15.63 -78.57
C THR X 90 58.17 14.88 -79.82
N PRO X 91 57.87 13.60 -80.00
CA PRO X 91 58.00 13.01 -81.33
C PRO X 91 57.07 13.72 -82.30
N THR X 92 57.54 13.89 -83.53
CA THR X 92 56.77 14.62 -84.55
C THR X 92 55.62 13.72 -85.00
N GLY X 93 54.64 13.59 -84.13
CA GLY X 93 53.46 12.79 -84.43
C GLY X 93 53.72 11.30 -84.40
N GLY X 94 54.67 10.86 -85.23
CA GLY X 94 55.03 9.46 -85.25
C GLY X 94 56.07 9.21 -86.33
N ASP X 95 56.58 7.98 -86.33
CA ASP X 95 57.44 7.55 -87.42
C ASP X 95 56.69 7.54 -88.74
N ASP X 96 55.44 7.06 -88.73
CA ASP X 96 54.52 7.18 -89.85
C ASP X 96 53.36 8.04 -89.38
N ALA X 97 53.33 9.31 -89.82
CA ALA X 97 52.30 10.23 -89.37
C ALA X 97 50.90 9.82 -89.80
N ALA X 98 50.78 8.95 -90.80
CA ALA X 98 49.46 8.51 -91.24
C ALA X 98 48.73 7.76 -90.14
N LYS X 99 49.46 7.11 -89.23
CA LYS X 99 48.88 6.39 -88.11
C LYS X 99 49.08 7.18 -86.82
N LYS X 100 48.00 7.32 -86.06
CA LYS X 100 47.99 8.05 -84.81
C LYS X 100 48.42 7.19 -83.63
N ALA X 101 48.75 5.93 -83.86
CA ALA X 101 49.08 5.01 -82.77
C ALA X 101 50.23 5.53 -81.92
N ASP X 102 51.18 6.28 -82.50
CA ASP X 102 52.23 6.88 -81.70
C ASP X 102 51.70 8.01 -80.83
N PHE X 103 50.72 8.76 -81.33
CA PHE X 103 50.21 9.90 -80.58
C PHE X 103 49.45 9.47 -79.33
N ILE X 104 48.64 8.43 -79.44
CA ILE X 104 47.91 7.93 -78.28
C ILE X 104 48.88 7.41 -77.23
N THR X 105 49.93 6.71 -77.67
CA THR X 105 50.94 6.24 -76.73
C THR X 105 51.69 7.40 -76.11
N SER X 106 51.94 8.46 -76.87
CA SER X 106 52.57 9.65 -76.30
C SER X 106 51.71 10.24 -75.21
N LEU X 107 50.40 10.34 -75.45
CA LEU X 107 49.50 10.84 -74.43
C LEU X 107 49.47 9.94 -73.20
N GLY X 108 49.48 8.62 -73.42
CA GLY X 108 49.41 7.70 -72.30
C GLY X 108 50.61 7.76 -71.37
N ALA X 109 51.71 8.35 -71.83
CA ALA X 109 52.92 8.45 -71.02
C ALA X 109 53.05 9.78 -70.30
N ILE X 110 52.09 10.70 -70.46
CA ILE X 110 52.17 11.98 -69.79
C ILE X 110 51.25 12.06 -68.57
N LEU X 111 50.21 11.24 -68.49
CA LEU X 111 49.38 11.21 -67.30
C LEU X 111 50.19 10.72 -66.10
N ASN X 112 50.99 9.68 -66.29
CA ASN X 112 51.64 9.01 -65.16
C ASN X 112 52.54 9.97 -64.38
N TYR X 113 53.18 10.91 -65.07
CA TYR X 113 54.00 11.88 -64.36
C TYR X 113 53.16 12.77 -63.45
N ASP X 114 51.99 13.20 -63.93
CA ASP X 114 51.15 14.11 -63.18
C ASP X 114 49.76 14.16 -63.80
N GLN X 115 48.73 14.02 -62.96
CA GLN X 115 47.34 14.20 -63.37
C GLN X 115 46.77 15.30 -62.49
N ALA X 116 46.96 16.55 -62.93
CA ALA X 116 46.38 17.69 -62.25
C ALA X 116 45.67 18.65 -63.20
N PHE X 117 46.01 18.65 -64.47
CA PHE X 117 45.37 19.53 -65.44
C PHE X 117 43.97 19.05 -65.77
N TYR X 118 43.13 19.98 -66.23
CA TYR X 118 41.77 19.68 -66.63
C TYR X 118 41.48 20.02 -68.08
N GLN X 119 42.23 20.95 -68.67
CA GLN X 119 41.98 21.44 -70.01
C GLN X 119 43.21 21.24 -70.87
N ILE X 120 42.97 20.84 -72.13
CA ILE X 120 44.02 20.55 -73.08
C ILE X 120 43.88 21.52 -74.26
N THR X 121 44.95 22.27 -74.52
CA THR X 121 44.99 23.24 -75.62
C THR X 121 46.30 23.06 -76.37
N LEU X 122 46.21 22.63 -77.62
CA LEU X 122 47.36 22.48 -78.50
C LEU X 122 47.34 23.60 -79.54
N ASP X 123 48.50 24.18 -79.81
CA ASP X 123 48.52 25.40 -80.61
C ASP X 123 49.86 25.57 -81.30
N ALA X 124 49.85 26.35 -82.37
CA ALA X 124 51.00 26.70 -83.20
C ALA X 124 51.53 25.48 -83.95
N ALA X 125 50.92 24.34 -83.69
CA ALA X 125 51.26 23.09 -84.36
C ALA X 125 50.09 22.14 -84.14
N LEU X 126 50.17 20.98 -84.77
CA LEU X 126 49.13 19.96 -84.68
C LEU X 126 47.78 20.49 -85.18
N ARG X 127 47.79 21.53 -86.00
CA ARG X 127 46.56 22.14 -86.50
C ARG X 127 45.99 21.28 -87.62
N ASP X 128 44.82 20.70 -87.38
CA ASP X 128 44.09 19.91 -88.37
C ASP X 128 44.92 18.75 -88.90
N GLN X 129 45.92 18.32 -88.13
CA GLN X 129 46.70 17.17 -88.54
C GLN X 129 45.88 15.89 -88.42
N PRO X 130 46.06 14.93 -89.33
CA PRO X 130 45.22 13.73 -89.30
C PRO X 130 45.37 12.91 -88.03
N TYR X 131 46.55 12.90 -87.42
CA TYR X 131 46.72 12.13 -86.19
C TYR X 131 46.02 12.76 -85.01
N LEU X 132 45.75 14.06 -85.07
CA LEU X 132 45.11 14.76 -83.96
C LEU X 132 43.77 14.15 -83.59
N ASP X 133 43.11 13.47 -84.53
CA ASP X 133 41.84 12.82 -84.24
C ASP X 133 41.97 11.84 -83.08
N GLY X 134 43.15 11.24 -82.89
CA GLY X 134 43.32 10.34 -81.77
C GLY X 134 43.01 11.01 -80.44
N LEU X 135 43.35 12.29 -80.30
CA LEU X 135 43.01 13.01 -79.08
C LEU X 135 41.51 13.01 -78.83
N VAL X 136 40.72 13.21 -79.89
CA VAL X 136 39.28 13.16 -79.74
C VAL X 136 38.84 11.79 -79.25
N GLU X 137 39.53 10.74 -79.71
CA GLU X 137 39.22 9.41 -79.21
C GLU X 137 39.68 9.24 -77.77
N TRP X 138 40.74 9.94 -77.38
CA TRP X 138 41.35 9.72 -76.07
C TRP X 138 40.70 10.56 -74.98
N VAL X 139 40.23 11.76 -75.30
CA VAL X 139 39.64 12.61 -74.29
C VAL X 139 38.29 12.10 -73.82
N GLU X 140 37.62 11.27 -74.62
CA GLU X 140 36.45 10.58 -74.12
C GLU X 140 36.88 9.43 -73.22
N ALA X 141 35.94 8.96 -72.40
CA ALA X 141 36.24 8.00 -71.34
C ALA X 141 37.35 8.54 -70.44
N GLN X 142 37.28 9.84 -70.14
CA GLN X 142 38.29 10.55 -69.39
C GLN X 142 37.65 11.79 -68.79
N PRO X 143 37.98 12.14 -67.54
CA PRO X 143 37.36 13.33 -66.91
C PRO X 143 38.11 14.62 -67.18
N LYS X 144 38.23 14.99 -68.45
CA LYS X 144 38.94 16.21 -68.83
C LYS X 144 38.24 16.82 -70.04
N ILE X 145 38.71 18.00 -70.44
CA ILE X 145 38.19 18.71 -71.61
C ILE X 145 39.36 19.11 -72.48
N ALA X 146 39.29 18.78 -73.76
CA ALA X 146 40.33 19.12 -74.72
C ALA X 146 39.69 19.87 -75.87
N MET X 147 40.30 20.98 -76.28
CA MET X 147 39.74 21.80 -77.34
C MET X 147 40.81 22.22 -78.33
N ILE X 148 40.41 22.36 -79.59
CA ILE X 148 41.32 22.56 -80.72
C ILE X 148 40.88 23.80 -81.47
N ASP X 149 41.79 24.77 -81.60
CA ASP X 149 41.50 26.00 -82.32
C ASP X 149 42.13 25.91 -83.72
N SER X 150 41.36 25.39 -84.67
CA SER X 150 41.81 25.39 -86.05
C SER X 150 41.96 26.83 -86.55
N ASN X 151 42.91 27.03 -87.45
CA ASN X 151 43.23 28.36 -87.96
C ASN X 151 42.55 28.68 -89.27
N ALA X 152 42.24 27.68 -90.10
CA ALA X 152 41.55 27.88 -91.35
C ALA X 152 41.12 26.55 -91.92
N ALA X 153 39.93 26.49 -92.51
CA ALA X 153 39.41 25.26 -93.09
C ALA X 153 38.15 25.60 -93.87
N GLY X 154 37.55 24.59 -94.47
CA GLY X 154 36.33 24.76 -95.23
C GLY X 154 35.08 24.71 -94.38
N HIS X 155 35.13 25.30 -93.19
CA HIS X 155 33.93 25.40 -92.37
C HIS X 155 32.88 26.29 -93.02
N GLU X 156 33.31 27.24 -93.85
CA GLU X 156 32.38 28.17 -94.48
C GLU X 156 31.41 27.48 -95.41
N ASP X 157 31.75 26.29 -95.92
CA ASP X 157 30.84 25.51 -96.72
C ASP X 157 30.17 24.48 -95.82
N PRO X 158 28.87 24.58 -95.55
CA PRO X 158 28.20 23.59 -94.70
C PRO X 158 27.96 22.25 -95.37
N ALA X 159 28.56 22.00 -96.54
CA ALA X 159 28.34 20.76 -97.28
C ALA X 159 29.51 19.79 -97.21
N ASN X 160 30.72 20.26 -96.91
CA ASN X 160 31.86 19.36 -96.89
C ASN X 160 31.81 18.44 -95.67
N THR X 161 32.69 17.44 -95.66
CA THR X 161 32.79 16.49 -94.57
C THR X 161 34.22 16.22 -94.12
N THR X 162 35.23 16.61 -94.89
CA THR X 162 36.62 16.32 -94.56
C THR X 162 37.14 17.15 -93.38
N VAL X 163 36.38 18.13 -92.92
CA VAL X 163 36.85 19.05 -91.89
C VAL X 163 36.68 18.40 -90.52
N ILE X 164 37.36 18.97 -89.52
CA ILE X 164 37.34 18.43 -88.16
C ILE X 164 35.90 18.38 -87.65
N ALA X 165 35.26 19.54 -87.56
CA ALA X 165 33.92 19.62 -87.00
C ALA X 165 32.86 19.01 -87.91
N ALA X 166 33.21 18.67 -89.15
CA ALA X 166 32.26 18.05 -90.05
C ALA X 166 32.25 16.53 -89.89
N ARG X 167 33.42 15.90 -89.87
CA ARG X 167 33.46 14.45 -89.68
C ARG X 167 32.97 14.07 -88.29
N HIS X 168 33.34 14.84 -87.28
CA HIS X 168 32.82 14.69 -85.92
C HIS X 168 31.88 15.85 -85.66
N LYS X 169 30.58 15.57 -85.62
CA LYS X 169 29.57 16.62 -85.51
C LYS X 169 28.39 16.02 -84.75
N GLY X 170 28.27 16.38 -83.48
CA GLY X 170 27.22 15.85 -82.63
C GLY X 170 27.49 14.48 -82.06
N THR X 171 28.63 13.87 -82.38
CA THR X 171 28.98 12.56 -81.86
C THR X 171 29.90 12.62 -80.65
N VAL X 172 30.65 13.72 -80.49
CA VAL X 172 31.59 13.88 -79.39
C VAL X 172 31.05 14.92 -78.44
N GLU X 173 31.15 14.65 -77.14
CA GLU X 173 30.53 15.47 -76.11
C GLU X 173 31.53 16.14 -75.19
N ARG X 174 32.82 16.12 -75.52
CA ARG X 174 33.81 16.68 -74.61
C ARG X 174 34.90 17.45 -75.32
N THR X 175 34.58 18.06 -76.47
CA THR X 175 35.57 18.87 -77.17
C THR X 175 34.84 19.94 -77.99
N ALA X 176 35.55 21.03 -78.25
CA ALA X 176 35.00 22.12 -79.04
C ALA X 176 36.11 22.77 -79.85
N VAL X 177 35.72 23.42 -80.95
CA VAL X 177 36.66 23.97 -81.91
C VAL X 177 36.52 25.48 -81.91
N PHE X 178 37.59 26.17 -81.49
CA PHE X 178 37.59 27.63 -81.46
C PHE X 178 38.20 28.16 -82.77
N TYR X 179 37.41 28.04 -83.84
CA TYR X 179 37.86 28.47 -85.16
C TYR X 179 38.05 29.98 -85.21
N HIS X 180 39.11 30.40 -85.90
CA HIS X 180 39.33 31.81 -86.20
C HIS X 180 40.14 31.87 -87.49
N THR X 181 40.73 33.03 -87.76
CA THR X 181 41.75 33.15 -88.80
C THR X 181 43.13 32.95 -88.18
N ASP X 182 44.17 33.13 -88.99
CA ASP X 182 45.51 32.77 -88.56
C ASP X 182 46.08 33.78 -87.57
N SER X 183 47.10 33.34 -86.83
CA SER X 183 47.94 34.12 -85.94
C SER X 183 47.25 34.54 -84.65
N THR X 184 46.09 33.97 -84.34
CA THR X 184 45.36 34.29 -83.11
C THR X 184 45.28 33.04 -82.24
N GLU X 185 45.95 33.07 -81.10
CA GLU X 185 45.87 31.98 -80.13
C GLU X 185 44.67 32.25 -79.23
N TYR X 186 43.62 31.46 -79.41
CA TYR X 186 42.29 31.81 -78.93
C TYR X 186 41.80 30.94 -77.77
N LEU X 187 42.13 29.65 -77.75
CA LEU X 187 41.70 28.81 -76.62
C LEU X 187 42.19 29.37 -75.31
N ALA X 188 43.45 29.82 -75.26
CA ALA X 188 43.98 30.38 -74.03
C ALA X 188 43.21 31.62 -73.58
N ALA X 189 42.62 32.35 -74.54
CA ALA X 189 41.97 33.61 -74.20
C ALA X 189 40.78 33.39 -73.28
N SER X 190 39.98 32.36 -73.54
CA SER X 190 38.80 32.09 -72.75
C SER X 190 38.94 30.86 -71.86
N MET X 191 39.35 29.73 -72.42
CA MET X 191 39.54 28.54 -71.62
C MET X 191 40.65 28.76 -70.59
N ALA X 192 40.35 28.41 -69.34
CA ALA X 192 41.30 28.46 -68.23
C ALA X 192 41.74 29.90 -67.94
N ALA X 193 41.27 30.86 -68.72
CA ALA X 193 41.42 32.26 -68.39
C ALA X 193 40.12 32.84 -67.86
N TYR X 194 39.00 32.46 -68.47
CA TYR X 194 37.69 32.71 -67.90
C TYR X 194 37.03 31.45 -67.38
N MET X 195 37.28 30.31 -68.02
CA MET X 195 36.74 29.04 -67.52
C MET X 195 37.28 28.73 -66.14
N SER X 196 38.59 28.89 -65.94
CA SER X 196 39.17 28.54 -64.66
C SER X 196 38.70 29.47 -63.56
N THR X 197 38.77 30.79 -63.79
CA THR X 197 38.56 31.75 -62.71
C THR X 197 37.08 31.92 -62.37
N ARG X 198 36.40 30.81 -62.09
CA ARG X 198 35.03 30.84 -61.59
C ARG X 198 34.96 29.95 -60.36
N VAL X 199 34.32 30.46 -59.32
CA VAL X 199 34.18 29.74 -58.06
C VAL X 199 32.72 29.32 -57.89
N PHE X 200 32.48 28.02 -57.94
CA PHE X 200 31.12 27.49 -57.94
C PHE X 200 30.51 27.36 -56.56
N ASP X 201 31.29 27.51 -55.49
CA ASP X 201 30.77 27.36 -54.15
C ASP X 201 30.01 28.59 -53.67
N ASP X 202 30.11 29.71 -54.37
CA ASP X 202 29.41 30.93 -54.00
C ASP X 202 28.00 30.94 -54.58
N ALA X 203 27.16 31.79 -54.02
CA ALA X 203 25.79 31.91 -54.51
C ALA X 203 25.77 32.57 -55.88
N ASN X 204 24.87 32.11 -56.73
CA ASN X 204 24.57 32.68 -58.05
C ASN X 204 25.78 32.71 -58.96
N SER X 205 26.83 31.96 -58.65
CA SER X 205 28.03 31.94 -59.49
C SER X 205 28.01 30.80 -60.49
N ALA X 206 26.94 30.70 -61.26
CA ALA X 206 26.81 29.66 -62.28
C ALA X 206 26.79 30.35 -63.63
N TYR X 207 27.87 30.21 -64.39
CA TYR X 207 28.01 30.90 -65.68
C TYR X 207 27.52 29.98 -66.79
N THR X 208 26.23 29.63 -66.71
CA THR X 208 25.66 28.63 -67.61
C THR X 208 25.87 28.98 -69.08
N LEU X 209 25.84 30.26 -69.43
CA LEU X 209 25.97 30.63 -70.84
C LEU X 209 27.36 30.38 -71.40
N LYS X 210 28.35 31.10 -70.88
CA LYS X 210 29.64 31.27 -71.56
C LYS X 210 29.43 31.80 -72.98
N PHE X 211 28.24 32.34 -73.26
CA PHE X 211 27.79 32.69 -74.60
C PHE X 211 27.96 34.16 -74.91
N LYS X 212 28.14 35.01 -73.90
CA LYS X 212 28.35 36.44 -74.10
C LYS X 212 29.53 36.83 -73.20
N LYS X 213 30.74 36.68 -73.73
CA LYS X 213 31.95 36.94 -72.94
C LYS X 213 33.04 37.50 -73.84
N ALA X 214 33.80 38.44 -73.29
CA ALA X 214 34.88 39.12 -73.97
C ALA X 214 36.21 38.45 -73.67
N PRO X 215 37.11 38.39 -74.64
CA PRO X 215 38.44 37.81 -74.41
C PRO X 215 39.37 38.87 -73.82
N GLY X 216 40.62 38.48 -73.65
CA GLY X 216 41.59 39.44 -73.18
C GLY X 216 41.91 40.48 -74.22
N VAL X 217 42.64 40.10 -75.26
CA VAL X 217 43.00 40.99 -76.36
C VAL X 217 42.98 40.18 -77.64
N ARG X 218 42.01 40.46 -78.50
CA ARG X 218 41.95 39.83 -79.82
C ARG X 218 40.88 40.52 -80.64
N ALA X 219 40.94 40.32 -81.95
CA ALA X 219 40.08 41.02 -82.90
C ALA X 219 39.00 40.10 -83.45
N ILE X 220 38.11 40.69 -84.24
CA ILE X 220 36.91 40.04 -84.75
C ILE X 220 37.17 39.39 -86.10
N ASP X 221 36.28 38.49 -86.50
CA ASP X 221 36.24 38.00 -87.88
C ASP X 221 35.11 38.71 -88.62
N LYS X 222 34.82 38.27 -89.84
CA LYS X 222 33.88 38.96 -90.72
C LYS X 222 32.90 37.98 -91.35
N GLY X 223 31.73 38.49 -91.71
CA GLY X 223 30.69 37.69 -92.35
C GLY X 223 29.38 37.83 -91.62
N SER X 224 28.28 37.68 -92.37
CA SER X 224 26.94 37.79 -91.81
C SER X 224 26.14 36.51 -91.93
N ALA X 225 26.01 35.96 -93.14
CA ALA X 225 25.38 34.68 -93.35
C ALA X 225 26.37 33.53 -93.39
N VAL X 226 27.66 33.83 -93.22
CA VAL X 226 28.67 32.79 -93.10
C VAL X 226 28.91 32.40 -91.65
N VAL X 227 28.31 33.10 -90.70
CA VAL X 227 28.42 32.76 -89.29
C VAL X 227 27.29 31.80 -88.95
N THR X 228 26.59 31.31 -89.97
CA THR X 228 25.65 30.21 -89.82
C THR X 228 26.25 28.88 -90.19
N ALA X 229 27.07 28.81 -91.25
CA ALA X 229 27.80 27.59 -91.54
C ALA X 229 28.72 27.23 -90.39
N ILE X 230 29.53 28.17 -89.95
CA ILE X 230 30.21 28.04 -88.66
C ILE X 230 29.16 28.31 -87.58
N THR X 231 29.37 27.72 -86.41
CA THR X 231 28.51 27.80 -85.23
C THR X 231 27.15 27.17 -85.45
N GLY X 232 26.84 26.67 -86.65
CA GLY X 232 25.65 25.91 -86.94
C GLY X 232 24.36 26.40 -86.30
N PHE X 233 24.18 27.71 -86.24
CA PHE X 233 23.08 28.32 -85.51
C PHE X 233 22.02 28.82 -86.47
N VAL X 234 20.78 28.34 -86.29
CA VAL X 234 19.65 28.88 -87.02
C VAL X 234 19.37 30.29 -86.51
N GLU X 235 18.85 31.15 -87.40
CA GLU X 235 18.62 32.55 -87.05
C GLU X 235 17.63 32.67 -85.89
N GLN X 236 16.47 32.03 -86.02
CA GLN X 236 15.40 32.20 -85.03
C GLN X 236 14.99 30.89 -84.35
N THR X 237 14.71 29.85 -85.13
CA THR X 237 14.06 28.66 -84.57
C THR X 237 14.91 27.99 -83.50
N GLY X 238 16.22 27.86 -83.73
CA GLY X 238 17.07 27.23 -82.76
C GLY X 238 18.48 27.04 -83.24
N GLN X 239 19.04 25.85 -83.04
CA GLN X 239 20.36 25.49 -83.53
C GLN X 239 20.27 24.15 -84.22
N SER X 240 20.48 24.14 -85.54
CA SER X 240 20.40 22.93 -86.33
C SER X 240 21.79 22.36 -86.53
N GLU X 241 21.93 21.08 -86.21
CA GLU X 241 23.19 20.37 -86.36
C GLU X 241 23.52 20.06 -87.81
N SER X 242 22.50 19.92 -88.66
CA SER X 242 22.74 19.57 -90.06
C SER X 242 23.24 20.75 -90.87
N ALA X 243 22.77 21.96 -90.57
CA ALA X 243 23.03 23.13 -91.40
C ALA X 243 24.27 23.92 -90.95
N GLY X 244 25.25 23.25 -90.35
CA GLY X 244 26.47 23.94 -89.99
C GLY X 244 27.32 23.12 -89.07
N HIS X 245 28.54 23.61 -88.85
CA HIS X 245 29.48 23.01 -87.92
C HIS X 245 29.46 23.80 -86.63
N CYS X 246 29.39 23.10 -85.51
CA CYS X 246 29.25 23.74 -84.20
C CYS X 246 30.62 24.16 -83.71
N ALA X 247 30.88 25.47 -83.73
CA ALA X 247 32.16 26.00 -83.28
C ALA X 247 31.95 27.41 -82.73
N ASN X 248 33.04 28.14 -82.56
CA ASN X 248 32.99 29.47 -81.97
C ASN X 248 33.92 30.40 -82.76
N THR X 249 33.56 31.69 -82.82
CA THR X 249 34.29 32.61 -83.67
C THR X 249 34.60 33.96 -83.06
N LEU X 250 33.95 34.38 -81.96
CA LEU X 250 34.17 35.70 -81.36
C LEU X 250 33.82 36.82 -82.34
N ILE X 251 32.52 36.91 -82.63
CA ILE X 251 32.00 37.95 -83.52
C ILE X 251 31.77 39.23 -82.74
N ASP X 252 31.46 40.32 -83.44
CA ASP X 252 31.05 41.58 -82.82
C ASP X 252 29.77 42.06 -83.48
N ILE X 253 28.95 42.79 -82.72
CA ILE X 253 27.67 43.26 -83.22
C ILE X 253 27.62 44.77 -83.14
N GLY X 254 27.94 45.32 -81.97
CA GLY X 254 28.23 46.74 -81.88
C GLY X 254 29.72 46.92 -82.13
N ASP X 255 30.35 47.82 -81.38
CA ASP X 255 31.81 47.81 -81.32
C ASP X 255 32.25 46.71 -80.36
N GLN X 256 31.27 46.14 -79.66
CA GLN X 256 31.50 45.14 -78.62
C GLN X 256 31.77 43.79 -79.27
N GLU X 257 32.99 43.29 -79.13
CA GLU X 257 33.36 41.97 -79.59
C GLU X 257 33.27 40.96 -78.45
N PHE X 258 32.64 39.83 -78.71
CA PHE X 258 32.37 38.85 -77.66
C PHE X 258 32.28 37.46 -78.27
N LEU X 259 32.47 36.46 -77.43
CA LEU X 259 32.34 35.07 -77.85
C LEU X 259 30.88 34.78 -78.22
N VAL X 260 30.70 33.82 -79.14
CA VAL X 260 29.38 33.50 -79.65
C VAL X 260 29.20 31.99 -79.67
N GLU X 261 27.93 31.58 -79.71
CA GLU X 261 27.45 30.20 -79.72
C GLU X 261 27.68 29.47 -78.41
N GLY X 262 28.36 30.09 -77.44
CA GLY X 262 28.45 29.52 -76.11
C GLY X 262 29.31 28.29 -75.97
N SER X 263 30.25 28.06 -76.89
CA SER X 263 31.16 26.93 -76.83
C SER X 263 30.41 25.61 -76.75
N THR X 264 29.66 25.32 -77.80
CA THR X 264 28.98 24.04 -77.87
C THR X 264 29.96 22.95 -78.29
N LEU X 265 29.54 21.70 -78.08
CA LEU X 265 30.29 20.52 -78.45
C LEU X 265 29.51 19.61 -79.37
N THR X 266 28.18 19.59 -79.24
CA THR X 266 27.26 18.87 -80.10
C THR X 266 26.12 19.83 -80.37
N GLN X 267 24.98 19.31 -80.84
CA GLN X 267 23.86 20.17 -81.21
C GLN X 267 23.53 21.18 -80.12
N ASN X 268 23.18 20.69 -78.93
CA ASN X 268 22.79 21.57 -77.83
C ASN X 268 23.42 21.12 -76.52
N VAL X 269 24.72 20.87 -76.53
CA VAL X 269 25.47 20.53 -75.33
C VAL X 269 26.47 21.65 -75.10
N PHE X 270 26.19 22.52 -74.15
CA PHE X 270 27.03 23.69 -73.91
C PHE X 270 28.16 23.37 -72.94
N LEU X 271 29.20 24.20 -72.99
CA LEU X 271 30.42 23.91 -72.25
C LEU X 271 30.20 24.00 -70.74
N ASP X 272 29.40 24.96 -70.28
CA ASP X 272 29.22 25.13 -68.85
C ASP X 272 28.53 23.93 -68.21
N GLU X 273 27.60 23.30 -68.94
CA GLU X 273 26.98 22.10 -68.40
C GLU X 273 27.99 20.99 -68.15
N ILE X 274 29.02 20.90 -68.98
CA ILE X 274 30.09 19.94 -68.72
C ILE X 274 30.93 20.39 -67.53
N HIS X 275 31.27 21.69 -67.49
CA HIS X 275 32.16 22.18 -66.44
C HIS X 275 31.55 21.99 -65.06
N ALA X 276 30.25 22.29 -64.92
CA ALA X 276 29.61 22.19 -63.61
C ALA X 276 29.54 20.75 -63.12
N THR X 277 29.20 19.82 -64.01
CA THR X 277 29.15 18.41 -63.60
C THR X 277 30.55 17.90 -63.25
N ASP X 278 31.56 18.32 -64.01
CA ASP X 278 32.92 17.93 -63.65
C ASP X 278 33.31 18.47 -62.29
N TRP X 279 32.91 19.70 -61.98
CA TRP X 279 33.17 20.25 -60.65
C TRP X 279 32.48 19.44 -59.57
N ILE X 280 31.22 19.05 -59.81
CA ILE X 280 30.49 18.25 -58.81
C ILE X 280 31.21 16.94 -58.57
N ILE X 281 31.63 16.28 -59.64
CA ILE X 281 32.32 15.00 -59.50
C ILE X 281 33.62 15.17 -58.74
N ALA X 282 34.45 16.13 -59.16
CA ALA X 282 35.75 16.33 -58.54
C ALA X 282 35.64 16.85 -57.12
N ARG X 283 34.49 17.39 -56.74
CA ARG X 283 34.27 17.77 -55.35
C ARG X 283 33.84 16.59 -54.50
N THR X 284 32.93 15.76 -55.00
CA THR X 284 32.52 14.58 -54.25
C THR X 284 33.68 13.63 -54.03
N GLU X 285 34.56 13.49 -55.03
CA GLU X 285 35.70 12.60 -54.84
C GLU X 285 36.61 13.09 -53.72
N GLU X 286 36.88 14.40 -53.69
CA GLU X 286 37.74 14.95 -52.65
C GLU X 286 37.09 14.80 -51.28
N GLU X 287 35.79 15.04 -51.18
CA GLU X 287 35.13 14.91 -49.90
C GLU X 287 35.07 13.47 -49.43
N MET X 288 34.88 12.51 -50.34
CA MET X 288 34.95 11.11 -49.97
C MET X 288 36.34 10.74 -49.49
N LEU X 289 37.37 11.26 -50.15
CA LEU X 289 38.73 10.99 -49.71
C LEU X 289 38.98 11.55 -48.31
N SER X 290 38.47 12.73 -48.04
CA SER X 290 38.64 13.36 -46.74
C SER X 290 37.77 12.73 -45.66
N LEU X 291 37.11 11.62 -45.95
CA LEU X 291 36.24 10.95 -44.99
C LEU X 291 36.81 9.63 -44.49
N PHE X 292 37.55 8.90 -45.32
CA PHE X 292 38.26 7.73 -44.83
C PHE X 292 39.48 8.11 -44.02
N LEU X 293 40.00 9.32 -44.21
CA LEU X 293 41.22 9.75 -43.55
C LEU X 293 40.96 10.36 -42.18
N ASN X 294 39.77 10.92 -41.96
CA ASN X 294 39.44 11.49 -40.66
C ASN X 294 38.97 10.41 -39.69
N ASN X 295 37.84 9.79 -39.97
CA ASN X 295 37.41 8.66 -39.17
C ASN X 295 38.37 7.50 -39.38
N ASP X 296 38.48 6.66 -38.36
CA ASP X 296 39.29 5.46 -38.55
C ASP X 296 38.63 4.55 -39.56
N ARG X 297 37.44 4.03 -39.24
CA ARG X 297 36.80 3.00 -40.07
C ARG X 297 35.36 3.36 -40.38
N VAL X 298 34.90 2.88 -41.53
CA VAL X 298 33.51 3.01 -41.96
C VAL X 298 32.91 1.61 -42.01
N PRO X 299 32.03 1.24 -41.09
CA PRO X 299 31.53 -0.15 -41.05
C PRO X 299 30.70 -0.46 -42.27
N PHE X 300 30.54 -1.76 -42.53
CA PHE X 300 29.83 -2.24 -43.71
C PHE X 300 28.39 -2.56 -43.34
N THR X 301 27.64 -1.51 -43.01
CA THR X 301 26.23 -1.62 -42.70
C THR X 301 25.49 -0.36 -43.18
N ASP X 302 24.19 -0.33 -42.93
CA ASP X 302 23.40 0.85 -43.26
C ASP X 302 23.93 2.08 -42.53
N GLN X 303 24.41 1.88 -41.30
CA GLN X 303 24.98 2.98 -40.53
C GLN X 303 26.12 3.64 -41.29
N GLY X 304 27.04 2.84 -41.82
CA GLY X 304 28.10 3.38 -42.64
C GLY X 304 27.66 3.79 -44.03
N MET X 305 26.58 3.18 -44.53
CA MET X 305 26.11 3.51 -45.88
C MET X 305 25.56 4.92 -45.92
N GLN X 306 24.70 5.28 -44.96
CA GLN X 306 24.22 6.64 -44.89
C GLN X 306 25.34 7.63 -44.63
N GLN X 307 26.39 7.21 -43.92
CA GLN X 307 27.53 8.09 -43.69
C GLN X 307 28.21 8.45 -45.01
N LEU X 308 28.34 7.50 -45.93
CA LEU X 308 28.87 7.81 -47.25
C LEU X 308 27.87 8.62 -48.07
N ALA X 309 26.59 8.33 -47.93
CA ALA X 309 25.58 9.11 -48.62
C ALA X 309 25.55 10.56 -48.17
N SER X 310 26.06 10.85 -46.98
CA SER X 310 26.06 12.22 -46.47
C SER X 310 26.84 13.19 -47.35
N VAL X 311 27.79 12.71 -48.15
CA VAL X 311 28.62 13.61 -48.95
C VAL X 311 27.85 14.13 -50.16
N PRO X 312 27.27 13.28 -51.03
CA PRO X 312 26.47 13.84 -52.12
C PRO X 312 25.28 14.63 -51.63
N ARG X 313 24.69 14.24 -50.50
CA ARG X 313 23.53 14.97 -50.01
C ARG X 313 23.90 16.38 -49.55
N ALA X 314 25.18 16.64 -49.34
CA ALA X 314 25.65 18.00 -49.07
C ALA X 314 26.16 18.70 -50.31
N ILE X 315 26.79 17.98 -51.23
CA ILE X 315 27.28 18.62 -52.45
C ILE X 315 26.11 19.09 -53.31
N MET X 316 25.05 18.30 -53.40
CA MET X 316 23.88 18.73 -54.16
C MET X 316 23.24 19.96 -53.53
N GLN X 317 23.18 20.00 -52.20
CA GLN X 317 22.63 21.17 -51.51
C GLN X 317 23.47 22.40 -51.78
N LEU X 318 24.80 22.26 -51.74
CA LEU X 318 25.71 23.35 -52.02
C LEU X 318 25.70 23.76 -53.49
N ALA X 319 25.30 22.88 -54.39
CA ALA X 319 25.24 23.18 -55.82
C ALA X 319 23.94 23.87 -56.21
N ALA X 320 22.82 23.44 -55.65
CA ALA X 320 21.55 24.10 -55.95
C ALA X 320 21.58 25.56 -55.55
N ARG X 321 22.35 25.90 -54.52
CA ARG X 321 22.53 27.30 -54.15
C ARG X 321 23.23 28.07 -55.26
N ALA X 322 24.24 27.46 -55.89
CA ALA X 322 24.99 28.15 -56.93
C ALA X 322 24.11 28.48 -58.12
N GLY X 323 23.24 27.56 -58.51
CA GLY X 323 22.37 27.80 -59.65
C GLY X 323 22.54 26.80 -60.77
N ILE X 324 22.94 25.58 -60.44
CA ILE X 324 23.16 24.53 -61.43
C ILE X 324 21.96 23.60 -61.46
N VAL X 325 21.25 23.50 -60.35
CA VAL X 325 20.13 22.58 -60.22
C VAL X 325 18.82 23.36 -60.29
N ALA X 326 17.80 22.73 -60.86
CA ALA X 326 16.50 23.38 -61.03
C ALA X 326 15.83 23.59 -59.68
N LEU X 327 14.83 24.46 -59.67
CA LEU X 327 14.20 24.92 -58.43
C LEU X 327 12.88 24.20 -58.18
N ASP X 328 12.96 22.88 -58.04
CA ASP X 328 11.87 22.05 -57.48
C ASP X 328 10.51 22.33 -58.15
N LEU X 329 10.50 22.59 -59.45
CA LEU X 329 9.26 22.84 -60.16
C LEU X 329 9.30 22.16 -61.53
N ASN X 330 8.32 21.31 -61.79
CA ASN X 330 8.27 20.61 -63.07
C ASN X 330 7.94 21.58 -64.18
N PRO X 331 8.80 21.75 -65.18
CA PRO X 331 8.50 22.71 -66.25
C PRO X 331 7.24 22.38 -67.02
N LEU X 332 6.90 21.10 -67.16
CA LEU X 332 5.71 20.72 -67.92
C LEU X 332 4.46 21.40 -67.38
N THR X 333 4.29 21.39 -66.06
CA THR X 333 3.09 21.92 -65.43
C THR X 333 3.35 23.05 -64.47
N GLY X 334 4.57 23.17 -63.93
CA GLY X 334 4.82 24.13 -62.88
C GLY X 334 4.35 23.58 -61.55
N ALA X 335 4.08 22.27 -61.50
CA ALA X 335 3.65 21.63 -60.27
C ALA X 335 4.86 21.21 -59.47
N TYR X 336 4.65 20.59 -58.32
CA TYR X 336 5.76 20.22 -57.47
C TYR X 336 6.42 18.95 -57.99
N GLU X 337 7.76 18.95 -57.96
CA GLU X 337 8.55 17.78 -58.30
C GLU X 337 9.96 17.99 -57.75
N PRO X 338 10.50 17.03 -56.99
CA PRO X 338 11.81 17.23 -56.38
C PRO X 338 12.88 17.47 -57.44
N ALA X 339 13.78 18.40 -57.13
CA ALA X 339 14.87 18.70 -58.05
C ALA X 339 15.90 17.60 -58.07
N TYR X 340 16.30 17.11 -56.90
CA TYR X 340 17.32 16.09 -56.80
C TYR X 340 16.92 15.07 -55.75
N THR X 341 17.12 13.79 -56.05
CA THR X 341 16.86 12.72 -55.11
C THR X 341 18.08 11.81 -55.04
N ILE X 342 18.39 11.35 -53.84
CA ILE X 342 19.52 10.46 -53.59
C ILE X 342 18.97 9.13 -53.12
N THR X 343 19.31 8.06 -53.82
CA THR X 343 18.89 6.71 -53.49
C THR X 343 20.10 5.90 -53.03
N VAL X 344 19.92 5.20 -51.91
CA VAL X 344 20.98 4.43 -51.27
C VAL X 344 20.55 2.96 -51.26
N PRO X 345 21.35 2.05 -51.79
CA PRO X 345 20.99 0.63 -51.72
C PRO X 345 21.00 0.13 -50.29
N SER X 346 20.18 -0.87 -50.02
CA SER X 346 20.13 -1.48 -48.71
C SER X 346 21.13 -2.62 -48.63
N VAL X 347 22.03 -2.55 -47.65
CA VAL X 347 23.05 -3.58 -47.46
C VAL X 347 22.51 -4.78 -46.68
N PHE X 348 21.27 -4.71 -46.20
CA PHE X 348 20.74 -5.74 -45.30
C PHE X 348 20.75 -7.12 -45.95
N ASP X 349 20.68 -7.18 -47.28
CA ASP X 349 20.51 -8.44 -47.99
C ASP X 349 21.78 -8.92 -48.68
N ILE X 350 22.82 -8.10 -48.76
CA ILE X 350 23.99 -8.46 -49.55
C ILE X 350 24.75 -9.59 -48.87
N PRO X 351 24.99 -10.70 -49.56
CA PRO X 351 25.59 -11.88 -48.93
C PRO X 351 27.03 -11.62 -48.48
N GLU X 352 27.51 -12.51 -47.62
CA GLU X 352 28.87 -12.43 -47.10
C GLU X 352 29.92 -12.57 -48.20
N SER X 353 29.60 -13.32 -49.25
CA SER X 353 30.59 -13.57 -50.30
C SER X 353 31.04 -12.28 -50.97
N GLN X 354 30.10 -11.39 -51.26
CA GLN X 354 30.42 -10.09 -51.81
C GLN X 354 30.64 -9.03 -50.74
N ARG X 355 30.39 -9.36 -49.47
CA ARG X 355 30.69 -8.45 -48.37
C ARG X 355 32.16 -8.47 -47.99
N LYS X 356 32.90 -9.50 -48.41
CA LYS X 356 34.32 -9.64 -48.08
C LYS X 356 35.22 -8.87 -49.04
N ALA X 357 34.68 -8.31 -50.11
CA ALA X 357 35.48 -7.52 -51.03
C ALA X 357 35.83 -6.15 -50.47
N ARG X 358 35.10 -5.68 -49.47
CA ARG X 358 35.25 -4.33 -48.92
C ARG X 358 35.09 -3.27 -50.00
N ILE X 359 34.08 -3.46 -50.86
CA ILE X 359 33.72 -2.50 -51.88
C ILE X 359 32.21 -2.28 -51.80
N ALA X 360 31.80 -1.05 -51.53
CA ALA X 360 30.42 -0.77 -51.23
C ALA X 360 29.56 -0.77 -52.50
N PRO X 361 28.27 -1.04 -52.37
CA PRO X 361 27.36 -0.89 -53.52
C PRO X 361 27.24 0.58 -53.92
N ALA X 362 26.49 0.80 -54.99
CA ALA X 362 26.47 2.10 -55.65
C ALA X 362 25.30 2.96 -55.20
N ILE X 363 25.60 4.24 -54.95
CA ILE X 363 24.60 5.24 -54.61
C ILE X 363 24.21 5.95 -55.89
N GLN X 364 22.93 6.29 -56.04
CA GLN X 364 22.44 6.95 -57.25
C GLN X 364 21.88 8.32 -56.91
N VAL X 365 22.09 9.28 -57.81
CA VAL X 365 21.65 10.66 -57.61
C VAL X 365 20.95 11.14 -58.88
N ARG X 366 19.90 11.94 -58.70
CA ARG X 366 19.13 12.48 -59.81
C ARG X 366 19.25 14.00 -59.84
N PHE X 367 19.42 14.56 -61.02
CA PHE X 367 19.58 15.99 -61.20
C PHE X 367 18.32 16.64 -61.74
N ARG X 368 18.43 17.94 -62.02
CA ARG X 368 17.53 18.63 -62.94
C ARG X 368 18.29 19.86 -63.39
N TYR X 369 18.76 19.86 -64.63
CA TYR X 369 19.58 20.95 -65.13
C TYR X 369 18.81 22.27 -65.10
N ALA X 370 19.51 23.34 -64.75
CA ALA X 370 18.94 24.68 -64.71
C ALA X 370 19.30 25.40 -66.01
N GLY X 371 18.28 25.82 -66.75
CA GLY X 371 18.50 26.37 -68.05
C GLY X 371 19.11 27.76 -68.01
N ALA X 372 19.15 28.38 -69.19
CA ALA X 372 19.66 29.73 -69.36
C ALA X 372 18.91 30.37 -70.51
N VAL X 373 19.41 31.51 -70.98
CA VAL X 373 18.78 32.24 -72.08
C VAL X 373 19.86 32.65 -73.07
N HIS X 374 19.62 32.37 -74.35
CA HIS X 374 20.49 32.81 -75.42
C HIS X 374 19.78 33.64 -76.49
N TYR X 375 18.46 33.77 -76.43
CA TYR X 375 17.70 34.42 -77.47
C TYR X 375 16.42 34.99 -76.89
N SER X 376 15.95 36.10 -77.45
CA SER X 376 14.76 36.79 -76.95
C SER X 376 13.85 37.17 -78.10
N VAL X 377 12.55 37.28 -77.81
CA VAL X 377 11.54 37.61 -78.80
C VAL X 377 10.60 38.64 -78.22
N ILE X 378 10.37 39.73 -78.96
CA ILE X 378 9.40 40.77 -78.61
C ILE X 378 8.53 41.04 -79.83
N ASN X 379 7.30 41.49 -79.59
CA ASN X 379 6.32 41.60 -80.66
C ASN X 379 5.91 43.01 -81.03
N TYR X 380 5.68 43.90 -80.06
CA TYR X 380 5.50 45.33 -80.31
C TYR X 380 4.35 45.60 -81.29
N THR X 381 3.14 45.29 -80.85
CA THR X 381 1.95 45.53 -81.66
C THR X 381 1.42 46.93 -81.38
N MET X 382 1.35 47.75 -82.42
CA MET X 382 0.97 49.15 -82.29
C MET X 382 -0.44 49.38 -82.81
N THR X 383 -1.26 50.06 -82.00
CA THR X 383 -2.68 50.23 -82.32
C THR X 383 -3.01 51.58 -82.93
N PHE X 384 -2.26 52.63 -82.59
CA PHE X 384 -2.58 53.99 -83.02
C PHE X 384 -4.00 54.38 -82.62
N LYS Y 3 -53.66 87.30 -24.51
CA LYS Y 3 -52.42 86.62 -24.18
C LYS Y 3 -52.50 86.06 -22.77
N LEU Y 4 -51.34 85.92 -22.12
CA LEU Y 4 -51.29 85.32 -20.80
C LEU Y 4 -49.97 85.69 -20.15
N PRO Y 5 -49.95 85.90 -18.83
CA PRO Y 5 -48.69 86.24 -18.17
C PRO Y 5 -47.75 85.06 -18.09
N TYR Y 6 -46.46 85.36 -17.88
CA TYR Y 6 -45.45 84.31 -17.73
C TYR Y 6 -45.59 83.56 -16.42
N SER Y 7 -46.32 84.10 -15.46
CA SER Y 7 -46.42 83.46 -14.15
C SER Y 7 -47.21 82.16 -14.18
N ARG Y 8 -47.86 81.83 -15.29
CA ARG Y 8 -48.62 80.58 -15.37
C ARG Y 8 -47.71 79.36 -15.30
N VAL Y 9 -46.42 79.50 -15.59
CA VAL Y 9 -45.49 78.38 -15.54
C VAL Y 9 -44.36 78.60 -14.56
N THR Y 10 -44.10 79.83 -14.11
CA THR Y 10 -43.01 80.13 -13.21
C THR Y 10 -43.48 81.09 -12.12
N ASN Y 11 -42.55 81.46 -11.25
CA ASN Y 11 -42.82 82.45 -10.21
C ASN Y 11 -41.48 83.04 -9.78
N VAL Y 12 -41.22 84.27 -10.17
CA VAL Y 12 -39.97 84.95 -9.85
C VAL Y 12 -40.29 86.19 -9.03
N THR Y 13 -39.73 86.26 -7.84
CA THR Y 13 -39.91 87.40 -6.95
C THR Y 13 -38.66 88.27 -6.96
N LEU Y 14 -38.74 89.40 -6.27
CA LEU Y 14 -37.59 90.29 -6.11
C LEU Y 14 -37.82 91.09 -4.83
N THR Y 15 -37.15 90.69 -3.76
CA THR Y 15 -37.30 91.34 -2.46
C THR Y 15 -35.95 91.88 -2.01
N ARG Y 16 -35.96 92.55 -0.85
CA ARG Y 16 -34.76 93.16 -0.28
C ARG Y 16 -34.65 92.73 1.18
N THR Y 17 -33.88 91.69 1.43
CA THR Y 17 -33.65 91.19 2.79
C THR Y 17 -32.25 90.59 2.83
N ASP Y 18 -31.90 89.98 3.96
CA ASP Y 18 -30.61 89.34 4.14
C ASP Y 18 -30.83 87.90 4.56
N ASN Y 19 -30.41 86.97 3.72
CA ASN Y 19 -30.49 85.54 4.00
C ASN Y 19 -29.10 84.97 4.11
N PHE Y 20 -28.94 84.01 5.00
CA PHE Y 20 -27.65 83.42 5.34
C PHE Y 20 -27.71 81.92 5.16
N PRO Y 21 -26.57 81.27 4.97
CA PRO Y 21 -26.57 79.83 4.70
C PRO Y 21 -27.10 79.00 5.88
N THR Y 22 -27.52 77.78 5.54
CA THR Y 22 -28.14 76.89 6.53
C THR Y 22 -27.15 76.51 7.63
N ARG Y 23 -26.09 75.79 7.26
CA ARG Y 23 -24.98 75.48 8.17
C ARG Y 23 -25.46 74.77 9.44
N ARG Y 24 -25.88 73.53 9.25
CA ARG Y 24 -26.30 72.70 10.38
C ARG Y 24 -25.20 72.63 11.43
N GLY Y 25 -25.61 72.43 12.68
CA GLY Y 25 -24.65 72.44 13.78
C GLY Y 25 -24.89 71.39 14.83
N PHE Y 26 -24.27 71.55 16.00
CA PHE Y 26 -24.40 70.54 17.04
C PHE Y 26 -25.66 70.74 17.89
N GLY Y 27 -25.72 71.84 18.62
CA GLY Y 27 -26.78 72.04 19.59
C GLY Y 27 -27.58 73.30 19.33
N THR Y 28 -28.75 73.37 19.97
CA THR Y 28 -29.64 74.51 19.89
C THR Y 28 -29.81 75.13 21.27
N GLN Y 29 -29.92 76.46 21.30
CA GLN Y 29 -30.00 77.18 22.56
C GLN Y 29 -31.44 77.43 22.96
N LEU Y 30 -31.63 77.79 24.23
CA LEU Y 30 -32.94 78.08 24.79
C LEU Y 30 -32.94 79.46 25.42
N ILE Y 31 -33.99 80.22 25.16
CA ILE Y 31 -34.16 81.57 25.69
C ILE Y 31 -35.38 81.55 26.61
N LEU Y 32 -35.15 81.59 27.92
CA LEU Y 32 -36.23 81.48 28.89
C LEU Y 32 -36.38 82.81 29.63
N THR Y 33 -37.63 83.25 29.76
CA THR Y 33 -37.95 84.48 30.47
C THR Y 33 -39.38 84.37 31.01
N HIS Y 34 -39.91 85.50 31.45
CA HIS Y 34 -41.23 85.53 32.06
C HIS Y 34 -42.34 85.86 31.07
N THR Y 35 -42.03 86.51 29.95
CA THR Y 35 -43.05 86.94 29.02
C THR Y 35 -43.64 85.75 28.28
N ALA Y 36 -44.96 85.72 28.17
CA ALA Y 36 -45.69 84.66 27.49
C ALA Y 36 -46.62 85.26 26.45
N VAL Y 37 -46.84 84.51 25.37
CA VAL Y 37 -47.74 84.97 24.31
C VAL Y 37 -49.15 84.40 24.45
N SER Y 38 -49.33 83.31 25.20
CA SER Y 38 -50.61 82.69 25.52
C SER Y 38 -51.32 82.10 24.32
N GLY Y 39 -50.76 82.23 23.11
CA GLY Y 39 -51.37 81.64 21.93
C GLY Y 39 -50.67 80.36 21.55
N GLN Y 40 -49.40 80.23 21.96
CA GLN Y 40 -48.62 79.02 21.73
C GLN Y 40 -47.85 78.54 22.93
N VAL Y 41 -47.55 79.41 23.90
CA VAL Y 41 -46.61 79.08 24.97
C VAL Y 41 -47.26 78.99 26.34
N ASP Y 42 -48.58 79.03 26.43
CA ASP Y 42 -49.24 79.13 27.72
C ASP Y 42 -49.31 77.80 28.45
N ALA Y 43 -48.20 77.40 29.09
CA ALA Y 43 -48.17 76.30 30.06
C ALA Y 43 -48.55 74.95 29.45
N THR Y 44 -48.79 74.91 28.15
CA THR Y 44 -49.01 73.65 27.44
C THR Y 44 -47.85 73.30 26.53
N LYS Y 45 -47.15 74.29 26.00
CA LYS Y 45 -45.93 74.10 25.23
C LYS Y 45 -44.90 75.05 25.82
N ARG Y 46 -44.27 74.62 26.91
CA ARG Y 46 -43.26 75.47 27.55
C ARG Y 46 -42.03 75.68 26.69
N THR Y 47 -41.85 74.88 25.64
CA THR Y 47 -40.77 75.06 24.67
C THR Y 47 -41.38 75.07 23.28
N LYS Y 48 -40.96 76.01 22.45
CA LYS Y 48 -41.46 76.16 21.10
C LYS Y 48 -40.30 76.29 20.14
N LEU Y 49 -40.47 75.75 18.93
CA LEU Y 49 -39.43 75.80 17.92
C LEU Y 49 -39.68 76.96 16.96
N TYR Y 50 -38.71 77.18 16.07
CA TYR Y 50 -38.83 78.17 15.01
C TYR Y 50 -38.00 77.72 13.82
N ALA Y 51 -37.99 78.53 12.78
CA ALA Y 51 -37.18 78.26 11.61
C ALA Y 51 -36.31 79.44 11.20
N SER Y 52 -36.79 80.66 11.38
CA SER Y 52 -36.04 81.85 11.01
C SER Y 52 -36.73 83.05 11.67
N LEU Y 53 -36.12 84.23 11.50
CA LEU Y 53 -36.68 85.43 12.09
C LEU Y 53 -38.05 85.76 11.52
N ALA Y 54 -38.29 85.39 10.26
CA ALA Y 54 -39.60 85.63 9.66
C ALA Y 54 -40.70 84.92 10.42
N GLU Y 55 -40.47 83.67 10.81
CA GLU Y 55 -41.47 82.89 11.52
C GLU Y 55 -41.72 83.40 12.94
N VAL Y 56 -40.87 84.29 13.46
CA VAL Y 56 -41.07 84.85 14.79
C VAL Y 56 -42.21 85.86 14.67
N GLU Y 57 -43.40 85.46 15.12
CA GLU Y 57 -44.56 86.35 15.06
C GLU Y 57 -45.23 86.47 16.41
N ALA Y 58 -45.28 85.37 17.16
CA ALA Y 58 -45.99 85.37 18.44
C ALA Y 58 -45.37 86.36 19.41
N ASP Y 59 -44.06 86.28 19.61
CA ASP Y 59 -43.38 87.26 20.43
C ASP Y 59 -43.33 88.60 19.70
N TYR Y 60 -43.40 89.68 20.49
CA TYR Y 60 -43.48 91.01 19.92
C TYR Y 60 -42.21 91.34 19.15
N PRO Y 61 -42.32 91.99 17.99
CA PRO Y 61 -41.12 92.35 17.23
C PRO Y 61 -40.32 93.49 17.85
N ALA Y 62 -40.65 93.88 19.07
CA ALA Y 62 -39.84 94.85 19.80
C ALA Y 62 -39.72 94.52 21.28
N ASN Y 63 -40.12 93.32 21.71
CA ASN Y 63 -39.94 92.96 23.11
C ASN Y 63 -38.46 92.77 23.42
N THR Y 64 -38.09 93.11 24.67
CA THR Y 64 -36.68 93.15 25.02
C THR Y 64 -36.09 91.75 25.11
N SER Y 65 -36.86 90.78 25.61
CA SER Y 65 -36.31 89.46 25.85
C SER Y 65 -36.08 88.69 24.55
N VAL Y 66 -37.15 88.41 23.82
CA VAL Y 66 -37.05 87.47 22.71
C VAL Y 66 -36.46 88.13 21.48
N TYR Y 67 -37.13 89.15 20.94
CA TYR Y 67 -36.71 89.68 19.65
C TYR Y 67 -35.37 90.39 19.73
N LYS Y 68 -35.14 91.15 20.80
CA LYS Y 68 -33.89 91.89 20.91
C LYS Y 68 -32.68 90.99 21.17
N ALA Y 69 -32.90 89.71 21.45
CA ALA Y 69 -31.84 88.72 21.51
C ALA Y 69 -31.83 87.79 20.31
N ALA Y 70 -33.01 87.39 19.82
CA ALA Y 70 -33.07 86.53 18.65
C ALA Y 70 -32.54 87.23 17.42
N LEU Y 71 -32.67 88.55 17.34
CA LEU Y 71 -32.11 89.29 16.23
C LEU Y 71 -30.59 89.13 16.17
N SER Y 72 -29.93 89.23 17.32
CA SER Y 72 -28.50 88.98 17.37
C SER Y 72 -28.20 87.50 17.09
N ALA Y 73 -29.02 86.60 17.62
CA ALA Y 73 -28.76 85.18 17.45
C ALA Y 73 -28.76 84.76 15.99
N PHE Y 74 -29.72 85.25 15.22
CA PHE Y 74 -29.84 84.90 13.81
C PHE Y 74 -28.98 85.78 12.91
N SER Y 75 -27.98 86.46 13.47
CA SER Y 75 -27.22 87.45 12.72
C SER Y 75 -25.79 87.01 12.42
N GLN Y 76 -25.43 85.77 12.70
CA GLN Y 76 -24.08 85.29 12.42
C GLN Y 76 -23.90 85.07 10.92
N ASN Y 77 -22.67 85.26 10.45
CA ASN Y 77 -22.39 85.20 9.01
C ASN Y 77 -22.80 83.85 8.42
N PRO Y 78 -22.51 82.70 9.03
CA PRO Y 78 -23.33 81.52 8.78
C PRO Y 78 -24.41 81.43 9.83
N ARG Y 79 -25.60 81.05 9.41
CA ARG Y 79 -26.69 81.22 10.35
C ARG Y 79 -27.05 79.90 11.00
N PRO Y 80 -27.37 79.90 12.29
CA PRO Y 80 -27.94 78.69 12.90
C PRO Y 80 -29.36 78.48 12.45
N ILE Y 81 -30.01 77.41 12.92
CA ILE Y 81 -31.40 77.14 12.58
C ILE Y 81 -32.14 76.72 13.83
N ARG Y 82 -33.47 76.69 13.72
CA ARG Y 82 -34.39 76.16 14.73
C ARG Y 82 -34.02 76.62 16.14
N LEU Y 83 -34.11 77.93 16.32
CA LEU Y 83 -34.01 78.51 17.66
C LEU Y 83 -35.19 78.04 18.50
N LYS Y 84 -34.93 77.84 19.80
CA LYS Y 84 -35.95 77.37 20.73
C LYS Y 84 -36.29 78.47 21.73
N VAL Y 85 -37.57 78.66 21.98
CA VAL Y 85 -38.08 79.68 22.89
C VAL Y 85 -38.70 79.00 24.10
N GLY Y 86 -38.39 79.50 25.28
CA GLY Y 86 -38.80 78.91 26.53
C GLY Y 86 -39.95 79.66 27.20
N TYR Y 87 -40.39 79.08 28.32
CA TYR Y 87 -41.51 79.59 29.10
C TYR Y 87 -41.25 79.43 30.60
N ALA Y 88 -40.04 79.06 30.97
CA ALA Y 88 -39.75 78.48 32.28
C ALA Y 88 -40.15 79.36 33.45
N ALA Y 89 -39.50 80.50 33.61
CA ALA Y 89 -39.78 81.37 34.75
C ALA Y 89 -40.92 82.33 34.44
N THR Y 90 -42.03 81.78 33.96
CA THR Y 90 -43.23 82.60 33.80
C THR Y 90 -43.69 83.18 35.14
N PRO Y 91 -43.69 82.45 36.26
CA PRO Y 91 -43.81 83.12 37.55
C PRO Y 91 -42.64 84.05 37.77
N THR Y 92 -42.91 85.20 38.38
CA THR Y 92 -41.89 86.22 38.59
C THR Y 92 -40.94 85.73 39.69
N GLY Y 93 -40.12 84.74 39.34
CA GLY Y 93 -39.15 84.20 40.25
C GLY Y 93 -39.77 83.33 41.33
N GLY Y 94 -40.69 83.89 42.08
CA GLY Y 94 -41.39 83.14 43.10
C GLY Y 94 -42.33 84.04 43.88
N ASP Y 95 -43.11 83.39 44.74
CA ASP Y 95 -43.94 84.16 45.68
C ASP Y 95 -43.06 84.96 46.63
N ASP Y 96 -42.00 84.35 47.12
CA ASP Y 96 -40.95 85.04 47.88
C ASP Y 96 -39.67 84.94 47.06
N ALA Y 97 -39.28 86.04 46.42
CA ALA Y 97 -38.11 86.03 45.53
C ALA Y 97 -36.82 85.76 46.28
N ALA Y 98 -36.80 85.94 47.61
CA ALA Y 98 -35.59 85.68 48.37
C ALA Y 98 -35.20 84.21 48.30
N LYS Y 99 -36.15 83.32 48.10
CA LYS Y 99 -35.89 81.89 47.98
C LYS Y 99 -36.04 81.46 46.52
N LYS Y 100 -35.04 80.72 46.04
CA LYS Y 100 -34.99 80.23 44.67
C LYS Y 100 -35.74 78.93 44.49
N ALA Y 101 -36.35 78.40 45.56
CA ALA Y 101 -37.01 77.09 45.48
C ALA Y 101 -38.09 77.05 44.41
N ASP Y 102 -38.75 78.18 44.13
CA ASP Y 102 -39.71 78.21 43.04
C ASP Y 102 -39.01 78.13 41.68
N PHE Y 103 -37.82 78.73 41.56
CA PHE Y 103 -37.15 78.75 40.27
C PHE Y 103 -36.67 77.36 39.87
N ILE Y 104 -36.12 76.61 40.81
CA ILE Y 104 -35.67 75.25 40.51
C ILE Y 104 -36.85 74.38 40.10
N THR Y 105 -37.98 74.52 40.79
CA THR Y 105 -39.17 73.78 40.41
C THR Y 105 -39.68 74.22 39.04
N SER Y 106 -39.58 75.50 38.71
CA SER Y 106 -39.97 75.95 37.39
C SER Y 106 -39.10 75.30 36.32
N LEU Y 107 -37.79 75.23 36.57
CA LEU Y 107 -36.90 74.56 35.63
C LEU Y 107 -37.24 73.08 35.50
N GLY Y 108 -37.54 72.42 36.62
CA GLY Y 108 -37.83 71.01 36.59
C GLY Y 108 -39.05 70.64 35.80
N ALA Y 109 -39.94 71.60 35.53
CA ALA Y 109 -41.16 71.36 34.79
C ALA Y 109 -41.05 71.68 33.31
N ILE Y 110 -39.87 72.12 32.84
CA ILE Y 110 -39.71 72.44 31.43
C ILE Y 110 -38.95 71.34 30.67
N LEU Y 111 -38.15 70.53 31.37
CA LEU Y 111 -37.50 69.42 30.70
C LEU Y 111 -38.51 68.41 30.18
N ASN Y 112 -39.53 68.10 30.99
CA ASN Y 112 -40.43 67.02 30.68
C ASN Y 112 -41.16 67.23 29.37
N TYR Y 113 -41.48 68.49 29.02
CA TYR Y 113 -42.11 68.75 27.74
C TYR Y 113 -41.16 68.42 26.59
N ASP Y 114 -39.89 68.77 26.71
CA ASP Y 114 -38.94 68.55 25.63
C ASP Y 114 -37.52 68.71 26.16
N GLN Y 115 -36.66 67.76 25.84
CA GLN Y 115 -35.23 67.83 26.13
C GLN Y 115 -34.50 67.73 24.80
N ALA Y 116 -34.34 68.87 24.13
CA ALA Y 116 -33.57 68.93 22.90
C ALA Y 116 -32.55 70.06 22.87
N PHE Y 117 -32.73 71.09 23.67
CA PHE Y 117 -31.80 72.21 23.72
C PHE Y 117 -30.53 71.82 24.47
N TYR Y 118 -29.44 72.53 24.14
CA TYR Y 118 -28.16 72.32 24.80
C TYR Y 118 -27.64 73.54 25.53
N GLN Y 119 -28.08 74.74 25.13
CA GLN Y 119 -27.56 75.98 25.68
C GLN Y 119 -28.70 76.81 26.26
N ILE Y 120 -28.43 77.44 27.39
CA ILE Y 120 -29.41 78.23 28.11
C ILE Y 120 -28.91 79.66 28.17
N THR Y 121 -29.72 80.59 27.66
CA THR Y 121 -29.41 82.01 27.65
C THR Y 121 -30.64 82.79 28.14
N LEU Y 122 -30.52 83.43 29.29
CA LEU Y 122 -31.56 84.28 29.83
C LEU Y 122 -31.15 85.73 29.69
N ASP Y 123 -32.09 86.58 29.29
CA ASP Y 123 -31.73 87.94 28.90
C ASP Y 123 -32.91 88.88 29.08
N ALA Y 124 -32.58 90.17 29.19
CA ALA Y 124 -33.53 91.27 29.34
C ALA Y 124 -34.24 91.22 30.68
N ALA Y 125 -33.97 90.16 31.44
CA ALA Y 125 -34.52 89.98 32.77
C ALA Y 125 -33.66 88.94 33.46
N LEU Y 126 -33.94 88.72 34.74
CA LEU Y 126 -33.20 87.77 35.56
C LEU Y 126 -31.72 88.15 35.65
N ARG Y 127 -31.39 89.41 35.40
CA ARG Y 127 -29.99 89.86 35.42
C ARG Y 127 -29.53 90.03 36.85
N ASP Y 128 -28.56 89.21 37.27
CA ASP Y 128 -27.95 89.28 38.60
C ASP Y 128 -28.98 89.15 39.72
N GLN Y 129 -30.13 88.56 39.42
CA GLN Y 129 -31.12 88.34 40.46
C GLN Y 129 -30.65 87.26 41.42
N PRO Y 130 -30.97 87.40 42.71
CA PRO Y 130 -30.44 86.44 43.68
C PRO Y 130 -30.93 85.01 43.46
N TYR Y 131 -32.14 84.83 42.93
CA TYR Y 131 -32.63 83.48 42.67
C TYR Y 131 -31.93 82.81 41.51
N LEU Y 132 -31.34 83.59 40.61
CA LEU Y 132 -30.67 83.04 39.43
C LEU Y 132 -29.57 82.06 39.80
N ASP Y 133 -29.00 82.19 41.01
CA ASP Y 133 -27.98 81.27 41.44
C ASP Y 133 -28.45 79.82 41.41
N GLY Y 134 -29.75 79.59 41.60
CA GLY Y 134 -30.27 78.24 41.51
C GLY Y 134 -29.95 77.58 40.18
N LEU Y 135 -29.99 78.35 39.09
CA LEU Y 135 -29.62 77.80 37.79
C LEU Y 135 -28.20 77.26 37.80
N VAL Y 136 -27.27 77.98 38.44
CA VAL Y 136 -25.91 77.49 38.54
C VAL Y 136 -25.88 76.17 39.29
N GLU Y 137 -26.74 76.03 40.30
CA GLU Y 137 -26.84 74.76 41.01
C GLU Y 137 -27.48 73.68 40.13
N TRP Y 138 -28.37 74.08 39.23
CA TRP Y 138 -29.14 73.12 38.48
C TRP Y 138 -28.45 72.66 37.21
N VAL Y 139 -27.66 73.54 36.58
CA VAL Y 139 -26.99 73.16 35.33
C VAL Y 139 -25.87 72.17 35.58
N GLU Y 140 -25.35 72.09 36.79
CA GLU Y 140 -24.44 71.00 37.12
C GLU Y 140 -25.23 69.73 37.35
N ALA Y 141 -24.53 68.59 37.27
CA ALA Y 141 -25.16 67.27 37.24
C ALA Y 141 -26.20 67.21 36.12
N GLN Y 142 -25.84 67.77 34.98
CA GLN Y 142 -26.73 67.90 33.83
C GLN Y 142 -25.88 68.05 32.58
N PRO Y 143 -26.24 67.42 31.47
CA PRO Y 143 -25.43 67.53 30.24
C PRO Y 143 -25.81 68.71 29.36
N LYS Y 144 -25.71 69.92 29.90
CA LYS Y 144 -26.05 71.13 29.17
C LYS Y 144 -25.09 72.25 29.57
N ILE Y 145 -25.21 73.39 28.90
CA ILE Y 145 -24.40 74.57 29.19
C ILE Y 145 -25.33 75.75 29.32
N ALA Y 146 -25.21 76.49 30.43
CA ALA Y 146 -26.02 77.67 30.68
C ALA Y 146 -25.09 78.85 30.94
N MET Y 147 -25.37 79.98 30.31
CA MET Y 147 -24.51 81.14 30.46
C MET Y 147 -25.34 82.40 30.67
N ILE Y 148 -24.78 83.34 31.44
CA ILE Y 148 -25.47 84.52 31.92
C ILE Y 148 -24.67 85.74 31.53
N ASP Y 149 -25.30 86.66 30.79
CA ASP Y 149 -24.64 87.90 30.38
C ASP Y 149 -25.11 89.03 31.28
N SER Y 150 -24.39 89.23 32.39
CA SER Y 150 -24.68 90.38 33.24
C SER Y 150 -24.41 91.67 32.47
N ASN Y 151 -25.18 92.70 32.81
CA ASN Y 151 -25.11 93.98 32.11
C ASN Y 151 -24.23 95.00 32.81
N ALA Y 152 -24.09 94.92 34.12
CA ALA Y 152 -23.22 95.83 34.88
C ALA Y 152 -23.08 95.33 36.29
N ALA Y 153 -21.89 95.44 36.86
CA ALA Y 153 -21.61 94.99 38.21
C ALA Y 153 -20.24 95.48 38.61
N GLY Y 154 -19.83 95.14 39.84
CA GLY Y 154 -18.54 95.54 40.34
C GLY Y 154 -17.44 94.57 39.97
N HIS Y 155 -17.48 94.04 38.75
CA HIS Y 155 -16.38 93.20 38.27
C HIS Y 155 -15.08 93.98 38.15
N GLU Y 156 -15.17 95.30 37.94
CA GLU Y 156 -13.98 96.12 37.75
C GLU Y 156 -13.11 96.15 39.00
N ASP Y 157 -13.68 95.89 40.17
CA ASP Y 157 -12.90 95.77 41.39
C ASP Y 157 -12.60 94.31 41.65
N PRO Y 158 -11.36 93.86 41.55
CA PRO Y 158 -11.05 92.45 41.81
C PRO Y 158 -11.07 92.05 43.28
N ALA Y 159 -11.59 92.93 44.15
CA ALA Y 159 -11.60 92.66 45.58
C ALA Y 159 -12.96 92.29 46.14
N ASN Y 160 -14.04 92.64 45.45
CA ASN Y 160 -15.37 92.36 45.98
C ASN Y 160 -15.68 90.86 45.87
N THR Y 161 -16.77 90.46 46.51
CA THR Y 161 -17.21 89.07 46.51
C THR Y 161 -18.70 88.91 46.25
N THR Y 162 -19.50 89.97 46.34
CA THR Y 162 -20.94 89.89 46.18
C THR Y 162 -21.37 89.64 44.74
N VAL Y 163 -20.46 89.72 43.79
CA VAL Y 163 -20.81 89.62 42.37
C VAL Y 163 -20.95 88.16 41.98
N ILE Y 164 -21.58 87.93 40.82
CA ILE Y 164 -21.83 86.57 40.35
C ILE Y 164 -20.52 85.81 40.20
N ALA Y 165 -19.62 86.31 39.34
CA ALA Y 165 -18.38 85.62 39.07
C ALA Y 165 -17.41 85.67 40.24
N ALA Y 166 -17.69 86.47 41.27
CA ALA Y 166 -16.82 86.52 42.44
C ALA Y 166 -17.20 85.47 43.47
N ARG Y 167 -18.49 85.34 43.79
CA ARG Y 167 -18.90 84.31 44.75
C ARG Y 167 -18.68 82.92 44.18
N HIS Y 168 -18.95 82.74 42.89
CA HIS Y 168 -18.63 81.50 42.19
C HIS Y 168 -17.47 81.78 41.25
N LYS Y 169 -16.30 81.27 41.59
CA LYS Y 169 -15.09 81.58 40.84
C LYS Y 169 -14.17 80.37 40.93
N GLY Y 170 -14.11 79.61 39.85
CA GLY Y 170 -13.32 78.39 39.81
C GLY Y 170 -13.98 77.19 40.43
N THR Y 171 -15.19 77.33 40.95
CA THR Y 171 -15.91 76.22 41.55
C THR Y 171 -16.90 75.57 40.61
N VAL Y 172 -17.38 76.31 39.60
CA VAL Y 172 -18.37 75.82 38.65
C VAL Y 172 -17.70 75.62 37.31
N GLU Y 173 -18.01 74.50 36.66
CA GLU Y 173 -17.32 74.08 35.45
C GLU Y 173 -18.22 74.05 34.22
N ARG Y 174 -19.44 74.60 34.31
CA ARG Y 174 -20.35 74.50 33.18
C ARG Y 174 -21.13 75.78 32.95
N THR Y 175 -20.55 76.93 33.28
CA THR Y 175 -21.22 78.19 33.02
C THR Y 175 -20.17 79.29 32.84
N ALA Y 176 -20.56 80.34 32.11
CA ALA Y 176 -19.67 81.47 31.88
C ALA Y 176 -20.51 82.74 31.80
N VAL Y 177 -19.85 83.87 32.06
CA VAL Y 177 -20.51 85.16 32.18
C VAL Y 177 -20.01 86.06 31.06
N PHE Y 178 -20.91 86.43 30.16
CA PHE Y 178 -20.57 87.32 29.05
C PHE Y 178 -20.88 88.77 29.44
N TYR Y 179 -20.04 89.30 30.32
CA TYR Y 179 -20.22 90.66 30.81
C TYR Y 179 -20.02 91.68 29.69
N HIS Y 180 -20.86 92.71 29.70
CA HIS Y 180 -20.70 93.85 28.83
C HIS Y 180 -21.33 95.06 29.53
N THR Y 181 -21.59 96.13 28.77
CA THR Y 181 -22.42 97.21 29.25
C THR Y 181 -23.87 96.97 28.83
N ASP Y 182 -24.74 97.93 29.11
CA ASP Y 182 -26.16 97.71 28.95
C ASP Y 182 -26.57 97.73 27.48
N SER Y 183 -27.74 97.15 27.21
CA SER Y 183 -28.46 97.18 25.94
C SER Y 183 -27.84 96.30 24.86
N THR Y 184 -26.89 95.43 25.22
CA THR Y 184 -26.25 94.54 24.26
C THR Y 184 -26.57 93.10 24.64
N GLU Y 185 -27.33 92.42 23.78
CA GLU Y 185 -27.63 91.00 23.96
C GLU Y 185 -26.50 90.21 23.32
N TYR Y 186 -25.66 89.61 24.15
CA TYR Y 186 -24.36 89.13 23.73
C TYR Y 186 -24.22 87.61 23.67
N LEU Y 187 -24.85 86.88 24.58
CA LEU Y 187 -24.78 85.42 24.53
C LEU Y 187 -25.25 84.90 23.19
N ALA Y 188 -26.35 85.44 22.68
CA ALA Y 188 -26.87 84.99 21.39
C ALA Y 188 -25.87 85.25 20.27
N ALA Y 189 -25.02 86.27 20.41
CA ALA Y 189 -24.13 86.63 19.33
C ALA Y 189 -23.14 85.53 19.02
N SER Y 190 -22.59 84.88 20.05
CA SER Y 190 -21.59 83.84 19.87
C SER Y 190 -22.14 82.45 20.19
N MET Y 191 -22.74 82.27 21.35
CA MET Y 191 -23.31 80.98 21.70
C MET Y 191 -24.43 80.62 20.74
N ALA Y 192 -24.37 79.40 20.22
CA ALA Y 192 -25.38 78.83 19.34
C ALA Y 192 -25.51 79.60 18.03
N ALA Y 193 -24.73 80.66 17.88
CA ALA Y 193 -24.56 81.31 16.59
C ALA Y 193 -23.22 80.97 15.96
N TYR Y 194 -22.17 80.92 16.77
CA TYR Y 194 -20.91 80.33 16.36
C TYR Y 194 -20.65 79.00 17.05
N MET Y 195 -21.09 78.83 18.28
CA MET Y 195 -20.93 77.54 18.97
C MET Y 195 -21.68 76.44 18.23
N SER Y 196 -22.92 76.72 17.83
CA SER Y 196 -23.72 75.69 17.18
C SER Y 196 -23.15 75.33 15.81
N THR Y 197 -22.88 76.33 14.98
CA THR Y 197 -22.56 76.06 13.58
C THR Y 197 -21.13 75.55 13.41
N ARG Y 198 -20.77 74.50 14.12
CA ARG Y 198 -19.49 73.81 13.94
C ARG Y 198 -19.78 72.33 13.80
N VAL Y 199 -19.15 71.70 12.81
CA VAL Y 199 -19.34 70.28 12.54
C VAL Y 199 -18.05 69.55 12.91
N PHE Y 200 -18.14 68.72 13.94
CA PHE Y 200 -16.96 68.06 14.50
C PHE Y 200 -16.55 66.80 13.75
N ASP Y 201 -17.38 66.29 12.87
CA ASP Y 201 -17.07 65.07 12.15
C ASP Y 201 -16.08 65.27 11.01
N ASP Y 202 -15.83 66.53 10.62
CA ASP Y 202 -14.90 66.82 9.56
C ASP Y 202 -13.47 66.93 10.09
N ALA Y 203 -12.51 66.82 9.18
CA ALA Y 203 -11.11 66.94 9.55
C ALA Y 203 -10.79 68.37 9.97
N ASN Y 204 -9.93 68.50 10.98
CA ASN Y 204 -9.37 69.75 11.44
C ASN Y 204 -10.42 70.77 11.88
N SER Y 205 -11.66 70.33 12.11
CA SER Y 205 -12.73 71.23 12.53
C SER Y 205 -12.87 71.27 14.05
N ALA Y 206 -11.78 71.51 14.75
CA ALA Y 206 -11.79 71.61 16.21
C ALA Y 206 -11.46 73.05 16.58
N TYR Y 207 -12.45 73.78 17.06
CA TYR Y 207 -12.27 75.20 17.37
C TYR Y 207 -11.89 75.36 18.84
N THR Y 208 -10.75 74.77 19.19
CA THR Y 208 -10.35 74.68 20.60
C THR Y 208 -10.31 76.05 21.28
N LEU Y 209 -9.93 77.10 20.56
CA LEU Y 209 -9.81 78.41 21.18
C LEU Y 209 -11.14 79.01 21.57
N LYS Y 210 -11.99 79.30 20.58
CA LYS Y 210 -13.10 80.24 20.76
C LYS Y 210 -12.62 81.58 21.32
N PHE Y 211 -11.31 81.82 21.24
CA PHE Y 211 -10.65 82.93 21.89
C PHE Y 211 -10.42 84.12 20.99
N LYS Y 212 -10.49 83.93 19.67
CA LYS Y 212 -10.32 85.02 18.70
C LYS Y 212 -11.46 84.87 17.69
N LYS Y 213 -12.61 85.46 18.01
CA LYS Y 213 -13.80 85.33 17.17
C LYS Y 213 -14.60 86.60 17.20
N ALA Y 214 -15.17 86.96 16.05
CA ALA Y 214 -15.97 88.16 15.86
C ALA Y 214 -17.46 87.84 16.01
N PRO Y 215 -18.23 88.74 16.60
CA PRO Y 215 -19.68 88.53 16.73
C PRO Y 215 -20.38 88.97 15.45
N GLY Y 216 -21.70 88.90 15.48
CA GLY Y 216 -22.46 89.38 14.34
C GLY Y 216 -22.39 90.89 14.20
N VAL Y 217 -23.07 91.60 15.10
CA VAL Y 217 -23.08 93.05 15.10
C VAL Y 217 -23.12 93.51 16.54
N ARG Y 218 -22.02 94.09 17.02
CA ARG Y 218 -21.97 94.67 18.36
C ARG Y 218 -20.67 95.46 18.49
N ALA Y 219 -20.64 96.33 19.50
CA ALA Y 219 -19.54 97.25 19.70
C ALA Y 219 -18.67 96.84 20.87
N ILE Y 220 -17.57 97.59 21.05
CA ILE Y 220 -16.52 97.27 22.00
C ILE Y 220 -16.78 97.95 23.34
N ASP Y 221 -16.10 97.48 24.39
CA ASP Y 221 -16.03 98.18 25.65
C ASP Y 221 -14.69 98.92 25.73
N LYS Y 222 -14.37 99.49 26.90
CA LYS Y 222 -13.21 100.34 27.06
C LYS Y 222 -12.44 99.97 28.32
N GLY Y 223 -11.14 100.27 28.30
CA GLY Y 223 -10.27 100.01 29.44
C GLY Y 223 -9.04 99.23 29.01
N SER Y 224 -7.94 99.43 29.73
CA SER Y 224 -6.69 98.75 29.44
C SER Y 224 -6.21 97.86 30.57
N ALA Y 225 -6.09 98.40 31.79
CA ALA Y 225 -5.76 97.61 32.96
C ALA Y 225 -7.01 97.17 33.72
N VAL Y 226 -8.20 97.54 33.25
CA VAL Y 226 -9.44 97.05 33.83
C VAL Y 226 -9.91 95.77 33.15
N VAL Y 227 -9.27 95.36 32.07
CA VAL Y 227 -9.61 94.12 31.38
C VAL Y 227 -8.79 92.99 32.01
N THR Y 228 -8.15 93.30 33.13
CA THR Y 228 -7.51 92.27 33.95
C THR Y 228 -8.38 91.86 35.13
N ALA Y 229 -9.06 92.83 35.77
CA ALA Y 229 -10.03 92.46 36.79
C ALA Y 229 -11.13 91.60 36.20
N ILE Y 230 -11.74 92.05 35.12
CA ILE Y 230 -12.55 91.17 34.30
C ILE Y 230 -11.61 90.27 33.51
N THR Y 231 -12.09 89.07 33.16
CA THR Y 231 -11.35 88.05 32.43
C THR Y 231 -10.18 87.47 33.20
N GLY Y 232 -9.88 88.00 34.39
CA GLY Y 232 -8.86 87.46 35.28
C GLY Y 232 -7.59 86.97 34.64
N PHE Y 233 -7.10 87.70 33.65
CA PHE Y 233 -5.98 87.25 32.84
C PHE Y 233 -4.72 88.02 33.21
N VAL Y 234 -3.67 87.30 33.60
CA VAL Y 234 -2.36 87.90 33.80
C VAL Y 234 -1.80 88.33 32.45
N GLU Y 235 -1.00 89.39 32.45
CA GLU Y 235 -0.47 89.93 31.20
C GLU Y 235 0.38 88.91 30.47
N GLN Y 236 1.36 88.32 31.16
CA GLN Y 236 2.32 87.43 30.51
C GLN Y 236 2.32 86.02 31.08
N THR Y 237 2.42 85.88 32.41
CA THR Y 237 2.70 84.58 33.01
C THR Y 237 1.59 83.57 32.72
N GLY Y 238 0.34 83.98 32.82
CA GLY Y 238 -0.75 83.06 32.56
C GLY Y 238 -2.10 83.65 32.84
N GLN Y 239 -2.95 82.89 33.53
CA GLN Y 239 -4.25 83.38 33.97
C GLN Y 239 -4.41 83.03 35.44
N SER Y 240 -4.48 84.06 36.28
CA SER Y 240 -4.61 83.88 37.71
C SER Y 240 -6.07 84.02 38.12
N GLU Y 241 -6.55 83.03 38.85
CA GLU Y 241 -7.92 83.00 39.33
C GLU Y 241 -8.16 83.98 40.47
N SER Y 242 -7.12 84.28 41.25
CA SER Y 242 -7.28 85.17 42.40
C SER Y 242 -7.39 86.63 42.00
N ALA Y 243 -6.67 87.04 40.94
CA ALA Y 243 -6.55 88.44 40.58
C ALA Y 243 -7.59 88.89 39.57
N GLY Y 244 -8.76 88.26 39.54
CA GLY Y 244 -9.82 88.72 38.66
C GLY Y 244 -10.94 87.72 38.57
N HIS Y 245 -12.01 88.16 37.93
CA HIS Y 245 -13.18 87.33 37.66
C HIS Y 245 -13.10 86.84 36.22
N CYS Y 246 -13.33 85.55 36.02
CA CYS Y 246 -13.18 84.94 34.71
C CYS Y 246 -14.45 85.16 33.91
N ALA Y 247 -14.38 86.04 32.90
CA ALA Y 247 -15.54 86.36 32.08
C ALA Y 247 -15.04 86.75 30.69
N ASN Y 248 -15.93 87.35 29.90
CA ASN Y 248 -15.64 87.72 28.53
C ASN Y 248 -16.21 89.10 28.24
N THR Y 249 -15.54 89.85 27.37
CA THR Y 249 -15.93 91.24 27.15
C THR Y 249 -15.97 91.70 25.69
N LEU Y 250 -15.37 90.98 24.75
CA LEU Y 250 -15.30 91.39 23.35
C LEU Y 250 -14.59 92.73 23.18
N ILE Y 251 -13.29 92.71 23.46
CA ILE Y 251 -12.44 93.88 23.32
C ILE Y 251 -11.99 94.03 21.87
N ASP Y 252 -11.34 95.15 21.56
CA ASP Y 252 -10.71 95.36 20.26
C ASP Y 252 -9.29 95.85 20.48
N ILE Y 253 -8.41 95.53 19.53
CA ILE Y 253 -7.00 95.90 19.65
C ILE Y 253 -6.59 96.76 18.46
N GLY Y 254 -6.89 96.29 17.26
CA GLY Y 254 -6.85 97.17 16.12
C GLY Y 254 -8.20 97.82 15.96
N ASP Y 255 -8.67 97.97 14.73
CA ASP Y 255 -10.08 98.28 14.53
C ASP Y 255 -10.87 96.99 14.68
N GLN Y 256 -10.16 95.87 14.77
CA GLN Y 256 -10.74 94.53 14.80
C GLN Y 256 -11.25 94.25 16.21
N GLU Y 257 -12.57 94.13 16.34
CA GLU Y 257 -13.19 93.75 17.60
C GLU Y 257 -13.49 92.26 17.60
N PHE Y 258 -13.12 91.59 18.69
CA PHE Y 258 -13.21 90.14 18.77
C PHE Y 258 -13.40 89.72 20.22
N LEU Y 259 -13.92 88.51 20.40
CA LEU Y 259 -14.08 87.94 21.72
C LEU Y 259 -12.71 87.68 22.35
N VAL Y 260 -12.67 87.74 23.69
CA VAL Y 260 -11.42 87.61 24.42
C VAL Y 260 -11.61 86.63 25.57
N GLU Y 261 -10.50 86.10 26.06
CA GLU Y 261 -10.36 85.15 27.15
C GLU Y 261 -10.90 83.77 26.81
N GLY Y 262 -11.52 83.59 25.64
CA GLY Y 262 -11.89 82.26 25.18
C GLY Y 262 -13.04 81.60 25.91
N SER Y 263 -13.88 82.38 26.57
CA SER Y 263 -15.05 81.86 27.27
C SER Y 263 -14.67 80.80 28.29
N THR Y 264 -13.89 81.23 29.29
CA THR Y 264 -13.55 80.32 30.36
C THR Y 264 -14.71 80.19 31.34
N LEU Y 265 -14.62 79.18 32.18
CA LEU Y 265 -15.59 78.90 33.22
C LEU Y 265 -14.96 78.83 34.61
N THR Y 266 -13.71 78.41 34.67
CA THR Y 266 -12.90 78.37 35.88
C THR Y 266 -11.53 78.90 35.47
N GLN Y 267 -10.52 78.65 36.29
CA GLN Y 267 -9.19 79.20 36.03
C GLN Y 267 -8.74 78.92 34.59
N ASN Y 268 -8.65 77.63 34.22
CA ASN Y 268 -8.18 77.26 32.89
C ASN Y 268 -9.04 76.15 32.30
N VAL Y 269 -10.36 76.33 32.34
CA VAL Y 269 -11.30 75.40 31.72
C VAL Y 269 -12.02 76.18 30.63
N PHE Y 270 -11.63 75.92 29.37
CA PHE Y 270 -12.18 76.68 28.26
C PHE Y 270 -13.45 76.03 27.73
N LEU Y 271 -14.25 76.83 27.02
CA LEU Y 271 -15.57 76.39 26.61
C LEU Y 271 -15.52 75.26 25.59
N ASP Y 272 -14.56 75.32 24.66
CA ASP Y 272 -14.51 74.30 23.62
C ASP Y 272 -14.20 72.92 24.18
N GLU Y 273 -13.38 72.85 25.22
CA GLU Y 273 -13.12 71.56 25.85
C GLU Y 273 -14.39 70.92 26.39
N ILE Y 274 -15.33 71.73 26.90
CA ILE Y 274 -16.62 71.21 27.31
C ILE Y 274 -17.45 70.81 26.10
N HIS Y 275 -17.47 71.65 25.06
CA HIS Y 275 -18.32 71.39 23.91
C HIS Y 275 -17.92 70.09 23.21
N ALA Y 276 -16.62 69.86 23.05
CA ALA Y 276 -16.16 68.66 22.34
C ALA Y 276 -16.50 67.39 23.11
N THR Y 277 -16.30 67.39 24.43
CA THR Y 277 -16.65 66.21 25.21
C THR Y 277 -18.16 65.97 25.21
N ASP Y 278 -18.95 67.05 25.26
CA ASP Y 278 -20.39 66.87 25.18
C ASP Y 278 -20.79 66.27 23.83
N TRP Y 279 -20.13 66.70 22.76
CA TRP Y 279 -20.39 66.11 21.45
C TRP Y 279 -20.05 64.64 21.43
N ILE Y 280 -18.90 64.27 22.01
CA ILE Y 280 -18.51 62.86 22.04
C ILE Y 280 -19.54 62.03 22.78
N ILE Y 281 -19.99 62.53 23.94
CA ILE Y 281 -20.98 61.80 24.72
C ILE Y 281 -22.29 61.65 23.94
N ALA Y 282 -22.80 62.76 23.41
CA ALA Y 282 -24.07 62.73 22.70
C ALA Y 282 -23.99 61.97 21.39
N ARG Y 283 -22.80 61.74 20.87
CA ARG Y 283 -22.64 60.88 19.70
C ARG Y 283 -22.62 59.41 20.08
N THR Y 284 -21.89 59.06 21.14
CA THR Y 284 -21.85 57.67 21.57
C THR Y 284 -23.24 57.20 22.00
N GLU Y 285 -24.00 58.06 22.67
CA GLU Y 285 -25.35 57.65 23.07
C GLU Y 285 -26.22 57.34 21.87
N GLU Y 286 -26.17 58.19 20.84
CA GLU Y 286 -26.97 57.95 19.65
C GLU Y 286 -26.53 56.67 18.94
N GLU Y 287 -25.23 56.45 18.84
CA GLU Y 287 -24.76 55.24 18.17
C GLU Y 287 -25.12 53.99 18.95
N MET Y 288 -25.06 54.04 20.28
CA MET Y 288 -25.51 52.91 21.08
C MET Y 288 -27.00 52.65 20.88
N LEU Y 289 -27.79 53.72 20.80
CA LEU Y 289 -29.22 53.55 20.57
C LEU Y 289 -29.48 52.91 19.21
N SER Y 290 -28.73 53.32 18.20
CA SER Y 290 -28.87 52.77 16.86
C SER Y 290 -28.30 51.37 16.73
N LEU Y 291 -27.91 50.73 17.83
CA LEU Y 291 -27.35 49.39 17.80
C LEU Y 291 -28.27 48.34 18.38
N PHE Y 292 -29.07 48.69 19.40
CA PHE Y 292 -30.10 47.78 19.86
C PHE Y 292 -31.27 47.69 18.91
N LEU Y 293 -31.46 48.72 18.08
CA LEU Y 293 -32.60 48.78 17.18
C LEU Y 293 -32.35 48.08 15.85
N ASN Y 294 -31.09 47.96 15.44
CA ASN Y 294 -30.77 47.27 14.19
C ASN Y 294 -30.70 45.76 14.41
N ASN Y 295 -29.72 45.31 15.19
CA ASN Y 295 -29.68 43.90 15.56
C ASN Y 295 -30.85 43.58 16.45
N ASP Y 296 -31.28 42.32 16.41
CA ASP Y 296 -32.34 41.92 17.32
C ASP Y 296 -31.80 41.95 18.75
N ARG Y 297 -30.82 41.11 19.07
CA ARG Y 297 -30.37 40.94 20.45
C ARG Y 297 -28.86 41.04 20.55
N VAL Y 298 -28.40 41.49 21.71
CA VAL Y 298 -26.98 41.56 22.06
C VAL Y 298 -26.75 40.58 23.21
N PRO Y 299 -26.09 39.46 22.99
CA PRO Y 299 -25.96 38.45 24.04
C PRO Y 299 -25.09 38.97 25.18
N PHE Y 300 -25.23 38.31 26.34
CA PHE Y 300 -24.53 38.73 27.55
C PHE Y 300 -23.25 37.91 27.71
N THR Y 301 -22.31 38.14 26.79
CA THR Y 301 -21.02 37.49 26.83
C THR Y 301 -19.95 38.45 26.30
N ASP Y 302 -18.71 37.97 26.26
CA ASP Y 302 -17.63 38.75 25.68
C ASP Y 302 -17.92 39.08 24.22
N GLN Y 303 -18.56 38.16 23.51
CA GLN Y 303 -18.93 38.41 22.12
C GLN Y 303 -19.79 39.66 22.00
N GLY Y 304 -20.81 39.77 22.83
CA GLY Y 304 -21.61 40.99 22.85
C GLY Y 304 -20.93 42.16 23.50
N MET Y 305 -20.00 41.91 24.41
CA MET Y 305 -19.31 43.01 25.09
C MET Y 305 -18.42 43.78 24.13
N GLN Y 306 -17.62 43.07 23.34
CA GLN Y 306 -16.82 43.75 22.32
C GLN Y 306 -17.70 44.44 21.28
N GLN Y 307 -18.89 43.90 21.03
CA GLN Y 307 -19.79 44.55 20.09
C GLN Y 307 -20.22 45.92 20.59
N LEU Y 308 -20.48 46.05 21.90
CA LEU Y 308 -20.76 47.36 22.46
C LEU Y 308 -19.52 48.23 22.52
N ALA Y 309 -18.36 47.64 22.79
CA ALA Y 309 -17.11 48.39 22.77
C ALA Y 309 -16.79 48.94 21.40
N SER Y 310 -17.34 48.36 20.34
CA SER Y 310 -17.07 48.83 18.99
C SER Y 310 -17.49 50.27 18.75
N VAL Y 311 -18.43 50.80 19.52
CA VAL Y 311 -18.92 52.15 19.28
C VAL Y 311 -17.91 53.20 19.76
N PRO Y 312 -17.47 53.18 21.03
CA PRO Y 312 -16.44 54.15 21.42
C PRO Y 312 -15.15 53.99 20.64
N ARG Y 313 -14.80 52.75 20.27
CA ARG Y 313 -13.57 52.55 19.53
C ARG Y 313 -13.63 53.17 18.15
N ALA Y 314 -14.82 53.49 17.65
CA ALA Y 314 -14.97 54.23 16.42
C ALA Y 314 -15.15 55.73 16.64
N ILE Y 315 -15.84 56.12 17.70
CA ILE Y 315 -16.02 57.54 17.97
C ILE Y 315 -14.69 58.20 18.32
N MET Y 316 -13.83 57.51 19.10
CA MET Y 316 -12.53 58.07 19.40
C MET Y 316 -11.67 58.21 18.14
N GLN Y 317 -11.76 57.22 17.24
CA GLN Y 317 -11.03 57.29 15.99
C GLN Y 317 -11.51 58.46 15.14
N LEU Y 318 -12.82 58.66 15.08
CA LEU Y 318 -13.40 59.78 14.34
C LEU Y 318 -13.14 61.12 14.99
N ALA Y 319 -12.86 61.15 16.30
CA ALA Y 319 -12.57 62.38 17.01
C ALA Y 319 -11.12 62.80 16.90
N ALA Y 320 -10.20 61.83 16.98
CA ALA Y 320 -8.78 62.16 16.82
C ALA Y 320 -8.49 62.77 15.47
N ARG Y 321 -9.27 62.41 14.45
CA ARG Y 321 -9.15 63.03 13.14
C ARG Y 321 -9.51 64.51 13.21
N ALA Y 322 -10.55 64.85 13.96
CA ALA Y 322 -10.99 66.23 14.04
C ALA Y 322 -9.94 67.12 14.68
N GLY Y 323 -9.28 66.63 15.73
CA GLY Y 323 -8.27 67.42 16.39
C GLY Y 323 -8.55 67.68 17.85
N ILE Y 324 -9.27 66.77 18.49
CA ILE Y 324 -9.62 66.92 19.90
C ILE Y 324 -8.69 66.08 20.77
N VAL Y 325 -8.15 65.02 20.19
CA VAL Y 325 -7.31 64.07 20.92
C VAL Y 325 -5.85 64.29 20.53
N ALA Y 326 -4.96 64.09 21.50
CA ALA Y 326 -3.54 64.30 21.26
C ALA Y 326 -2.98 63.25 20.30
N LEU Y 327 -1.80 63.55 19.76
CA LEU Y 327 -1.22 62.76 18.68
C LEU Y 327 -0.15 61.79 19.19
N ASP Y 328 -0.57 60.89 20.08
CA ASP Y 328 0.22 59.71 20.47
C ASP Y 328 1.66 60.05 20.85
N LEU Y 329 1.88 61.17 21.51
CA LEU Y 329 3.22 61.57 21.94
C LEU Y 329 3.16 62.17 23.32
N ASN Y 330 3.93 61.61 24.25
CA ASN Y 330 3.94 62.12 25.62
C ASN Y 330 4.62 63.47 25.66
N PRO Y 331 3.94 64.54 26.08
CA PRO Y 331 4.59 65.85 26.11
C PRO Y 331 5.81 65.92 27.00
N LEU Y 332 5.84 65.15 28.09
CA LEU Y 332 6.97 65.20 29.00
C LEU Y 332 8.29 64.91 28.28
N THR Y 333 8.30 63.88 27.44
CA THR Y 333 9.51 63.45 26.77
C THR Y 333 9.43 63.49 25.26
N GLY Y 334 8.24 63.46 24.69
CA GLY Y 334 8.11 63.32 23.26
C GLY Y 334 8.27 61.87 22.84
N ALA Y 335 8.22 60.97 23.82
CA ALA Y 335 8.35 59.54 23.55
C ALA Y 335 6.99 58.97 23.20
N TYR Y 336 6.91 57.68 22.94
CA TYR Y 336 5.65 57.08 22.53
C TYR Y 336 4.76 56.85 23.75
N GLU Y 337 3.48 57.15 23.58
CA GLU Y 337 2.46 56.87 24.57
C GLU Y 337 1.09 56.94 23.90
N PRO Y 338 0.27 55.91 24.05
CA PRO Y 338 -1.02 55.89 23.35
C PRO Y 338 -1.88 57.08 23.74
N ALA Y 339 -2.55 57.65 22.75
CA ALA Y 339 -3.42 58.79 23.00
C ALA Y 339 -4.69 58.37 23.72
N TYR Y 340 -5.32 57.29 23.28
CA TYR Y 340 -6.56 56.83 23.86
C TYR Y 340 -6.54 55.32 23.97
N THR Y 341 -7.02 54.80 25.10
CA THR Y 341 -7.12 53.36 25.33
C THR Y 341 -8.53 53.05 25.81
N ILE Y 342 -9.08 51.94 25.33
CA ILE Y 342 -10.40 51.49 25.71
C ILE Y 342 -10.25 50.16 26.45
N THR Y 343 -10.78 50.12 27.67
CA THR Y 343 -10.73 48.93 28.51
C THR Y 343 -12.14 48.38 28.69
N VAL Y 344 -12.27 47.08 28.49
CA VAL Y 344 -13.54 46.37 28.53
C VAL Y 344 -13.48 45.35 29.66
N PRO Y 345 -14.43 45.37 30.60
CA PRO Y 345 -14.42 44.37 31.66
C PRO Y 345 -14.73 42.99 31.09
N SER Y 346 -14.20 41.97 31.76
CA SER Y 346 -14.45 40.59 31.36
C SER Y 346 -15.70 40.07 32.04
N VAL Y 347 -16.66 39.59 31.25
CA VAL Y 347 -17.90 39.06 31.79
C VAL Y 347 -17.77 37.62 32.24
N PHE Y 348 -16.61 36.99 32.01
CA PHE Y 348 -16.46 35.56 32.25
C PHE Y 348 -16.72 35.20 33.70
N ASP Y 349 -16.52 36.14 34.63
CA ASP Y 349 -16.60 35.85 36.05
C ASP Y 349 -17.85 36.38 36.72
N ILE Y 350 -18.65 37.19 36.04
CA ILE Y 350 -19.78 37.85 36.69
C ILE Y 350 -20.87 36.82 37.00
N PRO Y 351 -21.29 36.72 38.26
CA PRO Y 351 -22.23 35.66 38.65
C PRO Y 351 -23.60 35.83 38.00
N GLU Y 352 -24.37 34.74 38.06
CA GLU Y 352 -25.72 34.74 37.49
C GLU Y 352 -26.64 35.72 38.20
N SER Y 353 -26.40 35.98 39.48
CA SER Y 353 -27.30 36.84 40.25
C SER Y 353 -27.34 38.25 39.67
N GLN Y 354 -26.19 38.79 39.29
CA GLN Y 354 -26.13 40.09 38.65
C GLN Y 354 -26.20 39.98 37.12
N ARG Y 355 -26.17 38.77 36.58
CA ARG Y 355 -26.36 38.59 35.14
C ARG Y 355 -27.82 38.65 34.74
N LYS Y 356 -28.74 38.51 35.70
CA LYS Y 356 -30.17 38.52 35.43
C LYS Y 356 -30.76 39.92 35.36
N ALA Y 357 -29.98 40.94 35.71
CA ALA Y 357 -30.46 42.31 35.63
C ALA Y 357 -30.52 42.83 34.20
N ARG Y 358 -29.81 42.19 33.28
CA ARG Y 358 -29.69 42.65 31.90
C ARG Y 358 -29.15 44.07 31.84
N ILE Y 359 -28.15 44.35 32.66
CA ILE Y 359 -27.44 45.63 32.65
C ILE Y 359 -25.95 45.33 32.61
N ALA Y 360 -25.28 45.79 31.55
CA ALA Y 360 -23.91 45.41 31.30
C ALA Y 360 -22.96 46.15 32.24
N PRO Y 361 -21.78 45.57 32.50
CA PRO Y 361 -20.75 46.31 33.23
C PRO Y 361 -20.22 47.48 32.42
N ALA Y 362 -19.33 48.24 33.05
CA ALA Y 362 -18.92 49.54 32.51
C ALA Y 362 -17.64 49.44 31.70
N ILE Y 363 -17.64 50.11 30.56
CA ILE Y 363 -16.47 50.24 29.69
C ILE Y 363 -15.78 51.55 30.04
N GLN Y 364 -14.44 51.56 30.04
CA GLN Y 364 -13.68 52.75 30.39
C GLN Y 364 -12.84 53.21 29.21
N VAL Y 365 -12.71 54.53 29.05
CA VAL Y 365 -11.98 55.12 27.94
C VAL Y 365 -11.05 56.20 28.49
N ARG Y 366 -9.85 56.31 27.91
CA ARG Y 366 -8.85 57.29 28.31
C ARG Y 366 -8.60 58.27 27.18
N PHE Y 367 -8.50 59.55 27.52
CA PHE Y 367 -8.28 60.61 26.54
C PHE Y 367 -6.85 61.11 26.56
N ARG Y 368 -6.60 62.14 25.77
CA ARG Y 368 -5.47 63.04 25.95
C ARG Y 368 -5.84 64.32 25.24
N TYR Y 369 -6.16 65.36 26.00
CA TYR Y 369 -6.63 66.61 25.41
C TYR Y 369 -5.58 67.22 24.50
N ALA Y 370 -6.03 67.79 23.39
CA ALA Y 370 -5.15 68.45 22.42
C ALA Y 370 -5.19 69.94 22.70
N GLY Y 371 -4.02 70.51 22.98
CA GLY Y 371 -3.95 71.89 23.40
C GLY Y 371 -4.20 72.86 22.26
N ALA Y 372 -3.97 74.13 22.57
CA ALA Y 372 -4.11 75.21 21.61
C ALA Y 372 -3.10 76.30 21.98
N VAL Y 373 -3.25 77.47 21.37
CA VAL Y 373 -2.35 78.59 21.62
C VAL Y 373 -3.18 79.85 21.83
N HIS Y 374 -2.87 80.58 22.91
CA HIS Y 374 -3.49 81.86 23.17
C HIS Y 374 -2.48 82.99 23.34
N TYR Y 375 -1.19 82.71 23.36
CA TYR Y 375 -0.18 83.72 23.64
C TYR Y 375 1.13 83.32 22.98
N SER Y 376 1.91 84.31 22.57
CA SER Y 376 3.16 84.07 21.87
C SER Y 376 4.27 84.95 22.43
N VAL Y 377 5.51 84.48 22.31
CA VAL Y 377 6.67 85.19 22.83
C VAL Y 377 7.78 85.17 21.79
N ILE Y 378 8.34 86.33 21.49
CA ILE Y 378 9.48 86.47 20.59
C ILE Y 378 10.52 87.34 21.29
N ASN Y 379 11.79 87.15 20.94
CA ASN Y 379 12.88 87.78 21.67
C ASN Y 379 13.66 88.83 20.90
N TYR Y 380 13.99 88.59 19.62
CA TYR Y 380 14.54 89.63 18.74
C TYR Y 380 15.82 90.25 19.32
N THR Y 381 16.86 89.43 19.39
CA THR Y 381 18.16 89.90 19.88
C THR Y 381 18.98 90.43 18.71
N MET Y 382 19.38 91.69 18.79
CA MET Y 382 20.07 92.37 17.70
C MET Y 382 21.54 92.56 18.04
N THR Y 383 22.40 92.18 17.09
CA THR Y 383 23.84 92.18 17.33
C THR Y 383 24.56 93.39 16.76
N PHE Y 384 24.06 93.96 15.67
CA PHE Y 384 24.74 95.06 14.98
C PHE Y 384 26.16 94.65 14.58
N LYS Z 3 -33.34 58.16 -81.17
CA LYS Z 3 -32.78 58.05 -79.83
C LYS Z 3 -33.79 57.41 -78.89
N LEU Z 4 -33.69 57.72 -77.59
CA LEU Z 4 -34.55 57.10 -76.61
C LEU Z 4 -34.51 57.94 -75.34
N PRO Z 5 -35.63 58.06 -74.62
CA PRO Z 5 -35.64 58.85 -73.38
C PRO Z 5 -34.87 58.15 -72.27
N TYR Z 6 -34.47 58.96 -71.27
CA TYR Z 6 -33.77 58.42 -70.12
C TYR Z 6 -34.66 57.59 -69.22
N SER Z 7 -35.98 57.71 -69.36
CA SER Z 7 -36.90 56.99 -68.49
C SER Z 7 -36.88 55.49 -68.71
N ARG Z 8 -36.21 54.99 -69.75
CA ARG Z 8 -36.16 53.56 -69.98
C ARG Z 8 -35.41 52.81 -68.89
N VAL Z 9 -34.56 53.51 -68.14
CA VAL Z 9 -33.79 52.88 -67.07
C VAL Z 9 -34.07 53.49 -65.70
N THR Z 10 -34.68 54.68 -65.63
CA THR Z 10 -34.93 55.34 -64.37
C THR Z 10 -36.34 55.94 -64.38
N ASN Z 11 -36.69 56.59 -63.27
CA ASN Z 11 -37.95 57.31 -63.18
C ASN Z 11 -37.80 58.36 -62.09
N VAL Z 12 -37.72 59.63 -62.49
CA VAL Z 12 -37.53 60.75 -61.58
C VAL Z 12 -38.73 61.68 -61.71
N THR Z 13 -39.44 61.89 -60.61
CA THR Z 13 -40.58 62.78 -60.57
C THR Z 13 -40.20 64.10 -59.91
N LEU Z 14 -41.14 65.04 -59.90
CA LEU Z 14 -40.94 66.31 -59.22
C LEU Z 14 -42.33 66.85 -58.87
N THR Z 15 -42.73 66.70 -57.62
CA THR Z 15 -44.05 67.13 -57.18
C THR Z 15 -43.90 68.15 -56.06
N ARG Z 16 -45.03 68.67 -55.59
CA ARG Z 16 -45.08 69.68 -54.54
C ARG Z 16 -46.07 69.24 -53.48
N THR Z 17 -45.56 68.59 -52.43
CA THR Z 17 -46.40 68.16 -51.32
C THR Z 17 -45.55 68.21 -50.05
N ASP Z 18 -46.10 67.70 -48.95
CA ASP Z 18 -45.40 67.65 -47.67
C ASP Z 18 -45.42 66.23 -47.15
N ASN Z 19 -44.24 65.62 -47.06
CA ASN Z 19 -44.10 64.28 -46.52
C ASN Z 19 -43.30 64.33 -45.23
N PHE Z 20 -43.65 63.47 -44.30
CA PHE Z 20 -43.11 63.45 -42.96
C PHE Z 20 -42.54 62.07 -42.65
N PRO Z 21 -41.61 61.97 -41.71
CA PRO Z 21 -40.97 60.68 -41.43
C PRO Z 21 -41.93 59.64 -40.89
N THR Z 22 -41.52 58.39 -41.03
CA THR Z 22 -42.37 57.25 -40.65
C THR Z 22 -42.64 57.24 -39.15
N ARG Z 23 -41.59 57.05 -38.34
CA ARG Z 23 -41.67 57.18 -36.88
C ARG Z 23 -42.73 56.25 -36.29
N ARG Z 24 -42.43 54.95 -36.34
CA ARG Z 24 -43.29 53.94 -35.75
C ARG Z 24 -43.57 54.28 -34.28
N GLY Z 25 -44.73 53.84 -33.80
CA GLY Z 25 -45.13 54.17 -32.44
C GLY Z 25 -45.79 53.04 -31.69
N PHE Z 26 -46.48 53.37 -30.59
CA PHE Z 26 -47.08 52.32 -29.77
C PHE Z 26 -48.47 51.92 -30.27
N GLY Z 27 -49.42 52.84 -30.24
CA GLY Z 27 -50.80 52.51 -30.53
C GLY Z 27 -51.36 53.33 -31.67
N THR Z 28 -52.50 52.87 -32.18
CA THR Z 28 -53.22 53.53 -33.25
C THR Z 28 -54.60 53.93 -32.76
N GLN Z 29 -55.09 55.08 -33.22
CA GLN Z 29 -56.36 55.61 -32.76
C GLN Z 29 -57.49 55.20 -33.70
N LEU Z 30 -58.71 55.36 -33.20
CA LEU Z 30 -59.92 55.03 -33.95
C LEU Z 30 -60.84 56.24 -34.00
N ILE Z 31 -61.40 56.52 -35.17
CA ILE Z 31 -62.31 57.63 -35.38
C ILE Z 31 -63.66 57.03 -35.76
N LEU Z 32 -64.62 57.08 -34.84
CA LEU Z 32 -65.92 56.46 -35.05
C LEU Z 32 -66.99 57.54 -35.14
N THR Z 33 -67.85 57.41 -36.13
CA THR Z 33 -68.96 58.34 -36.33
C THR Z 33 -70.09 57.61 -37.05
N HIS Z 34 -71.06 58.37 -37.55
CA HIS Z 34 -72.23 57.81 -38.20
C HIS Z 34 -72.09 57.70 -39.71
N THR Z 35 -71.22 58.50 -40.32
CA THR Z 35 -71.12 58.53 -41.77
C THR Z 35 -70.46 57.26 -42.28
N ALA Z 36 -71.04 56.68 -43.34
CA ALA Z 36 -70.54 55.47 -43.95
C ALA Z 36 -70.34 55.70 -45.45
N VAL Z 37 -69.37 55.00 -46.03
CA VAL Z 37 -69.10 55.11 -47.45
C VAL Z 37 -69.76 54.00 -48.26
N SER Z 38 -70.14 52.88 -47.62
CA SER Z 38 -70.86 51.77 -48.21
C SER Z 38 -70.07 51.02 -49.27
N GLY Z 39 -68.86 51.45 -49.60
CA GLY Z 39 -68.04 50.75 -50.56
C GLY Z 39 -66.98 49.90 -49.87
N GLN Z 40 -66.64 50.29 -48.65
CA GLN Z 40 -65.69 49.55 -47.84
C GLN Z 40 -66.13 49.34 -46.39
N VAL Z 41 -67.03 50.18 -45.86
CA VAL Z 41 -67.30 50.20 -44.43
C VAL Z 41 -68.72 49.76 -44.10
N ASP Z 42 -69.48 49.23 -45.05
CA ASP Z 42 -70.89 48.96 -44.82
C ASP Z 42 -71.11 47.67 -44.04
N ALA Z 43 -70.95 47.73 -42.71
CA ALA Z 43 -71.40 46.68 -41.80
C ALA Z 43 -70.69 45.34 -42.02
N THR Z 44 -69.75 45.30 -42.95
CA THR Z 44 -68.92 44.12 -43.15
C THR Z 44 -67.49 44.34 -42.70
N LYS Z 45 -66.99 45.57 -42.79
CA LYS Z 45 -65.69 45.96 -42.26
C LYS Z 45 -65.92 47.21 -41.42
N ARG Z 46 -66.36 47.02 -40.18
CA ARG Z 46 -66.63 48.15 -39.31
C ARG Z 46 -65.36 48.92 -38.96
N THR Z 47 -64.18 48.35 -39.19
CA THR Z 47 -62.91 49.03 -39.00
C THR Z 47 -62.09 48.88 -40.27
N LYS Z 48 -61.50 49.97 -40.73
CA LYS Z 48 -60.70 49.98 -41.94
C LYS Z 48 -59.37 50.65 -41.66
N LEU Z 49 -58.32 50.18 -42.33
CA LEU Z 49 -56.98 50.74 -42.15
C LEU Z 49 -56.69 51.75 -43.26
N TYR Z 50 -55.54 52.42 -43.12
CA TYR Z 50 -55.03 53.34 -44.13
C TYR Z 50 -53.51 53.36 -44.06
N ALA Z 51 -52.92 54.17 -44.90
CA ALA Z 51 -51.47 54.35 -44.90
C ALA Z 51 -51.05 55.81 -44.84
N SER Z 52 -51.81 56.70 -45.47
CA SER Z 52 -51.48 58.12 -45.49
C SER Z 52 -52.72 58.87 -45.97
N LEU Z 53 -52.62 60.20 -45.98
CA LEU Z 53 -53.75 61.02 -46.40
C LEU Z 53 -54.08 60.79 -47.88
N ALA Z 54 -53.07 60.43 -48.68
CA ALA Z 54 -53.32 60.15 -50.09
C ALA Z 54 -54.28 58.99 -50.26
N GLU Z 55 -54.11 57.92 -49.48
CA GLU Z 55 -54.96 56.75 -49.58
C GLU Z 55 -56.39 57.02 -49.10
N VAL Z 56 -56.64 58.14 -48.42
CA VAL Z 56 -57.98 58.46 -47.96
C VAL Z 56 -58.77 58.90 -49.19
N GLU Z 57 -59.61 58.02 -49.71
CA GLU Z 57 -60.41 58.34 -50.88
C GLU Z 57 -61.89 58.08 -50.63
N ALA Z 58 -62.19 57.00 -49.90
CA ALA Z 58 -63.58 56.62 -49.69
C ALA Z 58 -64.35 57.70 -48.96
N ASP Z 59 -63.83 58.17 -47.82
CA ASP Z 59 -64.43 59.29 -47.13
C ASP Z 59 -64.22 60.57 -47.93
N TYR Z 60 -65.21 61.46 -47.84
CA TYR Z 60 -65.19 62.67 -48.64
C TYR Z 60 -64.02 63.56 -48.23
N PRO Z 61 -63.33 64.18 -49.19
CA PRO Z 61 -62.21 65.06 -48.84
C PRO Z 61 -62.64 66.39 -48.23
N ALA Z 62 -63.92 66.51 -47.88
CA ALA Z 62 -64.37 67.68 -47.14
C ALA Z 62 -65.42 67.33 -46.08
N ASN Z 63 -65.61 66.05 -45.76
CA ASN Z 63 -66.54 65.69 -44.71
C ASN Z 63 -66.00 66.13 -43.34
N THR Z 64 -66.91 66.50 -42.45
CA THR Z 64 -66.49 67.10 -41.19
C THR Z 64 -65.85 66.08 -40.26
N SER Z 65 -66.35 64.84 -40.27
CA SER Z 65 -65.87 63.85 -39.31
C SER Z 65 -64.48 63.35 -39.66
N VAL Z 66 -64.34 62.70 -40.81
CA VAL Z 66 -63.12 61.97 -41.10
C VAL Z 66 -62.02 62.90 -41.56
N TYR Z 67 -62.23 63.58 -42.69
CA TYR Z 67 -61.14 64.32 -43.30
C TYR Z 67 -60.73 65.52 -42.45
N LYS Z 68 -61.70 66.23 -41.89
CA LYS Z 68 -61.38 67.42 -41.10
C LYS Z 68 -60.70 67.08 -39.78
N ALA Z 69 -60.67 65.82 -39.39
CA ALA Z 69 -59.87 65.36 -38.26
C ALA Z 69 -58.62 64.60 -38.67
N ALA Z 70 -58.71 63.78 -39.72
CA ALA Z 70 -57.54 63.06 -40.19
C ALA Z 70 -56.48 64.01 -40.72
N LEU Z 71 -56.89 65.15 -41.27
CA LEU Z 71 -55.91 66.14 -41.73
C LEU Z 71 -55.05 66.62 -40.56
N SER Z 72 -55.67 66.92 -39.43
CA SER Z 72 -54.90 67.28 -38.24
C SER Z 72 -54.10 66.10 -37.72
N ALA Z 73 -54.67 64.90 -37.77
CA ALA Z 73 -53.98 63.73 -37.24
C ALA Z 73 -52.68 63.45 -37.97
N PHE Z 74 -52.69 63.54 -39.30
CA PHE Z 74 -51.50 63.29 -40.10
C PHE Z 74 -50.59 64.50 -40.24
N SER Z 75 -50.74 65.50 -39.37
CA SER Z 75 -50.04 66.76 -39.53
C SER Z 75 -48.95 66.98 -38.50
N GLN Z 76 -48.62 65.98 -37.69
CA GLN Z 76 -47.57 66.15 -36.70
C GLN Z 76 -46.20 66.13 -37.37
N ASN Z 77 -45.25 66.86 -36.77
CA ASN Z 77 -43.92 66.99 -37.39
C ASN Z 77 -43.26 65.65 -37.64
N PRO Z 78 -43.25 64.70 -36.72
CA PRO Z 78 -43.12 63.30 -37.11
C PRO Z 78 -44.51 62.69 -37.29
N ARG Z 79 -44.64 61.88 -38.31
CA ARG Z 79 -46.00 61.51 -38.63
C ARG Z 79 -46.33 60.12 -38.12
N PRO Z 80 -47.53 59.89 -37.62
CA PRO Z 80 -47.95 58.52 -37.32
C PRO Z 80 -48.25 57.76 -38.59
N ILE Z 81 -48.63 56.49 -38.47
CA ILE Z 81 -48.98 55.68 -39.64
C ILE Z 81 -50.25 54.90 -39.33
N ARG Z 82 -50.83 54.34 -40.39
CA ARG Z 82 -51.95 53.40 -40.34
C ARG Z 82 -53.04 53.87 -39.37
N LEU Z 83 -53.63 55.01 -39.74
CA LEU Z 83 -54.83 55.48 -39.06
C LEU Z 83 -55.97 54.50 -39.30
N LYS Z 84 -56.83 54.33 -38.29
CA LYS Z 84 -57.96 53.42 -38.37
C LYS Z 84 -59.27 54.20 -38.38
N VAL Z 85 -60.17 53.81 -39.25
CA VAL Z 85 -61.47 54.47 -39.40
C VAL Z 85 -62.57 53.50 -38.97
N GLY Z 86 -63.52 54.01 -38.19
CA GLY Z 86 -64.55 53.21 -37.60
C GLY Z 86 -65.90 53.36 -38.30
N TYR Z 87 -66.86 52.58 -37.80
CA TYR Z 87 -68.21 52.52 -38.34
C TYR Z 87 -69.24 52.37 -37.22
N ALA Z 88 -68.81 52.52 -35.97
CA ALA Z 88 -69.55 52.02 -34.81
C ALA Z 88 -70.97 52.57 -34.70
N ALA Z 89 -71.10 53.87 -34.45
CA ALA Z 89 -72.42 54.45 -34.27
C ALA Z 89 -73.03 54.87 -35.59
N THR Z 90 -73.05 53.94 -36.56
CA THR Z 90 -73.78 54.19 -37.79
C THR Z 90 -75.26 54.44 -37.53
N PRO Z 91 -75.94 53.69 -36.66
CA PRO Z 91 -77.25 54.16 -36.19
C PRO Z 91 -77.11 55.48 -35.47
N THR Z 92 -78.09 56.36 -35.67
CA THR Z 92 -78.05 57.70 -35.07
C THR Z 92 -78.31 57.57 -33.58
N GLY Z 93 -77.31 57.04 -32.87
CA GLY Z 93 -77.40 56.89 -31.43
C GLY Z 93 -78.31 55.77 -31.01
N GLY Z 94 -79.57 55.84 -31.44
CA GLY Z 94 -80.52 54.80 -31.13
C GLY Z 94 -81.89 55.16 -31.66
N ASP Z 95 -82.81 54.20 -31.55
CA ASP Z 95 -84.20 54.47 -31.86
C ASP Z 95 -84.76 55.50 -30.88
N ASP Z 96 -84.44 55.37 -29.60
CA ASP Z 96 -84.72 56.37 -28.58
C ASP Z 96 -83.37 56.88 -28.07
N ALA Z 97 -82.99 58.08 -28.48
CA ALA Z 97 -81.68 58.62 -28.12
C ALA Z 97 -81.55 58.87 -26.62
N ALA Z 98 -82.67 58.94 -25.89
CA ALA Z 98 -82.59 59.15 -24.45
C ALA Z 98 -81.89 58.00 -23.76
N LYS Z 99 -81.96 56.80 -24.33
CA LYS Z 99 -81.29 55.63 -23.77
C LYS Z 99 -80.06 55.27 -24.60
N LYS Z 100 -78.95 55.06 -23.91
CA LYS Z 100 -77.67 54.74 -24.51
C LYS Z 100 -77.52 53.24 -24.80
N ALA Z 101 -78.54 52.43 -24.46
CA ALA Z 101 -78.42 50.99 -24.62
C ALA Z 101 -78.09 50.58 -26.04
N ASP Z 102 -78.54 51.34 -27.04
CA ASP Z 102 -78.14 51.03 -28.40
C ASP Z 102 -76.67 51.36 -28.66
N PHE Z 103 -76.15 52.40 -28.02
CA PHE Z 103 -74.77 52.81 -28.26
C PHE Z 103 -73.79 51.77 -27.72
N ILE Z 104 -74.05 51.24 -26.52
CA ILE Z 104 -73.17 50.23 -25.95
C ILE Z 104 -73.17 48.98 -26.82
N THR Z 105 -74.35 48.59 -27.30
CA THR Z 105 -74.43 47.44 -28.20
C THR Z 105 -73.71 47.72 -29.52
N SER Z 106 -73.79 48.95 -30.01
CA SER Z 106 -73.05 49.29 -31.22
C SER Z 106 -71.55 49.14 -31.00
N LEU Z 107 -71.06 49.60 -29.85
CA LEU Z 107 -69.64 49.44 -29.53
C LEU Z 107 -69.28 47.96 -29.41
N GLY Z 108 -70.13 47.16 -28.78
CA GLY Z 108 -69.83 45.75 -28.58
C GLY Z 108 -69.71 44.97 -29.86
N ALA Z 109 -70.23 45.49 -30.97
CA ALA Z 109 -70.18 44.81 -32.25
C ALA Z 109 -69.02 45.25 -33.13
N ILE Z 110 -68.19 46.18 -32.66
CA ILE Z 110 -67.05 46.63 -33.45
C ILE Z 110 -65.73 46.01 -32.98
N LEU Z 111 -65.64 45.56 -31.74
CA LEU Z 111 -64.44 44.87 -31.30
C LEU Z 111 -64.24 43.57 -32.07
N ASN Z 112 -65.32 42.82 -32.26
CA ASN Z 112 -65.20 41.47 -32.80
C ASN Z 112 -64.57 41.45 -34.17
N TYR Z 113 -64.83 42.48 -34.99
CA TYR Z 113 -64.19 42.55 -36.30
C TYR Z 113 -62.68 42.72 -36.17
N ASP Z 114 -62.24 43.56 -35.23
CA ASP Z 114 -60.82 43.85 -35.09
C ASP Z 114 -60.57 44.54 -33.76
N GLN Z 115 -59.58 44.05 -33.01
CA GLN Z 115 -59.12 44.70 -31.78
C GLN Z 115 -57.64 45.01 -31.99
N ALA Z 116 -57.35 46.15 -32.60
CA ALA Z 116 -55.98 46.62 -32.76
C ALA Z 116 -55.78 48.06 -32.35
N PHE Z 117 -56.84 48.88 -32.33
CA PHE Z 117 -56.73 50.27 -31.94
C PHE Z 117 -56.57 50.40 -30.43
N TYR Z 118 -55.98 51.52 -30.01
CA TYR Z 118 -55.78 51.81 -28.60
C TYR Z 118 -56.47 53.10 -28.15
N GLN Z 119 -56.73 54.02 -29.08
CA GLN Z 119 -57.28 55.32 -28.75
C GLN Z 119 -58.57 55.55 -29.51
N ILE Z 120 -59.54 56.16 -28.84
CA ILE Z 120 -60.86 56.42 -29.39
C ILE Z 120 -61.08 57.92 -29.42
N THR Z 121 -61.36 58.45 -30.61
CA THR Z 121 -61.61 59.88 -30.80
C THR Z 121 -62.85 60.03 -31.68
N LEU Z 122 -63.91 60.58 -31.11
CA LEU Z 122 -65.14 60.88 -31.83
C LEU Z 122 -65.25 62.38 -32.05
N ASP Z 123 -65.66 62.78 -33.25
CA ASP Z 123 -65.56 64.18 -33.62
C ASP Z 123 -66.58 64.52 -34.69
N ALA Z 124 -66.90 65.82 -34.76
CA ALA Z 124 -67.82 66.42 -35.72
C ALA Z 124 -69.25 65.97 -35.47
N ALA Z 125 -69.42 65.08 -34.49
CA ALA Z 125 -70.72 64.59 -34.07
C ALA Z 125 -70.53 63.97 -32.71
N LEU Z 126 -71.64 63.56 -32.10
CA LEU Z 126 -71.64 62.95 -30.77
C LEU Z 126 -71.07 63.90 -29.73
N ARG Z 127 -71.08 65.20 -30.00
CA ARG Z 127 -70.52 66.19 -29.08
C ARG Z 127 -71.50 66.44 -27.94
N ASP Z 128 -71.10 66.06 -26.73
CA ASP Z 128 -71.87 66.30 -25.51
C ASP Z 128 -73.27 65.67 -25.59
N GLN Z 129 -73.43 64.67 -26.45
CA GLN Z 129 -74.71 64.00 -26.52
C GLN Z 129 -74.93 63.15 -25.28
N PRO Z 130 -76.17 63.05 -24.80
CA PRO Z 130 -76.42 62.32 -23.55
C PRO Z 130 -76.04 60.85 -23.62
N TYR Z 131 -76.18 60.22 -24.79
CA TYR Z 131 -75.83 58.80 -24.89
C TYR Z 131 -74.33 58.57 -24.84
N LEU Z 132 -73.54 59.59 -25.17
CA LEU Z 132 -72.09 59.45 -25.18
C LEU Z 132 -71.53 59.00 -23.85
N ASP Z 133 -72.24 59.28 -22.75
CA ASP Z 133 -71.81 58.82 -21.43
C ASP Z 133 -71.59 57.33 -21.38
N GLY Z 134 -72.33 56.56 -22.18
CA GLY Z 134 -72.12 55.13 -22.22
C GLY Z 134 -70.69 54.76 -22.55
N LEU Z 135 -70.07 55.52 -23.45
CA LEU Z 135 -68.66 55.26 -23.77
C LEU Z 135 -67.78 55.37 -22.53
N VAL Z 136 -68.04 56.36 -21.68
CA VAL Z 136 -67.28 56.48 -20.44
C VAL Z 136 -67.49 55.25 -19.58
N GLU Z 137 -68.70 54.69 -19.59
CA GLU Z 137 -68.93 53.45 -18.86
C GLU Z 137 -68.23 52.27 -19.53
N TRP Z 138 -68.09 52.32 -20.86
CA TRP Z 138 -67.58 51.17 -21.59
C TRP Z 138 -66.06 51.14 -21.66
N VAL Z 139 -65.41 52.31 -21.70
CA VAL Z 139 -63.96 52.33 -21.82
C VAL Z 139 -63.29 51.88 -20.53
N GLU Z 140 -63.98 51.95 -19.40
CA GLU Z 140 -63.45 51.32 -18.20
C GLU Z 140 -63.67 49.82 -18.27
N ALA Z 141 -62.91 49.09 -17.45
CA ALA Z 141 -62.82 47.63 -17.54
C ALA Z 141 -62.42 47.22 -18.97
N GLN Z 142 -61.49 47.96 -19.53
CA GLN Z 142 -61.04 47.79 -20.91
C GLN Z 142 -59.65 48.36 -21.04
N PRO Z 143 -58.74 47.72 -21.77
CA PRO Z 143 -57.37 48.24 -21.92
C PRO Z 143 -57.21 49.22 -23.08
N LYS Z 144 -57.96 50.31 -23.04
CA LYS Z 144 -57.89 51.32 -24.09
C LYS Z 144 -58.06 52.71 -23.47
N ILE Z 145 -57.92 53.74 -24.31
CA ILE Z 145 -58.09 55.12 -23.89
C ILE Z 145 -59.03 55.80 -24.87
N ALA Z 146 -60.07 56.44 -24.35
CA ALA Z 146 -61.05 57.15 -25.17
C ALA Z 146 -61.14 58.59 -24.67
N MET Z 147 -61.10 59.54 -25.60
CA MET Z 147 -61.13 60.94 -25.22
C MET Z 147 -62.09 61.72 -26.09
N ILE Z 148 -62.71 62.75 -25.50
CA ILE Z 148 -63.80 63.49 -26.11
C ILE Z 148 -63.45 64.96 -26.10
N ASP Z 149 -63.44 65.59 -27.28
CA ASP Z 149 -63.14 67.01 -27.40
C ASP Z 149 -64.45 67.77 -27.56
N SER Z 150 -65.04 68.19 -26.44
CA SER Z 150 -66.21 69.04 -26.51
C SER Z 150 -65.84 70.38 -27.15
N ASN Z 151 -66.80 70.96 -27.85
CA ASN Z 151 -66.59 72.20 -28.58
C ASN Z 151 -67.01 73.44 -27.82
N ALA Z 152 -67.98 73.33 -26.92
CA ALA Z 152 -68.41 74.47 -26.11
C ALA Z 152 -69.34 73.97 -25.02
N ALA Z 153 -69.22 74.54 -23.83
CA ALA Z 153 -70.05 74.14 -22.69
C ALA Z 153 -69.82 75.14 -21.57
N GLY Z 154 -70.50 74.92 -20.45
CA GLY Z 154 -70.37 75.78 -19.30
C GLY Z 154 -69.22 75.39 -18.39
N HIS Z 155 -68.09 74.98 -18.98
CA HIS Z 155 -66.90 74.72 -18.17
C HIS Z 155 -66.38 75.98 -17.51
N GLU Z 156 -66.64 77.15 -18.10
CA GLU Z 156 -66.14 78.40 -17.56
C GLU Z 156 -66.70 78.71 -16.18
N ASP Z 157 -67.86 78.15 -15.84
CA ASP Z 157 -68.42 78.29 -14.51
C ASP Z 157 -68.04 77.07 -13.70
N PRO Z 158 -67.19 77.18 -12.68
CA PRO Z 158 -66.82 76.01 -11.87
C PRO Z 158 -67.91 75.55 -10.91
N ALA Z 159 -69.14 76.06 -11.04
CA ALA Z 159 -70.22 75.72 -10.14
C ALA Z 159 -71.25 74.76 -10.73
N ASN Z 160 -71.35 74.68 -12.05
CA ASN Z 160 -72.36 73.83 -12.65
C ASN Z 160 -71.99 72.36 -12.49
N THR Z 161 -72.95 71.49 -12.82
CA THR Z 161 -72.75 70.05 -12.75
C THR Z 161 -73.26 69.30 -13.96
N THR Z 162 -74.05 69.93 -14.83
CA THR Z 162 -74.62 69.25 -15.99
C THR Z 162 -73.60 68.95 -17.08
N VAL Z 163 -72.39 69.47 -16.96
CA VAL Z 163 -71.39 69.33 -18.02
C VAL Z 163 -70.72 67.98 -17.92
N ILE Z 164 -70.03 67.59 -19.00
CA ILE Z 164 -69.37 66.29 -19.06
C ILE Z 164 -68.37 66.16 -17.92
N ALA Z 165 -67.37 67.04 -17.90
CA ALA Z 165 -66.31 66.95 -16.91
C ALA Z 165 -66.77 67.33 -15.51
N ALA Z 166 -67.99 67.85 -15.37
CA ALA Z 166 -68.50 68.19 -14.05
C ALA Z 166 -69.22 67.01 -13.41
N ARG Z 167 -70.10 66.33 -14.16
CA ARG Z 167 -70.77 65.16 -13.60
C ARG Z 167 -69.79 64.03 -13.34
N HIS Z 168 -68.83 63.83 -14.24
CA HIS Z 168 -67.73 62.89 -14.05
C HIS Z 168 -66.47 63.71 -13.81
N LYS Z 169 -65.99 63.71 -12.57
CA LYS Z 169 -64.86 64.56 -12.18
C LYS Z 169 -64.11 63.83 -11.08
N GLY Z 170 -62.97 63.25 -11.44
CA GLY Z 170 -62.19 62.49 -10.49
C GLY Z 170 -62.66 61.07 -10.27
N THR Z 171 -63.75 60.66 -10.91
CA THR Z 171 -64.26 59.31 -10.76
C THR Z 171 -63.81 58.37 -11.88
N VAL Z 172 -63.46 58.91 -13.03
CA VAL Z 172 -63.06 58.12 -14.19
C VAL Z 172 -61.56 58.31 -14.40
N GLU Z 173 -60.86 57.21 -14.68
CA GLU Z 173 -59.41 57.21 -14.75
C GLU Z 173 -58.87 56.89 -16.14
N ARG Z 174 -59.72 56.87 -17.16
CA ARG Z 174 -59.24 56.47 -18.48
C ARG Z 174 -59.83 57.33 -19.59
N THR Z 175 -60.14 58.59 -19.32
CA THR Z 175 -60.66 59.48 -20.36
C THR Z 175 -60.30 60.91 -20.00
N ALA Z 176 -60.22 61.75 -21.04
CA ALA Z 176 -59.92 63.16 -20.85
C ALA Z 176 -60.65 63.98 -21.90
N VAL Z 177 -60.87 65.25 -21.60
CA VAL Z 177 -61.69 66.14 -22.41
C VAL Z 177 -60.80 67.24 -22.97
N PHE Z 178 -60.63 67.26 -24.28
CA PHE Z 178 -59.82 68.28 -24.94
C PHE Z 178 -60.72 69.44 -25.38
N TYR Z 179 -61.17 70.21 -24.40
CA TYR Z 179 -62.06 71.33 -24.66
C TYR Z 179 -61.36 72.41 -25.47
N HIS Z 180 -62.10 72.99 -26.41
CA HIS Z 180 -61.66 74.16 -27.15
C HIS Z 180 -62.90 74.94 -27.58
N THR Z 181 -62.73 75.84 -28.54
CA THR Z 181 -63.86 76.45 -29.22
C THR Z 181 -64.19 75.66 -30.47
N ASP Z 182 -65.15 76.14 -31.25
CA ASP Z 182 -65.68 75.36 -32.36
C ASP Z 182 -64.71 75.31 -33.53
N SER Z 183 -64.92 74.31 -34.40
CA SER Z 183 -64.25 74.12 -35.69
C SER Z 183 -62.80 73.67 -35.58
N THR Z 184 -62.35 73.25 -34.40
CA THR Z 184 -60.99 72.77 -34.20
C THR Z 184 -61.03 71.31 -33.78
N GLU Z 185 -60.53 70.44 -34.65
CA GLU Z 185 -60.40 69.02 -34.34
C GLU Z 185 -59.07 68.81 -33.63
N TYR Z 186 -59.13 68.57 -32.33
CA TYR Z 186 -57.98 68.71 -31.45
C TYR Z 186 -57.42 67.40 -30.93
N LEU Z 187 -58.26 66.40 -30.64
CA LEU Z 187 -57.75 65.12 -30.18
C LEU Z 187 -56.74 64.54 -31.16
N ALA Z 188 -57.06 64.61 -32.45
CA ALA Z 188 -56.14 64.08 -33.45
C ALA Z 188 -54.81 64.80 -33.44
N ALA Z 189 -54.79 66.07 -33.03
CA ALA Z 189 -53.57 66.85 -33.10
C ALA Z 189 -52.49 66.28 -32.20
N SER Z 190 -52.85 65.86 -30.99
CA SER Z 190 -51.89 65.35 -30.03
C SER Z 190 -52.00 63.84 -29.83
N MET Z 191 -53.22 63.34 -29.55
CA MET Z 191 -53.40 61.91 -29.39
C MET Z 191 -53.07 61.18 -30.68
N ALA Z 192 -52.27 60.13 -30.57
CA ALA Z 192 -51.90 59.26 -31.68
C ALA Z 192 -51.13 60.00 -32.76
N ALA Z 193 -50.93 61.30 -32.58
CA ALA Z 193 -49.99 62.06 -33.41
C ALA Z 193 -48.71 62.33 -32.67
N TYR Z 194 -48.81 62.68 -31.40
CA TYR Z 194 -47.67 62.70 -30.50
C TYR Z 194 -47.68 61.56 -29.50
N MET Z 195 -48.87 61.13 -29.06
CA MET Z 195 -48.95 59.99 -28.16
C MET Z 195 -48.41 58.73 -28.82
N SER Z 196 -48.80 58.48 -30.07
CA SER Z 196 -48.37 57.26 -30.73
C SER Z 196 -46.87 57.27 -30.99
N THR Z 197 -46.36 58.35 -31.57
CA THR Z 197 -44.99 58.35 -32.07
C THR Z 197 -43.97 58.49 -30.95
N ARG Z 198 -44.05 57.63 -29.93
CA ARG Z 198 -43.05 57.56 -28.88
C ARG Z 198 -42.64 56.11 -28.72
N VAL Z 199 -41.34 55.87 -28.64
CA VAL Z 199 -40.79 54.53 -28.50
C VAL Z 199 -40.22 54.37 -27.11
N PHE Z 200 -40.84 53.51 -26.31
CA PHE Z 200 -40.50 53.38 -24.90
C PHE Z 200 -39.32 52.46 -24.64
N ASP Z 201 -38.87 51.70 -25.64
CA ASP Z 201 -37.77 50.78 -25.44
C ASP Z 201 -36.40 51.47 -25.45
N ASP Z 202 -36.34 52.73 -25.85
CA ASP Z 202 -35.09 53.46 -25.87
C ASP Z 202 -34.82 54.11 -24.51
N ALA Z 203 -33.57 54.49 -24.30
CA ALA Z 203 -33.20 55.15 -23.06
C ALA Z 203 -33.79 56.55 -23.00
N ASN Z 204 -34.21 56.96 -21.80
CA ASN Z 204 -34.68 58.31 -21.49
C ASN Z 204 -35.87 58.74 -22.33
N SER Z 205 -36.55 57.81 -22.99
CA SER Z 205 -37.71 58.16 -23.82
C SER Z 205 -39.01 58.02 -23.05
N ALA Z 206 -39.10 58.65 -21.90
CA ALA Z 206 -40.31 58.63 -21.08
C ALA Z 206 -40.87 60.05 -21.05
N TYR Z 207 -41.98 60.27 -21.75
CA TYR Z 207 -42.56 61.61 -21.86
C TYR Z 207 -43.61 61.80 -20.76
N THR Z 208 -43.14 61.72 -19.52
CA THR Z 208 -44.04 61.72 -18.37
C THR Z 208 -44.97 62.92 -18.35
N LEU Z 209 -44.52 64.09 -18.80
CA LEU Z 209 -45.34 65.28 -18.75
C LEU Z 209 -46.52 65.22 -19.71
N LYS Z 210 -46.24 65.21 -21.00
CA LYS Z 210 -47.22 65.58 -22.02
C LYS Z 210 -47.83 66.95 -21.74
N PHE Z 211 -47.16 67.73 -20.88
CA PHE Z 211 -47.70 68.97 -20.33
C PHE Z 211 -47.20 70.20 -21.05
N LYS Z 212 -46.11 70.09 -21.81
CA LYS Z 212 -45.57 71.21 -22.59
C LYS Z 212 -45.29 70.67 -23.98
N LYS Z 213 -46.30 70.70 -24.85
CA LYS Z 213 -46.19 70.14 -26.18
C LYS Z 213 -47.00 70.96 -27.16
N ALA Z 214 -46.47 71.12 -28.37
CA ALA Z 214 -47.08 71.89 -29.44
C ALA Z 214 -47.86 70.97 -30.37
N PRO Z 215 -49.00 71.42 -30.89
CA PRO Z 215 -49.77 70.63 -31.84
C PRO Z 215 -49.22 70.81 -33.25
N GLY Z 216 -49.90 70.20 -34.22
CA GLY Z 216 -49.50 70.39 -35.58
C GLY Z 216 -49.81 71.79 -36.07
N VAL Z 217 -51.10 72.09 -36.28
CA VAL Z 217 -51.53 73.41 -36.73
C VAL Z 217 -52.86 73.70 -36.05
N ARG Z 218 -52.85 74.65 -35.11
CA ARG Z 218 -54.08 75.10 -34.47
C ARG Z 218 -53.77 76.35 -33.65
N ALA Z 219 -54.82 77.08 -33.30
CA ALA Z 219 -54.70 78.38 -32.64
C ALA Z 219 -55.08 78.28 -31.17
N ILE Z 220 -54.89 79.40 -30.48
CA ILE Z 220 -55.03 79.48 -29.03
C ILE Z 220 -56.45 79.90 -28.64
N ASP Z 221 -56.81 79.68 -27.38
CA ASP Z 221 -58.00 80.26 -26.80
C ASP Z 221 -57.60 81.48 -25.97
N LYS Z 222 -58.56 82.04 -25.22
CA LYS Z 222 -58.34 83.29 -24.51
C LYS Z 222 -58.87 83.19 -23.08
N GLY Z 223 -58.29 84.01 -22.20
CA GLY Z 223 -58.69 84.06 -20.80
C GLY Z 223 -57.48 83.89 -19.90
N SER Z 224 -57.57 84.49 -18.70
CA SER Z 224 -56.49 84.42 -17.72
C SER Z 224 -56.90 83.73 -16.43
N ALA Z 225 -57.97 84.18 -15.79
CA ALA Z 225 -58.52 83.52 -14.62
C ALA Z 225 -59.64 82.55 -14.98
N VAL Z 226 -59.97 82.42 -16.26
CA VAL Z 226 -60.93 81.42 -16.71
C VAL Z 226 -60.24 80.11 -17.09
N VAL Z 227 -58.91 80.08 -17.11
CA VAL Z 227 -58.17 78.86 -17.38
C VAL Z 227 -57.92 78.14 -16.07
N THR Z 228 -58.58 78.61 -15.01
CA THR Z 228 -58.62 77.89 -13.75
C THR Z 228 -59.90 77.08 -13.59
N ALA Z 229 -61.04 77.61 -14.01
CA ALA Z 229 -62.26 76.81 -14.04
C ALA Z 229 -62.08 75.61 -14.96
N ILE Z 230 -61.65 75.84 -16.18
CA ILE Z 230 -61.14 74.75 -17.00
C ILE Z 230 -59.75 74.39 -16.49
N THR Z 231 -59.36 73.13 -16.69
CA THR Z 231 -58.09 72.56 -16.26
C THR Z 231 -57.95 72.49 -14.73
N GLY Z 232 -58.91 73.00 -13.98
CA GLY Z 232 -58.96 72.86 -12.53
C GLY Z 232 -57.64 73.01 -11.80
N PHE Z 233 -56.81 73.94 -12.22
CA PHE Z 233 -55.45 74.06 -11.72
C PHE Z 233 -55.35 75.26 -10.79
N VAL Z 234 -54.91 75.02 -9.55
CA VAL Z 234 -54.59 76.10 -8.64
C VAL Z 234 -53.34 76.82 -9.14
N GLU Z 235 -53.25 78.12 -8.85
CA GLU Z 235 -52.13 78.92 -9.35
C GLU Z 235 -50.80 78.39 -8.82
N GLN Z 236 -50.68 78.22 -7.51
CA GLN Z 236 -49.42 77.86 -6.89
C GLN Z 236 -49.46 76.55 -6.13
N THR Z 237 -50.43 76.37 -5.24
CA THR Z 237 -50.39 75.27 -4.28
C THR Z 237 -50.41 73.91 -4.98
N GLY Z 238 -51.25 73.75 -6.00
CA GLY Z 238 -51.32 72.49 -6.69
C GLY Z 238 -52.42 72.43 -7.71
N GLN Z 239 -53.17 71.34 -7.72
CA GLN Z 239 -54.33 71.19 -8.59
C GLN Z 239 -55.51 70.72 -7.75
N SER Z 240 -56.53 71.56 -7.62
CA SER Z 240 -57.69 71.24 -6.83
C SER Z 240 -58.81 70.73 -7.73
N GLU Z 241 -59.35 69.58 -7.36
CA GLU Z 241 -60.42 68.95 -8.10
C GLU Z 241 -61.75 69.65 -7.91
N SER Z 242 -61.95 70.31 -6.77
CA SER Z 242 -63.22 70.96 -6.48
C SER Z 242 -63.38 72.27 -7.24
N ALA Z 243 -62.29 73.01 -7.44
CA ALA Z 243 -62.36 74.36 -7.99
C ALA Z 243 -62.20 74.40 -9.51
N GLY Z 244 -62.59 73.35 -10.21
CA GLY Z 244 -62.54 73.39 -11.65
C GLY Z 244 -62.76 72.01 -12.24
N HIS Z 245 -62.90 72.00 -13.57
CA HIS Z 245 -63.03 70.78 -14.35
C HIS Z 245 -61.68 70.47 -14.99
N CYS Z 246 -61.26 69.23 -14.88
CA CYS Z 246 -59.93 68.82 -15.36
C CYS Z 246 -60.00 68.55 -16.85
N ALA Z 247 -59.42 69.44 -17.64
CA ALA Z 247 -59.43 69.31 -19.09
C ALA Z 247 -58.18 69.97 -19.65
N ASN Z 248 -58.17 70.19 -20.97
CA ASN Z 248 -57.02 70.76 -21.66
C ASN Z 248 -57.49 71.79 -22.67
N THR Z 249 -56.67 72.80 -22.90
CA THR Z 249 -57.10 73.91 -23.76
C THR Z 249 -56.08 74.41 -24.76
N LEU Z 250 -54.79 74.07 -24.65
CA LEU Z 250 -53.75 74.57 -25.55
C LEU Z 250 -53.66 76.09 -25.51
N ILE Z 251 -53.21 76.60 -24.37
CA ILE Z 251 -53.01 78.03 -24.16
C ILE Z 251 -51.66 78.45 -24.71
N ASP Z 252 -51.41 79.76 -24.75
CA ASP Z 252 -50.11 80.31 -25.10
C ASP Z 252 -49.70 81.33 -24.05
N ILE Z 253 -48.40 81.47 -23.84
CA ILE Z 253 -47.89 82.39 -22.82
C ILE Z 253 -46.98 83.42 -23.47
N GLY Z 254 -46.01 82.96 -24.26
CA GLY Z 254 -45.33 83.86 -25.15
C GLY Z 254 -46.09 83.89 -26.46
N ASP Z 255 -45.37 83.91 -27.58
CA ASP Z 255 -46.02 83.62 -28.85
C ASP Z 255 -46.16 82.10 -28.98
N GLN Z 256 -45.53 81.38 -28.05
CA GLN Z 256 -45.46 79.92 -28.05
C GLN Z 256 -46.77 79.36 -27.53
N GLU Z 257 -47.51 78.69 -28.41
CA GLU Z 257 -48.73 77.99 -28.03
C GLU Z 257 -48.44 76.52 -27.80
N PHE Z 258 -48.94 76.00 -26.69
CA PHE Z 258 -48.62 74.64 -26.26
C PHE Z 258 -49.76 74.08 -25.44
N LEU Z 259 -49.80 72.75 -25.35
CA LEU Z 259 -50.79 72.08 -24.53
C LEU Z 259 -50.53 72.37 -23.06
N VAL Z 260 -51.60 72.34 -22.26
CA VAL Z 260 -51.52 72.68 -20.85
C VAL Z 260 -52.26 71.65 -20.03
N GLU Z 261 -51.92 71.61 -18.74
CA GLU Z 261 -52.45 70.72 -17.71
C GLU Z 261 -52.05 69.27 -17.90
N GLY Z 262 -51.36 68.94 -19.00
CA GLY Z 262 -50.78 67.61 -19.13
C GLY Z 262 -51.75 66.49 -19.38
N SER Z 263 -52.96 66.78 -19.86
CA SER Z 263 -53.96 65.78 -20.18
C SER Z 263 -54.27 64.90 -18.96
N THR Z 264 -54.80 65.54 -17.93
CA THR Z 264 -55.23 64.80 -16.77
C THR Z 264 -56.58 64.12 -17.03
N LEU Z 265 -56.91 63.18 -16.17
CA LEU Z 265 -58.17 62.45 -16.21
C LEU Z 265 -58.94 62.56 -14.90
N THR Z 266 -58.23 62.69 -13.79
CA THR Z 266 -58.79 62.92 -12.47
C THR Z 266 -57.92 64.00 -11.83
N GLN Z 267 -57.99 64.13 -10.52
CA GLN Z 267 -57.26 65.21 -9.83
C GLN Z 267 -55.79 65.23 -10.25
N ASN Z 268 -55.07 64.14 -10.01
CA ASN Z 268 -53.65 64.09 -10.33
C ASN Z 268 -53.27 62.77 -10.98
N VAL Z 269 -54.03 62.37 -12.00
CA VAL Z 269 -53.73 61.19 -12.79
C VAL Z 269 -53.43 61.66 -14.21
N PHE Z 270 -52.16 61.68 -14.57
CA PHE Z 270 -51.76 62.22 -15.86
C PHE Z 270 -51.78 61.13 -16.94
N LEU Z 271 -51.85 61.58 -18.19
CA LEU Z 271 -52.07 60.65 -19.29
C LEU Z 271 -50.88 59.72 -19.50
N ASP Z 272 -49.66 60.24 -19.35
CA ASP Z 272 -48.48 59.42 -19.62
C ASP Z 272 -48.36 58.25 -18.63
N GLU Z 273 -48.77 58.45 -17.39
CA GLU Z 273 -48.77 57.36 -16.43
C GLU Z 273 -49.66 56.21 -16.88
N ILE Z 274 -50.79 56.52 -17.54
CA ILE Z 274 -51.62 55.47 -18.11
C ILE Z 274 -50.95 54.85 -19.32
N HIS Z 275 -50.37 55.68 -20.20
CA HIS Z 275 -49.78 55.16 -21.43
C HIS Z 275 -48.64 54.20 -21.15
N ALA Z 276 -47.78 54.54 -20.19
CA ALA Z 276 -46.62 53.71 -19.90
C ALA Z 276 -47.03 52.35 -19.32
N THR Z 277 -47.99 52.35 -18.40
CA THR Z 277 -48.46 51.08 -17.85
C THR Z 277 -49.14 50.23 -18.90
N ASP Z 278 -49.91 50.87 -19.80
CA ASP Z 278 -50.52 50.11 -20.88
C ASP Z 278 -49.46 49.50 -21.79
N TRP Z 279 -48.38 50.24 -22.05
CA TRP Z 279 -47.28 49.69 -22.84
C TRP Z 279 -46.65 48.50 -22.14
N ILE Z 280 -46.43 48.60 -20.82
CA ILE Z 280 -45.84 47.49 -20.08
C ILE Z 280 -46.72 46.26 -20.18
N ILE Z 281 -48.03 46.44 -20.00
CA ILE Z 281 -48.95 45.31 -20.06
C ILE Z 281 -48.94 44.68 -21.45
N ALA Z 282 -49.09 45.51 -22.48
CA ALA Z 282 -49.15 45.00 -23.85
C ALA Z 282 -47.83 44.43 -24.32
N ARG Z 283 -46.74 44.76 -23.66
CA ARG Z 283 -45.46 44.13 -23.96
C ARG Z 283 -45.31 42.78 -23.28
N THR Z 284 -45.70 42.70 -22.00
CA THR Z 284 -45.61 41.42 -21.31
C THR Z 284 -46.53 40.39 -21.95
N GLU Z 285 -47.71 40.81 -22.40
CA GLU Z 285 -48.60 39.85 -23.05
C GLU Z 285 -47.97 39.27 -24.31
N GLU Z 286 -47.38 40.14 -25.13
CA GLU Z 286 -46.75 39.67 -26.36
C GLU Z 286 -45.57 38.75 -26.07
N GLU Z 287 -44.75 39.10 -25.07
CA GLU Z 287 -43.62 38.24 -24.75
C GLU Z 287 -44.06 36.90 -24.18
N MET Z 288 -45.12 36.88 -23.38
CA MET Z 288 -45.66 35.60 -22.91
C MET Z 288 -46.18 34.77 -24.07
N LEU Z 289 -46.84 35.41 -25.02
CA LEU Z 289 -47.32 34.67 -26.19
C LEU Z 289 -46.17 34.08 -26.97
N SER Z 290 -45.09 34.85 -27.14
CA SER Z 290 -43.92 34.37 -27.86
C SER Z 290 -43.10 33.35 -27.08
N LEU Z 291 -43.61 32.87 -25.96
CA LEU Z 291 -42.90 31.89 -25.14
C LEU Z 291 -43.53 30.52 -25.17
N PHE Z 292 -44.86 30.42 -25.29
CA PHE Z 292 -45.48 29.13 -25.51
C PHE Z 292 -45.28 28.64 -26.93
N LEU Z 293 -45.01 29.54 -27.86
CA LEU Z 293 -44.88 29.19 -29.27
C LEU Z 293 -43.47 28.74 -29.63
N ASN Z 294 -42.46 29.20 -28.91
CA ASN Z 294 -41.09 28.78 -29.19
C ASN Z 294 -40.78 27.44 -28.54
N ASN Z 295 -40.78 27.38 -27.21
CA ASN Z 295 -40.64 26.11 -26.54
C ASN Z 295 -41.86 25.26 -26.81
N ASP Z 296 -41.68 23.94 -26.77
CA ASP Z 296 -42.83 23.07 -26.91
C ASP Z 296 -43.72 23.23 -25.68
N ARG Z 297 -43.23 22.84 -24.50
CA ARG Z 297 -44.06 22.78 -23.31
C ARG Z 297 -43.41 23.51 -22.14
N VAL Z 298 -44.24 24.03 -21.25
CA VAL Z 298 -43.82 24.65 -20.00
C VAL Z 298 -44.34 23.79 -18.86
N PRO Z 299 -43.49 23.05 -18.15
CA PRO Z 299 -43.98 22.13 -17.12
C PRO Z 299 -44.62 22.88 -15.97
N PHE Z 300 -45.42 22.15 -15.20
CA PHE Z 300 -46.18 22.73 -14.09
C PHE Z 300 -45.41 22.51 -12.78
N THR Z 301 -44.27 23.18 -12.68
CA THR Z 301 -43.44 23.13 -11.49
C THR Z 301 -42.75 24.48 -11.30
N ASP Z 302 -41.94 24.57 -10.23
CA ASP Z 302 -41.16 25.78 -10.00
C ASP Z 302 -40.23 26.06 -11.17
N GLN Z 303 -39.71 25.00 -11.79
CA GLN Z 303 -38.84 25.17 -12.95
C GLN Z 303 -39.54 25.95 -14.04
N GLY Z 304 -40.78 25.57 -14.37
CA GLY Z 304 -41.55 26.33 -15.33
C GLY Z 304 -42.09 27.64 -14.79
N MET Z 305 -42.27 27.73 -13.48
CA MET Z 305 -42.80 28.96 -12.90
C MET Z 305 -41.81 30.11 -13.02
N GLN Z 306 -40.55 29.86 -12.67
CA GLN Z 306 -39.53 30.87 -12.86
C GLN Z 306 -39.34 31.20 -14.33
N GLN Z 307 -39.56 30.24 -15.22
CA GLN Z 307 -39.46 30.51 -16.66
C GLN Z 307 -40.49 31.54 -17.10
N LEU Z 308 -41.72 31.46 -16.56
CA LEU Z 308 -42.71 32.47 -16.84
C LEU Z 308 -42.38 33.78 -16.14
N ALA Z 309 -41.84 33.71 -14.93
CA ALA Z 309 -41.42 34.92 -14.23
C ALA Z 309 -40.30 35.66 -14.95
N SER Z 310 -39.56 34.97 -15.82
CA SER Z 310 -38.46 35.60 -16.54
C SER Z 310 -38.91 36.74 -17.43
N VAL Z 311 -40.17 36.79 -17.85
CA VAL Z 311 -40.63 37.82 -18.76
C VAL Z 311 -40.83 39.14 -18.05
N PRO Z 312 -41.62 39.23 -16.97
CA PRO Z 312 -41.70 40.51 -16.26
C PRO Z 312 -40.37 40.96 -15.69
N ARG Z 313 -39.52 40.02 -15.26
CA ARG Z 313 -38.23 40.40 -14.71
C ARG Z 313 -37.33 41.04 -15.76
N ALA Z 314 -37.63 40.86 -17.04
CA ALA Z 314 -36.92 41.56 -18.10
C ALA Z 314 -37.65 42.81 -18.55
N ILE Z 315 -38.98 42.80 -18.58
CA ILE Z 315 -39.70 44.00 -18.98
C ILE Z 315 -39.50 45.12 -17.97
N MET Z 316 -39.50 44.81 -16.67
CA MET Z 316 -39.24 45.85 -15.68
C MET Z 316 -37.83 46.41 -15.81
N GLN Z 317 -36.85 45.54 -16.10
CA GLN Z 317 -35.49 46.01 -16.31
C GLN Z 317 -35.40 46.93 -17.52
N LEU Z 318 -36.08 46.56 -18.61
CA LEU Z 318 -36.10 47.37 -19.80
C LEU Z 318 -36.89 48.65 -19.64
N ALA Z 319 -37.81 48.71 -18.68
CA ALA Z 319 -38.62 49.90 -18.43
C ALA Z 319 -37.91 50.88 -17.50
N ALA Z 320 -37.22 50.40 -16.48
CA ALA Z 320 -36.47 51.30 -15.60
C ALA Z 320 -35.41 52.06 -16.37
N ARG Z 321 -34.87 51.47 -17.43
CA ARG Z 321 -33.94 52.19 -18.29
C ARG Z 321 -34.62 53.37 -18.98
N ALA Z 322 -35.85 53.18 -19.43
CA ALA Z 322 -36.56 54.25 -20.13
C ALA Z 322 -36.80 55.45 -19.22
N GLY Z 323 -37.17 55.21 -17.97
CA GLY Z 323 -37.42 56.30 -17.05
C GLY Z 323 -38.82 56.32 -16.50
N ILE Z 324 -39.44 55.15 -16.38
CA ILE Z 324 -40.80 55.04 -15.87
C ILE Z 324 -40.77 54.60 -14.42
N VAL Z 325 -39.72 53.91 -14.02
CA VAL Z 325 -39.61 53.35 -12.68
C VAL Z 325 -38.61 54.18 -11.87
N ALA Z 326 -38.88 54.31 -10.57
CA ALA Z 326 -38.03 55.11 -9.71
C ALA Z 326 -36.66 54.46 -9.53
N LEU Z 327 -35.71 55.26 -9.06
CA LEU Z 327 -34.30 54.86 -9.00
C LEU Z 327 -33.89 54.41 -7.61
N ASP Z 328 -34.56 53.35 -7.13
CA ASP Z 328 -34.12 52.58 -5.95
C ASP Z 328 -33.79 53.47 -4.75
N LEU Z 329 -34.55 54.53 -4.53
CA LEU Z 329 -34.33 55.42 -3.40
C LEU Z 329 -35.66 55.84 -2.81
N ASN Z 330 -35.85 55.60 -1.52
CA ASN Z 330 -37.10 55.96 -0.87
C ASN Z 330 -37.19 57.47 -0.75
N PRO Z 331 -38.19 58.12 -1.33
CA PRO Z 331 -38.27 59.59 -1.24
C PRO Z 331 -38.39 60.10 0.19
N LEU Z 332 -39.03 59.34 1.08
CA LEU Z 332 -39.21 59.79 2.46
C LEU Z 332 -37.87 60.12 3.12
N THR Z 333 -36.88 59.25 2.95
CA THR Z 333 -35.60 59.42 3.60
C THR Z 333 -34.42 59.52 2.64
N GLY Z 334 -34.57 59.04 1.41
CA GLY Z 334 -33.43 58.96 0.53
C GLY Z 334 -32.58 57.75 0.85
N ALA Z 335 -33.14 56.84 1.65
CA ALA Z 335 -32.42 55.62 2.02
C ALA Z 335 -32.66 54.57 0.96
N TYR Z 336 -32.10 53.38 1.14
CA TYR Z 336 -32.24 52.34 0.14
C TYR Z 336 -33.60 51.67 0.24
N GLU Z 337 -34.21 51.41 -0.91
CA GLU Z 337 -35.45 50.67 -1.00
C GLU Z 337 -35.62 50.20 -2.44
N PRO Z 338 -35.85 48.91 -2.67
CA PRO Z 338 -35.94 48.40 -4.04
C PRO Z 338 -37.04 49.10 -4.82
N ALA Z 339 -36.75 49.40 -6.08
CA ALA Z 339 -37.73 50.05 -6.93
C ALA Z 339 -38.84 49.09 -7.34
N TYR Z 340 -38.47 47.88 -7.75
CA TYR Z 340 -39.44 46.90 -8.21
C TYR Z 340 -39.07 45.53 -7.66
N THR Z 341 -40.07 44.79 -7.20
CA THR Z 341 -39.88 43.43 -6.72
C THR Z 341 -40.90 42.52 -7.40
N ILE Z 342 -40.45 41.32 -7.76
CA ILE Z 342 -41.30 40.32 -8.39
C ILE Z 342 -41.43 39.15 -7.45
N THR Z 343 -42.67 38.80 -7.11
CA THR Z 343 -42.97 37.68 -6.23
C THR Z 343 -43.66 36.59 -7.02
N VAL Z 344 -43.19 35.36 -6.84
CA VAL Z 344 -43.65 34.19 -7.56
C VAL Z 344 -44.23 33.20 -6.55
N PRO Z 345 -45.47 32.77 -6.71
CA PRO Z 345 -46.03 31.78 -5.79
C PRO Z 345 -45.32 30.44 -5.93
N SER Z 346 -45.29 29.70 -4.83
CA SER Z 346 -44.69 28.38 -4.84
C SER Z 346 -45.72 27.33 -5.22
N VAL Z 347 -45.42 26.56 -6.27
CA VAL Z 347 -46.33 25.52 -6.73
C VAL Z 347 -46.19 24.23 -5.93
N PHE Z 348 -45.24 24.17 -5.00
CA PHE Z 348 -44.93 22.92 -4.31
C PHE Z 348 -46.12 22.37 -3.54
N ASP Z 349 -47.06 23.24 -3.14
CA ASP Z 349 -48.16 22.85 -2.27
C ASP Z 349 -49.50 22.75 -2.99
N ILE Z 350 -49.59 23.21 -4.24
CA ILE Z 350 -50.89 23.28 -4.91
C ILE Z 350 -51.38 21.88 -5.23
N PRO Z 351 -52.58 21.51 -4.78
CA PRO Z 351 -53.06 20.14 -4.94
C PRO Z 351 -53.29 19.77 -6.40
N GLU Z 352 -53.40 18.45 -6.62
CA GLU Z 352 -53.62 17.94 -7.96
C GLU Z 352 -54.96 18.38 -8.54
N SER Z 353 -55.95 18.62 -7.69
CA SER Z 353 -57.28 18.97 -8.18
C SER Z 353 -57.25 20.26 -8.98
N GLN Z 354 -56.53 21.27 -8.49
CA GLN Z 354 -56.36 22.52 -9.22
C GLN Z 354 -55.14 22.50 -10.12
N ARG Z 355 -54.31 21.45 -10.06
CA ARG Z 355 -53.20 21.32 -10.98
C ARG Z 355 -53.64 20.77 -12.34
N LYS Z 356 -54.83 20.20 -12.43
CA LYS Z 356 -55.34 19.64 -13.68
C LYS Z 356 -56.01 20.66 -14.57
N ALA Z 357 -56.20 21.89 -14.08
CA ALA Z 357 -56.78 22.93 -14.91
C ALA Z 357 -55.82 23.47 -15.95
N ARG Z 358 -54.51 23.25 -15.76
CA ARG Z 358 -53.48 23.82 -16.62
C ARG Z 358 -53.58 25.34 -16.69
N ILE Z 359 -53.81 25.96 -15.53
CA ILE Z 359 -53.82 27.41 -15.39
C ILE Z 359 -52.95 27.76 -14.20
N ALA Z 360 -51.89 28.53 -14.45
CA ALA Z 360 -50.88 28.78 -13.45
C ALA Z 360 -51.36 29.78 -12.41
N PRO Z 361 -50.81 29.73 -11.20
CA PRO Z 361 -51.10 30.78 -10.22
C PRO Z 361 -50.53 32.12 -10.65
N ALA Z 362 -50.79 33.14 -9.85
CA ALA Z 362 -50.55 34.52 -10.24
C ALA Z 362 -49.21 35.03 -9.73
N ILE Z 363 -48.48 35.72 -10.60
CA ILE Z 363 -47.23 36.39 -10.26
C ILE Z 363 -47.55 37.83 -9.93
N GLN Z 364 -46.88 38.40 -8.93
CA GLN Z 364 -47.13 39.78 -8.51
C GLN Z 364 -45.88 40.62 -8.71
N VAL Z 365 -46.08 41.88 -9.10
CA VAL Z 365 -44.99 42.80 -9.37
C VAL Z 365 -45.27 44.13 -8.67
N ARG Z 366 -44.23 44.77 -8.16
CA ARG Z 366 -44.34 46.05 -7.46
C ARG Z 366 -43.60 47.12 -8.24
N PHE Z 367 -44.19 48.30 -8.34
CA PHE Z 367 -43.61 49.41 -9.08
C PHE Z 367 -43.05 50.46 -8.14
N ARG Z 368 -42.58 51.56 -8.73
CA ARG Z 368 -42.42 52.83 -8.04
C ARG Z 368 -42.42 53.89 -9.14
N TYR Z 369 -43.51 54.64 -9.24
CA TYR Z 369 -43.64 55.62 -10.31
C TYR Z 369 -42.55 56.68 -10.23
N ALA Z 370 -42.05 57.08 -11.40
CA ALA Z 370 -41.02 58.11 -11.50
C ALA Z 370 -41.70 59.43 -11.82
N GLY Z 371 -41.52 60.41 -10.94
CA GLY Z 371 -42.22 61.66 -11.06
C GLY Z 371 -41.72 62.51 -12.22
N ALA Z 372 -42.23 63.74 -12.25
CA ALA Z 372 -41.84 64.74 -13.24
C ALA Z 372 -41.96 66.11 -12.59
N VAL Z 373 -41.89 67.15 -13.41
CA VAL Z 373 -41.96 68.53 -12.94
C VAL Z 373 -42.93 69.31 -13.80
N HIS Z 374 -43.86 70.01 -13.17
CA HIS Z 374 -44.78 70.91 -13.87
C HIS Z 374 -44.73 72.33 -13.36
N TYR Z 375 -43.99 72.62 -12.28
CA TYR Z 375 -44.02 73.94 -11.66
C TYR Z 375 -42.70 74.17 -10.95
N SER Z 376 -42.27 75.43 -10.90
CA SER Z 376 -40.99 75.79 -10.29
C SER Z 376 -41.15 77.00 -9.40
N VAL Z 377 -40.28 77.10 -8.39
CA VAL Z 377 -40.32 78.19 -7.43
C VAL Z 377 -38.91 78.71 -7.20
N ILE Z 378 -38.73 80.02 -7.30
CA ILE Z 378 -37.46 80.70 -7.02
C ILE Z 378 -37.76 81.86 -6.08
N ASN Z 379 -36.77 82.25 -5.29
CA ASN Z 379 -36.99 83.22 -4.21
C ASN Z 379 -36.29 84.55 -4.40
N TYR Z 380 -35.03 84.57 -4.82
CA TYR Z 380 -34.34 85.80 -5.24
C TYR Z 380 -34.33 86.85 -4.13
N THR Z 381 -33.62 86.54 -3.05
CA THR Z 381 -33.50 87.48 -1.93
C THR Z 381 -32.30 88.38 -2.16
N MET Z 382 -32.53 89.68 -2.20
CA MET Z 382 -31.51 90.66 -2.52
C MET Z 382 -31.07 91.42 -1.28
N THR Z 383 -29.77 91.51 -1.05
CA THR Z 383 -29.22 92.09 0.16
C THR Z 383 -28.76 93.53 0.01
N PHE Z 384 -28.31 93.92 -1.18
CA PHE Z 384 -27.73 95.24 -1.41
C PHE Z 384 -26.57 95.49 -0.45
N MET AA 1 -28.23 0.17 41.02
CA MET AA 1 -27.88 0.63 39.68
C MET AA 1 -26.42 0.33 39.37
N ALA AA 2 -26.04 -0.93 39.49
CA ALA AA 2 -24.67 -1.34 39.20
C ALA AA 2 -24.39 -1.28 37.70
N MET AA 3 -23.14 -0.99 37.35
CA MET AA 3 -22.75 -0.89 35.95
C MET AA 3 -22.77 -2.29 35.35
N LYS AA 4 -23.90 -2.66 34.75
CA LYS AA 4 -24.08 -4.01 34.26
C LYS AA 4 -23.16 -4.29 33.08
N ALA AA 5 -23.13 -5.56 32.68
CA ALA AA 5 -22.35 -5.96 31.53
C ALA AA 5 -22.89 -5.32 30.26
N TYR AA 6 -22.01 -5.06 29.30
CA TYR AA 6 -22.43 -4.51 28.02
C TYR AA 6 -23.23 -5.54 27.24
N SER AA 7 -24.22 -5.06 26.49
CA SER AA 7 -25.02 -5.93 25.64
C SER AA 7 -25.68 -5.10 24.55
N MET AA 8 -25.81 -5.68 23.37
CA MET AA 8 -26.49 -5.00 22.28
C MET AA 8 -27.99 -4.91 22.51
N LEU AA 9 -28.52 -5.60 23.51
CA LEU AA 9 -29.94 -5.55 23.81
C LEU AA 9 -30.34 -4.32 24.61
N ASN AA 10 -29.38 -3.47 24.97
CA ASN AA 10 -29.66 -2.24 25.68
C ASN AA 10 -29.29 -0.99 24.89
N VAL AA 11 -28.74 -1.14 23.70
CA VAL AA 11 -28.41 -0.01 22.84
C VAL AA 11 -29.63 0.32 22.00
N THR AA 12 -30.03 1.58 21.99
CA THR AA 12 -31.19 2.02 21.23
C THR AA 12 -30.77 3.10 20.24
N ALA AA 13 -31.20 2.95 18.99
CA ALA AA 13 -30.96 3.92 17.95
C ALA AA 13 -32.28 4.28 17.28
N THR AA 14 -32.48 5.57 17.02
CA THR AA 14 -33.69 6.07 16.42
C THR AA 14 -33.32 6.92 15.21
N LEU AA 15 -33.94 6.62 14.08
CA LEU AA 15 -33.67 7.31 12.82
C LEU AA 15 -34.99 7.88 12.31
N ASP AA 16 -35.22 9.16 12.57
CA ASP AA 16 -36.42 9.86 12.11
C ASP AA 16 -37.69 9.21 12.66
N GLY AA 17 -37.70 9.00 13.97
CA GLY AA 17 -38.85 8.38 14.63
C GLY AA 17 -38.80 6.89 14.81
N ARG AA 18 -38.65 6.16 13.71
CA ARG AA 18 -38.64 4.70 13.79
C ARG AA 18 -37.29 4.19 14.25
N ARG AA 19 -37.28 2.96 14.75
CA ARG AA 19 -36.07 2.34 15.27
C ARG AA 19 -35.25 1.71 14.15
N VAL AA 20 -34.03 1.31 14.50
CA VAL AA 20 -33.15 0.54 13.62
C VAL AA 20 -33.10 -0.87 14.16
N ILE AA 21 -33.40 -1.85 13.30
CA ILE AA 21 -33.50 -3.24 13.73
C ILE AA 21 -32.50 -4.13 13.01
N GLY AA 22 -32.58 -4.20 11.69
CA GLY AA 22 -31.73 -5.14 10.98
C GLY AA 22 -30.30 -4.68 10.88
N LEU AA 23 -29.40 -5.26 11.67
CA LEU AA 23 -28.00 -4.90 11.69
C LEU AA 23 -27.15 -6.12 11.39
N MET AA 24 -26.07 -5.91 10.64
CA MET AA 24 -25.20 -7.01 10.26
C MET AA 24 -24.36 -7.46 11.45
N ASP AA 25 -23.78 -8.65 11.31
CA ASP AA 25 -22.92 -9.18 12.35
C ASP AA 25 -21.59 -8.44 12.37
N GLY AA 26 -21.00 -8.33 13.54
CA GLY AA 26 -19.68 -7.76 13.66
C GLY AA 26 -19.55 -6.90 14.90
N ASP AA 27 -18.30 -6.61 15.26
CA ASP AA 27 -18.01 -5.75 16.39
C ASP AA 27 -18.24 -4.28 16.09
N ASP AA 28 -18.63 -3.94 14.87
CA ASP AA 28 -18.84 -2.55 14.50
C ASP AA 28 -20.01 -2.49 13.53
N ALA AA 29 -21.20 -2.19 14.05
CA ALA AA 29 -22.41 -2.07 13.24
C ALA AA 29 -22.93 -0.65 13.14
N ILE AA 30 -22.67 0.20 14.13
CA ILE AA 30 -23.02 1.61 14.10
C ILE AA 30 -21.81 2.37 14.60
N THR AA 31 -21.13 3.08 13.71
CA THR AA 31 -19.89 3.77 14.08
C THR AA 31 -19.98 5.24 13.71
N THR AA 32 -19.71 6.11 14.68
CA THR AA 32 -19.74 7.55 14.47
C THR AA 32 -18.32 8.10 14.62
N SER AA 33 -17.89 8.90 13.64
CA SER AA 33 -16.58 9.50 13.66
C SER AA 33 -16.67 11.00 13.49
N PRO AA 34 -15.87 11.77 14.21
CA PRO AA 34 -15.93 13.23 14.11
C PRO AA 34 -15.40 13.71 12.77
N GLY AA 35 -15.76 14.95 12.45
CA GLY AA 35 -15.37 15.55 11.19
C GLY AA 35 -13.88 15.70 11.02
N VAL AA 36 -13.26 16.54 11.86
CA VAL AA 36 -11.84 16.83 11.78
C VAL AA 36 -11.23 16.70 13.17
N ASP AA 37 -9.91 16.92 13.24
CA ASP AA 37 -9.21 16.85 14.50
C ASP AA 37 -9.67 17.97 15.42
N VAL AA 38 -9.55 17.73 16.72
CA VAL AA 38 -9.98 18.74 17.69
C VAL AA 38 -9.09 19.97 17.62
N GLY AA 39 -7.79 19.77 17.45
CA GLY AA 39 -6.88 20.89 17.45
C GLY AA 39 -5.59 20.58 16.71
N THR AA 40 -4.66 21.52 16.78
CA THR AA 40 -3.39 21.40 16.09
C THR AA 40 -2.32 22.18 16.83
N MET AA 41 -1.21 21.53 17.14
CA MET AA 41 -0.09 22.18 17.82
C MET AA 41 0.94 22.61 16.79
N LEU AA 42 1.39 23.85 16.89
CA LEU AA 42 2.39 24.41 15.98
C LEU AA 42 3.59 24.86 16.81
N VAL AA 43 4.74 24.27 16.54
CA VAL AA 43 5.98 24.58 17.25
C VAL AA 43 6.94 25.25 16.29
N GLY AA 44 7.43 26.43 16.67
CA GLY AA 44 8.28 27.20 15.81
C GLY AA 44 9.73 26.77 15.86
N ALA AA 45 10.56 27.50 15.11
CA ALA AA 45 11.98 27.18 15.00
C ALA AA 45 12.75 27.49 16.27
N ASP AA 46 12.16 28.20 17.23
CA ASP AA 46 12.85 28.55 18.46
C ASP AA 46 12.51 27.63 19.62
N GLY AA 47 11.38 26.93 19.57
CA GLY AA 47 10.94 26.07 20.65
C GLY AA 47 9.63 26.47 21.28
N SER AA 48 9.11 27.67 21.01
CA SER AA 48 7.82 28.05 21.53
C SER AA 48 6.72 27.26 20.81
N TRP AA 49 5.51 27.31 21.37
CA TRP AA 49 4.41 26.52 20.83
C TRP AA 49 3.12 27.31 20.89
N LEU AA 50 2.19 26.95 20.01
CA LEU AA 50 0.88 27.56 19.97
C LEU AA 50 -0.14 26.52 19.52
N PHE AA 51 -1.22 26.38 20.27
CA PHE AA 51 -2.26 25.41 19.97
C PHE AA 51 -3.45 26.13 19.33
N SER AA 52 -4.06 25.50 18.34
CA SER AA 52 -5.19 26.07 17.62
C SER AA 52 -6.37 25.11 17.68
N GLN AA 53 -7.53 25.63 18.03
CA GLN AA 53 -8.74 24.84 18.27
C GLN AA 53 -9.76 25.15 17.18
N THR AA 54 -10.36 24.10 16.64
CA THR AA 54 -11.28 24.27 15.51
C THR AA 54 -12.70 24.50 16.00
N ALA AA 55 -13.51 25.11 15.13
CA ALA AA 55 -14.92 25.33 15.39
C ALA AA 55 -15.81 24.33 14.66
N ASP AA 56 -15.23 23.32 14.04
CA ASP AA 56 -15.97 22.34 13.24
C ASP AA 56 -16.51 21.26 14.18
N LYS AA 57 -17.77 21.40 14.57
CA LYS AA 57 -18.44 20.37 15.36
C LYS AA 57 -19.40 19.61 14.43
N SER AA 58 -18.84 18.66 13.69
CA SER AA 58 -19.62 17.86 12.75
C SER AA 58 -19.16 16.41 12.83
N ALA AA 59 -20.04 15.51 12.40
CA ALA AA 59 -19.75 14.08 12.50
C ALA AA 59 -20.41 13.34 11.36
N THR AA 60 -19.92 12.12 11.14
CA THR AA 60 -20.50 11.18 10.20
C THR AA 60 -20.78 9.88 10.91
N VAL AA 61 -21.79 9.16 10.44
CA VAL AA 61 -22.17 7.88 11.03
C VAL AA 61 -22.30 6.85 9.92
N VAL AA 62 -21.87 5.63 10.20
CA VAL AA 62 -21.95 4.51 9.27
C VAL AA 62 -22.80 3.44 9.91
N ILE AA 63 -23.82 2.99 9.18
CA ILE AA 63 -24.75 1.96 9.64
C ILE AA 63 -24.67 0.79 8.67
N LYS AA 64 -24.56 -0.41 9.20
CA LYS AA 64 -24.48 -1.62 8.40
C LYS AA 64 -25.76 -2.42 8.62
N LEU AA 65 -26.47 -2.71 7.53
CA LEU AA 65 -27.78 -3.37 7.59
C LEU AA 65 -27.79 -4.60 6.72
N LYS AA 66 -28.60 -5.57 7.10
CA LYS AA 66 -28.85 -6.73 6.28
C LYS AA 66 -29.64 -6.34 5.04
N PRO AA 67 -29.59 -7.16 3.99
CA PRO AA 67 -30.40 -6.86 2.80
C PRO AA 67 -31.90 -6.89 3.05
N ASN AA 68 -32.36 -7.44 4.17
CA ASN AA 68 -33.78 -7.50 4.50
C ASN AA 68 -34.00 -6.84 5.86
N SER AA 69 -34.15 -5.52 5.86
CA SER AA 69 -34.38 -4.81 7.10
C SER AA 69 -35.25 -3.60 6.81
N PRO AA 70 -36.28 -3.37 7.61
CA PRO AA 70 -37.16 -2.21 7.35
C PRO AA 70 -36.43 -0.89 7.33
N THR AA 71 -35.35 -0.76 8.11
CA THR AA 71 -34.54 0.45 8.03
C THR AA 71 -33.94 0.62 6.64
N HIS AA 72 -33.59 -0.48 5.97
CA HIS AA 72 -33.11 -0.37 4.60
C HIS AA 72 -34.18 0.22 3.69
N ARG AA 73 -35.44 -0.22 3.86
CA ARG AA 73 -36.52 0.36 3.09
C ARG AA 73 -36.69 1.84 3.37
N GLN AA 74 -36.65 2.22 4.65
CA GLN AA 74 -36.79 3.63 5.00
C GLN AA 74 -35.69 4.47 4.38
N LEU AA 75 -34.45 3.99 4.48
CA LEU AA 75 -33.33 4.74 3.94
C LEU AA 75 -33.38 4.83 2.42
N THR AA 76 -33.79 3.76 1.74
CA THR AA 76 -33.85 3.83 0.30
C THR AA 76 -35.04 4.65 -0.18
N GLU AA 77 -36.04 4.87 0.66
CA GLU AA 77 -37.05 5.86 0.33
C GLU AA 77 -36.52 7.27 0.53
N LYS AA 78 -35.79 7.51 1.61
CA LYS AA 78 -35.25 8.84 1.88
C LYS AA 78 -34.26 9.25 0.80
N TRP AA 79 -33.46 8.31 0.31
CA TRP AA 79 -32.51 8.59 -0.76
C TRP AA 79 -33.23 9.06 -2.02
N MET AA 80 -34.31 8.37 -2.40
CA MET AA 80 -35.07 8.79 -3.56
C MET AA 80 -35.73 10.14 -3.34
N ALA AA 81 -36.18 10.40 -2.11
CA ALA AA 81 -36.74 11.71 -1.80
C ALA AA 81 -35.71 12.80 -2.02
N GLN AA 82 -34.47 12.58 -1.57
CA GLN AA 82 -33.41 13.57 -1.81
C GLN AA 82 -33.13 13.71 -3.30
N ARG AA 83 -33.06 12.60 -4.03
CA ARG AA 83 -32.79 12.68 -5.46
C ARG AA 83 -33.87 13.46 -6.19
N ALA AA 84 -35.13 13.34 -5.75
CA ALA AA 84 -36.21 14.05 -6.40
C ALA AA 84 -36.04 15.57 -6.26
N GLY AA 85 -35.55 16.02 -5.12
CA GLY AA 85 -35.33 17.44 -4.91
C GLY AA 85 -35.64 17.92 -3.50
N ARG AA 86 -36.44 17.16 -2.78
CA ARG AA 86 -36.78 17.50 -1.41
C ARG AA 86 -35.57 17.31 -0.52
N LEU AA 87 -35.35 18.24 0.42
CA LEU AA 87 -34.19 18.23 1.30
C LEU AA 87 -34.63 18.57 2.71
N VAL AA 88 -34.47 17.62 3.63
CA VAL AA 88 -34.89 17.76 5.01
C VAL AA 88 -33.88 17.07 5.92
N GLY AA 89 -34.13 17.13 7.24
CA GLY AA 89 -33.14 16.77 8.22
C GLY AA 89 -33.12 15.34 8.71
N PHE AA 90 -34.28 14.78 9.03
CA PHE AA 90 -34.46 13.44 9.59
C PHE AA 90 -33.45 13.19 10.71
N PRO AA 91 -33.71 13.73 11.91
CA PRO AA 91 -32.76 13.58 13.00
C PRO AA 91 -32.52 12.12 13.37
N PHE AA 92 -31.28 11.82 13.73
CA PHE AA 92 -30.85 10.49 14.16
C PHE AA 92 -30.18 10.62 15.51
N ASP AA 93 -30.42 9.63 16.38
CA ASP AA 93 -29.86 9.69 17.73
C ASP AA 93 -29.73 8.30 18.28
N PHE AA 94 -28.62 8.01 18.97
CA PHE AA 94 -28.45 6.69 19.53
C PHE AA 94 -27.74 6.77 20.86
N ILE AA 95 -27.95 5.74 21.69
CA ILE AA 95 -27.53 5.80 23.08
C ILE AA 95 -27.43 4.39 23.62
N ASP AA 96 -26.62 4.22 24.67
CA ASP AA 96 -26.53 2.98 25.41
C ASP AA 96 -27.13 3.19 26.80
N SER AA 97 -28.05 2.30 27.18
CA SER AA 97 -28.74 2.47 28.45
C SER AA 97 -27.89 2.12 29.65
N ALA AA 98 -26.80 1.38 29.47
CA ALA AA 98 -25.98 0.96 30.60
C ALA AA 98 -25.10 2.08 31.12
N SER AA 99 -24.69 3.02 30.28
CA SER AA 99 -23.79 4.08 30.71
C SER AA 99 -24.14 5.45 30.15
N ASN AA 100 -25.27 5.59 29.47
CA ASN AA 100 -25.70 6.86 28.88
C ASN AA 100 -24.64 7.43 27.95
N GLU AA 101 -23.96 6.54 27.23
CA GLU AA 101 -22.96 6.96 26.26
C GLU AA 101 -23.58 6.91 24.87
N GLY AA 102 -23.30 7.93 24.08
CA GLY AA 102 -23.86 8.04 22.74
C GLY AA 102 -23.99 9.49 22.34
N GLY AA 103 -24.91 9.76 21.43
CA GLY AA 103 -25.07 11.13 20.99
C GLY AA 103 -26.32 11.32 20.19
N THR AA 104 -26.53 12.57 19.77
CA THR AA 104 -27.70 12.93 19.00
C THR AA 104 -27.35 14.04 18.02
N GLY AA 105 -28.13 14.10 16.95
CA GLY AA 105 -28.03 15.17 15.99
C GLY AA 105 -29.42 15.61 15.57
N ALA AA 106 -29.50 16.84 15.07
CA ALA AA 106 -30.78 17.44 14.76
C ALA AA 106 -31.17 17.32 13.29
N GLU AA 107 -30.21 17.44 12.38
CA GLU AA 107 -30.49 17.37 10.95
C GLU AA 107 -29.37 16.62 10.26
N PHE AA 108 -29.66 15.42 9.79
CA PHE AA 108 -28.72 14.61 9.03
C PHE AA 108 -29.05 14.66 7.55
N PHE AA 109 -28.20 14.02 6.75
CA PHE AA 109 -28.42 13.91 5.31
C PHE AA 109 -27.71 12.66 4.82
N ILE AA 110 -28.35 11.94 3.90
CA ILE AA 110 -27.73 10.78 3.30
C ILE AA 110 -26.54 11.22 2.48
N GLN AA 111 -25.36 10.67 2.77
CA GLN AA 111 -24.15 11.02 2.05
C GLN AA 111 -23.66 9.92 1.12
N LYS AA 112 -23.74 8.67 1.54
CA LYS AA 112 -23.36 7.57 0.67
C LYS AA 112 -24.52 6.62 0.48
N ALA AA 113 -24.32 5.66 -0.43
CA ALA AA 113 -25.30 4.65 -0.75
C ALA AA 113 -24.62 3.29 -0.85
N PRO AA 114 -25.34 2.21 -0.55
CA PRO AA 114 -24.71 0.89 -0.58
C PRO AA 114 -24.57 0.38 -2.00
N ASP AA 115 -23.82 -0.72 -2.13
CA ASP AA 115 -23.65 -1.43 -3.39
C ASP AA 115 -24.51 -2.68 -3.35
N ASP AA 116 -25.37 -2.85 -4.36
CA ASP AA 116 -26.27 -4.00 -4.43
C ASP AA 116 -25.53 -5.19 -4.98
N SER AA 117 -25.00 -6.02 -4.09
CA SER AA 117 -24.34 -7.25 -4.45
C SER AA 117 -25.26 -8.42 -4.15
N LYS AA 118 -25.47 -9.29 -5.13
CA LYS AA 118 -26.34 -10.44 -4.91
C LYS AA 118 -25.56 -11.67 -4.49
N GLY AA 119 -24.66 -12.13 -5.35
CA GLY AA 119 -23.83 -13.28 -5.04
C GLY AA 119 -24.57 -14.51 -4.54
N ASN AA 120 -23.88 -15.36 -3.78
CA ASN AA 120 -24.45 -16.61 -3.31
C ASN AA 120 -25.04 -16.51 -1.90
N ASN AA 121 -24.55 -15.60 -1.07
CA ASN AA 121 -25.12 -15.40 0.26
C ASN AA 121 -25.50 -13.94 0.47
N ALA AA 122 -25.89 -13.60 1.70
CA ALA AA 122 -26.24 -12.24 2.02
C ALA AA 122 -24.99 -11.40 2.24
N VAL AA 123 -25.06 -10.13 1.85
CA VAL AA 123 -23.95 -9.20 1.97
C VAL AA 123 -24.44 -7.95 2.70
N VAL AA 124 -23.50 -7.22 3.28
CA VAL AA 124 -23.82 -6.03 4.03
C VAL AA 124 -24.33 -4.94 3.09
N ARG AA 125 -25.14 -4.02 3.64
CA ARG AA 125 -25.45 -2.76 3.00
C ARG AA 125 -25.05 -1.63 3.94
N GLU AA 126 -24.09 -0.82 3.52
CA GLU AA 126 -23.55 0.24 4.37
C GLU AA 126 -24.10 1.58 3.93
N TRP AA 127 -24.67 2.33 4.86
CA TRP AA 127 -25.12 3.69 4.62
C TRP AA 127 -24.27 4.65 5.44
N THR AA 128 -23.90 5.76 4.83
CA THR AA 128 -23.12 6.80 5.48
C THR AA 128 -23.92 8.09 5.51
N ILE AA 129 -24.15 8.61 6.71
CA ILE AA 129 -24.94 9.82 6.94
C ILE AA 129 -24.01 10.85 7.56
N VAL AA 130 -24.33 12.14 7.35
CA VAL AA 130 -23.48 13.23 7.79
C VAL AA 130 -24.33 14.31 8.43
N THR AA 131 -23.87 14.86 9.56
CA THR AA 131 -24.57 15.96 10.21
C THR AA 131 -23.70 17.21 10.19
N GLY AA 132 -24.35 18.34 10.46
CA GLY AA 132 -23.64 19.59 10.56
C GLY AA 132 -23.28 19.91 12.01
N GLU AA 133 -24.06 19.37 12.93
CA GLU AA 133 -23.77 19.43 14.35
C GLU AA 133 -24.01 18.06 14.96
N TRP AA 134 -23.22 17.73 15.98
CA TRP AA 134 -23.34 16.44 16.64
C TRP AA 134 -23.05 16.65 18.11
N THR AA 135 -24.04 16.42 18.96
CA THR AA 135 -23.85 16.61 20.40
C THR AA 135 -23.76 15.25 21.08
N PRO AA 136 -22.60 14.87 21.59
CA PRO AA 136 -22.52 13.66 22.40
C PRO AA 136 -23.14 13.91 23.76
N THR AA 137 -23.59 12.84 24.39
CA THR AA 137 -24.10 12.90 25.75
C THR AA 137 -23.06 12.35 26.71
N ILE AA 138 -22.89 13.03 27.83
CA ILE AA 138 -21.83 12.68 28.78
C ILE AA 138 -22.23 11.41 29.52
N PRO AA 139 -21.39 10.38 29.53
CA PRO AA 139 -21.76 9.16 30.27
C PRO AA 139 -21.72 9.39 31.76
N THR AA 140 -22.89 9.52 32.37
CA THR AA 140 -22.97 9.89 33.78
C THR AA 140 -22.83 8.68 34.71
N LEU AA 141 -23.17 7.49 34.24
CA LEU AA 141 -23.02 6.28 35.04
C LEU AA 141 -21.67 5.61 34.82
N LEU AA 142 -20.66 6.38 34.42
CA LEU AA 142 -19.32 5.89 34.12
C LEU AA 142 -19.34 4.90 32.97
N MET BA 1 -47.60 -14.48 2.54
CA MET BA 1 -46.47 -13.83 1.90
C MET BA 1 -45.41 -13.45 2.91
N ALA BA 2 -44.93 -14.46 3.65
CA ALA BA 2 -43.88 -14.24 4.63
C ALA BA 2 -42.55 -13.96 3.95
N MET BA 3 -41.71 -13.15 4.60
CA MET BA 3 -40.42 -12.80 4.05
C MET BA 3 -39.51 -14.03 4.11
N LYS BA 4 -39.50 -14.79 3.03
CA LYS BA 4 -38.79 -16.06 3.01
C LYS BA 4 -37.28 -15.84 3.10
N ALA BA 5 -36.57 -16.95 3.28
CA ALA BA 5 -35.12 -16.90 3.32
C ALA BA 5 -34.57 -16.46 1.97
N TYR BA 6 -33.41 -15.79 2.01
CA TYR BA 6 -32.75 -15.38 0.78
C TYR BA 6 -32.23 -16.59 0.03
N SER BA 7 -32.26 -16.51 -1.30
CA SER BA 7 -31.71 -17.57 -2.15
C SER BA 7 -31.42 -17.01 -3.52
N MET BA 8 -30.34 -17.52 -4.13
CA MET BA 8 -30.02 -17.11 -5.48
C MET BA 8 -30.99 -17.67 -6.51
N LEU BA 9 -31.87 -18.58 -6.12
CA LEU BA 9 -32.83 -19.16 -7.03
C LEU BA 9 -34.05 -18.26 -7.24
N ASN BA 10 -34.11 -17.11 -6.56
CA ASN BA 10 -35.20 -16.17 -6.74
C ASN BA 10 -34.74 -14.82 -7.28
N VAL BA 11 -33.45 -14.65 -7.53
CA VAL BA 11 -32.93 -13.43 -8.11
C VAL BA 11 -32.95 -13.58 -9.63
N THR BA 12 -33.52 -12.60 -10.31
CA THR BA 12 -33.63 -12.63 -11.77
C THR BA 12 -32.94 -11.41 -12.36
N ALA BA 13 -32.10 -11.64 -13.35
CA ALA BA 13 -31.42 -10.58 -14.08
C ALA BA 13 -31.65 -10.76 -15.57
N THR BA 14 -31.93 -9.66 -16.26
CA THR BA 14 -32.20 -9.66 -17.68
C THR BA 14 -31.28 -8.66 -18.35
N LEU BA 15 -30.59 -9.10 -19.40
CA LEU BA 15 -29.64 -8.28 -20.14
C LEU BA 15 -30.07 -8.28 -21.60
N ASP BA 16 -30.78 -7.24 -22.01
CA ASP BA 16 -31.22 -7.06 -23.40
C ASP BA 16 -32.11 -8.22 -23.83
N GLY BA 17 -33.11 -8.51 -23.01
CA GLY BA 17 -34.05 -9.59 -23.31
C GLY BA 17 -33.72 -10.94 -22.72
N ARG BA 18 -32.54 -11.47 -23.03
CA ARG BA 18 -32.17 -12.78 -22.54
C ARG BA 18 -31.70 -12.72 -21.09
N ARG BA 19 -31.74 -13.87 -20.42
CA ARG BA 19 -31.36 -13.95 -19.02
C ARG BA 19 -29.85 -14.10 -18.86
N VAL BA 20 -29.40 -13.98 -17.62
CA VAL BA 20 -28.03 -14.25 -17.24
C VAL BA 20 -28.01 -15.55 -16.45
N ILE BA 21 -27.18 -16.50 -16.88
CA ILE BA 21 -27.17 -17.83 -16.29
C ILE BA 21 -25.81 -18.17 -15.68
N GLY BA 22 -24.76 -18.16 -16.50
CA GLY BA 22 -23.48 -18.61 -15.97
C GLY BA 22 -22.81 -17.59 -15.10
N LEU BA 23 -22.83 -17.81 -13.79
CA LEU BA 23 -22.24 -16.89 -12.83
C LEU BA 23 -21.20 -17.62 -11.99
N MET BA 24 -20.10 -16.93 -11.68
CA MET BA 24 -19.04 -17.53 -10.91
C MET BA 24 -19.44 -17.67 -9.44
N ASP BA 25 -18.68 -18.50 -8.73
CA ASP BA 25 -18.92 -18.70 -7.31
C ASP BA 25 -18.49 -17.47 -6.52
N GLY BA 26 -19.18 -17.21 -5.42
CA GLY BA 26 -18.77 -16.14 -4.53
C GLY BA 26 -19.97 -15.40 -3.97
N ASP BA 27 -19.70 -14.64 -2.91
CA ASP BA 27 -20.73 -13.83 -2.29
C ASP BA 27 -21.04 -12.57 -3.08
N ASP BA 28 -20.35 -12.33 -4.19
CA ASP BA 28 -20.57 -11.13 -4.99
C ASP BA 28 -20.40 -11.51 -6.46
N ALA BA 29 -21.51 -11.76 -7.14
CA ALA BA 29 -21.49 -12.10 -8.55
C ALA BA 29 -22.10 -11.03 -9.44
N ILE BA 30 -23.03 -10.22 -8.92
CA ILE BA 30 -23.60 -9.08 -9.64
C ILE BA 30 -23.61 -7.92 -8.65
N THR BA 31 -22.75 -6.93 -8.88
CA THR BA 31 -22.64 -5.82 -7.94
C THR BA 31 -22.83 -4.50 -8.65
N THR BA 32 -23.74 -3.67 -8.16
CA THR BA 32 -24.00 -2.36 -8.73
C THR BA 32 -23.57 -1.27 -7.75
N SER BA 33 -22.80 -0.31 -8.23
CA SER BA 33 -22.33 0.78 -7.40
C SER BA 33 -22.69 2.11 -8.04
N PRO BA 34 -23.09 3.10 -7.23
CA PRO BA 34 -23.46 4.40 -7.79
C PRO BA 34 -22.26 5.16 -8.31
N GLY BA 35 -22.55 6.15 -9.14
CA GLY BA 35 -21.51 6.94 -9.77
C GLY BA 35 -20.67 7.72 -8.78
N VAL BA 36 -21.28 8.67 -8.08
CA VAL BA 36 -20.58 9.55 -7.15
C VAL BA 36 -21.36 9.58 -5.84
N ASP BA 37 -20.81 10.31 -4.87
CA ASP BA 37 -21.46 10.45 -3.58
C ASP BA 37 -22.78 11.22 -3.73
N VAL BA 38 -23.70 10.96 -2.81
CA VAL BA 38 -24.99 11.62 -2.86
C VAL BA 38 -24.85 13.11 -2.61
N GLY BA 39 -23.99 13.49 -1.67
CA GLY BA 39 -23.86 14.88 -1.32
C GLY BA 39 -22.52 15.19 -0.69
N THR BA 40 -22.39 16.42 -0.22
CA THR BA 40 -21.15 16.90 0.37
C THR BA 40 -21.45 18.00 1.37
N MET BA 41 -20.94 17.85 2.59
CA MET BA 41 -21.12 18.85 3.62
C MET BA 41 -19.88 19.75 3.68
N LEU BA 42 -20.11 21.06 3.70
CA LEU BA 42 -19.04 22.04 3.75
C LEU BA 42 -19.24 22.88 5.01
N VAL BA 43 -18.25 22.87 5.90
CA VAL BA 43 -18.30 23.60 7.15
C VAL BA 43 -17.23 24.68 7.11
N GLY BA 44 -17.64 25.93 7.35
CA GLY BA 44 -16.74 27.05 7.26
C GLY BA 44 -15.92 27.26 8.51
N ALA BA 45 -15.12 28.32 8.48
CA ALA BA 45 -14.22 28.63 9.58
C ALA BA 45 -14.95 29.15 10.81
N ASP BA 46 -16.23 29.47 10.71
CA ASP BA 46 -16.98 29.99 11.84
C ASP BA 46 -17.82 28.93 12.54
N GLY BA 47 -18.14 27.83 11.86
CA GLY BA 47 -18.98 26.79 12.42
C GLY BA 47 -20.27 26.55 11.69
N SER BA 48 -20.68 27.45 10.79
CA SER BA 48 -21.86 27.21 9.98
C SER BA 48 -21.61 26.09 8.98
N TRP BA 49 -22.68 25.59 8.37
CA TRP BA 49 -22.57 24.45 7.47
C TRP BA 49 -23.50 24.62 6.29
N LEU BA 50 -23.15 23.98 5.18
CA LEU BA 50 -23.97 23.98 3.98
C LEU BA 50 -23.81 22.65 3.26
N PHE BA 51 -24.92 22.01 2.93
CA PHE BA 51 -24.92 20.73 2.26
C PHE BA 51 -25.21 20.93 0.78
N SER BA 52 -24.53 20.17 -0.07
CA SER BA 52 -24.70 20.27 -1.51
C SER BA 52 -25.05 18.90 -2.07
N GLN BA 53 -26.09 18.86 -2.91
CA GLN BA 53 -26.65 17.64 -3.44
C GLN BA 53 -26.38 17.56 -4.94
N THR BA 54 -25.93 16.40 -5.41
CA THR BA 54 -25.53 16.24 -6.80
C THR BA 54 -26.72 15.83 -7.65
N ALA BA 55 -26.60 16.10 -8.96
CA ALA BA 55 -27.59 15.69 -9.94
C ALA BA 55 -27.16 14.47 -10.73
N ASP BA 56 -26.05 13.84 -10.34
CA ASP BA 56 -25.50 12.70 -11.07
C ASP BA 56 -26.20 11.43 -10.60
N LYS BA 57 -27.20 11.00 -11.37
CA LYS BA 57 -27.87 9.73 -11.11
C LYS BA 57 -27.38 8.71 -12.15
N SER BA 58 -26.22 8.13 -11.87
CA SER BA 58 -25.61 7.15 -12.76
C SER BA 58 -25.02 6.03 -11.93
N ALA BA 59 -24.84 4.87 -12.57
CA ALA BA 59 -24.35 3.70 -11.86
C ALA BA 59 -23.54 2.82 -12.79
N THR BA 60 -22.75 1.94 -12.19
CA THR BA 60 -22.01 0.92 -12.90
C THR BA 60 -22.34 -0.43 -12.30
N VAL BA 61 -22.26 -1.48 -13.11
CA VAL BA 61 -22.54 -2.83 -12.68
C VAL BA 61 -21.41 -3.73 -13.11
N VAL BA 62 -21.05 -4.69 -12.25
CA VAL BA 62 -20.00 -5.67 -12.51
C VAL BA 62 -20.64 -7.04 -12.45
N ILE BA 63 -20.43 -7.82 -13.52
CA ILE BA 63 -20.96 -9.17 -13.64
C ILE BA 63 -19.79 -10.13 -13.79
N LYS BA 64 -19.81 -11.21 -13.03
CA LYS BA 64 -18.76 -12.22 -13.08
C LYS BA 64 -19.35 -13.49 -13.67
N LEU BA 65 -18.75 -13.98 -14.76
CA LEU BA 65 -19.26 -15.11 -15.50
C LEU BA 65 -18.19 -16.18 -15.64
N LYS BA 66 -18.63 -17.43 -15.75
CA LYS BA 66 -17.73 -18.53 -16.06
C LYS BA 66 -17.24 -18.40 -17.50
N PRO BA 67 -16.13 -19.06 -17.84
CA PRO BA 67 -15.67 -19.03 -19.22
C PRO BA 67 -16.62 -19.70 -20.20
N ASN BA 68 -17.60 -20.47 -19.73
CA ASN BA 68 -18.57 -21.14 -20.59
C ASN BA 68 -19.97 -20.74 -20.16
N SER BA 69 -20.44 -19.61 -20.68
CA SER BA 69 -21.77 -19.14 -20.34
C SER BA 69 -22.33 -18.39 -21.53
N PRO BA 70 -23.58 -18.67 -21.92
CA PRO BA 70 -24.15 -17.98 -23.08
C PRO BA 70 -24.16 -16.47 -22.94
N THR BA 71 -24.28 -15.95 -21.71
CA THR BA 71 -24.16 -14.51 -21.51
C THR BA 71 -22.79 -14.00 -21.91
N HIS BA 72 -21.75 -14.81 -21.72
CA HIS BA 72 -20.42 -14.43 -22.18
C HIS BA 72 -20.41 -14.26 -23.69
N ARG BA 73 -21.05 -15.19 -24.41
CA ARG BA 73 -21.14 -15.07 -25.85
C ARG BA 73 -21.90 -13.82 -26.26
N GLN BA 74 -23.02 -13.54 -25.60
CA GLN BA 74 -23.80 -12.36 -25.94
C GLN BA 74 -22.98 -11.09 -25.71
N LEU BA 75 -22.30 -11.01 -24.57
CA LEU BA 75 -21.51 -9.82 -24.26
C LEU BA 75 -20.34 -9.66 -25.22
N THR BA 76 -19.68 -10.75 -25.60
CA THR BA 76 -18.56 -10.62 -26.52
C THR BA 76 -19.02 -10.32 -27.93
N GLU BA 77 -20.27 -10.61 -28.27
CA GLU BA 77 -20.82 -10.11 -29.52
C GLU BA 77 -21.12 -8.62 -29.44
N LYS BA 78 -21.71 -8.19 -28.32
CA LYS BA 78 -22.03 -6.77 -28.16
C LYS BA 78 -20.78 -5.90 -28.17
N TRP BA 79 -19.70 -6.40 -27.56
CA TRP BA 79 -18.44 -5.66 -27.56
C TRP BA 79 -17.92 -5.44 -28.97
N MET BA 80 -17.96 -6.49 -29.80
CA MET BA 80 -17.52 -6.35 -31.18
C MET BA 80 -18.45 -5.43 -31.96
N ALA BA 81 -19.75 -5.46 -31.66
CA ALA BA 81 -20.66 -4.53 -32.30
C ALA BA 81 -20.30 -3.09 -31.97
N GLN BA 82 -19.96 -2.81 -30.72
CA GLN BA 82 -19.53 -1.47 -30.36
C GLN BA 82 -18.22 -1.10 -31.04
N ARG BA 83 -17.26 -2.02 -31.08
CA ARG BA 83 -15.99 -1.75 -31.74
C ARG BA 83 -16.18 -1.43 -33.21
N ALA BA 84 -17.13 -2.10 -33.87
CA ALA BA 84 -17.37 -1.85 -35.28
C ALA BA 84 -17.84 -0.42 -35.53
N GLY BA 85 -18.67 0.11 -34.63
CA GLY BA 85 -19.14 1.47 -34.77
C GLY BA 85 -20.57 1.67 -34.33
N ARG BA 86 -21.34 0.60 -34.29
CA ARG BA 86 -22.72 0.68 -33.85
C ARG BA 86 -22.77 0.94 -32.35
N LEU BA 87 -23.70 1.80 -31.93
CA LEU BA 87 -23.81 2.21 -30.53
C LEU BA 87 -25.28 2.25 -30.14
N VAL BA 88 -25.67 1.38 -29.20
CA VAL BA 88 -27.05 1.24 -28.76
C VAL BA 88 -27.06 0.97 -27.26
N GLY BA 89 -28.27 0.83 -26.70
CA GLY BA 89 -28.45 0.84 -25.27
C GLY BA 89 -28.42 -0.49 -24.53
N PHE BA 90 -29.10 -1.50 -25.07
CA PHE BA 90 -29.25 -2.82 -24.47
C PHE BA 90 -29.58 -2.71 -22.97
N PRO BA 91 -30.83 -2.42 -22.65
CA PRO BA 91 -31.20 -2.23 -21.23
C PRO BA 91 -30.93 -3.48 -20.40
N PHE BA 92 -30.51 -3.26 -19.15
CA PHE BA 92 -30.25 -4.31 -18.18
C PHE BA 92 -31.04 -4.02 -16.93
N ASP BA 93 -31.58 -5.07 -16.30
CA ASP BA 93 -32.39 -4.87 -15.12
C ASP BA 93 -32.36 -6.13 -14.27
N PHE BA 94 -32.28 -5.96 -12.96
CA PHE BA 94 -32.25 -7.14 -12.10
C PHE BA 94 -32.99 -6.86 -10.80
N ILE BA 95 -33.46 -7.94 -10.17
CA ILE BA 95 -34.40 -7.81 -9.07
C ILE BA 95 -34.36 -9.09 -8.24
N ASP BA 96 -34.76 -8.98 -6.98
CA ASP BA 96 -34.94 -10.12 -6.09
C ASP BA 96 -36.43 -10.28 -5.81
N SER BA 97 -36.94 -11.49 -6.02
CA SER BA 97 -38.37 -11.73 -5.85
C SER BA 97 -38.81 -11.76 -4.40
N ALA BA 98 -37.88 -11.97 -3.46
CA ALA BA 98 -38.26 -12.08 -2.06
C ALA BA 98 -38.58 -10.74 -1.42
N SER BA 99 -37.96 -9.65 -1.90
CA SER BA 99 -38.16 -8.35 -1.28
C SER BA 99 -38.30 -7.22 -2.29
N ASN BA 100 -38.37 -7.52 -3.58
CA ASN BA 100 -38.49 -6.50 -4.63
C ASN BA 100 -37.36 -5.48 -4.54
N GLU BA 101 -36.17 -5.94 -4.19
CA GLU BA 101 -35.00 -5.09 -4.12
C GLU BA 101 -34.17 -5.28 -5.38
N GLY BA 102 -33.69 -4.19 -5.94
CA GLY BA 102 -32.94 -4.23 -7.18
C GLY BA 102 -33.11 -2.94 -7.94
N GLY BA 103 -32.91 -3.01 -9.25
CA GLY BA 103 -33.04 -1.80 -10.03
C GLY BA 103 -33.09 -2.11 -11.50
N THR BA 104 -33.22 -1.03 -12.27
CA THR BA 104 -33.29 -1.13 -13.73
C THR BA 104 -32.66 0.09 -14.36
N GLY BA 105 -32.20 -0.11 -15.60
CA GLY BA 105 -31.69 0.97 -16.41
C GLY BA 105 -32.19 0.82 -17.83
N ALA BA 106 -32.20 1.93 -18.55
CA ALA BA 106 -32.77 1.97 -19.89
C ALA BA 106 -31.73 1.80 -21.00
N GLU BA 107 -30.54 2.37 -20.83
CA GLU BA 107 -29.51 2.30 -21.86
C GLU BA 107 -28.16 2.14 -21.19
N PHE BA 108 -27.57 0.96 -21.32
CA PHE BA 108 -26.24 0.67 -20.81
C PHE BA 108 -25.22 0.68 -21.94
N PHE BA 109 -23.95 0.51 -21.56
CA PHE BA 109 -22.87 0.43 -22.53
C PHE BA 109 -21.74 -0.37 -21.91
N ILE BA 110 -21.10 -1.22 -22.72
CA ILE BA 110 -19.96 -1.97 -22.23
C ILE BA 110 -18.81 -1.02 -21.96
N GLN BA 111 -18.30 -1.04 -20.74
CA GLN BA 111 -17.20 -0.17 -20.34
C GLN BA 111 -15.89 -0.90 -20.18
N LYS BA 112 -15.89 -2.09 -19.62
CA LYS BA 112 -14.66 -2.86 -19.50
C LYS BA 112 -14.81 -4.21 -20.20
N ALA BA 113 -13.70 -4.93 -20.29
CA ALA BA 113 -13.63 -6.23 -20.91
C ALA BA 113 -12.80 -7.16 -20.05
N PRO BA 114 -13.08 -8.45 -20.09
CA PRO BA 114 -12.35 -9.39 -19.24
C PRO BA 114 -10.97 -9.70 -19.80
N ASP BA 115 -10.17 -10.37 -18.97
CA ASP BA 115 -8.85 -10.85 -19.38
C ASP BA 115 -8.94 -12.35 -19.62
N ASP BA 116 -8.51 -12.78 -20.81
CA ASP BA 116 -8.58 -14.20 -21.18
C ASP BA 116 -7.39 -14.94 -20.58
N SER BA 117 -7.61 -15.52 -19.41
CA SER BA 117 -6.61 -16.34 -18.74
C SER BA 117 -6.99 -17.80 -18.92
N LYS BA 118 -6.03 -18.61 -19.38
CA LYS BA 118 -6.31 -20.03 -19.57
C LYS BA 118 -5.88 -20.85 -18.36
N GLY BA 119 -4.59 -20.84 -18.04
CA GLY BA 119 -4.08 -21.55 -16.88
C GLY BA 119 -4.50 -23.00 -16.78
N ASN BA 120 -4.51 -23.54 -15.57
CA ASN BA 120 -4.82 -24.94 -15.34
C ASN BA 120 -6.28 -25.20 -15.01
N ASN BA 121 -6.97 -24.22 -14.43
CA ASN BA 121 -8.40 -24.39 -14.13
C ASN BA 121 -9.21 -23.24 -14.73
N ALA BA 122 -10.49 -23.18 -14.41
CA ALA BA 122 -11.33 -22.11 -14.91
C ALA BA 122 -11.12 -20.84 -14.09
N VAL BA 123 -11.23 -19.70 -14.76
CA VAL BA 123 -11.03 -18.39 -14.13
C VAL BA 123 -12.25 -17.53 -14.46
N VAL BA 124 -12.45 -16.51 -13.63
CA VAL BA 124 -13.58 -15.62 -13.79
C VAL BA 124 -13.41 -14.78 -15.06
N ARG BA 125 -14.53 -14.32 -15.61
CA ARG BA 125 -14.54 -13.26 -16.62
C ARG BA 125 -15.43 -12.15 -16.10
N GLU BA 126 -14.85 -10.97 -15.86
CA GLU BA 126 -15.57 -9.86 -15.29
C GLU BA 126 -15.89 -8.83 -16.37
N TRP BA 127 -17.17 -8.46 -16.47
CA TRP BA 127 -17.61 -7.41 -17.36
C TRP BA 127 -18.12 -6.23 -16.54
N THR BA 128 -17.76 -5.03 -16.95
CA THR BA 128 -18.21 -3.82 -16.29
C THR BA 128 -19.02 -2.98 -17.27
N ILE BA 129 -20.26 -2.69 -16.91
CA ILE BA 129 -21.21 -1.94 -17.72
C ILE BA 129 -21.56 -0.66 -16.98
N VAL BA 130 -21.92 0.39 -17.73
CA VAL BA 130 -22.17 1.71 -17.16
C VAL BA 130 -23.44 2.28 -17.76
N THR BA 131 -24.28 2.89 -16.92
CA THR BA 131 -25.48 3.55 -17.40
C THR BA 131 -25.41 5.04 -17.13
N GLY BA 132 -26.29 5.78 -17.80
CA GLY BA 132 -26.39 7.20 -17.59
C GLY BA 132 -27.46 7.54 -16.58
N GLU BA 133 -28.45 6.65 -16.46
CA GLU BA 133 -29.47 6.72 -15.43
C GLU BA 133 -29.68 5.33 -14.85
N TRP BA 134 -30.00 5.29 -13.56
CA TRP BA 134 -30.22 4.04 -12.86
C TRP BA 134 -31.33 4.24 -11.86
N THR BA 135 -32.45 3.55 -12.05
CA THR BA 135 -33.57 3.70 -11.12
C THR BA 135 -33.68 2.46 -10.25
N PRO BA 136 -33.38 2.57 -8.96
CA PRO BA 136 -33.65 1.45 -8.06
C PRO BA 136 -35.14 1.31 -7.81
N THR BA 137 -35.56 0.11 -7.45
CA THR BA 137 -36.94 -0.14 -7.08
C THR BA 137 -37.02 -0.26 -5.56
N ILE BA 138 -38.04 0.34 -4.99
CA ILE BA 138 -38.17 0.40 -3.53
C ILE BA 138 -38.60 -0.97 -3.02
N PRO BA 139 -37.88 -1.56 -2.07
CA PRO BA 139 -38.29 -2.87 -1.54
C PRO BA 139 -39.55 -2.76 -0.71
N THR BA 140 -40.68 -3.17 -1.28
CA THR BA 140 -41.97 -2.97 -0.63
C THR BA 140 -42.29 -4.07 0.37
N LEU BA 141 -41.73 -5.26 0.22
CA LEU BA 141 -41.93 -6.35 1.16
C LEU BA 141 -40.88 -6.38 2.24
N LEU BA 142 -40.28 -5.22 2.54
CA LEU BA 142 -39.21 -5.09 3.53
C LEU BA 142 -37.99 -5.92 3.14
N ASN CA 2 -61.82 -118.39 28.02
CA ASN CA 2 -61.79 -117.10 27.37
C ASN CA 2 -62.64 -117.11 26.10
N PRO CA 3 -63.96 -116.97 26.26
CA PRO CA 3 -64.85 -117.08 25.09
C PRO CA 3 -64.58 -116.03 24.02
N ILE CA 4 -64.28 -114.80 24.43
CA ILE CA 4 -64.17 -113.67 23.52
C ILE CA 4 -62.74 -113.14 23.60
N PRO CA 5 -61.94 -113.25 22.54
CA PRO CA 5 -60.67 -112.52 22.52
C PRO CA 5 -60.94 -111.02 22.52
N ALA CA 6 -60.59 -110.36 23.62
CA ALA CA 6 -60.76 -108.93 23.75
C ALA CA 6 -60.01 -108.19 22.66
N ALA CA 7 -60.72 -107.48 21.80
CA ALA CA 7 -60.12 -106.82 20.65
C ALA CA 7 -60.65 -105.40 20.52
N SER CA 8 -59.75 -104.49 20.13
CA SER CA 8 -60.07 -103.09 19.83
C SER CA 8 -60.60 -102.34 21.06
N ASP CA 9 -60.46 -102.92 22.25
CA ASP CA 9 -60.95 -102.29 23.45
C ASP CA 9 -59.86 -101.66 24.31
N LEU CA 10 -58.63 -102.15 24.20
CA LEU CA 10 -57.54 -101.52 24.95
C LEU CA 10 -57.35 -100.08 24.56
N LYS CA 11 -57.69 -99.71 23.32
CA LYS CA 11 -57.63 -98.29 22.94
C LYS CA 11 -58.56 -97.45 23.79
N THR CA 12 -59.66 -98.04 24.26
CA THR CA 12 -60.50 -97.36 25.25
C THR CA 12 -59.96 -97.55 26.66
N ARG CA 13 -59.41 -98.73 26.95
CA ARG CA 13 -58.85 -98.98 28.27
C ARG CA 13 -57.52 -98.24 28.46
N TYR CA 14 -56.68 -98.23 27.44
CA TYR CA 14 -55.36 -97.59 27.49
C TYR CA 14 -55.32 -96.51 26.43
N PRO CA 15 -55.72 -95.29 26.77
CA PRO CA 15 -55.93 -94.26 25.74
C PRO CA 15 -54.69 -93.84 24.98
N GLU CA 16 -53.48 -94.14 25.47
CA GLU CA 16 -52.29 -93.71 24.74
C GLU CA 16 -52.07 -94.48 23.44
N PHE CA 17 -52.77 -95.59 23.24
CA PHE CA 17 -52.66 -96.38 22.02
C PHE CA 17 -53.85 -96.06 21.12
N THR CA 18 -53.60 -95.26 20.08
CA THR CA 18 -54.64 -94.94 19.11
C THR CA 18 -54.10 -94.91 17.68
N GLY CA 19 -52.86 -95.31 17.46
CA GLY CA 19 -52.24 -95.20 16.16
C GLY CA 19 -52.71 -96.21 15.13
N VAL CA 20 -52.56 -97.50 15.43
CA VAL CA 20 -52.90 -98.56 14.50
C VAL CA 20 -53.75 -99.60 15.22
N SER CA 21 -54.55 -100.34 14.45
CA SER CA 21 -55.43 -101.36 15.00
C SER CA 21 -55.20 -102.76 14.45
N ASP CA 22 -54.75 -102.90 13.20
CA ASP CA 22 -54.57 -104.23 12.64
C ASP CA 22 -53.43 -104.98 13.33
N ALA CA 23 -52.32 -104.29 13.58
CA ALA CA 23 -51.22 -104.90 14.31
C ALA CA 23 -51.58 -105.21 15.75
N VAL CA 24 -52.67 -104.64 16.27
CA VAL CA 24 -53.06 -104.86 17.65
C VAL CA 24 -53.98 -106.08 17.72
N VAL CA 25 -55.15 -105.98 17.10
CA VAL CA 25 -56.18 -107.00 17.27
C VAL CA 25 -55.73 -108.33 16.72
N ASN CA 26 -55.24 -108.35 15.49
CA ASN CA 26 -54.98 -109.61 14.80
C ASN CA 26 -53.57 -110.11 15.06
N ALA CA 27 -52.59 -109.22 15.14
CA ALA CA 27 -51.20 -109.64 15.15
C ALA CA 27 -50.63 -109.89 16.54
N ILE CA 28 -51.26 -109.37 17.59
CA ILE CA 28 -50.74 -109.50 18.96
C ILE CA 28 -51.77 -110.12 19.89
N ILE CA 29 -53.02 -109.66 19.83
CA ILE CA 29 -54.04 -110.17 20.75
C ILE CA 29 -54.16 -111.68 20.61
N ALA CA 30 -54.03 -112.18 19.38
CA ALA CA 30 -54.05 -113.63 19.18
C ALA CA 30 -52.89 -114.32 19.88
N GLU CA 31 -51.80 -113.60 20.16
CA GLU CA 31 -50.66 -114.18 20.84
C GLU CA 31 -50.77 -114.17 22.36
N VAL CA 32 -51.75 -113.45 22.90
CA VAL CA 32 -51.89 -113.27 24.34
C VAL CA 32 -53.05 -114.06 24.90
N ASN CA 33 -54.12 -114.22 24.12
CA ASN CA 33 -55.35 -114.88 24.58
C ASN CA 33 -55.14 -116.38 24.79
N GLY CA 34 -53.93 -116.87 24.59
CA GLY CA 34 -53.62 -118.24 24.96
C GLY CA 34 -53.25 -118.40 26.41
N MET CA 35 -52.59 -117.40 26.99
CA MET CA 35 -52.17 -117.48 28.38
C MET CA 35 -53.36 -117.50 29.33
N VAL CA 36 -54.45 -116.81 28.98
CA VAL CA 36 -55.63 -116.77 29.84
C VAL CA 36 -56.35 -118.11 29.79
N ASP CA 37 -56.84 -118.55 30.95
CA ASP CA 37 -57.55 -119.81 31.06
C ASP CA 37 -58.86 -119.59 31.80
N ASP CA 38 -59.80 -120.49 31.56
CA ASP CA 38 -61.11 -120.38 32.19
C ASP CA 38 -61.04 -120.65 33.69
N GLY CA 39 -59.94 -121.20 34.18
CA GLY CA 39 -59.74 -121.34 35.62
C GLY CA 39 -59.55 -120.03 36.35
N TRP CA 40 -59.39 -118.93 35.62
CA TRP CA 40 -59.29 -117.61 36.21
C TRP CA 40 -60.67 -117.14 36.65
N GLU CA 41 -60.71 -115.98 37.28
CA GLU CA 41 -61.98 -115.37 37.67
C GLU CA 41 -62.43 -114.38 36.59
N VAL CA 42 -63.72 -114.03 36.64
CA VAL CA 42 -64.31 -113.20 35.61
C VAL CA 42 -63.72 -111.80 35.61
N SER CA 43 -63.33 -111.30 36.79
CA SER CA 43 -62.83 -109.94 36.91
C SER CA 43 -61.45 -109.76 36.30
N ASP CA 44 -60.76 -110.85 35.98
CA ASP CA 44 -59.36 -110.76 35.56
C ASP CA 44 -59.13 -111.12 34.10
N GLN CA 45 -59.96 -111.99 33.51
CA GLN CA 45 -59.64 -112.53 32.20
C GLN CA 45 -59.54 -111.43 31.15
N LYS CA 46 -60.47 -110.49 31.14
CA LYS CA 46 -60.40 -109.38 30.19
C LYS CA 46 -59.29 -108.41 30.57
N PRO CA 47 -59.25 -107.88 31.81
CA PRO CA 47 -58.19 -106.92 32.13
C PRO CA 47 -56.77 -107.49 32.02
N ALA CA 48 -56.57 -108.76 32.36
CA ALA CA 48 -55.22 -109.31 32.31
C ALA CA 48 -54.69 -109.36 30.88
N VAL CA 49 -55.50 -109.89 29.96
CA VAL CA 49 -55.07 -109.96 28.57
C VAL CA 49 -54.95 -108.56 27.98
N LEU CA 50 -55.88 -107.67 28.36
CA LEU CA 50 -55.80 -106.29 27.89
C LEU CA 50 -54.49 -105.64 28.33
N ALA CA 51 -54.02 -105.94 29.53
CA ALA CA 51 -52.77 -105.37 30.01
C ALA CA 51 -51.57 -106.02 29.35
N LEU CA 52 -51.58 -107.35 29.19
CA LEU CA 52 -50.43 -108.03 28.62
C LEU CA 52 -50.24 -107.64 27.16
N ALA CA 53 -51.33 -107.41 26.43
CA ALA CA 53 -51.20 -106.97 25.05
C ALA CA 53 -50.50 -105.63 24.98
N ALA CA 54 -50.86 -104.70 25.86
CA ALA CA 54 -50.18 -103.41 25.89
C ALA CA 54 -48.74 -103.55 26.33
N HIS CA 55 -48.45 -104.48 27.25
CA HIS CA 55 -47.07 -104.73 27.62
C HIS CA 55 -46.25 -105.16 26.41
N MET CA 56 -46.79 -106.08 25.62
CA MET CA 56 -46.10 -106.52 24.41
C MET CA 56 -45.93 -105.38 23.42
N LEU CA 57 -46.98 -104.56 23.24
CA LEU CA 57 -46.89 -103.43 22.32
C LEU CA 57 -45.81 -102.45 22.75
N SER CA 58 -45.82 -102.05 24.01
CA SER CA 58 -44.89 -101.05 24.52
C SER CA 58 -43.49 -101.61 24.72
N ARG CA 59 -43.34 -102.93 24.72
CA ARG CA 59 -42.00 -103.52 24.72
C ARG CA 59 -41.26 -103.13 23.45
N GLU CA 60 -41.96 -103.15 22.32
CA GLU CA 60 -41.46 -102.57 21.08
C GLU CA 60 -41.66 -101.06 21.16
N GLY CA 61 -41.33 -100.33 20.08
CA GLY CA 61 -41.34 -98.89 20.16
C GLY CA 61 -42.71 -98.31 20.48
N TYR CA 62 -43.72 -98.74 19.74
CA TYR CA 62 -45.08 -98.23 19.86
C TYR CA 62 -45.94 -99.19 19.04
N PRO CA 63 -47.32 -99.04 18.95
CA PRO CA 63 -48.16 -100.21 18.64
C PRO CA 63 -47.60 -101.09 17.53
N GLY CA 64 -47.34 -100.52 16.36
CA GLY CA 64 -46.53 -101.25 15.41
C GLY CA 64 -45.11 -100.72 15.34
N ARG CA 65 -44.22 -101.35 16.10
CA ARG CA 65 -42.77 -101.31 15.89
C ARG CA 65 -42.13 -99.93 16.08
N ALA CA 66 -42.94 -98.88 16.22
CA ALA CA 66 -42.40 -97.52 16.28
C ALA CA 66 -43.55 -96.54 16.47
N THR CA 67 -43.18 -95.31 16.83
CA THR CA 67 -44.12 -94.19 16.90
C THR CA 67 -44.15 -93.50 15.55
N ASN CA 68 -44.75 -92.31 15.48
CA ASN CA 68 -44.76 -91.56 14.22
C ASN CA 68 -43.35 -91.27 13.72
N PRO CA 69 -42.43 -90.71 14.51
CA PRO CA 69 -41.03 -90.69 14.07
C PRO CA 69 -40.44 -92.08 14.13
N ASN CA 70 -39.55 -92.37 13.19
CA ASN CA 70 -38.96 -93.70 13.09
C ASN CA 70 -37.60 -93.71 13.78
N SER CA 71 -37.66 -93.85 15.11
CA SER CA 71 -36.47 -94.02 15.95
C SER CA 71 -36.81 -95.08 16.98
N PHE CA 72 -36.57 -96.34 16.64
CA PHE CA 72 -36.88 -97.48 17.50
C PHE CA 72 -35.62 -98.30 17.71
N ASP CA 73 -35.51 -98.89 18.90
CA ASP CA 73 -34.33 -99.67 19.27
C ASP CA 73 -34.73 -101.10 19.55
N PRO CA 74 -34.35 -102.07 18.70
CA PRO CA 74 -34.70 -103.47 18.97
C PRO CA 74 -34.13 -104.00 20.27
N THR CA 75 -33.10 -103.36 20.81
CA THR CA 75 -32.63 -103.63 22.17
C THR CA 75 -33.02 -102.45 23.04
N ASN CA 76 -33.84 -102.69 24.06
CA ASN CA 76 -34.36 -101.63 24.90
C ASN CA 76 -33.23 -101.16 25.81
N ARG CA 77 -32.50 -100.14 25.35
CA ARG CA 77 -31.40 -99.58 26.12
C ARG CA 77 -31.90 -98.39 26.91
N PRO CA 78 -31.82 -98.41 28.24
CA PRO CA 78 -32.32 -97.28 29.02
C PRO CA 78 -31.40 -96.08 28.93
N ILE CA 79 -31.98 -94.90 29.07
CA ILE CA 79 -31.24 -93.64 29.00
C ILE CA 79 -31.00 -93.18 30.43
N LEU CA 80 -29.74 -93.06 30.83
CA LEU CA 80 -29.47 -92.69 32.20
C LEU CA 80 -29.41 -91.17 32.37
N SER CA 81 -28.87 -90.45 31.40
CA SER CA 81 -28.69 -89.02 31.57
C SER CA 81 -28.55 -88.37 30.21
N ARG CA 82 -28.64 -87.04 30.20
CA ARG CA 82 -28.42 -86.28 28.98
C ARG CA 82 -28.20 -84.82 29.33
N LYS CA 83 -27.85 -84.04 28.32
CA LYS CA 83 -27.50 -82.64 28.48
C LYS CA 83 -27.73 -81.95 27.15
N VAL CA 84 -28.30 -80.74 27.17
CA VAL CA 84 -28.70 -80.07 25.93
C VAL CA 84 -28.02 -78.73 25.74
N GLY CA 85 -27.14 -78.31 26.63
CA GLY CA 85 -26.26 -77.21 26.29
C GLY CA 85 -25.26 -77.60 25.22
N ASP CA 86 -24.79 -78.83 25.29
CA ASP CA 86 -23.97 -79.44 24.25
C ASP CA 86 -24.39 -80.90 24.20
N VAL CA 87 -25.11 -81.29 23.14
CA VAL CA 87 -25.92 -82.49 23.18
C VAL CA 87 -25.07 -83.69 23.58
N SER CA 88 -25.56 -84.45 24.57
CA SER CA 88 -24.89 -85.64 25.07
C SER CA 88 -25.93 -86.55 25.68
N THR CA 89 -25.71 -87.85 25.55
CA THR CA 89 -26.54 -88.86 26.21
C THR CA 89 -25.66 -90.00 26.68
N THR CA 90 -26.12 -90.72 27.70
CA THR CA 90 -25.50 -91.96 28.12
C THR CA 90 -26.57 -93.02 28.28
N PHE CA 91 -26.27 -94.22 27.83
CA PHE CA 91 -27.21 -95.33 27.87
C PHE CA 91 -26.72 -96.36 28.88
N GLY CA 92 -27.55 -97.37 29.12
CA GLY CA 92 -27.16 -98.51 29.90
C GLY CA 92 -26.64 -99.62 29.01
N ARG CA 93 -26.36 -100.75 29.64
CA ARG CA 93 -25.87 -101.93 28.93
C ARG CA 93 -26.88 -103.05 29.12
N THR CA 94 -27.33 -103.63 28.02
CA THR CA 94 -28.34 -104.70 28.04
C THR CA 94 -27.85 -105.80 27.10
N ASP CA 95 -27.17 -106.81 27.64
CA ASP CA 95 -26.66 -107.90 26.85
C ASP CA 95 -27.37 -109.22 27.13
N GLY CA 96 -27.34 -109.72 28.36
CA GLY CA 96 -28.22 -110.81 28.73
C GLY CA 96 -29.25 -110.37 29.75
N GLY CA 97 -28.81 -109.52 30.67
CA GLY CA 97 -29.65 -108.92 31.67
C GLY CA 97 -29.08 -107.56 32.00
N ALA CA 98 -29.94 -106.54 32.09
CA ALA CA 98 -29.42 -105.18 32.19
C ALA CA 98 -28.96 -104.85 33.61
N ALA CA 99 -29.88 -104.83 34.55
CA ALA CA 99 -29.56 -104.50 35.93
C ALA CA 99 -30.70 -105.02 36.80
N GLU CA 100 -30.39 -105.95 37.71
CA GLU CA 100 -31.40 -106.66 38.48
C GLU CA 100 -32.49 -107.21 37.57
N GLY CA 101 -32.07 -107.75 36.43
CA GLY CA 101 -32.98 -108.29 35.43
C GLY CA 101 -32.60 -109.70 35.02
N GLY CA 102 -33.57 -110.37 34.39
CA GLY CA 102 -33.38 -111.75 34.00
C GLY CA 102 -32.62 -111.90 32.70
N ALA CA 103 -32.06 -113.10 32.51
CA ALA CA 103 -31.31 -113.42 31.31
C ALA CA 103 -31.63 -114.80 30.75
N ASN CA 104 -32.50 -115.57 31.41
CA ASN CA 104 -32.92 -116.88 30.90
C ASN CA 104 -34.43 -117.05 30.87
N SER CA 105 -35.21 -116.13 31.43
CA SER CA 105 -36.66 -116.15 31.41
C SER CA 105 -37.17 -114.91 30.68
N TYR CA 106 -38.48 -114.71 30.72
CA TYR CA 106 -39.07 -113.48 30.21
C TYR CA 106 -39.33 -112.55 31.38
N ASN CA 107 -38.76 -111.35 31.31
CA ASN CA 107 -38.83 -110.37 32.39
C ASN CA 107 -40.15 -109.62 32.28
N TYR CA 108 -41.15 -110.05 33.04
CA TYR CA 108 -42.45 -109.41 33.03
C TYR CA 108 -42.47 -108.08 33.77
N SER CA 109 -41.43 -107.76 34.52
CA SER CA 109 -41.42 -106.61 35.42
C SER CA 109 -40.69 -105.41 34.83
N SER CA 110 -40.82 -105.16 33.53
CA SER CA 110 -40.16 -104.02 32.93
C SER CA 110 -41.03 -102.78 32.93
N THR CA 111 -42.24 -102.88 32.39
CA THR CA 111 -43.17 -101.76 32.36
C THR CA 111 -44.30 -102.00 33.35
N VAL CA 112 -45.15 -100.99 33.52
CA VAL CA 112 -46.28 -101.11 34.43
C VAL CA 112 -47.23 -102.20 33.97
N TYR CA 113 -47.45 -102.29 32.65
CA TYR CA 113 -48.43 -103.24 32.12
C TYR CA 113 -48.06 -104.68 32.46
N GLY CA 114 -46.80 -105.04 32.25
CA GLY CA 114 -46.35 -106.37 32.61
C GLY CA 114 -46.46 -106.63 34.11
N GLN CA 115 -46.26 -105.58 34.91
CA GLN CA 115 -46.40 -105.73 36.35
C GLN CA 115 -47.86 -106.01 36.74
N THR CA 116 -48.81 -105.34 36.09
CA THR CA 116 -50.22 -105.68 36.32
C THR CA 116 -50.50 -107.12 35.94
N PHE CA 117 -50.00 -107.54 34.78
CA PHE CA 117 -50.22 -108.93 34.37
C PHE CA 117 -49.61 -109.91 35.37
N LEU CA 118 -48.42 -109.59 35.87
CA LEU CA 118 -47.75 -110.46 36.83
C LEU CA 118 -48.54 -110.55 38.14
N ARG CA 119 -49.04 -109.42 38.63
CA ARG CA 119 -49.77 -109.44 39.88
C ARG CA 119 -51.10 -110.17 39.75
N LEU CA 120 -51.71 -110.15 38.57
CA LEU CA 120 -52.89 -110.98 38.37
C LEU CA 120 -52.54 -112.46 38.27
N LEU CA 121 -51.47 -112.77 37.53
CA LEU CA 121 -51.07 -114.15 37.31
C LEU CA 121 -50.72 -114.84 38.62
N ARG CA 122 -50.03 -114.15 39.52
CA ARG CA 122 -49.73 -114.74 40.82
C ARG CA 122 -50.99 -115.02 41.62
N LEU CA 123 -51.98 -114.12 41.54
CA LEU CA 123 -53.21 -114.32 42.30
C LEU CA 123 -54.00 -115.50 41.79
N ASN CA 124 -54.16 -115.62 40.47
CA ASN CA 124 -55.09 -116.61 39.92
C ASN CA 124 -54.47 -117.96 39.61
N ALA CA 125 -53.15 -118.08 39.63
CA ALA CA 125 -52.48 -119.30 39.14
C ALA CA 125 -51.43 -119.78 40.12
N PRO CA 126 -51.84 -120.44 41.20
CA PRO CA 126 -50.86 -121.16 42.02
C PRO CA 126 -50.19 -122.26 41.21
N ALA CA 127 -48.89 -122.45 41.45
CA ALA CA 127 -48.08 -123.39 40.68
C ALA CA 127 -47.72 -124.56 41.57
N VAL CA 128 -48.34 -125.72 41.33
CA VAL CA 128 -48.04 -126.94 42.05
C VAL CA 128 -48.50 -128.11 41.20
N GLY CA 129 -47.68 -129.16 41.16
CA GLY CA 129 -47.94 -130.30 40.31
C GLY CA 129 -47.74 -131.61 41.05
N LEU CA 130 -48.09 -132.70 40.37
CA LEU CA 130 -47.99 -134.02 40.99
C LEU CA 130 -47.17 -134.97 40.13
N VAL CA 131 -47.27 -134.85 38.81
CA VAL CA 131 -46.56 -135.74 37.91
C VAL CA 131 -45.06 -135.53 38.01
N ASN DA 2 -67.72 -106.99 51.29
CA ASN DA 2 -67.73 -105.68 50.66
C ASN DA 2 -69.07 -105.43 49.93
N PRO DA 3 -70.11 -105.09 50.69
CA PRO DA 3 -71.42 -104.88 50.06
C PRO DA 3 -71.43 -103.74 49.05
N ILE DA 4 -70.65 -102.69 49.29
CA ILE DA 4 -70.72 -101.46 48.52
C ILE DA 4 -69.34 -101.16 47.96
N PRO DA 5 -69.14 -101.25 46.64
CA PRO DA 5 -67.88 -100.75 46.05
C PRO DA 5 -67.79 -99.24 46.23
N ALA DA 6 -66.84 -98.80 47.05
CA ALA DA 6 -66.63 -97.38 47.29
C ALA DA 6 -66.32 -96.65 45.99
N ALA DA 7 -67.21 -95.75 45.57
CA ALA DA 7 -67.11 -95.12 44.27
C ALA DA 7 -67.30 -93.62 44.40
N SER DA 8 -66.52 -92.86 43.62
CA SER DA 8 -66.59 -91.40 43.57
C SER DA 8 -66.35 -90.75 44.94
N ASP DA 9 -65.79 -91.50 45.88
CA ASP DA 9 -65.52 -90.98 47.21
C ASP DA 9 -64.05 -90.64 47.44
N LEU DA 10 -63.12 -91.28 46.72
CA LEU DA 10 -61.71 -90.98 46.89
C LEU DA 10 -61.38 -89.56 46.47
N LYS DA 11 -62.17 -88.96 45.58
CA LYS DA 11 -61.99 -87.55 45.27
C LYS DA 11 -62.20 -86.69 46.50
N THR DA 12 -63.00 -87.15 47.46
CA THR DA 12 -63.13 -86.47 48.73
C THR DA 12 -62.08 -86.93 49.73
N ARG DA 13 -61.69 -88.20 49.66
CA ARG DA 13 -60.65 -88.71 50.55
C ARG DA 13 -59.26 -88.23 50.12
N TYR DA 14 -58.98 -88.26 48.82
CA TYR DA 14 -57.68 -87.90 48.26
C TYR DA 14 -57.90 -86.72 47.32
N PRO DA 15 -57.87 -85.49 47.84
CA PRO DA 15 -58.30 -84.36 47.02
C PRO DA 15 -57.52 -84.15 45.74
N GLU DA 16 -56.29 -84.65 45.65
CA GLU DA 16 -55.48 -84.38 44.46
C GLU DA 16 -56.09 -84.96 43.18
N PHE DA 17 -56.97 -85.94 43.30
CA PHE DA 17 -57.57 -86.60 42.14
C PHE DA 17 -58.96 -86.02 41.90
N THR DA 18 -59.05 -85.09 40.95
CA THR DA 18 -60.33 -84.50 40.58
C THR DA 18 -60.48 -84.35 39.07
N GLY DA 19 -59.66 -85.03 38.29
CA GLY DA 19 -59.68 -84.88 36.84
C GLY DA 19 -60.80 -85.63 36.15
N VAL DA 20 -60.82 -86.96 36.28
CA VAL DA 20 -61.79 -87.79 35.57
C VAL DA 20 -62.41 -88.78 36.56
N SER DA 21 -63.66 -89.16 36.31
CA SER DA 21 -64.41 -90.04 37.20
C SER DA 21 -64.87 -91.33 36.55
N ASP DA 22 -64.95 -91.42 35.23
CA ASP DA 22 -65.34 -92.68 34.60
C ASP DA 22 -64.20 -93.70 34.66
N ALA DA 23 -62.96 -93.25 34.43
CA ALA DA 23 -61.81 -94.14 34.53
C ALA DA 23 -61.56 -94.60 35.96
N VAL DA 24 -62.13 -93.92 36.95
CA VAL DA 24 -61.87 -94.27 38.34
C VAL DA 24 -62.92 -95.26 38.83
N VAL DA 25 -64.18 -94.86 38.80
CA VAL DA 25 -65.25 -95.67 39.39
C VAL DA 25 -65.39 -96.99 38.65
N ASN DA 26 -65.53 -96.92 37.32
CA ASN DA 26 -65.88 -98.10 36.56
C ASN DA 26 -64.66 -98.90 36.12
N ALA DA 27 -63.59 -98.22 35.73
CA ALA DA 27 -62.44 -98.91 35.16
C ALA DA 27 -61.49 -99.46 36.21
N ILE DA 28 -61.34 -98.82 37.36
CA ILE DA 28 -60.31 -99.16 38.33
C ILE DA 28 -60.91 -99.74 39.61
N ILE DA 29 -61.92 -99.06 40.18
CA ILE DA 29 -62.50 -99.53 41.43
C ILE DA 29 -63.00 -100.96 41.27
N ALA DA 30 -63.50 -101.31 40.08
CA ALA DA 30 -63.88 -102.68 39.80
C ALA DA 30 -62.70 -103.64 39.89
N GLU DA 31 -61.49 -103.14 39.71
CA GLU DA 31 -60.31 -104.01 39.77
C GLU DA 31 -59.75 -104.16 41.17
N VAL DA 32 -60.30 -103.46 42.15
CA VAL DA 32 -59.77 -103.46 43.50
C VAL DA 32 -60.72 -104.13 44.49
N ASN DA 33 -62.02 -103.95 44.29
CA ASN DA 33 -63.02 -104.40 45.26
C ASN DA 33 -63.04 -105.93 45.39
N GLY DA 34 -62.23 -106.62 44.60
CA GLY DA 34 -62.11 -108.06 44.77
C GLY DA 34 -61.16 -108.46 45.88
N MET DA 35 -60.12 -107.68 46.11
CA MET DA 35 -59.12 -108.04 47.13
C MET DA 35 -59.69 -107.94 48.54
N VAL DA 36 -60.64 -107.03 48.75
CA VAL DA 36 -61.23 -106.87 50.08
C VAL DA 36 -62.22 -108.00 50.36
N ASP DA 37 -62.18 -108.51 51.59
CA ASP DA 37 -63.03 -109.61 52.00
C ASP DA 37 -63.77 -109.23 53.27
N ASP DA 38 -64.93 -109.85 53.47
CA ASP DA 38 -65.70 -109.59 54.68
C ASP DA 38 -65.01 -110.08 55.94
N GLY DA 39 -63.96 -110.88 55.81
CA GLY DA 39 -63.14 -111.27 56.95
C GLY DA 39 -62.32 -110.15 57.53
N TRP DA 40 -62.32 -108.98 56.90
CA TRP DA 40 -61.62 -107.81 57.41
C TRP DA 40 -62.42 -107.16 58.53
N GLU DA 41 -61.97 -105.97 58.95
CA GLU DA 41 -62.71 -105.17 59.91
C GLU DA 41 -63.43 -104.04 59.19
N VAL DA 42 -64.51 -103.57 59.82
CA VAL DA 42 -65.37 -102.56 59.21
C VAL DA 42 -64.59 -101.27 58.98
N SER DA 43 -63.66 -100.94 59.86
CA SER DA 43 -62.90 -99.70 59.74
C SER DA 43 -61.88 -99.74 58.61
N ASP DA 44 -61.68 -100.89 57.97
CA ASP DA 44 -60.63 -101.04 56.98
C ASP DA 44 -61.11 -101.27 55.56
N GLN DA 45 -62.30 -101.86 55.37
CA GLN DA 45 -62.71 -102.27 54.04
C GLN DA 45 -62.90 -101.08 53.11
N LYS DA 46 -63.38 -99.96 53.63
CA LYS DA 46 -63.51 -98.76 52.82
C LYS DA 46 -62.16 -98.06 52.63
N PRO DA 47 -61.43 -97.73 53.72
CA PRO DA 47 -60.15 -97.03 53.52
C PRO DA 47 -59.14 -97.82 52.71
N ALA DA 48 -59.08 -99.14 52.88
CA ALA DA 48 -58.05 -99.92 52.20
C ALA DA 48 -58.24 -99.90 50.69
N VAL DA 49 -59.46 -100.15 50.23
CA VAL DA 49 -59.72 -100.11 48.80
C VAL DA 49 -59.61 -98.69 48.28
N LEU DA 50 -60.04 -97.71 49.08
CA LEU DA 50 -59.89 -96.32 48.68
C LEU DA 50 -58.42 -95.96 48.48
N ALA DA 51 -57.53 -96.55 49.29
CA ALA DA 51 -56.10 -96.32 49.13
C ALA DA 51 -55.53 -97.08 47.95
N LEU DA 52 -55.94 -98.34 47.76
CA LEU DA 52 -55.36 -99.16 46.72
C LEU DA 52 -55.75 -98.66 45.34
N ALA DA 53 -56.97 -98.15 45.19
CA ALA DA 53 -57.37 -97.56 43.92
C ALA DA 53 -56.48 -96.37 43.59
N ALA DA 54 -56.19 -95.53 44.58
CA ALA DA 54 -55.31 -94.40 44.33
C ALA DA 54 -53.89 -94.83 44.03
N HIS DA 55 -53.41 -95.89 44.69
CA HIS DA 55 -52.09 -96.41 44.36
C HIS DA 55 -52.03 -96.88 42.90
N MET DA 56 -53.09 -97.56 42.46
CA MET DA 56 -53.15 -97.99 41.07
C MET DA 56 -53.22 -96.81 40.12
N LEU DA 57 -53.97 -95.77 40.49
CA LEU DA 57 -54.04 -94.56 39.66
C LEU DA 57 -52.68 -93.90 39.54
N SER DA 58 -52.04 -93.63 40.68
CA SER DA 58 -50.76 -92.95 40.69
C SER DA 58 -49.64 -93.82 40.13
N ARG DA 59 -49.88 -95.12 39.99
CA ARG DA 59 -48.91 -95.96 39.29
C ARG DA 59 -48.75 -95.50 37.85
N GLU DA 60 -49.86 -95.21 37.18
CA GLU DA 60 -49.80 -94.53 35.89
C GLU DA 60 -49.54 -93.04 36.15
N GLY DA 61 -49.60 -92.23 35.09
CA GLY DA 61 -49.24 -90.82 35.24
C GLY DA 61 -50.12 -90.08 36.23
N TYR DA 62 -51.42 -90.22 36.08
CA TYR DA 62 -52.42 -89.49 36.85
C TYR DA 62 -53.74 -90.19 36.53
N PRO DA 63 -54.93 -89.80 37.13
CA PRO DA 63 -56.05 -90.74 37.19
C PRO DA 63 -56.31 -91.51 35.90
N GLY DA 64 -56.44 -90.82 34.78
CA GLY DA 64 -56.38 -91.52 33.51
C GLY DA 64 -55.07 -91.30 32.79
N ARG DA 65 -54.13 -92.22 32.99
CA ARG DA 65 -52.97 -92.43 32.13
C ARG DA 65 -51.99 -91.25 32.09
N ALA DA 66 -52.39 -90.09 32.63
CA ALA DA 66 -51.59 -88.88 32.47
C ALA DA 66 -52.27 -87.73 33.21
N THR DA 67 -51.51 -86.67 33.40
CA THR DA 67 -52.05 -85.40 33.87
C THR DA 67 -52.48 -84.57 32.67
N ASN DA 68 -52.76 -83.29 32.88
CA ASN DA 68 -53.13 -82.41 31.77
C ASN DA 68 -52.05 -82.33 30.69
N PRO DA 69 -50.76 -82.18 31.02
CA PRO DA 69 -49.74 -82.40 30.00
C PRO DA 69 -49.67 -83.87 29.62
N ASN DA 70 -49.32 -84.11 28.36
CA ASN DA 70 -49.22 -85.48 27.85
C ASN DA 70 -47.76 -85.93 27.86
N SER DA 71 -47.22 -86.00 29.08
CA SER DA 71 -45.85 -86.45 29.32
C SER DA 71 -45.92 -87.58 30.34
N PHE DA 72 -46.12 -88.81 29.84
CA PHE DA 72 -46.28 -89.99 30.67
C PHE DA 72 -45.28 -91.05 30.25
N ASP DA 73 -44.78 -91.81 31.22
CA ASP DA 73 -43.80 -92.85 30.97
C ASP DA 73 -44.34 -94.19 31.42
N PRO DA 74 -44.51 -95.17 30.53
CA PRO DA 74 -44.99 -96.49 30.96
C PRO DA 74 -44.04 -97.19 31.92
N THR DA 75 -42.78 -96.76 31.98
CA THR DA 75 -41.82 -97.23 32.96
C THR DA 75 -41.57 -96.11 33.96
N ASN DA 76 -41.80 -96.39 35.25
CA ASN DA 76 -41.72 -95.37 36.28
C ASN DA 76 -40.26 -95.08 36.60
N ARG DA 77 -39.62 -94.34 35.70
CA ARG DA 77 -38.20 -94.05 35.83
C ARG DA 77 -38.00 -92.90 36.82
N PRO DA 78 -37.32 -93.12 37.93
CA PRO DA 78 -37.10 -92.03 38.89
C PRO DA 78 -36.11 -91.01 38.36
N ILE DA 79 -36.25 -89.77 38.83
CA ILE DA 79 -35.39 -88.67 38.44
C ILE DA 79 -34.41 -88.45 39.59
N LEU DA 80 -33.13 -88.74 39.36
CA LEU DA 80 -32.15 -88.65 40.44
C LEU DA 80 -31.63 -87.23 40.62
N SER DA 81 -31.38 -86.52 39.53
CA SER DA 81 -30.85 -85.17 39.62
C SER DA 81 -31.36 -84.35 38.45
N ARG DA 82 -31.15 -83.05 38.53
CA ARG DA 82 -31.53 -82.14 37.46
C ARG DA 82 -30.73 -80.86 37.59
N LYS DA 83 -30.68 -80.09 36.50
CA LYS DA 83 -29.99 -78.81 36.49
C LYS DA 83 -30.64 -77.97 35.42
N VAL DA 84 -30.86 -76.68 35.72
CA VAL DA 84 -31.63 -75.82 34.84
C VAL DA 84 -30.88 -74.56 34.44
N GLY DA 85 -29.65 -74.36 34.93
CA GLY DA 85 -28.82 -73.33 34.35
C GLY DA 85 -28.34 -73.71 32.95
N ASP DA 86 -28.30 -75.01 32.67
CA ASP DA 86 -28.14 -75.53 31.32
C ASP DA 86 -28.77 -76.91 31.32
N VAL DA 87 -29.96 -77.03 30.74
CA VAL DA 87 -30.90 -78.08 31.09
C VAL DA 87 -30.23 -79.45 31.04
N SER DA 88 -30.37 -80.21 32.11
CA SER DA 88 -29.83 -81.56 32.19
C SER DA 88 -30.63 -82.35 33.23
N THR DA 89 -30.83 -83.63 32.96
CA THR DA 89 -31.47 -84.53 33.90
C THR DA 89 -30.73 -85.85 33.90
N THR DA 90 -30.88 -86.60 34.98
CA THR DA 90 -30.42 -87.99 35.04
C THR DA 90 -31.53 -88.83 35.66
N PHE DA 91 -31.72 -90.02 35.11
CA PHE DA 91 -32.78 -90.91 35.54
C PHE DA 91 -32.19 -92.18 36.15
N GLY DA 92 -33.09 -93.04 36.65
CA GLY DA 92 -32.69 -94.32 37.20
C GLY DA 92 -32.88 -95.44 36.20
N ARG DA 93 -32.43 -96.62 36.59
CA ARG DA 93 -32.51 -97.80 35.75
C ARG DA 93 -33.54 -98.75 36.33
N THR DA 94 -34.57 -99.07 35.55
CA THR DA 94 -35.65 -99.96 36.00
C THR DA 94 -35.89 -100.99 34.90
N ASP DA 95 -35.36 -102.20 35.08
CA ASP DA 95 -35.52 -103.28 34.12
C ASP DA 95 -36.31 -104.45 34.67
N GLY DA 96 -35.84 -105.08 35.75
CA GLY DA 96 -36.65 -106.05 36.45
C GLY DA 96 -37.01 -105.57 37.85
N GLY DA 97 -36.07 -104.89 38.47
CA GLY DA 97 -36.22 -104.30 39.78
C GLY DA 97 -35.23 -103.16 39.90
N ALA DA 98 -35.68 -101.99 40.33
CA ALA DA 98 -34.85 -100.81 40.22
C ALA DA 98 -33.76 -100.77 41.29
N ALA DA 99 -34.16 -100.68 42.55
CA ALA DA 99 -33.21 -100.58 43.66
C ALA DA 99 -33.93 -100.97 44.93
N GLU DA 100 -33.49 -102.06 45.55
CA GLU DA 100 -34.18 -102.66 46.70
C GLU DA 100 -35.65 -102.90 46.38
N GLY DA 101 -35.91 -103.38 45.16
CA GLY DA 101 -37.25 -103.58 44.68
C GLY DA 101 -37.42 -104.96 44.06
N GLY DA 102 -38.67 -105.35 43.87
CA GLY DA 102 -38.98 -106.69 43.42
C GLY DA 102 -38.80 -106.87 41.91
N ALA DA 103 -38.73 -108.14 41.51
CA ALA DA 103 -38.65 -108.49 40.10
C ALA DA 103 -39.57 -109.65 39.72
N ASN DA 104 -40.23 -110.30 40.67
CA ASN DA 104 -41.19 -111.35 40.38
C ASN DA 104 -42.51 -111.21 41.11
N SER DA 105 -42.63 -110.29 42.06
CA SER DA 105 -43.87 -110.00 42.75
C SER DA 105 -44.37 -108.62 42.32
N TYR DA 106 -45.44 -108.16 42.94
CA TYR DA 106 -45.89 -106.79 42.78
C TYR DA 106 -45.43 -105.98 43.98
N ASN DA 107 -44.70 -104.90 43.72
CA ASN DA 107 -44.14 -104.08 44.78
C ASN DA 107 -45.22 -103.12 45.26
N TYR DA 108 -45.72 -103.35 46.47
CA TYR DA 108 -46.70 -102.45 47.06
C TYR DA 108 -46.07 -101.27 47.77
N SER DA 109 -44.73 -101.23 47.87
CA SER DA 109 -44.05 -100.20 48.66
C SER DA 109 -43.49 -99.08 47.80
N SER DA 110 -44.10 -98.79 46.65
CA SER DA 110 -43.58 -97.73 45.79
C SER DA 110 -44.01 -96.36 46.30
N THR DA 111 -45.31 -96.10 46.37
CA THR DA 111 -45.83 -94.83 46.86
C THR DA 111 -46.42 -95.02 48.25
N VAL DA 112 -46.88 -93.91 48.83
CA VAL DA 112 -47.44 -93.95 50.18
C VAL DA 112 -48.76 -94.70 50.19
N TYR DA 113 -49.58 -94.53 49.15
CA TYR DA 113 -50.85 -95.23 49.10
C TYR DA 113 -50.64 -96.74 49.16
N GLY DA 114 -49.66 -97.24 48.41
CA GLY DA 114 -49.34 -98.65 48.47
C GLY DA 114 -48.92 -99.09 49.86
N GLN DA 115 -48.16 -98.24 50.56
CA GLN DA 115 -47.74 -98.59 51.91
C GLN DA 115 -48.92 -98.63 52.87
N THR DA 116 -49.89 -97.74 52.68
CA THR DA 116 -51.10 -97.79 53.51
C THR DA 116 -51.89 -99.07 53.25
N PHE DA 117 -52.03 -99.43 51.97
CA PHE DA 117 -52.69 -100.69 51.67
C PHE DA 117 -51.94 -101.87 52.29
N LEU DA 118 -50.61 -101.84 52.22
CA LEU DA 118 -49.80 -102.92 52.78
C LEU DA 118 -49.98 -103.02 54.29
N ARG DA 119 -49.96 -101.87 54.98
CA ARG DA 119 -50.06 -101.89 56.43
C ARG DA 119 -51.42 -102.39 56.88
N LEU DA 120 -52.49 -102.07 56.14
CA LEU DA 120 -53.78 -102.67 56.49
C LEU DA 120 -53.82 -104.17 56.17
N LEU DA 121 -53.24 -104.56 55.03
CA LEU DA 121 -53.30 -105.95 54.59
C LEU DA 121 -52.60 -106.86 55.59
N ARG DA 122 -51.41 -106.47 56.06
CA ARG DA 122 -50.71 -107.31 57.03
C ARG DA 122 -51.50 -107.44 58.32
N LEU DA 123 -52.23 -106.38 58.69
CA LEU DA 123 -52.99 -106.42 59.94
C LEU DA 123 -54.17 -107.37 59.84
N ASN DA 124 -54.96 -107.28 58.77
CA ASN DA 124 -56.23 -108.01 58.74
C ASN DA 124 -56.13 -109.42 58.18
N ALA DA 125 -55.04 -109.77 57.49
CA ALA DA 125 -54.97 -111.01 56.73
C ALA DA 125 -53.70 -111.79 57.09
N PRO DA 126 -53.70 -112.46 58.24
CA PRO DA 126 -52.61 -113.40 58.53
C PRO DA 126 -52.58 -114.54 57.52
N ALA DA 127 -51.38 -115.03 57.25
CA ALA DA 127 -51.15 -116.02 56.20
C ALA DA 127 -50.85 -117.37 56.84
N VAL DA 128 -51.80 -118.30 56.74
CA VAL DA 128 -51.58 -119.69 57.14
C VAL DA 128 -52.64 -120.53 56.46
N GLY DA 129 -52.22 -121.71 55.97
CA GLY DA 129 -53.12 -122.63 55.31
C GLY DA 129 -52.96 -124.03 55.88
N LEU DA 130 -53.73 -124.96 55.33
CA LEU DA 130 -53.65 -126.34 55.81
C LEU DA 130 -53.49 -127.33 54.67
N VAL DA 131 -54.05 -127.03 53.50
CA VAL DA 131 -54.06 -127.97 52.39
C VAL DA 131 -52.66 -128.14 51.81
N ASN EA 2 -59.93 -97.37 74.58
CA ASN EA 2 -59.85 -96.00 74.11
C ASN EA 2 -61.25 -95.37 74.03
N PRO EA 3 -61.75 -94.90 75.18
CA PRO EA 3 -63.11 -94.37 75.21
C PRO EA 3 -63.32 -93.17 74.30
N ILE EA 4 -62.35 -92.26 74.26
CA ILE EA 4 -62.49 -90.99 73.56
C ILE EA 4 -61.48 -90.95 72.42
N PRO EA 5 -61.93 -90.95 71.16
CA PRO EA 5 -61.00 -90.66 70.06
C PRO EA 5 -60.49 -89.23 70.18
N ALA EA 6 -59.21 -89.10 70.50
CA ALA EA 6 -58.57 -87.80 70.62
C ALA EA 6 -58.71 -87.01 69.33
N ALA EA 7 -59.41 -85.88 69.37
CA ALA EA 7 -59.70 -85.11 68.17
C ALA EA 7 -59.45 -83.63 68.43
N SER EA 8 -58.92 -82.95 67.41
CA SER EA 8 -58.71 -81.50 67.42
C SER EA 8 -57.74 -81.06 68.51
N ASP EA 9 -57.01 -82.00 69.12
CA ASP EA 9 -56.08 -81.65 70.18
C ASP EA 9 -54.63 -81.69 69.76
N LEU EA 10 -54.30 -82.45 68.70
CA LEU EA 10 -52.93 -82.44 68.22
C LEU EA 10 -52.49 -81.07 67.75
N LYS EA 11 -53.43 -80.24 67.30
CA LYS EA 11 -53.09 -78.87 66.93
C LYS EA 11 -52.56 -78.10 68.14
N THR EA 12 -53.03 -78.43 69.34
CA THR EA 12 -52.42 -77.91 70.55
C THR EA 12 -51.16 -78.67 70.92
N ARG EA 13 -51.16 -79.99 70.71
CA ARG EA 13 -49.99 -80.80 71.03
C ARG EA 13 -48.87 -80.58 70.02
N TYR EA 14 -49.21 -80.50 68.74
CA TYR EA 14 -48.24 -80.33 67.65
C TYR EA 14 -48.56 -79.03 66.94
N PRO EA 15 -47.99 -77.91 67.39
CA PRO EA 15 -48.42 -76.60 66.90
C PRO EA 15 -48.19 -76.35 65.41
N GLU EA 16 -47.32 -77.11 64.75
CA GLU EA 16 -47.08 -76.85 63.33
C GLU EA 16 -48.28 -77.19 62.45
N PHE EA 17 -49.25 -77.94 62.96
CA PHE EA 17 -50.45 -78.30 62.21
C PHE EA 17 -51.58 -77.39 62.63
N THR EA 18 -51.91 -76.43 61.78
CA THR EA 18 -53.02 -75.52 62.05
C THR EA 18 -53.82 -75.20 60.79
N GLY EA 19 -53.52 -75.84 59.67
CA GLY EA 19 -54.16 -75.52 58.40
C GLY EA 19 -55.59 -75.98 58.26
N VAL EA 20 -55.83 -77.29 58.40
CA VAL EA 20 -57.15 -77.86 58.21
C VAL EA 20 -57.47 -78.77 59.38
N SER EA 21 -58.77 -78.97 59.63
CA SER EA 21 -59.24 -79.80 60.72
C SER EA 21 -60.14 -80.95 60.31
N ASP EA 22 -60.90 -80.83 59.22
CA ASP EA 22 -61.80 -81.91 58.84
C ASP EA 22 -61.02 -83.14 58.37
N ALA EA 23 -59.96 -82.91 57.58
CA ALA EA 23 -59.12 -84.02 57.15
C ALA EA 23 -58.36 -84.65 58.30
N VAL EA 24 -58.29 -83.98 59.44
CA VAL EA 24 -57.54 -84.50 60.59
C VAL EA 24 -58.47 -85.35 61.44
N VAL EA 25 -59.49 -84.72 62.02
CA VAL EA 25 -60.32 -85.39 63.02
C VAL EA 25 -61.08 -86.56 62.41
N ASN EA 26 -61.75 -86.31 61.29
CA ASN EA 26 -62.66 -87.31 60.75
C ASN EA 26 -61.97 -88.28 59.80
N ALA EA 27 -61.04 -87.78 58.98
CA ALA EA 27 -60.50 -88.57 57.89
C ALA EA 27 -59.28 -89.40 58.27
N ILE EA 28 -58.59 -89.08 59.37
CA ILE EA 28 -57.36 -89.77 59.74
C ILE EA 28 -57.42 -90.32 61.16
N ILE EA 29 -57.90 -89.51 62.11
CA ILE EA 29 -57.94 -89.97 63.50
C ILE EA 29 -58.75 -91.25 63.62
N ALA EA 30 -59.82 -91.36 62.83
CA ALA EA 30 -60.61 -92.58 62.81
C ALA EA 30 -59.80 -93.77 62.32
N GLU EA 31 -58.73 -93.54 61.57
CA GLU EA 31 -57.89 -94.62 61.07
C GLU EA 31 -56.80 -95.05 62.04
N VAL EA 32 -56.58 -94.28 63.10
CA VAL EA 32 -55.50 -94.54 64.04
C VAL EA 32 -56.00 -95.08 65.36
N ASN EA 33 -57.20 -94.65 65.78
CA ASN EA 33 -57.75 -95.02 67.07
C ASN EA 33 -58.12 -96.49 67.15
N GLY EA 34 -57.90 -97.24 66.06
CA GLY EA 34 -58.06 -98.67 66.12
C GLY EA 34 -56.84 -99.38 66.69
N MET EA 35 -55.64 -98.85 66.41
CA MET EA 35 -54.42 -99.49 66.88
C MET EA 35 -54.31 -99.47 68.39
N VAL EA 36 -54.85 -98.42 69.04
CA VAL EA 36 -54.76 -98.31 70.48
C VAL EA 36 -55.73 -99.28 71.14
N ASP EA 37 -55.29 -99.89 72.24
CA ASP EA 37 -56.10 -100.86 72.96
C ASP EA 37 -56.12 -100.49 74.43
N ASP EA 38 -57.16 -100.96 75.11
CA ASP EA 38 -57.31 -100.68 76.54
C ASP EA 38 -56.26 -101.40 77.37
N GLY EA 39 -55.55 -102.36 76.81
CA GLY EA 39 -54.45 -103.00 77.50
C GLY EA 39 -53.24 -102.12 77.68
N TRP EA 40 -53.21 -100.95 77.04
CA TRP EA 40 -52.14 -99.99 77.22
C TRP EA 40 -52.31 -99.30 78.57
N GLU EA 41 -51.36 -98.41 78.89
CA GLU EA 41 -51.46 -97.61 80.10
C GLU EA 41 -52.09 -96.25 79.78
N VAL EA 42 -52.55 -95.59 80.83
CA VAL EA 42 -53.30 -94.35 80.66
C VAL EA 42 -52.41 -93.24 80.09
N SER EA 43 -51.13 -93.23 80.46
CA SER EA 43 -50.22 -92.18 80.03
C SER EA 43 -49.87 -92.25 78.55
N ASP EA 44 -50.21 -93.34 77.87
CA ASP EA 44 -49.80 -93.56 76.50
C ASP EA 44 -50.92 -93.47 75.49
N GLN EA 45 -52.15 -93.84 75.84
CA GLN EA 45 -53.19 -94.01 74.84
C GLN EA 45 -53.46 -92.72 74.08
N LYS EA 46 -53.53 -91.60 74.79
CA LYS EA 46 -53.74 -90.32 74.11
C LYS EA 46 -52.49 -89.89 73.36
N PRO EA 47 -51.32 -89.81 74.01
CA PRO EA 47 -50.13 -89.36 73.27
C PRO EA 47 -49.75 -90.25 72.10
N ALA EA 48 -49.93 -91.57 72.22
CA ALA EA 48 -49.53 -92.46 71.13
C ALA EA 48 -50.34 -92.22 69.88
N VAL EA 49 -51.66 -92.17 70.02
CA VAL EA 49 -52.52 -91.91 68.87
C VAL EA 49 -52.31 -90.50 68.34
N LEU EA 50 -52.12 -89.54 69.26
CA LEU EA 50 -51.83 -88.17 68.84
C LEU EA 50 -50.58 -88.11 67.99
N ALA EA 51 -49.56 -88.89 68.33
CA ALA EA 51 -48.32 -88.90 67.56
C ALA EA 51 -48.49 -89.64 66.23
N LEU EA 52 -49.18 -90.77 66.24
CA LEU EA 52 -49.31 -91.55 65.02
C LEU EA 52 -50.15 -90.81 63.98
N ALA EA 53 -51.15 -90.05 64.43
CA ALA EA 53 -51.93 -89.27 63.50
C ALA EA 53 -51.07 -88.23 62.79
N ALA EA 54 -50.20 -87.55 63.54
CA ALA EA 54 -49.28 -86.59 62.92
C ALA EA 54 -48.28 -87.29 62.03
N HIS EA 55 -47.85 -88.50 62.38
CA HIS EA 55 -46.97 -89.26 61.50
C HIS EA 55 -47.65 -89.51 60.15
N MET EA 56 -48.91 -89.94 60.19
CA MET EA 56 -49.64 -90.17 58.96
C MET EA 56 -49.83 -88.87 58.17
N LEU EA 57 -50.13 -87.78 58.86
CA LEU EA 57 -50.30 -86.50 58.18
C LEU EA 57 -49.02 -86.06 57.48
N SER EA 58 -47.91 -86.06 58.22
CA SER EA 58 -46.63 -85.60 57.70
C SER EA 58 -46.02 -86.59 56.72
N ARG EA 59 -46.50 -87.83 56.69
CA ARG EA 59 -46.07 -88.76 55.65
C ARG EA 59 -46.49 -88.23 54.28
N GLU EA 60 -47.68 -87.68 54.17
CA GLU EA 60 -48.09 -86.92 53.00
C GLU EA 60 -47.50 -85.52 53.10
N GLY EA 61 -47.86 -84.65 52.17
CA GLY EA 61 -47.20 -83.34 52.12
C GLY EA 61 -47.41 -82.53 53.39
N TYR EA 62 -48.66 -82.39 53.82
CA TYR EA 62 -49.04 -81.57 54.96
C TYR EA 62 -50.49 -81.94 55.25
N PRO EA 63 -51.18 -81.36 56.31
CA PRO EA 63 -52.34 -82.07 56.89
C PRO EA 63 -53.27 -82.67 55.86
N GLY EA 64 -53.77 -81.86 54.92
CA GLY EA 64 -54.38 -82.44 53.76
C GLY EA 64 -53.49 -82.36 52.54
N ARG EA 65 -52.74 -83.43 52.29
CA ARG EA 65 -52.14 -83.75 51.00
C ARG EA 65 -51.10 -82.75 50.49
N ALA EA 66 -50.97 -81.60 51.14
CA ALA EA 66 -50.05 -80.57 50.66
C ALA EA 66 -50.08 -79.39 51.64
N THR EA 67 -49.10 -78.51 51.49
CA THR EA 67 -49.04 -77.25 52.21
C THR EA 67 -49.78 -76.18 51.40
N ASN EA 68 -49.63 -74.91 51.79
CA ASN EA 68 -50.25 -73.84 51.01
C ASN EA 68 -49.79 -73.84 49.56
N PRO EA 69 -48.49 -73.87 49.24
CA PRO EA 69 -48.09 -74.14 47.85
C PRO EA 69 -48.39 -75.59 47.50
N ASN EA 70 -48.72 -75.81 46.24
CA ASN EA 70 -49.08 -77.15 45.77
C ASN EA 70 -47.88 -77.79 45.08
N SER EA 71 -46.96 -78.29 45.90
CA SER EA 71 -45.80 -79.06 45.46
C SER EA 71 -45.65 -80.26 46.38
N PHE EA 72 -46.35 -81.34 46.06
CA PHE EA 72 -46.35 -82.56 46.87
C PHE EA 72 -45.88 -83.74 46.02
N ASP EA 73 -45.19 -84.68 46.65
CA ASP EA 73 -44.65 -85.84 45.96
C ASP EA 73 -45.25 -87.11 46.53
N PRO EA 74 -46.09 -87.82 45.80
CA PRO EA 74 -46.67 -89.08 46.33
C PRO EA 74 -45.63 -90.12 46.66
N THR EA 75 -44.42 -90.03 46.12
CA THR EA 75 -43.28 -90.83 46.56
C THR EA 75 -42.34 -89.91 47.30
N ASN EA 76 -42.08 -90.22 48.57
CA ASN EA 76 -41.26 -89.36 49.41
C ASN EA 76 -39.80 -89.55 49.00
N ARG EA 77 -39.36 -88.72 48.07
CA ARG EA 77 -37.98 -88.78 47.58
C ARG EA 77 -37.12 -87.79 48.36
N PRO EA 78 -36.10 -88.25 49.06
CA PRO EA 78 -35.28 -87.33 49.86
C PRO EA 78 -34.37 -86.49 48.98
N ILE EA 79 -34.07 -85.28 49.46
CA ILE EA 79 -33.22 -84.35 48.75
C ILE EA 79 -31.83 -84.44 49.36
N LEU EA 80 -30.84 -84.84 48.57
CA LEU EA 80 -29.50 -85.01 49.14
C LEU EA 80 -28.71 -83.72 49.11
N SER EA 81 -28.87 -82.91 48.07
CA SER EA 81 -28.05 -81.72 47.92
C SER EA 81 -28.73 -80.75 46.97
N ARG EA 82 -28.21 -79.53 46.94
CA ARG EA 82 -28.71 -78.52 46.01
C ARG EA 82 -27.72 -77.37 45.93
N LYS EA 83 -27.98 -76.47 44.98
CA LYS EA 83 -27.09 -75.36 44.70
C LYS EA 83 -27.93 -74.26 44.06
N VAL EA 84 -27.71 -73.01 44.46
CA VAL EA 84 -28.55 -71.92 44.01
C VAL EA 84 -27.78 -70.84 43.26
N GLY EA 85 -26.48 -70.99 43.07
CA GLY EA 85 -25.80 -70.13 42.11
C GLY EA 85 -26.25 -70.45 40.69
N ASP EA 86 -26.50 -71.73 40.42
CA ASP EA 86 -27.10 -72.18 39.18
C ASP EA 86 -27.96 -73.37 39.57
N VAL EA 87 -29.28 -73.21 39.52
CA VAL EA 87 -30.18 -74.07 40.28
C VAL EA 87 -29.96 -75.53 39.91
N SER EA 88 -29.78 -76.36 40.94
CA SER EA 88 -29.56 -77.79 40.77
C SER EA 88 -30.01 -78.50 42.04
N THR EA 89 -30.56 -79.70 41.88
CA THR EA 89 -30.92 -80.56 42.99
C THR EA 89 -30.61 -82.00 42.63
N THR EA 90 -30.36 -82.81 43.65
CA THR EA 90 -30.24 -84.25 43.48
C THR EA 90 -31.12 -84.94 44.52
N PHE EA 91 -31.84 -85.96 44.07
CA PHE EA 91 -32.74 -86.72 44.92
C PHE EA 91 -32.17 -88.10 45.17
N GLY EA 92 -32.85 -88.84 46.03
CA GLY EA 92 -32.53 -90.24 46.25
C GLY EA 92 -33.40 -91.13 45.39
N ARG EA 93 -33.25 -92.43 45.59
CA ARG EA 93 -34.04 -93.42 44.88
C ARG EA 93 -34.88 -94.19 45.90
N THR EA 94 -36.18 -94.24 45.66
CA THR EA 94 -37.12 -94.91 46.55
C THR EA 94 -38.05 -95.76 45.70
N ASP EA 95 -37.71 -97.04 45.54
CA ASP EA 95 -38.50 -97.94 44.72
C ASP EA 95 -39.23 -99.00 45.53
N GLY EA 96 -38.49 -99.84 46.26
CA GLY EA 96 -39.12 -100.69 47.26
C GLY EA 96 -38.72 -100.28 48.67
N GLY EA 97 -37.45 -99.93 48.81
CA GLY EA 97 -36.87 -99.44 50.05
C GLY EA 97 -35.73 -98.53 49.70
N ALA EA 98 -35.67 -97.35 50.30
CA ALA EA 98 -34.74 -96.34 49.82
C ALA EA 98 -33.32 -96.61 50.29
N ALA EA 99 -33.08 -96.56 51.60
CA ALA EA 99 -31.75 -96.77 52.15
C ALA EA 99 -31.90 -97.18 53.61
N GLU EA 100 -31.50 -98.40 53.92
CA GLU EA 100 -31.73 -99.00 55.24
C GLU EA 100 -33.21 -98.89 55.63
N GLY EA 101 -34.08 -99.14 54.65
CA GLY EA 101 -35.51 -99.06 54.84
C GLY EA 101 -36.22 -100.33 54.38
N GLY EA 102 -37.46 -100.48 54.85
CA GLY EA 102 -38.22 -101.67 54.55
C GLY EA 102 -38.90 -101.61 53.20
N ALA EA 103 -39.23 -102.80 52.69
CA ALA EA 103 -39.91 -102.92 51.40
C ALA EA 103 -41.07 -103.91 51.45
N ASN EA 104 -41.33 -104.55 52.59
CA ASN EA 104 -42.47 -105.44 52.73
C ASN EA 104 -43.33 -105.15 53.94
N SER EA 105 -42.91 -104.24 54.83
CA SER EA 105 -43.67 -103.83 55.99
C SER EA 105 -43.96 -102.34 55.91
N TYR EA 106 -44.50 -101.78 56.98
CA TYR EA 106 -44.65 -100.34 57.09
C TYR EA 106 -43.51 -99.79 57.91
N ASN EA 107 -42.78 -98.83 57.35
CA ASN EA 107 -41.58 -98.27 57.97
C ASN EA 107 -42.01 -97.15 58.92
N TYR EA 108 -42.15 -97.50 60.20
CA TYR EA 108 -42.55 -96.52 61.22
C TYR EA 108 -41.43 -95.55 61.57
N SER EA 109 -40.20 -95.81 61.17
CA SER EA 109 -39.04 -95.05 61.60
C SER EA 109 -38.61 -94.01 60.58
N SER EA 110 -39.55 -93.36 59.91
CA SER EA 110 -39.17 -92.33 58.94
C SER EA 110 -39.08 -90.95 59.58
N THR EA 111 -40.15 -90.50 60.22
CA THR EA 111 -40.16 -89.20 60.88
C THR EA 111 -40.09 -89.40 62.39
N VAL EA 112 -39.98 -88.28 63.10
CA VAL EA 112 -39.90 -88.34 64.56
C VAL EA 112 -41.19 -88.90 65.15
N TYR EA 113 -42.33 -88.52 64.57
CA TYR EA 113 -43.62 -88.92 65.12
C TYR EA 113 -43.80 -90.43 65.12
N GLY EA 114 -43.48 -91.07 63.99
CA GLY EA 114 -43.55 -92.52 63.93
C GLY EA 114 -42.59 -93.17 64.89
N GLN EA 115 -41.44 -92.55 65.13
CA GLN EA 115 -40.49 -93.08 66.11
C GLN EA 115 -41.06 -93.03 67.52
N THR EA 116 -41.75 -91.94 67.88
CA THR EA 116 -42.42 -91.89 69.17
C THR EA 116 -43.46 -92.99 69.28
N PHE EA 117 -44.26 -93.16 68.22
CA PHE EA 117 -45.28 -94.21 68.26
C PHE EA 117 -44.64 -95.58 68.42
N LEU EA 118 -43.52 -95.81 67.72
CA LEU EA 118 -42.84 -97.10 67.79
C LEU EA 118 -42.28 -97.36 69.19
N ARG EA 119 -41.70 -96.33 69.81
CA ARG EA 119 -41.12 -96.52 71.13
C ARG EA 119 -42.20 -96.74 72.18
N LEU EA 120 -43.39 -96.18 71.98
CA LEU EA 120 -44.49 -96.53 72.88
C LEU EA 120 -45.01 -97.94 72.62
N LEU EA 121 -45.15 -98.30 71.35
CA LEU EA 121 -45.70 -99.61 70.98
C LEU EA 121 -44.83 -100.74 71.52
N ARG EA 122 -43.51 -100.59 71.44
CA ARG EA 122 -42.64 -101.62 71.99
C ARG EA 122 -42.80 -101.74 73.49
N LEU EA 123 -42.97 -100.62 74.19
CA LEU EA 123 -43.11 -100.67 75.64
C LEU EA 123 -44.40 -101.35 76.05
N ASN EA 124 -45.52 -101.01 75.42
CA ASN EA 124 -46.82 -101.46 75.91
C ASN EA 124 -47.29 -102.77 75.33
N ALA EA 125 -46.69 -103.28 74.26
CA ALA EA 125 -47.23 -104.42 73.52
C ALA EA 125 -46.15 -105.47 73.25
N PRO EA 126 -45.82 -106.28 74.25
CA PRO EA 126 -45.02 -107.48 73.97
C PRO EA 126 -45.79 -108.42 73.05
N ALA EA 127 -45.05 -109.06 72.14
CA ALA EA 127 -45.64 -109.92 71.11
C ALA EA 127 -45.29 -111.37 71.42
N VAL EA 128 -46.29 -112.13 71.85
CA VAL EA 128 -46.12 -113.56 72.09
C VAL EA 128 -47.51 -114.20 72.05
N GLY EA 129 -47.58 -115.37 71.41
CA GLY EA 129 -48.84 -116.06 71.24
C GLY EA 129 -48.72 -117.53 71.59
N LEU EA 130 -49.86 -118.21 71.54
CA LEU EA 130 -49.89 -119.63 71.89
C LEU EA 130 -50.54 -120.46 70.78
N VAL EA 131 -51.52 -119.90 70.09
CA VAL EA 131 -52.22 -120.61 69.04
C VAL EA 131 -51.29 -120.92 67.88
N ASN FA 2 -40.70 -92.31 91.94
CA ASN FA 2 -40.61 -90.92 91.51
C ASN FA 2 -41.72 -90.07 92.14
N PRO FA 3 -41.53 -89.69 93.41
CA PRO FA 3 -42.58 -88.90 94.09
C PRO FA 3 -42.84 -87.56 93.44
N ILE FA 4 -41.82 -86.91 92.88
CA ILE FA 4 -41.91 -85.54 92.40
C ILE FA 4 -41.49 -85.51 90.94
N PRO FA 5 -42.41 -85.25 90.01
CA PRO FA 5 -41.99 -84.98 88.62
C PRO FA 5 -41.17 -83.70 88.57
N ALA FA 6 -39.89 -83.85 88.26
CA ALA FA 6 -38.99 -82.71 88.14
C ALA FA 6 -39.50 -81.75 87.06
N ALA FA 7 -39.88 -80.54 87.46
CA ALA FA 7 -40.52 -79.59 86.57
C ALA FA 7 -39.90 -78.21 86.73
N SER FA 8 -39.74 -77.52 85.60
CA SER FA 8 -39.19 -76.17 85.55
C SER FA 8 -37.77 -76.09 86.14
N ASP FA 9 -37.09 -77.23 86.25
CA ASP FA 9 -35.74 -77.27 86.77
C ASP FA 9 -34.68 -77.46 85.70
N LEU FA 10 -35.02 -78.10 84.58
CA LEU FA 10 -34.05 -78.29 83.51
C LEU FA 10 -33.59 -76.97 82.92
N LYS FA 11 -34.40 -75.93 83.02
CA LYS FA 11 -33.95 -74.60 82.61
C LYS FA 11 -32.75 -74.15 83.45
N THR FA 12 -32.65 -74.64 84.67
CA THR FA 12 -31.47 -74.39 85.49
C THR FA 12 -30.38 -75.41 85.23
N ARG FA 13 -30.77 -76.66 84.98
CA ARG FA 13 -29.79 -77.71 84.69
C ARG FA 13 -29.22 -77.56 83.29
N TYR FA 14 -30.08 -77.27 82.31
CA TYR FA 14 -29.70 -77.18 80.90
C TYR FA 14 -30.01 -75.76 80.43
N PRO FA 15 -29.09 -74.81 80.63
CA PRO FA 15 -29.43 -73.40 80.43
C PRO FA 15 -29.90 -73.06 79.02
N GLU FA 16 -29.52 -73.82 77.99
CA GLU FA 16 -29.88 -73.44 76.63
C GLU FA 16 -31.38 -73.40 76.42
N PHE FA 17 -32.17 -74.08 77.24
CA PHE FA 17 -33.62 -74.12 77.08
C PHE FA 17 -34.24 -73.10 78.02
N THR FA 18 -34.59 -71.93 77.48
CA THR FA 18 -35.24 -70.88 78.27
C THR FA 18 -36.38 -70.22 77.50
N GLY FA 19 -36.86 -70.82 76.42
CA GLY FA 19 -37.88 -70.21 75.60
C GLY FA 19 -39.30 -70.36 76.13
N VAL FA 20 -39.76 -71.59 76.30
CA VAL FA 20 -41.14 -71.85 76.72
C VAL FA 20 -41.12 -72.84 77.88
N SER FA 21 -42.14 -72.73 78.74
CA SER FA 21 -42.22 -73.57 79.93
C SER FA 21 -43.49 -74.42 80.01
N ASP FA 22 -44.56 -74.06 79.32
CA ASP FA 22 -45.76 -74.89 79.35
C ASP FA 22 -45.59 -76.15 78.54
N ALA FA 23 -44.96 -76.06 77.36
CA ALA FA 23 -44.68 -77.23 76.56
C ALA FA 23 -43.69 -78.17 77.22
N VAL FA 24 -42.92 -77.69 78.19
CA VAL FA 24 -41.89 -78.50 78.83
C VAL FA 24 -42.49 -79.25 80.00
N VAL FA 25 -42.99 -78.50 80.99
CA VAL FA 25 -43.42 -79.11 82.25
C VAL FA 25 -44.62 -80.03 82.02
N ASN FA 26 -45.65 -79.52 81.35
CA ASN FA 26 -46.91 -80.25 81.27
C ASN FA 26 -46.95 -81.20 80.09
N ALA FA 27 -46.44 -80.78 78.94
CA ALA FA 27 -46.58 -81.58 77.74
C ALA FA 27 -45.55 -82.70 77.63
N ILE FA 28 -44.32 -82.50 78.13
CA ILE FA 28 -43.23 -83.42 77.88
C ILE FA 28 -42.80 -84.15 79.15
N ILE FA 29 -42.63 -83.42 80.26
CA ILE FA 29 -42.19 -84.05 81.50
C ILE FA 29 -43.16 -85.16 81.88
N ALA FA 30 -44.46 -84.96 81.65
CA ALA FA 30 -45.44 -85.99 81.90
C ALA FA 30 -45.19 -87.24 81.05
N GLU FA 31 -44.49 -87.10 79.93
CA GLU FA 31 -44.23 -88.24 79.06
C GLU FA 31 -42.95 -88.98 79.44
N VAL FA 32 -42.19 -88.49 80.42
CA VAL FA 32 -40.92 -89.06 80.79
C VAL FA 32 -40.96 -89.69 82.18
N ASN FA 33 -41.69 -89.08 83.10
CA ASN FA 33 -41.66 -89.48 84.50
C ASN FA 33 -42.22 -90.89 84.70
N GLY FA 34 -42.69 -91.53 83.63
CA GLY FA 34 -43.11 -92.91 83.73
C GLY FA 34 -41.97 -93.90 83.64
N MET FA 35 -40.95 -93.59 82.85
CA MET FA 35 -39.84 -94.52 82.66
C MET FA 35 -39.04 -94.71 83.94
N VAL FA 36 -38.92 -93.66 84.75
CA VAL FA 36 -38.17 -93.76 86.00
C VAL FA 36 -38.96 -94.58 87.02
N ASP FA 37 -38.25 -95.41 87.77
CA ASP FA 37 -38.87 -96.27 88.77
C ASP FA 37 -38.14 -96.10 90.09
N ASP FA 38 -38.84 -96.37 91.18
CA ASP FA 38 -38.22 -96.30 92.50
C ASP FA 38 -37.15 -97.34 92.70
N GLY FA 39 -37.07 -98.34 91.83
CA GLY FA 39 -35.98 -99.30 91.85
C GLY FA 39 -34.63 -98.74 91.47
N TRP FA 40 -34.59 -97.49 91.01
CA TRP FA 40 -33.34 -96.82 90.68
C TRP FA 40 -32.64 -96.35 91.95
N GLU FA 41 -31.61 -95.53 91.77
CA GLU FA 41 -30.92 -94.89 92.86
C GLU FA 41 -31.33 -93.42 92.96
N VAL FA 42 -31.20 -92.87 94.17
CA VAL FA 42 -31.66 -91.52 94.43
C VAL FA 42 -30.91 -90.51 93.57
N SER FA 43 -29.62 -90.74 93.33
CA SER FA 43 -28.81 -89.80 92.57
C SER FA 43 -29.13 -89.81 91.08
N ASP FA 44 -29.99 -90.72 90.61
CA ASP FA 44 -30.26 -90.85 89.19
C ASP FA 44 -31.67 -90.46 88.79
N GLN FA 45 -32.66 -90.58 89.68
CA GLN FA 45 -34.05 -90.41 89.28
C GLN FA 45 -34.33 -88.99 88.81
N LYS FA 46 -33.70 -88.00 89.43
CA LYS FA 46 -33.87 -86.62 88.99
C LYS FA 46 -33.02 -86.33 87.74
N PRO FA 47 -31.70 -86.58 87.75
CA PRO FA 47 -30.91 -86.27 86.56
C PRO FA 47 -31.33 -87.04 85.31
N ALA FA 48 -31.74 -88.30 85.45
CA ALA FA 48 -32.06 -89.09 84.27
C ALA FA 48 -33.28 -88.55 83.55
N VAL FA 49 -34.34 -88.25 84.30
CA VAL FA 49 -35.53 -87.69 83.68
C VAL FA 49 -35.26 -86.28 83.18
N LEU FA 50 -34.46 -85.51 83.93
CA LEU FA 50 -34.08 -84.19 83.45
C LEU FA 50 -33.35 -84.26 82.13
N ALA FA 51 -32.54 -85.30 81.93
CA ALA FA 51 -31.83 -85.50 80.68
C ALA FA 51 -32.75 -85.98 79.57
N LEU FA 52 -33.65 -86.92 79.88
CA LEU FA 52 -34.48 -87.51 78.84
C LEU FA 52 -35.50 -86.51 78.32
N ALA FA 53 -36.01 -85.64 79.20
CA ALA FA 53 -36.90 -84.59 78.74
C ALA FA 53 -36.20 -83.69 77.72
N ALA FA 54 -34.94 -83.34 78.00
CA ALA FA 54 -34.20 -82.50 77.07
C ALA FA 54 -33.87 -83.23 75.78
N HIS FA 55 -33.60 -84.54 75.85
CA HIS FA 55 -33.40 -85.31 74.63
C HIS FA 55 -34.65 -85.28 73.77
N MET FA 56 -35.82 -85.44 74.40
CA MET FA 56 -37.08 -85.37 73.66
C MET FA 56 -37.29 -83.98 73.08
N LEU FA 57 -36.95 -82.93 73.83
CA LEU FA 57 -37.09 -81.58 73.33
C LEU FA 57 -36.20 -81.33 72.12
N SER FA 58 -34.92 -81.64 72.25
CA SER FA 58 -33.97 -81.41 71.17
C SER FA 58 -34.18 -82.36 70.00
N ARG FA 59 -34.97 -83.42 70.21
CA ARG FA 59 -35.36 -84.26 69.08
C ARG FA 59 -36.15 -83.45 68.06
N GLU FA 60 -37.06 -82.61 68.53
CA GLU FA 60 -37.70 -81.63 67.67
C GLU FA 60 -36.74 -80.46 67.48
N GLY FA 61 -37.22 -79.36 66.89
CA GLY FA 61 -36.32 -78.25 66.60
C GLY FA 61 -35.71 -77.64 67.84
N TYR FA 62 -36.55 -77.32 68.82
CA TYR FA 62 -36.18 -76.60 70.03
C TYR FA 62 -37.38 -76.75 70.97
N PRO FA 63 -37.38 -76.22 72.24
CA PRO FA 63 -38.32 -76.76 73.24
C PRO FA 63 -39.74 -76.98 72.73
N GLY FA 64 -40.37 -75.96 72.17
CA GLY FA 64 -41.58 -76.23 71.42
C GLY FA 64 -41.36 -76.18 69.93
N ARG FA 65 -41.09 -77.35 69.34
CA ARG FA 65 -41.20 -77.61 67.90
C ARG FA 65 -40.24 -76.81 67.03
N ALA FA 66 -39.57 -75.81 67.59
CA ALA FA 66 -38.80 -74.88 66.77
C ALA FA 66 -38.08 -73.89 67.67
N THR FA 67 -37.08 -73.23 67.10
CA THR FA 67 -36.46 -72.08 67.71
C THR FA 67 -37.23 -70.82 67.30
N ASN FA 68 -36.66 -69.65 67.55
CA ASN FA 68 -37.31 -68.41 67.14
C ASN FA 68 -37.54 -68.34 65.64
N PRO FA 69 -36.59 -68.68 64.78
CA PRO FA 69 -36.94 -68.85 63.36
C PRO FA 69 -37.83 -70.08 63.18
N ASN FA 70 -38.68 -70.02 62.17
CA ASN FA 70 -39.58 -71.13 61.85
C ASN FA 70 -39.00 -71.96 60.72
N SER FA 71 -37.88 -72.61 61.03
CA SER FA 71 -37.19 -73.51 60.10
C SER FA 71 -36.97 -74.83 60.83
N PHE FA 72 -37.97 -75.70 60.79
CA PHE FA 72 -37.93 -76.98 61.48
C PHE FA 72 -38.22 -78.11 60.51
N ASP FA 73 -37.52 -79.22 60.69
CA ASP FA 73 -37.65 -80.38 59.83
C ASP FA 73 -38.15 -81.58 60.62
N PRO FA 74 -39.32 -82.11 60.32
CA PRO FA 74 -39.81 -83.28 61.07
C PRO FA 74 -38.92 -84.50 60.92
N THR FA 75 -38.08 -84.54 59.90
CA THR FA 75 -37.07 -85.58 59.72
C THR FA 75 -35.72 -84.96 60.02
N ASN FA 76 -34.99 -85.52 60.98
CA ASN FA 76 -33.74 -84.94 61.46
C ASN FA 76 -32.64 -85.22 60.43
N ARG FA 77 -32.65 -84.45 59.36
CA ARG FA 77 -31.71 -84.67 58.27
C ARG FA 77 -30.39 -83.99 58.59
N PRO FA 78 -29.30 -84.73 58.75
CA PRO FA 78 -28.02 -84.10 59.04
C PRO FA 78 -27.48 -83.31 57.86
N ILE FA 79 -26.65 -82.32 58.16
CA ILE FA 79 -26.02 -81.47 57.16
C ILE FA 79 -24.59 -81.93 57.01
N LEU FA 80 -24.25 -82.51 55.85
CA LEU FA 80 -22.91 -83.05 55.69
C LEU FA 80 -21.91 -81.98 55.27
N SER FA 81 -22.31 -81.07 54.39
CA SER FA 81 -21.41 -80.03 53.91
C SER FA 81 -22.19 -78.78 53.60
N ARG FA 82 -21.47 -77.69 53.35
CA ARG FA 82 -22.09 -76.44 52.98
C ARG FA 82 -21.04 -75.54 52.34
N LYS FA 83 -21.51 -74.53 51.62
CA LYS FA 83 -20.63 -73.56 50.99
C LYS FA 83 -21.43 -72.28 50.84
N VAL FA 84 -20.80 -71.14 51.13
CA VAL FA 84 -21.51 -69.87 51.18
C VAL FA 84 -20.93 -68.82 50.25
N GLY FA 85 -19.82 -69.10 49.57
CA GLY FA 85 -19.39 -68.22 48.50
C GLY FA 85 -20.33 -68.27 47.32
N ASP FA 86 -21.02 -69.40 47.15
CA ASP FA 86 -22.16 -69.51 46.25
C ASP FA 86 -23.06 -70.59 46.85
N VAL FA 87 -24.17 -70.16 47.45
CA VAL FA 87 -24.82 -70.95 48.49
C VAL FA 87 -25.11 -72.36 48.01
N SER FA 88 -24.70 -73.35 48.80
CA SER FA 88 -24.96 -74.75 48.52
C SER FA 88 -24.92 -75.52 49.82
N THR FA 89 -25.74 -76.57 49.90
CA THR FA 89 -25.71 -77.49 51.04
C THR FA 89 -25.90 -78.91 50.52
N THR FA 90 -25.48 -79.88 51.33
CA THR FA 90 -25.80 -81.27 51.09
C THR FA 90 -26.25 -81.90 52.40
N PHE FA 91 -27.25 -82.75 52.33
CA PHE FA 91 -27.86 -83.36 53.51
C PHE FA 91 -27.65 -84.87 53.49
N GLY FA 92 -28.10 -85.53 54.55
CA GLY FA 92 -28.04 -86.96 54.66
C GLY FA 92 -29.35 -87.62 54.28
N ARG FA 93 -29.33 -88.93 54.22
CA ARG FA 93 -30.49 -89.72 53.85
C ARG FA 93 -30.98 -90.48 55.07
N THR FA 94 -32.17 -90.13 55.55
CA THR FA 94 -32.77 -90.78 56.72
C THR FA 94 -34.15 -91.28 56.32
N ASP FA 95 -34.26 -92.58 56.04
CA ASP FA 95 -35.52 -93.20 55.66
C ASP FA 95 -36.03 -94.19 56.69
N GLY FA 96 -35.27 -95.26 56.97
CA GLY FA 96 -35.58 -96.11 58.10
C GLY FA 96 -34.51 -96.04 59.16
N GLY FA 97 -33.27 -95.92 58.71
CA GLY FA 97 -32.11 -95.78 59.55
C GLY FA 97 -31.04 -95.06 58.76
N ALA FA 98 -30.47 -94.00 59.33
CA ALA FA 98 -29.64 -93.12 58.53
C ALA FA 98 -28.26 -93.71 58.27
N ALA FA 99 -27.48 -93.93 59.33
CA ALA FA 99 -26.12 -94.46 59.17
C ALA FA 99 -25.70 -95.04 60.50
N GLU FA 100 -25.48 -96.36 60.53
CA GLU FA 100 -25.16 -97.09 61.75
C GLU FA 100 -26.24 -96.88 62.82
N GLY FA 101 -27.49 -96.70 62.35
CA GLY FA 101 -28.59 -96.37 63.21
C GLY FA 101 -29.75 -97.35 63.06
N GLY FA 102 -30.70 -97.24 64.00
CA GLY FA 102 -31.78 -98.20 64.06
C GLY FA 102 -32.90 -97.93 63.08
N ALA FA 103 -33.72 -98.95 62.87
CA ALA FA 103 -34.91 -98.83 62.03
C ALA FA 103 -36.15 -99.49 62.63
N ASN FA 104 -36.02 -100.18 63.76
CA ASN FA 104 -37.18 -100.79 64.42
C ASN FA 104 -37.24 -100.53 65.92
N SER FA 105 -36.23 -99.91 66.51
CA SER FA 105 -36.23 -99.50 67.91
C SER FA 105 -36.20 -97.97 67.96
N TYR FA 106 -36.10 -97.44 69.17
CA TYR FA 106 -35.86 -96.02 69.37
C TYR FA 106 -34.38 -95.81 69.64
N ASN FA 107 -33.76 -94.95 68.84
CA ASN FA 107 -32.32 -94.70 68.94
C ASN FA 107 -32.09 -93.66 70.03
N TYR FA 108 -31.55 -94.10 71.16
CA TYR FA 108 -31.23 -93.18 72.24
C TYR FA 108 -29.87 -92.50 72.07
N SER FA 109 -29.07 -92.92 71.08
CA SER FA 109 -27.70 -92.42 70.95
C SER FA 109 -27.59 -91.29 69.93
N SER FA 110 -28.67 -90.56 69.68
CA SER FA 110 -28.61 -89.48 68.71
C SER FA 110 -27.86 -88.27 69.25
N THR FA 111 -28.35 -87.66 70.31
CA THR FA 111 -27.72 -86.52 70.93
C THR FA 111 -27.05 -86.94 72.24
N VAL FA 112 -26.39 -85.97 72.87
CA VAL FA 112 -25.67 -86.26 74.11
C VAL FA 112 -26.63 -86.55 75.25
N TYR FA 113 -27.75 -85.84 75.30
CA TYR FA 113 -28.74 -86.08 76.34
C TYR FA 113 -29.23 -87.53 76.30
N GLY FA 114 -29.49 -88.03 75.11
CA GLY FA 114 -29.88 -89.43 74.98
C GLY FA 114 -28.80 -90.37 75.46
N GLN FA 115 -27.53 -90.04 75.20
CA GLN FA 115 -26.44 -90.90 75.67
C GLN FA 115 -26.35 -90.88 77.19
N THR FA 116 -26.60 -89.74 77.83
CA THR FA 116 -26.60 -89.68 79.28
C THR FA 116 -27.74 -90.51 79.86
N PHE FA 117 -28.94 -90.39 79.27
CA PHE FA 117 -30.04 -91.24 79.71
C PHE FA 117 -29.70 -92.72 79.53
N LEU FA 118 -29.07 -93.06 78.40
CA LEU FA 118 -28.71 -94.45 78.15
C LEU FA 118 -27.71 -94.96 79.16
N ARG FA 119 -26.69 -94.15 79.48
CA ARG FA 119 -25.67 -94.60 80.40
C ARG FA 119 -26.23 -94.79 81.80
N LEU FA 120 -27.20 -93.97 82.20
CA LEU FA 120 -27.85 -94.24 83.49
C LEU FA 120 -28.75 -95.47 83.43
N LEU FA 121 -29.48 -95.64 82.33
CA LEU FA 121 -30.42 -96.75 82.20
C LEU FA 121 -29.69 -98.08 82.28
N ARG FA 122 -28.57 -98.22 81.57
CA ARG FA 122 -27.84 -99.48 81.63
C ARG FA 122 -27.33 -99.76 83.03
N LEU FA 123 -27.01 -98.70 83.77
CA LEU FA 123 -26.47 -98.87 85.12
C LEU FA 123 -27.52 -99.37 86.09
N ASN FA 124 -28.71 -98.75 86.09
CA ASN FA 124 -29.68 -99.03 87.14
C ASN FA 124 -30.66 -100.15 86.82
N ALA FA 125 -30.78 -100.57 85.56
CA ALA FA 125 -31.83 -101.49 85.15
C ALA FA 125 -31.26 -102.67 84.38
N PRO FA 126 -30.67 -103.64 85.08
CA PRO FA 126 -30.31 -104.90 84.42
C PRO FA 126 -31.55 -105.60 83.89
N ALA FA 127 -31.39 -106.30 82.77
CA ALA FA 127 -32.51 -106.94 82.07
C ALA FA 127 -32.44 -108.45 82.28
N VAL FA 128 -33.37 -108.97 83.09
CA VAL FA 128 -33.54 -110.41 83.25
C VAL FA 128 -34.95 -110.65 83.77
N GLY FA 129 -35.61 -111.68 83.24
CA GLY FA 129 -36.95 -112.03 83.63
C GLY FA 129 -37.06 -113.52 83.86
N LEU FA 130 -38.27 -113.96 84.21
CA LEU FA 130 -38.47 -115.38 84.51
C LEU FA 130 -39.67 -115.96 83.77
N VAL FA 131 -40.69 -115.15 83.53
CA VAL FA 131 -41.93 -115.65 82.95
C VAL FA 131 -41.74 -116.00 81.48
N ASN GA 2 -15.09 -93.07 98.83
CA ASN GA 2 -14.88 -91.70 98.40
C ASN GA 2 -15.39 -90.73 99.45
N PRO GA 3 -14.59 -90.48 100.48
CA PRO GA 3 -15.07 -89.62 101.57
C PRO GA 3 -15.36 -88.19 101.15
N ILE GA 4 -14.53 -87.63 100.28
CA ILE GA 4 -14.61 -86.23 99.89
C ILE GA 4 -14.94 -86.15 98.41
N PRO GA 5 -16.10 -85.61 98.03
CA PRO GA 5 -16.33 -85.30 96.62
C PRO GA 5 -15.38 -84.20 96.18
N ALA GA 6 -14.44 -84.54 95.30
CA ALA GA 6 -13.48 -83.59 94.76
C ALA GA 6 -14.19 -82.44 94.07
N ALA GA 7 -14.05 -81.22 94.60
CA ALA GA 7 -14.78 -80.07 94.08
C ALA GA 7 -13.86 -78.88 93.93
N SER GA 8 -14.07 -78.12 92.86
CA SER GA 8 -13.36 -76.87 92.58
C SER GA 8 -11.86 -77.07 92.40
N ASP GA 9 -11.41 -78.32 92.25
CA ASP GA 9 -9.99 -78.60 92.09
C ASP GA 9 -9.59 -78.94 90.67
N LEU GA 10 -10.53 -79.39 89.83
CA LEU GA 10 -10.20 -79.64 88.44
C LEU GA 10 -9.76 -78.37 87.73
N LYS GA 11 -10.25 -77.21 88.17
CA LYS GA 11 -9.78 -75.95 87.60
C LYS GA 11 -8.29 -75.77 87.81
N THR GA 12 -7.75 -76.32 88.90
CA THR GA 12 -6.30 -76.37 89.08
C THR GA 12 -5.69 -77.55 88.33
N ARG GA 13 -6.38 -78.69 88.32
CA ARG GA 13 -5.86 -79.86 87.61
C ARG GA 13 -5.96 -79.68 86.11
N TYR GA 14 -7.07 -79.12 85.62
CA TYR GA 14 -7.32 -78.95 84.20
C TYR GA 14 -7.49 -77.45 83.94
N PRO GA 15 -6.38 -76.74 83.67
CA PRO GA 15 -6.44 -75.28 83.65
C PRO GA 15 -7.32 -74.67 82.56
N GLU GA 16 -7.71 -75.42 81.54
CA GLU GA 16 -8.55 -74.83 80.50
C GLU GA 16 -9.96 -74.50 80.97
N PHE GA 17 -10.39 -75.07 82.10
CA PHE GA 17 -11.73 -74.81 82.63
C PHE GA 17 -11.62 -73.78 83.74
N THR GA 18 -12.02 -72.55 83.43
CA THR GA 18 -12.01 -71.48 84.43
C THR GA 18 -13.23 -70.58 84.32
N GLY GA 19 -14.22 -70.94 83.50
CA GLY GA 19 -15.36 -70.08 83.26
C GLY GA 19 -16.38 -70.04 84.36
N VAL GA 20 -16.95 -71.18 84.73
CA VAL GA 20 -18.00 -71.26 85.72
C VAL GA 20 -17.67 -72.35 86.72
N SER GA 21 -18.21 -72.21 87.94
CA SER GA 21 -17.98 -73.16 89.02
C SER GA 21 -19.23 -73.82 89.56
N ASP GA 22 -20.39 -73.17 89.52
CA ASP GA 22 -21.58 -73.78 90.08
C ASP GA 22 -22.04 -74.96 89.26
N ALA GA 23 -22.02 -74.84 87.93
CA ALA GA 23 -22.35 -75.96 87.08
C ALA GA 23 -21.34 -77.10 87.18
N VAL GA 24 -20.16 -76.84 87.74
CA VAL GA 24 -19.13 -77.85 87.85
C VAL GA 24 -19.31 -78.62 89.15
N VAL GA 25 -19.16 -77.93 90.28
CA VAL GA 25 -19.10 -78.61 91.57
C VAL GA 25 -20.44 -79.26 91.90
N ASN GA 26 -21.52 -78.52 91.77
CA ASN GA 26 -22.81 -79.00 92.27
C ASN GA 26 -23.58 -79.77 91.21
N ALA GA 27 -23.49 -79.36 89.95
CA ALA GA 27 -24.37 -79.90 88.93
C ALA GA 27 -23.81 -81.12 88.19
N ILE GA 28 -22.50 -81.36 88.27
CA ILE GA 28 -21.88 -82.46 87.55
C ILE GA 28 -21.08 -83.38 88.49
N ILE GA 29 -20.27 -82.79 89.37
CA ILE GA 29 -19.43 -83.60 90.25
C ILE GA 29 -20.29 -84.57 91.05
N ALA GA 30 -21.46 -84.14 91.47
CA ALA GA 30 -22.38 -85.02 92.19
C ALA GA 30 -22.83 -86.19 91.32
N GLU GA 31 -22.77 -86.05 90.00
CA GLU GA 31 -23.16 -87.12 89.09
C GLU GA 31 -22.04 -88.11 88.81
N VAL GA 32 -20.81 -87.79 89.21
CA VAL GA 32 -19.65 -88.61 88.89
C VAL GA 32 -19.14 -89.36 90.12
N ASN GA 33 -19.27 -88.77 91.29
CA ASN GA 33 -18.71 -89.33 92.52
C ASN GA 33 -19.46 -90.58 92.97
N GLY GA 34 -20.45 -91.01 92.20
CA GLY GA 34 -21.08 -92.29 92.45
C GLY GA 34 -20.33 -93.45 91.84
N MET GA 35 -19.70 -93.24 90.69
CA MET GA 35 -18.99 -94.31 90.01
C MET GA 35 -17.77 -94.77 90.80
N VAL GA 36 -17.17 -93.87 91.58
CA VAL GA 36 -15.98 -94.21 92.35
C VAL GA 36 -16.36 -94.99 93.59
N ASP GA 37 -15.58 -96.02 93.90
CA ASP GA 37 -15.84 -96.88 95.05
C ASP GA 37 -14.59 -96.99 95.90
N ASP GA 38 -14.79 -97.30 97.18
CA ASP GA 38 -13.68 -97.43 98.10
C ASP GA 38 -12.80 -98.64 97.80
N GLY GA 39 -13.27 -99.56 96.96
CA GLY GA 39 -12.45 -100.66 96.52
C GLY GA 39 -11.33 -100.27 95.58
N TRP GA 40 -11.32 -99.03 95.11
CA TRP GA 40 -10.25 -98.51 94.28
C TRP GA 40 -9.03 -98.24 95.15
N GLU GA 41 -7.95 -97.79 94.51
CA GLU GA 41 -6.75 -97.39 95.25
C GLU GA 41 -6.76 -95.89 95.47
N VAL GA 42 -5.93 -95.46 96.43
CA VAL GA 42 -5.92 -94.06 96.85
C VAL GA 42 -5.42 -93.16 95.71
N SER GA 43 -4.50 -93.65 94.89
CA SER GA 43 -3.91 -92.83 93.83
C SER GA 43 -4.87 -92.56 92.68
N ASP GA 44 -6.02 -93.24 92.65
CA ASP GA 44 -6.92 -93.14 91.51
C ASP GA 44 -8.23 -92.42 91.82
N GLN GA 45 -8.73 -92.51 93.06
CA GLN GA 45 -10.09 -92.07 93.34
C GLN GA 45 -10.28 -90.59 93.02
N LYS GA 46 -9.33 -89.76 93.40
CA LYS GA 46 -9.44 -88.34 93.08
C LYS GA 46 -9.18 -88.08 91.61
N PRO GA 47 -8.05 -88.54 91.02
CA PRO GA 47 -7.81 -88.26 89.60
C PRO GA 47 -8.87 -88.84 88.68
N ALA GA 48 -9.43 -90.01 88.99
CA ALA GA 48 -10.40 -90.61 88.09
C ALA GA 48 -11.67 -89.78 88.00
N VAL GA 49 -12.21 -89.38 89.14
CA VAL GA 49 -13.41 -88.56 89.15
C VAL GA 49 -13.11 -87.18 88.56
N LEU GA 50 -11.93 -86.64 88.88
CA LEU GA 50 -11.53 -85.36 88.30
C LEU GA 50 -11.51 -85.42 86.79
N ALA GA 51 -11.05 -86.53 86.22
CA ALA GA 51 -11.00 -86.67 84.77
C ALA GA 51 -12.38 -86.89 84.18
N LEU GA 52 -13.20 -87.74 84.82
CA LEU GA 52 -14.51 -88.04 84.26
C LEU GA 52 -15.40 -86.79 84.28
N ALA GA 53 -15.24 -85.94 85.29
CA ALA GA 53 -16.02 -84.71 85.32
C ALA GA 53 -15.69 -83.83 84.14
N ALA GA 54 -14.40 -83.69 83.82
CA ALA GA 54 -14.01 -82.91 82.65
C ALA GA 54 -14.48 -83.57 81.36
N HIS GA 55 -14.48 -84.90 81.31
CA HIS GA 55 -15.02 -85.59 80.14
C HIS GA 55 -16.48 -85.21 79.94
N MET GA 56 -17.28 -85.24 81.01
CA MET GA 56 -18.68 -84.87 80.90
C MET GA 56 -18.83 -83.40 80.50
N LEU GA 57 -18.02 -82.52 81.08
CA LEU GA 57 -18.08 -81.10 80.74
C LEU GA 57 -17.78 -80.88 79.25
N SER GA 58 -16.66 -81.42 78.78
CA SER GA 58 -16.23 -81.19 77.42
C SER GA 58 -17.04 -81.98 76.40
N ARG GA 59 -17.81 -82.97 76.85
CA ARG GA 59 -18.76 -83.62 75.95
C ARG GA 59 -19.78 -82.62 75.45
N GLU GA 60 -20.26 -81.75 76.34
CA GLU GA 60 -21.05 -80.59 75.93
C GLU GA 60 -20.08 -79.52 75.43
N GLY GA 61 -20.60 -78.34 75.10
CA GLY GA 61 -19.77 -77.34 74.46
C GLY GA 61 -18.59 -76.92 75.31
N TYR GA 62 -18.84 -76.55 76.55
CA TYR GA 62 -17.84 -76.03 77.47
C TYR GA 62 -18.51 -76.01 78.84
N PRO GA 63 -17.84 -75.61 79.98
CA PRO GA 63 -18.28 -76.10 81.30
C PRO GA 63 -19.79 -76.05 81.49
N GLY GA 64 -20.40 -74.89 81.31
CA GLY GA 64 -21.83 -74.87 81.16
C GLY GA 64 -22.26 -74.71 79.72
N ARG GA 65 -22.49 -75.83 79.05
CA ARG GA 65 -23.30 -75.94 77.84
C ARG GA 65 -22.75 -75.19 76.63
N ALA GA 66 -21.71 -74.38 76.81
CA ALA GA 66 -21.17 -73.57 75.71
C ALA GA 66 -19.97 -72.78 76.22
N THR GA 67 -19.23 -72.23 75.27
CA THR GA 67 -18.13 -71.30 75.56
C THR GA 67 -18.70 -69.89 75.61
N ASN GA 68 -17.82 -68.88 75.62
CA ASN GA 68 -18.30 -67.50 75.60
C ASN GA 68 -19.17 -67.20 74.37
N PRO GA 69 -18.74 -67.49 73.14
CA PRO GA 69 -19.69 -67.42 72.03
C PRO GA 69 -20.69 -68.58 72.13
N ASN GA 70 -21.92 -68.30 71.72
CA ASN GA 70 -22.99 -69.29 71.83
C ASN GA 70 -23.15 -70.02 70.50
N SER GA 71 -22.24 -70.96 70.28
CA SER GA 71 -22.30 -71.87 69.14
C SER GA 71 -22.00 -73.27 69.66
N PHE GA 72 -23.05 -73.96 70.13
CA PHE GA 72 -22.95 -75.30 70.68
C PHE GA 72 -23.82 -76.24 69.88
N ASP GA 73 -23.39 -77.50 69.76
CA ASP GA 73 -24.11 -78.48 68.98
C ASP GA 73 -24.50 -79.64 69.88
N PRO GA 74 -25.79 -79.84 70.17
CA PRO GA 74 -26.19 -80.97 71.02
C PRO GA 74 -25.83 -82.32 70.43
N THR GA 75 -25.60 -82.41 69.13
CA THR GA 75 -25.02 -83.59 68.51
C THR GA 75 -23.59 -83.26 68.12
N ASN GA 76 -22.63 -83.98 68.70
CA ASN GA 76 -21.22 -83.70 68.46
C ASN GA 76 -20.88 -84.19 67.05
N ARG GA 77 -21.01 -83.28 66.09
CA ARG GA 77 -20.70 -83.58 64.71
C ARG GA 77 -19.26 -83.17 64.41
N PRO GA 78 -18.39 -84.10 64.03
CA PRO GA 78 -16.99 -83.75 63.78
C PRO GA 78 -16.84 -82.99 62.47
N ILE GA 79 -15.83 -82.13 62.43
CA ILE GA 79 -15.55 -81.31 61.27
C ILE GA 79 -14.41 -81.96 60.51
N LEU GA 80 -14.66 -82.41 59.28
CA LEU GA 80 -13.63 -83.12 58.54
C LEU GA 80 -12.70 -82.17 57.81
N SER GA 81 -13.24 -81.10 57.23
CA SER GA 81 -12.43 -80.22 56.40
C SER GA 81 -13.09 -78.86 56.31
N ARG GA 82 -12.34 -77.89 55.80
CA ARG GA 82 -12.89 -76.57 55.54
C ARG GA 82 -11.96 -75.80 54.63
N LYS GA 83 -12.40 -74.61 54.25
CA LYS GA 83 -11.69 -73.76 53.30
C LYS GA 83 -12.16 -72.34 53.52
N VAL GA 84 -11.22 -71.38 53.50
CA VAL GA 84 -11.54 -70.00 53.86
C VAL GA 84 -11.25 -69.01 52.76
N GLY GA 85 -10.76 -69.45 51.61
CA GLY GA 85 -10.81 -68.57 50.44
C GLY GA 85 -12.24 -68.32 49.99
N ASP GA 86 -13.09 -69.34 50.14
CA ASP GA 86 -14.52 -69.23 49.91
C ASP GA 86 -15.17 -70.17 50.92
N VAL GA 87 -15.78 -69.60 51.96
CA VAL GA 87 -16.05 -70.34 53.17
C VAL GA 87 -16.83 -71.62 52.87
N SER GA 88 -16.32 -72.74 53.38
CA SER GA 88 -16.94 -74.05 53.20
C SER GA 88 -16.53 -74.94 54.36
N THR GA 89 -17.44 -75.82 54.78
CA THR GA 89 -17.13 -76.82 55.79
C THR GA 89 -17.83 -78.12 55.42
N THR GA 90 -17.28 -79.22 55.88
CA THR GA 90 -17.94 -80.52 55.79
C THR GA 90 -17.90 -81.20 57.14
N PHE GA 91 -19.00 -81.81 57.52
CA PHE GA 91 -19.13 -82.46 58.82
C PHE GA 91 -19.24 -83.97 58.62
N GLY GA 92 -19.26 -84.69 59.73
CA GLY GA 92 -19.51 -86.11 59.70
C GLY GA 92 -20.98 -86.41 59.93
N ARG GA 93 -21.28 -87.70 60.02
CA ARG GA 93 -22.63 -88.15 60.30
C ARG GA 93 -22.62 -88.88 61.63
N THR GA 94 -23.48 -88.45 62.55
CA THR GA 94 -23.59 -89.05 63.87
C THR GA 94 -25.06 -89.28 64.15
N ASP GA 95 -25.55 -90.48 63.86
CA ASP GA 95 -26.94 -90.83 64.08
C ASP GA 95 -27.14 -91.80 65.24
N GLY GA 96 -26.47 -92.95 65.22
CA GLY GA 96 -26.32 -93.77 66.43
C GLY GA 96 -24.86 -93.98 66.79
N GLY GA 97 -24.05 -94.48 65.86
CA GLY GA 97 -22.60 -94.54 65.99
C GLY GA 97 -21.99 -93.84 64.79
N ALA GA 98 -21.05 -92.93 65.05
CA ALA GA 98 -20.53 -92.11 63.97
C ALA GA 98 -19.55 -92.90 63.09
N ALA GA 99 -18.43 -93.32 63.67
CA ALA GA 99 -17.42 -94.05 62.92
C ALA GA 99 -16.57 -94.82 63.91
N GLU GA 100 -16.61 -96.15 63.83
CA GLU GA 100 -15.97 -97.03 64.82
C GLU GA 100 -16.37 -96.62 66.24
N GLY GA 101 -17.65 -96.30 66.41
CA GLY GA 101 -18.18 -95.87 67.68
C GLY GA 101 -19.33 -96.76 68.13
N GLY GA 102 -19.81 -96.47 69.35
CA GLY GA 102 -20.89 -97.24 69.92
C GLY GA 102 -22.25 -96.62 69.68
N ALA GA 103 -23.27 -97.48 69.72
CA ALA GA 103 -24.64 -97.06 69.48
C ALA GA 103 -25.63 -97.62 70.51
N ASN GA 104 -25.18 -98.42 71.45
CA ASN GA 104 -26.03 -98.95 72.51
C ASN GA 104 -25.43 -98.77 73.91
N SER GA 105 -24.18 -98.36 74.02
CA SER GA 105 -23.51 -98.13 75.29
C SER GA 105 -23.11 -96.65 75.37
N TYR GA 106 -22.34 -96.31 76.38
CA TYR GA 106 -21.74 -94.98 76.48
C TYR GA 106 -20.30 -95.06 75.99
N ASN GA 107 -19.96 -94.23 75.01
CA ASN GA 107 -18.65 -94.25 74.37
C ASN GA 107 -17.70 -93.40 75.20
N TYR GA 108 -16.93 -94.05 76.07
CA TYR GA 108 -15.98 -93.35 76.92
C TYR GA 108 -14.73 -92.90 76.17
N SER GA 109 -14.51 -93.40 74.95
CA SER GA 109 -13.27 -93.18 74.22
C SER GA 109 -13.38 -92.07 73.18
N SER GA 110 -14.09 -90.99 73.49
CA SER GA 110 -14.19 -89.90 72.54
C SER GA 110 -13.11 -88.84 72.75
N THR GA 111 -12.99 -88.32 73.96
CA THR GA 111 -11.96 -87.34 74.27
C THR GA 111 -10.88 -87.98 75.13
N VAL GA 112 -9.81 -87.22 75.37
CA VAL GA 112 -8.70 -87.74 76.18
C VAL GA 112 -9.16 -88.04 77.60
N TYR GA 113 -10.03 -87.18 78.14
CA TYR GA 113 -10.45 -87.31 79.54
C TYR GA 113 -11.16 -88.65 79.78
N GLY GA 114 -12.11 -88.98 78.91
CA GLY GA 114 -12.79 -90.26 79.04
C GLY GA 114 -11.84 -91.43 78.87
N GLN GA 115 -10.81 -91.26 78.05
CA GLN GA 115 -9.81 -92.31 77.90
C GLN GA 115 -9.01 -92.52 79.18
N THR GA 116 -8.64 -91.44 79.86
CA THR GA 116 -8.00 -91.59 81.16
C THR GA 116 -8.91 -92.31 82.14
N PHE GA 117 -10.18 -91.93 82.18
CA PHE GA 117 -11.12 -92.60 83.07
C PHE GA 117 -11.23 -94.08 82.74
N LEU GA 118 -11.27 -94.41 81.44
CA LEU GA 118 -11.40 -95.79 81.03
C LEU GA 118 -10.16 -96.60 81.41
N ARG GA 119 -8.98 -96.03 81.23
CA ARG GA 119 -7.76 -96.76 81.55
C ARG GA 119 -7.62 -96.97 83.06
N LEU GA 120 -8.14 -96.04 83.87
CA LEU GA 120 -8.18 -96.31 85.31
C LEU GA 120 -9.22 -97.35 85.66
N LEU GA 121 -10.40 -97.26 85.06
CA LEU GA 121 -11.49 -98.18 85.39
C LEU GA 121 -11.12 -99.61 85.08
N ARG GA 122 -10.43 -99.84 83.95
CA ARG GA 122 -10.01 -101.21 83.64
C ARG GA 122 -9.00 -101.71 84.66
N LEU GA 123 -8.10 -100.85 85.13
CA LEU GA 123 -7.10 -101.29 86.10
C LEU GA 123 -7.73 -101.66 87.43
N ASN GA 124 -8.65 -100.83 87.93
CA ASN GA 124 -9.12 -101.00 89.30
C ASN GA 124 -10.36 -101.88 89.44
N ALA GA 125 -11.06 -102.20 88.35
CA ALA GA 125 -12.36 -102.85 88.43
C ALA GA 125 -12.45 -104.04 87.48
N PRO GA 126 -11.86 -105.17 87.85
CA PRO GA 126 -12.15 -106.41 87.11
C PRO GA 126 -13.62 -106.78 87.26
N ALA GA 127 -14.20 -107.30 86.18
CA ALA GA 127 -15.62 -107.60 86.12
C ALA GA 127 -15.81 -109.12 86.12
N VAL GA 128 -16.32 -109.64 87.23
CA VAL GA 128 -16.63 -111.06 87.34
C VAL GA 128 -17.63 -111.23 88.47
N GLY GA 129 -18.62 -112.09 88.24
CA GLY GA 129 -19.70 -112.28 89.19
C GLY GA 129 -19.98 -113.76 89.41
N LEU GA 130 -20.88 -114.03 90.35
CA LEU GA 130 -21.21 -115.40 90.69
C LEU GA 130 -22.73 -115.64 90.61
N VAL GA 131 -23.52 -114.64 90.96
CA VAL GA 131 -24.97 -114.78 90.96
C VAL GA 131 -25.49 -114.97 89.54
N ASN HA 2 9.91 -99.63 93.17
CA ASN HA 2 10.19 -98.26 92.74
C ASN HA 2 10.42 -97.35 93.95
N PRO HA 3 11.62 -97.44 94.53
CA PRO HA 3 11.91 -96.62 95.73
C PRO HA 3 11.83 -95.13 95.48
N ILE HA 4 12.22 -94.67 94.30
CA ILE HA 4 12.37 -93.25 94.02
C ILE HA 4 11.50 -92.89 92.82
N PRO HA 5 10.44 -92.10 93.00
CA PRO HA 5 9.71 -91.57 91.85
C PRO HA 5 10.60 -90.62 91.06
N ALA HA 6 10.99 -91.03 89.85
CA ALA HA 6 11.81 -90.21 88.98
C ALA HA 6 11.13 -88.87 88.72
N ALA HA 7 11.74 -87.78 89.17
CA ALA HA 7 11.12 -86.46 89.14
C ALA HA 7 12.11 -85.43 88.63
N SER HA 8 11.61 -84.50 87.81
CA SER HA 8 12.39 -83.39 87.26
C SER HA 8 13.59 -83.88 86.44
N ASP HA 9 13.59 -85.16 86.04
CA ASP HA 9 14.68 -85.71 85.26
C ASP HA 9 14.34 -85.85 83.77
N LEU HA 10 13.06 -86.01 83.43
CA LEU HA 10 12.69 -86.16 82.03
C LEU HA 10 12.99 -84.90 81.23
N LYS HA 11 13.08 -83.74 81.88
CA LYS HA 11 13.54 -82.55 81.17
C LYS HA 11 14.96 -82.73 80.66
N THR HA 12 15.76 -83.56 81.34
CA THR HA 12 17.08 -83.89 80.85
C THR HA 12 17.05 -85.07 79.89
N ARG HA 13 16.14 -86.02 80.13
CA ARG HA 13 16.01 -87.17 79.23
C ARG HA 13 15.31 -86.77 77.94
N TYR HA 14 14.25 -85.98 78.02
CA TYR HA 14 13.43 -85.57 76.87
C TYR HA 14 13.52 -84.05 76.77
N PRO HA 15 14.51 -83.52 76.08
CA PRO HA 15 14.77 -82.07 76.15
C PRO HA 15 13.61 -81.19 75.71
N GLU HA 16 12.71 -81.69 74.86
CA GLU HA 16 11.64 -80.83 74.35
C GLU HA 16 10.72 -80.31 75.44
N PHE HA 17 10.70 -80.94 76.60
CA PHE HA 17 9.80 -80.55 77.68
C PHE HA 17 10.59 -79.74 78.70
N THR HA 18 10.45 -78.41 78.61
CA THR HA 18 11.12 -77.51 79.54
C THR HA 18 10.21 -76.36 79.97
N GLY HA 19 8.91 -76.46 79.75
CA GLY HA 19 7.99 -75.38 80.06
C GLY HA 19 7.63 -75.26 81.53
N VAL HA 20 7.00 -76.29 82.09
CA VAL HA 20 6.51 -76.26 83.46
C VAL HA 20 6.98 -77.51 84.18
N SER HA 21 7.15 -77.41 85.50
CA SER HA 21 7.66 -78.52 86.31
C SER HA 21 6.72 -78.96 87.42
N ASP HA 22 5.80 -78.09 87.88
CA ASP HA 22 4.86 -78.52 88.90
C ASP HA 22 3.83 -79.49 88.34
N ALA HA 23 3.32 -79.22 87.14
CA ALA HA 23 2.39 -80.13 86.49
C ALA HA 23 3.03 -81.47 86.15
N VAL HA 24 4.36 -81.54 86.07
CA VAL HA 24 5.03 -82.76 85.67
C VAL HA 24 5.30 -83.64 86.89
N VAL HA 25 6.09 -83.11 87.83
CA VAL HA 25 6.54 -83.93 88.96
C VAL HA 25 5.37 -84.34 89.84
N ASN HA 26 4.54 -83.39 90.23
CA ASN HA 26 3.52 -83.66 91.22
C ASN HA 26 2.22 -84.16 90.60
N ALA HA 27 1.80 -83.56 89.50
CA ALA HA 27 0.50 -83.88 88.93
C ALA HA 27 0.50 -85.15 88.08
N ILE HA 28 1.61 -85.47 87.42
CA ILE HA 28 1.65 -86.55 86.44
C ILE HA 28 2.51 -87.72 86.90
N ILE HA 29 3.73 -87.43 87.37
CA ILE HA 29 4.62 -88.52 87.80
C ILE HA 29 3.96 -89.36 88.87
N ALA HA 30 3.16 -88.73 89.73
CA ALA HA 30 2.40 -89.47 90.73
C ALA HA 30 1.41 -90.44 90.08
N GLU HA 31 0.99 -90.18 88.85
CA GLU HA 31 0.03 -91.04 88.18
C GLU HA 31 0.67 -92.19 87.42
N VAL HA 32 1.98 -92.25 87.35
CA VAL HA 32 2.68 -93.25 86.57
C VAL HA 32 3.45 -94.22 87.45
N ASN HA 33 4.03 -93.72 88.55
CA ASN HA 33 4.93 -94.52 89.38
C ASN HA 33 4.22 -95.70 90.03
N GLY HA 34 2.90 -95.81 89.82
CA GLY HA 34 2.19 -96.99 90.30
C GLY HA 34 2.31 -98.18 89.38
N MET HA 35 2.41 -97.94 88.06
CA MET HA 35 2.45 -99.05 87.11
C MET HA 35 3.75 -99.84 87.22
N VAL HA 36 4.86 -99.18 87.56
CA VAL HA 36 6.14 -99.86 87.69
C VAL HA 36 6.15 -100.69 88.97
N ASP HA 37 6.75 -101.87 88.89
CA ASP HA 37 6.83 -102.79 90.01
C ASP HA 37 8.28 -103.25 90.18
N ASP HA 38 8.63 -103.62 91.41
CA ASP HA 38 9.98 -104.11 91.67
C ASP HA 38 10.26 -105.44 90.96
N GLY HA 39 9.23 -106.11 90.46
CA GLY HA 39 9.43 -107.29 89.65
C GLY HA 39 10.06 -107.04 88.30
N TRP HA 40 10.25 -105.77 87.94
CA TRP HA 40 10.91 -105.40 86.70
C TRP HA 40 12.43 -105.54 86.85
N GLU HA 41 13.15 -105.05 85.85
CA GLU HA 41 14.59 -104.98 85.90
C GLU HA 41 15.06 -103.56 86.22
N VAL HA 42 16.27 -103.46 86.78
CA VAL HA 42 16.78 -102.18 87.23
C VAL HA 42 16.94 -101.21 86.06
N SER HA 43 17.32 -101.71 84.89
CA SER HA 43 17.54 -100.84 83.74
C SER HA 43 16.25 -100.31 83.13
N ASP HA 44 15.10 -100.75 83.61
CA ASP HA 44 13.82 -100.37 83.00
C ASP HA 44 12.95 -99.50 83.87
N GLN HA 45 13.04 -99.61 85.20
CA GLN HA 45 12.07 -98.95 86.07
C GLN HA 45 12.15 -97.43 85.95
N LYS HA 46 13.34 -96.89 85.77
CA LYS HA 46 13.49 -95.45 85.57
C LYS HA 46 13.11 -95.04 84.15
N PRO HA 47 13.72 -95.64 83.09
CA PRO HA 47 13.36 -95.21 81.73
C PRO HA 47 11.89 -95.42 81.37
N ALA HA 48 11.28 -96.51 81.86
CA ALA HA 48 9.90 -96.79 81.45
C ALA HA 48 8.95 -95.73 81.99
N VAL HA 49 9.07 -95.39 83.27
CA VAL HA 49 8.21 -94.35 83.83
C VAL HA 49 8.55 -93.00 83.23
N LEU HA 50 9.84 -92.75 82.99
CA LEU HA 50 10.23 -91.51 82.34
C LEU HA 50 9.59 -91.37 80.97
N ALA HA 51 9.43 -92.49 80.25
CA ALA HA 51 8.77 -92.48 78.96
C ALA HA 51 7.26 -92.33 79.08
N LEU HA 52 6.65 -93.03 80.04
CA LEU HA 52 5.20 -93.03 80.14
C LEU HA 52 4.69 -91.67 80.60
N ALA HA 53 5.44 -91.00 81.47
CA ALA HA 53 5.05 -89.64 81.85
C ALA HA 53 5.04 -88.72 80.64
N ALA HA 54 6.04 -88.83 79.78
CA ALA HA 54 6.07 -88.01 78.59
C ALA HA 54 4.96 -88.36 77.61
N HIS HA 55 4.62 -89.65 77.50
CA HIS HA 55 3.49 -90.04 76.67
C HIS HA 55 2.20 -89.40 77.18
N MET HA 56 2.01 -89.44 78.50
CA MET HA 56 0.83 -88.79 79.08
C MET HA 56 0.84 -87.29 78.85
N LEU HA 57 2.01 -86.66 78.96
CA LEU HA 57 2.11 -85.22 78.71
C LEU HA 57 1.75 -84.89 77.27
N SER HA 58 2.39 -85.57 76.32
CA SER HA 58 2.18 -85.28 74.91
C SER HA 58 0.79 -85.72 74.45
N ARG HA 59 0.11 -86.54 75.24
CA ARG HA 59 -1.29 -86.84 74.94
C ARG HA 59 -2.12 -85.57 74.93
N GLU HA 60 -1.89 -84.69 75.91
CA GLU HA 60 -2.50 -83.36 75.89
C GLU HA 60 -1.70 -82.48 74.93
N GLY HA 61 -1.96 -81.17 74.96
CA GLY HA 61 -1.29 -80.28 74.02
C GLY HA 61 0.22 -80.28 74.22
N TYR HA 62 0.66 -80.15 75.46
CA TYR HA 62 2.08 -80.08 75.77
C TYR HA 62 2.22 -80.46 77.24
N PRO HA 63 3.35 -80.09 77.85
CA PRO HA 63 3.59 -80.35 79.26
C PRO HA 63 2.35 -80.05 80.11
N GLY HA 64 1.93 -78.79 80.15
CA GLY HA 64 0.65 -78.51 80.75
C GLY HA 64 -0.41 -78.09 79.75
N ARG HA 65 -1.22 -79.06 79.31
CA ARG HA 65 -2.50 -78.83 78.64
C ARG HA 65 -2.37 -78.11 77.30
N ALA HA 66 -1.20 -77.56 76.99
CA ALA HA 66 -1.03 -76.73 75.80
C ALA HA 66 0.43 -76.28 75.74
N THR HA 67 0.81 -75.80 74.55
CA THR HA 67 2.06 -75.11 74.36
C THR HA 67 1.85 -73.63 74.66
N ASN HA 68 2.84 -72.79 74.31
CA ASN HA 68 2.69 -71.36 74.54
C ASN HA 68 1.49 -70.76 73.82
N PRO HA 69 1.21 -71.06 72.55
CA PRO HA 69 -0.09 -70.70 72.00
C PRO HA 69 -1.19 -71.52 72.65
N ASN HA 70 -2.37 -70.92 72.77
CA ASN HA 70 -3.52 -71.58 73.39
C ASN HA 70 -4.43 -72.17 72.32
N SER HA 71 -3.87 -73.14 71.60
CA SER HA 71 -4.59 -73.87 70.54
C SER HA 71 -4.45 -75.35 70.86
N PHE HA 72 -5.35 -75.87 71.71
CA PHE HA 72 -5.33 -77.25 72.14
C PHE HA 72 -6.67 -77.89 71.85
N ASP HA 73 -6.64 -79.18 71.51
CA ASP HA 73 -7.84 -79.92 71.18
C ASP HA 73 -8.00 -81.11 72.13
N PRO HA 74 -9.07 -81.16 72.93
CA PRO HA 74 -9.26 -82.32 73.81
C PRO HA 74 -9.43 -83.62 73.05
N THR HA 75 -9.70 -83.57 71.75
CA THR HA 75 -9.71 -84.75 70.89
C THR HA 75 -8.52 -84.64 69.94
N ASN HA 76 -7.66 -85.65 69.97
CA ASN HA 76 -6.40 -85.62 69.20
C ASN HA 76 -6.72 -85.88 67.73
N ARG HA 77 -7.27 -84.87 67.07
CA ARG HA 77 -7.69 -84.99 65.70
C ARG HA 77 -6.49 -84.85 64.77
N PRO HA 78 -6.14 -85.88 64.00
CA PRO HA 78 -4.99 -85.76 63.10
C PRO HA 78 -5.27 -84.83 61.94
N ILE HA 79 -4.21 -84.26 61.40
CA ILE HA 79 -4.28 -83.36 60.25
C ILE HA 79 -3.84 -84.14 59.03
N LEU HA 80 -4.77 -84.42 58.12
CA LEU HA 80 -4.42 -85.25 56.97
C LEU HA 80 -3.77 -84.45 55.86
N SER HA 81 -4.25 -83.25 55.59
CA SER HA 81 -3.68 -82.43 54.52
C SER HA 81 -3.85 -80.96 54.88
N ARG HA 82 -3.16 -80.12 54.12
CA ARG HA 82 -3.25 -78.68 54.32
C ARG HA 82 -2.83 -77.98 53.03
N LYS HA 83 -3.24 -76.72 52.90
CA LYS HA 83 -2.86 -75.92 51.75
C LYS HA 83 -2.85 -74.47 52.20
N VAL HA 84 -1.85 -73.72 51.77
CA VAL HA 84 -1.62 -72.37 52.27
C VAL HA 84 -1.59 -71.32 51.17
N GLY HA 85 -1.70 -71.72 49.91
CA GLY HA 85 -1.94 -70.74 48.86
C GLY HA 85 -3.34 -70.16 48.95
N ASP HA 86 -4.26 -70.92 49.51
CA ASP HA 86 -5.56 -70.42 49.94
C ASP HA 86 -6.00 -71.30 51.09
N VAL HA 87 -5.94 -70.76 52.31
CA VAL HA 87 -5.83 -71.59 53.51
C VAL HA 87 -6.92 -72.64 53.55
N SER HA 88 -6.52 -73.90 53.74
CA SER HA 88 -7.45 -75.01 53.86
C SER HA 88 -6.78 -76.13 54.64
N THR HA 89 -7.57 -76.85 55.42
CA THR HA 89 -7.10 -78.03 56.14
C THR HA 89 -8.16 -79.10 56.07
N THR HA 90 -7.74 -80.35 56.27
CA THR HA 90 -8.66 -81.45 56.46
C THR HA 90 -8.16 -82.28 57.64
N PHE HA 91 -9.09 -82.75 58.46
CA PHE HA 91 -8.77 -83.47 59.68
C PHE HA 91 -9.30 -84.89 59.61
N GLY HA 92 -9.03 -85.66 60.65
CA GLY HA 92 -9.50 -87.02 60.75
C GLY HA 92 -10.72 -87.13 61.63
N ARG HA 93 -11.30 -88.33 61.65
CA ARG HA 93 -12.49 -88.60 62.43
C ARG HA 93 -12.10 -89.53 63.58
N THR HA 94 -12.29 -89.05 64.81
CA THR HA 94 -11.94 -89.82 66.00
C THR HA 94 -13.13 -89.78 66.95
N ASP HA 95 -13.93 -90.84 66.96
CA ASP HA 95 -15.10 -90.93 67.81
C ASP HA 95 -14.97 -92.00 68.88
N GLY HA 96 -14.81 -93.27 68.50
CA GLY HA 96 -14.42 -94.28 69.46
C GLY HA 96 -13.02 -94.81 69.18
N GLY HA 97 -12.72 -94.95 67.90
CA GLY HA 97 -11.42 -95.40 67.43
C GLY HA 97 -11.21 -94.82 66.05
N ALA HA 98 -10.05 -94.22 65.81
CA ALA HA 98 -9.87 -93.43 64.59
C ALA HA 98 -9.60 -94.32 63.38
N ALA HA 99 -8.47 -95.04 63.39
CA ALA HA 99 -8.08 -95.86 62.25
C ALA HA 99 -7.07 -96.88 62.74
N GLU HA 100 -7.43 -98.17 62.66
CA GLU HA 100 -6.62 -99.25 63.22
C GLU HA 100 -6.29 -98.98 64.68
N GLY HA 101 -7.26 -98.42 65.42
CA GLY HA 101 -7.07 -98.03 66.79
C GLY HA 101 -8.18 -98.58 67.68
N GLY HA 102 -7.95 -98.46 68.99
CA GLY HA 102 -8.86 -99.06 69.95
C GLY HA 102 -10.08 -98.21 70.25
N ALA HA 103 -11.07 -98.86 70.86
CA ALA HA 103 -12.28 -98.18 71.30
C ALA HA 103 -12.72 -98.59 72.70
N ASN HA 104 -12.10 -99.60 73.31
CA ASN HA 104 -12.44 -100.02 74.66
C ASN HA 104 -11.24 -100.19 75.58
N SER HA 105 -10.02 -100.18 75.05
CA SER HA 105 -8.79 -100.22 75.83
C SER HA 105 -8.14 -98.84 75.77
N TYR HA 106 -6.95 -98.74 76.35
CA TYR HA 106 -6.12 -97.56 76.20
C TYR HA 106 -5.04 -97.85 75.16
N ASN HA 107 -4.96 -97.00 74.15
CA ASN HA 107 -4.04 -97.21 73.04
C ASN HA 107 -2.68 -96.64 73.41
N TYR HA 108 -1.73 -97.54 73.66
CA TYR HA 108 -0.37 -97.11 73.96
C TYR HA 108 0.46 -96.83 72.71
N SER HA 109 -0.05 -97.15 71.52
CA SER HA 109 0.74 -97.05 70.30
C SER HA 109 0.46 -95.76 69.54
N SER HA 110 0.07 -94.69 70.23
CA SER HA 110 -0.20 -93.44 69.55
C SER HA 110 1.09 -92.71 69.17
N THR HA 111 1.89 -92.34 70.17
CA THR HA 111 3.17 -91.67 69.94
C THR HA 111 4.32 -92.63 70.21
N VAL HA 112 5.53 -92.14 69.98
CA VAL HA 112 6.71 -92.97 70.15
C VAL HA 112 6.94 -93.30 71.63
N TYR HA 113 6.67 -92.35 72.51
CA TYR HA 113 6.85 -92.60 73.94
C TYR HA 113 5.98 -93.75 74.40
N GLY HA 114 4.73 -93.78 73.95
CA GLY HA 114 3.87 -94.91 74.28
C GLY HA 114 4.40 -96.22 73.74
N GLN HA 115 5.01 -96.20 72.55
CA GLN HA 115 5.57 -97.43 71.99
C GLN HA 115 6.77 -97.90 72.81
N THR HA 116 7.58 -96.97 73.30
CA THR HA 116 8.70 -97.35 74.16
C THR HA 116 8.21 -97.96 75.47
N PHE HA 117 7.18 -97.35 76.06
CA PHE HA 117 6.60 -97.94 77.26
C PHE HA 117 6.05 -99.33 76.97
N LEU HA 118 5.38 -99.49 75.83
CA LEU HA 118 4.81 -100.77 75.46
C LEU HA 118 5.89 -101.83 75.29
N ARG HA 119 6.98 -101.47 74.62
CA ARG HA 119 8.04 -102.45 74.37
C ARG HA 119 8.72 -102.88 75.66
N LEU HA 120 8.85 -101.96 76.63
CA LEU HA 120 9.37 -102.41 77.93
C LEU HA 120 8.36 -103.26 78.68
N LEU HA 121 7.08 -102.87 78.63
CA LEU HA 121 6.05 -103.58 79.38
C LEU HA 121 5.94 -105.03 78.92
N ARG HA 122 5.92 -105.26 77.61
CA ARG HA 122 5.81 -106.63 77.14
C ARG HA 122 7.02 -107.45 77.57
N LEU HA 123 8.20 -106.82 77.65
CA LEU HA 123 9.40 -107.55 78.01
C LEU HA 123 9.39 -107.97 79.47
N ASN HA 124 9.04 -107.05 80.38
CA ASN HA 124 9.22 -107.34 81.80
C ASN HA 124 8.02 -107.98 82.48
N ALA HA 125 6.84 -107.98 81.86
CA ALA HA 125 5.60 -108.39 82.52
C ALA HA 125 4.86 -109.42 81.69
N PRO HA 126 5.30 -110.67 81.69
CA PRO HA 126 4.49 -111.73 81.07
C PRO HA 126 3.15 -111.87 81.77
N ALA HA 127 2.13 -112.26 81.00
CA ALA HA 127 0.76 -112.30 81.47
C ALA HA 127 0.31 -113.75 81.64
N VAL HA 128 0.20 -114.19 82.89
CA VAL HA 128 -0.36 -115.50 83.21
C VAL HA 128 -0.78 -115.47 84.68
N GLY HA 129 -1.92 -116.11 84.96
CA GLY HA 129 -2.45 -116.16 86.31
C GLY HA 129 -2.89 -117.58 86.65
N LEU HA 130 -3.43 -117.74 87.86
CA LEU HA 130 -3.90 -119.05 88.29
C LEU HA 130 -5.31 -119.00 88.85
N VAL HA 131 -5.69 -117.89 89.46
CA VAL HA 131 -6.99 -117.79 90.13
C VAL HA 131 -8.11 -117.72 89.10
N ASN IA 2 27.67 -109.79 76.56
CA ASN IA 2 28.03 -108.46 76.05
C ASN IA 2 28.96 -107.76 77.03
N PRO IA 3 30.25 -108.09 76.97
CA PRO IA 3 31.19 -107.49 77.95
C PRO IA 3 31.31 -105.99 77.83
N ILE IA 4 31.31 -105.46 76.61
CA ILE IA 4 31.57 -104.05 76.35
C ILE IA 4 30.32 -103.44 75.73
N PRO IA 5 29.65 -102.51 76.40
CA PRO IA 5 28.61 -101.72 75.73
C PRO IA 5 29.25 -100.85 74.65
N ALA IA 6 28.94 -101.17 73.39
CA ALA IA 6 29.45 -100.43 72.25
C ALA IA 6 29.02 -98.97 72.33
N ALA IA 7 29.98 -98.06 72.45
CA ALA IA 7 29.68 -96.65 72.65
C ALA IA 7 30.53 -95.79 71.74
N SER IA 8 29.94 -94.70 71.24
CA SER IA 8 30.62 -93.70 70.42
C SER IA 8 31.18 -94.27 69.12
N ASP IA 9 30.78 -95.49 68.75
CA ASP IA 9 31.29 -96.11 67.55
C ASP IA 9 30.30 -96.11 66.38
N LEU IA 10 29.00 -96.01 66.66
CA LEU IA 10 28.03 -95.91 65.58
C LEU IA 10 28.26 -94.69 64.73
N LYS IA 11 28.81 -93.60 65.30
CA LYS IA 11 29.15 -92.44 64.50
C LYS IA 11 30.17 -92.77 63.42
N THR IA 12 31.01 -93.78 63.66
CA THR IA 12 31.87 -94.31 62.62
C THR IA 12 31.15 -95.32 61.76
N ARG IA 13 30.29 -96.14 62.37
CA ARG IA 13 29.54 -97.14 61.62
C ARG IA 13 28.44 -96.50 60.80
N TYR IA 14 27.74 -95.52 61.37
CA TYR IA 14 26.62 -94.85 60.72
C TYR IA 14 26.96 -93.38 60.60
N PRO IA 15 27.62 -92.97 59.52
CA PRO IA 15 28.20 -91.61 59.45
C PRO IA 15 27.20 -90.48 59.50
N GLU IA 16 25.91 -90.72 59.26
CA GLU IA 16 24.96 -89.62 59.28
C GLU IA 16 24.72 -89.05 60.68
N PHE IA 17 25.10 -89.77 61.73
CA PHE IA 17 24.92 -89.32 63.09
C PHE IA 17 26.24 -88.74 63.59
N THR IA 18 26.32 -87.42 63.65
CA THR IA 18 27.50 -86.76 64.17
C THR IA 18 27.15 -85.54 65.02
N GLY IA 19 25.87 -85.34 65.36
CA GLY IA 19 25.44 -84.15 66.06
C GLY IA 19 25.77 -84.14 67.54
N VAL IA 20 25.27 -85.13 68.28
CA VAL IA 20 25.44 -85.18 69.73
C VAL IA 20 25.92 -86.57 70.12
N SER IA 21 26.58 -86.66 71.28
CA SER IA 21 27.12 -87.92 71.78
C SER IA 21 26.62 -88.31 73.15
N ASP IA 22 26.28 -87.35 74.02
CA ASP IA 22 25.84 -87.71 75.37
C ASP IA 22 24.48 -88.41 75.33
N ALA IA 23 23.56 -87.91 74.51
CA ALA IA 23 22.27 -88.58 74.35
C ALA IA 23 22.40 -89.93 73.66
N VAL IA 24 23.54 -90.20 73.04
CA VAL IA 24 23.73 -91.47 72.33
C VAL IA 24 24.29 -92.50 73.30
N VAL IA 25 25.50 -92.26 73.80
CA VAL IA 25 26.22 -93.28 74.56
C VAL IA 25 25.50 -93.59 75.87
N ASN IA 26 25.15 -92.56 76.62
CA ASN IA 26 24.64 -92.78 77.97
C ASN IA 26 23.13 -92.93 77.99
N ALA IA 27 22.41 -92.20 77.15
CA ALA IA 27 20.97 -92.11 77.27
C ALA IA 27 20.21 -93.17 76.48
N ILE IA 28 20.84 -93.80 75.49
CA ILE IA 28 20.18 -94.78 74.64
C ILE IA 28 20.91 -96.12 74.61
N ILE IA 29 22.24 -96.08 74.46
CA ILE IA 29 22.99 -97.33 74.37
C ILE IA 29 22.75 -98.19 75.60
N ALA IA 30 22.63 -97.56 76.77
CA ALA IA 30 22.32 -98.31 77.97
C ALA IA 30 20.94 -98.96 77.90
N GLU IA 31 20.05 -98.47 77.04
CA GLU IA 31 18.73 -99.06 76.88
C GLU IA 31 18.69 -100.20 75.89
N VAL IA 32 19.75 -100.40 75.12
CA VAL IA 32 19.78 -101.39 74.06
C VAL IA 32 20.63 -102.59 74.43
N ASN IA 33 21.70 -102.36 75.19
CA ASN IA 33 22.65 -103.42 75.53
C ASN IA 33 22.06 -104.47 76.46
N GLY IA 34 20.78 -104.33 76.81
CA GLY IA 34 20.11 -105.38 77.54
C GLY IA 34 19.57 -106.47 76.65
N MET IA 35 19.13 -106.12 75.44
CA MET IA 35 18.55 -107.11 74.53
C MET IA 35 19.59 -108.12 74.07
N VAL IA 36 20.86 -107.70 73.94
CA VAL IA 36 21.91 -108.60 73.48
C VAL IA 36 22.29 -109.56 74.60
N ASP IA 37 22.52 -110.82 74.22
CA ASP IA 37 22.88 -111.85 75.17
C ASP IA 37 24.11 -112.60 74.67
N ASP IA 38 24.84 -113.19 75.62
CA ASP IA 38 26.04 -113.93 75.29
C ASP IA 38 25.77 -115.18 74.48
N GLY IA 39 24.52 -115.63 74.42
CA GLY IA 39 24.15 -116.74 73.57
C GLY IA 39 24.19 -116.44 72.09
N TRP IA 40 24.37 -115.18 71.72
CA TRP IA 40 24.53 -114.78 70.34
C TRP IA 40 25.92 -115.16 69.85
N GLU IA 41 26.19 -114.87 68.58
CA GLU IA 41 27.51 -115.08 68.02
C GLU IA 41 28.31 -113.78 68.06
N VAL IA 42 29.63 -113.92 67.93
CA VAL IA 42 30.52 -112.77 68.08
C VAL IA 42 30.31 -111.77 66.96
N SER IA 43 29.95 -112.23 65.76
CA SER IA 43 29.79 -111.35 64.61
C SER IA 43 28.55 -110.47 64.70
N ASP IA 44 27.66 -110.74 65.64
CA ASP IA 44 26.38 -110.04 65.70
C ASP IA 44 26.23 -109.11 66.89
N GLN IA 45 26.87 -109.42 68.03
CA GLN IA 45 26.57 -108.69 69.26
C GLN IA 45 26.86 -107.20 69.11
N LYS IA 46 27.97 -106.85 68.50
CA LYS IA 46 28.29 -105.44 68.31
C LYS IA 46 27.41 -104.83 67.21
N PRO IA 47 27.37 -105.40 65.99
CA PRO IA 47 26.55 -104.77 64.94
C PRO IA 47 25.07 -104.71 65.27
N ALA IA 48 24.53 -105.70 65.97
CA ALA IA 48 23.09 -105.69 66.26
C ALA IA 48 22.73 -104.54 67.18
N VAL IA 49 23.47 -104.37 68.27
CA VAL IA 49 23.20 -103.26 69.19
C VAL IA 49 23.48 -101.94 68.52
N LEU IA 50 24.54 -101.88 67.71
CA LEU IA 50 24.86 -100.66 66.98
C LEU IA 50 23.70 -100.26 66.07
N ALA IA 51 23.06 -101.24 65.42
CA ALA IA 51 21.94 -100.95 64.54
C ALA IA 51 20.70 -100.56 65.32
N LEU IA 52 20.41 -101.27 66.40
CA LEU IA 52 19.18 -100.99 67.16
C LEU IA 52 19.26 -99.61 67.81
N ALA IA 53 20.46 -99.20 68.24
CA ALA IA 53 20.59 -97.86 68.80
C ALA IA 53 20.24 -96.80 67.77
N ALA IA 54 20.72 -96.96 66.54
CA ALA IA 54 20.39 -96.01 65.49
C ALA IA 54 18.91 -96.07 65.13
N HIS IA 55 18.31 -97.26 65.18
CA HIS IA 55 16.87 -97.37 64.96
C HIS IA 55 16.11 -96.54 65.99
N MET IA 56 16.49 -96.66 67.26
CA MET IA 56 15.84 -95.87 68.30
C MET IA 56 16.07 -94.38 68.09
N LEU IA 57 17.29 -93.99 67.73
CA LEU IA 57 17.59 -92.58 67.50
C LEU IA 57 16.73 -92.03 66.36
N SER IA 58 16.72 -92.72 65.22
CA SER IA 58 16.02 -92.23 64.04
C SER IA 58 14.51 -92.39 64.15
N ARG IA 59 14.03 -93.19 65.10
CA ARG IA 59 12.60 -93.22 65.37
C ARG IA 59 12.13 -91.85 65.85
N GLU IA 60 12.92 -91.19 66.68
CA GLU IA 60 12.70 -89.79 67.00
C GLU IA 60 13.27 -88.95 65.85
N GLY IA 61 13.25 -87.62 66.00
CA GLY IA 61 13.61 -86.77 64.88
C GLY IA 61 15.03 -86.98 64.39
N TYR IA 62 15.98 -86.94 65.31
CA TYR IA 62 17.40 -87.06 65.03
C TYR IA 62 18.08 -87.26 66.38
N PRO IA 63 19.45 -87.45 66.49
CA PRO IA 63 19.99 -88.17 67.65
C PRO IA 63 19.37 -87.75 68.98
N GLY IA 64 19.39 -86.45 69.28
CA GLY IA 64 18.54 -85.97 70.35
C GLY IA 64 17.32 -85.25 69.84
N ARG IA 65 16.22 -85.98 69.71
CA ARG IA 65 14.87 -85.45 69.66
C ARG IA 65 14.55 -84.57 68.45
N ALA IA 66 15.57 -84.22 67.65
CA ALA IA 66 15.38 -83.30 66.53
C ALA IA 66 16.70 -83.12 65.80
N THR IA 67 16.61 -82.57 64.60
CA THR IA 67 17.77 -82.15 63.83
C THR IA 67 18.09 -80.70 64.21
N ASN IA 68 18.98 -80.06 63.45
CA ASN IA 68 19.31 -78.67 63.74
C ASN IA 68 18.09 -77.77 63.69
N PRO IA 69 17.26 -77.77 62.64
CA PRO IA 69 15.97 -77.09 62.75
C PRO IA 69 15.05 -77.86 63.69
N ASN IA 70 14.21 -77.13 64.41
CA ASN IA 70 13.32 -77.74 65.38
C ASN IA 70 11.94 -77.93 64.76
N SER IA 71 11.83 -79.02 63.99
CA SER IA 71 10.57 -79.48 63.42
C SER IA 71 10.51 -80.99 63.59
N PHE IA 72 10.02 -81.44 64.75
CA PHE IA 72 9.94 -82.85 65.08
C PHE IA 72 8.49 -83.22 65.38
N ASP IA 73 8.12 -84.45 65.03
CA ASP IA 73 6.75 -84.91 65.22
C ASP IA 73 6.76 -86.12 66.15
N PRO IA 74 6.25 -86.00 67.37
CA PRO IA 74 6.21 -87.17 68.27
C PRO IA 74 5.39 -88.32 67.72
N THR IA 75 4.49 -88.06 66.78
CA THR IA 75 3.82 -89.11 66.02
C THR IA 75 4.42 -89.11 64.63
N ASN IA 76 5.04 -90.21 64.24
CA ASN IA 76 5.73 -90.30 62.96
C ASN IA 76 4.66 -90.41 61.87
N ARG IA 77 4.26 -89.25 61.35
CA ARG IA 77 3.24 -89.20 60.31
C ARG IA 77 3.92 -89.17 58.94
N PRO IA 78 3.70 -90.16 58.09
CA PRO IA 78 4.36 -90.16 56.79
C PRO IA 78 3.77 -89.11 55.87
N ILE IA 79 4.60 -88.62 54.95
CA ILE IA 79 4.20 -87.62 53.99
C ILE IA 79 3.93 -88.33 52.67
N LEU IA 80 2.69 -88.26 52.19
CA LEU IA 80 2.36 -88.99 50.98
C LEU IA 80 2.67 -88.17 49.73
N SER IA 81 2.43 -86.87 49.76
CA SER IA 81 2.61 -86.05 48.58
C SER IA 81 2.78 -84.61 48.98
N ARG IA 82 3.21 -83.79 48.02
CA ARG IA 82 3.33 -82.35 48.24
C ARG IA 82 3.45 -81.65 46.90
N LYS IA 83 3.38 -80.32 46.95
CA LYS IA 83 3.37 -79.48 45.76
C LYS IA 83 3.88 -78.12 46.15
N VAL IA 84 4.77 -77.54 45.34
CA VAL IA 84 5.44 -76.29 45.70
C VAL IA 84 5.15 -75.17 44.72
N GLY IA 85 4.33 -75.39 43.70
CA GLY IA 85 3.79 -74.26 42.96
C GLY IA 85 2.85 -73.45 43.82
N ASP IA 86 2.09 -74.12 44.68
CA ASP IA 86 1.27 -73.49 45.70
C ASP IA 86 1.26 -74.46 46.86
N VAL IA 87 1.93 -74.09 47.96
CA VAL IA 87 2.40 -75.07 48.93
C VAL IA 87 1.23 -75.91 49.44
N SER IA 88 1.43 -77.23 49.41
CA SER IA 88 0.44 -78.19 49.88
C SER IA 88 1.16 -79.46 50.28
N THR IA 89 0.64 -80.13 51.32
CA THR IA 89 1.14 -81.43 51.73
C THR IA 89 -0.04 -82.28 52.18
N THR IA 90 0.13 -83.59 52.09
CA THR IA 90 -0.82 -84.54 52.65
C THR IA 90 -0.06 -85.56 53.47
N PHE IA 91 -0.61 -85.90 54.63
CA PHE IA 91 0.02 -86.85 55.54
C PHE IA 91 -0.80 -88.12 55.59
N GLY IA 92 -0.26 -89.12 56.28
CA GLY IA 92 -0.99 -90.33 56.57
C GLY IA 92 -1.68 -90.23 57.92
N ARG IA 93 -2.32 -91.33 58.30
CA ARG IA 93 -3.00 -91.43 59.58
C ARG IA 93 -2.31 -92.50 60.41
N THR IA 94 -1.89 -92.15 61.61
CA THR IA 94 -1.19 -93.07 62.51
C THR IA 94 -1.83 -92.94 63.89
N ASP IA 95 -2.77 -93.82 64.19
CA ASP IA 95 -3.46 -93.81 65.47
C ASP IA 95 -3.13 -95.01 66.34
N GLY IA 96 -3.41 -96.23 65.88
CA GLY IA 96 -2.87 -97.40 66.54
C GLY IA 96 -1.87 -98.13 65.67
N GLY IA 97 -2.15 -98.15 64.37
CA GLY IA 97 -1.30 -98.75 63.37
C GLY IA 97 -1.60 -98.06 62.06
N ALA IA 98 -0.56 -97.64 61.34
CA ALA IA 98 -0.79 -96.76 60.19
C ALA IA 98 -1.27 -97.53 58.97
N ALA IA 99 -0.41 -98.41 58.44
CA ALA IA 99 -0.72 -99.16 57.24
C ALA IA 99 0.11 -100.43 57.24
N GLU IA 100 -0.55 -101.58 57.29
CA GLU IA 100 0.12 -102.87 57.43
C GLU IA 100 1.12 -102.84 58.57
N GLY IA 101 0.73 -102.21 59.68
CA GLY IA 101 1.59 -102.03 60.83
C GLY IA 101 0.92 -102.51 62.12
N GLY IA 102 1.77 -102.67 63.14
CA GLY IA 102 1.30 -103.18 64.40
C GLY IA 102 0.67 -102.10 65.29
N ALA IA 103 -0.15 -102.57 66.23
CA ALA IA 103 -0.82 -101.67 67.17
C ALA IA 103 -0.81 -102.19 68.60
N ASN IA 104 -0.21 -103.36 68.85
CA ASN IA 104 -0.09 -103.90 70.20
C ASN IA 104 1.33 -104.34 70.54
N SER IA 105 2.23 -104.40 69.57
CA SER IA 105 3.63 -104.76 69.77
C SER IA 105 4.50 -103.57 69.39
N TYR IA 106 5.80 -103.80 69.36
CA TYR IA 106 6.74 -102.80 68.83
C TYR IA 106 7.07 -103.16 67.40
N ASN IA 107 6.87 -102.21 66.49
CA ASN IA 107 7.05 -102.42 65.06
C ASN IA 107 8.52 -102.17 64.73
N TYR IA 108 9.31 -103.24 64.69
CA TYR IA 108 10.71 -103.14 64.36
C TYR IA 108 10.98 -102.87 62.88
N SER IA 109 9.96 -103.03 62.03
CA SER IA 109 10.14 -103.00 60.58
C SER IA 109 9.78 -101.65 59.97
N SER IA 110 10.09 -100.54 60.64
CA SER IA 110 9.79 -99.24 60.10
C SER IA 110 10.93 -98.66 59.28
N THR IA 111 12.13 -98.60 59.85
CA THR IA 111 13.30 -98.10 59.15
C THR IA 111 14.23 -99.25 58.83
N VAL IA 112 15.30 -98.94 58.09
CA VAL IA 112 16.26 -99.97 57.71
C VAL IA 112 16.97 -100.54 58.93
N TYR IA 113 17.27 -99.69 59.90
CA TYR IA 113 18.05 -100.12 61.06
C TYR IA 113 17.31 -101.17 61.87
N GLY IA 114 16.02 -100.93 62.14
CA GLY IA 114 15.23 -101.92 62.84
C GLY IA 114 15.11 -103.21 62.05
N GLN IA 115 15.10 -103.11 60.72
CA GLN IA 115 15.05 -104.32 59.89
C GLN IA 115 16.34 -105.13 60.02
N THR IA 116 17.49 -104.47 60.07
CA THR IA 116 18.73 -105.19 60.33
C THR IA 116 18.69 -105.87 61.68
N PHE IA 117 18.22 -105.15 62.70
CA PHE IA 117 18.13 -105.76 64.03
C PHE IA 117 17.20 -106.96 64.01
N LEU IA 118 16.08 -106.86 63.31
CA LEU IA 118 15.12 -107.95 63.24
C LEU IA 118 15.71 -109.17 62.54
N ARG IA 119 16.43 -108.94 61.44
CA ARG IA 119 16.98 -110.06 60.69
C ARG IA 119 18.10 -110.74 61.49
N LEU IA 120 18.82 -110.00 62.33
CA LEU IA 120 19.78 -110.66 63.21
C LEU IA 120 19.07 -111.42 64.33
N LEU IA 121 18.06 -110.80 64.93
CA LEU IA 121 17.36 -111.41 66.06
C LEU IA 121 16.72 -112.73 65.66
N ARG IA 122 16.14 -112.80 64.47
CA ARG IA 122 15.55 -114.06 64.03
C ARG IA 122 16.63 -115.13 63.86
N LEU IA 123 17.80 -114.76 63.36
CA LEU IA 123 18.85 -115.74 63.16
C LEU IA 123 19.38 -116.29 64.48
N ASN IA 124 19.61 -115.41 65.46
CA ASN IA 124 20.33 -115.83 66.65
C ASN IA 124 19.42 -116.29 67.80
N ALA IA 125 18.12 -116.07 67.73
CA ALA IA 125 17.23 -116.31 68.86
C ALA IA 125 16.00 -117.09 68.44
N PRO IA 126 16.11 -118.40 68.27
CA PRO IA 126 14.90 -119.23 68.16
C PRO IA 126 14.09 -119.16 69.44
N ALA IA 127 12.77 -119.14 69.28
CA ALA IA 127 11.84 -118.96 70.41
C ALA IA 127 11.12 -120.28 70.65
N VAL IA 128 11.46 -120.97 71.73
CA VAL IA 128 10.79 -122.19 72.13
C VAL IA 128 11.03 -122.39 73.62
N GLY IA 129 9.98 -122.79 74.33
CA GLY IA 129 10.04 -122.92 75.77
C GLY IA 129 9.46 -124.24 76.22
N LEU IA 130 9.61 -124.50 77.53
CA LEU IA 130 9.13 -125.75 78.09
C LEU IA 130 8.18 -125.50 79.26
N VAL IA 131 8.44 -124.48 80.05
CA VAL IA 131 7.63 -124.18 81.23
C VAL IA 131 6.23 -123.76 80.82
N ASN JA 2 33.50 -121.11 53.43
CA ASN JA 2 33.91 -119.82 52.90
C ASN JA 2 35.31 -119.43 53.37
N PRO JA 3 36.34 -120.04 52.77
CA PRO JA 3 37.71 -119.75 53.21
C PRO JA 3 38.11 -118.30 53.03
N ILE JA 4 37.62 -117.64 51.99
CA ILE JA 4 38.08 -116.32 51.60
C ILE JA 4 36.89 -115.36 51.58
N PRO JA 5 36.81 -114.40 52.49
CA PRO JA 5 35.80 -113.34 52.36
C PRO JA 5 36.06 -112.52 51.11
N ALA JA 6 35.16 -112.63 50.14
CA ALA JA 6 35.28 -111.88 48.89
C ALA JA 6 35.27 -110.38 49.17
N ALA JA 7 36.38 -109.70 48.88
CA ALA JA 7 36.57 -108.32 49.27
C ALA JA 7 37.13 -107.52 48.11
N SER JA 8 36.66 -106.28 47.97
CA SER JA 8 37.12 -105.34 46.94
C SER JA 8 36.91 -105.89 45.53
N ASP JA 9 36.07 -106.91 45.37
CA ASP JA 9 35.81 -107.52 44.07
C ASP JA 9 34.47 -107.13 43.49
N LEU JA 10 33.48 -106.79 44.32
CA LEU JA 10 32.19 -106.38 43.80
C LEU JA 10 32.27 -105.09 43.00
N LYS JA 11 33.28 -104.25 43.25
CA LYS JA 11 33.50 -103.10 42.39
C LYS JA 11 33.78 -103.53 40.95
N THR JA 12 34.35 -104.71 40.76
CA THR JA 12 34.54 -105.26 39.43
C THR JA 12 33.31 -106.02 38.97
N ARG JA 13 32.62 -106.68 39.89
CA ARG JA 13 31.41 -107.42 39.53
C ARG JA 13 30.24 -106.49 39.30
N TYR JA 14 30.07 -105.47 40.15
CA TYR JA 14 28.96 -104.53 40.07
C TYR JA 14 29.54 -103.15 39.86
N PRO JA 15 29.76 -102.74 38.62
CA PRO JA 15 30.55 -101.52 38.37
C PRO JA 15 29.98 -100.26 38.99
N GLU JA 16 28.67 -100.19 39.25
CA GLU JA 16 28.09 -98.95 39.74
C GLU JA 16 28.65 -98.53 41.10
N PHE JA 17 29.26 -99.45 41.84
CA PHE JA 17 29.77 -99.15 43.17
C PHE JA 17 31.27 -98.93 43.07
N THR JA 18 31.69 -97.67 43.04
CA THR JA 18 33.10 -97.32 43.00
C THR JA 18 33.43 -96.15 43.91
N GLY JA 19 32.55 -95.80 44.84
CA GLY JA 19 32.75 -94.64 45.69
C GLY JA 19 33.72 -94.87 46.83
N VAL JA 20 33.39 -95.78 47.74
CA VAL JA 20 34.19 -96.02 48.94
C VAL JA 20 34.45 -97.51 49.07
N SER JA 21 35.56 -97.86 49.73
CA SER JA 21 35.98 -99.24 49.87
C SER JA 21 36.14 -99.71 51.31
N ASP JA 22 36.37 -98.80 52.26
CA ASP JA 22 36.47 -99.23 53.65
C ASP JA 22 35.11 -99.62 54.21
N ALA JA 23 34.07 -98.85 53.87
CA ALA JA 23 32.73 -99.19 54.30
C ALA JA 23 32.23 -100.49 53.67
N VAL JA 24 32.84 -100.93 52.56
CA VAL JA 24 32.38 -102.11 51.86
C VAL JA 24 33.07 -103.35 52.43
N VAL JA 25 34.39 -103.39 52.33
CA VAL JA 25 35.14 -104.60 52.66
C VAL JA 25 35.01 -104.92 54.15
N ASN JA 26 35.28 -103.93 55.01
CA ASN JA 26 35.39 -104.21 56.43
C ASN JA 26 34.06 -104.08 57.15
N ALA JA 27 33.24 -103.09 56.79
CA ALA JA 27 32.01 -102.83 57.51
C ALA JA 27 30.87 -103.74 57.09
N ILE JA 28 30.78 -104.12 55.83
CA ILE JA 28 29.62 -104.81 55.29
C ILE JA 28 29.92 -106.27 54.95
N ILE JA 29 31.02 -106.51 54.23
CA ILE JA 29 31.34 -107.88 53.83
C ILE JA 29 31.45 -108.77 55.06
N ALA JA 30 31.96 -108.23 56.16
CA ALA JA 30 32.02 -108.98 57.41
C ALA JA 30 30.65 -109.37 57.91
N GLU JA 31 29.60 -108.65 57.50
CA GLU JA 31 28.24 -108.94 57.94
C GLU JA 31 27.53 -109.94 57.05
N VAL JA 32 28.14 -110.35 55.94
CA VAL JA 32 27.51 -111.23 54.98
C VAL JA 32 28.16 -112.61 54.93
N ASN JA 33 29.48 -112.66 55.11
CA ASN JA 33 30.23 -113.90 54.93
C ASN JA 33 29.85 -114.95 55.96
N GLY JA 34 28.98 -114.60 56.90
CA GLY JA 34 28.49 -115.60 57.83
C GLY JA 34 27.37 -116.46 57.27
N MET JA 35 26.52 -115.88 56.43
CA MET JA 35 25.37 -116.61 55.90
C MET JA 35 25.81 -117.73 54.97
N VAL JA 36 26.90 -117.55 54.23
CA VAL JA 36 27.38 -118.58 53.32
C VAL JA 36 28.01 -119.72 54.11
N ASP JA 37 27.75 -120.94 53.67
CA ASP JA 37 28.25 -122.14 54.33
C ASP JA 37 28.94 -123.02 53.30
N ASP JA 38 29.88 -123.84 53.77
CA ASP JA 38 30.57 -124.76 52.87
C ASP JA 38 29.65 -125.83 52.32
N GLY JA 39 28.45 -125.98 52.88
CA GLY JA 39 27.46 -126.88 52.30
C GLY JA 39 26.90 -126.43 50.97
N TRP JA 40 27.26 -125.23 50.53
CA TRP JA 40 26.83 -124.71 49.25
C TRP JA 40 27.65 -125.33 48.11
N GLU JA 41 27.48 -124.79 46.92
CA GLU JA 41 28.29 -125.16 45.78
C GLU JA 41 29.35 -124.10 45.51
N VAL JA 42 30.46 -124.54 44.89
CA VAL JA 42 31.59 -123.65 44.66
C VAL JA 42 31.19 -122.49 43.76
N SER JA 43 30.28 -122.73 42.80
CA SER JA 43 29.88 -121.69 41.87
C SER JA 43 29.00 -120.62 42.51
N ASP JA 44 28.58 -120.81 43.76
CA ASP JA 44 27.63 -119.90 44.39
C ASP JA 44 28.18 -119.13 45.57
N GLN JA 45 29.20 -119.65 46.26
CA GLN JA 45 29.64 -119.02 47.50
C GLN JA 45 30.22 -117.63 47.26
N LYS JA 46 30.90 -117.44 46.14
CA LYS JA 46 31.40 -116.11 45.81
C LYS JA 46 30.30 -115.22 45.25
N PRO JA 47 29.57 -115.63 44.20
CA PRO JA 47 28.52 -114.74 43.66
C PRO JA 47 27.42 -114.40 44.66
N ALA JA 48 27.03 -115.34 45.51
CA ALA JA 48 25.90 -115.07 46.41
C ALA JA 48 26.26 -113.99 47.41
N VAL JA 49 27.43 -114.09 48.04
CA VAL JA 49 27.84 -113.06 48.99
C VAL JA 49 28.13 -111.76 48.28
N LEU JA 50 28.70 -111.83 47.07
CA LEU JA 50 28.93 -110.62 46.29
C LEU JA 50 27.62 -109.91 45.99
N ALA JA 51 26.54 -110.67 45.77
CA ALA JA 51 25.23 -110.08 45.53
C ALA JA 51 24.61 -109.53 46.81
N LEU JA 52 24.72 -110.28 47.91
CA LEU JA 52 24.05 -109.87 49.13
C LEU JA 52 24.70 -108.63 49.72
N ALA JA 53 26.03 -108.50 49.59
CA ALA JA 53 26.67 -107.28 50.04
C ALA JA 53 26.15 -106.08 49.27
N ALA JA 54 25.97 -106.22 47.96
CA ALA JA 54 25.42 -105.11 47.18
C ALA JA 54 23.98 -104.83 47.54
N HIS JA 55 23.19 -105.87 47.83
CA HIS JA 55 21.82 -105.63 48.27
C HIS JA 55 21.80 -104.83 49.56
N MET JA 56 22.69 -105.18 50.50
CA MET JA 56 22.78 -104.42 51.74
C MET JA 56 23.24 -102.99 51.50
N LEU JA 57 24.19 -102.80 50.58
CA LEU JA 57 24.65 -101.45 50.26
C LEU JA 57 23.52 -100.61 49.66
N SER JA 58 22.86 -101.13 48.63
CA SER JA 58 21.80 -100.41 47.96
C SER JA 58 20.55 -100.28 48.84
N ARG JA 59 20.47 -101.05 49.92
CA ARG JA 59 19.39 -100.83 50.88
C ARG JA 59 19.47 -99.44 51.46
N GLU JA 60 20.67 -98.99 51.81
CA GLU JA 60 20.89 -97.59 52.16
C GLU JA 60 20.94 -96.78 50.89
N GLY JA 61 21.34 -95.50 50.98
CA GLY JA 61 21.32 -94.65 49.81
C GLY JA 61 22.27 -95.13 48.72
N TYR JA 62 23.50 -95.43 49.09
CA TYR JA 62 24.58 -95.78 48.18
C TYR JA 62 25.70 -96.31 49.06
N PRO JA 63 26.88 -96.78 48.52
CA PRO JA 63 27.72 -97.70 49.31
C PRO JA 63 27.91 -97.29 50.76
N GLY JA 64 28.33 -96.05 51.01
CA GLY JA 64 28.22 -95.54 52.35
C GLY JA 64 27.07 -94.55 52.51
N ARG JA 65 25.92 -95.06 52.91
CA ARG JA 65 24.81 -94.29 53.49
C ARG JA 65 24.21 -93.26 52.54
N ALA JA 66 24.82 -93.02 51.39
CA ALA JA 66 24.40 -91.93 50.53
C ALA JA 66 25.25 -91.92 49.27
N THR JA 67 24.76 -91.23 48.26
CA THR JA 67 25.54 -90.91 47.08
C THR JA 67 26.26 -89.58 47.32
N ASN JA 68 26.85 -89.01 46.27
CA ASN JA 68 27.54 -87.73 46.42
C ASN JA 68 26.62 -86.62 46.92
N PRO JA 69 25.40 -86.45 46.42
CA PRO JA 69 24.45 -85.58 47.13
C PRO JA 69 24.05 -86.21 48.46
N ASN JA 70 23.78 -85.36 49.44
CA ASN JA 70 23.39 -85.82 50.76
C ASN JA 70 21.87 -85.77 50.90
N SER JA 71 21.21 -86.59 50.09
CA SER JA 71 19.76 -86.73 50.10
C SER JA 71 19.44 -88.22 50.28
N PHE JA 72 19.39 -88.64 51.54
CA PHE JA 72 19.17 -90.05 51.89
C PHE JA 72 17.99 -90.17 52.82
N ASP JA 73 17.20 -91.22 52.64
CA ASP JA 73 16.01 -91.46 53.44
C ASP JA 73 16.17 -92.77 54.19
N PRO JA 74 16.21 -92.76 55.52
CA PRO JA 74 16.32 -94.02 56.26
C PRO JA 74 15.13 -94.94 56.05
N THR JA 75 14.02 -94.42 55.56
CA THR JA 75 12.87 -95.22 55.16
C THR JA 75 12.79 -95.20 53.64
N ASN JA 76 12.83 -96.39 53.02
CA ASN JA 76 12.92 -96.50 51.57
C ASN JA 76 11.55 -96.20 50.96
N ARG JA 77 11.22 -94.91 50.92
CA ARG JA 77 9.92 -94.49 50.43
C ARG JA 77 9.94 -94.47 48.90
N PRO JA 78 9.12 -95.27 48.24
CA PRO JA 78 9.08 -95.22 46.76
C PRO JA 78 8.43 -93.94 46.28
N ILE JA 79 8.83 -93.54 45.07
CA ILE JA 79 8.29 -92.35 44.41
C ILE JA 79 7.28 -92.83 43.39
N LEU JA 80 6.00 -92.54 43.61
CA LEU JA 80 4.97 -93.05 42.71
C LEU JA 80 4.81 -92.16 41.49
N SER JA 81 4.82 -90.85 41.67
CA SER JA 81 4.64 -89.94 40.55
C SER JA 81 5.46 -88.69 40.78
N ARG JA 82 5.56 -87.87 39.74
CA ARG JA 82 6.29 -86.61 39.82
C ARG JA 82 5.82 -85.72 38.69
N LYS JA 83 6.10 -84.43 38.83
CA LYS JA 83 5.76 -83.45 37.80
C LYS JA 83 6.73 -82.29 37.96
N VAL JA 84 7.23 -81.78 36.84
CA VAL JA 84 8.29 -80.77 36.87
C VAL JA 84 7.92 -79.51 36.11
N GLY JA 85 6.75 -79.46 35.47
CA GLY JA 85 6.26 -78.19 34.99
C GLY JA 85 5.84 -77.27 36.11
N ASP JA 86 5.49 -77.85 37.25
CA ASP JA 86 5.32 -77.13 38.52
C ASP JA 86 5.57 -78.15 39.62
N VAL JA 87 6.73 -78.05 40.26
CA VAL JA 87 7.34 -79.20 40.93
C VAL JA 87 6.37 -79.82 41.91
N SER JA 88 6.18 -81.14 41.79
CA SER JA 88 5.34 -81.91 42.69
C SER JA 88 5.80 -83.35 42.68
N THR JA 89 5.69 -84.02 43.82
CA THR JA 89 5.99 -85.43 43.93
C THR JA 89 4.94 -86.09 44.82
N THR JA 90 4.78 -87.40 44.68
CA THR JA 90 4.00 -88.20 45.60
C THR JA 90 4.78 -89.46 45.93
N PHE JA 91 4.75 -89.85 47.20
CA PHE JA 91 5.53 -90.97 47.70
C PHE JA 91 4.60 -92.08 48.15
N GLY JA 92 5.20 -93.20 48.56
CA GLY JA 92 4.48 -94.32 49.09
C GLY JA 92 4.46 -94.31 50.60
N ARG JA 93 3.67 -95.23 51.16
CA ARG JA 93 3.53 -95.35 52.60
C ARG JA 93 4.17 -96.64 53.07
N THR JA 94 5.25 -96.51 53.83
CA THR JA 94 5.99 -97.67 54.34
C THR JA 94 6.08 -97.54 55.86
N ASP JA 95 5.25 -98.29 56.57
CA ASP JA 95 5.25 -98.27 58.04
C ASP JA 95 5.69 -99.59 58.64
N GLY JA 96 4.97 -100.68 58.39
CA GLY JA 96 5.47 -102.00 58.72
C GLY JA 96 5.71 -102.82 57.46
N GLY JA 97 4.81 -102.65 56.49
CA GLY JA 97 4.87 -103.31 55.21
C GLY JA 97 4.24 -102.43 54.17
N ALA JA 98 4.94 -102.18 53.07
CA ALA JA 98 4.48 -101.16 52.13
C ALA JA 98 3.37 -101.67 51.22
N ALA JA 99 3.67 -102.67 50.39
CA ALA JA 99 2.70 -103.19 49.44
C ALA JA 99 3.15 -104.57 48.98
N GLU JA 100 2.34 -105.59 49.30
CA GLU JA 100 2.69 -106.98 49.05
C GLU JA 100 4.08 -107.29 49.60
N GLY JA 101 4.37 -106.73 50.79
CA GLY JA 101 5.67 -106.84 51.40
C GLY JA 101 5.56 -107.25 52.86
N GLY JA 102 6.71 -107.59 53.43
CA GLY JA 102 6.74 -108.14 54.77
C GLY JA 102 6.60 -107.11 55.87
N ALA JA 103 6.29 -107.60 57.07
CA ALA JA 103 6.23 -106.77 58.26
C ALA JA 103 6.88 -107.41 59.48
N ASN JA 104 7.28 -108.68 59.40
CA ASN JA 104 7.93 -109.36 60.52
C ASN JA 104 9.16 -110.16 60.14
N SER JA 105 9.45 -110.31 58.86
CA SER JA 105 10.66 -110.95 58.36
C SER JA 105 11.51 -109.91 57.66
N TYR JA 106 12.60 -110.35 57.04
CA TYR JA 106 13.41 -109.49 56.19
C TYR JA 106 13.07 -109.77 54.74
N ASN JA 107 12.66 -108.71 54.02
CA ASN JA 107 12.22 -108.85 52.64
C ASN JA 107 13.43 -108.85 51.73
N TYR JA 108 13.75 -110.00 51.18
CA TYR JA 108 14.85 -110.10 50.23
C TYR JA 108 14.46 -109.73 48.81
N SER JA 109 13.18 -109.51 48.54
CA SER JA 109 12.71 -109.27 47.18
C SER JA 109 12.52 -107.80 46.87
N SER JA 110 13.30 -106.91 47.50
CA SER JA 110 13.16 -105.49 47.22
C SER JA 110 13.87 -105.10 45.93
N THR JA 111 15.18 -105.32 45.86
CA THR JA 111 15.96 -105.01 44.67
C THR JA 111 16.34 -106.29 43.96
N VAL JA 112 17.00 -106.13 42.81
CA VAL JA 112 17.39 -107.28 42.01
C VAL JA 112 18.47 -108.10 42.71
N TYR JA 113 19.40 -107.41 43.37
CA TYR JA 113 20.46 -108.12 44.09
C TYR JA 113 19.88 -109.06 45.14
N GLY JA 114 18.88 -108.58 45.88
CA GLY JA 114 18.22 -109.43 46.85
C GLY JA 114 17.54 -110.63 46.21
N GLN JA 115 16.96 -110.43 45.03
CA GLN JA 115 16.33 -111.55 44.34
C GLN JA 115 17.36 -112.57 43.87
N THR JA 116 18.54 -112.12 43.45
CA THR JA 116 19.60 -113.05 43.09
C THR JA 116 20.07 -113.85 44.30
N PHE JA 117 20.25 -113.18 45.43
CA PHE JA 117 20.60 -113.89 46.64
C PHE JA 117 19.53 -114.91 47.01
N LEU JA 118 18.25 -114.51 46.88
CA LEU JA 118 17.15 -115.40 47.22
C LEU JA 118 17.14 -116.63 46.31
N ARG JA 119 17.34 -116.42 45.00
CA ARG JA 119 17.29 -117.54 44.07
C ARG JA 119 18.44 -118.52 44.31
N LEU JA 120 19.61 -118.02 44.69
CA LEU JA 120 20.67 -118.96 45.07
C LEU JA 120 20.37 -119.66 46.39
N LEU JA 121 19.84 -118.92 47.36
CA LEU JA 121 19.58 -119.48 48.68
C LEU JA 121 18.58 -120.63 48.61
N ARG JA 122 17.49 -120.44 47.87
CA ARG JA 122 16.51 -121.52 47.77
C ARG JA 122 17.11 -122.74 47.09
N LEU JA 123 18.02 -122.53 46.16
CA LEU JA 123 18.63 -123.65 45.45
C LEU JA 123 19.53 -124.47 46.37
N ASN JA 124 20.43 -123.82 47.10
CA ASN JA 124 21.46 -124.55 47.82
C ASN JA 124 21.09 -125.00 49.22
N ALA JA 125 20.04 -124.45 49.81
CA ALA JA 125 19.73 -124.65 51.23
C ALA JA 125 18.29 -125.11 51.41
N PRO JA 126 18.01 -126.39 51.15
CA PRO JA 126 16.68 -126.92 51.48
C PRO JA 126 16.44 -126.86 52.99
N ALA JA 127 15.17 -126.69 53.35
CA ALA JA 127 14.77 -126.46 54.74
C ALA JA 127 14.08 -127.70 55.28
N VAL JA 128 14.76 -128.43 56.15
CA VAL JA 128 14.17 -129.54 56.89
C VAL JA 128 15.06 -129.83 58.09
N GLY JA 129 14.41 -130.13 59.23
CA GLY JA 129 15.13 -130.43 60.45
C GLY JA 129 14.56 -131.67 61.11
N LEU JA 130 15.13 -132.03 62.25
CA LEU JA 130 14.69 -133.23 62.95
C LEU JA 130 14.38 -132.95 64.43
N VAL JA 131 15.10 -132.03 65.04
CA VAL JA 131 14.96 -131.76 66.47
C VAL JA 131 13.63 -131.06 66.73
N ASN KA 2 25.98 -130.61 29.89
CA ASN KA 2 26.31 -129.37 29.18
C ASN KA 2 27.81 -129.26 28.96
N PRO KA 3 28.30 -129.92 27.91
CA PRO KA 3 29.76 -129.94 27.69
C PRO KA 3 30.35 -128.56 27.45
N ILE KA 4 29.65 -127.72 26.68
CA ILE KA 4 30.18 -126.44 26.24
C ILE KA 4 29.33 -125.33 26.85
N PRO KA 5 29.87 -124.51 27.74
CA PRO KA 5 29.16 -123.29 28.14
C PRO KA 5 29.02 -122.36 26.95
N ALA KA 6 27.78 -122.20 26.48
CA ALA KA 6 27.49 -121.32 25.36
C ALA KA 6 27.95 -119.90 25.68
N ALA KA 7 28.90 -119.38 24.92
CA ALA KA 7 29.48 -118.07 25.20
C ALA KA 7 29.60 -117.27 23.92
N SER KA 8 29.38 -115.96 24.04
CA SER KA 8 29.53 -115.01 22.94
C SER KA 8 28.62 -115.32 21.75
N ASP KA 9 27.60 -116.15 21.94
CA ASP KA 9 26.70 -116.50 20.87
C ASP KA 9 25.33 -115.87 20.99
N LEU KA 10 24.90 -115.50 22.20
CA LEU KA 10 23.63 -114.80 22.34
C LEU KA 10 23.63 -113.47 21.61
N LYS KA 11 24.80 -112.85 21.45
CA LYS KA 11 24.87 -111.63 20.65
C LYS KA 11 24.42 -111.89 19.22
N THR KA 12 24.67 -113.09 18.69
CA THR KA 12 24.11 -113.49 17.41
C THR KA 12 22.67 -113.97 17.55
N ARG KA 13 22.36 -114.64 18.67
CA ARG KA 13 20.99 -115.13 18.88
C ARG KA 13 20.06 -113.99 19.24
N TYR KA 14 20.51 -113.06 20.08
CA TYR KA 14 19.71 -111.93 20.56
C TYR KA 14 20.40 -110.65 20.12
N PRO KA 15 20.08 -110.14 18.93
CA PRO KA 15 20.89 -109.05 18.34
C PRO KA 15 20.88 -107.76 19.13
N GLU KA 16 19.93 -107.54 20.05
CA GLU KA 16 19.90 -106.28 20.78
C GLU KA 16 21.06 -106.15 21.77
N PHE KA 17 21.77 -107.23 22.07
CA PHE KA 17 22.90 -107.20 23.00
C PHE KA 17 24.18 -107.20 22.19
N THR KA 18 24.83 -106.04 22.10
CA THR KA 18 26.11 -105.94 21.40
C THR KA 18 27.09 -105.01 22.11
N GLY KA 19 26.74 -104.51 23.30
CA GLY KA 19 27.56 -103.52 23.98
C GLY KA 19 28.83 -104.04 24.61
N VAL KA 20 28.72 -105.00 25.51
CA VAL KA 20 29.88 -105.53 26.24
C VAL KA 20 29.85 -107.05 26.16
N SER KA 21 31.03 -107.66 26.33
CA SER KA 21 31.17 -109.11 26.24
C SER KA 21 31.77 -109.75 27.47
N ASP KA 22 32.64 -109.06 28.22
CA ASP KA 22 33.25 -109.69 29.38
C ASP KA 22 32.23 -109.92 30.48
N ALA KA 23 31.35 -108.94 30.73
CA ALA KA 23 30.28 -109.11 31.70
C ALA KA 23 29.28 -110.18 31.28
N VAL KA 24 29.27 -110.57 30.02
CA VAL KA 24 28.32 -111.56 29.53
C VAL KA 24 28.91 -112.95 29.71
N VAL KA 25 30.00 -113.23 29.00
CA VAL KA 25 30.52 -114.59 28.93
C VAL KA 25 30.99 -115.07 30.30
N ASN KA 26 31.81 -114.26 30.97
CA ASN KA 26 32.49 -114.72 32.17
C ASN KA 26 31.67 -114.45 33.42
N ALA KA 27 30.98 -113.32 33.48
CA ALA KA 27 30.35 -112.88 34.72
C ALA KA 27 28.93 -113.38 34.91
N ILE KA 28 28.25 -113.83 33.85
CA ILE KA 28 26.86 -114.25 33.94
C ILE KA 28 26.66 -115.66 33.41
N ILE KA 29 27.23 -115.97 32.24
CA ILE KA 29 27.02 -117.29 31.65
C ILE KA 29 27.46 -118.38 32.61
N ALA KA 30 28.55 -118.13 33.35
CA ALA KA 30 28.99 -119.10 34.35
C ALA KA 30 27.96 -119.28 35.46
N GLU KA 31 27.05 -118.32 35.65
CA GLU KA 31 26.03 -118.42 36.68
C GLU KA 31 24.77 -119.15 36.20
N VAL KA 32 24.65 -119.39 34.90
CA VAL KA 32 23.45 -119.98 34.32
C VAL KA 32 23.69 -121.42 33.90
N ASN KA 33 24.90 -121.76 33.47
CA ASN KA 33 25.21 -123.07 32.93
C ASN KA 33 25.19 -124.15 34.02
N GLY KA 34 24.89 -123.77 35.25
CA GLY KA 34 24.66 -124.76 36.29
C GLY KA 34 23.25 -125.33 36.27
N MET KA 35 22.27 -124.50 35.91
CA MET KA 35 20.88 -124.96 35.92
C MET KA 35 20.63 -126.03 34.86
N VAL KA 36 21.35 -125.96 33.74
CA VAL KA 36 21.17 -126.94 32.67
C VAL KA 36 21.79 -128.28 33.07
N ASP KA 37 21.10 -129.36 32.73
CA ASP KA 37 21.56 -130.70 33.05
C ASP KA 37 21.54 -131.56 31.80
N ASP KA 38 22.36 -132.60 31.81
CA ASP KA 38 22.43 -133.51 30.68
C ASP KA 38 21.16 -134.33 30.51
N GLY KA 39 20.29 -134.35 31.52
CA GLY KA 39 19.00 -134.99 31.38
C GLY KA 39 18.03 -134.27 30.46
N TRP KA 40 18.39 -133.06 30.03
CA TRP KA 40 17.58 -132.33 29.07
C TRP KA 40 17.78 -132.91 27.67
N GLU KA 41 17.08 -132.34 26.70
CA GLU KA 41 17.25 -132.74 25.31
C GLU KA 41 18.22 -131.80 24.61
N VAL KA 42 18.75 -132.28 23.48
CA VAL KA 42 19.80 -131.55 22.78
C VAL KA 42 19.27 -130.22 22.23
N SER KA 43 18.00 -130.19 21.83
CA SER KA 43 17.42 -129.00 21.22
C SER KA 43 17.23 -127.86 22.22
N ASP KA 44 17.36 -128.12 23.52
CA ASP KA 44 17.03 -127.14 24.54
C ASP KA 44 18.23 -126.61 25.31
N GLN KA 45 19.27 -127.42 25.50
CA GLN KA 45 20.34 -127.05 26.43
C GLN KA 45 20.99 -125.74 26.02
N LYS KA 46 21.31 -125.58 24.73
CA LYS KA 46 21.87 -124.31 24.28
C LYS KA 46 20.84 -123.19 24.29
N PRO KA 47 19.67 -123.34 23.66
CA PRO KA 47 18.70 -122.22 23.68
C PRO KA 47 18.22 -121.84 25.08
N ALA KA 48 18.06 -122.80 25.98
CA ALA KA 48 17.55 -122.46 27.31
C ALA KA 48 18.51 -121.58 28.07
N VAL KA 49 19.80 -121.96 28.11
CA VAL KA 49 20.79 -121.16 28.79
C VAL KA 49 20.99 -119.83 28.08
N LEU KA 50 20.97 -119.85 26.74
CA LEU KA 50 21.09 -118.62 25.99
C LEU KA 50 19.97 -117.64 26.33
N ALA KA 51 18.76 -118.15 26.56
CA ALA KA 51 17.65 -117.30 26.94
C ALA KA 51 17.75 -116.82 28.38
N LEU KA 52 18.13 -117.71 29.29
CA LEU KA 52 18.17 -117.33 30.70
C LEU KA 52 19.27 -116.30 30.94
N ALA KA 53 20.38 -116.39 30.21
CA ALA KA 53 21.43 -115.39 30.36
C ALA KA 53 20.92 -114.01 29.98
N ALA KA 54 20.18 -113.92 28.87
CA ALA KA 54 19.61 -112.65 28.47
C ALA KA 54 18.54 -112.18 29.45
N HIS KA 55 17.79 -113.12 30.04
CA HIS KA 55 16.85 -112.73 31.09
C HIS KA 55 17.56 -112.07 32.25
N MET KA 56 18.67 -112.66 32.70
CA MET KA 56 19.44 -112.08 33.79
C MET KA 56 20.02 -110.72 33.40
N LEU KA 57 20.52 -110.61 32.17
CA LEU KA 57 21.07 -109.34 31.69
C LEU KA 57 20.01 -108.25 31.69
N SER KA 58 18.87 -108.52 31.05
CA SER KA 58 17.81 -107.53 30.91
C SER KA 58 17.06 -107.29 32.21
N ARG KA 59 17.21 -108.18 33.19
CA ARG KA 59 16.67 -107.89 34.52
C ARG KA 59 17.33 -106.65 35.10
N GLU KA 60 18.64 -106.53 34.92
CA GLU KA 60 19.35 -105.29 35.19
C GLU KA 60 19.13 -104.34 34.01
N GLY KA 61 19.76 -103.17 34.04
CA GLY KA 61 19.45 -102.16 33.05
C GLY KA 61 19.74 -102.61 31.62
N TYR KA 62 20.93 -103.13 31.40
CA TYR KA 62 21.41 -103.54 30.08
C TYR KA 62 22.69 -104.32 30.33
N PRO KA 63 23.41 -104.89 29.30
CA PRO KA 63 24.28 -106.05 29.58
C PRO KA 63 25.11 -105.90 30.84
N GLY KA 64 25.89 -104.82 30.92
CA GLY KA 64 26.47 -104.48 32.21
C GLY KA 64 25.75 -103.32 32.87
N ARG KA 65 24.78 -103.63 33.73
CA ARG KA 65 24.26 -102.74 34.76
C ARG KA 65 23.54 -101.49 34.23
N ALA KA 66 23.63 -101.23 32.93
CA ALA KA 66 23.03 -100.01 32.37
C ALA KA 66 23.27 -99.99 30.87
N THR KA 67 22.56 -99.10 30.20
CA THR KA 67 22.77 -98.81 28.79
C THR KA 67 23.82 -97.72 28.66
N ASN KA 68 23.98 -97.15 27.46
CA ASN KA 68 24.93 -96.06 27.29
C ASN KA 68 24.63 -94.87 28.21
N PRO KA 69 23.42 -94.32 28.26
CA PRO KA 69 23.10 -93.37 29.34
C PRO KA 69 23.03 -94.10 30.67
N ASN KA 70 23.43 -93.40 31.72
CA ASN KA 70 23.46 -94.00 33.06
C ASN KA 70 22.19 -93.61 33.82
N SER KA 71 21.11 -94.32 33.48
CA SER KA 71 19.83 -94.19 34.17
C SER KA 71 19.30 -95.61 34.41
N PHE KA 72 19.74 -96.22 35.51
CA PHE KA 72 19.37 -97.58 35.86
C PHE KA 72 18.71 -97.59 37.23
N ASP KA 73 17.75 -98.48 37.42
CA ASP KA 73 17.01 -98.57 38.66
C ASP KA 73 17.20 -99.95 39.27
N PRO KA 74 17.89 -100.07 40.41
CA PRO KA 74 18.05 -101.40 41.03
C PRO KA 74 16.74 -102.04 41.43
N THR KA 75 15.68 -101.26 41.60
CA THR KA 75 14.33 -101.78 41.74
C THR KA 75 13.59 -101.53 40.44
N ASN KA 76 13.17 -102.61 39.78
CA ASN KA 76 12.52 -102.49 38.48
C ASN KA 76 11.11 -101.95 38.70
N ARG KA 77 11.00 -100.63 38.68
CA ARG KA 77 9.72 -99.97 38.89
C ARG KA 77 9.05 -99.72 37.55
N PRO KA 78 7.88 -100.28 37.29
CA PRO KA 78 7.24 -100.09 35.99
C PRO KA 78 6.67 -98.69 35.85
N ILE KA 79 6.64 -98.21 34.61
CA ILE KA 79 6.12 -96.88 34.30
C ILE KA 79 4.70 -97.07 33.78
N LEU KA 80 3.74 -96.48 34.49
CA LEU KA 80 2.35 -96.69 34.09
C LEU KA 80 1.90 -95.67 33.05
N SER KA 81 2.35 -94.43 33.17
CA SER KA 81 1.88 -93.38 32.28
C SER KA 81 2.86 -92.23 32.29
N ARG KA 82 2.66 -91.31 31.35
CA ARG KA 82 3.49 -90.11 31.28
C ARG KA 82 2.83 -89.09 30.36
N LYS KA 83 3.41 -87.89 30.35
CA LYS KA 83 2.87 -86.76 29.61
C LYS KA 83 4.03 -85.81 29.33
N VAL KA 84 4.08 -85.27 28.11
CA VAL KA 84 5.22 -84.45 27.70
C VAL KA 84 4.83 -83.03 27.31
N GLY KA 85 3.56 -82.67 27.39
CA GLY KA 85 3.23 -81.25 27.35
C GLY KA 85 3.74 -80.53 28.58
N ASP KA 86 3.66 -81.17 29.73
CA ASP KA 86 4.24 -80.71 30.98
C ASP KA 86 4.73 -81.97 31.68
N VAL KA 87 6.05 -82.15 31.74
CA VAL KA 87 6.61 -83.47 31.98
C VAL KA 87 6.07 -84.06 33.27
N SER KA 88 5.57 -85.29 33.19
CA SER KA 88 5.02 -86.01 34.31
C SER KA 88 5.17 -87.50 34.06
N THR KA 89 5.41 -88.27 35.12
CA THR KA 89 5.43 -89.71 35.05
C THR KA 89 4.80 -90.27 36.31
N THR KA 90 4.27 -91.49 36.20
CA THR KA 90 3.81 -92.23 37.36
C THR KA 90 4.39 -93.63 37.30
N PHE KA 91 4.86 -94.12 38.44
CA PHE KA 91 5.46 -95.45 38.53
C PHE KA 91 4.55 -96.37 39.32
N GLY KA 92 4.92 -97.63 39.36
CA GLY KA 92 4.26 -98.60 40.19
C GLY KA 92 4.96 -98.74 41.53
N ARG KA 93 4.48 -99.67 42.33
CA ARG KA 93 5.05 -99.96 43.63
C ARG KA 93 5.57 -101.39 43.63
N THR KA 94 6.84 -101.55 43.95
CA THR KA 94 7.48 -102.86 43.97
C THR KA 94 8.24 -103.00 45.29
N ASP KA 95 7.63 -103.65 46.27
CA ASP KA 95 8.24 -103.82 47.58
C ASP KA 95 8.57 -105.26 47.90
N GLY KA 96 7.58 -106.16 47.92
CA GLY KA 96 7.87 -107.57 47.94
C GLY KA 96 7.42 -108.24 46.65
N GLY KA 97 6.27 -107.78 46.15
CA GLY KA 97 5.70 -108.24 44.91
C GLY KA 97 4.89 -107.10 44.35
N ALA KA 98 5.01 -106.82 43.04
CA ALA KA 98 4.41 -105.62 42.50
C ALA KA 98 2.92 -105.81 42.21
N ALA KA 99 2.60 -106.70 41.27
CA ALA KA 99 1.21 -106.94 40.88
C ALA KA 99 1.13 -108.32 40.26
N GLU KA 100 0.36 -109.20 40.89
CA GLU KA 100 0.29 -110.62 40.50
C GLU KA 100 1.68 -111.21 40.35
N GLY KA 101 2.57 -110.84 41.28
CA GLY KA 101 3.95 -111.29 41.26
C GLY KA 101 4.36 -111.93 42.58
N GLY KA 102 5.49 -112.63 42.53
CA GLY KA 102 5.97 -113.34 43.70
C GLY KA 102 6.77 -112.46 44.64
N ALA KA 103 6.86 -112.92 45.89
CA ALA KA 103 7.61 -112.21 46.91
C ALA KA 103 8.48 -113.11 47.77
N ASN KA 104 8.49 -114.42 47.51
CA ASN KA 104 9.34 -115.36 48.23
C ASN KA 104 10.13 -116.28 47.32
N SER KA 105 9.86 -116.29 46.03
CA SER KA 105 10.56 -117.09 45.03
C SER KA 105 11.24 -116.15 44.05
N TYR KA 106 11.78 -116.72 42.97
CA TYR KA 106 12.27 -115.93 41.86
C TYR KA 106 11.21 -115.90 40.78
N ASN KA 107 10.82 -114.70 40.37
CA ASN KA 107 9.74 -114.51 39.39
C ASN KA 107 10.35 -114.61 37.99
N TYR KA 108 10.26 -115.78 37.39
CA TYR KA 108 10.79 -116.00 36.05
C TYR KA 108 9.92 -115.38 34.96
N SER KA 109 8.70 -114.97 35.29
CA SER KA 109 7.72 -114.55 34.30
C SER KA 109 7.65 -113.03 34.17
N SER KA 110 8.78 -112.34 34.25
CA SER KA 110 8.77 -110.89 34.09
C SER KA 110 8.98 -110.48 32.64
N THR KA 111 10.05 -110.92 32.02
CA THR KA 111 10.33 -110.61 30.62
C THR KA 111 10.08 -111.82 29.75
N VAL KA 112 10.16 -111.62 28.43
CA VAL KA 112 9.94 -112.71 27.49
C VAL KA 112 10.99 -113.80 27.66
N TYR KA 113 12.23 -113.40 27.93
CA TYR KA 113 13.33 -114.36 28.01
C TYR KA 113 13.13 -115.36 29.14
N GLY KA 114 12.77 -114.86 30.32
CA GLY KA 114 12.48 -115.75 31.43
C GLY KA 114 11.29 -116.65 31.15
N GLN KA 115 10.33 -116.15 30.37
CA GLN KA 115 9.18 -116.98 30.00
C GLN KA 115 9.60 -118.12 29.08
N THR KA 116 10.50 -117.86 28.13
CA THR KA 116 11.04 -118.95 27.31
C THR KA 116 11.76 -119.96 28.18
N PHE KA 117 12.57 -119.49 29.12
CA PHE KA 117 13.27 -120.42 30.00
C PHE KA 117 12.29 -121.25 30.81
N LEU KA 118 11.23 -120.62 31.30
CA LEU KA 118 10.23 -121.31 32.11
C LEU KA 118 9.50 -122.38 31.29
N ARG KA 119 9.13 -122.04 30.05
CA ARG KA 119 8.40 -123.00 29.23
C ARG KA 119 9.29 -124.17 28.83
N LEU KA 120 10.60 -123.95 28.71
CA LEU KA 120 11.49 -125.09 28.49
C LEU KA 120 11.66 -125.92 29.76
N LEU KA 121 11.84 -125.26 30.90
CA LEU KA 121 12.06 -125.95 32.16
C LEU KA 121 10.88 -126.85 32.52
N ARG KA 122 9.66 -126.37 32.28
CA ARG KA 122 8.50 -127.22 32.56
C ARG KA 122 8.50 -128.45 31.68
N LEU KA 123 8.86 -128.32 30.40
CA LEU KA 123 8.84 -129.46 29.51
C LEU KA 123 9.89 -130.49 29.89
N ASN KA 124 11.11 -130.05 30.18
CA ASN KA 124 12.22 -130.99 30.33
C ASN KA 124 12.41 -131.52 31.75
N ALA KA 125 11.79 -130.90 32.76
CA ALA KA 125 12.09 -131.22 34.15
C ALA KA 125 10.83 -131.44 34.96
N PRO KA 126 10.20 -132.61 34.84
CA PRO KA 126 9.15 -132.97 35.80
C PRO KA 126 9.72 -133.05 37.20
N ALA KA 127 8.92 -132.61 38.18
CA ALA KA 127 9.36 -132.52 39.57
C ALA KA 127 8.61 -133.57 40.38
N VAL KA 128 9.33 -134.59 40.84
CA VAL KA 128 8.76 -135.63 41.69
C VAL KA 128 9.92 -136.34 42.37
N GLY KA 129 9.73 -136.66 43.65
CA GLY KA 129 10.80 -137.24 44.44
C GLY KA 129 10.28 -138.41 45.26
N LEU KA 130 11.22 -139.10 45.91
CA LEU KA 130 10.87 -140.27 46.70
C LEU KA 130 11.36 -140.14 48.14
N VAL KA 131 12.55 -139.55 48.32
CA VAL KA 131 13.13 -139.40 49.65
C VAL KA 131 12.29 -138.49 50.51
N ASN LA 2 6.68 -135.78 12.61
CA ASN LA 2 7.01 -134.57 11.86
C ASN LA 2 8.23 -134.78 10.98
N PRO LA 3 8.03 -135.44 9.83
CA PRO LA 3 9.18 -135.72 8.95
C PRO LA 3 9.86 -134.46 8.43
N ILE LA 4 9.10 -133.41 8.18
CA ILE LA 4 9.60 -132.21 7.50
C ILE LA 4 9.37 -131.00 8.40
N PRO LA 5 10.42 -130.38 8.94
CA PRO LA 5 10.24 -129.08 9.61
C PRO LA 5 9.78 -128.04 8.61
N ALA LA 6 8.53 -127.59 8.74
CA ALA LA 6 7.99 -126.55 7.87
C ALA LA 6 8.83 -125.30 7.95
N ALA LA 7 9.46 -124.91 6.84
CA ALA LA 7 10.43 -123.81 6.84
C ALA LA 7 10.19 -122.92 5.64
N SER LA 8 10.36 -121.61 5.85
CA SER LA 8 10.21 -120.59 4.82
C SER LA 8 8.82 -120.60 4.18
N ASP LA 9 7.85 -121.23 4.84
CA ASP LA 9 6.49 -121.30 4.33
C ASP LA 9 5.52 -120.38 5.04
N LEU LA 10 5.79 -120.03 6.31
CA LEU LA 10 4.91 -119.12 7.01
C LEU LA 10 4.90 -117.74 6.40
N LYS LA 11 5.95 -117.35 5.67
CA LYS LA 11 5.90 -116.11 4.93
C LYS LA 11 4.79 -116.14 3.88
N THR LA 12 4.45 -117.32 3.38
CA THR LA 12 3.32 -117.47 2.48
C THR LA 12 2.01 -117.63 3.25
N ARG LA 13 2.07 -118.33 4.39
CA ARG LA 13 0.87 -118.52 5.20
C ARG LA 13 0.48 -117.26 5.94
N TYR LA 14 1.45 -116.56 6.52
CA TYR LA 14 1.22 -115.35 7.32
C TYR LA 14 1.96 -114.21 6.63
N PRO LA 15 1.30 -113.52 5.70
CA PRO LA 15 2.03 -112.58 4.84
C PRO LA 15 2.75 -111.46 5.58
N GLU LA 16 2.30 -111.09 6.78
CA GLU LA 16 2.89 -109.95 7.46
C GLU LA 16 4.36 -110.15 7.79
N PHE LA 17 4.85 -111.39 7.79
CA PHE LA 17 6.24 -111.67 8.13
C PHE LA 17 7.03 -111.89 6.84
N THR LA 18 7.72 -110.84 6.40
CA THR LA 18 8.57 -110.93 5.22
C THR LA 18 9.91 -110.22 5.42
N GLY LA 19 10.31 -109.97 6.66
CA GLY LA 19 11.53 -109.24 6.93
C GLY LA 19 12.79 -110.07 6.83
N VAL LA 20 12.92 -111.09 7.68
CA VAL LA 20 14.13 -111.90 7.75
C VAL LA 20 13.73 -113.37 7.72
N SER LA 21 14.65 -114.21 7.22
CA SER LA 21 14.38 -115.63 7.06
C SER LA 21 15.36 -116.55 7.80
N ASP LA 22 16.57 -116.08 8.12
CA ASP LA 22 17.48 -116.92 8.88
C ASP LA 22 17.03 -117.05 10.33
N ALA LA 23 16.58 -115.94 10.93
CA ALA LA 23 16.06 -115.99 12.29
C ALA LA 23 14.79 -116.82 12.40
N VAL LA 24 14.08 -117.04 11.29
CA VAL LA 24 12.82 -117.77 11.32
C VAL LA 24 13.09 -119.27 11.18
N VAL LA 25 13.67 -119.66 10.05
CA VAL LA 25 13.80 -121.08 9.73
C VAL LA 25 14.71 -121.79 10.73
N ASN LA 26 15.89 -121.24 10.95
CA ASN LA 26 16.90 -121.97 11.72
C ASN LA 26 16.82 -121.68 13.21
N ALA LA 27 16.57 -120.43 13.58
CA ALA LA 27 16.61 -120.05 14.98
C ALA LA 27 15.33 -120.39 15.74
N ILE LA 28 14.17 -120.35 15.08
CA ILE LA 28 12.88 -120.46 15.75
C ILE LA 28 12.16 -121.76 15.40
N ILE LA 29 12.07 -122.08 14.11
CA ILE LA 29 11.36 -123.29 13.70
C ILE LA 29 11.96 -124.50 14.40
N ALA LA 30 13.27 -124.52 14.58
CA ALA LA 30 13.92 -125.61 15.31
C ALA LA 30 13.43 -125.69 16.75
N GLU LA 31 12.89 -124.61 17.29
CA GLU LA 31 12.41 -124.60 18.66
C GLU LA 31 10.95 -125.02 18.78
N VAL LA 32 10.26 -125.24 17.67
CA VAL LA 32 8.84 -125.55 17.67
C VAL LA 32 8.58 -126.98 17.21
N ASN LA 33 9.35 -127.46 16.24
CA ASN LA 33 9.09 -128.75 15.62
C ASN LA 33 9.24 -129.91 16.59
N GLY LA 34 9.61 -129.63 17.83
CA GLY LA 34 9.64 -130.67 18.83
C GLY LA 34 8.30 -130.95 19.48
N MET LA 35 7.47 -129.91 19.63
CA MET LA 35 6.18 -130.07 20.28
C MET LA 35 5.24 -130.94 19.46
N VAL LA 36 5.32 -130.85 18.14
CA VAL LA 36 4.45 -131.65 17.27
C VAL LA 36 4.90 -133.11 17.31
N ASP LA 37 3.91 -134.01 17.32
CA ASP LA 37 4.18 -135.44 17.37
C ASP LA 37 3.38 -136.13 16.28
N ASP LA 38 3.87 -137.30 15.85
CA ASP LA 38 3.17 -138.06 14.83
C ASP LA 38 1.83 -138.59 15.31
N GLY LA 39 1.57 -138.53 16.62
CA GLY LA 39 0.25 -138.87 17.15
C GLY LA 39 -0.83 -137.90 16.79
N TRP LA 40 -0.48 -136.77 16.16
CA TRP LA 40 -1.45 -135.79 15.72
C TRP LA 40 -2.14 -136.25 14.43
N GLU LA 41 -2.89 -135.34 13.83
CA GLU LA 41 -3.49 -135.57 12.52
C GLU LA 41 -2.70 -134.84 11.44
N VAL LA 42 -2.77 -135.39 10.22
CA VAL LA 42 -2.01 -134.85 9.11
C VAL LA 42 -2.39 -133.40 8.83
N SER LA 43 -3.67 -133.05 9.03
CA SER LA 43 -4.14 -131.71 8.75
C SER LA 43 -3.65 -130.68 9.76
N ASP LA 44 -3.01 -131.10 10.85
CA ASP LA 44 -2.65 -130.20 11.93
C ASP LA 44 -1.16 -130.02 12.12
N GLN LA 45 -0.34 -131.00 11.75
CA GLN LA 45 1.08 -130.94 12.09
C GLN LA 45 1.77 -129.77 11.39
N LYS LA 46 1.38 -129.46 10.16
CA LYS LA 46 1.94 -128.32 9.46
C LYS LA 46 1.33 -127.01 9.96
N PRO LA 47 0.00 -126.85 9.96
CA PRO LA 47 -0.57 -125.58 10.43
C PRO LA 47 -0.25 -125.24 11.88
N ALA LA 48 -0.20 -126.23 12.77
CA ALA LA 48 0.01 -125.92 14.18
C ALA LA 48 1.40 -125.36 14.42
N VAL LA 49 2.43 -125.99 13.84
CA VAL LA 49 3.78 -125.48 14.00
C VAL LA 49 3.93 -124.16 13.26
N LEU LA 50 3.30 -124.03 12.10
CA LEU LA 50 3.34 -122.77 11.37
C LEU LA 50 2.74 -121.64 12.21
N ALA LA 51 1.70 -121.94 13.00
CA ALA LA 51 1.10 -120.95 13.88
C ALA LA 51 1.97 -120.67 15.09
N LEU LA 52 2.54 -121.70 15.70
CA LEU LA 52 3.29 -121.52 16.93
C LEU LA 52 4.58 -120.76 16.67
N ALA LA 53 5.22 -120.99 15.52
CA ALA LA 53 6.40 -120.21 15.17
C ALA LA 53 6.06 -118.74 15.08
N ALA LA 54 4.92 -118.40 14.47
CA ALA LA 54 4.53 -117.00 14.37
C ALA LA 54 4.16 -116.42 15.73
N HIS LA 55 3.55 -117.22 16.60
CA HIS LA 55 3.28 -116.75 17.95
C HIS LA 55 4.57 -116.41 18.67
N MET LA 56 5.58 -117.28 18.53
CA MET LA 56 6.88 -117.01 19.14
C MET LA 56 7.52 -115.76 18.54
N LEU LA 57 7.39 -115.58 17.22
CA LEU LA 57 7.95 -114.39 16.57
C LEU LA 57 7.28 -113.12 17.10
N SER LA 58 5.95 -113.09 17.05
CA SER LA 58 5.21 -111.91 17.47
C SER LA 58 5.28 -111.69 18.97
N ARG LA 59 5.73 -112.69 19.73
CA ARG LA 59 6.00 -112.47 21.15
C ARG LA 59 7.07 -111.41 21.33
N GLU LA 60 8.12 -111.46 20.53
CA GLU LA 60 9.08 -110.38 20.46
C GLU LA 60 8.49 -109.26 19.62
N GLY LA 61 9.29 -108.25 19.27
CA GLY LA 61 8.76 -107.12 18.54
C GLY LA 61 8.23 -107.50 17.18
N TYR LA 62 9.01 -108.25 16.42
CA TYR LA 62 8.72 -108.61 15.03
C TYR LA 62 9.72 -109.72 14.69
N PRO LA 63 9.72 -110.33 13.46
CA PRO LA 63 10.39 -111.65 13.31
C PRO LA 63 11.75 -111.75 13.99
N GLY LA 64 12.66 -110.83 13.70
CA GLY LA 64 13.83 -110.75 14.53
C GLY LA 64 13.79 -109.56 15.47
N ARG LA 65 13.32 -109.80 16.69
CA ARG LA 65 13.53 -108.95 17.86
C ARG LA 65 12.91 -107.56 17.74
N ALA LA 66 12.45 -107.17 16.55
CA ALA LA 66 12.04 -105.80 16.32
C ALA LA 66 11.53 -105.66 14.89
N THR LA 67 10.80 -104.58 14.66
CA THR LA 67 10.46 -104.15 13.31
C THR LA 67 11.57 -103.25 12.78
N ASN LA 68 11.32 -102.57 11.67
CA ASN LA 68 12.32 -101.67 11.12
C ASN LA 68 12.71 -100.56 12.08
N PRO LA 69 11.78 -99.87 12.75
CA PRO LA 69 12.19 -99.02 13.87
C PRO LA 69 12.71 -99.87 15.02
N ASN LA 70 13.67 -99.34 15.76
CA ASN LA 70 14.26 -100.05 16.89
C ASN LA 70 13.61 -99.60 18.19
N SER LA 71 12.31 -99.90 18.30
CA SER LA 71 11.52 -99.59 19.49
C SER LA 71 10.87 -100.90 19.94
N PHE LA 72 11.61 -101.68 20.72
CA PHE LA 72 11.16 -102.98 21.19
C PHE LA 72 11.22 -103.03 22.71
N ASP LA 73 10.23 -103.68 23.30
CA ASP LA 73 10.12 -103.78 24.75
C ASP LA 73 10.22 -105.24 25.16
N PRO LA 74 11.25 -105.65 25.90
CA PRO LA 74 11.33 -107.05 26.33
C PRO LA 74 10.17 -107.47 27.22
N THR LA 75 9.46 -106.52 27.80
CA THR LA 75 8.24 -106.78 28.55
C THR LA 75 7.06 -106.27 27.72
N ASN LA 76 6.14 -107.16 27.38
CA ASN LA 76 5.05 -106.84 26.47
C ASN LA 76 4.01 -105.99 27.20
N ARG LA 77 4.33 -104.71 27.36
CA ARG LA 77 3.49 -103.81 28.11
C ARG LA 77 2.36 -103.29 27.23
N PRO LA 78 1.10 -103.59 27.54
CA PRO LA 78 0.00 -103.10 26.71
C PRO LA 78 -0.16 -101.59 26.85
N ILE LA 79 -0.72 -100.99 25.80
CA ILE LA 79 -0.99 -99.55 25.76
C ILE LA 79 -2.48 -99.37 26.02
N LEU LA 80 -2.82 -98.80 27.18
CA LEU LA 80 -4.23 -98.67 27.51
C LEU LA 80 -4.86 -97.45 26.87
N SER LA 81 -4.15 -96.32 26.85
CA SER LA 81 -4.71 -95.10 26.29
C SER LA 81 -3.59 -94.28 25.66
N ARG LA 82 -3.99 -93.25 24.92
CA ARG LA 82 -3.04 -92.35 24.30
C ARG LA 82 -3.76 -91.06 23.93
N LYS LA 83 -2.98 -90.01 23.72
CA LYS LA 83 -3.51 -88.72 23.32
C LYS LA 83 -2.42 -87.99 22.57
N VAL LA 84 -2.78 -87.32 21.47
CA VAL LA 84 -1.79 -86.73 20.58
C VAL LA 84 -2.01 -85.26 20.34
N GLY LA 85 -3.06 -84.66 20.90
CA GLY LA 85 -3.14 -83.21 20.92
C GLY LA 85 -2.12 -82.61 21.86
N ASP LA 86 -1.70 -83.38 22.86
CA ASP LA 86 -0.53 -83.08 23.67
C ASP LA 86 -0.01 -84.42 24.18
N VAL LA 87 1.09 -84.88 23.57
CA VAL LA 87 1.42 -86.30 23.55
C VAL LA 87 1.40 -86.89 24.96
N SER LA 88 0.67 -87.98 25.12
CA SER LA 88 0.60 -88.70 26.39
C SER LA 88 0.22 -90.15 26.10
N THR LA 89 0.73 -91.06 26.92
CA THR LA 89 0.37 -92.47 26.85
C THR LA 89 0.23 -93.01 28.27
N THR LA 90 -0.51 -94.11 28.39
CA THR LA 90 -0.55 -94.89 29.62
C THR LA 90 -0.40 -96.36 29.27
N PHE LA 91 0.35 -97.08 30.09
CA PHE LA 91 0.66 -98.48 29.83
C PHE LA 91 0.08 -99.35 30.93
N GLY LA 92 0.21 -100.66 30.74
CA GLY LA 92 -0.23 -101.64 31.71
C GLY LA 92 0.92 -102.07 32.61
N ARG LA 93 0.57 -102.87 33.60
CA ARG LA 93 1.52 -103.36 34.58
C ARG LA 93 1.66 -104.87 34.43
N THR LA 94 2.84 -105.32 34.00
CA THR LA 94 3.11 -106.74 33.77
C THR LA 94 4.35 -107.11 34.57
N ASP LA 95 4.15 -107.78 35.71
CA ASP LA 95 5.25 -108.23 36.55
C ASP LA 95 5.36 -109.73 36.64
N GLY LA 96 4.33 -110.41 37.16
CA GLY LA 96 4.25 -111.85 37.04
C GLY LA 96 3.11 -112.28 36.14
N GLY LA 97 2.00 -111.56 36.24
CA GLY LA 97 0.83 -111.78 35.43
C GLY LA 97 0.10 -110.46 35.31
N ALA LA 98 -0.34 -110.10 34.10
CA ALA LA 98 -0.85 -108.76 33.90
C ALA LA 98 -2.31 -108.62 34.31
N ALA LA 99 -3.21 -109.35 33.64
CA ALA LA 99 -4.64 -109.25 33.92
C ALA LA 99 -5.32 -110.49 33.39
N GLU LA 100 -5.92 -111.26 34.28
CA GLU LA 100 -6.50 -112.56 33.95
C GLU LA 100 -5.49 -113.42 33.18
N GLY LA 101 -4.22 -113.33 33.59
CA GLY LA 101 -3.15 -114.00 32.92
C GLY LA 101 -2.30 -114.81 33.90
N GLY LA 102 -1.40 -115.62 33.33
CA GLY LA 102 -0.63 -116.54 34.13
C GLY LA 102 0.57 -115.92 34.79
N ALA LA 103 1.09 -116.63 35.79
CA ALA LA 103 2.31 -116.23 36.48
C ALA LA 103 3.28 -117.38 36.71
N ASN LA 104 2.90 -118.62 36.41
CA ASN LA 104 3.78 -119.77 36.59
C ASN LA 104 3.80 -120.72 35.40
N SER LA 105 2.86 -120.62 34.47
CA SER LA 105 2.85 -121.39 33.23
C SER LA 105 3.21 -120.45 32.08
N TYR LA 106 3.15 -120.98 30.86
CA TYR LA 106 3.30 -120.17 29.67
C TYR LA 106 1.91 -119.88 29.12
N ASN LA 107 1.62 -118.59 28.91
CA ASN LA 107 0.30 -118.15 28.48
C ASN LA 107 0.25 -118.24 26.96
N TYR LA 108 -0.51 -119.20 26.45
CA TYR LA 108 -0.69 -119.33 25.02
C TYR LA 108 -1.80 -118.44 24.48
N SER LA 109 -2.56 -117.77 25.35
CA SER LA 109 -3.73 -117.01 24.92
C SER LA 109 -3.43 -115.51 24.78
N SER LA 110 -2.18 -115.15 24.50
CA SER LA 110 -1.85 -113.74 24.35
C SER LA 110 -2.29 -113.21 22.99
N THR LA 111 -1.78 -113.77 21.91
CA THR LA 111 -2.14 -113.36 20.56
C THR LA 111 -3.02 -114.42 19.91
N VAL LA 112 -3.48 -114.11 18.70
CA VAL LA 112 -4.38 -115.02 17.99
C VAL LA 112 -3.64 -116.30 17.57
N TYR LA 113 -2.36 -116.15 17.17
CA TYR LA 113 -1.59 -117.32 16.77
C TYR LA 113 -1.49 -118.32 17.92
N GLY LA 114 -1.25 -117.82 19.14
CA GLY LA 114 -1.22 -118.69 20.29
C GLY LA 114 -2.56 -119.37 20.54
N GLN LA 115 -3.66 -118.67 20.30
CA GLN LA 115 -4.98 -119.27 20.49
C GLN LA 115 -5.23 -120.37 19.45
N THR LA 116 -4.75 -120.17 18.22
CA THR LA 116 -4.88 -121.21 17.21
C THR LA 116 -4.07 -122.44 17.58
N PHE LA 117 -2.84 -122.23 18.05
CA PHE LA 117 -2.04 -123.37 18.52
C PHE LA 117 -2.73 -124.07 19.68
N LEU LA 118 -3.31 -123.30 20.61
CA LEU LA 118 -3.99 -123.89 21.75
C LEU LA 118 -5.19 -124.72 21.33
N ARG LA 119 -6.00 -124.20 20.39
CA ARG LA 119 -7.18 -124.92 19.96
C ARG LA 119 -6.82 -126.20 19.24
N LEU LA 120 -5.73 -126.21 18.47
CA LEU LA 120 -5.30 -127.48 17.89
C LEU LA 120 -4.76 -128.44 18.94
N LEU LA 121 -3.99 -127.91 19.90
CA LEU LA 121 -3.35 -128.76 20.91
C LEU LA 121 -4.40 -129.47 21.75
N ARG LA 122 -5.43 -128.75 22.21
CA ARG LA 122 -6.45 -129.41 23.00
C ARG LA 122 -7.17 -130.48 22.20
N LEU LA 123 -7.33 -130.26 20.89
CA LEU LA 123 -8.04 -131.23 20.06
C LEU LA 123 -7.23 -132.52 19.92
N ASN LA 124 -5.95 -132.42 19.59
CA ASN LA 124 -5.19 -133.61 19.21
C ASN LA 124 -4.51 -134.33 20.37
N ALA LA 125 -4.38 -133.72 21.53
CA ALA LA 125 -3.56 -134.26 22.61
C ALA LA 125 -4.35 -134.31 23.91
N PRO LA 126 -5.23 -135.30 24.06
CA PRO LA 126 -5.89 -135.49 25.35
C PRO LA 126 -4.89 -135.82 26.45
N ALA LA 127 -5.21 -135.40 27.66
CA ALA LA 127 -4.29 -135.47 28.80
C ALA LA 127 -4.74 -136.56 29.76
N VAL LA 128 -4.04 -137.69 29.76
CA VAL LA 128 -4.24 -138.75 30.75
C VAL LA 128 -3.01 -139.64 30.74
N GLY LA 129 -2.58 -140.06 31.93
CA GLY LA 129 -1.44 -140.93 32.07
C GLY LA 129 -1.79 -142.12 32.97
N LEU LA 130 -0.78 -142.94 33.23
CA LEU LA 130 -0.99 -144.10 34.09
C LEU LA 130 0.06 -144.21 35.19
N VAL LA 131 1.28 -143.75 34.90
CA VAL LA 131 2.39 -143.91 35.85
C VAL LA 131 2.21 -142.97 37.03
N ASN MA 2 -18.94 -135.03 5.56
CA ASN MA 2 -18.78 -133.78 4.82
C ASN MA 2 -18.14 -134.07 3.46
N PRO MA 3 -18.96 -134.50 2.49
CA PRO MA 3 -18.39 -134.88 1.19
C PRO MA 3 -17.71 -133.74 0.46
N ILE MA 4 -18.28 -132.54 0.53
CA ILE MA 4 -17.81 -131.40 -0.25
C ILE MA 4 -17.31 -130.34 0.72
N PRO MA 5 -16.02 -130.01 0.74
CA PRO MA 5 -15.58 -128.83 1.46
C PRO MA 5 -16.16 -127.58 0.82
N ALA MA 6 -17.06 -126.92 1.55
CA ALA MA 6 -17.69 -125.69 1.08
C ALA MA 6 -16.64 -124.64 0.78
N ALA MA 7 -16.52 -124.23 -0.47
CA ALA MA 7 -15.47 -123.32 -0.90
C ALA MA 7 -16.05 -122.23 -1.79
N SER MA 8 -15.54 -121.01 -1.62
CA SER MA 8 -15.89 -119.85 -2.44
C SER MA 8 -17.37 -119.50 -2.36
N ASP MA 9 -18.09 -120.03 -1.39
CA ASP MA 9 -19.51 -119.75 -1.25
C ASP MA 9 -19.84 -118.82 -0.11
N LEU MA 10 -18.98 -118.73 0.91
CA LEU MA 10 -19.21 -117.76 1.97
C LEU MA 10 -19.21 -116.33 1.45
N LYS MA 11 -18.49 -116.05 0.37
CA LYS MA 11 -18.55 -114.73 -0.24
C LYS MA 11 -19.96 -114.39 -0.69
N THR MA 12 -20.73 -115.40 -1.10
CA THR MA 12 -22.15 -115.21 -1.36
C THR MA 12 -22.98 -115.25 -0.08
N ARG MA 13 -22.59 -116.13 0.85
CA ARG MA 13 -23.32 -116.23 2.12
C ARG MA 13 -23.04 -115.02 3.02
N TYR MA 14 -21.77 -114.58 3.06
CA TYR MA 14 -21.34 -113.47 3.92
C TYR MA 14 -20.79 -112.39 3.00
N PRO MA 15 -21.64 -111.46 2.54
CA PRO MA 15 -21.22 -110.53 1.48
C PRO MA 15 -20.11 -109.58 1.86
N GLU MA 16 -19.80 -109.40 3.14
CA GLU MA 16 -18.73 -108.46 3.50
C GLU MA 16 -17.35 -108.97 3.14
N PHE MA 17 -17.21 -110.25 2.82
CA PHE MA 17 -15.91 -110.84 2.45
C PHE MA 17 -15.88 -110.97 0.93
N THR MA 18 -15.14 -110.08 0.27
CA THR MA 18 -14.99 -110.14 -1.17
C THR MA 18 -13.57 -109.78 -1.61
N GLY MA 19 -12.63 -109.63 -0.69
CA GLY MA 19 -11.30 -109.17 -1.02
C GLY MA 19 -10.40 -110.22 -1.66
N VAL MA 20 -10.18 -111.34 -0.98
CA VAL MA 20 -9.27 -112.38 -1.45
C VAL MA 20 -9.96 -113.72 -1.37
N SER MA 21 -9.52 -114.67 -2.20
CA SER MA 21 -10.11 -116.00 -2.26
C SER MA 21 -9.14 -117.13 -1.97
N ASP MA 22 -7.85 -116.98 -2.28
CA ASP MA 22 -6.92 -118.08 -2.06
C ASP MA 22 -6.70 -118.33 -0.57
N ALA MA 23 -6.54 -117.26 0.21
CA ALA MA 23 -6.42 -117.40 1.66
C ALA MA 23 -7.69 -117.94 2.30
N VAL MA 24 -8.82 -117.89 1.60
CA VAL MA 24 -10.08 -118.36 2.16
C VAL MA 24 -10.23 -119.85 1.88
N VAL MA 25 -10.33 -120.21 0.60
CA VAL MA 25 -10.69 -121.58 0.22
C VAL MA 25 -9.61 -122.56 0.66
N ASN MA 26 -8.36 -122.27 0.32
CA ASN MA 26 -7.31 -123.25 0.49
C ASN MA 26 -6.64 -123.15 1.86
N ALA MA 27 -6.48 -121.95 2.38
CA ALA MA 27 -5.66 -121.75 3.58
C ALA MA 27 -6.44 -121.84 4.88
N ILE MA 28 -7.77 -121.72 4.85
CA ILE MA 28 -8.58 -121.71 6.07
C ILE MA 28 -9.67 -122.77 6.03
N ILE MA 29 -10.40 -122.87 4.91
CA ILE MA 29 -11.51 -123.81 4.83
C ILE MA 29 -11.02 -125.23 5.11
N ALA MA 30 -9.81 -125.55 4.64
CA ALA MA 30 -9.23 -126.86 4.94
C ALA MA 30 -9.01 -127.05 6.43
N GLU MA 31 -8.90 -125.98 7.20
CA GLU MA 31 -8.69 -126.07 8.64
C GLU MA 31 -9.99 -126.22 9.42
N VAL MA 32 -11.14 -126.01 8.78
CA VAL MA 32 -12.42 -126.00 9.46
C VAL MA 32 -13.23 -127.25 9.13
N ASN MA 33 -13.09 -127.77 7.92
CA ASN MA 33 -13.90 -128.89 7.46
C ASN MA 33 -13.53 -130.20 8.17
N GLY MA 34 -12.60 -130.13 9.12
CA GLY MA 34 -12.34 -131.29 9.96
C GLY MA 34 -13.29 -131.38 11.14
N MET MA 35 -13.72 -130.24 11.67
CA MET MA 35 -14.62 -130.25 12.83
C MET MA 35 -15.98 -130.83 12.48
N VAL MA 36 -16.42 -130.67 11.24
CA VAL MA 36 -17.74 -131.16 10.83
C VAL MA 36 -17.68 -132.66 10.64
N ASP MA 37 -18.74 -133.34 11.09
CA ASP MA 37 -18.82 -134.79 11.00
C ASP MA 37 -20.13 -135.18 10.35
N ASP MA 38 -20.15 -136.37 9.75
CA ASP MA 38 -21.35 -136.87 9.09
C ASP MA 38 -22.46 -137.19 10.08
N GLY MA 39 -22.15 -137.25 11.38
CA GLY MA 39 -23.18 -137.41 12.39
C GLY MA 39 -24.05 -136.20 12.59
N TRP MA 40 -23.70 -135.07 11.97
CA TRP MA 40 -24.52 -133.88 12.01
C TRP MA 40 -25.72 -134.05 11.08
N GLU MA 41 -26.56 -133.02 11.04
CA GLU MA 41 -27.69 -133.02 10.13
C GLU MA 41 -27.34 -132.24 8.85
N VAL MA 42 -28.13 -132.49 7.81
CA VAL MA 42 -27.82 -131.92 6.50
C VAL MA 42 -27.97 -130.40 6.52
N SER MA 43 -28.89 -129.88 7.33
CA SER MA 43 -29.14 -128.44 7.38
C SER MA 43 -28.03 -127.65 8.03
N ASP MA 44 -27.09 -128.31 8.69
CA ASP MA 44 -26.07 -127.63 9.48
C ASP MA 44 -24.66 -127.75 8.92
N GLN MA 45 -24.34 -128.84 8.23
CA GLN MA 45 -22.94 -129.10 7.89
C GLN MA 45 -22.35 -127.99 7.04
N LYS MA 46 -23.08 -127.53 6.03
CA LYS MA 46 -22.59 -126.43 5.21
C LYS MA 46 -22.63 -125.11 5.97
N PRO MA 47 -23.78 -124.71 6.55
CA PRO MA 47 -23.80 -123.43 7.27
C PRO MA 47 -22.83 -123.36 8.43
N ALA MA 48 -22.61 -124.46 9.17
CA ALA MA 48 -21.74 -124.39 10.33
C ALA MA 48 -20.30 -124.11 9.93
N VAL MA 49 -19.78 -124.85 8.94
CA VAL MA 49 -18.43 -124.62 8.48
C VAL MA 49 -18.32 -123.26 7.81
N LEU MA 50 -19.34 -122.87 7.06
CA LEU MA 50 -19.34 -121.55 6.44
C LEU MA 50 -19.24 -120.45 7.48
N ALA MA 51 -19.89 -120.62 8.63
CA ALA MA 51 -19.82 -119.62 9.69
C ALA MA 51 -18.48 -119.66 10.42
N LEU MA 52 -17.97 -120.86 10.70
CA LEU MA 52 -16.73 -120.95 11.47
C LEU MA 52 -15.55 -120.41 10.64
N ALA MA 53 -15.60 -120.59 9.32
CA ALA MA 53 -14.54 -120.04 8.49
C ALA MA 53 -14.51 -118.52 8.58
N ALA MA 54 -15.68 -117.89 8.54
CA ALA MA 54 -15.74 -116.44 8.69
C ALA MA 54 -15.33 -116.00 10.09
N HIS MA 55 -15.66 -116.81 11.10
CA HIS MA 55 -15.18 -116.51 12.45
C HIS MA 55 -13.67 -116.47 12.49
N MET MA 56 -13.02 -117.48 11.89
CA MET MA 56 -11.56 -117.49 11.85
C MET MA 56 -11.01 -116.31 11.06
N LEU MA 57 -11.63 -115.99 9.92
CA LEU MA 57 -11.17 -114.86 9.11
C LEU MA 57 -11.26 -113.56 9.90
N SER MA 58 -12.41 -113.28 10.49
CA SER MA 58 -12.64 -112.02 11.19
C SER MA 58 -11.94 -111.98 12.53
N ARG MA 59 -11.49 -113.12 13.05
CA ARG MA 59 -10.64 -113.09 14.23
C ARG MA 59 -9.34 -112.35 13.94
N GLU MA 60 -8.77 -112.58 12.77
CA GLU MA 60 -7.69 -111.74 12.26
C GLU MA 60 -8.31 -110.47 11.68
N GLY MA 61 -7.48 -109.60 11.11
CA GLY MA 61 -7.98 -108.28 10.72
C GLY MA 61 -9.08 -108.36 9.70
N TYR MA 62 -8.87 -109.11 8.63
CA TYR MA 62 -9.80 -109.23 7.52
C TYR MA 62 -9.28 -110.40 6.68
N PRO MA 63 -9.93 -110.82 5.53
CA PRO MA 63 -9.76 -112.21 5.07
C PRO MA 63 -8.32 -112.68 5.11
N GLY MA 64 -7.41 -111.96 4.46
CA GLY MA 64 -6.01 -112.21 4.72
C GLY MA 64 -5.40 -111.14 5.60
N ARG MA 65 -5.36 -111.42 6.90
CA ARG MA 65 -4.48 -110.76 7.87
C ARG MA 65 -4.73 -109.27 8.06
N ALA MA 66 -5.56 -108.65 7.22
CA ALA MA 66 -5.78 -107.21 7.27
C ALA MA 66 -6.79 -106.81 6.21
N THR MA 67 -7.28 -105.58 6.33
CA THR MA 67 -8.11 -104.95 5.33
C THR MA 67 -7.21 -104.24 4.32
N ASN MA 68 -7.80 -103.39 3.47
CA ASN MA 68 -6.98 -102.63 2.53
C ASN MA 68 -5.95 -101.76 3.22
N PRO MA 69 -6.30 -100.91 4.20
CA PRO MA 69 -5.24 -100.29 5.01
C PRO MA 69 -4.59 -101.32 5.91
N ASN MA 70 -3.29 -101.14 6.13
CA ASN MA 70 -2.53 -102.10 6.93
C ASN MA 70 -2.44 -101.62 8.37
N SER MA 71 -3.55 -101.79 9.08
CA SER MA 71 -3.63 -101.53 10.52
C SER MA 71 -4.30 -102.74 11.17
N PHE MA 72 -3.50 -103.76 11.49
CA PHE MA 72 -3.99 -104.99 12.09
C PHE MA 72 -3.30 -105.21 13.42
N ASP MA 73 -4.02 -105.80 14.37
CA ASP MA 73 -3.49 -106.02 15.71
C ASP MA 73 -3.52 -107.51 16.02
N PRO MA 74 -2.36 -108.16 16.13
CA PRO MA 74 -2.34 -109.60 16.46
C PRO MA 74 -2.98 -109.92 17.79
N THR MA 75 -3.07 -108.95 18.70
CA THR MA 75 -3.85 -109.08 19.92
C THR MA 75 -5.11 -108.24 19.75
N ASN MA 76 -6.27 -108.89 19.76
CA ASN MA 76 -7.53 -108.20 19.54
C ASN MA 76 -7.84 -107.36 20.77
N ARG MA 77 -7.38 -106.12 20.75
CA ARG MA 77 -7.60 -105.20 21.85
C ARG MA 77 -8.85 -104.37 21.59
N PRO MA 78 -9.88 -104.45 22.43
CA PRO MA 78 -11.09 -103.70 22.17
C PRO MA 78 -10.90 -102.22 22.45
N ILE MA 79 -11.65 -101.40 21.73
CA ILE MA 79 -11.58 -99.95 21.87
C ILE MA 79 -12.76 -99.52 22.73
N LEU MA 80 -12.48 -98.95 23.90
CA LEU MA 80 -13.57 -98.60 24.80
C LEU MA 80 -14.15 -97.22 24.48
N SER MA 81 -13.30 -96.27 24.12
CA SER MA 81 -13.78 -94.91 23.91
C SER MA 81 -12.79 -94.16 23.03
N ARG MA 82 -13.23 -93.01 22.55
CA ARG MA 82 -12.34 -92.14 21.77
C ARG MA 82 -12.95 -90.74 21.69
N LYS MA 83 -12.17 -89.83 21.13
CA LYS MA 83 -12.54 -88.42 21.06
C LYS MA 83 -11.76 -87.81 19.91
N VAL MA 84 -12.41 -86.96 19.12
CA VAL MA 84 -11.80 -86.43 17.91
C VAL MA 84 -11.72 -84.92 17.87
N GLY MA 85 -12.17 -84.23 18.92
CA GLY MA 85 -11.79 -82.83 19.04
C GLY MA 85 -10.30 -82.69 19.30
N ASP MA 86 -9.74 -83.61 20.09
CA ASP MA 86 -8.31 -83.74 20.29
C ASP MA 86 -8.06 -85.23 20.41
N VAL MA 87 -7.40 -85.81 19.41
CA VAL MA 87 -7.46 -87.26 19.19
C VAL MA 87 -7.02 -88.00 20.45
N SER MA 88 -7.85 -88.95 20.86
CA SER MA 88 -7.57 -89.79 22.02
C SER MA 88 -8.32 -91.10 21.86
N THR MA 89 -7.70 -92.19 22.33
CA THR MA 89 -8.35 -93.49 22.36
C THR MA 89 -7.95 -94.20 23.64
N THR MA 90 -8.82 -95.09 24.10
CA THR MA 90 -8.48 -96.00 25.20
C THR MA 90 -8.84 -97.41 24.78
N PHE MA 91 -7.96 -98.35 25.11
CA PHE MA 91 -8.13 -99.74 24.75
C PHE MA 91 -8.41 -100.56 26.00
N GLY MA 92 -8.70 -101.84 25.80
CA GLY MA 92 -8.83 -102.78 26.88
C GLY MA 92 -7.51 -103.49 27.14
N ARG MA 93 -7.56 -104.42 28.07
CA ARG MA 93 -6.40 -105.24 28.39
C ARG MA 93 -6.73 -106.69 28.07
N THR MA 94 -5.89 -107.32 27.25
CA THR MA 94 -6.09 -108.70 26.83
C THR MA 94 -4.77 -109.44 26.99
N ASP MA 95 -4.61 -110.14 28.11
CA ASP MA 95 -3.38 -110.87 28.39
C ASP MA 95 -3.57 -112.37 28.41
N GLY MA 96 -4.43 -112.89 29.30
CA GLY MA 96 -4.86 -114.27 29.18
C GLY MA 96 -6.34 -114.36 28.85
N GLY MA 97 -7.11 -113.46 29.42
CA GLY MA 97 -8.54 -113.35 29.20
C GLY MA 97 -8.93 -111.90 29.41
N ALA MA 98 -9.72 -111.34 28.50
CA ALA MA 98 -9.94 -109.89 28.55
C ALA MA 98 -10.97 -109.52 29.61
N ALA MA 99 -12.21 -109.97 29.42
CA ALA MA 99 -13.30 -109.62 30.35
C ALA MA 99 -14.40 -110.65 30.17
N GLU MA 100 -14.69 -111.41 31.23
CA GLU MA 100 -15.62 -112.54 31.15
C GLU MA 100 -15.27 -113.46 29.98
N GLY MA 101 -13.96 -113.67 29.79
CA GLY MA 101 -13.46 -114.47 28.70
C GLY MA 101 -12.53 -115.57 29.20
N GLY MA 102 -12.25 -116.53 28.30
CA GLY MA 102 -11.43 -117.66 28.65
C GLY MA 102 -9.95 -117.40 28.47
N ALA MA 103 -9.15 -118.21 29.17
CA ALA MA 103 -7.70 -118.10 29.10
C ALA MA 103 -7.00 -119.44 28.97
N ASN MA 104 -7.74 -120.54 28.88
CA ASN MA 104 -7.15 -121.86 28.68
C ASN MA 104 -7.82 -122.66 27.58
N SER MA 105 -8.94 -122.19 27.04
CA SER MA 105 -9.66 -122.84 25.94
C SER MA 105 -9.68 -121.86 24.76
N TYR MA 106 -10.44 -122.22 23.73
CA TYR MA 106 -10.70 -121.32 22.62
C TYR MA 106 -12.05 -120.65 22.83
N ASN MA 107 -12.06 -119.32 22.87
CA ASN MA 107 -13.27 -118.55 23.14
C ASN MA 107 -14.04 -118.40 21.84
N TYR MA 108 -15.05 -119.25 21.65
CA TYR MA 108 -15.87 -119.19 20.45
C TYR MA 108 -16.88 -118.05 20.47
N SER MA 109 -17.08 -117.40 21.61
CA SER MA 109 -18.15 -116.43 21.80
C SER MA 109 -17.66 -114.99 21.65
N SER MA 110 -16.74 -114.73 20.73
CA SER MA 110 -16.26 -113.37 20.54
C SER MA 110 -17.08 -112.61 19.49
N THR MA 111 -17.18 -113.14 18.29
CA THR MA 111 -17.96 -112.51 17.23
C THR MA 111 -19.26 -113.28 17.03
N VAL MA 112 -20.13 -112.71 16.18
CA VAL MA 112 -21.40 -113.37 15.89
C VAL MA 112 -21.17 -114.72 15.23
N TYR MA 113 -20.18 -114.80 14.35
CA TYR MA 113 -19.95 -116.03 13.57
C TYR MA 113 -19.62 -117.20 14.48
N GLY MA 114 -18.71 -117.00 15.43
CA GLY MA 114 -18.39 -118.05 16.37
C GLY MA 114 -19.59 -118.43 17.23
N GLN MA 115 -20.45 -117.46 17.51
CA GLN MA 115 -21.66 -117.76 18.28
C GLN MA 115 -22.63 -118.65 17.49
N THR MA 116 -22.76 -118.39 16.19
CA THR MA 116 -23.56 -119.29 15.35
C THR MA 116 -22.97 -120.69 15.35
N PHE MA 117 -21.65 -120.78 15.21
CA PHE MA 117 -21.01 -122.10 15.22
C PHE MA 117 -21.24 -122.80 16.55
N LEU MA 118 -21.15 -122.06 17.65
CA LEU MA 118 -21.34 -122.64 18.97
C LEU MA 118 -22.77 -123.13 19.17
N ARG MA 119 -23.75 -122.34 18.72
CA ARG MA 119 -25.14 -122.76 18.91
C ARG MA 119 -25.47 -123.97 18.04
N LEU MA 120 -24.83 -124.11 16.88
CA LEU MA 120 -25.02 -125.34 16.12
C LEU MA 120 -24.31 -126.53 16.77
N LEU MA 121 -23.09 -126.32 17.25
CA LEU MA 121 -22.32 -127.40 17.85
C LEU MA 121 -23.01 -127.97 19.07
N ARG MA 122 -23.62 -127.10 19.89
CA ARG MA 122 -24.36 -127.60 21.05
C ARG MA 122 -25.54 -128.47 20.62
N LEU MA 123 -26.25 -128.06 19.58
CA LEU MA 123 -27.41 -128.82 19.15
C LEU MA 123 -27.02 -130.18 18.60
N ASN MA 124 -26.01 -130.24 17.74
CA ASN MA 124 -25.73 -131.46 17.01
C ASN MA 124 -24.78 -132.42 17.72
N ALA MA 125 -24.08 -131.99 18.77
CA ALA MA 125 -23.00 -132.78 19.36
C ALA MA 125 -23.12 -132.84 20.87
N PRO MA 126 -24.01 -133.68 21.40
CA PRO MA 126 -23.98 -133.99 22.82
C PRO MA 126 -22.67 -134.67 23.18
N ALA MA 127 -22.14 -134.35 24.35
CA ALA MA 127 -20.82 -134.82 24.79
C ALA MA 127 -21.02 -135.79 25.95
N VAL MA 128 -20.75 -137.06 25.69
CA VAL MA 128 -20.83 -138.10 26.71
C VAL MA 128 -20.02 -139.30 26.21
N GLY MA 129 -19.27 -139.92 27.13
CA GLY MA 129 -18.39 -141.01 26.77
C GLY MA 129 -18.51 -142.15 27.76
N LEU MA 130 -17.85 -143.26 27.43
CA LEU MA 130 -17.90 -144.45 28.27
C LEU MA 130 -16.52 -144.92 28.68
N VAL MA 131 -15.54 -144.76 27.78
CA VAL MA 131 -14.18 -145.20 28.06
C VAL MA 131 -13.57 -144.41 29.20
N ASN NA 2 -44.01 -129.12 11.30
CA ASN NA 2 -43.93 -127.88 10.55
C ASN NA 2 -44.05 -128.14 9.05
N PRO NA 3 -45.29 -128.35 8.59
CA PRO NA 3 -45.48 -128.66 7.16
C PRO NA 3 -45.04 -127.54 6.22
N ILE NA 4 -45.16 -126.29 6.64
CA ILE NA 4 -44.95 -125.14 5.78
C ILE NA 4 -43.86 -124.26 6.40
N PRO NA 5 -42.69 -124.14 5.79
CA PRO NA 5 -41.71 -123.14 6.25
C PRO NA 5 -42.22 -121.75 5.95
N ALA NA 6 -42.62 -121.03 7.00
CA ALA NA 6 -43.11 -119.66 6.87
C ALA NA 6 -42.12 -118.78 6.13
N ALA NA 7 -42.50 -118.30 4.95
CA ALA NA 7 -41.59 -117.60 4.07
C ALA NA 7 -42.23 -116.33 3.54
N SER NA 8 -41.42 -115.27 3.45
CA SER NA 8 -41.83 -113.97 2.90
C SER NA 8 -42.99 -113.35 3.66
N ASP NA 9 -43.29 -113.85 4.86
CA ASP NA 9 -44.38 -113.34 5.66
C ASP NA 9 -43.94 -112.43 6.79
N LEU NA 10 -42.71 -112.58 7.28
CA LEU NA 10 -42.24 -111.71 8.36
C LEU NA 10 -42.13 -110.26 7.93
N LYS NA 11 -41.97 -110.01 6.63
CA LYS NA 11 -42.04 -108.63 6.15
C LYS NA 11 -43.39 -108.01 6.46
N THR NA 12 -44.44 -108.82 6.52
CA THR NA 12 -45.75 -108.36 6.94
C THR NA 12 -45.92 -108.40 8.44
N ARG NA 13 -45.30 -109.37 9.10
CA ARG NA 13 -45.37 -109.46 10.55
C ARG NA 13 -44.48 -108.41 11.22
N TYR NA 14 -43.26 -108.23 10.70
CA TYR NA 14 -42.28 -107.29 11.26
C TYR NA 14 -41.99 -106.26 10.18
N PRO NA 15 -42.73 -105.16 10.16
CA PRO NA 15 -42.65 -104.24 9.00
C PRO NA 15 -41.27 -103.67 8.74
N GLU NA 16 -40.39 -103.61 9.74
CA GLU NA 16 -39.11 -102.94 9.55
C GLU NA 16 -38.23 -103.65 8.53
N PHE NA 17 -38.49 -104.91 8.23
CA PHE NA 17 -37.64 -105.68 7.32
C PHE NA 17 -38.31 -105.75 5.96
N THR NA 18 -37.85 -104.90 5.04
CA THR NA 18 -38.37 -104.88 3.69
C THR NA 18 -37.26 -104.70 2.66
N GLY NA 19 -36.00 -104.92 3.03
CA GLY NA 19 -34.88 -104.70 2.13
C GLY NA 19 -34.66 -105.81 1.12
N VAL NA 20 -34.37 -107.02 1.60
CA VAL NA 20 -34.04 -108.14 0.72
C VAL NA 20 -34.86 -109.35 1.14
N SER NA 21 -35.17 -110.22 0.18
CA SER NA 21 -36.00 -111.39 0.42
C SER NA 21 -35.32 -112.72 0.12
N ASP NA 22 -34.29 -112.74 -0.73
CA ASP NA 22 -33.59 -113.99 -0.98
C ASP NA 22 -32.78 -114.42 0.24
N ALA NA 23 -32.09 -113.47 0.89
CA ALA NA 23 -31.33 -113.77 2.08
C ALA NA 23 -32.22 -114.19 3.25
N VAL NA 24 -33.51 -113.89 3.22
CA VAL NA 24 -34.39 -114.20 4.32
C VAL NA 24 -35.01 -115.58 4.13
N VAL NA 25 -35.75 -115.75 3.03
CA VAL NA 25 -36.52 -116.98 2.84
C VAL NA 25 -35.59 -118.18 2.69
N ASN NA 26 -34.60 -118.07 1.81
CA ASN NA 26 -33.80 -119.23 1.45
C ASN NA 26 -32.59 -119.41 2.35
N ALA NA 27 -31.94 -118.30 2.72
CA ALA NA 27 -30.69 -118.39 3.47
C ALA NA 27 -30.89 -118.54 4.96
N ILE NA 28 -31.99 -118.01 5.52
CA ILE NA 28 -32.16 -117.93 6.97
C ILE NA 28 -33.32 -118.80 7.44
N ILE NA 29 -34.49 -118.66 6.82
CA ILE NA 29 -35.66 -119.42 7.25
C ILE NA 29 -35.34 -120.92 7.24
N ALA NA 30 -34.52 -121.36 6.28
CA ALA NA 30 -34.08 -122.75 6.26
C ALA NA 30 -33.27 -123.11 7.50
N GLU NA 31 -32.68 -122.12 8.17
CA GLU NA 31 -31.88 -122.39 9.35
C GLU NA 31 -32.68 -122.37 10.64
N VAL NA 32 -33.97 -122.05 10.57
CA VAL NA 32 -34.80 -121.92 11.75
C VAL NA 32 -35.87 -123.00 11.81
N ASN NA 33 -36.44 -123.37 10.66
CA ASN NA 33 -37.59 -124.27 10.62
C ASN NA 33 -37.25 -125.65 11.16
N GLY NA 34 -35.99 -125.89 11.52
CA GLY NA 34 -35.62 -127.13 12.16
C GLY NA 34 -35.95 -127.16 13.64
N MET NA 35 -35.85 -126.01 14.31
CA MET NA 35 -36.06 -125.97 15.76
C MET NA 35 -37.52 -126.23 16.13
N VAL NA 36 -38.45 -125.84 15.26
CA VAL NA 36 -39.86 -126.06 15.53
C VAL NA 36 -40.21 -127.52 15.32
N ASP NA 37 -41.08 -128.04 16.18
CA ASP NA 37 -41.49 -129.44 16.13
C ASP NA 37 -43.02 -129.51 16.18
N ASP NA 38 -43.57 -130.57 15.61
CA ASP NA 38 -45.02 -130.75 15.65
C ASP NA 38 -45.53 -130.98 17.06
N GLY NA 39 -44.65 -131.26 18.02
CA GLY NA 39 -45.06 -131.34 19.41
C GLY NA 39 -45.44 -130.01 20.02
N TRP NA 40 -45.28 -128.92 19.29
CA TRP NA 40 -45.69 -127.61 19.74
C TRP NA 40 -47.20 -127.44 19.59
N GLU NA 41 -47.66 -126.21 19.78
CA GLU NA 41 -49.05 -125.86 19.55
C GLU NA 41 -49.20 -125.09 18.24
N VAL NA 42 -50.38 -125.20 17.64
CA VAL NA 42 -50.62 -124.60 16.32
C VAL NA 42 -50.43 -123.09 16.38
N SER NA 43 -50.75 -122.46 17.51
CA SER NA 43 -50.63 -121.01 17.62
C SER NA 43 -49.20 -120.53 17.76
N ASP NA 44 -48.24 -121.43 17.88
CA ASP NA 44 -46.86 -121.04 18.14
C ASP NA 44 -45.88 -121.36 17.02
N GLN NA 45 -46.15 -122.39 16.22
CA GLN NA 45 -45.15 -122.85 15.25
C GLN NA 45 -44.84 -121.78 14.21
N LYS NA 46 -45.86 -121.03 13.79
CA LYS NA 46 -45.64 -119.94 12.85
C LYS NA 46 -45.02 -118.72 13.53
N PRO NA 47 -45.64 -118.17 14.59
CA PRO NA 47 -45.05 -116.98 15.22
C PRO NA 47 -43.66 -117.18 15.78
N ALA NA 48 -43.36 -118.35 16.35
CA ALA NA 48 -42.07 -118.55 17.00
C ALA NA 48 -40.94 -118.53 15.98
N VAL NA 49 -41.10 -119.25 14.88
CA VAL NA 49 -40.07 -119.23 13.84
C VAL NA 49 -40.02 -117.87 13.17
N LEU NA 50 -41.19 -117.24 13.00
CA LEU NA 50 -41.21 -115.90 12.42
C LEU NA 50 -40.44 -114.91 13.30
N ALA NA 51 -40.43 -115.14 14.61
CA ALA NA 51 -39.66 -114.29 15.52
C ALA NA 51 -38.18 -114.64 15.52
N LEU NA 52 -37.87 -115.94 15.51
CA LEU NA 52 -36.47 -116.35 15.60
C LEU NA 52 -35.71 -115.96 14.34
N ALA NA 53 -36.36 -116.02 13.18
CA ALA NA 53 -35.71 -115.58 11.97
C ALA NA 53 -35.34 -114.10 12.06
N ALA NA 54 -36.25 -113.28 12.60
CA ALA NA 54 -35.95 -111.86 12.75
C ALA NA 54 -34.85 -111.63 13.79
N HIS NA 55 -34.83 -112.42 14.85
CA HIS NA 55 -33.73 -112.30 15.82
C HIS NA 55 -32.40 -112.60 15.16
N MET NA 56 -32.36 -113.66 14.33
CA MET NA 56 -31.14 -113.99 13.62
C MET NA 56 -30.75 -112.89 12.64
N LEU NA 57 -31.73 -112.29 11.97
CA LEU NA 57 -31.45 -111.19 11.06
C LEU NA 57 -30.87 -109.99 11.80
N SER NA 58 -31.55 -109.55 12.85
CA SER NA 58 -31.12 -108.38 13.60
C SER NA 58 -29.84 -108.65 14.39
N ARG NA 59 -29.46 -109.92 14.55
CA ARG NA 59 -28.15 -110.21 15.12
C ARG NA 59 -27.05 -109.62 14.25
N GLU NA 60 -27.14 -109.81 12.95
CA GLU NA 60 -26.29 -109.09 12.01
C GLU NA 60 -26.82 -107.67 11.88
N GLY NA 61 -26.24 -106.87 10.99
CA GLY NA 61 -26.60 -105.47 10.92
C GLY NA 61 -28.06 -105.24 10.60
N TYR NA 62 -28.55 -105.92 9.58
CA TYR NA 62 -29.89 -105.73 9.03
C TYR NA 62 -30.11 -106.90 8.08
N PRO NA 63 -31.31 -107.09 7.43
CA PRO NA 63 -31.65 -108.41 6.88
C PRO NA 63 -30.51 -109.12 6.18
N GLY NA 64 -29.83 -108.45 5.25
CA GLY NA 64 -28.57 -108.99 4.80
C GLY NA 64 -27.37 -108.20 5.28
N ARG NA 65 -26.77 -108.65 6.38
CA ARG NA 65 -25.42 -108.28 6.80
C ARG NA 65 -25.26 -106.80 7.15
N ALA NA 66 -26.23 -105.96 6.82
CA ALA NA 66 -26.09 -104.52 6.96
C ALA NA 66 -27.37 -103.85 6.51
N THR NA 67 -27.48 -102.56 6.85
CA THR NA 67 -28.51 -101.69 6.31
C THR NA 67 -27.99 -101.06 5.03
N ASN NA 68 -28.69 -100.05 4.53
CA ASN NA 68 -28.23 -99.34 3.34
C ASN NA 68 -26.85 -98.73 3.51
N PRO NA 69 -26.53 -98.05 4.61
CA PRO NA 69 -25.12 -97.73 4.87
C PRO NA 69 -24.33 -98.98 5.19
N ASN NA 70 -23.06 -98.97 4.80
CA ASN NA 70 -22.18 -100.12 5.00
C ASN NA 70 -21.33 -99.90 6.25
N SER NA 71 -22.03 -99.82 7.39
CA SER NA 71 -21.41 -99.66 8.70
C SER NA 71 -21.93 -100.78 9.59
N PHE NA 72 -21.27 -101.93 9.52
CA PHE NA 72 -21.67 -103.12 10.27
C PHE NA 72 -20.50 -103.61 11.10
N ASP NA 73 -20.81 -104.19 12.26
CA ASP NA 73 -19.79 -104.69 13.17
C ASP NA 73 -20.02 -106.17 13.43
N PRO NA 74 -19.06 -107.04 13.10
CA PRO NA 74 -19.23 -108.47 13.41
C PRO NA 74 -19.33 -108.75 14.90
N THR NA 75 -18.93 -107.80 15.74
CA THR NA 75 -19.10 -107.89 17.19
C THR NA 75 -20.13 -106.84 17.59
N ASN NA 76 -21.20 -107.27 18.26
CA ASN NA 76 -22.31 -106.39 18.61
C ASN NA 76 -21.91 -105.55 19.81
N ARG NA 77 -21.05 -104.57 19.55
CA ARG NA 77 -20.50 -103.73 20.61
C ARG NA 77 -21.52 -102.66 20.98
N PRO NA 78 -22.01 -102.63 22.22
CA PRO NA 78 -23.00 -101.61 22.59
C PRO NA 78 -22.36 -100.23 22.69
N ILE NA 79 -23.19 -99.21 22.49
CA ILE NA 79 -22.77 -97.81 22.57
C ILE NA 79 -23.28 -97.27 23.89
N LEU NA 80 -22.36 -96.98 24.81
CA LEU NA 80 -22.77 -96.57 26.15
C LEU NA 80 -23.08 -95.08 26.23
N SER NA 81 -22.30 -94.24 25.54
CA SER NA 81 -22.53 -92.82 25.58
C SER NA 81 -22.07 -92.20 24.26
N ARG NA 82 -22.46 -90.95 24.05
CA ARG NA 82 -22.06 -90.23 22.85
C ARG NA 82 -22.13 -88.73 23.16
N LYS NA 83 -21.38 -87.96 22.38
CA LYS NA 83 -21.40 -86.52 22.50
C LYS NA 83 -21.09 -85.94 21.14
N VAL NA 84 -21.84 -84.93 20.73
CA VAL NA 84 -21.79 -84.42 19.36
C VAL NA 84 -21.46 -82.94 19.29
N GLY NA 85 -21.36 -82.26 20.44
CA GLY NA 85 -20.80 -80.92 20.41
C GLY NA 85 -19.31 -80.95 20.15
N ASP NA 86 -18.67 -82.10 20.37
CA ASP NA 86 -17.33 -82.39 19.88
C ASP NA 86 -17.23 -83.90 19.81
N VAL NA 87 -17.34 -84.45 18.60
CA VAL NA 87 -17.75 -85.84 18.41
C VAL NA 87 -16.96 -86.76 19.31
N SER NA 88 -17.68 -87.60 20.07
CA SER NA 88 -17.06 -88.59 20.93
C SER NA 88 -18.06 -89.71 21.18
N THR NA 89 -17.55 -90.93 21.25
CA THR NA 89 -18.36 -92.09 21.59
C THR NA 89 -17.59 -92.96 22.57
N THR NA 90 -18.33 -93.77 23.32
CA THR NA 90 -17.73 -94.83 24.13
C THR NA 90 -18.52 -96.11 23.92
N PHE NA 91 -17.81 -97.21 23.82
CA PHE NA 91 -18.43 -98.50 23.52
C PHE NA 91 -18.25 -99.45 24.70
N GLY NA 92 -18.85 -100.63 24.58
CA GLY NA 92 -18.74 -101.65 25.58
C GLY NA 92 -17.68 -102.68 25.22
N ARG NA 93 -17.48 -103.62 26.13
CA ARG NA 93 -16.49 -104.67 25.96
C ARG NA 93 -17.21 -106.00 25.84
N THR NA 94 -17.04 -106.67 24.70
CA THR NA 94 -17.68 -107.96 24.44
C THR NA 94 -16.62 -108.92 23.93
N ASP NA 95 -16.13 -109.79 24.81
CA ASP NA 95 -15.11 -110.76 24.46
C ASP NA 95 -15.61 -112.20 24.57
N GLY NA 96 -16.03 -112.65 25.75
CA GLY NA 96 -16.73 -113.91 25.87
C GLY NA 96 -18.19 -113.70 26.21
N GLY NA 97 -18.43 -112.75 27.11
CA GLY NA 97 -19.75 -112.36 27.54
C GLY NA 97 -19.66 -110.94 28.03
N ALA NA 98 -20.56 -110.08 27.58
CA ALA NA 98 -20.37 -108.64 27.79
C ALA NA 98 -20.74 -108.23 29.22
N ALA NA 99 -22.00 -108.39 29.59
CA ALA NA 99 -22.46 -107.99 30.92
C ALA NA 99 -23.74 -108.73 31.23
N GLU NA 100 -23.69 -109.58 32.26
CA GLU NA 100 -24.79 -110.49 32.58
C GLU NA 100 -25.19 -111.32 31.37
N GLY NA 101 -24.19 -111.74 30.59
CA GLY NA 101 -24.40 -112.49 29.38
C GLY NA 101 -23.57 -113.75 29.34
N GLY NA 102 -23.93 -114.64 28.40
CA GLY NA 102 -23.32 -115.95 28.34
C GLY NA 102 -21.96 -115.94 27.66
N ALA NA 103 -21.22 -117.03 27.88
CA ALA NA 103 -19.93 -117.22 27.23
C ALA NA 103 -19.73 -118.62 26.67
N ASN NA 104 -20.65 -119.55 26.92
CA ASN NA 104 -20.58 -120.89 26.35
C ASN NA 104 -21.89 -121.37 25.74
N SER NA 105 -22.99 -120.67 25.95
CA SER NA 105 -24.27 -120.96 25.32
C SER NA 105 -24.55 -119.91 24.24
N TYR NA 106 -25.73 -120.00 23.65
CA TYR NA 106 -26.23 -118.95 22.78
C TYR NA 106 -27.21 -118.10 23.58
N ASN NA 107 -26.98 -116.80 23.61
CA ASN NA 107 -27.81 -115.88 24.39
C ASN NA 107 -29.03 -115.52 23.56
N TYR NA 108 -30.19 -116.01 23.97
CA TYR NA 108 -31.43 -115.64 23.31
C TYR NA 108 -32.04 -114.35 23.86
N SER NA 109 -31.43 -113.75 24.89
CA SER NA 109 -32.02 -112.59 25.54
C SER NA 109 -31.36 -111.29 25.12
N SER NA 110 -30.84 -111.21 23.89
CA SER NA 110 -30.21 -109.98 23.44
C SER NA 110 -31.23 -108.95 22.99
N THR NA 111 -32.05 -109.28 22.01
CA THR NA 111 -33.09 -108.40 21.51
C THR NA 111 -34.46 -108.93 21.93
N VAL NA 112 -35.49 -108.15 21.59
CA VAL NA 112 -36.85 -108.53 21.97
C VAL NA 112 -37.30 -109.76 21.19
N TYR NA 113 -36.89 -109.88 19.93
CA TYR NA 113 -37.28 -111.04 19.14
C TYR NA 113 -36.77 -112.32 19.78
N GLY NA 114 -35.52 -112.31 20.25
CA GLY NA 114 -34.99 -113.46 20.96
C GLY NA 114 -35.78 -113.77 22.22
N GLN NA 115 -36.23 -112.73 22.93
CA GLN NA 115 -36.99 -112.97 24.15
C GLN NA 115 -38.36 -113.56 23.84
N THR NA 116 -38.98 -113.16 22.73
CA THR NA 116 -40.24 -113.77 22.32
C THR NA 116 -40.05 -115.24 21.97
N PHE NA 117 -38.97 -115.54 21.24
CA PHE NA 117 -38.67 -116.94 20.95
C PHE NA 117 -38.45 -117.72 22.23
N LEU NA 118 -37.74 -117.12 23.20
CA LEU NA 118 -37.46 -117.79 24.46
C LEU NA 118 -38.74 -118.07 25.23
N ARG NA 119 -39.63 -117.08 25.30
CA ARG NA 119 -40.87 -117.26 26.06
C ARG NA 119 -41.75 -118.32 25.45
N LEU NA 120 -41.79 -118.42 24.11
CA LEU NA 120 -42.55 -119.52 23.52
C LEU NA 120 -41.85 -120.87 23.75
N LEU NA 121 -40.52 -120.90 23.66
CA LEU NA 121 -39.79 -122.14 23.80
C LEU NA 121 -39.97 -122.74 25.17
N ARG NA 122 -39.88 -121.92 26.22
CA ARG NA 122 -40.06 -122.45 27.56
C ARG NA 122 -41.47 -122.98 27.76
N LEU NA 123 -42.45 -122.37 27.11
CA LEU NA 123 -43.83 -122.81 27.27
C LEU NA 123 -44.06 -124.16 26.62
N ASN NA 124 -43.62 -124.34 25.37
CA ASN NA 124 -44.01 -125.54 24.64
C ASN NA 124 -43.07 -126.72 24.82
N ALA NA 125 -41.88 -126.53 25.37
CA ALA NA 125 -40.84 -127.56 25.39
C ALA NA 125 -40.28 -127.75 26.79
N PRO NA 126 -41.01 -128.44 27.67
CA PRO NA 126 -40.42 -128.84 28.95
C PRO NA 126 -39.25 -129.78 28.72
N ALA NA 127 -38.27 -129.71 29.63
CA ALA NA 127 -37.01 -130.44 29.49
C ALA NA 127 -36.96 -131.56 30.51
N VAL NA 128 -37.10 -132.80 30.04
CA VAL NA 128 -36.89 -133.99 30.86
C VAL NA 128 -36.62 -135.16 29.93
N GLY NA 129 -35.69 -136.03 30.34
CA GLY NA 129 -35.33 -137.19 29.57
C GLY NA 129 -35.30 -138.43 30.45
N LEU NA 130 -34.94 -139.56 29.83
CA LEU NA 130 -34.86 -140.80 30.59
C LEU NA 130 -33.55 -141.53 30.36
N VAL NA 131 -32.98 -141.41 29.16
CA VAL NA 131 -31.79 -142.18 28.80
C VAL NA 131 -30.58 -141.65 29.56
N MET OA 1 -21.99 -33.22 -29.99
CA MET OA 1 -21.08 -32.12 -29.72
C MET OA 1 -21.47 -31.40 -28.42
N ALA OA 2 -21.52 -32.15 -27.33
CA ALA OA 2 -21.86 -31.59 -26.04
C ALA OA 2 -20.71 -30.73 -25.51
N MET OA 3 -21.04 -29.70 -24.75
CA MET OA 3 -20.04 -28.79 -24.20
C MET OA 3 -19.28 -29.54 -23.12
N LYS OA 4 -18.16 -30.15 -23.51
CA LYS OA 4 -17.41 -31.00 -22.61
C LYS OA 4 -16.78 -30.18 -21.49
N ALA OA 5 -16.23 -30.89 -20.50
CA ALA OA 5 -15.54 -30.24 -19.41
C ALA OA 5 -14.30 -29.52 -19.91
N TYR OA 6 -13.94 -28.44 -19.23
CA TYR OA 6 -12.74 -27.70 -19.58
C TYR OA 6 -11.50 -28.52 -19.25
N SER OA 7 -10.46 -28.38 -20.07
CA SER OA 7 -9.20 -29.05 -19.83
C SER OA 7 -8.10 -28.32 -20.59
N MET OA 8 -6.91 -28.29 -19.99
CA MET OA 8 -5.77 -27.69 -20.66
C MET OA 8 -5.26 -28.53 -21.81
N LEU OA 9 -5.75 -29.75 -21.97
CA LEU OA 9 -5.35 -30.61 -23.07
C LEU OA 9 -6.07 -30.29 -24.37
N ASN OA 10 -6.98 -29.32 -24.37
CA ASN OA 10 -7.68 -28.92 -25.57
C ASN OA 10 -7.40 -27.47 -25.95
N VAL OA 11 -6.60 -26.75 -25.18
CA VAL OA 11 -6.22 -25.39 -25.49
C VAL OA 11 -4.96 -25.43 -26.35
N THR OA 12 -4.99 -24.73 -27.49
CA THR OA 12 -3.86 -24.70 -28.40
C THR OA 12 -3.40 -23.27 -28.60
N ALA OA 13 -2.10 -23.06 -28.48
CA ALA OA 13 -1.48 -21.76 -28.72
C ALA OA 13 -0.34 -21.91 -29.70
N THR OA 14 -0.25 -20.99 -30.65
CA THR OA 14 0.76 -21.00 -31.69
C THR OA 14 1.48 -19.66 -31.70
N LEU OA 15 2.80 -19.70 -31.66
CA LEU OA 15 3.63 -18.51 -31.61
C LEU OA 15 4.60 -18.58 -32.79
N ASP OA 16 4.25 -17.90 -33.89
CA ASP OA 16 5.10 -17.84 -35.07
C ASP OA 16 5.34 -19.23 -35.65
N GLY OA 17 4.27 -19.97 -35.84
CA GLY OA 17 4.34 -21.32 -36.40
C GLY OA 17 4.43 -22.45 -35.40
N ARG OA 18 5.43 -22.41 -34.52
CA ARG OA 18 5.64 -23.47 -33.56
C ARG OA 18 4.68 -23.32 -32.38
N ARG OA 19 4.45 -24.42 -31.68
CA ARG OA 19 3.55 -24.45 -30.55
C ARG OA 19 4.23 -23.97 -29.28
N VAL OA 20 3.41 -23.75 -28.24
CA VAL OA 20 3.89 -23.44 -26.90
C VAL OA 20 3.65 -24.67 -26.03
N ILE OA 21 4.70 -25.15 -25.37
CA ILE OA 21 4.63 -26.39 -24.61
C ILE OA 21 4.93 -26.17 -23.13
N GLY OA 22 6.12 -25.68 -22.82
CA GLY OA 22 6.49 -25.59 -21.42
C GLY OA 22 5.81 -24.44 -20.71
N LEU OA 23 4.80 -24.73 -19.89
CA LEU OA 23 4.06 -23.72 -19.16
C LEU OA 23 4.13 -24.01 -17.67
N MET OA 24 4.23 -22.95 -16.87
CA MET OA 24 4.33 -23.10 -15.43
C MET OA 24 2.97 -23.50 -14.84
N ASP OA 25 3.03 -23.98 -13.60
CA ASP OA 25 1.82 -24.36 -12.89
C ASP OA 25 1.04 -23.13 -12.48
N GLY OA 26 -0.27 -23.25 -12.43
CA GLY OA 26 -1.11 -22.18 -11.92
C GLY OA 26 -2.37 -22.04 -12.73
N ASP OA 27 -3.33 -21.33 -12.13
CA ASP OA 27 -4.60 -21.06 -12.79
C ASP OA 27 -4.50 -19.99 -13.86
N ASP OA 28 -3.32 -19.41 -14.06
CA ASP OA 28 -3.13 -18.36 -15.06
C ASP OA 28 -1.75 -18.52 -15.68
N ALA OA 29 -1.69 -19.18 -16.84
CA ALA OA 29 -0.45 -19.37 -17.56
C ALA OA 29 -0.36 -18.59 -18.86
N ILE OA 30 -1.49 -18.29 -19.48
CA ILE OA 30 -1.53 -17.44 -20.68
C ILE OA 30 -2.68 -16.47 -20.47
N THR OA 31 -2.36 -15.19 -20.25
CA THR OA 31 -3.38 -14.21 -19.95
C THR OA 31 -3.30 -13.04 -20.91
N THR OA 32 -4.41 -12.70 -21.55
CA THR OA 32 -4.48 -11.58 -22.48
C THR OA 32 -5.36 -10.49 -21.90
N SER OA 33 -4.86 -9.26 -21.91
CA SER OA 33 -5.62 -8.13 -21.39
C SER OA 33 -5.69 -7.03 -22.44
N PRO OA 34 -6.83 -6.37 -22.56
CA PRO OA 34 -6.96 -5.31 -23.58
C PRO OA 34 -6.15 -4.09 -23.20
N GLY OA 35 -5.93 -3.24 -24.21
CA GLY OA 35 -5.13 -2.05 -24.02
C GLY OA 35 -5.73 -1.06 -23.05
N VAL OA 36 -6.88 -0.50 -23.39
CA VAL OA 36 -7.55 0.51 -22.58
C VAL OA 36 -9.01 0.13 -22.41
N ASP OA 37 -9.73 0.96 -21.65
CA ASP OA 37 -11.15 0.71 -21.43
C ASP OA 37 -11.92 0.88 -22.73
N VAL OA 38 -13.06 0.18 -22.82
CA VAL OA 38 -13.87 0.25 -24.03
C VAL OA 38 -14.44 1.64 -24.21
N GLY OA 39 -14.88 2.28 -23.13
CA GLY OA 39 -15.50 3.57 -23.26
C GLY OA 39 -15.43 4.36 -21.97
N THR OA 40 -16.10 5.51 -21.97
CA THR OA 40 -16.09 6.41 -20.83
C THR OA 40 -17.38 7.21 -20.80
N MET OA 41 -18.06 7.21 -19.66
CA MET OA 41 -19.28 7.97 -19.48
C MET OA 41 -18.98 9.29 -18.80
N LEU OA 42 -19.48 10.39 -19.35
CA LEU OA 42 -19.28 11.72 -18.82
C LEU OA 42 -20.64 12.31 -18.48
N VAL OA 43 -20.86 12.64 -17.21
CA VAL OA 43 -22.11 13.21 -16.74
C VAL OA 43 -21.86 14.63 -16.28
N GLY OA 44 -22.62 15.56 -16.83
CA GLY OA 44 -22.42 16.96 -16.54
C GLY OA 44 -23.08 17.41 -15.25
N ALA OA 45 -22.97 18.71 -14.99
CA ALA OA 45 -23.50 19.29 -13.77
C ALA OA 45 -25.01 19.36 -13.74
N ASP OA 46 -25.67 19.13 -14.87
CA ASP OA 46 -27.12 19.21 -14.94
C ASP OA 46 -27.80 17.86 -14.84
N GLY OA 47 -27.09 16.77 -15.14
CA GLY OA 47 -27.66 15.44 -15.13
C GLY OA 47 -27.66 14.73 -16.47
N SER OA 48 -27.39 15.44 -17.56
CA SER OA 48 -27.28 14.78 -18.86
C SER OA 48 -26.01 13.95 -18.91
N TRP OA 49 -25.91 13.09 -19.92
CA TRP OA 49 -24.80 12.17 -20.02
C TRP OA 49 -24.37 12.01 -21.47
N LEU OA 50 -23.10 11.65 -21.66
CA LEU OA 50 -22.55 11.40 -22.98
C LEU OA 50 -21.49 10.31 -22.86
N PHE OA 51 -21.60 9.30 -23.71
CA PHE OA 51 -20.67 8.17 -23.72
C PHE OA 51 -19.69 8.33 -24.86
N SER OA 52 -18.43 8.00 -24.62
CA SER OA 52 -17.38 8.11 -25.62
C SER OA 52 -16.70 6.77 -25.79
N GLN OA 53 -16.54 6.36 -27.06
CA GLN OA 53 -16.03 5.04 -27.42
C GLN OA 53 -14.66 5.20 -28.07
N THR OA 54 -13.71 4.36 -27.65
CA THR OA 54 -12.35 4.48 -28.12
C THR OA 54 -12.13 3.67 -29.39
N ALA OA 55 -11.10 4.07 -30.15
CA ALA OA 55 -10.69 3.35 -31.34
C ALA OA 55 -9.46 2.47 -31.11
N ASP OA 56 -9.02 2.34 -29.87
CA ASP OA 56 -7.81 1.59 -29.52
C ASP OA 56 -8.17 0.12 -29.40
N LYS OA 57 -7.93 -0.64 -30.47
CA LYS OA 57 -8.11 -2.09 -30.44
C LYS OA 57 -6.73 -2.73 -30.36
N SER OA 58 -6.18 -2.80 -29.16
CA SER OA 58 -4.86 -3.36 -28.92
C SER OA 58 -4.89 -4.20 -27.65
N ALA OA 59 -3.94 -5.12 -27.55
CA ALA OA 59 -3.92 -6.03 -26.41
C ALA OA 59 -2.49 -6.42 -26.08
N THR OA 60 -2.32 -6.93 -24.87
CA THR OA 60 -1.06 -7.49 -24.42
C THR OA 60 -1.31 -8.90 -23.89
N VAL OA 61 -0.29 -9.75 -24.00
CA VAL OA 61 -0.40 -11.13 -23.55
C VAL OA 61 0.80 -11.44 -22.67
N VAL OA 62 0.56 -12.21 -21.62
CA VAL OA 62 1.59 -12.64 -20.70
C VAL OA 62 1.65 -14.16 -20.72
N ILE OA 63 2.84 -14.71 -20.95
CA ILE OA 63 3.07 -16.14 -21.01
C ILE OA 63 4.07 -16.50 -19.93
N LYS OA 64 3.77 -17.55 -19.16
CA LYS OA 64 4.64 -18.03 -18.11
C LYS OA 64 5.20 -19.39 -18.51
N LEU OA 65 6.53 -19.49 -18.55
CA LEU OA 65 7.20 -20.69 -19.03
C LEU OA 65 8.19 -21.19 -17.98
N LYS OA 66 8.42 -22.50 -18.00
CA LYS OA 66 9.45 -23.10 -17.18
C LYS OA 66 10.82 -22.68 -17.69
N PRO OA 67 11.85 -22.78 -16.84
CA PRO OA 67 13.21 -22.47 -17.32
C PRO OA 67 13.71 -23.40 -18.40
N ASN OA 68 13.06 -24.55 -18.63
CA ASN OA 68 13.46 -25.51 -19.66
C ASN OA 68 12.28 -25.75 -20.58
N SER OA 69 12.12 -24.89 -21.59
CA SER OA 69 11.04 -25.05 -22.53
C SER OA 69 11.49 -24.53 -23.88
N PRO OA 70 11.25 -25.26 -24.96
CA PRO OA 70 11.69 -24.79 -26.28
C PRO OA 70 11.12 -23.44 -26.66
N THR OA 71 9.92 -23.11 -26.18
CA THR OA 71 9.38 -21.78 -26.41
C THR OA 71 10.26 -20.70 -25.77
N HIS OA 72 10.87 -21.02 -24.63
CA HIS OA 72 11.81 -20.08 -24.02
C HIS OA 72 12.99 -19.82 -24.94
N ARG OA 73 13.52 -20.88 -25.56
CA ARG OA 73 14.61 -20.71 -26.52
C ARG OA 73 14.17 -19.87 -27.70
N GLN OA 74 12.98 -20.13 -28.24
CA GLN OA 74 12.50 -19.35 -29.38
C GLN OA 74 12.35 -17.89 -29.02
N LEU OA 75 11.77 -17.60 -27.86
CA LEU OA 75 11.57 -16.22 -27.45
C LEU OA 75 12.89 -15.51 -27.17
N THR OA 76 13.86 -16.21 -26.57
CA THR OA 76 15.12 -15.55 -26.31
C THR OA 76 15.94 -15.38 -27.57
N GLU OA 77 15.66 -16.14 -28.62
CA GLU OA 77 16.26 -15.82 -29.91
C GLU OA 77 15.59 -14.61 -30.55
N LYS OA 78 14.26 -14.53 -30.45
CA LYS OA 78 13.54 -13.41 -31.04
C LYS OA 78 13.92 -12.10 -30.36
N TRP OA 79 14.14 -12.13 -29.05
CA TRP OA 79 14.55 -10.94 -28.33
C TRP OA 79 15.89 -10.43 -28.83
N MET OA 80 16.85 -11.34 -29.01
CA MET OA 80 18.15 -10.93 -29.54
C MET OA 80 18.03 -10.43 -30.97
N ALA OA 81 17.14 -11.01 -31.76
CA ALA OA 81 16.91 -10.51 -33.11
C ALA OA 81 16.42 -9.08 -33.07
N GLN OA 82 15.49 -8.78 -32.17
CA GLN OA 82 15.02 -7.39 -32.04
C GLN OA 82 16.12 -6.48 -31.57
N ARG OA 83 16.92 -6.91 -30.59
CA ARG OA 83 18.01 -6.08 -30.11
C ARG OA 83 19.02 -5.77 -31.20
N ALA OA 84 19.26 -6.72 -32.11
CA ALA OA 84 20.21 -6.51 -33.19
C ALA OA 84 19.74 -5.39 -34.11
N GLY OA 85 18.45 -5.31 -34.37
CA GLY OA 85 17.91 -4.26 -35.22
C GLY OA 85 16.76 -4.71 -36.10
N ARG OA 86 16.66 -6.01 -36.33
CA ARG OA 86 15.57 -6.55 -37.13
C ARG OA 86 14.25 -6.44 -36.38
N LEU OA 87 13.19 -6.07 -37.09
CA LEU OA 87 11.88 -5.84 -36.48
C LEU OA 87 10.81 -6.46 -37.37
N VAL OA 88 10.10 -7.47 -36.85
CA VAL OA 88 9.09 -8.21 -37.59
C VAL OA 88 7.95 -8.56 -36.64
N GLY OA 89 6.93 -9.23 -37.18
CA GLY OA 89 5.67 -9.39 -36.48
C GLY OA 89 5.49 -10.64 -35.63
N PHE OA 90 5.88 -11.80 -36.14
CA PHE OA 90 5.71 -13.10 -35.51
C PHE OA 90 4.31 -13.24 -34.91
N PRO OA 91 3.31 -13.52 -35.74
CA PRO OA 91 1.93 -13.61 -35.26
C PRO OA 91 1.76 -14.68 -34.19
N PHE OA 92 0.92 -14.40 -33.21
CA PHE OA 92 0.57 -15.30 -32.13
C PHE OA 92 -0.94 -15.47 -32.08
N ASP OA 93 -1.40 -16.68 -31.80
CA ASP OA 93 -2.84 -16.92 -31.78
C ASP OA 93 -3.12 -18.11 -30.88
N PHE OA 94 -4.20 -18.01 -30.10
CA PHE OA 94 -4.53 -19.13 -29.22
C PHE OA 94 -6.03 -19.28 -29.10
N ILE OA 95 -6.46 -20.49 -28.77
CA ILE OA 95 -7.86 -20.85 -28.86
C ILE OA 95 -8.13 -22.05 -27.97
N ASP OA 96 -9.39 -22.20 -27.55
CA ASP OA 96 -9.86 -23.37 -26.83
C ASP OA 96 -10.80 -24.16 -27.73
N SER OA 97 -10.53 -25.45 -27.88
CA SER OA 97 -11.32 -26.27 -28.79
C SER OA 97 -12.71 -26.60 -28.25
N ALA OA 98 -12.93 -26.47 -26.95
CA ALA OA 98 -14.22 -26.82 -26.37
C ALA OA 98 -15.30 -25.78 -26.64
N SER OA 99 -14.93 -24.51 -26.79
CA SER OA 99 -15.92 -23.45 -26.97
C SER OA 99 -15.51 -22.41 -28.01
N ASN OA 100 -14.41 -22.63 -28.72
CA ASN OA 100 -13.92 -21.68 -29.73
C ASN OA 100 -13.72 -20.28 -29.15
N GLU OA 101 -13.27 -20.23 -27.90
CA GLU OA 101 -12.98 -18.97 -27.24
C GLU OA 101 -11.48 -18.72 -27.30
N GLY OA 102 -11.11 -17.49 -27.59
CA GLY OA 102 -9.71 -17.13 -27.73
C GLY OA 102 -9.57 -15.97 -28.70
N GLY OA 103 -8.40 -15.87 -29.29
CA GLY OA 103 -8.17 -14.77 -30.21
C GLY OA 103 -6.93 -14.96 -31.02
N THR OA 104 -6.69 -13.99 -31.90
CA THR OA 104 -5.53 -14.01 -32.77
C THR OA 104 -5.05 -12.59 -33.03
N GLY OA 105 -3.76 -12.50 -33.36
CA GLY OA 105 -3.17 -11.24 -33.77
C GLY OA 105 -2.22 -11.49 -34.93
N ALA OA 106 -1.98 -10.44 -35.69
CA ALA OA 106 -1.20 -10.55 -36.91
C ALA OA 106 0.26 -10.20 -36.73
N GLU OA 107 0.58 -9.18 -35.92
CA GLU OA 107 1.95 -8.75 -35.72
C GLU OA 107 2.14 -8.38 -34.27
N PHE OA 108 2.91 -9.19 -33.54
CA PHE OA 108 3.25 -8.93 -32.15
C PHE OA 108 4.68 -8.42 -32.05
N PHE OA 109 5.08 -8.07 -30.83
CA PHE OA 109 6.43 -7.63 -30.55
C PHE OA 109 6.74 -7.91 -29.09
N ILE OA 110 7.97 -8.37 -28.83
CA ILE OA 110 8.38 -8.61 -27.46
C ILE OA 110 8.46 -7.28 -26.73
N GLN OA 111 7.74 -7.18 -25.62
CA GLN OA 111 7.72 -5.95 -24.83
C GLN OA 111 8.48 -6.06 -23.52
N LYS OA 112 8.38 -7.20 -22.83
CA LYS OA 112 9.13 -7.39 -21.61
C LYS OA 112 10.03 -8.62 -21.72
N ALA OA 113 10.88 -8.79 -20.73
CA ALA OA 113 11.80 -9.90 -20.65
C ALA OA 113 11.81 -10.46 -19.23
N PRO OA 114 12.08 -11.75 -19.07
CA PRO OA 114 12.04 -12.36 -17.75
C PRO OA 114 13.29 -12.02 -16.94
N ASP OA 115 13.23 -12.35 -15.65
CA ASP OA 115 14.36 -12.20 -14.75
C ASP OA 115 14.96 -13.58 -14.50
N ASP OA 116 16.27 -13.71 -14.74
CA ASP OA 116 16.95 -15.00 -14.59
C ASP OA 116 17.30 -15.21 -13.13
N SER OA 117 16.42 -15.91 -12.42
CA SER OA 117 16.63 -16.29 -11.04
C SER OA 117 17.01 -17.75 -10.98
N LYS OA 118 18.11 -18.05 -10.29
CA LYS OA 118 18.54 -19.44 -10.18
C LYS OA 118 18.03 -20.09 -8.90
N GLY OA 119 18.42 -19.56 -7.75
CA GLY OA 119 17.96 -20.07 -6.47
C GLY OA 119 18.10 -21.58 -6.29
N ASN OA 120 17.27 -22.14 -5.42
CA ASN OA 120 17.35 -23.56 -5.10
C ASN OA 120 16.40 -24.43 -5.92
N ASN OA 121 15.29 -23.87 -6.40
CA ASN OA 121 14.38 -24.64 -7.25
C ASN OA 121 14.12 -23.90 -8.55
N ALA OA 122 13.19 -24.41 -9.36
CA ALA OA 122 12.85 -23.75 -10.60
C ALA OA 122 11.91 -22.57 -10.35
N VAL OA 123 12.06 -21.53 -11.16
CA VAL OA 123 11.26 -20.32 -11.05
C VAL OA 123 10.65 -20.02 -12.41
N VAL OA 124 9.58 -19.24 -12.38
CA VAL OA 124 8.87 -18.89 -13.60
C VAL OA 124 9.72 -17.97 -14.46
N ARG OA 125 9.47 -17.98 -15.77
CA ARG OA 125 9.96 -16.96 -16.68
C ARG OA 125 8.75 -16.36 -17.39
N GLU OA 126 8.52 -15.07 -17.17
CA GLU OA 126 7.34 -14.40 -17.72
C GLU OA 126 7.75 -13.53 -18.90
N TRP OA 127 7.08 -13.72 -20.02
CA TRP OA 127 7.26 -12.88 -21.20
C TRP OA 127 5.98 -12.09 -21.46
N THR OA 128 6.14 -10.82 -21.79
CA THR OA 128 5.02 -9.95 -22.11
C THR OA 128 5.15 -9.46 -23.55
N ILE OA 129 4.13 -9.76 -24.35
CA ILE OA 129 4.10 -9.41 -25.77
C ILE OA 129 2.94 -8.44 -25.99
N VAL OA 130 3.05 -7.61 -27.01
CA VAL OA 130 2.06 -6.55 -27.26
C VAL OA 130 1.73 -6.53 -28.74
N THR OA 131 0.45 -6.39 -29.07
CA THR OA 131 0.02 -6.26 -30.45
C THR OA 131 -0.60 -4.89 -30.70
N GLY OA 132 -0.72 -4.54 -31.97
CA GLY OA 132 -1.37 -3.30 -32.36
C GLY OA 132 -2.83 -3.52 -32.67
N GLU OA 133 -3.17 -4.74 -33.08
CA GLU OA 133 -4.55 -5.18 -33.26
C GLU OA 133 -4.71 -6.56 -32.65
N TRP OA 134 -5.89 -6.83 -32.14
CA TRP OA 134 -6.19 -8.11 -31.52
C TRP OA 134 -7.63 -8.45 -31.82
N THR OA 135 -7.85 -9.53 -32.57
CA THR OA 135 -9.21 -9.93 -32.92
C THR OA 135 -9.60 -11.16 -32.11
N PRO OA 136 -10.52 -11.03 -31.17
CA PRO OA 136 -11.06 -12.22 -30.51
C PRO OA 136 -11.97 -12.98 -31.44
N THR OA 137 -12.12 -14.27 -31.18
CA THR OA 137 -13.05 -15.10 -31.92
C THR OA 137 -14.28 -15.35 -31.06
N ILE OA 138 -15.44 -15.27 -31.68
CA ILE OA 138 -16.70 -15.37 -30.93
C ILE OA 138 -16.92 -16.83 -30.55
N PRO OA 139 -17.15 -17.13 -29.27
CA PRO OA 139 -17.40 -18.52 -28.88
C PRO OA 139 -18.74 -19.00 -29.37
N THR OA 140 -18.74 -19.81 -30.43
CA THR OA 140 -19.97 -20.21 -31.08
C THR OA 140 -20.63 -21.41 -30.41
N LEU OA 141 -19.85 -22.25 -29.71
CA LEU OA 141 -20.39 -23.39 -28.99
C LEU OA 141 -20.73 -23.04 -27.55
N LEU OA 142 -21.01 -21.77 -27.27
CA LEU OA 142 -21.30 -21.28 -25.93
C LEU OA 142 -20.13 -21.49 -24.99
N MET PA 1 22.57 -37.26 -23.98
CA MET PA 1 22.49 -35.89 -23.49
C MET PA 1 21.06 -35.49 -23.22
N ALA PA 2 20.36 -36.27 -22.38
CA ALA PA 2 18.98 -35.97 -22.04
C ALA PA 2 18.91 -34.75 -21.14
N MET PA 3 17.82 -34.02 -21.25
CA MET PA 3 17.62 -32.80 -20.46
C MET PA 3 17.36 -33.22 -19.02
N LYS PA 4 18.44 -33.29 -18.22
CA LYS PA 4 18.35 -33.80 -16.87
C LYS PA 4 17.53 -32.87 -15.98
N ALA PA 5 17.24 -33.34 -14.79
CA ALA PA 5 16.53 -32.53 -13.82
C ALA PA 5 17.35 -31.33 -13.41
N TYR PA 6 16.67 -30.24 -13.06
CA TYR PA 6 17.36 -29.05 -12.59
C TYR PA 6 17.98 -29.30 -11.22
N SER PA 7 19.13 -28.68 -10.98
CA SER PA 7 19.79 -28.77 -9.69
C SER PA 7 20.75 -27.61 -9.53
N MET PA 8 20.87 -27.13 -8.30
CA MET PA 8 21.82 -26.06 -8.02
C MET PA 8 23.26 -26.55 -8.08
N LEU PA 9 23.49 -27.84 -8.17
CA LEU PA 9 24.84 -28.38 -8.24
C LEU PA 9 25.42 -28.31 -9.65
N ASN PA 10 24.66 -27.82 -10.62
CA ASN PA 10 25.15 -27.66 -11.98
C ASN PA 10 25.17 -26.21 -12.44
N VAL PA 11 24.76 -25.27 -11.60
CA VAL PA 11 24.80 -23.86 -11.92
C VAL PA 11 26.15 -23.31 -11.47
N THR PA 12 26.84 -22.62 -12.38
CA THR PA 12 28.16 -22.07 -12.08
C THR PA 12 28.13 -20.56 -12.29
N ALA PA 13 28.64 -19.83 -11.31
CA ALA PA 13 28.77 -18.39 -11.38
C ALA PA 13 30.20 -17.99 -11.07
N THR PA 14 30.73 -17.05 -11.84
CA THR PA 14 32.10 -16.57 -11.69
C THR PA 14 32.08 -15.06 -11.57
N LEU PA 15 32.74 -14.55 -10.54
CA LEU PA 15 32.79 -13.11 -10.26
C LEU PA 15 34.25 -12.71 -10.21
N ASP PA 16 34.76 -12.17 -11.32
CA ASP PA 16 36.13 -11.68 -11.41
C ASP PA 16 37.13 -12.80 -11.15
N GLY PA 17 36.95 -13.91 -11.84
CA GLY PA 17 37.83 -15.07 -11.70
C GLY PA 17 37.40 -16.12 -10.69
N ARG PA 18 37.21 -15.72 -9.45
CA ARG PA 18 36.84 -16.66 -8.41
C ARG PA 18 35.36 -17.00 -8.47
N ARG PA 19 35.00 -18.14 -7.88
CA ARG PA 19 33.63 -18.60 -7.89
C ARG PA 19 32.82 -17.97 -6.77
N VAL PA 20 31.50 -18.18 -6.84
CA VAL PA 20 30.58 -17.78 -5.79
C VAL PA 20 30.12 -19.06 -5.08
N ILE PA 21 30.27 -19.09 -3.75
CA ILE PA 21 29.99 -20.29 -2.98
C ILE PA 21 28.89 -20.06 -1.95
N GLY PA 22 29.11 -19.13 -1.03
CA GLY PA 22 28.14 -18.98 0.04
C GLY PA 22 26.88 -18.27 -0.39
N LEU PA 23 25.80 -19.02 -0.57
CA LEU PA 23 24.53 -18.46 -1.00
C LEU PA 23 23.45 -18.78 0.02
N MET PA 24 22.55 -17.83 0.24
CA MET PA 24 21.48 -18.02 1.22
C MET PA 24 20.43 -18.97 0.68
N ASP PA 25 19.60 -19.47 1.60
CA ASP PA 25 18.52 -20.36 1.22
C ASP PA 25 17.42 -19.59 0.51
N GLY PA 26 16.73 -20.26 -0.40
CA GLY PA 26 15.58 -19.67 -1.05
C GLY PA 26 15.53 -20.03 -2.51
N ASP PA 27 14.35 -19.81 -3.10
CA ASP PA 27 14.14 -20.06 -4.51
C ASP PA 27 14.75 -18.98 -5.39
N ASP PA 28 15.36 -17.96 -4.80
CA ASP PA 28 15.94 -16.86 -5.58
C ASP PA 28 17.20 -16.39 -4.86
N ALA PA 29 18.35 -16.88 -5.31
CA ALA PA 29 19.63 -16.50 -4.73
C ALA PA 29 20.49 -15.67 -5.67
N ILE PA 30 20.33 -15.82 -6.99
CA ILE PA 30 21.01 -15.01 -7.98
C ILE PA 30 19.97 -14.61 -9.01
N THR PA 31 19.58 -13.34 -9.03
CA THR PA 31 18.51 -12.89 -9.91
C THR PA 31 18.99 -11.73 -10.77
N THR PA 32 18.84 -11.85 -12.08
CA THR PA 32 19.22 -10.81 -13.02
C THR PA 32 17.98 -10.23 -13.68
N SER PA 33 17.87 -8.90 -13.69
CA SER PA 33 16.74 -8.23 -14.29
C SER PA 33 17.22 -7.19 -15.29
N PRO PA 34 16.54 -7.06 -16.42
CA PRO PA 34 16.97 -6.09 -17.43
C PRO PA 34 16.73 -4.66 -16.98
N GLY PA 35 17.40 -3.75 -17.66
CA GLY PA 35 17.32 -2.34 -17.32
C GLY PA 35 15.93 -1.75 -17.49
N VAL PA 36 15.44 -1.72 -18.72
CA VAL PA 36 14.16 -1.12 -19.05
C VAL PA 36 13.38 -2.09 -19.93
N ASP PA 37 12.15 -1.70 -20.27
CA ASP PA 37 11.31 -2.51 -21.13
C ASP PA 37 11.91 -2.61 -22.52
N VAL PA 38 11.59 -3.71 -23.20
CA VAL PA 38 12.13 -3.91 -24.54
C VAL PA 38 11.57 -2.87 -25.51
N GLY PA 39 10.30 -2.55 -25.39
CA GLY PA 39 9.69 -1.63 -26.32
C GLY PA 39 8.47 -0.96 -25.74
N THR PA 40 7.78 -0.21 -26.60
CA THR PA 40 6.60 0.55 -26.18
C THR PA 40 5.68 0.74 -27.38
N MET PA 41 4.40 0.37 -27.21
CA MET PA 41 3.42 0.54 -28.25
C MET PA 41 2.64 1.82 -28.01
N LEU PA 42 2.49 2.64 -29.06
CA LEU PA 42 1.76 3.90 -28.99
C LEU PA 42 0.63 3.84 -29.99
N VAL PA 43 -0.60 3.97 -29.51
CA VAL PA 43 -1.79 3.92 -30.34
C VAL PA 43 -2.44 5.30 -30.31
N GLY PA 44 -2.68 5.86 -31.48
CA GLY PA 44 -3.22 7.19 -31.60
C GLY PA 44 -4.73 7.25 -31.46
N ALA PA 45 -5.26 8.45 -31.62
CA ALA PA 45 -6.69 8.68 -31.46
C ALA PA 45 -7.51 8.11 -32.61
N ASP PA 46 -6.88 7.70 -33.70
CA ASP PA 46 -7.60 7.16 -34.84
C ASP PA 46 -7.62 5.64 -34.88
N GLY PA 47 -6.70 4.98 -34.19
CA GLY PA 47 -6.61 3.53 -34.21
C GLY PA 47 -5.33 2.98 -34.78
N SER PA 48 -4.51 3.79 -35.45
CA SER PA 48 -3.23 3.33 -35.93
C SER PA 48 -2.28 3.11 -34.76
N TRP PA 49 -1.17 2.44 -35.02
CA TRP PA 49 -0.24 2.07 -33.97
C TRP PA 49 1.20 2.20 -34.45
N LEU PA 50 2.10 2.42 -33.51
CA LEU PA 50 3.53 2.50 -33.80
C LEU PA 50 4.30 1.95 -32.61
N PHE PA 51 5.23 1.04 -32.88
CA PHE PA 51 6.03 0.41 -31.86
C PHE PA 51 7.42 1.03 -31.85
N SER PA 52 7.98 1.24 -30.66
CA SER PA 52 9.29 1.85 -30.50
C SER PA 52 10.18 0.92 -29.69
N GLN PA 53 11.39 0.70 -30.19
CA GLN PA 53 12.34 -0.25 -29.62
C GLN PA 53 13.52 0.50 -29.02
N THR PA 54 13.92 0.11 -27.82
CA THR PA 54 14.97 0.83 -27.11
C THR PA 54 16.34 0.26 -27.46
N ALA PA 55 17.36 1.09 -27.25
CA ALA PA 55 18.75 0.69 -27.44
C ALA PA 55 19.45 0.39 -26.12
N ASP PA 56 18.71 0.38 -25.01
CA ASP PA 56 19.29 0.18 -23.68
C ASP PA 56 19.44 -1.30 -23.43
N LYS PA 57 20.64 -1.83 -23.65
CA LYS PA 57 20.96 -3.21 -23.32
C LYS PA 57 21.80 -3.22 -22.05
N SER PA 58 21.12 -3.13 -20.91
CA SER PA 58 21.78 -3.11 -19.61
C SER PA 58 20.99 -3.95 -18.63
N ALA PA 59 21.66 -4.41 -17.58
CA ALA PA 59 21.03 -5.29 -16.62
C ALA PA 59 21.62 -5.07 -15.24
N THR PA 60 20.88 -5.54 -14.23
CA THR PA 60 21.33 -5.55 -12.85
C THR PA 60 21.20 -6.96 -12.31
N VAL PA 61 22.06 -7.31 -11.36
CA VAL PA 61 22.06 -8.63 -10.75
C VAL PA 61 22.06 -8.46 -9.23
N VAL PA 62 21.31 -9.33 -8.56
CA VAL PA 62 21.23 -9.34 -7.10
C VAL PA 62 21.72 -10.70 -6.62
N ILE PA 63 22.68 -10.68 -5.70
CA ILE PA 63 23.27 -11.88 -5.13
C ILE PA 63 23.03 -11.86 -3.64
N LYS PA 64 22.57 -12.97 -3.09
CA LYS PA 64 22.31 -13.12 -1.67
C LYS PA 64 23.32 -14.08 -1.07
N LEU PA 65 24.06 -13.62 -0.07
CA LEU PA 65 25.15 -14.39 0.51
C LEU PA 65 24.96 -14.51 2.02
N LYS PA 66 25.48 -15.60 2.57
CA LYS PA 66 25.53 -15.75 4.01
C LYS PA 66 26.53 -14.77 4.61
N PRO PA 67 26.42 -14.49 5.91
CA PRO PA 67 27.40 -13.62 6.55
C PRO PA 67 28.81 -14.18 6.56
N ASN PA 68 28.99 -15.48 6.30
CA ASN PA 68 30.31 -16.11 6.27
C ASN PA 68 30.51 -16.77 4.92
N SER PA 69 30.98 -15.98 3.95
CA SER PA 69 31.23 -16.53 2.63
C SER PA 69 32.40 -15.78 2.01
N PRO PA 70 33.36 -16.48 1.42
CA PRO PA 70 34.50 -15.79 0.83
C PRO PA 70 34.12 -14.78 -0.24
N THR PA 71 33.02 -15.01 -0.95
CA THR PA 71 32.53 -14.00 -1.90
C THR PA 71 32.15 -12.72 -1.18
N HIS PA 72 31.64 -12.81 0.04
CA HIS PA 72 31.36 -11.61 0.82
C HIS PA 72 32.64 -10.82 1.08
N ARG PA 73 33.73 -11.52 1.42
CA ARG PA 73 35.00 -10.86 1.62
C ARG PA 73 35.48 -10.19 0.34
N GLN PA 74 35.38 -10.90 -0.78
CA GLN PA 74 35.83 -10.32 -2.05
C GLN PA 74 35.02 -9.07 -2.39
N LEU PA 75 33.71 -9.13 -2.23
CA LEU PA 75 32.87 -7.99 -2.56
C LEU PA 75 33.12 -6.82 -1.63
N THR PA 76 33.33 -7.09 -0.33
CA THR PA 76 33.58 -5.98 0.57
C THR PA 76 34.97 -5.39 0.39
N GLU PA 77 35.91 -6.14 -0.21
CA GLU PA 77 37.15 -5.52 -0.63
C GLU PA 77 36.95 -4.66 -1.88
N LYS PA 78 36.17 -5.15 -2.84
CA LYS PA 78 35.94 -4.39 -4.07
C LYS PA 78 35.21 -3.08 -3.78
N TRP PA 79 34.28 -3.12 -2.82
CA TRP PA 79 33.55 -1.90 -2.45
C TRP PA 79 34.50 -0.85 -1.90
N MET PA 80 35.41 -1.26 -1.02
CA MET PA 80 36.39 -0.32 -0.48
C MET PA 80 37.33 0.19 -1.57
N ALA PA 81 37.68 -0.68 -2.52
CA ALA PA 81 38.50 -0.23 -3.64
C ALA PA 81 37.80 0.86 -4.43
N GLN PA 82 36.49 0.69 -4.69
CA GLN PA 82 35.74 1.73 -5.37
C GLN PA 82 35.67 3.01 -4.55
N ARG PA 83 35.42 2.88 -3.25
CA ARG PA 83 35.35 4.06 -2.39
C ARG PA 83 36.66 4.82 -2.38
N ALA PA 84 37.79 4.11 -2.45
CA ALA PA 84 39.08 4.79 -2.44
C ALA PA 84 39.27 5.66 -3.68
N GLY PA 85 38.78 5.21 -4.82
CA GLY PA 85 38.87 5.99 -6.04
C GLY PA 85 39.12 5.16 -7.29
N ARG PA 86 39.63 3.94 -7.11
CA ARG PA 86 39.88 3.05 -8.22
C ARG PA 86 38.55 2.56 -8.80
N LEU PA 87 38.46 2.50 -10.13
CA LEU PA 87 37.24 2.11 -10.81
C LEU PA 87 37.58 1.16 -11.95
N VAL PA 88 37.10 -0.08 -11.86
CA VAL PA 88 37.38 -1.12 -12.83
C VAL PA 88 36.13 -1.98 -13.03
N GLY PA 89 36.24 -2.98 -13.90
CA GLY PA 89 35.08 -3.70 -14.38
C GLY PA 89 34.66 -4.95 -13.64
N PHE PA 90 35.61 -5.81 -13.30
CA PHE PA 90 35.40 -7.10 -12.65
C PHE PA 90 34.24 -7.86 -13.30
N PRO PA 91 34.48 -8.47 -14.46
CA PRO PA 91 33.39 -9.16 -15.17
C PRO PA 91 32.77 -10.27 -14.34
N PHE PA 92 31.46 -10.42 -14.49
CA PHE PA 92 30.67 -11.46 -13.82
C PHE PA 92 29.90 -12.24 -14.87
N ASP PA 93 29.80 -13.55 -14.68
CA ASP PA 93 29.12 -14.38 -15.66
C ASP PA 93 28.59 -15.62 -14.99
N PHE PA 94 27.38 -16.04 -15.36
CA PHE PA 94 26.83 -17.24 -14.76
C PHE PA 94 26.00 -18.01 -15.76
N ILE PA 95 25.87 -19.31 -15.52
CA ILE PA 95 25.33 -20.22 -16.52
C ILE PA 95 24.82 -21.48 -15.82
N ASP PA 96 23.88 -22.16 -16.48
CA ASP PA 96 23.40 -23.47 -16.04
C ASP PA 96 23.88 -24.52 -17.04
N SER PA 97 24.51 -25.57 -16.53
CA SER PA 97 25.08 -26.58 -17.40
C SER PA 97 24.03 -27.49 -18.03
N ALA PA 98 22.82 -27.55 -17.47
CA ALA PA 98 21.79 -28.45 -17.98
C ALA PA 98 21.15 -27.94 -19.26
N SER PA 99 21.08 -26.62 -19.45
CA SER PA 99 20.41 -26.07 -20.63
C SER PA 99 21.14 -24.89 -21.25
N ASN PA 100 22.36 -24.58 -20.78
CA ASN PA 100 23.14 -23.44 -21.30
C ASN PA 100 22.37 -22.14 -21.23
N GLU PA 101 21.58 -21.98 -20.17
CA GLU PA 101 20.83 -20.76 -19.95
C GLU PA 101 21.58 -19.90 -18.94
N GLY PA 102 21.64 -18.61 -19.21
CA GLY PA 102 22.37 -17.69 -18.36
C GLY PA 102 22.88 -16.52 -19.18
N GLY PA 103 23.94 -15.90 -18.68
CA GLY PA 103 24.47 -14.76 -19.39
C GLY PA 103 25.82 -14.35 -18.88
N THR PA 104 26.36 -13.31 -19.51
CA THR PA 104 27.66 -12.79 -19.15
C THR PA 104 27.71 -11.30 -19.38
N GLY PA 105 28.61 -10.65 -18.64
CA GLY PA 105 28.87 -9.24 -18.83
C GLY PA 105 30.37 -9.00 -18.73
N ALA PA 106 30.80 -7.89 -19.31
CA ALA PA 106 32.22 -7.59 -19.42
C ALA PA 106 32.72 -6.67 -18.32
N GLU PA 107 31.94 -5.68 -17.91
CA GLU PA 107 32.36 -4.72 -16.91
C GLU PA 107 31.18 -4.39 -16.01
N PHE PA 108 31.22 -4.87 -14.77
CA PHE PA 108 30.21 -4.57 -13.77
C PHE PA 108 30.71 -3.51 -12.80
N PHE PA 109 29.84 -3.11 -11.89
CA PHE PA 109 30.17 -2.15 -10.84
C PHE PA 109 29.26 -2.38 -9.66
N ILE PA 110 29.81 -2.30 -8.45
CA ILE PA 110 29.00 -2.42 -7.26
C ILE PA 110 28.05 -1.23 -7.17
N GLN PA 111 26.75 -1.52 -7.08
CA GLN PA 111 25.75 -0.46 -7.01
C GLN PA 111 25.12 -0.33 -5.62
N LYS PA 112 24.85 -1.44 -4.96
CA LYS PA 112 24.32 -1.38 -3.60
C LYS PA 112 25.23 -2.11 -2.64
N ALA PA 113 24.91 -1.98 -1.35
CA ALA PA 113 25.65 -2.61 -0.28
C ALA PA 113 24.68 -3.20 0.73
N PRO PA 114 25.08 -4.26 1.42
CA PRO PA 114 24.17 -4.91 2.36
C PRO PA 114 24.07 -4.13 3.66
N ASP PA 115 23.10 -4.54 4.48
CA ASP PA 115 22.92 -3.99 5.81
C ASP PA 115 23.43 -5.00 6.83
N ASP PA 116 24.34 -4.56 7.71
CA ASP PA 116 24.95 -5.45 8.69
C ASP PA 116 24.00 -5.59 9.88
N SER PA 117 23.19 -6.64 9.85
CA SER PA 117 22.29 -6.97 10.94
C SER PA 117 22.88 -8.14 11.71
N LYS PA 118 22.98 -8.00 13.03
CA LYS PA 118 23.52 -9.08 13.84
C LYS PA 118 22.42 -9.97 14.41
N GLY PA 119 21.54 -9.39 15.22
CA GLY PA 119 20.42 -10.13 15.79
C GLY PA 119 20.79 -11.45 16.45
N ASN PA 120 19.83 -12.38 16.51
CA ASN PA 120 20.04 -13.65 17.20
C ASN PA 120 20.46 -14.77 16.27
N ASN PA 121 20.11 -14.71 14.99
CA ASN PA 121 20.55 -15.72 14.04
C ASN PA 121 21.24 -15.07 12.84
N ALA PA 122 21.56 -15.87 11.83
CA ALA PA 122 22.19 -15.35 10.63
C ALA PA 122 21.15 -14.69 9.73
N VAL PA 123 21.57 -13.63 9.05
CA VAL PA 123 20.71 -12.87 8.14
C VAL PA 123 21.41 -12.77 6.80
N VAL PA 124 20.60 -12.52 5.76
CA VAL PA 124 21.11 -12.41 4.41
C VAL PA 124 21.98 -11.17 4.26
N ARG PA 125 22.90 -11.20 3.30
CA ARG PA 125 23.59 -10.01 2.82
C ARG PA 125 23.37 -9.92 1.32
N GLU PA 126 22.68 -8.87 0.88
CA GLU PA 126 22.32 -8.72 -0.52
C GLU PA 126 23.22 -7.68 -1.18
N TRP PA 127 23.84 -8.07 -2.29
CA TRP PA 127 24.63 -7.16 -3.10
C TRP PA 127 23.95 -6.96 -4.45
N THR PA 128 23.93 -5.72 -4.91
CA THR PA 128 23.35 -5.39 -6.20
C THR PA 128 24.42 -4.80 -7.10
N ILE PA 129 24.64 -5.43 -8.25
CA ILE PA 129 25.65 -5.05 -9.21
C ILE PA 129 24.94 -4.65 -10.51
N VAL PA 130 25.58 -3.77 -11.29
CA VAL PA 130 24.97 -3.21 -12.49
C VAL PA 130 25.98 -3.24 -13.62
N THR PA 131 25.53 -3.63 -14.82
CA THR PA 131 26.39 -3.60 -15.99
C THR PA 131 25.86 -2.61 -17.02
N GLY PA 132 26.72 -2.26 -17.96
CA GLY PA 132 26.33 -1.39 -19.05
C GLY PA 132 25.90 -2.17 -20.27
N GLU PA 133 26.41 -3.39 -20.38
CA GLU PA 133 25.97 -4.35 -21.38
C GLU PA 133 25.81 -5.71 -20.73
N TRP PA 134 24.85 -6.48 -21.24
CA TRP PA 134 24.58 -7.81 -20.70
C TRP PA 134 24.19 -8.70 -21.87
N THR PA 135 24.99 -9.72 -22.13
CA THR PA 135 24.69 -10.62 -23.23
C THR PA 135 24.19 -11.95 -22.68
N PRO PA 136 22.92 -12.28 -22.85
CA PRO PA 136 22.46 -13.62 -22.49
C PRO PA 136 22.97 -14.64 -23.49
N THR PA 137 23.06 -15.88 -23.05
CA THR PA 137 23.42 -16.98 -23.94
C THR PA 137 22.16 -17.78 -24.27
N ILE PA 138 22.04 -18.15 -25.54
CA ILE PA 138 20.82 -18.82 -26.00
C ILE PA 138 20.82 -20.26 -25.49
N PRO PA 139 19.76 -20.70 -24.82
CA PRO PA 139 19.73 -22.09 -24.36
C PRO PA 139 19.57 -23.06 -25.51
N THR PA 140 20.67 -23.72 -25.88
CA THR PA 140 20.67 -24.56 -27.07
C THR PA 140 20.14 -25.96 -26.80
N LEU PA 141 20.23 -26.44 -25.56
CA LEU PA 141 19.70 -27.74 -25.19
C LEU PA 141 18.27 -27.67 -24.69
N LEU PA 142 17.53 -26.64 -25.12
CA LEU PA 142 16.16 -26.40 -24.70
C LEU PA 142 16.06 -26.17 -23.20
N MET QA 1 42.10 -22.45 14.36
CA MET QA 1 41.25 -21.29 14.17
C MET QA 1 40.18 -21.56 13.11
N ALA QA 2 39.41 -22.61 13.32
CA ALA QA 2 38.34 -22.96 12.39
C ALA QA 2 37.21 -21.95 12.48
N MET QA 3 36.52 -21.74 11.36
CA MET QA 3 35.42 -20.79 11.31
C MET QA 3 34.24 -21.38 12.09
N LYS QA 4 34.16 -21.04 13.37
CA LYS QA 4 33.17 -21.65 14.24
C LYS QA 4 31.77 -21.21 13.86
N ALA QA 5 30.80 -21.86 14.48
CA ALA QA 5 29.40 -21.51 14.26
C ALA QA 5 29.12 -20.10 14.76
N TYR QA 6 28.17 -19.43 14.11
CA TYR QA 6 27.77 -18.10 14.54
C TYR QA 6 27.05 -18.17 15.88
N SER QA 7 27.25 -17.14 16.70
CA SER QA 7 26.56 -17.04 17.97
C SER QA 7 26.56 -15.60 18.43
N MET QA 8 25.47 -15.20 19.09
CA MET QA 8 25.41 -13.86 19.65
C MET QA 8 26.32 -13.68 20.85
N LEU QA 9 26.90 -14.75 21.37
CA LEU QA 9 27.80 -14.66 22.50
C LEU QA 9 29.21 -14.24 22.10
N ASN QA 10 29.46 -14.04 20.81
CA ASN QA 10 30.77 -13.59 20.35
C ASN QA 10 30.72 -12.24 19.66
N VAL QA 11 29.54 -11.64 19.54
CA VAL QA 11 29.39 -10.31 18.97
C VAL QA 11 29.55 -9.28 20.08
N THR QA 12 30.42 -8.30 19.86
CA THR QA 12 30.68 -7.26 20.86
C THR QA 12 30.37 -5.91 20.25
N ALA QA 13 29.62 -5.10 20.99
CA ALA QA 13 29.29 -3.73 20.60
C ALA QA 13 29.64 -2.80 21.74
N THR QA 14 30.25 -1.66 21.41
CA THR QA 14 30.67 -0.67 22.38
C THR QA 14 30.10 0.68 21.97
N LEU QA 15 29.44 1.34 22.91
CA LEU QA 15 28.81 2.64 22.67
C LEU QA 15 29.38 3.62 23.69
N ASP QA 16 30.37 4.41 23.26
CA ASP QA 16 30.98 5.43 24.10
C ASP QA 16 31.61 4.82 25.34
N GLY QA 17 32.42 3.80 25.14
CA GLY QA 17 33.09 3.11 26.24
C GLY QA 17 32.38 1.91 26.82
N ARG QA 18 31.15 2.09 27.28
CA ARG QA 18 30.41 1.01 27.90
C ARG QA 18 29.82 0.08 26.84
N ARG QA 19 29.52 -1.14 27.25
CA ARG QA 19 28.97 -2.14 26.36
C ARG QA 19 27.46 -1.99 26.20
N VAL QA 20 26.92 -2.73 25.24
CA VAL QA 20 25.49 -2.84 25.04
C VAL QA 20 25.06 -4.24 25.48
N ILE QA 21 24.09 -4.30 26.38
CA ILE QA 21 23.68 -5.57 26.99
C ILE QA 21 22.22 -5.90 26.69
N GLY QA 22 21.30 -5.04 27.11
CA GLY QA 22 19.91 -5.40 26.95
C GLY QA 22 19.41 -5.26 25.53
N LEU QA 23 19.23 -6.37 24.84
CA LEU QA 23 18.78 -6.37 23.46
C LEU QA 23 17.50 -7.20 23.33
N MET QA 24 16.58 -6.73 22.49
CA MET QA 24 15.33 -7.42 22.31
C MET QA 24 15.52 -8.69 21.50
N ASP QA 25 14.51 -9.56 21.55
CA ASP QA 25 14.53 -10.80 20.80
C ASP QA 25 14.32 -10.51 19.32
N GLY QA 26 14.92 -11.34 18.48
CA GLY QA 26 14.69 -11.24 17.05
C GLY QA 26 15.96 -11.48 16.27
N ASP QA 27 15.78 -11.74 14.98
CA ASP QA 27 16.90 -11.94 14.07
C ASP QA 27 17.59 -10.65 13.68
N ASP QA 28 17.10 -9.50 14.17
CA ASP QA 28 17.69 -8.22 13.82
C ASP QA 28 17.59 -7.32 15.05
N ALA QA 29 18.69 -7.23 15.81
CA ALA QA 29 18.75 -6.39 16.99
C ALA QA 29 19.69 -5.21 16.84
N ILE QA 30 20.72 -5.32 16.00
CA ILE QA 30 21.62 -4.22 15.69
C ILE QA 30 21.81 -4.23 14.18
N THR QA 31 21.25 -3.24 13.49
CA THR QA 31 21.30 -3.23 12.04
C THR QA 31 21.89 -1.90 11.55
N THR QA 32 22.90 -1.98 10.70
CA THR QA 32 23.54 -0.80 10.13
C THR QA 32 23.28 -0.76 8.63
N SER QA 33 22.82 0.40 8.16
CA SER QA 33 22.54 0.57 6.74
C SER QA 33 23.28 1.79 6.20
N PRO QA 34 23.82 1.70 4.99
CA PRO QA 34 24.55 2.82 4.43
C PRO QA 34 23.64 3.99 4.07
N GLY QA 35 24.25 5.15 3.91
CA GLY QA 35 23.50 6.35 3.62
C GLY QA 35 22.77 6.31 2.30
N VAL QA 36 23.51 6.24 1.19
CA VAL QA 36 22.95 6.25 -0.14
C VAL QA 36 23.57 5.11 -0.95
N ASP QA 37 23.10 4.98 -2.19
CA ASP QA 37 23.62 3.95 -3.08
C ASP QA 37 25.09 4.22 -3.40
N VAL QA 38 25.81 3.15 -3.71
CA VAL QA 38 27.23 3.29 -4.01
C VAL QA 38 27.42 4.06 -5.31
N GLY QA 39 26.59 3.80 -6.31
CA GLY QA 39 26.76 4.44 -7.59
C GLY QA 39 25.47 4.49 -8.37
N THR QA 40 25.60 4.95 -9.63
CA THR QA 40 24.44 5.10 -10.51
C THR QA 40 24.89 4.97 -11.95
N MET QA 41 24.22 4.09 -12.70
CA MET QA 41 24.52 3.90 -14.11
C MET QA 41 23.54 4.71 -14.95
N LEU QA 42 24.08 5.47 -15.91
CA LEU QA 42 23.28 6.29 -16.80
C LEU QA 42 23.53 5.83 -18.23
N VAL QA 43 22.48 5.40 -18.91
CA VAL QA 43 22.56 4.91 -20.28
C VAL QA 43 21.80 5.87 -21.17
N GLY QA 44 22.47 6.37 -22.21
CA GLY QA 44 21.88 7.36 -23.08
C GLY QA 44 21.00 6.74 -24.15
N ALA QA 45 20.50 7.63 -25.02
CA ALA QA 45 19.58 7.22 -26.08
C ALA QA 45 20.26 6.44 -27.19
N ASP QA 46 21.60 6.42 -27.22
CA ASP QA 46 22.32 5.72 -28.26
C ASP QA 46 22.80 4.34 -27.84
N GLY QA 47 22.91 4.07 -26.55
CA GLY QA 47 23.41 2.81 -26.05
C GLY QA 47 24.68 2.90 -25.24
N SER QA 48 25.38 4.02 -25.27
CA SER QA 48 26.56 4.19 -24.43
C SER QA 48 26.15 4.30 -22.97
N TRP QA 49 27.13 4.18 -22.08
CA TRP QA 49 26.85 4.17 -20.65
C TRP QA 49 27.92 4.93 -19.89
N LEU QA 50 27.55 5.44 -18.72
CA LEU QA 50 28.47 6.14 -17.84
C LEU QA 50 28.08 5.88 -16.40
N PHE QA 51 29.03 5.47 -15.59
CA PHE QA 51 28.79 5.16 -14.18
C PHE QA 51 29.29 6.31 -13.32
N SER QA 52 28.54 6.65 -12.28
CA SER QA 52 28.89 7.74 -11.38
C SER QA 52 28.96 7.22 -9.95
N GLN QA 53 30.04 7.56 -9.26
CA GLN QA 53 30.35 7.06 -7.94
C GLN QA 53 30.23 8.20 -6.92
N THR QA 54 29.57 7.92 -5.80
CA THR QA 54 29.30 8.96 -4.81
C THR QA 54 30.44 9.05 -3.81
N ALA QA 55 30.54 10.23 -3.17
CA ALA QA 55 31.51 10.46 -2.10
C ALA QA 55 30.88 10.39 -0.72
N ASP QA 56 29.62 9.98 -0.63
CA ASP QA 56 28.89 9.94 0.63
C ASP QA 56 29.21 8.64 1.35
N LYS QA 57 30.15 8.70 2.29
CA LYS QA 57 30.46 7.56 3.14
C LYS QA 57 29.86 7.80 4.52
N SER QA 58 28.57 7.52 4.64
CA SER QA 58 27.84 7.72 5.89
C SER QA 58 26.91 6.56 6.11
N ALA QA 59 26.53 6.35 7.38
CA ALA QA 59 25.69 5.21 7.73
C ALA QA 59 24.80 5.55 8.90
N THR QA 60 23.76 4.74 9.07
CA THR QA 60 22.88 4.82 10.22
C THR QA 60 22.79 3.44 10.87
N VAL QA 61 22.56 3.43 12.17
CA VAL QA 61 22.46 2.19 12.92
C VAL QA 61 21.19 2.22 13.76
N VAL QA 62 20.53 1.08 13.85
CA VAL QA 62 19.30 0.92 14.64
C VAL QA 62 19.58 -0.13 15.70
N ILE QA 63 19.31 0.22 16.95
CA ILE QA 63 19.51 -0.66 18.10
C ILE QA 63 18.16 -0.85 18.79
N LYS QA 64 17.84 -2.09 19.09
CA LYS QA 64 16.59 -2.43 19.76
C LYS QA 64 16.91 -2.93 21.16
N LEU QA 65 16.33 -2.28 22.17
CA LEU QA 65 16.64 -2.55 23.56
C LEU QA 65 15.36 -2.84 24.33
N LYS QA 66 15.50 -3.66 25.38
CA LYS QA 66 14.40 -3.88 26.30
C LYS QA 66 14.12 -2.62 27.10
N PRO QA 67 12.93 -2.51 27.69
CA PRO QA 67 12.64 -1.35 28.53
C PRO QA 67 13.50 -1.28 29.78
N ASN QA 68 14.20 -2.34 30.16
CA ASN QA 68 15.07 -2.35 31.33
C ASN QA 68 16.47 -2.76 30.90
N SER QA 69 17.25 -1.78 30.45
CA SER QA 69 18.62 -2.07 30.03
C SER QA 69 19.48 -0.85 30.32
N PRO QA 70 20.65 -1.03 30.92
CA PRO QA 70 21.50 0.12 31.22
C PRO QA 70 21.85 0.95 30.02
N THR QA 71 21.96 0.33 28.84
CA THR QA 71 22.17 1.10 27.62
C THR QA 71 21.02 2.05 27.35
N HIS QA 72 19.80 1.66 27.71
CA HIS QA 72 18.67 2.57 27.57
C HIS QA 72 18.85 3.79 28.46
N ARG QA 73 19.33 3.60 29.69
CA ARG QA 73 19.60 4.72 30.56
C ARG QA 73 20.69 5.63 29.98
N GLN QA 74 21.77 5.03 29.46
CA GLN QA 74 22.84 5.83 28.88
C GLN QA 74 22.33 6.65 27.70
N LEU QA 75 21.55 6.02 26.82
CA LEU QA 75 21.06 6.72 25.65
C LEU QA 75 20.08 7.81 26.02
N THR QA 76 19.21 7.58 27.02
CA THR QA 76 18.28 8.61 27.40
C THR QA 76 18.95 9.74 28.16
N GLU QA 77 20.12 9.50 28.73
CA GLU QA 77 20.90 10.62 29.24
C GLU QA 77 21.55 11.41 28.11
N LYS QA 78 22.08 10.71 27.11
CA LYS QA 78 22.73 11.39 26.00
C LYS QA 78 21.74 12.24 25.22
N TRP QA 79 20.51 11.74 25.07
CA TRP QA 79 19.47 12.50 24.37
C TRP QA 79 19.18 13.81 25.10
N MET QA 80 19.05 13.76 26.42
CA MET QA 80 18.81 14.99 27.17
C MET QA 80 20.02 15.92 27.10
N ALA QA 81 21.23 15.36 27.07
CA ALA QA 81 22.41 16.19 26.90
C ALA QA 81 22.37 16.94 25.57
N GLN QA 82 21.98 16.26 24.50
CA GLN QA 82 21.85 16.93 23.22
C GLN QA 82 20.75 17.99 23.26
N ARG QA 83 19.61 17.67 23.87
CA ARG QA 83 18.53 18.65 23.94
C ARG QA 83 18.94 19.89 24.71
N ALA QA 84 19.77 19.73 25.73
CA ALA QA 84 20.22 20.88 26.51
C ALA QA 84 21.05 21.83 25.66
N GLY QA 85 21.87 21.30 24.76
CA GLY QA 85 22.67 22.15 23.89
C GLY QA 85 24.05 21.60 23.61
N ARG QA 86 24.53 20.70 24.47
CA ARG QA 86 25.83 20.09 24.27
C ARG QA 86 25.78 19.13 23.09
N LEU QA 87 26.83 19.13 22.28
CA LEU QA 87 26.89 18.31 21.07
C LEU QA 87 28.27 17.69 20.96
N VAL QA 88 28.33 16.36 21.01
CA VAL QA 88 29.58 15.61 20.99
C VAL QA 88 29.36 14.32 20.19
N GLY QA 89 30.42 13.52 20.07
CA GLY QA 89 30.45 12.42 19.14
C GLY QA 89 30.01 11.06 19.64
N PHE QA 90 30.48 10.66 20.82
CA PHE QA 90 30.24 9.35 21.43
C PHE QA 90 30.41 8.23 20.40
N PRO QA 91 31.65 7.86 20.10
CA PRO QA 91 31.89 6.84 19.07
C PRO QA 91 31.25 5.51 19.42
N PHE QA 92 30.76 4.82 18.40
CA PHE QA 92 30.13 3.51 18.51
C PHE QA 92 30.83 2.56 17.56
N ASP QA 93 31.03 1.32 17.99
CA ASP QA 93 31.73 0.36 17.14
C ASP QA 93 31.31 -1.05 17.53
N PHE QA 94 31.12 -1.90 16.52
CA PHE QA 94 30.71 -3.27 16.83
C PHE QA 94 31.34 -4.24 15.85
N ILE QA 95 31.47 -5.49 16.29
CA ILE QA 95 32.28 -6.46 15.57
C ILE QA 95 31.85 -7.86 15.98
N ASP QA 96 32.11 -8.83 15.11
CA ASP QA 96 31.91 -10.24 15.39
C ASP QA 96 33.28 -10.91 15.49
N SER QA 97 33.50 -11.63 16.59
CA SER QA 97 34.80 -12.25 16.82
C SER QA 97 35.06 -13.46 15.93
N ALA QA 98 34.01 -14.07 15.36
CA ALA QA 98 34.19 -15.27 14.57
C ALA QA 98 34.75 -14.99 13.18
N SER QA 99 34.47 -13.81 12.62
CA SER QA 99 34.91 -13.51 11.27
C SER QA 99 35.43 -12.09 11.11
N ASN QA 100 35.57 -11.32 12.19
CA ASN QA 100 36.04 -9.94 12.12
C ASN QA 100 35.19 -9.10 11.18
N GLU QA 101 33.90 -9.36 11.15
CA GLU QA 101 32.97 -8.59 10.35
C GLU QA 101 32.27 -7.57 11.24
N GLY QA 102 32.13 -6.36 10.74
CA GLY QA 102 31.52 -5.28 11.50
C GLY QA 102 32.09 -3.96 11.05
N GLY QA 103 32.03 -2.99 11.95
CA GLY QA 103 32.52 -1.68 11.59
C GLY QA 103 32.67 -0.78 12.79
N THR QA 104 33.14 0.43 12.51
CA THR QA 104 33.35 1.43 13.54
C THR QA 104 33.10 2.82 12.99
N GLY QA 105 32.75 3.72 13.89
CA GLY QA 105 32.61 5.13 13.57
C GLY QA 105 33.21 5.97 14.67
N ALA QA 106 33.57 7.19 14.32
CA ALA QA 106 34.28 8.07 15.23
C ALA QA 106 33.36 9.04 15.98
N GLU QA 107 32.34 9.58 15.31
CA GLU QA 107 31.44 10.54 15.92
C GLU QA 107 30.02 10.26 15.46
N PHE QA 108 29.18 9.77 16.36
CA PHE QA 108 27.78 9.53 16.08
C PHE QA 108 26.91 10.62 16.71
N PHE QA 109 25.62 10.55 16.44
CA PHE QA 109 24.66 11.48 17.02
C PHE QA 109 23.30 10.79 17.08
N ILE QA 110 22.58 11.02 18.18
CA ILE QA 110 21.24 10.47 18.30
C ILE QA 110 20.33 11.13 17.28
N GLN QA 111 19.70 10.33 16.43
CA GLN QA 111 18.81 10.85 15.40
C GLN QA 111 17.35 10.60 15.69
N LYS QA 112 17.00 9.43 16.21
CA LYS QA 112 15.62 9.16 16.57
C LYS QA 112 15.51 8.81 18.05
N ALA QA 113 14.27 8.70 18.51
CA ALA QA 113 13.96 8.37 19.89
C ALA QA 113 12.84 7.35 19.92
N PRO QA 114 12.81 6.50 20.94
CA PRO QA 114 11.78 5.46 21.01
C PRO QA 114 10.44 6.02 21.45
N ASP QA 115 9.40 5.18 21.32
CA ASP QA 115 8.06 5.51 21.78
C ASP QA 115 7.81 4.73 23.08
N ASP QA 116 7.43 5.44 24.12
CA ASP QA 116 7.19 4.83 25.44
C ASP QA 116 5.80 4.21 25.45
N SER QA 117 5.74 2.92 25.15
CA SER QA 117 4.50 2.16 25.21
C SER QA 117 4.54 1.29 26.45
N LYS QA 118 3.47 1.36 27.25
CA LYS QA 118 3.41 0.55 28.46
C LYS QA 118 2.66 -0.75 28.23
N GLY QA 119 1.39 -0.68 27.87
CA GLY QA 119 0.60 -1.86 27.58
C GLY QA 119 0.64 -2.93 28.64
N ASN QA 120 0.39 -4.18 28.24
CA ASN QA 120 0.32 -5.29 29.17
C ASN QA 120 1.62 -6.06 29.30
N ASN QA 121 2.47 -6.05 28.27
CA ASN QA 121 3.77 -6.70 28.35
C ASN QA 121 4.89 -5.75 27.99
N ALA QA 122 6.11 -6.26 27.88
CA ALA QA 122 7.23 -5.42 27.50
C ALA QA 122 7.25 -5.20 25.99
N VAL QA 123 7.69 -4.01 25.60
CA VAL QA 123 7.76 -3.62 24.19
C VAL QA 123 9.18 -3.14 23.90
N VAL QA 124 9.53 -3.17 22.61
CA VAL QA 124 10.85 -2.76 22.18
C VAL QA 124 11.03 -1.26 22.37
N ARG QA 125 12.27 -0.83 22.53
CA ARG QA 125 12.66 0.57 22.40
C ARG QA 125 13.73 0.66 21.32
N GLU QA 126 13.43 1.36 20.23
CA GLU QA 126 14.33 1.45 19.10
C GLU QA 126 15.01 2.81 19.09
N TRP QA 127 16.34 2.82 19.02
CA TRP QA 127 17.11 4.03 18.86
C TRP QA 127 17.79 4.02 17.51
N THR QA 128 17.80 5.16 16.84
CA THR QA 128 18.44 5.32 15.55
C THR QA 128 19.53 6.37 15.67
N ILE QA 129 20.76 5.98 15.35
CA ILE QA 129 21.95 6.83 15.43
C ILE QA 129 22.50 6.99 14.03
N VAL QA 130 23.20 8.11 13.79
CA VAL QA 130 23.69 8.45 12.46
C VAL QA 130 25.13 8.94 12.57
N THR QA 131 25.98 8.48 11.66
CA THR QA 131 27.36 8.96 11.61
C THR QA 131 27.62 9.71 10.32
N GLY QA 132 28.72 10.46 10.31
CA GLY QA 132 29.14 11.16 9.11
C GLY QA 132 30.15 10.36 8.33
N GLU QA 133 30.87 9.48 9.02
CA GLU QA 133 31.75 8.51 8.39
C GLU QA 133 31.55 7.16 9.07
N TRP QA 134 31.71 6.10 8.28
CA TRP QA 134 31.55 4.75 8.80
C TRP QA 134 32.55 3.86 8.09
N THR QA 135 33.48 3.30 8.86
CA THR QA 135 34.50 2.43 8.26
C THR QA 135 34.21 0.99 8.62
N PRO QA 136 33.80 0.17 7.67
CA PRO QA 136 33.69 -1.27 7.93
C PRO QA 136 35.07 -1.89 8.04
N THR QA 137 35.14 -3.01 8.75
CA THR QA 137 36.36 -3.78 8.82
C THR QA 137 36.25 -5.00 7.94
N ILE QA 138 37.31 -5.31 7.21
CA ILE QA 138 37.29 -6.39 6.24
C ILE QA 138 37.31 -7.73 6.97
N PRO QA 139 36.37 -8.62 6.70
CA PRO QA 139 36.40 -9.93 7.37
C PRO QA 139 37.54 -10.78 6.87
N THR QA 140 38.59 -10.89 7.68
CA THR QA 140 39.81 -11.57 7.26
C THR QA 140 39.74 -13.07 7.44
N LEU QA 141 38.94 -13.56 8.37
CA LEU QA 141 38.76 -14.98 8.59
C LEU QA 141 37.62 -15.56 7.77
N LEU QA 142 37.29 -14.92 6.66
CA LEU QA 142 36.18 -15.31 5.78
C LEU QA 142 34.85 -15.24 6.52
N MET RA 1 16.68 -3.95 46.64
CA MET RA 1 16.05 -3.23 45.54
C MET RA 1 16.42 -3.84 44.19
N ALA RA 2 16.16 -5.13 44.04
CA ALA RA 2 16.46 -5.83 42.79
C ALA RA 2 15.49 -5.39 41.70
N MET RA 3 15.98 -5.40 40.46
CA MET RA 3 15.16 -4.98 39.32
C MET RA 3 14.10 -6.06 39.08
N LYS RA 4 12.94 -5.88 39.68
CA LYS RA 4 11.90 -6.89 39.64
C LYS RA 4 11.35 -7.06 38.23
N ALA RA 5 10.53 -8.09 38.06
CA ALA RA 5 9.88 -8.32 36.78
C ALA RA 5 8.92 -7.19 36.45
N TYR RA 6 8.75 -6.93 35.16
CA TYR RA 6 7.81 -5.92 34.72
C TYR RA 6 6.38 -6.36 35.00
N SER RA 7 5.52 -5.41 35.33
CA SER RA 7 4.11 -5.70 35.55
C SER RA 7 3.32 -4.42 35.39
N MET RA 8 2.11 -4.54 34.85
CA MET RA 8 1.22 -3.39 34.74
C MET RA 8 0.69 -2.92 36.08
N LEU RA 9 0.89 -3.70 37.14
CA LEU RA 9 0.42 -3.32 38.46
C LEU RA 9 1.35 -2.34 39.15
N ASN RA 10 2.46 -1.97 38.52
CA ASN RA 10 3.38 -0.99 39.09
C ASN RA 10 3.50 0.27 38.24
N VAL RA 11 2.80 0.33 37.11
CA VAL RA 11 2.80 1.52 36.27
C VAL RA 11 1.68 2.45 36.74
N THR RA 12 2.01 3.71 36.98
CA THR RA 12 1.04 4.69 37.45
C THR RA 12 0.97 5.84 36.47
N ALA RA 13 -0.26 6.21 36.09
CA ALA RA 13 -0.51 7.34 35.22
C ALA RA 13 -1.53 8.27 35.88
N THR RA 14 -1.28 9.57 35.81
CA THR RA 14 -2.14 10.57 36.41
C THR RA 14 -2.50 11.59 35.35
N LEU RA 15 -3.80 11.87 35.21
CA LEU RA 15 -4.31 12.80 34.21
C LEU RA 15 -5.12 13.86 34.94
N ASP RA 16 -4.49 15.00 35.21
CA ASP RA 16 -5.15 16.14 35.87
C ASP RA 16 -5.64 15.75 37.26
N GLY RA 17 -4.76 15.16 38.04
CA GLY RA 17 -5.09 14.75 39.40
C GLY RA 17 -5.57 13.33 39.56
N ARG RA 18 -6.63 12.96 38.86
CA ARG RA 18 -7.18 11.62 39.00
C ARG RA 18 -6.37 10.61 38.20
N ARG RA 19 -6.51 9.34 38.58
CA ARG RA 19 -5.77 8.27 37.94
C ARG RA 19 -6.48 7.80 36.66
N VAL RA 20 -5.76 6.97 35.91
CA VAL RA 20 -6.31 6.28 34.74
C VAL RA 20 -6.48 4.82 35.10
N ILE RA 21 -7.68 4.28 34.92
CA ILE RA 21 -8.01 2.93 35.36
C ILE RA 21 -8.42 2.05 34.18
N GLY RA 22 -9.48 2.41 33.49
CA GLY RA 22 -9.99 1.53 32.46
C GLY RA 22 -9.15 1.56 31.20
N LEU RA 23 -8.35 0.51 30.98
CA LEU RA 23 -7.48 0.42 29.81
C LEU RA 23 -7.80 -0.85 29.03
N MET RA 24 -7.74 -0.75 27.71
CA MET RA 24 -8.05 -1.88 26.86
C MET RA 24 -6.92 -2.91 26.90
N ASP RA 25 -7.23 -4.11 26.44
CA ASP RA 25 -6.24 -5.17 26.37
C ASP RA 25 -5.25 -4.90 25.25
N GLY RA 26 -4.02 -5.34 25.45
CA GLY RA 26 -3.02 -5.25 24.40
C GLY RA 26 -1.67 -4.89 24.95
N ASP RA 27 -0.65 -5.12 24.13
CA ASP RA 27 0.72 -4.78 24.48
C ASP RA 27 1.01 -3.29 24.40
N ASP RA 28 0.02 -2.49 23.98
CA ASP RA 28 0.23 -1.04 23.84
C ASP RA 28 -1.07 -0.35 24.23
N ALA RA 29 -1.14 0.12 25.47
CA ALA RA 29 -2.31 0.83 25.96
C ALA RA 29 -2.05 2.31 26.24
N ILE RA 30 -0.81 2.69 26.55
CA ILE RA 30 -0.42 4.08 26.71
C ILE RA 30 0.89 4.25 25.96
N THR RA 31 0.86 4.96 24.83
CA THR RA 31 2.05 5.10 24.00
C THR RA 31 2.35 6.57 23.77
N THR RA 32 3.58 6.98 24.04
CA THR RA 32 4.03 8.35 23.84
C THR RA 32 5.07 8.39 22.74
N SER RA 33 4.89 9.28 21.77
CA SER RA 33 5.82 9.42 20.67
C SER RA 33 6.27 10.87 20.54
N PRO RA 34 7.54 11.10 20.25
CA PRO RA 34 8.05 12.46 20.14
C PRO RA 34 7.51 13.16 18.90
N GLY RA 35 7.62 14.48 18.92
CA GLY RA 35 7.11 15.30 17.83
C GLY RA 35 7.80 15.04 16.51
N VAL RA 36 9.09 15.35 16.43
CA VAL RA 36 9.87 15.23 15.22
C VAL RA 36 11.17 14.50 15.53
N ASP RA 37 11.97 14.27 14.50
CA ASP RA 37 13.25 13.61 14.66
C ASP RA 37 14.20 14.48 15.48
N VAL RA 38 15.13 13.83 16.16
CA VAL RA 38 16.07 14.56 17.00
C VAL RA 38 16.98 15.43 16.14
N GLY RA 39 17.42 14.92 15.00
CA GLY RA 39 18.35 15.67 14.18
C GLY RA 39 18.30 15.23 12.74
N THR RA 40 19.23 15.79 11.95
CA THR RA 40 19.29 15.51 10.52
C THR RA 40 20.73 15.66 10.04
N MET RA 41 21.23 14.65 9.35
CA MET RA 41 22.58 14.69 8.79
C MET RA 41 22.50 15.08 7.32
N LEU RA 42 23.33 16.06 6.93
CA LEU RA 42 23.39 16.54 5.56
C LEU RA 42 24.79 16.32 5.03
N VAL RA 43 24.92 15.54 3.98
CA VAL RA 43 26.21 15.22 3.37
C VAL RA 43 26.25 15.85 1.98
N GLY RA 44 27.27 16.64 1.72
CA GLY RA 44 27.38 17.36 0.47
C GLY RA 44 27.97 16.52 -0.65
N ALA RA 45 28.14 17.16 -1.80
CA ALA RA 45 28.62 16.49 -2.99
C ALA RA 45 30.10 16.15 -2.91
N ASP RA 46 30.82 16.66 -1.92
CA ASP RA 46 32.25 16.41 -1.80
C ASP RA 46 32.57 15.32 -0.77
N GLY RA 47 31.66 15.04 0.15
CA GLY RA 47 31.90 14.05 1.19
C GLY RA 47 31.88 14.61 2.60
N SER RA 48 31.93 15.92 2.78
CA SER RA 48 31.83 16.50 4.10
C SER RA 48 30.41 16.33 4.63
N TRP RA 49 30.24 16.58 5.93
CA TRP RA 49 28.96 16.35 6.57
C TRP RA 49 28.68 17.42 7.61
N LEU RA 50 27.39 17.66 7.87
CA LEU RA 50 26.97 18.61 8.88
C LEU RA 50 25.67 18.11 9.51
N PHE RA 51 25.64 18.08 10.83
CA PHE RA 51 24.47 17.60 11.57
C PHE RA 51 23.70 18.80 12.12
N SER RA 52 22.39 18.72 12.08
CA SER RA 52 21.52 19.79 12.55
C SER RA 52 20.57 19.25 13.61
N GLN RA 53 20.47 19.97 14.72
CA GLN RA 53 19.71 19.54 15.89
C GLN RA 53 18.51 20.45 16.07
N THR RA 54 17.35 19.86 16.31
CA THR RA 54 16.11 20.62 16.40
C THR RA 54 15.86 21.11 17.82
N ALA RA 55 15.06 22.17 17.93
CA ALA RA 55 14.64 22.71 19.21
C ALA RA 55 13.23 22.29 19.59
N ASP RA 56 12.61 21.40 18.81
CA ASP RA 56 11.23 20.98 19.03
C ASP RA 56 11.21 19.88 20.07
N LYS RA 57 10.93 20.24 21.32
CA LYS RA 57 10.75 19.28 22.40
C LYS RA 57 9.25 19.17 22.70
N SER RA 58 8.57 18.37 21.89
CA SER RA 58 7.14 18.17 22.02
C SER RA 58 6.81 16.70 21.80
N ALA RA 59 5.67 16.27 22.33
CA ALA RA 59 5.29 14.87 22.25
C ALA RA 59 3.78 14.74 22.18
N THR RA 60 3.35 13.56 21.74
CA THR RA 60 1.95 13.18 21.73
C THR RA 60 1.78 11.86 22.46
N VAL RA 61 0.63 11.65 23.06
CA VAL RA 61 0.34 10.44 23.80
C VAL RA 61 -1.00 9.89 23.34
N VAL RA 62 -1.09 8.57 23.23
CA VAL RA 62 -2.30 7.87 22.84
C VAL RA 62 -2.69 6.95 23.98
N ILE RA 63 -3.94 7.08 24.42
CA ILE RA 63 -4.50 6.28 25.51
C ILE RA 63 -5.69 5.51 24.96
N LYS RA 64 -5.74 4.21 25.26
CA LYS RA 64 -6.82 3.34 24.83
C LYS RA 64 -7.64 2.93 26.05
N LEU RA 65 -8.93 3.22 26.02
CA LEU RA 65 -9.81 3.00 27.15
C LEU RA 65 -11.00 2.16 26.74
N LYS RA 66 -11.54 1.40 27.70
CA LYS RA 66 -12.77 0.68 27.50
C LYS RA 66 -13.93 1.66 27.39
N PRO RA 67 -15.05 1.23 26.81
CA PRO RA 67 -16.23 2.10 26.76
C PRO RA 67 -16.81 2.44 28.12
N ASN RA 68 -16.42 1.74 29.18
CA ASN RA 68 -16.91 2.00 30.54
C ASN RA 68 -15.71 2.24 31.45
N SER RA 69 -15.24 3.48 31.48
CA SER RA 69 -14.11 3.81 32.34
C SER RA 69 -14.26 5.25 32.79
N PRO RA 70 -14.07 5.52 34.08
CA PRO RA 70 -14.22 6.91 34.56
C PRO RA 70 -13.31 7.89 33.85
N THR RA 71 -12.13 7.45 33.42
CA THR RA 71 -11.26 8.33 32.63
C THR RA 71 -11.94 8.73 31.33
N HIS RA 72 -12.73 7.85 30.74
CA HIS RA 72 -13.49 8.21 29.55
C HIS RA 72 -14.46 9.35 29.85
N ARG RA 73 -15.14 9.27 30.99
CA ARG RA 73 -16.04 10.36 31.39
C ARG RA 73 -15.28 11.66 31.58
N GLN RA 74 -14.13 11.59 32.26
CA GLN RA 74 -13.34 12.80 32.49
C GLN RA 74 -12.89 13.43 31.16
N LEU RA 75 -12.40 12.59 30.25
CA LEU RA 75 -11.93 13.11 28.97
C LEU RA 75 -13.06 13.67 28.13
N THR RA 76 -14.24 13.02 28.15
CA THR RA 76 -15.34 13.56 27.36
C THR RA 76 -15.94 14.80 27.99
N GLU RA 77 -15.72 15.04 29.28
CA GLU RA 77 -16.06 16.34 29.83
C GLU RA 77 -15.04 17.40 29.41
N LYS RA 78 -13.76 17.05 29.44
CA LYS RA 78 -12.72 18.02 29.06
C LYS RA 78 -12.87 18.43 27.60
N TRP RA 79 -13.24 17.47 26.73
CA TRP RA 79 -13.45 17.79 25.33
C TRP RA 79 -14.56 18.81 25.15
N MET RA 80 -15.67 18.62 25.85
CA MET RA 80 -16.76 19.60 25.76
C MET RA 80 -16.35 20.94 26.35
N ALA RA 81 -15.53 20.93 27.39
CA ALA RA 81 -15.04 22.19 27.93
C ALA RA 81 -14.22 22.94 26.90
N GLN RA 82 -13.35 22.23 26.16
CA GLN RA 82 -12.59 22.87 25.10
C GLN RA 82 -13.51 23.38 24.00
N ARG RA 83 -14.50 22.57 23.60
CA ARG RA 83 -15.41 23.00 22.54
C ARG RA 83 -16.17 24.25 22.94
N ALA RA 84 -16.52 24.39 24.23
CA ALA RA 84 -17.25 25.57 24.68
C ALA RA 84 -16.42 26.83 24.51
N GLY RA 85 -15.12 26.75 24.75
CA GLY RA 85 -14.25 27.90 24.58
C GLY RA 85 -13.15 27.99 25.61
N ARG RA 86 -13.32 27.32 26.74
CA ARG RA 86 -12.31 27.31 27.79
C ARG RA 86 -11.10 26.50 27.33
N LEU RA 87 -9.91 26.99 27.63
CA LEU RA 87 -8.67 26.35 27.20
C LEU RA 87 -7.67 26.36 28.34
N VAL RA 88 -7.30 25.17 28.82
CA VAL RA 88 -6.40 25.00 29.96
C VAL RA 88 -5.51 23.80 29.71
N GLY RA 89 -4.61 23.53 30.67
CA GLY RA 89 -3.53 22.59 30.45
C GLY RA 89 -3.75 21.15 30.83
N PHE RA 90 -4.34 20.89 32.00
CA PHE RA 90 -4.57 19.57 32.57
C PHE RA 90 -3.32 18.70 32.41
N PRO RA 91 -2.32 18.89 33.27
CA PRO RA 91 -1.07 18.13 33.14
C PRO RA 91 -1.30 16.63 33.26
N PHE RA 92 -0.52 15.87 32.48
CA PHE RA 92 -0.54 14.41 32.47
C PHE RA 92 0.86 13.90 32.71
N ASP RA 93 0.99 12.83 33.48
CA ASP RA 93 2.31 12.31 33.79
C ASP RA 93 2.20 10.83 34.11
N PHE RA 94 3.16 10.04 33.63
CA PHE RA 94 3.11 8.61 33.91
C PHE RA 94 4.51 8.06 34.08
N ILE RA 95 4.59 6.95 34.82
CA ILE RA 95 5.87 6.44 35.28
C ILE RA 95 5.73 4.97 35.61
N ASP RA 96 6.87 4.26 35.57
CA ASP RA 96 6.94 2.88 36.01
C ASP RA 96 7.78 2.81 37.28
N SER RA 97 7.24 2.18 38.32
CA SER RA 97 7.90 2.14 39.61
C SER RA 97 9.10 1.20 39.63
N ALA RA 98 9.19 0.26 38.70
CA ALA RA 98 10.28 -0.70 38.71
C ALA RA 98 11.60 -0.13 38.23
N SER RA 99 11.55 0.87 37.33
CA SER RA 99 12.79 1.42 36.78
C SER RA 99 12.76 2.94 36.64
N ASN RA 100 11.74 3.61 37.17
CA ASN RA 100 11.62 5.07 37.08
C ASN RA 100 11.69 5.56 35.63
N GLU RA 101 11.11 4.78 34.73
CA GLU RA 101 11.04 5.15 33.32
C GLU RA 101 9.67 5.73 33.02
N GLY RA 102 9.64 6.81 32.27
CA GLY RA 102 8.39 7.48 31.95
C GLY RA 102 8.65 8.95 31.72
N GLY RA 103 7.61 9.74 31.91
CA GLY RA 103 7.79 11.17 31.69
C GLY RA 103 6.63 11.96 32.24
N THR RA 104 6.74 13.28 32.07
CA THR RA 104 5.72 14.19 32.55
C THR RA 104 5.63 15.39 31.62
N GLY RA 105 4.45 16.00 31.63
CA GLY RA 105 4.23 17.24 30.92
C GLY RA 105 3.39 18.18 31.77
N ALA RA 106 3.50 19.47 31.46
CA ALA RA 106 2.87 20.49 32.29
C ALA RA 106 1.52 20.94 31.76
N GLU RA 107 1.37 21.05 30.45
CA GLU RA 107 0.11 21.52 29.85
C GLU RA 107 -0.15 20.72 28.58
N PHE RA 108 -1.17 19.86 28.64
CA PHE RA 108 -1.61 19.08 27.49
C PHE RA 108 -2.88 19.68 26.90
N PHE RA 109 -3.33 19.09 25.79
CA PHE RA 109 -4.56 19.50 25.14
C PHE RA 109 -5.11 18.31 24.36
N ILE RA 110 -6.42 18.14 24.41
CA ILE RA 110 -7.06 17.08 23.64
C ILE RA 110 -6.89 17.39 22.15
N GLN RA 111 -6.32 16.45 21.41
CA GLN RA 111 -6.10 16.63 19.99
C GLN RA 111 -7.02 15.78 19.13
N LYS RA 112 -7.28 14.53 19.53
CA LYS RA 112 -8.20 13.70 18.79
C LYS RA 112 -9.34 13.24 19.68
N ALA RA 113 -10.32 12.59 19.07
CA ALA RA 113 -11.48 12.07 19.76
C ALA RA 113 -11.79 10.68 19.23
N PRO RA 114 -12.39 9.82 20.06
CA PRO RA 114 -12.65 8.45 19.64
C PRO RA 114 -13.88 8.38 18.72
N ASP RA 115 -14.05 7.20 18.13
CA ASP RA 115 -15.22 6.91 17.31
C ASP RA 115 -16.15 6.01 18.11
N ASP RA 116 -17.41 6.43 18.23
CA ASP RA 116 -18.40 5.68 19.02
C ASP RA 116 -18.95 4.54 18.17
N SER RA 117 -18.36 3.38 18.32
CA SER RA 117 -18.82 2.17 17.66
C SER RA 117 -19.55 1.31 18.68
N LYS RA 118 -20.76 0.88 18.34
CA LYS RA 118 -21.52 0.04 19.25
C LYS RA 118 -21.34 -1.45 18.94
N GLY RA 119 -21.73 -1.87 17.74
CA GLY RA 119 -21.56 -3.25 17.33
C GLY RA 119 -22.07 -4.29 18.31
N ASN RA 120 -21.51 -5.50 18.25
CA ASN RA 120 -21.97 -6.60 19.08
C ASN RA 120 -21.16 -6.77 20.36
N ASN RA 121 -19.91 -6.34 20.38
CA ASN RA 121 -19.10 -6.41 21.59
C ASN RA 121 -18.51 -5.05 21.93
N ALA RA 122 -17.64 -5.01 22.93
CA ALA RA 122 -17.00 -3.76 23.30
C ALA RA 122 -15.85 -3.45 22.35
N VAL RA 123 -15.65 -2.16 22.10
CA VAL RA 123 -14.60 -1.68 21.21
C VAL RA 123 -13.78 -0.63 21.93
N VAL RA 124 -12.56 -0.43 21.45
CA VAL RA 124 -11.65 0.52 22.07
C VAL RA 124 -12.15 1.94 21.87
N ARG RA 125 -11.74 2.83 22.76
CA ARG RA 125 -11.86 4.28 22.56
C ARG RA 125 -10.48 4.88 22.70
N GLU RA 126 -9.97 5.46 21.62
CA GLU RA 126 -8.61 5.99 21.61
C GLU RA 126 -8.65 7.52 21.69
N TRP RA 127 -7.91 8.07 22.65
CA TRP RA 127 -7.74 9.50 22.78
C TRP RA 127 -6.30 9.87 22.50
N THR RA 128 -6.11 10.95 21.76
CA THR RA 128 -4.78 11.45 21.44
C THR RA 128 -4.62 12.84 22.01
N ILE RA 129 -3.61 13.02 22.86
CA ILE RA 129 -3.32 14.26 23.55
C ILE RA 129 -1.95 14.75 23.08
N VAL RA 130 -1.72 16.05 23.12
CA VAL RA 130 -0.50 16.65 22.60
C VAL RA 130 0.01 17.69 23.60
N THR RA 131 1.32 17.70 23.83
CA THR RA 131 1.93 18.69 24.70
C THR RA 131 2.88 19.58 23.90
N GLY RA 132 3.24 20.71 24.50
CA GLY RA 132 4.20 21.60 23.90
C GLY RA 132 5.60 21.34 24.42
N GLU RA 133 5.68 20.79 25.63
CA GLU RA 133 6.93 20.32 26.20
C GLU RA 133 6.68 18.96 26.85
N TRP RA 134 7.70 18.12 26.82
CA TRP RA 134 7.61 16.79 27.40
C TRP RA 134 8.96 16.45 28.00
N THR RA 135 9.00 16.26 29.31
CA THR RA 135 10.26 15.94 29.98
C THR RA 135 10.24 14.48 30.40
N PRO RA 136 11.05 13.63 29.77
CA PRO RA 136 11.20 12.26 30.27
C PRO RA 136 12.01 12.26 31.54
N THR RA 137 11.80 11.22 32.35
CA THR RA 137 12.61 11.02 33.54
C THR RA 137 13.62 9.92 33.29
N ILE RA 138 14.85 10.14 33.75
CA ILE RA 138 15.94 9.21 33.46
C ILE RA 138 15.76 7.96 34.31
N PRO RA 139 15.76 6.77 33.71
CA PRO RA 139 15.61 5.56 34.51
C PRO RA 139 16.85 5.28 35.33
N THR RA 140 16.79 5.56 36.63
CA THR RA 140 17.97 5.48 37.48
C THR RA 140 18.22 4.07 37.99
N LEU RA 141 17.20 3.24 38.09
CA LEU RA 141 17.36 1.85 38.51
C LEU RA 141 17.60 0.91 37.33
N LEU RA 142 18.13 1.44 36.23
CA LEU RA 142 18.36 0.68 34.99
C LEU RA 142 17.06 0.15 34.42
N MET SA 1 -5.27 35.02 33.75
CA MET SA 1 -5.36 35.51 32.39
C MET SA 1 -4.21 34.98 31.54
N ALA SA 2 -4.08 33.67 31.49
CA ALA SA 2 -3.03 33.05 30.70
C ALA SA 2 -3.33 33.18 29.22
N MET SA 3 -2.27 33.26 28.40
CA MET SA 3 -2.43 33.40 26.96
C MET SA 3 -2.94 32.07 26.41
N LYS SA 4 -4.26 31.96 26.30
CA LYS SA 4 -4.88 30.70 25.91
C LYS SA 4 -4.55 30.36 24.46
N ALA SA 5 -4.91 29.14 24.07
CA ALA SA 5 -4.72 28.71 22.70
C ALA SA 5 -5.57 29.53 21.75
N TYR SA 6 -5.07 29.70 20.53
CA TYR SA 6 -5.83 30.41 19.51
C TYR SA 6 -7.06 29.61 19.10
N SER SA 7 -8.14 30.32 18.78
CA SER SA 7 -9.36 29.67 18.30
C SER SA 7 -10.20 30.69 17.56
N MET SA 8 -10.88 30.23 16.51
CA MET SA 8 -11.78 31.10 15.78
C MET SA 8 -13.03 31.44 16.57
N LEU SA 9 -13.26 30.78 17.69
CA LEU SA 9 -14.42 31.07 18.52
C LEU SA 9 -14.24 32.28 19.41
N ASN SA 10 -13.08 32.92 19.37
CA ASN SA 10 -12.82 34.12 20.15
C ASN SA 10 -12.54 35.33 19.28
N VAL SA 11 -12.53 35.19 17.97
CA VAL SA 11 -12.32 36.30 17.06
C VAL SA 11 -13.69 36.91 16.74
N THR SA 12 -13.80 38.22 16.89
CA THR SA 12 -15.06 38.92 16.65
C THR SA 12 -14.84 39.98 15.57
N ALA SA 13 -15.72 40.01 14.58
CA ALA SA 13 -15.71 41.01 13.53
C ALA SA 13 -17.08 41.64 13.42
N THR SA 14 -17.11 42.96 13.27
CA THR SA 14 -18.34 43.73 13.18
C THR SA 14 -18.29 44.58 11.93
N LEU SA 15 -19.34 44.49 11.12
CA LEU SA 15 -19.43 45.22 9.85
C LEU SA 15 -20.71 46.05 9.90
N ASP SA 16 -20.58 47.33 10.24
CA ASP SA 16 -21.69 48.27 10.28
C ASP SA 16 -22.75 47.81 11.27
N GLY SA 17 -22.32 47.49 12.47
CA GLY SA 17 -23.23 47.06 13.53
C GLY SA 17 -23.41 45.56 13.67
N ARG SA 18 -23.84 44.90 12.59
CA ARG SA 18 -24.08 43.47 12.66
C ARG SA 18 -22.79 42.68 12.55
N ARG SA 19 -22.82 41.44 13.02
CA ARG SA 19 -21.65 40.58 13.02
C ARG SA 19 -21.46 39.91 11.68
N VAL SA 20 -20.31 39.26 11.52
CA VAL SA 20 -19.99 38.43 10.38
C VAL SA 20 -20.01 36.98 10.84
N ILE SA 21 -20.80 36.14 10.17
CA ILE SA 21 -21.00 34.77 10.59
C ILE SA 21 -20.54 33.77 9.54
N GLY SA 22 -21.13 33.82 8.35
CA GLY SA 22 -20.80 32.80 7.37
C GLY SA 22 -19.46 33.00 6.72
N LEU SA 23 -18.47 32.21 7.11
CA LEU SA 23 -17.12 32.31 6.58
C LEU SA 23 -16.70 30.99 5.98
N MET SA 24 -15.97 31.06 4.87
CA MET SA 24 -15.53 29.85 4.18
C MET SA 24 -14.41 29.17 4.95
N ASP SA 25 -14.17 27.91 4.60
CA ASP SA 25 -13.10 27.15 5.21
C ASP SA 25 -11.74 27.64 4.73
N GLY SA 26 -10.75 27.54 5.59
CA GLY SA 26 -9.39 27.87 5.19
C GLY SA 26 -8.65 28.59 6.28
N ASP SA 27 -7.33 28.61 6.13
CA ASP SA 27 -6.47 29.32 7.07
C ASP SA 27 -6.50 30.83 6.89
N ASP SA 28 -7.25 31.33 5.91
CA ASP SA 28 -7.30 32.77 5.65
C ASP SA 28 -8.72 33.10 5.21
N ALA SA 29 -9.54 33.57 6.15
CA ALA SA 29 -10.91 33.97 5.87
C ALA SA 29 -11.14 35.46 5.98
N ILE SA 30 -10.38 36.17 6.80
CA ILE SA 30 -10.43 37.62 6.91
C ILE SA 30 -8.99 38.11 6.91
N THR SA 31 -8.58 38.76 5.82
CA THR SA 31 -7.18 39.18 5.70
C THR SA 31 -7.11 40.67 5.41
N THR SA 32 -6.33 41.40 6.20
CA THR SA 32 -6.14 42.83 6.01
C THR SA 32 -4.71 43.10 5.60
N SER SA 33 -4.54 43.89 4.54
CA SER SA 33 -3.22 44.23 4.06
C SER SA 33 -3.09 45.75 3.94
N PRO SA 34 -1.93 46.30 4.30
CA PRO SA 34 -1.74 47.74 4.24
C PRO SA 34 -1.67 48.24 2.80
N GLY SA 35 -1.87 49.54 2.64
CA GLY SA 35 -1.87 50.15 1.33
C GLY SA 35 -0.56 50.05 0.60
N VAL SA 36 0.48 50.69 1.14
CA VAL SA 36 1.79 50.74 0.52
C VAL SA 36 2.84 50.39 1.56
N ASP SA 37 4.10 50.35 1.13
CA ASP SA 37 5.20 50.06 2.03
C ASP SA 37 5.36 51.17 3.05
N VAL SA 38 5.90 50.82 4.21
CA VAL SA 38 6.09 51.80 5.27
C VAL SA 38 7.10 52.85 4.87
N GLY SA 39 8.18 52.44 4.21
CA GLY SA 39 9.21 53.38 3.85
C GLY SA 39 10.04 52.91 2.68
N THR SA 40 11.09 53.66 2.39
CA THR SA 40 11.96 53.35 1.25
C THR SA 40 13.36 53.87 1.54
N MET SA 41 14.36 53.01 1.39
CA MET SA 41 15.75 53.39 1.58
C MET SA 41 16.39 53.71 0.24
N LEU SA 42 17.07 54.85 0.16
CA LEU SA 42 17.74 55.28 -1.06
C LEU SA 42 19.22 55.44 -0.75
N VAL SA 43 20.05 54.69 -1.45
CA VAL SA 43 21.50 54.71 -1.26
C VAL SA 43 22.14 55.28 -2.52
N GLY SA 44 22.95 56.31 -2.36
CA GLY SA 44 23.55 56.98 -3.48
C GLY SA 44 24.80 56.29 -3.99
N ALA SA 45 25.41 56.93 -4.99
CA ALA SA 45 26.59 56.37 -5.64
C ALA SA 45 27.83 56.44 -4.77
N ASP SA 46 27.80 57.15 -3.66
CA ASP SA 46 28.95 57.28 -2.78
C ASP SA 46 28.90 56.35 -1.58
N GLY SA 47 27.72 55.87 -1.20
CA GLY SA 47 27.58 55.02 -0.04
C GLY SA 47 26.70 55.59 1.05
N SER SA 48 26.37 56.88 1.01
CA SER SA 48 25.46 57.45 1.98
C SER SA 48 24.04 56.93 1.75
N TRP SA 49 23.16 57.15 2.72
CA TRP SA 49 21.82 56.62 2.64
C TRP SA 49 20.82 57.61 3.21
N LEU SA 50 19.58 57.50 2.75
CA LEU SA 50 18.48 58.33 3.22
C LEU SA 50 17.19 57.53 3.19
N PHE SA 51 16.47 57.53 4.30
CA PHE SA 51 15.23 56.79 4.42
C PHE SA 51 14.06 57.75 4.30
N SER SA 52 13.01 57.32 3.61
CA SER SA 52 11.83 58.15 3.39
C SER SA 52 10.59 57.41 3.89
N GLN SA 53 9.77 58.10 4.67
CA GLN SA 53 8.62 57.53 5.35
C GLN SA 53 7.34 58.09 4.74
N THR SA 54 6.38 57.22 4.46
CA THR SA 54 5.16 57.63 3.79
C THR SA 54 4.10 58.08 4.78
N ALA SA 55 3.17 58.89 4.29
CA ALA SA 55 2.02 59.33 5.07
C ALA SA 55 0.74 58.57 4.74
N ASP SA 56 0.85 57.52 3.93
CA ASP SA 56 -0.32 56.76 3.49
C ASP SA 56 -0.66 55.72 4.54
N LYS SA 57 -1.62 56.05 5.40
CA LYS SA 57 -2.15 55.10 6.38
C LYS SA 57 -3.50 54.60 5.89
N SER SA 58 -3.47 53.62 4.99
CA SER SA 58 -4.68 53.06 4.42
C SER SA 58 -4.53 51.55 4.31
N ALA SA 59 -5.65 50.85 4.25
CA ALA SA 59 -5.63 49.40 4.24
C ALA SA 59 -6.80 48.87 3.43
N THR SA 60 -6.69 47.60 3.03
CA THR SA 60 -7.75 46.86 2.38
C THR SA 60 -7.99 45.57 3.14
N VAL SA 61 -9.22 45.09 3.09
CA VAL SA 61 -9.59 43.86 3.78
C VAL SA 61 -10.34 42.96 2.80
N VAL SA 62 -10.07 41.66 2.89
CA VAL SA 62 -10.70 40.65 2.06
C VAL SA 62 -11.45 39.70 2.97
N ILE SA 63 -12.74 39.50 2.69
CA ILE SA 63 -13.60 38.63 3.46
C ILE SA 63 -14.12 37.55 2.53
N LYS SA 64 -14.06 36.30 2.97
CA LYS SA 64 -14.53 35.16 2.20
C LYS SA 64 -15.77 34.59 2.90
N LEU SA 65 -16.88 34.52 2.17
CA LEU SA 65 -18.16 34.11 2.72
C LEU SA 65 -18.74 32.96 1.92
N LYS SA 66 -19.53 32.13 2.58
CA LYS SA 66 -20.29 31.09 1.91
C LYS SA 66 -21.38 31.72 1.07
N PRO SA 67 -21.91 30.99 0.09
CA PRO SA 67 -23.03 31.52 -0.70
C PRO SA 67 -24.30 31.75 0.10
N ASN SA 68 -24.40 31.20 1.32
CA ASN SA 68 -25.57 31.36 2.17
C ASN SA 68 -25.12 31.93 3.51
N SER SA 69 -25.00 33.26 3.57
CA SER SA 69 -24.61 33.91 4.81
C SER SA 69 -25.27 35.27 4.88
N PRO SA 70 -25.85 35.62 6.02
CA PRO SA 70 -26.53 36.93 6.12
C PRO SA 70 -25.61 38.09 5.82
N THR SA 71 -24.31 37.97 6.12
CA THR SA 71 -23.37 39.02 5.75
C THR SA 71 -23.32 39.19 4.24
N HIS SA 72 -23.48 38.11 3.49
CA HIS SA 72 -23.54 38.22 2.03
C HIS SA 72 -24.73 39.06 1.61
N ARG SA 73 -25.88 38.86 2.25
CA ARG SA 73 -27.05 39.68 1.95
C ARG SA 73 -26.80 41.14 2.29
N GLN SA 74 -26.20 41.40 3.45
CA GLN SA 74 -25.94 42.78 3.83
C GLN SA 74 -25.00 43.45 2.84
N LEU SA 75 -23.93 42.76 2.45
CA LEU SA 75 -22.97 43.33 1.52
C LEU SA 75 -23.58 43.56 0.14
N THR SA 76 -24.41 42.62 -0.33
CA THR SA 76 -25.01 42.81 -1.63
C THR SA 76 -26.09 43.88 -1.62
N GLU SA 77 -26.65 44.20 -0.45
CA GLU SA 77 -27.49 45.39 -0.37
C GLU SA 77 -26.66 46.66 -0.39
N LYS SA 78 -25.54 46.67 0.33
CA LYS SA 78 -24.69 47.86 0.37
C LYS SA 78 -24.12 48.17 -1.00
N TRP SA 79 -23.77 47.13 -1.76
CA TRP SA 79 -23.26 47.34 -3.11
C TRP SA 79 -24.30 48.03 -4.00
N MET SA 80 -25.54 47.57 -3.93
CA MET SA 80 -26.59 48.21 -4.72
C MET SA 80 -26.84 49.63 -4.25
N ALA SA 81 -26.73 49.87 -2.93
CA ALA SA 81 -26.87 51.24 -2.44
C ALA SA 81 -25.80 52.14 -3.02
N GLN SA 82 -24.56 51.66 -3.09
CA GLN SA 82 -23.51 52.45 -3.71
C GLN SA 82 -23.77 52.66 -5.20
N ARG SA 83 -24.21 51.62 -5.90
CA ARG SA 83 -24.48 51.76 -7.32
C ARG SA 83 -25.59 52.77 -7.58
N ALA SA 84 -26.58 52.85 -6.69
CA ALA SA 84 -27.67 53.80 -6.87
C ALA SA 84 -27.16 55.24 -6.80
N GLY SA 85 -26.21 55.51 -5.93
CA GLY SA 85 -25.65 56.84 -5.82
C GLY SA 85 -25.30 57.26 -4.41
N ARG SA 86 -25.91 56.60 -3.43
CA ARG SA 86 -25.63 56.89 -2.03
C ARG SA 86 -24.22 56.41 -1.68
N LEU SA 87 -23.50 57.21 -0.90
CA LEU SA 87 -22.12 56.92 -0.53
C LEU SA 87 -21.91 57.22 0.94
N VAL SA 88 -21.61 56.20 1.73
CA VAL SA 88 -21.44 56.30 3.17
C VAL SA 88 -20.32 55.38 3.62
N GLY SA 89 -20.04 55.37 4.92
CA GLY SA 89 -18.84 54.76 5.44
C GLY SA 89 -18.92 53.32 5.90
N PHE SA 90 -19.96 52.95 6.62
CA PHE SA 90 -20.18 51.62 7.21
C PHE SA 90 -18.89 51.12 7.86
N PRO SA 91 -18.57 51.59 9.05
CA PRO SA 91 -17.32 51.19 9.71
C PRO SA 91 -17.25 49.68 9.94
N PHE SA 92 -16.04 49.14 9.80
CA PHE SA 92 -15.75 47.73 10.02
C PHE SA 92 -14.62 47.62 11.01
N ASP SA 93 -14.70 46.63 11.91
CA ASP SA 93 -13.66 46.49 12.93
C ASP SA 93 -13.61 45.05 13.38
N PHE SA 94 -12.41 44.52 13.60
CA PHE SA 94 -12.30 43.14 14.04
C PHE SA 94 -11.13 42.99 14.99
N ILE SA 95 -11.21 41.96 15.83
CA ILE SA 95 -10.30 41.83 16.96
C ILE SA 95 -10.28 40.38 17.41
N ASP SA 96 -9.18 39.99 18.06
CA ASP SA 96 -9.06 38.70 18.71
C ASP SA 96 -9.04 38.90 20.22
N SER SA 97 -9.91 38.17 20.92
CA SER SA 97 -10.03 38.35 22.36
C SER SA 97 -8.87 37.77 23.14
N ALA SA 98 -8.10 36.86 22.55
CA ALA SA 98 -7.01 36.21 23.27
C ALA SA 98 -5.79 37.11 23.43
N SER SA 99 -5.56 38.03 22.49
CA SER SA 99 -4.36 38.86 22.55
C SER SA 99 -4.63 40.32 22.17
N ASN SA 100 -5.89 40.71 21.98
CA ASN SA 100 -6.25 42.08 21.61
C ASN SA 100 -5.53 42.52 20.34
N GLU SA 101 -5.36 41.59 19.41
CA GLU SA 101 -4.74 41.89 18.13
C GLU SA 101 -5.84 42.07 17.08
N GLY SA 102 -5.68 43.09 16.25
CA GLY SA 102 -6.68 43.39 15.24
C GLY SA 102 -6.65 44.87 14.93
N GLY SA 103 -7.78 45.37 14.44
CA GLY SA 103 -7.81 46.78 14.09
C GLY SA 103 -9.22 47.25 13.85
N THR SA 104 -9.32 48.54 13.54
CA THR SA 104 -10.60 49.17 13.28
C THR SA 104 -10.43 50.27 12.25
N GLY SA 105 -11.54 50.55 11.56
CA GLY SA 105 -11.60 51.67 10.64
C GLY SA 105 -12.93 52.38 10.78
N ALA SA 106 -12.95 53.64 10.37
CA ALA SA 106 -14.11 54.48 10.58
C ALA SA 106 -15.04 54.54 9.37
N GLU SA 107 -14.49 54.56 8.16
CA GLU SA 107 -15.30 54.67 6.95
C GLU SA 107 -14.68 53.78 5.87
N PHE SA 108 -15.37 52.69 5.56
CA PHE SA 108 -14.96 51.78 4.48
C PHE SA 108 -15.81 52.01 3.24
N PHE SA 109 -15.46 51.28 2.18
CA PHE SA 109 -16.22 51.34 0.94
C PHE SA 109 -16.02 50.03 0.20
N ILE SA 110 -17.08 49.51 -0.40
CA ILE SA 110 -16.97 48.30 -1.20
C ILE SA 110 -16.11 48.59 -2.43
N GLN SA 111 -15.05 47.82 -2.61
CA GLN SA 111 -14.15 48.00 -3.74
C GLN SA 111 -14.28 46.91 -4.78
N LYS SA 112 -14.44 45.67 -4.37
CA LYS SA 112 -14.63 44.58 -5.32
C LYS SA 112 -15.94 43.87 -5.06
N ALA SA 113 -16.29 42.96 -5.97
CA ALA SA 113 -17.50 42.17 -5.89
C ALA SA 113 -17.18 40.74 -6.25
N PRO SA 114 -17.93 39.79 -5.72
CA PRO SA 114 -17.64 38.37 -5.98
C PRO SA 114 -18.14 37.95 -7.36
N ASP SA 115 -17.73 36.75 -7.76
CA ASP SA 115 -18.19 36.13 -8.99
C ASP SA 115 -19.19 35.04 -8.64
N ASP SA 116 -20.38 35.12 -9.24
CA ASP SA 116 -21.45 34.16 -8.95
C ASP SA 116 -21.22 32.90 -9.75
N SER SA 117 -20.56 31.93 -9.13
CA SER SA 117 -20.34 30.62 -9.73
C SER SA 117 -21.30 29.64 -9.09
N LYS SA 118 -22.02 28.88 -9.93
CA LYS SA 118 -22.96 27.90 -9.40
C LYS SA 118 -22.33 26.51 -9.32
N GLY SA 119 -21.93 25.96 -10.46
CA GLY SA 119 -21.28 24.66 -10.49
C GLY SA 119 -22.01 23.55 -9.75
N ASN SA 120 -21.26 22.54 -9.32
CA ASN SA 120 -21.85 21.37 -8.67
C ASN SA 120 -21.83 21.47 -7.14
N ASN SA 121 -20.90 22.22 -6.57
CA ASN SA 121 -20.86 22.40 -5.12
C ASN SA 121 -20.84 23.88 -4.76
N ALA SA 122 -20.67 24.19 -3.48
CA ALA SA 122 -20.60 25.56 -3.05
C ALA SA 122 -19.22 26.14 -3.33
N VAL SA 123 -19.20 27.43 -3.65
CA VAL SA 123 -17.96 28.14 -3.96
C VAL SA 123 -17.88 29.39 -3.09
N VAL SA 124 -16.67 29.90 -2.92
CA VAL SA 124 -16.44 31.08 -2.10
C VAL SA 124 -17.05 32.31 -2.76
N ARG SA 125 -17.38 33.30 -1.94
CA ARG SA 125 -17.68 34.65 -2.41
C ARG SA 125 -16.73 35.60 -1.69
N GLU SA 126 -15.86 36.26 -2.45
CA GLU SA 126 -14.85 37.14 -1.87
C GLU SA 126 -15.24 38.59 -2.06
N TRP SA 127 -15.26 39.34 -0.97
CA TRP SA 127 -15.50 40.78 -1.01
C TRP SA 127 -14.23 41.51 -0.59
N THR SA 128 -13.91 42.58 -1.29
CA THR SA 128 -12.75 43.40 -0.98
C THR SA 128 -13.22 44.81 -0.65
N ILE SA 129 -12.87 45.27 0.56
CA ILE SA 129 -13.25 46.58 1.08
C ILE SA 129 -11.99 47.38 1.30
N VAL SA 130 -12.10 48.71 1.23
CA VAL SA 130 -10.94 49.59 1.31
C VAL SA 130 -11.27 50.76 2.24
N THR SA 131 -10.32 51.12 3.10
CA THR SA 131 -10.49 52.27 3.96
C THR SA 131 -9.47 53.35 3.64
N GLY SA 132 -9.72 54.54 4.13
CA GLY SA 132 -8.80 55.65 3.96
C GLY SA 132 -7.88 55.78 5.15
N GLU SA 133 -8.34 55.31 6.30
CA GLU SA 133 -7.53 55.20 7.50
C GLU SA 133 -7.78 53.86 8.15
N TRP SA 134 -6.75 53.31 8.77
CA TRP SA 134 -6.86 52.02 9.44
C TRP SA 134 -6.00 52.06 10.68
N THR SA 135 -6.63 51.94 11.85
CA THR SA 135 -5.88 51.98 13.10
C THR SA 135 -5.80 50.59 13.70
N PRO SA 136 -4.63 49.96 13.71
CA PRO SA 136 -4.49 48.70 14.43
C PRO SA 136 -4.50 48.95 15.93
N THR SA 137 -4.87 47.91 16.67
CA THR SA 137 -4.80 47.97 18.12
C THR SA 137 -3.60 47.17 18.60
N ILE SA 138 -2.90 47.72 19.57
CA ILE SA 138 -1.65 47.10 20.04
C ILE SA 138 -1.98 45.88 20.88
N PRO SA 139 -1.42 44.72 20.56
CA PRO SA 139 -1.71 43.52 21.37
C PRO SA 139 -1.06 43.62 22.74
N THR SA 140 -1.86 43.92 23.76
CA THR SA 140 -1.34 44.18 25.09
C THR SA 140 -1.09 42.90 25.88
N LEU SA 141 -1.81 41.83 25.57
CA LEU SA 141 -1.61 40.55 26.25
C LEU SA 141 -0.60 39.67 25.52
N LEU SA 142 0.31 40.28 24.77
CA LEU SA 142 1.32 39.58 23.98
C LEU SA 142 0.67 38.70 22.93
N MET TA 1 -40.30 27.07 5.11
CA MET TA 1 -39.38 27.58 4.09
C MET TA 1 -37.96 27.63 4.62
N ALA TA 2 -37.46 26.49 5.10
CA ALA TA 2 -36.11 26.41 5.62
C ALA TA 2 -35.09 26.52 4.48
N MET TA 3 -33.94 27.07 4.79
CA MET TA 3 -32.88 27.25 3.79
C MET TA 3 -32.31 25.87 3.47
N LYS TA 4 -32.85 25.23 2.44
CA LYS TA 4 -32.48 23.86 2.13
C LYS TA 4 -31.04 23.78 1.64
N ALA TA 5 -30.56 22.56 1.51
CA ALA TA 5 -29.22 22.33 0.99
C ALA TA 5 -29.12 22.79 -0.46
N TYR TA 6 -27.93 23.22 -0.85
CA TYR TA 6 -27.70 23.63 -2.23
C TYR TA 6 -27.75 22.43 -3.16
N SER TA 7 -28.25 22.64 -4.36
CA SER TA 7 -28.29 21.58 -5.37
C SER TA 7 -28.42 22.22 -6.74
N MET TA 8 -27.78 21.58 -7.72
CA MET TA 8 -27.90 22.06 -9.10
C MET TA 8 -29.28 21.79 -9.69
N LEU TA 9 -30.11 21.03 -9.01
CA LEU TA 9 -31.45 20.74 -9.50
C LEU TA 9 -32.43 21.86 -9.19
N ASN TA 10 -32.00 22.92 -8.53
CA ASN TA 10 -32.85 24.06 -8.25
C ASN TA 10 -32.36 25.35 -8.90
N VAL TA 11 -31.25 25.31 -9.62
CA VAL TA 11 -30.74 26.47 -10.33
C VAL TA 11 -31.34 26.48 -11.72
N THR TA 12 -31.92 27.60 -12.12
CA THR TA 12 -32.56 27.73 -13.42
C THR TA 12 -31.89 28.87 -14.19
N ALA TA 13 -31.55 28.58 -15.44
CA ALA TA 13 -30.98 29.57 -16.35
C ALA TA 13 -31.78 29.59 -17.64
N THR TA 14 -32.05 30.78 -18.15
CA THR TA 14 -32.83 30.96 -19.37
C THR TA 14 -32.04 31.85 -20.32
N LEU TA 15 -31.89 31.40 -21.55
CA LEU TA 15 -31.12 32.10 -22.58
C LEU TA 15 -32.05 32.33 -23.77
N ASP TA 16 -32.64 33.52 -23.85
CA ASP TA 16 -33.51 33.90 -24.95
C ASP TA 16 -34.73 32.97 -25.04
N GLY TA 17 -35.39 32.80 -23.92
CA GLY TA 17 -36.57 31.94 -23.85
C GLY TA 17 -36.34 30.51 -23.47
N ARG TA 18 -35.49 29.80 -24.20
CA ARG TA 18 -35.24 28.40 -23.93
C ARG TA 18 -34.27 28.23 -22.77
N ARG TA 19 -34.31 27.05 -22.16
CA ARG TA 19 -33.46 26.76 -21.01
C ARG TA 19 -32.06 26.31 -21.45
N VAL TA 20 -31.18 26.22 -20.47
CA VAL TA 20 -29.84 25.68 -20.65
C VAL TA 20 -29.80 24.32 -19.96
N ILE TA 21 -29.41 23.29 -20.69
CA ILE TA 21 -29.46 21.91 -20.19
C ILE TA 21 -28.08 21.28 -20.16
N GLY TA 22 -27.42 21.16 -21.31
CA GLY TA 22 -26.17 20.43 -21.33
C GLY TA 22 -25.02 21.23 -20.74
N LEU TA 23 -24.60 20.89 -19.53
CA LEU TA 23 -23.52 21.57 -18.85
C LEU TA 23 -22.42 20.59 -18.49
N MET TA 24 -21.17 21.03 -18.61
CA MET TA 24 -20.05 20.17 -18.31
C MET TA 24 -19.90 19.96 -16.81
N ASP TA 25 -19.13 18.94 -16.46
CA ASP TA 25 -18.86 18.65 -15.06
C ASP TA 25 -17.92 19.69 -14.47
N GLY TA 26 -18.07 19.96 -13.19
CA GLY TA 26 -17.16 20.84 -12.49
C GLY TA 26 -17.88 21.73 -11.52
N ASP TA 27 -17.10 22.31 -10.61
CA ASP TA 27 -17.63 23.24 -9.62
C ASP TA 27 -17.93 24.60 -10.20
N ASP TA 28 -17.67 24.82 -11.49
CA ASP TA 28 -17.92 26.11 -12.12
C ASP TA 28 -18.38 25.86 -13.54
N ALA TA 29 -19.69 25.89 -13.75
CA ALA TA 29 -20.26 25.70 -15.08
C ALA TA 29 -20.92 26.96 -15.63
N ILE TA 30 -21.40 27.85 -14.78
CA ILE TA 30 -21.94 29.14 -15.20
C ILE TA 30 -21.35 30.18 -14.27
N THR TA 31 -20.45 31.02 -14.78
CA THR TA 31 -19.76 31.98 -13.93
C THR TA 31 -19.93 33.38 -14.49
N THR TA 32 -20.38 34.31 -13.66
CA THR TA 32 -20.57 35.71 -14.06
C THR TA 32 -19.58 36.58 -13.30
N SER TA 33 -18.87 37.44 -14.02
CA SER TA 33 -17.91 38.33 -13.41
C SER TA 33 -18.19 39.77 -13.83
N PRO TA 34 -18.05 40.71 -12.91
CA PRO TA 34 -18.33 42.11 -13.24
C PRO TA 34 -17.27 42.68 -14.17
N GLY TA 35 -17.63 43.80 -14.81
CA GLY TA 35 -16.75 44.44 -15.76
C GLY TA 35 -15.47 44.95 -15.16
N VAL TA 36 -15.56 45.92 -14.26
CA VAL TA 36 -14.41 46.55 -13.64
C VAL TA 36 -14.61 46.60 -12.13
N ASP TA 37 -13.61 47.11 -11.43
CA ASP TA 37 -13.69 47.24 -9.99
C ASP TA 37 -14.77 48.24 -9.61
N VAL TA 38 -15.33 48.06 -8.41
CA VAL TA 38 -16.38 48.96 -7.95
C VAL TA 38 -15.85 50.37 -7.74
N GLY TA 39 -14.64 50.49 -7.18
CA GLY TA 39 -14.10 51.79 -6.89
C GLY TA 39 -12.60 51.78 -6.81
N THR TA 40 -12.05 52.91 -6.40
CA THR TA 40 -10.60 53.09 -6.32
C THR TA 40 -10.27 54.12 -5.25
N MET TA 41 -9.39 53.76 -4.33
CA MET TA 41 -8.96 54.68 -3.28
C MET TA 41 -7.63 55.31 -3.67
N LEU TA 42 -7.56 56.63 -3.55
CA LEU TA 42 -6.36 57.40 -3.88
C LEU TA 42 -5.90 58.12 -2.63
N VAL TA 43 -4.68 57.84 -2.18
CA VAL TA 43 -4.11 58.43 -0.98
C VAL TA 43 -2.94 59.30 -1.40
N GLY TA 44 -2.96 60.57 -1.01
CA GLY TA 44 -1.94 61.51 -1.42
C GLY TA 44 -0.69 61.44 -0.56
N ALA TA 45 0.24 62.33 -0.87
CA ALA TA 45 1.53 62.36 -0.18
C ALA TA 45 1.44 62.87 1.24
N ASP TA 46 0.30 63.43 1.64
CA ASP TA 46 0.15 63.97 2.98
C ASP TA 46 -0.58 63.02 3.92
N GLY TA 47 -1.34 62.07 3.40
CA GLY TA 47 -2.12 61.15 4.22
C GLY TA 47 -3.61 61.23 4.02
N SER TA 48 -4.12 62.27 3.36
CA SER TA 48 -5.54 62.34 3.07
C SER TA 48 -5.91 61.30 2.02
N TRP TA 49 -7.21 61.08 1.86
CA TRP TA 49 -7.68 60.03 0.96
C TRP TA 49 -8.93 60.48 0.23
N LEU TA 50 -9.16 59.90 -0.94
CA LEU TA 50 -10.34 60.17 -1.74
C LEU TA 50 -10.73 58.92 -2.50
N PHE TA 51 -12.00 58.53 -2.39
CA PHE TA 51 -12.52 57.33 -3.04
C PHE TA 51 -13.29 57.73 -4.28
N SER TA 52 -13.14 56.96 -5.35
CA SER TA 52 -13.80 57.23 -6.62
C SER TA 52 -14.62 56.02 -7.03
N GLN TA 53 -15.87 56.25 -7.41
CA GLN TA 53 -16.84 55.20 -7.71
C GLN TA 53 -17.16 55.23 -9.20
N THR TA 54 -17.16 54.06 -9.83
CA THR TA 54 -17.35 53.97 -11.27
C THR TA 54 -18.84 53.87 -11.63
N ALA TA 55 -19.15 54.26 -12.86
CA ALA TA 55 -20.50 54.13 -13.39
C ALA TA 55 -20.65 52.93 -14.32
N ASP TA 56 -19.64 52.07 -14.41
CA ASP TA 56 -19.64 50.93 -15.31
C ASP TA 56 -20.37 49.78 -14.64
N LYS TA 57 -21.65 49.61 -14.98
CA LYS TA 57 -22.43 48.47 -14.51
C LYS TA 57 -22.58 47.49 -15.67
N SER TA 58 -21.54 46.68 -15.88
CA SER TA 58 -21.53 45.70 -16.95
C SER TA 58 -20.92 44.40 -16.44
N ALA TA 59 -21.24 43.31 -17.13
CA ALA TA 59 -20.78 42.00 -16.68
C ALA TA 59 -20.58 41.09 -17.88
N THR TA 60 -19.82 40.02 -17.63
CA THR TA 60 -19.62 38.96 -18.60
C THR TA 60 -19.98 37.63 -17.95
N VAL TA 61 -20.42 36.69 -18.76
CA VAL TA 61 -20.81 35.37 -18.27
C VAL TA 61 -20.12 34.32 -19.13
N VAL TA 62 -19.69 33.23 -18.49
CA VAL TA 62 -19.04 32.11 -19.16
C VAL TA 62 -19.88 30.88 -18.90
N ILE TA 63 -20.24 30.18 -19.97
CA ILE TA 63 -21.06 28.98 -19.92
C ILE TA 63 -20.25 27.84 -20.53
N LYS TA 64 -20.21 26.71 -19.84
CA LYS TA 64 -19.50 25.52 -20.31
C LYS TA 64 -20.51 24.44 -20.66
N LEU TA 65 -20.46 23.98 -21.90
CA LEU TA 65 -21.44 23.03 -22.42
C LEU TA 65 -20.75 21.81 -22.99
N LYS TA 66 -21.45 20.68 -22.95
CA LYS TA 66 -20.99 19.48 -23.60
C LYS TA 66 -21.04 19.65 -25.11
N PRO TA 67 -20.29 18.84 -25.85
CA PRO TA 67 -20.39 18.91 -27.32
C PRO TA 67 -21.75 18.53 -27.88
N ASN TA 68 -22.62 17.91 -27.08
CA ASN TA 68 -23.96 17.52 -27.52
C ASN TA 68 -24.99 18.13 -26.57
N SER TA 69 -25.36 19.38 -26.85
CA SER TA 69 -26.35 20.04 -26.03
C SER TA 69 -27.14 20.99 -26.89
N PRO TA 70 -28.47 21.00 -26.77
CA PRO TA 70 -29.28 21.90 -27.61
C PRO TA 70 -28.91 23.36 -27.44
N THR TA 71 -28.46 23.77 -26.25
CA THR TA 71 -27.98 25.13 -26.08
C THR TA 71 -26.78 25.41 -26.96
N HIS TA 72 -25.93 24.41 -27.19
CA HIS TA 72 -24.82 24.59 -28.13
C HIS TA 72 -25.33 24.90 -29.53
N ARG TA 73 -26.38 24.18 -29.97
CA ARG TA 73 -26.97 24.45 -31.26
C ARG TA 73 -27.54 25.87 -31.32
N GLN TA 74 -28.26 26.28 -30.27
CA GLN TA 74 -28.84 27.61 -30.26
C GLN TA 74 -27.75 28.68 -30.33
N LEU TA 75 -26.69 28.51 -29.54
CA LEU TA 75 -25.62 29.51 -29.54
C LEU TA 75 -24.88 29.54 -30.86
N THR TA 76 -24.65 28.38 -31.49
CA THR TA 76 -23.94 28.40 -32.76
C THR TA 76 -24.82 28.91 -33.89
N GLU TA 77 -26.14 28.90 -33.72
CA GLU TA 77 -26.99 29.62 -34.66
C GLU TA 77 -26.93 31.12 -34.43
N LYS TA 78 -26.95 31.54 -33.17
CA LYS TA 78 -26.90 32.97 -32.86
C LYS TA 78 -25.58 33.58 -33.33
N TRP TA 79 -24.48 32.84 -33.20
CA TRP TA 79 -23.19 33.33 -33.65
C TRP TA 79 -23.20 33.59 -35.15
N MET TA 80 -23.75 32.65 -35.92
CA MET TA 80 -23.83 32.85 -37.37
C MET TA 80 -24.77 34.00 -37.71
N ALA TA 81 -25.83 34.19 -36.93
CA ALA TA 81 -26.71 35.32 -37.16
C ALA TA 81 -25.96 36.63 -36.97
N GLN TA 82 -25.13 36.72 -35.93
CA GLN TA 82 -24.33 37.91 -35.72
C GLN TA 82 -23.32 38.10 -36.86
N ARG TA 83 -22.67 37.02 -37.28
CA ARG TA 83 -21.69 37.13 -38.36
C ARG TA 83 -22.34 37.61 -39.65
N ALA TA 84 -23.59 37.21 -39.90
CA ALA TA 84 -24.28 37.63 -41.11
C ALA TA 84 -24.50 39.14 -41.12
N GLY TA 85 -24.80 39.72 -39.97
CA GLY TA 85 -24.98 41.16 -39.90
C GLY TA 85 -26.08 41.58 -38.93
N ARG TA 86 -26.99 40.66 -38.62
CA ARG TA 86 -28.07 40.95 -37.68
C ARG TA 86 -27.50 41.06 -36.28
N LEU TA 87 -28.00 42.04 -35.52
CA LEU TA 87 -27.50 42.32 -34.17
C LEU TA 87 -28.69 42.58 -33.25
N VAL TA 88 -28.87 41.72 -32.25
CA VAL TA 88 -29.99 41.79 -31.32
C VAL TA 88 -29.49 41.38 -29.93
N GLY TA 89 -30.42 41.40 -28.96
CA GLY TA 89 -30.05 41.31 -27.56
C GLY TA 89 -30.03 39.94 -26.92
N PHE TA 90 -31.05 39.13 -27.18
CA PHE TA 90 -31.25 37.79 -26.60
C PHE TA 90 -30.95 37.81 -25.10
N PRO TA 91 -31.91 38.30 -24.30
CA PRO TA 91 -31.68 38.40 -22.86
C PRO TA 91 -31.40 37.06 -22.22
N PHE TA 92 -30.50 37.07 -21.23
CA PHE TA 92 -30.13 35.89 -20.46
C PHE TA 92 -30.33 36.20 -18.98
N ASP TA 93 -30.80 35.21 -18.23
CA ASP TA 93 -31.05 35.44 -16.81
C ASP TA 93 -30.98 34.11 -16.07
N PHE TA 94 -30.38 34.13 -14.89
CA PHE TA 94 -30.28 32.88 -14.13
C PHE TA 94 -30.42 33.17 -12.64
N ILE TA 95 -30.84 32.14 -11.91
CA ILE TA 95 -31.25 32.32 -10.52
C ILE TA 95 -31.18 30.98 -9.80
N ASP TA 96 -31.04 31.05 -8.49
CA ASP TA 96 -31.12 29.87 -7.63
C ASP TA 96 -32.40 29.96 -6.80
N SER TA 97 -33.19 28.89 -6.81
CA SER TA 97 -34.47 28.91 -6.12
C SER TA 97 -34.34 28.81 -4.61
N ALA TA 98 -33.20 28.34 -4.10
CA ALA TA 98 -33.04 28.16 -2.67
C ALA TA 98 -32.81 29.46 -1.93
N SER TA 99 -32.21 30.46 -2.57
CA SER TA 99 -31.89 31.71 -1.89
C SER TA 99 -32.15 32.94 -2.76
N ASN TA 100 -32.75 32.79 -3.93
CA ASN TA 100 -33.03 33.91 -4.83
C ASN TA 100 -31.76 34.70 -5.16
N GLU TA 101 -30.65 33.99 -5.29
CA GLU TA 101 -29.39 34.60 -5.66
C GLU TA 101 -29.15 34.39 -7.15
N GLY TA 102 -28.70 35.43 -7.82
CA GLY TA 102 -28.48 35.36 -9.26
C GLY TA 102 -28.64 36.74 -9.86
N GLY TA 103 -28.97 36.75 -11.15
CA GLY TA 103 -29.11 38.04 -11.80
C GLY TA 103 -29.78 37.90 -13.15
N THR TA 104 -29.95 39.06 -13.78
CA THR TA 104 -30.57 39.11 -15.10
C THR TA 104 -29.97 40.25 -15.90
N GLY TA 105 -30.07 40.10 -17.23
CA GLY TA 105 -29.68 41.15 -18.14
C GLY TA 105 -30.68 41.23 -19.27
N ALA TA 106 -30.72 42.39 -19.90
CA ALA TA 106 -31.73 42.66 -20.92
C ALA TA 106 -31.23 42.42 -22.34
N GLU TA 107 -29.98 42.75 -22.64
CA GLU TA 107 -29.44 42.59 -23.98
C GLU TA 107 -28.01 42.11 -23.89
N PHE TA 108 -27.76 40.86 -24.26
CA PHE TA 108 -26.42 40.28 -24.29
C PHE TA 108 -25.92 40.23 -25.73
N PHE TA 109 -24.68 39.78 -25.88
CA PHE TA 109 -24.06 39.60 -27.18
C PHE TA 109 -22.98 38.54 -27.06
N ILE TA 110 -22.89 37.68 -28.07
CA ILE TA 110 -21.82 36.68 -28.08
C ILE TA 110 -20.48 37.39 -28.23
N GLN TA 111 -19.57 37.14 -27.30
CA GLN TA 111 -18.25 37.75 -27.34
C GLN TA 111 -17.15 36.78 -27.72
N LYS TA 112 -17.20 35.55 -27.22
CA LYS TA 112 -16.20 34.56 -27.59
C LYS TA 112 -16.88 33.35 -28.22
N ALA TA 113 -16.05 32.45 -28.74
CA ALA TA 113 -16.49 31.22 -29.37
C ALA TA 113 -15.62 30.07 -28.91
N PRO TA 114 -16.16 28.86 -28.87
CA PRO TA 114 -15.38 27.72 -28.39
C PRO TA 114 -14.40 27.22 -29.44
N ASP TA 115 -13.51 26.34 -29.00
CA ASP TA 115 -12.57 25.67 -29.88
C ASP TA 115 -13.04 24.24 -30.11
N ASP TA 116 -13.18 23.86 -31.38
CA ASP TA 116 -13.68 22.53 -31.73
C ASP TA 116 -12.54 21.53 -31.64
N SER TA 117 -12.43 20.87 -30.49
CA SER TA 117 -11.45 19.83 -30.28
C SER TA 117 -12.16 18.49 -30.33
N LYS TA 118 -11.63 17.57 -31.15
CA LYS TA 118 -12.25 16.25 -31.24
C LYS TA 118 -11.59 15.24 -30.30
N GLY TA 119 -10.30 14.99 -30.50
CA GLY TA 119 -9.56 14.08 -29.65
C GLY TA 119 -10.20 12.73 -29.43
N ASN TA 120 -9.87 12.08 -28.30
CA ASN TA 120 -10.36 10.74 -28.02
C ASN TA 120 -11.61 10.73 -27.14
N ASN TA 121 -11.83 11.75 -26.32
CA ASN TA 121 -13.04 11.83 -25.51
C ASN TA 121 -13.75 13.16 -25.74
N ALA TA 122 -14.79 13.42 -24.95
CA ALA TA 122 -15.51 14.68 -25.06
C ALA TA 122 -14.74 15.78 -24.36
N VAL TA 123 -14.85 16.99 -24.90
CA VAL TA 123 -14.18 18.17 -24.37
C VAL TA 123 -15.21 19.27 -24.19
N VAL TA 124 -14.88 20.22 -23.32
CA VAL TA 124 -15.78 21.32 -23.02
C VAL TA 124 -15.91 22.24 -24.23
N ARG TA 125 -17.04 22.95 -24.32
CA ARG TA 125 -17.19 24.08 -25.21
C ARG TA 125 -17.58 25.28 -24.37
N GLU TA 126 -16.72 26.30 -24.35
CA GLU TA 126 -16.93 27.48 -23.51
C GLU TA 126 -17.40 28.64 -24.36
N TRP TA 127 -18.52 29.25 -23.96
CA TRP TA 127 -19.02 30.45 -24.60
C TRP TA 127 -18.94 31.60 -23.61
N THR TA 128 -18.52 32.76 -24.10
CA THR TA 128 -18.43 33.97 -23.30
C THR TA 128 -19.35 35.03 -23.87
N ILE TA 129 -20.28 35.50 -23.05
CA ILE TA 129 -21.28 36.50 -23.43
C ILE TA 129 -21.05 37.74 -22.58
N VAL TA 130 -21.44 38.90 -23.10
CA VAL TA 130 -21.18 40.18 -22.46
C VAL TA 130 -22.44 41.03 -22.51
N THR TA 131 -22.76 41.69 -21.40
CA THR TA 131 -23.89 42.61 -21.37
C THR TA 131 -23.41 44.03 -21.12
N GLY TA 132 -24.30 44.99 -21.38
CA GLY TA 132 -24.00 46.38 -21.11
C GLY TA 132 -24.54 46.80 -19.76
N GLU TA 133 -25.58 46.11 -19.30
CA GLU TA 133 -26.09 46.26 -17.95
C GLU TA 133 -26.36 44.88 -17.36
N TRP TA 134 -26.19 44.77 -16.05
CA TRP TA 134 -26.40 43.51 -15.35
C TRP TA 134 -26.98 43.82 -14.00
N THR TA 135 -28.21 43.37 -13.76
CA THR TA 135 -28.85 43.63 -12.48
C THR TA 135 -28.89 42.36 -11.66
N PRO TA 136 -28.12 42.27 -10.58
CA PRO TA 136 -28.26 41.13 -9.67
C PRO TA 136 -29.55 41.26 -8.88
N THR TA 137 -30.04 40.12 -8.42
CA THR TA 137 -31.20 40.10 -7.54
C THR TA 137 -30.74 39.83 -6.11
N ILE TA 138 -31.33 40.56 -5.17
CA ILE TA 138 -30.89 40.49 -3.78
C ILE TA 138 -31.38 39.17 -3.18
N PRO TA 139 -30.50 38.38 -2.59
CA PRO TA 139 -30.95 37.13 -1.98
C PRO TA 139 -31.77 37.38 -0.71
N THR TA 140 -33.08 37.24 -0.82
CA THR TA 140 -33.96 37.61 0.28
C THR TA 140 -34.12 36.50 1.31
N LEU TA 141 -33.92 35.24 0.92
CA LEU TA 141 -33.99 34.12 1.83
C LEU TA 141 -32.63 33.79 2.44
N LEU TA 142 -31.74 34.77 2.51
CA LEU TA 142 -30.38 34.61 3.01
C LEU TA 142 -29.59 33.62 2.17
N MET UA 1 -32.84 7.23 -35.63
CA MET UA 1 -31.71 8.13 -35.69
C MET UA 1 -31.43 8.76 -34.32
N ALA UA 2 -31.23 7.89 -33.32
CA ALA UA 2 -30.95 8.37 -31.97
C ALA UA 2 -29.55 8.96 -31.91
N MET UA 3 -29.37 9.94 -31.03
CA MET UA 3 -28.08 10.60 -30.86
C MET UA 3 -27.12 9.63 -30.21
N LYS UA 4 -26.37 8.89 -31.02
CA LYS UA 4 -25.52 7.82 -30.50
C LYS UA 4 -24.37 8.40 -29.67
N ALA UA 5 -23.65 7.51 -29.01
CA ALA UA 5 -22.49 7.90 -28.24
C ALA UA 5 -21.40 8.46 -29.15
N TYR UA 6 -20.62 9.39 -28.62
CA TYR UA 6 -19.50 9.95 -29.37
C TYR UA 6 -18.42 8.90 -29.58
N SER UA 7 -17.76 8.97 -30.74
CA SER UA 7 -16.65 8.07 -31.03
C SER UA 7 -15.80 8.67 -32.12
N MET UA 8 -14.49 8.45 -32.01
CA MET UA 8 -13.59 8.92 -33.05
C MET UA 8 -13.72 8.14 -34.35
N LEU UA 9 -14.47 7.04 -34.35
CA LEU UA 9 -14.66 6.25 -35.55
C LEU UA 9 -15.73 6.83 -36.46
N ASN UA 10 -16.37 7.93 -36.07
CA ASN UA 10 -17.37 8.58 -36.90
C ASN UA 10 -16.98 9.99 -37.30
N VAL UA 11 -15.83 10.48 -36.86
CA VAL UA 11 -15.33 11.79 -37.25
C VAL UA 11 -14.51 11.64 -38.53
N THR UA 12 -14.83 12.44 -39.53
CA THR UA 12 -14.13 12.38 -40.82
C THR UA 12 -13.51 13.73 -41.11
N ALA UA 13 -12.24 13.72 -41.50
CA ALA UA 13 -11.52 14.91 -41.90
C ALA UA 13 -10.88 14.69 -43.26
N THR UA 14 -10.97 15.68 -44.13
CA THR UA 14 -10.43 15.61 -45.48
C THR UA 14 -9.53 16.80 -45.71
N LEU UA 15 -8.31 16.54 -46.18
CA LEU UA 15 -7.32 17.57 -46.42
C LEU UA 15 -6.89 17.47 -47.88
N ASP UA 16 -7.47 18.31 -48.73
CA ASP UA 16 -7.13 18.36 -50.15
C ASP UA 16 -7.40 17.02 -50.83
N GLY UA 17 -8.58 16.50 -50.62
CA GLY UA 17 -8.99 15.23 -51.21
C GLY UA 17 -8.75 14.00 -50.36
N ARG UA 18 -7.51 13.77 -49.95
CA ARG UA 18 -7.19 12.58 -49.17
C ARG UA 18 -7.59 12.76 -47.71
N ARG UA 19 -7.75 11.64 -47.02
CA ARG UA 19 -8.16 11.65 -45.63
C ARG UA 19 -6.97 11.87 -44.70
N VAL UA 20 -7.28 12.10 -43.43
CA VAL UA 20 -6.30 12.17 -42.36
C VAL UA 20 -6.43 10.92 -41.51
N ILE UA 21 -5.34 10.19 -41.33
CA ILE UA 21 -5.36 8.90 -40.66
C ILE UA 21 -4.49 8.91 -39.40
N GLY UA 22 -3.20 9.16 -39.55
CA GLY UA 22 -2.33 9.03 -38.39
C GLY UA 22 -2.45 10.19 -37.43
N LEU UA 23 -3.12 9.97 -36.30
CA LEU UA 23 -3.34 11.00 -35.30
C LEU UA 23 -2.77 10.56 -33.97
N MET UA 24 -2.18 11.48 -33.23
CA MET UA 24 -1.58 11.16 -31.95
C MET UA 24 -2.66 10.93 -30.89
N ASP UA 25 -2.26 10.31 -29.79
CA ASP UA 25 -3.16 10.06 -28.68
C ASP UA 25 -3.47 11.36 -27.96
N GLY UA 26 -4.67 11.45 -27.41
CA GLY UA 26 -5.04 12.57 -26.58
C GLY UA 26 -6.46 13.01 -26.83
N ASP UA 27 -6.96 13.80 -25.89
CA ASP UA 27 -8.31 14.35 -25.98
C ASP UA 27 -8.40 15.50 -26.98
N ASP UA 28 -7.29 15.89 -27.60
CA ASP UA 28 -7.29 17.00 -28.54
C ASP UA 28 -6.29 16.68 -29.64
N ALA UA 29 -6.79 16.17 -30.77
CA ALA UA 29 -5.97 15.85 -31.91
C ALA UA 29 -6.22 16.74 -33.11
N ILE UA 30 -7.42 17.29 -33.25
CA ILE UA 30 -7.74 18.26 -34.30
C ILE UA 30 -8.50 19.38 -33.63
N THR UA 31 -7.88 20.55 -33.50
CA THR UA 31 -8.51 21.66 -32.79
C THR UA 31 -8.56 22.89 -33.67
N THR UA 32 -9.75 23.48 -33.81
CA THR UA 32 -9.92 24.69 -34.61
C THR UA 32 -10.31 25.84 -33.69
N SER UA 33 -9.62 26.97 -33.84
CA SER UA 33 -9.90 28.14 -33.03
C SER UA 33 -10.12 29.35 -33.92
N PRO UA 34 -11.08 30.20 -33.57
CA PRO UA 34 -11.36 31.36 -34.41
C PRO UA 34 -10.25 32.40 -34.33
N GLY UA 35 -10.25 33.30 -35.31
CA GLY UA 35 -9.23 34.31 -35.40
C GLY UA 35 -9.22 35.27 -34.23
N VAL UA 36 -10.28 36.05 -34.08
CA VAL UA 36 -10.38 37.06 -33.05
C VAL UA 36 -11.73 36.91 -32.33
N ASP UA 37 -11.93 37.75 -31.32
CA ASP UA 37 -13.19 37.73 -30.58
C ASP UA 37 -14.34 38.16 -31.48
N VAL UA 38 -15.54 37.68 -31.15
CA VAL UA 38 -16.71 38.02 -31.95
C VAL UA 38 -17.03 39.49 -31.84
N GLY UA 39 -16.90 40.07 -30.66
CA GLY UA 39 -17.26 41.46 -30.49
C GLY UA 39 -16.56 42.08 -29.30
N THR UA 40 -16.95 43.31 -29.00
CA THR UA 40 -16.34 44.07 -27.91
C THR UA 40 -17.34 45.06 -27.35
N MET UA 41 -17.53 45.05 -26.04
CA MET UA 41 -18.43 45.98 -25.38
C MET UA 41 -17.64 47.15 -24.82
N LEU UA 42 -18.10 48.36 -25.08
CA LEU UA 42 -17.45 49.58 -24.61
C LEU UA 42 -18.45 50.34 -23.76
N VAL UA 43 -18.10 50.56 -22.50
CA VAL UA 43 -18.96 51.27 -21.55
C VAL UA 43 -18.28 52.58 -21.17
N GLY UA 44 -18.99 53.68 -21.35
CA GLY UA 44 -18.43 54.99 -21.10
C GLY UA 44 -18.47 55.39 -19.65
N ALA UA 45 -18.01 56.62 -19.40
CA ALA UA 45 -17.92 57.14 -18.04
C ALA UA 45 -19.27 57.46 -17.43
N ASP UA 46 -20.34 57.46 -18.22
CA ASP UA 46 -21.67 57.78 -17.73
C ASP UA 46 -22.51 56.56 -17.43
N GLY UA 47 -22.19 55.41 -18.02
CA GLY UA 47 -22.97 54.21 -17.84
C GLY UA 47 -23.58 53.66 -19.11
N SER UA 48 -23.62 54.42 -20.19
CA SER UA 48 -24.13 53.91 -21.45
C SER UA 48 -23.16 52.89 -22.02
N TRP UA 49 -23.62 52.14 -23.03
CA TRP UA 49 -22.82 51.07 -23.59
C TRP UA 49 -23.00 50.99 -25.09
N LEU UA 50 -21.98 50.46 -25.76
CA LEU UA 50 -22.02 50.27 -27.21
C LEU UA 50 -21.23 49.01 -27.55
N PHE UA 51 -21.84 48.13 -28.33
CA PHE UA 51 -21.23 46.87 -28.73
C PHE UA 51 -20.73 47.00 -30.17
N SER UA 52 -19.55 46.43 -30.44
CA SER UA 52 -18.95 46.48 -31.76
C SER UA 52 -18.66 45.07 -32.25
N GLN UA 53 -19.06 44.78 -33.48
CA GLN UA 53 -18.99 43.45 -34.06
C GLN UA 53 -17.95 43.44 -35.18
N THR UA 54 -17.11 42.42 -35.19
CA THR UA 54 -16.01 42.36 -36.15
C THR UA 54 -16.45 41.68 -37.44
N ALA UA 55 -15.72 41.97 -38.51
CA ALA UA 55 -15.93 41.33 -39.80
C ALA UA 55 -14.90 40.25 -40.09
N ASP UA 56 -14.06 39.91 -39.11
CA ASP UA 56 -12.99 38.93 -39.30
C ASP UA 56 -13.56 37.54 -39.11
N LYS UA 57 -13.89 36.87 -40.21
CA LYS UA 57 -14.32 35.48 -40.18
C LYS UA 57 -13.16 34.61 -40.67
N SER UA 58 -12.23 34.33 -39.76
CA SER UA 58 -11.06 33.52 -40.08
C SER UA 58 -10.77 32.58 -38.93
N ALA UA 59 -10.06 31.49 -39.22
CA ALA UA 59 -9.79 30.47 -38.22
C ALA UA 59 -8.45 29.82 -38.49
N THR UA 60 -7.95 29.16 -37.46
CA THR UA 60 -6.74 28.34 -37.54
C THR UA 60 -7.06 26.95 -37.02
N VAL UA 61 -6.34 25.96 -37.54
CA VAL UA 61 -6.54 24.57 -37.14
C VAL UA 61 -5.19 23.97 -36.81
N VAL UA 62 -5.15 23.14 -35.77
CA VAL UA 62 -3.96 22.44 -35.33
C VAL UA 62 -4.23 20.95 -35.43
N ILE UA 63 -3.33 20.25 -36.13
CA ILE UA 63 -3.43 18.81 -36.33
C ILE UA 63 -2.19 18.16 -35.74
N LYS UA 64 -2.39 17.11 -34.95
CA LYS UA 64 -1.29 16.37 -34.33
C LYS UA 64 -1.20 15.00 -34.98
N LEU UA 65 -0.03 14.68 -35.51
CA LEU UA 65 0.17 13.46 -36.27
C LEU UA 65 1.35 12.67 -35.70
N LYS UA 66 1.29 11.35 -35.86
CA LYS UA 66 2.42 10.51 -35.52
C LYS UA 66 3.56 10.74 -36.51
N PRO UA 67 4.78 10.38 -36.13
CA PRO UA 67 5.90 10.51 -37.07
C PRO UA 67 5.77 9.63 -38.30
N ASN UA 68 4.88 8.64 -38.31
CA ASN UA 68 4.68 7.75 -39.45
C ASN UA 68 3.21 7.82 -39.85
N SER UA 69 2.87 8.80 -40.69
CA SER UA 69 1.51 8.92 -41.14
C SER UA 69 1.51 9.51 -42.54
N PRO UA 70 0.75 8.95 -43.47
CA PRO UA 70 0.75 9.48 -44.84
C PRO UA 70 0.36 10.95 -44.92
N THR UA 71 -0.49 11.42 -44.00
CA THR UA 71 -0.80 12.84 -43.97
C THR UA 71 0.44 13.67 -43.66
N HIS UA 72 1.36 13.13 -42.86
CA HIS UA 72 2.62 13.83 -42.62
C HIS UA 72 3.40 13.99 -43.91
N ARG UA 73 3.44 12.94 -44.73
CA ARG UA 73 4.11 13.03 -46.02
C ARG UA 73 3.44 14.06 -46.91
N GLN UA 74 2.11 14.06 -46.96
CA GLN UA 74 1.40 15.02 -47.80
C GLN UA 74 1.70 16.45 -47.36
N LEU UA 75 1.65 16.69 -46.05
CA LEU UA 75 1.89 18.03 -45.54
C LEU UA 75 3.33 18.48 -45.77
N THR UA 76 4.29 17.56 -45.61
CA THR UA 76 5.67 17.97 -45.82
C THR UA 76 5.98 18.14 -47.30
N GLU UA 77 5.19 17.55 -48.20
CA GLU UA 77 5.31 17.92 -49.60
C GLU UA 77 4.70 19.28 -49.88
N LYS UA 78 3.54 19.57 -49.29
CA LYS UA 78 2.89 20.86 -49.50
C LYS UA 78 3.76 22.00 -48.98
N TRP UA 79 4.43 21.79 -47.85
CA TRP UA 79 5.31 22.81 -47.29
C TRP UA 79 6.44 23.14 -48.25
N MET UA 80 7.06 22.11 -48.83
CA MET UA 80 8.12 22.36 -49.79
C MET UA 80 7.59 23.02 -51.05
N ALA UA 81 6.37 22.69 -51.46
CA ALA UA 81 5.76 23.37 -52.59
C ALA UA 81 5.60 24.85 -52.32
N GLN UA 82 5.14 25.20 -51.11
CA GLN UA 82 5.04 26.62 -50.75
C GLN UA 82 6.40 27.28 -50.72
N ARG UA 83 7.40 26.61 -50.13
CA ARG UA 83 8.74 27.19 -50.08
C ARG UA 83 9.31 27.45 -51.46
N ALA UA 84 9.00 26.57 -52.42
CA ALA UA 84 9.51 26.76 -53.77
C ALA UA 84 8.96 28.03 -54.42
N GLY UA 85 7.70 28.35 -54.14
CA GLY UA 85 7.11 29.56 -54.68
C GLY UA 85 5.65 29.41 -55.07
N ARG UA 86 5.22 28.17 -55.29
CA ARG UA 86 3.82 27.91 -55.63
C ARG UA 86 2.93 28.16 -54.43
N LEU UA 87 1.77 28.78 -54.66
CA LEU UA 87 0.86 29.15 -53.58
C LEU UA 87 -0.57 28.82 -54.02
N VAL UA 88 -1.21 27.90 -53.30
CA VAL UA 88 -2.55 27.42 -53.63
C VAL UA 88 -3.31 27.16 -52.32
N GLY UA 89 -4.56 26.73 -52.46
CA GLY UA 89 -5.47 26.70 -51.33
C GLY UA 89 -5.57 25.42 -50.53
N PHE UA 90 -5.63 24.28 -51.19
CA PHE UA 90 -5.80 22.95 -50.60
C PHE UA 90 -6.89 22.98 -49.51
N PRO UA 91 -8.16 22.98 -49.91
CA PRO UA 91 -9.24 23.06 -48.92
C PRO UA 91 -9.21 21.91 -47.92
N PHE UA 92 -9.57 22.23 -46.69
CA PHE UA 92 -9.64 21.27 -45.58
C PHE UA 92 -11.03 21.36 -44.97
N ASP UA 93 -11.58 20.21 -44.58
CA ASP UA 93 -12.93 20.22 -44.02
C ASP UA 93 -13.09 19.00 -43.12
N PHE UA 94 -13.76 19.19 -41.98
CA PHE UA 94 -13.94 18.05 -41.09
C PHE UA 94 -15.30 18.14 -40.41
N ILE UA 95 -15.80 16.99 -39.98
CA ILE UA 95 -17.19 16.88 -39.54
C ILE UA 95 -17.33 15.65 -38.66
N ASP UA 96 -18.35 15.67 -37.80
CA ASP UA 96 -18.73 14.52 -37.00
C ASP UA 96 -20.07 14.00 -37.51
N SER UA 97 -20.15 12.71 -37.79
CA SER UA 97 -21.36 12.13 -38.35
C SER UA 97 -22.48 11.98 -37.34
N ALA UA 98 -22.18 12.01 -36.05
CA ALA UA 98 -23.20 11.81 -35.03
C ALA UA 98 -24.08 13.04 -34.83
N SER UA 99 -23.55 14.23 -35.06
CA SER UA 99 -24.31 15.45 -34.81
C SER UA 99 -24.12 16.52 -35.87
N ASN UA 100 -23.43 16.21 -36.97
CA ASN UA 100 -23.17 17.17 -38.05
C ASN UA 100 -22.50 18.44 -37.53
N GLU UA 101 -21.61 18.28 -36.55
CA GLU UA 101 -20.86 19.39 -36.01
C GLU UA 101 -19.48 19.40 -36.63
N GLY UA 102 -19.00 20.57 -36.99
CA GLY UA 102 -17.71 20.71 -37.65
C GLY UA 102 -17.72 21.92 -38.55
N GLY UA 103 -16.85 21.90 -39.55
CA GLY UA 103 -16.78 23.04 -40.43
C GLY UA 103 -15.99 22.74 -41.67
N THR UA 104 -15.90 23.74 -42.53
CA THR UA 104 -15.17 23.63 -43.78
C THR UA 104 -14.56 24.96 -44.15
N GLY UA 105 -13.49 24.88 -44.94
CA GLY UA 105 -12.86 26.06 -45.50
C GLY UA 105 -12.48 25.78 -46.94
N ALA UA 106 -12.34 26.87 -47.70
CA ALA UA 106 -12.11 26.75 -49.13
C ALA UA 106 -10.63 26.83 -49.52
N GLU UA 107 -9.85 27.69 -48.85
CA GLU UA 107 -8.45 27.86 -49.18
C GLU UA 107 -7.66 28.04 -47.89
N PHE UA 108 -6.86 27.03 -47.55
CA PHE UA 108 -5.98 27.07 -46.39
C PHE UA 108 -4.54 27.33 -46.82
N PHE UA 109 -3.67 27.47 -45.84
CA PHE UA 109 -2.24 27.66 -46.08
C PHE UA 109 -1.47 27.15 -44.88
N ILE UA 110 -0.35 26.47 -45.12
CA ILE UA 110 0.48 26.01 -44.03
C ILE UA 110 1.08 27.23 -43.33
N GLN UA 111 0.86 27.32 -42.02
CA GLN UA 111 1.38 28.45 -41.24
C GLN UA 111 2.53 28.06 -40.34
N LYS UA 112 2.47 26.89 -39.71
CA LYS UA 112 3.57 26.44 -38.87
C LYS UA 112 4.10 25.10 -39.37
N ALA UA 113 5.20 24.68 -38.78
CA ALA UA 113 5.86 23.43 -39.11
C ALA UA 113 6.27 22.72 -37.83
N PRO UA 114 6.33 21.40 -37.84
CA PRO UA 114 6.67 20.66 -36.63
C PRO UA 114 8.17 20.70 -36.35
N ASP UA 115 8.53 20.24 -35.15
CA ASP UA 115 9.92 20.09 -34.76
C ASP UA 115 10.29 18.62 -34.81
N ASP UA 116 11.35 18.30 -35.53
CA ASP UA 116 11.79 16.91 -35.71
C ASP UA 116 12.59 16.48 -34.49
N SER UA 117 11.92 15.86 -33.54
CA SER UA 117 12.56 15.31 -32.36
C SER UA 117 12.63 13.81 -32.51
N LYS UA 118 13.83 13.25 -32.30
CA LYS UA 118 13.99 11.80 -32.42
C LYS UA 118 13.87 11.11 -31.08
N GLY UA 119 14.76 11.44 -30.14
CA GLY UA 119 14.71 10.87 -28.80
C GLY UA 119 14.60 9.36 -28.75
N ASN UA 120 14.06 8.84 -27.65
CA ASN UA 120 13.98 7.39 -27.45
C ASN UA 120 12.66 6.80 -27.87
N ASN UA 121 11.57 7.57 -27.86
CA ASN UA 121 10.28 7.08 -28.33
C ASN UA 121 9.71 7.99 -29.40
N ALA UA 122 8.47 7.74 -29.80
CA ALA UA 122 7.81 8.58 -30.79
C ALA UA 122 7.29 9.85 -30.14
N VAL UA 123 7.33 10.95 -30.92
CA VAL UA 123 6.88 12.24 -30.46
C VAL UA 123 5.88 12.80 -31.47
N VAL UA 124 5.07 13.73 -30.99
CA VAL UA 124 4.04 14.33 -31.84
C VAL UA 124 4.68 15.18 -32.92
N ARG UA 125 3.97 15.36 -34.03
CA ARG UA 125 4.27 16.38 -35.03
C ARG UA 125 3.04 17.25 -35.19
N GLU UA 126 3.15 18.53 -34.84
CA GLU UA 126 2.02 19.44 -34.87
C GLU UA 126 2.11 20.36 -36.08
N TRP UA 127 1.06 20.41 -36.87
CA TRP UA 127 0.95 21.33 -37.98
C TRP UA 127 -0.15 22.34 -37.70
N THR UA 128 0.11 23.60 -38.02
CA THR UA 128 -0.85 24.67 -37.86
C THR UA 128 -1.17 25.29 -39.21
N ILE UA 129 -2.44 25.25 -39.57
CA ILE UA 129 -2.94 25.76 -40.85
C ILE UA 129 -3.88 26.92 -40.57
N VAL UA 130 -4.00 27.84 -41.52
CA VAL UA 130 -4.78 29.07 -41.34
C VAL UA 130 -5.62 29.31 -42.57
N THR UA 131 -6.89 29.70 -42.37
CA THR UA 131 -7.76 30.05 -43.48
C THR UA 131 -8.15 31.52 -43.41
N GLY UA 132 -8.67 32.02 -44.52
CA GLY UA 132 -9.15 33.38 -44.58
C GLY UA 132 -10.64 33.44 -44.31
N GLU UA 133 -11.33 32.35 -44.62
CA GLU UA 133 -12.73 32.16 -44.27
C GLU UA 133 -12.92 30.77 -43.70
N TRP UA 134 -13.86 30.66 -42.77
CA TRP UA 134 -14.16 29.38 -42.14
C TRP UA 134 -15.65 29.32 -41.88
N THR UA 135 -16.33 28.38 -42.53
CA THR UA 135 -17.77 28.26 -42.34
C THR UA 135 -18.07 27.02 -41.50
N PRO UA 136 -18.53 27.19 -40.26
CA PRO UA 136 -19.00 26.05 -39.50
C PRO UA 136 -20.33 25.56 -40.04
N THR UA 137 -20.61 24.29 -39.79
CA THR UA 137 -21.90 23.72 -40.15
C THR UA 137 -22.75 23.57 -38.89
N ILE UA 138 -24.02 23.92 -39.01
CA ILE UA 138 -24.91 23.94 -37.84
C ILE UA 138 -25.25 22.50 -37.45
N PRO UA 139 -25.04 22.11 -36.20
CA PRO UA 139 -25.38 20.75 -35.80
C PRO UA 139 -26.89 20.55 -35.75
N THR UA 140 -27.44 19.88 -36.77
CA THR UA 140 -28.87 19.75 -36.90
C THR UA 140 -29.45 18.62 -36.08
N LEU UA 141 -28.66 17.60 -35.78
CA LEU UA 141 -29.10 16.49 -34.94
C LEU UA 141 -28.81 16.73 -33.47
N LEU UA 142 -28.71 17.99 -33.06
CA LEU UA 142 -28.38 18.37 -31.68
C LEU UA 142 -27.01 17.87 -31.28
N MET VA 1 9.83 -4.66 -47.42
CA MET VA 1 10.20 -3.35 -46.88
C MET VA 1 9.05 -2.76 -46.06
N ALA VA 2 8.61 -3.51 -45.06
CA ALA VA 2 7.54 -3.05 -44.18
C ALA VA 2 8.04 -1.93 -43.28
N MET VA 3 7.13 -1.03 -42.93
CA MET VA 3 7.47 0.11 -42.08
C MET VA 3 7.71 -0.41 -40.67
N LYS VA 4 8.97 -0.72 -40.37
CA LYS VA 4 9.31 -1.35 -39.10
C LYS VA 4 9.08 -0.39 -37.94
N ALA VA 5 9.17 -0.95 -36.73
CA ALA VA 5 9.04 -0.15 -35.53
C ALA VA 5 10.17 0.87 -35.43
N TYR VA 6 9.86 2.01 -34.81
CA TYR VA 6 10.88 3.03 -34.60
C TYR VA 6 11.92 2.55 -33.59
N SER VA 7 13.16 2.96 -33.80
CA SER VA 7 14.24 2.63 -32.88
C SER VA 7 15.37 3.61 -33.06
N MET VA 8 16.04 3.94 -31.95
CA MET VA 8 17.20 4.82 -32.04
C MET VA 8 18.40 4.14 -32.67
N LEU VA 9 18.34 2.83 -32.88
CA LEU VA 9 19.44 2.11 -33.51
C LEU VA 9 19.45 2.24 -35.02
N ASN VA 10 18.48 2.94 -35.60
CA ASN VA 10 18.44 3.15 -37.03
C ASN VA 10 18.55 4.63 -37.41
N VAL VA 11 18.65 5.51 -36.44
CA VAL VA 11 18.83 6.94 -36.70
C VAL VA 11 20.32 7.22 -36.80
N THR VA 12 20.73 7.89 -37.87
CA THR VA 12 22.14 8.21 -38.10
C THR VA 12 22.31 9.71 -38.22
N ALA VA 13 23.28 10.26 -37.49
CA ALA VA 13 23.62 11.66 -37.56
C ALA VA 13 25.10 11.80 -37.81
N THR VA 14 25.46 12.73 -38.70
CA THR VA 14 26.84 12.96 -39.07
C THR VA 14 27.14 14.45 -38.90
N LEU VA 15 28.22 14.75 -38.20
CA LEU VA 15 28.63 16.12 -37.91
C LEU VA 15 30.06 16.30 -38.41
N ASP VA 16 30.20 16.86 -39.61
CA ASP VA 16 31.50 17.14 -40.21
C ASP VA 16 32.30 15.86 -40.40
N GLY VA 17 31.67 14.86 -41.01
CA GLY VA 17 32.32 13.58 -41.27
C GLY VA 17 32.12 12.52 -40.21
N ARG VA 18 32.49 12.81 -38.97
CA ARG VA 18 32.38 11.83 -37.91
C ARG VA 18 30.95 11.73 -37.41
N ARG VA 19 30.64 10.60 -36.77
CA ARG VA 19 29.31 10.35 -36.26
C ARG VA 19 29.11 10.98 -34.88
N VAL VA 20 27.86 10.99 -34.44
CA VAL VA 20 27.48 11.40 -33.09
C VAL VA 20 27.11 10.15 -32.31
N ILE VA 21 27.74 9.95 -31.16
CA ILE VA 21 27.57 8.74 -30.39
C ILE VA 21 27.00 9.03 -28.99
N GLY VA 22 27.71 9.81 -28.19
CA GLY VA 22 27.26 9.98 -26.82
C GLY VA 22 26.08 10.92 -26.70
N LEU VA 23 24.90 10.37 -26.47
CA LEU VA 23 23.68 11.16 -26.36
C LEU VA 23 23.03 10.90 -25.01
N MET VA 24 22.47 11.96 -24.41
CA MET VA 24 21.83 11.83 -23.11
C MET VA 24 20.50 11.10 -23.22
N ASP VA 25 20.00 10.64 -22.08
CA ASP VA 25 18.72 9.97 -22.03
C ASP VA 25 17.59 10.97 -22.23
N GLY VA 26 16.51 10.50 -22.82
CA GLY VA 26 15.32 11.33 -22.95
C GLY VA 26 14.66 11.14 -24.29
N ASP VA 27 13.40 11.58 -24.36
CA ASP VA 27 12.63 11.52 -25.59
C ASP VA 27 13.04 12.58 -26.60
N ASP VA 28 14.00 13.44 -26.26
CA ASP VA 28 14.43 14.51 -27.15
C ASP VA 28 15.93 14.70 -26.96
N ALA VA 29 16.73 14.09 -27.84
CA ALA VA 29 18.17 14.22 -27.81
C ALA VA 29 18.75 14.99 -28.98
N ILE VA 30 18.07 15.00 -30.12
CA ILE VA 30 18.46 15.80 -31.27
C ILE VA 30 17.20 16.45 -31.79
N THR VA 31 17.08 17.77 -31.62
CA THR VA 31 15.85 18.47 -32.01
C THR VA 31 16.16 19.61 -32.94
N THR VA 32 15.50 19.66 -34.08
CA THR VA 32 15.69 20.72 -35.06
C THR VA 32 14.41 21.56 -35.16
N SER VA 33 14.55 22.87 -35.07
CA SER VA 33 13.42 23.76 -35.17
C SER VA 33 13.66 24.82 -36.23
N PRO VA 34 12.64 25.17 -37.01
CA PRO VA 34 12.82 26.15 -38.07
C PRO VA 34 13.02 27.55 -37.50
N GLY VA 35 13.55 28.42 -38.36
CA GLY VA 35 13.86 29.78 -37.96
C GLY VA 35 12.63 30.58 -37.55
N VAL VA 36 11.73 30.83 -38.50
CA VAL VA 36 10.55 31.64 -38.28
C VAL VA 36 9.33 30.90 -38.81
N ASP VA 37 8.16 31.49 -38.64
CA ASP VA 37 6.93 30.91 -39.12
C ASP VA 37 6.93 30.87 -40.64
N VAL VA 38 6.18 29.91 -41.19
CA VAL VA 38 6.12 29.76 -42.64
C VAL VA 38 5.44 30.97 -43.28
N GLY VA 39 4.38 31.47 -42.66
CA GLY VA 39 3.65 32.57 -43.24
C GLY VA 39 2.87 33.35 -42.20
N THR VA 40 2.06 34.28 -42.71
CA THR VA 40 1.28 35.15 -41.83
C THR VA 40 0.03 35.60 -42.56
N MET VA 41 -1.12 35.43 -41.92
CA MET VA 41 -2.39 35.84 -42.49
C MET VA 41 -2.79 37.20 -41.91
N LEU VA 42 -3.16 38.13 -42.79
CA LEU VA 42 -3.57 39.46 -42.41
C LEU VA 42 -4.99 39.69 -42.88
N VAL VA 43 -5.90 39.96 -41.94
CA VAL VA 43 -7.30 40.18 -42.24
C VAL VA 43 -7.65 41.62 -41.92
N GLY VA 44 -8.20 42.33 -42.89
CA GLY VA 44 -8.49 43.74 -42.73
C GLY VA 44 -9.80 44.00 -42.01
N ALA VA 45 -10.13 45.28 -41.90
CA ALA VA 45 -11.33 45.70 -41.19
C ALA VA 45 -12.60 45.39 -41.94
N ASP VA 46 -12.52 45.00 -43.21
CA ASP VA 46 -13.70 44.70 -44.00
C ASP VA 46 -14.02 43.21 -44.08
N GLY VA 47 -13.04 42.35 -43.84
CA GLY VA 47 -13.22 40.91 -43.94
C GLY VA 47 -12.37 40.24 -44.99
N SER VA 48 -11.74 40.99 -45.89
CA SER VA 48 -10.83 40.39 -46.86
C SER VA 48 -9.56 39.91 -46.16
N TRP VA 49 -8.77 39.10 -46.86
CA TRP VA 49 -7.60 38.50 -46.26
C TRP VA 49 -6.45 38.45 -47.26
N LEU VA 50 -5.24 38.43 -46.74
CA LEU VA 50 -4.04 38.32 -47.57
C LEU VA 50 -2.98 37.54 -46.80
N PHE VA 51 -2.41 36.54 -47.44
CA PHE VA 51 -1.40 35.69 -46.83
C PHE VA 51 -0.02 36.10 -47.34
N SER VA 52 0.96 36.09 -46.45
CA SER VA 52 2.33 36.47 -46.80
C SER VA 52 3.27 35.35 -46.44
N GLN VA 53 4.15 35.00 -47.38
CA GLN VA 53 5.05 33.85 -47.26
C GLN VA 53 6.48 34.35 -47.14
N THR VA 54 7.23 33.79 -46.21
CA THR VA 54 8.59 34.26 -45.94
C THR VA 54 9.59 33.53 -46.81
N ALA VA 55 10.75 34.17 -47.00
CA ALA VA 55 11.87 33.58 -47.72
C ALA VA 55 12.95 33.05 -46.78
N ASP VA 56 12.70 33.04 -45.49
CA ASP VA 56 13.69 32.62 -44.49
C ASP VA 56 13.64 31.10 -44.37
N LYS VA 57 14.57 30.43 -45.06
CA LYS VA 57 14.73 28.99 -44.94
C LYS VA 57 15.97 28.71 -44.10
N SER VA 58 15.81 28.80 -42.78
CA SER VA 58 16.90 28.58 -41.85
C SER VA 58 16.40 27.77 -40.66
N ALA VA 59 17.33 27.11 -39.97
CA ALA VA 59 16.96 26.24 -38.88
C ALA VA 59 18.06 26.23 -37.83
N THR VA 60 17.69 25.77 -36.63
CA THR VA 60 18.61 25.55 -35.54
C THR VA 60 18.44 24.13 -35.03
N VAL VA 61 19.52 23.57 -34.51
CA VAL VA 61 19.51 22.20 -33.99
C VAL VA 61 20.12 22.21 -32.61
N VAL VA 62 19.54 21.40 -31.71
CA VAL VA 62 20.02 21.25 -30.35
C VAL VA 62 20.40 19.80 -30.15
N ILE VA 63 21.62 19.57 -29.68
CA ILE VA 63 22.16 18.24 -29.43
C ILE VA 63 22.50 18.15 -27.95
N LYS VA 64 22.09 17.06 -27.31
CA LYS VA 64 22.36 16.82 -25.91
C LYS VA 64 23.34 15.66 -25.80
N LEU VA 65 24.47 15.89 -25.14
CA LEU VA 65 25.55 14.91 -25.06
C LEU VA 65 25.93 14.66 -23.61
N LYS VA 66 26.41 13.46 -23.34
CA LYS VA 66 26.97 13.14 -22.03
C LYS VA 66 28.28 13.90 -21.84
N PRO VA 67 28.71 14.06 -20.60
CA PRO VA 67 30.01 14.71 -20.36
C PRO VA 67 31.20 13.94 -20.92
N ASN VA 68 31.02 12.66 -21.28
CA ASN VA 68 32.10 11.85 -21.83
C ASN VA 68 31.66 11.31 -23.18
N SER VA 69 31.85 12.10 -24.23
CA SER VA 69 31.49 11.67 -25.56
C SER VA 69 32.44 12.29 -26.56
N PRO VA 70 32.96 11.52 -27.51
CA PRO VA 70 33.91 12.08 -28.48
C PRO VA 70 33.34 13.25 -29.26
N THR VA 71 32.02 13.26 -29.50
CA THR VA 71 31.41 14.41 -30.14
C THR VA 71 31.57 15.67 -29.30
N HIS VA 72 31.55 15.53 -27.97
CA HIS VA 72 31.80 16.68 -27.11
C HIS VA 72 33.20 17.22 -27.33
N ARG VA 73 34.18 16.34 -27.46
CA ARG VA 73 35.55 16.78 -27.75
C ARG VA 73 35.62 17.49 -29.10
N GLN VA 74 34.97 16.93 -30.12
CA GLN VA 74 35.00 17.56 -31.44
C GLN VA 74 34.37 18.94 -31.39
N LEU VA 75 33.22 19.07 -30.73
CA LEU VA 75 32.54 20.34 -30.67
C LEU VA 75 33.33 21.37 -29.86
N THR VA 76 33.97 20.95 -28.77
CA THR VA 76 34.74 21.90 -27.99
C THR VA 76 36.04 22.28 -28.68
N GLU VA 77 36.51 21.47 -29.62
CA GLU VA 77 37.61 21.93 -30.47
C GLU VA 77 37.11 22.94 -31.51
N LYS VA 78 35.95 22.67 -32.11
CA LYS VA 78 35.42 23.59 -33.12
C LYS VA 78 35.09 24.94 -32.51
N TRP VA 79 34.60 24.96 -31.28
CA TRP VA 79 34.30 26.21 -30.61
C TRP VA 79 35.56 27.05 -30.43
N MET VA 80 36.65 26.42 -29.99
CA MET VA 80 37.90 27.15 -29.84
C MET VA 80 38.44 27.61 -31.19
N ALA VA 81 38.23 26.81 -32.24
CA ALA VA 81 38.64 27.25 -33.58
C ALA VA 81 37.90 28.50 -33.98
N GLN VA 82 36.59 28.55 -33.72
CA GLN VA 82 35.83 29.76 -34.02
C GLN VA 82 36.31 30.94 -33.19
N ARG VA 83 36.56 30.72 -31.89
CA ARG VA 83 37.02 31.80 -31.04
C ARG VA 83 38.36 32.36 -31.51
N ALA VA 84 39.23 31.50 -32.04
CA ALA VA 84 40.52 31.96 -32.51
C ALA VA 84 40.38 32.92 -33.70
N GLY VA 85 39.42 32.66 -34.57
CA GLY VA 85 39.18 33.54 -35.70
C GLY VA 85 38.80 32.82 -36.97
N ARG VA 86 39.10 31.53 -37.06
CA ARG VA 86 38.75 30.73 -38.21
C ARG VA 86 37.23 30.50 -38.24
N LEU VA 87 36.64 30.59 -39.43
CA LEU VA 87 35.21 30.47 -39.60
C LEU VA 87 34.92 29.60 -40.81
N VAL VA 88 34.28 28.45 -40.59
CA VAL VA 88 33.98 27.48 -41.63
C VAL VA 88 32.63 26.84 -41.35
N GLY VA 89 32.22 25.94 -42.22
CA GLY VA 89 30.85 25.46 -42.24
C GLY VA 89 30.52 24.21 -41.44
N PHE VA 90 31.36 23.18 -41.53
CA PHE VA 90 31.19 21.88 -40.90
C PHE VA 90 29.75 21.38 -41.07
N PRO VA 91 29.42 20.86 -42.26
CA PRO VA 91 28.04 20.42 -42.51
C PRO VA 91 27.59 19.33 -41.55
N PHE VA 92 26.31 19.40 -41.17
CA PHE VA 92 25.67 18.43 -40.29
C PHE VA 92 24.43 17.90 -40.99
N ASP VA 93 24.17 16.60 -40.82
CA ASP VA 93 23.03 16.00 -41.49
C ASP VA 93 22.58 14.77 -40.71
N PHE VA 94 21.27 14.58 -40.59
CA PHE VA 94 20.79 13.43 -39.86
C PHE VA 94 19.51 12.89 -40.50
N ILE VA 95 19.25 11.62 -40.26
CA ILE VA 95 18.21 10.90 -41.00
C ILE VA 95 17.80 9.67 -40.21
N ASP VA 96 16.58 9.21 -40.47
CA ASP VA 96 16.07 7.96 -39.93
C ASP VA 96 15.93 6.96 -41.07
N SER VA 97 16.51 5.78 -40.90
CA SER VA 97 16.51 4.78 -41.95
C SER VA 97 15.16 4.11 -42.15
N ALA VA 98 14.27 4.19 -41.17
CA ALA VA 98 12.98 3.51 -41.27
C ALA VA 98 12.00 4.24 -42.18
N SER VA 99 12.10 5.56 -42.29
CA SER VA 99 11.14 6.33 -43.08
C SER VA 99 11.79 7.44 -43.89
N ASN VA 100 13.13 7.52 -43.93
CA ASN VA 100 13.84 8.56 -44.68
C ASN VA 100 13.39 9.95 -44.25
N GLU VA 101 13.11 10.12 -42.97
CA GLU VA 101 12.73 11.41 -42.42
C GLU VA 101 13.95 12.05 -41.76
N GLY VA 102 14.14 13.33 -41.99
CA GLY VA 102 15.29 14.03 -41.45
C GLY VA 102 15.65 15.19 -42.36
N GLY VA 103 16.92 15.59 -42.29
CA GLY VA 103 17.33 16.71 -43.11
C GLY VA 103 18.83 16.85 -43.16
N THR VA 104 19.26 17.85 -43.92
CA THR VA 104 20.67 18.12 -44.08
C THR VA 104 20.90 19.62 -44.24
N GLY VA 105 22.10 20.04 -43.88
CA GLY VA 105 22.54 21.40 -44.11
C GLY VA 105 23.97 21.40 -44.60
N ALA VA 106 24.34 22.49 -45.26
CA ALA VA 106 25.64 22.58 -45.90
C ALA VA 106 26.68 23.30 -45.06
N GLU VA 107 26.29 24.35 -44.34
CA GLU VA 107 27.24 25.12 -43.54
C GLU VA 107 26.56 25.53 -42.24
N PHE VA 108 27.00 24.94 -41.14
CA PHE VA 108 26.50 25.27 -39.81
C PHE VA 108 27.51 26.14 -39.07
N PHE VA 109 27.13 26.57 -37.88
CA PHE VA 109 28.01 27.35 -37.02
C PHE VA 109 27.58 27.15 -35.58
N ILE VA 110 28.55 27.02 -34.68
CA ILE VA 110 28.25 26.90 -33.27
C ILE VA 110 27.63 28.20 -32.78
N GLN VA 111 26.44 28.11 -32.20
CA GLN VA 111 25.74 29.29 -31.70
C GLN VA 111 25.72 29.36 -30.18
N LYS VA 112 25.54 28.25 -29.50
CA LYS VA 112 25.57 28.26 -28.04
C LYS VA 112 26.63 27.30 -27.54
N ALA VA 113 26.85 27.34 -26.23
CA ALA VA 113 27.82 26.50 -25.55
C ALA VA 113 27.21 25.96 -24.27
N PRO VA 114 27.64 24.78 -23.83
CA PRO VA 114 27.06 24.18 -22.63
C PRO VA 114 27.60 24.84 -21.36
N ASP VA 115 26.95 24.50 -20.25
CA ASP VA 115 27.40 24.93 -18.93
C ASP VA 115 28.06 23.75 -18.23
N ASP VA 116 29.29 23.96 -17.77
CA ASP VA 116 30.06 22.89 -17.13
C ASP VA 116 29.63 22.77 -15.67
N SER VA 117 28.69 21.87 -15.42
CA SER VA 117 28.24 21.57 -14.08
C SER VA 117 28.84 20.24 -13.65
N LYS VA 118 29.46 20.23 -12.47
CA LYS VA 118 30.06 19.00 -11.97
C LYS VA 118 29.12 18.24 -11.05
N GLY VA 119 28.73 18.84 -9.94
CA GLY VA 119 27.80 18.22 -9.01
C GLY VA 119 28.15 16.81 -8.59
N ASN VA 120 27.13 16.05 -8.19
CA ASN VA 120 27.35 14.70 -7.68
C ASN VA 120 27.18 13.62 -8.74
N ASN VA 121 26.39 13.87 -9.78
CA ASN VA 121 26.25 12.91 -10.87
C ASN VA 121 26.54 13.56 -12.22
N ALA VA 122 26.30 12.83 -13.30
CA ALA VA 122 26.51 13.38 -14.63
C ALA VA 122 25.35 14.28 -15.03
N VAL VA 123 25.67 15.31 -15.79
CA VAL VA 123 24.68 16.28 -16.24
C VAL VA 123 24.81 16.42 -17.76
N VAL VA 124 23.75 16.90 -18.38
CA VAL VA 124 23.72 17.06 -19.83
C VAL VA 124 24.67 18.17 -20.25
N ARG VA 125 25.14 18.09 -21.49
CA ARG VA 125 25.80 19.21 -22.16
C ARG VA 125 25.03 19.49 -23.45
N GLU VA 126 24.43 20.66 -23.55
CA GLU VA 126 23.61 21.02 -24.70
C GLU VA 126 24.36 21.97 -25.61
N TRP VA 127 24.43 21.61 -26.90
CA TRP VA 127 25.01 22.46 -27.91
C TRP VA 127 23.91 22.91 -28.88
N THR VA 128 23.93 24.17 -29.25
CA THR VA 128 22.98 24.73 -30.20
C THR VA 128 23.72 25.23 -31.43
N ILE VA 129 23.38 24.69 -32.59
CA ILE VA 129 23.99 25.02 -33.87
C ILE VA 129 22.94 25.66 -34.75
N VAL VA 130 23.37 26.50 -35.69
CA VAL VA 130 22.46 27.27 -36.54
C VAL VA 130 22.95 27.20 -37.98
N THR VA 131 22.03 27.02 -38.92
CA THR VA 131 22.36 27.03 -40.33
C THR VA 131 21.67 28.20 -41.02
N GLY VA 132 22.15 28.51 -42.22
CA GLY VA 132 21.54 29.53 -43.03
C GLY VA 132 20.56 28.94 -44.01
N GLU VA 133 20.76 27.68 -44.37
CA GLU VA 133 19.81 26.91 -45.15
C GLU VA 133 19.66 25.54 -44.54
N TRP VA 134 18.46 24.98 -44.65
CA TRP VA 134 18.19 23.66 -44.11
C TRP VA 134 17.22 22.96 -45.05
N THR VA 135 17.67 21.86 -45.65
CA THR VA 135 16.82 21.13 -46.58
C THR VA 135 16.34 19.85 -45.93
N PRO VA 136 15.06 19.72 -45.60
CA PRO VA 136 14.54 18.44 -45.14
C PRO VA 136 14.44 17.47 -46.30
N THR VA 137 14.46 16.19 -45.97
CA THR VA 137 14.26 15.15 -46.97
C THR VA 137 12.85 14.59 -46.81
N ILE VA 138 12.19 14.37 -47.94
CA ILE VA 138 10.78 13.95 -47.92
C ILE VA 138 10.72 12.48 -47.50
N PRO VA 139 9.94 12.13 -46.49
CA PRO VA 139 9.84 10.72 -46.10
C PRO VA 139 9.09 9.92 -47.13
N THR VA 140 9.81 9.14 -47.93
CA THR VA 140 9.21 8.43 -49.05
C THR VA 140 8.59 7.10 -48.64
N LEU VA 141 9.05 6.50 -47.56
CA LEU VA 141 8.48 5.26 -47.06
C LEU VA 141 7.38 5.50 -46.04
N LEU VA 142 6.73 6.66 -46.10
CA LEU VA 142 5.68 7.06 -45.18
C LEU VA 142 6.22 7.16 -43.75
N MET WA 1 44.75 3.22 -19.09
CA MET WA 1 44.12 4.52 -18.90
C MET WA 1 42.70 4.51 -19.45
N ALA WA 2 41.88 3.57 -18.98
CA ALA WA 2 40.50 3.48 -19.41
C ALA WA 2 39.68 4.63 -18.84
N MET WA 3 38.66 5.05 -19.58
CA MET WA 3 37.81 6.16 -19.16
C MET WA 3 36.96 5.67 -18.01
N LYS WA 4 37.44 5.90 -16.79
CA LYS WA 4 36.78 5.37 -15.60
C LYS WA 4 35.43 6.05 -15.38
N ALA WA 5 34.69 5.51 -14.43
CA ALA WA 5 33.40 6.08 -14.07
C ALA WA 5 33.59 7.47 -13.47
N TYR WA 6 32.59 8.32 -13.67
CA TYR WA 6 32.63 9.65 -13.08
C TYR WA 6 32.50 9.58 -11.57
N SER WA 7 33.17 10.48 -10.88
CA SER WA 7 33.07 10.56 -9.42
C SER WA 7 33.51 11.94 -8.96
N MET WA 8 32.85 12.43 -7.92
CA MET WA 8 33.24 13.72 -7.36
C MET WA 8 34.57 13.65 -6.61
N LEU WA 9 35.10 12.46 -6.40
CA LEU WA 9 36.38 12.30 -5.72
C LEU WA 9 37.56 12.54 -6.64
N ASN WA 10 37.33 12.82 -7.92
CA ASN WA 10 38.41 13.10 -8.86
C ASN WA 10 38.33 14.51 -9.43
N VAL WA 11 37.32 15.29 -9.05
CA VAL WA 11 37.20 16.67 -9.50
C VAL WA 11 37.95 17.55 -8.51
N THR WA 12 38.83 18.41 -9.03
CA THR WA 12 39.62 19.30 -8.20
C THR WA 12 39.35 20.75 -8.59
N ALA WA 13 39.09 21.58 -7.60
CA ALA WA 13 38.90 23.01 -7.79
C ALA WA 13 39.81 23.78 -6.87
N THR WA 14 40.44 24.83 -7.40
CA THR WA 14 41.36 25.66 -6.65
C THR WA 14 40.94 27.10 -6.76
N LEU WA 15 40.82 27.77 -5.62
CA LEU WA 15 40.38 29.16 -5.55
C LEU WA 15 41.46 29.95 -4.83
N ASP WA 16 42.33 30.61 -5.59
CA ASP WA 16 43.40 31.46 -5.05
C ASP WA 16 44.34 30.64 -4.17
N GLY WA 17 44.81 29.53 -4.71
CA GLY WA 17 45.73 28.66 -4.00
C GLY WA 17 45.11 27.53 -3.20
N ARG WA 18 44.21 27.86 -2.28
CA ARG WA 18 43.59 26.84 -1.45
C ARG WA 18 42.49 26.12 -2.20
N ARG WA 19 42.15 24.92 -1.72
CA ARG WA 19 41.14 24.09 -2.36
C ARG WA 19 39.73 24.48 -1.89
N VAL WA 20 38.74 23.93 -2.57
CA VAL WA 20 37.34 24.05 -2.19
C VAL WA 20 36.90 22.70 -1.64
N ILE WA 21 36.34 22.70 -0.43
CA ILE WA 21 36.00 21.46 0.26
C ILE WA 21 34.50 21.38 0.56
N GLY WA 22 33.98 22.32 1.33
CA GLY WA 22 32.60 22.20 1.75
C GLY WA 22 31.62 22.55 0.65
N LEU WA 23 30.99 21.54 0.05
CA LEU WA 23 30.05 21.74 -1.03
C LEU WA 23 28.70 21.13 -0.65
N MET WA 24 27.62 21.81 -1.04
CA MET WA 24 26.29 21.32 -0.72
C MET WA 24 25.92 20.12 -1.57
N ASP WA 25 24.88 19.41 -1.13
CA ASP WA 25 24.39 18.26 -1.86
C ASP WA 25 23.68 18.71 -3.14
N GLY WA 26 23.74 17.89 -4.17
CA GLY WA 26 23.00 18.14 -5.38
C GLY WA 26 23.80 17.80 -6.61
N ASP WA 27 23.08 17.69 -7.73
CA ASP WA 27 23.70 17.39 -9.01
C ASP WA 27 24.40 18.60 -9.61
N ASP WA 28 24.35 19.76 -8.94
CA ASP WA 28 24.98 20.97 -9.46
C ASP WA 28 25.53 21.76 -8.27
N ALA WA 29 26.83 21.60 -8.01
CA ALA WA 29 27.49 22.32 -6.94
C ALA WA 29 28.49 23.35 -7.43
N ILE WA 30 29.07 23.16 -8.60
CA ILE WA 30 29.96 24.14 -9.23
C ILE WA 30 29.54 24.24 -10.68
N THR WA 31 28.94 25.36 -11.07
CA THR WA 31 28.41 25.51 -12.42
C THR WA 31 28.98 26.76 -13.07
N THR WA 32 29.56 26.61 -14.25
CA THR WA 32 30.11 27.72 -15.01
C THR WA 32 29.30 27.95 -16.27
N SER WA 33 28.90 29.19 -16.51
CA SER WA 33 28.13 29.53 -17.68
C SER WA 33 28.79 30.68 -18.43
N PRO WA 34 28.79 30.62 -19.76
CA PRO WA 34 29.44 31.67 -20.55
C PRO WA 34 28.68 32.98 -20.48
N GLY WA 35 29.37 34.05 -20.84
CA GLY WA 35 28.79 35.37 -20.78
C GLY WA 35 27.61 35.56 -21.70
N VAL WA 36 27.83 35.48 -23.01
CA VAL WA 36 26.80 35.70 -24.01
C VAL WA 36 26.84 34.56 -25.02
N ASP WA 37 25.93 34.62 -25.98
CA ASP WA 37 25.87 33.60 -27.02
C ASP WA 37 27.10 33.68 -27.90
N VAL WA 38 27.45 32.54 -28.50
CA VAL WA 38 28.63 32.50 -29.35
C VAL WA 38 28.44 33.35 -30.59
N GLY WA 39 27.25 33.31 -31.17
CA GLY WA 39 27.02 34.04 -32.40
C GLY WA 39 25.55 34.34 -32.60
N THR WA 40 25.26 34.89 -33.78
CA THR WA 40 23.90 35.29 -34.12
C THR WA 40 23.71 35.23 -35.63
N MET WA 41 22.66 34.54 -36.07
CA MET WA 41 22.35 34.43 -37.49
C MET WA 41 21.28 35.46 -37.85
N LEU WA 42 21.52 36.21 -38.92
CA LEU WA 42 20.59 37.23 -39.40
C LEU WA 42 20.19 36.86 -40.81
N VAL WA 43 18.89 36.66 -41.02
CA VAL WA 43 18.36 36.30 -42.33
C VAL WA 43 17.48 37.43 -42.82
N GLY WA 44 17.76 37.92 -44.02
CA GLY WA 44 17.06 39.06 -44.57
C GLY WA 44 15.75 38.69 -45.21
N ALA WA 45 15.10 39.72 -45.78
CA ALA WA 45 13.78 39.55 -46.38
C ALA WA 45 13.83 38.78 -47.70
N ASP WA 46 15.02 38.56 -48.26
CA ASP WA 46 15.15 37.85 -49.52
C ASP WA 46 15.50 36.38 -49.37
N GLY WA 47 16.06 35.99 -48.23
CA GLY WA 47 16.48 34.62 -48.01
C GLY WA 47 17.97 34.45 -47.77
N SER WA 48 18.79 35.45 -48.04
CA SER WA 48 20.21 35.36 -47.75
C SER WA 48 20.43 35.40 -46.25
N TRP WA 49 21.65 35.06 -45.82
CA TRP WA 49 21.95 34.95 -44.41
C TRP WA 49 23.35 35.46 -44.12
N LEU WA 50 23.55 35.91 -42.89
CA LEU WA 50 24.86 36.39 -42.43
C LEU WA 50 25.01 36.05 -40.96
N PHE WA 51 26.13 35.43 -40.61
CA PHE WA 51 26.41 35.04 -39.23
C PHE WA 51 27.39 36.02 -38.62
N SER WA 52 27.18 36.36 -37.35
CA SER WA 52 28.03 37.30 -36.65
C SER WA 52 28.56 36.65 -35.38
N GLN WA 53 29.87 36.76 -35.17
CA GLN WA 53 30.58 36.10 -34.09
C GLN WA 53 31.07 37.14 -33.09
N THR WA 54 30.86 36.87 -31.80
CA THR WA 54 31.19 37.84 -30.77
C THR WA 54 32.64 37.66 -30.29
N ALA WA 55 33.17 38.74 -29.73
CA ALA WA 55 34.50 38.73 -29.14
C ALA WA 55 34.47 38.63 -27.62
N ASP WA 56 33.29 38.41 -27.04
CA ASP WA 56 33.12 38.37 -25.59
C ASP WA 56 33.46 36.97 -25.09
N LYS WA 57 34.69 36.80 -24.61
CA LYS WA 57 35.09 35.55 -23.98
C LYS WA 57 35.14 35.76 -22.47
N SER WA 58 33.97 35.67 -21.84
CA SER WA 58 33.84 35.85 -20.41
C SER WA 58 32.87 34.82 -19.85
N ALA WA 59 32.98 34.57 -18.55
CA ALA WA 59 32.18 33.53 -17.93
C ALA WA 59 31.89 33.91 -16.48
N THR WA 60 30.88 33.24 -15.93
CA THR WA 60 30.53 33.35 -14.52
C THR WA 60 30.47 31.96 -13.93
N VAL WA 61 30.76 31.85 -12.64
CA VAL WA 61 30.76 30.57 -11.94
C VAL WA 61 29.94 30.72 -10.67
N VAL WA 62 29.17 29.69 -10.35
CA VAL WA 62 28.36 29.64 -9.15
C VAL WA 62 28.83 28.47 -8.30
N ILE WA 63 29.14 28.75 -7.03
CA ILE WA 63 29.62 27.75 -6.09
C ILE WA 63 28.63 27.70 -4.93
N LYS WA 64 28.24 26.49 -4.55
CA LYS WA 64 27.31 26.28 -3.44
C LYS WA 64 28.06 25.62 -2.30
N LEU WA 65 28.05 26.26 -1.13
CA LEU WA 65 28.82 25.81 0.02
C LEU WA 65 27.92 25.64 1.22
N LYS WA 66 28.31 24.73 2.11
CA LYS WA 66 27.64 24.58 3.39
C LYS WA 66 27.91 25.79 4.26
N PRO WA 67 27.08 26.03 5.28
CA PRO WA 67 27.36 27.13 6.20
C PRO WA 67 28.65 26.97 7.00
N ASN WA 68 29.24 25.78 7.04
CA ASN WA 68 30.48 25.53 7.76
C ASN WA 68 31.50 24.96 6.80
N SER WA 69 32.21 25.84 6.10
CA SER WA 69 33.22 25.40 5.17
C SER WA 69 34.32 26.44 5.11
N PRO WA 70 35.59 26.02 5.18
CA PRO WA 70 36.68 27.01 5.16
C PRO WA 70 36.67 27.88 3.92
N THR WA 71 36.19 27.36 2.79
CA THR WA 71 36.05 28.20 1.60
C THR WA 71 35.07 29.34 1.84
N HIS WA 72 34.03 29.09 2.65
CA HIS WA 72 33.12 30.18 3.00
C HIS WA 72 33.85 31.27 3.76
N ARG WA 73 34.72 30.89 4.69
CA ARG WA 73 35.51 31.88 5.41
C ARG WA 73 36.42 32.66 4.47
N GLN WA 74 37.08 31.96 3.54
CA GLN WA 74 37.97 32.63 2.61
C GLN WA 74 37.20 33.62 1.74
N LEU WA 75 36.04 33.21 1.23
CA LEU WA 75 35.26 34.08 0.38
C LEU WA 75 34.71 35.28 1.15
N THR WA 76 34.27 35.07 2.39
CA THR WA 76 33.75 36.20 3.14
C THR WA 76 34.85 37.14 3.60
N GLU WA 77 36.10 36.67 3.65
CA GLU WA 77 37.20 37.61 3.83
C GLU WA 77 37.48 38.40 2.56
N LYS WA 78 37.46 37.71 1.40
CA LYS WA 78 37.72 38.38 0.14
C LYS WA 78 36.66 39.44 -0.15
N TRP WA 79 35.41 39.15 0.19
CA TRP WA 79 34.34 40.13 -0.01
C TRP WA 79 34.59 41.39 0.79
N MET WA 80 34.98 41.24 2.06
CA MET WA 80 35.28 42.41 2.87
C MET WA 80 36.50 43.15 2.35
N ALA WA 81 37.48 42.43 1.82
CA ALA WA 81 38.63 43.09 1.21
C ALA WA 81 38.20 43.95 0.03
N GLN WA 82 37.31 43.43 -0.81
CA GLN WA 82 36.80 44.24 -1.92
C GLN WA 82 36.01 45.44 -1.42
N ARG WA 83 35.16 45.24 -0.41
CA ARG WA 83 34.39 46.36 0.12
C ARG WA 83 35.28 47.45 0.69
N ALA WA 84 36.41 47.07 1.29
CA ALA WA 84 37.30 48.06 1.84
C ALA WA 84 37.89 48.96 0.76
N GLY WA 85 38.19 48.39 -0.40
CA GLY WA 85 38.71 49.17 -1.50
C GLY WA 85 39.77 48.46 -2.33
N ARG WA 86 40.37 47.42 -1.75
CA ARG WA 86 41.37 46.64 -2.46
C ARG WA 86 40.70 45.81 -3.55
N LEU WA 87 41.32 45.73 -4.72
CA LEU WA 87 40.76 45.03 -5.87
C LEU WA 87 41.85 44.22 -6.54
N VAL WA 88 41.70 42.90 -6.54
CA VAL WA 88 42.69 41.97 -7.09
C VAL WA 88 41.96 40.80 -7.76
N GLY WA 89 42.73 39.88 -8.31
CA GLY WA 89 42.19 38.87 -9.21
C GLY WA 89 41.76 37.54 -8.61
N PHE WA 90 42.57 36.97 -7.72
CA PHE WA 90 42.36 35.67 -7.10
C PHE WA 90 41.92 34.64 -8.14
N PRO WA 91 42.86 34.12 -8.92
CA PRO WA 91 42.49 33.16 -9.98
C PRO WA 91 41.82 31.92 -9.43
N PHE WA 92 40.85 31.41 -10.19
CA PHE WA 92 40.11 30.20 -9.87
C PHE WA 92 40.20 29.25 -11.05
N ASP WA 93 40.32 27.95 -10.77
CA ASP WA 93 40.47 26.99 -11.84
C ASP WA 93 39.98 25.64 -11.36
N PHE WA 94 39.26 24.90 -12.22
CA PHE WA 94 38.78 23.60 -11.80
C PHE WA 94 38.81 22.64 -12.97
N ILE WA 95 38.87 21.35 -12.66
CA ILE WA 95 39.16 20.34 -13.66
C ILE WA 95 38.68 18.98 -13.15
N ASP WA 96 38.40 18.08 -14.09
CA ASP WA 96 38.09 16.70 -13.77
C ASP WA 96 39.24 15.82 -14.25
N SER WA 97 39.75 14.96 -13.35
CA SER WA 97 40.90 14.14 -13.68
C SER WA 97 40.57 12.99 -14.62
N ALA WA 98 39.30 12.61 -14.73
CA ALA WA 98 38.94 11.47 -15.57
C ALA WA 98 38.95 11.79 -17.05
N SER WA 99 38.69 13.04 -17.43
CA SER WA 99 38.61 13.39 -18.83
C SER WA 99 39.26 14.74 -19.16
N ASN WA 100 39.95 15.36 -18.20
CA ASN WA 100 40.60 16.66 -18.41
C ASN WA 100 39.61 17.71 -18.91
N GLU WA 101 38.39 17.65 -18.43
CA GLU WA 101 37.36 18.62 -18.77
C GLU WA 101 37.26 19.64 -17.66
N GLY WA 102 37.15 20.90 -18.03
CA GLY WA 102 37.08 21.98 -17.06
C GLY WA 102 37.65 23.25 -17.66
N GLY WA 103 38.12 24.13 -16.79
CA GLY WA 103 38.65 25.37 -17.30
C GLY WA 103 39.41 26.13 -16.23
N THR WA 104 39.93 27.28 -16.65
CA THR WA 104 40.70 28.13 -15.76
C THR WA 104 40.51 29.58 -16.13
N GLY WA 105 40.70 30.44 -15.14
CA GLY WA 105 40.70 31.87 -15.36
C GLY WA 105 41.81 32.51 -14.56
N ALA WA 106 42.21 33.70 -15.00
CA ALA WA 106 43.37 34.37 -14.42
C ALA WA 106 42.99 35.40 -13.35
N GLU WA 107 41.91 36.13 -13.54
CA GLU WA 107 41.51 37.17 -12.59
C GLU WA 107 39.99 37.15 -12.46
N PHE WA 108 39.49 36.71 -11.31
CA PHE WA 108 38.07 36.71 -11.00
C PHE WA 108 37.73 37.86 -10.07
N PHE WA 109 36.45 38.01 -9.78
CA PHE WA 109 35.97 39.01 -8.85
C PHE WA 109 34.64 38.54 -8.26
N ILE WA 110 34.46 38.77 -6.96
CA ILE WA 110 33.19 38.41 -6.33
C ILE WA 110 32.10 39.30 -6.89
N GLN WA 111 31.05 38.68 -7.43
CA GLN WA 111 29.94 39.42 -8.02
C GLN WA 111 28.68 39.37 -7.16
N LYS WA 112 28.37 38.23 -6.56
CA LYS WA 112 27.21 38.13 -5.69
C LYS WA 112 27.64 37.67 -4.30
N ALA WA 113 26.68 37.70 -3.39
CA ALA WA 113 26.88 37.29 -2.01
C ALA WA 113 25.70 36.46 -1.55
N PRO WA 114 25.91 35.54 -0.63
CA PRO WA 114 24.84 34.66 -0.19
C PRO WA 114 23.89 35.38 0.77
N ASP WA 115 22.77 34.72 1.04
CA ASP WA 115 21.80 35.19 2.02
C ASP WA 115 21.93 34.35 3.28
N ASP WA 116 22.11 35.02 4.42
CA ASP WA 116 22.31 34.33 5.70
C ASP WA 116 20.95 33.92 6.26
N SER WA 117 20.55 32.69 5.97
CA SER WA 117 19.32 32.12 6.50
C SER WA 117 19.69 31.16 7.61
N LYS WA 118 19.05 31.32 8.77
CA LYS WA 118 19.33 30.41 9.88
C LYS WA 118 18.34 29.26 9.93
N GLY WA 119 17.06 29.56 10.12
CA GLY WA 119 16.02 28.55 10.14
C GLY WA 119 16.29 27.38 11.07
N ASN WA 120 15.68 26.23 10.77
CA ASN WA 120 15.79 25.06 11.64
C ASN WA 120 16.89 24.10 11.20
N ASN WA 121 17.25 24.07 9.92
CA ASN WA 121 18.34 23.22 9.47
C ASN WA 121 19.38 24.03 8.70
N ALA WA 122 20.34 23.35 8.10
CA ALA WA 122 21.36 24.04 7.32
C ALA WA 122 20.82 24.39 5.95
N VAL WA 123 21.28 25.53 5.43
CA VAL WA 123 20.86 26.03 4.13
C VAL WA 123 22.10 26.32 3.31
N VAL WA 124 21.91 26.36 1.98
CA VAL WA 124 23.02 26.60 1.07
C VAL WA 124 23.51 28.04 1.21
N ARG WA 125 24.78 28.25 0.85
CA ARG WA 125 25.32 29.59 0.62
C ARG WA 125 25.88 29.62 -0.79
N GLU WA 126 25.30 30.44 -1.65
CA GLU WA 126 25.70 30.51 -3.05
C GLU WA 126 26.54 31.75 -3.30
N TRP WA 127 27.71 31.56 -3.89
CA TRP WA 127 28.57 32.65 -4.31
C TRP WA 127 28.66 32.66 -5.83
N THR WA 128 28.59 33.85 -6.42
CA THR WA 128 28.71 34.02 -7.85
C THR WA 128 29.92 34.89 -8.15
N ILE WA 129 30.84 34.33 -8.95
CA ILE WA 129 32.08 34.98 -9.33
C ILE WA 129 32.07 35.19 -10.83
N VAL WA 130 32.79 36.20 -11.30
CA VAL WA 130 32.78 36.59 -12.71
C VAL WA 130 34.21 36.84 -13.18
N THR WA 131 34.55 36.35 -14.37
CA THR WA 131 35.86 36.62 -14.94
C THR WA 131 35.72 37.44 -16.22
N GLY WA 132 36.84 38.01 -16.65
CA GLY WA 132 36.87 38.75 -17.89
C GLY WA 132 37.34 37.88 -19.04
N GLU WA 133 38.11 36.85 -18.73
CA GLU WA 133 38.48 35.81 -19.67
C GLU WA 133 38.33 34.45 -19.00
N TRP WA 134 37.99 33.46 -19.80
CA TRP WA 134 37.80 32.11 -19.31
C TRP WA 134 38.28 31.14 -20.38
N THR WA 135 39.32 30.38 -20.07
CA THR WA 135 39.86 29.43 -21.03
C THR WA 135 39.48 28.02 -20.62
N PRO WA 136 38.60 27.35 -21.36
CA PRO WA 136 38.35 25.94 -21.11
C PRO WA 136 39.52 25.10 -21.57
N THR WA 137 39.67 23.93 -20.97
CA THR WA 137 40.67 22.97 -21.41
C THR WA 137 40.00 21.87 -22.21
N ILE WA 138 40.64 21.48 -23.30
CA ILE WA 138 40.03 20.51 -24.22
C ILE WA 138 40.11 19.13 -23.59
N PRO WA 139 39.00 18.40 -23.48
CA PRO WA 139 39.06 17.06 -22.90
C PRO WA 139 39.75 16.09 -23.84
N THR WA 140 41.00 15.75 -23.52
CA THR WA 140 41.82 14.94 -24.42
C THR WA 140 41.57 13.45 -24.26
N LEU WA 141 41.12 13.01 -23.09
CA LEU WA 141 40.79 11.61 -22.86
C LEU WA 141 39.34 11.30 -23.16
N LEU WA 142 38.71 12.08 -24.04
CA LEU WA 142 37.30 11.93 -24.41
C LEU WA 142 36.40 12.14 -23.19
N MET XA 1 37.19 22.83 21.52
CA MET XA 1 36.32 23.73 20.76
C MET XA 1 36.04 23.17 19.37
N ALA XA 2 35.51 21.94 19.32
CA ALA XA 2 35.19 21.31 18.05
C ALA XA 2 33.97 21.98 17.43
N MET XA 3 33.93 21.99 16.10
CA MET XA 3 32.83 22.60 15.37
C MET XA 3 31.59 21.74 15.56
N LYS XA 4 30.78 22.07 16.57
CA LYS XA 4 29.65 21.24 16.93
C LYS XA 4 28.58 21.27 15.84
N ALA XA 5 27.60 20.40 15.99
CA ALA XA 5 26.48 20.36 15.07
C ALA XA 5 25.69 21.66 15.15
N TYR XA 6 25.08 22.04 14.02
CA TYR XA 6 24.24 23.22 13.99
C TYR XA 6 22.97 23.00 14.80
N SER XA 7 22.49 24.06 15.44
CA SER XA 7 21.24 23.99 16.19
C SER XA 7 20.69 25.40 16.36
N MET XA 8 19.36 25.50 16.34
CA MET XA 8 18.73 26.79 16.57
C MET XA 8 18.83 27.23 18.02
N LEU XA 9 19.28 26.36 18.91
CA LEU XA 9 19.43 26.72 20.32
C LEU XA 9 20.71 27.48 20.60
N ASN XA 10 21.54 27.71 19.58
CA ASN XA 10 22.77 28.49 19.76
C ASN XA 10 22.78 29.76 18.92
N VAL XA 11 21.73 30.03 18.16
CA VAL XA 11 21.61 31.26 17.39
C VAL XA 11 20.96 32.31 18.26
N THR XA 12 21.57 33.48 18.36
CA THR XA 12 21.05 34.57 19.17
C THR XA 12 20.81 35.79 18.29
N ALA XA 13 19.62 36.37 18.43
CA ALA XA 13 19.26 37.60 17.73
C ALA XA 13 18.75 38.62 18.74
N THR XA 14 19.19 39.87 18.58
CA THR XA 14 18.82 40.95 19.46
C THR XA 14 18.27 42.10 18.64
N LEU XA 15 17.09 42.58 19.02
CA LEU XA 15 16.40 43.65 18.30
C LEU XA 15 16.14 44.77 19.30
N ASP XA 16 17.01 45.79 19.30
CA ASP XA 16 16.87 46.96 20.16
C ASP XA 16 16.89 46.57 21.64
N GLY XA 17 17.88 45.78 22.01
CA GLY XA 17 18.04 45.33 23.39
C GLY XA 17 17.41 43.99 23.72
N ARG XA 18 16.11 43.85 23.48
CA ARG XA 18 15.42 42.63 23.82
C ARG XA 18 15.67 41.55 22.77
N ARG XA 19 15.46 40.30 23.17
CA ARG XA 19 15.69 39.17 22.28
C ARG XA 19 14.49 38.91 21.39
N VAL XA 20 14.69 38.04 20.41
CA VAL XA 20 13.63 37.53 19.55
C VAL XA 20 13.36 36.09 19.93
N ILE XA 21 12.10 35.78 20.23
CA ILE XA 21 11.73 34.46 20.75
C ILE XA 21 10.74 33.75 19.83
N GLY XA 22 9.58 34.34 19.61
CA GLY XA 22 8.57 33.62 18.86
C GLY XA 22 8.85 33.61 17.37
N LEU XA 23 9.31 32.47 16.85
CA LEU XA 23 9.63 32.32 15.44
C LEU XA 23 8.83 31.18 14.84
N MET XA 24 8.39 31.37 13.60
CA MET XA 24 7.59 30.35 12.94
C MET XA 24 8.44 29.17 12.53
N ASP XA 25 7.76 28.07 12.22
CA ASP XA 25 8.44 26.87 11.76
C ASP XA 25 8.96 27.05 10.35
N GLY XA 26 10.07 26.40 10.05
CA GLY XA 26 10.60 26.41 8.70
C GLY XA 26 12.10 26.50 8.68
N ASP XA 27 12.66 26.17 7.53
CA ASP XA 27 14.10 26.25 7.33
C ASP XA 27 14.58 27.68 7.13
N ASP XA 28 13.69 28.66 7.14
CA ASP XA 28 14.07 30.05 6.93
C ASP XA 28 13.17 30.92 7.80
N ALA XA 29 13.66 31.30 8.97
CA ALA XA 29 12.93 32.16 9.88
C ALA XA 29 13.53 33.54 10.04
N ILE XA 30 14.84 33.70 9.84
CA ILE XA 30 15.50 34.99 9.84
C ILE XA 30 16.44 35.00 8.64
N THR XA 31 16.11 35.79 7.62
CA THR XA 31 16.89 35.79 6.40
C THR XA 31 17.34 37.20 6.06
N THR XA 32 18.63 37.39 5.84
CA THR XA 32 19.19 38.68 5.48
C THR XA 32 19.74 38.63 4.06
N SER XA 33 19.36 39.60 3.25
CA SER XA 33 19.81 39.67 1.88
C SER XA 33 20.43 41.03 1.58
N PRO XA 34 21.51 41.06 0.82
CA PRO XA 34 22.17 42.34 0.53
C PRO XA 34 21.34 43.19 -0.40
N GLY XA 35 21.67 44.48 -0.43
CA GLY XA 35 20.94 45.44 -1.22
C GLY XA 35 21.02 45.17 -2.72
N VAL XA 36 22.22 45.27 -3.28
CA VAL XA 36 22.44 45.11 -4.71
C VAL XA 36 23.61 44.16 -4.92
N ASP XA 37 23.89 43.88 -6.20
CA ASP XA 37 25.00 43.01 -6.55
C ASP XA 37 26.32 43.65 -6.15
N VAL XA 38 27.32 42.81 -5.89
CA VAL XA 38 28.63 43.31 -5.48
C VAL XA 38 29.27 44.08 -6.62
N GLY XA 39 29.15 43.59 -7.85
CA GLY XA 39 29.81 44.23 -8.96
C GLY XA 39 29.13 43.92 -10.28
N THR XA 40 29.77 44.37 -11.35
CA THR XA 40 29.24 44.19 -12.70
C THR XA 40 30.37 44.15 -13.70
N MET XA 41 30.40 43.11 -14.53
CA MET XA 41 31.41 42.98 -15.58
C MET XA 41 30.85 43.49 -16.90
N LEU XA 42 31.62 44.33 -17.57
CA LEU XA 42 31.24 44.90 -18.86
C LEU XA 42 32.28 44.49 -19.88
N VAL XA 43 31.84 43.78 -20.92
CA VAL XA 43 32.72 43.31 -21.98
C VAL XA 43 32.34 44.01 -23.27
N GLY XA 44 33.31 44.64 -23.91
CA GLY XA 44 33.05 45.41 -25.10
C GLY XA 44 33.01 44.57 -26.36
N ALA XA 45 32.84 45.28 -27.48
CA ALA XA 45 32.71 44.61 -28.77
C ALA XA 45 34.02 44.03 -29.28
N ASP XA 46 35.14 44.35 -28.64
CA ASP XA 46 36.43 43.85 -29.08
C ASP XA 46 36.92 42.65 -28.27
N GLY XA 47 36.40 42.46 -27.06
CA GLY XA 47 36.84 41.38 -26.20
C GLY XA 47 37.46 41.83 -24.90
N SER XA 48 37.81 43.10 -24.75
CA SER XA 48 38.32 43.58 -23.48
C SER XA 48 37.21 43.61 -22.45
N TRP XA 49 37.59 43.78 -21.18
CA TRP XA 49 36.63 43.73 -20.08
C TRP XA 49 36.98 44.75 -19.02
N LEU XA 50 35.95 45.17 -18.28
CA LEU XA 50 36.11 46.11 -17.19
C LEU XA 50 35.10 45.78 -16.11
N PHE XA 51 35.57 45.65 -14.88
CA PHE XA 51 34.71 45.33 -13.73
C PHE XA 51 34.44 46.59 -12.94
N SER XA 52 33.21 46.73 -12.45
CA SER XA 52 32.80 47.90 -11.68
C SER XA 52 32.25 47.44 -10.34
N GLN XA 53 32.70 48.08 -9.28
CA GLN XA 53 32.39 47.70 -7.90
C GLN XA 53 31.53 48.78 -7.27
N THR XA 54 30.47 48.37 -6.59
CA THR XA 54 29.51 49.32 -6.03
C THR XA 54 29.92 49.73 -4.62
N ALA XA 55 29.42 50.90 -4.20
CA ALA XA 55 29.63 51.40 -2.86
C ALA XA 55 28.41 51.20 -1.97
N ASP XA 56 27.41 50.46 -2.44
CA ASP XA 56 26.16 50.27 -1.70
C ASP XA 56 26.34 49.11 -0.73
N LYS XA 57 26.63 49.44 0.52
CA LYS XA 57 26.71 48.44 1.58
C LYS XA 57 25.45 48.54 2.44
N SER XA 58 24.37 47.92 1.95
CA SER XA 58 23.08 47.95 2.64
C SER XA 58 22.44 46.58 2.56
N ALA XA 59 21.53 46.31 3.48
CA ALA XA 59 20.92 45.00 3.55
C ALA XA 59 19.49 45.12 4.07
N THR XA 60 18.71 44.06 3.84
CA THR XA 60 17.38 43.93 4.37
C THR XA 60 17.27 42.59 5.10
N VAL XA 61 16.41 42.55 6.11
CA VAL XA 61 16.22 41.34 6.89
C VAL XA 61 14.73 41.04 6.98
N VAL XA 62 14.38 39.77 6.92
CA VAL XA 62 13.01 39.31 7.02
C VAL XA 62 12.91 38.39 8.23
N ILE XA 63 11.97 38.68 9.11
CA ILE XA 63 11.74 37.92 10.33
C ILE XA 63 10.32 37.38 10.29
N LYS XA 64 10.16 36.10 10.58
CA LYS XA 64 8.85 35.45 10.60
C LYS XA 64 8.50 35.09 12.04
N LEU XA 65 7.37 35.59 12.51
CA LEU XA 65 6.97 35.43 13.90
C LEU XA 65 5.58 34.82 13.98
N LYS XA 66 5.33 34.10 15.08
CA LYS XA 66 4.00 33.60 15.37
C LYS XA 66 3.08 34.77 15.72
N PRO XA 67 1.77 34.57 15.61
CA PRO XA 67 0.84 35.62 16.03
C PRO XA 67 0.90 35.96 17.51
N ASN XA 68 1.53 35.12 18.34
CA ASN XA 68 1.65 35.37 19.78
C ASN XA 68 3.12 35.34 20.15
N SER XA 69 3.80 36.48 20.00
CA SER XA 69 5.19 36.56 20.36
C SER XA 69 5.50 37.96 20.83
N PRO XA 70 6.21 38.11 21.95
CA PRO XA 70 6.50 39.45 22.45
C PRO XA 70 7.24 40.33 21.46
N THR XA 71 8.05 39.74 20.59
CA THR XA 71 8.69 40.51 19.54
C THR XA 71 7.67 41.11 18.59
N HIS XA 72 6.55 40.42 18.37
CA HIS XA 72 5.48 40.99 17.56
C HIS XA 72 4.92 42.23 18.22
N ARG XA 73 4.73 42.20 19.54
CA ARG XA 73 4.26 43.38 20.25
C ARG XA 73 5.26 44.52 20.15
N GLN XA 74 6.55 44.22 20.32
CA GLN XA 74 7.56 45.27 20.22
C GLN XA 74 7.57 45.89 18.84
N LEU XA 75 7.52 45.07 17.80
CA LEU XA 75 7.55 45.58 16.43
C LEU XA 75 6.30 46.39 16.11
N THR XA 76 5.13 45.94 16.58
CA THR XA 76 3.93 46.70 16.28
C THR XA 76 3.85 47.98 17.09
N GLU XA 77 4.58 48.08 18.20
CA GLU XA 77 4.72 49.38 18.85
C GLU XA 77 5.67 50.29 18.07
N LYS XA 78 6.79 49.74 17.59
CA LYS XA 78 7.75 50.54 16.84
C LYS XA 78 7.12 51.07 15.55
N TRP XA 79 6.29 50.26 14.90
CA TRP XA 79 5.62 50.71 13.69
C TRP XA 79 4.73 51.91 13.96
N MET XA 80 3.95 51.85 15.03
CA MET XA 80 3.10 52.99 15.38
C MET XA 80 3.93 54.20 15.76
N ALA XA 81 5.08 53.99 16.42
CA ALA XA 81 5.96 55.10 16.73
C ALA XA 81 6.45 55.79 15.45
N GLN XA 82 6.81 54.99 14.44
CA GLN XA 82 7.21 55.58 13.17
C GLN XA 82 6.06 56.32 12.50
N ARG XA 83 4.86 55.72 12.52
CA ARG XA 83 3.72 56.37 11.90
C ARG XA 83 3.39 57.69 12.57
N ALA XA 84 3.60 57.79 13.89
CA ALA XA 84 3.31 59.03 14.59
C ALA XA 84 4.23 60.16 14.13
N GLY XA 85 5.49 59.84 13.84
CA GLY XA 85 6.41 60.84 13.35
C GLY XA 85 7.83 60.68 13.87
N ARG XA 86 7.98 59.96 14.97
CA ARG XA 86 9.30 59.71 15.54
C ARG XA 86 10.07 58.75 14.65
N LEU XA 87 11.36 59.01 14.46
CA LEU XA 87 12.20 58.21 13.58
C LEU XA 87 13.54 57.98 14.26
N VAL XA 88 13.85 56.71 14.54
CA VAL XA 88 15.07 56.32 15.24
C VAL XA 88 15.58 55.00 14.65
N GLY XA 89 16.69 54.52 15.19
CA GLY XA 89 17.43 53.45 14.57
C GLY XA 89 17.12 52.02 14.99
N PHE XA 90 16.99 51.79 16.30
CA PHE XA 90 16.76 50.48 16.90
C PHE XA 90 17.68 49.42 16.28
N PRO XA 91 18.94 49.39 16.68
CA PRO XA 91 19.89 48.45 16.08
C PRO XA 91 19.46 47.00 16.26
N PHE XA 92 19.73 46.19 15.25
CA PHE XA 92 19.44 44.76 15.24
C PHE XA 92 20.72 44.01 14.91
N ASP XA 93 20.93 42.88 15.56
CA ASP XA 93 22.16 42.12 15.33
C ASP XA 93 21.92 40.66 15.67
N PHE XA 94 22.46 39.77 14.85
CA PHE XA 94 22.26 38.35 15.12
C PHE XA 94 23.50 37.56 14.74
N ILE XA 95 23.66 36.40 15.37
CA ILE XA 95 24.91 35.66 15.30
C ILE XA 95 24.64 34.21 15.65
N ASP XA 96 25.52 33.33 15.18
CA ASP XA 96 25.53 31.92 15.54
C ASP XA 96 26.75 31.63 16.39
N SER XA 97 26.54 31.02 17.56
CA SER XA 97 27.64 30.78 18.48
C SER XA 97 28.56 29.66 18.03
N ALA XA 98 28.11 28.79 17.13
CA ALA XA 98 28.94 27.66 16.72
C ALA XA 98 30.05 28.05 15.76
N SER XA 99 29.85 29.10 14.96
CA SER XA 99 30.85 29.49 13.97
C SER XA 99 31.05 30.98 13.86
N ASN XA 100 30.45 31.78 14.74
CA ASN XA 100 30.56 33.23 14.71
C ASN XA 100 30.16 33.81 13.36
N GLU XA 101 29.15 33.21 12.74
CA GLU XA 101 28.62 33.69 11.48
C GLU XA 101 27.37 34.50 11.74
N GLY XA 102 27.24 35.62 11.06
CA GLY XA 102 26.11 36.51 11.25
C GLY XA 102 26.52 37.93 10.95
N GLY XA 103 25.79 38.87 11.53
CA GLY XA 103 26.12 40.27 11.26
C GLY XA 103 25.42 41.19 12.22
N THR XA 104 25.69 42.48 12.03
CA THR XA 104 25.12 43.51 12.87
C THR XA 104 24.88 44.78 12.05
N GLY XA 105 23.94 45.57 12.53
CA GLY XA 105 23.68 46.88 11.96
C GLY XA 105 23.43 47.87 13.07
N ALA XA 106 23.64 49.15 12.76
CA ALA XA 106 23.56 50.19 13.76
C ALA XA 106 22.22 50.89 13.80
N GLU XA 107 21.59 51.12 12.64
CA GLU XA 107 20.31 51.83 12.59
C GLU XA 107 19.44 51.18 11.53
N PHE XA 108 18.39 50.50 11.96
CA PHE XA 108 17.41 49.89 11.08
C PHE XA 108 16.14 50.73 11.02
N PHE XA 109 15.21 50.30 10.19
CA PHE XA 109 13.91 50.96 10.06
C PHE XA 109 12.91 49.94 9.56
N ILE XA 110 11.70 49.98 10.11
CA ILE XA 110 10.64 49.09 9.64
C ILE XA 110 10.28 49.48 8.21
N GLN XA 111 10.34 48.51 7.30
CA GLN XA 111 10.03 48.76 5.90
C GLN XA 111 8.72 48.13 5.47
N LYS XA 112 8.42 46.93 5.94
CA LYS XA 112 7.14 46.30 5.61
C LYS XA 112 6.38 45.97 6.87
N ALA XA 113 5.13 45.54 6.69
CA ALA XA 113 4.24 45.17 7.77
C ALA XA 113 3.51 43.88 7.41
N PRO XA 114 3.15 43.08 8.39
CA PRO XA 114 2.50 41.81 8.10
C PRO XA 114 1.03 42.00 7.74
N ASP XA 115 0.43 40.92 7.25
CA ASP XA 115 -1.00 40.88 6.96
C ASP XA 115 -1.70 40.09 8.05
N ASP XA 116 -2.72 40.70 8.66
CA ASP XA 116 -3.45 40.07 9.76
C ASP XA 116 -4.48 39.11 9.19
N SER XA 117 -4.08 37.84 9.10
CA SER XA 117 -4.98 36.77 8.66
C SER XA 117 -5.41 35.97 9.87
N LYS XA 118 -6.70 35.77 10.04
CA LYS XA 118 -7.20 35.00 11.17
C LYS XA 118 -7.41 33.55 10.80
N GLY XA 119 -8.30 33.28 9.85
CA GLY XA 119 -8.56 31.92 9.41
C GLY XA 119 -8.83 30.91 10.50
N ASN XA 120 -8.57 29.63 10.22
CA ASN XA 120 -8.86 28.56 11.16
C ASN XA 120 -7.67 28.17 12.02
N ASN XA 121 -6.44 28.38 11.55
CA ASN XA 121 -5.26 28.10 12.36
C ASN XA 121 -4.36 29.31 12.45
N ALA XA 122 -3.18 29.15 13.03
CA ALA XA 122 -2.22 30.24 13.13
C ALA XA 122 -1.50 30.43 11.80
N VAL XA 123 -1.18 31.68 11.51
CA VAL XA 123 -0.49 32.05 10.27
C VAL XA 123 0.73 32.89 10.63
N VAL XA 124 1.69 32.92 9.70
CA VAL XA 124 2.92 33.66 9.92
C VAL XA 124 2.64 35.16 9.94
N ARG XA 125 3.51 35.90 10.61
CA ARG XA 125 3.58 37.35 10.48
C ARG XA 125 5.00 37.71 10.07
N GLU XA 126 5.15 38.28 8.88
CA GLU XA 126 6.47 38.59 8.33
C GLU XA 126 6.75 40.07 8.44
N TRP XA 127 7.87 40.43 9.04
CA TRP XA 127 8.33 41.81 9.10
C TRP XA 127 9.60 41.95 8.27
N THR XA 128 9.69 43.04 7.52
CA THR XA 128 10.85 43.34 6.70
C THR XA 128 11.47 44.64 7.18
N ILE XA 129 12.74 44.59 7.57
CA ILE XA 129 13.50 45.72 8.08
C ILE XA 129 14.64 46.00 7.13
N VAL XA 130 15.11 47.24 7.09
CA VAL XA 130 16.12 47.68 6.14
C VAL XA 130 17.14 48.53 6.86
N THR XA 131 18.43 48.32 6.56
CA THR XA 131 19.48 49.14 7.12
C THR XA 131 20.21 49.90 6.03
N GLY XA 132 20.96 50.91 6.44
CA GLY XA 132 21.76 51.68 5.51
C GLY XA 132 23.18 51.15 5.45
N GLU XA 133 23.61 50.51 6.53
CA GLU XA 133 24.88 49.80 6.58
C GLU XA 133 24.66 48.47 7.27
N TRP XA 134 25.42 47.47 6.84
CA TRP XA 134 25.33 46.13 7.40
C TRP XA 134 26.72 45.53 7.43
N THR XA 135 27.22 45.25 8.63
CA THR XA 135 28.55 44.68 8.75
C THR XA 135 28.45 43.22 9.13
N PRO XA 136 28.78 42.29 8.24
CA PRO XA 136 28.86 40.89 8.63
C PRO XA 136 30.09 40.65 9.49
N THR XA 137 30.03 39.61 10.30
CA THR XA 137 31.17 39.19 11.10
C THR XA 137 31.80 37.96 10.46
N ILE XA 138 33.12 37.94 10.42
CA ILE XA 138 33.83 36.87 9.71
C ILE XA 138 33.77 35.60 10.56
N PRO XA 139 33.33 34.48 10.01
CA PRO XA 139 33.28 33.26 10.80
C PRO XA 139 34.67 32.72 11.07
N THR XA 140 35.16 32.92 12.30
CA THR XA 140 36.54 32.58 12.62
C THR XA 140 36.72 31.11 12.98
N LEU XA 141 35.67 30.45 13.46
CA LEU XA 141 35.73 29.03 13.79
C LEU XA 141 35.32 28.16 12.61
N LEU XA 142 35.48 28.66 11.38
CA LEU XA 142 35.10 27.97 10.16
C LEU XA 142 33.60 27.70 10.12
N MET YA 1 -36.77 49.27 -34.66
CA MET YA 1 -35.59 49.98 -35.15
C MET YA 1 -34.70 50.43 -33.99
N ALA YA 2 -34.29 49.46 -33.17
CA ALA YA 2 -33.41 49.75 -32.05
C ALA YA 2 -32.00 50.10 -32.54
N MET YA 3 -31.32 50.96 -31.78
CA MET YA 3 -29.97 51.38 -32.14
C MET YA 3 -29.03 50.20 -31.93
N LYS YA 4 -28.81 49.43 -32.99
CA LYS YA 4 -28.05 48.20 -32.87
C LYS YA 4 -26.58 48.50 -32.57
N ALA YA 5 -25.84 47.44 -32.27
CA ALA YA 5 -24.41 47.57 -32.02
C ALA YA 5 -23.69 48.03 -33.29
N TYR YA 6 -22.60 48.75 -33.09
CA TYR YA 6 -21.79 49.19 -34.22
C TYR YA 6 -21.09 48.00 -34.86
N SER YA 7 -20.93 48.07 -36.18
CA SER YA 7 -20.22 47.03 -36.90
C SER YA 7 -19.75 47.58 -38.24
N MET YA 8 -18.58 47.13 -38.68
CA MET YA 8 -18.08 47.54 -39.98
C MET YA 8 -18.85 46.92 -41.12
N LEU YA 9 -19.72 45.96 -40.84
CA LEU YA 9 -20.52 45.32 -41.88
C LEU YA 9 -21.74 46.16 -42.28
N ASN YA 10 -21.96 47.30 -41.64
CA ASN YA 10 -23.06 48.17 -41.99
C ASN YA 10 -22.60 49.53 -42.48
N VAL YA 11 -21.30 49.78 -42.54
CA VAL YA 11 -20.76 51.03 -43.08
C VAL YA 11 -20.55 50.85 -44.58
N THR YA 12 -21.07 51.79 -45.36
CA THR YA 12 -20.95 51.73 -46.81
C THR YA 12 -20.26 52.99 -47.31
N ALA YA 13 -19.27 52.80 -48.17
CA ALA YA 13 -18.55 53.89 -48.81
C ALA YA 13 -18.55 53.67 -50.32
N THR YA 14 -18.78 54.75 -51.06
CA THR YA 14 -18.84 54.71 -52.51
C THR YA 14 -17.89 55.76 -53.06
N LEU YA 15 -17.03 55.34 -53.98
CA LEU YA 15 -16.02 56.21 -54.58
C LEU YA 15 -16.23 56.17 -56.09
N ASP YA 16 -16.94 57.17 -56.63
CA ASP YA 16 -17.18 57.30 -58.06
C ASP YA 16 -17.93 56.09 -58.60
N GLY YA 17 -19.02 55.74 -57.94
CA GLY YA 17 -19.84 54.61 -58.35
C GLY YA 17 -19.53 53.29 -57.69
N ARG YA 18 -18.29 52.83 -57.81
CA ARG YA 18 -17.92 51.55 -57.25
C ARG YA 18 -17.68 51.65 -55.75
N ARG YA 19 -17.76 50.51 -55.06
CA ARG YA 19 -17.59 50.46 -53.62
C ARG YA 19 -16.11 50.40 -53.25
N VAL YA 20 -15.86 50.56 -51.95
CA VAL YA 20 -14.54 50.37 -51.37
C VAL YA 20 -14.56 49.09 -50.56
N ILE YA 21 -13.63 48.18 -50.85
CA ILE YA 21 -13.63 46.86 -50.24
C ILE YA 21 -12.36 46.60 -49.43
N GLY YA 22 -11.20 46.66 -50.08
CA GLY YA 22 -10.00 46.28 -49.37
C GLY YA 22 -9.52 47.36 -48.42
N LEU YA 23 -9.71 47.16 -47.13
CA LEU YA 23 -9.32 48.11 -46.10
C LEU YA 23 -8.37 47.46 -45.11
N MET YA 24 -7.38 48.21 -44.66
CA MET YA 24 -6.40 47.68 -43.73
C MET YA 24 -7.01 47.53 -42.34
N ASP YA 25 -6.33 46.75 -41.51
CA ASP YA 25 -6.76 46.56 -40.13
C ASP YA 25 -6.52 47.82 -39.31
N GLY YA 26 -7.37 48.05 -38.33
CA GLY YA 26 -7.16 49.15 -37.40
C GLY YA 26 -8.45 49.83 -37.06
N ASP YA 27 -8.40 50.61 -35.98
CA ASP YA 27 -9.55 51.38 -35.52
C ASP YA 27 -9.80 52.61 -36.38
N ASP YA 28 -8.97 52.87 -37.38
CA ASP YA 28 -9.14 54.05 -38.23
C ASP YA 28 -8.73 53.66 -39.65
N ALA YA 29 -9.71 53.34 -40.47
CA ALA YA 29 -9.48 52.99 -41.87
C ALA YA 29 -10.01 54.02 -42.86
N ILE YA 30 -11.04 54.78 -42.49
CA ILE YA 30 -11.56 55.87 -43.31
C ILE YA 30 -11.77 57.03 -42.36
N THR YA 31 -10.96 58.07 -42.47
CA THR YA 31 -11.03 59.21 -41.54
C THR YA 31 -11.18 60.50 -42.31
N THR YA 32 -12.20 61.29 -41.96
CA THR YA 32 -12.45 62.57 -42.60
C THR YA 32 -12.22 63.68 -41.58
N SER YA 33 -11.44 64.69 -41.97
CA SER YA 33 -11.16 65.81 -41.11
C SER YA 33 -11.49 67.12 -41.81
N PRO YA 34 -12.06 68.08 -41.09
CA PRO YA 34 -12.42 69.36 -41.72
C PRO YA 34 -11.20 70.17 -42.08
N GLY YA 35 -11.41 71.15 -42.96
CA GLY YA 35 -10.34 71.98 -43.44
C GLY YA 35 -9.69 72.82 -42.36
N VAL YA 36 -10.44 73.74 -41.78
CA VAL YA 36 -9.94 74.66 -40.77
C VAL YA 36 -10.90 74.67 -39.59
N ASP YA 37 -10.55 75.44 -38.56
CA ASP YA 37 -11.38 75.56 -37.39
C ASP YA 37 -12.70 76.26 -37.73
N VAL YA 38 -13.74 75.95 -36.96
CA VAL YA 38 -15.04 76.54 -37.23
C VAL YA 38 -15.01 78.04 -36.98
N GLY YA 39 -14.33 78.47 -35.93
CA GLY YA 39 -14.33 79.88 -35.60
C GLY YA 39 -13.12 80.26 -34.78
N THR YA 40 -13.12 81.51 -34.33
CA THR YA 40 -12.00 82.06 -33.57
C THR YA 40 -12.50 83.15 -32.63
N MET YA 41 -12.16 83.05 -31.36
CA MET YA 41 -12.54 84.05 -30.38
C MET YA 41 -11.38 85.02 -30.16
N LEU YA 42 -11.68 86.31 -30.20
CA LEU YA 42 -10.69 87.36 -30.01
C LEU YA 42 -11.11 88.19 -28.81
N VAL YA 43 -10.27 88.25 -27.79
CA VAL YA 43 -10.54 88.99 -26.57
C VAL YA 43 -9.54 90.13 -26.48
N GLY YA 44 -10.05 91.35 -26.33
CA GLY YA 44 -9.20 92.52 -26.31
C GLY YA 44 -8.58 92.79 -24.95
N ALA YA 45 -7.85 93.89 -24.89
CA ALA YA 45 -7.14 94.27 -23.67
C ALA YA 45 -8.06 94.75 -22.57
N ASP YA 46 -9.33 95.01 -22.87
CA ASP YA 46 -10.27 95.49 -21.87
C ASP YA 46 -11.14 94.39 -21.28
N GLY YA 47 -11.30 93.28 -21.97
CA GLY YA 47 -12.16 92.19 -21.52
C GLY YA 47 -13.31 91.88 -22.44
N SER YA 48 -13.62 92.74 -23.40
CA SER YA 48 -14.67 92.43 -24.36
C SER YA 48 -14.21 91.31 -25.29
N TRP YA 49 -15.15 90.75 -26.05
CA TRP YA 49 -14.85 89.61 -26.89
C TRP YA 49 -15.62 89.71 -28.21
N LEU YA 50 -15.06 89.07 -29.24
CA LEU YA 50 -15.69 89.01 -30.55
C LEU YA 50 -15.35 87.69 -31.20
N PHE YA 51 -16.37 86.99 -31.68
CA PHE YA 51 -16.20 85.69 -32.32
C PHE YA 51 -16.29 85.85 -33.83
N SER YA 52 -15.45 85.13 -34.55
CA SER YA 52 -15.41 85.20 -36.00
C SER YA 52 -15.61 83.81 -36.59
N GLN YA 53 -16.50 83.71 -37.57
CA GLN YA 53 -16.91 82.44 -38.15
C GLN YA 53 -16.41 82.37 -39.59
N THR YA 54 -15.85 81.22 -39.96
CA THR YA 54 -15.25 81.08 -41.27
C THR YA 54 -16.26 80.58 -42.29
N ALA YA 55 -15.97 80.86 -43.56
CA ALA YA 55 -16.79 80.38 -44.68
C ALA YA 55 -16.18 79.17 -45.37
N ASP YA 56 -15.10 78.61 -44.81
CA ASP YA 56 -14.38 77.49 -45.43
C ASP YA 56 -15.09 76.19 -45.05
N LYS YA 57 -15.93 75.70 -45.94
CA LYS YA 57 -16.57 74.39 -45.76
C LYS YA 57 -15.88 73.39 -46.69
N SER YA 58 -14.74 72.88 -46.23
CA SER YA 58 -13.96 71.92 -47.01
C SER YA 58 -13.43 70.85 -46.08
N ALA YA 59 -13.10 69.69 -46.66
CA ALA YA 59 -12.67 68.56 -45.87
C ALA YA 59 -11.67 67.72 -46.66
N THR YA 60 -10.95 66.89 -45.92
CA THR YA 60 -10.05 65.90 -46.49
C THR YA 60 -10.38 64.54 -45.92
N VAL YA 61 -10.13 63.50 -46.70
CA VAL YA 61 -10.40 62.14 -46.28
C VAL YA 61 -9.17 61.28 -46.52
N VAL YA 62 -8.89 60.37 -45.60
CA VAL YA 62 -7.77 59.45 -45.69
C VAL YA 62 -8.33 58.04 -45.71
N ILE YA 63 -7.93 57.27 -46.70
CA ILE YA 63 -8.36 55.88 -46.88
C ILE YA 63 -7.13 54.99 -46.84
N LYS YA 64 -7.20 53.92 -46.06
CA LYS YA 64 -6.11 52.96 -45.95
C LYS YA 64 -6.52 51.65 -46.59
N LEU YA 65 -5.74 51.19 -47.56
CA LEU YA 65 -6.09 50.02 -48.36
C LEU YA 65 -4.95 49.02 -48.32
N LYS YA 66 -5.30 47.75 -48.47
CA LYS YA 66 -4.31 46.70 -48.62
C LYS YA 66 -3.62 46.83 -49.97
N PRO YA 67 -2.44 46.24 -50.12
CA PRO YA 67 -1.77 46.27 -51.44
C PRO YA 67 -2.54 45.53 -52.53
N ASN YA 68 -3.54 44.71 -52.19
CA ASN YA 68 -4.33 43.98 -53.17
C ASN YA 68 -5.80 44.31 -52.95
N SER YA 69 -6.25 45.41 -53.56
CA SER YA 69 -7.64 45.80 -53.43
C SER YA 69 -8.06 46.50 -54.70
N PRO YA 70 -9.22 46.16 -55.26
CA PRO YA 70 -9.65 46.80 -56.50
C PRO YA 70 -9.76 48.31 -56.40
N THR YA 71 -10.08 48.83 -55.22
CA THR YA 71 -10.08 50.27 -55.03
C THR YA 71 -8.70 50.86 -55.23
N HIS YA 72 -7.65 50.11 -54.87
CA HIS YA 72 -6.30 50.57 -55.14
C HIS YA 72 -6.06 50.71 -56.64
N ARG YA 73 -6.54 49.74 -57.42
CA ARG YA 73 -6.42 49.84 -58.87
C ARG YA 73 -7.18 51.05 -59.41
N GLN YA 74 -8.41 51.26 -58.93
CA GLN YA 74 -9.19 52.40 -59.39
C GLN YA 74 -8.49 53.72 -59.07
N LEU YA 75 -7.97 53.84 -57.86
CA LEU YA 75 -7.31 55.08 -57.46
C LEU YA 75 -6.01 55.30 -58.23
N THR YA 76 -5.25 54.24 -58.49
CA THR YA 76 -4.02 54.42 -59.23
C THR YA 76 -4.28 54.67 -60.72
N GLU YA 77 -5.45 54.31 -61.22
CA GLU YA 77 -5.83 54.77 -62.55
C GLU YA 77 -6.22 56.24 -62.54
N LYS YA 78 -6.98 56.65 -61.53
CA LYS YA 78 -7.41 58.05 -61.45
C LYS YA 78 -6.22 58.98 -61.29
N TRP YA 79 -5.21 58.56 -60.52
CA TRP YA 79 -4.02 59.36 -60.35
C TRP YA 79 -3.32 59.59 -61.68
N MET YA 80 -3.17 58.54 -62.47
CA MET YA 80 -2.53 58.69 -63.78
C MET YA 80 -3.38 59.54 -64.70
N ALA YA 81 -4.71 59.45 -64.59
CA ALA YA 81 -5.58 60.32 -65.38
C ALA YA 81 -5.33 61.78 -65.04
N GLN YA 82 -5.20 62.09 -63.75
CA GLN YA 82 -4.91 63.45 -63.35
C GLN YA 82 -3.53 63.89 -63.85
N ARG YA 83 -2.53 63.01 -63.73
CA ARG YA 83 -1.19 63.36 -64.21
C ARG YA 83 -1.18 63.64 -65.70
N ALA YA 84 -1.98 62.92 -66.47
CA ALA YA 84 -2.03 63.14 -67.90
C ALA YA 84 -2.53 64.53 -68.25
N GLY YA 85 -3.50 65.03 -67.49
CA GLY YA 85 -4.02 66.36 -67.72
C GLY YA 85 -5.51 66.49 -67.51
N ARG YA 86 -6.23 65.37 -67.54
CA ARG YA 86 -7.66 65.37 -67.31
C ARG YA 86 -7.94 65.65 -65.85
N LEU YA 87 -8.96 66.48 -65.58
CA LEU YA 87 -9.30 66.89 -64.22
C LEU YA 87 -10.82 66.84 -64.06
N VAL YA 88 -11.29 65.97 -63.17
CA VAL YA 88 -12.71 65.76 -62.93
C VAL YA 88 -12.94 65.51 -61.44
N GLY YA 89 -14.19 65.30 -61.07
CA GLY YA 89 -14.59 65.32 -59.68
C GLY YA 89 -14.60 64.01 -58.92
N PHE YA 90 -15.14 62.95 -59.52
CA PHE YA 90 -15.30 61.63 -58.93
C PHE YA 90 -15.84 61.73 -57.49
N PRO YA 91 -17.15 61.97 -57.35
CA PRO YA 91 -17.72 62.15 -56.02
C PRO YA 91 -17.52 60.92 -55.13
N PHE YA 92 -17.30 61.18 -53.85
CA PHE YA 92 -17.12 60.16 -52.83
C PHE YA 92 -18.11 60.42 -51.70
N ASP YA 93 -18.67 59.35 -51.14
CA ASP YA 93 -19.66 59.51 -50.10
C ASP YA 93 -19.69 58.27 -49.23
N PHE YA 94 -19.81 58.46 -47.92
CA PHE YA 94 -19.85 57.29 -47.05
C PHE YA 94 -20.78 57.54 -45.87
N ILE YA 95 -21.28 56.46 -45.30
CA ILE YA 95 -22.37 56.54 -44.34
C ILE YA 95 -22.39 55.27 -43.50
N ASP YA 96 -22.97 55.39 -42.31
CA ASP YA 96 -23.22 54.24 -41.44
C ASP YA 96 -24.72 54.00 -41.37
N SER YA 97 -25.14 52.76 -41.63
CA SER YA 97 -26.56 52.45 -41.67
C SER YA 97 -27.20 52.40 -40.30
N ALA YA 98 -26.42 52.26 -39.23
CA ALA YA 98 -26.99 52.14 -37.89
C ALA YA 98 -27.46 53.47 -37.33
N SER YA 99 -26.84 54.59 -37.74
CA SER YA 99 -27.21 55.87 -37.18
C SER YA 99 -27.25 56.99 -38.21
N ASN YA 100 -27.12 56.67 -39.50
CA ASN YA 100 -27.13 57.67 -40.57
C ASN YA 100 -26.09 58.76 -40.34
N GLU YA 101 -24.94 58.37 -39.81
CA GLU YA 101 -23.84 59.29 -39.59
C GLU YA 101 -22.83 59.12 -40.73
N GLY YA 102 -22.33 60.24 -41.22
CA GLY YA 102 -21.40 60.21 -42.33
C GLY YA 102 -21.53 61.49 -43.13
N GLY YA 103 -21.14 61.41 -44.40
CA GLY YA 103 -21.21 62.60 -45.22
C GLY YA 103 -21.04 62.28 -46.68
N THR YA 104 -21.10 63.34 -47.48
CA THR YA 104 -20.96 63.21 -48.92
C THR YA 104 -20.29 64.46 -49.49
N GLY YA 105 -19.66 64.27 -50.64
CA GLY YA 105 -19.10 65.38 -51.38
C GLY YA 105 -19.37 65.18 -52.86
N ALA YA 106 -19.33 66.28 -53.60
CA ALA YA 106 -19.70 66.27 -55.01
C ALA YA 106 -18.50 66.14 -55.94
N GLU YA 107 -17.38 66.79 -55.62
CA GLU YA 107 -16.21 66.76 -56.49
C GLU YA 107 -14.96 66.68 -55.62
N PHE YA 108 -14.30 65.53 -55.64
CA PHE YA 108 -13.05 65.32 -54.93
C PHE YA 108 -11.88 65.38 -55.90
N PHE YA 109 -10.67 65.29 -55.35
CA PHE YA 109 -9.45 65.25 -56.14
C PHE YA 109 -8.38 64.53 -55.34
N ILE YA 110 -7.59 63.70 -56.03
CA ILE YA 110 -6.49 63.02 -55.38
C ILE YA 110 -5.45 64.05 -54.95
N GLN YA 111 -5.13 64.06 -53.66
CA GLN YA 111 -4.15 65.01 -53.14
C GLN YA 111 -2.83 64.35 -52.78
N LYS YA 112 -2.86 63.16 -52.20
CA LYS YA 112 -1.62 62.46 -51.88
C LYS YA 112 -1.59 61.11 -52.58
N ALA YA 113 -0.43 60.46 -52.48
CA ALA YA 113 -0.21 59.14 -53.07
C ALA YA 113 0.53 58.27 -52.07
N PRO YA 114 0.33 56.97 -52.12
CA PRO YA 114 0.98 56.07 -51.16
C PRO YA 114 2.44 55.84 -51.50
N ASP YA 115 3.15 55.22 -50.56
CA ASP YA 115 4.53 54.81 -50.75
C ASP YA 115 4.56 53.31 -50.98
N ASP YA 116 5.19 52.89 -52.08
CA ASP YA 116 5.25 51.47 -52.43
C ASP YA 116 6.37 50.81 -51.65
N SER YA 117 6.02 50.22 -50.51
CA SER YA 117 6.95 49.46 -49.69
C SER YA 117 6.68 47.99 -49.89
N LYS YA 118 7.74 47.23 -50.20
CA LYS YA 118 7.56 45.80 -50.39
C LYS YA 118 7.86 45.01 -49.12
N GLY YA 119 9.09 45.10 -48.62
CA GLY YA 119 9.45 44.43 -47.38
C GLY YA 119 9.10 42.96 -47.32
N ASN YA 120 8.94 42.43 -46.10
CA ASN YA 120 8.68 41.02 -45.90
C ASN YA 120 7.21 40.68 -45.77
N ASN YA 121 6.38 41.63 -45.32
CA ASN YA 121 4.94 41.40 -45.23
C ASN YA 121 4.18 42.48 -45.97
N ALA YA 122 2.85 42.47 -45.85
CA ALA YA 122 2.04 43.49 -46.47
C ALA YA 122 2.05 44.78 -45.65
N VAL YA 123 1.99 45.91 -46.35
CA VAL YA 123 2.01 47.22 -45.73
C VAL YA 123 0.82 48.02 -46.25
N VAL YA 124 0.44 49.03 -45.48
CA VAL YA 124 -0.70 49.86 -45.82
C VAL YA 124 -0.39 50.69 -47.07
N ARG YA 125 -1.44 51.08 -47.79
CA ARG YA 125 -1.36 52.12 -48.81
C ARG YA 125 -2.37 53.19 -48.45
N GLU YA 126 -1.90 54.39 -48.15
CA GLU YA 126 -2.76 55.48 -47.71
C GLU YA 126 -2.97 56.48 -48.84
N TRP YA 127 -4.23 56.77 -49.14
CA TRP YA 127 -4.59 57.79 -50.10
C TRP YA 127 -5.28 58.94 -49.38
N THR YA 128 -4.93 60.16 -49.77
CA THR YA 128 -5.54 61.35 -49.21
C THR YA 128 -6.24 62.13 -50.31
N ILE YA 129 -7.54 62.35 -50.14
CA ILE YA 129 -8.39 63.03 -51.10
C ILE YA 129 -8.91 64.31 -50.44
N VAL YA 130 -9.22 65.32 -51.25
CA VAL YA 130 -9.62 66.63 -50.74
C VAL YA 130 -10.82 67.12 -51.55
N THR YA 131 -11.81 67.69 -50.85
CA THR YA 131 -12.96 68.28 -51.50
C THR YA 131 -13.01 69.78 -51.26
N GLY YA 132 -13.81 70.46 -52.07
CA GLY YA 132 -14.02 71.88 -51.89
C GLY YA 132 -15.25 72.17 -51.07
N GLU YA 133 -16.19 71.22 -51.08
CA GLU YA 133 -17.36 71.25 -50.19
C GLU YA 133 -17.57 69.86 -49.62
N TRP YA 134 -18.08 69.82 -48.40
CA TRP YA 134 -18.33 68.55 -47.72
C TRP YA 134 -19.58 68.72 -46.90
N THR YA 135 -20.63 67.96 -47.22
CA THR YA 135 -21.88 68.06 -46.49
C THR YA 135 -22.04 66.82 -45.62
N PRO YA 136 -21.95 66.95 -44.30
CA PRO YA 136 -22.29 65.84 -43.42
C PRO YA 136 -23.78 65.62 -43.40
N THR YA 137 -24.18 64.40 -43.07
CA THR YA 137 -25.59 64.09 -42.90
C THR YA 137 -25.88 63.97 -41.41
N ILE YA 138 -27.01 64.52 -41.00
CA ILE YA 138 -27.35 64.59 -39.57
C ILE YA 138 -27.78 63.20 -39.11
N PRO YA 139 -27.18 62.66 -38.05
CA PRO YA 139 -27.59 61.35 -37.57
C PRO YA 139 -28.96 61.40 -36.93
N THR YA 140 -29.97 60.92 -37.65
CA THR YA 140 -31.35 61.05 -37.20
C THR YA 140 -31.76 59.95 -36.23
N LEU YA 141 -31.12 58.78 -36.29
CA LEU YA 141 -31.40 57.70 -35.37
C LEU YA 141 -30.51 57.74 -34.13
N LEU YA 142 -30.02 58.93 -33.77
CA LEU YA 142 -29.12 59.13 -32.64
C LEU YA 142 -27.82 58.37 -32.83
N MET ZA 1 -5.31 31.67 -62.95
CA MET ZA 1 -4.53 32.84 -62.56
C MET ZA 1 -5.14 33.52 -61.35
N ALA ZA 2 -5.30 32.76 -60.27
CA ALA ZA 2 -5.86 33.31 -59.04
C ALA ZA 2 -4.86 34.25 -58.37
N MET ZA 3 -5.37 35.25 -57.67
CA MET ZA 3 -4.52 36.23 -56.99
C MET ZA 3 -3.87 35.53 -55.80
N LYS ZA 4 -2.68 35.00 -56.02
CA LYS ZA 4 -2.01 34.19 -55.01
C LYS ZA 4 -1.60 35.05 -53.81
N ALA ZA 5 -1.16 34.38 -52.76
CA ALA ZA 5 -0.67 35.07 -51.58
C ALA ZA 5 0.58 35.88 -51.91
N TYR ZA 6 0.76 36.98 -51.19
CA TYR ZA 6 1.95 37.79 -51.36
C TYR ZA 6 3.18 37.05 -50.86
N SER ZA 7 4.31 37.26 -51.53
CA SER ZA 7 5.57 36.67 -51.10
C SER ZA 7 6.72 37.46 -51.68
N MET ZA 8 7.80 37.58 -50.91
CA MET ZA 8 8.99 38.25 -51.42
C MET ZA 8 9.70 37.45 -52.49
N LEU ZA 9 9.32 36.19 -52.70
CA LEU ZA 9 9.94 35.36 -53.71
C LEU ZA 9 9.41 35.63 -55.11
N ASN ZA 10 8.44 36.54 -55.24
CA ASN ZA 10 7.90 36.90 -56.54
C ASN ZA 10 8.14 38.36 -56.90
N VAL ZA 11 8.77 39.13 -56.02
CA VAL ZA 11 9.10 40.52 -56.29
C VAL ZA 11 10.47 40.55 -56.96
N THR ZA 12 10.56 41.25 -58.10
CA THR ZA 12 11.81 41.35 -58.84
C THR ZA 12 12.20 42.81 -58.98
N ALA ZA 13 13.45 43.11 -58.67
CA ALA ZA 13 14.02 44.44 -58.83
C ALA ZA 13 15.29 44.36 -59.64
N THR ZA 14 15.46 45.29 -60.58
CA THR ZA 14 16.62 45.34 -61.45
C THR ZA 14 17.23 46.73 -61.37
N LEU ZA 15 18.54 46.77 -61.13
CA LEU ZA 15 19.28 48.02 -60.99
C LEU ZA 15 20.41 48.01 -62.00
N ASP ZA 16 20.19 48.66 -63.15
CA ASP ZA 16 21.19 48.78 -64.20
C ASP ZA 16 21.60 47.40 -64.73
N GLY ZA 17 20.62 46.59 -65.06
CA GLY ZA 17 20.86 45.25 -65.58
C GLY ZA 17 20.88 44.13 -64.57
N ARG ZA 18 21.74 44.24 -63.56
CA ARG ZA 18 21.85 43.19 -62.57
C ARG ZA 18 20.73 43.28 -61.55
N ARG ZA 19 20.48 42.17 -60.86
CA ARG ZA 19 19.41 42.09 -59.88
C ARG ZA 19 19.88 42.61 -58.52
N VAL ZA 20 18.91 42.78 -57.62
CA VAL ZA 20 19.16 43.11 -56.23
C VAL ZA 20 18.87 41.87 -55.39
N ILE ZA 21 19.85 41.46 -54.59
CA ILE ZA 21 19.74 40.22 -53.83
C ILE ZA 21 19.82 40.46 -52.33
N GLY ZA 22 20.91 41.03 -51.84
CA GLY ZA 22 21.05 41.15 -50.41
C GLY ZA 22 20.22 42.25 -49.82
N LEU ZA 23 19.12 41.89 -49.15
CA LEU ZA 23 18.21 42.85 -48.55
C LEU ZA 23 18.08 42.57 -47.06
N MET ZA 24 18.00 43.63 -46.27
CA MET ZA 24 17.89 43.49 -44.83
C MET ZA 24 16.50 43.01 -44.44
N ASP ZA 25 16.40 42.53 -43.20
CA ASP ZA 25 15.14 42.07 -42.66
C ASP ZA 25 14.22 43.26 -42.39
N GLY ZA 26 12.93 43.04 -42.53
CA GLY ZA 26 11.96 44.06 -42.17
C GLY ZA 26 10.82 44.11 -43.13
N ASP ZA 27 9.75 44.77 -42.70
CA ASP ZA 27 8.56 44.95 -43.54
C ASP ZA 27 8.76 46.03 -44.59
N ASP ZA 28 9.92 46.67 -44.63
CA ASP ZA 28 10.18 47.74 -45.60
C ASP ZA 28 11.64 47.66 -46.00
N ALA ZA 29 11.91 47.02 -47.14
CA ALA ZA 29 13.26 46.90 -47.66
C ALA ZA 29 13.48 47.68 -48.94
N ILE ZA 30 12.45 47.91 -49.74
CA ILE ZA 30 12.52 48.74 -50.93
C ILE ZA 30 11.29 49.65 -50.90
N THR ZA 31 11.50 50.95 -50.65
CA THR ZA 31 10.37 51.86 -50.52
C THR ZA 31 10.53 53.03 -51.46
N THR ZA 32 9.50 53.29 -52.26
CA THR ZA 32 9.51 54.41 -53.20
C THR ZA 32 8.47 55.44 -52.78
N SER ZA 33 8.88 56.70 -52.71
CA SER ZA 33 7.99 57.77 -52.33
C SER ZA 33 8.01 58.87 -53.39
N PRO ZA 34 6.85 59.46 -53.69
CA PRO ZA 34 6.80 60.50 -54.71
C PRO ZA 34 7.46 61.78 -54.24
N GLY ZA 35 7.78 62.63 -55.21
CA GLY ZA 35 8.46 63.88 -54.93
C GLY ZA 35 7.67 64.82 -54.05
N VAL ZA 36 6.54 65.31 -54.56
CA VAL ZA 36 5.70 66.27 -53.87
C VAL ZA 36 4.26 65.80 -53.92
N ASP ZA 37 3.38 66.57 -53.28
CA ASP ZA 37 1.96 66.25 -53.26
C ASP ZA 37 1.38 66.36 -54.66
N VAL ZA 38 0.32 65.60 -54.90
CA VAL ZA 38 -0.31 65.60 -56.22
C VAL ZA 38 -0.93 66.96 -56.50
N GLY ZA 39 -1.57 67.56 -55.50
CA GLY ZA 39 -2.24 68.82 -55.73
C GLY ZA 39 -2.42 69.61 -54.46
N THR ZA 40 -3.15 70.71 -54.57
CA THR ZA 40 -3.36 71.61 -53.45
C THR ZA 40 -4.69 72.33 -53.62
N MET ZA 41 -5.52 72.28 -52.59
CA MET ZA 41 -6.81 72.96 -52.60
C MET ZA 41 -6.69 74.30 -51.89
N LEU ZA 42 -7.19 75.36 -52.52
CA LEU ZA 42 -7.15 76.70 -51.97
C LEU ZA 42 -8.58 77.21 -51.85
N VAL ZA 43 -9.00 77.52 -50.63
CA VAL ZA 43 -10.35 78.00 -50.35
C VAL ZA 43 -10.25 79.44 -49.87
N GLY ZA 44 -10.99 80.32 -50.53
CA GLY ZA 44 -10.92 81.73 -50.24
C GLY ZA 44 -11.79 82.14 -49.07
N ALA ZA 45 -11.79 83.44 -48.81
CA ALA ZA 45 -12.53 83.99 -47.67
C ALA ZA 45 -14.04 83.97 -47.87
N ASP ZA 46 -14.52 83.68 -49.08
CA ASP ZA 46 -15.94 83.67 -49.35
C ASP ZA 46 -16.53 82.27 -49.35
N GLY ZA 47 -15.72 81.23 -49.53
CA GLY ZA 47 -16.20 79.87 -49.59
C GLY ZA 47 -15.95 79.17 -50.90
N SER ZA 48 -15.59 79.89 -51.96
CA SER ZA 48 -15.24 79.24 -53.21
C SER ZA 48 -13.92 78.49 -53.07
N TRP ZA 49 -13.63 77.64 -54.05
CA TRP ZA 49 -12.45 76.79 -53.98
C TRP ZA 49 -11.81 76.66 -55.35
N LEU ZA 50 -10.50 76.38 -55.34
CA LEU ZA 50 -9.75 76.16 -56.57
C LEU ZA 50 -8.65 75.14 -56.30
N PHE ZA 51 -8.57 74.13 -57.14
CA PHE ZA 51 -7.58 73.07 -56.99
C PHE ZA 51 -6.45 73.29 -57.99
N SER ZA 52 -5.23 73.03 -57.55
CA SER ZA 52 -4.05 73.22 -58.39
C SER ZA 52 -3.27 71.92 -58.46
N GLN ZA 53 -2.89 71.52 -59.68
CA GLN ZA 53 -2.26 70.24 -59.94
C GLN ZA 53 -0.82 70.48 -60.39
N THR ZA 54 0.11 69.72 -59.83
CA THR ZA 54 1.52 69.93 -60.10
C THR ZA 54 1.97 69.13 -61.31
N ALA ZA 55 3.07 69.59 -61.91
CA ALA ZA 55 3.70 68.89 -63.03
C ALA ZA 55 4.93 68.10 -62.61
N ASP ZA 56 5.20 68.00 -61.31
CA ASP ZA 56 6.38 67.33 -60.80
C ASP ZA 56 6.11 65.84 -60.72
N LYS ZA 57 6.55 65.10 -61.73
CA LYS ZA 57 6.46 63.64 -61.70
C LYS ZA 57 7.86 63.09 -61.43
N SER ZA 58 8.23 63.06 -60.15
CA SER ZA 58 9.53 62.58 -59.72
C SER ZA 58 9.37 61.75 -58.46
N ALA ZA 59 10.34 60.89 -58.20
CA ALA ZA 59 10.26 59.98 -57.07
C ALA ZA 59 11.65 59.68 -56.53
N THR ZA 60 11.67 59.19 -55.30
CA THR ZA 60 12.89 58.71 -54.66
C THR ZA 60 12.65 57.29 -54.17
N VAL ZA 61 13.72 56.51 -54.12
CA VAL ZA 61 13.65 55.12 -53.67
C VAL ZA 61 14.73 54.89 -52.63
N VAL ZA 62 14.39 54.11 -51.61
CA VAL ZA 62 15.30 53.75 -50.54
C VAL ZA 62 15.45 52.24 -50.54
N ILE ZA 63 16.69 51.77 -50.59
CA ILE ZA 63 17.02 50.35 -50.60
C ILE ZA 63 17.87 50.05 -49.38
N LYS ZA 64 17.53 48.99 -48.67
CA LYS ZA 64 18.28 48.58 -47.49
C LYS ZA 64 18.98 47.26 -47.78
N LEU ZA 65 20.30 47.23 -47.63
CA LEU ZA 65 21.11 46.09 -47.99
C LEU ZA 65 21.96 45.65 -46.81
N LYS ZA 66 22.27 44.36 -46.78
CA LYS ZA 66 23.20 43.83 -45.82
C LYS ZA 66 24.61 44.34 -46.12
N PRO ZA 67 25.52 44.30 -45.13
CA PRO ZA 67 26.89 44.69 -45.41
C PRO ZA 67 27.61 43.80 -46.40
N ASN ZA 68 27.08 42.61 -46.70
CA ASN ZA 68 27.69 41.68 -47.66
C ASN ZA 68 26.67 41.36 -48.75
N SER ZA 69 26.61 42.21 -49.76
CA SER ZA 69 25.68 41.98 -50.85
C SER ZA 69 26.29 42.53 -52.13
N PRO ZA 70 26.26 41.78 -53.22
CA PRO ZA 70 26.85 42.27 -54.47
C PRO ZA 70 26.27 43.59 -54.94
N THR ZA 71 24.99 43.83 -54.65
CA THR ZA 71 24.41 45.14 -54.97
C THR ZA 71 25.10 46.26 -54.22
N HIS ZA 72 25.57 45.99 -53.00
CA HIS ZA 72 26.34 46.99 -52.27
C HIS ZA 72 27.62 47.31 -53.00
N ARG ZA 73 28.30 46.29 -53.54
CA ARG ZA 73 29.50 46.54 -54.33
C ARG ZA 73 29.19 47.36 -55.57
N GLN ZA 74 28.12 47.01 -56.27
CA GLN ZA 74 27.76 47.75 -57.48
C GLN ZA 74 27.48 49.21 -57.15
N LEU ZA 75 26.70 49.46 -56.09
CA LEU ZA 75 26.35 50.82 -55.74
C LEU ZA 75 27.58 51.61 -55.28
N THR ZA 76 28.48 50.98 -54.53
CA THR ZA 76 29.66 51.72 -54.09
C THR ZA 76 30.64 51.94 -55.22
N GLU ZA 77 30.56 51.16 -56.30
CA GLU ZA 77 31.33 51.52 -57.49
C GLU ZA 77 30.67 52.69 -58.23
N LYS ZA 78 29.35 52.67 -58.34
CA LYS ZA 78 28.64 53.76 -59.03
C LYS ZA 78 28.84 55.09 -58.31
N TRP ZA 79 28.86 55.06 -56.98
CA TRP ZA 79 29.10 56.28 -56.22
C TRP ZA 79 30.45 56.88 -56.53
N MET ZA 80 31.49 56.03 -56.56
CA MET ZA 80 32.82 56.53 -56.90
C MET ZA 80 32.88 57.02 -58.33
N ALA ZA 81 32.15 56.37 -59.24
CA ALA ZA 81 32.10 56.86 -60.61
C ALA ZA 81 31.50 58.26 -60.67
N GLN ZA 82 30.44 58.50 -59.92
CA GLN ZA 82 29.87 59.84 -59.87
C GLN ZA 82 30.83 60.84 -59.25
N ARG ZA 83 31.50 60.45 -58.17
CA ARG ZA 83 32.45 61.36 -57.53
C ARG ZA 83 33.59 61.72 -58.48
N ALA ZA 84 34.01 60.78 -59.32
CA ALA ZA 84 35.10 61.07 -60.25
C ALA ZA 84 34.70 62.15 -61.25
N GLY ZA 85 33.45 62.14 -61.70
CA GLY ZA 85 32.98 63.16 -62.62
C GLY ZA 85 32.01 62.64 -63.65
N ARG ZA 86 32.02 61.33 -63.89
CA ARG ZA 86 31.10 60.72 -64.84
C ARG ZA 86 29.68 60.75 -64.28
N LEU ZA 87 28.72 61.05 -65.14
CA LEU ZA 87 27.32 61.19 -64.74
C LEU ZA 87 26.43 60.50 -65.77
N VAL ZA 88 25.72 59.45 -65.33
CA VAL ZA 88 24.88 58.65 -66.20
C VAL ZA 88 23.63 58.23 -65.43
N GLY ZA 89 22.75 57.49 -66.11
CA GLY ZA 89 21.42 57.24 -65.60
C GLY ZA 89 21.19 55.99 -64.77
N PHE ZA 90 21.72 54.85 -65.21
CA PHE ZA 90 21.55 53.54 -64.60
C PHE ZA 90 20.08 53.32 -64.20
N PRO ZA 91 19.24 52.97 -65.18
CA PRO ZA 91 17.82 52.79 -64.88
C PRO ZA 91 17.57 51.71 -63.85
N PHE ZA 92 16.57 51.95 -63.01
CA PHE ZA 92 16.13 51.01 -61.97
C PHE ZA 92 14.64 50.76 -62.14
N ASP ZA 93 14.23 49.51 -61.92
CA ASP ZA 93 12.82 49.18 -62.10
C ASP ZA 93 12.48 47.97 -61.25
N PHE ZA 94 11.30 48.00 -60.63
CA PHE ZA 94 10.91 46.87 -59.80
C PHE ZA 94 9.42 46.62 -59.90
N ILE ZA 95 9.02 45.38 -59.62
CA ILE ZA 95 7.67 44.93 -59.92
C ILE ZA 95 7.36 43.72 -59.06
N ASP ZA 96 6.07 43.50 -58.83
CA ASP ZA 96 5.58 42.29 -58.18
C ASP ZA 96 4.83 41.44 -59.19
N SER ZA 97 5.19 40.17 -59.28
CA SER ZA 97 4.60 39.30 -60.28
C SER ZA 97 3.17 38.89 -59.95
N ALA ZA 98 2.75 39.00 -58.69
CA ALA ZA 98 1.42 38.57 -58.32
C ALA ZA 98 0.33 39.53 -58.74
N SER ZA 99 0.64 40.83 -58.84
CA SER ZA 99 -0.38 41.81 -59.19
C SER ZA 99 0.10 42.87 -60.17
N ASN ZA 100 1.31 42.73 -60.71
CA ASN ZA 100 1.88 43.71 -61.64
C ASN ZA 100 1.90 45.11 -61.05
N GLU ZA 101 2.16 45.20 -59.76
CA GLU ZA 101 2.27 46.47 -59.07
C GLU ZA 101 3.74 46.82 -58.92
N GLY ZA 102 4.07 48.08 -59.16
CA GLY ZA 102 5.45 48.53 -59.10
C GLY ZA 102 5.66 49.69 -60.05
N GLY ZA 103 6.90 49.87 -60.47
CA GLY ZA 103 7.18 50.98 -61.36
C GLY ZA 103 8.54 50.87 -61.98
N THR ZA 104 8.84 51.86 -62.81
CA THR ZA 104 10.11 51.91 -63.50
C THR ZA 104 10.54 53.36 -63.71
N GLY ZA 105 11.84 53.53 -63.85
CA GLY ZA 105 12.41 54.83 -64.19
C GLY ZA 105 13.52 54.63 -65.19
N ALA ZA 106 13.81 55.71 -65.93
CA ALA ZA 106 14.78 55.64 -67.01
C ALA ZA 106 16.17 56.09 -66.63
N GLU ZA 107 16.29 57.11 -65.79
CA GLU ZA 107 17.59 57.64 -65.40
C GLU ZA 107 17.54 58.02 -63.93
N PHE ZA 108 18.25 57.26 -63.10
CA PHE ZA 108 18.37 57.54 -61.68
C PHE ZA 108 19.73 58.16 -61.37
N PHE ZA 109 19.91 58.53 -60.11
CA PHE ZA 109 21.18 59.06 -59.64
C PHE ZA 109 21.30 58.79 -58.15
N ILE ZA 110 22.50 58.41 -57.71
CA ILE ZA 110 22.73 58.21 -56.29
C ILE ZA 110 22.61 59.54 -55.57
N GLN ZA 111 21.73 59.60 -54.57
CA GLN ZA 111 21.51 60.82 -53.81
C GLN ZA 111 22.09 60.75 -52.41
N LYS ZA 112 21.95 59.61 -51.73
CA LYS ZA 112 22.54 59.48 -50.40
C LYS ZA 112 23.52 58.30 -50.37
N ALA ZA 113 24.21 58.19 -49.25
CA ALA ZA 113 25.19 57.14 -49.03
C ALA ZA 113 25.02 56.59 -47.63
N PRO ZA 114 25.36 55.32 -47.43
CA PRO ZA 114 25.16 54.71 -46.11
C PRO ZA 114 26.25 55.14 -45.14
N ASP ZA 115 26.02 54.80 -43.86
CA ASP ZA 115 27.01 55.02 -42.81
C ASP ZA 115 27.66 53.69 -42.46
N ASP ZA 116 28.99 53.64 -42.51
CA ASP ZA 116 29.72 52.40 -42.24
C ASP ZA 116 29.85 52.22 -40.74
N SER ZA 117 28.93 51.45 -40.17
CA SER ZA 117 28.96 51.11 -38.76
C SER ZA 117 29.43 49.66 -38.64
N LYS ZA 118 30.43 49.43 -37.79
CA LYS ZA 118 30.93 48.08 -37.60
C LYS ZA 118 30.28 47.39 -36.40
N GLY ZA 119 30.47 47.95 -35.21
CA GLY ZA 119 29.85 47.41 -34.01
C GLY ZA 119 30.05 45.92 -33.80
N ASN ZA 120 29.14 45.29 -33.05
CA ASN ZA 120 29.28 43.89 -32.70
C ASN ZA 120 28.52 42.96 -33.65
N ASN ZA 121 27.46 43.43 -34.28
CA ASN ZA 121 26.73 42.62 -35.25
C ASN ZA 121 26.61 43.34 -36.60
N ALA ZA 122 25.84 42.77 -37.51
CA ALA ZA 122 25.64 43.41 -38.81
C ALA ZA 122 24.61 44.52 -38.70
N VAL ZA 123 24.80 45.57 -39.49
CA VAL ZA 123 23.93 46.72 -39.50
C VAL ZA 123 23.50 46.99 -40.95
N VAL ZA 124 22.38 47.69 -41.09
CA VAL ZA 124 21.84 48.00 -42.41
C VAL ZA 124 22.75 48.97 -43.14
N ARG ZA 125 22.69 48.93 -44.47
CA ARG ZA 125 23.24 49.99 -45.31
C ARG ZA 125 22.12 50.51 -46.19
N GLU ZA 126 21.77 51.78 -46.02
CA GLU ZA 126 20.65 52.37 -46.75
C GLU ZA 126 21.17 53.27 -47.86
N TRP ZA 127 20.68 53.03 -49.08
CA TRP ZA 127 20.98 53.87 -50.21
C TRP ZA 127 19.71 54.58 -50.67
N THR ZA 128 19.83 55.86 -50.99
CA THR ZA 128 18.71 56.65 -51.48
C THR ZA 128 19.02 57.14 -52.87
N ILE ZA 129 18.15 56.79 -53.83
CA ILE ZA 129 18.29 57.13 -55.24
C ILE ZA 129 17.12 58.02 -55.62
N VAL ZA 130 17.32 58.87 -56.64
CA VAL ZA 130 16.33 59.85 -57.04
C VAL ZA 130 16.21 59.85 -58.55
N THR ZA 131 14.98 59.91 -59.06
CA THR ZA 131 14.76 60.01 -60.49
C THR ZA 131 14.09 61.33 -60.83
N GLY ZA 132 14.13 61.67 -62.12
CA GLY ZA 132 13.47 62.87 -62.60
C GLY ZA 132 12.09 62.55 -63.14
N GLU ZA 133 11.89 61.30 -63.57
CA GLU ZA 133 10.59 60.78 -63.94
C GLU ZA 133 10.43 59.39 -63.35
N TRP ZA 134 9.20 59.05 -63.01
CA TRP ZA 134 8.90 57.75 -62.43
C TRP ZA 134 7.54 57.32 -62.95
N THR ZA 135 7.51 56.23 -63.69
CA THR ZA 135 6.24 55.74 -64.24
C THR ZA 135 5.81 54.49 -63.48
N PRO ZA 136 4.75 54.56 -62.69
CA PRO ZA 136 4.22 53.34 -62.09
C PRO ZA 136 3.50 52.52 -63.14
N THR ZA 137 3.40 51.22 -62.90
CA THR ZA 137 2.63 50.33 -63.75
C THR ZA 137 1.32 50.00 -63.08
N ILE ZA 138 0.24 50.01 -63.85
CA ILE ZA 138 -1.10 49.82 -63.31
C ILE ZA 138 -1.28 48.35 -62.93
N PRO ZA 139 -1.67 48.04 -61.71
CA PRO ZA 139 -1.88 46.64 -61.35
C PRO ZA 139 -3.11 46.07 -62.01
N THR ZA 140 -2.90 45.27 -63.06
CA THR ZA 140 -3.99 44.78 -63.88
C THR ZA 140 -4.67 43.54 -63.29
N LEU ZA 141 -3.95 42.76 -62.49
CA LEU ZA 141 -4.51 41.59 -61.84
C LEU ZA 141 -5.08 41.91 -60.46
N LEU ZA 142 -5.47 43.16 -60.24
CA LEU ZA 142 -5.99 43.64 -58.97
C LEU ZA 142 -4.96 43.51 -57.87
N MET AB 1 38.49 30.77 -50.43
CA MET AB 1 38.24 32.12 -49.97
C MET AB 1 36.75 32.42 -49.91
N ALA AB 2 36.02 31.59 -49.17
CA ALA AB 2 34.58 31.78 -49.02
C ALA AB 2 34.29 33.00 -48.16
N MET AB 3 33.16 33.65 -48.43
CA MET AB 3 32.77 34.85 -47.69
C MET AB 3 32.35 34.41 -46.29
N LYS AB 4 33.31 34.44 -45.36
CA LYS AB 4 33.07 33.92 -44.02
C LYS AB 4 32.08 34.80 -43.27
N ALA AB 5 31.65 34.31 -42.12
CA ALA AB 5 30.75 35.07 -41.26
C ALA AB 5 31.43 36.34 -40.77
N TYR AB 6 30.61 37.37 -40.54
CA TYR AB 6 31.13 38.61 -40.00
C TYR AB 6 31.57 38.42 -38.55
N SER AB 7 32.63 39.13 -38.17
CA SER AB 7 33.11 39.09 -36.80
C SER AB 7 33.94 40.33 -36.53
N MET AB 8 33.86 40.83 -35.30
CA MET AB 8 34.69 41.97 -34.91
C MET AB 8 36.14 41.61 -34.76
N LEU AB 9 36.48 40.32 -34.80
CA LEU AB 9 37.87 39.89 -34.68
C LEU AB 9 38.63 40.00 -35.99
N ASN AB 10 37.97 40.43 -37.07
CA ASN AB 10 38.63 40.61 -38.35
C ASN AB 10 38.61 42.06 -38.81
N VAL AB 11 38.01 42.96 -38.06
CA VAL AB 11 38.00 44.38 -38.39
C VAL AB 11 39.22 45.03 -37.78
N THR AB 12 39.98 45.77 -38.59
CA THR AB 12 41.19 46.42 -38.12
C THR AB 12 41.07 47.92 -38.35
N ALA AB 13 41.39 48.69 -37.33
CA ALA AB 13 41.41 50.15 -37.41
C ALA AB 13 42.75 50.66 -36.91
N THR AB 14 43.32 51.63 -37.61
CA THR AB 14 44.60 52.21 -37.29
C THR AB 14 44.45 53.72 -37.20
N LEU AB 15 44.91 54.29 -36.09
CA LEU AB 15 44.81 55.72 -35.84
C LEU AB 15 46.23 56.25 -35.58
N ASP AB 16 46.84 56.81 -36.62
CA ASP AB 16 48.17 57.41 -36.54
C ASP AB 16 49.20 56.36 -36.12
N GLY AB 17 49.21 55.25 -36.81
CA GLY AB 17 50.14 54.16 -36.53
C GLY AB 17 49.66 53.09 -35.58
N ARG AB 18 49.27 53.48 -34.38
CA ARG AB 18 48.84 52.51 -33.39
C ARG AB 18 47.41 52.07 -33.64
N ARG AB 19 47.06 50.90 -33.10
CA ARG AB 19 45.74 50.33 -33.28
C ARG AB 19 44.74 50.92 -32.29
N VAL AB 20 43.47 50.60 -32.54
CA VAL AB 20 42.37 50.92 -31.63
C VAL AB 20 41.92 49.63 -30.97
N ILE AB 21 41.90 49.60 -29.64
CA ILE AB 21 41.61 48.39 -28.89
C ILE AB 21 40.36 48.54 -28.03
N GLY AB 22 40.37 49.49 -27.09
CA GLY AB 22 39.26 49.56 -26.17
C GLY AB 22 38.02 50.17 -26.78
N LEU AB 23 37.03 49.34 -27.10
CA LEU AB 23 35.80 49.80 -27.71
C LEU AB 23 34.61 49.40 -26.84
N MET AB 24 33.62 50.28 -26.76
CA MET AB 24 32.45 50.01 -25.94
C MET AB 24 31.56 48.97 -26.60
N ASP AB 25 30.65 48.42 -25.80
CA ASP AB 25 29.70 47.44 -26.30
C ASP AB 25 28.65 48.12 -27.17
N GLY AB 26 28.16 47.40 -28.15
CA GLY AB 26 27.07 47.89 -28.96
C GLY AB 26 27.24 47.52 -30.42
N ASP AB 27 26.15 47.64 -31.16
CA ASP AB 27 26.15 47.37 -32.59
C ASP AB 27 26.79 48.49 -33.39
N ASP AB 28 27.22 49.56 -32.74
CA ASP AB 28 27.82 50.69 -33.45
C ASP AB 28 28.93 51.26 -32.57
N ALA AB 29 30.16 50.86 -32.85
CA ALA AB 29 31.32 51.35 -32.11
C ALA AB 29 32.24 52.24 -32.94
N ILE AB 30 32.27 52.06 -34.26
CA ILE AB 30 33.02 52.93 -35.16
C ILE AB 30 32.10 53.23 -36.33
N THR AB 31 31.63 54.47 -36.42
CA THR AB 31 30.66 54.82 -37.46
C THR AB 31 31.17 56.01 -38.26
N THR AB 32 31.20 55.87 -39.58
CA THR AB 32 31.63 56.94 -40.46
C THR AB 32 30.44 57.41 -41.30
N SER AB 33 30.24 58.72 -41.34
CA SER AB 33 29.15 59.30 -42.11
C SER AB 33 29.69 60.38 -43.05
N PRO AB 34 29.16 60.44 -44.26
CA PRO AB 34 29.65 61.44 -45.23
C PRO AB 34 29.23 62.84 -44.84
N GLY AB 35 29.93 63.81 -45.43
CA GLY AB 35 29.68 65.21 -45.13
C GLY AB 35 28.30 65.68 -45.49
N VAL AB 36 27.98 65.67 -46.78
CA VAL AB 36 26.72 66.16 -47.29
C VAL AB 36 26.14 65.13 -48.25
N ASP AB 37 24.94 65.43 -48.76
CA ASP AB 37 24.30 64.54 -49.72
C ASP AB 37 25.09 64.48 -51.02
N VAL AB 38 24.95 63.36 -51.72
CA VAL AB 38 25.69 63.19 -52.96
C VAL AB 38 25.19 64.18 -54.02
N GLY AB 39 23.89 64.40 -54.08
CA GLY AB 39 23.35 65.26 -55.11
C GLY AB 39 22.00 65.83 -54.72
N THR AB 40 21.39 66.53 -55.67
CA THR AB 40 20.11 67.18 -55.43
C THR AB 40 19.34 67.30 -56.74
N MET AB 41 18.10 66.84 -56.74
CA MET AB 41 17.24 66.92 -57.91
C MET AB 41 16.34 68.14 -57.80
N LEU AB 42 16.28 68.93 -58.88
CA LEU AB 42 15.46 70.14 -58.93
C LEU AB 42 14.48 69.98 -60.08
N VAL AB 43 13.20 70.02 -59.76
CA VAL AB 43 12.14 69.87 -60.74
C VAL AB 43 11.38 71.18 -60.83
N GLY AB 44 11.26 71.72 -62.05
CA GLY AB 44 10.64 73.01 -62.25
C GLY AB 44 9.14 72.93 -62.32
N ALA AB 45 8.53 74.10 -62.56
CA ALA AB 45 7.09 74.22 -62.61
C ALA AB 45 6.47 73.59 -63.84
N ASP AB 46 7.28 73.20 -64.83
CA ASP AB 46 6.77 72.62 -66.06
C ASP AB 46 6.87 71.10 -66.07
N GLY AB 47 7.73 70.51 -65.26
CA GLY AB 47 7.94 69.08 -65.24
C GLY AB 47 9.33 68.63 -65.62
N SER AB 48 10.16 69.50 -66.19
CA SER AB 48 11.53 69.13 -66.48
C SER AB 48 12.32 69.00 -65.18
N TRP AB 49 13.52 68.41 -65.29
CA TRP AB 49 14.31 68.13 -64.10
C TRP AB 49 15.79 68.36 -64.39
N LEU AB 50 16.54 68.66 -63.33
CA LEU AB 50 17.97 68.85 -63.42
C LEU AB 50 18.62 68.38 -62.13
N PHE AB 51 19.64 67.53 -62.26
CA PHE AB 51 20.35 66.97 -61.11
C PHE AB 51 21.67 67.71 -60.93
N SER AB 52 22.03 67.96 -59.68
CA SER AB 52 23.25 68.68 -59.36
C SER AB 52 24.10 67.83 -58.41
N GLN AB 53 25.38 67.70 -58.74
CA GLN AB 53 26.30 66.82 -58.03
C GLN AB 53 27.34 67.66 -57.29
N THR AB 54 27.59 67.32 -56.04
CA THR AB 54 28.47 68.12 -55.20
C THR AB 54 29.92 67.66 -55.34
N ALA AB 55 30.83 68.57 -55.02
CA ALA AB 55 32.26 68.28 -55.00
C ALA AB 55 32.80 68.05 -53.59
N ASP AB 56 31.91 67.98 -52.59
CA ASP AB 56 32.32 67.84 -51.20
C ASP AB 56 32.54 66.36 -50.91
N LYS AB 57 33.80 65.94 -50.95
CA LYS AB 57 34.17 64.59 -50.56
C LYS AB 57 34.84 64.64 -49.18
N SER AB 58 34.00 64.70 -48.15
CA SER AB 58 34.47 64.77 -46.78
C SER AB 58 33.62 63.88 -45.90
N ALA AB 59 34.17 63.49 -44.76
CA ALA AB 59 33.49 62.55 -43.87
C ALA AB 59 33.86 62.84 -42.43
N THR AB 60 33.03 62.31 -41.54
CA THR AB 60 33.28 62.35 -40.10
C THR AB 60 33.18 60.94 -39.55
N VAL AB 61 33.93 60.67 -38.49
CA VAL AB 61 33.94 59.35 -37.86
C VAL AB 61 33.72 59.52 -36.37
N VAL AB 62 32.96 58.60 -35.78
CA VAL AB 62 32.68 58.59 -34.36
C VAL AB 62 33.20 57.28 -33.79
N ILE AB 63 34.02 57.38 -32.75
CA ILE AB 63 34.62 56.23 -32.08
C ILE AB 63 34.17 56.24 -30.64
N LYS AB 64 33.73 55.10 -30.14
CA LYS AB 64 33.29 54.95 -28.76
C LYS AB 64 34.27 54.06 -28.02
N LEU AB 65 34.83 54.59 -26.93
CA LEU AB 65 35.89 53.91 -26.19
C LEU AB 65 35.50 53.79 -24.72
N LYS AB 66 36.03 52.75 -24.09
CA LYS AB 66 35.88 52.60 -22.65
C LYS AB 66 36.71 53.66 -21.95
N PRO AB 67 36.39 53.94 -20.67
CA PRO AB 67 37.22 54.89 -19.92
C PRO AB 67 38.65 54.44 -19.69
N ASN AB 68 38.96 53.17 -19.92
CA ASN AB 68 40.32 52.64 -19.74
C ASN AB 68 40.76 51.99 -21.06
N SER AB 69 41.30 52.80 -21.96
CA SER AB 69 41.76 52.28 -23.23
C SER AB 69 42.94 53.11 -23.69
N PRO AB 70 44.02 52.48 -24.14
CA PRO AB 70 45.18 53.26 -24.58
C PRO AB 70 44.87 54.24 -25.69
N THR AB 71 43.90 53.91 -26.56
CA THR AB 71 43.48 54.87 -27.58
C THR AB 71 42.91 56.12 -26.94
N HIS AB 72 42.24 55.99 -25.80
CA HIS AB 72 41.76 57.18 -25.08
C HIS AB 72 42.93 58.06 -24.66
N ARG AB 73 44.00 57.45 -24.16
CA ARG AB 73 45.18 58.22 -23.80
C ARG AB 73 45.79 58.92 -25.01
N GLN AB 74 45.89 58.19 -26.13
CA GLN AB 74 46.46 58.79 -27.34
C GLN AB 74 45.63 59.97 -27.80
N LEU AB 75 44.30 59.80 -27.82
CA LEU AB 75 43.43 60.88 -28.28
C LEU AB 75 43.47 62.07 -27.35
N THR AB 76 43.51 61.83 -26.03
CA THR AB 76 43.55 62.97 -25.11
C THR AB 76 44.92 63.66 -25.11
N GLU AB 77 45.96 62.99 -25.57
CA GLU AB 77 47.21 63.69 -25.83
C GLU AB 77 47.12 64.54 -27.10
N LYS AB 78 46.52 63.97 -28.15
CA LYS AB 78 46.41 64.70 -29.41
C LYS AB 78 45.54 65.95 -29.24
N TRP AB 79 44.48 65.85 -28.43
CA TRP AB 79 43.63 67.00 -28.18
C TRP AB 79 44.41 68.13 -27.52
N MET AB 80 45.22 67.81 -26.51
CA MET AB 80 46.04 68.83 -25.86
C MET AB 80 47.07 69.39 -26.82
N ALA AB 81 47.61 68.56 -27.71
CA ALA AB 81 48.55 69.06 -28.71
C ALA AB 81 47.87 70.09 -29.61
N GLN AB 82 46.64 69.81 -30.04
CA GLN AB 82 45.91 70.78 -30.84
C GLN AB 82 45.63 72.06 -30.04
N ARG AB 83 45.21 71.92 -28.78
CA ARG AB 83 44.93 73.10 -27.97
C ARG AB 83 46.17 73.96 -27.80
N ALA AB 84 47.35 73.34 -27.69
CA ALA AB 84 48.57 74.12 -27.52
C ALA AB 84 48.86 74.98 -28.73
N GLY AB 85 48.56 74.49 -29.93
CA GLY AB 85 48.76 75.26 -31.14
C GLY AB 85 49.25 74.46 -32.32
N ARG AB 86 49.83 73.28 -32.05
CA ARG AB 86 50.29 72.40 -33.12
C ARG AB 86 49.10 71.81 -33.86
N LEU AB 87 49.20 71.73 -35.17
CA LEU AB 87 48.12 71.25 -36.02
C LEU AB 87 48.68 70.32 -37.09
N VAL AB 88 48.29 69.06 -37.04
CA VAL AB 88 48.79 68.02 -37.95
C VAL AB 88 47.65 67.07 -38.29
N GLY AB 89 47.95 66.08 -39.12
CA GLY AB 89 46.92 65.27 -39.75
C GLY AB 89 46.50 63.99 -39.05
N PHE AB 90 47.46 63.21 -38.57
CA PHE AB 90 47.27 61.91 -37.94
C PHE AB 90 46.27 61.06 -38.73
N PRO AB 91 46.71 60.47 -39.83
CA PRO AB 91 45.79 59.68 -40.67
C PRO AB 91 45.15 58.54 -39.93
N PHE AB 92 43.87 58.28 -40.25
CA PHE AB 92 43.10 57.19 -39.68
C PHE AB 92 42.54 56.34 -40.81
N ASP AB 93 42.51 55.03 -40.62
CA ASP AB 93 42.03 54.15 -41.67
C ASP AB 93 41.52 52.86 -41.06
N PHE AB 94 40.41 52.36 -41.58
CA PHE AB 94 39.87 51.11 -41.03
C PHE AB 94 39.25 50.27 -42.14
N ILE AB 95 39.20 48.96 -41.89
CA ILE AB 95 38.86 48.01 -42.93
C ILE AB 95 38.36 46.73 -42.29
N ASP AB 96 37.58 45.97 -43.06
CA ASP AB 96 37.15 44.63 -42.68
C ASP AB 96 37.83 43.62 -43.58
N SER AB 97 38.48 42.62 -42.98
CA SER AB 97 39.23 41.65 -43.74
C SER AB 97 38.34 40.66 -44.49
N ALA AB 98 37.09 40.51 -44.11
CA ALA AB 98 36.22 39.53 -44.74
C ALA AB 98 35.71 39.98 -46.11
N SER AB 99 35.57 41.29 -46.32
CA SER AB 99 35.03 41.78 -47.59
C SER AB 99 35.75 43.00 -48.11
N ASN AB 100 36.86 43.42 -47.50
CA ASN AB 100 37.61 44.60 -47.92
C ASN AB 100 36.74 45.84 -47.98
N GLU AB 101 35.81 45.95 -47.04
CA GLU AB 101 34.94 47.10 -46.95
C GLU AB 101 35.47 48.03 -45.86
N GLY AB 102 35.47 49.32 -46.14
CA GLY AB 102 36.00 50.30 -45.20
C GLY AB 102 36.53 51.50 -45.97
N GLY AB 103 37.46 52.20 -45.34
CA GLY AB 103 37.99 53.38 -46.00
C GLY AB 103 39.23 53.89 -45.30
N THR AB 104 39.76 54.97 -45.88
CA THR AB 104 40.96 55.58 -45.36
C THR AB 104 40.92 57.09 -45.60
N GLY AB 105 41.66 57.80 -44.75
CA GLY AB 105 41.84 59.23 -44.91
C GLY AB 105 43.28 59.58 -44.62
N ALA AB 106 43.70 60.72 -45.16
CA ALA AB 106 45.10 61.13 -45.07
C ALA AB 106 45.38 62.10 -43.93
N GLU AB 107 44.46 63.02 -43.65
CA GLU AB 107 44.66 64.03 -42.61
C GLU AB 107 43.34 64.25 -41.89
N PHE AB 108 43.26 63.80 -40.65
CA PHE AB 108 42.09 64.02 -39.81
C PHE AB 108 42.37 65.12 -38.79
N PHE AB 109 41.35 65.46 -38.02
CA PHE AB 109 41.47 66.44 -36.95
C PHE AB 109 40.42 66.15 -35.90
N ILE AB 110 40.79 66.29 -34.63
CA ILE AB 110 39.83 66.10 -33.56
C ILE AB 110 38.80 67.22 -33.62
N GLN AB 111 37.52 66.84 -33.70
CA GLN AB 111 36.44 67.80 -33.79
C GLN AB 111 35.62 67.89 -32.50
N LYS AB 112 35.35 66.77 -31.86
CA LYS AB 112 34.63 66.79 -30.60
C LYS AB 112 35.45 66.14 -29.50
N ALA AB 113 34.95 66.27 -28.28
CA ALA AB 113 35.59 65.70 -27.10
C ALA AB 113 34.53 65.03 -26.23
N PRO AB 114 34.91 64.01 -25.48
CA PRO AB 114 33.93 63.29 -24.66
C PRO AB 114 33.59 64.07 -23.39
N ASP AB 115 32.55 63.60 -22.71
CA ASP AB 115 32.15 64.14 -21.42
C ASP AB 115 32.59 63.18 -20.33
N ASP AB 116 33.33 63.69 -19.34
CA ASP AB 116 33.86 62.86 -18.27
C ASP AB 116 32.78 62.65 -17.22
N SER AB 117 32.07 61.54 -17.34
CA SER AB 117 31.05 61.15 -16.38
C SER AB 117 31.61 60.03 -15.52
N LYS AB 118 31.52 60.19 -14.20
CA LYS AB 118 32.02 59.15 -13.31
C LYS AB 118 30.93 58.18 -12.88
N GLY AB 119 29.91 58.69 -12.20
CA GLY AB 119 28.78 57.86 -11.78
C GLY AB 119 29.15 56.59 -11.05
N ASN AB 120 28.27 55.60 -11.11
CA ASN AB 120 28.47 54.35 -10.38
C ASN AB 120 29.11 53.26 -11.22
N ASN AB 121 28.93 53.29 -12.54
CA ASN AB 121 29.57 52.30 -13.41
C ASN AB 121 30.37 52.99 -14.51
N ALA AB 122 30.89 52.21 -15.45
CA ALA AB 122 31.64 52.78 -16.56
C ALA AB 122 30.68 53.35 -17.61
N VAL AB 123 31.12 54.44 -18.25
CA VAL AB 123 30.33 55.12 -19.27
C VAL AB 123 31.19 55.27 -20.51
N VAL AB 124 30.53 55.46 -21.64
CA VAL AB 124 31.21 55.59 -22.92
C VAL AB 124 31.99 56.90 -22.97
N ARG AB 125 33.03 56.93 -23.79
CA ARG AB 125 33.70 58.17 -24.19
C ARG AB 125 33.66 58.22 -25.70
N GLU AB 126 32.98 59.22 -26.25
CA GLU AB 126 32.80 59.34 -27.70
C GLU AB 126 33.70 60.43 -28.24
N TRP AB 127 34.50 60.09 -29.25
CA TRP AB 127 35.32 61.05 -29.96
C TRP AB 127 34.81 61.19 -31.39
N THR AB 128 34.76 62.42 -31.88
CA THR AB 128 34.34 62.70 -33.24
C THR AB 128 35.48 63.37 -33.99
N ILE AB 129 35.90 62.75 -35.09
CA ILE AB 129 37.00 63.21 -35.92
C ILE AB 129 36.45 63.55 -37.30
N VAL AB 130 37.12 64.46 -38.00
CA VAL AB 130 36.64 64.96 -39.28
C VAL AB 130 37.80 65.02 -40.26
N THR AB 131 37.55 64.59 -41.50
CA THR AB 131 38.56 64.68 -42.54
C THR AB 131 38.10 65.62 -43.65
N GLY AB 132 39.05 66.03 -44.48
CA GLY AB 132 38.75 66.86 -45.62
C GLY AB 132 38.55 66.03 -46.88
N GLU AB 133 39.16 64.86 -46.90
CA GLU AB 133 38.95 63.86 -47.93
C GLU AB 133 38.81 62.49 -47.28
N TRP AB 134 37.99 61.65 -47.91
CA TRP AB 134 37.75 60.31 -47.39
C TRP AB 134 37.59 59.38 -48.58
N THR AB 135 38.50 58.43 -48.72
CA THR AB 135 38.42 57.49 -49.83
C THR AB 135 37.96 56.13 -49.34
N PRO AB 136 36.75 55.70 -49.66
CA PRO AB 136 36.35 54.33 -49.36
C PRO AB 136 37.07 53.35 -50.27
N THR AB 137 37.19 52.12 -49.79
CA THR AB 137 37.75 51.06 -50.61
C THR AB 137 36.62 50.16 -51.09
N ILE AB 138 36.69 49.77 -52.36
CA ILE AB 138 35.61 49.00 -52.98
C ILE AB 138 35.66 47.57 -52.45
N PRO AB 139 34.56 47.05 -51.92
CA PRO AB 139 34.57 45.66 -51.44
C PRO AB 139 34.65 44.68 -52.58
N THR AB 140 35.82 44.11 -52.80
CA THR AB 140 36.06 43.26 -53.95
C THR AB 140 35.61 41.82 -53.74
N LEU AB 141 35.56 41.36 -52.49
CA LEU AB 141 35.09 40.02 -52.17
C LEU AB 141 33.60 39.99 -51.88
N LEU AB 142 32.85 40.95 -52.42
CA LEU AB 142 31.42 41.08 -52.20
C LEU AB 142 31.10 41.32 -50.73
N MET BB 1 50.94 47.19 -10.07
CA MET BB 1 50.05 48.30 -10.38
C MET BB 1 49.16 47.95 -11.56
N ALA BB 2 48.42 46.86 -11.43
CA ALA BB 2 47.49 46.43 -12.48
C ALA BB 2 46.30 47.36 -12.55
N MET BB 3 45.75 47.51 -13.75
CA MET BB 3 44.60 48.39 -13.97
C MET BB 3 43.38 47.74 -13.33
N LYS BB 4 43.12 48.09 -12.08
CA LYS BB 4 42.07 47.44 -11.31
C LYS BB 4 40.69 47.78 -11.88
N ALA BB 5 39.69 47.09 -11.37
CA ALA BB 5 38.32 47.34 -11.77
C ALA BB 5 37.90 48.75 -11.36
N TYR BB 6 36.99 49.34 -12.13
CA TYR BB 6 36.46 50.65 -11.79
C TYR BB 6 35.59 50.57 -10.54
N SER BB 7 35.62 51.62 -9.74
CA SER BB 7 34.77 51.69 -8.56
C SER BB 7 34.63 53.15 -8.14
N MET BB 8 33.44 53.49 -7.64
CA MET BB 8 33.23 54.83 -7.13
C MET BB 8 33.97 55.09 -5.83
N LEU BB 9 34.54 54.07 -5.22
CA LEU BB 9 35.29 54.24 -3.97
C LEU BB 9 36.71 54.73 -4.21
N ASN BB 10 37.11 54.92 -5.47
CA ASN BB 10 38.44 55.44 -5.77
C ASN BB 10 38.38 56.78 -6.50
N VAL BB 11 37.20 57.31 -6.78
CA VAL BB 11 37.05 58.61 -7.40
C VAL BB 11 37.01 59.66 -6.31
N THR BB 12 37.83 60.70 -6.44
CA THR BB 12 37.89 61.76 -5.45
C THR BB 12 37.59 63.09 -6.11
N ALA BB 13 36.70 63.86 -5.51
CA ALA BB 13 36.36 65.20 -5.97
C ALA BB 13 36.49 66.18 -4.82
N THR BB 14 37.08 67.33 -5.10
CA THR BB 14 37.30 68.37 -4.11
C THR BB 14 36.71 69.67 -4.62
N LEU BB 15 35.91 70.31 -3.79
CA LEU BB 15 35.23 71.56 -4.14
C LEU BB 15 35.61 72.60 -3.08
N ASP BB 16 36.60 73.43 -3.40
CA ASP BB 16 37.04 74.51 -2.52
C ASP BB 16 37.54 73.97 -1.19
N GLY BB 17 38.42 72.98 -1.27
CA GLY BB 17 38.99 72.38 -0.08
C GLY BB 17 38.29 71.15 0.44
N ARG BB 18 37.01 71.25 0.74
CA ARG BB 18 36.26 70.14 1.29
C ARG BB 18 35.86 69.15 0.19
N ARG BB 19 35.58 67.92 0.60
CA ARG BB 19 35.21 66.87 -0.34
C ARG BB 19 33.73 66.92 -0.68
N VAL BB 20 33.36 66.13 -1.69
CA VAL BB 20 31.97 65.92 -2.07
C VAL BB 20 31.58 64.52 -1.64
N ILE BB 21 30.50 64.40 -0.87
CA ILE BB 21 30.10 63.13 -0.28
C ILE BB 21 28.72 62.70 -0.76
N GLY BB 22 27.70 63.50 -0.47
CA GLY BB 22 26.36 63.06 -0.79
C GLY BB 22 26.03 63.15 -2.27
N LEU BB 23 26.01 62.01 -2.95
CA LEU BB 23 25.74 61.96 -4.38
C LEU BB 23 24.54 61.05 -4.64
N MET BB 24 23.70 61.44 -5.59
CA MET BB 24 22.53 60.67 -5.92
C MET BB 24 22.90 59.39 -6.66
N ASP BB 25 21.94 58.47 -6.71
CA ASP BB 25 22.13 57.23 -7.42
C ASP BB 25 22.10 57.46 -8.93
N GLY BB 26 22.85 56.67 -9.66
CA GLY BB 26 22.79 56.73 -11.11
C GLY BB 26 24.16 56.55 -11.72
N ASP BB 27 24.16 56.26 -13.02
CA ASP BB 27 25.39 56.10 -13.77
C ASP BB 27 26.04 57.43 -14.10
N ASP BB 28 25.44 58.55 -13.72
CA ASP BB 28 25.99 59.87 -14.01
C ASP BB 28 25.69 60.79 -12.84
N ALA BB 29 26.66 60.95 -11.94
CA ALA BB 29 26.53 61.82 -10.79
C ALA BB 29 27.40 63.05 -10.85
N ILE BB 30 28.53 62.99 -11.55
CA ILE BB 30 29.40 64.14 -11.77
C ILE BB 30 29.78 64.12 -13.24
N THR BB 31 29.25 65.06 -14.02
CA THR BB 31 29.49 65.05 -15.47
C THR BB 31 30.05 66.39 -15.91
N THR BB 32 31.16 66.36 -16.62
CA THR BB 32 31.80 67.57 -17.14
C THR BB 32 31.72 67.57 -18.66
N SER BB 33 31.27 68.68 -19.23
CA SER BB 33 31.16 68.81 -20.67
C SER BB 33 31.88 70.06 -21.14
N PRO BB 34 32.57 69.99 -22.27
CA PRO BB 34 33.31 71.15 -22.77
C PRO BB 34 32.38 72.24 -23.26
N GLY BB 35 32.93 73.43 -23.38
CA GLY BB 35 32.16 74.59 -23.79
C GLY BB 35 31.60 74.47 -25.20
N VAL BB 36 32.48 74.42 -26.19
CA VAL BB 36 32.09 74.38 -27.59
C VAL BB 36 32.86 73.27 -28.29
N ASP BB 37 32.58 73.08 -29.57
CA ASP BB 37 33.26 72.07 -30.35
C ASP BB 37 34.74 72.42 -30.51
N VAL BB 38 35.56 71.40 -30.69
CA VAL BB 38 36.99 71.62 -30.82
C VAL BB 38 37.30 72.38 -32.10
N GLY BB 39 36.61 72.05 -33.18
CA GLY BB 39 36.90 72.68 -34.45
C GLY BB 39 35.73 72.63 -35.40
N THR BB 40 35.99 73.07 -36.63
CA THR BB 40 34.94 73.14 -37.65
C THR BB 40 35.57 73.00 -39.02
N MET BB 41 35.06 72.08 -39.83
CA MET BB 41 35.54 71.88 -41.19
C MET BB 41 34.63 72.61 -42.17
N LEU BB 42 35.24 73.37 -43.07
CA LEU BB 42 34.51 74.13 -44.07
C LEU BB 42 34.97 73.67 -45.44
N VAL BB 43 34.03 73.15 -46.24
CA VAL BB 43 34.33 72.65 -47.58
C VAL BB 43 33.62 73.54 -48.58
N GLY BB 44 34.39 74.06 -49.54
CA GLY BB 44 33.86 74.99 -50.51
C GLY BB 44 33.16 74.31 -51.67
N ALA BB 45 32.71 75.14 -52.60
CA ALA BB 45 31.96 74.66 -53.76
C ALA BB 45 32.82 73.91 -54.76
N ASP BB 46 34.15 73.96 -54.62
CA ASP BB 46 35.04 73.29 -55.54
C ASP BB 46 35.55 71.95 -55.03
N GLY BB 47 35.50 71.72 -53.73
CA GLY BB 47 36.02 70.49 -53.14
C GLY BB 47 37.17 70.68 -52.18
N SER BB 48 37.79 71.85 -52.15
CA SER BB 48 38.85 72.10 -51.18
C SER BB 48 38.25 72.21 -49.78
N TRP BB 49 39.12 72.18 -48.77
CA TRP BB 49 38.66 72.17 -47.39
C TRP BB 49 39.58 73.01 -46.52
N LEU BB 50 39.03 73.51 -45.43
CA LEU BB 50 39.80 74.29 -44.46
C LEU BB 50 39.23 74.03 -43.06
N PHE BB 51 40.11 73.69 -42.13
CA PHE BB 51 39.71 73.40 -40.75
C PHE BB 51 40.03 74.60 -39.88
N SER BB 52 39.13 74.90 -38.93
CA SER BB 52 39.30 76.03 -38.04
C SER BB 52 39.22 75.54 -36.60
N GLN BB 53 40.18 75.96 -35.78
CA GLN BB 53 40.34 75.50 -34.41
C GLN BB 53 40.03 76.65 -33.45
N THR BB 54 39.25 76.36 -32.42
CA THR BB 54 38.81 77.39 -31.50
C THR BB 54 39.80 77.57 -30.36
N ALA BB 55 39.75 78.76 -29.75
CA ALA BB 55 40.55 79.08 -28.58
C ALA BB 55 39.77 78.99 -27.28
N ASP BB 56 38.53 78.51 -27.34
CA ASP BB 56 37.65 78.45 -26.17
C ASP BB 56 37.95 77.19 -25.40
N LYS BB 57 38.76 77.31 -24.35
CA LYS BB 57 39.03 76.21 -23.44
C LYS BB 57 38.25 76.46 -22.15
N SER BB 58 36.97 76.09 -22.18
CA SER BB 58 36.09 76.27 -21.04
C SER BB 58 35.19 75.04 -20.90
N ALA BB 59 34.68 74.84 -19.69
CA ALA BB 59 33.88 73.65 -19.42
C ALA BB 59 32.82 73.97 -18.37
N THR BB 60 31.82 73.09 -18.30
CA THR BB 60 30.79 73.14 -17.28
C THR BB 60 30.71 71.78 -16.62
N VAL BB 61 30.31 71.77 -15.36
CA VAL BB 61 30.20 70.54 -14.58
C VAL BB 61 28.83 70.51 -13.92
N VAL BB 62 28.23 69.32 -13.87
CA VAL BB 62 26.94 69.11 -13.24
C VAL BB 62 27.13 68.09 -12.13
N ILE BB 63 26.69 68.45 -10.93
CA ILE BB 63 26.79 67.61 -9.74
C ILE BB 63 25.39 67.35 -9.23
N LYS BB 64 25.10 66.08 -8.93
CA LYS BB 64 23.80 65.68 -8.41
C LYS BB 64 23.96 65.23 -6.97
N LEU BB 65 23.23 65.87 -6.06
CA LEU BB 65 23.38 65.63 -4.64
C LEU BB 65 22.03 65.27 -4.02
N LYS BB 66 22.08 64.50 -2.95
CA LYS BB 66 20.90 64.22 -2.16
C LYS BB 66 20.45 65.47 -1.44
N PRO BB 67 19.18 65.52 -1.02
CA PRO BB 67 18.71 66.67 -0.24
C PRO BB 67 19.41 66.83 1.11
N ASN BB 68 20.12 65.81 1.59
CA ASN BB 68 20.84 65.88 2.87
C ASN BB 68 22.30 65.55 2.63
N SER BB 69 23.08 66.56 2.25
CA SER BB 69 24.49 66.37 2.02
C SER BB 69 25.23 67.64 2.37
N PRO BB 70 26.34 67.54 3.11
CA PRO BB 70 27.06 68.75 3.50
C PRO BB 70 27.52 69.58 2.32
N THR BB 71 27.81 68.94 1.18
CA THR BB 71 28.13 69.71 -0.02
C THR BB 71 26.96 70.57 -0.45
N HIS BB 72 25.73 70.11 -0.24
CA HIS BB 72 24.58 70.94 -0.54
C HIS BB 72 24.57 72.20 0.33
N ARG BB 73 24.90 72.06 1.61
CA ARG BB 73 25.00 73.21 2.48
C ARG BB 73 26.09 74.17 2.02
N GLN BB 74 27.26 73.63 1.66
CA GLN BB 74 28.34 74.48 1.20
C GLN BB 74 27.94 75.24 -0.06
N LEU BB 75 27.32 74.56 -1.01
CA LEU BB 75 26.94 75.21 -2.26
C LEU BB 75 25.85 76.25 -2.04
N THR BB 76 24.89 75.96 -1.16
CA THR BB 76 23.84 76.95 -0.92
C THR BB 76 24.35 78.13 -0.11
N GLU BB 77 25.45 77.98 0.61
CA GLU BB 77 26.09 79.16 1.19
C GLU BB 77 26.84 79.96 0.13
N LYS BB 78 27.53 79.27 -0.78
CA LYS BB 78 28.27 79.97 -1.83
C LYS BB 78 27.33 80.74 -2.74
N TRP BB 79 26.17 80.17 -3.03
CA TRP BB 79 25.18 80.85 -3.87
C TRP BB 79 24.73 82.16 -3.23
N MET BB 80 24.44 82.12 -1.93
CA MET BB 80 24.04 83.35 -1.24
C MET BB 80 25.18 84.34 -1.19
N ALA BB 81 26.42 83.87 -1.05
CA ALA BB 81 27.55 84.77 -1.09
C ALA BB 81 27.63 85.48 -2.43
N GLN BB 82 27.42 84.76 -3.52
CA GLN BB 82 27.41 85.40 -4.84
C GLN BB 82 26.26 86.38 -4.97
N ARG BB 83 25.07 86.01 -4.50
CA ARG BB 83 23.93 86.91 -4.58
C ARG BB 83 24.17 88.19 -3.80
N ALA BB 84 24.88 88.10 -2.67
CA ALA BB 84 25.15 89.30 -1.88
C ALA BB 84 26.02 90.29 -2.64
N GLY BB 85 26.98 89.79 -3.42
CA GLY BB 85 27.83 90.66 -4.21
C GLY BB 85 29.27 90.20 -4.30
N ARG BB 86 29.68 89.36 -3.36
CA ARG BB 86 31.04 88.82 -3.37
C ARG BB 86 31.19 87.83 -4.53
N LEU BB 87 32.34 87.88 -5.21
CA LEU BB 87 32.59 87.05 -6.37
C LEU BB 87 34.01 86.51 -6.30
N VAL BB 88 34.15 85.19 -6.19
CA VAL BB 88 35.43 84.52 -6.05
C VAL BB 88 35.39 83.21 -6.83
N GLY BB 89 36.51 82.48 -6.79
CA GLY BB 89 36.71 81.36 -7.70
C GLY BB 89 36.30 79.99 -7.22
N PHE BB 90 36.64 79.63 -5.98
CA PHE BB 90 36.40 78.32 -5.36
C PHE BB 90 36.77 77.20 -6.33
N PRO BB 91 38.07 76.91 -6.47
CA PRO BB 91 38.49 75.88 -7.43
C PRO BB 91 37.88 74.52 -7.13
N PHE BB 92 37.56 73.79 -8.19
CA PHE BB 92 37.01 72.44 -8.12
C PHE BB 92 37.89 71.51 -8.96
N ASP BB 93 38.09 70.30 -8.47
CA ASP BB 93 38.95 69.37 -9.19
C ASP BB 93 38.57 67.95 -8.83
N PHE BB 94 38.56 67.06 -9.83
CA PHE BB 94 38.20 65.68 -9.54
C PHE BB 94 39.01 64.73 -10.40
N ILE BB 95 39.16 63.50 -9.92
CA ILE BB 95 40.11 62.57 -10.51
C ILE BB 95 39.71 61.15 -10.12
N ASP BB 96 40.14 60.19 -10.93
CA ASP BB 96 39.99 58.78 -10.63
C ASP BB 96 41.37 58.19 -10.35
N SER BB 97 41.50 57.50 -9.22
CA SER BB 97 42.79 56.97 -8.82
C SER BB 97 43.23 55.75 -9.63
N ALA BB 98 42.30 55.08 -10.30
CA ALA BB 98 42.65 53.87 -11.03
C ALA BB 98 43.36 54.17 -12.35
N SER BB 99 43.09 55.32 -12.97
CA SER BB 99 43.68 55.62 -14.27
C SER BB 99 44.13 57.07 -14.40
N ASN BB 100 44.08 57.86 -13.33
CA ASN BB 100 44.47 59.27 -13.37
C ASN BB 100 43.70 60.04 -14.43
N GLU BB 101 42.44 59.69 -14.61
CA GLU BB 101 41.57 60.39 -15.54
C GLU BB 101 40.70 61.37 -14.78
N GLY BB 102 40.56 62.57 -15.33
CA GLY BB 102 39.80 63.61 -14.67
C GLY BB 102 40.34 64.97 -15.08
N GLY BB 103 40.11 65.96 -14.22
CA GLY BB 103 40.57 67.29 -14.56
C GLY BB 103 40.51 68.21 -13.37
N THR BB 104 40.93 69.44 -13.62
CA THR BB 104 40.95 70.46 -12.59
C THR BB 104 40.69 71.83 -13.21
N GLY BB 105 40.18 72.73 -12.37
CA GLY BB 105 40.00 74.11 -12.77
C GLY BB 105 40.39 75.01 -11.60
N ALA BB 106 40.72 76.26 -11.95
CA ALA BB 106 41.26 77.19 -10.97
C ALA BB 106 40.19 78.11 -10.38
N GLU BB 107 39.24 78.57 -11.17
CA GLU BB 107 38.21 79.49 -10.70
C GLU BB 107 36.88 79.12 -11.34
N PHE BB 108 35.97 78.59 -10.54
CA PHE BB 108 34.62 78.26 -10.98
C PHE BB 108 33.63 79.30 -10.50
N PHE BB 109 32.38 79.14 -10.91
CA PHE BB 109 31.30 80.02 -10.49
C PHE BB 109 29.99 79.25 -10.58
N ILE BB 110 29.13 79.45 -9.59
CA ILE BB 110 27.81 78.82 -9.63
C ILE BB 110 27.01 79.41 -10.77
N GLN BB 111 26.53 78.55 -11.66
CA GLN BB 111 25.76 78.99 -12.81
C GLN BB 111 24.28 78.65 -12.70
N LYS BB 112 23.95 77.48 -12.19
CA LYS BB 112 22.54 77.12 -12.00
C LYS BB 112 22.27 76.80 -10.54
N ALA BB 113 21.00 76.62 -10.23
CA ALA BB 113 20.54 76.29 -8.90
C ALA BB 113 19.48 75.20 -8.98
N PRO BB 114 19.36 74.39 -7.95
CA PRO BB 114 18.41 73.28 -7.99
C PRO BB 114 16.99 73.76 -7.73
N ASP BB 115 16.04 72.86 -7.97
CA ASP BB 115 14.63 73.11 -7.67
C ASP BB 115 14.27 72.34 -6.41
N ASP BB 116 13.71 73.04 -5.43
CA ASP BB 116 13.34 72.44 -4.15
C ASP BB 116 12.01 71.74 -4.29
N SER BB 117 12.05 70.44 -4.56
CA SER BB 117 10.88 69.61 -4.64
C SER BB 117 10.79 68.77 -3.38
N LYS BB 118 9.64 68.78 -2.72
CA LYS BB 118 9.48 68.00 -1.51
C LYS BB 118 8.85 66.64 -1.80
N GLY BB 119 7.63 66.64 -2.32
CA GLY BB 119 6.95 65.40 -2.67
C GLY BB 119 6.92 64.35 -1.59
N ASN BB 120 6.79 63.08 -1.98
CA ASN BB 120 6.67 61.98 -1.04
C ASN BB 120 8.00 61.30 -0.72
N ASN BB 121 8.96 61.35 -1.64
CA ASN BB 121 10.28 60.77 -1.38
C ASN BB 121 11.38 61.79 -1.63
N ALA BB 122 12.63 61.36 -1.57
CA ALA BB 122 13.74 62.26 -1.83
C ALA BB 122 13.93 62.45 -3.33
N VAL BB 123 14.36 63.66 -3.70
CA VAL BB 123 14.57 64.02 -5.08
C VAL BB 123 15.97 64.59 -5.22
N VAL BB 124 16.49 64.55 -6.45
CA VAL BB 124 17.84 65.04 -6.72
C VAL BB 124 17.90 66.55 -6.55
N ARG BB 125 19.09 67.06 -6.26
CA ARG BB 125 19.39 68.48 -6.36
C ARG BB 125 20.59 68.62 -7.31
N GLU BB 126 20.38 69.28 -8.44
CA GLU BB 126 21.42 69.40 -9.45
C GLU BB 126 22.00 70.80 -9.42
N TRP BB 127 23.33 70.89 -9.32
CA TRP BB 127 24.04 72.15 -9.41
C TRP BB 127 24.89 72.16 -10.66
N THR BB 128 24.90 73.28 -11.36
CA THR BB 128 25.71 73.45 -12.56
C THR BB 128 26.71 74.58 -12.34
N ILE BB 129 27.99 74.26 -12.48
CA ILE BB 129 29.10 75.18 -12.28
C ILE BB 129 29.83 75.35 -13.60
N VAL BB 130 30.47 76.50 -13.79
CA VAL BB 130 31.10 76.84 -15.06
C VAL BB 130 32.48 77.42 -14.78
N THR BB 131 33.48 77.01 -15.57
CA THR BB 131 34.82 77.58 -15.45
C THR BB 131 35.20 78.31 -16.72
N GLY BB 132 36.24 79.13 -16.62
CA GLY BB 132 36.75 79.83 -17.77
C GLY BB 132 37.90 79.08 -18.40
N GLU BB 133 38.59 78.27 -17.61
CA GLU BB 133 39.59 77.34 -18.09
C GLU BB 133 39.39 76.00 -17.41
N TRP BB 134 39.72 74.93 -18.14
CA TRP BB 134 39.56 73.58 -17.62
C TRP BB 134 40.70 72.75 -18.16
N THR BB 135 41.57 72.25 -17.28
CA THR BB 135 42.69 71.44 -17.71
C THR BB 135 42.44 69.99 -17.35
N PRO BB 136 42.22 69.13 -18.34
CA PRO BB 136 42.16 67.69 -18.05
C PRO BB 136 43.54 67.16 -17.75
N THR BB 137 43.58 66.06 -17.02
CA THR BB 137 44.84 65.38 -16.76
C THR BB 137 44.91 64.13 -17.62
N ILE BB 138 46.08 63.88 -18.19
CA ILE BB 138 46.23 62.78 -19.14
C ILE BB 138 46.25 61.46 -18.38
N PRO BB 139 45.40 60.50 -18.74
CA PRO BB 139 45.42 59.22 -18.04
C PRO BB 139 46.67 58.43 -18.37
N THR BB 140 47.62 58.40 -17.43
CA THR BB 140 48.91 57.79 -17.69
C THR BB 140 48.92 56.29 -17.47
N LEU BB 141 48.02 55.78 -16.63
CA LEU BB 141 47.91 54.33 -16.40
C LEU BB 141 46.92 53.68 -17.35
N LEU BB 142 46.69 54.28 -18.51
CA LEU BB 142 45.73 53.79 -19.50
C LEU BB 142 44.32 53.80 -18.94
#